data_9JYY
#
_entry.id   9JYY
#
_cell.length_a   1.00
_cell.length_b   1.00
_cell.length_c   1.00
_cell.angle_alpha   90.00
_cell.angle_beta   90.00
_cell.angle_gamma   90.00
#
_symmetry.space_group_name_H-M   'P 1'
#
loop_
_entity.id
_entity.type
_entity.pdbx_description
1 polymer 'Protein 6.7'
2 polymer 'Internal virion protein gp14'
3 polymer 'Internal virion protein gp15'
4 polymer 'Peptidoglycan transglycosylase gp16'
#
loop_
_entity_poly.entity_id
_entity_poly.type
_entity_poly.pdbx_seq_one_letter_code
_entity_poly.pdbx_strand_id
1 'polypeptide(L)'
;MCFSPKIKTPKMDTNQIRAVEPAPLTQEVSSVEFGGSSDETDTEGTEVSGRKGLKVERDDSVAKSKASGNGSARMKSSIR
KSAFGGKK
;
a,b,A,D,B,E,C,F
2 'polypeptide(L)'
;MCWAAAIPIAISGAQAISGQNAQAKMIAAQTAAGRRQAMEIMRQTNIQNADLSLQARSKLEEASAELTSQNMQKVQAIGS
IRAAIGESMLEGSSMDRIKRVTEGQFIREANMVTENYRRDYQAIFAQQLGGTQSAASQIDEIYKSEQKQKSKLQMVLDPL
AIMGSSAASAYASGAFDSKSTTKAPIVAAKGTKTGR
;
S,T,c,d,e,f,g,h
3 'polypeptide(L)'
;MSKIESALQAAQPGLSRLRGGAGGMGYRAATTQAEQPRSSLLDTIGRFAKAGADMYTAKEQRARDLADERSNEIIRKLTP
EQRREALNNGTLLYQDDPYAMEALRVKTGRNAAYLVDDDVMQKIKEGVFRTREEMEEYRHSRLQEGAKVYAEQFGIDPED
VDYQRGFNGDITERNISLYGAHDNFLSQQAQKGAIMNSRVELNGVLQDPDMLRRPDSADFFEKYIDNGLVTGAIPSDAQA
TQLISQAFSDASSRAGGADFLMRVGDKKVTLNGATTTYRELIGEEQWNALMVTAQRSQFETDAKLNEQYRLKINSALNQE
DPRTAWEMLQGIKAELDKVQPDEQMTPQREWLISAQEQVQNQMNAWTKAQAKALDDSMKSMNKLDVIDKQFQKRINGEWV
STDFKDMPVNENTGEFKHSDMVNYANKKLAEIDSMDIPDGAKDAMKLKYLQADSKDGAFRTAIGTMVTDAGQEWSAAVIN
GKLPERTPAMDALRRIRNADPQLIAALYPDQAELFLTMDMMDKQGIDPQVILDADRLTVKRSKEQRFEDDKAFESALNAS
KAPEIARMPASLRESARKIYDSVKYRSGNESMAMEQMTKFLKESTYTFTGDDVDGDTVGVIPKNMMQVNSDPKSWEQGRD
ILEEARKGIIASNPWITNKQLTMYSQGDSIYLMDTTGQVRVRYDKELLSKVWSENQKKLEEKAREKALADVNKRAPIVAA
TKAREAAAKRVREKRKQTPKFIYGRKE
;
M,N,O,P,Q,R,G,H
4 'polypeptide(L)'
;MDKYDKNVPSDYDGLFQKAADANGVSYDLLRKVAWTESRFVPTAKSKTGPLGMMQFTKATAKALGLRVTDGPDDDRLNPE
LAINAAAKQLAGLVGKFDGDELKAALAYNQGEGRLGNPQLEAYSKGDFASISEEGRNYMRNLLDVAKSPMAGQLETFGGI
TPKGKGIPAEVGLAGIGHKQKVTQELPESTSFDVKGIEQEATAKPFAKDFWETHGETLDEYNSRSTFFGFKNAAEAELSN
SVAGMAFRAGRLDNGFDVFKDTITPTRWNSHIWTPEELEKIRTEVKNPAYINVVTGGSPENLDDLIKLANENFENDSRAA
EAGLGAKLSAGIIGAGVDPLSYVPMVGVTGKGFKLINKALVVGAESAALNVASEGLRTSVAGGDADYAGAALGGFVFGAG
MSAISDAVAAGLKRSKPEAEFDNEFIGPMMRLEARETARNANSADLSRMNTENMKFEGEHNGVPYEDLPTERGAVVLHDG
SVLSASNPINPKTLKEFSEVDPEKAARGIKLAGFTEIGLKTLGSDDADIRRVAIDLVRSPTGMQSGASGKFGATASDIHE
RLHGTDQRTYNDLYKAMSDAMKDPEFSTGGAKMSREETRYTIYRRAALAIERPELQKALTPSERIVMDIIKRHFDTKREL
MENPAIFGNTKAVSIFPESRHKGTYVPHVYDRHAKALMIQRYGAEGLQEGIARSWMNSYVSRPEVKARVDEMLKELHGVK
EVTPEMVEKYAMDKAYGISHSDQFTNSSIIEENIEGLVGIENNSFLEARNLFDSDLSITMPDGQQFSVNDLRDFDMFRIM
PAYDRRVNGDIAIMGSTGKTTKELKDEILALKAKAEGDGKKTGEVHALMDTVKILTGRARRNQDTVWETSLRAINDLGFF
AKNAYMGAQNITEIAGMIVTGNVRALGHGIPILRDTLYKSKPVSAKELKELHASLFGKEVDQLIRPKRADIVQRLREATD
TGPAVANIVGTLKYSTQELAARSPWTKLLNGTTNYLLDAARQGMLGDVISATLTGKTTRWEKEGFLRGASVTPEQMAGIK
SLIKEHMVRGEDGKFTVKDKQAFSMDPRAMDLWRLADKVADEAMLRPHKVSLQDSHAFGALGKMVMQFKSFTIKSLNSKF
LRTFYDGYKNNRAIDAALSIITSMGLAGGFYAMAAHVKAYALPKEKRKEYLERALDPTMIAHAALSRSSQLGAPLAMVDL
VGGVLGFESSKMARSTILPKDTVKERDPNKPYTSREVMGAMGSNLLEQMPSAGFVANVGATLMNAAGVVNSPNKATEQDF
MTGLMNSTKELVPNDPLTQQLVLKIYEANGVNLRERRK
;
I,J,K,L
#
# COMPACT_ATOMS: atom_id res chain seq x y z
N PHE A 34 -43.01 48.47 -25.61
CA PHE A 34 -44.38 48.98 -25.58
C PHE A 34 -44.54 50.14 -26.55
N GLY A 35 -45.14 51.24 -26.07
CA GLY A 35 -45.26 52.41 -26.91
C GLY A 35 -43.92 53.01 -27.28
N GLY A 36 -42.99 53.05 -26.33
CA GLY A 36 -41.70 53.66 -26.59
C GLY A 36 -40.80 52.72 -27.37
N SER A 37 -40.00 53.31 -28.27
CA SER A 37 -39.02 52.57 -29.04
C SER A 37 -37.63 53.08 -28.67
N SER A 38 -36.76 52.18 -28.24
CA SER A 38 -35.44 52.59 -27.76
C SER A 38 -34.55 53.01 -28.92
N ASP A 39 -33.77 54.06 -28.68
CA ASP A 39 -32.86 54.57 -29.70
C ASP A 39 -31.64 53.68 -29.82
N GLU A 40 -31.29 53.32 -31.06
CA GLU A 40 -30.22 52.36 -31.27
C GLU A 40 -28.86 53.01 -31.00
N THR A 41 -27.92 52.17 -30.56
CA THR A 41 -26.70 52.66 -29.92
C THR A 41 -25.83 53.44 -30.89
N ASP A 42 -25.10 54.41 -30.34
CA ASP A 42 -24.13 55.21 -31.05
C ASP A 42 -22.73 54.86 -30.52
N THR A 43 -21.75 54.82 -31.41
CA THR A 43 -20.39 54.47 -31.00
C THR A 43 -19.86 55.48 -30.00
N GLU A 44 -19.37 54.96 -28.86
CA GLU A 44 -18.90 55.83 -27.79
C GLU A 44 -17.54 56.43 -28.16
N GLY A 45 -17.40 57.71 -27.89
CA GLY A 45 -16.13 58.40 -28.11
C GLY A 45 -15.79 59.27 -26.92
N THR A 46 -14.49 59.52 -26.77
CA THR A 46 -13.98 60.27 -25.62
C THR A 46 -13.76 61.73 -26.02
N GLU A 47 -14.31 62.65 -25.23
CA GLU A 47 -14.15 64.07 -25.45
C GLU A 47 -13.82 64.78 -24.15
N VAL A 48 -13.07 65.87 -24.28
CA VAL A 48 -12.68 66.72 -23.16
C VAL A 48 -13.02 68.16 -23.52
N SER A 49 -13.40 68.95 -22.51
CA SER A 49 -13.66 70.37 -22.73
C SER A 49 -12.40 71.08 -23.19
N GLY A 50 -11.26 70.77 -22.60
CA GLY A 50 -10.02 71.42 -22.94
C GLY A 50 -8.84 70.47 -23.07
N PHE B 34 -65.08 6.33 -25.75
CA PHE B 34 -65.51 7.69 -25.99
C PHE B 34 -66.04 7.84 -27.42
N GLY B 35 -67.21 8.45 -27.56
CA GLY B 35 -67.81 8.60 -28.87
C GLY B 35 -66.97 9.43 -29.81
N GLY B 36 -66.30 10.46 -29.29
CA GLY B 36 -65.47 11.29 -30.13
C GLY B 36 -64.32 10.50 -30.74
N SER B 37 -64.17 10.63 -32.05
CA SER B 37 -63.12 9.94 -32.79
C SER B 37 -62.05 10.94 -33.18
N SER B 38 -60.80 10.63 -32.86
CA SER B 38 -59.70 11.52 -33.18
C SER B 38 -59.48 11.58 -34.69
N ASP B 39 -59.16 12.77 -35.17
CA ASP B 39 -58.85 12.95 -36.58
C ASP B 39 -57.43 12.50 -36.85
N GLU B 40 -57.16 12.09 -38.10
CA GLU B 40 -55.83 11.61 -38.41
C GLU B 40 -54.80 12.72 -38.26
N THR B 41 -53.68 12.39 -37.65
CA THR B 41 -52.52 13.26 -37.72
C THR B 41 -51.90 13.16 -39.10
N ASP B 42 -51.75 14.31 -39.77
CA ASP B 42 -51.20 14.34 -41.11
C ASP B 42 -49.94 15.19 -41.15
N THR B 43 -49.05 14.88 -42.08
CA THR B 43 -47.82 15.65 -42.23
C THR B 43 -48.15 17.04 -42.73
N GLU B 44 -47.49 18.04 -42.16
CA GLU B 44 -47.82 19.44 -42.37
C GLU B 44 -46.63 20.16 -42.98
N GLY B 45 -46.90 21.07 -43.90
CA GLY B 45 -45.87 21.91 -44.51
C GLY B 45 -46.03 23.34 -44.03
N THR B 46 -44.90 23.94 -43.64
CA THR B 46 -44.93 25.29 -43.09
C THR B 46 -45.44 26.27 -44.13
N GLU B 47 -46.43 27.08 -43.75
CA GLU B 47 -47.06 28.01 -44.66
C GLU B 47 -46.98 29.41 -44.08
N VAL B 48 -46.68 30.38 -44.94
CA VAL B 48 -46.57 31.79 -44.57
C VAL B 48 -47.38 32.60 -45.56
N SER B 49 -48.19 33.53 -45.06
CA SER B 49 -48.99 34.40 -45.92
C SER B 49 -48.15 35.17 -46.91
N PHE C 34 -62.57 -30.77 -0.31
CA PHE C 34 -63.74 -31.06 0.50
C PHE C 34 -64.74 -31.90 -0.29
N GLY C 35 -65.99 -31.45 -0.33
CA GLY C 35 -66.97 -32.12 -1.17
C GLY C 35 -66.68 -31.98 -2.65
N GLY C 36 -66.29 -30.78 -3.07
CA GLY C 36 -66.05 -30.54 -4.48
C GLY C 36 -64.75 -31.15 -4.96
N SER C 37 -64.75 -31.62 -6.21
CA SER C 37 -63.57 -32.15 -6.84
C SER C 37 -63.24 -31.30 -8.06
N SER C 38 -62.03 -30.75 -8.09
CA SER C 38 -61.63 -29.86 -9.17
C SER C 38 -61.41 -30.63 -10.47
N ASP C 39 -61.94 -30.08 -11.56
CA ASP C 39 -61.83 -30.72 -12.85
C ASP C 39 -60.41 -30.59 -13.40
N GLU C 40 -59.85 -31.71 -13.83
CA GLU C 40 -58.45 -31.71 -14.26
C GLU C 40 -58.31 -30.96 -15.57
N THR C 41 -57.15 -30.35 -15.76
CA THR C 41 -56.97 -29.30 -16.75
C THR C 41 -57.14 -29.82 -18.17
N ASP C 42 -57.59 -28.94 -19.05
CA ASP C 42 -57.72 -29.21 -20.47
C ASP C 42 -56.68 -28.35 -21.21
N THR C 43 -56.04 -28.93 -22.21
CA THR C 43 -54.99 -28.21 -22.94
C THR C 43 -55.57 -26.97 -23.60
N GLU C 44 -54.93 -25.83 -23.35
CA GLU C 44 -55.41 -24.57 -23.87
C GLU C 44 -55.12 -24.44 -25.36
N GLY C 45 -56.12 -24.00 -26.11
CA GLY C 45 -55.95 -23.74 -27.54
C GLY C 45 -56.61 -22.44 -27.92
N THR C 46 -56.04 -21.79 -28.92
CA THR C 46 -56.48 -20.47 -29.36
C THR C 46 -57.61 -20.62 -30.38
N GLU C 47 -58.72 -19.91 -30.16
CA GLU C 47 -59.85 -19.92 -31.07
C GLU C 47 -60.34 -18.50 -31.32
N VAL C 48 -60.86 -18.28 -32.52
CA VAL C 48 -61.40 -16.99 -32.94
C VAL C 48 -62.80 -17.23 -33.47
N SER C 49 -63.67 -16.22 -33.32
CA SER C 49 -65.00 -16.31 -33.92
C SER C 49 -64.91 -16.39 -35.44
N GLY C 50 -64.01 -15.62 -36.04
CA GLY C 50 -63.84 -15.65 -37.48
C GLY C 50 -62.76 -14.70 -37.97
N PHE D 34 -39.17 -43.05 39.27
CA PHE D 34 -40.54 -43.21 38.82
C PHE D 34 -40.95 -44.68 38.87
N GLY D 35 -42.17 -44.93 39.30
CA GLY D 35 -42.65 -46.32 39.36
C GLY D 35 -42.75 -46.96 37.99
N GLY D 36 -43.16 -46.19 36.98
CA GLY D 36 -43.33 -46.75 35.65
C GLY D 36 -42.01 -47.13 35.03
N SER D 37 -42.01 -48.22 34.28
CA SER D 37 -40.84 -48.69 33.54
C SER D 37 -41.12 -48.60 32.05
N SER D 38 -40.22 -47.96 31.32
CA SER D 38 -40.38 -47.84 29.88
C SER D 38 -40.15 -49.19 29.21
N ASP D 39 -40.90 -49.43 28.14
CA ASP D 39 -40.72 -50.65 27.36
C ASP D 39 -39.48 -50.52 26.48
N GLU D 40 -38.95 -51.67 26.05
CA GLU D 40 -37.81 -51.61 25.15
C GLU D 40 -38.20 -50.99 23.83
N THR D 41 -37.32 -50.15 23.31
CA THR D 41 -37.42 -49.76 21.91
C THR D 41 -36.96 -50.90 21.02
N ASP D 42 -37.81 -51.31 20.11
CA ASP D 42 -37.50 -52.39 19.18
C ASP D 42 -37.58 -51.90 17.74
N THR D 43 -36.83 -52.55 16.86
CA THR D 43 -36.89 -52.20 15.45
C THR D 43 -38.25 -52.58 14.88
N GLU D 44 -38.78 -51.71 14.03
CA GLU D 44 -40.10 -51.88 13.44
C GLU D 44 -39.96 -51.97 11.93
N GLY D 45 -40.83 -52.75 11.30
CA GLY D 45 -40.91 -52.83 9.86
C GLY D 45 -42.18 -52.15 9.37
N THR D 46 -42.06 -51.38 8.29
CA THR D 46 -43.20 -50.67 7.74
C THR D 46 -44.24 -51.66 7.22
N GLU D 47 -45.43 -51.63 7.80
CA GLU D 47 -46.47 -52.60 7.51
C GLU D 47 -47.70 -51.89 6.96
N VAL D 48 -48.26 -52.45 5.90
CA VAL D 48 -49.43 -51.91 5.21
C VAL D 48 -50.48 -53.00 5.14
N SER D 49 -51.73 -52.65 5.42
CA SER D 49 -52.83 -53.61 5.35
C SER D 49 -52.90 -54.34 4.02
N PHE E 34 -8.38 -22.88 65.39
CA PHE E 34 -8.95 -22.67 66.72
C PHE E 34 -8.73 -23.91 67.58
N GLY E 35 -9.76 -24.29 68.33
CA GLY E 35 -9.66 -25.49 69.15
C GLY E 35 -9.53 -26.75 68.33
N GLY E 36 -10.29 -26.85 67.25
CA GLY E 36 -10.28 -28.07 66.45
C GLY E 36 -8.99 -28.22 65.67
N SER E 37 -8.55 -29.47 65.53
CA SER E 37 -7.40 -29.81 64.69
C SER E 37 -7.85 -30.75 63.59
N SER E 38 -7.67 -30.34 62.35
CA SER E 38 -8.15 -31.13 61.22
C SER E 38 -7.30 -32.37 61.04
N ASP E 39 -7.98 -33.49 60.77
CA ASP E 39 -7.29 -34.77 60.61
C ASP E 39 -6.59 -34.82 59.25
N GLU E 40 -5.34 -35.28 59.26
CA GLU E 40 -4.55 -35.25 58.05
C GLU E 40 -5.01 -36.34 57.09
N THR E 41 -4.86 -36.06 55.79
CA THR E 41 -5.56 -36.80 54.75
C THR E 41 -5.11 -38.25 54.69
N ASP E 42 -6.03 -39.12 54.28
CA ASP E 42 -5.77 -40.52 54.02
C ASP E 42 -5.84 -40.73 52.52
N THR E 43 -5.00 -41.63 52.00
CA THR E 43 -5.00 -41.89 50.56
C THR E 43 -6.33 -42.51 50.13
N GLU E 44 -6.91 -41.95 49.08
CA GLU E 44 -8.23 -42.39 48.64
C GLU E 44 -8.14 -43.68 47.85
N GLY E 45 -8.99 -44.63 48.20
CA GLY E 45 -9.06 -45.90 47.50
C GLY E 45 -10.48 -46.20 47.11
N THR E 46 -10.64 -47.11 46.15
CA THR E 46 -11.94 -47.48 45.62
C THR E 46 -12.40 -48.78 46.25
N GLU E 47 -13.63 -48.80 46.78
CA GLU E 47 -14.23 -49.98 47.37
C GLU E 47 -15.67 -50.13 46.92
N VAL E 48 -16.09 -51.38 46.75
CA VAL E 48 -17.45 -51.75 46.39
C VAL E 48 -17.90 -52.86 47.33
N SER E 49 -19.18 -52.83 47.70
CA SER E 49 -19.71 -53.89 48.57
C SER E 49 -19.62 -55.25 47.89
N GLY E 50 -19.95 -55.32 46.61
CA GLY E 50 -19.91 -56.59 45.90
C GLY E 50 -19.18 -56.52 44.57
N PHE F 34 12.31 19.30 65.99
CA PHE F 34 11.75 18.56 67.11
C PHE F 34 12.80 18.39 68.21
N GLY F 35 12.35 18.47 69.46
CA GLY F 35 13.27 18.28 70.57
C GLY F 35 13.84 16.87 70.63
N GLY F 36 13.02 15.87 70.30
CA GLY F 36 13.49 14.50 70.36
C GLY F 36 14.54 14.23 69.30
N SER F 37 15.48 13.36 69.65
CA SER F 37 16.54 12.94 68.74
C SER F 37 16.38 11.46 68.42
N SER F 38 16.40 11.15 67.13
CA SER F 38 16.31 9.75 66.71
C SER F 38 17.59 9.03 67.06
N ASP F 39 17.46 7.76 67.43
CA ASP F 39 18.61 6.93 67.70
C ASP F 39 19.23 6.47 66.38
N GLU F 40 20.51 6.12 66.42
CA GLU F 40 21.15 5.63 65.21
C GLU F 40 20.51 4.31 64.79
N THR F 41 20.26 4.17 63.50
CA THR F 41 19.97 2.87 62.94
C THR F 41 21.24 2.06 62.86
N ASP F 42 21.20 0.83 63.40
CA ASP F 42 22.33 -0.07 63.37
C ASP F 42 21.95 -1.36 62.67
N THR F 43 22.94 -2.04 62.12
CA THR F 43 22.70 -3.34 61.52
C THR F 43 22.29 -4.33 62.59
N GLU F 44 21.30 -5.16 62.27
CA GLU F 44 20.73 -6.11 63.22
C GLU F 44 20.94 -7.53 62.68
N GLY F 45 21.23 -8.45 63.58
CA GLY F 45 21.33 -9.87 63.26
C GLY F 45 20.12 -10.60 63.81
N THR F 46 19.52 -11.43 62.97
CA THR F 46 18.32 -12.16 63.38
C THR F 46 18.66 -13.12 64.51
N GLU F 47 17.91 -13.04 65.60
CA GLU F 47 18.20 -13.81 66.79
C GLU F 47 16.96 -14.60 67.19
N VAL F 48 17.18 -15.86 67.59
CA VAL F 48 16.13 -16.77 68.00
C VAL F 48 16.52 -17.35 69.35
N SER F 49 15.57 -17.38 70.28
CA SER F 49 15.81 -17.91 71.62
C SER F 49 16.33 -19.34 71.59
N PHE G 34 11.07 56.18 39.88
CA PHE G 34 10.47 57.31 40.58
C PHE G 34 11.53 58.04 41.41
N GLY G 35 11.19 58.39 42.64
CA GLY G 35 12.15 59.05 43.51
C GLY G 35 13.34 58.18 43.83
N GLY G 36 13.10 56.91 44.14
CA GLY G 36 14.18 56.03 44.52
C GLY G 36 15.01 55.59 43.32
N SER G 37 16.32 55.47 43.53
CA SER G 37 17.23 54.96 42.53
C SER G 37 17.88 53.69 43.05
N SER G 38 17.74 52.59 42.31
CA SER G 38 18.21 51.30 42.76
C SER G 38 19.73 51.20 42.67
N ASP G 39 20.34 50.65 43.71
CA ASP G 39 21.79 50.50 43.75
C ASP G 39 22.24 49.41 42.80
N GLU G 40 23.28 49.71 42.03
CA GLU G 40 23.71 48.77 41.00
C GLU G 40 24.43 47.59 41.61
N THR G 41 24.35 46.45 40.92
CA THR G 41 24.67 45.16 41.51
C THR G 41 26.12 45.07 41.94
N ASP G 42 26.36 44.29 42.99
CA ASP G 42 27.69 43.96 43.48
C ASP G 42 27.93 42.48 43.27
N THR G 43 29.13 42.14 42.79
CA THR G 43 29.43 40.73 42.51
C THR G 43 29.38 39.90 43.78
N GLU G 44 28.69 38.77 43.70
CA GLU G 44 28.43 37.96 44.89
C GLU G 44 29.62 37.06 45.20
N GLY G 45 29.95 36.99 46.49
CA GLY G 45 30.97 36.07 46.95
C GLY G 45 30.47 35.31 48.17
N THR G 46 31.03 34.12 48.35
CA THR G 46 30.60 33.21 49.41
C THR G 46 31.42 33.49 50.66
N GLU G 47 30.73 33.62 51.80
CA GLU G 47 31.37 33.90 53.08
C GLU G 47 30.74 33.04 54.17
N VAL G 48 31.59 32.57 55.09
CA VAL G 48 31.15 31.81 56.25
C VAL G 48 31.80 32.41 57.48
N SER G 49 31.06 32.42 58.58
CA SER G 49 31.59 32.97 59.84
C SER G 49 32.79 32.16 60.33
N GLY G 50 32.72 30.84 60.22
CA GLY G 50 33.79 29.99 60.69
C GLY G 50 34.35 29.05 59.65
N PHE H 34 -13.29 68.98 1.21
CA PHE H 34 -12.99 69.65 2.48
C PHE H 34 -12.15 70.90 2.24
N GLY H 35 -12.51 71.99 2.91
CA GLY H 35 -11.80 73.24 2.71
C GLY H 35 -10.33 73.16 3.10
N GLY H 36 -10.04 72.44 4.18
CA GLY H 36 -8.65 72.32 4.61
C GLY H 36 -7.82 71.58 3.58
N SER H 37 -6.64 72.13 3.28
CA SER H 37 -5.70 71.53 2.35
C SER H 37 -4.51 71.01 3.12
N SER H 38 -4.16 69.74 2.90
CA SER H 38 -3.04 69.13 3.60
C SER H 38 -1.73 69.74 3.12
N ASP H 39 -0.81 69.94 4.06
CA ASP H 39 0.50 70.45 3.72
C ASP H 39 1.33 69.35 3.07
N GLU H 40 2.34 69.74 2.31
CA GLU H 40 3.17 68.74 1.66
C GLU H 40 3.92 67.92 2.69
N THR H 41 3.95 66.61 2.47
CA THR H 41 4.89 65.76 3.19
C THR H 41 6.28 65.97 2.63
N ASP H 42 7.22 66.35 3.50
CA ASP H 42 8.59 66.64 3.09
C ASP H 42 9.56 65.72 3.80
N THR H 43 10.71 65.49 3.17
CA THR H 43 11.74 64.66 3.77
C THR H 43 12.33 65.36 4.99
N GLU H 44 12.56 64.58 6.05
CA GLU H 44 12.99 65.10 7.34
C GLU H 44 14.31 64.46 7.75
N GLY H 45 15.22 65.28 8.26
CA GLY H 45 16.48 64.80 8.82
C GLY H 45 16.44 64.96 10.33
N THR H 46 16.74 63.86 11.03
CA THR H 46 16.61 63.83 12.49
C THR H 46 17.53 64.86 13.12
N GLU H 47 16.98 65.66 14.04
CA GLU H 47 17.69 66.78 14.64
C GLU H 47 17.68 66.63 16.16
N VAL H 48 18.82 66.90 16.78
CA VAL H 48 19.00 66.82 18.22
C VAL H 48 19.60 68.13 18.69
N SER H 49 19.05 68.69 19.76
CA SER H 49 19.54 69.94 20.33
C SER H 49 21.01 69.86 20.73
N ALA I 4 -65.07 12.41 7.95
CA ALA I 4 -65.25 13.82 7.63
C ALA I 4 -63.97 14.41 7.06
N ALA I 5 -63.32 13.66 6.16
CA ALA I 5 -62.13 14.17 5.50
C ALA I 5 -62.50 15.21 4.44
N ALA I 6 -63.79 15.36 4.15
CA ALA I 6 -64.23 16.38 3.21
C ALA I 6 -64.09 17.78 3.79
N ILE I 7 -64.38 17.93 5.08
CA ILE I 7 -64.42 19.27 5.69
C ILE I 7 -63.07 19.95 5.71
N PRO I 8 -61.97 19.32 6.16
CA PRO I 8 -60.69 20.04 6.16
C PRO I 8 -60.23 20.43 4.78
N ILE I 9 -60.41 19.56 3.77
CA ILE I 9 -59.99 19.89 2.43
C ILE I 9 -60.87 20.98 1.84
N ALA I 10 -62.16 20.97 2.17
CA ALA I 10 -63.04 22.03 1.70
C ALA I 10 -62.67 23.37 2.32
N ILE I 11 -62.33 23.36 3.61
CA ILE I 11 -61.88 24.60 4.26
C ILE I 11 -60.57 25.07 3.65
N SER I 12 -59.66 24.14 3.34
CA SER I 12 -58.40 24.53 2.73
C SER I 12 -58.61 25.12 1.34
N GLY I 13 -59.53 24.55 0.56
CA GLY I 13 -59.83 25.12 -0.74
C GLY I 13 -60.46 26.51 -0.65
N ALA I 14 -61.38 26.68 0.30
CA ALA I 14 -61.97 28.00 0.52
C ALA I 14 -60.90 28.99 0.96
N GLN I 15 -59.96 28.55 1.80
CA GLN I 15 -58.86 29.40 2.23
C GLN I 15 -57.96 29.73 1.05
N ALA I 16 -57.79 28.80 0.12
CA ALA I 16 -57.01 29.08 -1.09
C ALA I 16 -57.68 30.15 -1.93
N ILE I 17 -59.00 30.08 -2.08
CA ILE I 17 -59.70 31.14 -2.82
C ILE I 17 -59.61 32.47 -2.08
N SER I 18 -59.71 32.43 -0.75
CA SER I 18 -59.52 33.64 0.03
C SER I 18 -58.11 34.20 -0.14
N GLY I 19 -57.12 33.32 -0.29
CA GLY I 19 -55.77 33.79 -0.55
C GLY I 19 -55.61 34.32 -1.96
N GLN I 20 -56.42 33.84 -2.89
CA GLN I 20 -56.46 34.44 -4.23
C GLN I 20 -57.02 35.85 -4.16
N ASN I 21 -58.08 36.03 -3.37
CA ASN I 21 -58.56 37.38 -3.07
C ASN I 21 -57.47 38.21 -2.42
N ALA I 22 -56.71 37.59 -1.51
CA ALA I 22 -55.59 38.27 -0.88
C ALA I 22 -54.57 38.71 -1.93
N GLN I 23 -54.31 37.87 -2.94
CA GLN I 23 -53.41 38.25 -4.03
C GLN I 23 -53.96 39.44 -4.82
N ALA I 24 -55.25 39.40 -5.13
CA ALA I 24 -55.89 40.52 -5.83
C ALA I 24 -55.81 41.78 -4.98
N LYS I 25 -55.67 41.64 -3.67
CA LYS I 25 -55.46 42.80 -2.82
C LYS I 25 -53.98 43.15 -2.70
N MET I 26 -53.10 42.14 -2.85
CA MET I 26 -51.66 42.39 -2.82
C MET I 26 -51.25 43.29 -3.97
N ILE I 27 -51.89 43.10 -5.13
CA ILE I 27 -51.55 43.96 -6.26
C ILE I 27 -51.84 45.42 -5.93
N ALA I 28 -52.99 45.70 -5.29
CA ALA I 28 -53.33 47.07 -4.95
C ALA I 28 -52.42 47.59 -3.84
N ALA I 29 -52.14 46.75 -2.83
CA ALA I 29 -51.28 47.19 -1.73
C ALA I 29 -49.88 47.51 -2.22
N GLN I 30 -49.36 46.72 -3.17
CA GLN I 30 -48.03 46.98 -3.69
C GLN I 30 -48.01 48.17 -4.62
N THR I 31 -49.11 48.44 -5.34
CA THR I 31 -49.19 49.69 -6.08
C THR I 31 -49.16 50.89 -5.14
N ALA I 32 -49.90 50.81 -4.03
CA ALA I 32 -49.87 51.89 -3.04
C ALA I 32 -48.48 52.05 -2.45
N ALA I 33 -47.82 50.94 -2.15
CA ALA I 33 -46.46 50.99 -1.64
C ALA I 33 -45.50 51.64 -2.64
N GLY I 34 -45.65 51.30 -3.92
CA GLY I 34 -44.82 51.91 -4.94
C GLY I 34 -45.04 53.40 -5.03
N ARG I 35 -46.30 53.84 -4.92
CA ARG I 35 -46.57 55.28 -4.95
C ARG I 35 -45.98 55.98 -3.73
N ARG I 36 -46.05 55.34 -2.56
CA ARG I 36 -45.44 55.93 -1.38
C ARG I 36 -43.92 56.03 -1.53
N GLN I 37 -43.31 55.00 -2.12
CA GLN I 37 -41.87 55.03 -2.33
C GLN I 37 -41.49 56.11 -3.33
N ALA I 38 -42.33 56.31 -4.35
CA ALA I 38 -42.10 57.40 -5.30
C ALA I 38 -42.23 58.75 -4.61
N MET I 39 -43.17 58.86 -3.66
CA MET I 39 -43.27 60.08 -2.87
C MET I 39 -41.99 60.33 -2.09
N GLU I 40 -41.44 59.27 -1.50
CA GLU I 40 -40.17 59.38 -0.80
C GLU I 40 -39.06 59.83 -1.75
N ILE I 41 -39.04 59.28 -2.96
CA ILE I 41 -38.07 59.71 -3.97
C ILE I 41 -38.21 61.20 -4.23
N MET I 42 -39.44 61.66 -4.45
CA MET I 42 -39.68 63.07 -4.76
C MET I 42 -39.22 63.97 -3.63
N ARG I 43 -39.52 63.59 -2.38
CA ARG I 43 -39.18 64.44 -1.26
C ARG I 43 -37.68 64.44 -0.99
N GLN I 44 -37.04 63.27 -1.08
CA GLN I 44 -35.63 63.18 -0.75
C GLN I 44 -34.76 63.77 -1.84
N THR I 45 -35.13 63.54 -3.10
CA THR I 45 -34.30 64.01 -4.22
C THR I 45 -34.32 65.53 -4.31
N ASN I 46 -33.17 66.10 -4.62
CA ASN I 46 -33.00 67.53 -4.79
C ASN I 46 -33.27 67.92 -6.23
N ILE I 47 -34.14 68.93 -6.42
CA ILE I 47 -34.42 69.47 -7.73
C ILE I 47 -33.70 70.79 -7.99
N GLN I 48 -33.04 71.35 -6.98
CA GLN I 48 -32.48 72.69 -7.10
C GLN I 48 -31.39 72.72 -8.15
N ASN I 49 -31.23 73.88 -8.78
CA ASN I 49 -30.22 74.22 -9.77
C ASN I 49 -30.50 73.56 -11.11
N ALA I 50 -31.47 72.64 -11.19
CA ALA I 50 -31.83 71.95 -12.43
C ALA I 50 -30.66 71.17 -12.99
N ASP I 51 -29.54 71.17 -12.25
CA ASP I 51 -28.33 70.47 -12.65
C ASP I 51 -28.25 69.18 -11.83
N LEU I 52 -28.64 68.07 -12.43
CA LEU I 52 -28.85 66.82 -11.71
C LEU I 52 -28.02 65.71 -12.32
N SER I 53 -27.70 64.72 -11.50
CA SER I 53 -27.00 63.53 -11.97
C SER I 53 -27.99 62.58 -12.65
N LEU I 54 -27.43 61.54 -13.27
CA LEU I 54 -28.26 60.49 -13.84
C LEU I 54 -29.10 59.80 -12.78
N GLN I 55 -28.55 59.65 -11.58
CA GLN I 55 -29.33 59.05 -10.49
C GLN I 55 -30.53 59.94 -10.15
N ALA I 56 -30.30 61.25 -10.03
CA ALA I 56 -31.39 62.16 -9.72
C ALA I 56 -32.44 62.16 -10.83
N ARG I 57 -32.01 62.19 -12.09
CA ARG I 57 -32.96 62.21 -13.19
C ARG I 57 -33.74 60.91 -13.28
N SER I 58 -33.06 59.78 -13.07
CA SER I 58 -33.75 58.49 -13.11
C SER I 58 -34.75 58.38 -11.97
N LYS I 59 -34.37 58.85 -10.77
CA LYS I 59 -35.30 58.85 -9.66
C LYS I 59 -36.51 59.73 -9.94
N LEU I 60 -36.28 60.91 -10.52
CA LEU I 60 -37.38 61.78 -10.90
C LEU I 60 -38.30 61.11 -11.90
N GLU I 61 -37.73 60.47 -12.92
CA GLU I 61 -38.56 59.82 -13.94
C GLU I 61 -39.34 58.67 -13.36
N GLU I 62 -38.73 57.88 -12.50
CA GLU I 62 -39.44 56.76 -11.86
C GLU I 62 -40.58 57.27 -11.00
N ALA I 63 -40.34 58.33 -10.22
CA ALA I 63 -41.41 58.90 -9.40
C ALA I 63 -42.55 59.39 -10.28
N SER I 64 -42.21 60.12 -11.34
CA SER I 64 -43.25 60.65 -12.22
C SER I 64 -44.06 59.54 -12.84
N ALA I 65 -43.38 58.48 -13.32
CA ALA I 65 -44.09 57.37 -13.93
C ALA I 65 -45.00 56.68 -12.93
N GLU I 66 -44.57 56.56 -11.68
CA GLU I 66 -45.41 55.91 -10.68
C GLU I 66 -46.53 56.84 -10.21
N LEU I 67 -46.38 58.14 -10.43
CA LEU I 67 -47.47 59.07 -10.13
C LEU I 67 -48.34 59.33 -11.35
N THR I 68 -47.96 58.78 -12.50
CA THR I 68 -48.86 58.82 -13.66
C THR I 68 -49.89 57.72 -13.53
N SER I 69 -51.11 58.02 -13.94
CA SER I 69 -52.19 57.05 -13.95
C SER I 69 -52.13 56.28 -15.26
N GLN I 70 -52.17 54.95 -15.17
CA GLN I 70 -52.12 54.14 -16.38
C GLN I 70 -53.51 53.82 -16.90
N ASN I 71 -54.41 53.41 -16.03
CA ASN I 71 -55.78 53.09 -16.45
C ASN I 71 -56.49 54.32 -16.99
N MET I 72 -56.32 55.46 -16.33
CA MET I 72 -56.97 56.71 -16.75
C MET I 72 -56.02 57.63 -17.51
N GLN I 73 -54.99 57.07 -18.16
CA GLN I 73 -53.99 57.90 -18.82
C GLN I 73 -54.63 58.77 -19.91
N LYS I 74 -55.40 58.15 -20.80
CA LYS I 74 -56.01 58.90 -21.89
C LYS I 74 -56.93 59.97 -21.34
N VAL I 75 -57.58 59.69 -20.20
CA VAL I 75 -58.45 60.67 -19.59
C VAL I 75 -57.64 61.82 -19.01
N GLN I 76 -56.50 61.51 -18.38
CA GLN I 76 -55.57 62.58 -17.97
C GLN I 76 -55.25 63.47 -19.16
N ALA I 77 -54.85 62.86 -20.27
CA ALA I 77 -54.35 63.63 -21.40
C ALA I 77 -55.44 64.50 -21.99
N ILE I 78 -56.64 63.95 -22.18
CA ILE I 78 -57.71 64.74 -22.78
C ILE I 78 -58.14 65.86 -21.85
N GLY I 79 -58.17 65.59 -20.54
CA GLY I 79 -58.52 66.64 -19.60
C GLY I 79 -57.47 67.73 -19.54
N SER I 80 -56.20 67.36 -19.58
CA SER I 80 -55.12 68.35 -19.57
C SER I 80 -55.17 69.20 -20.83
N ILE I 81 -55.43 68.57 -21.98
CA ILE I 81 -55.57 69.33 -23.22
C ILE I 81 -56.74 70.30 -23.11
N ARG I 82 -57.87 69.84 -22.60
CA ARG I 82 -59.04 70.71 -22.48
C ARG I 82 -58.74 71.89 -21.56
N ALA I 83 -58.04 71.64 -20.45
CA ALA I 83 -57.68 72.72 -19.54
C ALA I 83 -56.75 73.71 -20.21
N ALA I 84 -55.76 73.22 -20.96
CA ALA I 84 -54.78 74.12 -21.56
C ALA I 84 -55.40 74.98 -22.64
N ILE I 85 -56.15 74.36 -23.55
CA ILE I 85 -56.73 75.12 -24.66
C ILE I 85 -57.73 76.16 -24.16
N GLY I 86 -58.58 75.77 -23.21
CA GLY I 86 -59.56 76.68 -22.67
C GLY I 86 -60.17 76.22 -21.37
N VAL I 101 -71.74 73.08 -13.98
CA VAL I 101 -72.94 72.30 -14.26
C VAL I 101 -73.22 72.23 -15.74
N THR I 102 -73.21 73.39 -16.39
CA THR I 102 -73.57 73.47 -17.80
C THR I 102 -72.58 72.69 -18.67
N GLU I 103 -71.28 72.77 -18.35
CA GLU I 103 -70.28 72.07 -19.14
C GLU I 103 -70.45 70.56 -19.02
N GLY I 104 -70.71 70.06 -17.81
CA GLY I 104 -70.90 68.64 -17.63
C GLY I 104 -72.10 68.11 -18.39
N GLN I 105 -73.21 68.85 -18.36
CA GLN I 105 -74.39 68.44 -19.12
C GLN I 105 -74.09 68.38 -20.61
N PHE I 106 -73.37 69.38 -21.12
CA PHE I 106 -73.04 69.40 -22.54
C PHE I 106 -72.17 68.22 -22.93
N ILE I 107 -71.14 67.92 -22.12
CA ILE I 107 -70.22 66.86 -22.52
C ILE I 107 -70.85 65.49 -22.30
N ARG I 108 -71.82 65.38 -21.37
CA ARG I 108 -72.52 64.12 -21.23
C ARG I 108 -73.52 63.92 -22.37
N GLU I 109 -74.10 65.02 -22.88
CA GLU I 109 -74.91 64.90 -24.09
C GLU I 109 -74.05 64.49 -25.28
N ALA I 110 -72.83 65.03 -25.37
CA ALA I 110 -71.94 64.66 -26.46
C ALA I 110 -71.55 63.19 -26.40
N ASN I 111 -71.62 62.57 -25.23
CA ASN I 111 -71.34 61.16 -25.07
C ASN I 111 -72.60 60.31 -25.10
N MET I 112 -73.76 60.93 -25.36
CA MET I 112 -75.04 60.23 -25.45
C MET I 112 -75.30 59.42 -24.17
N VAL I 113 -75.10 60.06 -23.03
CA VAL I 113 -75.26 59.40 -21.74
C VAL I 113 -76.16 60.25 -20.87
N THR I 114 -76.94 59.58 -20.01
CA THR I 114 -77.93 60.26 -19.20
C THR I 114 -77.31 60.75 -17.89
N GLU I 115 -78.12 61.45 -17.09
CA GLU I 115 -77.61 62.01 -15.84
C GLU I 115 -77.20 60.91 -14.87
N ASN I 116 -77.95 59.81 -14.83
CA ASN I 116 -77.54 58.67 -14.03
C ASN I 116 -76.35 57.93 -14.62
N TYR I 117 -75.77 58.44 -15.71
CA TYR I 117 -74.65 57.86 -16.44
C TYR I 117 -75.03 56.54 -17.08
N ARG I 118 -76.30 56.32 -17.39
CA ARG I 118 -76.69 55.25 -18.28
C ARG I 118 -76.73 55.74 -19.71
N ARG I 119 -76.54 54.82 -20.66
CA ARG I 119 -76.56 55.18 -22.07
C ARG I 119 -77.92 55.70 -22.47
N ASP I 120 -77.93 56.80 -23.23
CA ASP I 120 -79.16 57.40 -23.74
C ASP I 120 -79.41 56.87 -25.15
N TYR I 121 -80.20 55.81 -25.25
CA TYR I 121 -80.42 55.17 -26.53
C TYR I 121 -81.33 55.97 -27.45
N GLN I 122 -82.14 56.88 -26.90
CA GLN I 122 -82.98 57.72 -27.75
C GLN I 122 -82.13 58.56 -28.69
N ALA I 123 -81.10 59.22 -28.16
CA ALA I 123 -80.20 59.98 -29.01
C ALA I 123 -79.37 59.07 -29.90
N ILE I 124 -78.97 57.92 -29.38
CA ILE I 124 -78.13 57.01 -30.15
C ILE I 124 -78.88 56.45 -31.34
N PHE I 125 -80.13 56.02 -31.12
CA PHE I 125 -80.94 55.41 -32.17
C PHE I 125 -81.85 56.41 -32.86
N ALA I 126 -81.44 57.69 -32.91
CA ALA I 126 -82.28 58.70 -33.52
C ALA I 126 -82.49 58.43 -35.01
N GLN I 127 -81.44 58.00 -35.70
CA GLN I 127 -81.55 57.70 -37.13
C GLN I 127 -82.55 56.56 -37.37
N GLN I 128 -82.48 55.52 -36.56
CA GLN I 128 -83.35 54.36 -36.71
C GLN I 128 -84.66 54.48 -35.95
N LEU I 129 -84.88 55.62 -35.28
CA LEU I 129 -86.10 55.87 -34.52
C LEU I 129 -86.40 54.77 -33.51
N ALA J 4 -61.47 -6.44 25.82
CA ALA J 4 -62.43 -6.48 24.73
C ALA J 4 -61.82 -5.88 23.47
N ALA J 5 -60.85 -6.58 22.89
CA ALA J 5 -60.17 -6.07 21.70
C ALA J 5 -61.12 -6.01 20.50
N ALA J 6 -62.23 -6.75 20.57
CA ALA J 6 -63.18 -6.75 19.46
C ALA J 6 -63.83 -5.39 19.29
N ILE J 7 -63.97 -4.63 20.39
CA ILE J 7 -64.64 -3.34 20.30
C ILE J 7 -63.84 -2.31 19.52
N PRO J 8 -62.54 -2.09 19.79
CA PRO J 8 -61.78 -1.12 18.97
C PRO J 8 -61.68 -1.51 17.52
N ILE J 9 -61.54 -2.80 17.20
CA ILE J 9 -61.46 -3.20 15.80
C ILE J 9 -62.81 -3.01 15.12
N ALA J 10 -63.91 -3.25 15.86
CA ALA J 10 -65.23 -2.94 15.31
C ALA J 10 -65.36 -1.45 15.05
N ILE J 11 -64.83 -0.62 15.95
CA ILE J 11 -64.87 0.82 15.77
C ILE J 11 -64.08 1.22 14.52
N SER J 12 -62.91 0.62 14.33
CA SER J 12 -62.11 0.90 13.14
C SER J 12 -62.84 0.48 11.87
N GLY J 13 -63.52 -0.66 11.91
CA GLY J 13 -64.29 -1.09 10.73
C GLY J 13 -65.44 -0.17 10.41
N ALA J 14 -66.16 0.28 11.43
CA ALA J 14 -67.22 1.26 11.22
C ALA J 14 -66.66 2.57 10.70
N GLN J 15 -65.47 2.96 11.18
CA GLN J 15 -64.81 4.13 10.65
C GLN J 15 -64.45 3.94 9.18
N ALA J 16 -64.05 2.73 8.80
CA ALA J 16 -63.74 2.45 7.40
C ALA J 16 -64.99 2.57 6.53
N ILE J 17 -66.13 2.08 7.04
CA ILE J 17 -67.39 2.25 6.31
C ILE J 17 -67.73 3.73 6.19
N SER J 18 -67.55 4.48 7.28
CA SER J 18 -67.76 5.92 7.25
C SER J 18 -66.83 6.59 6.25
N GLY J 19 -65.61 6.08 6.12
CA GLY J 19 -64.67 6.63 5.15
C GLY J 19 -65.06 6.29 3.72
N GLN J 20 -65.67 5.12 3.51
CA GLN J 20 -66.20 4.80 2.18
C GLN J 20 -67.30 5.78 1.80
N ASN J 21 -68.26 6.00 2.71
CA ASN J 21 -69.27 7.01 2.46
C ASN J 21 -68.64 8.38 2.31
N ALA J 22 -67.56 8.63 3.04
CA ALA J 22 -66.85 9.90 2.92
C ALA J 22 -66.28 10.08 1.53
N GLN J 23 -65.69 9.02 0.96
CA GLN J 23 -65.21 9.10 -0.41
C GLN J 23 -66.35 9.34 -1.38
N ALA J 24 -67.49 8.69 -1.15
CA ALA J 24 -68.68 8.97 -1.95
C ALA J 24 -69.14 10.41 -1.77
N LYS J 25 -68.70 11.05 -0.68
CA LYS J 25 -69.00 12.46 -0.47
C LYS J 25 -67.97 13.36 -1.14
N MET J 26 -66.69 12.99 -1.06
CA MET J 26 -65.64 13.77 -1.73
C MET J 26 -65.77 13.71 -3.24
N ILE J 27 -66.36 12.67 -3.81
CA ILE J 27 -66.58 12.71 -5.26
C ILE J 27 -67.56 13.84 -5.62
N ALA J 28 -68.63 13.99 -4.83
CA ALA J 28 -69.55 15.11 -5.06
C ALA J 28 -68.87 16.44 -4.79
N ALA J 29 -68.03 16.49 -3.75
CA ALA J 29 -67.29 17.72 -3.46
C ALA J 29 -66.35 18.08 -4.61
N GLN J 30 -65.71 17.07 -5.20
CA GLN J 30 -64.83 17.31 -6.34
C GLN J 30 -65.61 17.80 -7.54
N THR J 31 -66.81 17.26 -7.77
CA THR J 31 -67.64 17.77 -8.86
C THR J 31 -67.99 19.24 -8.62
N ALA J 32 -68.37 19.59 -7.39
CA ALA J 32 -68.71 20.97 -7.08
C ALA J 32 -67.50 21.89 -7.26
N ALA J 33 -66.31 21.44 -6.83
CA ALA J 33 -65.11 22.22 -7.01
C ALA J 33 -64.78 22.41 -8.48
N GLY J 34 -64.98 21.36 -9.28
CA GLY J 34 -64.78 21.50 -10.71
C GLY J 34 -65.71 22.52 -11.34
N ARG J 35 -66.97 22.53 -10.91
CA ARG J 35 -67.90 23.54 -11.40
C ARG J 35 -67.45 24.94 -11.03
N ARG J 36 -67.04 25.13 -9.77
CA ARG J 36 -66.58 26.45 -9.34
C ARG J 36 -65.37 26.89 -10.14
N GLN J 37 -64.42 25.98 -10.36
CA GLN J 37 -63.20 26.33 -11.08
C GLN J 37 -63.50 26.61 -12.55
N ALA J 38 -64.51 25.94 -13.11
CA ALA J 38 -64.94 26.24 -14.47
C ALA J 38 -65.53 27.63 -14.58
N MET J 39 -66.38 28.02 -13.63
CA MET J 39 -66.91 29.39 -13.68
C MET J 39 -65.80 30.41 -13.44
N GLU J 40 -64.79 30.04 -12.65
CA GLU J 40 -63.63 30.92 -12.52
C GLU J 40 -62.93 31.09 -13.87
N ILE J 41 -62.80 30.00 -14.62
CA ILE J 41 -62.29 30.10 -16.00
C ILE J 41 -63.13 31.08 -16.79
N MET J 42 -64.45 30.91 -16.73
CA MET J 42 -65.36 31.81 -17.45
C MET J 42 -65.05 33.26 -17.13
N ARG J 43 -64.84 33.57 -15.85
CA ARG J 43 -64.56 34.94 -15.47
C ARG J 43 -63.20 35.41 -15.99
N GLN J 44 -62.18 34.56 -15.91
CA GLN J 44 -60.84 35.00 -16.29
C GLN J 44 -60.69 35.18 -17.80
N THR J 45 -61.20 34.23 -18.58
CA THR J 45 -61.00 34.26 -20.03
C THR J 45 -61.75 35.42 -20.66
N ASN J 46 -61.32 35.81 -21.86
CA ASN J 46 -62.02 36.80 -22.68
C ASN J 46 -62.52 36.11 -23.95
N ILE J 47 -63.84 36.06 -24.10
CA ILE J 47 -64.43 35.42 -25.28
C ILE J 47 -64.59 36.38 -26.45
N GLN J 48 -64.29 37.65 -26.24
CA GLN J 48 -64.59 38.66 -27.24
C GLN J 48 -63.42 38.86 -28.19
N ASN J 49 -63.59 39.83 -29.10
CA ASN J 49 -62.72 40.19 -30.21
C ASN J 49 -62.75 39.12 -31.30
N ALA J 50 -63.45 38.01 -31.09
CA ALA J 50 -63.51 36.87 -32.01
C ALA J 50 -62.13 36.29 -32.31
N ASP J 51 -61.10 36.70 -31.58
CA ASP J 51 -59.72 36.32 -31.84
C ASP J 51 -59.14 35.67 -30.58
N LEU J 52 -59.91 34.76 -30.00
CA LEU J 52 -59.46 34.09 -28.79
C LEU J 52 -58.20 33.29 -29.07
N SER J 53 -57.26 33.34 -28.14
CA SER J 53 -56.08 32.52 -28.25
C SER J 53 -56.44 31.05 -28.11
N LEU J 54 -55.52 30.19 -28.52
CA LEU J 54 -55.80 28.76 -28.50
C LEU J 54 -56.09 28.29 -27.08
N GLN J 55 -55.33 28.81 -26.11
CA GLN J 55 -55.62 28.52 -24.72
C GLN J 55 -57.00 29.04 -24.32
N ALA J 56 -57.39 30.19 -24.87
CA ALA J 56 -58.73 30.69 -24.57
C ALA J 56 -59.80 29.73 -25.06
N ARG J 57 -59.62 29.19 -26.27
CA ARG J 57 -60.59 28.22 -26.78
C ARG J 57 -60.61 26.97 -25.92
N SER J 58 -59.43 26.47 -25.53
CA SER J 58 -59.39 25.26 -24.71
C SER J 58 -60.09 25.50 -23.37
N LYS J 59 -59.80 26.64 -22.74
CA LYS J 59 -60.42 26.95 -21.45
C LYS J 59 -61.92 27.10 -21.58
N LEU J 60 -62.38 27.77 -22.64
CA LEU J 60 -63.81 27.92 -22.86
C LEU J 60 -64.49 26.57 -23.03
N GLU J 61 -63.90 25.72 -23.85
CA GLU J 61 -64.49 24.40 -24.11
C GLU J 61 -64.52 23.56 -22.84
N GLU J 62 -63.44 23.58 -22.05
CA GLU J 62 -63.41 22.75 -20.85
C GLU J 62 -64.37 23.29 -19.78
N ALA J 63 -64.49 24.62 -19.68
CA ALA J 63 -65.46 25.20 -18.76
C ALA J 63 -66.88 24.83 -19.15
N SER J 64 -67.17 24.87 -20.45
CA SER J 64 -68.50 24.45 -20.89
C SER J 64 -68.74 22.98 -20.60
N ALA J 65 -67.74 22.13 -20.85
CA ALA J 65 -67.89 20.71 -20.57
C ALA J 65 -68.14 20.46 -19.09
N GLU J 66 -67.54 21.29 -18.22
CA GLU J 66 -67.81 21.16 -16.80
C GLU J 66 -69.26 21.51 -16.49
N LEU J 67 -69.78 22.59 -17.07
CA LEU J 67 -71.15 23.00 -16.76
C LEU J 67 -72.16 22.15 -17.52
N THR J 68 -71.71 21.40 -18.52
CA THR J 68 -72.58 20.41 -19.14
C THR J 68 -72.81 19.26 -18.17
N SER J 69 -74.05 18.78 -18.13
CA SER J 69 -74.42 17.65 -17.27
C SER J 69 -74.31 16.37 -18.08
N GLN J 70 -73.50 15.43 -17.59
CA GLN J 70 -73.28 14.19 -18.33
C GLN J 70 -74.43 13.21 -18.14
N ASN J 71 -74.97 13.12 -16.92
CA ASN J 71 -75.94 12.07 -16.62
C ASN J 71 -77.29 12.35 -17.27
N MET J 72 -77.77 13.58 -17.17
CA MET J 72 -78.97 14.01 -17.89
C MET J 72 -78.64 14.75 -19.16
N GLN J 73 -77.56 14.35 -19.84
CA GLN J 73 -77.19 14.93 -21.12
C GLN J 73 -78.26 14.66 -22.17
N LYS J 74 -78.80 13.44 -22.20
CA LYS J 74 -79.79 13.09 -23.21
C LYS J 74 -81.10 13.85 -23.00
N VAL J 75 -81.59 13.91 -21.77
CA VAL J 75 -82.87 14.58 -21.53
C VAL J 75 -82.72 16.09 -21.70
N GLN J 76 -81.58 16.65 -21.31
CA GLN J 76 -81.31 18.05 -21.64
C GLN J 76 -81.33 18.27 -23.14
N ALA J 77 -80.68 17.39 -23.91
CA ALA J 77 -80.66 17.56 -25.35
C ALA J 77 -82.06 17.50 -25.95
N ILE J 78 -82.87 16.54 -25.50
CA ILE J 78 -84.21 16.40 -26.06
C ILE J 78 -85.09 17.56 -25.62
N GLY J 79 -84.84 18.11 -24.42
CA GLY J 79 -85.56 19.30 -24.02
C GLY J 79 -85.18 20.51 -24.87
N SER J 80 -83.90 20.62 -25.21
CA SER J 80 -83.47 21.68 -26.11
C SER J 80 -84.14 21.55 -27.48
N ILE J 81 -84.18 20.32 -28.00
CA ILE J 81 -84.84 20.10 -29.29
C ILE J 81 -86.32 20.45 -29.22
N ARG J 82 -86.99 20.03 -28.16
CA ARG J 82 -88.42 20.33 -28.02
C ARG J 82 -88.64 21.84 -27.92
N ALA J 83 -87.79 22.53 -27.17
CA ALA J 83 -87.94 23.98 -27.03
C ALA J 83 -87.72 24.68 -28.37
N ALA J 84 -86.72 24.26 -29.14
CA ALA J 84 -86.44 24.92 -30.40
C ALA J 84 -87.51 24.62 -31.44
N ILE J 85 -87.91 23.35 -31.57
CA ILE J 85 -88.85 22.96 -32.60
C ILE J 85 -90.24 23.49 -32.29
N GLY J 86 -90.68 23.38 -31.04
CA GLY J 86 -92.01 23.82 -30.66
C GLY J 86 -92.06 24.50 -29.30
N VAL J 101 -99.39 21.97 -17.19
CA VAL J 101 -100.55 21.12 -16.94
C VAL J 101 -100.84 20.22 -18.12
N THR J 102 -101.49 20.77 -19.15
CA THR J 102 -101.92 19.96 -20.29
C THR J 102 -100.74 19.35 -21.01
N GLU J 103 -99.69 20.13 -21.26
CA GLU J 103 -98.49 19.58 -21.91
C GLU J 103 -97.82 18.55 -21.02
N GLY J 104 -97.72 18.86 -19.72
CA GLY J 104 -97.12 17.92 -18.80
C GLY J 104 -97.87 16.60 -18.71
N GLN J 105 -99.19 16.67 -18.53
CA GLN J 105 -99.97 15.44 -18.47
C GLN J 105 -99.94 14.72 -19.83
N PHE J 106 -99.84 15.49 -20.92
CA PHE J 106 -99.74 14.86 -22.22
C PHE J 106 -98.47 14.03 -22.35
N ILE J 107 -97.34 14.55 -21.88
CA ILE J 107 -96.12 13.76 -22.02
C ILE J 107 -96.04 12.68 -20.95
N ARG J 108 -96.73 12.85 -19.81
CA ARG J 108 -96.84 11.74 -18.87
C ARG J 108 -97.62 10.58 -19.46
N GLU J 109 -98.75 10.87 -20.11
CA GLU J 109 -99.49 9.82 -20.80
C GLU J 109 -98.69 9.27 -21.96
N ALA J 110 -97.85 10.10 -22.59
CA ALA J 110 -96.96 9.60 -23.62
C ALA J 110 -95.92 8.65 -23.02
N ASN J 111 -95.55 8.87 -21.77
CA ASN J 111 -94.60 8.01 -21.09
C ASN J 111 -95.28 6.90 -20.28
N MET J 112 -96.61 6.78 -20.37
CA MET J 112 -97.36 5.74 -19.67
C MET J 112 -97.05 5.74 -18.17
N VAL J 113 -97.06 6.93 -17.60
CA VAL J 113 -96.77 7.12 -16.18
C VAL J 113 -97.93 7.88 -15.56
N THR J 114 -98.11 7.68 -14.26
CA THR J 114 -99.28 8.24 -13.58
C THR J 114 -99.00 9.67 -13.12
N GLU J 115 -99.92 10.19 -12.31
CA GLU J 115 -99.69 11.49 -11.69
C GLU J 115 -98.59 11.45 -10.65
N ASN J 116 -98.52 10.36 -9.89
CA ASN J 116 -97.49 10.18 -8.88
C ASN J 116 -96.17 9.69 -9.45
N TYR J 117 -96.00 9.78 -10.77
CA TYR J 117 -94.77 9.38 -11.44
C TYR J 117 -94.44 7.92 -11.20
N ARG J 118 -95.47 7.08 -11.25
CA ARG J 118 -95.32 5.63 -11.18
C ARG J 118 -95.91 5.02 -12.45
N ARG J 119 -95.35 3.90 -12.88
CA ARG J 119 -95.73 3.32 -14.16
C ARG J 119 -97.23 3.04 -14.20
N ASP J 120 -97.86 3.45 -15.29
CA ASP J 120 -99.30 3.26 -15.49
C ASP J 120 -99.49 1.96 -16.26
N TYR J 121 -99.56 0.85 -15.53
CA TYR J 121 -99.65 -0.44 -16.17
C TYR J 121 -100.92 -0.65 -16.98
N GLN J 122 -102.00 -0.02 -16.56
CA GLN J 122 -103.24 -0.14 -17.33
C GLN J 122 -103.05 0.39 -18.74
N ALA J 123 -102.34 1.50 -18.88
CA ALA J 123 -102.04 2.03 -20.21
C ALA J 123 -101.02 1.15 -20.93
N ILE J 124 -100.02 0.65 -20.20
CA ILE J 124 -98.97 -0.15 -20.83
C ILE J 124 -99.54 -1.44 -21.40
N PHE J 125 -100.35 -2.14 -20.62
CA PHE J 125 -100.94 -3.41 -21.05
C PHE J 125 -102.31 -3.16 -21.70
N ALA J 126 -102.28 -2.43 -22.81
CA ALA J 126 -103.51 -2.13 -23.55
C ALA J 126 -104.09 -3.38 -24.19
N GLN J 127 -103.24 -4.24 -24.73
CA GLN J 127 -103.72 -5.42 -25.44
C GLN J 127 -104.46 -6.37 -24.50
N GLN J 128 -104.18 -6.30 -23.21
CA GLN J 128 -104.75 -7.22 -22.24
C GLN J 128 -105.69 -6.52 -21.28
N ALA K 4 -46.48 -10.20 46.89
CA ALA K 4 -47.66 -10.58 46.12
C ALA K 4 -47.36 -10.63 44.63
N ALA K 5 -46.38 -11.46 44.26
CA ALA K 5 -46.06 -11.61 42.84
C ALA K 5 -47.07 -12.52 42.15
N ALA K 6 -47.83 -13.30 42.91
CA ALA K 6 -48.78 -14.23 42.32
C ALA K 6 -50.01 -13.50 41.80
N ILE K 7 -50.39 -12.39 42.44
CA ILE K 7 -51.58 -11.66 42.02
C ILE K 7 -51.46 -11.10 40.61
N PRO K 8 -50.39 -10.41 40.22
CA PRO K 8 -50.32 -9.89 38.86
C PRO K 8 -50.32 -10.99 37.81
N ILE K 9 -49.62 -12.10 38.05
CA ILE K 9 -49.58 -13.18 37.06
C ILE K 9 -50.94 -13.88 37.00
N ALA K 10 -51.64 -13.96 38.13
CA ALA K 10 -52.98 -14.53 38.11
C ALA K 10 -53.93 -13.64 37.32
N ILE K 11 -53.83 -12.33 37.50
CA ILE K 11 -54.64 -11.40 36.72
C ILE K 11 -54.30 -11.50 35.24
N SER K 12 -53.01 -11.64 34.93
CA SER K 12 -52.60 -11.73 33.53
C SER K 12 -53.09 -13.04 32.90
N GLY K 13 -53.09 -14.14 33.66
CA GLY K 13 -53.64 -15.38 33.16
C GLY K 13 -55.14 -15.31 32.94
N ALA K 14 -55.86 -14.66 33.87
CA ALA K 14 -57.28 -14.42 33.67
C ALA K 14 -57.52 -13.54 32.44
N GLN K 15 -56.65 -12.56 32.22
CA GLN K 15 -56.76 -11.71 31.04
C GLN K 15 -56.44 -12.50 29.77
N ALA K 16 -55.56 -13.48 29.87
CA ALA K 16 -55.29 -14.35 28.73
C ALA K 16 -56.51 -15.22 28.41
N ILE K 17 -57.21 -15.69 29.44
CA ILE K 17 -58.44 -16.43 29.20
C ILE K 17 -59.51 -15.50 28.61
N SER K 18 -59.56 -14.26 29.09
CA SER K 18 -60.46 -13.29 28.49
C SER K 18 -60.08 -13.01 27.03
N GLY K 19 -58.79 -13.05 26.72
CA GLY K 19 -58.36 -12.94 25.34
C GLY K 19 -58.77 -14.13 24.50
N GLN K 20 -58.78 -15.31 25.11
CA GLN K 20 -59.32 -16.49 24.43
C GLN K 20 -60.82 -16.31 24.15
N ASN K 21 -61.55 -15.77 25.13
CA ASN K 21 -62.96 -15.46 24.92
C ASN K 21 -63.12 -14.41 23.81
N ALA K 22 -62.20 -13.44 23.77
CA ALA K 22 -62.21 -12.45 22.70
C ALA K 22 -61.94 -13.10 21.35
N GLN K 23 -61.10 -14.13 21.31
CA GLN K 23 -60.90 -14.89 20.09
C GLN K 23 -62.18 -15.60 19.66
N ALA K 24 -62.86 -16.23 20.63
CA ALA K 24 -64.10 -16.94 20.33
C ALA K 24 -65.20 -15.98 19.90
N LYS K 25 -65.12 -14.72 20.33
CA LYS K 25 -66.06 -13.71 19.85
C LYS K 25 -65.58 -13.10 18.53
N MET K 26 -64.26 -13.12 18.31
CA MET K 26 -63.68 -12.56 17.11
C MET K 26 -64.02 -13.41 15.90
N ILE K 27 -64.15 -14.72 16.10
CA ILE K 27 -64.59 -15.57 14.99
C ILE K 27 -65.98 -15.14 14.53
N ALA K 28 -66.88 -14.87 15.47
CA ALA K 28 -68.21 -14.38 15.09
C ALA K 28 -68.14 -12.99 14.47
N ALA K 29 -67.26 -12.14 15.00
CA ALA K 29 -67.12 -10.79 14.46
C ALA K 29 -66.63 -10.82 13.02
N GLN K 30 -65.66 -11.68 12.70
CA GLN K 30 -65.18 -11.74 11.33
C GLN K 30 -66.17 -12.43 10.41
N THR K 31 -66.97 -13.37 10.94
CA THR K 31 -68.06 -13.90 10.13
C THR K 31 -69.07 -12.81 9.79
N ALA K 32 -69.42 -11.98 10.77
CA ALA K 32 -70.34 -10.88 10.51
C ALA K 32 -69.76 -9.90 9.50
N ALA K 33 -68.46 -9.61 9.61
CA ALA K 33 -67.80 -8.75 8.65
C ALA K 33 -67.82 -9.35 7.25
N GLY K 34 -67.60 -10.66 7.16
CA GLY K 34 -67.68 -11.32 5.86
C GLY K 34 -69.07 -11.25 5.25
N ARG K 35 -70.10 -11.43 6.08
CA ARG K 35 -71.46 -11.34 5.58
C ARG K 35 -71.77 -9.92 5.11
N ARG K 36 -71.29 -8.92 5.86
CA ARG K 36 -71.50 -7.53 5.46
C ARG K 36 -70.80 -7.23 4.14
N GLN K 37 -69.56 -7.71 3.98
CA GLN K 37 -68.86 -7.45 2.73
C GLN K 37 -69.51 -8.20 1.58
N ALA K 38 -70.09 -9.37 1.85
CA ALA K 38 -70.82 -10.08 0.81
C ALA K 38 -72.06 -9.29 0.38
N MET K 39 -72.76 -8.70 1.34
CA MET K 39 -73.91 -7.87 0.99
C MET K 39 -73.46 -6.67 0.15
N GLU K 40 -72.34 -6.06 0.55
CA GLU K 40 -71.74 -4.98 -0.22
C GLU K 40 -71.47 -5.42 -1.66
N ILE K 41 -70.75 -6.52 -1.83
CA ILE K 41 -70.40 -7.02 -3.16
C ILE K 41 -71.66 -7.28 -3.98
N MET K 42 -72.70 -7.82 -3.33
CA MET K 42 -73.98 -7.96 -4.00
C MET K 42 -74.47 -6.62 -4.53
N ARG K 43 -74.37 -5.58 -3.71
CA ARG K 43 -74.96 -4.30 -4.08
C ARG K 43 -74.22 -3.63 -5.24
N GLN K 44 -72.88 -3.68 -5.25
CA GLN K 44 -72.20 -3.08 -6.41
C GLN K 44 -72.26 -3.98 -7.65
N THR K 45 -72.19 -5.29 -7.46
CA THR K 45 -72.11 -6.17 -8.62
C THR K 45 -73.39 -6.06 -9.46
N ASN K 46 -73.19 -5.88 -10.77
CA ASN K 46 -74.29 -5.75 -11.71
C ASN K 46 -74.72 -7.13 -12.19
N ILE K 47 -76.01 -7.43 -12.03
CA ILE K 47 -76.59 -8.67 -12.52
C ILE K 47 -77.28 -8.48 -13.87
N GLN K 48 -77.45 -7.24 -14.32
CA GLN K 48 -78.28 -6.99 -15.48
C GLN K 48 -77.61 -7.50 -16.74
N ASN K 49 -78.43 -7.85 -17.73
CA ASN K 49 -78.07 -8.31 -19.06
C ASN K 49 -77.57 -9.75 -19.06
N ALA K 50 -77.35 -10.36 -17.90
CA ALA K 50 -76.96 -11.77 -17.78
C ALA K 50 -75.60 -12.04 -18.42
N ASP K 51 -75.01 -11.01 -19.03
CA ASP K 51 -73.67 -11.08 -19.59
C ASP K 51 -72.72 -10.47 -18.58
N LEU K 52 -72.05 -11.32 -17.82
CA LEU K 52 -71.27 -10.88 -16.66
C LEU K 52 -69.79 -11.07 -16.93
N SER K 53 -68.99 -10.15 -16.39
CA SER K 53 -67.55 -10.33 -16.39
C SER K 53 -67.19 -11.55 -15.55
N LEU K 54 -66.03 -12.12 -15.84
CA LEU K 54 -65.59 -13.29 -15.09
C LEU K 54 -65.35 -12.93 -13.63
N GLN K 55 -64.79 -11.75 -13.38
CA GLN K 55 -64.70 -11.22 -12.03
C GLN K 55 -66.08 -11.05 -11.42
N ALA K 56 -67.05 -10.62 -12.22
CA ALA K 56 -68.42 -10.48 -11.72
C ALA K 56 -68.97 -11.82 -11.27
N ARG K 57 -68.75 -12.87 -12.06
CA ARG K 57 -69.18 -14.20 -11.66
C ARG K 57 -68.49 -14.65 -10.39
N SER K 58 -67.18 -14.41 -10.28
CA SER K 58 -66.46 -14.82 -9.08
C SER K 58 -67.00 -14.11 -7.85
N LYS K 59 -67.22 -12.79 -7.96
CA LYS K 59 -67.76 -12.02 -6.84
C LYS K 59 -69.16 -12.47 -6.48
N LEU K 60 -69.99 -12.75 -7.49
CA LEU K 60 -71.35 -13.22 -7.23
C LEU K 60 -71.33 -14.54 -6.47
N GLU K 61 -70.47 -15.46 -6.91
CA GLU K 61 -70.38 -16.77 -6.27
C GLU K 61 -69.86 -16.64 -4.85
N GLU K 62 -68.87 -15.77 -4.63
CA GLU K 62 -68.37 -15.53 -3.28
C GLU K 62 -69.46 -14.99 -2.37
N ALA K 63 -70.22 -14.00 -2.86
CA ALA K 63 -71.30 -13.45 -2.07
C ALA K 63 -72.33 -14.50 -1.74
N SER K 64 -72.72 -15.31 -2.73
CA SER K 64 -73.69 -16.36 -2.47
C SER K 64 -73.17 -17.33 -1.43
N ALA K 65 -71.92 -17.76 -1.55
CA ALA K 65 -71.36 -18.72 -0.61
C ALA K 65 -71.35 -18.18 0.80
N GLU K 66 -71.01 -16.89 0.96
CA GLU K 66 -70.99 -16.32 2.31
C GLU K 66 -72.40 -16.15 2.87
N LEU K 67 -73.41 -16.14 2.00
CA LEU K 67 -74.78 -16.12 2.50
C LEU K 67 -75.35 -17.53 2.63
N THR K 68 -74.64 -18.54 2.12
CA THR K 68 -75.06 -19.92 2.36
C THR K 68 -74.82 -20.30 3.81
N SER K 69 -75.69 -21.17 4.32
CA SER K 69 -75.60 -21.66 5.69
C SER K 69 -74.65 -22.85 5.71
N GLN K 70 -73.62 -22.76 6.55
CA GLN K 70 -72.69 -23.88 6.66
C GLN K 70 -73.12 -24.86 7.74
N ASN K 71 -73.38 -24.37 8.95
CA ASN K 71 -73.76 -25.25 10.04
C ASN K 71 -75.09 -25.93 9.77
N MET K 72 -76.06 -25.20 9.21
CA MET K 72 -77.36 -25.77 8.90
C MET K 72 -77.64 -25.88 7.42
N GLN K 73 -76.65 -26.32 6.64
CA GLN K 73 -76.89 -26.61 5.23
C GLN K 73 -77.92 -27.73 5.08
N LYS K 74 -77.81 -28.76 5.92
CA LYS K 74 -78.76 -29.87 5.89
C LYS K 74 -80.19 -29.38 6.07
N VAL K 75 -80.42 -28.54 7.07
CA VAL K 75 -81.78 -28.15 7.42
C VAL K 75 -82.38 -27.26 6.34
N GLN K 76 -81.58 -26.33 5.81
CA GLN K 76 -82.03 -25.53 4.68
C GLN K 76 -82.35 -26.40 3.48
N ALA K 77 -81.50 -27.39 3.19
CA ALA K 77 -81.74 -28.23 2.03
C ALA K 77 -83.04 -29.00 2.17
N ILE K 78 -83.27 -29.61 3.34
CA ILE K 78 -84.53 -30.32 3.56
C ILE K 78 -85.72 -29.38 3.46
N GLY K 79 -85.61 -28.20 4.06
CA GLY K 79 -86.70 -27.25 4.00
C GLY K 79 -86.99 -26.79 2.58
N SER K 80 -85.95 -26.55 1.79
CA SER K 80 -86.14 -26.12 0.41
C SER K 80 -86.78 -27.22 -0.41
N ILE K 81 -86.32 -28.46 -0.24
CA ILE K 81 -86.94 -29.58 -0.97
C ILE K 81 -88.40 -29.72 -0.57
N ARG K 82 -88.70 -29.58 0.73
CA ARG K 82 -90.08 -29.67 1.17
C ARG K 82 -90.93 -28.56 0.58
N ALA K 83 -90.42 -27.33 0.57
CA ALA K 83 -91.19 -26.21 0.03
C ALA K 83 -91.45 -26.40 -1.46
N ALA K 84 -90.43 -26.85 -2.20
CA ALA K 84 -90.62 -27.03 -3.64
C ALA K 84 -91.58 -28.17 -3.94
N ILE K 85 -91.37 -29.32 -3.31
CA ILE K 85 -92.22 -30.48 -3.59
C ILE K 85 -93.67 -30.23 -3.18
N GLY K 86 -93.86 -29.65 -2.00
CA GLY K 86 -95.20 -29.36 -1.52
C GLY K 86 -95.24 -28.31 -0.43
N VAL K 101 -98.99 -25.48 12.81
CA VAL K 101 -99.29 -26.15 14.07
C VAL K 101 -99.29 -27.65 13.88
N THR K 102 -100.24 -28.14 13.09
CA THR K 102 -100.39 -29.58 12.88
C THR K 102 -99.16 -30.17 12.20
N GLU K 103 -98.64 -29.48 11.17
CA GLU K 103 -97.47 -30.00 10.47
C GLU K 103 -96.25 -30.01 11.38
N GLY K 104 -96.06 -28.95 12.17
CA GLY K 104 -94.98 -28.95 13.13
C GLY K 104 -95.13 -30.06 14.17
N GLN K 105 -96.34 -30.25 14.68
CA GLN K 105 -96.60 -31.34 15.61
C GLN K 105 -96.33 -32.69 14.96
N PHE K 106 -96.77 -32.85 13.71
CA PHE K 106 -96.59 -34.13 13.02
C PHE K 106 -95.11 -34.44 12.81
N ILE K 107 -94.31 -33.46 12.42
CA ILE K 107 -92.92 -33.76 12.13
C ILE K 107 -92.10 -33.82 13.42
N ARG K 108 -92.57 -33.17 14.49
CA ARG K 108 -91.89 -33.36 15.78
C ARG K 108 -92.17 -34.73 16.35
N GLU K 109 -93.38 -35.26 16.11
CA GLU K 109 -93.65 -36.64 16.46
C GLU K 109 -92.82 -37.59 15.62
N ALA K 110 -92.68 -37.29 14.32
CA ALA K 110 -91.85 -38.11 13.46
C ALA K 110 -90.40 -38.09 13.86
N ASN K 111 -89.97 -37.07 14.62
CA ASN K 111 -88.64 -37.02 15.18
C ASN K 111 -88.59 -37.49 16.62
N MET K 112 -89.70 -37.99 17.14
CA MET K 112 -89.78 -38.51 18.51
C MET K 112 -89.34 -37.44 19.51
N VAL K 113 -89.87 -36.24 19.33
CA VAL K 113 -89.51 -35.08 20.13
C VAL K 113 -90.77 -34.49 20.75
N THR K 114 -90.69 -34.17 22.03
CA THR K 114 -91.83 -33.63 22.76
C THR K 114 -92.00 -32.14 22.45
N GLU K 115 -93.07 -31.55 22.99
CA GLU K 115 -93.33 -30.14 22.74
C GLU K 115 -92.25 -29.26 23.34
N ASN K 116 -91.65 -29.68 24.46
CA ASN K 116 -90.56 -28.93 25.05
C ASN K 116 -89.25 -29.12 24.31
N TYR K 117 -89.23 -29.98 23.29
CA TYR K 117 -88.07 -30.38 22.49
C TYR K 117 -87.12 -31.26 23.27
N ARG K 118 -87.60 -31.96 24.29
CA ARG K 118 -86.85 -33.07 24.86
C ARG K 118 -87.23 -34.36 24.13
N ARG K 119 -86.34 -35.35 24.18
CA ARG K 119 -86.60 -36.60 23.48
C ARG K 119 -87.79 -37.33 24.09
N ASP K 120 -88.64 -37.85 23.23
CA ASP K 120 -89.84 -38.60 23.64
C ASP K 120 -89.47 -40.08 23.71
N TYR K 121 -88.99 -40.52 24.88
CA TYR K 121 -88.49 -41.88 25.00
C TYR K 121 -89.58 -42.93 24.97
N GLN K 122 -90.83 -42.56 25.30
CA GLN K 122 -91.91 -43.53 25.19
C GLN K 122 -92.07 -44.00 23.76
N ALA K 123 -92.02 -43.07 22.80
CA ALA K 123 -92.09 -43.45 21.39
C ALA K 123 -90.84 -44.21 20.95
N ILE K 124 -89.67 -43.81 21.44
CA ILE K 124 -88.43 -44.45 21.01
C ILE K 124 -88.33 -45.85 21.58
N PHE K 125 -88.65 -46.03 22.86
CA PHE K 125 -88.52 -47.31 23.54
C PHE K 125 -89.81 -48.12 23.49
N ALA K 126 -90.60 -47.96 22.43
CA ALA K 126 -91.94 -48.54 22.41
C ALA K 126 -91.91 -50.06 22.36
N GLN K 127 -91.10 -50.63 21.46
CA GLN K 127 -91.19 -52.07 21.21
C GLN K 127 -90.69 -52.87 22.40
N GLN K 128 -89.67 -52.39 23.10
CA GLN K 128 -89.23 -53.04 24.33
C GLN K 128 -89.89 -52.45 25.57
N LEU K 129 -90.88 -51.58 25.40
CA LEU K 129 -91.72 -51.11 26.48
C LEU K 129 -90.95 -50.40 27.58
N ALA L 4 -29.78 5.21 59.63
CA ALA L 4 -30.02 3.85 60.07
C ALA L 4 -30.10 2.91 58.88
N ALA L 5 -28.95 2.41 58.44
CA ALA L 5 -28.92 1.50 57.30
C ALA L 5 -29.50 0.14 57.67
N ALA L 6 -29.58 -0.17 58.97
CA ALA L 6 -30.09 -1.47 59.37
C ALA L 6 -31.57 -1.62 59.06
N ILE L 7 -32.32 -0.52 59.12
CA ILE L 7 -33.76 -0.61 58.86
C ILE L 7 -34.08 -1.02 57.44
N PRO L 8 -33.51 -0.39 56.39
CA PRO L 8 -33.82 -0.84 55.03
C PRO L 8 -33.36 -2.26 54.73
N ILE L 9 -32.22 -2.68 55.26
CA ILE L 9 -31.77 -4.05 55.01
C ILE L 9 -32.68 -5.05 55.73
N ALA L 10 -33.14 -4.69 56.94
CA ALA L 10 -34.11 -5.54 57.62
C ALA L 10 -35.40 -5.62 56.83
N ILE L 11 -35.84 -4.50 56.25
CA ILE L 11 -37.05 -4.51 55.42
C ILE L 11 -36.85 -5.40 54.21
N SER L 12 -35.67 -5.32 53.58
CA SER L 12 -35.39 -6.17 52.43
C SER L 12 -35.41 -7.65 52.83
N GLY L 13 -34.84 -7.99 53.98
CA GLY L 13 -34.86 -9.37 54.42
C GLY L 13 -36.25 -9.88 54.72
N ALA L 14 -37.07 -9.06 55.38
CA ALA L 14 -38.46 -9.44 55.62
C ALA L 14 -39.21 -9.58 54.30
N GLN L 15 -38.91 -8.72 53.33
CA GLN L 15 -39.49 -8.88 52.00
C GLN L 15 -39.05 -10.18 51.34
N ALA L 16 -37.79 -10.58 51.56
CA ALA L 16 -37.32 -11.85 51.02
C ALA L 16 -38.06 -13.03 51.65
N ILE L 17 -38.30 -12.95 52.96
CA ILE L 17 -39.11 -13.97 53.62
C ILE L 17 -40.51 -14.01 53.04
N SER L 18 -41.10 -12.83 52.82
CA SER L 18 -42.41 -12.74 52.20
C SER L 18 -42.40 -13.33 50.80
N GLY L 19 -41.32 -13.11 50.04
CA GLY L 19 -41.21 -13.68 48.72
C GLY L 19 -41.06 -15.18 48.73
N GLN L 20 -40.37 -15.72 49.74
CA GLN L 20 -40.31 -17.17 49.89
C GLN L 20 -41.69 -17.76 50.15
N ASN L 21 -42.43 -17.15 51.07
CA ASN L 21 -43.81 -17.59 51.29
C ASN L 21 -44.65 -17.38 50.03
N ALA L 22 -44.33 -16.34 49.27
CA ALA L 22 -45.05 -16.06 48.04
C ALA L 22 -44.79 -17.15 47.00
N GLN L 23 -43.57 -17.67 46.96
CA GLN L 23 -43.30 -18.81 46.09
C GLN L 23 -44.03 -20.05 46.57
N ALA L 24 -44.10 -20.25 47.89
CA ALA L 24 -44.89 -21.36 48.42
C ALA L 24 -46.36 -21.21 48.03
N LYS L 25 -46.85 -19.98 47.90
CA LYS L 25 -48.21 -19.74 47.45
C LYS L 25 -48.31 -19.89 45.93
N MET L 26 -47.24 -19.52 45.22
CA MET L 26 -47.21 -19.58 43.77
C MET L 26 -47.21 -21.01 43.26
N ILE L 27 -46.61 -21.94 43.98
CA ILE L 27 -46.68 -23.34 43.56
C ILE L 27 -48.12 -23.83 43.65
N ALA L 28 -48.85 -23.41 44.68
CA ALA L 28 -50.27 -23.76 44.76
C ALA L 28 -51.06 -23.11 43.62
N ALA L 29 -50.74 -21.86 43.31
CA ALA L 29 -51.40 -21.19 42.19
C ALA L 29 -51.11 -21.93 40.88
N GLN L 30 -49.88 -22.40 40.70
CA GLN L 30 -49.53 -23.14 39.49
C GLN L 30 -50.28 -24.46 39.42
N THR L 31 -50.44 -25.13 40.55
CA THR L 31 -51.23 -26.36 40.55
C THR L 31 -52.67 -26.09 40.16
N ALA L 32 -53.24 -25.01 40.68
CA ALA L 32 -54.61 -24.63 40.30
C ALA L 32 -54.71 -24.32 38.81
N ALA L 33 -53.72 -23.59 38.28
CA ALA L 33 -53.71 -23.29 36.85
C ALA L 33 -53.59 -24.55 36.02
N GLY L 34 -52.79 -25.51 36.46
CA GLY L 34 -52.70 -26.78 35.77
C GLY L 34 -54.01 -27.53 35.76
N ARG L 35 -54.71 -27.52 36.90
CA ARG L 35 -56.04 -28.13 36.95
C ARG L 35 -56.97 -27.47 35.94
N ARG L 36 -56.97 -26.13 35.90
CA ARG L 36 -57.86 -25.43 34.98
C ARG L 36 -57.54 -25.75 33.53
N GLN L 37 -56.25 -25.78 33.18
CA GLN L 37 -55.88 -26.03 31.79
C GLN L 37 -56.16 -27.48 31.41
N ALA L 38 -56.05 -28.40 32.37
CA ALA L 38 -56.44 -29.79 32.10
C ALA L 38 -57.93 -29.89 31.82
N MET L 39 -58.75 -29.17 32.59
CA MET L 39 -60.18 -29.17 32.32
C MET L 39 -60.48 -28.57 30.96
N GLU L 40 -59.76 -27.51 30.59
CA GLU L 40 -59.92 -26.93 29.26
C GLU L 40 -59.55 -27.95 28.19
N ILE L 41 -58.51 -28.75 28.43
CA ILE L 41 -58.17 -29.84 27.52
C ILE L 41 -59.35 -30.80 27.39
N MET L 42 -59.98 -31.13 28.52
CA MET L 42 -61.19 -31.96 28.45
C MET L 42 -62.22 -31.34 27.53
N ARG L 43 -62.47 -30.04 27.68
CA ARG L 43 -63.49 -29.38 26.86
C ARG L 43 -63.13 -29.42 25.38
N GLN L 44 -61.87 -29.14 25.05
CA GLN L 44 -61.49 -29.04 23.64
C GLN L 44 -61.45 -30.39 22.94
N THR L 45 -60.95 -31.43 23.63
CA THR L 45 -60.80 -32.74 23.01
C THR L 45 -62.15 -33.35 22.69
N ASN L 46 -62.14 -34.35 21.80
CA ASN L 46 -63.31 -35.14 21.47
C ASN L 46 -63.09 -36.58 21.86
N ILE L 47 -63.95 -37.09 22.75
CA ILE L 47 -63.91 -38.49 23.15
C ILE L 47 -64.64 -39.41 22.20
N GLN L 48 -65.53 -38.87 21.36
CA GLN L 48 -66.46 -39.69 20.61
C GLN L 48 -65.76 -40.30 19.39
N ASN L 49 -66.40 -41.29 18.80
CA ASN L 49 -65.97 -42.17 17.72
C ASN L 49 -65.04 -43.29 18.22
N ALA L 50 -64.59 -43.24 19.46
CA ALA L 50 -63.62 -44.19 20.02
C ALA L 50 -62.36 -44.29 19.17
N ASP L 51 -62.14 -43.35 18.27
CA ASP L 51 -61.01 -43.35 17.35
C ASP L 51 -60.18 -42.09 17.57
N LEU L 52 -59.95 -41.79 18.85
CA LEU L 52 -59.23 -40.58 19.21
C LEU L 52 -57.84 -40.57 18.61
N SER L 53 -57.42 -39.41 18.11
CA SER L 53 -56.10 -39.27 17.55
C SER L 53 -55.05 -39.51 18.63
N LEU L 54 -53.80 -39.71 18.20
CA LEU L 54 -52.74 -39.94 19.15
C LEU L 54 -52.59 -38.75 20.09
N GLN L 55 -52.67 -37.54 19.53
CA GLN L 55 -52.69 -36.35 20.36
C GLN L 55 -53.89 -36.33 21.29
N ALA L 56 -55.04 -36.84 20.81
CA ALA L 56 -56.20 -36.91 21.68
C ALA L 56 -55.96 -37.82 22.88
N ARG L 57 -55.35 -38.99 22.64
CA ARG L 57 -55.04 -39.88 23.75
C ARG L 57 -54.08 -39.22 24.73
N SER L 58 -53.03 -38.59 24.21
CA SER L 58 -52.05 -37.98 25.10
C SER L 58 -52.68 -36.85 25.91
N LYS L 59 -53.47 -36.01 25.27
CA LYS L 59 -54.13 -34.91 25.96
C LYS L 59 -55.08 -35.45 27.03
N LEU L 60 -55.83 -36.50 26.69
CA LEU L 60 -56.81 -37.05 27.62
C LEU L 60 -56.12 -37.63 28.84
N GLU L 61 -55.05 -38.40 28.64
CA GLU L 61 -54.37 -39.00 29.78
C GLU L 61 -53.66 -37.96 30.62
N GLU L 62 -53.11 -36.91 29.99
CA GLU L 62 -52.44 -35.87 30.76
C GLU L 62 -53.44 -35.07 31.57
N ALA L 63 -54.61 -34.79 31.00
CA ALA L 63 -55.67 -34.12 31.75
C ALA L 63 -56.13 -34.98 32.93
N SER L 64 -56.26 -36.29 32.71
CA SER L 64 -56.63 -37.17 33.82
C SER L 64 -55.56 -37.16 34.90
N ALA L 65 -54.29 -37.23 34.50
CA ALA L 65 -53.21 -37.24 35.49
C ALA L 65 -53.19 -35.94 36.29
N GLU L 66 -53.53 -34.82 35.65
CA GLU L 66 -53.64 -33.59 36.40
C GLU L 66 -54.75 -33.66 37.45
N LEU L 67 -55.90 -34.21 37.09
CA LEU L 67 -57.01 -34.28 38.04
C LEU L 67 -56.79 -35.40 39.04
N THR L 68 -55.84 -36.30 38.78
CA THR L 68 -55.46 -37.29 39.77
C THR L 68 -54.60 -36.63 40.84
N SER L 69 -54.89 -36.95 42.10
CA SER L 69 -54.20 -36.34 43.24
C SER L 69 -53.03 -37.23 43.66
N GLN L 70 -51.83 -36.67 43.63
CA GLN L 70 -50.63 -37.45 43.93
C GLN L 70 -50.49 -37.74 45.42
N ASN L 71 -50.74 -36.74 46.27
CA ASN L 71 -50.47 -36.90 47.69
C ASN L 71 -51.39 -37.92 48.32
N MET L 72 -52.64 -37.98 47.90
CA MET L 72 -53.62 -38.89 48.48
C MET L 72 -54.10 -39.94 47.49
N GLN L 73 -53.23 -40.40 46.58
CA GLN L 73 -53.65 -41.42 45.63
C GLN L 73 -53.88 -42.76 46.30
N LYS L 74 -53.11 -43.07 47.34
CA LYS L 74 -53.32 -44.31 48.08
C LYS L 74 -54.68 -44.30 48.78
N VAL L 75 -55.04 -43.17 49.40
CA VAL L 75 -56.33 -43.08 50.06
C VAL L 75 -57.46 -43.20 49.05
N GLN L 76 -57.31 -42.53 47.89
CA GLN L 76 -58.30 -42.67 46.83
C GLN L 76 -58.44 -44.12 46.39
N ALA L 77 -57.31 -44.81 46.22
CA ALA L 77 -57.36 -46.18 45.76
C ALA L 77 -58.03 -47.08 46.78
N ILE L 78 -57.75 -46.87 48.06
CA ILE L 78 -58.44 -47.65 49.09
C ILE L 78 -59.93 -47.37 49.06
N GLY L 79 -60.30 -46.10 48.89
CA GLY L 79 -61.72 -45.77 48.79
C GLY L 79 -62.38 -46.44 47.60
N SER L 80 -61.71 -46.43 46.46
CA SER L 80 -62.26 -47.07 45.26
C SER L 80 -62.40 -48.57 45.45
N ILE L 81 -61.39 -49.21 46.03
CA ILE L 81 -61.44 -50.65 46.25
C ILE L 81 -62.56 -51.00 47.22
N ARG L 82 -62.69 -50.23 48.30
CA ARG L 82 -63.75 -50.51 49.27
C ARG L 82 -65.11 -50.27 48.67
N ALA L 83 -65.24 -49.26 47.82
CA ALA L 83 -66.52 -49.00 47.16
C ALA L 83 -66.89 -50.15 46.22
N ALA L 84 -65.95 -50.59 45.39
CA ALA L 84 -66.26 -51.63 44.43
C ALA L 84 -66.51 -52.98 45.12
N ILE L 85 -65.60 -53.39 46.00
CA ILE L 85 -65.74 -54.68 46.67
C ILE L 85 -66.87 -54.67 47.68
N GLY L 86 -66.96 -53.61 48.47
CA GLY L 86 -68.00 -53.53 49.49
C GLY L 86 -68.89 -52.31 49.33
N VAL L 101 -71.70 -43.49 60.53
CA VAL L 101 -71.41 -43.52 61.96
C VAL L 101 -70.80 -44.86 62.36
N THR L 102 -71.58 -45.94 62.18
CA THR L 102 -71.10 -47.27 62.56
C THR L 102 -69.88 -47.68 61.75
N GLU L 103 -69.90 -47.42 60.44
CA GLU L 103 -68.75 -47.75 59.61
C GLU L 103 -67.57 -46.83 59.93
N GLY L 104 -67.85 -45.54 60.12
CA GLY L 104 -66.80 -44.61 60.46
C GLY L 104 -66.12 -44.94 61.78
N GLN L 105 -66.92 -45.21 62.82
CA GLN L 105 -66.33 -45.57 64.10
C GLN L 105 -65.61 -46.91 63.99
N PHE L 106 -66.11 -47.81 63.16
CA PHE L 106 -65.45 -49.10 62.99
C PHE L 106 -64.05 -48.93 62.41
N ILE L 107 -63.90 -48.08 61.40
CA ILE L 107 -62.56 -47.91 60.84
C ILE L 107 -61.71 -47.02 61.72
N ARG L 108 -62.32 -46.13 62.52
CA ARG L 108 -61.54 -45.38 63.49
C ARG L 108 -60.92 -46.31 64.52
N GLU L 109 -61.70 -47.25 65.05
CA GLU L 109 -61.15 -48.25 65.95
C GLU L 109 -60.18 -49.15 65.22
N ALA L 110 -60.41 -49.41 63.94
CA ALA L 110 -59.47 -50.17 63.14
C ALA L 110 -58.15 -49.40 62.98
N ASN L 111 -58.24 -48.08 62.88
CA ASN L 111 -57.05 -47.24 62.83
C ASN L 111 -56.54 -46.86 64.21
N MET L 112 -57.18 -47.35 65.27
CA MET L 112 -56.75 -47.11 66.65
C MET L 112 -56.65 -45.61 66.94
N VAL L 113 -57.71 -44.90 66.56
CA VAL L 113 -57.78 -43.45 66.71
C VAL L 113 -59.07 -43.13 67.44
N THR L 114 -59.09 -41.98 68.12
CA THR L 114 -60.24 -41.63 68.94
C THR L 114 -61.28 -40.89 68.12
N GLU L 115 -62.27 -40.33 68.82
CA GLU L 115 -63.27 -39.50 68.16
C GLU L 115 -62.67 -38.17 67.71
N ASN L 116 -61.71 -37.63 68.45
CA ASN L 116 -61.05 -36.39 68.09
C ASN L 116 -59.95 -36.60 67.05
N TYR L 117 -59.92 -37.75 66.39
CA TYR L 117 -58.88 -38.09 65.42
C TYR L 117 -57.49 -37.97 66.04
N ARG L 118 -57.37 -38.41 67.29
CA ARG L 118 -56.09 -38.51 67.97
C ARG L 118 -55.84 -39.97 68.33
N ARG L 119 -54.57 -40.35 68.38
CA ARG L 119 -54.21 -41.74 68.59
C ARG L 119 -54.78 -42.26 69.90
N ASP L 120 -55.39 -43.44 69.85
CA ASP L 120 -55.95 -44.10 71.02
C ASP L 120 -54.89 -45.04 71.56
N TYR L 121 -54.06 -44.54 72.47
CA TYR L 121 -52.94 -45.33 72.97
C TYR L 121 -53.41 -46.50 73.82
N GLN L 122 -54.57 -46.37 74.47
CA GLN L 122 -55.11 -47.47 75.25
C GLN L 122 -55.35 -48.70 74.39
N ALA L 123 -55.91 -48.50 73.20
CA ALA L 123 -56.06 -49.61 72.26
C ALA L 123 -54.72 -50.07 71.71
N ILE L 124 -53.82 -49.12 71.42
CA ILE L 124 -52.54 -49.47 70.82
C ILE L 124 -51.71 -50.32 71.79
N PHE L 125 -51.68 -49.92 73.06
CA PHE L 125 -50.89 -50.63 74.07
C PHE L 125 -51.76 -51.65 74.79
N ALA L 126 -52.26 -52.61 74.02
CA ALA L 126 -53.09 -53.66 74.57
C ALA L 126 -52.30 -54.57 75.50
N GLN L 127 -51.05 -54.88 75.14
CA GLN L 127 -50.25 -55.80 75.94
C GLN L 127 -50.00 -55.24 77.33
N GLN L 128 -49.74 -53.95 77.43
CA GLN L 128 -49.45 -53.32 78.72
C GLN L 128 -50.69 -52.65 79.30
N ALA M 4 -19.30 28.93 56.81
CA ALA M 4 -19.49 27.87 57.79
C ALA M 4 -19.27 26.50 57.16
N ALA M 5 -18.07 26.30 56.60
CA ALA M 5 -17.75 25.02 56.00
C ALA M 5 -17.45 23.97 57.06
N ALA M 6 -17.28 24.39 58.31
CA ALA M 6 -16.99 23.44 59.38
C ALA M 6 -18.25 22.67 59.79
N ILE M 7 -19.42 23.30 59.68
CA ILE M 7 -20.65 22.64 60.09
C ILE M 7 -20.97 21.41 59.25
N PRO M 8 -20.95 21.47 57.91
CA PRO M 8 -21.26 20.25 57.15
C PRO M 8 -20.29 19.12 57.43
N ILE M 9 -19.00 19.40 57.59
CA ILE M 9 -18.05 18.34 57.85
C ILE M 9 -18.23 17.80 59.27
N ALA M 10 -18.62 18.66 60.21
CA ALA M 10 -18.90 18.19 61.56
C ALA M 10 -20.12 17.27 61.58
N ILE M 11 -21.17 17.65 60.84
CA ILE M 11 -22.33 16.79 60.73
C ILE M 11 -21.97 15.47 60.07
N SER M 12 -21.15 15.51 59.02
CA SER M 12 -20.79 14.30 58.32
C SER M 12 -19.89 13.41 59.19
N GLY M 13 -19.03 14.00 60.00
CA GLY M 13 -18.24 13.20 60.92
C GLY M 13 -19.08 12.56 62.02
N ALA M 14 -20.05 13.31 62.55
CA ALA M 14 -20.99 12.72 63.50
C ALA M 14 -21.78 11.59 62.84
N GLN M 15 -22.14 11.78 61.56
CA GLN M 15 -22.84 10.73 60.83
C GLN M 15 -21.93 9.53 60.60
N ALA M 16 -20.63 9.77 60.44
CA ALA M 16 -19.67 8.68 60.33
C ALA M 16 -19.60 7.87 61.62
N ILE M 17 -19.62 8.56 62.76
CA ILE M 17 -19.66 7.84 64.03
C ILE M 17 -20.99 7.09 64.17
N SER M 18 -22.08 7.70 63.73
CA SER M 18 -23.37 7.00 63.73
C SER M 18 -23.32 5.77 62.82
N GLY M 19 -22.56 5.85 61.73
CA GLY M 19 -22.39 4.68 60.87
C GLY M 19 -21.50 3.63 61.50
N GLN M 20 -20.55 4.04 62.34
CA GLN M 20 -19.79 3.09 63.13
C GLN M 20 -20.70 2.35 64.10
N ASN M 21 -21.61 3.10 64.74
CA ASN M 21 -22.64 2.47 65.56
C ASN M 21 -23.52 1.56 64.71
N ALA M 22 -23.79 1.97 63.47
CA ALA M 22 -24.57 1.14 62.55
C ALA M 22 -23.84 -0.17 62.26
N GLN M 23 -22.52 -0.12 62.13
CA GLN M 23 -21.73 -1.35 62.02
C GLN M 23 -21.85 -2.20 63.28
N ALA M 24 -21.80 -1.54 64.44
CA ALA M 24 -21.90 -2.26 65.72
C ALA M 24 -23.24 -2.97 65.86
N LYS M 25 -24.31 -2.38 65.32
CA LYS M 25 -25.60 -3.07 65.35
C LYS M 25 -25.74 -4.00 64.15
N MET M 26 -24.98 -3.75 63.09
CA MET M 26 -24.99 -4.60 61.90
C MET M 26 -24.46 -5.98 62.24
N ILE M 27 -23.44 -6.06 63.07
CA ILE M 27 -22.93 -7.36 63.49
C ILE M 27 -24.03 -8.14 64.21
N ALA M 28 -24.79 -7.47 65.08
CA ALA M 28 -25.88 -8.13 65.78
C ALA M 28 -26.99 -8.54 64.81
N ALA M 29 -27.30 -7.68 63.84
CA ALA M 29 -28.34 -8.00 62.86
C ALA M 29 -27.97 -9.21 62.03
N GLN M 30 -26.71 -9.31 61.63
CA GLN M 30 -26.27 -10.49 60.89
C GLN M 30 -26.24 -11.73 61.77
N THR M 31 -25.93 -11.59 63.06
CA THR M 31 -26.04 -12.74 63.94
C THR M 31 -27.48 -13.23 64.04
N ALA M 32 -28.44 -12.31 64.18
CA ALA M 32 -29.84 -12.69 64.24
C ALA M 32 -30.28 -13.32 62.92
N ALA M 33 -29.84 -12.77 61.79
CA ALA M 33 -30.19 -13.35 60.49
C ALA M 33 -29.61 -14.74 60.34
N GLY M 34 -28.37 -14.94 60.79
CA GLY M 34 -27.79 -16.28 60.76
C GLY M 34 -28.57 -17.26 61.61
N ARG M 35 -28.98 -16.83 62.81
CA ARG M 35 -29.76 -17.72 63.65
C ARG M 35 -31.10 -18.06 63.02
N ARG M 36 -31.74 -17.08 62.39
CA ARG M 36 -33.01 -17.35 61.71
C ARG M 36 -32.82 -18.32 60.55
N GLN M 37 -31.75 -18.16 59.78
CA GLN M 37 -31.53 -19.06 58.65
C GLN M 37 -31.15 -20.45 59.13
N ALA M 38 -30.47 -20.54 60.28
CA ALA M 38 -30.21 -21.85 60.88
C ALA M 38 -31.50 -22.51 61.33
N MET M 39 -32.43 -21.73 61.88
CA MET M 39 -33.74 -22.27 62.23
C MET M 39 -34.44 -22.81 60.99
N GLU M 40 -34.36 -22.07 59.89
CA GLU M 40 -34.94 -22.52 58.63
C GLU M 40 -34.30 -23.82 58.17
N ILE M 41 -32.97 -23.92 58.26
CA ILE M 41 -32.29 -25.15 57.88
C ILE M 41 -32.76 -26.31 58.73
N MET M 42 -32.89 -26.09 60.03
CA MET M 42 -33.38 -27.14 60.91
C MET M 42 -34.75 -27.61 60.47
N ARG M 43 -35.66 -26.68 60.21
CA ARG M 43 -37.04 -27.06 59.90
C ARG M 43 -37.12 -27.74 58.54
N GLN M 44 -36.35 -27.28 57.55
CA GLN M 44 -36.46 -27.84 56.21
C GLN M 44 -35.74 -29.19 56.12
N THR M 45 -34.61 -29.33 56.82
CA THR M 45 -33.85 -30.57 56.76
C THR M 45 -34.60 -31.69 57.46
N ASN M 46 -34.59 -32.86 56.84
CA ASN M 46 -35.27 -34.04 57.35
C ASN M 46 -34.28 -34.83 58.20
N ILE M 47 -34.71 -35.16 59.42
CA ILE M 47 -33.88 -35.93 60.35
C ILE M 47 -34.29 -37.40 60.41
N GLN M 48 -35.39 -37.77 59.77
CA GLN M 48 -35.95 -39.09 59.97
C GLN M 48 -35.04 -40.15 59.37
N ASN M 49 -35.08 -41.35 59.95
CA ASN M 49 -34.37 -42.55 59.54
C ASN M 49 -32.89 -42.50 59.91
N ALA M 50 -32.39 -41.37 60.42
CA ALA M 50 -31.01 -41.21 60.87
C ALA M 50 -30.02 -41.45 59.73
N ASP M 51 -30.55 -41.68 58.52
CA ASP M 51 -29.74 -41.92 57.34
C ASP M 51 -29.73 -40.65 56.51
N LEU M 52 -28.63 -39.90 56.59
CA LEU M 52 -28.58 -38.53 56.10
C LEU M 52 -27.50 -38.41 55.02
N SER M 53 -27.75 -37.50 54.08
CA SER M 53 -26.74 -37.16 53.10
C SER M 53 -25.70 -36.24 53.71
N LEU M 54 -24.52 -36.19 53.08
CA LEU M 54 -23.49 -35.26 53.53
C LEU M 54 -23.99 -33.83 53.58
N GLN M 55 -24.84 -33.46 52.63
CA GLN M 55 -25.47 -32.15 52.68
C GLN M 55 -26.35 -32.02 53.92
N ALA M 56 -27.12 -33.07 54.22
CA ALA M 56 -28.00 -33.02 55.39
C ALA M 56 -27.20 -32.90 56.68
N ARG M 57 -26.14 -33.70 56.83
CA ARG M 57 -25.33 -33.63 58.04
C ARG M 57 -24.59 -32.31 58.15
N SER M 58 -24.09 -31.79 57.03
CA SER M 58 -23.42 -30.50 57.06
C SER M 58 -24.38 -29.40 57.46
N LYS M 59 -25.60 -29.42 56.92
CA LYS M 59 -26.61 -28.44 57.31
C LYS M 59 -26.98 -28.58 58.78
N LEU M 60 -27.11 -29.81 59.27
CA LEU M 60 -27.38 -30.03 60.68
C LEU M 60 -26.29 -29.45 61.56
N GLU M 61 -25.03 -29.71 61.21
CA GLU M 61 -23.92 -29.23 62.03
C GLU M 61 -23.82 -27.72 61.98
N GLU M 62 -24.07 -27.13 60.81
CA GLU M 62 -24.11 -25.67 60.71
C GLU M 62 -25.19 -25.08 61.59
N ALA M 63 -26.40 -25.65 61.53
CA ALA M 63 -27.50 -25.15 62.36
C ALA M 63 -27.16 -25.28 63.83
N SER M 64 -26.62 -26.43 64.24
CA SER M 64 -26.23 -26.59 65.63
C SER M 64 -25.20 -25.55 66.03
N ALA M 65 -24.20 -25.33 65.19
CA ALA M 65 -23.14 -24.38 65.53
C ALA M 65 -23.69 -22.97 65.71
N GLU M 66 -24.62 -22.55 64.85
CA GLU M 66 -25.18 -21.21 65.03
C GLU M 66 -26.09 -21.14 66.25
N LEU M 67 -26.61 -22.30 66.68
CA LEU M 67 -27.42 -22.33 67.91
C LEU M 67 -26.55 -22.54 69.14
N THR M 68 -25.30 -22.95 68.96
CA THR M 68 -24.38 -23.01 70.08
C THR M 68 -23.99 -21.60 70.52
N SER M 69 -23.73 -21.46 71.82
CA SER M 69 -23.35 -20.19 72.41
C SER M 69 -21.85 -20.02 72.31
N GLN M 70 -21.40 -18.83 71.88
CA GLN M 70 -19.97 -18.57 71.79
C GLN M 70 -19.46 -17.88 73.05
N ASN M 71 -20.02 -16.71 73.36
CA ASN M 71 -19.51 -15.95 74.51
C ASN M 71 -19.74 -16.69 75.82
N MET M 72 -20.91 -17.31 75.98
CA MET M 72 -21.22 -18.04 77.20
C MET M 72 -21.12 -19.54 77.02
N GLN M 73 -20.14 -20.00 76.25
CA GLN M 73 -19.98 -21.44 76.02
C GLN M 73 -19.67 -22.17 77.31
N LYS M 74 -18.72 -21.66 78.10
CA LYS M 74 -18.29 -22.36 79.30
C LYS M 74 -19.40 -22.37 80.35
N VAL M 75 -20.18 -21.31 80.42
CA VAL M 75 -21.30 -21.27 81.36
C VAL M 75 -22.33 -22.33 80.99
N GLN M 76 -22.67 -22.43 79.71
CA GLN M 76 -23.57 -23.49 79.27
C GLN M 76 -23.00 -24.87 79.57
N ALA M 77 -21.71 -25.05 79.30
CA ALA M 77 -21.11 -26.37 79.50
C ALA M 77 -21.15 -26.77 80.96
N ILE M 78 -20.80 -25.85 81.86
CA ILE M 78 -20.79 -26.20 83.29
C ILE M 78 -22.21 -26.39 83.79
N GLY M 79 -23.16 -25.60 83.29
CA GLY M 79 -24.55 -25.81 83.68
C GLY M 79 -25.08 -27.16 83.21
N SER M 80 -24.75 -27.54 82.00
CA SER M 80 -25.17 -28.85 81.48
C SER M 80 -24.52 -29.97 82.25
N ILE M 81 -23.25 -29.82 82.60
CA ILE M 81 -22.57 -30.83 83.41
C ILE M 81 -23.25 -30.96 84.76
N ARG M 82 -23.57 -29.83 85.39
CA ARG M 82 -24.24 -29.88 86.69
C ARG M 82 -25.60 -30.54 86.58
N ALA M 83 -26.35 -30.22 85.54
CA ALA M 83 -27.67 -30.82 85.36
C ALA M 83 -27.56 -32.33 85.18
N ALA M 84 -26.60 -32.79 84.39
CA ALA M 84 -26.48 -34.21 84.11
C ALA M 84 -26.00 -34.98 85.33
N ILE M 85 -24.99 -34.46 86.03
CA ILE M 85 -24.44 -35.15 87.18
C ILE M 85 -25.47 -35.23 88.31
N GLY M 86 -26.18 -34.14 88.58
CA GLY M 86 -27.19 -34.13 89.61
C GLY M 86 -28.05 -32.88 89.59
N VAL M 101 -33.61 -20.96 95.29
CA VAL M 101 -33.17 -19.89 96.18
C VAL M 101 -31.94 -20.30 96.95
N THR M 102 -32.04 -21.44 97.65
CA THR M 102 -30.92 -21.90 98.48
C THR M 102 -29.70 -22.23 97.63
N GLU M 103 -29.92 -22.87 96.48
CA GLU M 103 -28.80 -23.23 95.62
C GLU M 103 -28.10 -21.99 95.06
N GLY M 104 -28.89 -20.99 94.66
CA GLY M 104 -28.30 -19.77 94.14
C GLY M 104 -27.45 -19.04 95.17
N GLN M 105 -27.95 -18.91 96.40
CA GLN M 105 -27.17 -18.30 97.46
C GLN M 105 -25.90 -19.08 97.72
N PHE M 106 -25.98 -20.41 97.73
CA PHE M 106 -24.81 -21.22 97.98
C PHE M 106 -23.74 -21.02 96.92
N ILE M 107 -24.14 -21.03 95.63
CA ILE M 107 -23.13 -20.93 94.59
C ILE M 107 -22.62 -19.50 94.46
N ARG M 108 -23.44 -18.51 94.85
CA ARG M 108 -22.94 -17.14 94.84
C ARG M 108 -21.96 -16.91 95.99
N GLU M 109 -22.18 -17.58 97.13
CA GLU M 109 -21.17 -17.56 98.18
C GLU M 109 -19.90 -18.25 97.73
N ALA M 110 -20.04 -19.34 96.96
CA ALA M 110 -18.87 -19.99 96.40
C ALA M 110 -18.11 -19.08 95.44
N ASN M 111 -18.78 -18.09 94.85
CA ASN M 111 -18.15 -17.13 93.97
C ASN M 111 -17.79 -15.83 94.68
N MET M 112 -17.96 -15.78 96.00
CA MET M 112 -17.63 -14.59 96.80
C MET M 112 -18.29 -13.34 96.22
N VAL M 113 -19.60 -13.42 96.01
CA VAL M 113 -20.35 -12.33 95.43
C VAL M 113 -21.62 -12.13 96.26
N THR M 114 -22.11 -10.90 96.28
CA THR M 114 -23.26 -10.55 97.10
C THR M 114 -24.56 -10.73 96.33
N GLU M 115 -25.68 -10.42 96.99
CA GLU M 115 -26.98 -10.54 96.33
C GLU M 115 -27.09 -9.54 95.19
N ASN M 116 -26.59 -8.32 95.38
CA ASN M 116 -26.60 -7.33 94.31
C ASN M 116 -25.57 -7.62 93.23
N TYR M 117 -24.87 -8.75 93.33
CA TYR M 117 -23.89 -9.23 92.37
C TYR M 117 -22.64 -8.37 92.36
N ARG M 118 -22.40 -7.60 93.41
CA ARG M 118 -21.10 -6.99 93.62
C ARG M 118 -20.20 -7.95 94.38
N ARG M 119 -18.90 -7.82 94.16
CA ARG M 119 -17.95 -8.71 94.82
C ARG M 119 -18.02 -8.54 96.34
N ASP M 120 -17.97 -9.66 97.05
CA ASP M 120 -18.01 -9.67 98.50
C ASP M 120 -16.57 -9.74 99.01
N TYR M 121 -15.94 -8.58 99.19
CA TYR M 121 -14.53 -8.55 99.55
C TYR M 121 -14.29 -9.06 100.97
N GLN M 122 -15.30 -9.03 101.84
CA GLN M 122 -15.13 -9.57 103.18
C GLN M 122 -14.74 -11.03 103.14
N ALA M 123 -15.40 -11.81 102.28
CA ALA M 123 -15.02 -13.21 102.12
C ALA M 123 -13.67 -13.35 101.45
N ILE M 124 -13.40 -12.50 100.44
CA ILE M 124 -12.15 -12.63 99.70
C ILE M 124 -10.96 -12.21 100.57
N PHE M 125 -11.11 -11.12 101.31
CA PHE M 125 -10.04 -10.61 102.16
C PHE M 125 -10.12 -11.13 103.59
N ALA M 126 -10.69 -12.33 103.77
CA ALA M 126 -10.78 -12.90 105.12
C ALA M 126 -9.40 -13.21 105.68
N GLN M 127 -8.52 -13.77 104.86
CA GLN M 127 -7.20 -14.18 105.35
C GLN M 127 -6.39 -12.98 105.83
N GLN M 128 -6.43 -11.88 105.09
CA GLN M 128 -5.73 -10.67 105.48
C GLN M 128 -6.58 -9.74 106.32
N LEU M 129 -7.79 -10.15 106.69
CA LEU M 129 -8.67 -9.39 107.56
C LEU M 129 -8.96 -8.00 106.99
N ALA N 4 -23.89 48.10 39.84
CA ALA N 4 -23.01 48.33 40.99
C ALA N 4 -22.17 47.10 41.27
N ALA N 5 -21.14 46.88 40.43
CA ALA N 5 -20.30 45.70 40.58
C ALA N 5 -19.48 45.74 41.87
N ALA N 6 -19.39 46.91 42.50
CA ALA N 6 -18.64 47.02 43.74
C ALA N 6 -19.30 46.21 44.86
N ILE N 7 -20.63 46.14 44.87
CA ILE N 7 -21.33 45.41 45.91
C ILE N 7 -21.01 43.91 45.87
N PRO N 8 -21.16 43.21 44.73
CA PRO N 8 -20.85 41.77 44.72
C PRO N 8 -19.40 41.46 45.05
N ILE N 9 -18.45 42.27 44.59
CA ILE N 9 -17.05 42.00 44.90
C ILE N 9 -16.78 42.25 46.37
N ALA N 10 -17.42 43.27 46.95
CA ALA N 10 -17.32 43.49 48.38
C ALA N 10 -17.88 42.30 49.15
N ILE N 11 -19.01 41.75 48.68
CA ILE N 11 -19.60 40.59 49.31
C ILE N 11 -18.64 39.40 49.23
N SER N 12 -18.02 39.19 48.07
CA SER N 12 -17.08 38.09 47.91
C SER N 12 -15.86 38.26 48.82
N GLY N 13 -15.36 39.49 48.95
CA GLY N 13 -14.21 39.73 49.81
C GLY N 13 -14.55 39.50 51.28
N ALA N 14 -15.70 39.99 51.73
CA ALA N 14 -16.13 39.72 53.10
C ALA N 14 -16.36 38.23 53.31
N GLN N 15 -16.84 37.54 52.28
CA GLN N 15 -16.98 36.09 52.37
C GLN N 15 -15.63 35.42 52.51
N ALA N 16 -14.62 35.91 51.81
CA ALA N 16 -13.27 35.36 51.94
C ALA N 16 -12.72 35.58 53.33
N ILE N 17 -12.97 36.76 53.91
CA ILE N 17 -12.57 37.01 55.29
C ILE N 17 -13.30 36.06 56.23
N SER N 18 -14.60 35.87 55.99
CA SER N 18 -15.37 34.90 56.77
C SER N 18 -14.80 33.51 56.63
N GLY N 19 -14.34 33.15 55.43
CA GLY N 19 -13.71 31.85 55.23
C GLY N 19 -12.39 31.71 55.96
N GLN N 20 -11.63 32.81 56.05
CA GLN N 20 -10.39 32.78 56.82
C GLN N 20 -10.69 32.53 58.30
N ASN N 21 -11.68 33.25 58.84
CA ASN N 21 -12.08 32.97 60.22
C ASN N 21 -12.66 31.56 60.34
N ALA N 22 -13.32 31.09 59.29
CA ALA N 22 -13.87 29.74 59.30
C ALA N 22 -12.78 28.69 59.35
N GLN N 23 -11.65 28.94 58.68
CA GLN N 23 -10.50 28.05 58.79
C GLN N 23 -9.88 28.14 60.18
N ALA N 24 -9.85 29.34 60.75
CA ALA N 24 -9.39 29.47 62.13
C ALA N 24 -10.25 28.65 63.08
N LYS N 25 -11.55 28.55 62.80
CA LYS N 25 -12.42 27.70 63.61
C LYS N 25 -12.28 26.23 63.22
N MET N 26 -11.96 25.98 61.95
CA MET N 26 -11.75 24.63 61.45
C MET N 26 -10.56 23.96 62.09
N ILE N 27 -9.47 24.69 62.36
CA ILE N 27 -8.34 24.08 63.03
C ILE N 27 -8.71 23.66 64.45
N ALA N 28 -9.53 24.46 65.13
CA ALA N 28 -10.03 24.06 66.44
C ALA N 28 -10.94 22.84 66.34
N ALA N 29 -11.77 22.80 65.30
CA ALA N 29 -12.61 21.61 65.09
C ALA N 29 -11.77 20.38 64.84
N GLN N 30 -10.68 20.52 64.07
CA GLN N 30 -9.79 19.39 63.82
C GLN N 30 -9.11 18.93 65.10
N THR N 31 -8.72 19.87 65.96
CA THR N 31 -8.13 19.48 67.24
C THR N 31 -9.14 18.71 68.09
N ALA N 32 -10.39 19.18 68.12
CA ALA N 32 -11.42 18.46 68.87
C ALA N 32 -11.67 17.06 68.30
N ALA N 33 -11.71 16.96 66.97
CA ALA N 33 -11.88 15.65 66.34
C ALA N 33 -10.71 14.73 66.64
N GLY N 34 -9.49 15.27 66.66
CA GLY N 34 -8.34 14.47 67.03
C GLY N 34 -8.43 13.97 68.45
N ARG N 35 -8.89 14.81 69.37
CA ARG N 35 -9.11 14.37 70.74
C ARG N 35 -10.11 13.22 70.81
N ARG N 36 -11.24 13.38 70.11
CA ARG N 36 -12.26 12.33 70.13
C ARG N 36 -11.72 11.03 69.56
N GLN N 37 -10.99 11.11 68.45
CA GLN N 37 -10.50 9.91 67.77
C GLN N 37 -9.40 9.23 68.58
N ALA N 38 -8.57 10.01 69.26
CA ALA N 38 -7.58 9.43 70.15
C ALA N 38 -8.23 8.71 71.33
N MET N 39 -9.27 9.31 71.92
CA MET N 39 -9.92 8.63 73.03
C MET N 39 -10.70 7.42 72.54
N GLU N 40 -11.16 7.44 71.29
CA GLU N 40 -11.74 6.25 70.70
C GLU N 40 -10.70 5.13 70.60
N ILE N 41 -9.47 5.47 70.20
CA ILE N 41 -8.40 4.47 70.28
C ILE N 41 -8.24 3.97 71.70
N MET N 42 -8.19 4.89 72.67
CA MET N 42 -8.06 4.50 74.07
C MET N 42 -9.10 3.46 74.45
N ARG N 43 -10.34 3.65 74.02
CA ARG N 43 -11.37 2.67 74.32
C ARG N 43 -11.12 1.35 73.59
N GLN N 44 -10.68 1.41 72.33
CA GLN N 44 -10.48 0.17 71.58
C GLN N 44 -9.28 -0.63 72.09
N THR N 45 -8.13 0.01 72.26
CA THR N 45 -6.91 -0.73 72.58
C THR N 45 -6.96 -1.29 73.98
N ASN N 46 -6.51 -2.55 74.12
CA ASN N 46 -6.49 -3.25 75.40
C ASN N 46 -5.09 -3.12 75.99
N ILE N 47 -5.00 -2.43 77.13
CA ILE N 47 -3.71 -2.30 77.82
C ILE N 47 -3.37 -3.51 78.66
N GLN N 48 -4.34 -4.42 78.83
CA GLN N 48 -4.16 -5.59 79.70
C GLN N 48 -3.10 -6.61 79.35
N ASN N 49 -2.69 -7.43 80.32
CA ASN N 49 -1.72 -8.53 80.12
C ASN N 49 -0.28 -8.07 80.20
N ALA N 50 -0.06 -6.76 80.20
CA ALA N 50 1.29 -6.18 80.34
C ALA N 50 2.10 -6.43 79.08
N ASP N 51 1.49 -7.08 78.11
CA ASP N 51 2.18 -7.34 76.86
C ASP N 51 1.27 -6.73 75.84
N LEU N 52 1.80 -5.79 75.08
CA LEU N 52 0.98 -5.09 74.12
C LEU N 52 1.73 -5.15 72.82
N SER N 53 0.99 -5.17 71.72
CA SER N 53 1.64 -5.26 70.43
C SER N 53 2.24 -3.91 70.06
N LEU N 54 3.10 -3.92 69.03
CA LEU N 54 3.69 -2.67 68.59
C LEU N 54 2.62 -1.69 68.11
N GLN N 55 1.60 -2.19 67.41
CA GLN N 55 0.48 -1.34 67.05
C GLN N 55 -0.24 -0.85 68.29
N ALA N 56 -0.43 -1.72 69.28
CA ALA N 56 -1.08 -1.29 70.51
C ALA N 56 -0.27 -0.21 71.21
N ARG N 57 1.05 -0.37 71.28
CA ARG N 57 1.88 0.60 71.95
C ARG N 57 1.91 1.93 71.19
N SER N 58 1.97 1.87 69.87
CA SER N 58 1.94 3.10 69.09
C SER N 58 0.61 3.82 69.25
N LYS N 59 -0.49 3.08 69.26
CA LYS N 59 -1.80 3.67 69.47
C LYS N 59 -1.91 4.31 70.84
N LEU N 60 -1.38 3.62 71.86
CA LEU N 60 -1.30 4.18 73.20
C LEU N 60 -0.53 5.49 73.21
N GLU N 61 0.64 5.49 72.56
CA GLU N 61 1.48 6.68 72.52
C GLU N 61 0.77 7.84 71.83
N GLU N 62 0.11 7.57 70.71
CA GLU N 62 -0.51 8.64 69.95
C GLU N 62 -1.75 9.17 70.65
N ALA N 63 -2.51 8.30 71.32
CA ALA N 63 -3.62 8.76 72.14
C ALA N 63 -3.13 9.65 73.27
N SER N 64 -2.05 9.22 73.94
CA SER N 64 -1.50 10.05 75.02
C SER N 64 -1.03 11.39 74.49
N ALA N 65 -0.39 11.40 73.33
CA ALA N 65 0.07 12.66 72.75
C ALA N 65 -1.10 13.58 72.44
N GLU N 66 -2.20 13.02 71.93
CA GLU N 66 -3.34 13.87 71.62
C GLU N 66 -3.96 14.48 72.87
N LEU N 67 -4.13 13.67 73.92
CA LEU N 67 -4.69 14.20 75.16
C LEU N 67 -3.69 15.09 75.89
N THR N 68 -2.42 15.00 75.53
CA THR N 68 -1.44 15.93 76.06
C THR N 68 -1.61 17.30 75.42
N SER N 69 -1.52 18.35 76.23
CA SER N 69 -1.67 19.72 75.76
C SER N 69 -0.30 20.30 75.45
N GLN N 70 -0.17 20.96 74.30
CA GLN N 70 1.13 21.48 73.89
C GLN N 70 1.36 22.90 74.39
N ASN N 71 0.35 23.77 74.29
CA ASN N 71 0.56 25.18 74.62
C ASN N 71 0.82 25.37 76.11
N MET N 72 0.01 24.74 76.96
CA MET N 72 0.16 24.84 78.40
C MET N 72 0.98 23.70 78.98
N GLN N 73 1.85 23.09 78.18
CA GLN N 73 2.52 21.87 78.62
C GLN N 73 3.51 22.12 79.75
N LYS N 74 4.26 23.21 79.68
CA LYS N 74 5.18 23.54 80.76
C LYS N 74 4.43 23.85 82.05
N VAL N 75 3.29 24.51 81.96
CA VAL N 75 2.47 24.76 83.15
C VAL N 75 2.02 23.46 83.76
N GLN N 76 1.57 22.52 82.93
CA GLN N 76 1.19 21.20 83.42
C GLN N 76 2.36 20.51 84.11
N ALA N 77 3.55 20.58 83.50
CA ALA N 77 4.71 19.92 84.09
C ALA N 77 5.05 20.54 85.45
N ILE N 78 5.01 21.86 85.54
CA ILE N 78 5.30 22.51 86.81
C ILE N 78 4.28 22.12 87.86
N GLY N 79 3.00 22.08 87.47
CA GLY N 79 1.97 21.67 88.41
C GLY N 79 2.18 20.24 88.89
N SER N 80 2.55 19.34 87.98
CA SER N 80 2.81 17.96 88.36
C SER N 80 4.00 17.87 89.30
N ILE N 81 5.07 18.60 89.01
CA ILE N 81 6.25 18.58 89.89
C ILE N 81 5.90 19.11 91.27
N ARG N 82 5.15 20.20 91.33
CA ARG N 82 4.77 20.77 92.62
C ARG N 82 3.87 19.81 93.39
N ALA N 83 2.93 19.17 92.70
CA ALA N 83 2.04 18.22 93.36
C ALA N 83 2.82 17.02 93.91
N ALA N 84 3.77 16.51 93.14
CA ALA N 84 4.54 15.36 93.59
C ALA N 84 5.46 15.73 94.75
N ILE N 85 6.23 16.81 94.60
CA ILE N 85 7.19 17.20 95.64
C ILE N 85 6.46 17.75 96.86
N GLY N 86 5.45 18.59 96.64
CA GLY N 86 4.71 19.18 97.73
C GLY N 86 3.21 19.16 97.54
N VAL N 101 -6.23 29.84 98.88
CA VAL N 101 -6.06 31.27 99.10
C VAL N 101 -4.60 31.60 99.40
N THR N 102 -4.10 31.11 100.54
CA THR N 102 -2.75 31.45 100.97
C THR N 102 -1.71 30.96 99.98
N GLU N 103 -1.87 29.73 99.48
CA GLU N 103 -0.94 29.23 98.46
C GLU N 103 -1.08 30.03 97.18
N GLY N 104 -2.32 30.31 96.77
CA GLY N 104 -2.53 31.08 95.56
C GLY N 104 -1.94 32.48 95.64
N GLN N 105 -2.23 33.21 96.72
CA GLN N 105 -1.67 34.55 96.84
C GLN N 105 -0.15 34.49 96.97
N PHE N 106 0.38 33.44 97.57
CA PHE N 106 1.82 33.29 97.67
C PHE N 106 2.45 33.16 96.30
N ILE N 107 1.86 32.34 95.42
CA ILE N 107 2.50 32.20 94.10
C ILE N 107 2.18 33.38 93.20
N ARG N 108 1.10 34.12 93.47
CA ARG N 108 0.91 35.38 92.77
C ARG N 108 1.99 36.39 93.14
N GLU N 109 2.25 36.55 94.45
CA GLU N 109 3.32 37.43 94.87
C GLU N 109 4.68 36.93 94.38
N ALA N 110 4.79 35.61 94.18
CA ALA N 110 5.99 35.08 93.55
C ALA N 110 6.11 35.54 92.11
N ASN N 111 4.99 35.61 91.39
CA ASN N 111 4.98 36.04 90.00
C ASN N 111 4.79 37.53 89.84
N MET N 112 4.85 38.31 90.92
CA MET N 112 4.77 39.76 90.86
C MET N 112 3.49 40.21 90.16
N VAL N 113 2.40 39.53 90.47
CA VAL N 113 1.10 39.77 89.84
C VAL N 113 0.09 40.02 90.94
N THR N 114 -0.96 40.77 90.61
CA THR N 114 -1.91 41.24 91.62
C THR N 114 -3.09 40.27 91.74
N GLU N 115 -4.11 40.72 92.47
CA GLU N 115 -5.33 39.94 92.61
C GLU N 115 -6.09 39.87 91.30
N ASN N 116 -6.13 40.96 90.55
CA ASN N 116 -6.78 41.00 89.24
C ASN N 116 -5.92 40.41 88.15
N TYR N 117 -4.84 39.71 88.50
CA TYR N 117 -3.93 39.10 87.55
C TYR N 117 -3.36 40.13 86.58
N ARG N 118 -2.85 41.23 87.13
CA ARG N 118 -2.09 42.21 86.38
C ARG N 118 -0.73 42.40 87.04
N ARG N 119 0.24 42.83 86.25
CA ARG N 119 1.59 42.99 86.76
C ARG N 119 1.63 43.97 87.92
N ASP N 120 2.32 43.58 88.99
CA ASP N 120 2.45 44.41 90.18
C ASP N 120 3.76 45.17 90.06
N TYR N 121 3.71 46.33 89.41
CA TYR N 121 4.93 47.08 89.13
C TYR N 121 5.56 47.61 90.40
N GLN N 122 4.78 47.81 91.46
CA GLN N 122 5.35 48.26 92.72
C GLN N 122 6.33 47.24 93.26
N ALA N 123 6.00 45.95 93.16
CA ALA N 123 6.92 44.91 93.58
C ALA N 123 8.08 44.75 92.60
N ILE N 124 7.79 44.85 91.30
CA ILE N 124 8.82 44.64 90.29
C ILE N 124 9.91 45.69 90.40
N PHE N 125 9.52 46.95 90.57
CA PHE N 125 10.47 48.05 90.68
C PHE N 125 10.78 48.36 92.13
N ALA N 126 11.33 47.35 92.82
CA ALA N 126 11.69 47.52 94.22
C ALA N 126 12.83 48.51 94.40
N GLN N 127 13.85 48.44 93.53
CA GLN N 127 15.01 49.31 93.67
C GLN N 127 14.63 50.78 93.49
N GLN N 128 13.74 51.05 92.55
CA GLN N 128 13.35 52.43 92.24
C GLN N 128 12.12 52.85 93.03
N ALA O 4 -38.22 51.31 18.43
CA ALA O 4 -37.40 52.25 19.19
C ALA O 4 -36.13 51.59 19.69
N ALA O 5 -35.21 51.30 18.76
CA ALA O 5 -33.94 50.70 19.14
C ALA O 5 -33.03 51.72 19.82
N ALA O 6 -33.41 53.00 19.78
CA ALA O 6 -32.56 54.04 20.36
C ALA O 6 -32.55 53.95 21.89
N ILE O 7 -33.70 53.60 22.48
CA ILE O 7 -33.78 53.54 23.95
C ILE O 7 -32.87 52.47 24.53
N PRO O 8 -32.86 51.22 24.04
CA PRO O 8 -31.93 50.24 24.62
C PRO O 8 -30.48 50.63 24.50
N ILE O 9 -30.06 51.21 23.39
CA ILE O 9 -28.65 51.58 23.24
C ILE O 9 -28.34 52.79 24.11
N ALA O 10 -29.30 53.69 24.30
CA ALA O 10 -29.10 54.81 25.20
C ALA O 10 -28.95 54.33 26.63
N ILE O 11 -29.77 53.36 27.03
CA ILE O 11 -29.66 52.76 28.36
C ILE O 11 -28.31 52.07 28.51
N SER O 12 -27.87 51.36 27.47
CA SER O 12 -26.59 50.66 27.54
C SER O 12 -25.43 51.64 27.65
N GLY O 13 -25.49 52.75 26.90
CA GLY O 13 -24.44 53.76 27.03
C GLY O 13 -24.43 54.43 28.39
N ALA O 14 -25.62 54.71 28.94
CA ALA O 14 -25.69 55.25 30.29
C ALA O 14 -25.14 54.26 31.30
N GLN O 15 -25.42 52.97 31.10
CA GLN O 15 -24.86 51.95 31.97
C GLN O 15 -23.35 51.85 31.80
N ALA O 16 -22.85 52.15 30.60
CA ALA O 16 -21.40 52.19 30.40
C ALA O 16 -20.76 53.34 31.16
N ILE O 17 -21.42 54.50 31.16
CA ILE O 17 -20.92 55.61 31.97
C ILE O 17 -21.00 55.26 33.46
N SER O 18 -22.08 54.61 33.87
CA SER O 18 -22.17 54.13 35.24
C SER O 18 -21.07 53.13 35.55
N GLY O 19 -20.68 52.33 34.55
CA GLY O 19 -19.56 51.43 34.74
C GLY O 19 -18.24 52.15 34.88
N GLN O 20 -18.09 53.28 34.18
CA GLN O 20 -16.90 54.11 34.38
C GLN O 20 -16.89 54.69 35.79
N ASN O 21 -18.05 55.13 36.28
CA ASN O 21 -18.16 55.54 37.68
C ASN O 21 -17.84 54.38 38.61
N ALA O 22 -18.28 53.18 38.25
CA ALA O 22 -17.96 52.00 39.04
C ALA O 22 -16.46 51.73 39.04
N GLN O 23 -15.77 52.05 37.93
CA GLN O 23 -14.32 51.94 37.91
C GLN O 23 -13.66 52.97 38.83
N ALA O 24 -14.18 54.20 38.81
CA ALA O 24 -13.69 55.23 39.71
C ALA O 24 -13.91 54.83 41.16
N LYS O 25 -14.96 54.06 41.43
CA LYS O 25 -15.16 53.53 42.77
C LYS O 25 -14.33 52.27 43.00
N MET O 26 -14.00 51.57 41.91
CA MET O 26 -13.18 50.37 41.98
C MET O 26 -11.80 50.72 42.51
N ILE O 27 -11.26 51.85 42.05
CA ILE O 27 -9.94 52.25 42.52
C ILE O 27 -9.95 52.49 44.03
N ALA O 28 -11.00 53.13 44.54
CA ALA O 28 -11.07 53.38 45.98
C ALA O 28 -11.29 52.10 46.76
N ALA O 29 -12.14 51.21 46.25
CA ALA O 29 -12.36 49.94 46.93
C ALA O 29 -11.08 49.10 46.96
N GLN O 30 -10.30 49.13 45.88
CA GLN O 30 -9.05 48.40 45.85
C GLN O 30 -8.02 49.01 46.79
N THR O 31 -8.00 50.34 46.91
CA THR O 31 -7.10 50.96 47.89
C THR O 31 -7.49 50.57 49.31
N ALA O 32 -8.79 50.55 49.61
CA ALA O 32 -9.23 50.13 50.94
C ALA O 32 -8.86 48.68 51.19
N ALA O 33 -9.02 47.82 50.19
CA ALA O 33 -8.63 46.42 50.32
C ALA O 33 -7.14 46.29 50.55
N GLY O 34 -6.34 47.10 49.86
CA GLY O 34 -4.90 47.07 50.07
C GLY O 34 -4.52 47.46 51.48
N ARG O 35 -5.15 48.51 52.01
CA ARG O 35 -4.87 48.90 53.39
C ARG O 35 -5.31 47.83 54.38
N ARG O 36 -6.45 47.19 54.12
CA ARG O 36 -6.90 46.12 55.01
C ARG O 36 -5.93 44.94 55.00
N GLN O 37 -5.43 44.57 53.82
CA GLN O 37 -4.49 43.47 53.75
C GLN O 37 -3.15 43.86 54.37
N ALA O 38 -2.78 45.13 54.27
CA ALA O 38 -1.57 45.59 54.97
C ALA O 38 -1.74 45.50 56.47
N MET O 39 -2.93 45.82 56.98
CA MET O 39 -3.21 45.63 58.39
C MET O 39 -3.10 44.16 58.78
N GLU O 40 -3.62 43.28 57.92
CA GLU O 40 -3.48 41.85 58.15
C GLU O 40 -2.02 41.44 58.23
N ILE O 41 -1.20 41.91 57.29
CA ILE O 41 0.23 41.59 57.32
C ILE O 41 0.87 42.10 58.61
N MET O 42 0.52 43.32 59.01
CA MET O 42 1.08 43.86 60.24
C MET O 42 0.74 43.01 61.44
N ARG O 43 -0.53 42.59 61.55
CA ARG O 43 -0.94 41.83 62.73
C ARG O 43 -0.32 40.45 62.75
N GLN O 44 -0.26 39.77 61.61
CA GLN O 44 0.27 38.42 61.60
C GLN O 44 1.79 38.40 61.70
N THR O 45 2.47 39.31 61.00
CA THR O 45 3.92 39.29 60.99
C THR O 45 4.47 39.69 62.35
N ASN O 46 5.44 38.91 62.83
CA ASN O 46 6.02 39.09 64.15
C ASN O 46 7.15 40.09 64.06
N ILE O 47 7.22 41.01 65.03
CA ILE O 47 8.28 42.00 65.11
C ILE O 47 9.24 41.74 66.25
N GLN O 48 8.92 40.79 67.13
CA GLN O 48 9.68 40.62 68.36
C GLN O 48 11.08 40.15 68.05
N ASN O 49 12.04 40.56 68.89
CA ASN O 49 13.45 40.23 68.85
C ASN O 49 14.19 41.01 67.76
N ALA O 50 13.48 41.80 66.94
CA ALA O 50 14.10 42.67 65.93
C ALA O 50 14.91 41.87 64.91
N ASP O 51 14.90 40.55 65.03
CA ASP O 51 15.60 39.67 64.12
C ASP O 51 14.59 39.08 63.16
N LEU O 52 14.64 39.53 61.91
CA LEU O 52 13.59 39.28 60.95
C LEU O 52 14.16 38.65 59.69
N SER O 53 13.36 37.79 59.06
CA SER O 53 13.73 37.26 57.76
C SER O 53 13.38 38.25 56.67
N LEU O 54 14.00 38.07 55.50
CA LEU O 54 13.73 38.96 54.37
C LEU O 54 12.24 39.01 54.04
N GLN O 55 11.53 37.89 54.19
CA GLN O 55 10.09 37.91 53.99
C GLN O 55 9.42 38.82 55.00
N ALA O 56 9.84 38.74 56.27
CA ALA O 56 9.25 39.57 57.30
C ALA O 56 9.50 41.06 57.05
N ARG O 57 10.74 41.40 56.69
CA ARG O 57 11.08 42.80 56.43
C ARG O 57 10.35 43.31 55.20
N SER O 58 10.26 42.49 54.14
CA SER O 58 9.53 42.91 52.96
C SER O 58 8.06 43.12 53.27
N LYS O 59 7.47 42.24 54.07
CA LYS O 59 6.09 42.41 54.49
C LYS O 59 5.90 43.69 55.29
N LEU O 60 6.83 43.96 56.21
CA LEU O 60 6.76 45.19 56.98
C LEU O 60 6.84 46.42 56.09
N GLU O 61 7.77 46.42 55.14
CA GLU O 61 7.95 47.57 54.26
C GLU O 61 6.74 47.77 53.37
N GLU O 62 6.16 46.67 52.88
CA GLU O 62 4.93 46.77 52.09
C GLU O 62 3.79 47.36 52.91
N ALA O 63 3.61 46.88 54.14
CA ALA O 63 2.55 47.40 54.98
C ALA O 63 2.77 48.88 55.26
N SER O 64 4.00 49.26 55.61
CA SER O 64 4.28 50.65 55.90
C SER O 64 4.02 51.53 54.69
N ALA O 65 4.43 51.08 53.50
CA ALA O 65 4.19 51.86 52.29
C ALA O 65 2.70 52.01 52.02
N GLU O 66 1.92 50.96 52.25
CA GLU O 66 0.48 51.06 51.98
C GLU O 66 -0.23 51.88 53.05
N LEU O 67 0.37 52.01 54.23
CA LEU O 67 -0.22 52.89 55.25
C LEU O 67 0.30 54.32 55.13
N THR O 68 1.30 54.55 54.29
CA THR O 68 1.70 55.91 54.00
C THR O 68 0.72 56.53 53.02
N SER O 69 0.47 57.83 53.17
CA SER O 69 -0.40 58.57 52.28
C SER O 69 0.39 59.04 51.08
N GLN O 70 -0.19 58.90 49.89
CA GLN O 70 0.49 59.36 48.68
C GLN O 70 0.16 60.81 48.38
N ASN O 71 -1.13 61.15 48.34
CA ASN O 71 -1.52 62.52 47.99
C ASN O 71 -1.11 63.51 49.07
N MET O 72 -1.36 63.19 50.34
CA MET O 72 -1.06 64.07 51.45
C MET O 72 0.32 63.79 52.04
N GLN O 73 1.22 63.21 51.27
CA GLN O 73 2.54 62.86 51.79
C GLN O 73 3.33 64.10 52.18
N LYS O 74 3.28 65.15 51.33
CA LYS O 74 4.02 66.37 51.63
C LYS O 74 3.51 67.00 52.92
N VAL O 75 2.19 66.99 53.10
CA VAL O 75 1.60 67.57 54.30
C VAL O 75 1.95 66.76 55.53
N GLN O 76 1.92 65.42 55.40
CA GLN O 76 2.42 64.56 56.48
C GLN O 76 3.85 64.92 56.85
N ALA O 77 4.73 65.06 55.85
CA ALA O 77 6.13 65.31 56.12
C ALA O 77 6.33 66.64 56.84
N ILE O 78 5.69 67.70 56.35
CA ILE O 78 5.89 69.01 56.96
C ILE O 78 5.28 69.04 58.36
N GLY O 79 4.14 68.37 58.55
CA GLY O 79 3.56 68.30 59.88
C GLY O 79 4.41 67.52 60.86
N SER O 80 5.00 66.41 60.41
CA SER O 80 5.88 65.64 61.27
C SER O 80 7.11 66.44 61.63
N ILE O 81 7.68 67.17 60.67
CA ILE O 81 8.83 68.00 60.97
C ILE O 81 8.47 69.06 62.00
N ARG O 82 7.31 69.71 61.82
CA ARG O 82 6.88 70.73 62.79
C ARG O 82 6.69 70.12 64.17
N ALA O 83 6.06 68.95 64.24
CA ALA O 83 5.81 68.32 65.53
C ALA O 83 7.12 67.97 66.24
N ALA O 84 8.07 67.40 65.50
CA ALA O 84 9.32 66.97 66.13
C ALA O 84 10.17 68.17 66.54
N ILE O 85 10.25 69.20 65.68
CA ILE O 85 11.07 70.37 66.01
C ILE O 85 10.49 71.13 67.18
N GLY O 86 9.19 71.36 67.18
CA GLY O 86 8.55 72.10 68.25
C GLY O 86 7.07 71.83 68.37
N VAL O 101 -6.09 77.19 68.30
CA VAL O 101 -6.79 78.24 67.58
C VAL O 101 -5.82 79.31 67.12
N THR O 102 -4.96 79.76 68.03
CA THR O 102 -4.01 80.81 67.72
C THR O 102 -3.03 80.37 66.65
N GLU O 103 -2.55 79.13 66.74
CA GLU O 103 -1.57 78.64 65.77
C GLU O 103 -2.20 78.42 64.40
N GLY O 104 -3.43 77.89 64.39
CA GLY O 104 -4.11 77.70 63.12
C GLY O 104 -4.39 79.02 62.41
N GLN O 105 -4.85 80.02 63.16
CA GLN O 105 -5.05 81.35 62.60
C GLN O 105 -3.74 81.91 62.06
N PHE O 106 -2.66 81.75 62.81
CA PHE O 106 -1.38 82.30 62.38
C PHE O 106 -0.91 81.65 61.08
N ILE O 107 -1.01 80.33 60.98
CA ILE O 107 -0.46 79.68 59.79
C ILE O 107 -1.41 79.83 58.61
N ARG O 108 -2.71 80.01 58.86
CA ARG O 108 -3.61 80.30 57.75
C ARG O 108 -3.40 81.71 57.24
N GLU O 109 -3.00 82.65 58.12
CA GLU O 109 -2.54 83.94 57.64
C GLU O 109 -1.24 83.80 56.86
N ALA O 110 -0.34 82.94 57.33
CA ALA O 110 0.91 82.71 56.62
C ALA O 110 0.69 82.09 55.24
N ASN O 111 -0.45 81.45 55.02
CA ASN O 111 -0.82 80.95 53.71
C ASN O 111 -1.73 81.92 52.97
N MET O 112 -1.99 83.09 53.54
CA MET O 112 -2.85 84.10 52.94
C MET O 112 -4.24 83.53 52.66
N VAL O 113 -4.85 82.97 53.70
CA VAL O 113 -6.11 82.26 53.60
C VAL O 113 -7.05 82.75 54.69
N THR O 114 -8.31 82.95 54.33
CA THR O 114 -9.33 83.40 55.27
C THR O 114 -9.84 82.22 56.11
N GLU O 115 -10.76 82.53 57.03
CA GLU O 115 -11.32 81.49 57.88
C GLU O 115 -12.13 80.48 57.07
N ASN O 116 -12.87 80.95 56.07
CA ASN O 116 -13.62 80.04 55.21
C ASN O 116 -12.74 79.28 54.24
N TYR O 117 -11.43 79.50 54.28
CA TYR O 117 -10.43 78.88 53.42
C TYR O 117 -10.53 79.38 51.98
N ARG O 118 -11.24 80.49 51.76
CA ARG O 118 -11.11 81.22 50.51
C ARG O 118 -9.83 82.04 50.52
N ARG O 119 -9.24 82.22 49.35
CA ARG O 119 -8.00 82.98 49.26
C ARG O 119 -8.21 84.42 49.72
N ASP O 120 -7.30 84.90 50.57
CA ASP O 120 -7.34 86.26 51.08
C ASP O 120 -6.51 87.14 50.15
N TYR O 121 -7.17 87.76 49.18
CA TYR O 121 -6.45 88.52 48.17
C TYR O 121 -5.92 89.85 48.70
N GLN O 122 -6.54 90.41 49.73
CA GLN O 122 -6.07 91.68 50.27
C GLN O 122 -4.64 91.55 50.77
N ALA O 123 -4.33 90.47 51.49
CA ALA O 123 -2.96 90.23 51.90
C ALA O 123 -2.08 89.86 50.70
N ILE O 124 -2.66 89.17 49.71
CA ILE O 124 -1.90 88.78 48.52
C ILE O 124 -1.55 90.02 47.70
N PHE O 125 -2.53 90.89 47.46
CA PHE O 125 -2.34 92.08 46.65
C PHE O 125 -1.99 93.31 47.48
N ALA O 126 -1.29 93.11 48.60
CA ALA O 126 -1.00 94.22 49.49
C ALA O 126 -0.10 95.27 48.84
N GLN O 127 0.95 94.82 48.14
CA GLN O 127 1.94 95.77 47.62
C GLN O 127 1.34 96.62 46.50
N GLN O 128 0.51 96.04 45.65
CA GLN O 128 -0.10 96.77 44.54
C GLN O 128 -1.48 97.28 44.86
N LEU O 129 -1.93 97.15 46.10
CA LEU O 129 -3.23 97.65 46.55
C LEU O 129 -4.38 97.12 45.69
N ALA P 4 -55.53 36.81 5.79
CA ALA P 4 -55.27 38.13 5.26
C ALA P 4 -53.80 38.50 5.44
N ALA P 5 -52.96 38.05 4.50
CA ALA P 5 -51.53 38.31 4.59
C ALA P 5 -51.21 39.79 4.42
N ALA P 6 -52.18 40.57 3.92
CA ALA P 6 -51.94 41.98 3.68
C ALA P 6 -51.69 42.74 4.97
N ILE P 7 -52.39 42.37 6.04
CA ILE P 7 -52.22 43.06 7.32
C ILE P 7 -50.83 42.86 7.90
N PRO P 8 -50.29 41.64 8.02
CA PRO P 8 -48.93 41.49 8.55
C PRO P 8 -47.87 42.17 7.69
N ILE P 9 -47.99 42.12 6.36
CA ILE P 9 -46.99 42.77 5.52
C ILE P 9 -47.10 44.29 5.65
N ALA P 10 -48.33 44.80 5.79
CA ALA P 10 -48.51 46.23 6.04
C ALA P 10 -47.87 46.63 7.36
N ILE P 11 -48.02 45.78 8.38
CA ILE P 11 -47.39 46.05 9.68
C ILE P 11 -45.88 46.06 9.52
N SER P 12 -45.33 45.11 8.76
CA SER P 12 -43.90 45.08 8.54
C SER P 12 -43.41 46.33 7.82
N GLY P 13 -44.16 46.80 6.82
CA GLY P 13 -43.76 48.01 6.12
C GLY P 13 -43.83 49.25 6.99
N ALA P 14 -44.89 49.35 7.80
CA ALA P 14 -44.99 50.47 8.74
C ALA P 14 -43.87 50.41 9.77
N GLN P 15 -43.49 49.19 10.18
CA GLN P 15 -42.35 49.06 11.08
C GLN P 15 -41.06 49.49 10.41
N ALA P 16 -40.92 49.21 9.11
CA ALA P 16 -39.76 49.70 8.37
C ALA P 16 -39.74 51.23 8.32
N ILE P 17 -40.91 51.83 8.13
CA ILE P 17 -41.01 53.29 8.18
C ILE P 17 -40.60 53.81 9.56
N SER P 18 -41.10 53.15 10.61
CA SER P 18 -40.72 53.51 11.97
C SER P 18 -39.24 53.35 12.19
N GLY P 19 -38.63 52.33 11.57
CA GLY P 19 -37.19 52.15 11.67
C GLY P 19 -36.41 53.22 10.94
N GLN P 20 -36.95 53.71 9.81
CA GLN P 20 -36.32 54.83 9.13
C GLN P 20 -36.33 56.07 10.01
N ASN P 21 -37.47 56.36 10.63
CA ASN P 21 -37.50 57.44 11.60
C ASN P 21 -36.59 57.15 12.79
N ALA P 22 -36.48 55.88 13.15
CA ALA P 22 -35.63 55.50 14.27
C ALA P 22 -34.17 55.80 13.96
N GLN P 23 -33.75 55.59 12.71
CA GLN P 23 -32.39 55.96 12.33
C GLN P 23 -32.22 57.47 12.21
N ALA P 24 -33.26 58.16 11.76
CA ALA P 24 -33.24 59.61 11.77
C ALA P 24 -33.12 60.15 13.20
N LYS P 25 -33.54 59.36 14.18
CA LYS P 25 -33.36 59.73 15.57
C LYS P 25 -32.02 59.22 16.12
N MET P 26 -31.52 58.12 15.53
CA MET P 26 -30.19 57.64 15.84
C MET P 26 -29.13 58.66 15.50
N ILE P 27 -29.28 59.38 14.40
CA ILE P 27 -28.27 60.38 14.05
C ILE P 27 -28.23 61.48 15.11
N ALA P 28 -29.40 61.91 15.61
CA ALA P 28 -29.43 62.89 16.68
C ALA P 28 -28.84 62.33 17.96
N ALA P 29 -29.15 61.08 18.28
CA ALA P 29 -28.59 60.45 19.48
C ALA P 29 -27.08 60.34 19.38
N GLN P 30 -26.58 60.02 18.19
CA GLN P 30 -25.14 59.92 17.97
C GLN P 30 -24.46 61.27 18.11
N THR P 31 -25.10 62.33 17.61
CA THR P 31 -24.56 63.67 17.82
C THR P 31 -24.50 64.00 19.30
N ALA P 32 -25.55 63.67 20.05
CA ALA P 32 -25.55 63.94 21.49
C ALA P 32 -24.48 63.14 22.21
N ALA P 33 -24.32 61.87 21.84
CA ALA P 33 -23.28 61.05 22.45
C ALA P 33 -21.89 61.57 22.13
N GLY P 34 -21.68 62.02 20.89
CA GLY P 34 -20.41 62.64 20.55
C GLY P 34 -20.14 63.89 21.35
N ARG P 35 -21.18 64.70 21.57
CA ARG P 35 -21.03 65.87 22.42
C ARG P 35 -20.61 65.48 23.84
N ARG P 36 -21.27 64.46 24.40
CA ARG P 36 -20.94 64.03 25.75
C ARG P 36 -19.50 63.51 25.83
N GLN P 37 -19.08 62.72 24.85
CA GLN P 37 -17.73 62.16 24.91
C GLN P 37 -16.69 63.26 24.70
N ALA P 38 -17.00 64.25 23.87
CA ALA P 38 -16.10 65.39 23.70
C ALA P 38 -15.96 66.18 25.00
N MET P 39 -17.06 66.39 25.71
CA MET P 39 -16.99 67.08 27.00
C MET P 39 -16.18 66.28 28.00
N GLU P 40 -16.36 64.95 28.00
CA GLU P 40 -15.57 64.10 28.89
C GLU P 40 -14.09 64.19 28.55
N ILE P 41 -13.75 64.22 27.26
CA ILE P 41 -12.36 64.44 26.87
C ILE P 41 -11.85 65.75 27.41
N MET P 42 -12.62 66.83 27.23
CA MET P 42 -12.21 68.13 27.73
C MET P 42 -11.95 68.09 29.23
N ARG P 43 -12.74 67.28 29.95
CA ARG P 43 -12.51 67.15 31.38
C ARG P 43 -11.24 66.36 31.69
N GLN P 44 -11.02 65.25 31.00
CA GLN P 44 -9.85 64.42 31.29
C GLN P 44 -8.56 65.11 30.87
N THR P 45 -8.52 65.65 29.66
CA THR P 45 -7.30 66.25 29.14
C THR P 45 -6.94 67.51 29.92
N ASN P 46 -5.63 67.69 30.15
CA ASN P 46 -5.13 68.79 30.97
C ASN P 46 -4.51 69.84 30.06
N ILE P 47 -4.98 71.09 30.20
CA ILE P 47 -4.44 72.17 29.39
C ILE P 47 -3.30 72.93 30.08
N GLN P 48 -3.09 72.68 31.37
CA GLN P 48 -2.09 73.43 32.11
C GLN P 48 -0.68 73.01 31.69
N ASN P 49 0.30 73.83 32.05
CA ASN P 49 1.72 73.74 31.76
C ASN P 49 2.04 74.16 30.33
N ALA P 50 1.05 74.42 29.49
CA ALA P 50 1.23 74.85 28.10
C ALA P 50 2.08 73.89 27.28
N ASP P 51 2.33 72.67 27.78
CA ASP P 51 3.18 71.69 27.11
C ASP P 51 2.38 70.41 26.89
N LEU P 52 1.17 70.58 26.40
CA LEU P 52 0.31 69.43 26.12
C LEU P 52 0.97 68.52 25.09
N SER P 53 0.95 67.22 25.37
CA SER P 53 1.49 66.26 24.42
C SER P 53 0.64 66.24 23.15
N LEU P 54 1.21 65.68 22.09
CA LEU P 54 0.51 65.67 20.80
C LEU P 54 -0.85 65.00 20.94
N GLN P 55 -0.94 63.95 21.74
CA GLN P 55 -2.24 63.35 21.98
C GLN P 55 -3.17 64.34 22.68
N ALA P 56 -2.64 65.12 23.62
CA ALA P 56 -3.47 66.11 24.28
C ALA P 56 -3.97 67.16 23.31
N ARG P 57 -3.10 67.64 22.41
CA ARG P 57 -3.54 68.59 21.40
C ARG P 57 -4.61 67.98 20.52
N SER P 58 -4.42 66.72 20.10
CA SER P 58 -5.39 66.09 19.21
C SER P 58 -6.75 65.96 19.90
N LYS P 59 -6.76 65.47 21.14
CA LYS P 59 -8.02 65.33 21.86
C LYS P 59 -8.68 66.69 22.08
N LEU P 60 -7.89 67.69 22.44
CA LEU P 60 -8.45 69.00 22.73
C LEU P 60 -9.05 69.63 21.48
N GLU P 61 -8.33 69.52 20.35
CA GLU P 61 -8.83 70.01 19.07
C GLU P 61 -10.10 69.28 18.66
N GLU P 62 -10.13 67.96 18.81
CA GLU P 62 -11.31 67.20 18.43
C GLU P 62 -12.51 67.59 19.30
N ALA P 63 -12.30 67.70 20.61
CA ALA P 63 -13.36 68.10 21.51
C ALA P 63 -13.90 69.48 21.14
N SER P 64 -13.01 70.40 20.77
CA SER P 64 -13.48 71.67 20.23
C SER P 64 -14.29 71.45 18.97
N ALA P 65 -13.88 70.50 18.13
CA ALA P 65 -14.57 70.28 16.87
C ALA P 65 -16.01 69.82 17.09
N GLU P 66 -16.24 68.91 18.03
CA GLU P 66 -17.62 68.50 18.26
C GLU P 66 -18.45 69.61 18.88
N LEU P 67 -17.89 70.33 19.86
CA LEU P 67 -18.63 71.44 20.47
C LEU P 67 -18.89 72.57 19.48
N THR P 68 -18.14 72.59 18.37
CA THR P 68 -18.43 73.53 17.31
C THR P 68 -19.61 73.04 16.49
N SER P 69 -20.49 73.96 16.11
CA SER P 69 -21.69 73.65 15.33
C SER P 69 -21.35 73.81 13.85
N GLN P 70 -21.84 72.88 13.02
CA GLN P 70 -21.55 72.95 11.59
C GLN P 70 -22.64 73.68 10.82
N ASN P 71 -23.91 73.35 11.06
CA ASN P 71 -24.98 73.94 10.27
C ASN P 71 -25.12 75.43 10.55
N MET P 72 -25.02 75.83 11.81
CA MET P 72 -25.12 77.22 12.23
C MET P 72 -23.75 77.87 12.35
N GLN P 73 -22.77 77.41 11.57
CA GLN P 73 -21.39 77.84 11.72
C GLN P 73 -21.16 79.25 11.17
N LYS P 74 -21.71 79.55 10.01
CA LYS P 74 -21.51 80.86 9.41
C LYS P 74 -22.13 81.96 10.26
N VAL P 75 -23.34 81.73 10.77
CA VAL P 75 -23.99 82.75 11.59
C VAL P 75 -23.27 82.91 12.92
N GLN P 76 -22.75 81.81 13.47
CA GLN P 76 -21.92 81.92 14.67
C GLN P 76 -20.69 82.78 14.41
N ALA P 77 -20.02 82.54 13.28
CA ALA P 77 -18.82 83.32 12.97
C ALA P 77 -19.16 84.78 12.79
N ILE P 78 -20.24 85.09 12.09
CA ILE P 78 -20.58 86.48 11.84
C ILE P 78 -21.01 87.16 13.13
N GLY P 79 -21.67 86.43 14.02
CA GLY P 79 -22.00 86.99 15.32
C GLY P 79 -20.76 87.28 16.14
N SER P 80 -19.78 86.37 16.09
CA SER P 80 -18.52 86.61 16.78
C SER P 80 -17.82 87.84 16.23
N ILE P 81 -17.82 87.99 14.90
CA ILE P 81 -17.18 89.15 14.28
C ILE P 81 -17.88 90.43 14.71
N ARG P 82 -19.21 90.45 14.69
CA ARG P 82 -19.94 91.64 15.08
C ARG P 82 -19.67 91.98 16.54
N ALA P 83 -19.64 90.96 17.41
CA ALA P 83 -19.40 91.19 18.83
C ALA P 83 -18.00 91.76 19.06
N ALA P 84 -17.00 91.19 18.38
CA ALA P 84 -15.62 91.63 18.58
C ALA P 84 -15.41 93.05 18.04
N ILE P 85 -15.84 93.29 16.80
CA ILE P 85 -15.65 94.61 16.20
C ILE P 85 -16.55 95.64 16.87
N GLY P 86 -17.81 95.29 17.10
CA GLY P 86 -18.75 96.22 17.71
C GLY P 86 -19.49 95.64 18.90
N VAL P 101 -34.18 95.26 20.86
CA VAL P 101 -35.27 95.92 20.17
C VAL P 101 -34.78 96.59 18.90
N THR P 102 -34.18 97.78 19.05
CA THR P 102 -33.70 98.51 17.89
C THR P 102 -32.61 97.75 17.15
N GLU P 103 -31.72 97.10 17.90
CA GLU P 103 -30.70 96.26 17.29
C GLU P 103 -31.34 95.14 16.47
N GLY P 104 -32.27 94.40 17.08
CA GLY P 104 -32.96 93.36 16.35
C GLY P 104 -33.80 93.91 15.20
N GLN P 105 -34.50 95.01 15.44
CA GLN P 105 -35.29 95.62 14.37
C GLN P 105 -34.39 96.12 13.23
N PHE P 106 -33.23 96.68 13.56
CA PHE P 106 -32.31 97.14 12.54
C PHE P 106 -31.81 95.97 11.70
N ILE P 107 -31.49 94.84 12.34
CA ILE P 107 -31.06 93.68 11.58
C ILE P 107 -32.21 93.15 10.71
N ARG P 108 -33.42 93.11 11.26
CA ARG P 108 -34.56 92.61 10.48
C ARG P 108 -34.78 93.46 9.25
N GLU P 109 -34.77 94.78 9.39
CA GLU P 109 -34.91 95.66 8.24
C GLU P 109 -33.73 95.52 7.30
N ALA P 110 -32.55 95.21 7.84
CA ALA P 110 -31.40 94.92 6.99
C ALA P 110 -31.64 93.67 6.16
N ASN P 111 -32.24 92.65 6.76
CA ASN P 111 -32.54 91.41 6.05
C ASN P 111 -33.90 91.42 5.37
N MET P 112 -34.62 92.54 5.42
CA MET P 112 -35.92 92.68 4.77
C MET P 112 -36.90 91.61 5.27
N VAL P 113 -36.99 91.50 6.59
CA VAL P 113 -37.80 90.49 7.25
C VAL P 113 -38.74 91.20 8.22
N THR P 114 -39.97 90.71 8.31
CA THR P 114 -40.99 91.36 9.12
C THR P 114 -40.80 91.05 10.61
N GLU P 115 -41.77 91.47 11.41
CA GLU P 115 -41.77 91.14 12.83
C GLU P 115 -42.03 89.65 13.04
N ASN P 116 -42.91 89.06 12.24
CA ASN P 116 -43.22 87.64 12.32
C ASN P 116 -42.16 86.77 11.66
N TYR P 117 -41.01 87.35 11.31
CA TYR P 117 -39.93 86.63 10.63
C TYR P 117 -40.41 86.05 9.31
N ARG P 118 -41.07 86.89 8.52
CA ARG P 118 -41.47 86.56 7.15
C ARG P 118 -40.89 87.60 6.22
N ARG P 119 -40.71 87.23 4.95
CA ARG P 119 -40.13 88.15 3.99
C ARG P 119 -41.03 89.38 3.82
N ASP P 120 -40.40 90.55 3.83
CA ASP P 120 -41.12 91.82 3.75
C ASP P 120 -41.05 92.29 2.30
N TYR P 121 -41.88 91.69 1.45
CA TYR P 121 -41.74 91.89 0.01
C TYR P 121 -41.86 93.35 -0.40
N GLN P 122 -42.54 94.17 0.41
CA GLN P 122 -42.56 95.60 0.14
C GLN P 122 -41.16 96.18 0.17
N ALA P 123 -40.30 95.66 1.06
CA ALA P 123 -38.93 96.12 1.11
C ALA P 123 -38.12 95.60 -0.07
N ILE P 124 -38.26 94.31 -0.40
CA ILE P 124 -37.48 93.74 -1.50
C ILE P 124 -37.88 94.39 -2.81
N PHE P 125 -39.17 94.57 -3.03
CA PHE P 125 -39.69 95.10 -4.29
C PHE P 125 -39.84 96.61 -4.22
N ALA P 126 -38.73 97.26 -3.86
CA ALA P 126 -38.71 98.71 -3.74
C ALA P 126 -38.83 99.39 -5.10
N GLN P 127 -38.18 98.82 -6.12
CA GLN P 127 -38.24 99.42 -7.45
C GLN P 127 -39.66 99.41 -8.01
N GLN P 128 -40.47 98.45 -7.58
CA GLN P 128 -41.81 98.26 -8.13
C GLN P 128 -42.89 98.60 -7.10
N LEU Q 41 -33.70 85.02 48.17
CA LEU Q 41 -34.86 84.62 47.38
C LEU Q 41 -34.57 83.32 46.62
N LEU Q 42 -33.88 83.45 45.49
CA LEU Q 42 -33.58 82.30 44.66
C LEU Q 42 -32.71 81.29 45.40
N ASP Q 43 -31.86 81.78 46.30
CA ASP Q 43 -30.99 80.89 47.06
C ASP Q 43 -31.80 79.94 47.93
N THR Q 44 -32.79 80.47 48.65
CA THR Q 44 -33.62 79.66 49.53
C THR Q 44 -34.47 78.68 48.75
N ILE Q 45 -35.07 79.14 47.65
CA ILE Q 45 -35.92 78.26 46.85
C ILE Q 45 -35.10 77.14 46.22
N GLY Q 46 -33.90 77.47 45.73
CA GLY Q 46 -33.02 76.44 45.21
C GLY Q 46 -32.60 75.45 46.28
N ARG Q 47 -32.34 75.94 47.48
CA ARG Q 47 -32.01 75.05 48.59
C ARG Q 47 -33.15 74.10 48.88
N PHE Q 48 -34.38 74.62 48.95
CA PHE Q 48 -35.52 73.76 49.20
C PHE Q 48 -35.71 72.73 48.10
N ALA Q 49 -35.54 73.16 46.84
CA ALA Q 49 -35.80 72.25 45.72
C ALA Q 49 -34.76 71.14 45.64
N LYS Q 50 -33.47 71.49 45.73
CA LYS Q 50 -32.43 70.50 45.53
C LYS Q 50 -32.44 69.43 46.62
N ALA Q 51 -32.62 69.84 47.88
CA ALA Q 51 -32.59 68.92 49.01
C ALA Q 51 -33.70 69.29 49.97
N GLY Q 52 -34.45 68.28 50.42
CA GLY Q 52 -35.58 68.55 51.29
C GLY Q 52 -35.17 69.08 52.65
N ALA Q 53 -34.04 68.62 53.16
CA ALA Q 53 -33.58 69.00 54.50
C ALA Q 53 -32.07 68.90 54.56
N ASP Q 54 -31.56 68.94 55.80
CA ASP Q 54 -30.17 68.69 56.21
C ASP Q 54 -29.14 69.44 55.38
N MET Q 55 -29.50 70.58 54.78
CA MET Q 55 -28.53 71.48 54.15
C MET Q 55 -28.30 72.63 55.10
N TYR Q 56 -27.35 72.44 56.03
CA TYR Q 56 -27.18 73.40 57.12
C TYR Q 56 -26.47 74.65 56.63
N THR Q 57 -25.81 74.58 55.47
CA THR Q 57 -25.06 75.70 54.93
C THR Q 57 -25.99 76.66 54.16
N ALA Q 58 -26.90 77.28 54.91
CA ALA Q 58 -27.77 78.29 54.33
C ALA Q 58 -27.28 79.69 54.67
N LYS Q 59 -27.17 79.98 55.97
CA LYS Q 59 -26.48 81.19 56.39
C LYS Q 59 -25.04 81.19 55.90
N GLU Q 60 -24.41 80.01 55.90
CA GLU Q 60 -23.08 79.89 55.32
C GLU Q 60 -23.11 80.16 53.82
N GLN Q 61 -24.18 79.75 53.14
CA GLN Q 61 -24.29 80.06 51.71
C GLN Q 61 -24.37 81.56 51.48
N ARG Q 62 -25.17 82.26 52.28
CA ARG Q 62 -25.24 83.71 52.17
C ARG Q 62 -23.90 84.36 52.48
N ALA Q 63 -23.21 83.86 53.52
CA ALA Q 63 -21.89 84.39 53.87
C ALA Q 63 -20.89 84.15 52.75
N ARG Q 64 -20.97 82.98 52.10
CA ARG Q 64 -20.05 82.67 51.01
C ARG Q 64 -20.32 83.57 49.80
N ASP Q 65 -21.60 83.85 49.53
CA ASP Q 65 -21.92 84.81 48.49
C ASP Q 65 -21.34 86.19 48.81
N LEU Q 66 -21.48 86.62 50.07
CA LEU Q 66 -20.89 87.89 50.48
C LEU Q 66 -19.37 87.88 50.33
N ALA Q 67 -18.73 86.78 50.70
CA ALA Q 67 -17.28 86.67 50.59
C ALA Q 67 -16.82 86.71 49.14
N ASP Q 68 -17.53 86.00 48.27
CA ASP Q 68 -17.21 86.04 46.85
C ASP Q 68 -17.39 87.45 46.29
N GLU Q 69 -18.47 88.13 46.70
CA GLU Q 69 -18.68 89.51 46.29
C GLU Q 69 -17.53 90.42 46.74
N ARG Q 70 -17.12 90.31 48.01
CA ARG Q 70 -16.02 91.12 48.50
C ARG Q 70 -14.73 90.83 47.75
N SER Q 71 -14.42 89.55 47.52
CA SER Q 71 -13.24 89.20 46.76
C SER Q 71 -13.32 89.75 45.34
N ASN Q 72 -14.52 89.75 44.76
CA ASN Q 72 -14.70 90.36 43.44
C ASN Q 72 -14.31 91.83 43.47
N GLU Q 73 -14.81 92.59 44.44
CA GLU Q 73 -14.45 94.01 44.49
C GLU Q 73 -12.97 94.19 44.77
N ILE Q 74 -12.37 93.27 45.50
CA ILE Q 74 -10.92 93.31 45.68
C ILE Q 74 -10.22 93.19 44.33
N ILE Q 75 -10.72 92.28 43.49
CA ILE Q 75 -10.08 92.05 42.19
C ILE Q 75 -10.29 93.25 41.27
N ARG Q 76 -11.47 93.87 41.32
CA ARG Q 76 -11.74 95.02 40.47
C ARG Q 76 -10.87 96.21 40.84
N LYS Q 77 -10.42 96.29 42.10
CA LYS Q 77 -9.47 97.32 42.49
C LYS Q 77 -8.12 97.13 41.82
N LEU Q 78 -7.90 95.99 41.19
CA LEU Q 78 -6.61 95.66 40.59
C LEU Q 78 -6.65 96.05 39.11
N THR Q 79 -5.63 96.77 38.66
CA THR Q 79 -5.63 97.29 37.31
C THR Q 79 -5.49 96.15 36.29
N PRO Q 80 -5.95 96.37 35.05
CA PRO Q 80 -5.91 95.28 34.06
C PRO Q 80 -4.53 94.67 33.86
N GLU Q 81 -3.47 95.48 33.88
CA GLU Q 81 -2.13 94.93 33.70
C GLU Q 81 -1.74 94.04 34.88
N GLN Q 82 -1.95 94.53 36.11
CA GLN Q 82 -1.64 93.71 37.28
C GLN Q 82 -2.59 92.53 37.38
N ARG Q 83 -3.85 92.71 36.97
CA ARG Q 83 -4.77 91.58 36.97
C ARG Q 83 -4.30 90.49 36.01
N ARG Q 84 -3.84 90.88 34.83
CA ARG Q 84 -3.29 89.92 33.88
C ARG Q 84 -2.03 89.27 34.44
N GLU Q 85 -1.20 90.04 35.14
CA GLU Q 85 0.01 89.50 35.74
C GLU Q 85 -0.33 88.43 36.78
N ALA Q 86 -1.33 88.70 37.63
CA ALA Q 86 -1.74 87.72 38.62
C ALA Q 86 -2.38 86.50 37.96
N LEU Q 87 -3.10 86.73 36.87
CA LEU Q 87 -3.70 85.62 36.13
C LEU Q 87 -2.63 84.73 35.50
N ASN Q 88 -1.52 85.33 35.06
CA ASN Q 88 -0.40 84.54 34.58
C ASN Q 88 0.19 83.69 35.68
N ASN Q 89 0.29 84.23 36.88
CA ASN Q 89 0.80 83.48 38.02
C ASN Q 89 -0.33 82.60 38.58
N GLY Q 90 -0.04 81.86 39.64
CA GLY Q 90 -1.07 81.19 40.40
C GLY Q 90 -1.77 82.07 41.39
N THR Q 91 -1.69 83.39 41.18
CA THR Q 91 -2.20 84.34 42.15
C THR Q 91 -3.68 84.60 41.97
N LEU Q 92 -4.08 85.05 40.78
CA LEU Q 92 -5.45 85.50 40.56
C LEU Q 92 -6.45 84.36 40.66
N LEU Q 93 -6.04 83.15 40.29
CA LEU Q 93 -6.76 81.89 40.44
C LEU Q 93 -7.91 81.74 39.44
N TYR Q 94 -8.24 82.78 38.68
CA TYR Q 94 -9.07 82.70 37.48
C TYR Q 94 -10.53 82.35 37.72
N GLN Q 95 -10.90 81.94 38.93
CA GLN Q 95 -12.32 81.76 39.19
C GLN Q 95 -12.89 82.98 39.89
N ASP Q 96 -12.05 83.65 40.68
CA ASP Q 96 -12.48 84.84 41.39
C ASP Q 96 -12.43 86.06 40.49
N ASP Q 97 -11.77 85.95 39.34
CA ASP Q 97 -11.72 87.06 38.40
C ASP Q 97 -13.09 87.27 37.78
N PRO Q 98 -13.75 88.39 38.08
CA PRO Q 98 -15.13 88.57 37.60
C PRO Q 98 -15.21 88.76 36.09
N TYR Q 99 -14.25 89.47 35.50
CA TYR Q 99 -14.29 89.70 34.06
C TYR Q 99 -14.12 88.39 33.29
N ALA Q 100 -13.10 87.61 33.65
CA ALA Q 100 -12.84 86.38 32.92
C ALA Q 100 -14.00 85.39 33.06
N MET Q 101 -14.54 85.23 34.27
CA MET Q 101 -15.66 84.31 34.42
C MET Q 101 -16.93 84.82 33.77
N GLU Q 102 -17.16 86.14 33.79
CA GLU Q 102 -18.32 86.67 33.10
C GLU Q 102 -18.22 86.42 31.60
N ALA Q 103 -17.03 86.63 31.03
CA ALA Q 103 -16.82 86.30 29.63
C ALA Q 103 -17.03 84.81 29.39
N LEU Q 104 -16.51 83.97 30.29
CA LEU Q 104 -16.71 82.53 30.17
C LEU Q 104 -18.18 82.18 30.12
N ARG Q 105 -18.97 82.76 31.01
CA ARG Q 105 -20.40 82.46 31.07
C ARG Q 105 -21.10 82.90 29.80
N VAL Q 106 -20.80 84.11 29.32
CA VAL Q 106 -21.47 84.58 28.11
C VAL Q 106 -21.10 83.73 26.91
N LYS Q 107 -19.81 83.44 26.74
CA LYS Q 107 -19.37 82.63 25.61
C LYS Q 107 -20.00 81.24 25.66
N THR Q 108 -20.02 80.63 26.84
CA THR Q 108 -20.61 79.30 26.97
C THR Q 108 -22.10 79.32 26.67
N GLY Q 109 -22.82 80.33 27.16
CA GLY Q 109 -24.24 80.40 26.87
C GLY Q 109 -24.52 80.55 25.39
N ARG Q 110 -23.76 81.42 24.72
CA ARG Q 110 -24.01 81.63 23.30
C ARG Q 110 -23.65 80.38 22.50
N ASN Q 111 -22.57 79.70 22.89
CA ASN Q 111 -22.20 78.45 22.21
C ASN Q 111 -23.27 77.38 22.40
N ALA Q 112 -23.83 77.29 23.61
CA ALA Q 112 -24.91 76.32 23.85
C ALA Q 112 -26.13 76.63 23.00
N ALA Q 113 -26.51 77.90 22.93
CA ALA Q 113 -27.64 78.29 22.10
C ALA Q 113 -27.37 77.93 20.64
N TYR Q 114 -26.14 78.15 20.18
CA TYR Q 114 -25.80 77.82 18.81
C TYR Q 114 -25.82 76.32 18.56
N LEU Q 115 -25.44 75.52 19.55
CA LEU Q 115 -25.50 74.07 19.38
C LEU Q 115 -26.94 73.59 19.28
N VAL Q 116 -27.81 74.13 20.14
CA VAL Q 116 -29.22 73.73 20.09
C VAL Q 116 -29.83 74.14 18.76
N ASP Q 117 -29.55 75.37 18.31
CA ASP Q 117 -30.09 75.82 17.03
C ASP Q 117 -29.44 75.08 15.87
N ASP Q 118 -28.24 74.55 16.06
CA ASP Q 118 -27.62 73.68 15.06
C ASP Q 118 -28.42 72.40 14.90
N ASP Q 119 -28.82 71.80 16.01
CA ASP Q 119 -29.68 70.62 15.92
C ASP Q 119 -31.01 70.97 15.27
N VAL Q 120 -31.58 72.12 15.63
CA VAL Q 120 -32.85 72.55 15.03
C VAL Q 120 -32.70 72.73 13.54
N MET Q 121 -31.61 73.38 13.10
CA MET Q 121 -31.35 73.56 11.68
C MET Q 121 -31.20 72.24 10.97
N GLN Q 122 -30.49 71.30 11.58
CA GLN Q 122 -30.32 69.99 10.96
C GLN Q 122 -31.67 69.32 10.76
N LYS Q 123 -32.57 69.44 11.73
CA LYS Q 123 -33.91 68.89 11.55
C LYS Q 123 -34.69 69.65 10.48
N ILE Q 124 -34.48 70.97 10.38
CA ILE Q 124 -35.20 71.76 9.39
C ILE Q 124 -34.81 71.35 7.98
N LYS Q 125 -33.51 71.18 7.73
CA LYS Q 125 -33.06 70.84 6.38
C LYS Q 125 -33.56 69.48 5.94
N GLU Q 126 -33.98 68.64 6.88
CA GLU Q 126 -34.68 67.41 6.56
C GLU Q 126 -36.17 67.70 6.58
N GLY Q 127 -36.98 66.79 6.05
CA GLY Q 127 -38.40 67.04 6.01
C GLY Q 127 -39.13 66.90 7.32
N VAL Q 128 -38.45 67.12 8.44
CA VAL Q 128 -39.04 66.85 9.75
C VAL Q 128 -40.16 67.82 10.06
N PHE Q 129 -39.92 69.11 9.84
CA PHE Q 129 -40.85 70.16 10.25
C PHE Q 129 -41.70 70.53 9.05
N ARG Q 130 -42.97 70.11 9.07
CA ARG Q 130 -43.87 70.44 7.97
C ARG Q 130 -44.23 71.92 7.99
N THR Q 131 -44.58 72.45 9.16
CA THR Q 131 -45.01 73.83 9.28
C THR Q 131 -44.15 74.54 10.31
N ARG Q 132 -44.29 75.87 10.33
CA ARG Q 132 -43.48 76.69 11.23
C ARG Q 132 -43.76 76.38 12.68
N GLU Q 133 -44.99 75.99 13.01
CA GLU Q 133 -45.38 75.77 14.40
C GLU Q 133 -44.59 74.62 15.01
N GLU Q 134 -44.46 73.51 14.28
CA GLU Q 134 -43.69 72.38 14.78
C GLU Q 134 -42.24 72.76 15.01
N MET Q 135 -41.65 73.51 14.09
CA MET Q 135 -40.26 73.93 14.27
C MET Q 135 -40.13 74.83 15.49
N GLU Q 136 -41.05 75.76 15.68
CA GLU Q 136 -40.98 76.63 16.85
C GLU Q 136 -41.09 75.85 18.14
N GLU Q 137 -42.04 74.91 18.21
CA GLU Q 137 -42.22 74.12 19.41
C GLU Q 137 -40.98 73.27 19.70
N TYR Q 138 -40.47 72.59 18.67
CA TYR Q 138 -39.27 71.78 18.85
C TYR Q 138 -38.11 72.65 19.32
N ARG Q 139 -37.97 73.83 18.72
CA ARG Q 139 -36.86 74.70 19.07
C ARG Q 139 -36.94 75.15 20.53
N HIS Q 140 -38.12 75.56 20.98
CA HIS Q 140 -38.25 76.03 22.36
C HIS Q 140 -38.03 74.89 23.35
N SER Q 141 -38.66 73.75 23.09
CA SER Q 141 -38.53 72.61 23.98
C SER Q 141 -37.10 72.12 24.05
N ARG Q 142 -36.35 72.23 22.94
CA ARG Q 142 -34.95 71.88 22.97
C ARG Q 142 -34.11 72.97 23.62
N LEU Q 143 -34.50 74.24 23.46
CA LEU Q 143 -33.74 75.34 24.00
C LEU Q 143 -33.63 75.25 25.51
N GLN Q 144 -34.77 75.05 26.19
CA GLN Q 144 -34.72 75.04 27.65
C GLN Q 144 -33.81 73.92 28.17
N GLU Q 145 -34.06 72.70 27.73
CA GLU Q 145 -33.31 71.56 28.23
C GLU Q 145 -31.85 71.61 27.77
N GLY Q 146 -31.60 72.12 26.58
CA GLY Q 146 -30.23 72.24 26.10
C GLY Q 146 -29.43 73.24 26.90
N ALA Q 147 -30.04 74.39 27.22
CA ALA Q 147 -29.38 75.33 28.11
C ALA Q 147 -29.01 74.66 29.42
N LYS Q 148 -29.97 73.97 30.04
CA LYS Q 148 -29.69 73.36 31.34
C LYS Q 148 -28.58 72.31 31.23
N VAL Q 149 -28.68 71.41 30.26
CA VAL Q 149 -27.71 70.32 30.18
C VAL Q 149 -26.33 70.84 29.82
N TYR Q 150 -26.25 71.80 28.89
CA TYR Q 150 -24.96 72.31 28.49
C TYR Q 150 -24.30 73.07 29.63
N ALA Q 151 -25.09 73.82 30.39
CA ALA Q 151 -24.52 74.51 31.54
C ALA Q 151 -24.03 73.51 32.58
N GLU Q 152 -24.72 72.37 32.71
CA GLU Q 152 -24.29 71.39 33.72
C GLU Q 152 -23.02 70.66 33.29
N GLN Q 153 -23.01 70.03 32.11
CA GLN Q 153 -21.86 69.23 31.71
C GLN Q 153 -20.61 70.10 31.56
N PHE Q 154 -20.80 71.35 31.18
CA PHE Q 154 -19.68 72.25 30.97
C PHE Q 154 -19.18 72.72 32.34
N GLY Q 155 -18.30 73.70 32.37
CA GLY Q 155 -17.99 74.36 33.62
C GLY Q 155 -19.28 74.82 34.25
N ILE Q 156 -19.52 74.39 35.49
CA ILE Q 156 -20.85 74.49 36.08
C ILE Q 156 -21.33 75.93 36.06
N ASP Q 157 -22.54 76.14 35.56
CA ASP Q 157 -23.12 77.46 35.56
C ASP Q 157 -24.51 77.43 36.20
N PRO Q 158 -24.82 78.38 37.06
CA PRO Q 158 -26.10 78.37 37.77
C PRO Q 158 -27.21 79.00 36.94
N GLU Q 159 -27.00 79.08 35.63
CA GLU Q 159 -27.84 79.88 34.75
C GLU Q 159 -27.99 81.30 35.28
N ASP Q 160 -26.86 81.94 35.57
CA ASP Q 160 -26.86 83.32 36.00
C ASP Q 160 -27.19 84.26 34.85
N VAL Q 161 -27.22 85.55 35.16
CA VAL Q 161 -27.62 86.54 34.16
C VAL Q 161 -26.65 86.55 32.98
N ASP Q 162 -25.36 86.36 33.25
CA ASP Q 162 -24.39 86.33 32.18
C ASP Q 162 -24.62 85.14 31.25
N TYR Q 163 -24.90 83.98 31.84
CA TYR Q 163 -25.17 82.79 31.03
C TYR Q 163 -26.40 82.99 30.16
N GLN Q 164 -27.47 83.56 30.74
CA GLN Q 164 -28.67 83.82 29.95
C GLN Q 164 -28.39 84.85 28.86
N ARG Q 165 -27.59 85.87 29.17
CA ARG Q 165 -27.28 86.89 28.18
C ARG Q 165 -26.54 86.27 27.00
N GLY Q 166 -25.64 85.32 27.28
CA GLY Q 166 -25.05 84.56 26.19
C GLY Q 166 -26.07 83.72 25.45
N PHE Q 167 -26.90 82.98 26.20
CA PHE Q 167 -27.88 82.09 25.59
C PHE Q 167 -28.94 82.86 24.82
N ASN Q 168 -29.08 84.15 25.05
CA ASN Q 168 -30.03 84.93 24.25
C ASN Q 168 -29.24 85.76 23.28
N GLY Q 169 -27.95 85.49 23.16
CA GLY Q 169 -27.12 86.23 22.25
C GLY Q 169 -27.45 85.92 20.81
N ASP Q 170 -27.41 86.95 19.98
CA ASP Q 170 -27.77 86.84 18.56
C ASP Q 170 -29.08 86.10 18.34
N ILE Q 171 -30.03 86.29 19.25
CA ILE Q 171 -31.29 85.55 19.15
C ILE Q 171 -32.02 85.93 17.88
N THR Q 172 -31.99 87.21 17.52
CA THR Q 172 -32.76 87.63 16.35
C THR Q 172 -32.15 87.10 15.07
N GLU Q 173 -30.82 87.07 14.99
CA GLU Q 173 -30.18 86.62 13.75
C GLU Q 173 -30.28 85.11 13.60
N ARG Q 174 -30.23 84.38 14.73
CA ARG Q 174 -30.52 82.96 14.69
C ARG Q 174 -31.95 82.72 14.23
N ASN Q 175 -32.88 83.55 14.68
CA ASN Q 175 -34.25 83.45 14.19
C ASN Q 175 -34.31 83.66 12.68
N ILE Q 176 -33.62 84.69 12.19
CA ILE Q 176 -33.59 84.94 10.75
C ILE Q 176 -33.09 83.70 10.02
N SER Q 177 -31.98 83.13 10.48
CA SER Q 177 -31.40 81.98 9.80
C SER Q 177 -32.35 80.79 9.79
N LEU Q 178 -32.86 80.41 10.96
CA LEU Q 178 -33.71 79.23 11.04
C LEU Q 178 -35.00 79.40 10.26
N TYR Q 179 -35.63 80.57 10.39
CA TYR Q 179 -36.90 80.78 9.72
C TYR Q 179 -36.72 80.87 8.21
N GLY Q 180 -35.63 81.51 7.76
CA GLY Q 180 -35.34 81.54 6.34
C GLY Q 180 -35.05 80.17 5.78
N ALA Q 181 -34.34 79.33 6.54
CA ALA Q 181 -34.10 77.97 6.11
C ALA Q 181 -35.40 77.19 6.00
N HIS Q 182 -36.31 77.36 6.95
CA HIS Q 182 -37.59 76.67 6.88
C HIS Q 182 -38.42 77.15 5.70
N ASP Q 183 -38.44 78.46 5.46
CA ASP Q 183 -39.16 78.98 4.30
C ASP Q 183 -38.55 78.45 3.01
N ASN Q 184 -37.22 78.34 2.95
CA ASN Q 184 -36.58 77.76 1.78
C ASN Q 184 -36.95 76.29 1.62
N PHE Q 185 -37.07 75.57 2.74
CA PHE Q 185 -37.48 74.17 2.66
C PHE Q 185 -38.88 74.02 2.10
N LEU Q 186 -39.82 74.84 2.57
CA LEU Q 186 -41.17 74.81 2.00
C LEU Q 186 -41.16 75.25 0.54
N SER Q 187 -40.31 76.21 0.18
CA SER Q 187 -40.20 76.57 -1.23
C SER Q 187 -39.72 75.41 -2.07
N GLN Q 188 -38.72 74.69 -1.58
CA GLN Q 188 -38.21 73.52 -2.30
C GLN Q 188 -39.29 72.46 -2.41
N GLN Q 189 -40.07 72.26 -1.35
CA GLN Q 189 -41.16 71.29 -1.40
C GLN Q 189 -42.20 71.69 -2.43
N ALA Q 190 -42.57 72.97 -2.46
CA ALA Q 190 -43.56 73.44 -3.43
C ALA Q 190 -43.04 73.30 -4.85
N GLN Q 191 -41.76 73.60 -5.07
CA GLN Q 191 -41.21 73.46 -6.41
C GLN Q 191 -41.10 72.01 -6.82
N LYS Q 192 -40.77 71.11 -5.88
CA LYS Q 192 -40.77 69.68 -6.19
C LYS Q 192 -42.16 69.23 -6.60
N GLY Q 193 -43.18 69.67 -5.86
CA GLY Q 193 -44.53 69.31 -6.23
C GLY Q 193 -44.95 69.86 -7.56
N ALA Q 194 -44.59 71.10 -7.85
CA ALA Q 194 -44.93 71.71 -9.12
C ALA Q 194 -44.28 70.98 -10.28
N ILE Q 195 -43.00 70.62 -10.13
CA ILE Q 195 -42.30 69.89 -11.18
C ILE Q 195 -42.91 68.51 -11.37
N MET Q 196 -43.24 67.84 -10.27
CA MET Q 196 -43.87 66.53 -10.38
C MET Q 196 -45.21 66.62 -11.11
N ASN Q 197 -46.02 67.63 -10.76
CA ASN Q 197 -47.30 67.79 -11.42
C ASN Q 197 -47.14 68.06 -12.91
N SER Q 198 -46.22 68.97 -13.25
CA SER Q 198 -45.99 69.30 -14.66
C SER Q 198 -45.51 68.08 -15.42
N ARG Q 199 -44.61 67.33 -14.82
CA ARG Q 199 -44.07 66.15 -15.47
C ARG Q 199 -45.20 65.16 -15.71
N VAL Q 200 -45.98 64.88 -14.67
CA VAL Q 200 -47.05 63.90 -14.79
C VAL Q 200 -48.00 64.28 -15.92
N GLU Q 201 -48.50 65.52 -15.90
CA GLU Q 201 -49.45 65.92 -16.94
C GLU Q 201 -48.80 65.84 -18.32
N LEU Q 202 -47.60 66.38 -18.45
CA LEU Q 202 -47.00 66.50 -19.77
C LEU Q 202 -46.65 65.13 -20.34
N ASN Q 203 -46.04 64.25 -19.55
CA ASN Q 203 -45.66 62.96 -20.10
C ASN Q 203 -46.88 62.05 -20.24
N GLY Q 204 -47.93 62.28 -19.46
CA GLY Q 204 -49.16 61.58 -19.69
C GLY Q 204 -49.74 61.94 -21.03
N VAL Q 205 -49.59 63.19 -21.44
CA VAL Q 205 -50.06 63.58 -22.78
C VAL Q 205 -49.14 63.03 -23.86
N LEU Q 206 -47.82 63.19 -23.68
CA LEU Q 206 -46.87 62.97 -24.77
C LEU Q 206 -46.32 61.56 -24.86
N GLN Q 207 -46.65 60.67 -23.93
CA GLN Q 207 -46.26 59.28 -24.09
C GLN Q 207 -47.35 58.44 -24.75
N ASP Q 208 -48.45 59.06 -25.16
CA ASP Q 208 -49.50 58.38 -25.90
C ASP Q 208 -49.44 58.77 -27.36
N PRO Q 209 -49.08 57.85 -28.26
CA PRO Q 209 -49.06 58.20 -29.68
C PRO Q 209 -50.40 58.65 -30.21
N ASP Q 210 -51.49 58.09 -29.67
CA ASP Q 210 -52.82 58.51 -30.10
C ASP Q 210 -53.03 59.99 -29.81
N MET Q 211 -52.58 60.45 -28.64
CA MET Q 211 -52.71 61.86 -28.31
C MET Q 211 -51.68 62.70 -29.06
N LEU Q 212 -50.51 62.11 -29.35
CA LEU Q 212 -49.51 62.86 -30.12
C LEU Q 212 -50.00 63.15 -31.53
N ARG Q 213 -50.77 62.24 -32.11
CA ARG Q 213 -51.13 62.36 -33.52
C ARG Q 213 -52.15 63.46 -33.80
N ARG Q 214 -52.89 63.92 -32.79
CA ARG Q 214 -53.86 64.98 -33.00
C ARG Q 214 -53.19 66.34 -33.06
N PRO Q 215 -53.72 67.29 -33.87
CA PRO Q 215 -53.12 68.64 -33.92
C PRO Q 215 -53.24 69.38 -32.59
N ASP Q 216 -54.29 68.99 -31.87
CA ASP Q 216 -54.50 69.50 -30.53
C ASP Q 216 -53.33 69.19 -29.62
N SER Q 217 -52.53 68.17 -29.94
CA SER Q 217 -51.34 67.89 -29.14
C SER Q 217 -50.34 69.03 -29.23
N ALA Q 218 -50.03 69.47 -30.45
CA ALA Q 218 -49.06 70.56 -30.60
C ALA Q 218 -49.62 71.85 -30.03
N ASP Q 219 -50.90 72.14 -30.29
CA ASP Q 219 -51.49 73.34 -29.70
C ASP Q 219 -51.43 73.27 -28.17
N PHE Q 220 -51.72 72.09 -27.62
CA PHE Q 220 -51.68 71.89 -26.18
C PHE Q 220 -50.29 72.12 -25.64
N PHE Q 221 -49.27 71.59 -26.31
CA PHE Q 221 -47.91 71.74 -25.80
C PHE Q 221 -47.50 73.20 -25.77
N GLU Q 222 -47.79 73.94 -26.85
CA GLU Q 222 -47.46 75.35 -26.84
C GLU Q 222 -48.18 76.08 -25.71
N LYS Q 223 -49.50 75.88 -25.62
CA LYS Q 223 -50.27 76.62 -24.62
C LYS Q 223 -49.89 76.18 -23.20
N TYR Q 224 -49.49 74.93 -23.04
CA TYR Q 224 -49.15 74.42 -21.72
C TYR Q 224 -47.82 75.00 -21.25
N ILE Q 225 -46.82 75.02 -22.12
CA ILE Q 225 -45.56 75.66 -21.74
C ILE Q 225 -45.80 77.13 -21.45
N ASP Q 226 -46.61 77.79 -22.27
CA ASP Q 226 -46.90 79.21 -22.03
C ASP Q 226 -47.56 79.43 -20.67
N ASN Q 227 -48.62 78.66 -20.39
CA ASN Q 227 -49.33 78.82 -19.12
C ASN Q 227 -48.42 78.51 -17.94
N GLY Q 228 -47.64 77.43 -18.04
CA GLY Q 228 -46.71 77.13 -16.98
C GLY Q 228 -45.74 78.24 -16.73
N LEU Q 229 -45.26 78.90 -17.77
CA LEU Q 229 -44.39 80.05 -17.56
C LEU Q 229 -45.14 81.18 -16.86
N VAL Q 230 -46.25 81.61 -17.43
CA VAL Q 230 -46.99 82.75 -16.86
C VAL Q 230 -47.56 82.54 -15.47
N THR Q 231 -48.18 81.39 -15.21
CA THR Q 231 -48.81 81.18 -13.91
C THR Q 231 -47.78 81.22 -12.82
N GLY Q 232 -46.62 80.62 -13.10
CA GLY Q 232 -45.59 80.49 -12.12
C GLY Q 232 -45.24 79.04 -11.95
N ALA Q 233 -45.97 78.13 -12.61
CA ALA Q 233 -45.62 76.71 -12.57
C ALA Q 233 -44.32 76.54 -13.36
N ILE Q 234 -43.77 75.33 -13.45
CA ILE Q 234 -42.47 75.18 -14.12
C ILE Q 234 -41.59 76.30 -13.61
N PRO Q 235 -41.30 76.32 -12.29
CA PRO Q 235 -40.64 77.50 -11.71
C PRO Q 235 -39.36 78.04 -12.34
N SER Q 236 -38.43 77.21 -12.76
CA SER Q 236 -37.19 77.75 -13.27
C SER Q 236 -37.20 77.69 -14.77
N ASP Q 237 -36.72 78.73 -15.43
CA ASP Q 237 -36.62 78.66 -16.88
C ASP Q 237 -35.72 77.47 -17.16
N ALA Q 238 -34.75 77.22 -16.28
CA ALA Q 238 -33.91 76.04 -16.42
C ALA Q 238 -34.73 74.77 -16.37
N GLN Q 239 -35.63 74.66 -15.40
CA GLN Q 239 -36.46 73.47 -15.31
C GLN Q 239 -37.46 73.41 -16.44
N ALA Q 240 -37.86 74.57 -16.96
CA ALA Q 240 -38.70 74.57 -18.16
C ALA Q 240 -37.96 74.00 -19.35
N THR Q 241 -36.68 74.37 -19.52
CA THR Q 241 -35.89 73.79 -20.61
C THR Q 241 -35.68 72.30 -20.41
N GLN Q 242 -35.47 71.87 -19.16
CA GLN Q 242 -35.38 70.44 -18.88
C GLN Q 242 -36.65 69.73 -19.30
N LEU Q 243 -37.81 70.29 -18.93
CA LEU Q 243 -39.09 69.68 -19.25
C LEU Q 243 -39.31 69.65 -20.75
N ILE Q 244 -38.94 70.73 -21.45
CA ILE Q 244 -39.12 70.79 -22.90
C ILE Q 244 -38.27 69.72 -23.57
N SER Q 245 -37.00 69.62 -23.17
CA SER Q 245 -36.11 68.65 -23.78
C SER Q 245 -36.58 67.24 -23.52
N GLN Q 246 -37.02 66.94 -22.30
CA GLN Q 246 -37.47 65.58 -22.00
C GLN Q 246 -38.77 65.25 -22.72
N ALA Q 247 -39.66 66.24 -22.86
CA ALA Q 247 -40.88 66.01 -23.61
C ALA Q 247 -40.58 65.73 -25.07
N PHE Q 248 -39.64 66.48 -25.66
CA PHE Q 248 -39.26 66.24 -27.04
C PHE Q 248 -38.61 64.87 -27.20
N SER Q 249 -37.80 64.47 -26.24
CA SER Q 249 -37.21 63.13 -26.28
C SER Q 249 -38.28 62.06 -26.19
N ASP Q 250 -39.27 62.25 -25.31
CA ASP Q 250 -40.33 61.26 -25.17
C ASP Q 250 -41.15 61.15 -26.44
N ALA Q 251 -41.49 62.29 -27.05
CA ALA Q 251 -42.26 62.26 -28.28
C ALA Q 251 -41.48 61.57 -29.40
N SER Q 252 -40.19 61.88 -29.52
CA SER Q 252 -39.38 61.29 -30.58
C SER Q 252 -39.10 59.81 -30.36
N SER Q 253 -39.70 59.20 -29.34
CA SER Q 253 -39.61 57.76 -29.12
C SER Q 253 -40.90 57.02 -29.39
N ARG Q 254 -42.01 57.75 -29.56
CA ARG Q 254 -43.30 57.13 -29.79
C ARG Q 254 -43.61 57.06 -31.28
N ALA Q 255 -44.74 56.42 -31.59
CA ALA Q 255 -45.13 56.25 -32.99
C ALA Q 255 -45.48 57.59 -33.63
N GLY Q 256 -46.33 58.38 -32.99
CA GLY Q 256 -46.78 59.62 -33.56
C GLY Q 256 -45.92 60.83 -33.27
N GLY Q 257 -44.70 60.62 -32.77
CA GLY Q 257 -43.90 61.74 -32.33
C GLY Q 257 -43.45 62.65 -33.46
N ALA Q 258 -43.16 62.07 -34.63
CA ALA Q 258 -42.61 62.87 -35.72
C ALA Q 258 -43.60 63.93 -36.19
N ASP Q 259 -44.87 63.56 -36.25
CA ASP Q 259 -45.91 64.50 -36.67
C ASP Q 259 -45.97 65.62 -35.67
N PHE Q 260 -46.00 65.27 -34.39
CA PHE Q 260 -46.04 66.25 -33.33
C PHE Q 260 -44.86 67.21 -33.44
N LEU Q 261 -43.67 66.69 -33.71
CA LEU Q 261 -42.50 67.55 -33.84
C LEU Q 261 -42.61 68.47 -35.03
N MET Q 262 -43.10 67.98 -36.17
CA MET Q 262 -43.32 68.88 -37.30
C MET Q 262 -44.25 70.01 -36.91
N ARG Q 263 -45.32 69.69 -36.19
CA ARG Q 263 -46.30 70.72 -35.85
C ARG Q 263 -45.74 71.72 -34.84
N VAL Q 264 -44.93 71.25 -33.88
CA VAL Q 264 -44.53 72.09 -32.76
C VAL Q 264 -43.23 72.82 -33.09
N GLY Q 265 -42.58 72.45 -34.19
CA GLY Q 265 -41.31 73.07 -34.52
C GLY Q 265 -41.41 74.58 -34.71
N ASP Q 266 -42.54 75.03 -35.27
CA ASP Q 266 -42.74 76.44 -35.58
C ASP Q 266 -43.64 77.13 -34.57
N LYS Q 267 -43.54 76.73 -33.30
CA LYS Q 267 -44.32 77.33 -32.23
C LYS Q 267 -43.43 78.25 -31.42
N LYS Q 268 -43.86 79.49 -31.25
CA LYS Q 268 -43.08 80.48 -30.51
C LYS Q 268 -43.08 80.15 -29.02
N VAL Q 269 -41.98 80.45 -28.36
CA VAL Q 269 -41.84 80.26 -26.92
C VAL Q 269 -40.87 81.32 -26.39
N THR Q 270 -41.00 81.63 -25.10
CA THR Q 270 -40.14 82.62 -24.46
C THR Q 270 -39.58 81.99 -23.19
N LEU Q 271 -38.40 81.37 -23.30
CA LEU Q 271 -37.70 80.92 -22.11
C LEU Q 271 -36.91 82.06 -21.49
N ASN Q 272 -35.89 82.53 -22.19
CA ASN Q 272 -35.05 83.61 -21.73
C ASN Q 272 -35.66 84.93 -22.18
N GLY Q 273 -34.88 86.01 -22.12
CA GLY Q 273 -35.38 87.30 -22.56
C GLY Q 273 -35.88 87.28 -23.99
N ALA Q 274 -35.13 86.61 -24.87
CA ALA Q 274 -35.52 86.54 -26.28
C ALA Q 274 -36.59 85.48 -26.48
N THR Q 275 -37.38 85.66 -27.54
CA THR Q 275 -38.42 84.71 -27.92
C THR Q 275 -38.02 84.02 -29.22
N THR Q 276 -38.13 82.70 -29.24
CA THR Q 276 -37.77 81.91 -30.41
C THR Q 276 -38.77 80.77 -30.58
N THR Q 277 -38.73 80.12 -31.73
CA THR Q 277 -39.49 78.90 -31.90
C THR Q 277 -38.75 77.73 -31.25
N TYR Q 278 -39.50 76.64 -31.03
CA TYR Q 278 -38.89 75.44 -30.46
C TYR Q 278 -37.80 74.90 -31.37
N ARG Q 279 -37.88 75.18 -32.67
CA ARG Q 279 -36.81 74.79 -33.57
C ARG Q 279 -35.54 75.56 -33.29
N GLU Q 280 -35.67 76.80 -32.83
CA GLU Q 280 -34.49 77.59 -32.52
C GLU Q 280 -34.00 77.33 -31.11
N LEU Q 281 -34.93 77.18 -30.16
CA LEU Q 281 -34.55 76.84 -28.79
C LEU Q 281 -33.75 75.55 -28.75
N ILE Q 282 -34.30 74.49 -29.34
CA ILE Q 282 -33.54 73.27 -29.57
C ILE Q 282 -32.51 73.54 -30.66
N GLY Q 283 -31.36 72.89 -30.55
CA GLY Q 283 -30.36 73.02 -31.60
C GLY Q 283 -30.88 72.56 -32.94
N GLU Q 284 -30.43 73.23 -34.00
CA GLU Q 284 -30.84 72.83 -35.34
C GLU Q 284 -30.36 71.43 -35.66
N GLU Q 285 -29.11 71.12 -35.33
CA GLU Q 285 -28.64 69.74 -35.39
C GLU Q 285 -29.40 68.86 -34.41
N GLN Q 286 -29.70 69.38 -33.22
CA GLN Q 286 -30.50 68.60 -32.28
C GLN Q 286 -31.91 68.41 -32.80
N TRP Q 287 -32.45 69.39 -33.52
CA TRP Q 287 -33.74 69.21 -34.15
C TRP Q 287 -33.70 68.12 -35.21
N ASN Q 288 -32.63 68.09 -36.02
CA ASN Q 288 -32.49 67.01 -37.00
C ASN Q 288 -32.38 65.66 -36.32
N ALA Q 289 -31.63 65.59 -35.22
CA ALA Q 289 -31.54 64.34 -34.47
C ALA Q 289 -32.89 63.90 -33.97
N LEU Q 290 -33.66 64.83 -33.40
CA LEU Q 290 -35.01 64.50 -32.93
C LEU Q 290 -35.88 64.01 -34.08
N MET Q 291 -35.78 64.66 -35.23
CA MET Q 291 -36.62 64.30 -36.36
C MET Q 291 -36.28 62.91 -36.86
N VAL Q 292 -34.99 62.61 -36.97
CA VAL Q 292 -34.58 61.31 -37.48
C VAL Q 292 -34.96 60.21 -36.49
N THR Q 293 -34.73 60.43 -35.19
CA THR Q 293 -35.09 59.39 -34.23
C THR Q 293 -36.59 59.21 -34.14
N ALA Q 294 -37.37 60.28 -34.34
CA ALA Q 294 -38.82 60.13 -34.36
C ALA Q 294 -39.28 59.34 -35.58
N GLN Q 295 -38.65 59.61 -36.73
CA GLN Q 295 -38.98 58.84 -37.94
C GLN Q 295 -38.66 57.37 -37.74
N ARG Q 296 -37.50 57.08 -37.16
CA ARG Q 296 -37.12 55.70 -36.91
C ARG Q 296 -38.07 55.03 -35.93
N SER Q 297 -38.50 55.77 -34.90
CA SER Q 297 -39.47 55.22 -33.96
C SER Q 297 -40.78 54.90 -34.66
N GLN Q 298 -41.24 55.79 -35.54
CA GLN Q 298 -42.47 55.53 -36.27
C GLN Q 298 -42.34 54.29 -37.14
N PHE Q 299 -41.23 54.18 -37.88
CA PHE Q 299 -41.04 53.01 -38.74
C PHE Q 299 -40.98 51.73 -37.91
N GLU Q 300 -40.28 51.77 -36.79
CA GLU Q 300 -40.14 50.59 -35.95
C GLU Q 300 -41.49 50.17 -35.38
N THR Q 301 -42.30 51.14 -34.95
CA THR Q 301 -43.62 50.81 -34.41
C THR Q 301 -44.51 50.20 -35.48
N ASP Q 302 -44.52 50.79 -36.68
CA ASP Q 302 -45.35 50.25 -37.74
C ASP Q 302 -44.89 48.85 -38.14
N ALA Q 303 -43.58 48.65 -38.22
CA ALA Q 303 -43.05 47.33 -38.55
C ALA Q 303 -43.43 46.31 -37.49
N LYS Q 304 -43.38 46.70 -36.21
CA LYS Q 304 -43.73 45.77 -35.14
C LYS Q 304 -45.20 45.43 -35.18
N LEU Q 305 -46.06 46.40 -35.48
CA LEU Q 305 -47.48 46.11 -35.59
C LEU Q 305 -47.76 45.16 -36.74
N ASN Q 306 -47.08 45.37 -37.88
CA ASN Q 306 -47.23 44.43 -38.99
C ASN Q 306 -46.72 43.05 -38.62
N GLU Q 307 -45.61 42.99 -37.88
CA GLU Q 307 -45.11 41.71 -37.40
C GLU Q 307 -46.15 41.00 -36.55
N GLN Q 308 -46.80 41.72 -35.65
CA GLN Q 308 -47.82 41.11 -34.81
C GLN Q 308 -48.99 40.60 -35.63
N TYR Q 309 -49.46 41.40 -36.58
CA TYR Q 309 -50.60 40.98 -37.39
C TYR Q 309 -50.26 39.74 -38.23
N ARG Q 310 -49.11 39.75 -38.90
CA ARG Q 310 -48.74 38.59 -39.70
C ARG Q 310 -48.40 37.40 -38.81
N LEU Q 311 -47.95 37.65 -37.59
CA LEU Q 311 -47.79 36.56 -36.63
C LEU Q 311 -49.12 35.89 -36.36
N LYS Q 312 -50.18 36.69 -36.16
CA LYS Q 312 -51.50 36.11 -35.97
C LYS Q 312 -51.93 35.31 -37.19
N ILE Q 313 -51.73 35.88 -38.38
CA ILE Q 313 -52.13 35.19 -39.61
C ILE Q 313 -51.41 33.86 -39.74
N ASN Q 314 -50.09 33.86 -39.55
CA ASN Q 314 -49.31 32.64 -39.73
C ASN Q 314 -49.59 31.64 -38.61
N SER Q 315 -49.87 32.13 -37.41
CA SER Q 315 -50.22 31.25 -36.32
C SER Q 315 -51.52 30.52 -36.63
N ALA Q 316 -52.48 31.21 -37.22
CA ALA Q 316 -53.67 30.52 -37.72
C ALA Q 316 -53.31 29.55 -38.84
N LEU Q 317 -52.43 29.95 -39.75
CA LEU Q 317 -52.09 29.11 -40.89
C LEU Q 317 -51.37 27.83 -40.50
N ASN Q 318 -50.68 27.80 -39.37
CA ASN Q 318 -49.92 26.62 -38.96
C ASN Q 318 -50.64 25.78 -37.92
N GLN Q 319 -51.96 25.74 -37.95
CA GLN Q 319 -52.69 24.94 -36.98
C GLN Q 319 -52.64 23.46 -37.34
N GLU Q 320 -52.69 22.62 -36.32
CA GLU Q 320 -52.70 21.18 -36.54
C GLU Q 320 -53.94 20.75 -37.33
N ASP Q 321 -55.11 21.28 -36.97
CA ASP Q 321 -56.35 21.03 -37.68
C ASP Q 321 -56.72 22.22 -38.53
N PRO Q 322 -56.76 22.08 -39.85
CA PRO Q 322 -57.06 23.22 -40.71
C PRO Q 322 -58.43 23.85 -40.46
N ARG Q 323 -59.39 23.09 -39.94
CA ARG Q 323 -60.69 23.69 -39.59
C ARG Q 323 -60.53 24.71 -38.48
N THR Q 324 -59.67 24.43 -37.50
CA THR Q 324 -59.34 25.43 -36.50
C THR Q 324 -58.68 26.64 -37.14
N ALA Q 325 -57.85 26.42 -38.15
CA ALA Q 325 -57.26 27.52 -38.89
C ALA Q 325 -58.35 28.39 -39.52
N TRP Q 326 -59.36 27.75 -40.10
CA TRP Q 326 -60.47 28.50 -40.68
C TRP Q 326 -61.20 29.31 -39.61
N GLU Q 327 -61.39 28.74 -38.43
CA GLU Q 327 -62.05 29.46 -37.35
C GLU Q 327 -61.25 30.69 -36.95
N MET Q 328 -59.94 30.55 -36.80
CA MET Q 328 -59.10 31.68 -36.44
C MET Q 328 -59.08 32.74 -37.53
N LEU Q 329 -59.06 32.31 -38.79
CA LEU Q 329 -59.07 33.27 -39.88
C LEU Q 329 -60.38 34.06 -39.91
N GLN Q 330 -61.50 33.38 -39.64
CA GLN Q 330 -62.76 34.11 -39.58
C GLN Q 330 -62.77 35.09 -38.42
N GLY Q 331 -62.15 34.74 -37.30
CA GLY Q 331 -62.02 35.70 -36.22
C GLY Q 331 -61.19 36.92 -36.60
N ILE Q 332 -60.07 36.70 -37.28
CA ILE Q 332 -59.25 37.82 -37.74
C ILE Q 332 -60.03 38.67 -38.74
N LYS Q 333 -60.83 38.02 -39.58
CA LYS Q 333 -61.70 38.76 -40.48
C LYS Q 333 -62.70 39.60 -39.72
N ALA Q 334 -63.23 39.07 -38.62
CA ALA Q 334 -64.14 39.86 -37.80
C ALA Q 334 -63.45 41.08 -37.22
N GLU Q 335 -62.22 40.92 -36.73
CA GLU Q 335 -61.50 42.08 -36.19
C GLU Q 335 -61.25 43.14 -37.27
N LEU Q 336 -60.80 42.72 -38.46
CA LEU Q 336 -60.63 43.70 -39.52
C LEU Q 336 -61.95 44.38 -39.86
N ASP Q 337 -63.02 43.59 -39.98
CA ASP Q 337 -64.32 44.17 -40.32
C ASP Q 337 -64.81 45.12 -39.24
N LYS Q 338 -64.22 45.06 -38.05
CA LYS Q 338 -64.59 46.03 -37.03
C LYS Q 338 -63.79 47.29 -37.28
N VAL Q 339 -62.46 47.18 -37.25
CA VAL Q 339 -61.61 48.34 -37.41
C VAL Q 339 -61.72 49.04 -38.77
N GLN Q 340 -61.72 48.26 -39.86
CA GLN Q 340 -61.73 48.88 -41.18
C GLN Q 340 -62.72 48.29 -42.18
N PRO Q 341 -64.02 48.47 -41.93
CA PRO Q 341 -65.02 47.86 -42.80
C PRO Q 341 -65.09 48.41 -44.22
N ASP Q 342 -65.03 49.73 -44.39
CA ASP Q 342 -65.20 50.33 -45.70
C ASP Q 342 -64.16 50.04 -46.77
N GLU Q 343 -62.88 50.06 -46.40
CA GLU Q 343 -61.84 49.90 -47.41
C GLU Q 343 -61.52 48.48 -47.81
N GLN Q 344 -60.80 48.33 -48.91
CA GLN Q 344 -60.38 47.00 -49.34
C GLN Q 344 -58.98 47.09 -49.94
N MET Q 345 -58.38 45.92 -50.15
CA MET Q 345 -57.03 45.79 -50.71
C MET Q 345 -55.99 46.50 -49.86
N THR Q 346 -56.27 46.68 -48.57
CA THR Q 346 -55.24 47.09 -47.64
C THR Q 346 -54.32 45.90 -47.37
N PRO Q 347 -53.06 46.15 -47.02
CA PRO Q 347 -52.12 45.03 -46.84
C PRO Q 347 -52.63 43.98 -45.87
N GLN Q 348 -53.30 44.41 -44.80
CA GLN Q 348 -53.92 43.46 -43.89
C GLN Q 348 -54.94 42.60 -44.64
N ARG Q 349 -55.76 43.22 -45.48
CA ARG Q 349 -56.77 42.47 -46.21
C ARG Q 349 -56.14 41.51 -47.21
N GLU Q 350 -55.06 41.94 -47.88
CA GLU Q 350 -54.40 41.05 -48.82
C GLU Q 350 -53.81 39.84 -48.11
N TRP Q 351 -53.17 40.06 -46.96
CA TRP Q 351 -52.66 38.94 -46.18
C TRP Q 351 -53.79 38.03 -45.73
N LEU Q 352 -54.91 38.60 -45.30
CA LEU Q 352 -56.03 37.77 -44.88
C LEU Q 352 -56.56 36.93 -46.03
N ILE Q 353 -56.69 37.50 -47.22
CA ILE Q 353 -57.20 36.76 -48.36
C ILE Q 353 -56.24 35.63 -48.74
N SER Q 354 -54.94 35.92 -48.74
CA SER Q 354 -53.97 34.88 -49.00
C SER Q 354 -54.06 33.76 -47.98
N ALA Q 355 -54.30 34.11 -46.71
CA ALA Q 355 -54.47 33.11 -45.68
C ALA Q 355 -55.72 32.26 -45.93
N GLN Q 356 -56.81 32.90 -46.36
CA GLN Q 356 -58.02 32.14 -46.69
C GLN Q 356 -57.73 31.11 -47.78
N GLU Q 357 -57.04 31.54 -48.84
CA GLU Q 357 -56.72 30.63 -49.94
C GLU Q 357 -55.82 29.50 -49.47
N GLN Q 358 -54.82 29.81 -48.64
CA GLN Q 358 -53.95 28.77 -48.11
C GLN Q 358 -54.72 27.78 -47.25
N VAL Q 359 -55.69 28.26 -46.47
CA VAL Q 359 -56.48 27.36 -45.65
C VAL Q 359 -57.38 26.48 -46.51
N GLN Q 360 -57.83 27.00 -47.66
CA GLN Q 360 -58.56 26.12 -48.59
C GLN Q 360 -57.65 25.00 -49.12
N ASN Q 361 -56.41 25.33 -49.45
CA ASN Q 361 -55.47 24.28 -49.85
C ASN Q 361 -55.28 23.27 -48.73
N GLN Q 362 -55.18 23.74 -47.49
CA GLN Q 362 -55.08 22.83 -46.35
C GLN Q 362 -56.33 21.97 -46.23
N MET Q 363 -57.51 22.55 -46.51
CA MET Q 363 -58.74 21.78 -46.52
C MET Q 363 -58.61 20.60 -47.46
N ASN Q 364 -58.16 20.86 -48.69
CA ASN Q 364 -58.04 19.79 -49.68
C ASN Q 364 -57.05 18.72 -49.21
N ALA Q 365 -55.89 19.14 -48.70
CA ALA Q 365 -54.90 18.17 -48.25
C ALA Q 365 -55.41 17.35 -47.06
N TRP Q 366 -56.12 18.01 -46.15
CA TRP Q 366 -56.71 17.32 -45.00
C TRP Q 366 -57.75 16.30 -45.45
N THR Q 367 -58.55 16.65 -46.45
CA THR Q 367 -59.50 15.70 -47.02
C THR Q 367 -58.78 14.48 -47.57
N LYS Q 368 -57.69 14.71 -48.31
CA LYS Q 368 -56.91 13.59 -48.84
C LYS Q 368 -56.38 12.71 -47.71
N ALA Q 369 -55.86 13.34 -46.66
CA ALA Q 369 -55.29 12.59 -45.55
C ALA Q 369 -56.35 11.75 -44.86
N GLN Q 370 -57.52 12.34 -44.58
CA GLN Q 370 -58.56 11.60 -43.88
C GLN Q 370 -59.08 10.44 -44.72
N ALA Q 371 -59.25 10.65 -46.03
CA ALA Q 371 -59.68 9.56 -46.88
C ALA Q 371 -58.63 8.45 -46.92
N LYS Q 372 -57.35 8.83 -46.95
CA LYS Q 372 -56.29 7.82 -46.91
C LYS Q 372 -56.31 7.05 -45.61
N ALA Q 373 -56.58 7.72 -44.50
CA ALA Q 373 -56.68 7.03 -43.22
C ALA Q 373 -57.85 6.04 -43.21
N LEU Q 374 -58.98 6.45 -43.77
CA LEU Q 374 -60.12 5.55 -43.88
C LEU Q 374 -59.77 4.31 -44.69
N ASP Q 375 -59.16 4.53 -45.85
CA ASP Q 375 -58.78 3.42 -46.72
C ASP Q 375 -57.76 2.51 -46.04
N ASP Q 376 -56.79 3.12 -45.37
CA ASP Q 376 -55.78 2.34 -44.65
C ASP Q 376 -56.40 1.53 -43.53
N SER Q 377 -57.38 2.10 -42.84
CA SER Q 377 -58.03 1.37 -41.74
C SER Q 377 -58.77 0.15 -42.26
N MET Q 378 -59.49 0.30 -43.37
CA MET Q 378 -60.18 -0.84 -43.96
C MET Q 378 -59.19 -1.92 -44.39
N LYS Q 379 -58.17 -1.51 -45.14
CA LYS Q 379 -57.17 -2.46 -45.60
C LYS Q 379 -56.46 -3.11 -44.43
N SER Q 380 -56.27 -2.35 -43.35
CA SER Q 380 -55.60 -2.88 -42.17
C SER Q 380 -56.43 -3.94 -41.48
N MET Q 381 -57.74 -3.73 -41.37
CA MET Q 381 -58.56 -4.78 -40.78
C MET Q 381 -58.48 -6.05 -41.63
N ASN Q 382 -58.59 -5.91 -42.95
CA ASN Q 382 -58.55 -7.09 -43.80
C ASN Q 382 -57.22 -7.82 -43.68
N LYS Q 383 -56.12 -7.08 -43.70
CA LYS Q 383 -54.82 -7.75 -43.68
C LYS Q 383 -54.49 -8.29 -42.31
N LEU Q 384 -54.98 -7.67 -41.24
CA LEU Q 384 -54.85 -8.28 -39.92
C LEU Q 384 -55.66 -9.55 -39.82
N ASP Q 385 -56.83 -9.59 -40.47
CA ASP Q 385 -57.58 -10.84 -40.49
C ASP Q 385 -56.80 -11.94 -41.21
N VAL Q 386 -56.17 -11.60 -42.33
CA VAL Q 386 -55.36 -12.60 -43.03
C VAL Q 386 -54.21 -13.08 -42.16
N ILE Q 387 -53.51 -12.14 -41.52
CA ILE Q 387 -52.38 -12.51 -40.68
C ILE Q 387 -52.85 -13.40 -39.54
N ASP Q 388 -54.00 -13.09 -38.97
CA ASP Q 388 -54.57 -13.90 -37.90
C ASP Q 388 -54.89 -15.31 -38.39
N LYS Q 389 -55.44 -15.43 -39.59
CA LYS Q 389 -55.73 -16.75 -40.12
C LYS Q 389 -54.45 -17.57 -40.28
N GLN Q 390 -53.40 -16.95 -40.80
CA GLN Q 390 -52.15 -17.68 -41.00
C GLN Q 390 -51.51 -18.08 -39.67
N PHE Q 391 -51.55 -17.19 -38.68
CA PHE Q 391 -51.05 -17.58 -37.36
C PHE Q 391 -51.88 -18.68 -36.74
N GLN Q 392 -53.20 -18.62 -36.91
CA GLN Q 392 -54.03 -19.71 -36.41
C GLN Q 392 -53.65 -21.02 -37.07
N LYS Q 393 -53.29 -20.97 -38.35
CA LYS Q 393 -52.82 -22.17 -39.02
C LYS Q 393 -51.51 -22.67 -38.43
N ARG Q 394 -50.58 -21.76 -38.09
CA ARG Q 394 -49.32 -22.24 -37.51
C ARG Q 394 -49.51 -22.78 -36.10
N ILE Q 395 -50.42 -22.19 -35.33
CA ILE Q 395 -50.63 -22.66 -33.96
C ILE Q 395 -51.20 -24.08 -33.97
N ASN Q 396 -52.05 -24.38 -34.95
CA ASN Q 396 -52.54 -25.75 -35.08
C ASN Q 396 -51.46 -26.72 -35.50
N GLY Q 397 -50.29 -26.22 -35.90
CA GLY Q 397 -49.17 -27.05 -36.25
C GLY Q 397 -48.78 -27.02 -37.71
N GLU Q 398 -49.69 -26.62 -38.61
CA GLU Q 398 -49.38 -26.58 -40.02
C GLU Q 398 -48.29 -25.55 -40.28
N TRP Q 399 -47.40 -25.86 -41.22
CA TRP Q 399 -46.37 -24.90 -41.57
C TRP Q 399 -46.96 -23.80 -42.44
N VAL Q 400 -46.80 -22.56 -41.99
CA VAL Q 400 -47.08 -21.38 -42.78
C VAL Q 400 -45.88 -20.47 -42.63
N SER Q 401 -45.47 -19.88 -43.76
CA SER Q 401 -44.25 -19.06 -43.76
C SER Q 401 -44.40 -17.83 -42.88
N THR Q 402 -45.54 -17.15 -42.96
CA THR Q 402 -45.77 -15.87 -42.27
C THR Q 402 -44.67 -14.86 -42.56
N ASP Q 403 -44.28 -14.79 -43.83
CA ASP Q 403 -43.56 -13.63 -44.36
C ASP Q 403 -44.55 -12.80 -45.16
N PHE Q 404 -44.46 -11.48 -45.03
CA PHE Q 404 -45.52 -10.61 -45.54
C PHE Q 404 -45.65 -10.70 -47.06
N LYS Q 405 -44.59 -11.13 -47.75
CA LYS Q 405 -44.66 -11.25 -49.20
C LYS Q 405 -45.59 -12.38 -49.62
N ASP Q 406 -45.45 -13.54 -48.98
CA ASP Q 406 -46.19 -14.72 -49.44
C ASP Q 406 -47.61 -14.76 -48.88
N MET Q 407 -47.95 -13.83 -47.99
CA MET Q 407 -49.27 -13.85 -47.39
C MET Q 407 -50.32 -13.41 -48.41
N PRO Q 408 -51.44 -14.12 -48.51
CA PRO Q 408 -52.33 -13.95 -49.68
C PRO Q 408 -52.99 -12.58 -49.70
N VAL Q 409 -53.02 -11.99 -50.90
CA VAL Q 409 -53.69 -10.71 -51.09
C VAL Q 409 -55.14 -10.95 -51.51
N ASN Q 410 -56.05 -10.20 -50.92
CA ASN Q 410 -57.49 -10.50 -50.98
C ASN Q 410 -58.25 -9.49 -51.84
N GLU Q 411 -57.58 -8.45 -52.32
CA GLU Q 411 -58.16 -7.37 -53.12
C GLU Q 411 -59.02 -6.47 -52.24
N ASN Q 412 -59.29 -6.92 -51.02
CA ASN Q 412 -59.73 -6.01 -49.97
C ASN Q 412 -58.57 -5.70 -49.05
N THR Q 413 -57.56 -6.57 -49.04
CA THR Q 413 -56.35 -6.34 -48.27
C THR Q 413 -55.46 -5.27 -48.90
N GLY Q 414 -55.20 -5.38 -50.19
CA GLY Q 414 -54.13 -4.62 -50.78
C GLY Q 414 -52.80 -5.29 -50.56
N GLU Q 415 -51.73 -4.55 -50.82
CA GLU Q 415 -50.39 -5.12 -50.68
C GLU Q 415 -49.97 -5.18 -49.22
N PHE Q 416 -49.16 -6.17 -48.90
CA PHE Q 416 -48.67 -6.38 -47.54
C PHE Q 416 -47.33 -5.68 -47.37
N LYS Q 417 -47.26 -4.77 -46.42
CA LYS Q 417 -45.99 -4.19 -46.03
C LYS Q 417 -45.38 -5.05 -44.92
N HIS Q 418 -44.28 -4.56 -44.34
CA HIS Q 418 -43.73 -5.24 -43.18
C HIS Q 418 -44.33 -4.73 -41.88
N SER Q 419 -45.02 -3.60 -41.91
CA SER Q 419 -45.48 -2.97 -40.67
C SER Q 419 -46.71 -3.67 -40.12
N ASP Q 420 -47.46 -4.37 -40.97
CA ASP Q 420 -48.71 -4.96 -40.51
C ASP Q 420 -48.47 -6.24 -39.72
N MET Q 421 -47.33 -6.90 -39.94
CA MET Q 421 -46.95 -7.99 -39.05
C MET Q 421 -46.69 -7.48 -37.64
N VAL Q 422 -45.98 -6.35 -37.53
CA VAL Q 422 -45.76 -5.70 -36.25
C VAL Q 422 -47.09 -5.27 -35.65
N ASN Q 423 -47.96 -4.70 -36.48
CA ASN Q 423 -49.27 -4.27 -36.03
C ASN Q 423 -50.07 -5.44 -35.48
N TYR Q 424 -50.05 -6.56 -36.20
CA TYR Q 424 -50.78 -7.73 -35.76
C TYR Q 424 -50.26 -8.22 -34.42
N ALA Q 425 -48.94 -8.29 -34.28
CA ALA Q 425 -48.38 -8.77 -33.03
C ALA Q 425 -48.78 -7.85 -31.88
N ASN Q 426 -48.63 -6.54 -32.06
CA ASN Q 426 -48.94 -5.61 -30.98
C ASN Q 426 -50.40 -5.66 -30.60
N LYS Q 427 -51.30 -5.58 -31.59
CA LYS Q 427 -52.72 -5.54 -31.25
C LYS Q 427 -53.23 -6.89 -30.80
N LYS Q 428 -52.59 -7.98 -31.21
CA LYS Q 428 -52.93 -9.28 -30.67
C LYS Q 428 -52.54 -9.38 -29.21
N LEU Q 429 -51.37 -8.87 -28.85
CA LEU Q 429 -50.97 -8.88 -27.44
C LEU Q 429 -51.93 -8.02 -26.62
N ALA Q 430 -52.29 -6.85 -27.14
CA ALA Q 430 -53.25 -5.99 -26.45
C ALA Q 430 -54.59 -6.68 -26.30
N GLU Q 431 -55.06 -7.36 -27.34
CA GLU Q 431 -56.31 -8.10 -27.28
C GLU Q 431 -56.24 -9.21 -26.24
N ILE Q 432 -55.14 -9.95 -26.20
CA ILE Q 432 -55.00 -11.00 -25.20
C ILE Q 432 -55.08 -10.42 -23.80
N ASP Q 433 -54.46 -9.26 -23.59
CA ASP Q 433 -54.56 -8.62 -22.29
C ASP Q 433 -55.97 -8.11 -22.03
N SER Q 434 -56.73 -7.84 -23.09
CA SER Q 434 -58.05 -7.25 -22.90
C SER Q 434 -59.10 -8.27 -22.48
N MET Q 435 -58.94 -9.52 -22.88
CA MET Q 435 -59.96 -10.53 -22.61
C MET Q 435 -60.14 -10.72 -21.11
N ASP Q 436 -61.37 -11.05 -20.71
CA ASP Q 436 -61.66 -11.35 -19.31
C ASP Q 436 -61.41 -12.81 -18.97
N ILE Q 437 -60.54 -13.48 -19.72
CA ILE Q 437 -60.16 -14.86 -19.45
C ILE Q 437 -59.30 -14.87 -18.19
N PRO Q 438 -59.13 -16.02 -17.52
CA PRO Q 438 -58.24 -16.07 -16.36
C PRO Q 438 -56.82 -15.69 -16.74
N ASP Q 439 -56.08 -15.17 -15.76
CA ASP Q 439 -54.79 -14.57 -16.02
C ASP Q 439 -53.78 -15.59 -16.56
N GLY Q 440 -53.73 -16.77 -15.95
CA GLY Q 440 -52.84 -17.80 -16.46
C GLY Q 440 -53.14 -18.13 -17.91
N ALA Q 441 -54.42 -18.04 -18.29
CA ALA Q 441 -54.80 -18.24 -19.68
C ALA Q 441 -54.23 -17.15 -20.58
N LYS Q 442 -54.23 -15.90 -20.11
CA LYS Q 442 -53.61 -14.83 -20.89
C LYS Q 442 -52.13 -15.11 -21.11
N ASP Q 443 -51.43 -15.50 -20.04
CA ASP Q 443 -50.01 -15.79 -20.16
C ASP Q 443 -49.75 -16.95 -21.11
N ALA Q 444 -50.55 -18.01 -21.01
CA ALA Q 444 -50.38 -19.16 -21.89
C ALA Q 444 -50.66 -18.79 -23.33
N MET Q 445 -51.66 -17.94 -23.57
CA MET Q 445 -51.96 -17.51 -24.94
C MET Q 445 -50.80 -16.71 -25.52
N LYS Q 446 -50.23 -15.80 -24.73
CA LYS Q 446 -49.07 -15.06 -25.21
C LYS Q 446 -47.92 -16.00 -25.52
N LEU Q 447 -47.68 -16.99 -24.65
CA LEU Q 447 -46.60 -17.93 -24.88
C LEU Q 447 -46.83 -18.75 -26.15
N LYS Q 448 -48.06 -19.18 -26.38
CA LYS Q 448 -48.34 -19.95 -27.58
C LYS Q 448 -48.19 -19.13 -28.84
N TYR Q 449 -48.59 -17.86 -28.82
CA TYR Q 449 -48.34 -17.01 -29.98
C TYR Q 449 -46.85 -16.76 -30.17
N LEU Q 450 -46.11 -16.65 -29.07
CA LEU Q 450 -44.67 -16.42 -29.15
C LEU Q 450 -43.95 -17.63 -29.74
N GLN Q 451 -44.38 -18.84 -29.36
CA GLN Q 451 -43.75 -20.05 -29.88
C GLN Q 451 -44.04 -20.21 -31.37
N ALA Q 452 -45.17 -19.67 -31.83
CA ALA Q 452 -45.58 -19.89 -33.21
C ALA Q 452 -44.64 -19.23 -34.20
N ASP Q 453 -44.30 -17.97 -34.00
CA ASP Q 453 -43.68 -17.21 -35.07
C ASP Q 453 -42.22 -17.60 -35.28
N SER Q 454 -41.60 -16.95 -36.26
CA SER Q 454 -40.38 -17.42 -36.90
C SER Q 454 -39.10 -16.76 -36.36
N LYS Q 455 -39.03 -16.46 -35.07
CA LYS Q 455 -37.83 -15.98 -34.37
C LYS Q 455 -37.36 -14.64 -34.91
N ASP Q 456 -37.99 -14.17 -35.97
CA ASP Q 456 -37.86 -12.79 -36.42
C ASP Q 456 -39.22 -12.13 -36.50
N GLY Q 457 -40.28 -12.90 -36.24
CA GLY Q 457 -41.61 -12.35 -36.24
C GLY Q 457 -41.80 -11.34 -35.13
N ALA Q 458 -42.86 -10.55 -35.27
CA ALA Q 458 -42.99 -9.40 -34.40
C ALA Q 458 -43.44 -9.80 -33.00
N PHE Q 459 -43.89 -11.04 -32.80
CA PHE Q 459 -44.17 -11.48 -31.44
C PHE Q 459 -42.88 -11.65 -30.66
N ARG Q 460 -41.86 -12.24 -31.28
CA ARG Q 460 -40.56 -12.34 -30.65
C ARG Q 460 -40.02 -10.95 -30.32
N THR Q 461 -40.11 -10.04 -31.29
CA THR Q 461 -39.62 -8.70 -31.08
C THR Q 461 -40.38 -7.97 -29.99
N ALA Q 462 -41.70 -8.15 -29.94
CA ALA Q 462 -42.51 -7.44 -28.94
C ALA Q 462 -42.22 -7.95 -27.54
N ILE Q 463 -42.18 -9.27 -27.37
CA ILE Q 463 -41.87 -9.81 -26.05
C ILE Q 463 -40.44 -9.47 -25.67
N GLY Q 464 -39.52 -9.44 -26.63
CA GLY Q 464 -38.17 -9.00 -26.32
C GLY Q 464 -38.09 -7.55 -25.92
N THR Q 465 -38.92 -6.71 -26.55
CA THR Q 465 -39.01 -5.32 -26.13
C THR Q 465 -39.52 -5.22 -24.70
N MET Q 466 -40.50 -6.05 -24.35
CA MET Q 466 -40.94 -6.12 -22.96
C MET Q 466 -39.81 -6.56 -22.03
N VAL Q 467 -39.03 -7.54 -22.45
CA VAL Q 467 -37.91 -8.02 -21.64
C VAL Q 467 -36.89 -6.92 -21.43
N THR Q 468 -36.56 -6.20 -22.50
CA THR Q 468 -35.57 -5.14 -22.41
C THR Q 468 -36.11 -3.97 -21.60
N ASP Q 469 -37.43 -3.74 -21.64
CA ASP Q 469 -38.03 -2.73 -20.78
C ASP Q 469 -37.88 -3.10 -19.32
N ALA Q 470 -38.11 -4.36 -18.99
CA ALA Q 470 -37.90 -4.80 -17.61
C ALA Q 470 -36.44 -4.66 -17.21
N GLY Q 471 -35.53 -5.00 -18.11
CA GLY Q 471 -34.10 -4.83 -17.81
C GLY Q 471 -33.73 -3.38 -17.59
N GLN Q 472 -34.23 -2.50 -18.46
CA GLN Q 472 -34.03 -1.06 -18.28
C GLN Q 472 -34.53 -0.60 -16.93
N GLU Q 473 -35.73 -1.02 -16.58
CA GLU Q 473 -36.33 -0.57 -15.34
C GLU Q 473 -35.54 -1.05 -14.14
N TRP Q 474 -35.04 -2.29 -14.19
CA TRP Q 474 -34.29 -2.78 -13.05
C TRP Q 474 -32.92 -2.10 -12.98
N SER Q 475 -32.34 -1.75 -14.12
CA SER Q 475 -31.12 -0.96 -14.11
C SER Q 475 -31.37 0.43 -13.54
N ALA Q 476 -32.51 1.02 -13.86
CA ALA Q 476 -32.89 2.29 -13.26
C ALA Q 476 -33.00 2.17 -11.75
N ALA Q 477 -33.55 1.05 -11.29
CA ALA Q 477 -33.60 0.79 -9.85
C ALA Q 477 -32.21 0.70 -9.27
N VAL Q 478 -31.29 0.04 -9.98
CA VAL Q 478 -29.91 -0.06 -9.49
C VAL Q 478 -29.29 1.31 -9.35
N ILE Q 479 -29.46 2.15 -10.37
CA ILE Q 479 -28.88 3.49 -10.32
C ILE Q 479 -29.49 4.31 -9.21
N ASN Q 480 -30.83 4.30 -9.10
CA ASN Q 480 -31.48 4.98 -7.99
C ASN Q 480 -31.06 4.39 -6.65
N GLY Q 481 -30.93 3.07 -6.59
CA GLY Q 481 -30.68 2.39 -5.35
C GLY Q 481 -31.91 1.86 -4.67
N LYS Q 482 -33.10 2.19 -5.17
CA LYS Q 482 -34.33 1.66 -4.62
C LYS Q 482 -35.25 1.26 -5.76
N LEU Q 483 -35.98 0.18 -5.54
CA LEU Q 483 -36.92 -0.31 -6.54
C LEU Q 483 -38.10 0.65 -6.63
N PRO Q 484 -38.54 1.03 -7.83
CA PRO Q 484 -39.66 1.96 -7.93
C PRO Q 484 -40.96 1.30 -7.45
N GLU Q 485 -41.92 2.15 -7.07
CA GLU Q 485 -43.18 1.63 -6.55
C GLU Q 485 -44.02 0.98 -7.65
N ARG Q 486 -44.05 1.59 -8.85
CA ARG Q 486 -44.99 1.16 -9.87
C ARG Q 486 -44.60 -0.19 -10.47
N THR Q 487 -43.47 -0.23 -11.17
CA THR Q 487 -42.95 -1.45 -11.78
C THR Q 487 -43.94 -2.13 -12.74
N PRO Q 488 -44.21 -1.53 -13.90
CA PRO Q 488 -45.02 -2.24 -14.91
C PRO Q 488 -44.29 -3.37 -15.63
N ALA Q 489 -43.11 -3.07 -16.18
CA ALA Q 489 -42.48 -3.97 -17.14
C ALA Q 489 -41.94 -5.23 -16.48
N MET Q 490 -41.36 -5.09 -15.29
CA MET Q 490 -40.94 -6.28 -14.57
C MET Q 490 -42.13 -7.15 -14.21
N ASP Q 491 -43.29 -6.54 -13.94
CA ASP Q 491 -44.46 -7.35 -13.63
C ASP Q 491 -44.95 -8.11 -14.87
N ALA Q 492 -44.99 -7.46 -16.02
CA ALA Q 492 -45.38 -8.17 -17.24
C ALA Q 492 -44.42 -9.32 -17.55
N LEU Q 493 -43.11 -9.04 -17.45
CA LEU Q 493 -42.13 -10.08 -17.69
C LEU Q 493 -42.25 -11.20 -16.66
N ARG Q 494 -42.55 -10.84 -15.41
CA ARG Q 494 -42.69 -11.83 -14.35
C ARG Q 494 -43.86 -12.76 -14.64
N ARG Q 495 -44.97 -12.20 -15.08
CA ARG Q 495 -46.11 -13.04 -15.46
C ARG Q 495 -45.75 -13.99 -16.59
N ILE Q 496 -45.20 -13.46 -17.68
CA ILE Q 496 -44.97 -14.33 -18.84
C ILE Q 496 -43.86 -15.33 -18.55
N ARG Q 497 -42.98 -15.01 -17.61
CA ARG Q 497 -41.89 -15.91 -17.28
C ARG Q 497 -42.33 -16.98 -16.29
N ASN Q 498 -43.08 -16.59 -15.26
CA ASN Q 498 -43.62 -17.57 -14.33
C ASN Q 498 -44.53 -18.54 -15.03
N ALA Q 499 -45.15 -18.10 -16.14
CA ALA Q 499 -45.90 -19.05 -16.96
C ALA Q 499 -44.98 -20.10 -17.56
N ASP Q 500 -43.80 -19.68 -18.04
CA ASP Q 500 -42.84 -20.61 -18.64
C ASP Q 500 -41.44 -20.03 -18.60
N PRO Q 501 -40.61 -20.48 -17.66
CA PRO Q 501 -39.26 -19.90 -17.54
C PRO Q 501 -38.31 -20.33 -18.66
N GLN Q 502 -38.32 -21.60 -19.05
CA GLN Q 502 -37.27 -22.10 -19.94
C GLN Q 502 -37.34 -21.49 -21.33
N LEU Q 503 -38.52 -21.39 -21.92
CA LEU Q 503 -38.62 -20.80 -23.26
C LEU Q 503 -38.21 -19.34 -23.25
N ILE Q 504 -38.66 -18.59 -22.26
CA ILE Q 504 -38.29 -17.18 -22.19
C ILE Q 504 -36.78 -17.03 -22.02
N ALA Q 505 -36.19 -17.92 -21.22
CA ALA Q 505 -34.74 -17.89 -21.05
C ALA Q 505 -34.03 -18.21 -22.37
N ALA Q 506 -34.54 -19.18 -23.12
CA ALA Q 506 -33.89 -19.58 -24.36
C ALA Q 506 -34.00 -18.50 -25.42
N LEU Q 507 -35.15 -17.83 -25.50
CA LEU Q 507 -35.39 -16.90 -26.59
C LEU Q 507 -34.58 -15.62 -26.44
N TYR Q 508 -34.25 -15.25 -25.19
CA TYR Q 508 -33.56 -14.01 -24.89
C TYR Q 508 -32.36 -14.32 -24.03
N PRO Q 509 -31.32 -14.94 -24.59
CA PRO Q 509 -30.16 -15.32 -23.79
C PRO Q 509 -29.42 -14.14 -23.19
N ASP Q 510 -29.44 -13.00 -23.86
CA ASP Q 510 -28.68 -11.85 -23.37
C ASP Q 510 -29.16 -11.39 -22.00
N GLN Q 511 -30.44 -11.60 -21.71
CA GLN Q 511 -31.04 -11.20 -20.44
C GLN Q 511 -31.00 -12.31 -19.39
N ALA Q 512 -30.00 -13.18 -19.47
CA ALA Q 512 -29.90 -14.25 -18.49
C ALA Q 512 -29.68 -13.69 -17.09
N GLU Q 513 -28.88 -12.63 -16.98
CA GLU Q 513 -28.67 -12.00 -15.68
C GLU Q 513 -29.96 -11.42 -15.13
N LEU Q 514 -30.76 -10.78 -15.97
CA LEU Q 514 -32.04 -10.24 -15.52
C LEU Q 514 -32.98 -11.35 -15.08
N PHE Q 515 -33.03 -12.44 -15.83
CA PHE Q 515 -33.88 -13.56 -15.43
C PHE Q 515 -33.41 -14.16 -14.12
N LEU Q 516 -32.10 -14.28 -13.94
CA LEU Q 516 -31.56 -14.78 -12.69
C LEU Q 516 -31.93 -13.87 -11.53
N THR Q 517 -31.82 -12.57 -11.72
CA THR Q 517 -32.18 -11.63 -10.67
C THR Q 517 -33.65 -11.73 -10.30
N MET Q 518 -34.52 -11.79 -11.31
CA MET Q 518 -35.94 -11.89 -11.04
C MET Q 518 -36.27 -13.20 -10.33
N ASP Q 519 -35.66 -14.30 -10.76
CA ASP Q 519 -35.87 -15.59 -10.12
C ASP Q 519 -35.41 -15.56 -8.68
N MET Q 520 -34.29 -14.90 -8.41
CA MET Q 520 -33.80 -14.78 -7.05
C MET Q 520 -34.77 -13.96 -6.20
N MET Q 521 -35.30 -12.88 -6.76
CA MET Q 521 -36.10 -11.99 -5.94
C MET Q 521 -37.54 -12.47 -5.78
N ASP Q 522 -38.02 -13.41 -6.59
CA ASP Q 522 -39.38 -13.90 -6.39
C ASP Q 522 -39.41 -15.35 -5.91
N LYS Q 523 -38.80 -16.28 -6.65
CA LYS Q 523 -38.85 -17.68 -6.23
C LYS Q 523 -37.97 -17.93 -5.02
N GLN Q 524 -36.74 -17.45 -5.04
CA GLN Q 524 -35.93 -17.45 -3.84
C GLN Q 524 -36.34 -16.25 -2.97
N GLY Q 525 -35.86 -16.26 -1.74
CA GLY Q 525 -36.37 -15.25 -0.83
C GLY Q 525 -35.53 -14.02 -0.65
N ILE Q 526 -34.68 -13.65 -1.61
CA ILE Q 526 -33.75 -12.57 -1.33
C ILE Q 526 -34.36 -11.23 -1.69
N ASP Q 527 -34.12 -10.25 -0.83
CA ASP Q 527 -34.75 -8.94 -0.94
C ASP Q 527 -34.23 -8.23 -2.18
N PRO Q 528 -35.10 -7.52 -2.90
CA PRO Q 528 -34.61 -6.74 -4.04
C PRO Q 528 -33.56 -5.72 -3.67
N GLN Q 529 -33.64 -5.15 -2.47
CA GLN Q 529 -32.71 -4.09 -2.08
C GLN Q 529 -31.27 -4.60 -2.01
N VAL Q 530 -31.07 -5.80 -1.48
CA VAL Q 530 -29.71 -6.32 -1.35
C VAL Q 530 -29.14 -6.63 -2.74
N ILE Q 531 -29.98 -7.10 -3.66
CA ILE Q 531 -29.51 -7.29 -5.02
C ILE Q 531 -29.15 -5.94 -5.65
N LEU Q 532 -29.97 -4.93 -5.41
CA LEU Q 532 -29.73 -3.61 -6.00
C LEU Q 532 -28.40 -3.05 -5.54
N ASP Q 533 -28.16 -3.05 -4.23
CA ASP Q 533 -26.94 -2.41 -3.75
C ASP Q 533 -25.72 -3.30 -3.96
N ALA Q 534 -25.93 -4.61 -4.10
CA ALA Q 534 -24.84 -5.48 -4.53
C ALA Q 534 -24.42 -5.14 -5.96
N ASP Q 535 -25.38 -4.86 -6.83
CA ASP Q 535 -25.05 -4.47 -8.20
C ASP Q 535 -24.42 -3.09 -8.24
N ARG Q 536 -24.92 -2.15 -7.46
CA ARG Q 536 -24.26 -0.84 -7.42
C ARG Q 536 -22.77 -0.97 -7.14
N LEU Q 537 -22.43 -1.43 -5.94
CA LEU Q 537 -21.03 -1.46 -5.51
C LEU Q 537 -20.07 -2.47 -6.06
N THR Q 538 -20.45 -3.73 -6.08
CA THR Q 538 -19.48 -4.78 -6.45
C THR Q 538 -18.82 -4.87 -7.81
N VAL Q 539 -19.50 -4.56 -8.90
CA VAL Q 539 -18.87 -4.79 -10.20
C VAL Q 539 -17.90 -3.69 -10.64
N LYS Q 540 -16.75 -3.63 -9.96
CA LYS Q 540 -15.74 -2.64 -10.32
C LYS Q 540 -14.58 -3.20 -11.14
N ARG Q 541 -14.05 -4.37 -10.77
CA ARG Q 541 -12.89 -4.94 -11.47
C ARG Q 541 -13.24 -5.30 -12.91
N SER Q 542 -12.34 -5.05 -13.87
CA SER Q 542 -12.72 -5.28 -15.27
C SER Q 542 -11.72 -5.70 -16.34
N LYS Q 543 -12.11 -6.63 -17.20
CA LYS Q 543 -11.34 -7.07 -18.35
C LYS Q 543 -10.03 -7.78 -17.99
N GLU Q 544 -9.08 -7.06 -17.40
CA GLU Q 544 -7.79 -7.68 -17.10
C GLU Q 544 -7.98 -8.92 -16.24
N GLN Q 545 -8.88 -8.86 -15.27
CA GLN Q 545 -9.26 -10.07 -14.56
C GLN Q 545 -10.44 -10.77 -15.19
N ARG Q 546 -10.98 -10.27 -16.31
CA ARG Q 546 -11.98 -11.07 -17.02
C ARG Q 546 -11.35 -12.29 -17.68
N PHE Q 547 -10.08 -12.19 -18.10
CA PHE Q 547 -9.37 -13.39 -18.53
C PHE Q 547 -9.27 -14.40 -17.39
N GLU Q 548 -8.90 -13.92 -16.20
CA GLU Q 548 -8.82 -14.79 -15.04
C GLU Q 548 -10.19 -15.37 -14.70
N ASP Q 549 -11.25 -14.58 -14.84
CA ASP Q 549 -12.60 -15.08 -14.61
C ASP Q 549 -12.97 -16.15 -15.62
N ASP Q 550 -12.60 -15.95 -16.89
CA ASP Q 550 -12.87 -16.95 -17.90
C ASP Q 550 -12.19 -18.26 -17.57
N LYS Q 551 -10.92 -18.18 -17.20
CA LYS Q 551 -10.18 -19.38 -16.83
C LYS Q 551 -10.77 -20.00 -15.58
N ALA Q 552 -11.25 -19.19 -14.64
CA ALA Q 552 -11.87 -19.73 -13.43
C ALA Q 552 -13.15 -20.47 -13.76
N PHE Q 553 -13.96 -19.92 -14.67
CA PHE Q 553 -15.18 -20.61 -15.07
C PHE Q 553 -14.87 -21.96 -15.70
N GLU Q 554 -13.93 -21.98 -16.64
CA GLU Q 554 -13.61 -23.27 -17.26
C GLU Q 554 -12.95 -24.23 -16.28
N SER Q 555 -12.19 -23.70 -15.33
CA SER Q 555 -11.61 -24.55 -14.31
C SER Q 555 -12.68 -25.15 -13.41
N ALA Q 556 -13.68 -24.35 -13.05
CA ALA Q 556 -14.76 -24.84 -12.20
C ALA Q 556 -15.59 -25.87 -12.94
N LEU Q 557 -15.72 -25.72 -14.26
CA LEU Q 557 -16.33 -26.79 -15.04
C LEU Q 557 -15.47 -28.05 -15.05
N ASN Q 558 -14.16 -27.88 -15.16
CA ASN Q 558 -13.26 -29.03 -15.24
C ASN Q 558 -13.19 -29.78 -13.92
N ALA Q 559 -13.31 -29.06 -12.81
CA ALA Q 559 -13.18 -29.66 -11.48
C ALA Q 559 -14.52 -30.02 -10.87
N SER Q 560 -15.60 -29.95 -11.65
CA SER Q 560 -16.94 -29.98 -11.08
C SER Q 560 -17.26 -31.35 -10.49
N LYS Q 561 -17.03 -32.41 -11.25
CA LYS Q 561 -17.48 -33.75 -10.87
C LYS Q 561 -18.99 -33.75 -10.60
N ALA Q 562 -19.74 -33.12 -11.50
CA ALA Q 562 -21.19 -33.10 -11.45
C ALA Q 562 -21.73 -33.38 -12.84
N PRO Q 563 -22.68 -34.30 -12.96
CA PRO Q 563 -23.16 -34.68 -14.32
C PRO Q 563 -23.77 -33.51 -15.08
N GLU Q 564 -24.44 -32.59 -14.41
CA GLU Q 564 -25.03 -31.46 -15.11
C GLU Q 564 -23.95 -30.51 -15.61
N ILE Q 565 -22.85 -30.40 -14.87
CA ILE Q 565 -21.81 -29.44 -15.23
C ILE Q 565 -20.76 -30.11 -16.09
N ALA Q 566 -20.44 -31.38 -15.81
CA ALA Q 566 -19.48 -32.10 -16.65
C ALA Q 566 -20.01 -32.28 -18.06
N ARG Q 567 -21.28 -32.63 -18.19
CA ARG Q 567 -21.91 -32.89 -19.49
C ARG Q 567 -22.92 -31.81 -19.83
N MET Q 568 -22.58 -30.56 -19.56
CA MET Q 568 -23.47 -29.44 -19.80
C MET Q 568 -23.84 -29.36 -21.28
N PRO Q 569 -25.13 -29.29 -21.61
CA PRO Q 569 -25.53 -29.09 -23.01
C PRO Q 569 -25.10 -27.73 -23.52
N ALA Q 570 -25.16 -27.56 -24.84
CA ALA Q 570 -24.50 -26.44 -25.50
C ALA Q 570 -25.13 -25.08 -25.17
N SER Q 571 -26.45 -24.93 -25.32
CA SER Q 571 -27.08 -23.64 -25.09
C SER Q 571 -27.00 -23.24 -23.62
N LEU Q 572 -27.23 -24.20 -22.75
CA LEU Q 572 -27.10 -23.95 -21.34
C LEU Q 572 -25.66 -23.60 -20.97
N ARG Q 573 -24.69 -23.87 -21.84
CA ARG Q 573 -23.32 -23.43 -21.54
C ARG Q 573 -23.25 -21.91 -21.45
N GLU Q 574 -23.81 -21.22 -22.45
CA GLU Q 574 -23.78 -19.76 -22.42
C GLU Q 574 -24.69 -19.22 -21.32
N SER Q 575 -25.87 -19.81 -21.17
CA SER Q 575 -26.75 -19.33 -20.10
C SER Q 575 -26.09 -19.50 -18.74
N ALA Q 576 -25.43 -20.63 -18.50
CA ALA Q 576 -24.81 -20.90 -17.22
C ALA Q 576 -23.56 -20.07 -17.00
N ARG Q 577 -22.82 -19.78 -18.07
CA ARG Q 577 -21.69 -18.87 -17.92
C ARG Q 577 -22.16 -17.49 -17.51
N LYS Q 578 -23.25 -17.01 -18.11
CA LYS Q 578 -23.79 -15.73 -17.69
C LYS Q 578 -24.21 -15.76 -16.23
N ILE Q 579 -24.89 -16.82 -15.81
CA ILE Q 579 -25.32 -16.89 -14.41
C ILE Q 579 -24.13 -16.94 -13.47
N TYR Q 580 -23.13 -17.77 -13.79
CA TYR Q 580 -21.96 -17.90 -12.94
C TYR Q 580 -21.23 -16.58 -12.82
N ASP Q 581 -21.01 -15.91 -13.95
CA ASP Q 581 -20.33 -14.62 -13.94
C ASP Q 581 -21.11 -13.59 -13.13
N SER Q 582 -22.42 -13.55 -13.32
CA SER Q 582 -23.22 -12.55 -12.62
C SER Q 582 -23.17 -12.75 -11.12
N VAL Q 583 -23.34 -14.00 -10.67
CA VAL Q 583 -23.33 -14.24 -9.23
C VAL Q 583 -21.94 -14.01 -8.66
N LYS Q 584 -20.90 -14.36 -9.41
CA LYS Q 584 -19.55 -14.14 -8.92
C LYS Q 584 -19.23 -12.66 -8.79
N TYR Q 585 -19.69 -11.85 -9.75
CA TYR Q 585 -19.47 -10.42 -9.64
C TYR Q 585 -20.26 -9.82 -8.49
N ARG Q 586 -21.51 -10.24 -8.34
CA ARG Q 586 -22.35 -9.62 -7.33
C ARG Q 586 -21.92 -10.00 -5.92
N SER Q 587 -21.57 -11.27 -5.70
CA SER Q 587 -21.27 -11.75 -4.37
C SER Q 587 -19.79 -11.92 -4.10
N GLY Q 588 -18.97 -12.11 -5.11
CA GLY Q 588 -17.57 -12.44 -4.86
C GLY Q 588 -17.37 -13.90 -4.55
N ASN Q 589 -18.35 -14.53 -3.91
CA ASN Q 589 -18.29 -15.94 -3.56
C ASN Q 589 -18.33 -16.82 -4.79
N GLU Q 590 -17.38 -17.74 -4.90
CA GLU Q 590 -17.39 -18.71 -6.00
C GLU Q 590 -18.37 -19.83 -5.72
N SER Q 591 -18.58 -20.15 -4.44
CA SER Q 591 -19.54 -21.20 -4.10
C SER Q 591 -20.97 -20.75 -4.38
N MET Q 592 -21.28 -19.48 -4.13
CA MET Q 592 -22.61 -18.99 -4.48
C MET Q 592 -22.83 -19.04 -5.99
N ALA Q 593 -21.81 -18.67 -6.76
CA ALA Q 593 -21.93 -18.73 -8.21
C ALA Q 593 -22.12 -20.17 -8.67
N MET Q 594 -21.38 -21.11 -8.09
CA MET Q 594 -21.55 -22.51 -8.47
C MET Q 594 -22.91 -23.04 -8.07
N GLU Q 595 -23.41 -22.64 -6.90
CA GLU Q 595 -24.72 -23.11 -6.46
C GLU Q 595 -25.83 -22.57 -7.36
N GLN Q 596 -25.74 -21.29 -7.73
CA GLN Q 596 -26.74 -20.73 -8.64
C GLN Q 596 -26.67 -21.39 -10.01
N MET Q 597 -25.45 -21.57 -10.53
CA MET Q 597 -25.28 -22.27 -11.80
C MET Q 597 -25.87 -23.68 -11.75
N THR Q 598 -25.57 -24.42 -10.69
CA THR Q 598 -26.08 -25.78 -10.57
C THR Q 598 -27.59 -25.79 -10.44
N LYS Q 599 -28.14 -24.85 -9.68
CA LYS Q 599 -29.60 -24.78 -9.57
C LYS Q 599 -30.24 -24.54 -10.92
N PHE Q 600 -29.69 -23.62 -11.71
CA PHE Q 600 -30.20 -23.37 -13.04
C PHE Q 600 -30.11 -24.62 -13.91
N LEU Q 601 -28.96 -25.31 -13.87
CA LEU Q 601 -28.78 -26.47 -14.73
C LEU Q 601 -29.69 -27.61 -14.34
N LYS Q 602 -29.91 -27.83 -13.04
CA LYS Q 602 -30.81 -28.88 -12.60
C LYS Q 602 -32.26 -28.54 -12.92
N GLU Q 603 -32.65 -27.28 -12.77
CA GLU Q 603 -34.03 -26.90 -13.07
C GLU Q 603 -34.30 -26.96 -14.56
N SER Q 604 -33.28 -26.72 -15.39
CA SER Q 604 -33.47 -26.62 -16.83
C SER Q 604 -33.10 -27.89 -17.58
N THR Q 605 -32.62 -28.91 -16.86
CA THR Q 605 -32.29 -30.17 -17.48
C THR Q 605 -32.64 -31.40 -16.69
N TYR Q 606 -32.92 -32.49 -17.38
CA TYR Q 606 -33.15 -33.78 -16.75
C TYR Q 606 -31.96 -34.66 -17.05
N THR Q 607 -31.39 -35.28 -16.02
CA THR Q 607 -30.23 -36.14 -16.17
C THR Q 607 -30.69 -37.58 -16.29
N PHE Q 608 -30.64 -38.12 -17.50
CA PHE Q 608 -30.89 -39.54 -17.69
C PHE Q 608 -29.75 -40.33 -17.06
N THR Q 609 -30.09 -41.30 -16.23
CA THR Q 609 -29.10 -42.04 -15.49
C THR Q 609 -29.35 -43.53 -15.65
N GLY Q 610 -28.26 -44.31 -15.67
CA GLY Q 610 -28.35 -45.73 -15.90
C GLY Q 610 -29.05 -46.48 -14.78
N ASP Q 611 -30.08 -47.24 -15.14
CA ASP Q 611 -30.83 -48.04 -14.17
C ASP Q 611 -29.99 -49.28 -13.87
N ASP Q 612 -28.90 -49.06 -13.13
CA ASP Q 612 -27.94 -50.11 -12.81
C ASP Q 612 -27.44 -49.85 -11.40
N VAL Q 613 -26.39 -50.57 -11.00
CA VAL Q 613 -25.70 -50.22 -9.75
C VAL Q 613 -25.11 -48.82 -9.85
N ASP Q 614 -24.35 -48.57 -10.91
CA ASP Q 614 -24.09 -47.22 -11.40
C ASP Q 614 -23.73 -47.30 -12.87
N GLY Q 615 -24.74 -47.09 -13.71
CA GLY Q 615 -24.52 -46.81 -15.12
C GLY Q 615 -24.82 -45.34 -15.29
N ASP Q 616 -24.43 -44.58 -14.26
CA ASP Q 616 -24.95 -43.25 -14.01
C ASP Q 616 -24.59 -42.30 -15.15
N THR Q 617 -25.46 -41.32 -15.35
CA THR Q 617 -25.25 -40.24 -16.30
C THR Q 617 -25.05 -40.81 -17.70
N VAL Q 618 -26.13 -41.35 -18.27
CA VAL Q 618 -26.11 -41.67 -19.69
C VAL Q 618 -26.34 -40.40 -20.50
N GLY Q 619 -26.82 -39.34 -19.86
CA GLY Q 619 -26.94 -38.07 -20.57
C GLY Q 619 -27.76 -37.01 -19.86
N VAL Q 620 -27.38 -35.75 -20.07
CA VAL Q 620 -28.12 -34.62 -19.53
C VAL Q 620 -28.79 -33.89 -20.68
N ILE Q 621 -30.11 -34.02 -20.78
CA ILE Q 621 -30.83 -33.43 -21.91
C ILE Q 621 -31.55 -32.17 -21.46
N PRO Q 622 -31.49 -31.08 -22.22
CA PRO Q 622 -32.26 -29.90 -21.84
C PRO Q 622 -33.75 -30.21 -21.78
N LYS Q 623 -34.40 -29.63 -20.78
CA LYS Q 623 -35.76 -30.01 -20.45
C LYS Q 623 -36.73 -29.62 -21.55
N ASN Q 624 -36.43 -28.53 -22.27
CA ASN Q 624 -37.34 -28.06 -23.30
C ASN Q 624 -37.24 -28.89 -24.57
N MET Q 625 -36.15 -29.65 -24.72
CA MET Q 625 -36.00 -30.49 -25.90
C MET Q 625 -36.92 -31.71 -25.84
N MET Q 626 -37.28 -32.13 -24.63
CA MET Q 626 -38.20 -33.25 -24.49
C MET Q 626 -39.65 -32.80 -24.45
N GLN Q 627 -39.91 -31.50 -24.46
CA GLN Q 627 -41.27 -31.02 -24.32
C GLN Q 627 -42.10 -31.39 -25.53
N VAL Q 628 -43.28 -31.94 -25.28
CA VAL Q 628 -44.31 -32.12 -26.29
C VAL Q 628 -45.40 -31.10 -25.95
N ASN Q 629 -46.02 -30.52 -26.97
CA ASN Q 629 -47.02 -29.47 -26.84
C ASN Q 629 -46.48 -28.27 -26.07
N SER Q 630 -47.30 -27.23 -25.89
CA SER Q 630 -46.80 -25.98 -25.35
C SER Q 630 -46.62 -26.03 -23.84
N ASP Q 631 -47.27 -26.98 -23.17
CA ASP Q 631 -47.21 -27.03 -21.71
C ASP Q 631 -45.79 -27.38 -21.26
N PRO Q 632 -45.16 -26.52 -20.45
CA PRO Q 632 -43.80 -26.84 -19.98
C PRO Q 632 -43.71 -28.12 -19.18
N LYS Q 633 -44.73 -28.44 -18.40
CA LYS Q 633 -44.70 -29.65 -17.61
C LYS Q 633 -44.77 -30.91 -18.44
N SER Q 634 -44.99 -30.77 -19.73
CA SER Q 634 -45.10 -31.92 -20.59
C SER Q 634 -43.76 -32.51 -20.96
N TRP Q 635 -42.67 -31.87 -20.53
CA TRP Q 635 -41.37 -32.47 -20.79
C TRP Q 635 -41.30 -33.87 -20.23
N GLU Q 636 -42.13 -34.19 -19.25
CA GLU Q 636 -42.13 -35.52 -18.67
C GLU Q 636 -42.58 -36.56 -19.68
N GLN Q 637 -43.52 -36.20 -20.56
CA GLN Q 637 -43.94 -37.14 -21.59
C GLN Q 637 -42.80 -37.47 -22.54
N GLY Q 638 -42.05 -36.45 -22.96
CA GLY Q 638 -40.87 -36.72 -23.78
C GLY Q 638 -39.82 -37.50 -23.03
N ARG Q 639 -39.67 -37.24 -21.73
CA ARG Q 639 -38.73 -38.01 -20.92
C ARG Q 639 -39.13 -39.48 -20.90
N ASP Q 640 -40.42 -39.76 -20.72
CA ASP Q 640 -40.89 -41.13 -20.72
C ASP Q 640 -40.66 -41.79 -22.07
N ILE Q 641 -40.91 -41.05 -23.15
CA ILE Q 641 -40.65 -41.57 -24.49
C ILE Q 641 -39.17 -41.91 -24.66
N LEU Q 642 -38.29 -41.01 -24.19
CA LEU Q 642 -36.86 -41.21 -24.38
C LEU Q 642 -36.34 -42.36 -23.53
N GLU Q 643 -36.88 -42.53 -22.33
CA GLU Q 643 -36.46 -43.65 -21.50
C GLU Q 643 -36.97 -44.98 -22.04
N GLU Q 644 -38.18 -44.97 -22.60
CA GLU Q 644 -38.65 -46.16 -23.30
C GLU Q 644 -37.75 -46.45 -24.49
N ALA Q 645 -37.30 -45.41 -25.18
CA ALA Q 645 -36.38 -45.59 -26.30
C ALA Q 645 -35.07 -46.20 -25.84
N ARG Q 646 -34.54 -45.70 -24.72
CA ARG Q 646 -33.28 -46.22 -24.20
C ARG Q 646 -33.40 -47.70 -23.85
N LYS Q 647 -34.47 -48.07 -23.15
CA LYS Q 647 -34.63 -49.47 -22.78
C LYS Q 647 -34.93 -50.32 -24.00
N GLY Q 648 -35.64 -49.78 -24.99
CA GLY Q 648 -35.87 -50.54 -26.20
C GLY Q 648 -34.58 -50.79 -26.97
N ILE Q 649 -33.68 -49.81 -26.98
CA ILE Q 649 -32.39 -50.00 -27.63
C ILE Q 649 -31.56 -51.03 -26.89
N ILE Q 650 -31.55 -50.97 -25.56
CA ILE Q 650 -30.77 -51.94 -24.78
C ILE Q 650 -31.32 -53.34 -24.99
N ALA Q 651 -32.63 -53.51 -24.89
CA ALA Q 651 -33.23 -54.84 -24.99
C ALA Q 651 -33.15 -55.38 -26.41
N SER Q 652 -33.28 -54.50 -27.40
CA SER Q 652 -33.22 -54.95 -28.79
C SER Q 652 -31.85 -55.51 -29.14
N ASN Q 653 -30.78 -54.81 -28.76
CA ASN Q 653 -29.43 -55.23 -29.06
C ASN Q 653 -28.74 -55.63 -27.77
N PRO Q 654 -28.60 -56.93 -27.50
CA PRO Q 654 -28.05 -57.36 -26.19
C PRO Q 654 -26.63 -56.88 -25.95
N TRP Q 655 -25.82 -56.78 -27.01
CA TRP Q 655 -24.41 -56.49 -26.84
C TRP Q 655 -24.21 -55.08 -26.29
N ILE Q 656 -25.22 -54.22 -26.44
CA ILE Q 656 -25.21 -52.94 -25.75
C ILE Q 656 -25.64 -53.16 -24.31
N THR Q 657 -24.87 -52.62 -23.37
CA THR Q 657 -25.29 -52.64 -21.98
C THR Q 657 -25.61 -51.21 -21.55
N ASN Q 658 -25.99 -51.08 -20.28
CA ASN Q 658 -26.47 -49.80 -19.77
C ASN Q 658 -25.35 -48.75 -19.79
N LYS Q 659 -24.10 -49.20 -19.73
CA LYS Q 659 -22.97 -48.27 -19.74
C LYS Q 659 -22.64 -47.77 -21.14
N GLN Q 660 -23.09 -48.49 -22.16
CA GLN Q 660 -22.76 -48.12 -23.52
C GLN Q 660 -23.53 -46.91 -24.04
N LEU Q 661 -24.77 -46.75 -23.62
CA LEU Q 661 -25.58 -45.67 -24.15
C LEU Q 661 -25.12 -44.33 -23.64
N THR Q 662 -25.09 -43.35 -24.54
CA THR Q 662 -24.91 -41.96 -24.19
C THR Q 662 -26.04 -41.17 -24.82
N MET Q 663 -26.59 -40.23 -24.06
CA MET Q 663 -27.64 -39.34 -24.54
C MET Q 663 -27.07 -37.93 -24.58
N TYR Q 664 -27.20 -37.27 -25.72
CA TYR Q 664 -26.71 -35.92 -25.87
C TYR Q 664 -27.58 -35.19 -26.87
N SER Q 665 -27.52 -33.87 -26.82
CA SER Q 665 -28.37 -33.02 -27.63
C SER Q 665 -27.54 -32.21 -28.62
N GLN Q 666 -27.92 -32.26 -29.88
CA GLN Q 666 -27.43 -31.33 -30.90
C GLN Q 666 -28.28 -30.07 -30.85
N GLY Q 667 -28.21 -29.23 -31.88
CA GLY Q 667 -28.90 -27.95 -31.82
C GLY Q 667 -30.38 -28.09 -31.55
N ASP Q 668 -31.05 -28.99 -32.26
CA ASP Q 668 -32.48 -29.16 -32.12
C ASP Q 668 -32.89 -30.62 -32.00
N SER Q 669 -31.94 -31.51 -31.71
CA SER Q 669 -32.21 -32.93 -31.64
C SER Q 669 -31.65 -33.52 -30.37
N ILE Q 670 -32.22 -34.64 -29.96
CA ILE Q 670 -31.67 -35.48 -28.90
C ILE Q 670 -31.12 -36.72 -29.56
N TYR Q 671 -29.88 -37.07 -29.24
CA TYR Q 671 -29.23 -38.21 -29.84
C TYR Q 671 -28.98 -39.27 -28.78
N LEU Q 672 -29.44 -40.48 -29.05
CA LEU Q 672 -29.30 -41.62 -28.16
C LEU Q 672 -28.44 -42.66 -28.87
N MET Q 673 -27.21 -42.84 -28.39
CA MET Q 673 -26.23 -43.61 -29.14
C MET Q 673 -25.45 -44.48 -28.17
N ASP Q 674 -24.89 -45.57 -28.69
CA ASP Q 674 -23.98 -46.36 -27.88
C ASP Q 674 -22.55 -45.83 -28.00
N THR Q 675 -21.62 -46.51 -27.34
CA THR Q 675 -20.22 -46.10 -27.40
C THR Q 675 -19.69 -46.16 -28.82
N THR Q 676 -20.05 -47.20 -29.57
CA THR Q 676 -19.76 -47.20 -30.99
C THR Q 676 -20.70 -46.25 -31.71
N GLY Q 677 -20.50 -46.12 -33.01
CA GLY Q 677 -21.46 -45.35 -33.78
C GLY Q 677 -22.50 -46.17 -34.50
N GLN Q 678 -22.55 -47.49 -34.24
CA GLN Q 678 -23.41 -48.36 -35.03
C GLN Q 678 -24.87 -48.01 -34.83
N VAL Q 679 -25.27 -47.77 -33.59
CA VAL Q 679 -26.66 -47.49 -33.25
C VAL Q 679 -26.73 -46.07 -32.72
N ARG Q 680 -27.45 -45.21 -33.45
CA ARG Q 680 -27.66 -43.83 -33.04
C ARG Q 680 -29.03 -43.43 -33.58
N VAL Q 681 -29.95 -43.00 -32.72
CA VAL Q 681 -31.28 -42.58 -33.15
C VAL Q 681 -31.48 -41.12 -32.76
N ARG Q 682 -32.19 -40.39 -33.60
CA ARG Q 682 -32.34 -38.95 -33.47
C ARG Q 682 -33.78 -38.61 -33.11
N TYR Q 683 -33.97 -37.81 -32.07
CA TYR Q 683 -35.29 -37.35 -31.67
C TYR Q 683 -35.36 -35.84 -31.77
N ASP Q 684 -36.27 -35.36 -32.61
CA ASP Q 684 -36.45 -33.94 -32.85
C ASP Q 684 -37.72 -33.47 -32.17
N LYS Q 685 -37.79 -32.17 -31.89
CA LYS Q 685 -38.98 -31.58 -31.29
C LYS Q 685 -40.22 -31.83 -32.12
N GLU Q 686 -40.13 -31.58 -33.43
CA GLU Q 686 -41.33 -31.62 -34.27
C GLU Q 686 -41.88 -33.03 -34.36
N LEU Q 687 -41.02 -34.00 -34.65
CA LEU Q 687 -41.48 -35.38 -34.74
C LEU Q 687 -42.03 -35.87 -33.42
N LEU Q 688 -41.35 -35.53 -32.32
CA LEU Q 688 -41.82 -35.95 -31.00
C LEU Q 688 -43.18 -35.36 -30.69
N SER Q 689 -43.36 -34.07 -31.00
CA SER Q 689 -44.64 -33.41 -30.74
C SER Q 689 -45.76 -34.01 -31.58
N LYS Q 690 -45.51 -34.24 -32.87
CA LYS Q 690 -46.55 -34.85 -33.71
C LYS Q 690 -46.88 -36.27 -33.26
N VAL Q 691 -45.87 -37.07 -32.91
CA VAL Q 691 -46.11 -38.42 -32.46
C VAL Q 691 -46.95 -38.41 -31.19
N TRP Q 692 -46.57 -37.57 -30.23
CA TRP Q 692 -47.32 -37.53 -28.98
C TRP Q 692 -48.71 -36.97 -29.18
N SER Q 693 -48.88 -36.03 -30.11
CA SER Q 693 -50.20 -35.47 -30.35
C SER Q 693 -51.14 -36.50 -30.94
N GLU Q 694 -50.67 -37.24 -31.97
CA GLU Q 694 -51.52 -38.26 -32.55
C GLU Q 694 -51.83 -39.37 -31.55
N ASN Q 695 -50.83 -39.80 -30.79
CA ASN Q 695 -51.07 -40.84 -29.81
C ASN Q 695 -52.05 -40.37 -28.74
N GLN Q 696 -51.91 -39.14 -28.28
CA GLN Q 696 -52.83 -38.61 -27.27
C GLN Q 696 -54.23 -38.49 -27.81
N LYS Q 697 -54.38 -38.11 -29.08
CA LYS Q 697 -55.71 -38.08 -29.68
C LYS Q 697 -56.34 -39.46 -29.65
N LYS Q 698 -55.59 -40.48 -30.06
CA LYS Q 698 -56.15 -41.83 -30.06
C LYS Q 698 -56.50 -42.29 -28.64
N LEU Q 699 -55.60 -42.04 -27.68
CA LEU Q 699 -55.85 -42.49 -26.31
C LEU Q 699 -57.06 -41.78 -25.71
N GLU Q 700 -57.17 -40.47 -25.91
CA GLU Q 700 -58.31 -39.73 -25.39
C GLU Q 700 -59.60 -40.19 -26.06
N GLU Q 701 -59.57 -40.48 -27.35
CA GLU Q 701 -60.74 -41.03 -28.00
C GLU Q 701 -61.18 -42.33 -27.34
N LYS Q 702 -60.22 -43.25 -27.14
CA LYS Q 702 -60.58 -44.54 -26.53
C LYS Q 702 -61.10 -44.36 -25.11
N ALA Q 703 -60.48 -43.46 -24.35
CA ALA Q 703 -60.94 -43.20 -22.99
C ALA Q 703 -62.35 -42.61 -22.99
N ARG Q 704 -62.65 -41.75 -23.97
CA ARG Q 704 -64.00 -41.22 -24.07
C ARG Q 704 -65.01 -42.31 -24.37
N GLU Q 705 -64.68 -43.23 -25.28
CA GLU Q 705 -65.59 -44.33 -25.56
C GLU Q 705 -65.82 -45.16 -24.30
N LYS Q 706 -64.74 -45.43 -23.56
CA LYS Q 706 -64.88 -46.21 -22.33
C LYS Q 706 -65.77 -45.49 -21.32
N ALA Q 707 -65.56 -44.18 -21.15
CA ALA Q 707 -66.33 -43.42 -20.17
C ALA Q 707 -67.80 -43.37 -20.55
N LEU Q 708 -68.10 -43.15 -21.82
CA LEU Q 708 -69.50 -43.13 -22.24
C LEU Q 708 -70.13 -44.51 -22.13
N ALA Q 709 -69.33 -45.57 -22.34
CA ALA Q 709 -69.82 -46.92 -22.12
C ALA Q 709 -70.20 -47.13 -20.66
N ASP Q 710 -69.40 -46.61 -19.73
CA ASP Q 710 -69.71 -46.78 -18.31
C ASP Q 710 -70.96 -46.01 -17.91
N VAL Q 711 -71.24 -44.90 -18.58
CA VAL Q 711 -72.46 -44.13 -18.29
C VAL Q 711 -73.68 -44.96 -18.67
N LEU R 41 -75.23 72.24 5.04
CA LEU R 41 -75.32 71.41 3.85
C LEU R 41 -74.67 70.05 4.09
N LEU R 42 -74.40 69.32 3.00
CA LEU R 42 -73.75 68.03 3.11
C LEU R 42 -72.33 68.18 3.63
N ASP R 43 -71.71 69.34 3.41
CA ASP R 43 -70.34 69.56 3.85
C ASP R 43 -70.23 69.58 5.37
N THR R 44 -71.21 70.19 6.05
CA THR R 44 -71.16 70.22 7.50
C THR R 44 -71.28 68.82 8.10
N ILE R 45 -72.21 68.02 7.56
CA ILE R 45 -72.34 66.64 8.03
C ILE R 45 -71.09 65.85 7.72
N GLY R 46 -70.46 66.11 6.58
CA GLY R 46 -69.21 65.44 6.26
C GLY R 46 -68.09 65.80 7.23
N ARG R 47 -68.02 67.09 7.61
CA ARG R 47 -67.04 67.52 8.60
C ARG R 47 -67.29 66.87 9.95
N PHE R 48 -68.55 66.79 10.37
CA PHE R 48 -68.87 66.12 11.62
C PHE R 48 -68.57 64.63 11.54
N ALA R 49 -68.72 64.04 10.36
CA ALA R 49 -68.46 62.62 10.20
C ALA R 49 -66.96 62.31 10.26
N LYS R 50 -66.14 63.08 9.55
CA LYS R 50 -64.71 62.79 9.50
C LYS R 50 -64.07 62.97 10.86
N ALA R 51 -64.52 63.96 11.61
CA ALA R 51 -64.04 64.23 12.97
C ALA R 51 -65.17 64.90 13.75
N GLY R 52 -65.90 64.11 14.53
CA GLY R 52 -66.91 64.68 15.40
C GLY R 52 -66.31 65.62 16.43
N ALA R 53 -65.17 65.23 16.99
CA ALA R 53 -64.41 66.09 17.88
C ALA R 53 -63.03 66.36 17.27
N ASP R 54 -62.15 67.01 18.04
CA ASP R 54 -60.77 67.27 17.60
C ASP R 54 -60.74 68.18 16.38
N MET R 55 -61.53 69.25 16.41
CA MET R 55 -61.51 70.23 15.32
C MET R 55 -60.14 70.89 15.21
N TYR R 56 -59.55 71.26 16.35
CA TYR R 56 -58.16 71.69 16.45
C TYR R 56 -57.96 72.94 15.60
N THR R 57 -57.02 72.95 14.65
CA THR R 57 -56.60 74.16 13.95
C THR R 57 -57.53 74.48 12.78
N ALA R 58 -58.53 75.32 13.07
CA ALA R 58 -59.35 75.91 12.01
C ALA R 58 -59.22 77.43 12.00
N LYS R 59 -59.16 78.04 13.19
CA LYS R 59 -59.08 79.49 13.27
C LYS R 59 -57.64 79.97 13.23
N GLU R 60 -56.73 79.24 13.88
CA GLU R 60 -55.31 79.58 13.80
C GLU R 60 -54.80 79.47 12.37
N GLN R 61 -55.16 78.38 11.68
CA GLN R 61 -54.78 78.26 10.28
C GLN R 61 -55.48 79.32 9.44
N ARG R 62 -56.67 79.77 9.84
CA ARG R 62 -57.32 80.86 9.14
C ARG R 62 -56.54 82.16 9.28
N ALA R 63 -56.01 82.42 10.48
CA ALA R 63 -55.19 83.62 10.68
C ALA R 63 -53.88 83.52 9.88
N ARG R 64 -53.27 82.35 9.84
CA ARG R 64 -52.08 82.17 9.00
C ARG R 64 -52.42 82.37 7.53
N ASP R 65 -53.58 81.87 7.11
CA ASP R 65 -54.02 82.08 5.73
C ASP R 65 -54.27 83.55 5.45
N LEU R 66 -54.73 84.30 6.46
CA LEU R 66 -54.93 85.74 6.28
C LEU R 66 -53.61 86.48 6.14
N ALA R 67 -52.61 86.11 6.94
CA ALA R 67 -51.29 86.70 6.77
C ALA R 67 -50.71 86.37 5.40
N ASP R 68 -50.85 85.11 4.99
CA ASP R 68 -50.41 84.72 3.65
C ASP R 68 -51.19 85.48 2.58
N GLU R 69 -52.47 85.78 2.84
CA GLU R 69 -53.29 86.46 1.85
C GLU R 69 -52.88 87.92 1.70
N ARG R 70 -52.53 88.57 2.82
CA ARG R 70 -52.06 89.95 2.72
C ARG R 70 -50.69 90.01 2.06
N SER R 71 -49.84 89.01 2.29
CA SER R 71 -48.60 88.91 1.53
C SER R 71 -48.88 88.72 0.04
N ASN R 72 -49.87 87.88 -0.29
CA ASN R 72 -50.23 87.65 -1.68
C ASN R 72 -50.74 88.93 -2.32
N GLU R 73 -51.52 89.72 -1.59
CA GLU R 73 -51.98 91.00 -2.11
C GLU R 73 -50.81 91.95 -2.33
N ILE R 74 -49.80 91.89 -1.45
CA ILE R 74 -48.60 92.67 -1.69
C ILE R 74 -47.94 92.27 -3.01
N ILE R 75 -47.84 90.96 -3.25
CA ILE R 75 -47.06 90.51 -4.41
C ILE R 75 -47.85 90.66 -5.71
N ARG R 76 -49.18 90.65 -5.63
CA ARG R 76 -49.98 90.68 -6.86
C ARG R 76 -49.76 91.96 -7.64
N LYS R 77 -49.19 92.98 -7.00
CA LYS R 77 -48.97 94.27 -7.63
C LYS R 77 -47.84 94.20 -8.65
N LEU R 78 -47.25 93.02 -8.82
CA LEU R 78 -46.15 92.83 -9.74
C LEU R 78 -46.63 92.17 -11.02
N THR R 79 -46.12 92.64 -12.15
CA THR R 79 -46.48 92.08 -13.44
C THR R 79 -45.93 90.67 -13.58
N PRO R 80 -46.54 89.86 -14.46
CA PRO R 80 -46.10 88.45 -14.56
C PRO R 80 -44.64 88.27 -14.88
N GLU R 81 -44.05 89.15 -15.70
CA GLU R 81 -42.64 88.95 -16.06
C GLU R 81 -41.70 89.28 -14.90
N GLN R 82 -41.97 90.39 -14.19
CA GLN R 82 -41.12 90.72 -13.05
C GLN R 82 -41.36 89.76 -11.91
N ARG R 83 -42.59 89.29 -11.75
CA ARG R 83 -42.86 88.18 -10.85
C ARG R 83 -42.03 86.96 -11.21
N ARG R 84 -41.96 86.64 -12.51
CA ARG R 84 -41.25 85.45 -12.97
C ARG R 84 -39.76 85.57 -12.66
N GLU R 85 -39.19 86.74 -12.94
CA GLU R 85 -37.76 86.92 -12.74
C GLU R 85 -37.42 87.02 -11.26
N ALA R 86 -38.37 87.49 -10.44
CA ALA R 86 -38.22 87.35 -9.00
C ALA R 86 -38.24 85.88 -8.61
N LEU R 87 -39.08 85.10 -9.28
CA LEU R 87 -39.20 83.69 -8.96
C LEU R 87 -37.90 82.94 -9.21
N ASN R 88 -37.22 83.22 -10.34
CA ASN R 88 -35.95 82.52 -10.56
C ASN R 88 -34.88 83.01 -9.60
N ASN R 89 -34.89 84.29 -9.25
CA ASN R 89 -34.00 84.77 -8.21
C ASN R 89 -34.45 84.25 -6.85
N GLY R 90 -33.62 84.48 -5.84
CA GLY R 90 -34.01 84.15 -4.49
C GLY R 90 -34.93 85.17 -3.86
N THR R 91 -35.25 86.24 -4.60
CA THR R 91 -36.07 87.31 -4.04
C THR R 91 -37.47 86.83 -3.69
N LEU R 92 -38.02 85.93 -4.48
CA LEU R 92 -39.38 85.42 -4.26
C LEU R 92 -39.34 83.97 -3.83
N LEU R 93 -40.05 83.67 -2.75
CA LEU R 93 -40.27 82.30 -2.32
C LEU R 93 -41.44 81.71 -3.11
N TYR R 94 -41.34 80.42 -3.44
CA TYR R 94 -42.35 79.80 -4.28
C TYR R 94 -43.71 79.78 -3.60
N GLN R 95 -43.75 79.43 -2.31
CA GLN R 95 -45.05 79.32 -1.65
C GLN R 95 -45.70 80.68 -1.48
N ASP R 96 -44.92 81.75 -1.63
CA ASP R 96 -45.47 83.09 -1.47
C ASP R 96 -46.01 83.63 -2.80
N ASP R 97 -45.83 82.88 -3.88
CA ASP R 97 -46.44 83.27 -5.14
C ASP R 97 -47.87 82.72 -5.18
N PRO R 98 -48.89 83.58 -5.21
CA PRO R 98 -50.26 83.08 -5.10
C PRO R 98 -50.74 82.38 -6.35
N TYR R 99 -50.47 82.93 -7.53
CA TYR R 99 -50.92 82.29 -8.76
C TYR R 99 -50.23 80.95 -8.97
N ALA R 100 -48.92 80.91 -8.76
CA ALA R 100 -48.19 79.66 -8.92
C ALA R 100 -48.65 78.61 -7.92
N MET R 101 -48.89 79.02 -6.67
CA MET R 101 -49.30 78.07 -5.66
C MET R 101 -50.72 77.57 -5.90
N GLU R 102 -51.60 78.45 -6.38
CA GLU R 102 -52.95 78.01 -6.75
C GLU R 102 -52.89 77.00 -7.89
N ALA R 103 -52.02 77.24 -8.88
CA ALA R 103 -51.84 76.27 -9.94
C ALA R 103 -51.32 74.96 -9.38
N LEU R 104 -50.38 75.01 -8.45
CA LEU R 104 -49.84 73.79 -7.86
C LEU R 104 -50.92 72.99 -7.15
N ARG R 105 -51.75 73.68 -6.36
CA ARG R 105 -52.79 72.98 -5.62
C ARG R 105 -53.84 72.40 -6.56
N VAL R 106 -54.18 73.14 -7.63
CA VAL R 106 -55.13 72.61 -8.60
C VAL R 106 -54.58 71.36 -9.27
N LYS R 107 -53.32 71.42 -9.74
CA LYS R 107 -52.74 70.27 -10.41
C LYS R 107 -52.64 69.08 -9.47
N THR R 108 -52.24 69.33 -8.22
CA THR R 108 -52.11 68.26 -7.25
C THR R 108 -53.46 67.62 -6.94
N GLY R 109 -54.51 68.44 -6.76
CA GLY R 109 -55.82 67.87 -6.49
C GLY R 109 -56.35 67.08 -7.66
N ARG R 110 -56.13 67.58 -8.87
CA ARG R 110 -56.54 66.85 -10.06
C ARG R 110 -55.82 65.52 -10.15
N ASN R 111 -54.52 65.51 -9.87
CA ASN R 111 -53.77 64.26 -9.87
C ASN R 111 -54.22 63.34 -8.75
N ALA R 112 -54.61 63.91 -7.60
CA ALA R 112 -55.13 63.09 -6.52
C ALA R 112 -56.39 62.37 -6.93
N ALA R 113 -57.36 63.11 -7.45
CA ALA R 113 -58.61 62.48 -7.89
C ALA R 113 -58.33 61.46 -8.97
N TYR R 114 -57.56 61.84 -9.98
CA TYR R 114 -57.30 60.96 -11.09
C TYR R 114 -56.53 59.73 -10.66
N LEU R 115 -55.26 59.92 -10.28
CA LEU R 115 -54.30 58.84 -10.27
C LEU R 115 -54.71 57.72 -9.34
N VAL R 116 -54.58 57.90 -8.03
CA VAL R 116 -54.71 56.77 -7.13
C VAL R 116 -56.13 56.25 -7.19
N ASP R 117 -57.08 57.13 -6.91
CA ASP R 117 -58.46 56.73 -6.78
C ASP R 117 -58.93 56.04 -8.04
N ASP R 118 -58.76 56.67 -9.19
CA ASP R 118 -59.46 56.19 -10.37
C ASP R 118 -58.69 55.10 -11.11
N ASP R 119 -57.37 55.11 -11.07
CA ASP R 119 -56.71 54.01 -11.75
C ASP R 119 -56.97 52.76 -10.93
N VAL R 120 -56.92 52.88 -9.61
CA VAL R 120 -57.21 51.74 -8.76
C VAL R 120 -58.65 51.33 -8.98
N MET R 121 -59.55 52.29 -9.12
CA MET R 121 -60.95 51.98 -9.33
C MET R 121 -61.12 51.20 -10.61
N GLN R 122 -60.46 51.63 -11.68
CA GLN R 122 -60.57 50.95 -12.96
C GLN R 122 -60.01 49.54 -12.87
N LYS R 123 -58.90 49.37 -12.17
CA LYS R 123 -58.33 48.05 -12.01
C LYS R 123 -59.28 47.13 -11.25
N ILE R 124 -59.94 47.66 -10.23
CA ILE R 124 -60.85 46.84 -9.47
C ILE R 124 -62.04 46.57 -10.36
N LYS R 125 -62.45 47.57 -11.11
CA LYS R 125 -63.62 47.44 -11.97
C LYS R 125 -63.47 46.33 -12.99
N GLU R 126 -62.29 46.22 -13.61
CA GLU R 126 -62.13 45.27 -14.71
C GLU R 126 -62.35 43.84 -14.23
N GLY R 127 -62.19 43.59 -12.93
CA GLY R 127 -62.30 42.23 -12.43
C GLY R 127 -63.21 41.97 -11.24
N VAL R 128 -63.60 42.99 -10.48
CA VAL R 128 -64.13 42.78 -9.14
C VAL R 128 -65.59 43.17 -9.02
N PHE R 129 -65.99 44.33 -9.53
CA PHE R 129 -67.21 45.00 -9.09
C PHE R 129 -68.42 44.28 -9.69
N ARG R 130 -69.20 43.66 -8.81
CA ARG R 130 -70.39 42.92 -9.26
C ARG R 130 -71.44 43.86 -9.83
N THR R 131 -71.76 44.92 -9.11
CA THR R 131 -72.85 45.81 -9.50
C THR R 131 -72.39 47.26 -9.37
N ARG R 132 -73.22 48.16 -9.88
CA ARG R 132 -72.89 49.58 -9.86
C ARG R 132 -72.86 50.12 -8.45
N GLU R 133 -73.79 49.69 -7.61
CA GLU R 133 -73.90 50.24 -6.26
C GLU R 133 -72.64 49.99 -5.45
N GLU R 134 -72.05 48.80 -5.59
CA GLU R 134 -70.79 48.50 -4.92
C GLU R 134 -69.69 49.45 -5.39
N MET R 135 -69.65 49.69 -6.70
CA MET R 135 -68.68 50.63 -7.26
C MET R 135 -68.86 52.02 -6.68
N GLU R 136 -70.10 52.48 -6.54
CA GLU R 136 -70.32 53.83 -6.05
C GLU R 136 -69.73 54.02 -4.66
N GLU R 137 -70.03 53.09 -3.74
CA GLU R 137 -69.57 53.26 -2.37
C GLU R 137 -68.06 53.09 -2.27
N TYR R 138 -67.51 52.10 -2.98
CA TYR R 138 -66.06 51.98 -3.02
C TYR R 138 -65.40 53.24 -3.54
N ARG R 139 -65.98 53.83 -4.59
CA ARG R 139 -65.41 55.02 -5.17
C ARG R 139 -65.48 56.20 -4.22
N HIS R 140 -66.59 56.36 -3.52
CA HIS R 140 -66.72 57.46 -2.57
C HIS R 140 -65.67 57.33 -1.46
N SER R 141 -65.56 56.12 -0.90
CA SER R 141 -64.60 55.89 0.17
C SER R 141 -63.17 56.18 -0.29
N ARG R 142 -62.77 55.59 -1.42
CA ARG R 142 -61.41 55.78 -1.90
C ARG R 142 -61.16 57.23 -2.29
N LEU R 143 -62.18 57.91 -2.85
CA LEU R 143 -62.02 59.31 -3.21
C LEU R 143 -61.63 60.14 -1.99
N GLN R 144 -62.40 60.01 -0.91
CA GLN R 144 -62.07 60.78 0.30
C GLN R 144 -60.69 60.40 0.84
N GLU R 145 -60.44 59.10 1.01
CA GLU R 145 -59.18 58.68 1.63
C GLU R 145 -57.98 59.11 0.79
N GLY R 146 -58.07 58.91 -0.53
CA GLY R 146 -56.97 59.29 -1.40
C GLY R 146 -56.76 60.78 -1.46
N ALA R 147 -57.84 61.56 -1.42
CA ALA R 147 -57.69 63.01 -1.33
C ALA R 147 -56.84 63.37 -0.12
N LYS R 148 -57.22 62.85 1.04
CA LYS R 148 -56.50 63.20 2.26
C LYS R 148 -55.04 62.76 2.18
N VAL R 149 -54.79 61.52 1.77
CA VAL R 149 -53.43 61.00 1.82
C VAL R 149 -52.55 61.67 0.77
N TYR R 150 -53.07 61.88 -0.43
CA TYR R 150 -52.27 62.51 -1.46
C TYR R 150 -51.94 63.94 -1.09
N ALA R 151 -52.88 64.64 -0.44
CA ALA R 151 -52.57 65.98 0.04
C ALA R 151 -51.49 65.95 1.10
N GLU R 152 -51.61 65.06 2.10
CA GLU R 152 -50.65 65.09 3.20
C GLU R 152 -49.26 64.67 2.74
N GLN R 153 -49.18 63.84 1.69
CA GLN R 153 -47.87 63.54 1.11
C GLN R 153 -47.23 64.80 0.53
N PHE R 154 -48.02 65.64 -0.12
CA PHE R 154 -47.57 66.94 -0.57
C PHE R 154 -47.64 67.95 0.58
N GLY R 155 -47.36 69.21 0.26
CA GLY R 155 -47.47 70.25 1.27
C GLY R 155 -48.89 70.77 1.44
N ILE R 156 -49.76 70.42 0.50
CA ILE R 156 -51.13 70.92 0.52
C ILE R 156 -51.91 70.24 1.64
N ASP R 157 -52.77 71.00 2.31
CA ASP R 157 -53.73 70.42 3.24
C ASP R 157 -55.10 70.32 2.58
N PRO R 158 -55.75 69.16 2.66
CA PRO R 158 -56.92 68.91 1.80
C PRO R 158 -58.18 69.58 2.32
N GLU R 159 -58.11 70.90 2.48
CA GLU R 159 -59.25 71.68 2.90
C GLU R 159 -59.31 72.99 2.15
N ASP R 160 -58.46 73.15 1.15
CA ASP R 160 -58.36 74.42 0.47
C ASP R 160 -59.28 74.41 -0.76
N VAL R 161 -59.73 75.60 -1.15
CA VAL R 161 -60.65 75.72 -2.28
C VAL R 161 -60.00 75.21 -3.55
N ASP R 162 -58.74 75.58 -3.81
CA ASP R 162 -58.09 75.18 -5.04
C ASP R 162 -57.86 73.68 -5.11
N TYR R 163 -57.46 73.07 -4.00
CA TYR R 163 -57.24 71.62 -4.01
C TYR R 163 -58.54 70.87 -4.25
N GLN R 164 -59.62 71.28 -3.59
CA GLN R 164 -60.90 70.63 -3.81
C GLN R 164 -61.41 70.86 -5.22
N ARG R 165 -61.18 72.05 -5.76
CA ARG R 165 -61.59 72.35 -7.13
C ARG R 165 -60.85 71.46 -8.12
N GLY R 166 -59.56 71.26 -7.90
CA GLY R 166 -58.81 70.33 -8.72
C GLY R 166 -59.30 68.90 -8.55
N PHE R 167 -59.63 68.51 -7.32
CA PHE R 167 -60.08 67.16 -7.06
C PHE R 167 -61.39 66.86 -7.77
N ASN R 168 -62.19 67.88 -8.02
CA ASN R 168 -63.42 67.73 -8.79
C ASN R 168 -63.28 68.34 -10.18
N GLY R 169 -62.05 68.53 -10.66
CA GLY R 169 -61.85 69.29 -11.88
C GLY R 169 -62.51 68.67 -13.09
N ASP R 170 -62.40 67.35 -13.22
CA ASP R 170 -63.03 66.67 -14.35
C ASP R 170 -63.85 65.50 -13.83
N ILE R 171 -64.64 65.74 -12.78
CA ILE R 171 -65.40 64.68 -12.15
C ILE R 171 -66.38 64.06 -13.14
N THR R 172 -67.00 64.88 -13.99
CA THR R 172 -68.04 64.38 -14.88
C THR R 172 -67.47 63.47 -15.96
N GLU R 173 -66.34 63.84 -16.55
CA GLU R 173 -65.78 63.02 -17.63
C GLU R 173 -65.12 61.77 -17.06
N ARG R 174 -64.54 61.87 -15.86
CA ARG R 174 -64.11 60.67 -15.15
C ARG R 174 -65.28 59.74 -14.91
N ASN R 175 -66.42 60.29 -14.49
CA ASN R 175 -67.59 59.48 -14.24
C ASN R 175 -68.06 58.80 -15.52
N ILE R 176 -68.09 59.55 -16.62
CA ILE R 176 -68.48 58.95 -17.90
C ILE R 176 -67.58 57.76 -18.21
N SER R 177 -66.27 57.95 -18.12
CA SER R 177 -65.36 56.86 -18.42
C SER R 177 -65.57 55.67 -17.49
N LEU R 178 -65.69 55.92 -16.19
CA LEU R 178 -65.74 54.83 -15.23
C LEU R 178 -67.05 54.06 -15.34
N TYR R 179 -68.16 54.76 -15.40
CA TYR R 179 -69.45 54.09 -15.50
C TYR R 179 -69.52 53.34 -16.84
N GLY R 180 -69.05 53.94 -17.93
CA GLY R 180 -69.06 53.23 -19.20
C GLY R 180 -68.18 51.99 -19.17
N ALA R 181 -67.07 52.04 -18.45
CA ALA R 181 -66.22 50.87 -18.32
C ALA R 181 -66.91 49.78 -17.53
N HIS R 182 -67.62 50.13 -16.46
CA HIS R 182 -68.37 49.13 -15.72
C HIS R 182 -69.50 48.55 -16.56
N ASP R 183 -70.16 49.41 -17.36
CA ASP R 183 -71.19 48.92 -18.26
C ASP R 183 -70.60 47.95 -19.27
N ASN R 184 -69.42 48.26 -19.79
CA ASN R 184 -68.72 47.34 -20.67
C ASN R 184 -68.42 46.02 -19.96
N PHE R 185 -68.01 46.10 -18.69
CA PHE R 185 -67.74 44.89 -17.94
C PHE R 185 -68.98 44.02 -17.83
N LEU R 186 -70.12 44.63 -17.49
CA LEU R 186 -71.36 43.87 -17.39
C LEU R 186 -71.75 43.29 -18.73
N SER R 187 -71.54 44.05 -19.81
CA SER R 187 -71.82 43.53 -21.15
C SER R 187 -70.97 42.30 -21.44
N GLN R 188 -69.67 42.37 -21.13
CA GLN R 188 -68.79 41.24 -21.38
C GLN R 188 -69.24 40.04 -20.56
N GLN R 189 -69.61 40.26 -19.30
CA GLN R 189 -70.06 39.16 -18.44
C GLN R 189 -71.30 38.51 -19.02
N ALA R 190 -72.27 39.31 -19.47
CA ALA R 190 -73.48 38.76 -20.06
C ALA R 190 -73.18 37.99 -21.34
N GLN R 191 -72.28 38.52 -22.17
CA GLN R 191 -71.94 37.83 -23.41
C GLN R 191 -71.28 36.49 -23.12
N LYS R 192 -70.35 36.45 -22.16
CA LYS R 192 -69.74 35.17 -21.80
C LYS R 192 -70.79 34.19 -21.29
N GLY R 193 -71.72 34.68 -20.46
CA GLY R 193 -72.76 33.80 -19.97
C GLY R 193 -73.60 33.22 -21.08
N ALA R 194 -74.05 34.06 -22.00
CA ALA R 194 -74.87 33.59 -23.12
C ALA R 194 -74.11 32.62 -24.01
N ILE R 195 -72.84 32.94 -24.31
CA ILE R 195 -72.06 32.08 -25.19
C ILE R 195 -71.83 30.72 -24.57
N MET R 196 -71.56 30.68 -23.26
CA MET R 196 -71.33 29.38 -22.66
C MET R 196 -72.63 28.60 -22.51
N ASN R 197 -73.76 29.29 -22.30
CA ASN R 197 -75.03 28.59 -22.33
C ASN R 197 -75.28 27.97 -23.70
N SER R 198 -75.00 28.72 -24.76
CA SER R 198 -75.18 28.19 -26.12
C SER R 198 -74.25 27.02 -26.38
N ARG R 199 -73.00 27.11 -25.91
CA ARG R 199 -72.08 25.99 -26.01
C ARG R 199 -72.64 24.77 -25.31
N VAL R 200 -73.19 24.95 -24.11
CA VAL R 200 -73.72 23.81 -23.37
C VAL R 200 -74.86 23.16 -24.13
N GLU R 201 -75.79 23.96 -24.64
CA GLU R 201 -76.93 23.39 -25.36
C GLU R 201 -76.48 22.64 -26.61
N LEU R 202 -75.66 23.28 -27.45
CA LEU R 202 -75.27 22.62 -28.70
C LEU R 202 -74.37 21.43 -28.43
N ASN R 203 -73.55 21.47 -27.38
CA ASN R 203 -72.75 20.30 -27.06
C ASN R 203 -73.63 19.14 -26.64
N GLY R 204 -74.59 19.41 -25.75
CA GLY R 204 -75.50 18.35 -25.34
C GLY R 204 -76.26 17.74 -26.50
N VAL R 205 -76.59 18.53 -27.50
CA VAL R 205 -77.29 17.96 -28.65
C VAL R 205 -76.33 17.22 -29.57
N LEU R 206 -75.32 17.90 -30.09
CA LEU R 206 -74.54 17.36 -31.21
C LEU R 206 -73.52 16.34 -30.75
N GLN R 207 -73.22 16.27 -29.46
CA GLN R 207 -72.17 15.35 -29.02
C GLN R 207 -72.74 13.94 -28.82
N ASP R 208 -74.03 13.76 -29.00
CA ASP R 208 -74.62 12.43 -29.00
C ASP R 208 -74.68 11.86 -30.40
N PRO R 209 -74.07 10.71 -30.67
CA PRO R 209 -74.37 10.00 -31.92
C PRO R 209 -75.84 9.66 -32.05
N ASP R 210 -76.53 9.41 -30.94
CA ASP R 210 -77.96 9.12 -31.01
C ASP R 210 -78.77 10.35 -31.40
N MET R 211 -78.48 11.50 -30.78
CA MET R 211 -79.22 12.71 -31.09
C MET R 211 -78.93 13.20 -32.51
N LEU R 212 -77.72 12.96 -32.99
CA LEU R 212 -77.37 13.39 -34.35
C LEU R 212 -78.17 12.61 -35.38
N ARG R 213 -78.56 11.38 -35.07
CA ARG R 213 -79.24 10.54 -36.04
C ARG R 213 -80.73 10.80 -36.15
N ARG R 214 -81.30 11.63 -35.28
CA ARG R 214 -82.72 11.93 -35.41
C ARG R 214 -82.96 12.69 -36.71
N PRO R 215 -84.09 12.46 -37.38
CA PRO R 215 -84.38 13.22 -38.60
C PRO R 215 -84.74 14.67 -38.34
N ASP R 216 -84.84 15.08 -37.09
CA ASP R 216 -85.11 16.46 -36.74
C ASP R 216 -83.93 17.16 -36.10
N SER R 217 -82.77 16.51 -36.03
CA SER R 217 -81.59 17.16 -35.46
C SER R 217 -81.15 18.34 -36.30
N ALA R 218 -81.17 18.19 -37.62
CA ALA R 218 -80.75 19.27 -38.50
C ALA R 218 -81.71 20.45 -38.45
N ASP R 219 -83.00 20.16 -38.49
CA ASP R 219 -83.99 21.23 -38.38
C ASP R 219 -83.87 21.91 -37.02
N PHE R 220 -83.62 21.12 -35.98
CA PHE R 220 -83.31 21.69 -34.68
C PHE R 220 -82.14 22.66 -34.76
N PHE R 221 -81.05 22.24 -35.42
CA PHE R 221 -79.86 23.07 -35.45
C PHE R 221 -80.12 24.38 -36.17
N GLU R 222 -80.78 24.32 -37.33
CA GLU R 222 -81.10 25.55 -38.05
C GLU R 222 -82.00 26.45 -37.22
N LYS R 223 -83.05 25.89 -36.61
CA LYS R 223 -83.97 26.69 -35.82
C LYS R 223 -83.27 27.30 -34.61
N TYR R 224 -82.38 26.54 -33.97
CA TYR R 224 -81.66 27.03 -32.81
C TYR R 224 -80.74 28.19 -33.17
N ILE R 225 -80.02 28.07 -34.28
CA ILE R 225 -79.14 29.16 -34.69
C ILE R 225 -79.97 30.39 -35.05
N ASP R 226 -81.08 30.19 -35.75
CA ASP R 226 -81.96 31.30 -36.10
C ASP R 226 -82.52 31.98 -34.85
N ASN R 227 -82.94 31.19 -33.87
CA ASN R 227 -83.47 31.75 -32.63
C ASN R 227 -82.40 32.51 -31.88
N GLY R 228 -81.19 31.98 -31.81
CA GLY R 228 -80.12 32.71 -31.17
C GLY R 228 -79.84 34.03 -31.85
N LEU R 229 -79.86 34.05 -33.18
CA LEU R 229 -79.63 35.28 -33.91
C LEU R 229 -80.74 36.30 -33.66
N VAL R 230 -81.99 35.87 -33.76
CA VAL R 230 -83.09 36.82 -33.69
C VAL R 230 -83.32 37.32 -32.26
N THR R 231 -83.24 36.41 -31.28
CA THR R 231 -83.57 36.79 -29.91
C THR R 231 -82.47 37.63 -29.28
N GLY R 232 -81.23 37.44 -29.71
CA GLY R 232 -80.11 38.15 -29.15
C GLY R 232 -79.09 37.27 -28.48
N ALA R 233 -79.34 35.98 -28.34
CA ALA R 233 -78.30 35.08 -27.87
C ALA R 233 -77.24 34.92 -28.95
N ILE R 234 -76.28 34.04 -28.71
CA ILE R 234 -75.13 33.93 -29.64
C ILE R 234 -74.77 35.32 -30.17
N PRO R 235 -74.45 36.26 -29.26
CA PRO R 235 -74.21 37.62 -29.73
C PRO R 235 -73.04 37.74 -30.68
N SER R 236 -73.22 38.60 -31.67
CA SER R 236 -72.29 38.85 -32.76
C SER R 236 -72.25 37.72 -33.79
N ASP R 237 -72.31 38.10 -35.05
CA ASP R 237 -72.28 37.11 -36.11
C ASP R 237 -70.98 36.34 -36.10
N ALA R 238 -69.92 36.96 -35.61
CA ALA R 238 -68.62 36.31 -35.57
C ALA R 238 -68.64 35.10 -34.63
N GLN R 239 -69.14 35.29 -33.42
CA GLN R 239 -69.24 34.17 -32.51
C GLN R 239 -70.26 33.15 -32.99
N ALA R 240 -71.26 33.58 -33.77
CA ALA R 240 -72.16 32.63 -34.40
C ALA R 240 -71.42 31.74 -35.38
N THR R 241 -70.51 32.31 -36.17
CA THR R 241 -69.71 31.50 -37.07
C THR R 241 -68.83 30.54 -36.30
N GLN R 242 -68.23 31.01 -35.20
CA GLN R 242 -67.39 30.12 -34.39
C GLN R 242 -68.21 28.96 -33.85
N LEU R 243 -69.40 29.25 -33.33
CA LEU R 243 -70.27 28.20 -32.80
C LEU R 243 -70.68 27.22 -33.89
N ILE R 244 -71.04 27.72 -35.07
CA ILE R 244 -71.46 26.85 -36.15
C ILE R 244 -70.32 25.93 -36.58
N SER R 245 -69.12 26.50 -36.74
CA SER R 245 -67.99 25.69 -37.19
C SER R 245 -67.61 24.65 -36.15
N GLN R 246 -67.59 25.04 -34.87
CA GLN R 246 -67.26 24.08 -33.83
C GLN R 246 -68.31 22.99 -33.74
N ALA R 247 -69.59 23.34 -33.91
CA ALA R 247 -70.65 22.35 -33.94
C ALA R 247 -70.47 21.38 -35.09
N PHE R 248 -70.10 21.90 -36.26
CA PHE R 248 -69.89 21.04 -37.42
C PHE R 248 -68.73 20.08 -37.19
N SER R 249 -67.64 20.57 -36.60
CA SER R 249 -66.52 19.69 -36.29
C SER R 249 -66.92 18.61 -35.29
N ASP R 250 -67.63 19.01 -34.23
CA ASP R 250 -68.08 18.04 -33.24
C ASP R 250 -68.95 16.98 -33.87
N ALA R 251 -69.91 17.39 -34.70
CA ALA R 251 -70.75 16.42 -35.38
C ALA R 251 -69.93 15.51 -36.28
N SER R 252 -68.98 16.07 -37.02
CA SER R 252 -68.15 15.25 -37.90
C SER R 252 -67.26 14.28 -37.13
N SER R 253 -67.09 14.48 -35.82
CA SER R 253 -66.28 13.57 -35.03
C SER R 253 -67.11 12.58 -34.20
N ARG R 254 -68.44 12.59 -34.30
CA ARG R 254 -69.27 11.91 -33.31
C ARG R 254 -70.17 10.83 -33.90
N ALA R 255 -69.75 10.15 -34.96
CA ALA R 255 -70.44 8.95 -35.42
C ALA R 255 -71.87 9.20 -35.86
N GLY R 256 -72.30 10.45 -35.87
CA GLY R 256 -73.58 10.86 -36.40
C GLY R 256 -73.50 12.01 -37.36
N GLY R 257 -72.28 12.42 -37.73
CA GLY R 257 -72.12 13.62 -38.51
C GLY R 257 -72.48 13.45 -39.97
N ALA R 258 -72.50 12.21 -40.46
CA ALA R 258 -72.82 11.99 -41.86
C ALA R 258 -74.26 12.41 -42.17
N ASP R 259 -75.22 11.80 -41.47
CA ASP R 259 -76.63 12.12 -41.68
C ASP R 259 -76.91 13.56 -41.29
N PHE R 260 -76.38 13.99 -40.16
CA PHE R 260 -76.64 15.34 -39.67
C PHE R 260 -76.12 16.38 -40.66
N LEU R 261 -74.97 16.12 -41.28
CA LEU R 261 -74.38 17.09 -42.20
C LEU R 261 -75.10 17.08 -43.54
N MET R 262 -75.45 15.89 -44.05
CA MET R 262 -76.33 15.80 -45.21
C MET R 262 -77.65 16.54 -45.00
N ARG R 263 -78.13 16.61 -43.77
CA ARG R 263 -79.42 17.23 -43.56
C ARG R 263 -79.29 18.74 -43.29
N VAL R 264 -78.22 19.16 -42.63
CA VAL R 264 -77.97 20.59 -42.43
C VAL R 264 -77.36 21.27 -43.65
N GLY R 265 -76.97 20.50 -44.66
CA GLY R 265 -76.34 21.09 -45.82
C GLY R 265 -77.23 22.08 -46.55
N ASP R 266 -78.51 21.74 -46.69
CA ASP R 266 -79.41 22.61 -47.45
C ASP R 266 -80.06 23.67 -46.58
N LYS R 267 -79.88 23.57 -45.27
CA LYS R 267 -80.46 24.56 -44.36
C LYS R 267 -79.76 25.90 -44.51
N LYS R 268 -80.49 26.97 -44.27
CA LYS R 268 -80.00 28.32 -44.50
C LYS R 268 -79.73 29.04 -43.18
N VAL R 269 -78.74 29.93 -43.19
CA VAL R 269 -78.37 30.72 -42.03
C VAL R 269 -78.13 32.15 -42.49
N THR R 270 -78.55 33.12 -41.68
CA THR R 270 -78.54 34.53 -42.07
C THR R 270 -77.43 35.25 -41.29
N LEU R 271 -76.26 35.39 -41.90
CA LEU R 271 -75.18 36.10 -41.25
C LEU R 271 -75.18 37.57 -41.65
N ASN R 272 -74.10 38.27 -41.29
CA ASN R 272 -74.01 39.70 -41.55
C ASN R 272 -74.04 39.99 -43.04
N GLY R 273 -73.29 39.21 -43.82
CA GLY R 273 -73.23 39.47 -45.25
C GLY R 273 -74.56 39.24 -45.96
N ALA R 274 -75.17 38.08 -45.74
CA ALA R 274 -76.39 37.71 -46.43
C ALA R 274 -76.93 36.42 -45.85
N THR R 275 -78.02 35.93 -46.44
CA THR R 275 -78.57 34.63 -46.10
C THR R 275 -78.05 33.60 -47.09
N THR R 276 -77.50 32.50 -46.57
CA THR R 276 -76.95 31.46 -47.40
C THR R 276 -77.09 30.12 -46.70
N THR R 277 -76.95 29.04 -47.45
CA THR R 277 -76.98 27.71 -46.86
C THR R 277 -75.68 27.45 -46.10
N TYR R 278 -75.75 26.50 -45.17
CA TYR R 278 -74.57 26.15 -44.38
C TYR R 278 -73.46 25.60 -45.26
N ARG R 279 -73.82 24.90 -46.33
CA ARG R 279 -72.83 24.40 -47.27
C ARG R 279 -72.01 25.54 -47.87
N GLU R 280 -72.63 26.69 -48.07
CA GLU R 280 -71.92 27.79 -48.70
C GLU R 280 -71.23 28.68 -47.67
N LEU R 281 -71.81 28.79 -46.47
CA LEU R 281 -71.11 29.45 -45.37
C LEU R 281 -69.79 28.76 -45.08
N ILE R 282 -69.85 27.45 -44.87
CA ILE R 282 -68.64 26.64 -44.80
C ILE R 282 -68.02 26.58 -46.18
N GLY R 283 -66.70 26.44 -46.23
CA GLY R 283 -66.05 26.24 -47.51
C GLY R 283 -66.51 24.95 -48.16
N GLU R 284 -66.65 24.99 -49.48
CA GLU R 284 -66.96 23.77 -50.22
C GLU R 284 -65.88 22.72 -50.01
N GLU R 285 -64.62 23.14 -50.06
CA GLU R 285 -63.52 22.26 -49.70
C GLU R 285 -63.59 21.90 -48.23
N GLN R 286 -63.94 22.87 -47.37
CA GLN R 286 -64.13 22.56 -45.96
C GLN R 286 -65.32 21.64 -45.74
N TRP R 287 -66.37 21.80 -46.55
CA TRP R 287 -67.50 20.89 -46.47
C TRP R 287 -67.08 19.47 -46.85
N ASN R 288 -66.27 19.34 -47.90
CA ASN R 288 -65.76 18.03 -48.27
C ASN R 288 -64.91 17.43 -47.16
N ALA R 289 -64.06 18.25 -46.53
CA ALA R 289 -63.26 17.75 -45.41
C ALA R 289 -64.14 17.28 -44.28
N LEU R 290 -65.18 18.05 -43.97
CA LEU R 290 -66.12 17.66 -42.91
C LEU R 290 -66.79 16.35 -43.24
N MET R 291 -67.23 16.18 -44.49
CA MET R 291 -67.92 14.94 -44.83
C MET R 291 -66.98 13.75 -44.79
N VAL R 292 -65.77 13.93 -45.28
CA VAL R 292 -64.82 12.83 -45.27
C VAL R 292 -64.50 12.43 -43.84
N THR R 293 -64.25 13.41 -42.97
CA THR R 293 -63.92 13.06 -41.59
C THR R 293 -65.13 12.50 -40.86
N ALA R 294 -66.34 12.91 -41.24
CA ALA R 294 -67.54 12.35 -40.63
C ALA R 294 -67.75 10.91 -41.07
N GLN R 295 -67.49 10.61 -42.34
CA GLN R 295 -67.56 9.21 -42.78
C GLN R 295 -66.50 8.37 -42.08
N ARG R 296 -65.29 8.92 -41.90
CA ARG R 296 -64.26 8.19 -41.18
C ARG R 296 -64.66 7.96 -39.73
N SER R 297 -65.31 8.94 -39.10
CA SER R 297 -65.77 8.77 -37.72
C SER R 297 -66.85 7.71 -37.64
N GLN R 298 -67.80 7.72 -38.59
CA GLN R 298 -68.80 6.66 -38.67
C GLN R 298 -68.14 5.28 -38.75
N PHE R 299 -67.23 5.12 -39.69
CA PHE R 299 -66.57 3.85 -39.89
C PHE R 299 -65.76 3.45 -38.66
N GLU R 300 -65.05 4.40 -38.06
CA GLU R 300 -64.20 4.10 -36.92
C GLU R 300 -65.02 3.66 -35.72
N THR R 301 -66.13 4.36 -35.44
CA THR R 301 -66.96 3.95 -34.31
C THR R 301 -67.62 2.60 -34.58
N ASP R 302 -68.06 2.37 -35.82
CA ASP R 302 -68.60 1.06 -36.16
C ASP R 302 -67.58 -0.03 -35.91
N ALA R 303 -66.35 0.17 -36.37
CA ALA R 303 -65.29 -0.82 -36.18
C ALA R 303 -64.98 -1.01 -34.71
N LYS R 304 -65.01 0.07 -33.92
CA LYS R 304 -64.69 -0.04 -32.51
C LYS R 304 -65.74 -0.87 -31.77
N LEU R 305 -67.02 -0.58 -31.99
CA LEU R 305 -68.07 -1.35 -31.32
C LEU R 305 -68.05 -2.80 -31.80
N ASN R 306 -67.83 -3.00 -33.10
CA ASN R 306 -67.70 -4.33 -33.65
C ASN R 306 -66.55 -5.07 -32.99
N GLU R 307 -65.44 -4.37 -32.72
CA GLU R 307 -64.28 -5.00 -32.10
C GLU R 307 -64.56 -5.36 -30.65
N GLN R 308 -65.29 -4.50 -29.93
CA GLN R 308 -65.66 -4.85 -28.55
C GLN R 308 -66.53 -6.10 -28.53
N TYR R 309 -67.50 -6.19 -29.45
CA TYR R 309 -68.33 -7.39 -29.48
C TYR R 309 -67.51 -8.62 -29.83
N ARG R 310 -66.61 -8.52 -30.81
CA ARG R 310 -65.77 -9.65 -31.16
C ARG R 310 -64.88 -10.05 -29.99
N LEU R 311 -64.40 -9.07 -29.23
CA LEU R 311 -63.57 -9.38 -28.08
C LEU R 311 -64.36 -10.12 -27.01
N LYS R 312 -65.61 -9.73 -26.79
CA LYS R 312 -66.45 -10.48 -25.86
C LYS R 312 -66.63 -11.92 -26.34
N ILE R 313 -66.90 -12.10 -27.63
CA ILE R 313 -67.07 -13.46 -28.16
C ILE R 313 -65.81 -14.27 -27.97
N ASN R 314 -64.65 -13.69 -28.30
CA ASN R 314 -63.39 -14.40 -28.17
C ASN R 314 -63.08 -14.72 -26.72
N SER R 315 -63.34 -13.78 -25.82
CA SER R 315 -63.10 -14.00 -24.40
C SER R 315 -63.95 -15.15 -23.89
N ALA R 316 -65.18 -15.27 -24.39
CA ALA R 316 -65.95 -16.49 -24.10
C ALA R 316 -65.28 -17.71 -24.69
N LEU R 317 -64.82 -17.62 -25.94
CA LEU R 317 -64.29 -18.79 -26.63
C LEU R 317 -63.03 -19.34 -25.98
N ASN R 318 -62.28 -18.51 -25.28
CA ASN R 318 -61.00 -18.89 -24.70
C ASN R 318 -61.07 -19.10 -23.20
N GLN R 319 -62.17 -19.63 -22.69
CA GLN R 319 -62.25 -19.96 -21.28
C GLN R 319 -61.62 -21.32 -21.02
N GLU R 320 -61.06 -21.49 -19.82
CA GLU R 320 -60.43 -22.75 -19.48
C GLU R 320 -61.43 -23.88 -19.43
N ASP R 321 -62.60 -23.62 -18.86
CA ASP R 321 -63.66 -24.61 -18.77
C ASP R 321 -64.69 -24.31 -19.85
N PRO R 322 -64.89 -25.22 -20.81
CA PRO R 322 -65.85 -24.94 -21.89
C PRO R 322 -67.27 -24.72 -21.40
N ARG R 323 -67.65 -25.26 -20.25
CA ARG R 323 -68.97 -24.98 -19.70
C ARG R 323 -69.11 -23.51 -19.34
N THR R 324 -68.04 -22.92 -18.79
CA THR R 324 -68.04 -21.49 -18.56
C THR R 324 -68.18 -20.73 -19.87
N ALA R 325 -67.50 -21.21 -20.92
CA ALA R 325 -67.62 -20.59 -22.23
C ALA R 325 -69.05 -20.65 -22.74
N TRP R 326 -69.70 -21.80 -22.57
CA TRP R 326 -71.08 -21.94 -23.02
C TRP R 326 -72.00 -21.02 -22.26
N GLU R 327 -71.79 -20.88 -20.95
CA GLU R 327 -72.60 -19.99 -20.14
C GLU R 327 -72.41 -18.54 -20.56
N MET R 328 -71.16 -18.14 -20.81
CA MET R 328 -70.88 -16.78 -21.28
C MET R 328 -71.50 -16.54 -22.64
N LEU R 329 -71.45 -17.53 -23.52
CA LEU R 329 -72.06 -17.39 -24.84
C LEU R 329 -73.57 -17.27 -24.73
N GLN R 330 -74.17 -17.99 -23.79
CA GLN R 330 -75.61 -17.87 -23.59
C GLN R 330 -75.95 -16.47 -23.08
N GLY R 331 -75.11 -15.90 -22.21
CA GLY R 331 -75.32 -14.52 -21.80
C GLY R 331 -75.24 -13.54 -22.96
N ILE R 332 -74.23 -13.74 -23.83
CA ILE R 332 -74.11 -12.90 -25.01
C ILE R 332 -75.33 -13.07 -25.92
N LYS R 333 -75.81 -14.29 -26.05
CA LYS R 333 -77.00 -14.53 -26.86
C LYS R 333 -78.21 -13.83 -26.26
N ALA R 334 -78.33 -13.82 -24.94
CA ALA R 334 -79.43 -13.11 -24.30
C ALA R 334 -79.37 -11.62 -24.60
N GLU R 335 -78.19 -11.01 -24.44
CA GLU R 335 -78.09 -9.58 -24.68
C GLU R 335 -78.31 -9.27 -26.17
N LEU R 336 -77.91 -10.17 -27.06
CA LEU R 336 -78.10 -9.93 -28.48
C LEU R 336 -79.56 -10.06 -28.88
N ASP R 337 -80.27 -11.05 -28.31
CA ASP R 337 -81.70 -11.13 -28.54
C ASP R 337 -82.42 -9.91 -28.00
N LYS R 338 -81.92 -9.33 -26.91
CA LYS R 338 -82.49 -8.06 -26.43
C LYS R 338 -82.23 -6.94 -27.44
N VAL R 339 -80.98 -6.79 -27.88
CA VAL R 339 -80.63 -5.73 -28.82
C VAL R 339 -81.26 -5.96 -30.18
N GLN R 340 -81.18 -7.18 -30.69
CA GLN R 340 -81.78 -7.54 -31.97
C GLN R 340 -82.89 -8.54 -31.73
N PRO R 341 -84.15 -8.10 -31.55
CA PRO R 341 -85.20 -9.04 -31.18
C PRO R 341 -85.43 -10.15 -32.18
N ASP R 342 -85.33 -9.84 -33.47
CA ASP R 342 -85.58 -10.85 -34.49
C ASP R 342 -84.28 -11.48 -34.96
N GLU R 343 -84.26 -12.81 -34.97
CA GLU R 343 -83.05 -13.58 -35.23
C GLU R 343 -82.77 -13.61 -36.73
N GLN R 344 -81.99 -12.65 -37.21
CA GLN R 344 -81.56 -12.63 -38.60
C GLN R 344 -80.06 -12.83 -38.65
N MET R 345 -79.57 -13.21 -39.83
CA MET R 345 -78.17 -13.53 -40.02
C MET R 345 -77.34 -12.25 -40.12
N THR R 346 -77.42 -11.46 -39.06
CA THR R 346 -76.57 -10.30 -38.90
C THR R 346 -75.18 -10.76 -38.52
N PRO R 347 -74.14 -9.96 -38.83
CA PRO R 347 -72.76 -10.43 -38.57
C PRO R 347 -72.53 -10.83 -37.12
N GLN R 348 -73.10 -10.07 -36.18
CA GLN R 348 -73.00 -10.45 -34.79
C GLN R 348 -73.66 -11.80 -34.54
N ARG R 349 -74.80 -12.05 -35.17
CA ARG R 349 -75.49 -13.31 -34.95
C ARG R 349 -74.73 -14.47 -35.55
N GLU R 350 -74.21 -14.33 -36.77
CA GLU R 350 -73.46 -15.42 -37.37
C GLU R 350 -72.20 -15.71 -36.56
N TRP R 351 -71.59 -14.66 -36.02
CA TRP R 351 -70.46 -14.87 -35.11
C TRP R 351 -70.88 -15.61 -33.86
N LEU R 352 -72.07 -15.29 -33.34
CA LEU R 352 -72.55 -15.98 -32.14
C LEU R 352 -72.75 -17.47 -32.40
N ILE R 353 -73.41 -17.83 -33.52
CA ILE R 353 -73.54 -19.25 -33.84
C ILE R 353 -72.18 -19.89 -34.11
N SER R 354 -71.26 -19.17 -34.75
CA SER R 354 -69.95 -19.75 -35.00
C SER R 354 -69.24 -20.06 -33.69
N ALA R 355 -69.29 -19.14 -32.74
CA ALA R 355 -68.69 -19.37 -31.44
C ALA R 355 -69.38 -20.51 -30.70
N GLN R 356 -70.70 -20.64 -30.88
CA GLN R 356 -71.41 -21.76 -30.27
C GLN R 356 -70.94 -23.09 -30.82
N GLU R 357 -70.71 -23.16 -32.13
CA GLU R 357 -70.17 -24.39 -32.72
C GLU R 357 -68.79 -24.69 -32.18
N GLN R 358 -67.94 -23.67 -32.07
CA GLN R 358 -66.61 -23.88 -31.51
C GLN R 358 -66.67 -24.33 -30.06
N VAL R 359 -67.63 -23.82 -29.28
CA VAL R 359 -67.76 -24.26 -27.91
C VAL R 359 -68.26 -25.69 -27.84
N GLN R 360 -69.07 -26.11 -28.82
CA GLN R 360 -69.42 -27.53 -28.88
C GLN R 360 -68.17 -28.38 -29.13
N ASN R 361 -67.30 -27.93 -30.02
CA ASN R 361 -66.03 -28.63 -30.21
C ASN R 361 -65.22 -28.67 -28.92
N GLN R 362 -65.22 -27.56 -28.18
CA GLN R 362 -64.55 -27.53 -26.88
C GLN R 362 -65.18 -28.50 -25.89
N MET R 363 -66.50 -28.68 -25.95
CA MET R 363 -67.15 -29.68 -25.12
C MET R 363 -66.65 -31.08 -25.46
N ASN R 364 -66.51 -31.36 -26.75
CA ASN R 364 -65.98 -32.66 -27.15
C ASN R 364 -64.56 -32.86 -26.62
N ALA R 365 -63.72 -31.84 -26.76
CA ALA R 365 -62.35 -31.93 -26.28
C ALA R 365 -62.30 -32.08 -24.76
N TRP R 366 -63.14 -31.33 -24.05
CA TRP R 366 -63.21 -31.40 -22.59
C TRP R 366 -63.68 -32.76 -22.12
N THR R 367 -64.65 -33.34 -22.83
CA THR R 367 -65.06 -34.70 -22.53
C THR R 367 -63.91 -35.68 -22.69
N LYS R 368 -63.16 -35.55 -23.79
CA LYS R 368 -62.02 -36.42 -24.00
C LYS R 368 -61.00 -36.26 -22.89
N ALA R 369 -60.72 -35.02 -22.50
CA ALA R 369 -59.73 -34.76 -21.47
C ALA R 369 -60.17 -35.32 -20.13
N GLN R 370 -61.44 -35.14 -19.76
CA GLN R 370 -61.92 -35.65 -18.50
C GLN R 370 -61.92 -37.17 -18.47
N ALA R 371 -62.31 -37.80 -19.58
CA ALA R 371 -62.29 -39.25 -19.63
C ALA R 371 -60.88 -39.80 -19.52
N LYS R 372 -59.94 -39.16 -20.24
CA LYS R 372 -58.55 -39.59 -20.15
C LYS R 372 -58.01 -39.39 -18.75
N ALA R 373 -58.40 -38.29 -18.10
CA ALA R 373 -57.97 -38.03 -16.73
C ALA R 373 -58.49 -39.11 -15.79
N LEU R 374 -59.75 -39.50 -15.95
CA LEU R 374 -60.33 -40.56 -15.12
C LEU R 374 -59.59 -41.87 -15.32
N ASP R 375 -59.30 -42.22 -16.58
CA ASP R 375 -58.57 -43.44 -16.87
C ASP R 375 -57.18 -43.42 -16.25
N ASP R 376 -56.47 -42.31 -16.39
CA ASP R 376 -55.14 -42.19 -15.80
C ASP R 376 -55.19 -42.26 -14.29
N SER R 377 -56.22 -41.67 -13.68
CA SER R 377 -56.34 -41.75 -12.23
C SER R 377 -56.54 -43.19 -11.78
N MET R 378 -57.39 -43.94 -12.49
CA MET R 378 -57.58 -45.35 -12.15
C MET R 378 -56.27 -46.12 -12.28
N LYS R 379 -55.57 -45.93 -13.39
CA LYS R 379 -54.33 -46.67 -13.63
C LYS R 379 -53.26 -46.31 -12.61
N SER R 380 -53.13 -45.02 -12.27
CA SER R 380 -52.16 -44.62 -11.26
C SER R 380 -52.53 -45.19 -9.90
N MET R 381 -53.81 -45.13 -9.55
CA MET R 381 -54.25 -45.70 -8.28
C MET R 381 -53.89 -47.17 -8.21
N ASN R 382 -53.94 -47.86 -9.34
CA ASN R 382 -53.59 -49.28 -9.34
C ASN R 382 -52.09 -49.50 -9.28
N LYS R 383 -51.28 -48.69 -9.97
CA LYS R 383 -49.87 -49.03 -10.08
C LYS R 383 -49.03 -48.48 -8.95
N LEU R 384 -49.43 -47.36 -8.34
CA LEU R 384 -48.78 -46.96 -7.10
C LEU R 384 -48.98 -48.01 -6.01
N ASP R 385 -50.08 -48.74 -6.08
CA ASP R 385 -50.27 -49.84 -5.13
C ASP R 385 -49.27 -50.96 -5.38
N VAL R 386 -49.01 -51.27 -6.66
CA VAL R 386 -47.99 -52.26 -7.00
C VAL R 386 -46.63 -51.81 -6.51
N ILE R 387 -46.29 -50.55 -6.74
CA ILE R 387 -45.01 -50.02 -6.28
C ILE R 387 -44.92 -50.07 -4.77
N ASP R 388 -46.04 -49.83 -4.07
CA ASP R 388 -46.02 -49.89 -2.62
C ASP R 388 -45.74 -51.30 -2.13
N LYS R 389 -46.35 -52.30 -2.76
CA LYS R 389 -46.00 -53.69 -2.44
C LYS R 389 -44.53 -53.98 -2.70
N GLN R 390 -44.00 -53.54 -3.84
CA GLN R 390 -42.59 -53.81 -4.14
C GLN R 390 -41.67 -53.15 -3.13
N PHE R 391 -41.96 -51.92 -2.74
CA PHE R 391 -41.11 -51.23 -1.77
C PHE R 391 -41.23 -51.85 -0.39
N GLN R 392 -42.42 -52.36 -0.06
CA GLN R 392 -42.56 -53.10 1.19
C GLN R 392 -41.70 -54.35 1.19
N LYS R 393 -41.69 -55.06 0.07
CA LYS R 393 -40.78 -56.20 -0.06
C LYS R 393 -39.33 -55.77 0.11
N ARG R 394 -38.96 -54.65 -0.49
CA ARG R 394 -37.58 -54.17 -0.40
C ARG R 394 -37.21 -53.85 1.05
N ILE R 395 -38.10 -53.18 1.78
CA ILE R 395 -37.81 -52.82 3.16
C ILE R 395 -37.72 -54.06 4.03
N ASN R 396 -38.60 -55.04 3.78
CA ASN R 396 -38.58 -56.27 4.57
C ASN R 396 -37.39 -57.16 4.24
N GLY R 397 -36.41 -56.68 3.47
CA GLY R 397 -35.18 -57.38 3.23
C GLY R 397 -35.09 -58.07 1.90
N GLU R 398 -36.21 -58.30 1.23
CA GLU R 398 -36.19 -58.95 -0.08
C GLU R 398 -35.75 -57.92 -1.10
N TRP R 399 -34.50 -58.03 -1.54
CA TRP R 399 -33.96 -57.10 -2.51
C TRP R 399 -34.56 -57.35 -3.88
N VAL R 400 -35.38 -56.39 -4.34
CA VAL R 400 -36.09 -56.49 -5.60
C VAL R 400 -35.85 -55.22 -6.40
N SER R 401 -36.14 -55.29 -7.70
CA SER R 401 -35.87 -54.18 -8.59
C SER R 401 -36.80 -53.01 -8.29
N THR R 402 -36.38 -51.81 -8.72
CA THR R 402 -37.22 -50.62 -8.69
C THR R 402 -37.40 -50.03 -10.09
N ASP R 403 -36.99 -50.75 -11.12
CA ASP R 403 -37.15 -50.31 -12.50
C ASP R 403 -38.57 -50.61 -12.95
N PHE R 404 -39.23 -49.58 -13.51
CA PHE R 404 -40.65 -49.69 -13.79
C PHE R 404 -40.95 -50.78 -14.80
N LYS R 405 -40.00 -51.09 -15.69
CA LYS R 405 -40.24 -52.15 -16.66
C LYS R 405 -40.23 -53.52 -15.99
N ASP R 406 -39.64 -53.61 -14.79
CA ASP R 406 -39.68 -54.85 -14.05
C ASP R 406 -40.87 -54.90 -13.10
N MET R 407 -41.58 -53.79 -12.94
CA MET R 407 -42.78 -53.80 -12.11
C MET R 407 -43.88 -54.61 -12.79
N PRO R 408 -44.57 -55.48 -12.04
CA PRO R 408 -45.56 -56.37 -12.66
C PRO R 408 -46.73 -55.60 -13.23
N VAL R 409 -47.25 -56.07 -14.35
CA VAL R 409 -48.39 -55.47 -15.03
C VAL R 409 -49.56 -56.43 -14.98
N ASN R 410 -50.65 -56.02 -14.34
CA ASN R 410 -51.80 -56.88 -14.13
C ASN R 410 -52.96 -56.57 -15.07
N GLU R 411 -52.71 -55.81 -16.13
CA GLU R 411 -53.65 -55.41 -17.18
C GLU R 411 -54.68 -54.41 -16.67
N ASN R 412 -54.74 -54.14 -15.37
CA ASN R 412 -55.39 -52.96 -14.84
C ASN R 412 -54.40 -51.87 -14.50
N THR R 413 -53.12 -52.08 -14.80
CA THR R 413 -52.08 -51.16 -14.37
C THR R 413 -51.74 -50.15 -15.46
N GLY R 414 -51.45 -50.61 -16.66
CA GLY R 414 -50.90 -49.76 -17.68
C GLY R 414 -49.54 -50.24 -18.15
N GLU R 415 -48.66 -49.26 -18.37
CA GLU R 415 -47.34 -49.57 -18.88
C GLU R 415 -46.19 -49.11 -17.99
N PHE R 416 -46.47 -48.57 -16.80
CA PHE R 416 -45.42 -48.15 -15.87
C PHE R 416 -44.45 -47.15 -16.50
N LYS R 417 -44.97 -45.98 -16.83
CA LYS R 417 -44.09 -44.88 -17.22
C LYS R 417 -43.27 -44.42 -16.02
N HIS R 418 -42.12 -43.81 -16.28
CA HIS R 418 -41.19 -43.41 -15.23
C HIS R 418 -41.80 -42.41 -14.25
N SER R 419 -42.84 -41.69 -14.65
CA SER R 419 -43.39 -40.65 -13.79
C SER R 419 -44.04 -41.23 -12.55
N ASP R 420 -44.50 -42.48 -12.62
CA ASP R 420 -45.25 -43.02 -11.51
C ASP R 420 -44.35 -43.29 -10.31
N MET R 421 -43.05 -43.49 -10.55
CA MET R 421 -42.13 -43.70 -9.45
C MET R 421 -41.95 -42.44 -8.61
N VAL R 422 -41.72 -41.30 -9.26
CA VAL R 422 -41.64 -40.05 -8.51
C VAL R 422 -42.99 -39.71 -7.91
N ASN R 423 -44.07 -40.05 -8.62
CA ASN R 423 -45.40 -39.85 -8.06
C ASN R 423 -45.57 -40.64 -6.77
N TYR R 424 -45.14 -41.90 -6.78
CA TYR R 424 -45.26 -42.74 -5.60
C TYR R 424 -44.41 -42.21 -4.47
N ALA R 425 -43.19 -41.77 -4.76
CA ALA R 425 -42.33 -41.25 -3.71
C ALA R 425 -42.93 -40.01 -3.07
N ASN R 426 -43.43 -39.08 -3.89
CA ASN R 426 -44.03 -37.87 -3.33
C ASN R 426 -45.26 -38.21 -2.49
N LYS R 427 -46.15 -39.03 -3.04
CA LYS R 427 -47.38 -39.35 -2.32
C LYS R 427 -47.07 -40.13 -1.05
N LYS R 428 -46.04 -40.98 -1.08
CA LYS R 428 -45.70 -41.77 0.09
C LYS R 428 -45.09 -40.90 1.19
N LEU R 429 -44.20 -39.98 0.82
CA LEU R 429 -43.65 -39.08 1.82
C LEU R 429 -44.76 -38.23 2.44
N ALA R 430 -45.69 -37.74 1.61
CA ALA R 430 -46.81 -36.98 2.14
C ALA R 430 -47.68 -37.84 3.06
N GLU R 431 -47.90 -39.10 2.70
CA GLU R 431 -48.68 -40.00 3.54
C GLU R 431 -47.99 -40.24 4.89
N ILE R 432 -46.68 -40.45 4.86
CA ILE R 432 -45.94 -40.61 6.12
C ILE R 432 -46.10 -39.37 6.97
N ASP R 433 -46.00 -38.19 6.35
CA ASP R 433 -46.20 -36.95 7.09
C ASP R 433 -47.64 -36.83 7.59
N SER R 434 -48.57 -37.53 6.93
CA SER R 434 -49.98 -37.40 7.28
C SER R 434 -50.45 -38.43 8.30
N MET R 435 -49.61 -39.40 8.64
CA MET R 435 -50.03 -40.45 9.54
C MET R 435 -50.18 -39.94 10.97
N ASP R 436 -50.83 -40.75 11.80
CA ASP R 436 -51.08 -40.40 13.19
C ASP R 436 -49.99 -40.90 14.13
N ILE R 437 -48.93 -41.49 13.60
CA ILE R 437 -47.81 -41.99 14.40
C ILE R 437 -47.05 -40.80 14.97
N PRO R 438 -46.23 -40.99 16.01
CA PRO R 438 -45.42 -39.88 16.52
C PRO R 438 -44.39 -39.43 15.49
N ASP R 439 -44.06 -38.13 15.55
CA ASP R 439 -43.24 -37.51 14.51
C ASP R 439 -41.86 -38.17 14.39
N GLY R 440 -41.32 -38.66 15.51
CA GLY R 440 -40.08 -39.41 15.42
C GLY R 440 -40.23 -40.66 14.59
N ALA R 441 -41.35 -41.35 14.73
CA ALA R 441 -41.61 -42.52 13.89
C ALA R 441 -41.80 -42.11 12.44
N LYS R 442 -42.38 -40.95 12.19
CA LYS R 442 -42.48 -40.44 10.83
C LYS R 442 -41.09 -40.29 10.22
N ASP R 443 -40.17 -39.68 10.97
CA ASP R 443 -38.83 -39.47 10.47
C ASP R 443 -38.12 -40.79 10.24
N ALA R 444 -38.28 -41.74 11.16
CA ALA R 444 -37.66 -43.05 10.99
C ALA R 444 -38.20 -43.76 9.75
N MET R 445 -39.51 -43.67 9.53
CA MET R 445 -40.10 -44.28 8.34
C MET R 445 -39.60 -43.63 7.06
N LYS R 446 -39.43 -42.30 7.07
CA LYS R 446 -38.89 -41.64 5.89
C LYS R 446 -37.47 -42.13 5.61
N LEU R 447 -36.67 -42.29 6.65
CA LEU R 447 -35.34 -42.86 6.46
C LEU R 447 -35.40 -44.28 5.91
N LYS R 448 -36.33 -45.08 6.41
CA LYS R 448 -36.44 -46.46 5.95
C LYS R 448 -36.86 -46.51 4.48
N TYR R 449 -37.68 -45.57 4.05
CA TYR R 449 -38.03 -45.53 2.63
C TYR R 449 -36.91 -44.92 1.81
N LEU R 450 -36.06 -44.12 2.43
CA LEU R 450 -34.95 -43.48 1.72
C LEU R 450 -33.90 -44.52 1.51
N GLN R 451 -33.61 -45.28 2.56
CA GLN R 451 -32.68 -46.38 2.43
C GLN R 451 -33.48 -47.34 1.58
N ALA R 452 -32.78 -48.23 0.89
CA ALA R 452 -33.42 -49.24 0.08
C ALA R 452 -33.99 -48.69 -1.22
N ASP R 453 -33.24 -47.81 -1.87
CA ASP R 453 -33.65 -47.33 -3.19
C ASP R 453 -32.50 -47.71 -4.13
N SER R 454 -32.65 -47.56 -5.43
CA SER R 454 -31.64 -48.03 -6.37
C SER R 454 -30.50 -47.04 -6.54
N LYS R 455 -30.47 -45.97 -5.74
CA LYS R 455 -29.62 -44.78 -5.84
C LYS R 455 -30.07 -43.92 -7.02
N ASP R 456 -30.94 -44.44 -7.88
CA ASP R 456 -31.71 -43.60 -8.79
C ASP R 456 -33.04 -43.22 -8.16
N GLY R 457 -33.33 -43.81 -6.99
CA GLY R 457 -34.66 -43.81 -6.42
C GLY R 457 -35.27 -42.43 -6.29
N ALA R 458 -36.60 -42.41 -6.45
CA ALA R 458 -37.31 -41.16 -6.35
C ALA R 458 -37.34 -40.65 -4.92
N PHE R 459 -37.21 -41.55 -3.94
CA PHE R 459 -37.08 -41.11 -2.56
C PHE R 459 -35.77 -40.37 -2.34
N ARG R 460 -34.68 -40.88 -2.90
CA ARG R 460 -33.40 -40.17 -2.79
C ARG R 460 -33.48 -38.83 -3.49
N THR R 461 -34.08 -38.78 -4.68
CA THR R 461 -34.22 -37.51 -5.37
C THR R 461 -35.09 -36.54 -4.59
N ALA R 462 -36.16 -37.05 -3.96
CA ALA R 462 -37.03 -36.18 -3.17
C ALA R 462 -36.34 -35.65 -1.94
N ILE R 463 -35.58 -36.49 -1.24
CA ILE R 463 -34.87 -36.03 -0.06
C ILE R 463 -33.73 -35.09 -0.45
N GLY R 464 -33.09 -35.33 -1.59
CA GLY R 464 -32.11 -34.38 -2.08
C GLY R 464 -32.72 -33.06 -2.47
N THR R 465 -33.93 -33.08 -3.02
CA THR R 465 -34.67 -31.85 -3.25
C THR R 465 -34.92 -31.13 -1.94
N MET R 466 -35.27 -31.89 -0.89
CA MET R 466 -35.46 -31.31 0.43
C MET R 466 -34.17 -30.66 0.94
N VAL R 467 -33.04 -31.35 0.77
CA VAL R 467 -31.76 -30.85 1.26
C VAL R 467 -31.36 -29.59 0.50
N THR R 468 -31.51 -29.59 -0.82
CA THR R 468 -31.14 -28.42 -1.60
C THR R 468 -32.10 -27.27 -1.34
N ASP R 469 -33.36 -27.56 -1.03
CA ASP R 469 -34.28 -26.51 -0.63
C ASP R 469 -33.86 -25.87 0.67
N ALA R 470 -33.43 -26.68 1.64
CA ALA R 470 -32.94 -26.12 2.90
C ALA R 470 -31.66 -25.31 2.68
N GLY R 471 -30.75 -25.83 1.86
CA GLY R 471 -29.54 -25.09 1.56
C GLY R 471 -29.84 -23.78 0.87
N GLN R 472 -30.81 -23.78 -0.04
CA GLN R 472 -31.25 -22.56 -0.70
C GLN R 472 -31.83 -21.57 0.31
N GLU R 473 -32.59 -22.06 1.28
CA GLU R 473 -33.10 -21.16 2.32
C GLU R 473 -31.97 -20.54 3.11
N TRP R 474 -30.96 -21.33 3.46
CA TRP R 474 -29.83 -20.77 4.20
C TRP R 474 -29.06 -19.76 3.34
N SER R 475 -28.87 -20.06 2.06
CA SER R 475 -28.16 -19.14 1.18
C SER R 475 -28.91 -17.84 1.04
N ALA R 476 -30.23 -17.92 0.89
CA ALA R 476 -31.06 -16.72 0.83
C ALA R 476 -30.97 -15.93 2.12
N ALA R 477 -30.93 -16.61 3.26
CA ALA R 477 -30.77 -15.92 4.53
C ALA R 477 -29.44 -15.20 4.60
N VAL R 478 -28.38 -15.84 4.11
CA VAL R 478 -27.06 -15.21 4.12
C VAL R 478 -27.07 -13.97 3.24
N ILE R 479 -27.65 -14.07 2.05
CA ILE R 479 -27.69 -12.94 1.13
C ILE R 479 -28.52 -11.81 1.70
N ASN R 480 -29.67 -12.14 2.27
CA ASN R 480 -30.54 -11.12 2.86
C ASN R 480 -29.95 -10.51 4.13
N GLY R 481 -29.04 -11.21 4.78
CA GLY R 481 -28.50 -10.75 6.04
C GLY R 481 -29.36 -11.04 7.24
N LYS R 482 -30.51 -11.67 7.05
CA LYS R 482 -31.38 -12.06 8.14
C LYS R 482 -31.99 -13.41 7.83
N LEU R 483 -32.45 -14.09 8.86
CA LEU R 483 -33.06 -15.40 8.67
C LEU R 483 -34.54 -15.25 8.38
N PRO R 484 -35.07 -15.93 7.37
CA PRO R 484 -36.52 -15.86 7.12
C PRO R 484 -37.29 -16.53 8.23
N GLU R 485 -38.57 -16.19 8.32
CA GLU R 485 -39.43 -16.85 9.28
C GLU R 485 -39.98 -18.16 8.72
N ARG R 486 -40.28 -19.06 9.65
CA ARG R 486 -41.00 -20.32 9.42
C ARG R 486 -40.14 -21.36 8.72
N THR R 487 -39.04 -20.93 8.10
CA THR R 487 -37.97 -21.81 7.61
C THR R 487 -38.42 -23.24 7.27
N PRO R 488 -39.33 -23.39 6.31
CA PRO R 488 -39.97 -24.71 6.13
C PRO R 488 -39.01 -25.80 5.73
N ALA R 489 -38.20 -25.57 4.70
CA ALA R 489 -37.26 -26.59 4.25
C ALA R 489 -36.23 -26.91 5.34
N MET R 490 -35.76 -25.88 6.05
CA MET R 490 -34.81 -26.13 7.12
C MET R 490 -35.44 -26.95 8.24
N ASP R 491 -36.72 -26.69 8.56
CA ASP R 491 -37.38 -27.49 9.58
C ASP R 491 -37.53 -28.94 9.15
N ALA R 492 -37.94 -29.17 7.90
CA ALA R 492 -38.09 -30.54 7.43
C ALA R 492 -36.77 -31.28 7.44
N LEU R 493 -35.72 -30.65 6.93
CA LEU R 493 -34.43 -31.31 6.92
C LEU R 493 -33.88 -31.48 8.33
N ARG R 494 -34.20 -30.54 9.22
CA ARG R 494 -33.78 -30.68 10.61
C ARG R 494 -34.40 -31.91 11.23
N ARG R 495 -35.69 -32.15 10.99
CA ARG R 495 -36.32 -33.36 11.50
C ARG R 495 -35.68 -34.61 10.91
N ILE R 496 -35.55 -34.65 9.59
CA ILE R 496 -35.08 -35.86 8.94
C ILE R 496 -33.62 -36.13 9.29
N ARG R 497 -32.88 -35.10 9.69
CA ARG R 497 -31.49 -35.29 10.05
C ARG R 497 -31.33 -35.61 11.53
N ASN R 498 -32.17 -35.03 12.38
CA ASN R 498 -32.16 -35.41 13.79
C ASN R 498 -32.58 -36.87 13.95
N ALA R 499 -33.35 -37.38 12.99
CA ALA R 499 -33.64 -38.81 12.99
C ALA R 499 -32.34 -39.62 12.90
N ASP R 500 -31.48 -39.28 11.94
CA ASP R 500 -30.24 -40.02 11.70
C ASP R 500 -29.24 -39.13 10.97
N PRO R 501 -28.31 -38.51 11.69
CA PRO R 501 -27.41 -37.55 11.05
C PRO R 501 -26.38 -38.17 10.12
N GLN R 502 -25.76 -39.29 10.53
CA GLN R 502 -24.63 -39.82 9.76
C GLN R 502 -25.04 -40.25 8.36
N LEU R 503 -26.17 -40.94 8.21
CA LEU R 503 -26.59 -41.39 6.89
C LEU R 503 -26.97 -40.21 6.00
N ILE R 504 -27.67 -39.22 6.55
CA ILE R 504 -28.04 -38.07 5.73
C ILE R 504 -26.80 -37.35 5.27
N ALA R 505 -25.81 -37.18 6.16
CA ALA R 505 -24.57 -36.54 5.76
C ALA R 505 -23.84 -37.36 4.70
N ALA R 506 -23.84 -38.69 4.84
CA ALA R 506 -23.16 -39.53 3.86
C ALA R 506 -23.83 -39.48 2.50
N LEU R 507 -25.17 -39.48 2.47
CA LEU R 507 -25.87 -39.52 1.20
C LEU R 507 -25.79 -38.20 0.48
N TYR R 508 -25.55 -37.12 1.20
CA TYR R 508 -25.46 -35.78 0.62
C TYR R 508 -24.23 -35.07 1.16
N PRO R 509 -23.03 -35.54 0.77
CA PRO R 509 -21.81 -34.92 1.30
C PRO R 509 -21.64 -33.49 0.85
N ASP R 510 -22.27 -33.11 -0.26
CA ASP R 510 -22.09 -31.77 -0.78
C ASP R 510 -22.56 -30.70 0.20
N GLN R 511 -23.67 -30.94 0.89
CA GLN R 511 -24.10 -29.97 1.89
C GLN R 511 -23.54 -30.29 3.27
N ALA R 512 -22.23 -30.55 3.32
CA ALA R 512 -21.57 -30.72 4.61
C ALA R 512 -21.58 -29.42 5.39
N GLU R 513 -21.37 -28.31 4.68
CA GLU R 513 -21.40 -27.00 5.32
C GLU R 513 -22.78 -26.69 5.88
N LEU R 514 -23.83 -27.05 5.14
CA LEU R 514 -25.19 -26.83 5.62
C LEU R 514 -25.48 -27.67 6.85
N PHE R 515 -25.05 -28.94 6.84
CA PHE R 515 -25.28 -29.79 7.99
C PHE R 515 -24.52 -29.28 9.21
N LEU R 516 -23.29 -28.82 9.01
CA LEU R 516 -22.52 -28.22 10.09
C LEU R 516 -23.19 -26.96 10.62
N THR R 517 -23.74 -26.15 9.72
CA THR R 517 -24.43 -24.94 10.15
C THR R 517 -25.65 -25.28 11.00
N MET R 518 -26.42 -26.28 10.58
CA MET R 518 -27.57 -26.69 11.38
C MET R 518 -27.13 -27.19 12.74
N ASP R 519 -26.08 -28.01 12.80
CA ASP R 519 -25.55 -28.47 14.08
C ASP R 519 -25.13 -27.30 14.95
N MET R 520 -24.49 -26.30 14.35
CA MET R 520 -24.08 -25.12 15.10
C MET R 520 -25.27 -24.41 15.71
N MET R 521 -26.36 -24.28 14.94
CA MET R 521 -27.51 -23.53 15.45
C MET R 521 -28.25 -24.32 16.52
N ASP R 522 -28.52 -25.61 16.29
CA ASP R 522 -29.41 -26.32 17.20
C ASP R 522 -28.67 -27.14 18.25
N LYS R 523 -27.69 -27.96 17.84
CA LYS R 523 -26.95 -28.74 18.81
C LYS R 523 -26.12 -27.85 19.72
N GLN R 524 -25.37 -26.92 19.16
CA GLN R 524 -24.68 -25.90 19.91
C GLN R 524 -25.57 -24.67 20.03
N GLY R 525 -25.19 -23.77 20.91
CA GLY R 525 -26.02 -22.61 21.19
C GLY R 525 -25.77 -21.43 20.28
N ILE R 526 -25.02 -21.60 19.20
CA ILE R 526 -24.56 -20.46 18.42
C ILE R 526 -25.75 -19.78 17.76
N ASP R 527 -25.79 -18.45 17.88
CA ASP R 527 -26.88 -17.68 17.31
C ASP R 527 -26.85 -17.78 15.79
N PRO R 528 -27.99 -17.94 15.13
CA PRO R 528 -27.98 -17.90 13.67
C PRO R 528 -27.50 -16.56 13.12
N GLN R 529 -27.66 -15.49 13.88
CA GLN R 529 -27.31 -14.17 13.35
C GLN R 529 -25.81 -13.98 13.23
N VAL R 530 -25.04 -14.47 14.21
CA VAL R 530 -23.59 -14.30 14.13
C VAL R 530 -23.02 -15.15 12.99
N ILE R 531 -23.52 -16.38 12.84
CA ILE R 531 -23.11 -17.22 11.71
C ILE R 531 -23.48 -16.55 10.40
N LEU R 532 -24.67 -15.96 10.36
CA LEU R 532 -25.16 -15.34 9.14
C LEU R 532 -24.30 -14.14 8.76
N ASP R 533 -23.96 -13.31 9.74
CA ASP R 533 -23.09 -12.16 9.48
C ASP R 533 -21.69 -12.61 9.04
N ALA R 534 -21.16 -13.66 9.68
CA ALA R 534 -19.85 -14.15 9.29
C ALA R 534 -19.87 -14.68 7.86
N ASP R 535 -20.94 -15.40 7.48
CA ASP R 535 -21.04 -15.89 6.12
C ASP R 535 -21.17 -14.74 5.13
N ARG R 536 -21.90 -13.68 5.51
CA ARG R 536 -22.05 -12.53 4.63
C ARG R 536 -20.72 -11.81 4.44
N LEU R 537 -19.91 -11.71 5.49
CA LEU R 537 -18.63 -11.00 5.38
C LEU R 537 -17.60 -11.83 4.65
N THR R 538 -17.62 -13.14 4.80
CA THR R 538 -16.66 -14.02 4.13
C THR R 538 -17.19 -14.41 2.75
N VAL R 539 -17.34 -13.38 1.90
CA VAL R 539 -17.77 -13.61 0.53
C VAL R 539 -16.72 -13.18 -0.49
N LYS R 540 -15.49 -13.01 -0.09
CA LYS R 540 -14.39 -12.64 -0.98
C LYS R 540 -13.53 -13.89 -1.15
N ARG R 541 -13.82 -14.67 -2.19
CA ARG R 541 -13.07 -15.90 -2.42
C ARG R 541 -11.61 -15.61 -2.75
N SER R 542 -11.36 -14.63 -3.60
CA SER R 542 -10.04 -14.10 -3.94
C SER R 542 -9.16 -15.06 -4.72
N LYS R 543 -9.64 -16.24 -5.10
CA LYS R 543 -8.88 -17.16 -5.95
C LYS R 543 -7.57 -17.61 -5.31
N GLU R 544 -6.64 -16.68 -5.13
CA GLU R 544 -5.39 -17.00 -4.43
C GLU R 544 -5.65 -17.42 -2.99
N GLN R 545 -6.64 -16.78 -2.36
CA GLN R 545 -7.02 -17.16 -1.00
C GLN R 545 -7.43 -18.62 -0.96
N ARG R 546 -8.11 -19.10 -2.01
CA ARG R 546 -8.50 -20.51 -2.04
C ARG R 546 -7.28 -21.43 -2.09
N PHE R 547 -6.28 -21.07 -2.90
CA PHE R 547 -5.07 -21.90 -2.95
C PHE R 547 -4.35 -21.91 -1.61
N GLU R 548 -4.25 -20.76 -0.96
CA GLU R 548 -3.59 -20.75 0.34
C GLU R 548 -4.39 -21.53 1.36
N ASP R 549 -5.72 -21.51 1.24
CA ASP R 549 -6.54 -22.37 2.08
C ASP R 549 -6.21 -23.84 1.85
N ASP R 550 -6.05 -24.23 0.59
CA ASP R 550 -5.68 -25.62 0.30
C ASP R 550 -4.36 -26.00 0.96
N LYS R 551 -3.36 -25.13 0.82
CA LYS R 551 -2.03 -25.50 1.28
C LYS R 551 -1.97 -25.51 2.80
N ALA R 552 -2.63 -24.53 3.44
CA ALA R 552 -2.71 -24.53 4.89
C ALA R 552 -3.47 -25.74 5.41
N PHE R 553 -4.56 -26.12 4.74
CA PHE R 553 -5.33 -27.25 5.22
C PHE R 553 -4.53 -28.55 5.11
N GLU R 554 -3.81 -28.73 4.00
CA GLU R 554 -3.02 -29.95 3.87
C GLU R 554 -1.93 -30.01 4.92
N SER R 555 -1.31 -28.86 5.22
CA SER R 555 -0.30 -28.83 6.26
C SER R 555 -0.90 -29.16 7.63
N ALA R 556 -2.05 -28.58 7.95
CA ALA R 556 -2.71 -28.89 9.21
C ALA R 556 -3.09 -30.37 9.27
N LEU R 557 -3.49 -30.93 8.14
CA LEU R 557 -3.84 -32.34 8.08
C LEU R 557 -2.66 -33.22 8.44
N ASN R 558 -1.53 -33.01 7.80
CA ASN R 558 -0.42 -33.92 8.02
C ASN R 558 0.40 -33.51 9.25
N ALA R 559 0.01 -32.43 9.91
CA ALA R 559 0.65 -32.06 11.17
C ALA R 559 -0.19 -32.41 12.40
N SER R 560 -1.33 -33.09 12.22
CA SER R 560 -2.28 -33.22 13.32
C SER R 560 -1.87 -34.29 14.32
N LYS R 561 -1.51 -35.48 13.83
CA LYS R 561 -1.14 -36.61 14.69
C LYS R 561 -2.31 -37.01 15.59
N ALA R 562 -3.45 -37.32 14.96
CA ALA R 562 -4.62 -37.89 15.61
C ALA R 562 -5.17 -39.02 14.75
N PRO R 563 -5.71 -40.07 15.36
CA PRO R 563 -6.14 -41.23 14.55
C PRO R 563 -7.19 -40.88 13.52
N GLU R 564 -8.06 -39.92 13.84
CA GLU R 564 -9.09 -39.52 12.88
C GLU R 564 -8.49 -38.68 11.75
N ILE R 565 -7.69 -37.67 12.11
CA ILE R 565 -7.14 -36.77 11.10
C ILE R 565 -6.11 -37.50 10.26
N ALA R 566 -5.23 -38.24 10.89
CA ALA R 566 -4.40 -39.17 10.13
C ALA R 566 -5.27 -40.27 9.59
N ARG R 567 -4.73 -41.02 8.63
CA ARG R 567 -5.50 -42.07 7.99
C ARG R 567 -6.72 -41.45 7.32
N MET R 568 -7.82 -41.31 8.08
CA MET R 568 -9.08 -40.71 7.69
C MET R 568 -9.76 -41.61 6.66
N PRO R 569 -11.08 -41.80 6.74
CA PRO R 569 -11.72 -42.75 5.83
C PRO R 569 -11.69 -42.35 4.37
N ALA R 570 -11.46 -41.08 4.07
CA ALA R 570 -11.44 -40.52 2.72
C ALA R 570 -12.83 -40.44 2.12
N SER R 571 -13.81 -41.03 2.79
CA SER R 571 -15.20 -40.76 2.45
C SER R 571 -15.65 -39.44 3.05
N LEU R 572 -14.94 -38.99 4.09
CA LEU R 572 -15.20 -37.74 4.76
C LEU R 572 -14.14 -36.70 4.47
N ARG R 573 -13.19 -37.02 3.61
CA ARG R 573 -12.09 -36.12 3.26
C ARG R 573 -12.63 -34.78 2.76
N GLU R 574 -13.60 -34.83 1.84
CA GLU R 574 -14.17 -33.60 1.32
C GLU R 574 -15.07 -32.93 2.36
N SER R 575 -15.84 -33.72 3.11
CA SER R 575 -16.66 -33.16 4.16
C SER R 575 -15.80 -32.53 5.26
N ALA R 576 -14.68 -33.18 5.59
CA ALA R 576 -13.76 -32.60 6.56
C ALA R 576 -13.18 -31.28 6.06
N ARG R 577 -12.79 -31.24 4.78
CA ARG R 577 -12.34 -29.99 4.20
C ARG R 577 -13.40 -28.90 4.25
N LYS R 578 -14.64 -29.22 3.90
CA LYS R 578 -15.69 -28.22 3.91
C LYS R 578 -15.96 -27.71 5.31
N ILE R 579 -15.98 -28.61 6.29
CA ILE R 579 -16.20 -28.18 7.67
C ILE R 579 -15.04 -27.32 8.16
N TYR R 580 -13.81 -27.72 7.83
CA TYR R 580 -12.66 -26.93 8.24
C TYR R 580 -12.72 -25.53 7.64
N ASP R 581 -13.02 -25.44 6.34
CA ASP R 581 -13.13 -24.14 5.69
C ASP R 581 -14.25 -23.31 6.31
N SER R 582 -15.40 -23.95 6.57
CA SER R 582 -16.54 -23.23 7.11
C SER R 582 -16.23 -22.64 8.48
N VAL R 583 -15.61 -23.44 9.36
CA VAL R 583 -15.33 -22.94 10.70
C VAL R 583 -14.19 -21.93 10.65
N LYS R 584 -13.25 -22.10 9.73
CA LYS R 584 -12.18 -21.11 9.57
C LYS R 584 -12.73 -19.76 9.17
N TYR R 585 -13.69 -19.74 8.25
CA TYR R 585 -14.26 -18.48 7.80
C TYR R 585 -15.24 -17.91 8.81
N ARG R 586 -16.06 -18.76 9.43
CA ARG R 586 -17.01 -18.31 10.44
C ARG R 586 -16.29 -17.58 11.56
N SER R 587 -15.47 -18.30 12.30
CA SER R 587 -14.60 -17.70 13.30
C SER R 587 -13.19 -17.74 12.74
N GLY R 588 -12.56 -16.58 12.66
CA GLY R 588 -11.25 -16.54 12.04
C GLY R 588 -10.23 -17.20 12.94
N ASN R 589 -10.31 -18.52 13.06
CA ASN R 589 -9.46 -19.28 13.97
C ASN R 589 -9.11 -20.61 13.32
N GLU R 590 -7.82 -20.81 13.03
CA GLU R 590 -7.36 -22.10 12.53
C GLU R 590 -7.54 -23.19 13.58
N SER R 591 -7.24 -22.89 14.84
CA SER R 591 -7.32 -23.90 15.88
C SER R 591 -8.76 -24.36 16.07
N MET R 592 -9.71 -23.43 16.02
CA MET R 592 -11.10 -23.79 16.21
C MET R 592 -11.61 -24.63 15.05
N ALA R 593 -11.19 -24.28 13.83
CA ALA R 593 -11.56 -25.07 12.66
C ALA R 593 -10.98 -26.48 12.74
N MET R 594 -9.73 -26.59 13.17
CA MET R 594 -9.12 -27.91 13.37
C MET R 594 -9.90 -28.71 14.39
N GLU R 595 -10.25 -28.09 15.53
CA GLU R 595 -10.98 -28.79 16.57
C GLU R 595 -12.35 -29.23 16.06
N GLN R 596 -13.03 -28.37 15.31
CA GLN R 596 -14.36 -28.71 14.82
C GLN R 596 -14.32 -29.84 13.82
N MET R 597 -13.38 -29.83 12.87
CA MET R 597 -13.35 -30.91 11.91
C MET R 597 -12.87 -32.20 12.55
N THR R 598 -12.00 -32.09 13.54
CA THR R 598 -11.60 -33.28 14.29
C THR R 598 -12.79 -33.89 15.00
N LYS R 599 -13.61 -33.06 15.64
CA LYS R 599 -14.78 -33.59 16.33
C LYS R 599 -15.79 -34.17 15.36
N PHE R 600 -15.96 -33.53 14.20
CA PHE R 600 -16.82 -34.09 13.17
C PHE R 600 -16.35 -35.49 12.77
N LEU R 601 -15.06 -35.63 12.52
CA LEU R 601 -14.51 -36.93 12.14
C LEU R 601 -14.65 -37.94 13.25
N LYS R 602 -14.52 -37.51 14.50
CA LYS R 602 -14.64 -38.43 15.62
C LYS R 602 -16.06 -38.94 15.77
N GLU R 603 -17.05 -38.06 15.62
CA GLU R 603 -18.43 -38.52 15.70
C GLU R 603 -18.82 -39.36 14.49
N SER R 604 -18.26 -39.07 13.33
CA SER R 604 -18.70 -39.76 12.13
C SER R 604 -17.95 -41.08 11.94
N THR R 605 -16.94 -41.36 12.76
CA THR R 605 -16.12 -42.55 12.60
C THR R 605 -15.90 -43.24 13.94
N TYR R 606 -15.51 -44.51 13.86
CA TYR R 606 -15.01 -45.25 15.00
C TYR R 606 -13.59 -45.70 14.72
N THR R 607 -12.67 -45.39 15.62
CA THR R 607 -11.26 -45.75 15.46
C THR R 607 -11.03 -47.09 16.14
N PHE R 608 -10.72 -48.10 15.34
CA PHE R 608 -10.34 -49.40 15.89
C PHE R 608 -8.89 -49.36 16.34
N THR R 609 -8.61 -50.04 17.44
CA THR R 609 -7.28 -49.99 18.04
C THR R 609 -6.80 -51.40 18.31
N GLY R 610 -5.48 -51.56 18.33
CA GLY R 610 -4.91 -52.87 18.57
C GLY R 610 -5.06 -53.32 20.00
N ASP R 611 -4.76 -54.60 20.22
CA ASP R 611 -4.83 -55.18 21.55
C ASP R 611 -3.59 -54.90 22.38
N ASP R 612 -2.55 -54.34 21.78
CA ASP R 612 -1.30 -54.07 22.48
C ASP R 612 -1.39 -53.06 23.62
N VAL R 613 -0.32 -52.97 24.40
CA VAL R 613 -0.32 -52.06 25.54
C VAL R 613 -0.46 -50.63 25.11
N ASP R 614 0.22 -50.25 24.04
CA ASP R 614 0.06 -48.90 23.52
C ASP R 614 -0.83 -49.06 22.33
N GLY R 615 -2.03 -48.49 22.40
CA GLY R 615 -2.97 -48.72 21.33
C GLY R 615 -2.48 -48.17 20.02
N ASP R 616 -2.58 -48.97 18.97
CA ASP R 616 -2.20 -48.50 17.66
C ASP R 616 -3.45 -48.58 16.81
N THR R 617 -3.76 -47.49 16.12
CA THR R 617 -4.93 -47.52 15.26
C THR R 617 -4.73 -48.59 14.19
N VAL R 618 -5.60 -49.60 14.20
CA VAL R 618 -5.59 -50.56 13.10
C VAL R 618 -6.43 -50.04 11.94
N GLY R 619 -7.39 -49.17 12.23
CA GLY R 619 -8.16 -48.55 11.17
C GLY R 619 -9.19 -47.60 11.70
N VAL R 620 -9.64 -46.70 10.82
CA VAL R 620 -10.72 -45.78 11.11
C VAL R 620 -11.79 -46.00 10.06
N ILE R 621 -12.97 -46.45 10.50
CA ILE R 621 -14.07 -46.76 9.60
C ILE R 621 -15.25 -45.86 9.94
N PRO R 622 -15.93 -45.29 8.95
CA PRO R 622 -17.03 -44.38 9.24
C PRO R 622 -18.15 -45.09 9.99
N LYS R 623 -18.82 -44.32 10.84
CA LYS R 623 -19.79 -44.89 11.76
C LYS R 623 -20.97 -45.51 11.02
N ASN R 624 -21.40 -44.88 9.91
CA ASN R 624 -22.60 -45.34 9.23
C ASN R 624 -22.39 -46.69 8.57
N MET R 625 -21.17 -46.97 8.13
CA MET R 625 -20.93 -48.19 7.37
C MET R 625 -21.11 -49.44 8.20
N MET R 626 -21.14 -49.31 9.52
CA MET R 626 -21.23 -50.46 10.40
C MET R 626 -22.63 -50.71 10.94
N GLN R 627 -23.65 -49.98 10.49
CA GLN R 627 -24.98 -50.13 11.04
C GLN R 627 -25.61 -51.43 10.52
N VAL R 628 -26.20 -52.21 11.44
CA VAL R 628 -26.83 -53.46 11.03
C VAL R 628 -28.32 -53.26 10.80
N ASN R 629 -28.98 -52.47 11.63
CA ASN R 629 -30.39 -52.17 11.41
C ASN R 629 -30.59 -50.66 11.32
N SER R 630 -31.86 -50.23 11.27
CA SER R 630 -32.14 -48.84 10.96
C SER R 630 -31.83 -47.92 12.13
N ASP R 631 -31.62 -48.48 13.31
CA ASP R 631 -31.26 -47.67 14.46
C ASP R 631 -29.89 -47.03 14.24
N PRO R 632 -29.75 -45.73 14.43
CA PRO R 632 -28.43 -45.11 14.28
C PRO R 632 -27.39 -45.67 15.23
N LYS R 633 -27.79 -46.24 16.35
CA LYS R 633 -26.86 -46.76 17.34
C LYS R 633 -26.42 -48.19 17.03
N SER R 634 -26.97 -48.81 15.99
CA SER R 634 -26.59 -50.15 15.60
C SER R 634 -25.18 -50.23 15.05
N TRP R 635 -24.56 -49.08 14.78
CA TRP R 635 -23.14 -49.08 14.45
C TRP R 635 -22.32 -49.72 15.55
N GLU R 636 -22.81 -49.70 16.79
CA GLU R 636 -22.09 -50.35 17.88
C GLU R 636 -22.11 -51.86 17.72
N GLN R 637 -23.25 -52.43 17.32
CA GLN R 637 -23.29 -53.85 17.02
C GLN R 637 -22.38 -54.19 15.84
N GLY R 638 -22.40 -53.35 14.81
CA GLY R 638 -21.50 -53.58 13.69
C GLY R 638 -20.04 -53.52 14.11
N ARG R 639 -19.71 -52.57 14.97
CA ARG R 639 -18.37 -52.46 15.52
C ARG R 639 -18.00 -53.72 16.29
N ASP R 640 -18.93 -54.25 17.08
CA ASP R 640 -18.65 -55.45 17.85
C ASP R 640 -18.35 -56.62 16.92
N ILE R 641 -19.13 -56.73 15.84
CA ILE R 641 -18.89 -57.79 14.86
C ILE R 641 -17.52 -57.62 14.22
N LEU R 642 -17.14 -56.39 13.89
CA LEU R 642 -15.86 -56.18 13.22
C LEU R 642 -14.68 -56.41 14.17
N GLU R 643 -14.82 -56.02 15.44
CA GLU R 643 -13.80 -56.35 16.43
C GLU R 643 -13.62 -57.86 16.53
N GLU R 644 -14.73 -58.59 16.57
CA GLU R 644 -14.63 -60.04 16.63
C GLU R 644 -14.00 -60.60 15.35
N ALA R 645 -14.29 -59.97 14.21
CA ALA R 645 -13.70 -60.43 12.96
C ALA R 645 -12.20 -60.24 12.96
N ARG R 646 -11.73 -59.09 13.44
CA ARG R 646 -10.30 -58.85 13.52
C ARG R 646 -9.63 -59.83 14.47
N LYS R 647 -10.26 -60.09 15.62
CA LYS R 647 -9.72 -61.09 16.54
C LYS R 647 -9.65 -62.46 15.87
N GLY R 648 -10.68 -62.82 15.11
CA GLY R 648 -10.68 -64.11 14.45
C GLY R 648 -9.62 -64.23 13.38
N ILE R 649 -9.39 -63.15 12.64
CA ILE R 649 -8.34 -63.15 11.62
C ILE R 649 -6.97 -63.33 12.28
N ILE R 650 -6.72 -62.60 13.36
CA ILE R 650 -5.44 -62.75 14.04
C ILE R 650 -5.30 -64.17 14.60
N ALA R 651 -6.36 -64.69 15.21
CA ALA R 651 -6.27 -66.01 15.83
C ALA R 651 -6.08 -67.12 14.80
N SER R 652 -6.79 -67.04 13.67
CA SER R 652 -6.64 -68.06 12.64
C SER R 652 -5.27 -68.00 11.98
N ASN R 653 -4.76 -66.81 11.74
CA ASN R 653 -3.47 -66.63 11.08
C ASN R 653 -2.50 -65.96 12.04
N PRO R 654 -1.74 -66.74 12.82
CA PRO R 654 -0.76 -66.14 13.73
C PRO R 654 0.42 -65.50 13.02
N TRP R 655 0.57 -65.74 11.71
CA TRP R 655 1.66 -65.14 10.96
C TRP R 655 1.56 -63.63 10.99
N ILE R 656 0.34 -63.11 10.91
CA ILE R 656 0.13 -61.67 10.79
C ILE R 656 0.44 -60.99 12.12
N THR R 657 1.36 -60.03 12.09
CA THR R 657 1.54 -59.14 13.22
C THR R 657 0.33 -58.23 13.32
N ASN R 658 0.08 -57.72 14.53
CA ASN R 658 -1.02 -56.78 14.72
C ASN R 658 -0.79 -55.52 13.90
N LYS R 659 0.46 -55.06 13.83
CA LYS R 659 0.80 -53.87 13.05
C LYS R 659 0.60 -54.11 11.56
N GLN R 660 0.66 -55.36 11.12
CA GLN R 660 0.48 -55.66 9.71
C GLN R 660 -0.98 -55.57 9.31
N LEU R 661 -1.88 -56.00 10.19
CA LEU R 661 -3.30 -55.95 9.88
C LEU R 661 -3.77 -54.50 9.78
N THR R 662 -4.46 -54.18 8.70
CA THR R 662 -4.94 -52.82 8.45
C THR R 662 -6.42 -52.90 8.08
N MET R 663 -7.18 -51.91 8.53
CA MET R 663 -8.60 -51.82 8.25
C MET R 663 -8.91 -50.48 7.62
N TYR R 664 -9.76 -50.48 6.61
CA TYR R 664 -10.14 -49.26 5.92
C TYR R 664 -11.46 -49.49 5.23
N SER R 665 -12.09 -48.39 4.83
CA SER R 665 -13.38 -48.42 4.18
C SER R 665 -13.23 -47.88 2.77
N GLN R 666 -13.81 -48.60 1.81
CA GLN R 666 -13.93 -48.10 0.44
C GLN R 666 -15.26 -47.38 0.32
N GLY R 667 -15.72 -47.14 -0.91
CA GLY R 667 -16.96 -46.41 -1.09
C GLY R 667 -18.15 -47.08 -0.44
N ASP R 668 -18.16 -48.41 -0.40
CA ASP R 668 -19.29 -49.14 0.16
C ASP R 668 -18.90 -50.22 1.15
N SER R 669 -17.64 -50.61 1.22
CA SER R 669 -17.24 -51.79 1.95
C SER R 669 -16.28 -51.45 3.08
N ILE R 670 -16.05 -52.43 3.94
CA ILE R 670 -15.02 -52.38 4.97
C ILE R 670 -14.07 -53.53 4.72
N TYR R 671 -12.79 -53.21 4.54
CA TYR R 671 -11.76 -54.22 4.30
C TYR R 671 -10.82 -54.27 5.48
N LEU R 672 -10.61 -55.46 6.01
CA LEU R 672 -9.52 -55.74 6.93
C LEU R 672 -8.54 -56.67 6.21
N MET R 673 -7.30 -56.22 6.08
CA MET R 673 -6.28 -56.99 5.40
C MET R 673 -4.92 -56.62 5.94
N ASP R 674 -3.98 -57.54 5.82
CA ASP R 674 -2.63 -57.32 6.29
C ASP R 674 -1.83 -56.53 5.25
N THR R 675 -0.58 -56.23 5.61
CA THR R 675 0.32 -55.55 4.68
C THR R 675 0.92 -56.58 3.73
N THR R 676 0.07 -57.40 3.14
CA THR R 676 0.48 -58.51 2.28
C THR R 676 -0.80 -59.01 1.60
N GLY R 677 -0.64 -59.71 0.50
CA GLY R 677 -1.79 -60.24 -0.19
C GLY R 677 -2.38 -61.50 0.40
N GLN R 678 -1.93 -61.91 1.59
CA GLN R 678 -2.45 -63.12 2.19
C GLN R 678 -3.93 -63.03 2.50
N VAL R 679 -4.30 -62.14 3.42
CA VAL R 679 -5.64 -62.09 3.98
C VAL R 679 -6.27 -60.78 3.57
N ARG R 680 -7.46 -60.86 2.98
CA ARG R 680 -8.27 -59.69 2.69
C ARG R 680 -9.73 -60.10 2.84
N VAL R 681 -10.40 -59.56 3.85
CA VAL R 681 -11.77 -59.95 4.16
C VAL R 681 -12.67 -58.74 3.98
N ARG R 682 -13.78 -58.94 3.27
CA ARG R 682 -14.70 -57.89 2.90
C ARG R 682 -15.93 -57.94 3.79
N TYR R 683 -16.34 -56.80 4.32
CA TYR R 683 -17.56 -56.71 5.11
C TYR R 683 -18.42 -55.58 4.57
N ASP R 684 -19.46 -55.95 3.84
CA ASP R 684 -20.49 -55.01 3.42
C ASP R 684 -21.40 -54.70 4.60
N LYS R 685 -22.09 -53.55 4.51
CA LYS R 685 -23.15 -53.27 5.46
C LYS R 685 -24.22 -54.34 5.39
N GLU R 686 -24.47 -54.88 4.20
CA GLU R 686 -25.44 -55.94 4.02
C GLU R 686 -24.99 -57.22 4.73
N LEU R 687 -23.74 -57.62 4.51
CA LEU R 687 -23.21 -58.83 5.14
C LEU R 687 -23.18 -58.70 6.66
N LEU R 688 -22.76 -57.54 7.13
CA LEU R 688 -22.69 -57.28 8.56
C LEU R 688 -24.09 -57.33 9.18
N SER R 689 -25.06 -56.69 8.51
CA SER R 689 -26.44 -56.78 8.96
C SER R 689 -26.92 -58.23 8.95
N LYS R 690 -26.49 -59.02 7.98
CA LYS R 690 -26.95 -60.40 7.88
C LYS R 690 -26.47 -61.22 9.08
N VAL R 691 -25.18 -61.12 9.41
CA VAL R 691 -24.68 -61.90 10.55
C VAL R 691 -25.33 -61.42 11.84
N TRP R 692 -25.50 -60.10 11.98
CA TRP R 692 -26.16 -59.60 13.18
C TRP R 692 -27.60 -60.09 13.28
N SER R 693 -28.33 -60.09 12.17
CA SER R 693 -29.71 -60.52 12.20
C SER R 693 -29.81 -62.00 12.54
N GLU R 694 -28.90 -62.81 12.02
CA GLU R 694 -28.89 -64.23 12.37
C GLU R 694 -28.72 -64.41 13.88
N ASN R 695 -27.67 -63.80 14.44
CA ASN R 695 -27.40 -63.97 15.86
C ASN R 695 -28.54 -63.41 16.70
N GLN R 696 -29.06 -62.25 16.33
CA GLN R 696 -30.15 -61.63 17.07
C GLN R 696 -31.40 -62.49 17.03
N LYS R 697 -31.72 -63.07 15.87
CA LYS R 697 -32.91 -63.90 15.80
C LYS R 697 -32.78 -65.10 16.71
N LYS R 698 -31.63 -65.80 16.68
CA LYS R 698 -31.50 -66.98 17.51
C LYS R 698 -31.54 -66.63 18.99
N LEU R 699 -30.83 -65.56 19.40
CA LEU R 699 -30.82 -65.17 20.79
C LEU R 699 -32.21 -64.72 21.25
N GLU R 700 -32.91 -63.98 20.40
CA GLU R 700 -34.24 -63.50 20.73
C GLU R 700 -35.22 -64.65 20.89
N GLU R 701 -35.11 -65.67 20.03
CA GLU R 701 -35.96 -66.84 20.17
C GLU R 701 -35.70 -67.55 21.50
N LYS R 702 -34.44 -67.76 21.83
CA LYS R 702 -34.12 -68.45 23.09
C LYS R 702 -34.60 -67.65 24.29
N ALA R 703 -34.41 -66.32 24.25
CA ALA R 703 -34.86 -65.48 25.35
C ALA R 703 -36.37 -65.50 25.49
N ARG R 704 -37.11 -65.48 24.37
CA ARG R 704 -38.57 -65.52 24.46
C ARG R 704 -39.03 -66.86 25.01
N GLU R 705 -38.40 -67.96 24.58
CA GLU R 705 -38.74 -69.26 25.13
C GLU R 705 -38.51 -69.28 26.64
N LYS R 706 -37.37 -68.77 27.09
CA LYS R 706 -37.09 -68.77 28.53
C LYS R 706 -38.07 -67.90 29.30
N ALA R 707 -38.39 -66.71 28.77
CA ALA R 707 -39.28 -65.81 29.47
C ALA R 707 -40.69 -66.38 29.57
N LEU R 708 -41.17 -67.00 28.49
CA LEU R 708 -42.47 -67.66 28.54
C LEU R 708 -42.46 -68.83 29.50
N ALA R 709 -41.35 -69.59 29.53
CA ALA R 709 -41.24 -70.70 30.47
C ALA R 709 -41.34 -70.21 31.92
N ASP R 710 -40.67 -69.10 32.23
CA ASP R 710 -40.78 -68.52 33.56
C ASP R 710 -42.20 -68.07 33.84
N VAL R 711 -42.86 -67.47 32.85
CA VAL R 711 -44.22 -66.98 33.01
C VAL R 711 -45.21 -68.14 33.02
N LEU S 41 -92.43 46.24 -3.47
CA LEU S 41 -92.62 45.18 -2.48
C LEU S 41 -91.33 44.41 -2.26
N LEU S 42 -90.99 43.57 -3.23
CA LEU S 42 -89.79 42.73 -3.11
C LEU S 42 -88.53 43.58 -3.03
N ASP S 43 -88.54 44.75 -3.67
CA ASP S 43 -87.37 45.63 -3.64
C ASP S 43 -87.08 46.10 -2.22
N THR S 44 -88.12 46.56 -1.52
CA THR S 44 -87.94 47.07 -0.16
C THR S 44 -87.52 45.95 0.80
N ILE S 45 -88.15 44.79 0.69
CA ILE S 45 -87.81 43.67 1.57
C ILE S 45 -86.38 43.20 1.31
N GLY S 46 -85.98 43.15 0.04
CA GLY S 46 -84.61 42.80 -0.28
C GLY S 46 -83.62 43.82 0.26
N ARG S 47 -83.97 45.11 0.18
CA ARG S 47 -83.12 46.14 0.75
C ARG S 47 -82.96 45.96 2.25
N PHE S 48 -84.06 45.71 2.95
CA PHE S 48 -83.99 45.52 4.40
C PHE S 48 -83.19 44.26 4.75
N ALA S 49 -83.37 43.19 3.98
CA ALA S 49 -82.75 41.91 4.33
C ALA S 49 -81.24 41.93 4.06
N LYS S 50 -80.84 42.49 2.91
CA LYS S 50 -79.43 42.40 2.52
C LYS S 50 -78.54 43.22 3.46
N ALA S 51 -79.00 44.39 3.89
CA ALA S 51 -78.18 45.31 4.67
C ALA S 51 -79.01 45.92 5.79
N GLY S 52 -78.39 46.07 6.96
CA GLY S 52 -79.13 46.58 8.11
C GLY S 52 -79.57 48.02 7.96
N ALA S 53 -78.68 48.88 7.43
CA ALA S 53 -78.98 50.30 7.32
C ALA S 53 -78.10 50.92 6.25
N ASP S 54 -78.05 52.25 6.26
CA ASP S 54 -77.23 53.14 5.44
C ASP S 54 -77.31 52.87 3.94
N MET S 55 -78.41 52.28 3.46
CA MET S 55 -78.64 52.09 2.03
C MET S 55 -79.45 53.27 1.51
N TYR S 56 -78.75 54.24 0.91
CA TYR S 56 -79.40 55.48 0.48
C TYR S 56 -80.01 55.34 -0.91
N THR S 57 -79.63 54.30 -1.65
CA THR S 57 -80.15 54.10 -3.00
C THR S 57 -81.41 53.23 -2.98
N ALA S 58 -82.47 53.78 -2.36
CA ALA S 58 -83.76 53.11 -2.39
C ALA S 58 -84.68 53.77 -3.40
N LYS S 59 -84.95 55.07 -3.22
CA LYS S 59 -85.62 55.83 -4.27
C LYS S 59 -84.79 55.84 -5.54
N GLU S 60 -83.47 55.89 -5.40
CA GLU S 60 -82.61 55.76 -6.58
C GLU S 60 -82.74 54.37 -7.19
N GLN S 61 -82.96 53.34 -6.38
CA GLN S 61 -83.17 52.00 -6.93
C GLN S 61 -84.47 51.94 -7.73
N ARG S 62 -85.53 52.54 -7.21
CA ARG S 62 -86.80 52.58 -7.96
C ARG S 62 -86.64 53.40 -9.23
N ALA S 63 -85.91 54.51 -9.15
CA ALA S 63 -85.65 55.33 -10.33
C ALA S 63 -84.83 54.55 -11.36
N ARG S 64 -83.86 53.76 -10.92
CA ARG S 64 -83.07 52.94 -11.83
C ARG S 64 -83.93 51.87 -12.47
N ASP S 65 -84.87 51.31 -11.72
CA ASP S 65 -85.82 50.37 -12.32
C ASP S 65 -86.67 51.05 -13.39
N LEU S 66 -87.13 52.27 -13.12
CA LEU S 66 -87.88 53.02 -14.11
C LEU S 66 -87.03 53.29 -15.35
N ALA S 67 -85.77 53.66 -15.14
CA ALA S 67 -84.87 53.93 -16.26
C ALA S 67 -84.61 52.67 -17.06
N ASP S 68 -84.45 51.53 -16.40
CA ASP S 68 -84.28 50.27 -17.10
C ASP S 68 -85.52 49.94 -17.93
N GLU S 69 -86.71 50.16 -17.36
CA GLU S 69 -87.93 49.93 -18.14
C GLU S 69 -88.00 50.83 -19.35
N ARG S 70 -87.66 52.11 -19.19
CA ARG S 70 -87.68 53.03 -20.31
C ARG S 70 -86.67 52.63 -21.39
N SER S 71 -85.46 52.23 -20.97
CA SER S 71 -84.46 51.80 -21.93
C SER S 71 -84.93 50.55 -22.68
N ASN S 72 -85.52 49.60 -21.96
CA ASN S 72 -86.05 48.40 -22.62
C ASN S 72 -87.14 48.77 -23.62
N GLU S 73 -88.02 49.69 -23.24
CA GLU S 73 -89.10 50.10 -24.15
C GLU S 73 -88.53 50.76 -25.39
N ILE S 74 -87.47 51.55 -25.23
CA ILE S 74 -86.79 52.12 -26.38
C ILE S 74 -86.22 51.03 -27.27
N ILE S 75 -85.63 50.00 -26.65
CA ILE S 75 -84.94 48.97 -27.42
C ILE S 75 -85.95 48.14 -28.22
N ARG S 76 -87.10 47.83 -27.62
CA ARG S 76 -88.13 47.09 -28.36
C ARG S 76 -88.62 47.86 -29.57
N LYS S 77 -88.51 49.19 -29.54
CA LYS S 77 -88.92 49.99 -30.69
C LYS S 77 -88.03 49.78 -31.90
N LEU S 78 -86.89 49.11 -31.73
CA LEU S 78 -86.01 48.78 -32.84
C LEU S 78 -86.52 47.52 -33.53
N THR S 79 -86.38 47.47 -34.84
CA THR S 79 -86.65 46.24 -35.56
C THR S 79 -85.59 45.20 -35.20
N PRO S 80 -85.92 43.91 -35.33
CA PRO S 80 -84.92 42.88 -35.02
C PRO S 80 -83.64 43.02 -35.81
N GLU S 81 -83.73 43.44 -37.07
CA GLU S 81 -82.51 43.68 -37.85
C GLU S 81 -81.72 44.85 -37.28
N GLN S 82 -82.41 45.95 -36.93
CA GLN S 82 -81.73 47.07 -36.31
C GLN S 82 -81.16 46.69 -34.95
N ARG S 83 -81.90 45.91 -34.17
CA ARG S 83 -81.40 45.46 -32.88
C ARG S 83 -80.15 44.61 -33.03
N ARG S 84 -80.16 43.71 -34.01
CA ARG S 84 -78.97 42.89 -34.28
C ARG S 84 -77.80 43.76 -34.72
N GLU S 85 -78.07 44.77 -35.54
CA GLU S 85 -77.02 45.68 -35.98
C GLU S 85 -76.40 46.43 -34.80
N ALA S 86 -77.24 46.93 -33.89
CA ALA S 86 -76.74 47.64 -32.72
C ALA S 86 -75.97 46.70 -31.81
N LEU S 87 -76.45 45.45 -31.68
CA LEU S 87 -75.75 44.47 -30.87
C LEU S 87 -74.38 44.15 -31.45
N ASN S 88 -74.27 44.10 -32.78
CA ASN S 88 -73.00 43.80 -33.41
C ASN S 88 -71.96 44.88 -33.09
N ASN S 89 -72.39 46.12 -33.02
CA ASN S 89 -71.50 47.22 -32.67
C ASN S 89 -71.40 47.33 -31.15
N GLY S 90 -70.77 48.39 -30.67
CA GLY S 90 -70.74 48.72 -29.27
C GLY S 90 -71.93 49.52 -28.82
N THR S 91 -73.01 49.49 -29.61
CA THR S 91 -74.15 50.38 -29.38
C THR S 91 -75.13 49.79 -28.38
N LEU S 92 -75.65 48.58 -28.66
CA LEU S 92 -76.75 48.04 -27.87
C LEU S 92 -76.32 47.69 -26.45
N LEU S 93 -75.06 47.31 -26.27
CA LEU S 93 -74.41 47.04 -24.98
C LEU S 93 -74.87 45.71 -24.37
N TYR S 94 -75.91 45.09 -24.90
CA TYR S 94 -76.23 43.68 -24.65
C TYR S 94 -76.73 43.36 -23.25
N GLN S 95 -76.64 44.30 -22.32
CA GLN S 95 -77.28 44.07 -21.03
C GLN S 95 -78.62 44.76 -20.98
N ASP S 96 -78.81 45.76 -21.84
CA ASP S 96 -80.08 46.46 -21.92
C ASP S 96 -81.01 45.81 -22.92
N ASP S 97 -80.50 44.88 -23.72
CA ASP S 97 -81.34 44.18 -24.68
C ASP S 97 -82.26 43.23 -23.94
N PRO S 98 -83.56 43.52 -23.90
CA PRO S 98 -84.45 42.70 -23.05
C PRO S 98 -84.58 41.27 -23.56
N TYR S 99 -84.65 41.07 -24.87
CA TYR S 99 -84.81 39.72 -25.40
C TYR S 99 -83.59 38.86 -25.10
N ALA S 100 -82.40 39.41 -25.34
CA ALA S 100 -81.18 38.65 -25.13
C ALA S 100 -80.99 38.30 -23.66
N MET S 101 -81.22 39.24 -22.76
CA MET S 101 -81.09 38.96 -21.33
C MET S 101 -82.17 37.99 -20.87
N GLU S 102 -83.38 38.11 -21.42
CA GLU S 102 -84.44 37.17 -21.07
C GLU S 102 -84.04 35.75 -21.45
N ALA S 103 -83.53 35.58 -22.67
CA ALA S 103 -83.05 34.27 -23.09
C ALA S 103 -81.91 33.80 -22.19
N LEU S 104 -80.98 34.71 -21.87
CA LEU S 104 -79.86 34.37 -21.01
C LEU S 104 -80.34 33.80 -19.68
N ARG S 105 -81.28 34.51 -19.03
CA ARG S 105 -81.79 34.04 -17.74
C ARG S 105 -82.51 32.70 -17.89
N VAL S 106 -83.31 32.54 -18.95
CA VAL S 106 -84.05 31.29 -19.09
C VAL S 106 -83.10 30.12 -19.26
N LYS S 107 -82.14 30.23 -20.18
CA LYS S 107 -81.20 29.13 -20.40
C LYS S 107 -80.34 28.86 -19.18
N THR S 108 -79.92 29.92 -18.49
CA THR S 108 -79.12 29.74 -17.28
C THR S 108 -79.92 28.98 -16.23
N GLY S 109 -81.18 29.34 -16.03
CA GLY S 109 -81.99 28.64 -15.05
C GLY S 109 -82.20 27.19 -15.42
N ARG S 110 -82.47 26.92 -16.70
CA ARG S 110 -82.69 25.54 -17.13
C ARG S 110 -81.43 24.71 -16.95
N ASN S 111 -80.27 25.28 -17.27
CA ASN S 111 -79.01 24.56 -17.09
C ASN S 111 -78.71 24.32 -15.62
N ALA S 112 -79.01 25.29 -14.75
CA ALA S 112 -78.80 25.09 -13.32
C ALA S 112 -79.69 23.98 -12.80
N ALA S 113 -80.95 23.96 -13.23
CA ALA S 113 -81.85 22.87 -12.83
C ALA S 113 -81.30 21.54 -13.27
N TYR S 114 -80.77 21.46 -14.50
CA TYR S 114 -80.25 20.20 -14.98
C TYR S 114 -78.98 19.79 -14.24
N LEU S 115 -78.19 20.76 -13.77
CA LEU S 115 -77.01 20.42 -12.99
C LEU S 115 -77.40 19.83 -11.63
N VAL S 116 -78.38 20.46 -10.98
CA VAL S 116 -78.84 19.93 -9.69
C VAL S 116 -79.42 18.54 -9.87
N ASP S 117 -80.24 18.35 -10.90
CA ASP S 117 -80.80 17.04 -11.15
C ASP S 117 -79.74 16.05 -11.62
N ASP S 118 -78.63 16.54 -12.18
CA ASP S 118 -77.50 15.67 -12.48
C ASP S 118 -76.90 15.12 -11.20
N ASP S 119 -76.73 15.99 -10.20
CA ASP S 119 -76.25 15.51 -8.91
C ASP S 119 -77.22 14.47 -8.35
N VAL S 120 -78.51 14.75 -8.40
CA VAL S 120 -79.51 13.83 -7.86
C VAL S 120 -79.46 12.50 -8.60
N MET S 121 -79.36 12.54 -9.92
CA MET S 121 -79.29 11.31 -10.72
C MET S 121 -78.05 10.50 -10.38
N GLN S 122 -76.90 11.16 -10.28
CA GLN S 122 -75.68 10.45 -9.93
C GLN S 122 -75.82 9.78 -8.58
N LYS S 123 -76.53 10.42 -7.65
CA LYS S 123 -76.80 9.77 -6.37
C LYS S 123 -77.77 8.60 -6.53
N ILE S 124 -78.75 8.73 -7.43
CA ILE S 124 -79.74 7.66 -7.60
C ILE S 124 -79.08 6.41 -8.14
N LYS S 125 -78.23 6.54 -9.16
CA LYS S 125 -77.66 5.36 -9.79
C LYS S 125 -76.71 4.61 -8.87
N GLU S 126 -76.35 5.21 -7.73
CA GLU S 126 -75.64 4.50 -6.68
C GLU S 126 -76.69 3.90 -5.74
N GLY S 127 -76.26 3.43 -4.58
CA GLY S 127 -77.23 2.90 -3.64
C GLY S 127 -77.75 3.91 -2.63
N VAL S 128 -77.63 5.20 -2.93
CA VAL S 128 -77.80 6.21 -1.88
C VAL S 128 -79.25 6.29 -1.42
N PHE S 129 -80.19 6.34 -2.35
CA PHE S 129 -81.59 6.59 -2.01
C PHE S 129 -82.32 5.26 -1.93
N ARG S 130 -82.59 4.82 -0.69
CA ARG S 130 -83.28 3.55 -0.51
C ARG S 130 -84.73 3.63 -0.97
N THR S 131 -85.40 4.73 -0.65
CA THR S 131 -86.80 4.88 -0.99
C THR S 131 -87.01 6.20 -1.72
N ARG S 132 -88.21 6.37 -2.29
CA ARG S 132 -88.51 7.55 -3.07
C ARG S 132 -88.46 8.81 -2.22
N GLU S 133 -88.93 8.74 -0.98
CA GLU S 133 -89.03 9.94 -0.15
C GLU S 133 -87.67 10.57 0.09
N GLU S 134 -86.65 9.76 0.35
CA GLU S 134 -85.31 10.30 0.54
C GLU S 134 -84.82 11.00 -0.71
N MET S 135 -85.09 10.42 -1.88
CA MET S 135 -84.67 11.03 -3.13
C MET S 135 -85.36 12.37 -3.34
N GLU S 136 -86.68 12.43 -3.11
CA GLU S 136 -87.39 13.70 -3.29
C GLU S 136 -86.89 14.76 -2.31
N GLU S 137 -86.66 14.38 -1.05
CA GLU S 137 -86.18 15.33 -0.07
C GLU S 137 -84.82 15.89 -0.47
N TYR S 138 -83.90 15.00 -0.83
CA TYR S 138 -82.57 15.44 -1.26
C TYR S 138 -82.70 16.34 -2.48
N ARG S 139 -83.56 15.96 -3.42
CA ARG S 139 -83.69 16.72 -4.65
C ARG S 139 -84.17 18.14 -4.38
N HIS S 140 -85.21 18.30 -3.57
CA HIS S 140 -85.74 19.63 -3.29
C HIS S 140 -84.71 20.47 -2.54
N SER S 141 -84.08 19.87 -1.53
CA SER S 141 -83.09 20.59 -0.74
C SER S 141 -81.92 21.04 -1.59
N ARG S 142 -81.56 20.24 -2.60
CA ARG S 142 -80.48 20.66 -3.49
C ARG S 142 -80.96 21.66 -4.52
N LEU S 143 -82.20 21.56 -4.98
CA LEU S 143 -82.69 22.48 -6.00
C LEU S 143 -82.66 23.92 -5.50
N GLN S 144 -83.16 24.14 -4.29
CA GLN S 144 -83.23 25.54 -3.82
C GLN S 144 -81.83 26.16 -3.77
N GLU S 145 -80.91 25.51 -3.07
CA GLU S 145 -79.57 26.04 -2.91
C GLU S 145 -78.82 26.08 -4.23
N GLY S 146 -79.07 25.10 -5.11
CA GLY S 146 -78.39 25.08 -6.40
C GLY S 146 -78.82 26.23 -7.29
N ALA S 147 -80.12 26.50 -7.35
CA ALA S 147 -80.59 27.69 -8.05
C ALA S 147 -79.92 28.94 -7.53
N LYS S 148 -79.90 29.09 -6.21
CA LYS S 148 -79.31 30.29 -5.62
C LYS S 148 -77.84 30.42 -5.99
N VAL S 149 -77.06 29.35 -5.77
CA VAL S 149 -75.61 29.44 -5.94
C VAL S 149 -75.25 29.60 -7.41
N TYR S 150 -76.00 28.94 -8.30
CA TYR S 150 -75.65 29.02 -9.72
C TYR S 150 -76.04 30.36 -10.30
N ALA S 151 -77.14 30.95 -9.84
CA ALA S 151 -77.49 32.29 -10.30
C ALA S 151 -76.49 33.31 -9.76
N GLU S 152 -75.97 33.09 -8.56
CA GLU S 152 -74.98 34.01 -8.01
C GLU S 152 -73.64 33.88 -8.75
N GLN S 153 -73.15 32.65 -8.93
CA GLN S 153 -71.85 32.44 -9.56
C GLN S 153 -71.86 32.86 -11.01
N PHE S 154 -72.98 32.65 -11.70
CA PHE S 154 -73.04 32.91 -13.12
C PHE S 154 -73.27 34.41 -13.30
N GLY S 155 -73.67 34.83 -14.49
CA GLY S 155 -74.11 36.21 -14.65
C GLY S 155 -75.18 36.50 -13.60
N ILE S 156 -74.97 37.55 -12.80
CA ILE S 156 -75.80 37.78 -11.62
C ILE S 156 -77.26 37.81 -12.00
N ASP S 157 -78.07 37.00 -11.33
CA ASP S 157 -79.47 36.93 -11.66
C ASP S 157 -80.33 37.05 -10.39
N PRO S 158 -81.33 37.92 -10.41
CA PRO S 158 -82.09 38.22 -9.18
C PRO S 158 -83.19 37.22 -8.87
N GLU S 159 -83.08 36.00 -9.43
CA GLU S 159 -84.15 35.02 -9.38
C GLU S 159 -85.47 35.62 -9.85
N ASP S 160 -85.44 36.31 -10.98
CA ASP S 160 -86.63 36.93 -11.53
C ASP S 160 -87.54 35.87 -12.16
N VAL S 161 -88.64 36.35 -12.75
CA VAL S 161 -89.60 35.44 -13.38
C VAL S 161 -88.93 34.64 -14.50
N ASP S 162 -87.96 35.27 -15.17
CA ASP S 162 -87.30 34.58 -16.28
C ASP S 162 -86.41 33.44 -15.79
N TYR S 163 -85.59 33.71 -14.78
CA TYR S 163 -84.73 32.67 -14.23
C TYR S 163 -85.54 31.54 -13.60
N GLN S 164 -86.63 31.89 -12.89
CA GLN S 164 -87.49 30.85 -12.32
C GLN S 164 -88.18 30.05 -13.41
N ARG S 165 -88.59 30.72 -14.49
CA ARG S 165 -89.22 30.02 -15.60
C ARG S 165 -88.25 29.02 -16.22
N GLY S 166 -86.98 29.41 -16.34
CA GLY S 166 -85.98 28.47 -16.81
C GLY S 166 -85.75 27.33 -15.84
N PHE S 167 -85.65 27.64 -14.55
CA PHE S 167 -85.36 26.63 -13.55
C PHE S 167 -86.46 25.60 -13.42
N ASN S 168 -87.68 25.93 -13.84
CA ASN S 168 -88.76 24.97 -13.80
C ASN S 168 -89.11 24.59 -15.21
N GLY S 169 -88.08 24.33 -16.02
CA GLY S 169 -88.32 24.03 -17.42
C GLY S 169 -87.85 22.65 -17.79
N ASP S 170 -88.69 21.94 -18.54
CA ASP S 170 -88.77 20.48 -18.53
C ASP S 170 -88.80 19.91 -17.12
N ILE S 171 -89.57 20.52 -16.25
CA ILE S 171 -89.64 20.07 -14.86
C ILE S 171 -90.25 18.68 -14.80
N THR S 172 -91.33 18.47 -15.55
CA THR S 172 -92.01 17.18 -15.52
C THR S 172 -91.21 16.11 -16.24
N GLU S 173 -90.50 16.48 -17.30
CA GLU S 173 -89.70 15.50 -18.02
C GLU S 173 -88.49 15.07 -17.18
N ARG S 174 -87.88 16.02 -16.48
CA ARG S 174 -86.84 15.67 -15.52
C ARG S 174 -87.39 14.77 -14.43
N ASN S 175 -88.62 15.03 -14.00
CA ASN S 175 -89.28 14.15 -13.04
C ASN S 175 -89.40 12.73 -13.58
N ILE S 176 -89.85 12.61 -14.83
CA ILE S 176 -89.93 11.28 -15.45
C ILE S 176 -88.57 10.60 -15.41
N SER S 177 -87.52 11.33 -15.80
CA SER S 177 -86.19 10.73 -15.83
C SER S 177 -85.75 10.25 -14.45
N LEU S 178 -85.85 11.13 -13.45
CA LEU S 178 -85.39 10.77 -12.10
C LEU S 178 -86.20 9.62 -11.52
N TYR S 179 -87.53 9.70 -11.63
CA TYR S 179 -88.36 8.67 -11.01
C TYR S 179 -88.21 7.33 -11.72
N GLY S 180 -88.09 7.35 -13.05
CA GLY S 180 -87.84 6.11 -13.76
C GLY S 180 -86.50 5.50 -13.40
N ALA S 181 -85.48 6.34 -13.24
CA ALA S 181 -84.18 5.83 -12.82
C ALA S 181 -84.25 5.21 -11.43
N HIS S 182 -84.97 5.85 -10.51
CA HIS S 182 -85.07 5.30 -9.16
C HIS S 182 -85.86 3.99 -9.15
N ASP S 183 -86.95 3.92 -9.89
CA ASP S 183 -87.69 2.67 -9.97
C ASP S 183 -86.84 1.58 -10.59
N ASN S 184 -86.03 1.93 -11.59
CA ASN S 184 -85.12 0.95 -12.18
C ASN S 184 -84.07 0.50 -11.17
N PHE S 185 -83.60 1.42 -10.33
CA PHE S 185 -82.61 1.05 -9.32
C PHE S 185 -83.18 0.07 -8.31
N LEU S 186 -84.39 0.33 -7.81
CA LEU S 186 -85.00 -0.62 -6.89
C LEU S 186 -85.37 -1.93 -7.60
N SER S 187 -85.69 -1.87 -8.89
CA SER S 187 -85.88 -3.11 -9.64
C SER S 187 -84.60 -3.92 -9.68
N GLN S 188 -83.48 -3.27 -9.94
CA GLN S 188 -82.19 -3.95 -9.94
C GLN S 188 -81.89 -4.53 -8.57
N GLN S 189 -82.19 -3.79 -7.51
CA GLN S 189 -81.96 -4.27 -6.17
C GLN S 189 -82.80 -5.52 -5.88
N ALA S 190 -84.07 -5.49 -6.25
CA ALA S 190 -84.95 -6.63 -6.03
C ALA S 190 -84.47 -7.84 -6.82
N GLN S 191 -84.04 -7.63 -8.06
CA GLN S 191 -83.56 -8.75 -8.87
C GLN S 191 -82.26 -9.31 -8.30
N LYS S 192 -81.39 -8.45 -7.78
CA LYS S 192 -80.18 -8.94 -7.11
C LYS S 192 -80.52 -9.80 -5.91
N GLY S 193 -81.48 -9.35 -5.11
CA GLY S 193 -81.91 -10.13 -3.96
C GLY S 193 -82.51 -11.47 -4.38
N ALA S 194 -83.31 -11.46 -5.44
CA ALA S 194 -83.90 -12.71 -5.92
C ALA S 194 -82.82 -13.66 -6.41
N ILE S 195 -81.81 -13.14 -7.10
CA ILE S 195 -80.74 -13.98 -7.61
C ILE S 195 -79.95 -14.60 -6.47
N MET S 196 -79.62 -13.81 -5.45
CA MET S 196 -78.94 -14.37 -4.28
C MET S 196 -79.79 -15.40 -3.56
N ASN S 197 -81.09 -15.14 -3.39
CA ASN S 197 -81.93 -16.12 -2.71
C ASN S 197 -81.96 -17.43 -3.49
N SER S 198 -82.19 -17.35 -4.81
CA SER S 198 -82.27 -18.55 -5.63
C SER S 198 -80.94 -19.28 -5.64
N ARG S 199 -79.84 -18.55 -5.79
CA ARG S 199 -78.53 -19.17 -5.83
C ARG S 199 -78.19 -19.84 -4.51
N VAL S 200 -78.50 -19.17 -3.40
CA VAL S 200 -78.19 -19.75 -2.09
C VAL S 200 -78.99 -21.02 -1.89
N GLU S 201 -80.30 -20.98 -2.12
CA GLU S 201 -81.10 -22.18 -1.90
C GLU S 201 -80.64 -23.31 -2.82
N LEU S 202 -80.43 -23.00 -4.10
CA LEU S 202 -80.09 -24.03 -5.06
C LEU S 202 -78.73 -24.66 -4.76
N ASN S 203 -77.70 -23.84 -4.50
CA ASN S 203 -76.39 -24.43 -4.29
C ASN S 203 -76.27 -25.03 -2.91
N GLY S 204 -77.10 -24.59 -1.96
CA GLY S 204 -77.17 -25.27 -0.69
C GLY S 204 -77.70 -26.68 -0.84
N VAL S 205 -78.72 -26.85 -1.69
CA VAL S 205 -79.22 -28.20 -1.93
C VAL S 205 -78.24 -29.01 -2.76
N LEU S 206 -77.68 -28.41 -3.81
CA LEU S 206 -76.97 -29.13 -4.85
C LEU S 206 -75.46 -29.18 -4.64
N GLN S 207 -74.95 -28.61 -3.56
CA GLN S 207 -73.53 -28.67 -3.26
C GLN S 207 -73.21 -29.74 -2.24
N ASP S 208 -74.18 -30.58 -1.90
CA ASP S 208 -74.03 -31.62 -0.91
C ASP S 208 -74.35 -32.95 -1.57
N PRO S 209 -73.40 -33.88 -1.62
CA PRO S 209 -73.68 -35.18 -2.28
C PRO S 209 -74.81 -35.95 -1.64
N ASP S 210 -74.97 -35.84 -0.33
CA ASP S 210 -76.02 -36.57 0.37
C ASP S 210 -77.39 -36.15 -0.13
N MET S 211 -77.58 -34.84 -0.31
CA MET S 211 -78.83 -34.35 -0.89
C MET S 211 -78.98 -34.79 -2.34
N LEU S 212 -77.88 -34.78 -3.10
CA LEU S 212 -77.93 -35.12 -4.51
C LEU S 212 -78.39 -36.55 -4.72
N ARG S 213 -77.92 -37.48 -3.88
CA ARG S 213 -78.20 -38.90 -4.11
C ARG S 213 -79.68 -39.24 -3.90
N ARG S 214 -80.45 -38.37 -3.29
CA ARG S 214 -81.89 -38.60 -3.10
C ARG S 214 -82.64 -38.40 -4.41
N PRO S 215 -83.63 -39.24 -4.72
CA PRO S 215 -84.47 -38.99 -5.91
C PRO S 215 -85.23 -37.68 -5.79
N ASP S 216 -85.50 -37.37 -4.53
CA ASP S 216 -86.10 -36.10 -4.17
C ASP S 216 -85.27 -34.93 -4.65
N SER S 217 -83.96 -35.10 -4.83
CA SER S 217 -83.15 -34.00 -5.35
C SER S 217 -83.58 -33.64 -6.76
N ALA S 218 -83.66 -34.63 -7.64
CA ALA S 218 -84.03 -34.33 -9.02
C ALA S 218 -85.44 -33.80 -9.10
N ASP S 219 -86.37 -34.41 -8.34
CA ASP S 219 -87.73 -33.87 -8.32
C ASP S 219 -87.72 -32.43 -7.82
N PHE S 220 -86.92 -32.15 -6.78
CA PHE S 220 -86.81 -30.81 -6.25
C PHE S 220 -86.27 -29.85 -7.28
N PHE S 221 -85.25 -30.25 -8.03
CA PHE S 221 -84.66 -29.34 -9.00
C PHE S 221 -85.68 -28.98 -10.08
N GLU S 222 -86.40 -29.98 -10.57
CA GLU S 222 -87.42 -29.69 -11.57
C GLU S 222 -88.48 -28.75 -11.02
N LYS S 223 -89.06 -29.10 -9.87
CA LYS S 223 -90.16 -28.30 -9.33
C LYS S 223 -89.67 -26.92 -8.91
N TYR S 224 -88.41 -26.81 -8.50
CA TYR S 224 -87.85 -25.54 -8.06
C TYR S 224 -87.64 -24.60 -9.23
N ILE S 225 -87.08 -25.11 -10.33
CA ILE S 225 -86.97 -24.28 -11.52
C ILE S 225 -88.35 -23.87 -12.02
N ASP S 226 -89.29 -24.81 -12.01
CA ASP S 226 -90.65 -24.49 -12.44
C ASP S 226 -91.25 -23.38 -11.59
N ASN S 227 -91.19 -23.53 -10.27
CA ASN S 227 -91.77 -22.53 -9.37
C ASN S 227 -91.07 -21.19 -9.51
N GLY S 228 -89.74 -21.20 -9.62
CA GLY S 228 -89.03 -19.95 -9.83
C GLY S 228 -89.46 -19.27 -11.10
N LEU S 229 -89.70 -20.02 -12.16
CA LEU S 229 -90.15 -19.41 -13.40
C LEU S 229 -91.54 -18.81 -13.25
N VAL S 230 -92.50 -19.58 -12.71
CA VAL S 230 -93.87 -19.10 -12.62
C VAL S 230 -94.12 -17.99 -11.59
N THR S 231 -93.56 -18.11 -10.40
CA THR S 231 -93.80 -17.12 -9.36
C THR S 231 -93.26 -15.78 -9.81
N GLY S 232 -92.10 -15.82 -10.45
CA GLY S 232 -91.47 -14.62 -10.93
C GLY S 232 -90.07 -14.54 -10.38
N ALA S 233 -89.69 -15.49 -9.54
CA ALA S 233 -88.33 -15.54 -9.02
C ALA S 233 -87.35 -15.88 -10.13
N ILE S 234 -86.09 -16.22 -9.85
CA ILE S 234 -85.13 -16.45 -10.95
C ILE S 234 -85.50 -15.61 -12.18
N PRO S 235 -85.42 -14.28 -12.07
CA PRO S 235 -85.92 -13.42 -13.16
C PRO S 235 -85.27 -13.45 -14.53
N SER S 236 -86.05 -13.24 -15.59
CA SER S 236 -85.50 -13.10 -16.97
C SER S 236 -85.16 -14.29 -17.87
N ASP S 237 -85.37 -15.52 -17.43
CA ASP S 237 -85.02 -16.72 -18.22
C ASP S 237 -83.53 -16.81 -18.50
N ALA S 238 -82.90 -15.74 -18.96
CA ALA S 238 -81.45 -15.76 -19.09
C ALA S 238 -80.78 -16.07 -17.76
N GLN S 239 -81.21 -15.41 -16.69
CA GLN S 239 -80.66 -15.72 -15.39
C GLN S 239 -81.03 -17.12 -14.96
N ALA S 240 -82.20 -17.60 -15.40
CA ALA S 240 -82.60 -18.97 -15.09
C ALA S 240 -81.65 -19.98 -15.72
N THR S 241 -81.28 -19.76 -16.99
CA THR S 241 -80.40 -20.73 -17.64
C THR S 241 -78.96 -20.59 -17.13
N GLN S 242 -78.57 -19.38 -16.71
CA GLN S 242 -77.29 -19.22 -16.03
C GLN S 242 -77.28 -20.03 -14.74
N LEU S 243 -78.37 -19.95 -13.97
CA LEU S 243 -78.48 -20.69 -12.73
C LEU S 243 -78.49 -22.19 -12.98
N ILE S 244 -79.15 -22.61 -14.06
CA ILE S 244 -79.20 -24.03 -14.42
C ILE S 244 -77.81 -24.55 -14.74
N SER S 245 -77.06 -23.78 -15.54
CA SER S 245 -75.70 -24.18 -15.86
C SER S 245 -74.83 -24.25 -14.62
N GLN S 246 -74.95 -23.27 -13.73
CA GLN S 246 -74.16 -23.28 -12.50
C GLN S 246 -74.52 -24.48 -11.63
N ALA S 247 -75.82 -24.79 -11.53
CA ALA S 247 -76.24 -25.94 -10.72
C ALA S 247 -75.72 -27.24 -11.30
N PHE S 248 -75.79 -27.39 -12.62
CA PHE S 248 -75.29 -28.61 -13.24
C PHE S 248 -73.78 -28.74 -13.07
N SER S 249 -73.06 -27.63 -13.15
CA SER S 249 -71.62 -27.66 -12.91
C SER S 249 -71.32 -28.05 -11.47
N ASP S 250 -72.08 -27.51 -10.51
CA ASP S 250 -71.86 -27.85 -9.12
C ASP S 250 -72.14 -29.33 -8.86
N ALA S 251 -73.21 -29.86 -9.43
CA ALA S 251 -73.53 -31.26 -9.23
C ALA S 251 -72.45 -32.17 -9.81
N SER S 252 -71.97 -31.86 -11.01
CA SER S 252 -70.96 -32.68 -11.66
C SER S 252 -69.60 -32.57 -11.01
N SER S 253 -69.48 -31.89 -9.86
CA SER S 253 -68.25 -31.85 -9.10
C SER S 253 -68.33 -32.59 -7.78
N ARG S 254 -69.53 -32.88 -7.29
CA ARG S 254 -69.70 -33.61 -6.05
C ARG S 254 -69.71 -35.11 -6.31
N ALA S 255 -69.71 -35.88 -5.23
CA ALA S 255 -69.71 -37.33 -5.35
C ALA S 255 -71.01 -37.84 -5.95
N GLY S 256 -72.14 -37.40 -5.41
CA GLY S 256 -73.43 -37.90 -5.83
C GLY S 256 -74.05 -37.18 -7.00
N GLY S 257 -73.27 -36.38 -7.74
CA GLY S 257 -73.85 -35.57 -8.79
C GLY S 257 -74.26 -36.37 -10.01
N ALA S 258 -73.58 -37.49 -10.27
CA ALA S 258 -73.87 -38.26 -11.48
C ALA S 258 -75.27 -38.85 -11.44
N ASP S 259 -75.66 -39.39 -10.28
CA ASP S 259 -77.00 -39.95 -10.15
C ASP S 259 -78.05 -38.87 -10.33
N PHE S 260 -77.81 -37.70 -9.76
CA PHE S 260 -78.71 -36.57 -9.94
C PHE S 260 -78.82 -36.18 -11.40
N LEU S 261 -77.68 -36.17 -12.11
CA LEU S 261 -77.70 -35.80 -13.52
C LEU S 261 -78.50 -36.80 -14.35
N MET S 262 -78.32 -38.10 -14.10
CA MET S 262 -79.14 -39.07 -14.83
C MET S 262 -80.61 -38.87 -14.53
N ARG S 263 -80.95 -38.57 -13.28
CA ARG S 263 -82.37 -38.47 -12.93
C ARG S 263 -83.00 -37.13 -13.33
N VAL S 264 -82.18 -36.15 -13.67
CA VAL S 264 -82.70 -34.85 -14.08
C VAL S 264 -82.58 -34.67 -15.58
N GLY S 265 -81.88 -35.58 -16.25
CA GLY S 265 -81.66 -35.41 -17.68
C GLY S 265 -82.95 -35.35 -18.48
N ASP S 266 -83.95 -36.13 -18.07
CA ASP S 266 -85.20 -36.24 -18.81
C ASP S 266 -86.34 -35.49 -18.14
N LYS S 267 -86.04 -34.35 -17.54
CA LYS S 267 -87.04 -33.51 -16.89
C LYS S 267 -87.36 -32.34 -17.82
N LYS S 268 -88.64 -32.14 -18.10
CA LYS S 268 -89.05 -31.05 -18.99
C LYS S 268 -88.80 -29.71 -18.33
N VAL S 269 -88.50 -28.71 -19.15
CA VAL S 269 -88.33 -27.34 -18.70
C VAL S 269 -88.67 -26.42 -19.87
N THR S 270 -89.13 -25.21 -19.56
CA THR S 270 -89.53 -24.24 -20.56
C THR S 270 -88.85 -22.90 -20.28
N LEU S 271 -87.63 -22.75 -20.81
CA LEU S 271 -86.95 -21.47 -20.70
C LEU S 271 -87.51 -20.47 -21.70
N ASN S 272 -87.31 -20.74 -22.98
CA ASN S 272 -87.78 -19.87 -24.04
C ASN S 272 -89.21 -20.27 -24.40
N GLY S 273 -89.69 -19.82 -25.55
CA GLY S 273 -91.02 -20.21 -25.99
C GLY S 273 -91.18 -21.72 -26.04
N ALA S 274 -90.15 -22.43 -26.48
CA ALA S 274 -90.21 -23.88 -26.55
C ALA S 274 -89.91 -24.50 -25.19
N THR S 275 -90.42 -25.70 -24.97
CA THR S 275 -90.13 -26.48 -23.77
C THR S 275 -89.37 -27.74 -24.17
N THR S 276 -88.34 -28.08 -23.41
CA THR S 276 -87.49 -29.23 -23.71
C THR S 276 -87.03 -29.87 -22.40
N THR S 277 -86.42 -31.04 -22.53
CA THR S 277 -85.76 -31.65 -21.38
C THR S 277 -84.43 -30.95 -21.13
N TYR S 278 -83.89 -31.16 -19.92
CA TYR S 278 -82.59 -30.59 -19.59
C TYR S 278 -81.50 -31.17 -20.48
N ARG S 279 -81.67 -32.41 -20.92
CA ARG S 279 -80.71 -33.00 -21.85
C ARG S 279 -80.72 -32.27 -23.18
N GLU S 280 -81.87 -31.69 -23.55
CA GLU S 280 -81.94 -30.94 -24.79
C GLU S 280 -81.51 -29.49 -24.60
N LEU S 281 -81.90 -28.88 -23.49
CA LEU S 281 -81.47 -27.50 -23.22
C LEU S 281 -79.96 -27.42 -23.09
N ILE S 282 -79.38 -28.25 -22.23
CA ILE S 282 -77.94 -28.45 -22.23
C ILE S 282 -77.54 -29.14 -23.52
N GLY S 283 -76.41 -28.73 -24.08
CA GLY S 283 -75.94 -29.37 -25.29
C GLY S 283 -75.70 -30.84 -25.09
N GLU S 284 -75.97 -31.63 -26.14
CA GLU S 284 -75.75 -33.07 -26.04
C GLU S 284 -74.28 -33.39 -25.75
N GLU S 285 -73.37 -32.72 -26.45
CA GLU S 285 -71.96 -32.83 -26.11
C GLU S 285 -71.69 -32.27 -24.73
N GLN S 286 -72.35 -31.18 -24.36
CA GLN S 286 -72.18 -30.65 -23.01
C GLN S 286 -72.74 -31.60 -21.99
N TRP S 287 -73.83 -32.29 -22.31
CA TRP S 287 -74.36 -33.30 -21.40
C TRP S 287 -73.37 -34.44 -21.23
N ASN S 288 -72.72 -34.87 -22.31
CA ASN S 288 -71.70 -35.90 -22.19
C ASN S 288 -70.54 -35.43 -21.32
N ALA S 289 -70.12 -34.18 -21.50
CA ALA S 289 -69.06 -33.63 -20.67
C ALA S 289 -69.46 -33.61 -19.20
N LEU S 290 -70.69 -33.17 -18.92
CA LEU S 290 -71.17 -33.16 -17.55
C LEU S 290 -71.19 -34.56 -16.96
N MET S 291 -71.66 -35.54 -17.73
CA MET S 291 -71.72 -36.91 -17.23
C MET S 291 -70.34 -37.45 -16.94
N VAL S 292 -69.38 -37.21 -17.84
CA VAL S 292 -68.03 -37.75 -17.65
C VAL S 292 -67.37 -37.09 -16.45
N THR S 293 -67.48 -35.77 -16.33
CA THR S 293 -66.85 -35.12 -15.19
C THR S 293 -67.55 -35.49 -13.88
N ALA S 294 -68.85 -35.78 -13.93
CA ALA S 294 -69.54 -36.24 -12.72
C ALA S 294 -69.04 -37.62 -12.30
N GLN S 295 -68.88 -38.53 -13.28
CA GLN S 295 -68.35 -39.84 -12.95
C GLN S 295 -66.93 -39.74 -12.41
N ARG S 296 -66.11 -38.87 -13.00
CA ARG S 296 -64.76 -38.66 -12.50
C ARG S 296 -64.76 -38.12 -11.08
N SER S 297 -65.65 -37.17 -10.79
CA SER S 297 -65.76 -36.65 -9.43
C SER S 297 -66.16 -37.74 -8.45
N GLN S 298 -67.12 -38.58 -8.86
CA GLN S 298 -67.53 -39.67 -7.98
C GLN S 298 -66.38 -40.63 -7.71
N PHE S 299 -65.63 -40.99 -8.75
CA PHE S 299 -64.52 -41.90 -8.57
C PHE S 299 -63.46 -41.29 -7.66
N GLU S 300 -63.16 -40.01 -7.86
CA GLU S 300 -62.14 -39.36 -7.05
C GLU S 300 -62.56 -39.28 -5.59
N THR S 301 -63.83 -38.97 -5.34
CA THR S 301 -64.31 -38.90 -3.97
C THR S 301 -64.25 -40.27 -3.30
N ASP S 302 -64.68 -41.31 -4.01
CA ASP S 302 -64.61 -42.66 -3.44
C ASP S 302 -63.16 -43.05 -3.15
N ALA S 303 -62.26 -42.76 -4.07
CA ALA S 303 -60.85 -43.07 -3.87
C ALA S 303 -60.28 -42.31 -2.69
N LYS S 304 -60.66 -41.04 -2.53
CA LYS S 304 -60.15 -40.25 -1.42
C LYS S 304 -60.65 -40.77 -0.08
N LEU S 305 -61.92 -41.15 -0.02
CA LEU S 305 -62.45 -41.75 1.21
C LEU S 305 -61.75 -43.05 1.54
N ASN S 306 -61.52 -43.88 0.51
CA ASN S 306 -60.79 -45.13 0.74
C ASN S 306 -59.37 -44.86 1.21
N GLU S 307 -58.71 -43.87 0.63
CA GLU S 307 -57.37 -43.50 1.09
C GLU S 307 -57.38 -43.06 2.53
N GLN S 308 -58.37 -42.27 2.94
CA GLN S 308 -58.45 -41.83 4.33
C GLN S 308 -58.63 -43.02 5.27
N TYR S 309 -59.52 -43.94 4.92
CA TYR S 309 -59.73 -45.10 5.78
C TYR S 309 -58.48 -45.97 5.87
N ARG S 310 -57.85 -46.24 4.72
CA ARG S 310 -56.64 -47.06 4.73
C ARG S 310 -55.51 -46.36 5.46
N LEU S 311 -55.48 -45.03 5.41
CA LEU S 311 -54.47 -44.29 6.15
C LEU S 311 -54.70 -44.41 7.64
N LYS S 312 -55.96 -44.40 8.07
CA LYS S 312 -56.23 -44.68 9.49
C LYS S 312 -55.74 -46.07 9.88
N ILE S 313 -56.04 -47.06 9.05
CA ILE S 313 -55.60 -48.43 9.34
C ILE S 313 -54.08 -48.49 9.43
N ASN S 314 -53.39 -47.86 8.48
CA ASN S 314 -51.93 -47.97 8.44
C ASN S 314 -51.28 -47.16 9.55
N SER S 315 -51.88 -46.04 9.93
CA SER S 315 -51.38 -45.29 11.07
C SER S 315 -51.48 -46.10 12.34
N ALA S 316 -52.58 -46.86 12.49
CA ALA S 316 -52.66 -47.81 13.59
C ALA S 316 -51.58 -48.88 13.45
N LEU S 317 -51.38 -49.41 12.25
CA LEU S 317 -50.43 -50.49 12.03
C LEU S 317 -48.99 -50.08 12.29
N ASN S 318 -48.65 -48.81 12.15
CA ASN S 318 -47.28 -48.34 12.27
C ASN S 318 -46.99 -47.72 13.63
N GLN S 319 -47.66 -48.18 14.68
CA GLN S 319 -47.43 -47.61 16.00
C GLN S 319 -46.17 -48.17 16.63
N GLU S 320 -45.55 -47.35 17.49
CA GLU S 320 -44.36 -47.79 18.19
C GLU S 320 -44.63 -48.99 19.09
N ASP S 321 -45.77 -48.97 19.78
CA ASP S 321 -46.21 -50.06 20.64
C ASP S 321 -47.36 -50.80 19.99
N PRO S 322 -47.27 -52.11 19.81
CA PRO S 322 -48.40 -52.86 19.23
C PRO S 322 -49.66 -52.78 20.07
N ARG S 323 -49.56 -52.51 21.37
CA ARG S 323 -50.73 -52.43 22.21
C ARG S 323 -51.59 -51.22 21.85
N THR S 324 -50.96 -50.07 21.63
CA THR S 324 -51.71 -48.91 21.16
C THR S 324 -52.27 -49.15 19.76
N ALA S 325 -51.55 -49.91 18.95
CA ALA S 325 -52.08 -50.32 17.65
C ALA S 325 -53.36 -51.12 17.83
N TRP S 326 -53.37 -52.04 18.79
CA TRP S 326 -54.56 -52.82 19.06
C TRP S 326 -55.71 -51.94 19.53
N GLU S 327 -55.42 -50.98 20.41
CA GLU S 327 -56.47 -50.07 20.85
C GLU S 327 -57.07 -49.28 19.69
N MET S 328 -56.20 -48.78 18.79
CA MET S 328 -56.69 -48.02 17.65
C MET S 328 -57.50 -48.89 16.70
N LEU S 329 -57.08 -50.14 16.49
CA LEU S 329 -57.88 -51.02 15.66
C LEU S 329 -59.22 -51.31 16.30
N GLN S 330 -59.26 -51.43 17.63
CA GLN S 330 -60.54 -51.62 18.30
C GLN S 330 -61.44 -50.41 18.13
N GLY S 331 -60.85 -49.21 18.15
CA GLY S 331 -61.65 -48.01 17.87
C GLY S 331 -62.20 -47.99 16.46
N ILE S 332 -61.36 -48.36 15.48
CA ILE S 332 -61.83 -48.44 14.09
C ILE S 332 -62.93 -49.48 13.96
N LYS S 333 -62.78 -50.60 14.67
CA LYS S 333 -63.81 -51.63 14.66
C LYS S 333 -65.12 -51.12 15.25
N ALA S 334 -65.02 -50.31 16.31
CA ALA S 334 -66.22 -49.71 16.87
C ALA S 334 -66.89 -48.78 15.86
N GLU S 335 -66.10 -47.99 15.14
CA GLU S 335 -66.68 -47.11 14.13
C GLU S 335 -67.38 -47.90 13.03
N LEU S 336 -66.74 -48.96 12.53
CA LEU S 336 -67.40 -49.78 11.52
C LEU S 336 -68.67 -50.41 12.07
N ASP S 337 -68.62 -50.91 13.30
CA ASP S 337 -69.81 -51.50 13.90
C ASP S 337 -70.91 -50.47 14.08
N LYS S 338 -70.55 -49.19 14.17
CA LYS S 338 -71.58 -48.17 14.11
C LYS S 338 -72.13 -48.02 12.69
N VAL S 339 -71.27 -48.14 11.68
CA VAL S 339 -71.72 -47.92 10.31
C VAL S 339 -72.36 -49.13 9.67
N GLN S 340 -71.63 -50.24 9.60
CA GLN S 340 -72.15 -51.42 8.91
C GLN S 340 -72.03 -52.72 9.71
N PRO S 341 -72.78 -52.84 10.82
CA PRO S 341 -72.63 -54.04 11.64
C PRO S 341 -73.08 -55.33 10.98
N ASP S 342 -74.22 -55.32 10.30
CA ASP S 342 -74.76 -56.54 9.72
C ASP S 342 -73.93 -57.18 8.65
N GLU S 343 -73.38 -56.37 7.75
CA GLU S 343 -72.64 -56.94 6.63
C GLU S 343 -71.22 -57.31 6.98
N GLN S 344 -70.60 -58.10 6.11
CA GLN S 344 -69.24 -58.54 6.35
C GLN S 344 -68.51 -58.70 5.02
N MET S 345 -67.21 -58.95 5.12
CA MET S 345 -66.34 -59.18 3.96
C MET S 345 -66.33 -57.98 3.01
N THR S 346 -66.80 -56.83 3.49
CA THR S 346 -66.69 -55.59 2.75
C THR S 346 -65.22 -55.17 2.72
N PRO S 347 -64.82 -54.34 1.75
CA PRO S 347 -63.39 -53.96 1.69
C PRO S 347 -62.88 -53.38 2.99
N GLN S 348 -63.67 -52.55 3.66
CA GLN S 348 -63.27 -52.01 4.95
C GLN S 348 -63.06 -53.11 5.97
N ARG S 349 -63.97 -54.08 6.02
CA ARG S 349 -63.83 -55.17 6.99
C ARG S 349 -62.64 -56.06 6.65
N GLU S 350 -62.41 -56.30 5.37
CA GLU S 350 -61.24 -57.08 4.97
C GLU S 350 -59.94 -56.40 5.41
N TRP S 351 -59.86 -55.09 5.17
CA TRP S 351 -58.68 -54.35 5.62
C TRP S 351 -58.54 -54.38 7.13
N LEU S 352 -59.66 -54.25 7.85
CA LEU S 352 -59.61 -54.27 9.30
C LEU S 352 -59.10 -55.61 9.82
N ILE S 353 -59.60 -56.72 9.28
CA ILE S 353 -59.17 -58.03 9.73
C ILE S 353 -57.70 -58.27 9.38
N SER S 354 -57.29 -57.85 8.18
CA SER S 354 -55.87 -57.96 7.84
C SER S 354 -55.02 -57.17 8.82
N ALA S 355 -55.49 -55.99 9.22
CA ALA S 355 -54.75 -55.18 10.19
C ALA S 355 -54.68 -55.88 11.54
N GLN S 356 -55.77 -56.52 11.96
CA GLN S 356 -55.73 -57.26 13.22
C GLN S 356 -54.70 -58.37 13.16
N GLU S 357 -54.67 -59.13 12.06
CA GLU S 357 -53.67 -60.18 11.90
C GLU S 357 -52.25 -59.62 11.95
N GLN S 358 -52.01 -58.53 11.24
CA GLN S 358 -50.67 -57.94 11.24
C GLN S 358 -50.28 -57.46 12.62
N VAL S 359 -51.20 -56.86 13.36
CA VAL S 359 -50.89 -56.39 14.71
C VAL S 359 -50.64 -57.57 15.64
N GLN S 360 -51.29 -58.70 15.39
CA GLN S 360 -50.99 -59.89 16.18
C GLN S 360 -49.54 -60.34 15.94
N ASN S 361 -49.10 -60.31 14.68
CA ASN S 361 -47.70 -60.63 14.40
C ASN S 361 -46.75 -59.63 15.05
N GLN S 362 -47.09 -58.34 14.98
CA GLN S 362 -46.27 -57.34 15.67
C GLN S 362 -46.22 -57.61 17.16
N MET S 363 -47.32 -58.09 17.73
CA MET S 363 -47.35 -58.38 19.16
C MET S 363 -46.42 -59.54 19.50
N ASN S 364 -46.38 -60.54 18.62
CA ASN S 364 -45.41 -61.62 18.80
C ASN S 364 -43.99 -61.08 18.77
N ALA S 365 -43.69 -60.21 17.80
CA ALA S 365 -42.34 -59.64 17.71
C ALA S 365 -42.03 -58.79 18.94
N TRP S 366 -43.02 -58.07 19.44
CA TRP S 366 -42.86 -57.27 20.65
C TRP S 366 -42.54 -58.14 21.85
N THR S 367 -43.21 -59.28 21.97
CA THR S 367 -42.91 -60.23 23.03
C THR S 367 -41.47 -60.71 22.93
N LYS S 368 -41.03 -61.06 21.73
CA LYS S 368 -39.66 -61.50 21.54
C LYS S 368 -38.68 -60.40 21.93
N ALA S 369 -38.97 -59.16 21.53
CA ALA S 369 -38.08 -58.05 21.84
C ALA S 369 -37.99 -57.82 23.34
N GLN S 370 -39.13 -57.85 24.03
CA GLN S 370 -39.12 -57.57 25.46
C GLN S 370 -38.39 -58.67 26.22
N ALA S 371 -38.57 -59.92 25.83
CA ALA S 371 -37.82 -61.00 26.46
C ALA S 371 -36.32 -60.86 26.18
N LYS S 372 -35.98 -60.44 24.96
CA LYS S 372 -34.59 -60.19 24.62
C LYS S 372 -33.99 -59.11 25.50
N ALA S 373 -34.76 -58.04 25.75
CA ALA S 373 -34.28 -56.95 26.60
C ALA S 373 -34.12 -57.41 28.04
N LEU S 374 -35.05 -58.22 28.53
CA LEU S 374 -34.91 -58.79 29.87
C LEU S 374 -33.62 -59.59 29.99
N ASP S 375 -33.38 -60.48 29.03
CA ASP S 375 -32.19 -61.32 29.07
C ASP S 375 -30.94 -60.46 29.00
N ASP S 376 -30.94 -59.45 28.13
CA ASP S 376 -29.79 -58.57 28.00
C ASP S 376 -29.54 -57.78 29.27
N SER S 377 -30.61 -57.33 29.94
CA SER S 377 -30.42 -56.58 31.17
C SER S 377 -29.80 -57.46 32.25
N MET S 378 -30.26 -58.70 32.36
CA MET S 378 -29.65 -59.62 33.34
C MET S 378 -28.19 -59.89 33.01
N LYS S 379 -27.92 -60.22 31.74
CA LYS S 379 -26.55 -60.51 31.33
C LYS S 379 -25.65 -59.30 31.53
N SER S 380 -26.15 -58.11 31.21
CA SER S 380 -25.37 -56.89 31.38
C SER S 380 -25.09 -56.63 32.84
N MET S 381 -26.06 -56.86 33.71
CA MET S 381 -25.81 -56.71 35.13
C MET S 381 -24.66 -57.61 35.57
N ASN S 382 -24.69 -58.88 35.16
CA ASN S 382 -23.61 -59.79 35.53
C ASN S 382 -22.27 -59.36 34.94
N LYS S 383 -22.26 -58.92 33.68
CA LYS S 383 -20.99 -58.68 33.02
C LYS S 383 -20.37 -57.35 33.43
N LEU S 384 -21.18 -56.33 33.71
CA LEU S 384 -20.63 -55.15 34.38
C LEU S 384 -20.17 -55.46 35.79
N ASP S 385 -20.81 -56.42 36.47
CA ASP S 385 -20.29 -56.85 37.75
C ASP S 385 -18.87 -57.42 37.62
N VAL S 386 -18.67 -58.33 36.68
CA VAL S 386 -17.36 -58.96 36.54
C VAL S 386 -16.33 -57.97 36.01
N ILE S 387 -16.76 -57.05 35.14
CA ILE S 387 -15.85 -56.02 34.65
C ILE S 387 -15.44 -55.10 35.79
N ASP S 388 -16.36 -54.80 36.70
CA ASP S 388 -16.00 -54.02 37.88
C ASP S 388 -15.01 -54.76 38.75
N LYS S 389 -15.18 -56.08 38.88
CA LYS S 389 -14.20 -56.87 39.63
C LYS S 389 -12.82 -56.77 39.00
N GLN S 390 -12.75 -56.89 37.68
CA GLN S 390 -11.45 -56.79 37.00
C GLN S 390 -10.84 -55.41 37.18
N PHE S 391 -11.63 -54.35 37.07
CA PHE S 391 -11.06 -53.01 37.24
C PHE S 391 -10.63 -52.76 38.68
N GLN S 392 -11.38 -53.28 39.65
CA GLN S 392 -10.96 -53.13 41.04
C GLN S 392 -9.65 -53.87 41.27
N LYS S 393 -9.48 -55.02 40.62
CA LYS S 393 -8.19 -55.70 40.68
C LYS S 393 -7.10 -54.86 40.05
N ARG S 394 -7.38 -54.22 38.92
CA ARG S 394 -6.38 -53.38 38.27
C ARG S 394 -5.99 -52.19 39.15
N ILE S 395 -6.95 -51.56 39.82
CA ILE S 395 -6.65 -50.38 40.62
C ILE S 395 -5.75 -50.75 41.79
N ASN S 396 -5.97 -51.92 42.38
CA ASN S 396 -5.10 -52.35 43.48
C ASN S 396 -3.66 -52.53 43.03
N GLY S 397 -3.42 -52.60 41.73
CA GLY S 397 -2.08 -52.65 41.19
C GLY S 397 -1.77 -53.87 40.35
N GLU S 398 -2.38 -55.01 40.66
CA GLU S 398 -2.07 -56.22 39.92
C GLU S 398 -2.53 -56.09 38.48
N TRP S 399 -1.76 -56.68 37.57
CA TRP S 399 -2.07 -56.56 36.14
C TRP S 399 -3.27 -57.40 35.78
N VAL S 400 -4.26 -56.75 35.19
CA VAL S 400 -5.43 -57.41 34.61
C VAL S 400 -5.51 -56.94 33.18
N SER S 401 -5.85 -57.86 32.28
CA SER S 401 -5.82 -57.54 30.86
C SER S 401 -6.82 -56.43 30.51
N THR S 402 -8.03 -56.50 31.08
CA THR S 402 -9.09 -55.53 30.80
C THR S 402 -9.38 -55.41 29.31
N ASP S 403 -9.38 -56.55 28.63
CA ASP S 403 -9.88 -56.69 27.28
C ASP S 403 -11.11 -57.58 27.31
N PHE S 404 -12.12 -57.24 26.52
CA PHE S 404 -13.40 -57.92 26.63
C PHE S 404 -13.29 -59.41 26.30
N LYS S 405 -12.31 -59.77 25.46
CA LYS S 405 -12.16 -61.19 25.10
C LYS S 405 -11.74 -62.03 26.29
N ASP S 406 -10.88 -61.50 27.14
CA ASP S 406 -10.33 -62.31 28.23
C ASP S 406 -11.03 -62.06 29.55
N MET S 407 -12.16 -61.37 29.54
CA MET S 407 -13.02 -61.33 30.71
C MET S 407 -13.59 -62.72 30.99
N PRO S 408 -13.62 -63.15 32.25
CA PRO S 408 -14.08 -64.51 32.55
C PRO S 408 -15.59 -64.62 32.40
N VAL S 409 -16.03 -65.59 31.60
CA VAL S 409 -17.45 -65.83 31.39
C VAL S 409 -17.98 -66.72 32.51
N ASN S 410 -19.10 -66.31 33.11
CA ASN S 410 -19.63 -66.96 34.30
C ASN S 410 -20.86 -67.83 34.02
N GLU S 411 -21.27 -67.97 32.76
CA GLU S 411 -22.44 -68.77 32.36
C GLU S 411 -23.72 -68.05 32.78
N ASN S 412 -23.59 -67.02 33.60
CA ASN S 412 -24.67 -66.04 33.75
C ASN S 412 -24.37 -64.81 32.92
N THR S 413 -23.09 -64.59 32.62
CA THR S 413 -22.68 -63.43 31.84
C THR S 413 -23.01 -63.59 30.37
N GLY S 414 -22.65 -64.73 29.79
CA GLY S 414 -22.68 -64.85 28.34
C GLY S 414 -21.43 -64.28 27.72
N GLU S 415 -21.45 -64.20 26.39
CA GLU S 415 -20.27 -63.75 25.67
C GLU S 415 -20.08 -62.25 25.84
N PHE S 416 -18.82 -61.82 25.87
CA PHE S 416 -18.46 -60.43 26.05
C PHE S 416 -18.34 -59.74 24.71
N LYS S 417 -19.16 -58.74 24.48
CA LYS S 417 -19.00 -57.88 23.32
C LYS S 417 -18.04 -56.74 23.68
N HIS S 418 -17.78 -55.87 22.73
CA HIS S 418 -16.97 -54.70 23.04
C HIS S 418 -17.79 -53.59 23.67
N SER S 419 -19.12 -53.68 23.60
CA SER S 419 -19.95 -52.56 24.02
C SER S 419 -20.03 -52.46 25.54
N ASP S 420 -19.80 -53.55 26.26
CA ASP S 420 -20.00 -53.53 27.70
C ASP S 420 -18.82 -52.88 28.40
N MET S 421 -17.66 -52.82 27.76
CA MET S 421 -16.59 -51.98 28.28
C MET S 421 -17.03 -50.52 28.33
N VAL S 422 -17.61 -50.04 27.23
CA VAL S 422 -18.15 -48.69 27.16
C VAL S 422 -19.28 -48.52 28.18
N ASN S 423 -20.14 -49.53 28.28
CA ASN S 423 -21.23 -49.48 29.24
C ASN S 423 -20.70 -49.35 30.65
N TYR S 424 -19.69 -50.15 30.99
CA TYR S 424 -19.14 -50.11 32.33
C TYR S 424 -18.53 -48.75 32.62
N ALA S 425 -17.76 -48.21 31.67
CA ALA S 425 -17.13 -46.91 31.89
C ALA S 425 -18.18 -45.83 32.11
N ASN S 426 -19.18 -45.77 31.24
CA ASN S 426 -20.20 -44.74 31.36
C ASN S 426 -21.00 -44.89 32.65
N LYS S 427 -21.43 -46.10 32.96
CA LYS S 427 -22.20 -46.32 34.18
C LYS S 427 -21.37 -46.03 35.41
N LYS S 428 -20.09 -46.37 35.38
CA LYS S 428 -19.23 -46.07 36.52
C LYS S 428 -19.06 -44.57 36.70
N LEU S 429 -18.87 -43.83 35.61
CA LEU S 429 -18.74 -42.39 35.73
C LEU S 429 -20.02 -41.77 36.28
N ALA S 430 -21.16 -42.21 35.77
CA ALA S 430 -22.44 -41.71 36.26
C ALA S 430 -22.65 -42.06 37.72
N GLU S 431 -22.25 -43.28 38.12
CA GLU S 431 -22.34 -43.69 39.51
C GLU S 431 -21.47 -42.86 40.41
N ILE S 432 -20.23 -42.59 39.98
CA ILE S 432 -19.33 -41.75 40.77
C ILE S 432 -19.94 -40.37 40.94
N ASP S 433 -20.57 -39.85 39.88
CA ASP S 433 -21.27 -38.56 40.01
C ASP S 433 -22.46 -38.66 40.95
N SER S 434 -23.11 -39.82 40.97
CA SER S 434 -24.33 -39.95 41.76
C SER S 434 -24.03 -40.10 43.25
N MET S 435 -22.88 -40.65 43.59
CA MET S 435 -22.51 -40.87 44.98
C MET S 435 -22.47 -39.55 45.74
N ASP S 436 -22.94 -39.58 46.99
CA ASP S 436 -22.95 -38.37 47.80
C ASP S 436 -21.65 -38.16 48.57
N ILE S 437 -20.55 -38.71 48.06
CA ILE S 437 -19.23 -38.50 48.64
C ILE S 437 -18.84 -37.05 48.43
N PRO S 438 -17.83 -36.54 49.14
CA PRO S 438 -17.36 -35.19 48.87
C PRO S 438 -16.96 -35.02 47.41
N ASP S 439 -17.07 -33.78 46.94
CA ASP S 439 -16.99 -33.51 45.51
C ASP S 439 -15.58 -33.79 44.96
N GLY S 440 -14.56 -33.30 45.67
CA GLY S 440 -13.20 -33.62 45.28
C GLY S 440 -12.92 -35.11 45.32
N ALA S 441 -13.63 -35.83 46.19
CA ALA S 441 -13.53 -37.28 46.20
C ALA S 441 -14.07 -37.88 44.92
N LYS S 442 -15.16 -37.33 44.38
CA LYS S 442 -15.64 -37.77 43.07
C LYS S 442 -14.58 -37.54 42.01
N ASP S 443 -13.96 -36.37 42.04
CA ASP S 443 -12.93 -36.07 41.04
C ASP S 443 -11.76 -37.05 41.14
N ALA S 444 -11.32 -37.33 42.38
CA ALA S 444 -10.22 -38.26 42.58
C ALA S 444 -10.58 -39.67 42.13
N MET S 445 -11.81 -40.09 42.39
CA MET S 445 -12.24 -41.41 41.95
C MET S 445 -12.24 -41.52 40.43
N LYS S 446 -12.74 -40.49 39.76
CA LYS S 446 -12.72 -40.50 38.30
C LYS S 446 -11.29 -40.57 37.78
N LEU S 447 -10.38 -39.82 38.40
CA LEU S 447 -8.99 -39.86 37.97
C LEU S 447 -8.37 -41.23 38.17
N LYS S 448 -8.65 -41.86 39.32
CA LYS S 448 -8.11 -43.19 39.57
C LYS S 448 -8.64 -44.21 38.59
N TYR S 449 -9.92 -44.15 38.23
CA TYR S 449 -10.44 -45.05 37.20
C TYR S 449 -9.82 -44.76 35.85
N LEU S 450 -9.58 -43.49 35.55
CA LEU S 450 -8.97 -43.10 34.28
C LEU S 450 -7.54 -43.62 34.16
N GLN S 451 -6.78 -43.60 35.27
CA GLN S 451 -5.42 -44.10 35.22
C GLN S 451 -5.38 -45.60 34.97
N ALA S 452 -6.37 -46.32 35.49
CA ALA S 452 -6.31 -47.78 35.46
C ALA S 452 -6.34 -48.33 34.04
N ASP S 453 -7.25 -47.86 33.20
CA ASP S 453 -7.49 -48.54 31.94
C ASP S 453 -6.34 -48.31 30.96
N SER S 454 -6.48 -48.95 29.78
CA SER S 454 -5.35 -49.33 28.96
C SER S 454 -5.13 -48.44 27.74
N LYS S 455 -5.32 -47.12 27.86
CA LYS S 455 -5.01 -46.16 26.81
C LYS S 455 -5.93 -46.32 25.60
N ASP S 456 -6.77 -47.34 25.63
CA ASP S 456 -7.90 -47.46 24.73
C ASP S 456 -9.18 -47.76 25.51
N GLY S 457 -9.06 -47.86 26.84
CA GLY S 457 -10.21 -48.18 27.65
C GLY S 457 -11.26 -47.10 27.58
N ALA S 458 -12.49 -47.52 27.84
CA ALA S 458 -13.61 -46.62 27.61
C ALA S 458 -13.65 -45.48 28.62
N PHE S 459 -12.89 -45.60 29.71
CA PHE S 459 -12.75 -44.45 30.60
C PHE S 459 -11.95 -43.34 29.93
N ARG S 460 -10.86 -43.71 29.25
CA ARG S 460 -10.09 -42.73 28.51
C ARG S 460 -10.93 -42.11 27.40
N THR S 461 -11.67 -42.94 26.68
CA THR S 461 -12.52 -42.41 25.61
C THR S 461 -13.61 -41.51 26.16
N ALA S 462 -14.21 -41.88 27.30
CA ALA S 462 -15.30 -41.08 27.85
C ALA S 462 -14.79 -39.74 28.37
N ILE S 463 -13.67 -39.74 29.09
CA ILE S 463 -13.13 -38.48 29.57
C ILE S 463 -12.65 -37.64 28.40
N GLY S 464 -12.12 -38.27 27.35
CA GLY S 464 -11.76 -37.52 26.16
C GLY S 464 -12.98 -36.94 25.46
N THR S 465 -14.09 -37.66 25.49
CA THR S 465 -15.34 -37.12 24.95
C THR S 465 -15.77 -35.90 25.74
N MET S 466 -15.63 -35.96 27.06
CA MET S 466 -15.88 -34.77 27.89
C MET S 466 -14.96 -33.62 27.50
N VAL S 467 -13.67 -33.92 27.29
CA VAL S 467 -12.71 -32.88 26.94
C VAL S 467 -13.05 -32.26 25.59
N THR S 468 -13.38 -33.09 24.61
CA THR S 468 -13.68 -32.59 23.28
C THR S 468 -15.00 -31.83 23.28
N ASP S 469 -15.94 -32.24 24.13
CA ASP S 469 -17.20 -31.52 24.22
C ASP S 469 -17.01 -30.15 24.87
N ALA S 470 -16.13 -30.08 25.88
CA ALA S 470 -15.77 -28.77 26.43
C ALA S 470 -15.07 -27.91 25.40
N GLY S 471 -14.20 -28.50 24.59
CA GLY S 471 -13.58 -27.75 23.51
C GLY S 471 -14.58 -27.23 22.51
N GLN S 472 -15.56 -28.08 22.16
CA GLN S 472 -16.66 -27.66 21.31
C GLN S 472 -17.36 -26.45 21.90
N GLU S 473 -17.66 -26.51 23.19
CA GLU S 473 -18.38 -25.42 23.83
C GLU S 473 -17.56 -24.14 23.82
N TRP S 474 -16.27 -24.25 24.06
CA TRP S 474 -15.43 -23.05 24.03
C TRP S 474 -15.39 -22.46 22.62
N SER S 475 -15.31 -23.32 21.60
CA SER S 475 -15.34 -22.82 20.22
C SER S 475 -16.68 -22.18 19.90
N ALA S 476 -17.76 -22.74 20.43
CA ALA S 476 -19.08 -22.14 20.25
C ALA S 476 -19.12 -20.76 20.87
N ALA S 477 -18.51 -20.60 22.04
CA ALA S 477 -18.42 -19.29 22.68
C ALA S 477 -17.61 -18.33 21.82
N VAL S 478 -16.53 -18.83 21.21
CA VAL S 478 -15.71 -17.98 20.35
C VAL S 478 -16.51 -17.49 19.17
N ILE S 479 -17.26 -18.39 18.54
CA ILE S 479 -18.06 -18.00 17.38
C ILE S 479 -19.17 -17.03 17.78
N ASN S 480 -19.87 -17.31 18.88
CA ASN S 480 -20.87 -16.37 19.37
C ASN S 480 -20.25 -15.04 19.75
N GLY S 481 -19.11 -15.09 20.42
CA GLY S 481 -18.49 -13.90 20.97
C GLY S 481 -18.74 -13.71 22.45
N LYS S 482 -19.62 -14.51 23.04
CA LYS S 482 -19.84 -14.45 24.48
C LYS S 482 -19.88 -15.87 25.01
N LEU S 483 -19.33 -16.05 26.20
CA LEU S 483 -19.37 -17.34 26.86
C LEU S 483 -20.81 -17.63 27.29
N PRO S 484 -21.32 -18.82 27.05
CA PRO S 484 -22.71 -19.12 27.42
C PRO S 484 -22.87 -19.16 28.93
N GLU S 485 -24.09 -18.93 29.39
CA GLU S 485 -24.35 -18.90 30.83
C GLU S 485 -24.20 -20.28 31.46
N ARG S 486 -24.70 -21.32 30.78
CA ARG S 486 -24.83 -22.63 31.42
C ARG S 486 -23.48 -23.28 31.66
N THR S 487 -22.78 -23.62 30.58
CA THR S 487 -21.47 -24.26 30.65
C THR S 487 -21.44 -25.55 31.49
N PRO S 488 -22.04 -26.63 30.98
CA PRO S 488 -21.83 -27.93 31.64
C PRO S 488 -20.45 -28.52 31.42
N ALA S 489 -20.01 -28.58 30.16
CA ALA S 489 -18.85 -29.40 29.80
C ALA S 489 -17.55 -28.81 30.31
N MET S 490 -17.37 -27.50 30.17
CA MET S 490 -16.17 -26.89 30.72
C MET S 490 -16.14 -26.98 32.24
N ASP S 491 -17.31 -26.99 32.88
CA ASP S 491 -17.33 -27.17 34.33
C ASP S 491 -16.89 -28.56 34.73
N ALA S 492 -17.37 -29.59 34.03
CA ALA S 492 -16.91 -30.94 34.32
C ALA S 492 -15.42 -31.09 34.07
N LEU S 493 -14.95 -30.57 32.94
CA LEU S 493 -13.52 -30.64 32.63
C LEU S 493 -12.71 -29.87 33.66
N ARG S 494 -13.23 -28.72 34.12
CA ARG S 494 -12.54 -27.92 35.11
C ARG S 494 -12.40 -28.67 36.42
N ARG S 495 -13.46 -29.35 36.83
CA ARG S 495 -13.38 -30.19 38.02
C ARG S 495 -12.31 -31.26 37.88
N ILE S 496 -12.37 -32.04 36.80
CA ILE S 496 -11.47 -33.19 36.70
C ILE S 496 -10.05 -32.74 36.43
N ARG S 497 -9.87 -31.53 35.90
CA ARG S 497 -8.53 -31.01 35.66
C ARG S 497 -7.94 -30.38 36.90
N ASN S 498 -8.73 -29.58 37.61
CA ASN S 498 -8.27 -28.99 38.86
C ASN S 498 -7.89 -30.06 39.85
N ALA S 499 -8.53 -31.23 39.77
CA ALA S 499 -8.12 -32.34 40.60
C ALA S 499 -6.69 -32.76 40.29
N ASP S 500 -6.34 -32.85 39.01
CA ASP S 500 -5.00 -33.28 38.60
C ASP S 500 -4.73 -32.76 37.19
N PRO S 501 -4.01 -31.65 37.07
CA PRO S 501 -3.82 -31.05 35.73
C PRO S 501 -2.85 -31.79 34.83
N GLN S 502 -1.70 -32.22 35.36
CA GLN S 502 -0.67 -32.80 34.50
C GLN S 502 -1.15 -34.07 33.81
N LEU S 503 -1.87 -34.92 34.53
CA LEU S 503 -2.34 -36.17 33.93
C LEU S 503 -3.30 -35.90 32.78
N ILE S 504 -4.26 -35.00 33.00
CA ILE S 504 -5.24 -34.69 31.97
C ILE S 504 -4.56 -34.08 30.76
N ALA S 505 -3.58 -33.21 31.00
CA ALA S 505 -2.83 -32.64 29.90
C ALA S 505 -2.06 -33.72 29.13
N ALA S 506 -1.48 -34.68 29.84
CA ALA S 506 -0.71 -35.73 29.20
C ALA S 506 -1.59 -36.64 28.37
N LEU S 507 -2.79 -36.94 28.85
CA LEU S 507 -3.62 -37.93 28.19
C LEU S 507 -4.24 -37.39 26.90
N TYR S 508 -4.44 -36.08 26.83
CA TYR S 508 -5.09 -35.44 25.69
C TYR S 508 -4.21 -34.29 25.19
N PRO S 509 -3.10 -34.63 24.53
CA PRO S 509 -2.19 -33.57 24.07
C PRO S 509 -2.81 -32.65 23.05
N ASP S 510 -3.75 -33.15 22.24
CA ASP S 510 -4.34 -32.31 21.19
C ASP S 510 -5.08 -31.12 21.78
N GLN S 511 -5.61 -31.25 23.00
CA GLN S 511 -6.35 -30.19 23.66
C GLN S 511 -5.47 -29.34 24.56
N ALA S 512 -4.17 -29.22 24.22
CA ALA S 512 -3.28 -28.40 25.03
C ALA S 512 -3.72 -26.95 25.01
N GLU S 513 -4.17 -26.45 23.86
CA GLU S 513 -4.65 -25.08 23.79
C GLU S 513 -5.89 -24.87 24.66
N LEU S 514 -6.80 -25.84 24.65
CA LEU S 514 -7.98 -25.73 25.49
C LEU S 514 -7.61 -25.73 26.96
N PHE S 515 -6.70 -26.61 27.37
CA PHE S 515 -6.27 -26.62 28.75
C PHE S 515 -5.59 -25.32 29.13
N LEU S 516 -4.78 -24.78 28.21
CA LEU S 516 -4.16 -23.49 28.46
C LEU S 516 -5.20 -22.40 28.66
N THR S 517 -6.25 -22.39 27.83
CA THR S 517 -7.28 -21.37 27.96
C THR S 517 -8.01 -21.49 29.29
N MET S 518 -8.38 -22.71 29.68
CA MET S 518 -9.04 -22.91 30.97
C MET S 518 -8.14 -22.47 32.11
N ASP S 519 -6.85 -22.83 32.05
CA ASP S 519 -5.92 -22.43 33.10
C ASP S 519 -5.78 -20.92 33.17
N MET S 520 -5.73 -20.26 32.01
CA MET S 520 -5.65 -18.81 31.96
C MET S 520 -6.88 -18.17 32.60
N MET S 521 -8.06 -18.71 32.32
CA MET S 521 -9.26 -18.08 32.84
C MET S 521 -9.50 -18.37 34.32
N ASP S 522 -9.10 -19.54 34.83
CA ASP S 522 -9.42 -19.85 36.22
C ASP S 522 -8.22 -19.67 37.15
N LYS S 523 -7.07 -20.26 36.84
CA LYS S 523 -5.92 -20.10 37.71
C LYS S 523 -5.32 -18.70 37.60
N GLN S 524 -5.09 -18.23 36.38
CA GLN S 524 -4.75 -16.84 36.19
C GLN S 524 -6.04 -16.01 36.17
N GLY S 525 -5.89 -14.70 36.20
CA GLY S 525 -7.08 -13.90 36.38
C GLY S 525 -7.68 -13.28 35.15
N ILE S 526 -7.46 -13.83 33.96
CA ILE S 526 -7.86 -13.10 32.77
C ILE S 526 -9.30 -13.41 32.40
N ASP S 527 -9.99 -12.37 31.93
CA ASP S 527 -11.40 -12.45 31.60
C ASP S 527 -11.63 -13.44 30.47
N PRO S 528 -12.68 -14.27 30.55
CA PRO S 528 -13.01 -15.10 29.39
C PRO S 528 -13.29 -14.30 28.15
N GLN S 529 -13.84 -13.09 28.28
CA GLN S 529 -14.23 -12.30 27.11
C GLN S 529 -13.02 -11.91 26.28
N VAL S 530 -11.91 -11.53 26.92
CA VAL S 530 -10.74 -11.10 26.17
C VAL S 530 -10.11 -12.29 25.45
N ILE S 531 -10.11 -13.47 26.08
CA ILE S 531 -9.65 -14.65 25.38
C ILE S 531 -10.56 -14.96 24.20
N LEU S 532 -11.87 -14.79 24.38
CA LEU S 532 -12.83 -15.08 23.32
C LEU S 532 -12.59 -14.20 22.11
N ASP S 533 -12.47 -12.89 22.32
CA ASP S 533 -12.34 -12.01 21.15
C ASP S 533 -10.91 -12.00 20.62
N ALA S 534 -9.94 -12.44 21.43
CA ALA S 534 -8.61 -12.68 20.90
C ALA S 534 -8.61 -13.87 19.95
N ASP S 535 -9.32 -14.93 20.33
CA ASP S 535 -9.51 -16.06 19.41
C ASP S 535 -10.23 -15.63 18.15
N ARG S 536 -11.35 -14.92 18.31
CA ARG S 536 -12.19 -14.60 17.16
C ARG S 536 -11.48 -13.63 16.23
N LEU S 537 -10.56 -12.83 16.74
CA LEU S 537 -9.93 -11.81 15.90
C LEU S 537 -8.75 -12.18 15.05
N THR S 538 -7.60 -11.59 15.34
CA THR S 538 -6.46 -11.78 14.45
C THR S 538 -5.55 -12.99 14.60
N VAL S 539 -6.05 -14.18 14.27
CA VAL S 539 -5.17 -15.34 14.25
C VAL S 539 -5.12 -15.77 12.78
N LYS S 540 -5.48 -14.86 11.89
CA LYS S 540 -5.58 -15.19 10.45
C LYS S 540 -4.35 -15.66 9.63
N ARG S 541 -3.19 -15.03 9.78
CA ARG S 541 -2.02 -15.41 8.95
C ARG S 541 -1.84 -16.91 9.02
N SER S 542 -1.75 -17.60 7.87
CA SER S 542 -1.74 -19.05 7.97
C SER S 542 -0.72 -19.67 7.03
N LYS S 543 -0.12 -20.76 7.50
CA LYS S 543 0.77 -21.66 6.75
C LYS S 543 2.03 -21.00 6.22
N GLU S 544 1.91 -20.03 5.31
CA GLU S 544 3.10 -19.41 4.77
C GLU S 544 3.96 -18.82 5.89
N GLN S 545 3.30 -18.23 6.90
CA GLN S 545 4.02 -17.84 8.10
C GLN S 545 4.09 -18.95 9.13
N ARG S 546 3.48 -20.11 8.90
CA ARG S 546 3.68 -21.20 9.86
C ARG S 546 5.08 -21.77 9.76
N PHE S 547 5.69 -21.70 8.58
CA PHE S 547 7.12 -22.03 8.48
C PHE S 547 7.94 -21.12 9.37
N GLU S 548 7.73 -19.81 9.25
CA GLU S 548 8.46 -18.86 10.08
C GLU S 548 8.09 -19.02 11.55
N ASP S 549 6.86 -19.41 11.84
CA ASP S 549 6.46 -19.67 13.22
C ASP S 549 7.22 -20.85 13.79
N ASP S 550 7.35 -21.93 13.01
CA ASP S 550 8.12 -23.08 13.47
C ASP S 550 9.57 -22.70 13.69
N LYS S 551 10.15 -21.95 12.75
CA LYS S 551 11.54 -21.55 12.90
C LYS S 551 11.69 -20.61 14.09
N ALA S 552 10.69 -19.78 14.35
CA ALA S 552 10.75 -18.90 15.51
C ALA S 552 10.67 -19.69 16.81
N PHE S 553 9.85 -20.73 16.86
CA PHE S 553 9.80 -21.57 18.05
C PHE S 553 11.14 -22.24 18.30
N GLU S 554 11.74 -22.81 17.26
CA GLU S 554 13.02 -23.48 17.47
C GLU S 554 14.12 -22.48 17.78
N SER S 555 14.03 -21.27 17.23
CA SER S 555 15.00 -20.23 17.57
C SER S 555 14.84 -19.80 19.03
N ALA S 556 13.60 -19.67 19.49
CA ALA S 556 13.36 -19.30 20.88
C ALA S 556 13.86 -20.37 21.83
N LEU S 557 13.76 -21.64 21.43
CA LEU S 557 14.36 -22.69 22.22
C LEU S 557 15.88 -22.60 22.19
N ASN S 558 16.46 -22.25 21.04
CA ASN S 558 17.91 -22.21 20.91
C ASN S 558 18.51 -21.06 21.69
N ALA S 559 17.80 -19.95 21.80
CA ALA S 559 18.32 -18.75 22.43
C ALA S 559 17.84 -18.57 23.86
N SER S 560 17.22 -19.60 24.44
CA SER S 560 16.49 -19.40 25.69
C SER S 560 17.42 -19.19 26.87
N LYS S 561 18.49 -19.99 26.96
CA LYS S 561 19.37 -19.98 28.13
C LYS S 561 18.59 -20.28 29.41
N ALA S 562 17.63 -21.18 29.33
CA ALA S 562 16.82 -21.60 30.48
C ALA S 562 16.80 -23.11 30.56
N PRO S 563 17.05 -23.67 31.74
CA PRO S 563 17.17 -25.13 31.85
C PRO S 563 15.93 -25.89 31.43
N GLU S 564 14.75 -25.35 31.72
CA GLU S 564 13.51 -26.02 31.33
C GLU S 564 13.31 -25.97 29.83
N ILE S 565 13.78 -24.90 29.19
CA ILE S 565 13.62 -24.76 27.75
C ILE S 565 14.80 -25.37 27.01
N ALA S 566 16.01 -25.21 27.55
CA ALA S 566 17.17 -25.81 26.91
C ALA S 566 17.11 -27.32 26.97
N ARG S 567 16.67 -27.88 28.08
CA ARG S 567 16.61 -29.32 28.28
C ARG S 567 15.17 -29.80 28.41
N MET S 568 14.31 -29.30 27.53
CA MET S 568 12.90 -29.63 27.58
C MET S 568 12.70 -31.12 27.35
N PRO S 569 11.99 -31.82 28.23
CA PRO S 569 11.69 -33.23 28.00
C PRO S 569 10.81 -33.42 26.78
N ALA S 570 10.74 -34.66 26.30
CA ALA S 570 10.21 -34.93 24.96
C ALA S 570 8.71 -34.67 24.82
N SER S 571 7.88 -35.19 25.72
CA SER S 571 6.43 -34.99 25.60
C SER S 571 6.06 -33.53 25.83
N LEU S 572 6.70 -32.92 26.81
CA LEU S 572 6.49 -31.51 27.04
C LEU S 572 6.94 -30.67 25.86
N ARG S 573 7.74 -31.22 24.94
CA ARG S 573 8.08 -30.46 23.74
C ARG S 573 6.83 -30.18 22.91
N GLU S 574 6.01 -31.21 22.68
CA GLU S 574 4.80 -30.97 21.90
C GLU S 574 3.81 -30.12 22.68
N SER S 575 3.65 -30.40 23.97
CA SER S 575 2.73 -29.58 24.76
C SER S 575 3.16 -28.12 24.77
N ALA S 576 4.46 -27.87 24.93
CA ALA S 576 4.97 -26.52 25.01
C ALA S 576 4.93 -25.82 23.66
N ARG S 577 5.15 -26.56 22.58
CA ARG S 577 5.00 -25.95 21.26
C ARG S 577 3.57 -25.50 21.04
N LYS S 578 2.59 -26.33 21.44
CA LYS S 578 1.21 -25.93 21.31
C LYS S 578 0.93 -24.67 22.13
N ILE S 579 1.43 -24.61 23.36
CA ILE S 579 1.18 -23.43 24.18
C ILE S 579 1.84 -22.20 23.59
N TYR S 580 3.08 -22.32 23.13
CA TYR S 580 3.80 -21.19 22.56
C TYR S 580 3.07 -20.67 21.33
N ASP S 581 2.70 -21.59 20.43
CA ASP S 581 1.98 -21.20 19.22
C ASP S 581 0.66 -20.53 19.55
N SER S 582 -0.07 -21.08 20.51
CA SER S 582 -1.38 -20.53 20.85
C SER S 582 -1.25 -19.13 21.38
N VAL S 583 -0.33 -18.90 22.32
CA VAL S 583 -0.22 -17.57 22.90
C VAL S 583 0.32 -16.58 21.88
N LYS S 584 1.24 -17.03 21.02
CA LYS S 584 1.76 -16.15 19.99
C LYS S 584 0.68 -15.74 19.02
N TYR S 585 -0.20 -16.67 18.64
CA TYR S 585 -1.28 -16.32 17.72
C TYR S 585 -2.29 -15.40 18.39
N ARG S 586 -2.70 -15.72 19.61
CA ARG S 586 -3.74 -14.92 20.25
C ARG S 586 -3.25 -13.52 20.57
N SER S 587 -2.01 -13.39 21.06
CA SER S 587 -1.52 -12.11 21.51
C SER S 587 -0.60 -11.41 20.52
N GLY S 588 0.05 -12.15 19.63
CA GLY S 588 1.07 -11.52 18.80
C GLY S 588 2.40 -11.40 19.51
N ASN S 589 2.37 -11.11 20.82
CA ASN S 589 3.58 -10.98 21.61
C ASN S 589 4.36 -12.28 21.70
N GLU S 590 5.66 -12.21 21.41
CA GLU S 590 6.53 -13.36 21.60
C GLU S 590 6.92 -13.51 23.06
N SER S 591 6.98 -12.40 23.79
CA SER S 591 7.27 -12.47 25.22
C SER S 591 6.16 -13.15 25.99
N MET S 592 4.90 -12.86 25.63
CA MET S 592 3.79 -13.53 26.30
C MET S 592 3.81 -15.02 26.04
N ALA S 593 4.10 -15.41 24.81
CA ALA S 593 4.19 -16.84 24.48
C ALA S 593 5.32 -17.50 25.24
N MET S 594 6.47 -16.83 25.32
CA MET S 594 7.58 -17.38 26.08
C MET S 594 7.25 -17.51 27.56
N GLU S 595 6.56 -16.51 28.12
CA GLU S 595 6.23 -16.55 29.53
C GLU S 595 5.22 -17.66 29.83
N GLN S 596 4.22 -17.82 28.98
CA GLN S 596 3.25 -18.89 29.18
C GLN S 596 3.90 -20.25 29.05
N MET S 597 4.74 -20.43 28.04
CA MET S 597 5.42 -21.71 27.84
C MET S 597 6.38 -22.01 28.99
N THR S 598 7.09 -21.00 29.47
CA THR S 598 7.99 -21.19 30.61
C THR S 598 7.20 -21.53 31.87
N LYS S 599 6.07 -20.87 32.09
CA LYS S 599 5.25 -21.18 33.25
C LYS S 599 4.75 -22.60 33.20
N PHE S 600 4.30 -23.05 32.03
CA PHE S 600 3.87 -24.43 31.87
C PHE S 600 5.00 -25.40 32.19
N LEU S 601 6.19 -25.14 31.66
CA LEU S 601 7.31 -26.06 31.88
C LEU S 601 7.73 -26.08 33.34
N LYS S 602 7.71 -24.93 34.00
CA LYS S 602 8.04 -24.89 35.42
C LYS S 602 7.02 -25.68 36.25
N GLU S 603 5.74 -25.51 35.95
CA GLU S 603 4.71 -26.22 36.70
C GLU S 603 4.75 -27.71 36.42
N SER S 604 5.18 -28.10 35.23
CA SER S 604 5.11 -29.49 34.80
C SER S 604 6.39 -30.28 35.05
N THR S 605 7.46 -29.63 35.47
CA THR S 605 8.73 -30.30 35.67
C THR S 605 9.40 -29.82 36.95
N TYR S 606 10.32 -30.64 37.43
CA TYR S 606 11.23 -30.27 38.50
C TYR S 606 12.63 -30.28 37.93
N THR S 607 13.37 -29.19 38.12
CA THR S 607 14.74 -29.07 37.63
C THR S 607 15.69 -29.48 38.74
N PHE S 608 16.28 -30.67 38.61
CA PHE S 608 17.31 -31.10 39.53
C PHE S 608 18.55 -30.23 39.34
N THR S 609 19.10 -29.74 40.44
CA THR S 609 20.23 -28.83 40.40
C THR S 609 21.40 -29.44 41.16
N GLY S 610 22.60 -29.27 40.63
CA GLY S 610 23.78 -29.70 41.33
C GLY S 610 24.01 -28.91 42.60
N ASP S 611 24.02 -29.61 43.73
CA ASP S 611 24.19 -28.97 45.04
C ASP S 611 25.64 -28.52 45.16
N ASP S 612 25.96 -27.43 44.47
CA ASP S 612 27.31 -26.88 44.41
C ASP S 612 27.21 -25.38 44.19
N VAL S 613 28.35 -24.76 43.87
CA VAL S 613 28.32 -23.38 43.41
C VAL S 613 27.64 -23.28 42.05
N ASP S 614 28.17 -24.00 41.05
CA ASP S 614 27.50 -24.25 39.79
C ASP S 614 27.78 -25.67 39.34
N GLY S 615 26.92 -26.59 39.76
CA GLY S 615 26.81 -27.89 39.15
C GLY S 615 25.39 -27.99 38.65
N ASP S 616 24.82 -26.82 38.40
CA ASP S 616 23.39 -26.62 38.27
C ASP S 616 22.83 -27.35 37.05
N THR S 617 21.54 -27.65 37.13
CA THR S 617 20.81 -28.30 36.05
C THR S 617 21.47 -29.62 35.67
N VAL S 618 21.37 -30.59 36.58
CA VAL S 618 21.75 -31.95 36.21
C VAL S 618 20.63 -32.59 35.39
N GLY S 619 19.41 -32.06 35.51
CA GLY S 619 18.32 -32.55 34.70
C GLY S 619 16.97 -31.95 34.98
N VAL S 620 16.11 -31.92 33.95
CA VAL S 620 14.74 -31.45 34.09
C VAL S 620 13.81 -32.64 33.86
N ILE S 621 13.26 -33.17 34.94
CA ILE S 621 12.43 -34.37 34.82
C ILE S 621 10.96 -33.99 34.86
N PRO S 622 10.11 -34.53 33.99
CA PRO S 622 8.68 -34.24 34.09
C PRO S 622 8.13 -34.66 35.44
N LYS S 623 7.27 -33.82 35.97
CA LYS S 623 6.79 -34.01 37.34
C LYS S 623 5.94 -35.26 37.46
N ASN S 624 5.31 -35.67 36.36
CA ASN S 624 4.41 -36.81 36.40
C ASN S 624 5.18 -38.13 36.46
N MET S 625 6.45 -38.13 36.04
CA MET S 625 7.22 -39.37 36.05
C MET S 625 7.65 -39.74 37.46
N MET S 626 8.05 -38.75 38.26
CA MET S 626 8.43 -39.02 39.63
C MET S 626 7.23 -39.34 40.51
N GLN S 627 6.02 -39.18 40.00
CA GLN S 627 4.83 -39.42 40.77
C GLN S 627 4.76 -40.84 41.26
N VAL S 628 4.49 -41.01 42.55
CA VAL S 628 4.14 -42.29 43.14
C VAL S 628 2.68 -42.20 43.55
N ASN S 629 1.94 -43.29 43.39
CA ASN S 629 0.51 -43.37 43.67
C ASN S 629 -0.28 -42.34 42.87
N SER S 630 -1.60 -42.26 43.10
CA SER S 630 -2.45 -41.44 42.24
C SER S 630 -2.32 -39.96 42.57
N ASP S 631 -1.97 -39.63 43.81
CA ASP S 631 -1.97 -38.23 44.22
C ASP S 631 -0.96 -37.43 43.41
N PRO S 632 -1.40 -36.39 42.70
CA PRO S 632 -0.46 -35.62 41.87
C PRO S 632 0.68 -35.01 42.66
N LYS S 633 0.42 -34.56 43.89
CA LYS S 633 1.43 -33.89 44.69
C LYS S 633 2.49 -34.88 45.17
N SER S 634 2.20 -36.18 45.12
CA SER S 634 3.15 -37.19 45.54
C SER S 634 4.34 -37.32 44.61
N TRP S 635 4.50 -36.42 43.65
CA TRP S 635 5.74 -36.39 42.88
C TRP S 635 6.93 -36.04 43.76
N GLU S 636 6.67 -35.40 44.90
CA GLU S 636 7.77 -35.01 45.78
C GLU S 636 8.45 -36.24 46.39
N GLN S 637 7.71 -37.31 46.60
CA GLN S 637 8.32 -38.54 47.11
C GLN S 637 9.29 -39.12 46.10
N GLY S 638 8.88 -39.18 44.83
CA GLY S 638 9.79 -39.61 43.79
C GLY S 638 10.97 -38.67 43.64
N ARG S 639 10.74 -37.38 43.81
CA ARG S 639 11.83 -36.41 43.76
C ARG S 639 12.85 -36.68 44.86
N ASP S 640 12.37 -36.94 46.07
CA ASP S 640 13.28 -37.24 47.18
C ASP S 640 14.05 -38.52 46.91
N ILE S 641 13.37 -39.55 46.41
CA ILE S 641 14.05 -40.79 46.10
C ILE S 641 15.10 -40.58 45.03
N LEU S 642 14.79 -39.76 44.02
CA LEU S 642 15.74 -39.53 42.93
C LEU S 642 16.94 -38.72 43.40
N GLU S 643 16.73 -37.75 44.28
CA GLU S 643 17.87 -36.99 44.78
C GLU S 643 18.72 -37.84 45.71
N GLU S 644 18.10 -38.72 46.50
CA GLU S 644 18.90 -39.67 47.26
C GLU S 644 19.69 -40.58 46.34
N ALA S 645 19.09 -40.98 45.21
CA ALA S 645 19.81 -41.79 44.24
C ALA S 645 21.01 -41.04 43.68
N ARG S 646 20.82 -39.76 43.34
CA ARG S 646 21.90 -38.95 42.81
C ARG S 646 23.05 -38.84 43.81
N LYS S 647 22.71 -38.54 45.07
CA LYS S 647 23.74 -38.41 46.08
C LYS S 647 24.42 -39.76 46.35
N GLY S 648 23.67 -40.85 46.31
CA GLY S 648 24.28 -42.15 46.51
C GLY S 648 25.22 -42.52 45.38
N ILE S 649 24.85 -42.18 44.16
CA ILE S 649 25.72 -42.45 43.02
C ILE S 649 26.99 -41.63 43.12
N ILE S 650 26.87 -40.35 43.50
CA ILE S 650 28.05 -39.50 43.65
C ILE S 650 28.96 -40.04 44.74
N ALA S 651 28.40 -40.32 45.92
CA ALA S 651 29.22 -40.74 47.04
C ALA S 651 29.84 -42.11 46.83
N SER S 652 29.09 -43.02 46.19
CA SER S 652 29.60 -44.36 45.97
C SER S 652 30.80 -44.36 45.02
N ASN S 653 30.73 -43.59 43.94
CA ASN S 653 31.78 -43.55 42.95
C ASN S 653 32.49 -42.21 43.01
N PRO S 654 33.68 -42.14 43.60
CA PRO S 654 34.32 -40.83 43.84
C PRO S 654 34.58 -40.03 42.58
N TRP S 655 34.96 -40.71 41.48
CA TRP S 655 35.35 -40.00 40.27
C TRP S 655 34.18 -39.28 39.65
N ILE S 656 32.96 -39.78 39.87
CA ILE S 656 31.78 -39.00 39.53
C ILE S 656 31.70 -37.80 40.45
N THR S 657 31.62 -36.62 39.86
CA THR S 657 31.39 -35.41 40.64
C THR S 657 30.05 -34.81 40.26
N ASN S 658 29.71 -33.72 40.93
CA ASN S 658 28.36 -33.18 40.82
C ASN S 658 28.08 -32.68 39.41
N LYS S 659 29.13 -32.31 38.67
CA LYS S 659 28.97 -31.87 37.29
C LYS S 659 28.80 -33.04 36.32
N GLN S 660 29.25 -34.22 36.73
CA GLN S 660 29.19 -35.38 35.84
C GLN S 660 27.81 -35.97 35.67
N LEU S 661 27.00 -35.92 36.71
CA LEU S 661 25.69 -36.57 36.64
C LEU S 661 24.76 -35.82 35.69
N THR S 662 24.01 -36.60 34.91
CA THR S 662 22.97 -36.08 34.03
C THR S 662 21.69 -36.82 34.33
N MET S 663 20.60 -36.09 34.47
CA MET S 663 19.27 -36.68 34.66
C MET S 663 18.44 -36.34 33.44
N TYR S 664 17.87 -37.37 32.82
CA TYR S 664 17.01 -37.16 31.67
C TYR S 664 15.97 -38.27 31.63
N SER S 665 14.89 -38.02 30.92
CA SER S 665 13.75 -38.92 30.87
C SER S 665 13.58 -39.49 29.47
N GLN S 666 13.47 -40.81 29.40
CA GLN S 666 13.03 -41.49 28.19
C GLN S 666 11.51 -41.53 28.20
N GLY S 667 10.90 -42.36 27.35
CA GLY S 667 9.45 -42.33 27.22
C GLY S 667 8.73 -42.56 28.54
N ASP S 668 9.16 -43.55 29.30
CA ASP S 668 8.51 -43.87 30.56
C ASP S 668 9.52 -44.13 31.67
N SER S 669 10.75 -43.64 31.53
CA SER S 669 11.77 -43.87 32.52
C SER S 669 12.55 -42.60 32.78
N ILE S 670 13.13 -42.51 33.98
CA ILE S 670 14.07 -41.47 34.34
C ILE S 670 15.45 -42.10 34.35
N TYR S 671 16.40 -41.47 33.67
CA TYR S 671 17.76 -41.99 33.60
C TYR S 671 18.70 -41.04 34.31
N LEU S 672 19.43 -41.58 35.29
CA LEU S 672 20.43 -40.84 36.04
C LEU S 672 21.80 -41.42 35.69
N MET S 673 22.60 -40.66 34.96
CA MET S 673 23.80 -41.19 34.35
C MET S 673 24.91 -40.15 34.46
N ASP S 674 26.16 -40.63 34.47
CA ASP S 674 27.26 -39.70 34.44
C ASP S 674 27.61 -39.33 32.99
N THR S 675 28.65 -38.51 32.84
CA THR S 675 29.06 -38.06 31.51
C THR S 675 29.52 -39.22 30.66
N THR S 676 30.23 -40.18 31.24
CA THR S 676 30.49 -41.42 30.53
C THR S 676 29.22 -42.25 30.44
N GLY S 677 29.36 -43.47 29.95
CA GLY S 677 28.22 -44.36 30.02
C GLY S 677 28.33 -45.45 31.05
N GLN S 678 29.40 -45.41 31.87
CA GLN S 678 29.69 -46.53 32.75
C GLN S 678 28.61 -46.70 33.81
N VAL S 679 28.10 -45.59 34.35
CA VAL S 679 27.13 -45.61 35.42
C VAL S 679 25.84 -45.00 34.91
N ARG S 680 24.81 -45.84 34.78
CA ARG S 680 23.49 -45.38 34.34
C ARG S 680 22.44 -46.23 35.03
N VAL S 681 21.51 -45.61 35.77
CA VAL S 681 20.44 -46.33 36.44
C VAL S 681 19.11 -45.85 35.90
N ARG S 682 18.13 -46.75 35.85
CA ARG S 682 16.85 -46.49 35.22
C ARG S 682 15.76 -46.53 36.28
N TYR S 683 14.98 -45.46 36.38
CA TYR S 683 13.88 -45.38 37.32
C TYR S 683 12.57 -45.32 36.56
N ASP S 684 11.79 -46.39 36.65
CA ASP S 684 10.51 -46.49 35.97
C ASP S 684 9.38 -46.17 36.92
N LYS S 685 8.26 -45.73 36.35
CA LYS S 685 7.09 -45.38 37.15
C LYS S 685 6.59 -46.57 37.97
N GLU S 686 6.50 -47.73 37.34
CA GLU S 686 5.90 -48.88 38.01
C GLU S 686 6.77 -49.36 39.17
N LEU S 687 8.05 -49.53 38.92
CA LEU S 687 8.94 -49.99 39.98
C LEU S 687 9.02 -48.99 41.11
N LEU S 688 9.07 -47.70 40.78
CA LEU S 688 9.11 -46.66 41.80
C LEU S 688 7.84 -46.67 42.63
N SER S 689 6.69 -46.84 41.98
CA SER S 689 5.41 -46.89 42.69
C SER S 689 5.35 -48.09 43.63
N LYS S 690 5.72 -49.28 43.15
CA LYS S 690 5.70 -50.45 44.03
C LYS S 690 6.67 -50.31 45.19
N VAL S 691 7.87 -49.81 44.93
CA VAL S 691 8.86 -49.68 45.99
C VAL S 691 8.35 -48.72 47.05
N TRP S 692 7.85 -47.56 46.64
CA TRP S 692 7.40 -46.58 47.61
C TRP S 692 6.16 -47.07 48.34
N SER S 693 5.28 -47.83 47.67
CA SER S 693 4.11 -48.35 48.35
C SER S 693 4.50 -49.36 49.42
N GLU S 694 5.40 -50.28 49.11
CA GLU S 694 5.83 -51.25 50.11
C GLU S 694 6.52 -50.55 51.28
N ASN S 695 7.39 -49.59 50.98
CA ASN S 695 8.07 -48.87 52.04
C ASN S 695 7.08 -48.11 52.91
N GLN S 696 6.08 -47.48 52.30
CA GLN S 696 5.07 -46.74 53.05
C GLN S 696 4.26 -47.67 53.93
N LYS S 697 3.94 -48.87 53.43
CA LYS S 697 3.23 -49.83 54.27
C LYS S 697 4.05 -50.19 55.49
N LYS S 698 5.34 -50.47 55.31
CA LYS S 698 6.18 -50.81 56.46
C LYS S 698 6.28 -49.65 57.45
N LEU S 699 6.47 -48.44 56.93
CA LEU S 699 6.60 -47.27 57.80
C LEU S 699 5.32 -47.00 58.57
N GLU S 700 4.17 -47.12 57.91
CA GLU S 700 2.90 -46.90 58.58
C GLU S 700 2.64 -47.99 59.62
N GLU S 701 3.01 -49.22 59.32
CA GLU S 701 2.94 -50.28 60.32
C GLU S 701 3.73 -49.90 61.57
N LYS S 702 4.99 -49.49 61.38
CA LYS S 702 5.85 -49.17 62.52
C LYS S 702 5.31 -47.97 63.29
N ALA S 703 4.82 -46.95 62.57
CA ALA S 703 4.28 -45.78 63.23
C ALA S 703 3.03 -46.10 64.02
N ARG S 704 2.18 -46.99 63.49
CA ARG S 704 1.00 -47.41 64.24
C ARG S 704 1.39 -48.14 65.51
N GLU S 705 2.40 -49.03 65.42
CA GLU S 705 2.87 -49.69 66.63
C GLU S 705 3.36 -48.67 67.65
N LYS S 706 4.12 -47.68 67.20
CA LYS S 706 4.61 -46.66 68.12
C LYS S 706 3.46 -45.88 68.75
N ALA S 707 2.48 -45.48 67.95
CA ALA S 707 1.37 -44.69 68.47
C ALA S 707 0.55 -45.47 69.48
N LEU S 708 0.27 -46.74 69.18
CA LEU S 708 -0.48 -47.56 70.12
C LEU S 708 0.33 -47.81 71.39
N ALA S 709 1.65 -47.88 71.26
CA ALA S 709 2.49 -47.99 72.46
C ALA S 709 2.38 -46.74 73.32
N ASP S 710 2.37 -45.56 72.70
CA ASP S 710 2.30 -44.32 73.48
C ASP S 710 0.98 -44.19 74.21
N VAL S 711 -0.12 -44.61 73.58
CA VAL S 711 -1.42 -44.62 74.24
C VAL S 711 -1.42 -45.62 75.38
N LEU T 41 -101.70 -8.24 22.42
CA LEU T 41 -101.01 -9.53 22.45
C LEU T 41 -99.51 -9.32 22.65
N LEU T 42 -98.74 -10.38 22.39
CA LEU T 42 -97.29 -10.29 22.53
C LEU T 42 -96.70 -9.34 21.49
N ASP T 43 -97.34 -9.25 20.32
CA ASP T 43 -96.83 -8.38 19.27
C ASP T 43 -96.88 -6.91 19.67
N THR T 44 -97.97 -6.49 20.32
CA THR T 44 -98.09 -5.10 20.72
C THR T 44 -97.05 -4.72 21.77
N ILE T 45 -96.85 -5.60 22.77
CA ILE T 45 -95.85 -5.33 23.79
C ILE T 45 -94.45 -5.35 23.17
N GLY T 46 -94.22 -6.23 22.20
CA GLY T 46 -92.93 -6.22 21.51
C GLY T 46 -92.70 -4.94 20.74
N ARG T 47 -93.74 -4.42 20.09
CA ARG T 47 -93.63 -3.15 19.38
C ARG T 47 -93.32 -2.02 20.34
N PHE T 48 -93.99 -2.00 21.50
CA PHE T 48 -93.71 -0.98 22.50
C PHE T 48 -92.28 -1.11 23.03
N ALA T 49 -91.81 -2.36 23.20
CA ALA T 49 -90.48 -2.58 23.76
C ALA T 49 -89.39 -2.12 22.79
N LYS T 50 -89.50 -2.51 21.51
CA LYS T 50 -88.46 -2.16 20.55
C LYS T 50 -88.37 -0.65 20.37
N ALA T 51 -89.52 0.03 20.36
CA ALA T 51 -89.59 1.48 20.21
C ALA T 51 -90.76 2.00 21.03
N GLY T 52 -90.48 2.45 22.25
CA GLY T 52 -91.51 3.10 23.03
C GLY T 52 -91.99 4.39 22.40
N ALA T 53 -91.09 5.11 21.73
CA ALA T 53 -91.43 6.29 20.96
C ALA T 53 -90.87 6.14 19.55
N ASP T 54 -90.92 7.22 18.76
CA ASP T 54 -90.36 7.23 17.40
C ASP T 54 -91.09 6.25 16.48
N MET T 55 -92.42 6.24 16.55
CA MET T 55 -93.20 5.39 15.66
C MET T 55 -93.02 5.81 14.21
N TYR T 56 -93.02 7.11 13.94
CA TYR T 56 -92.62 7.70 12.65
C TYR T 56 -93.52 7.14 11.55
N THR T 57 -92.97 6.49 10.53
CA THR T 57 -93.74 6.07 9.35
C THR T 57 -94.50 4.76 9.61
N ALA T 58 -95.78 4.93 9.98
CA ALA T 58 -96.69 3.79 9.97
C ALA T 58 -97.85 4.02 9.01
N LYS T 59 -98.42 5.23 9.01
CA LYS T 59 -99.57 5.51 8.15
C LYS T 59 -99.11 5.86 6.74
N GLU T 60 -98.01 6.60 6.61
CA GLU T 60 -97.50 6.93 5.28
C GLU T 60 -97.04 5.67 4.54
N GLN T 61 -96.32 4.78 5.22
CA GLN T 61 -95.90 3.55 4.57
C GLN T 61 -97.10 2.66 4.28
N ARG T 62 -98.13 2.70 5.12
CA ARG T 62 -99.36 1.96 4.83
C ARG T 62 -100.05 2.51 3.59
N ALA T 63 -100.05 3.83 3.42
CA ALA T 63 -100.61 4.44 2.21
C ALA T 63 -99.82 4.04 0.97
N ARG T 64 -98.49 4.05 1.07
CA ARG T 64 -97.67 3.57 -0.04
C ARG T 64 -97.92 2.10 -0.34
N ASP T 65 -98.11 1.29 0.72
CA ASP T 65 -98.44 -0.11 0.53
C ASP T 65 -99.79 -0.27 -0.16
N LEU T 66 -100.75 0.61 0.15
CA LEU T 66 -102.05 0.52 -0.51
C LEU T 66 -101.99 0.96 -1.97
N ALA T 67 -101.16 1.96 -2.27
CA ALA T 67 -100.92 2.33 -3.66
C ALA T 67 -100.28 1.17 -4.43
N ASP T 68 -99.27 0.56 -3.82
CA ASP T 68 -98.66 -0.63 -4.41
C ASP T 68 -99.69 -1.75 -4.54
N GLU T 69 -100.67 -1.78 -3.63
CA GLU T 69 -101.68 -2.82 -3.65
C GLU T 69 -102.63 -2.64 -4.83
N ARG T 70 -103.05 -1.40 -5.10
CA ARG T 70 -103.90 -1.17 -6.27
C ARG T 70 -103.12 -1.43 -7.56
N SER T 71 -101.83 -1.07 -7.59
CA SER T 71 -101.02 -1.42 -8.76
C SER T 71 -100.92 -2.93 -8.93
N ASN T 72 -100.75 -3.66 -7.83
CA ASN T 72 -100.65 -5.11 -7.89
C ASN T 72 -101.97 -5.73 -8.34
N GLU T 73 -103.09 -5.15 -7.94
CA GLU T 73 -104.37 -5.63 -8.44
C GLU T 73 -104.52 -5.36 -9.93
N ILE T 74 -103.99 -4.23 -10.40
CA ILE T 74 -103.98 -3.97 -11.84
C ILE T 74 -103.20 -5.06 -12.56
N ILE T 75 -102.02 -5.40 -12.05
CA ILE T 75 -101.14 -6.32 -12.77
C ILE T 75 -101.61 -7.76 -12.60
N ARG T 76 -102.43 -8.04 -11.58
CA ARG T 76 -102.83 -9.41 -11.30
C ARG T 76 -103.68 -9.98 -12.43
N LYS T 77 -104.22 -9.11 -13.28
CA LYS T 77 -105.13 -9.53 -14.33
C LYS T 77 -104.39 -10.22 -15.46
N LEU T 78 -103.05 -10.28 -15.36
CA LEU T 78 -102.23 -10.86 -16.40
C LEU T 78 -101.84 -12.28 -16.03
N THR T 79 -101.87 -13.16 -17.02
CA THR T 79 -101.53 -14.56 -16.81
C THR T 79 -100.05 -14.70 -16.52
N PRO T 80 -99.64 -15.80 -15.88
CA PRO T 80 -98.21 -15.96 -15.55
C PRO T 80 -97.29 -15.88 -16.76
N GLU T 81 -97.72 -16.37 -17.92
CA GLU T 81 -96.84 -16.35 -19.08
C GLU T 81 -96.62 -14.93 -19.59
N GLN T 82 -97.70 -14.17 -19.75
CA GLN T 82 -97.54 -12.80 -20.23
C GLN T 82 -96.88 -11.93 -19.16
N ARG T 83 -97.13 -12.24 -17.89
CA ARG T 83 -96.38 -11.58 -16.82
C ARG T 83 -94.89 -11.86 -16.95
N ARG T 84 -94.54 -13.11 -17.29
CA ARG T 84 -93.13 -13.45 -17.50
C ARG T 84 -92.53 -12.67 -18.64
N GLU T 85 -93.24 -12.61 -19.78
CA GLU T 85 -92.66 -11.94 -20.95
C GLU T 85 -92.63 -10.44 -20.74
N ALA T 86 -93.50 -9.91 -19.89
CA ALA T 86 -93.35 -8.53 -19.45
C ALA T 86 -92.15 -8.36 -18.53
N LEU T 87 -91.91 -9.36 -17.67
CA LEU T 87 -90.83 -9.27 -16.71
C LEU T 87 -89.47 -9.23 -17.39
N ASN T 88 -89.27 -10.07 -18.41
CA ASN T 88 -88.02 -9.99 -19.16
C ASN T 88 -87.95 -8.72 -19.98
N ASN T 89 -89.08 -8.24 -20.48
CA ASN T 89 -89.11 -6.97 -21.18
C ASN T 89 -88.96 -5.83 -20.19
N GLY T 90 -88.82 -4.62 -20.74
CA GLY T 90 -88.77 -3.45 -19.88
C GLY T 90 -90.14 -3.00 -19.41
N THR T 91 -91.20 -3.67 -19.87
CA THR T 91 -92.56 -3.22 -19.56
C THR T 91 -92.86 -3.35 -18.08
N LEU T 92 -92.36 -4.40 -17.44
CA LEU T 92 -92.68 -4.68 -16.04
C LEU T 92 -91.45 -4.44 -15.17
N LEU T 93 -91.66 -3.71 -14.07
CA LEU T 93 -90.65 -3.56 -13.05
C LEU T 93 -90.74 -4.71 -12.06
N TYR T 94 -89.58 -5.19 -11.62
CA TYR T 94 -89.57 -6.34 -10.73
C TYR T 94 -90.25 -6.04 -9.40
N GLN T 95 -90.08 -4.81 -8.90
CA GLN T 95 -90.72 -4.41 -7.66
C GLN T 95 -92.23 -4.50 -7.75
N ASP T 96 -92.78 -4.37 -8.97
CA ASP T 96 -94.22 -4.25 -9.13
C ASP T 96 -94.87 -5.60 -9.43
N ASP T 97 -94.07 -6.66 -9.49
CA ASP T 97 -94.65 -7.99 -9.61
C ASP T 97 -94.96 -8.50 -8.20
N PRO T 98 -96.23 -8.69 -7.86
CA PRO T 98 -96.57 -9.04 -6.48
C PRO T 98 -96.17 -10.47 -6.12
N TYR T 99 -96.34 -11.41 -7.06
CA TYR T 99 -95.95 -12.78 -6.79
C TYR T 99 -94.45 -12.91 -6.66
N ALA T 100 -93.71 -12.27 -7.58
CA ALA T 100 -92.25 -12.34 -7.52
C ALA T 100 -91.71 -11.68 -6.27
N MET T 101 -92.29 -10.53 -5.89
CA MET T 101 -91.80 -9.85 -4.69
C MET T 101 -92.18 -10.62 -3.44
N GLU T 102 -93.34 -11.28 -3.43
CA GLU T 102 -93.70 -12.14 -2.31
C GLU T 102 -92.70 -13.29 -2.17
N ALA T 103 -92.32 -13.90 -3.29
CA ALA T 103 -91.28 -14.91 -3.26
C ALA T 103 -89.98 -14.35 -2.72
N LEU T 104 -89.61 -13.15 -3.18
CA LEU T 104 -88.40 -12.48 -2.67
C LEU T 104 -88.44 -12.37 -1.16
N ARG T 105 -89.53 -11.83 -0.62
CA ARG T 105 -89.58 -11.56 0.81
C ARG T 105 -89.60 -12.85 1.61
N VAL T 106 -90.32 -13.86 1.14
CA VAL T 106 -90.38 -15.10 1.92
C VAL T 106 -89.03 -15.80 1.90
N LYS T 107 -88.37 -15.87 0.74
CA LYS T 107 -87.06 -16.51 0.67
C LYS T 107 -86.04 -15.75 1.50
N THR T 108 -86.09 -14.41 1.45
CA THR T 108 -85.17 -13.60 2.23
C THR T 108 -85.38 -13.79 3.71
N GLY T 109 -86.64 -13.83 4.16
CA GLY T 109 -86.89 -14.03 5.58
C GLY T 109 -86.45 -15.40 6.05
N ARG T 110 -86.68 -16.42 5.23
CA ARG T 110 -86.22 -17.77 5.55
C ARG T 110 -84.70 -17.81 5.67
N ASN T 111 -84.01 -17.18 4.72
CA ASN T 111 -82.56 -17.17 4.77
C ASN T 111 -82.06 -16.35 5.95
N ALA T 112 -82.80 -15.31 6.33
CA ALA T 112 -82.45 -14.54 7.51
C ALA T 112 -82.52 -15.39 8.76
N ALA T 113 -83.63 -16.10 8.92
CA ALA T 113 -83.79 -16.96 10.09
C ALA T 113 -82.70 -18.02 10.12
N TYR T 114 -82.41 -18.61 8.96
CA TYR T 114 -81.42 -19.68 8.93
C TYR T 114 -80.02 -19.13 9.16
N LEU T 115 -79.52 -18.36 8.20
CA LEU T 115 -78.08 -18.15 8.08
C LEU T 115 -77.50 -17.51 9.32
N VAL T 116 -77.77 -16.22 9.52
CA VAL T 116 -77.04 -15.50 10.56
C VAL T 116 -77.35 -16.10 11.91
N ASP T 117 -78.62 -16.06 12.28
CA ASP T 117 -79.01 -16.42 13.63
C ASP T 117 -78.64 -17.87 13.93
N ASP T 118 -79.09 -18.81 13.11
CA ASP T 118 -79.00 -20.20 13.52
C ASP T 118 -77.62 -20.78 13.22
N ASP T 119 -76.88 -20.26 12.23
CA ASP T 119 -75.50 -20.68 12.09
C ASP T 119 -74.68 -20.20 13.28
N VAL T 120 -74.92 -18.95 13.73
CA VAL T 120 -74.28 -18.52 14.97
C VAL T 120 -74.70 -19.42 16.11
N MET T 121 -75.96 -19.82 16.15
CA MET T 121 -76.43 -20.69 17.22
C MET T 121 -75.65 -21.98 17.24
N GLN T 122 -75.54 -22.63 16.09
CA GLN T 122 -74.86 -23.92 16.03
C GLN T 122 -73.38 -23.80 16.37
N LYS T 123 -72.72 -22.78 15.83
CA LYS T 123 -71.30 -22.61 16.14
C LYS T 123 -71.09 -22.37 17.63
N ILE T 124 -71.94 -21.54 18.25
CA ILE T 124 -71.82 -21.29 19.67
C ILE T 124 -72.16 -22.54 20.47
N LYS T 125 -73.11 -23.34 20.00
CA LYS T 125 -73.49 -24.56 20.70
C LYS T 125 -72.35 -25.55 20.72
N GLU T 126 -71.62 -25.64 19.61
CA GLU T 126 -70.53 -26.61 19.53
C GLU T 126 -69.47 -26.35 20.59
N GLY T 127 -69.43 -25.15 21.15
CA GLY T 127 -68.48 -24.90 22.21
C GLY T 127 -68.92 -24.23 23.50
N VAL T 128 -70.02 -23.48 23.51
CA VAL T 128 -70.18 -22.42 24.50
C VAL T 128 -71.36 -22.64 25.46
N PHE T 129 -72.45 -23.23 25.00
CA PHE T 129 -73.72 -23.12 25.70
C PHE T 129 -73.77 -24.10 26.86
N ARG T 130 -73.75 -23.58 28.09
CA ARG T 130 -73.80 -24.44 29.25
C ARG T 130 -75.16 -25.11 29.41
N THR T 131 -76.24 -24.34 29.30
CA THR T 131 -77.57 -24.87 29.52
C THR T 131 -78.51 -24.40 28.42
N ARG T 132 -79.68 -25.03 28.36
CA ARG T 132 -80.66 -24.71 27.34
C ARG T 132 -81.23 -23.32 27.53
N GLU T 133 -81.28 -22.84 28.79
CA GLU T 133 -81.89 -21.55 29.06
C GLU T 133 -81.09 -20.40 28.45
N GLU T 134 -79.77 -20.42 28.58
CA GLU T 134 -78.96 -19.40 27.92
C GLU T 134 -79.10 -19.49 26.41
N MET T 135 -79.15 -20.71 25.89
CA MET T 135 -79.40 -20.93 24.48
C MET T 135 -80.65 -20.21 24.00
N GLU T 136 -81.76 -20.41 24.70
CA GLU T 136 -83.03 -19.88 24.22
C GLU T 136 -83.00 -18.37 24.18
N GLU T 137 -82.47 -17.72 25.21
CA GLU T 137 -82.48 -16.26 25.24
C GLU T 137 -81.50 -15.67 24.23
N TYR T 138 -80.31 -16.26 24.11
CA TYR T 138 -79.36 -15.76 23.12
C TYR T 138 -79.91 -15.93 21.71
N ARG T 139 -80.60 -17.05 21.48
CA ARG T 139 -81.26 -17.26 20.19
C ARG T 139 -82.34 -16.22 19.94
N HIS T 140 -83.15 -15.92 20.95
CA HIS T 140 -84.22 -14.94 20.77
C HIS T 140 -83.63 -13.56 20.41
N SER T 141 -82.61 -13.15 21.15
CA SER T 141 -81.96 -11.87 20.89
C SER T 141 -81.39 -11.81 19.48
N ARG T 142 -80.60 -12.82 19.10
CA ARG T 142 -80.00 -12.79 17.77
C ARG T 142 -81.04 -12.95 16.69
N LEU T 143 -82.13 -13.67 16.96
CA LEU T 143 -83.20 -13.80 15.99
C LEU T 143 -83.75 -12.42 15.64
N GLN T 144 -84.10 -11.65 16.67
CA GLN T 144 -84.65 -10.32 16.40
C GLN T 144 -83.64 -9.42 15.69
N GLU T 145 -82.41 -9.37 16.23
CA GLU T 145 -81.42 -8.46 15.67
C GLU T 145 -81.07 -8.82 14.23
N GLY T 146 -80.88 -10.11 13.96
CA GLY T 146 -80.56 -10.54 12.62
C GLY T 146 -81.69 -10.33 11.65
N ALA T 147 -82.94 -10.55 12.10
CA ALA T 147 -84.07 -10.22 11.25
C ALA T 147 -83.98 -8.78 10.79
N LYS T 148 -83.83 -7.86 11.74
CA LYS T 148 -83.77 -6.44 11.38
C LYS T 148 -82.62 -6.16 10.43
N VAL T 149 -81.41 -6.60 10.78
CA VAL T 149 -80.23 -6.17 10.03
C VAL T 149 -80.22 -6.80 8.64
N TYR T 150 -80.59 -8.08 8.53
CA TYR T 150 -80.50 -8.73 7.23
C TYR T 150 -81.63 -8.27 6.33
N ALA T 151 -82.77 -7.89 6.90
CA ALA T 151 -83.80 -7.25 6.09
C ALA T 151 -83.33 -5.90 5.56
N GLU T 152 -82.80 -5.04 6.44
CA GLU T 152 -82.43 -3.70 6.00
C GLU T 152 -81.24 -3.73 5.04
N GLN T 153 -80.40 -4.78 5.12
CA GLN T 153 -79.35 -4.96 4.12
C GLN T 153 -79.96 -5.19 2.74
N PHE T 154 -81.06 -5.92 2.70
CA PHE T 154 -81.85 -6.04 1.48
C PHE T 154 -82.78 -4.83 1.36
N GLY T 155 -83.69 -4.88 0.38
CA GLY T 155 -84.68 -3.83 0.27
C GLY T 155 -85.85 -4.03 1.22
N ILE T 156 -86.03 -5.25 1.72
CA ILE T 156 -87.21 -5.58 2.50
C ILE T 156 -87.17 -4.86 3.85
N ASP T 157 -88.31 -4.31 4.25
CA ASP T 157 -88.46 -3.74 5.58
C ASP T 157 -89.06 -4.76 6.52
N PRO T 158 -88.40 -5.06 7.64
CA PRO T 158 -88.77 -6.23 8.44
C PRO T 158 -90.02 -5.98 9.27
N GLU T 159 -91.10 -5.61 8.60
CA GLU T 159 -92.40 -5.45 9.24
C GLU T 159 -93.50 -6.00 8.35
N ASP T 160 -93.09 -6.69 7.27
CA ASP T 160 -94.06 -7.21 6.32
C ASP T 160 -94.53 -8.59 6.72
N VAL T 161 -95.75 -8.92 6.34
CA VAL T 161 -96.30 -10.25 6.63
C VAL T 161 -95.44 -11.32 5.98
N ASP T 162 -95.05 -11.11 4.72
CA ASP T 162 -94.30 -12.13 4.00
C ASP T 162 -92.94 -12.38 4.63
N TYR T 163 -92.24 -11.31 5.02
CA TYR T 163 -90.90 -11.49 5.57
C TYR T 163 -90.93 -12.24 6.89
N GLN T 164 -91.89 -11.90 7.76
CA GLN T 164 -91.99 -12.62 9.03
C GLN T 164 -92.46 -14.05 8.82
N ARG T 165 -93.35 -14.28 7.84
CA ARG T 165 -93.75 -15.64 7.53
C ARG T 165 -92.56 -16.46 7.09
N GLY T 166 -91.67 -15.85 6.29
CA GLY T 166 -90.45 -16.54 5.93
C GLY T 166 -89.54 -16.77 7.13
N PHE T 167 -89.45 -15.79 8.02
CA PHE T 167 -88.60 -15.90 9.19
C PHE T 167 -89.04 -17.04 10.10
N ASN T 168 -90.35 -17.25 10.21
CA ASN T 168 -90.90 -18.35 10.98
C ASN T 168 -91.29 -19.53 10.10
N GLY T 169 -90.90 -19.50 8.83
CA GLY T 169 -91.44 -20.45 7.87
C GLY T 169 -91.08 -21.89 8.20
N ASP T 170 -89.87 -22.10 8.70
CA ASP T 170 -89.44 -23.45 9.01
C ASP T 170 -88.86 -23.43 10.41
N ILE T 171 -89.62 -22.84 11.34
CA ILE T 171 -89.14 -22.68 12.71
C ILE T 171 -89.04 -24.03 13.42
N THR T 172 -89.97 -24.94 13.14
CA THR T 172 -90.14 -26.10 14.01
C THR T 172 -88.98 -27.08 13.89
N GLU T 173 -88.57 -27.43 12.67
CA GLU T 173 -87.50 -28.43 12.60
C GLU T 173 -86.13 -27.76 12.66
N ARG T 174 -86.06 -26.44 12.47
CA ARG T 174 -84.89 -25.71 12.94
C ARG T 174 -84.73 -25.88 14.44
N ASN T 175 -85.82 -25.72 15.19
CA ASN T 175 -85.77 -25.91 16.62
C ASN T 175 -85.40 -27.34 16.97
N ILE T 176 -85.96 -28.30 16.24
CA ILE T 176 -85.62 -29.70 16.48
C ILE T 176 -84.13 -29.92 16.32
N SER T 177 -83.57 -29.44 15.20
CA SER T 177 -82.14 -29.61 14.97
C SER T 177 -81.31 -28.92 16.04
N LEU T 178 -81.64 -27.67 16.35
CA LEU T 178 -80.84 -26.91 17.30
C LEU T 178 -80.89 -27.54 18.69
N TYR T 179 -82.09 -27.90 19.15
CA TYR T 179 -82.21 -28.46 20.50
C TYR T 179 -81.57 -29.83 20.57
N GLY T 180 -81.68 -30.62 19.50
CA GLY T 180 -80.99 -31.90 19.47
C GLY T 180 -79.48 -31.72 19.49
N ALA T 181 -78.99 -30.64 18.88
CA ALA T 181 -77.55 -30.41 18.86
C ALA T 181 -77.04 -29.99 20.23
N HIS T 182 -77.72 -29.06 20.89
CA HIS T 182 -77.36 -28.71 22.26
C HIS T 182 -77.48 -29.92 23.18
N ASP T 183 -78.49 -30.75 22.91
CA ASP T 183 -78.71 -31.98 23.65
C ASP T 183 -77.54 -32.95 23.49
N ASN T 184 -77.07 -33.14 22.25
CA ASN T 184 -75.88 -33.96 22.02
C ASN T 184 -74.65 -33.34 22.66
N PHE T 185 -74.58 -32.01 22.70
CA PHE T 185 -73.46 -31.36 23.38
C PHE T 185 -73.44 -31.72 24.86
N LEU T 186 -74.59 -31.66 25.52
CA LEU T 186 -74.65 -32.04 26.92
C LEU T 186 -74.31 -33.51 27.10
N SER T 187 -74.78 -34.36 26.19
CA SER T 187 -74.45 -35.77 26.24
C SER T 187 -72.94 -35.99 26.18
N GLN T 188 -72.28 -35.30 25.24
CA GLN T 188 -70.83 -35.44 25.11
C GLN T 188 -70.10 -34.92 26.34
N GLN T 189 -70.56 -33.80 26.89
CA GLN T 189 -69.93 -33.27 28.10
C GLN T 189 -70.01 -34.27 29.24
N ALA T 190 -71.19 -34.85 29.44
CA ALA T 190 -71.37 -35.85 30.49
C ALA T 190 -70.50 -37.07 30.24
N GLN T 191 -70.41 -37.50 28.99
CA GLN T 191 -69.59 -38.68 28.68
C GLN T 191 -68.12 -38.41 28.93
N LYS T 192 -67.62 -37.24 28.55
CA LYS T 192 -66.23 -36.90 28.85
C LYS T 192 -66.01 -36.90 30.35
N GLY T 193 -66.94 -36.33 31.10
CA GLY T 193 -66.80 -36.31 32.54
C GLY T 193 -66.72 -37.70 33.14
N ALA T 194 -67.63 -38.58 32.73
CA ALA T 194 -67.63 -39.95 33.25
C ALA T 194 -66.36 -40.69 32.85
N ILE T 195 -65.93 -40.52 31.61
CA ILE T 195 -64.73 -41.23 31.15
C ILE T 195 -63.52 -40.79 31.94
N MET T 196 -63.37 -39.49 32.17
CA MET T 196 -62.21 -39.04 32.92
C MET T 196 -62.29 -39.43 34.40
N ASN T 197 -63.49 -39.46 34.97
CA ASN T 197 -63.61 -39.95 36.34
C ASN T 197 -63.18 -41.41 36.44
N SER T 198 -63.64 -42.24 35.49
CA SER T 198 -63.24 -43.64 35.51
C SER T 198 -61.75 -43.79 35.31
N ARG T 199 -61.18 -42.98 34.42
CA ARG T 199 -59.74 -43.01 34.20
C ARG T 199 -58.98 -42.62 35.46
N VAL T 200 -59.48 -41.62 36.18
CA VAL T 200 -58.82 -41.20 37.42
C VAL T 200 -58.85 -42.33 38.44
N GLU T 201 -60.01 -42.97 38.61
CA GLU T 201 -60.08 -44.08 39.56
C GLU T 201 -59.10 -45.19 39.19
N LEU T 202 -59.13 -45.63 37.93
CA LEU T 202 -58.28 -46.75 37.55
C LEU T 202 -56.80 -46.36 37.62
N ASN T 203 -56.46 -45.12 37.28
CA ASN T 203 -55.08 -44.69 37.40
C ASN T 203 -54.63 -44.72 38.86
N GLY T 204 -55.46 -44.17 39.75
CA GLY T 204 -55.10 -44.15 41.16
C GLY T 204 -54.91 -45.54 41.71
N VAL T 205 -55.65 -46.52 41.23
CA VAL T 205 -55.47 -47.89 41.72
C VAL T 205 -54.26 -48.55 41.07
N LEU T 206 -54.28 -48.67 39.75
CA LEU T 206 -53.31 -49.54 39.07
C LEU T 206 -51.92 -48.92 39.00
N GLN T 207 -51.82 -47.60 39.03
CA GLN T 207 -50.51 -46.97 38.85
C GLN T 207 -49.67 -47.09 40.12
N ASP T 208 -50.28 -47.46 41.23
CA ASP T 208 -49.50 -47.72 42.45
C ASP T 208 -49.05 -49.16 42.48
N PRO T 209 -47.74 -49.43 42.46
CA PRO T 209 -47.28 -50.84 42.50
C PRO T 209 -47.73 -51.58 43.74
N ASP T 210 -47.82 -50.92 44.89
CA ASP T 210 -48.27 -51.59 46.09
C ASP T 210 -49.72 -52.04 45.96
N MET T 211 -50.56 -51.24 45.31
CA MET T 211 -51.97 -51.59 45.19
C MET T 211 -52.19 -52.70 44.17
N LEU T 212 -51.25 -52.84 43.22
CA LEU T 212 -51.34 -53.95 42.28
C LEU T 212 -51.10 -55.28 42.99
N ARG T 213 -50.28 -55.26 44.04
CA ARG T 213 -49.90 -56.49 44.72
C ARG T 213 -50.94 -56.97 45.72
N ARG T 214 -51.98 -56.20 45.98
CA ARG T 214 -53.00 -56.65 46.92
C ARG T 214 -53.70 -57.88 46.35
N PRO T 215 -54.04 -58.87 47.19
CA PRO T 215 -54.78 -60.03 46.70
C PRO T 215 -56.19 -59.72 46.25
N ASP T 216 -56.69 -58.51 46.52
CA ASP T 216 -58.02 -58.10 46.14
C ASP T 216 -58.03 -57.08 45.01
N SER T 217 -56.90 -56.80 44.37
CA SER T 217 -56.86 -55.82 43.29
C SER T 217 -57.62 -56.33 42.07
N ALA T 218 -57.44 -57.60 41.72
CA ALA T 218 -58.11 -58.17 40.56
C ALA T 218 -59.61 -58.22 40.74
N ASP T 219 -60.06 -58.61 41.94
CA ASP T 219 -61.50 -58.61 42.21
C ASP T 219 -62.06 -57.19 42.12
N PHE T 220 -61.31 -56.22 42.66
CA PHE T 220 -61.70 -54.82 42.49
C PHE T 220 -61.82 -54.47 41.02
N PHE T 221 -60.88 -54.95 40.21
CA PHE T 221 -60.88 -54.56 38.81
C PHE T 221 -62.11 -55.09 38.09
N GLU T 222 -62.41 -56.39 38.24
CA GLU T 222 -63.60 -56.91 37.58
C GLU T 222 -64.85 -56.22 38.11
N LYS T 223 -64.92 -56.01 39.43
CA LYS T 223 -66.13 -55.42 40.00
C LYS T 223 -66.31 -54.00 39.52
N TYR T 224 -65.21 -53.24 39.41
CA TYR T 224 -65.29 -51.87 38.94
C TYR T 224 -65.75 -51.81 37.49
N ILE T 225 -65.18 -52.68 36.65
CA ILE T 225 -65.57 -52.66 35.24
C ILE T 225 -67.03 -53.07 35.09
N ASP T 226 -67.46 -54.07 35.86
CA ASP T 226 -68.85 -54.50 35.81
C ASP T 226 -69.79 -53.42 36.30
N ASN T 227 -69.42 -52.72 37.38
CA ASN T 227 -70.25 -51.64 37.89
C ASN T 227 -70.36 -50.52 36.89
N GLY T 228 -69.26 -50.16 36.25
CA GLY T 228 -69.33 -49.15 35.21
C GLY T 228 -70.20 -49.59 34.05
N LEU T 229 -70.07 -50.86 33.65
CA LEU T 229 -70.83 -51.37 32.52
C LEU T 229 -72.32 -51.39 32.81
N VAL T 230 -72.70 -51.74 34.04
CA VAL T 230 -74.12 -51.88 34.37
C VAL T 230 -74.73 -50.53 34.74
N THR T 231 -74.12 -49.81 35.68
CA THR T 231 -74.71 -48.58 36.18
C THR T 231 -74.83 -47.53 35.08
N GLY T 232 -73.81 -47.42 34.24
CA GLY T 232 -73.80 -46.44 33.18
C GLY T 232 -72.49 -45.70 33.00
N ALA T 233 -71.53 -45.87 33.89
CA ALA T 233 -70.22 -45.30 33.66
C ALA T 233 -69.52 -46.06 32.54
N ILE T 234 -68.23 -45.78 32.34
CA ILE T 234 -67.53 -46.36 31.18
C ILE T 234 -68.49 -46.39 30.00
N PRO T 235 -69.03 -45.20 29.64
CA PRO T 235 -70.06 -45.21 28.59
C PRO T 235 -69.53 -45.72 27.26
N SER T 236 -70.37 -46.51 26.60
CA SER T 236 -70.01 -47.31 25.44
C SER T 236 -69.04 -48.44 25.70
N ASP T 237 -69.33 -49.61 25.14
CA ASP T 237 -68.45 -50.75 25.30
C ASP T 237 -67.11 -50.44 24.66
N ALA T 238 -67.14 -49.73 23.54
CA ALA T 238 -65.90 -49.34 22.89
C ALA T 238 -64.95 -48.67 23.87
N GLN T 239 -65.43 -47.68 24.59
CA GLN T 239 -64.59 -46.99 25.56
C GLN T 239 -64.23 -47.90 26.73
N ALA T 240 -65.09 -48.87 27.05
CA ALA T 240 -64.73 -49.86 28.05
C ALA T 240 -63.53 -50.68 27.60
N THR T 241 -63.52 -51.11 26.33
CA THR T 241 -62.37 -51.86 25.83
C THR T 241 -61.11 -51.00 25.86
N GLN T 242 -61.22 -49.75 25.46
CA GLN T 242 -60.05 -48.87 25.49
C GLN T 242 -59.52 -48.71 26.90
N LEU T 243 -60.42 -48.50 27.87
CA LEU T 243 -59.99 -48.30 29.24
C LEU T 243 -59.38 -49.56 29.82
N ILE T 244 -59.95 -50.72 29.51
CA ILE T 244 -59.37 -51.98 29.99
C ILE T 244 -57.99 -52.20 29.39
N SER T 245 -57.83 -51.94 28.09
CA SER T 245 -56.52 -52.12 27.47
C SER T 245 -55.48 -51.19 28.08
N GLN T 246 -55.85 -49.93 28.29
CA GLN T 246 -54.91 -48.99 28.86
C GLN T 246 -54.58 -49.35 30.30
N ALA T 247 -55.57 -49.85 31.05
CA ALA T 247 -55.31 -50.31 32.41
C ALA T 247 -54.34 -51.48 32.41
N PHE T 248 -54.52 -52.41 31.48
CA PHE T 248 -53.62 -53.56 31.39
C PHE T 248 -52.21 -53.11 31.04
N SER T 249 -52.07 -52.16 30.12
CA SER T 249 -50.75 -51.64 29.78
C SER T 249 -50.10 -50.97 30.99
N ASP T 250 -50.86 -50.13 31.70
CA ASP T 250 -50.32 -49.47 32.88
C ASP T 250 -49.87 -50.49 33.92
N ALA T 251 -50.70 -51.50 34.18
CA ALA T 251 -50.31 -52.52 35.15
C ALA T 251 -49.05 -53.24 34.69
N SER T 252 -48.99 -53.62 33.42
CA SER T 252 -47.81 -54.30 32.90
C SER T 252 -46.57 -53.43 32.93
N SER T 253 -46.71 -52.11 33.09
CA SER T 253 -45.57 -51.22 33.17
C SER T 253 -45.23 -50.79 34.60
N ARG T 254 -45.97 -51.25 35.60
CA ARG T 254 -45.92 -50.65 36.93
C ARG T 254 -45.43 -51.59 38.01
N ALA T 255 -44.45 -52.44 37.71
CA ALA T 255 -43.64 -53.06 38.77
C ALA T 255 -44.42 -54.02 39.66
N GLY T 256 -45.71 -54.15 39.43
CA GLY T 256 -46.57 -55.07 40.13
C GLY T 256 -47.60 -55.74 39.25
N GLY T 257 -47.49 -55.57 37.94
CA GLY T 257 -48.52 -56.06 37.05
C GLY T 257 -48.44 -57.55 36.80
N ALA T 258 -47.35 -58.19 37.23
CA ALA T 258 -47.25 -59.63 37.06
C ALA T 258 -48.38 -60.35 37.80
N ASP T 259 -48.44 -60.17 39.12
CA ASP T 259 -49.46 -60.82 39.92
C ASP T 259 -50.85 -60.32 39.56
N PHE T 260 -50.99 -59.02 39.32
CA PHE T 260 -52.29 -58.47 38.99
C PHE T 260 -52.82 -59.06 37.70
N LEU T 261 -51.98 -59.18 36.68
CA LEU T 261 -52.42 -59.77 35.43
C LEU T 261 -52.71 -61.26 35.59
N MET T 262 -51.87 -61.98 36.33
CA MET T 262 -52.13 -63.40 36.57
C MET T 262 -53.47 -63.61 37.26
N ARG T 263 -53.87 -62.67 38.12
CA ARG T 263 -55.12 -62.84 38.83
C ARG T 263 -56.31 -62.39 38.00
N VAL T 264 -56.17 -61.30 37.23
CA VAL T 264 -57.27 -60.84 36.37
C VAL T 264 -57.45 -61.69 35.13
N GLY T 265 -56.52 -62.61 34.85
CA GLY T 265 -56.62 -63.40 33.64
C GLY T 265 -57.88 -64.25 33.57
N ASP T 266 -58.18 -64.96 34.66
CA ASP T 266 -59.33 -65.86 34.64
C ASP T 266 -60.63 -65.11 34.89
N LYS T 267 -60.56 -63.83 35.25
CA LYS T 267 -61.75 -63.07 35.58
C LYS T 267 -62.52 -62.73 34.30
N LYS T 268 -63.83 -62.58 34.43
CA LYS T 268 -64.71 -62.45 33.29
C LYS T 268 -65.21 -61.01 33.14
N VAL T 269 -65.49 -60.62 31.88
CA VAL T 269 -66.07 -59.32 31.57
C VAL T 269 -67.11 -59.52 30.48
N THR T 270 -68.17 -58.71 30.51
CA THR T 270 -69.30 -58.84 29.59
C THR T 270 -69.30 -57.67 28.62
N LEU T 271 -68.82 -57.89 27.40
CA LEU T 271 -68.87 -56.85 26.39
C LEU T 271 -70.05 -57.07 25.44
N ASN T 272 -70.09 -56.27 24.37
CA ASN T 272 -71.22 -56.31 23.46
C ASN T 272 -71.36 -57.68 22.79
N GLY T 273 -70.24 -58.26 22.37
CA GLY T 273 -70.32 -59.54 21.70
C GLY T 273 -70.82 -60.65 22.60
N ALA T 274 -70.22 -60.79 23.78
CA ALA T 274 -70.57 -61.85 24.71
C ALA T 274 -69.85 -61.61 26.02
N THR T 275 -69.98 -62.58 26.92
CA THR T 275 -69.20 -62.60 28.15
C THR T 275 -67.97 -63.47 27.95
N THR T 276 -66.81 -62.94 28.30
CA THR T 276 -65.56 -63.66 28.13
C THR T 276 -64.56 -63.18 29.17
N THR T 277 -63.52 -63.99 29.37
CA THR T 277 -62.46 -63.62 30.30
C THR T 277 -61.55 -62.58 29.66
N TYR T 278 -60.80 -61.87 30.52
CA TYR T 278 -59.89 -60.83 30.02
C TYR T 278 -58.78 -61.44 29.18
N ARG T 279 -58.39 -62.69 29.46
CA ARG T 279 -57.39 -63.35 28.63
C ARG T 279 -57.88 -63.51 27.20
N GLU T 280 -59.17 -63.79 27.02
CA GLU T 280 -59.70 -63.98 25.67
C GLU T 280 -60.06 -62.64 25.04
N LEU T 281 -60.53 -61.68 25.83
CA LEU T 281 -60.78 -60.34 25.30
C LEU T 281 -59.52 -59.76 24.71
N ILE T 282 -58.45 -59.76 25.49
CA ILE T 282 -57.13 -59.43 24.97
C ILE T 282 -56.66 -60.58 24.08
N GLY T 283 -55.80 -60.27 23.13
CA GLY T 283 -55.21 -61.34 22.33
C GLY T 283 -54.34 -62.25 23.18
N GLU T 284 -54.36 -63.54 22.84
CA GLU T 284 -53.44 -64.47 23.49
C GLU T 284 -52.00 -64.04 23.27
N GLU T 285 -51.69 -63.63 22.04
CA GLU T 285 -50.40 -63.05 21.75
C GLU T 285 -50.20 -61.75 22.51
N GLN T 286 -51.25 -60.92 22.58
CA GLN T 286 -51.15 -59.70 23.35
C GLN T 286 -51.06 -60.00 24.85
N TRP T 287 -51.70 -61.08 25.29
CA TRP T 287 -51.56 -61.47 26.69
C TRP T 287 -50.14 -61.91 27.00
N ASN T 288 -49.51 -62.64 26.08
CA ASN T 288 -48.11 -63.00 26.25
C ASN T 288 -47.24 -61.75 26.28
N ALA T 289 -47.54 -60.78 25.42
CA ALA T 289 -46.80 -59.53 25.45
C ALA T 289 -46.97 -58.84 26.79
N LEU T 290 -48.20 -58.83 27.32
CA LEU T 290 -48.45 -58.24 28.64
C LEU T 290 -47.63 -58.92 29.72
N MET T 291 -47.65 -60.25 29.75
CA MET T 291 -46.93 -60.96 30.80
C MET T 291 -45.43 -60.74 30.68
N VAL T 292 -44.90 -60.78 29.47
CA VAL T 292 -43.46 -60.60 29.29
C VAL T 292 -43.05 -59.20 29.72
N THR T 293 -43.81 -58.19 29.30
CA THR T 293 -43.43 -56.83 29.65
C THR T 293 -43.64 -56.56 31.14
N ALA T 294 -44.62 -57.23 31.74
CA ALA T 294 -44.83 -57.08 33.19
C ALA T 294 -43.68 -57.72 33.97
N GLN T 295 -43.22 -58.88 33.52
CA GLN T 295 -42.06 -59.50 34.15
C GLN T 295 -40.82 -58.62 33.99
N ARG T 296 -40.65 -58.04 32.80
CA ARG T 296 -39.52 -57.14 32.59
C ARG T 296 -39.61 -55.91 33.48
N SER T 297 -40.81 -55.37 33.66
CA SER T 297 -40.98 -54.23 34.55
C SER T 297 -40.69 -54.60 35.99
N GLN T 298 -41.13 -55.78 36.42
CA GLN T 298 -40.79 -56.28 37.74
C GLN T 298 -39.28 -56.35 37.93
N PHE T 299 -38.58 -56.94 36.96
CA PHE T 299 -37.14 -57.06 37.08
C PHE T 299 -36.46 -55.70 37.07
N GLU T 300 -36.92 -54.78 36.21
CA GLU T 300 -36.30 -53.46 36.14
C GLU T 300 -36.49 -52.68 37.43
N THR T 301 -37.68 -52.74 38.02
CA THR T 301 -37.89 -52.03 39.27
C THR T 301 -37.09 -52.65 40.41
N ASP T 302 -36.99 -53.98 40.43
CA ASP T 302 -36.16 -54.63 41.43
C ASP T 302 -34.71 -54.20 41.27
N ALA T 303 -34.22 -54.17 40.03
CA ALA T 303 -32.84 -53.76 39.78
C ALA T 303 -32.62 -52.31 40.18
N LYS T 304 -33.60 -51.44 39.92
CA LYS T 304 -33.40 -50.02 40.25
C LYS T 304 -33.34 -49.81 41.76
N LEU T 305 -34.28 -50.43 42.51
CA LEU T 305 -34.23 -50.29 43.96
C LEU T 305 -32.96 -50.90 44.52
N ASN T 306 -32.58 -52.06 44.01
CA ASN T 306 -31.38 -52.74 44.44
C ASN T 306 -30.14 -51.90 44.16
N GLU T 307 -30.12 -51.24 42.99
CA GLU T 307 -28.97 -50.43 42.61
C GLU T 307 -28.90 -49.15 43.43
N GLN T 308 -30.05 -48.57 43.79
CA GLN T 308 -30.03 -47.43 44.70
C GLN T 308 -29.46 -47.83 46.05
N TYR T 309 -29.86 -48.98 46.56
CA TYR T 309 -29.34 -49.43 47.84
C TYR T 309 -27.83 -49.68 47.77
N ARG T 310 -27.37 -50.31 46.70
CA ARG T 310 -25.93 -50.51 46.51
C ARG T 310 -25.21 -49.18 46.40
N LEU T 311 -25.82 -48.21 45.74
CA LEU T 311 -25.21 -46.88 45.63
C LEU T 311 -25.05 -46.25 46.99
N LYS T 312 -26.07 -46.38 47.85
CA LYS T 312 -25.95 -45.83 49.20
C LYS T 312 -24.83 -46.52 49.97
N ILE T 313 -24.75 -47.84 49.87
CA ILE T 313 -23.69 -48.57 50.55
C ILE T 313 -22.32 -48.11 50.06
N ASN T 314 -22.16 -47.99 48.74
CA ASN T 314 -20.87 -47.58 48.17
C ASN T 314 -20.53 -46.15 48.57
N SER T 315 -21.51 -45.26 48.55
CA SER T 315 -21.26 -43.88 48.93
C SER T 315 -20.82 -43.79 50.39
N ALA T 316 -21.37 -44.66 51.24
CA ALA T 316 -20.82 -44.77 52.58
C ALA T 316 -19.38 -45.27 52.54
N LEU T 317 -19.10 -46.31 51.75
CA LEU T 317 -17.78 -46.93 51.77
C LEU T 317 -16.68 -45.98 51.31
N ASN T 318 -16.99 -45.06 50.41
CA ASN T 318 -15.99 -44.19 49.81
C ASN T 318 -15.96 -42.80 50.43
N GLN T 319 -16.19 -42.69 51.72
CA GLN T 319 -16.03 -41.41 52.40
C GLN T 319 -14.56 -41.16 52.72
N GLU T 320 -14.19 -39.89 52.77
CA GLU T 320 -12.81 -39.53 53.05
C GLU T 320 -12.41 -39.95 54.47
N ASP T 321 -13.31 -39.76 55.43
CA ASP T 321 -13.04 -40.14 56.81
C ASP T 321 -13.80 -41.41 57.13
N PRO T 322 -13.10 -42.50 57.47
CA PRO T 322 -13.80 -43.76 57.74
C PRO T 322 -14.78 -43.69 58.90
N ARG T 323 -14.59 -42.78 59.85
CA ARG T 323 -15.57 -42.63 60.92
C ARG T 323 -16.90 -42.16 60.37
N THR T 324 -16.87 -41.22 59.42
CA THR T 324 -18.09 -40.80 58.75
C THR T 324 -18.72 -41.97 58.00
N ALA T 325 -17.90 -42.80 57.37
CA ALA T 325 -18.40 -43.97 56.67
C ALA T 325 -19.08 -44.93 57.63
N TRP T 326 -18.46 -45.16 58.79
CA TRP T 326 -19.04 -46.05 59.80
C TRP T 326 -20.38 -45.50 60.28
N GLU T 327 -20.45 -44.18 60.50
CA GLU T 327 -21.69 -43.56 60.95
C GLU T 327 -22.79 -43.70 59.91
N MET T 328 -22.46 -43.49 58.64
CA MET T 328 -23.43 -43.69 57.57
C MET T 328 -23.87 -45.14 57.48
N LEU T 329 -22.93 -46.07 57.66
CA LEU T 329 -23.29 -47.48 57.62
C LEU T 329 -24.22 -47.83 58.76
N GLN T 330 -24.01 -47.22 59.93
CA GLN T 330 -24.91 -47.45 61.05
C GLN T 330 -26.29 -46.89 60.76
N GLY T 331 -26.36 -45.74 60.10
CA GLY T 331 -27.66 -45.21 59.69
C GLY T 331 -28.37 -46.14 58.73
N ILE T 332 -27.63 -46.69 57.76
CA ILE T 332 -28.21 -47.65 56.84
C ILE T 332 -28.66 -48.90 57.57
N LYS T 333 -27.89 -49.33 58.57
CA LYS T 333 -28.29 -50.47 59.37
C LYS T 333 -29.60 -50.18 60.09
N ALA T 334 -29.75 -48.96 60.62
CA ALA T 334 -30.99 -48.60 61.29
C ALA T 334 -32.17 -48.64 60.33
N GLU T 335 -32.03 -48.05 59.14
CA GLU T 335 -33.15 -48.03 58.21
C GLU T 335 -33.47 -49.44 57.71
N LEU T 336 -32.45 -50.28 57.53
CA LEU T 336 -32.68 -51.64 57.06
C LEU T 336 -33.32 -52.48 58.14
N ASP T 337 -32.96 -52.26 59.41
CA ASP T 337 -33.64 -52.92 60.51
C ASP T 337 -35.10 -52.51 60.57
N LYS T 338 -35.40 -51.24 60.32
CA LYS T 338 -36.78 -50.80 60.26
C LYS T 338 -37.54 -51.50 59.13
N VAL T 339 -36.96 -51.50 57.93
CA VAL T 339 -37.63 -52.13 56.79
C VAL T 339 -37.69 -53.65 56.98
N GLN T 340 -36.57 -54.27 57.35
CA GLN T 340 -36.55 -55.70 57.62
C GLN T 340 -36.35 -55.91 59.11
N PRO T 341 -37.42 -56.17 59.87
CA PRO T 341 -37.27 -56.25 61.34
C PRO T 341 -36.34 -57.37 61.78
N ASP T 342 -36.51 -58.57 61.25
CA ASP T 342 -35.59 -59.65 61.57
C ASP T 342 -34.24 -59.41 60.91
N GLU T 343 -33.20 -59.97 61.52
CA GLU T 343 -31.85 -59.91 60.95
C GLU T 343 -31.57 -61.24 60.26
N GLN T 344 -32.05 -61.38 59.03
CA GLN T 344 -31.80 -62.60 58.27
C GLN T 344 -30.92 -62.24 57.08
N MET T 345 -30.29 -63.27 56.51
CA MET T 345 -29.30 -63.08 55.46
C MET T 345 -30.01 -62.77 54.15
N THR T 346 -30.46 -61.53 54.05
CA THR T 346 -30.95 -60.98 52.79
C THR T 346 -29.78 -60.32 52.06
N PRO T 347 -29.85 -60.21 50.73
CA PRO T 347 -28.73 -59.61 50.00
C PRO T 347 -28.36 -58.22 50.50
N GLN T 348 -29.37 -57.43 50.87
CA GLN T 348 -29.10 -56.14 51.47
C GLN T 348 -28.32 -56.30 52.76
N ARG T 349 -28.69 -57.29 53.58
CA ARG T 349 -27.96 -57.49 54.83
C ARG T 349 -26.55 -58.02 54.58
N GLU T 350 -26.39 -58.92 53.61
CA GLU T 350 -25.05 -59.38 53.27
C GLU T 350 -24.16 -58.21 52.86
N TRP T 351 -24.70 -57.32 52.02
CA TRP T 351 -23.92 -56.15 51.62
C TRP T 351 -23.67 -55.22 52.79
N LEU T 352 -24.60 -55.17 53.75
CA LEU T 352 -24.37 -54.31 54.92
C LEU T 352 -23.20 -54.82 55.76
N ILE T 353 -23.18 -56.11 56.09
CA ILE T 353 -22.02 -56.63 56.82
C ILE T 353 -20.74 -56.54 55.99
N SER T 354 -20.84 -56.74 54.68
CA SER T 354 -19.64 -56.62 53.85
C SER T 354 -19.07 -55.21 53.92
N ALA T 355 -19.94 -54.20 53.82
CA ALA T 355 -19.48 -52.82 53.92
C ALA T 355 -18.95 -52.53 55.32
N GLN T 356 -19.54 -53.13 56.35
CA GLN T 356 -19.03 -52.93 57.70
C GLN T 356 -17.63 -53.50 57.86
N GLU T 357 -17.37 -54.68 57.31
CA GLU T 357 -16.03 -55.22 57.38
C GLU T 357 -15.04 -54.37 56.59
N GLN T 358 -15.46 -53.88 55.42
CA GLN T 358 -14.58 -53.03 54.63
C GLN T 358 -14.30 -51.71 55.34
N VAL T 359 -15.29 -51.15 56.03
CA VAL T 359 -15.06 -49.88 56.73
C VAL T 359 -14.21 -50.12 57.97
N GLN T 360 -14.25 -51.34 58.52
CA GLN T 360 -13.31 -51.67 59.58
C GLN T 360 -11.87 -51.71 59.06
N ASN T 361 -11.69 -52.28 57.86
CA ASN T 361 -10.38 -52.20 57.23
C ASN T 361 -9.97 -50.74 56.99
N GLN T 362 -10.92 -49.92 56.57
CA GLN T 362 -10.66 -48.48 56.43
C GLN T 362 -10.27 -47.86 57.75
N MET T 363 -10.86 -48.33 58.86
CA MET T 363 -10.46 -47.86 60.19
C MET T 363 -9.00 -48.18 60.44
N ASN T 364 -8.58 -49.38 60.10
CA ASN T 364 -7.18 -49.76 60.26
C ASN T 364 -6.28 -48.86 59.42
N ALA T 365 -6.65 -48.63 58.17
CA ALA T 365 -5.84 -47.78 57.30
C ALA T 365 -5.77 -46.35 57.81
N TRP T 366 -6.89 -45.82 58.29
CA TRP T 366 -6.94 -44.47 58.84
C TRP T 366 -6.08 -44.36 60.09
N THR T 367 -6.08 -45.40 60.93
CA THR T 367 -5.18 -45.42 62.08
C THR T 367 -3.73 -45.35 61.63
N LYS T 368 -3.37 -46.15 60.63
CA LYS T 368 -2.00 -46.14 60.14
C LYS T 368 -1.63 -44.76 59.62
N ALA T 369 -2.54 -44.15 58.85
CA ALA T 369 -2.28 -42.84 58.27
C ALA T 369 -2.10 -41.77 59.35
N GLN T 370 -2.96 -41.78 60.36
CA GLN T 370 -2.85 -40.78 61.42
C GLN T 370 -1.59 -40.98 62.24
N ALA T 371 -1.22 -42.22 62.54
CA ALA T 371 0.00 -42.47 63.28
C ALA T 371 1.23 -42.04 62.49
N LYS T 372 1.26 -42.36 61.20
CA LYS T 372 2.37 -41.94 60.36
C LYS T 372 2.43 -40.42 60.29
N ALA T 373 1.27 -39.77 60.21
CA ALA T 373 1.23 -38.31 60.19
C ALA T 373 1.79 -37.73 61.47
N LEU T 374 1.43 -38.31 62.62
CA LEU T 374 1.94 -37.81 63.89
C LEU T 374 3.45 -37.96 63.98
N ASP T 375 3.97 -39.12 63.56
CA ASP T 375 5.41 -39.32 63.58
C ASP T 375 6.13 -38.37 62.64
N ASP T 376 5.56 -38.17 61.44
CA ASP T 376 6.16 -37.25 60.49
C ASP T 376 6.15 -35.82 61.01
N SER T 377 5.06 -35.43 61.68
CA SER T 377 4.98 -34.09 62.25
C SER T 377 6.02 -33.89 63.34
N MET T 378 6.21 -34.91 64.19
CA MET T 378 7.25 -34.83 65.21
C MET T 378 8.62 -34.67 64.59
N LYS T 379 8.93 -35.49 63.58
CA LYS T 379 10.24 -35.42 62.94
C LYS T 379 10.44 -34.08 62.23
N SER T 380 9.41 -33.57 61.57
CA SER T 380 9.52 -32.30 60.89
C SER T 380 9.72 -31.17 61.89
N MET T 381 8.97 -31.19 62.99
CA MET T 381 9.16 -30.20 64.03
C MET T 381 10.58 -30.23 64.56
N ASN T 382 11.16 -31.42 64.67
CA ASN T 382 12.54 -31.53 65.14
C ASN T 382 13.54 -31.01 64.13
N LYS T 383 13.35 -31.30 62.84
CA LYS T 383 14.42 -30.99 61.90
C LYS T 383 14.32 -29.57 61.34
N LEU T 384 13.14 -28.97 61.32
CA LEU T 384 13.06 -27.55 61.00
C LEU T 384 13.81 -26.71 62.02
N ASP T 385 13.87 -27.16 63.27
CA ASP T 385 14.67 -26.46 64.26
C ASP T 385 16.15 -26.57 63.95
N VAL T 386 16.60 -27.76 63.51
CA VAL T 386 17.99 -27.93 63.10
C VAL T 386 18.33 -26.99 61.95
N ILE T 387 17.45 -26.94 60.95
CA ILE T 387 17.68 -26.06 59.81
C ILE T 387 17.69 -24.60 60.24
N ASP T 388 16.83 -24.25 61.19
CA ASP T 388 16.82 -22.88 61.68
C ASP T 388 18.14 -22.52 62.36
N LYS T 389 18.68 -23.45 63.14
CA LYS T 389 19.99 -23.22 63.75
C LYS T 389 21.07 -23.04 62.69
N GLN T 390 21.06 -23.90 61.67
CA GLN T 390 22.10 -23.82 60.64
C GLN T 390 21.99 -22.52 59.84
N PHE T 391 20.77 -22.09 59.53
CA PHE T 391 20.59 -20.83 58.81
C PHE T 391 20.97 -19.65 59.70
N GLN T 392 20.75 -19.78 61.00
CA GLN T 392 21.22 -18.76 61.91
C GLN T 392 22.73 -18.64 61.87
N LYS T 393 23.42 -19.78 61.89
CA LYS T 393 24.87 -19.77 61.76
C LYS T 393 25.28 -19.12 60.44
N ARG T 394 24.58 -19.43 59.35
CA ARG T 394 24.92 -18.84 58.07
C ARG T 394 24.76 -17.33 58.09
N ILE T 395 23.65 -16.84 58.66
CA ILE T 395 23.41 -15.41 58.68
C ILE T 395 24.45 -14.70 59.55
N ASN T 396 24.83 -15.32 60.66
CA ASN T 396 25.81 -14.72 61.54
C ASN T 396 27.23 -14.76 60.97
N GLY T 397 27.37 -15.11 59.70
CA GLY T 397 28.66 -15.06 59.01
C GLY T 397 29.35 -16.40 58.90
N GLU T 398 28.96 -17.37 59.72
CA GLU T 398 29.59 -18.69 59.71
C GLU T 398 29.06 -19.44 58.49
N TRP T 399 29.84 -19.42 57.42
CA TRP T 399 29.42 -20.08 56.18
C TRP T 399 29.38 -21.59 56.36
N VAL T 400 28.18 -22.16 56.30
CA VAL T 400 27.94 -23.57 56.50
C VAL T 400 27.07 -24.09 55.36
N SER T 401 27.05 -25.41 55.20
CA SER T 401 26.32 -26.03 54.11
C SER T 401 24.81 -25.91 54.34
N THR T 402 24.06 -26.04 53.25
CA THR T 402 22.61 -26.15 53.29
C THR T 402 22.10 -27.43 52.64
N ASP T 403 22.99 -28.37 52.36
CA ASP T 403 22.62 -29.65 51.77
C ASP T 403 22.13 -30.58 52.87
N PHE T 404 20.95 -31.17 52.67
CA PHE T 404 20.28 -31.89 53.73
C PHE T 404 21.10 -33.09 54.21
N LYS T 405 21.96 -33.64 53.37
CA LYS T 405 22.75 -34.79 53.79
C LYS T 405 23.88 -34.37 54.73
N ASP T 406 24.23 -33.09 54.73
CA ASP T 406 25.22 -32.59 55.67
C ASP T 406 24.56 -32.05 56.94
N MET T 407 23.24 -31.98 56.95
CA MET T 407 22.54 -31.48 58.14
C MET T 407 22.58 -32.53 59.25
N PRO T 408 22.81 -32.12 60.50
CA PRO T 408 23.01 -33.08 61.59
C PRO T 408 21.76 -33.89 61.87
N VAL T 409 21.96 -35.15 62.26
CA VAL T 409 20.87 -36.06 62.60
C VAL T 409 21.02 -36.44 64.07
N ASN T 410 19.97 -36.17 64.86
CA ASN T 410 20.02 -36.37 66.31
C ASN T 410 19.22 -37.57 66.77
N GLU T 411 18.86 -38.48 65.87
CA GLU T 411 18.11 -39.70 66.09
C GLU T 411 16.64 -39.40 66.38
N ASN T 412 16.28 -38.13 66.60
CA ASN T 412 14.89 -37.70 66.58
C ASN T 412 14.57 -36.89 65.35
N THR T 413 15.55 -36.62 64.51
CA THR T 413 15.34 -35.81 63.32
C THR T 413 14.66 -36.59 62.21
N GLY T 414 15.21 -37.75 61.86
CA GLY T 414 14.83 -38.41 60.65
C GLY T 414 15.98 -38.48 59.67
N GLU T 415 15.64 -38.39 58.39
CA GLU T 415 16.63 -38.58 57.34
C GLU T 415 16.81 -37.39 56.42
N PHE T 416 16.21 -36.24 56.73
CA PHE T 416 16.40 -35.03 55.93
C PHE T 416 16.14 -35.26 54.45
N LYS T 417 14.91 -35.60 54.12
CA LYS T 417 14.44 -35.51 52.75
C LYS T 417 14.42 -34.06 52.29
N HIS T 418 14.58 -33.85 50.99
CA HIS T 418 14.71 -32.52 50.41
C HIS T 418 13.49 -31.64 50.63
N SER T 419 12.33 -32.23 50.94
CA SER T 419 11.12 -31.42 51.06
C SER T 419 11.18 -30.49 52.26
N ASP T 420 11.95 -30.86 53.28
CA ASP T 420 11.94 -30.07 54.51
C ASP T 420 12.66 -28.75 54.32
N MET T 421 13.54 -28.65 53.32
CA MET T 421 14.16 -27.38 52.99
C MET T 421 13.12 -26.35 52.54
N VAL T 422 12.30 -26.69 51.56
CA VAL T 422 11.26 -25.78 51.11
C VAL T 422 10.22 -25.60 52.21
N ASN T 423 9.98 -26.65 53.00
CA ASN T 423 9.08 -26.51 54.13
C ASN T 423 9.57 -25.46 55.12
N TYR T 424 10.85 -25.51 55.45
CA TYR T 424 11.43 -24.55 56.38
C TYR T 424 11.39 -23.15 55.79
N ALA T 425 11.69 -23.02 54.50
CA ALA T 425 11.66 -21.70 53.88
C ALA T 425 10.26 -21.10 53.94
N ASN T 426 9.25 -21.88 53.57
CA ASN T 426 7.89 -21.38 53.60
C ASN T 426 7.46 -21.01 55.01
N LYS T 427 7.75 -21.89 55.98
CA LYS T 427 7.30 -21.62 57.34
C LYS T 427 8.04 -20.42 57.93
N LYS T 428 9.32 -20.27 57.62
CA LYS T 428 10.06 -19.12 58.09
C LYS T 428 9.56 -17.82 57.47
N LEU T 429 9.26 -17.83 56.18
CA LEU T 429 8.74 -16.62 55.57
C LEU T 429 7.40 -16.25 56.18
N ALA T 430 6.52 -17.24 56.40
CA ALA T 430 5.25 -16.96 57.04
C ALA T 430 5.44 -16.45 58.46
N GLU T 431 6.39 -17.01 59.20
CA GLU T 431 6.69 -16.52 60.55
C GLU T 431 7.15 -15.08 60.53
N ILE T 432 8.08 -14.75 59.62
CA ILE T 432 8.54 -13.38 59.50
C ILE T 432 7.36 -12.45 59.23
N ASP T 433 6.48 -12.86 58.33
CA ASP T 433 5.28 -12.07 58.05
C ASP T 433 4.38 -12.01 59.28
N SER T 434 4.52 -12.97 60.18
CA SER T 434 3.62 -13.07 61.33
C SER T 434 4.17 -12.40 62.58
N MET T 435 5.44 -12.02 62.58
CA MET T 435 6.03 -11.41 63.75
C MET T 435 5.44 -10.03 64.02
N ASP T 436 5.70 -9.52 65.22
CA ASP T 436 5.12 -8.27 65.69
C ASP T 436 5.99 -7.06 65.38
N ILE T 437 7.14 -7.26 64.77
CA ILE T 437 8.10 -6.19 64.48
C ILE T 437 7.56 -5.28 63.37
N PRO T 438 8.11 -4.09 63.18
CA PRO T 438 7.65 -3.23 62.07
C PRO T 438 7.90 -3.89 60.72
N ASP T 439 7.02 -3.59 59.77
CA ASP T 439 7.03 -4.29 58.49
C ASP T 439 8.34 -4.07 57.73
N GLY T 440 8.98 -2.92 57.92
CA GLY T 440 10.28 -2.72 57.32
C GLY T 440 11.30 -3.73 57.80
N ALA T 441 11.28 -4.02 59.11
CA ALA T 441 12.19 -5.03 59.64
C ALA T 441 11.83 -6.41 59.15
N LYS T 442 10.54 -6.67 58.92
CA LYS T 442 10.14 -7.94 58.32
C LYS T 442 10.78 -8.10 56.94
N ASP T 443 10.65 -7.07 56.10
CA ASP T 443 11.26 -7.14 54.78
C ASP T 443 12.77 -7.27 54.89
N ALA T 444 13.37 -6.59 55.87
CA ALA T 444 14.80 -6.69 56.08
C ALA T 444 15.21 -8.13 56.38
N MET T 445 14.48 -8.82 57.27
CA MET T 445 14.87 -10.19 57.56
C MET T 445 14.60 -11.10 56.38
N LYS T 446 13.55 -10.81 55.60
CA LYS T 446 13.34 -11.62 54.41
C LYS T 446 14.51 -11.51 53.46
N LEU T 447 15.04 -10.30 53.28
CA LEU T 447 16.26 -10.14 52.50
C LEU T 447 17.43 -10.87 53.13
N LYS T 448 17.55 -10.80 54.46
CA LYS T 448 18.68 -11.44 55.14
C LYS T 448 18.63 -12.95 54.98
N TYR T 449 17.44 -13.52 54.93
CA TYR T 449 17.34 -14.96 54.73
C TYR T 449 17.58 -15.33 53.28
N LEU T 450 17.11 -14.50 52.35
CA LEU T 450 17.32 -14.76 50.93
C LEU T 450 18.79 -14.73 50.56
N GLN T 451 19.52 -13.77 51.10
CA GLN T 451 20.94 -13.61 50.74
C GLN T 451 21.81 -14.74 51.31
N ALA T 452 21.27 -15.47 52.27
CA ALA T 452 21.99 -16.55 52.92
C ALA T 452 21.64 -17.93 52.40
N ASP T 453 21.52 -18.09 51.08
CA ASP T 453 21.20 -19.40 50.49
C ASP T 453 22.29 -19.95 49.54
N SER T 454 22.18 -21.23 49.14
CA SER T 454 23.17 -21.84 48.27
C SER T 454 23.10 -21.33 46.85
N LYS T 455 22.23 -20.35 46.57
CA LYS T 455 21.77 -19.87 45.27
C LYS T 455 20.87 -20.92 44.62
N ASP T 456 20.79 -22.11 45.18
CA ASP T 456 19.73 -23.05 44.86
C ASP T 456 18.67 -23.05 45.95
N GLY T 457 18.93 -22.32 47.04
CA GLY T 457 18.18 -22.42 48.27
C GLY T 457 16.70 -22.18 48.11
N ALA T 458 15.96 -22.67 49.11
CA ALA T 458 14.51 -22.62 49.03
C ALA T 458 13.98 -21.22 49.24
N PHE T 459 14.75 -20.37 49.93
CA PHE T 459 14.35 -18.97 50.04
C PHE T 459 14.45 -18.28 48.69
N ARG T 460 15.49 -18.58 47.91
CA ARG T 460 15.58 -18.04 46.57
C ARG T 460 14.43 -18.52 45.71
N THR T 461 14.10 -19.81 45.80
CA THR T 461 12.98 -20.33 45.02
C THR T 461 11.67 -19.69 45.43
N ALA T 462 11.48 -19.47 46.74
CA ALA T 462 10.24 -18.87 47.22
C ALA T 462 10.12 -17.41 46.78
N ILE T 463 11.20 -16.65 46.91
CA ILE T 463 11.15 -15.25 46.51
C ILE T 463 11.02 -15.12 45.00
N GLY T 464 11.68 -16.01 44.25
CA GLY T 464 11.49 -16.02 42.81
C GLY T 464 10.09 -16.41 42.42
N THR T 465 9.47 -17.31 43.18
CA THR T 465 8.06 -17.62 42.97
C THR T 465 7.21 -16.38 43.20
N MET T 466 7.54 -15.62 44.24
CA MET T 466 6.84 -14.37 44.51
C MET T 466 6.99 -13.39 43.35
N VAL T 467 8.21 -13.28 42.83
CA VAL T 467 8.48 -12.36 41.72
C VAL T 467 7.72 -12.80 40.47
N THR T 468 7.78 -14.09 40.15
CA THR T 468 7.11 -14.57 38.94
C THR T 468 5.60 -14.49 39.08
N ASP T 469 5.08 -14.64 40.29
CA ASP T 469 3.64 -14.56 40.48
C ASP T 469 3.17 -13.11 40.37
N ALA T 470 4.00 -12.16 40.85
CA ALA T 470 3.71 -10.75 40.62
C ALA T 470 3.78 -10.40 39.13
N GLY T 471 4.77 -10.94 38.43
CA GLY T 471 4.86 -10.70 37.00
C GLY T 471 3.68 -11.29 36.25
N GLN T 472 3.24 -12.48 36.65
CA GLN T 472 2.06 -13.08 36.06
C GLN T 472 0.83 -12.24 36.33
N GLU T 473 0.72 -11.67 37.52
CA GLU T 473 -0.42 -10.84 37.85
C GLU T 473 -0.43 -9.57 36.99
N TRP T 474 0.75 -8.98 36.76
CA TRP T 474 0.84 -7.86 35.83
C TRP T 474 0.47 -8.29 34.40
N SER T 475 0.92 -9.46 33.97
CA SER T 475 0.59 -9.93 32.63
C SER T 475 -0.91 -10.12 32.48
N ALA T 476 -1.55 -10.67 33.50
CA ALA T 476 -3.01 -10.80 33.50
C ALA T 476 -3.67 -9.44 33.43
N ALA T 477 -3.12 -8.46 34.16
CA ALA T 477 -3.67 -7.11 34.10
C ALA T 477 -3.58 -6.55 32.68
N VAL T 478 -2.45 -6.77 32.02
CA VAL T 478 -2.27 -6.28 30.65
C VAL T 478 -3.26 -6.96 29.71
N ILE T 479 -3.41 -8.27 29.83
CA ILE T 479 -4.33 -9.01 28.96
C ILE T 479 -5.76 -8.55 29.18
N ASN T 480 -6.16 -8.38 30.44
CA ASN T 480 -7.51 -7.95 30.75
C ASN T 480 -7.76 -6.50 30.37
N GLY T 481 -6.72 -5.70 30.23
CA GLY T 481 -6.87 -4.29 29.96
C GLY T 481 -7.14 -3.44 31.16
N LYS T 482 -7.26 -4.04 32.34
CA LYS T 482 -7.47 -3.32 33.58
C LYS T 482 -6.64 -3.97 34.67
N LEU T 483 -6.39 -3.23 35.73
CA LEU T 483 -5.60 -3.73 36.84
C LEU T 483 -6.51 -4.46 37.83
N PRO T 484 -6.12 -5.63 38.32
CA PRO T 484 -6.97 -6.32 39.29
C PRO T 484 -7.00 -5.59 40.61
N GLU T 485 -7.99 -5.94 41.43
CA GLU T 485 -8.06 -5.42 42.77
C GLU T 485 -7.16 -6.22 43.72
N ARG T 486 -6.62 -5.51 44.70
CA ARG T 486 -5.94 -6.06 45.87
C ARG T 486 -4.56 -6.62 45.55
N THR T 487 -4.26 -6.89 44.26
CA THR T 487 -2.93 -7.15 43.76
C THR T 487 -1.96 -7.77 44.78
N PRO T 488 -2.25 -8.97 45.30
CA PRO T 488 -1.48 -9.47 46.44
C PRO T 488 0.00 -9.68 46.13
N ALA T 489 0.32 -10.39 45.06
CA ALA T 489 1.71 -10.64 44.71
C ALA T 489 2.44 -9.34 44.39
N MET T 490 1.75 -8.42 43.73
CA MET T 490 2.35 -7.11 43.45
C MET T 490 2.71 -6.40 44.75
N ASP T 491 1.82 -6.45 45.75
CA ASP T 491 2.11 -5.80 47.02
C ASP T 491 3.28 -6.46 47.75
N ALA T 492 3.31 -7.80 47.76
CA ALA T 492 4.40 -8.49 48.45
C ALA T 492 5.73 -8.17 47.80
N LEU T 493 5.79 -8.23 46.48
CA LEU T 493 7.04 -7.90 45.79
C LEU T 493 7.38 -6.43 45.96
N ARG T 494 6.38 -5.57 46.03
CA ARG T 494 6.63 -4.15 46.21
C ARG T 494 7.30 -3.90 47.55
N ARG T 495 6.82 -4.55 48.61
CA ARG T 495 7.49 -4.42 49.91
C ARG T 495 8.91 -4.96 49.86
N ILE T 496 9.07 -6.18 49.36
CA ILE T 496 10.39 -6.82 49.42
C ILE T 496 11.38 -6.09 48.52
N ARG T 497 10.89 -5.35 47.52
CA ARG T 497 11.78 -4.63 46.64
C ARG T 497 12.07 -3.22 47.14
N ASN T 498 11.09 -2.54 47.73
CA ASN T 498 11.36 -1.26 48.35
C ASN T 498 12.30 -1.43 49.53
N ALA T 499 12.34 -2.62 50.12
CA ALA T 499 13.34 -2.89 51.15
C ALA T 499 14.75 -2.73 50.58
N ASP T 500 15.03 -3.37 49.44
CA ASP T 500 16.35 -3.33 48.82
C ASP T 500 16.24 -3.62 47.33
N PRO T 501 16.14 -2.59 46.49
CA PRO T 501 15.82 -2.83 45.07
C PRO T 501 16.96 -3.46 44.28
N GLN T 502 18.20 -3.02 44.50
CA GLN T 502 19.30 -3.47 43.66
C GLN T 502 19.51 -4.98 43.74
N LEU T 503 19.48 -5.54 44.95
CA LEU T 503 19.69 -6.98 45.09
C LEU T 503 18.57 -7.77 44.42
N ILE T 504 17.31 -7.36 44.64
CA ILE T 504 16.20 -8.08 44.05
C ILE T 504 16.31 -8.05 42.54
N ALA T 505 16.64 -6.88 41.98
CA ALA T 505 16.84 -6.79 40.54
C ALA T 505 18.00 -7.66 40.08
N ALA T 506 19.03 -7.80 40.91
CA ALA T 506 20.18 -8.60 40.53
C ALA T 506 19.86 -10.09 40.50
N LEU T 507 19.19 -10.61 41.54
CA LEU T 507 18.93 -12.03 41.58
C LEU T 507 17.83 -12.45 40.60
N TYR T 508 17.03 -11.51 40.14
CA TYR T 508 15.96 -11.79 39.18
C TYR T 508 16.04 -10.80 38.04
N PRO T 509 17.10 -10.88 37.22
CA PRO T 509 17.22 -9.93 36.11
C PRO T 509 16.15 -10.10 35.07
N ASP T 510 15.56 -11.30 34.97
CA ASP T 510 14.58 -11.55 33.92
C ASP T 510 13.36 -10.66 34.06
N GLN T 511 12.94 -10.35 35.29
CA GLN T 511 11.84 -9.42 35.45
C GLN T 511 12.34 -7.99 35.60
N ALA T 512 13.27 -7.59 34.73
CA ALA T 512 13.71 -6.20 34.71
C ALA T 512 12.57 -5.29 34.28
N GLU T 513 11.77 -5.74 33.31
CA GLU T 513 10.63 -4.97 32.86
C GLU T 513 9.60 -4.82 33.96
N LEU T 514 9.35 -5.89 34.72
CA LEU T 514 8.40 -5.81 35.83
C LEU T 514 8.89 -4.87 36.91
N PHE T 515 10.18 -4.95 37.25
CA PHE T 515 10.72 -4.05 38.26
C PHE T 515 10.64 -2.61 37.79
N LEU T 516 10.92 -2.36 36.52
CA LEU T 516 10.80 -1.01 35.97
C LEU T 516 9.35 -0.55 36.00
N THR T 517 8.41 -1.45 35.71
CA THR T 517 7.00 -1.07 35.76
C THR T 517 6.59 -0.66 37.16
N MET T 518 7.02 -1.42 38.17
CA MET T 518 6.70 -1.05 39.54
C MET T 518 7.35 0.28 39.92
N ASP T 519 8.61 0.46 39.54
CA ASP T 519 9.30 1.73 39.77
C ASP T 519 8.56 2.89 39.12
N MET T 520 8.07 2.67 37.91
CA MET T 520 7.30 3.67 37.18
C MET T 520 6.01 4.00 37.91
N MET T 521 5.32 2.98 38.42
CA MET T 521 4.00 3.20 39.00
C MET T 521 4.09 3.88 40.35
N ASP T 522 5.01 3.44 41.21
CA ASP T 522 5.02 3.96 42.58
C ASP T 522 6.02 5.09 42.81
N LYS T 523 7.28 4.93 42.42
CA LYS T 523 8.21 6.05 42.56
C LYS T 523 7.79 7.23 41.69
N GLN T 524 7.59 6.99 40.39
CA GLN T 524 7.07 8.02 39.51
C GLN T 524 5.55 7.99 39.56
N GLY T 525 4.95 9.09 39.13
CA GLY T 525 3.51 9.24 39.21
C GLY T 525 2.75 8.63 38.07
N ILE T 526 3.39 7.80 37.25
CA ILE T 526 2.76 7.31 36.03
C ILE T 526 1.58 6.41 36.38
N ASP T 527 0.45 6.68 35.77
CA ASP T 527 -0.76 5.93 36.06
C ASP T 527 -0.61 4.50 35.56
N PRO T 528 -1.06 3.51 36.34
CA PRO T 528 -1.02 2.13 35.82
C PRO T 528 -1.85 1.94 34.57
N GLN T 529 -2.90 2.74 34.37
CA GLN T 529 -3.77 2.53 33.23
C GLN T 529 -3.09 2.90 31.92
N VAL T 530 -2.33 3.99 31.89
CA VAL T 530 -1.67 4.38 30.65
C VAL T 530 -0.58 3.38 30.29
N ILE T 531 0.18 2.90 31.28
CA ILE T 531 1.15 1.85 31.03
C ILE T 531 0.46 0.60 30.53
N LEU T 532 -0.68 0.28 31.12
CA LEU T 532 -1.40 -0.93 30.77
C LEU T 532 -1.90 -0.88 29.33
N ASP T 533 -2.46 0.27 28.93
CA ASP T 533 -2.92 0.44 27.56
C ASP T 533 -1.75 0.41 26.59
N ALA T 534 -0.62 1.03 26.95
CA ALA T 534 0.55 0.98 26.09
C ALA T 534 1.05 -0.45 25.91
N ASP T 535 1.08 -1.23 26.99
CA ASP T 535 1.49 -2.62 26.89
C ASP T 535 0.53 -3.43 26.03
N ARG T 536 -0.77 -3.19 26.19
CA ARG T 536 -1.77 -3.91 25.41
C ARG T 536 -1.65 -3.58 23.94
N LEU T 537 -1.40 -2.32 23.61
CA LEU T 537 -1.32 -1.91 22.21
C LEU T 537 -0.06 -2.46 21.55
N THR T 538 1.05 -2.46 22.27
CA THR T 538 2.33 -2.90 21.72
C THR T 538 2.50 -4.40 21.90
N VAL T 539 1.57 -5.16 21.32
CA VAL T 539 1.67 -6.61 21.35
C VAL T 539 1.99 -7.20 19.98
N LYS T 540 2.34 -6.38 19.01
CA LYS T 540 2.77 -6.84 17.71
C LYS T 540 4.29 -6.91 17.72
N ARG T 541 4.83 -8.11 17.92
CA ARG T 541 6.28 -8.27 17.95
C ARG T 541 6.88 -8.15 16.55
N SER T 542 6.26 -8.79 15.56
CA SER T 542 6.55 -8.64 14.13
C SER T 542 7.90 -9.21 13.71
N LYS T 543 8.66 -9.86 14.58
CA LYS T 543 9.90 -10.54 14.18
C LYS T 543 10.94 -9.59 13.59
N GLU T 544 10.64 -9.03 12.42
CA GLU T 544 11.54 -8.04 11.82
C GLU T 544 11.62 -6.79 12.68
N GLN T 545 10.51 -6.43 13.32
CA GLN T 545 10.53 -5.32 14.26
C GLN T 545 11.52 -5.57 15.39
N ARG T 546 11.61 -6.82 15.85
CA ARG T 546 12.59 -7.15 16.89
C ARG T 546 14.02 -6.97 16.38
N PHE T 547 14.28 -7.38 15.14
CA PHE T 547 15.63 -7.22 14.60
C PHE T 547 16.00 -5.74 14.48
N GLU T 548 15.05 -4.93 14.01
CA GLU T 548 15.31 -3.49 13.93
C GLU T 548 15.51 -2.89 15.31
N ASP T 549 14.79 -3.39 16.31
CA ASP T 549 15.01 -2.95 17.67
C ASP T 549 16.43 -3.26 18.12
N ASP T 550 16.92 -4.46 17.82
CA ASP T 550 18.29 -4.81 18.18
C ASP T 550 19.29 -3.86 17.54
N LYS T 551 19.12 -3.58 16.26
CA LYS T 551 20.12 -2.79 15.56
C LYS T 551 20.07 -1.35 16.06
N ALA T 552 18.87 -0.81 16.29
CA ALA T 552 18.74 0.53 16.84
C ALA T 552 19.34 0.62 18.24
N PHE T 553 19.12 -0.40 19.06
CA PHE T 553 19.65 -0.36 20.42
C PHE T 553 21.17 -0.35 20.42
N GLU T 554 21.79 -1.20 19.60
CA GLU T 554 23.25 -1.21 19.55
C GLU T 554 23.79 0.13 19.06
N SER T 555 23.13 0.73 18.07
CA SER T 555 23.54 2.05 17.63
C SER T 555 23.40 3.07 18.75
N ALA T 556 22.31 2.99 19.52
CA ALA T 556 22.07 3.97 20.57
C ALA T 556 23.16 3.89 21.63
N LEU T 557 23.58 2.67 21.99
CA LEU T 557 24.72 2.53 22.90
C LEU T 557 26.02 3.06 22.34
N ASN T 558 26.43 2.63 21.15
CA ASN T 558 27.77 3.03 20.72
C ASN T 558 27.79 4.48 20.25
N ALA T 559 26.64 5.14 20.25
CA ALA T 559 26.59 6.57 19.99
C ALA T 559 26.39 7.42 21.25
N SER T 560 26.41 6.81 22.44
CA SER T 560 25.93 7.50 23.63
C SER T 560 26.95 8.48 24.19
N LYS T 561 28.19 8.02 24.39
CA LYS T 561 29.25 8.84 24.99
C LYS T 561 28.89 9.23 26.41
N ALA T 562 28.55 8.24 27.24
CA ALA T 562 28.32 8.41 28.67
C ALA T 562 29.01 7.30 29.44
N PRO T 563 29.54 7.58 30.63
CA PRO T 563 30.31 6.55 31.36
C PRO T 563 29.48 5.30 31.66
N GLU T 564 28.20 5.46 31.97
CA GLU T 564 27.36 4.30 32.25
C GLU T 564 27.07 3.51 30.99
N ILE T 565 26.66 4.19 29.92
CA ILE T 565 26.26 3.49 28.71
C ILE T 565 27.47 2.85 28.05
N ALA T 566 28.55 3.62 27.94
CA ALA T 566 29.82 3.04 27.55
C ALA T 566 30.31 2.11 28.67
N ARG T 567 31.31 1.31 28.34
CA ARG T 567 31.83 0.33 29.28
C ARG T 567 30.72 -0.63 29.66
N MET T 568 29.88 -0.25 30.64
CA MET T 568 28.72 -0.99 31.12
C MET T 568 29.16 -2.23 31.88
N PRO T 569 28.53 -2.54 33.02
CA PRO T 569 29.00 -3.68 33.82
C PRO T 569 28.84 -5.03 33.14
N ALA T 570 27.96 -5.13 32.14
CA ALA T 570 27.67 -6.35 31.40
C ALA T 570 26.87 -7.34 32.25
N SER T 571 26.74 -7.04 33.54
CA SER T 571 25.72 -7.72 34.33
C SER T 571 24.38 -7.04 34.15
N LEU T 572 24.41 -5.78 33.74
CA LEU T 572 23.24 -4.96 33.56
C LEU T 572 22.86 -4.80 32.09
N ARG T 573 23.62 -5.39 31.18
CA ARG T 573 23.41 -5.19 29.76
C ARG T 573 22.02 -5.64 29.35
N GLU T 574 21.60 -6.80 29.84
CA GLU T 574 20.29 -7.32 29.48
C GLU T 574 19.17 -6.54 30.15
N SER T 575 19.35 -6.19 31.42
CA SER T 575 18.35 -5.36 32.08
C SER T 575 18.24 -4.00 31.41
N ALA T 576 19.38 -3.44 30.99
CA ALA T 576 19.36 -2.18 30.26
C ALA T 576 18.62 -2.32 28.93
N ARG T 577 18.87 -3.41 28.21
CA ARG T 577 18.14 -3.70 26.99
C ARG T 577 16.64 -3.77 27.23
N LYS T 578 16.23 -4.53 28.25
CA LYS T 578 14.80 -4.69 28.51
C LYS T 578 14.17 -3.37 28.90
N ILE T 579 14.84 -2.57 29.72
CA ILE T 579 14.29 -1.28 30.12
C ILE T 579 14.17 -0.36 28.93
N TYR T 580 15.19 -0.34 28.07
CA TYR T 580 15.13 0.48 26.87
C TYR T 580 13.97 0.06 25.98
N ASP T 581 13.81 -1.24 25.75
CA ASP T 581 12.72 -1.73 24.92
C ASP T 581 11.37 -1.37 25.51
N SER T 582 11.21 -1.55 26.82
CA SER T 582 9.91 -1.32 27.44
C SER T 582 9.55 0.16 27.41
N VAL T 583 10.51 1.03 27.68
CA VAL T 583 10.21 2.47 27.64
C VAL T 583 9.98 2.91 26.21
N LYS T 584 10.67 2.29 25.25
CA LYS T 584 10.43 2.59 23.84
C LYS T 584 9.02 2.24 23.44
N TYR T 585 8.52 1.09 23.90
CA TYR T 585 7.17 0.67 23.54
C TYR T 585 6.11 1.46 24.30
N ARG T 586 6.30 1.67 25.61
CA ARG T 586 5.35 2.43 26.41
C ARG T 586 5.13 3.81 25.81
N SER T 587 6.17 4.62 25.79
CA SER T 587 6.15 5.91 25.11
C SER T 587 6.99 5.77 23.85
N GLY T 588 6.38 5.96 22.70
CA GLY T 588 7.11 5.73 21.48
C GLY T 588 8.16 6.79 21.26
N ASN T 589 9.16 6.81 22.15
CA ASN T 589 10.18 7.84 22.14
C ASN T 589 11.53 7.19 22.40
N GLU T 590 12.43 7.28 21.42
CA GLU T 590 13.79 6.78 21.61
C GLU T 590 14.52 7.58 22.68
N SER T 591 14.35 8.89 22.70
CA SER T 591 15.04 9.72 23.68
C SER T 591 14.62 9.38 25.10
N MET T 592 13.32 9.18 25.31
CA MET T 592 12.84 8.81 26.64
C MET T 592 13.38 7.45 27.05
N ALA T 593 13.42 6.51 26.11
CA ALA T 593 13.95 5.18 26.40
C ALA T 593 15.42 5.25 26.77
N MET T 594 16.20 6.03 26.04
CA MET T 594 17.61 6.21 26.38
C MET T 594 17.78 6.86 27.74
N GLU T 595 16.98 7.89 28.02
CA GLU T 595 17.08 8.56 29.31
C GLU T 595 16.75 7.61 30.44
N GLN T 596 15.72 6.77 30.27
CA GLN T 596 15.34 5.85 31.32
C GLN T 596 16.40 4.77 31.52
N MET T 597 16.97 4.25 30.43
CA MET T 597 18.03 3.26 30.57
C MET T 597 19.23 3.86 31.27
N THR T 598 19.58 5.10 30.91
CA THR T 598 20.71 5.77 31.54
C THR T 598 20.46 5.98 33.03
N LYS T 599 19.25 6.39 33.39
CA LYS T 599 18.94 6.55 34.80
C LYS T 599 19.04 5.23 35.54
N PHE T 600 18.52 4.16 34.94
CA PHE T 600 18.61 2.84 35.56
C PHE T 600 20.07 2.47 35.79
N LEU T 601 20.92 2.67 34.80
CA LEU T 601 22.32 2.32 34.95
C LEU T 601 23.02 3.19 35.98
N LYS T 602 22.68 4.48 36.04
CA LYS T 602 23.30 5.36 37.03
C LYS T 602 22.91 4.95 38.44
N GLU T 603 21.62 4.64 38.66
CA GLU T 603 21.22 4.23 40.00
C GLU T 603 21.77 2.86 40.35
N SER T 604 21.93 1.99 39.36
CA SER T 604 22.32 0.62 39.66
C SER T 604 23.83 0.46 39.79
N THR T 605 24.59 1.46 39.34
CA THR T 605 26.05 1.35 39.29
C THR T 605 26.70 2.60 39.85
N TYR T 606 27.97 2.49 40.17
CA TYR T 606 28.80 3.61 40.55
C TYR T 606 29.98 3.72 39.61
N THR T 607 30.20 4.92 39.07
CA THR T 607 31.30 5.16 38.13
C THR T 607 32.53 5.62 38.91
N PHE T 608 33.59 4.83 38.86
CA PHE T 608 34.86 5.26 39.44
C PHE T 608 35.60 6.14 38.45
N THR T 609 36.22 7.21 38.96
CA THR T 609 36.86 8.19 38.11
C THR T 609 38.29 8.41 38.58
N GLY T 610 39.15 8.83 37.64
CA GLY T 610 40.54 9.04 37.96
C GLY T 610 40.76 10.28 38.81
N ASP T 611 42.00 10.44 39.25
CA ASP T 611 42.39 11.60 40.04
C ASP T 611 42.75 12.81 39.20
N ASP T 612 42.97 12.64 37.90
CA ASP T 612 43.44 13.76 37.10
C ASP T 612 42.33 14.78 36.88
N VAL T 613 42.72 15.95 36.37
CA VAL T 613 41.79 17.06 36.20
C VAL T 613 40.69 16.72 35.20
N ASP T 614 41.01 15.92 34.19
CA ASP T 614 40.02 15.56 33.18
C ASP T 614 39.24 14.33 33.60
N GLY T 615 39.04 14.15 34.92
CA GLY T 615 38.80 12.84 35.50
C GLY T 615 37.96 11.92 34.64
N ASP T 616 38.60 10.85 34.17
CA ASP T 616 37.97 9.92 33.27
C ASP T 616 37.58 8.65 34.01
N THR T 617 36.74 7.85 33.37
CA THR T 617 36.17 6.68 34.01
C THR T 617 37.21 5.57 34.06
N VAL T 618 37.62 5.20 35.26
CA VAL T 618 38.48 4.02 35.39
C VAL T 618 37.65 2.74 35.42
N GLY T 619 36.39 2.84 35.85
CA GLY T 619 35.51 1.70 35.79
C GLY T 619 34.13 2.02 36.31
N VAL T 620 33.17 1.21 35.90
CA VAL T 620 31.79 1.30 36.35
C VAL T 620 31.46 -0.03 37.03
N ILE T 621 31.16 0.02 38.32
CA ILE T 621 30.88 -1.18 39.10
C ILE T 621 29.42 -1.15 39.54
N PRO T 622 28.69 -2.25 39.45
CA PRO T 622 27.31 -2.26 39.93
C PRO T 622 27.25 -1.97 41.42
N LYS T 623 26.17 -1.29 41.81
CA LYS T 623 26.09 -0.77 43.16
C LYS T 623 26.00 -1.88 44.18
N ASN T 624 25.31 -2.98 43.85
CA ASN T 624 25.10 -4.03 44.84
C ASN T 624 26.38 -4.78 45.15
N MET T 625 27.31 -4.85 44.19
CA MET T 625 28.49 -5.67 44.38
C MET T 625 29.39 -5.15 45.48
N MET T 626 29.22 -3.89 45.88
CA MET T 626 30.09 -3.28 46.87
C MET T 626 29.44 -3.17 48.25
N GLN T 627 28.31 -3.81 48.49
CA GLN T 627 27.67 -3.72 49.80
C GLN T 627 28.44 -4.53 50.83
N VAL T 628 28.71 -3.93 51.99
CA VAL T 628 29.47 -4.64 53.03
C VAL T 628 28.53 -5.24 54.06
N ASN T 629 27.39 -4.63 54.30
CA ASN T 629 26.40 -5.19 55.21
C ASN T 629 25.01 -5.14 54.59
N SER T 630 23.98 -5.46 55.38
CA SER T 630 22.65 -5.63 54.82
C SER T 630 22.04 -4.31 54.39
N ASP T 631 22.57 -3.20 54.89
CA ASP T 631 22.04 -1.89 54.52
C ASP T 631 22.29 -1.66 53.04
N PRO T 632 21.26 -1.26 52.27
CA PRO T 632 21.49 -0.93 50.86
C PRO T 632 22.50 0.18 50.66
N LYS T 633 22.65 1.08 51.62
CA LYS T 633 23.57 2.19 51.47
C LYS T 633 25.01 1.83 51.83
N SER T 634 25.24 0.58 52.25
CA SER T 634 26.60 0.12 52.53
C SER T 634 27.45 0.03 51.28
N TRP T 635 26.84 0.14 50.10
CA TRP T 635 27.64 0.25 48.88
C TRP T 635 28.56 1.45 48.93
N GLU T 636 28.19 2.49 49.69
CA GLU T 636 29.07 3.64 49.84
C GLU T 636 30.33 3.27 50.60
N GLN T 637 30.21 2.48 51.66
CA GLN T 637 31.39 1.99 52.36
C GLN T 637 32.24 1.10 51.47
N GLY T 638 31.59 0.23 50.70
CA GLY T 638 32.32 -0.58 49.74
C GLY T 638 33.05 0.27 48.72
N ARG T 639 32.39 1.33 48.26
CA ARG T 639 33.02 2.27 47.35
C ARG T 639 34.23 2.94 47.96
N ASP T 640 34.13 3.34 49.23
CA ASP T 640 35.26 3.97 49.89
C ASP T 640 36.43 3.01 49.97
N ILE T 641 36.16 1.74 50.30
CA ILE T 641 37.22 0.75 50.36
C ILE T 641 37.85 0.57 48.99
N LEU T 642 37.03 0.53 47.93
CA LEU T 642 37.56 0.32 46.59
C LEU T 642 38.39 1.51 46.12
N GLU T 643 37.94 2.73 46.42
CA GLU T 643 38.72 3.92 46.07
C GLU T 643 40.07 3.89 46.78
N GLU T 644 40.08 3.54 48.07
CA GLU T 644 41.34 3.46 48.78
C GLU T 644 42.22 2.35 48.21
N ALA T 645 41.61 1.25 47.77
CA ALA T 645 42.39 0.18 47.16
C ALA T 645 43.02 0.62 45.86
N ARG T 646 42.28 1.37 45.05
CA ARG T 646 42.84 1.90 43.80
C ARG T 646 43.99 2.85 44.08
N LYS T 647 43.82 3.72 45.07
CA LYS T 647 44.92 4.61 45.47
C LYS T 647 46.13 3.80 45.91
N GLY T 648 45.91 2.73 46.67
CA GLY T 648 47.02 1.93 47.13
C GLY T 648 47.74 1.20 46.02
N ILE T 649 46.98 0.70 45.04
CA ILE T 649 47.60 0.06 43.88
C ILE T 649 48.45 1.06 43.11
N ILE T 650 47.91 2.26 42.89
CA ILE T 650 48.67 3.27 42.16
C ILE T 650 49.92 3.67 42.93
N ALA T 651 49.79 3.87 44.26
CA ALA T 651 50.92 4.33 45.05
C ALA T 651 52.00 3.27 45.18
N SER T 652 51.59 2.01 45.32
CA SER T 652 52.58 0.94 45.42
C SER T 652 53.31 0.73 44.09
N ASN T 653 52.60 0.85 42.98
CA ASN T 653 53.18 0.66 41.65
C ASN T 653 53.09 1.96 40.88
N PRO T 654 54.09 2.84 40.98
CA PRO T 654 54.07 4.08 40.19
C PRO T 654 54.21 3.84 38.71
N TRP T 655 54.61 2.64 38.29
CA TRP T 655 54.77 2.34 36.87
C TRP T 655 53.46 2.52 36.12
N ILE T 656 52.35 2.18 36.78
CA ILE T 656 51.05 2.18 36.12
C ILE T 656 50.56 3.60 35.91
N THR T 657 50.31 3.95 34.66
CA THR T 657 49.60 5.19 34.37
C THR T 657 48.16 5.06 34.88
N ASN T 658 47.58 6.20 35.27
CA ASN T 658 46.20 6.19 35.73
C ASN T 658 45.26 5.67 34.65
N LYS T 659 45.53 6.05 33.39
CA LYS T 659 44.71 5.58 32.28
C LYS T 659 44.85 4.07 32.08
N GLN T 660 46.00 3.51 32.45
CA GLN T 660 46.21 2.09 32.27
C GLN T 660 45.40 1.26 33.25
N LEU T 661 45.24 1.75 34.48
CA LEU T 661 44.48 1.01 35.48
C LEU T 661 43.00 0.99 35.11
N THR T 662 42.39 -0.18 35.19
CA THR T 662 40.99 -0.37 34.80
C THR T 662 40.25 -1.16 35.87
N MET T 663 39.00 -0.78 36.12
CA MET T 663 38.14 -1.48 37.06
C MET T 663 36.95 -2.06 36.31
N TYR T 664 36.60 -3.30 36.62
CA TYR T 664 35.43 -3.93 36.04
C TYR T 664 34.93 -5.00 36.98
N SER T 665 33.69 -5.41 36.76
CA SER T 665 33.05 -6.42 37.58
C SER T 665 32.75 -7.64 36.72
N GLN T 666 33.13 -8.81 37.22
CA GLN T 666 32.70 -10.07 36.66
C GLN T 666 31.40 -10.48 37.33
N GLY T 667 30.99 -11.73 37.19
CA GLY T 667 29.73 -12.16 37.77
C GLY T 667 29.65 -11.94 39.27
N ASP T 668 30.76 -12.20 39.98
CA ASP T 668 30.73 -12.14 41.43
C ASP T 668 31.82 -11.27 42.05
N SER T 669 32.80 -10.83 41.27
CA SER T 669 33.96 -10.15 41.81
C SER T 669 34.19 -8.82 41.11
N ILE T 670 34.95 -7.95 41.77
CA ILE T 670 35.37 -6.68 41.21
C ILE T 670 36.87 -6.74 40.99
N TYR T 671 37.28 -6.53 39.74
CA TYR T 671 38.69 -6.53 39.39
C TYR T 671 39.12 -5.12 39.06
N LEU T 672 40.23 -4.70 39.67
CA LEU T 672 40.96 -3.53 39.22
C LEU T 672 42.33 -4.01 38.77
N MET T 673 42.67 -3.77 37.51
CA MET T 673 43.91 -4.24 36.94
C MET T 673 44.35 -3.30 35.84
N ASP T 674 45.66 -3.24 35.62
CA ASP T 674 46.22 -2.40 34.59
C ASP T 674 46.08 -3.07 33.23
N THR T 675 46.47 -2.33 32.19
CA THR T 675 46.45 -2.89 30.84
C THR T 675 47.69 -3.72 30.62
N THR T 676 47.96 -4.64 31.55
CA THR T 676 49.15 -5.45 31.55
C THR T 676 48.92 -6.56 32.56
N GLY T 677 49.65 -7.65 32.41
CA GLY T 677 49.50 -8.75 33.34
C GLY T 677 50.19 -8.57 34.68
N GLN T 678 50.71 -7.38 34.97
CA GLN T 678 51.39 -7.16 36.24
C GLN T 678 50.42 -7.23 37.42
N VAL T 679 49.43 -6.34 37.43
CA VAL T 679 48.62 -6.11 38.62
C VAL T 679 47.19 -6.53 38.32
N ARG T 680 46.64 -7.40 39.17
CA ARG T 680 45.25 -7.81 39.10
C ARG T 680 44.80 -8.14 40.52
N VAL T 681 43.86 -7.38 41.04
CA VAL T 681 43.40 -7.53 42.41
C VAL T 681 41.92 -7.87 42.41
N ARG T 682 41.55 -8.93 43.12
CA ARG T 682 40.19 -9.42 43.20
C ARG T 682 39.55 -8.95 44.49
N TYR T 683 38.37 -8.36 44.38
CA TYR T 683 37.62 -7.89 45.53
C TYR T 683 36.22 -8.48 45.47
N ASP T 684 35.97 -9.49 46.28
CA ASP T 684 34.64 -10.07 46.42
C ASP T 684 33.79 -9.21 47.35
N LYS T 685 32.48 -9.39 47.26
CA LYS T 685 31.59 -8.78 48.24
C LYS T 685 31.91 -9.30 49.64
N GLU T 686 32.26 -10.58 49.74
CA GLU T 686 32.67 -11.14 51.02
C GLU T 686 33.94 -10.49 51.53
N LEU T 687 34.94 -10.30 50.66
CA LEU T 687 36.19 -9.69 51.09
C LEU T 687 35.99 -8.25 51.50
N LEU T 688 35.19 -7.50 50.73
CA LEU T 688 34.87 -6.13 51.08
C LEU T 688 34.16 -6.07 52.43
N SER T 689 33.19 -6.95 52.63
CA SER T 689 32.51 -7.01 53.91
C SER T 689 33.48 -7.34 55.04
N LYS T 690 34.44 -8.22 54.79
CA LYS T 690 35.38 -8.60 55.84
C LYS T 690 36.25 -7.43 56.26
N VAL T 691 36.82 -6.71 55.30
CA VAL T 691 37.69 -5.59 55.66
C VAL T 691 36.86 -4.49 56.34
N TRP T 692 35.65 -4.24 55.83
CA TRP T 692 34.80 -3.24 56.47
C TRP T 692 34.44 -3.64 57.89
N SER T 693 34.16 -4.93 58.12
CA SER T 693 33.83 -5.39 59.46
C SER T 693 35.01 -5.24 60.39
N GLU T 694 36.22 -5.53 59.91
CA GLU T 694 37.40 -5.31 60.74
C GLU T 694 37.51 -3.86 61.19
N ASN T 695 37.50 -2.94 60.22
CA ASN T 695 37.65 -1.52 60.55
C ASN T 695 36.51 -1.05 61.44
N GLN T 696 35.29 -1.48 61.13
CA GLN T 696 34.11 -1.03 61.86
C GLN T 696 34.14 -1.54 63.30
N LYS T 697 34.55 -2.79 63.50
CA LYS T 697 34.61 -3.31 64.86
C LYS T 697 35.63 -2.56 65.69
N LYS T 698 36.83 -2.35 65.14
CA LYS T 698 37.84 -1.64 65.93
C LYS T 698 37.39 -0.21 66.23
N LEU T 699 36.79 0.46 65.25
CA LEU T 699 36.32 1.83 65.45
C LEU T 699 35.21 1.88 66.49
N GLU T 700 34.27 0.93 66.44
CA GLU T 700 33.19 0.89 67.42
C GLU T 700 33.73 0.64 68.83
N GLU T 701 34.72 -0.24 68.95
CA GLU T 701 35.29 -0.50 70.26
C GLU T 701 35.95 0.75 70.83
N LYS T 702 36.76 1.43 70.03
CA LYS T 702 37.42 2.63 70.51
C LYS T 702 36.40 3.70 70.87
N ALA T 703 35.37 3.88 70.04
CA ALA T 703 34.36 4.89 70.31
C ALA T 703 33.58 4.58 71.57
N ARG T 704 33.22 3.31 71.78
CA ARG T 704 32.48 2.94 72.98
C ARG T 704 33.32 3.14 74.23
N GLU T 705 34.60 2.77 74.18
CA GLU T 705 35.49 3.02 75.31
C GLU T 705 35.54 4.51 75.62
N LYS T 706 35.72 5.35 74.59
CA LYS T 706 35.79 6.78 74.83
C LYS T 706 34.49 7.33 75.40
N ALA T 707 33.35 6.90 74.86
CA ALA T 707 32.06 7.41 75.32
C ALA T 707 31.80 7.00 76.76
N LEU T 708 32.09 5.74 77.11
CA LEU T 708 31.93 5.30 78.49
C LEU T 708 32.85 6.07 79.42
N ALA T 709 34.07 6.35 78.98
CA ALA T 709 34.98 7.15 79.79
C ALA T 709 34.41 8.55 80.03
N ASP T 710 33.84 9.16 79.00
CA ASP T 710 33.21 10.47 79.17
C ASP T 710 32.00 10.37 80.10
N VAL T 711 31.25 9.28 80.02
CA VAL T 711 30.07 9.09 80.84
C VAL T 711 30.45 8.88 82.30
N LEU U 41 -88.93 -24.85 46.44
CA LEU U 41 -88.14 -24.22 47.49
C LEU U 41 -86.81 -23.70 46.94
N LEU U 42 -85.88 -24.62 46.72
CA LEU U 42 -84.55 -24.24 46.26
C LEU U 42 -84.61 -23.60 44.88
N ASP U 43 -85.57 -24.01 44.05
CA ASP U 43 -85.69 -23.45 42.72
C ASP U 43 -85.98 -21.95 42.76
N THR U 44 -86.94 -21.56 43.59
CA THR U 44 -87.33 -20.15 43.68
C THR U 44 -86.20 -19.30 44.24
N ILE U 45 -85.57 -19.75 45.32
CA ILE U 45 -84.51 -18.96 45.94
C ILE U 45 -83.30 -18.87 45.02
N GLY U 46 -82.95 -19.96 44.34
CA GLY U 46 -81.87 -19.90 43.37
C GLY U 46 -82.18 -18.95 42.22
N ARG U 47 -83.42 -18.98 41.73
CA ARG U 47 -83.82 -18.05 40.68
C ARG U 47 -83.69 -16.60 41.15
N PHE U 48 -84.15 -16.31 42.37
CA PHE U 48 -84.04 -14.96 42.90
C PHE U 48 -82.59 -14.55 43.03
N ALA U 49 -81.74 -15.46 43.51
CA ALA U 49 -80.35 -15.11 43.78
C ALA U 49 -79.57 -14.86 42.50
N LYS U 50 -79.69 -15.77 41.52
CA LYS U 50 -78.86 -15.65 40.33
C LYS U 50 -79.28 -14.48 39.45
N ALA U 51 -80.58 -14.24 39.32
CA ALA U 51 -81.11 -13.20 38.45
C ALA U 51 -82.18 -12.42 39.18
N GLY U 52 -81.97 -11.11 39.33
CA GLY U 52 -82.89 -10.31 40.11
C GLY U 52 -84.28 -10.23 39.51
N ALA U 53 -84.37 -10.19 38.19
CA ALA U 53 -85.64 -10.08 37.51
C ALA U 53 -85.57 -10.82 36.18
N ASP U 54 -86.61 -10.60 35.36
CA ASP U 54 -86.74 -11.03 33.97
C ASP U 54 -86.35 -12.49 33.72
N MET U 55 -86.44 -13.36 34.73
CA MET U 55 -86.17 -14.79 34.55
C MET U 55 -87.52 -15.49 34.49
N TYR U 56 -88.09 -15.52 33.29
CA TYR U 56 -89.51 -15.84 33.13
C TYR U 56 -89.77 -17.34 33.23
N THR U 57 -88.75 -18.17 33.05
CA THR U 57 -88.91 -19.63 33.10
C THR U 57 -88.83 -20.13 34.54
N ALA U 58 -89.88 -19.83 35.32
CA ALA U 58 -89.99 -20.40 36.67
C ALA U 58 -90.97 -21.56 36.68
N LYS U 59 -92.23 -21.29 36.28
CA LYS U 59 -93.17 -22.37 36.03
C LYS U 59 -92.63 -23.31 34.95
N GLU U 60 -91.94 -22.75 33.96
CA GLU U 60 -91.30 -23.61 32.96
C GLU U 60 -90.19 -24.43 33.58
N GLN U 61 -89.47 -23.86 34.56
CA GLN U 61 -88.44 -24.64 35.24
C GLN U 61 -89.05 -25.82 35.98
N ARG U 62 -90.17 -25.59 36.68
CA ARG U 62 -90.84 -26.69 37.37
C ARG U 62 -91.38 -27.72 36.38
N ALA U 63 -91.94 -27.25 35.27
CA ALA U 63 -92.46 -28.17 34.25
C ALA U 63 -91.33 -29.00 33.66
N ARG U 64 -90.17 -28.39 33.42
CA ARG U 64 -89.03 -29.14 32.91
C ARG U 64 -88.53 -30.14 33.94
N ASP U 65 -88.61 -29.79 35.22
CA ASP U 65 -88.27 -30.75 36.27
C ASP U 65 -89.20 -31.96 36.22
N LEU U 66 -90.52 -31.72 36.06
CA LEU U 66 -91.45 -32.82 35.92
C LEU U 66 -91.17 -33.64 34.67
N ALA U 67 -90.84 -32.97 33.57
CA ALA U 67 -90.51 -33.69 32.33
C ALA U 67 -89.30 -34.57 32.51
N ASP U 68 -88.26 -34.06 33.16
CA ASP U 68 -87.07 -34.85 33.43
C ASP U 68 -87.38 -36.02 34.35
N GLU U 69 -88.22 -35.80 35.36
CA GLU U 69 -88.60 -36.90 36.25
C GLU U 69 -89.36 -37.98 35.49
N ARG U 70 -90.28 -37.59 34.60
CA ARG U 70 -91.00 -38.57 33.81
C ARG U 70 -90.07 -39.33 32.88
N SER U 71 -89.12 -38.63 32.25
CA SER U 71 -88.14 -39.30 31.41
C SER U 71 -87.31 -40.29 32.22
N ASN U 72 -86.90 -39.89 33.42
CA ASN U 72 -86.15 -40.80 34.27
C ASN U 72 -86.97 -42.04 34.61
N GLU U 73 -88.25 -41.85 34.95
CA GLU U 73 -89.12 -42.98 35.22
C GLU U 73 -89.22 -43.91 34.02
N ILE U 74 -89.29 -43.33 32.83
CA ILE U 74 -89.32 -44.15 31.62
C ILE U 74 -88.03 -44.96 31.50
N ILE U 75 -86.89 -44.35 31.82
CA ILE U 75 -85.62 -45.04 31.67
C ILE U 75 -85.48 -46.16 32.69
N ARG U 76 -86.00 -45.95 33.91
CA ARG U 76 -85.91 -47.02 34.91
C ARG U 76 -86.77 -48.21 34.54
N LYS U 77 -87.85 -47.99 33.78
CA LYS U 77 -88.64 -49.10 33.29
C LYS U 77 -87.89 -49.94 32.28
N LEU U 78 -86.73 -49.47 31.82
CA LEU U 78 -85.95 -50.12 30.79
C LEU U 78 -84.94 -51.03 31.47
N THR U 79 -84.84 -52.28 30.99
CA THR U 79 -83.97 -53.25 31.65
C THR U 79 -82.51 -52.86 31.48
N PRO U 80 -81.64 -53.32 32.39
CA PRO U 80 -80.22 -52.95 32.28
C PRO U 80 -79.60 -53.32 30.95
N GLU U 81 -79.95 -54.47 30.38
CA GLU U 81 -79.41 -54.86 29.08
C GLU U 81 -79.92 -53.93 27.99
N GLN U 82 -81.22 -53.67 27.98
CA GLN U 82 -81.78 -52.73 27.01
C GLN U 82 -81.28 -51.32 27.24
N ARG U 83 -81.10 -50.94 28.51
CA ARG U 83 -80.56 -49.62 28.82
C ARG U 83 -79.14 -49.46 28.27
N ARG U 84 -78.32 -50.50 28.45
CA ARG U 84 -76.98 -50.46 27.89
C ARG U 84 -77.02 -50.41 26.38
N GLU U 85 -77.94 -51.17 25.77
CA GLU U 85 -78.07 -51.17 24.32
C GLU U 85 -78.42 -49.77 23.80
N ALA U 86 -79.34 -49.09 24.47
CA ALA U 86 -79.70 -47.73 24.07
C ALA U 86 -78.56 -46.77 24.32
N LEU U 87 -77.79 -47.00 25.38
CA LEU U 87 -76.64 -46.14 25.67
C LEU U 87 -75.56 -46.28 24.59
N ASN U 88 -75.38 -47.50 24.07
CA ASN U 88 -74.44 -47.69 22.97
C ASN U 88 -74.88 -46.91 21.75
N ASN U 89 -76.17 -46.91 21.44
CA ASN U 89 -76.69 -46.14 20.33
C ASN U 89 -76.83 -44.69 20.74
N GLY U 90 -77.27 -43.84 19.81
CA GLY U 90 -77.62 -42.47 20.13
C GLY U 90 -78.99 -42.33 20.73
N THR U 91 -79.50 -43.40 21.33
CA THR U 91 -80.87 -43.41 21.82
C THR U 91 -80.95 -42.89 23.26
N LEU U 92 -80.24 -43.54 24.18
CA LEU U 92 -80.43 -43.24 25.60
C LEU U 92 -79.94 -41.85 25.96
N LEU U 93 -78.96 -41.33 25.23
CA LEU U 93 -78.46 -39.97 25.30
C LEU U 93 -77.57 -39.70 26.51
N TYR U 94 -77.55 -40.60 27.49
CA TYR U 94 -76.56 -40.61 28.57
C TYR U 94 -76.69 -39.47 29.58
N GLN U 95 -77.48 -38.45 29.29
CA GLN U 95 -77.74 -37.45 30.31
C GLN U 95 -79.08 -37.71 30.97
N ASP U 96 -79.96 -38.42 30.27
CA ASP U 96 -81.26 -38.77 30.84
C ASP U 96 -81.17 -40.09 31.60
N ASP U 97 -80.05 -40.81 31.46
CA ASP U 97 -79.89 -42.05 32.19
C ASP U 97 -79.66 -41.69 33.65
N PRO U 98 -80.56 -42.08 34.55
CA PRO U 98 -80.41 -41.64 35.94
C PRO U 98 -79.24 -42.30 36.65
N TYR U 99 -79.03 -43.60 36.42
CA TYR U 99 -77.95 -44.29 37.10
C TYR U 99 -76.58 -43.77 36.66
N ALA U 100 -76.42 -43.55 35.35
CA ALA U 100 -75.14 -43.07 34.85
C ALA U 100 -74.81 -41.68 35.38
N MET U 101 -75.78 -40.76 35.34
CA MET U 101 -75.52 -39.42 35.84
C MET U 101 -75.34 -39.40 37.35
N GLU U 102 -76.05 -40.29 38.05
CA GLU U 102 -75.86 -40.38 39.50
C GLU U 102 -74.45 -40.83 39.83
N ALA U 103 -73.96 -41.87 39.14
CA ALA U 103 -72.58 -42.32 39.34
C ALA U 103 -71.60 -41.22 38.97
N LEU U 104 -71.86 -40.52 37.87
CA LEU U 104 -71.01 -39.40 37.48
C LEU U 104 -70.93 -38.36 38.58
N ARG U 105 -72.07 -37.98 39.14
CA ARG U 105 -72.07 -36.94 40.18
C ARG U 105 -71.34 -37.41 41.43
N VAL U 106 -71.57 -38.66 41.84
CA VAL U 106 -70.91 -39.16 43.05
C VAL U 106 -69.40 -39.22 42.85
N LYS U 107 -68.96 -39.77 41.71
CA LYS U 107 -67.53 -39.88 41.46
C LYS U 107 -66.88 -38.52 41.35
N THR U 108 -67.56 -37.57 40.71
CA THR U 108 -67.03 -36.22 40.59
C THR U 108 -66.90 -35.56 41.95
N GLY U 109 -67.90 -35.74 42.82
CA GLY U 109 -67.80 -35.18 44.16
C GLY U 109 -66.65 -35.78 44.95
N ARG U 110 -66.48 -37.10 44.85
CA ARG U 110 -65.37 -37.73 45.55
C ARG U 110 -64.03 -37.20 45.03
N ASN U 111 -63.90 -37.07 43.72
CA ASN U 111 -62.64 -36.61 43.15
C ASN U 111 -62.35 -35.16 43.55
N ALA U 112 -63.40 -34.33 43.60
CA ALA U 112 -63.21 -32.94 44.03
C ALA U 112 -62.76 -32.88 45.49
N ALA U 113 -63.40 -33.65 46.36
CA ALA U 113 -62.98 -33.68 47.75
C ALA U 113 -61.54 -34.13 47.87
N TYR U 114 -61.15 -35.12 47.06
CA TYR U 114 -59.79 -35.63 47.13
C TYR U 114 -58.78 -34.62 46.60
N LEU U 115 -59.16 -33.82 45.61
CA LEU U 115 -58.25 -32.77 45.15
C LEU U 115 -58.06 -31.71 46.21
N VAL U 116 -59.15 -31.31 46.87
CA VAL U 116 -59.03 -30.31 47.93
C VAL U 116 -58.18 -30.83 49.06
N ASP U 117 -58.40 -32.09 49.46
CA ASP U 117 -57.61 -32.67 50.54
C ASP U 117 -56.18 -32.95 50.10
N ASP U 118 -55.95 -33.11 48.80
CA ASP U 118 -54.59 -33.17 48.29
C ASP U 118 -53.87 -31.85 48.51
N ASP U 119 -54.57 -30.74 48.23
CA ASP U 119 -53.99 -29.43 48.54
C ASP U 119 -53.69 -29.29 50.02
N VAL U 120 -54.63 -29.70 50.86
CA VAL U 120 -54.43 -29.57 52.31
C VAL U 120 -53.26 -30.44 52.75
N MET U 121 -53.15 -31.66 52.22
CA MET U 121 -52.04 -32.54 52.55
C MET U 121 -50.71 -31.94 52.12
N GLN U 122 -50.66 -31.36 50.93
CA GLN U 122 -49.40 -30.81 50.46
C GLN U 122 -49.00 -29.61 51.31
N LYS U 123 -49.98 -28.91 51.87
CA LYS U 123 -49.66 -27.88 52.86
C LYS U 123 -49.18 -28.50 54.17
N ILE U 124 -49.78 -29.62 54.60
CA ILE U 124 -49.41 -30.24 55.87
C ILE U 124 -47.98 -30.75 55.83
N LYS U 125 -47.61 -31.42 54.74
CA LYS U 125 -46.27 -31.99 54.64
C LYS U 125 -45.20 -30.92 54.64
N GLU U 126 -45.58 -29.66 54.43
CA GLU U 126 -44.67 -28.54 54.59
C GLU U 126 -44.80 -28.00 56.02
N GLY U 127 -44.19 -26.87 56.29
CA GLY U 127 -44.30 -26.30 57.62
C GLY U 127 -45.43 -25.33 57.82
N VAL U 128 -46.47 -25.40 56.97
CA VAL U 128 -47.47 -24.33 56.94
C VAL U 128 -48.29 -24.30 58.22
N PHE U 129 -48.78 -25.45 58.65
CA PHE U 129 -49.74 -25.52 59.75
C PHE U 129 -49.00 -25.85 61.04
N ARG U 130 -48.92 -24.86 61.93
CA ARG U 130 -48.26 -25.10 63.21
C ARG U 130 -49.14 -25.92 64.14
N THR U 131 -50.44 -25.67 64.16
CA THR U 131 -51.34 -26.39 65.03
C THR U 131 -52.52 -26.92 64.23
N ARG U 132 -53.24 -27.88 64.82
CA ARG U 132 -54.34 -28.53 64.13
C ARG U 132 -55.44 -27.56 63.78
N GLU U 133 -55.65 -26.53 64.59
CA GLU U 133 -56.74 -25.59 64.33
C GLU U 133 -56.54 -24.87 63.01
N GLU U 134 -55.32 -24.43 62.72
CA GLU U 134 -55.04 -23.77 61.45
C GLU U 134 -55.31 -24.70 60.28
N MET U 135 -54.88 -25.96 60.41
CA MET U 135 -55.10 -26.92 59.33
C MET U 135 -56.59 -27.15 59.11
N GLU U 136 -57.35 -27.29 60.20
CA GLU U 136 -58.78 -27.53 60.07
C GLU U 136 -59.50 -26.33 59.44
N GLU U 137 -59.15 -25.12 59.87
CA GLU U 137 -59.77 -23.92 59.31
C GLU U 137 -59.47 -23.82 57.82
N TYR U 138 -58.19 -24.00 57.45
CA TYR U 138 -57.82 -23.97 56.05
C TYR U 138 -58.57 -25.03 55.27
N ARG U 139 -58.67 -26.23 55.84
CA ARG U 139 -59.32 -27.34 55.15
C ARG U 139 -60.78 -27.01 54.86
N HIS U 140 -61.52 -26.53 55.87
CA HIS U 140 -62.93 -26.22 55.67
C HIS U 140 -63.11 -25.11 54.63
N SER U 141 -62.30 -24.05 54.75
CA SER U 141 -62.41 -22.94 53.82
C SER U 141 -62.13 -23.38 52.39
N ARG U 142 -61.16 -24.26 52.19
CA ARG U 142 -60.90 -24.77 50.85
C ARG U 142 -61.98 -25.73 50.40
N LEU U 143 -62.51 -26.57 51.30
CA LEU U 143 -63.52 -27.54 50.90
C LEU U 143 -64.73 -26.88 50.27
N GLN U 144 -65.27 -25.87 50.95
CA GLN U 144 -66.51 -25.28 50.44
C GLN U 144 -66.33 -24.72 49.03
N GLU U 145 -65.41 -23.78 48.88
CA GLU U 145 -65.23 -23.12 47.60
C GLU U 145 -64.67 -24.06 46.55
N GLY U 146 -63.86 -25.05 46.96
CA GLY U 146 -63.37 -26.02 46.00
C GLY U 146 -64.45 -26.92 45.46
N ALA U 147 -65.39 -27.33 46.32
CA ALA U 147 -66.55 -28.06 45.85
C ALA U 147 -67.29 -27.27 44.80
N LYS U 148 -67.59 -26.01 45.12
CA LYS U 148 -68.34 -25.19 44.15
C LYS U 148 -67.58 -25.03 42.84
N VAL U 149 -66.27 -24.72 42.93
CA VAL U 149 -65.48 -24.48 41.73
C VAL U 149 -65.37 -25.74 40.89
N TYR U 150 -65.08 -26.88 41.52
CA TYR U 150 -64.92 -28.11 40.75
C TYR U 150 -66.23 -28.53 40.11
N ALA U 151 -67.34 -28.40 40.84
CA ALA U 151 -68.62 -28.78 40.26
C ALA U 151 -68.98 -27.89 39.09
N GLU U 152 -68.67 -26.59 39.18
CA GLU U 152 -68.98 -25.71 38.05
C GLU U 152 -68.06 -25.99 36.86
N GLN U 153 -66.75 -26.09 37.10
CA GLN U 153 -65.81 -26.25 36.00
C GLN U 153 -65.99 -27.59 35.30
N PHE U 154 -66.42 -28.60 36.04
CA PHE U 154 -66.59 -29.92 35.47
C PHE U 154 -67.92 -29.94 34.73
N GLY U 155 -68.42 -31.13 34.40
CA GLY U 155 -69.80 -31.24 33.96
C GLY U 155 -70.67 -30.57 34.99
N ILE U 156 -71.57 -29.68 34.55
CA ILE U 156 -72.28 -28.82 35.48
C ILE U 156 -73.10 -29.66 36.45
N ASP U 157 -72.81 -29.51 37.73
CA ASP U 157 -73.57 -30.14 38.79
C ASP U 157 -74.17 -29.08 39.71
N PRO U 158 -75.44 -29.18 40.05
CA PRO U 158 -76.08 -28.17 40.90
C PRO U 158 -75.78 -28.39 42.37
N GLU U 159 -74.76 -29.19 42.65
CA GLU U 159 -74.47 -29.65 44.02
C GLU U 159 -75.71 -30.29 44.64
N ASP U 160 -76.28 -31.28 43.92
CA ASP U 160 -77.43 -31.99 44.45
C ASP U 160 -76.98 -33.04 45.46
N VAL U 161 -77.92 -33.88 45.87
CA VAL U 161 -77.64 -34.87 46.91
C VAL U 161 -76.53 -35.82 46.46
N ASP U 162 -76.51 -36.16 45.18
CA ASP U 162 -75.49 -37.09 44.68
C ASP U 162 -74.10 -36.47 44.74
N TYR U 163 -73.97 -35.23 44.28
CA TYR U 163 -72.67 -34.57 44.31
C TYR U 163 -72.18 -34.37 45.73
N GLN U 164 -73.06 -33.96 46.65
CA GLN U 164 -72.66 -33.82 48.04
C GLN U 164 -72.28 -35.16 48.65
N ARG U 165 -73.03 -36.22 48.31
CA ARG U 165 -72.69 -37.54 48.82
C ARG U 165 -71.31 -37.97 48.34
N GLY U 166 -70.97 -37.62 47.10
CA GLY U 166 -69.61 -37.84 46.64
C GLY U 166 -68.60 -37.01 47.41
N PHE U 167 -68.88 -35.72 47.59
CA PHE U 167 -67.95 -34.83 48.28
C PHE U 167 -67.81 -35.19 49.75
N ASN U 168 -68.72 -35.96 50.30
CA ASN U 168 -68.56 -36.40 51.69
C ASN U 168 -68.10 -37.83 51.67
N GLY U 169 -67.77 -38.34 50.49
CA GLY U 169 -67.31 -39.71 50.38
C GLY U 169 -65.97 -39.89 51.06
N ASP U 170 -65.81 -41.01 51.75
CA ASP U 170 -64.61 -41.30 52.54
C ASP U 170 -64.16 -40.13 53.38
N ILE U 171 -65.10 -39.39 53.96
CA ILE U 171 -64.73 -38.22 54.74
C ILE U 171 -63.90 -38.62 55.94
N THR U 172 -64.29 -39.70 56.60
CA THR U 172 -63.60 -40.08 57.83
C THR U 172 -62.21 -40.64 57.53
N GLU U 173 -62.07 -41.39 56.44
CA GLU U 173 -60.75 -41.91 56.08
C GLU U 173 -59.82 -40.78 55.67
N ARG U 174 -60.31 -39.80 54.93
CA ARG U 174 -59.52 -38.62 54.63
C ARG U 174 -59.15 -37.87 55.90
N ASN U 175 -60.06 -37.82 56.86
CA ASN U 175 -59.75 -37.22 58.15
C ASN U 175 -58.61 -37.96 58.83
N ILE U 176 -58.68 -39.29 58.88
CA ILE U 176 -57.59 -40.07 59.45
C ILE U 176 -56.28 -39.73 58.77
N SER U 177 -56.29 -39.69 57.43
CA SER U 177 -55.05 -39.46 56.69
C SER U 177 -54.47 -38.09 57.01
N LEU U 178 -55.28 -37.04 56.93
CA LEU U 178 -54.77 -35.69 57.12
C LEU U 178 -54.34 -35.46 58.57
N TYR U 179 -55.14 -35.91 59.53
CA TYR U 179 -54.78 -35.70 60.93
C TYR U 179 -53.54 -36.50 61.30
N GLY U 180 -53.40 -37.72 60.77
CA GLY U 180 -52.19 -38.48 61.01
C GLY U 180 -50.97 -37.82 60.39
N ALA U 181 -51.14 -37.23 59.21
CA ALA U 181 -50.04 -36.50 58.59
C ALA U 181 -49.62 -35.31 59.45
N HIS U 182 -50.60 -34.57 60.00
CA HIS U 182 -50.25 -33.43 60.83
C HIS U 182 -49.59 -33.86 62.14
N ASP U 183 -50.07 -34.96 62.74
CA ASP U 183 -49.42 -35.47 63.92
C ASP U 183 -47.99 -35.91 63.62
N ASN U 184 -47.78 -36.54 62.48
CA ASN U 184 -46.43 -36.95 62.09
C ASN U 184 -45.55 -35.72 61.87
N PHE U 185 -46.10 -34.67 61.28
CA PHE U 185 -45.31 -33.44 61.11
C PHE U 185 -44.93 -32.84 62.45
N LEU U 186 -45.87 -32.82 63.40
CA LEU U 186 -45.55 -32.33 64.74
C LEU U 186 -44.49 -33.21 65.41
N SER U 187 -44.59 -34.53 65.22
CA SER U 187 -43.59 -35.43 65.78
C SER U 187 -42.21 -35.17 65.17
N GLN U 188 -42.16 -34.95 63.86
CA GLN U 188 -40.90 -34.63 63.22
C GLN U 188 -40.33 -33.33 63.74
N GLN U 189 -41.17 -32.32 63.92
CA GLN U 189 -40.70 -31.05 64.45
C GLN U 189 -40.16 -31.20 65.87
N ALA U 190 -40.87 -31.96 66.71
CA ALA U 190 -40.40 -32.18 68.07
C ALA U 190 -39.08 -32.93 68.08
N GLN U 191 -38.94 -33.94 67.23
CA GLN U 191 -37.71 -34.70 67.19
C GLN U 191 -36.56 -33.86 66.67
N LYS U 192 -36.83 -32.98 65.69
CA LYS U 192 -35.80 -32.07 65.23
C LYS U 192 -35.35 -31.14 66.35
N GLY U 193 -36.29 -30.60 67.12
CA GLY U 193 -35.93 -29.76 68.23
C GLY U 193 -35.12 -30.50 69.28
N ALA U 194 -35.52 -31.73 69.59
CA ALA U 194 -34.79 -32.52 70.57
C ALA U 194 -33.37 -32.81 70.10
N ILE U 195 -33.23 -33.15 68.82
CA ILE U 195 -31.90 -33.42 68.27
C ILE U 195 -31.04 -32.18 68.33
N MET U 196 -31.60 -31.04 67.95
CA MET U 196 -30.83 -29.79 67.97
C MET U 196 -30.42 -29.44 69.39
N ASN U 197 -31.33 -29.59 70.35
CA ASN U 197 -30.99 -29.29 71.74
C ASN U 197 -29.87 -30.19 72.24
N SER U 198 -29.99 -31.49 72.01
CA SER U 198 -28.98 -32.43 72.47
C SER U 198 -27.64 -32.15 71.79
N ARG U 199 -27.67 -31.87 70.50
CA ARG U 199 -26.45 -31.57 69.77
C ARG U 199 -25.77 -30.32 70.31
N VAL U 200 -26.56 -29.27 70.57
CA VAL U 200 -25.97 -28.04 71.08
C VAL U 200 -25.34 -28.27 72.44
N GLU U 201 -26.09 -28.89 73.36
CA GLU U 201 -25.51 -29.12 74.69
C GLU U 201 -24.25 -29.95 74.60
N LEU U 202 -24.30 -31.05 73.86
CA LEU U 202 -23.19 -31.98 73.85
C LEU U 202 -21.97 -31.38 73.18
N ASN U 203 -22.12 -30.72 72.03
CA ASN U 203 -20.94 -30.19 71.36
C ASN U 203 -20.44 -28.93 72.06
N GLY U 204 -21.31 -28.23 72.78
CA GLY U 204 -20.85 -27.14 73.62
C GLY U 204 -19.95 -27.64 74.73
N VAL U 205 -20.28 -28.81 75.29
CA VAL U 205 -19.41 -29.39 76.33
C VAL U 205 -18.14 -29.97 75.71
N LEU U 206 -18.28 -30.70 74.61
CA LEU U 206 -17.20 -31.54 74.09
C LEU U 206 -16.34 -30.86 73.04
N GLN U 207 -16.64 -29.62 72.69
CA GLN U 207 -15.78 -28.87 71.78
C GLN U 207 -14.83 -27.95 72.53
N ASP U 208 -14.87 -27.96 73.86
CA ASP U 208 -13.99 -27.16 74.69
C ASP U 208 -12.99 -28.07 75.37
N PRO U 209 -11.70 -27.98 75.04
CA PRO U 209 -10.71 -28.86 75.68
C PRO U 209 -10.66 -28.70 77.19
N ASP U 210 -10.88 -27.49 77.69
CA ASP U 210 -10.90 -27.28 79.13
C ASP U 210 -12.02 -28.09 79.78
N MET U 211 -13.18 -28.15 79.14
CA MET U 211 -14.27 -28.99 79.64
C MET U 211 -13.94 -30.46 79.46
N LEU U 212 -13.24 -30.81 78.39
CA LEU U 212 -12.89 -32.21 78.15
C LEU U 212 -11.95 -32.75 79.22
N ARG U 213 -11.01 -31.92 79.68
CA ARG U 213 -9.93 -32.42 80.53
C ARG U 213 -10.38 -32.77 81.94
N ARG U 214 -11.50 -32.24 82.40
CA ARG U 214 -11.97 -32.59 83.74
C ARG U 214 -12.58 -33.99 83.76
N PRO U 215 -12.43 -34.74 84.86
CA PRO U 215 -13.04 -36.08 84.94
C PRO U 215 -14.56 -36.02 84.86
N ASP U 216 -15.06 -34.88 85.32
CA ASP U 216 -16.48 -34.59 85.25
C ASP U 216 -16.97 -34.60 83.81
N SER U 217 -16.09 -34.43 82.82
CA SER U 217 -16.51 -34.51 81.43
C SER U 217 -16.96 -35.92 81.07
N ALA U 218 -16.15 -36.92 81.40
CA ALA U 218 -16.53 -38.30 81.08
C ALA U 218 -17.74 -38.72 81.90
N ASP U 219 -17.76 -38.36 83.19
CA ASP U 219 -18.95 -38.64 83.98
C ASP U 219 -20.18 -37.99 83.38
N PHE U 220 -20.03 -36.74 82.93
CA PHE U 220 -21.14 -36.03 82.30
C PHE U 220 -21.61 -36.72 81.04
N PHE U 221 -20.67 -37.18 80.21
CA PHE U 221 -21.06 -37.80 78.96
C PHE U 221 -21.86 -39.06 79.22
N GLU U 222 -21.40 -39.89 80.16
CA GLU U 222 -22.15 -41.10 80.48
C GLU U 222 -23.54 -40.75 81.02
N LYS U 223 -23.59 -39.84 82.00
CA LYS U 223 -24.88 -39.48 82.60
C LYS U 223 -25.80 -38.82 81.58
N TYR U 224 -25.22 -38.09 80.64
CA TYR U 224 -26.02 -37.36 79.65
C TYR U 224 -26.63 -38.32 78.65
N ILE U 225 -25.84 -39.28 78.15
CA ILE U 225 -26.41 -40.29 77.26
C ILE U 225 -27.48 -41.08 78.00
N ASP U 226 -27.22 -41.45 79.25
CA ASP U 226 -28.20 -42.20 80.01
C ASP U 226 -29.50 -41.42 80.17
N ASN U 227 -29.40 -40.16 80.60
CA ASN U 227 -30.61 -39.35 80.80
C ASN U 227 -31.34 -39.11 79.49
N GLY U 228 -30.60 -38.82 78.41
CA GLY U 228 -31.25 -38.63 77.13
C GLY U 228 -31.98 -39.87 76.67
N LEU U 229 -31.43 -41.04 76.93
CA LEU U 229 -32.16 -42.27 76.59
C LEU U 229 -33.41 -42.40 77.44
N VAL U 230 -33.25 -42.42 78.76
CA VAL U 230 -34.41 -42.64 79.63
C VAL U 230 -35.53 -41.59 79.57
N THR U 231 -35.19 -40.30 79.53
CA THR U 231 -36.21 -39.26 79.52
C THR U 231 -37.04 -39.40 78.27
N GLY U 232 -36.36 -39.69 77.17
CA GLY U 232 -37.02 -39.82 75.90
C GLY U 232 -36.37 -38.89 74.91
N ALA U 233 -35.41 -38.08 75.38
CA ALA U 233 -34.68 -37.19 74.49
C ALA U 233 -33.82 -37.99 73.52
N ILE U 234 -32.92 -37.39 72.75
CA ILE U 234 -32.20 -38.18 71.70
C ILE U 234 -33.24 -39.18 71.21
N PRO U 235 -34.15 -38.73 70.34
CA PRO U 235 -35.31 -39.56 70.01
C PRO U 235 -35.12 -41.00 69.58
N SER U 236 -34.11 -41.31 68.79
CA SER U 236 -33.95 -42.70 68.44
C SER U 236 -32.61 -43.19 68.92
N ASP U 237 -32.51 -44.49 69.18
CA ASP U 237 -31.22 -45.06 69.53
C ASP U 237 -30.38 -44.82 68.30
N ALA U 238 -31.00 -44.93 67.14
CA ALA U 238 -30.30 -44.62 65.90
C ALA U 238 -29.70 -43.21 65.93
N GLN U 239 -30.47 -42.20 66.33
CA GLN U 239 -29.90 -40.86 66.43
C GLN U 239 -28.93 -40.77 67.57
N ALA U 240 -29.11 -41.63 68.57
CA ALA U 240 -28.16 -41.66 69.68
C ALA U 240 -26.80 -42.17 69.22
N THR U 241 -26.77 -43.18 68.36
CA THR U 241 -25.48 -43.65 67.83
C THR U 241 -24.83 -42.59 66.97
N GLN U 242 -25.62 -41.88 66.14
CA GLN U 242 -25.07 -40.77 65.38
C GLN U 242 -24.46 -39.72 66.28
N LEU U 243 -25.18 -39.36 67.33
CA LEU U 243 -24.73 -38.34 68.27
C LEU U 243 -23.47 -38.79 69.00
N ILE U 244 -23.40 -40.07 69.38
CA ILE U 244 -22.22 -40.59 70.08
C ILE U 244 -21.01 -40.56 69.16
N SER U 245 -21.19 -40.99 67.91
CA SER U 245 -20.08 -40.99 66.96
C SER U 245 -19.57 -39.58 66.71
N GLN U 246 -20.48 -38.62 66.53
CA GLN U 246 -20.04 -37.25 66.27
C GLN U 246 -19.42 -36.63 67.51
N ALA U 247 -19.90 -37.00 68.70
CA ALA U 247 -19.28 -36.51 69.92
C ALA U 247 -17.86 -37.01 70.06
N PHE U 248 -17.65 -38.31 69.77
CA PHE U 248 -16.31 -38.86 69.85
C PHE U 248 -15.40 -38.24 68.80
N SER U 249 -15.94 -37.97 67.61
CA SER U 249 -15.16 -37.28 66.58
C SER U 249 -14.77 -35.88 67.04
N ASP U 250 -15.70 -35.15 67.65
CA ASP U 250 -15.38 -33.82 68.13
C ASP U 250 -14.30 -33.87 69.21
N ALA U 251 -14.42 -34.82 70.14
CA ALA U 251 -13.41 -34.91 71.20
C ALA U 251 -12.05 -35.25 70.64
N SER U 252 -11.96 -36.19 69.72
CA SER U 252 -10.68 -36.63 69.18
C SER U 252 -10.06 -35.61 68.25
N SER U 253 -10.62 -34.40 68.15
CA SER U 253 -10.01 -33.32 67.41
C SER U 253 -9.50 -32.18 68.28
N ARG U 254 -9.94 -32.12 69.54
CA ARG U 254 -9.50 -31.09 70.45
C ARG U 254 -8.23 -31.52 71.19
N ALA U 255 -7.72 -30.61 72.02
CA ALA U 255 -6.50 -30.90 72.76
C ALA U 255 -6.73 -31.97 73.81
N GLY U 256 -7.78 -31.83 74.61
CA GLY U 256 -8.03 -32.73 75.71
C GLY U 256 -8.88 -33.94 75.39
N GLY U 257 -9.04 -34.29 74.12
CA GLY U 257 -9.93 -35.39 73.78
C GLY U 257 -9.37 -36.75 74.12
N ALA U 258 -8.04 -36.87 74.18
CA ALA U 258 -7.44 -38.17 74.44
C ALA U 258 -7.76 -38.66 75.85
N ASP U 259 -7.61 -37.78 76.83
CA ASP U 259 -7.90 -38.13 78.21
C ASP U 259 -9.37 -38.46 78.35
N PHE U 260 -10.22 -37.66 77.74
CA PHE U 260 -11.65 -37.91 77.77
C PHE U 260 -11.99 -39.27 77.20
N LEU U 261 -11.39 -39.63 76.06
CA LEU U 261 -11.66 -40.93 75.47
C LEU U 261 -11.19 -42.05 76.38
N MET U 262 -10.01 -41.91 76.98
CA MET U 262 -9.57 -42.90 77.95
C MET U 262 -10.59 -43.07 79.05
N ARG U 263 -11.09 -41.97 79.60
CA ARG U 263 -11.98 -42.06 80.75
C ARG U 263 -13.34 -42.63 80.36
N VAL U 264 -13.77 -42.39 79.13
CA VAL U 264 -15.13 -42.75 78.71
C VAL U 264 -15.14 -44.13 78.07
N GLY U 265 -13.95 -44.69 77.81
CA GLY U 265 -13.89 -45.97 77.13
C GLY U 265 -14.66 -47.07 77.84
N ASP U 266 -14.59 -47.11 79.17
CA ASP U 266 -15.19 -48.19 79.95
C ASP U 266 -16.48 -47.75 80.64
N LYS U 267 -17.29 -46.94 79.96
CA LYS U 267 -18.57 -46.50 80.48
C LYS U 267 -19.68 -47.30 79.80
N LYS U 268 -20.47 -48.00 80.60
CA LYS U 268 -21.52 -48.84 80.05
C LYS U 268 -22.61 -47.99 79.40
N VAL U 269 -23.16 -48.50 78.30
CA VAL U 269 -24.25 -47.84 77.61
C VAL U 269 -25.17 -48.92 77.03
N THR U 270 -26.42 -48.55 76.77
CA THR U 270 -27.47 -49.51 76.45
C THR U 270 -28.24 -49.07 75.19
N LEU U 271 -27.50 -48.73 74.14
CA LEU U 271 -28.15 -48.34 72.88
C LEU U 271 -29.19 -49.35 72.44
N ASN U 272 -28.76 -50.55 72.10
CA ASN U 272 -29.65 -51.61 71.67
C ASN U 272 -30.07 -52.42 72.90
N GLY U 273 -30.64 -53.61 72.67
CA GLY U 273 -31.01 -54.45 73.79
C GLY U 273 -29.83 -54.76 74.70
N ALA U 274 -28.67 -55.01 74.11
CA ALA U 274 -27.48 -55.31 74.90
C ALA U 274 -26.87 -54.03 75.47
N THR U 275 -26.19 -54.19 76.61
CA THR U 275 -25.49 -53.08 77.25
C THR U 275 -23.99 -53.34 77.17
N THR U 276 -23.25 -52.40 76.57
CA THR U 276 -21.83 -52.54 76.35
C THR U 276 -21.13 -51.22 76.65
N THR U 277 -19.84 -51.28 76.91
CA THR U 277 -19.08 -50.06 77.08
C THR U 277 -18.89 -49.36 75.74
N TYR U 278 -18.57 -48.08 75.81
CA TYR U 278 -18.37 -47.29 74.59
C TYR U 278 -17.23 -47.87 73.76
N ARG U 279 -16.26 -48.49 74.42
CA ARG U 279 -15.17 -49.14 73.69
C ARG U 279 -15.67 -50.31 72.86
N GLU U 280 -16.70 -51.00 73.35
CA GLU U 280 -17.25 -52.11 72.57
C GLU U 280 -18.26 -51.62 71.54
N LEU U 281 -19.11 -50.65 71.91
CA LEU U 281 -20.07 -50.11 70.94
C LEU U 281 -19.36 -49.54 69.73
N ILE U 282 -18.38 -48.65 69.97
CA ILE U 282 -17.47 -48.23 68.91
C ILE U 282 -16.61 -49.43 68.53
N GLY U 283 -16.26 -49.52 67.25
CA GLY U 283 -15.38 -50.59 66.82
C GLY U 283 -14.05 -50.54 67.53
N GLU U 284 -13.50 -51.73 67.79
CA GLU U 284 -12.18 -51.79 68.43
C GLU U 284 -11.13 -51.09 67.57
N GLU U 285 -11.13 -51.37 66.27
CA GLU U 285 -10.28 -50.63 65.36
C GLU U 285 -10.68 -49.17 65.31
N GLN U 286 -11.99 -48.88 65.35
CA GLN U 286 -12.43 -47.50 65.38
C GLN U 286 -12.01 -46.82 66.67
N TRP U 287 -12.04 -47.54 67.79
CA TRP U 287 -11.51 -46.97 69.02
C TRP U 287 -10.03 -46.65 68.90
N ASN U 288 -9.27 -47.54 68.27
CA ASN U 288 -7.84 -47.27 68.08
C ASN U 288 -7.64 -46.04 67.20
N ALA U 289 -8.44 -45.91 66.14
CA ALA U 289 -8.36 -44.74 65.27
C ALA U 289 -8.67 -43.46 66.05
N LEU U 290 -9.73 -43.50 66.87
CA LEU U 290 -10.05 -42.34 67.70
C LEU U 290 -8.90 -41.99 68.63
N MET U 291 -8.31 -43.00 69.26
CA MET U 291 -7.22 -42.76 70.20
C MET U 291 -6.01 -42.14 69.50
N VAL U 292 -5.66 -42.66 68.33
CA VAL U 292 -4.49 -42.14 67.61
C VAL U 292 -4.75 -40.71 67.14
N THR U 293 -5.93 -40.45 66.59
CA THR U 293 -6.20 -39.09 66.12
C THR U 293 -6.31 -38.12 67.29
N ALA U 294 -6.77 -38.58 68.45
CA ALA U 294 -6.78 -37.72 69.62
C ALA U 294 -5.38 -37.40 70.10
N GLN U 295 -4.50 -38.41 70.09
CA GLN U 295 -3.10 -38.17 70.44
C GLN U 295 -2.48 -37.15 69.49
N ARG U 296 -2.74 -37.31 68.19
CA ARG U 296 -2.19 -36.38 67.21
C ARG U 296 -2.74 -34.98 67.39
N SER U 297 -4.03 -34.86 67.69
CA SER U 297 -4.62 -33.55 67.94
C SER U 297 -3.97 -32.90 69.16
N GLN U 298 -3.75 -33.67 70.22
CA GLN U 298 -3.12 -33.12 71.41
C GLN U 298 -1.71 -32.63 71.10
N PHE U 299 -0.93 -33.45 70.38
CA PHE U 299 0.43 -33.03 70.05
C PHE U 299 0.43 -31.79 69.16
N GLU U 300 -0.47 -31.74 68.19
CA GLU U 300 -0.55 -30.59 67.30
C GLU U 300 -0.90 -29.32 68.07
N THR U 301 -1.86 -29.41 68.99
CA THR U 301 -2.25 -28.24 69.75
C THR U 301 -1.12 -27.76 70.66
N ASP U 302 -0.44 -28.71 71.33
CA ASP U 302 0.67 -28.33 72.20
C ASP U 302 1.78 -27.67 71.39
N ALA U 303 2.12 -28.25 70.24
CA ALA U 303 3.15 -27.67 69.39
C ALA U 303 2.75 -26.30 68.90
N LYS U 304 1.49 -26.10 68.55
CA LYS U 304 1.03 -24.79 68.07
C LYS U 304 1.12 -23.75 69.17
N LEU U 305 0.74 -24.11 70.38
CA LEU U 305 0.87 -23.17 71.49
C LEU U 305 2.33 -22.81 71.74
N ASN U 306 3.22 -23.80 71.66
CA ASN U 306 4.64 -23.50 71.80
C ASN U 306 5.12 -22.60 70.67
N GLU U 307 4.63 -22.83 69.45
CA GLU U 307 4.99 -21.97 68.33
C GLU U 307 4.57 -20.54 68.58
N GLN U 308 3.36 -20.34 69.09
CA GLN U 308 2.88 -18.99 69.39
C GLN U 308 3.76 -18.33 70.45
N TYR U 309 4.09 -19.06 71.51
CA TYR U 309 4.89 -18.48 72.57
C TYR U 309 6.29 -18.11 72.06
N ARG U 310 6.93 -19.00 71.33
CA ARG U 310 8.26 -18.69 70.81
C ARG U 310 8.20 -17.58 69.76
N LEU U 311 7.09 -17.48 69.03
CA LEU U 311 6.94 -16.37 68.11
C LEU U 311 6.88 -15.05 68.86
N LYS U 312 6.17 -15.01 69.99
CA LYS U 312 6.16 -13.79 70.79
C LYS U 312 7.57 -13.46 71.30
N ILE U 313 8.29 -14.48 71.78
CA ILE U 313 9.66 -14.26 72.26
C ILE U 313 10.53 -13.70 71.15
N ASN U 314 10.44 -14.30 69.96
CA ASN U 314 11.30 -13.87 68.85
C ASN U 314 10.88 -12.51 68.33
N SER U 315 9.59 -12.19 68.40
CA SER U 315 9.13 -10.85 68.05
C SER U 315 9.76 -9.82 68.96
N ALA U 316 9.83 -10.12 70.27
CA ALA U 316 10.57 -9.25 71.17
C ALA U 316 12.04 -9.19 70.79
N LEU U 317 12.63 -10.34 70.44
CA LEU U 317 14.06 -10.40 70.15
C LEU U 317 14.47 -9.61 68.93
N ASN U 318 13.64 -9.56 67.89
CA ASN U 318 14.00 -8.89 66.64
C ASN U 318 13.51 -7.46 66.57
N GLN U 319 13.46 -6.75 67.69
CA GLN U 319 13.06 -5.36 67.69
C GLN U 319 14.21 -4.47 67.23
N GLU U 320 13.87 -3.39 66.54
CA GLU U 320 14.90 -2.47 66.07
C GLU U 320 15.67 -1.85 67.24
N ASP U 321 14.96 -1.46 68.29
CA ASP U 321 15.57 -0.89 69.49
C ASP U 321 15.57 -1.91 70.60
N PRO U 322 16.74 -2.28 71.12
CA PRO U 322 16.78 -3.30 72.19
C PRO U 322 16.03 -2.91 73.45
N ARG U 323 15.82 -1.61 73.68
CA ARG U 323 15.03 -1.19 74.83
C ARG U 323 13.58 -1.63 74.69
N THR U 324 13.03 -1.52 73.48
CA THR U 324 11.69 -2.05 73.24
C THR U 324 11.65 -3.56 73.40
N ALA U 325 12.73 -4.23 72.98
CA ALA U 325 12.85 -5.67 73.22
C ALA U 325 12.77 -5.97 74.71
N TRP U 326 13.49 -5.19 75.52
CA TRP U 326 13.45 -5.39 76.96
C TRP U 326 12.05 -5.16 77.51
N GLU U 327 11.36 -4.13 76.99
CA GLU U 327 10.00 -3.87 77.45
C GLU U 327 9.07 -5.05 77.16
N MET U 328 9.12 -5.57 75.94
CA MET U 328 8.28 -6.71 75.59
C MET U 328 8.66 -7.94 76.39
N LEU U 329 9.95 -8.14 76.64
CA LEU U 329 10.36 -9.29 77.46
C LEU U 329 9.82 -9.16 78.87
N GLN U 330 9.82 -7.96 79.43
CA GLN U 330 9.28 -7.76 80.76
C GLN U 330 7.78 -8.01 80.78
N GLY U 331 7.08 -7.62 79.72
CA GLY U 331 5.66 -7.94 79.63
C GLY U 331 5.40 -9.43 79.59
N ILE U 332 6.20 -10.15 78.80
CA ILE U 332 6.07 -11.61 78.73
C ILE U 332 6.38 -12.24 80.09
N LYS U 333 7.37 -11.67 80.80
CA LYS U 333 7.68 -12.16 82.13
C LYS U 333 6.50 -11.95 83.07
N ALA U 334 5.82 -10.80 82.96
CA ALA U 334 4.64 -10.56 83.76
C ALA U 334 3.55 -11.58 83.47
N GLU U 335 3.34 -11.89 82.19
CA GLU U 335 2.34 -12.91 81.85
C GLU U 335 2.70 -14.27 82.45
N LEU U 336 3.96 -14.69 82.34
CA LEU U 336 4.32 -15.96 82.95
C LEU U 336 4.12 -15.93 84.46
N ASP U 337 4.54 -14.85 85.11
CA ASP U 337 4.35 -14.75 86.56
C ASP U 337 2.87 -14.73 86.93
N LYS U 338 1.99 -14.40 85.98
CA LYS U 338 0.58 -14.64 86.22
C LYS U 338 0.25 -16.12 86.08
N VAL U 339 0.91 -16.83 85.18
CA VAL U 339 0.59 -18.24 84.94
C VAL U 339 1.37 -19.21 85.81
N GLN U 340 2.69 -19.07 85.86
CA GLN U 340 3.52 -19.98 86.63
C GLN U 340 4.48 -19.25 87.56
N PRO U 341 3.97 -18.57 88.59
CA PRO U 341 4.94 -17.94 89.49
C PRO U 341 5.78 -18.92 90.30
N ASP U 342 5.16 -19.96 90.84
CA ASP U 342 5.87 -20.89 91.72
C ASP U 342 6.98 -21.71 91.11
N GLU U 343 6.77 -22.22 89.90
CA GLU U 343 7.76 -23.11 89.31
C GLU U 343 8.83 -22.42 88.49
N GLN U 344 9.86 -23.18 88.13
CA GLN U 344 10.92 -22.63 87.32
C GLN U 344 11.50 -23.73 86.43
N MET U 345 12.38 -23.31 85.51
CA MET U 345 13.03 -24.21 84.56
C MET U 345 12.02 -24.91 83.65
N THR U 346 10.80 -24.39 83.61
CA THR U 346 9.86 -24.76 82.57
C THR U 346 10.41 -24.30 81.22
N PRO U 347 10.18 -25.07 80.15
CA PRO U 347 10.72 -24.67 78.85
C PRO U 347 10.38 -23.25 78.46
N GLN U 348 9.18 -22.79 78.79
CA GLN U 348 8.82 -21.40 78.54
C GLN U 348 9.72 -20.46 79.34
N ARG U 349 9.95 -20.77 80.61
CA ARG U 349 10.84 -19.96 81.43
C ARG U 349 12.26 -20.00 80.89
N GLU U 350 12.72 -21.16 80.43
CA GLU U 350 14.06 -21.25 79.87
C GLU U 350 14.20 -20.38 78.63
N TRP U 351 13.18 -20.39 77.76
CA TRP U 351 13.20 -19.53 76.59
C TRP U 351 13.20 -18.05 76.99
N LEU U 352 12.42 -17.70 78.01
CA LEU U 352 12.40 -16.31 78.45
C LEU U 352 13.76 -15.88 78.97
N ILE U 353 14.43 -16.74 79.74
CA ILE U 353 15.74 -16.41 80.28
C ILE U 353 16.76 -16.25 79.16
N SER U 354 16.73 -17.17 78.19
CA SER U 354 17.64 -17.07 77.06
C SER U 354 17.37 -15.78 76.28
N ALA U 355 16.11 -15.39 76.15
CA ALA U 355 15.78 -14.14 75.47
C ALA U 355 16.32 -12.94 76.22
N GLN U 356 16.24 -12.97 77.56
CA GLN U 356 16.80 -11.87 78.34
C GLN U 356 18.31 -11.75 78.12
N GLU U 357 19.01 -12.89 78.15
CA GLU U 357 20.44 -12.89 77.86
C GLU U 357 20.74 -12.34 76.47
N GLN U 358 19.98 -12.76 75.47
CA GLN U 358 20.20 -12.28 74.13
C GLN U 358 19.94 -10.78 74.02
N VAL U 359 18.93 -10.28 74.72
CA VAL U 359 18.64 -8.85 74.68
C VAL U 359 19.76 -8.07 75.34
N GLN U 360 20.38 -8.62 76.39
CA GLN U 360 21.55 -7.95 76.97
C GLN U 360 22.69 -7.86 75.96
N ASN U 361 22.92 -8.93 75.20
CA ASN U 361 23.94 -8.85 74.16
C ASN U 361 23.60 -7.81 73.10
N GLN U 362 22.35 -7.79 72.64
CA GLN U 362 21.91 -6.77 71.71
C GLN U 362 22.11 -5.38 72.28
N MET U 363 21.94 -5.23 73.59
CA MET U 363 22.00 -3.91 74.21
C MET U 363 23.43 -3.42 74.29
N ASN U 364 24.37 -4.35 74.53
CA ASN U 364 25.78 -4.01 74.39
C ASN U 364 26.11 -3.56 72.98
N ALA U 365 25.61 -4.29 71.98
CA ALA U 365 25.86 -3.91 70.60
C ALA U 365 25.25 -2.55 70.28
N TRP U 366 24.07 -2.27 70.83
CA TRP U 366 23.42 -0.97 70.65
C TRP U 366 24.24 0.14 71.27
N THR U 367 24.82 -0.10 72.44
CA THR U 367 25.70 0.88 73.06
C THR U 367 26.89 1.18 72.16
N LYS U 368 27.51 0.13 71.61
CA LYS U 368 28.63 0.34 70.71
C LYS U 368 28.21 1.12 69.48
N ALA U 369 27.04 0.80 68.93
CA ALA U 369 26.56 1.50 67.74
C ALA U 369 26.33 2.98 68.02
N GLN U 370 25.68 3.29 69.13
CA GLN U 370 25.38 4.69 69.44
C GLN U 370 26.66 5.47 69.72
N ALA U 371 27.62 4.86 70.40
CA ALA U 371 28.89 5.53 70.62
C ALA U 371 29.61 5.79 69.32
N LYS U 372 29.59 4.82 68.40
CA LYS U 372 30.19 5.03 67.10
C LYS U 372 29.49 6.15 66.33
N ALA U 373 28.16 6.22 66.45
CA ALA U 373 27.43 7.31 65.79
C ALA U 373 27.85 8.65 66.34
N LEU U 374 28.01 8.75 67.66
CA LEU U 374 28.47 10.00 68.26
C LEU U 374 29.84 10.38 67.73
N ASP U 375 30.76 9.42 67.72
CA ASP U 375 32.11 9.70 67.25
C ASP U 375 32.11 10.10 65.79
N ASP U 376 31.31 9.40 64.97
CA ASP U 376 31.22 9.73 63.55
C ASP U 376 30.63 11.10 63.33
N SER U 377 29.64 11.48 64.14
CA SER U 377 29.05 12.81 63.99
C SER U 377 30.06 13.89 64.31
N MET U 378 30.85 13.72 65.38
CA MET U 378 31.90 14.70 65.69
C MET U 378 32.92 14.77 64.56
N LYS U 379 33.40 13.62 64.11
CA LYS U 379 34.39 13.58 63.05
C LYS U 379 33.87 14.21 61.79
N SER U 380 32.61 13.94 61.45
CA SER U 380 32.00 14.51 60.26
C SER U 380 31.86 16.01 60.38
N MET U 381 31.50 16.52 61.55
CA MET U 381 31.45 17.97 61.72
C MET U 381 32.80 18.59 61.42
N ASN U 382 33.86 18.03 62.00
CA ASN U 382 35.19 18.59 61.77
C ASN U 382 35.61 18.48 60.30
N LYS U 383 35.37 17.34 59.68
CA LYS U 383 35.88 17.14 58.33
C LYS U 383 35.06 17.89 57.29
N LEU U 384 33.77 18.07 57.52
CA LEU U 384 33.00 18.98 56.66
C LEU U 384 33.44 20.42 56.84
N ASP U 385 33.87 20.79 58.05
CA ASP U 385 34.47 22.12 58.21
C ASP U 385 35.74 22.25 57.36
N VAL U 386 36.58 21.23 57.37
CA VAL U 386 37.80 21.27 56.56
C VAL U 386 37.46 21.37 55.08
N ILE U 387 36.49 20.57 54.63
CA ILE U 387 36.10 20.61 53.22
C ILE U 387 35.56 21.97 52.86
N ASP U 388 34.81 22.60 53.77
CA ASP U 388 34.31 23.95 53.53
C ASP U 388 35.45 24.94 53.36
N LYS U 389 36.47 24.84 54.20
CA LYS U 389 37.61 25.75 54.05
C LYS U 389 38.31 25.56 52.71
N GLN U 390 38.49 24.30 52.30
CA GLN U 390 39.16 24.07 51.02
C GLN U 390 38.33 24.57 49.85
N PHE U 391 37.01 24.36 49.89
CA PHE U 391 36.18 24.86 48.80
C PHE U 391 36.14 26.38 48.77
N GLN U 392 36.09 27.02 49.94
CA GLN U 392 36.12 28.47 49.95
C GLN U 392 37.47 28.98 49.44
N LYS U 393 38.52 28.20 49.63
CA LYS U 393 39.80 28.53 49.01
C LYS U 393 39.73 28.43 47.50
N ARG U 394 39.10 27.38 46.97
CA ARG U 394 38.99 27.27 45.50
C ARG U 394 38.13 28.39 44.93
N ILE U 395 37.07 28.78 45.62
CA ILE U 395 36.19 29.82 45.10
C ILE U 395 36.93 31.14 45.00
N ASN U 396 37.79 31.43 45.98
CA ASN U 396 38.59 32.65 45.90
C ASN U 396 39.58 32.61 44.74
N GLY U 397 39.81 31.44 44.15
CA GLY U 397 40.61 31.33 42.95
C GLY U 397 41.84 30.47 43.09
N GLU U 398 42.45 30.41 44.27
CA GLU U 398 43.67 29.63 44.43
C GLU U 398 43.38 28.15 44.24
N TRP U 399 44.34 27.45 43.65
CA TRP U 399 44.15 26.04 43.34
C TRP U 399 44.24 25.21 44.61
N VAL U 400 43.20 24.40 44.84
CA VAL U 400 43.18 23.40 45.88
C VAL U 400 42.72 22.10 45.23
N SER U 401 43.35 21.00 45.66
CA SER U 401 43.08 19.71 45.02
C SER U 401 41.64 19.26 45.21
N THR U 402 41.12 19.38 46.43
CA THR U 402 39.77 18.92 46.77
C THR U 402 39.53 17.47 46.33
N ASP U 403 40.54 16.64 46.55
CA ASP U 403 40.38 15.19 46.56
C ASP U 403 40.55 14.73 48.01
N PHE U 404 39.73 13.77 48.42
CA PHE U 404 39.63 13.46 49.85
C PHE U 404 40.98 13.01 50.42
N LYS U 405 41.86 12.47 49.59
CA LYS U 405 43.13 11.97 50.08
C LYS U 405 44.05 13.11 50.52
N ASP U 406 44.00 14.24 49.82
CA ASP U 406 44.95 15.30 50.09
C ASP U 406 44.45 16.30 51.12
N MET U 407 43.24 16.09 51.64
CA MET U 407 42.71 17.03 52.62
C MET U 407 43.42 16.83 53.96
N PRO U 408 43.67 17.91 54.70
CA PRO U 408 44.52 17.80 55.90
C PRO U 408 43.76 17.19 57.07
N VAL U 409 44.30 16.08 57.59
CA VAL U 409 43.72 15.47 58.77
C VAL U 409 44.11 16.29 59.99
N ASN U 410 43.20 16.35 60.97
CA ASN U 410 43.30 17.32 62.05
C ASN U 410 43.40 16.63 63.42
N GLU U 411 43.25 15.30 63.46
CA GLU U 411 43.28 14.48 64.67
C GLU U 411 42.00 14.71 65.47
N ASN U 412 41.22 15.71 65.06
CA ASN U 412 39.80 15.73 65.40
C ASN U 412 38.99 15.26 64.21
N THR U 413 39.56 15.38 63.01
CA THR U 413 38.90 14.94 61.79
C THR U 413 38.88 13.43 61.68
N GLY U 414 40.02 12.79 61.88
CA GLY U 414 40.17 11.40 61.49
C GLY U 414 40.50 11.29 60.02
N GLU U 415 40.44 10.06 59.52
CA GLU U 415 40.77 9.82 58.13
C GLU U 415 39.61 10.25 57.23
N PHE U 416 39.94 10.71 56.03
CA PHE U 416 38.94 11.16 55.07
C PHE U 416 38.54 9.99 54.18
N LYS U 417 37.26 9.63 54.20
CA LYS U 417 36.72 8.71 53.22
C LYS U 417 36.31 9.49 51.98
N HIS U 418 35.65 8.80 51.05
CA HIS U 418 35.09 9.51 49.90
C HIS U 418 33.66 9.96 50.13
N SER U 419 32.99 9.39 51.14
CA SER U 419 31.59 9.72 51.36
C SER U 419 31.41 11.14 51.86
N ASP U 420 32.45 11.72 52.45
CA ASP U 420 32.29 13.03 53.08
C ASP U 420 32.32 14.15 52.05
N MET U 421 32.94 13.93 50.90
CA MET U 421 32.80 14.88 49.80
C MET U 421 31.34 14.98 49.37
N VAL U 422 30.69 13.82 49.20
CA VAL U 422 29.27 13.78 48.89
C VAL U 422 28.47 14.43 50.01
N ASN U 423 28.84 14.14 51.25
CA ASN U 423 28.15 14.73 52.39
C ASN U 423 28.25 16.24 52.37
N TYR U 424 29.45 16.76 52.10
CA TYR U 424 29.63 18.20 52.08
C TYR U 424 28.79 18.82 50.97
N ALA U 425 28.82 18.22 49.78
CA ALA U 425 28.06 18.79 48.68
C ALA U 425 26.57 18.80 48.97
N ASN U 426 26.03 17.66 49.40
CA ASN U 426 24.60 17.58 49.66
C ASN U 426 24.19 18.49 50.81
N LYS U 427 24.93 18.43 51.91
CA LYS U 427 24.60 19.26 53.07
C LYS U 427 24.70 20.74 52.73
N LYS U 428 25.68 21.12 51.91
CA LYS U 428 25.81 22.54 51.61
C LYS U 428 24.74 22.99 50.62
N LEU U 429 24.36 22.15 49.67
CA LEU U 429 23.24 22.50 48.81
C LEU U 429 21.97 22.71 49.64
N ALA U 430 21.73 21.80 50.59
CA ALA U 430 20.59 21.97 51.49
C ALA U 430 20.70 23.24 52.31
N GLU U 431 21.91 23.55 52.79
CA GLU U 431 22.13 24.78 53.55
C GLU U 431 21.86 26.01 52.71
N ILE U 432 22.34 26.04 51.48
CA ILE U 432 22.08 27.16 50.59
C ILE U 432 20.58 27.33 50.40
N ASP U 433 19.86 26.22 50.28
CA ASP U 433 18.41 26.31 50.15
C ASP U 433 17.78 26.86 51.42
N SER U 434 18.34 26.51 52.58
CA SER U 434 17.69 26.89 53.83
C SER U 434 17.91 28.35 54.18
N MET U 435 18.91 28.99 53.58
CA MET U 435 19.19 30.38 53.88
C MET U 435 18.01 31.28 53.48
N ASP U 436 17.83 32.37 54.21
CA ASP U 436 16.79 33.33 53.87
C ASP U 436 17.31 34.42 52.93
N ILE U 437 18.37 34.14 52.19
CA ILE U 437 18.89 35.06 51.17
C ILE U 437 17.91 35.08 50.01
N PRO U 438 17.95 36.09 49.13
CA PRO U 438 17.07 36.08 47.97
C PRO U 438 17.32 34.88 47.08
N ASP U 439 16.28 34.47 46.36
CA ASP U 439 16.33 33.24 45.58
C ASP U 439 17.41 33.29 44.50
N GLY U 440 17.54 34.42 43.82
CA GLY U 440 18.60 34.56 42.83
C GLY U 440 19.96 34.37 43.45
N ALA U 441 20.13 34.81 44.69
CA ALA U 441 21.38 34.61 45.41
C ALA U 441 21.62 33.13 45.67
N LYS U 442 20.57 32.37 46.02
CA LYS U 442 20.71 30.94 46.19
C LYS U 442 21.18 30.28 44.91
N ASP U 443 20.56 30.67 43.79
CA ASP U 443 20.94 30.10 42.50
C ASP U 443 22.39 30.43 42.18
N ALA U 444 22.80 31.68 42.42
CA ALA U 444 24.16 32.09 42.13
C ALA U 444 25.17 31.33 42.98
N MET U 445 24.86 31.12 44.26
CA MET U 445 25.78 30.36 45.11
C MET U 445 25.88 28.91 44.67
N LYS U 446 24.76 28.30 44.31
CA LYS U 446 24.83 26.93 43.82
C LYS U 446 25.68 26.85 42.56
N LEU U 447 25.52 27.81 41.66
CA LEU U 447 26.34 27.83 40.46
C LEU U 447 27.81 28.02 40.78
N LYS U 448 28.12 28.90 41.72
CA LYS U 448 29.52 29.13 42.07
C LYS U 448 30.16 27.91 42.71
N TYR U 449 29.44 27.19 43.55
CA TYR U 449 29.97 25.95 44.09
C TYR U 449 30.10 24.88 43.02
N LEU U 450 29.17 24.86 42.07
CA LEU U 450 29.23 23.91 40.97
C LEU U 450 30.44 24.17 40.08
N GLN U 451 30.77 25.44 39.85
CA GLN U 451 31.92 25.77 39.01
C GLN U 451 33.23 25.45 39.70
N ALA U 452 33.22 25.44 41.04
CA ALA U 452 34.47 25.30 41.78
C ALA U 452 35.04 23.89 41.69
N ASP U 453 34.21 22.85 41.86
CA ASP U 453 34.75 21.52 42.01
C ASP U 453 35.21 20.95 40.67
N SER U 454 35.82 19.76 40.74
CA SER U 454 36.72 19.27 39.72
C SER U 454 36.07 18.34 38.71
N LYS U 455 34.78 18.54 38.39
CA LYS U 455 34.11 17.84 37.29
C LYS U 455 33.86 16.39 37.64
N ASP U 456 34.47 15.94 38.74
CA ASP U 456 34.07 14.70 39.40
C ASP U 456 33.59 15.00 40.81
N GLY U 457 33.65 16.26 41.22
CA GLY U 457 33.24 16.62 42.56
C GLY U 457 31.77 16.36 42.79
N ALA U 458 31.41 16.27 44.06
CA ALA U 458 30.07 15.84 44.39
C ALA U 458 29.05 16.93 44.10
N PHE U 459 29.49 18.17 43.90
CA PHE U 459 28.54 19.20 43.48
C PHE U 459 28.09 18.95 42.05
N ARG U 460 29.03 18.60 41.17
CA ARG U 460 28.67 18.24 39.81
C ARG U 460 27.75 17.04 39.79
N THR U 461 28.08 16.03 40.60
CA THR U 461 27.23 14.84 40.64
C THR U 461 25.85 15.15 41.20
N ALA U 462 25.77 16.01 42.22
CA ALA U 462 24.49 16.33 42.83
C ALA U 462 23.61 17.12 41.88
N ILE U 463 24.17 18.14 41.24
CA ILE U 463 23.37 18.91 40.28
C ILE U 463 23.01 18.05 39.08
N GLY U 464 23.90 17.15 38.66
CA GLY U 464 23.55 16.23 37.59
C GLY U 464 22.45 15.28 37.99
N THR U 465 22.44 14.85 39.25
CA THR U 465 21.34 14.04 39.75
C THR U 465 20.04 14.82 39.69
N MET U 466 20.08 16.10 40.05
CA MET U 466 18.91 16.95 39.92
C MET U 466 18.45 17.04 38.46
N VAL U 467 19.41 17.19 37.55
CA VAL U 467 19.09 17.30 36.13
C VAL U 467 18.46 16.01 35.62
N THR U 468 19.05 14.87 35.98
CA THR U 468 18.52 13.60 35.53
C THR U 468 17.17 13.31 36.15
N ASP U 469 16.95 13.79 37.37
CA ASP U 469 15.67 13.58 38.03
C ASP U 469 14.58 14.42 37.38
N ALA U 470 14.93 15.65 36.97
CA ALA U 470 13.99 16.45 36.19
C ALA U 470 13.69 15.80 34.85
N GLY U 471 14.71 15.23 34.20
CA GLY U 471 14.47 14.50 32.97
C GLY U 471 13.56 13.31 33.16
N GLN U 472 13.77 12.56 34.25
CA GLN U 472 12.89 11.46 34.61
C GLN U 472 11.46 11.93 34.76
N GLU U 473 11.27 13.02 35.49
CA GLU U 473 9.93 13.51 35.73
C GLU U 473 9.26 13.94 34.43
N TRP U 474 10.02 14.55 33.53
CA TRP U 474 9.41 14.98 32.28
C TRP U 474 9.09 13.78 31.40
N SER U 475 9.92 12.74 31.43
CA SER U 475 9.57 11.52 30.71
C SER U 475 8.33 10.86 31.30
N ALA U 476 8.20 10.92 32.62
CA ALA U 476 6.98 10.44 33.26
C ALA U 476 5.77 11.22 32.76
N ALA U 477 5.92 12.53 32.61
CA ALA U 477 4.85 13.34 32.06
C ALA U 477 4.53 12.92 30.63
N VAL U 478 5.54 12.60 29.85
CA VAL U 478 5.31 12.16 28.46
C VAL U 478 4.52 10.87 28.45
N ILE U 479 4.89 9.91 29.30
CA ILE U 479 4.19 8.63 29.33
C ILE U 479 2.75 8.83 29.80
N ASN U 480 2.56 9.61 30.87
CA ASN U 480 1.20 9.89 31.33
C ASN U 480 0.41 10.64 30.27
N GLY U 481 1.04 11.59 29.61
CA GLY U 481 0.36 12.44 28.66
C GLY U 481 -0.05 13.78 29.21
N LYS U 482 0.15 14.01 30.51
CA LYS U 482 -0.14 15.30 31.11
C LYS U 482 0.99 15.65 32.07
N LEU U 483 1.31 16.92 32.14
CA LEU U 483 2.32 17.39 33.06
C LEU U 483 1.77 17.28 34.49
N PRO U 484 2.51 16.72 35.44
CA PRO U 484 1.97 16.59 36.79
C PRO U 484 1.85 17.94 37.46
N GLU U 485 0.96 18.01 38.46
CA GLU U 485 0.71 19.28 39.14
C GLU U 485 1.92 19.74 39.94
N ARG U 486 2.61 18.81 40.63
CA ARG U 486 3.61 19.21 41.61
C ARG U 486 4.87 19.75 40.94
N THR U 487 5.59 18.90 40.21
CA THR U 487 6.81 19.28 39.51
C THR U 487 7.87 19.94 40.41
N PRO U 488 8.47 19.18 41.33
CA PRO U 488 9.58 19.75 42.12
C PRO U 488 10.90 19.85 41.37
N ALA U 489 11.30 18.77 40.70
CA ALA U 489 12.66 18.68 40.18
C ALA U 489 12.86 19.58 38.98
N MET U 490 11.87 19.66 38.10
CA MET U 490 11.97 20.60 36.99
C MET U 490 11.95 22.04 37.50
N ASP U 491 11.28 22.30 38.62
CA ASP U 491 11.35 23.64 39.19
C ASP U 491 12.76 23.97 39.68
N ALA U 492 13.39 23.04 40.39
CA ALA U 492 14.76 23.28 40.84
C ALA U 492 15.70 23.47 39.64
N LEU U 493 15.59 22.61 38.64
CA LEU U 493 16.42 22.74 37.46
C LEU U 493 16.15 24.04 36.73
N ARG U 494 14.88 24.45 36.64
CA ARG U 494 14.52 25.68 35.97
C ARG U 494 15.13 26.87 36.69
N ARG U 495 15.10 26.85 38.01
CA ARG U 495 15.69 27.94 38.77
C ARG U 495 17.19 28.04 38.50
N ILE U 496 17.90 26.93 38.67
CA ILE U 496 19.36 26.97 38.56
C ILE U 496 19.78 27.23 37.11
N ARG U 497 18.93 26.86 36.15
CA ARG U 497 19.28 27.05 34.75
C ARG U 497 18.98 28.47 34.30
N ASN U 498 17.83 29.00 34.70
CA ASN U 498 17.52 30.39 34.41
C ASN U 498 18.55 31.31 35.03
N ALA U 499 19.18 30.87 36.11
CA ALA U 499 20.30 31.63 36.65
C ALA U 499 21.44 31.72 35.65
N ASP U 500 21.79 30.61 35.00
CA ASP U 500 22.90 30.59 34.05
C ASP U 500 22.73 29.41 33.11
N PRO U 501 22.19 29.65 31.90
CA PRO U 501 21.89 28.52 31.01
C PRO U 501 23.11 27.88 30.38
N GLN U 502 24.07 28.66 29.91
CA GLN U 502 25.18 28.11 29.14
C GLN U 502 26.03 27.14 29.97
N LEU U 503 26.31 27.50 31.22
CA LEU U 503 27.12 26.62 32.06
C LEU U 503 26.43 25.29 32.30
N ILE U 504 25.14 25.33 32.63
CA ILE U 504 24.40 24.10 32.90
C ILE U 504 24.34 23.24 31.65
N ALA U 505 24.13 23.88 30.49
CA ALA U 505 24.12 23.12 29.24
C ALA U 505 25.48 22.49 28.96
N ALA U 506 26.56 23.22 29.25
CA ALA U 506 27.89 22.70 28.99
C ALA U 506 28.21 21.52 29.89
N LEU U 507 27.78 21.56 31.15
CA LEU U 507 28.19 20.55 32.10
C LEU U 507 27.45 19.23 31.88
N TYR U 508 26.25 19.28 31.30
CA TYR U 508 25.40 18.11 31.13
C TYR U 508 24.95 18.03 29.68
N PRO U 509 25.86 17.68 28.77
CA PRO U 509 25.49 17.63 27.34
C PRO U 509 24.42 16.61 27.03
N ASP U 510 24.38 15.50 27.75
CA ASP U 510 23.41 14.45 27.45
C ASP U 510 21.98 14.96 27.57
N GLN U 511 21.73 15.89 28.49
CA GLN U 511 20.40 16.44 28.71
C GLN U 511 20.12 17.67 27.87
N ALA U 512 20.76 17.77 26.70
CA ALA U 512 20.51 18.91 25.83
C ALA U 512 19.07 18.93 25.36
N GLU U 513 18.49 17.76 25.11
CA GLU U 513 17.08 17.71 24.72
C GLU U 513 16.18 18.21 25.83
N LEU U 514 16.46 17.82 27.07
CA LEU U 514 15.66 18.30 28.20
C LEU U 514 15.79 19.81 28.36
N PHE U 515 17.01 20.33 28.21
CA PHE U 515 17.20 21.77 28.32
C PHE U 515 16.46 22.49 27.21
N LEU U 516 16.49 21.95 26.00
CA LEU U 516 15.77 22.57 24.90
C LEU U 516 14.27 22.57 25.16
N THR U 517 13.74 21.47 25.67
CA THR U 517 12.31 21.41 25.99
C THR U 517 11.94 22.42 27.07
N MET U 518 12.73 22.50 28.14
CA MET U 518 12.44 23.44 29.20
C MET U 518 12.52 24.87 28.68
N ASP U 519 13.53 25.17 27.87
CA ASP U 519 13.66 26.50 27.28
C ASP U 519 12.48 26.83 26.40
N MET U 520 12.00 25.86 25.63
CA MET U 520 10.84 26.09 24.79
C MET U 520 9.60 26.38 25.62
N MET U 521 9.41 25.63 26.71
CA MET U 521 8.17 25.82 27.45
C MET U 521 8.19 27.07 28.32
N ASP U 522 9.35 27.53 28.78
CA ASP U 522 9.34 28.67 29.70
C ASP U 522 9.78 29.95 29.01
N LYS U 523 10.92 29.98 28.32
CA LYS U 523 11.35 31.21 27.67
C LYS U 523 10.54 31.47 26.41
N GLN U 524 10.41 30.47 25.54
CA GLN U 524 9.45 30.59 24.46
C GLN U 524 8.06 30.30 25.00
N GLY U 525 7.06 30.52 24.16
CA GLY U 525 5.71 30.42 24.67
C GLY U 525 4.94 29.15 24.38
N ILE U 526 5.61 28.01 24.16
CA ILE U 526 4.84 26.87 23.69
C ILE U 526 4.32 26.06 24.86
N ASP U 527 3.11 25.54 24.69
CA ASP U 527 2.41 24.82 25.74
C ASP U 527 3.15 23.52 26.07
N PRO U 528 3.31 23.18 27.35
CA PRO U 528 3.90 21.88 27.67
C PRO U 528 3.13 20.71 27.08
N GLN U 529 1.81 20.83 26.94
CA GLN U 529 1.00 19.71 26.47
C GLN U 529 1.35 19.33 25.04
N VAL U 530 1.58 20.32 24.18
CA VAL U 530 1.89 20.01 22.79
C VAL U 530 3.26 19.36 22.68
N ILE U 531 4.21 19.78 23.52
CA ILE U 531 5.49 19.09 23.55
C ILE U 531 5.33 17.66 24.02
N LEU U 532 4.50 17.45 25.05
CA LEU U 532 4.30 16.11 25.60
C LEU U 532 3.73 15.18 24.55
N ASP U 533 2.67 15.60 23.86
CA ASP U 533 2.06 14.67 22.92
C ASP U 533 2.85 14.61 21.61
N ALA U 534 3.69 15.58 21.34
CA ALA U 534 4.53 15.48 20.16
C ALA U 534 5.50 14.36 20.41
N ASP U 535 6.06 14.33 21.61
CA ASP U 535 7.01 13.29 21.95
C ASP U 535 6.43 11.89 21.96
N ARG U 536 5.26 11.73 22.55
CA ARG U 536 4.65 10.43 22.59
C ARG U 536 4.28 9.93 21.22
N LEU U 537 3.76 10.80 20.37
CA LEU U 537 3.30 10.33 19.07
C LEU U 537 4.34 10.25 17.98
N THR U 538 5.03 11.34 17.72
CA THR U 538 5.96 11.39 16.57
C THR U 538 7.22 10.54 16.45
N VAL U 539 7.94 10.27 17.53
CA VAL U 539 9.22 9.58 17.35
C VAL U 539 9.16 8.07 17.16
N LYS U 540 8.65 7.65 16.00
CA LYS U 540 8.56 6.22 15.72
C LYS U 540 9.69 5.69 14.84
N ARG U 541 10.03 6.42 13.77
CA ARG U 541 11.06 5.93 12.83
C ARG U 541 12.42 5.84 13.50
N SER U 542 13.19 4.78 13.23
CA SER U 542 14.47 4.61 13.97
C SER U 542 15.69 3.94 13.36
N LYS U 543 16.88 4.46 13.64
CA LYS U 543 18.16 3.90 13.21
C LYS U 543 18.32 3.80 11.69
N GLU U 544 17.48 3.01 11.03
CA GLU U 544 17.66 2.83 9.59
C GLU U 544 17.60 4.17 8.86
N GLN U 545 16.67 5.04 9.26
CA GLN U 545 16.73 6.41 8.77
C GLN U 545 17.57 7.32 9.65
N ARG U 546 18.16 6.80 10.74
CA ARG U 546 19.10 7.64 11.48
C ARG U 546 20.36 7.89 10.68
N PHE U 547 20.74 6.96 9.81
CA PHE U 547 21.82 7.24 8.87
C PHE U 547 21.48 8.44 7.99
N GLU U 548 20.28 8.43 7.40
CA GLU U 548 19.85 9.55 6.58
C GLU U 548 19.74 10.82 7.40
N ASP U 549 19.35 10.68 8.68
CA ASP U 549 19.29 11.84 9.56
C ASP U 549 20.67 12.43 9.80
N ASP U 550 21.67 11.58 10.05
CA ASP U 550 23.04 12.07 10.22
C ASP U 550 23.52 12.77 8.96
N LYS U 551 23.26 12.16 7.80
CA LYS U 551 23.66 12.77 6.55
C LYS U 551 22.90 14.07 6.32
N ALA U 552 21.65 14.15 6.77
CA ALA U 552 20.87 15.36 6.58
C ALA U 552 21.38 16.48 7.48
N PHE U 553 21.76 16.16 8.71
CA PHE U 553 22.36 17.16 9.57
C PHE U 553 23.66 17.68 8.98
N GLU U 554 24.49 16.77 8.48
CA GLU U 554 25.74 17.18 7.84
C GLU U 554 25.48 18.03 6.62
N SER U 555 24.46 17.67 5.84
CA SER U 555 24.12 18.45 4.65
C SER U 555 23.62 19.84 5.02
N ALA U 556 22.78 19.92 6.05
CA ALA U 556 22.23 21.20 6.48
C ALA U 556 23.32 22.10 7.02
N LEU U 557 24.35 21.52 7.63
CA LEU U 557 25.53 22.32 7.95
C LEU U 557 26.29 22.73 6.70
N ASN U 558 26.36 21.85 5.70
CA ASN U 558 27.11 22.16 4.49
C ASN U 558 26.39 23.20 3.65
N ALA U 559 25.07 23.27 3.74
CA ALA U 559 24.28 24.18 2.94
C ALA U 559 23.88 25.44 3.71
N SER U 560 24.44 25.65 4.90
CA SER U 560 23.87 26.62 5.82
C SER U 560 24.09 28.04 5.34
N LYS U 561 25.31 28.37 4.92
CA LYS U 561 25.68 29.75 4.58
C LYS U 561 25.42 30.70 5.74
N ALA U 562 25.65 30.22 6.96
CA ALA U 562 25.48 31.01 8.18
C ALA U 562 26.75 30.93 9.01
N PRO U 563 27.27 32.06 9.47
CA PRO U 563 28.55 32.03 10.21
C PRO U 563 28.52 31.18 11.46
N GLU U 564 27.40 31.15 12.17
CA GLU U 564 27.33 30.33 13.38
C GLU U 564 27.33 28.85 13.04
N ILE U 565 26.73 28.50 11.91
CA ILE U 565 26.63 27.08 11.54
C ILE U 565 27.81 26.67 10.68
N ALA U 566 28.27 27.56 9.80
CA ALA U 566 29.43 27.23 8.98
C ALA U 566 30.68 27.04 9.82
N ARG U 567 30.85 27.87 10.85
CA ARG U 567 32.02 27.84 11.71
C ARG U 567 31.64 27.45 13.14
N MET U 568 30.80 26.42 13.26
CA MET U 568 30.30 26.00 14.56
C MET U 568 31.45 25.52 15.45
N PRO U 569 31.56 26.05 16.67
CA PRO U 569 32.59 25.55 17.59
C PRO U 569 32.31 24.12 18.01
N ALA U 570 33.34 23.45 18.54
CA ALA U 570 33.31 22.00 18.68
C ALA U 570 32.30 21.50 19.70
N SER U 571 32.25 22.07 20.91
CA SER U 571 31.29 21.61 21.91
C SER U 571 29.86 21.89 21.47
N LEU U 572 29.65 23.07 20.92
CA LEU U 572 28.34 23.40 20.43
C LEU U 572 27.95 22.52 19.24
N ARG U 573 28.90 21.84 18.61
CA ARG U 573 28.54 20.93 17.53
C ARG U 573 27.68 19.78 18.04
N GLU U 574 28.12 19.15 19.13
CA GLU U 574 27.32 18.06 19.69
C GLU U 574 26.04 18.58 20.31
N SER U 575 26.10 19.71 21.03
CA SER U 575 24.87 20.26 21.60
C SER U 575 23.86 20.59 20.48
N ALA U 576 24.35 21.15 19.38
CA ALA U 576 23.48 21.58 18.29
C ALA U 576 22.94 20.39 17.51
N ARG U 577 23.74 19.33 17.37
CA ARG U 577 23.22 18.12 16.75
C ARG U 577 22.09 17.55 17.58
N LYS U 578 22.26 17.53 18.91
CA LYS U 578 21.16 17.05 19.74
C LYS U 578 19.91 17.90 19.57
N ILE U 579 20.06 19.22 19.55
CA ILE U 579 18.89 20.08 19.40
C ILE U 579 18.24 19.87 18.02
N TYR U 580 19.05 19.81 16.97
CA TYR U 580 18.52 19.62 15.63
C TYR U 580 17.76 18.31 15.53
N ASP U 581 18.35 17.22 16.01
CA ASP U 581 17.70 15.92 15.97
C ASP U 581 16.42 15.94 16.78
N SER U 582 16.44 16.56 17.96
CA SER U 582 15.25 16.57 18.80
C SER U 582 14.10 17.29 18.12
N VAL U 583 14.36 18.47 17.57
CA VAL U 583 13.27 19.22 16.95
C VAL U 583 12.80 18.53 15.68
N LYS U 584 13.73 17.92 14.94
CA LYS U 584 13.34 17.22 13.72
C LYS U 584 12.46 16.02 14.03
N TYR U 585 12.79 15.26 15.07
CA TYR U 585 11.95 14.12 15.44
C TYR U 585 10.60 14.59 15.96
N ARG U 586 10.58 15.60 16.82
CA ARG U 586 9.30 16.01 17.40
C ARG U 586 8.36 16.58 16.34
N SER U 587 8.89 17.36 15.40
CA SER U 587 8.03 18.05 14.46
C SER U 587 8.07 17.49 13.04
N GLY U 588 9.16 16.87 12.64
CA GLY U 588 9.30 16.53 11.23
C GLY U 588 9.82 17.67 10.40
N ASN U 589 9.45 18.91 10.76
CA ASN U 589 9.89 20.09 10.04
C ASN U 589 11.40 20.27 10.14
N GLU U 590 12.08 20.30 9.00
CA GLU U 590 13.52 20.49 8.99
C GLU U 590 13.88 21.96 9.16
N SER U 591 13.06 22.84 8.60
CA SER U 591 13.34 24.28 8.69
C SER U 591 13.26 24.73 10.13
N MET U 592 12.31 24.20 10.89
CA MET U 592 12.12 24.65 12.25
C MET U 592 13.16 24.05 13.18
N ALA U 593 13.63 22.84 12.87
CA ALA U 593 14.81 22.29 13.54
C ALA U 593 16.04 23.17 13.30
N MET U 594 16.20 23.65 12.08
CA MET U 594 17.26 24.60 11.79
C MET U 594 17.08 25.89 12.56
N GLU U 595 15.84 26.35 12.69
CA GLU U 595 15.58 27.57 13.44
C GLU U 595 15.95 27.41 14.90
N GLN U 596 15.57 26.29 15.51
CA GLN U 596 15.93 26.05 16.90
C GLN U 596 17.44 25.94 17.08
N MET U 597 18.10 25.21 16.19
CA MET U 597 19.54 25.02 16.33
C MET U 597 20.29 26.32 16.10
N THR U 598 19.81 27.14 15.17
CA THR U 598 20.39 28.47 14.97
C THR U 598 20.15 29.37 16.18
N LYS U 599 18.95 29.32 16.77
CA LYS U 599 18.69 30.12 17.95
C LYS U 599 19.64 29.75 19.08
N PHE U 600 19.85 28.45 19.28
CA PHE U 600 20.79 28.00 20.30
C PHE U 600 22.19 28.51 20.01
N LEU U 601 22.64 28.41 18.76
CA LEU U 601 24.01 28.84 18.45
C LEU U 601 24.18 30.34 18.64
N LYS U 602 23.19 31.13 18.24
CA LYS U 602 23.28 32.58 18.40
C LYS U 602 23.28 32.96 19.87
N GLU U 603 22.43 32.32 20.68
CA GLU U 603 22.38 32.65 22.10
C GLU U 603 23.64 32.18 22.80
N SER U 604 24.31 31.17 22.27
CA SER U 604 25.45 30.55 22.93
C SER U 604 26.79 31.04 22.43
N THR U 605 26.82 31.87 21.39
CA THR U 605 28.06 32.36 20.83
C THR U 605 27.94 33.83 20.45
N TYR U 606 29.09 34.47 20.38
CA TYR U 606 29.22 35.80 19.80
C TYR U 606 30.05 35.68 18.54
N THR U 607 29.54 36.18 17.43
CA THR U 607 30.24 36.12 16.15
C THR U 607 31.06 37.38 15.98
N PHE U 608 32.37 37.27 16.20
CA PHE U 608 33.27 38.37 15.88
C PHE U 608 33.26 38.60 14.38
N THR U 609 33.14 39.86 13.98
CA THR U 609 33.02 40.21 12.57
C THR U 609 33.99 41.34 12.24
N GLY U 610 34.55 41.30 11.04
CA GLY U 610 35.47 42.33 10.62
C GLY U 610 34.81 43.68 10.48
N ASP U 611 35.34 44.67 11.18
CA ASP U 611 34.79 46.03 11.13
C ASP U 611 35.21 46.64 9.81
N ASP U 612 34.60 46.14 8.74
CA ASP U 612 34.91 46.54 7.38
C ASP U 612 33.60 46.57 6.59
N VAL U 613 33.71 46.79 5.27
CA VAL U 613 32.55 46.59 4.42
C VAL U 613 32.16 45.11 4.40
N ASP U 614 33.13 44.23 4.13
CA ASP U 614 33.04 42.80 4.31
C ASP U 614 34.41 42.24 4.66
N GLY U 615 34.67 42.16 5.96
CA GLY U 615 35.75 41.34 6.49
C GLY U 615 35.09 40.42 7.48
N ASP U 616 33.84 40.09 7.19
CA ASP U 616 32.90 39.56 8.16
C ASP U 616 33.31 38.18 8.65
N THR U 617 32.82 37.83 9.83
CA THR U 617 33.00 36.51 10.42
C THR U 617 34.49 36.18 10.51
N VAL U 618 35.18 36.91 11.39
CA VAL U 618 36.54 36.52 11.73
C VAL U 618 36.52 35.36 12.71
N GLY U 619 35.38 35.12 13.34
CA GLY U 619 35.25 33.96 14.19
C GLY U 619 34.00 33.89 15.04
N VAL U 620 33.54 32.68 15.33
CA VAL U 620 32.41 32.46 16.21
C VAL U 620 32.91 31.82 17.49
N ILE U 621 32.93 32.58 18.57
CA ILE U 621 33.50 32.07 19.82
C ILE U 621 32.36 31.73 20.78
N PRO U 622 32.42 30.58 21.47
CA PRO U 622 31.40 30.29 22.47
C PRO U 622 31.37 31.36 23.54
N LYS U 623 30.15 31.70 23.96
CA LYS U 623 29.96 32.84 24.85
C LYS U 623 30.59 32.58 26.20
N ASN U 624 30.65 31.33 26.63
CA ASN U 624 31.19 31.00 27.94
C ASN U 624 32.71 31.09 27.96
N MET U 625 33.36 30.97 26.79
CA MET U 625 34.82 31.02 26.76
C MET U 625 35.33 32.42 26.98
N MET U 626 34.53 33.43 26.64
CA MET U 626 34.92 34.80 26.90
C MET U 626 34.51 35.26 28.28
N GLN U 627 33.77 34.43 29.00
CA GLN U 627 33.25 34.83 30.30
C GLN U 627 34.39 35.04 31.29
N VAL U 628 34.40 36.20 31.93
CA VAL U 628 35.22 36.48 33.09
C VAL U 628 34.28 36.42 34.27
N ASN U 629 34.78 35.93 35.41
CA ASN U 629 34.11 35.76 36.70
C ASN U 629 32.86 34.88 36.54
N SER U 630 32.12 34.66 37.62
CA SER U 630 31.03 33.69 37.58
C SER U 630 29.81 34.25 36.87
N ASP U 631 29.71 35.56 36.73
CA ASP U 631 28.50 36.15 36.18
C ASP U 631 28.38 35.78 34.69
N PRO U 632 27.32 35.09 34.30
CA PRO U 632 27.21 34.66 32.89
C PRO U 632 27.13 35.81 31.91
N LYS U 633 26.63 36.96 32.34
CA LYS U 633 26.54 38.13 31.48
C LYS U 633 27.88 38.82 31.29
N SER U 634 28.90 38.43 32.03
CA SER U 634 30.16 39.15 31.88
C SER U 634 30.97 38.69 30.69
N TRP U 635 30.43 37.79 29.88
CA TRP U 635 31.14 37.44 28.65
C TRP U 635 31.46 38.68 27.84
N GLU U 636 30.75 39.78 28.08
CA GLU U 636 30.96 40.98 27.29
C GLU U 636 32.29 41.62 27.60
N GLN U 637 32.76 41.51 28.85
CA GLN U 637 34.08 42.01 29.18
C GLN U 637 35.17 41.26 28.42
N GLY U 638 35.05 39.93 28.38
CA GLY U 638 35.99 39.16 27.57
C GLY U 638 35.87 39.47 26.09
N ARG U 639 34.65 39.73 25.63
CA ARG U 639 34.45 40.11 24.23
C ARG U 639 35.18 41.42 23.93
N ASP U 640 35.06 42.40 24.82
CA ASP U 640 35.75 43.67 24.65
C ASP U 640 37.26 43.47 24.65
N ILE U 641 37.75 42.64 25.56
CA ILE U 641 39.19 42.36 25.61
C ILE U 641 39.65 41.72 24.30
N LEU U 642 38.86 40.79 23.78
CA LEU U 642 39.25 40.09 22.56
C LEU U 642 39.19 41.00 21.35
N GLU U 643 38.21 41.90 21.30
CA GLU U 643 38.15 42.83 20.17
C GLU U 643 39.27 43.85 20.23
N GLU U 644 39.63 44.30 21.44
CA GLU U 644 40.83 45.12 21.55
C GLU U 644 42.07 44.36 21.12
N ALA U 645 42.12 43.07 21.45
CA ALA U 645 43.24 42.24 20.98
C ALA U 645 43.28 42.19 19.47
N ARG U 646 42.13 42.00 18.83
CA ARG U 646 42.07 41.93 17.38
C ARG U 646 42.55 43.24 16.75
N LYS U 647 42.02 44.36 17.24
CA LYS U 647 42.42 45.65 16.69
C LYS U 647 43.89 45.94 16.93
N GLY U 648 44.39 45.56 18.11
CA GLY U 648 45.81 45.77 18.39
C GLY U 648 46.71 44.92 17.51
N ILE U 649 46.30 43.69 17.24
CA ILE U 649 47.09 42.85 16.34
C ILE U 649 47.09 43.43 14.93
N ILE U 650 45.93 43.91 14.47
CA ILE U 650 45.86 44.51 13.14
C ILE U 650 46.75 45.74 13.07
N ALA U 651 46.61 46.65 14.03
CA ALA U 651 47.34 47.92 13.97
C ALA U 651 48.83 47.70 14.17
N SER U 652 49.22 46.77 15.03
CA SER U 652 50.63 46.54 15.30
C SER U 652 51.35 45.98 14.09
N ASN U 653 50.72 45.04 13.38
CA ASN U 653 51.32 44.44 12.20
C ASN U 653 50.55 44.89 10.97
N PRO U 654 51.07 45.87 10.22
CA PRO U 654 50.29 46.42 9.10
C PRO U 654 49.96 45.41 8.02
N TRP U 655 50.86 44.47 7.74
CA TRP U 655 50.64 43.53 6.64
C TRP U 655 49.46 42.62 6.93
N ILE U 656 49.12 42.48 8.22
CA ILE U 656 47.85 41.87 8.59
C ILE U 656 46.72 42.88 8.34
N THR U 657 45.68 42.44 7.66
CA THR U 657 44.50 43.26 7.47
C THR U 657 43.29 42.54 8.04
N ASN U 658 42.13 43.19 7.92
CA ASN U 658 40.94 42.72 8.63
C ASN U 658 40.48 41.36 8.13
N LYS U 659 40.79 41.03 6.88
CA LYS U 659 40.38 39.74 6.33
C LYS U 659 41.30 38.61 6.76
N GLN U 660 42.51 38.95 7.18
CA GLN U 660 43.48 37.93 7.54
C GLN U 660 43.25 37.24 8.86
N LEU U 661 42.56 37.88 9.79
CA LEU U 661 42.43 37.30 11.10
C LEU U 661 41.39 36.19 11.12
N THR U 662 41.68 35.15 11.90
CA THR U 662 40.73 34.10 12.21
C THR U 662 40.66 34.00 13.73
N MET U 663 39.44 33.95 14.26
CA MET U 663 39.21 33.68 15.66
C MET U 663 38.55 32.32 15.77
N TYR U 664 39.15 31.41 16.52
CA TYR U 664 38.58 30.09 16.70
C TYR U 664 38.95 29.60 18.09
N SER U 665 38.16 28.65 18.58
CA SER U 665 38.30 28.15 19.94
C SER U 665 38.72 26.68 19.92
N GLN U 666 39.79 26.37 20.63
CA GLN U 666 40.15 25.01 20.95
C GLN U 666 39.40 24.61 22.22
N GLY U 667 39.82 23.52 22.86
CA GLY U 667 39.03 22.99 23.97
C GLY U 667 38.79 24.00 25.08
N ASP U 668 39.84 24.69 25.49
CA ASP U 668 39.73 25.64 26.60
C ASP U 668 40.36 26.97 26.29
N SER U 669 40.63 27.25 25.02
CA SER U 669 41.34 28.46 24.62
C SER U 669 40.68 29.10 23.42
N ILE U 670 40.90 30.40 23.26
CA ILE U 670 40.52 31.14 22.07
C ILE U 670 41.80 31.54 21.37
N TYR U 671 41.91 31.24 20.08
CA TYR U 671 43.07 31.62 19.30
C TYR U 671 42.68 32.70 18.31
N LEU U 672 43.43 33.80 18.34
CA LEU U 672 43.29 34.89 17.40
C LEU U 672 44.52 34.88 16.51
N MET U 673 44.34 34.44 15.26
CA MET U 673 45.48 34.15 14.40
C MET U 673 45.21 34.74 13.03
N ASP U 674 46.28 35.09 12.32
CA ASP U 674 46.13 35.51 10.93
C ASP U 674 46.06 34.31 10.01
N THR U 675 45.94 34.59 8.71
CA THR U 675 45.86 33.52 7.73
C THR U 675 47.14 32.69 7.70
N THR U 676 48.30 33.34 7.82
CA THR U 676 49.52 32.60 8.05
C THR U 676 49.53 32.06 9.48
N GLY U 677 50.63 31.42 9.84
CA GLY U 677 50.78 31.04 11.22
C GLY U 677 51.69 31.94 12.03
N GLN U 678 52.18 33.02 11.42
CA GLN U 678 53.23 33.81 12.05
C GLN U 678 52.74 34.45 13.34
N VAL U 679 51.51 34.93 13.36
CA VAL U 679 50.94 35.61 14.51
C VAL U 679 49.76 34.79 15.02
N ARG U 680 49.91 34.25 16.23
CA ARG U 680 48.84 33.49 16.87
C ARG U 680 48.94 33.72 18.37
N VAL U 681 47.89 34.24 19.01
CA VAL U 681 47.86 34.48 20.44
C VAL U 681 46.75 33.61 21.04
N ARG U 682 46.98 33.14 22.26
CA ARG U 682 46.09 32.21 22.92
C ARG U 682 45.43 32.89 24.11
N TYR U 683 44.10 32.90 24.12
CA TYR U 683 43.34 33.45 25.22
C TYR U 683 42.55 32.33 25.89
N ASP U 684 42.78 32.14 27.18
CA ASP U 684 42.20 31.05 27.94
C ASP U 684 41.46 31.61 29.14
N LYS U 685 40.49 30.83 29.63
CA LYS U 685 39.61 31.27 30.71
C LYS U 685 40.36 31.74 31.93
N GLU U 686 41.33 30.96 32.39
CA GLU U 686 41.95 31.23 33.67
C GLU U 686 42.75 32.53 33.63
N LEU U 687 43.61 32.68 32.62
CA LEU U 687 44.40 33.89 32.53
C LEU U 687 43.52 35.11 32.29
N LEU U 688 42.50 34.97 31.45
CA LEU U 688 41.58 36.07 31.20
C LEU U 688 40.89 36.51 32.47
N SER U 689 40.41 35.54 33.26
CA SER U 689 39.74 35.87 34.52
C SER U 689 40.69 36.55 35.49
N LYS U 690 41.91 36.03 35.63
CA LYS U 690 42.86 36.64 36.54
C LYS U 690 43.20 38.07 36.12
N VAL U 691 43.46 38.27 34.83
CA VAL U 691 43.82 39.60 34.35
C VAL U 691 42.68 40.57 34.58
N TRP U 692 41.46 40.17 34.22
CA TRP U 692 40.33 41.08 34.39
C TRP U 692 40.04 41.34 35.86
N SER U 693 40.25 40.35 36.72
CA SER U 693 40.01 40.57 38.14
C SER U 693 41.00 41.54 38.74
N GLU U 694 42.29 41.39 38.42
CA GLU U 694 43.27 42.35 38.92
C GLU U 694 42.98 43.74 38.38
N ASN U 695 42.65 43.83 37.10
CA ASN U 695 42.36 45.14 36.51
C ASN U 695 41.14 45.77 37.16
N GLN U 696 40.08 44.98 37.40
CA GLN U 696 38.88 45.51 38.02
C GLN U 696 39.16 45.96 39.44
N LYS U 697 40.02 45.24 40.17
CA LYS U 697 40.39 45.68 41.50
C LYS U 697 41.08 47.05 41.44
N LYS U 698 42.02 47.22 40.52
CA LYS U 698 42.69 48.51 40.42
C LYS U 698 41.72 49.62 40.03
N LEU U 699 40.85 49.36 39.06
CA LEU U 699 39.88 50.36 38.64
C LEU U 699 38.94 50.74 39.76
N GLU U 700 38.48 49.76 40.53
CA GLU U 700 37.58 50.04 41.65
C GLU U 700 38.28 50.82 42.74
N GLU U 701 39.56 50.52 43.00
CA GLU U 701 40.34 51.35 43.90
C GLU U 701 40.33 52.81 43.45
N LYS U 702 40.68 53.05 42.18
CA LYS U 702 40.79 54.41 41.70
C LYS U 702 39.44 55.12 41.73
N ALA U 703 38.37 54.42 41.34
CA ALA U 703 37.04 55.00 41.36
C ALA U 703 36.60 55.34 42.77
N ARG U 704 36.98 54.50 43.73
CA ARG U 704 36.64 54.79 45.11
C ARG U 704 37.37 56.04 45.57
N GLU U 705 38.65 56.16 45.23
CA GLU U 705 39.38 57.37 45.62
C GLU U 705 38.73 58.60 45.04
N LYS U 706 38.33 58.52 43.76
CA LYS U 706 37.66 59.66 43.14
C LYS U 706 36.36 60.00 43.85
N ALA U 707 35.56 58.98 44.16
CA ALA U 707 34.25 59.22 44.78
C ALA U 707 34.40 59.81 46.17
N LEU U 708 35.33 59.28 46.97
CA LEU U 708 35.56 59.83 48.29
C LEU U 708 36.09 61.25 48.22
N ALA U 709 36.92 61.55 47.22
CA ALA U 709 37.39 62.91 47.02
C ALA U 709 36.22 63.84 46.71
N ASP U 710 35.26 63.37 45.90
CA ASP U 710 34.13 64.21 45.56
C ASP U 710 33.27 64.52 46.78
N VAL U 711 33.09 63.56 47.68
CA VAL U 711 32.35 63.79 48.91
C VAL U 711 33.12 64.77 49.79
N LEU V 41 -49.71 -10.76 91.38
CA LEU V 41 -48.25 -10.73 91.44
C LEU V 41 -47.66 -10.01 90.23
N LEU V 42 -46.35 -10.12 90.06
CA LEU V 42 -45.69 -9.46 88.94
C LEU V 42 -46.09 -10.08 87.61
N ASP V 43 -46.47 -11.36 87.62
CA ASP V 43 -46.85 -12.05 86.39
C ASP V 43 -48.14 -11.46 85.81
N THR V 44 -49.10 -11.10 86.66
CA THR V 44 -50.34 -10.53 86.15
C THR V 44 -50.10 -9.19 85.47
N ILE V 45 -49.30 -8.33 86.10
CA ILE V 45 -48.97 -7.05 85.49
C ILE V 45 -48.16 -7.25 84.22
N GLY V 46 -47.29 -8.26 84.20
CA GLY V 46 -46.56 -8.56 82.97
C GLY V 46 -47.48 -8.99 81.85
N ARG V 47 -48.48 -9.81 82.17
CA ARG V 47 -49.46 -10.23 81.17
C ARG V 47 -50.25 -9.02 80.65
N PHE V 48 -50.66 -8.14 81.55
CA PHE V 48 -51.38 -6.95 81.12
C PHE V 48 -50.50 -6.03 80.28
N ALA V 49 -49.21 -5.98 80.59
CA ALA V 49 -48.29 -5.12 79.84
C ALA V 49 -48.03 -5.66 78.44
N LYS V 50 -47.74 -6.96 78.32
CA LYS V 50 -47.41 -7.53 77.02
C LYS V 50 -48.61 -7.47 76.08
N ALA V 51 -49.80 -7.74 76.63
CA ALA V 51 -51.04 -7.73 75.86
C ALA V 51 -52.17 -7.28 76.78
N GLY V 52 -52.47 -5.97 76.73
CA GLY V 52 -53.63 -5.48 77.47
C GLY V 52 -54.92 -6.08 76.96
N ALA V 53 -55.01 -6.30 75.65
CA ALA V 53 -56.14 -7.00 75.03
C ALA V 53 -55.61 -8.15 74.20
N ASP V 54 -56.48 -8.76 73.39
CA ASP V 54 -56.10 -9.83 72.47
C ASP V 54 -55.58 -11.05 73.23
N MET V 55 -56.21 -11.35 74.37
CA MET V 55 -55.79 -12.50 75.17
C MET V 55 -56.04 -13.81 74.41
N TYR V 56 -57.14 -13.87 73.66
CA TYR V 56 -57.38 -14.90 72.61
C TYR V 56 -57.33 -16.29 73.25
N THR V 57 -56.46 -17.18 72.78
CA THR V 57 -56.51 -18.60 73.15
C THR V 57 -55.78 -18.87 74.46
N ALA V 58 -56.52 -18.77 75.56
CA ALA V 58 -55.99 -19.22 76.85
C ALA V 58 -56.81 -20.36 77.42
N LYS V 59 -58.14 -20.31 77.26
CA LYS V 59 -58.98 -21.39 77.77
C LYS V 59 -59.06 -22.54 76.76
N GLU V 60 -59.13 -22.20 75.48
CA GLU V 60 -59.13 -23.24 74.45
C GLU V 60 -57.86 -24.06 74.50
N GLN V 61 -56.70 -23.40 74.50
CA GLN V 61 -55.44 -24.12 74.60
C GLN V 61 -55.34 -24.85 75.93
N ARG V 62 -56.01 -24.36 76.98
CA ARG V 62 -56.06 -25.10 78.24
C ARG V 62 -56.82 -26.41 78.06
N ALA V 63 -57.92 -26.38 77.30
CA ALA V 63 -58.66 -27.62 77.04
C ALA V 63 -57.82 -28.60 76.21
N ARG V 64 -57.11 -28.09 75.20
CA ARG V 64 -56.22 -28.97 74.44
C ARG V 64 -55.11 -29.53 75.33
N ASP V 65 -54.59 -28.71 76.24
CA ASP V 65 -53.58 -29.19 77.18
C ASP V 65 -54.16 -30.25 78.10
N LEU V 66 -55.43 -30.12 78.48
CA LEU V 66 -56.06 -31.14 79.32
C LEU V 66 -56.24 -32.46 78.58
N ALA V 67 -56.64 -32.39 77.30
CA ALA V 67 -56.72 -33.61 76.50
C ALA V 67 -55.35 -34.26 76.37
N ASP V 68 -54.33 -33.44 76.10
CA ASP V 68 -52.97 -33.97 76.02
C ASP V 68 -52.53 -34.56 77.35
N GLU V 69 -52.99 -33.97 78.47
CA GLU V 69 -52.59 -34.46 79.78
C GLU V 69 -53.26 -35.78 80.11
N ARG V 70 -54.51 -35.96 79.70
CA ARG V 70 -55.15 -37.25 79.92
C ARG V 70 -54.52 -38.33 79.06
N SER V 71 -54.14 -37.98 77.82
CA SER V 71 -53.36 -38.93 77.03
C SER V 71 -52.02 -39.24 77.69
N ASN V 72 -51.38 -38.23 78.27
CA ASN V 72 -50.10 -38.43 78.94
C ASN V 72 -50.26 -39.34 80.17
N GLU V 73 -51.37 -39.18 80.88
CA GLU V 73 -51.64 -40.09 81.99
C GLU V 73 -51.85 -41.51 81.50
N ILE V 74 -52.49 -41.67 80.34
CA ILE V 74 -52.59 -43.01 79.75
C ILE V 74 -51.20 -43.57 79.49
N ILE V 75 -50.32 -42.76 78.90
CA ILE V 75 -49.05 -43.30 78.41
C ILE V 75 -48.06 -43.49 79.54
N ARG V 76 -48.24 -42.78 80.67
CA ARG V 76 -47.26 -42.87 81.74
C ARG V 76 -47.25 -44.26 82.38
N LYS V 77 -48.27 -45.07 82.08
CA LYS V 77 -48.35 -46.41 82.64
C LYS V 77 -47.33 -47.34 82.00
N LEU V 78 -46.66 -46.88 80.95
CA LEU V 78 -45.66 -47.65 80.25
C LEU V 78 -44.31 -47.53 80.95
N THR V 79 -43.59 -48.64 81.02
CA THR V 79 -42.25 -48.63 81.58
C THR V 79 -41.30 -47.88 80.67
N PRO V 80 -40.18 -47.37 81.20
CA PRO V 80 -39.23 -46.64 80.34
C PRO V 80 -38.75 -47.45 79.15
N GLU V 81 -38.50 -48.75 79.32
CA GLU V 81 -38.08 -49.56 78.18
C GLU V 81 -39.20 -49.68 77.15
N GLN V 82 -40.42 -49.94 77.62
CA GLN V 82 -41.56 -50.03 76.71
C GLN V 82 -41.83 -48.69 76.05
N ARG V 83 -41.72 -47.61 76.80
CA ARG V 83 -41.87 -46.28 76.23
C ARG V 83 -40.83 -46.04 75.14
N ARG V 84 -39.59 -46.44 75.40
CA ARG V 84 -38.52 -46.24 74.43
C ARG V 84 -38.79 -47.03 73.15
N GLU V 85 -39.16 -48.30 73.30
CA GLU V 85 -39.37 -49.14 72.13
C GLU V 85 -40.61 -48.71 71.35
N ALA V 86 -41.59 -48.13 72.05
CA ALA V 86 -42.70 -47.52 71.34
C ALA V 86 -42.25 -46.25 70.62
N LEU V 87 -41.30 -45.53 71.21
CA LEU V 87 -40.85 -44.27 70.61
C LEU V 87 -40.11 -44.53 69.31
N ASN V 88 -39.19 -45.50 69.28
CA ASN V 88 -38.53 -45.82 68.02
C ASN V 88 -39.51 -46.39 67.02
N ASN V 89 -40.43 -47.23 67.49
CA ASN V 89 -41.48 -47.75 66.63
C ASN V 89 -42.44 -46.62 66.26
N GLY V 90 -43.26 -46.88 65.24
CA GLY V 90 -44.23 -45.88 64.84
C GLY V 90 -45.39 -45.74 65.80
N THR V 91 -45.44 -46.57 66.84
CA THR V 91 -46.59 -46.57 67.74
C THR V 91 -46.73 -45.26 68.48
N LEU V 92 -45.62 -44.69 68.92
CA LEU V 92 -45.64 -43.50 69.77
C LEU V 92 -45.20 -42.28 68.98
N LEU V 93 -45.98 -41.20 69.07
CA LEU V 93 -45.56 -39.90 68.55
C LEU V 93 -44.75 -39.16 69.60
N TYR V 94 -43.82 -38.33 69.13
CA TYR V 94 -42.91 -37.68 70.06
C TYR V 94 -43.64 -36.71 70.98
N GLN V 95 -44.54 -35.90 70.43
CA GLN V 95 -45.20 -34.88 71.25
C GLN V 95 -46.13 -35.51 72.27
N ASP V 96 -46.52 -36.78 72.05
CA ASP V 96 -47.38 -37.45 73.01
C ASP V 96 -46.58 -38.10 74.14
N ASP V 97 -45.26 -38.04 74.04
CA ASP V 97 -44.43 -38.47 75.16
C ASP V 97 -44.29 -37.33 76.17
N PRO V 98 -44.80 -37.48 77.38
CA PRO V 98 -44.74 -36.37 78.33
C PRO V 98 -43.34 -36.10 78.82
N TYR V 99 -42.60 -37.15 79.18
CA TYR V 99 -41.27 -36.97 79.74
C TYR V 99 -40.31 -36.40 78.70
N ALA V 100 -40.34 -36.98 77.49
CA ALA V 100 -39.46 -36.49 76.43
C ALA V 100 -39.77 -35.05 76.09
N MET V 101 -41.05 -34.70 76.03
CA MET V 101 -41.42 -33.33 75.68
C MET V 101 -41.06 -32.37 76.79
N GLU V 102 -41.16 -32.80 78.06
CA GLU V 102 -40.72 -31.96 79.16
C GLU V 102 -39.23 -31.67 79.06
N ALA V 103 -38.44 -32.71 78.78
CA ALA V 103 -37.01 -32.50 78.57
C ALA V 103 -36.78 -31.56 77.38
N LEU V 104 -37.55 -31.74 76.32
CA LEU V 104 -37.40 -30.88 75.14
C LEU V 104 -37.64 -29.42 75.49
N ARG V 105 -38.71 -29.15 76.22
CA ARG V 105 -39.05 -27.77 76.54
C ARG V 105 -38.04 -27.16 77.49
N VAL V 106 -37.57 -27.93 78.47
CA VAL V 106 -36.60 -27.35 79.40
C VAL V 106 -35.28 -27.06 78.67
N LYS V 107 -34.82 -27.98 77.83
CA LYS V 107 -33.59 -27.73 77.08
C LYS V 107 -33.75 -26.54 76.16
N THR V 108 -34.90 -26.44 75.49
CA THR V 108 -35.14 -25.32 74.58
C THR V 108 -35.17 -24.01 75.34
N GLY V 109 -35.82 -23.97 76.50
CA GLY V 109 -35.87 -22.74 77.27
C GLY V 109 -34.50 -22.33 77.77
N ARG V 110 -33.72 -23.29 78.25
CA ARG V 110 -32.37 -22.99 78.71
C ARG V 110 -31.52 -22.47 77.56
N ASN V 111 -31.65 -23.08 76.39
CA ASN V 111 -30.88 -22.64 75.24
C ASN V 111 -31.31 -21.26 74.78
N ALA V 112 -32.61 -20.96 74.87
CA ALA V 112 -33.08 -19.63 74.50
C ALA V 112 -32.53 -18.59 75.47
N ALA V 113 -32.56 -18.89 76.76
CA ALA V 113 -32.03 -17.97 77.75
C ALA V 113 -30.55 -17.71 77.51
N TYR V 114 -29.80 -18.77 77.18
CA TYR V 114 -28.37 -18.59 76.96
C TYR V 114 -28.11 -17.90 75.63
N LEU V 115 -28.42 -18.58 74.53
CA LEU V 115 -27.82 -18.26 73.25
C LEU V 115 -28.06 -16.83 72.81
N VAL V 116 -29.28 -16.51 72.37
CA VAL V 116 -29.47 -15.21 71.74
C VAL V 116 -29.26 -14.11 72.76
N ASP V 117 -30.03 -14.18 73.84
CA ASP V 117 -30.05 -13.09 74.81
C ASP V 117 -28.67 -12.83 75.36
N ASP V 118 -28.02 -13.85 75.92
CA ASP V 118 -26.84 -13.56 76.71
C ASP V 118 -25.56 -13.63 75.89
N ASP V 119 -25.56 -14.32 74.75
CA ASP V 119 -24.45 -14.11 73.83
C ASP V 119 -24.43 -12.67 73.32
N VAL V 120 -25.59 -12.15 72.90
CA VAL V 120 -25.64 -10.75 72.51
C VAL V 120 -25.29 -9.87 73.69
N MET V 121 -25.73 -10.25 74.88
CA MET V 121 -25.43 -9.48 76.09
C MET V 121 -23.93 -9.38 76.31
N GLN V 122 -23.23 -10.51 76.22
CA GLN V 122 -21.79 -10.50 76.44
C GLN V 122 -21.07 -9.73 75.35
N LYS V 123 -21.47 -9.92 74.08
CA LYS V 123 -20.84 -9.17 73.01
C LYS V 123 -21.02 -7.67 73.20
N ILE V 124 -22.23 -7.24 73.54
CA ILE V 124 -22.49 -5.83 73.73
C ILE V 124 -21.72 -5.31 74.95
N LYS V 125 -21.69 -6.08 76.02
CA LYS V 125 -20.94 -5.66 77.21
C LYS V 125 -19.46 -5.56 76.95
N GLU V 126 -18.96 -6.33 76.00
CA GLU V 126 -17.54 -6.31 75.70
C GLU V 126 -17.10 -4.94 75.21
N GLY V 127 -18.01 -4.17 74.62
CA GLY V 127 -17.64 -2.87 74.11
C GLY V 127 -18.57 -1.69 74.38
N VAL V 128 -19.78 -1.92 74.88
CA VAL V 128 -20.83 -0.91 74.81
C VAL V 128 -21.22 -0.37 76.18
N PHE V 129 -21.60 -1.23 77.11
CA PHE V 129 -22.48 -0.85 78.22
C PHE V 129 -21.71 0.04 79.19
N ARG V 130 -22.15 1.30 79.31
CA ARG V 130 -21.45 2.25 80.16
C ARG V 130 -21.56 1.87 81.62
N THR V 131 -22.78 1.59 82.10
CA THR V 131 -22.98 1.31 83.51
C THR V 131 -23.86 0.07 83.66
N ARG V 132 -24.01 -0.36 84.90
CA ARG V 132 -24.74 -1.60 85.19
C ARG V 132 -26.22 -1.46 84.90
N GLU V 133 -26.77 -0.26 85.09
CA GLU V 133 -28.21 -0.07 84.93
C GLU V 133 -28.65 -0.31 83.49
N GLU V 134 -27.90 0.21 82.52
CA GLU V 134 -28.24 -0.04 81.13
C GLU V 134 -28.14 -1.52 80.80
N MET V 135 -27.12 -2.19 81.34
CA MET V 135 -26.99 -3.63 81.15
C MET V 135 -28.22 -4.36 81.65
N GLU V 136 -28.65 -4.06 82.88
CA GLU V 136 -29.77 -4.79 83.46
C GLU V 136 -31.03 -4.64 82.61
N GLU V 137 -31.33 -3.42 82.19
CA GLU V 137 -32.57 -3.19 81.45
C GLU V 137 -32.51 -3.76 80.05
N TYR V 138 -31.39 -3.59 79.36
CA TYR V 138 -31.28 -4.14 78.01
C TYR V 138 -31.35 -5.66 78.06
N ARG V 139 -30.73 -6.26 79.09
CA ARG V 139 -30.87 -7.69 79.30
C ARG V 139 -32.31 -8.10 79.52
N HIS V 140 -33.05 -7.35 80.35
CA HIS V 140 -34.45 -7.73 80.60
C HIS V 140 -35.26 -7.70 79.32
N SER V 141 -35.12 -6.63 78.53
CA SER V 141 -35.83 -6.53 77.27
C SER V 141 -35.46 -7.66 76.31
N ARG V 142 -34.16 -7.92 76.18
CA ARG V 142 -33.72 -8.96 75.26
C ARG V 142 -34.18 -10.33 75.73
N LEU V 143 -34.20 -10.56 77.05
CA LEU V 143 -34.67 -11.82 77.58
C LEU V 143 -36.11 -12.06 77.17
N GLN V 144 -36.98 -11.08 77.38
CA GLN V 144 -38.38 -11.26 77.02
C GLN V 144 -38.55 -11.52 75.52
N GLU V 145 -37.95 -10.64 74.70
CA GLU V 145 -38.13 -10.77 73.25
C GLU V 145 -37.54 -12.08 72.74
N GLY V 146 -36.35 -12.44 73.20
CA GLY V 146 -35.72 -13.67 72.75
C GLY V 146 -36.49 -14.90 73.21
N ALA V 147 -37.05 -14.86 74.41
CA ALA V 147 -37.89 -15.96 74.85
C ALA V 147 -39.02 -16.19 73.87
N LYS V 148 -39.78 -15.13 73.57
CA LYS V 148 -40.93 -15.33 72.70
C LYS V 148 -40.50 -15.78 71.30
N VAL V 149 -39.46 -15.15 70.74
CA VAL V 149 -39.10 -15.47 69.37
C VAL V 149 -38.50 -16.87 69.28
N TYR V 150 -37.62 -17.25 70.21
CA TYR V 150 -37.00 -18.56 70.14
C TYR V 150 -38.02 -19.65 70.38
N ALA V 151 -39.04 -19.37 71.21
CA ALA V 151 -40.13 -20.32 71.34
C ALA V 151 -40.88 -20.48 70.02
N GLU V 152 -41.23 -19.36 69.38
CA GLU V 152 -42.07 -19.47 68.18
C GLU V 152 -41.30 -20.07 67.00
N GLN V 153 -39.97 -19.97 67.01
CA GLN V 153 -39.18 -20.70 66.02
C GLN V 153 -39.31 -22.20 66.22
N PHE V 154 -39.35 -22.66 67.47
CA PHE V 154 -39.65 -24.04 67.75
C PHE V 154 -41.16 -24.26 67.83
N GLY V 155 -41.56 -25.45 68.25
CA GLY V 155 -42.98 -25.73 68.41
C GLY V 155 -43.54 -25.24 69.73
N ILE V 156 -42.66 -24.91 70.68
CA ILE V 156 -43.10 -24.52 72.01
C ILE V 156 -43.70 -23.13 71.97
N ASP V 157 -44.75 -22.92 72.76
CA ASP V 157 -45.28 -21.59 73.00
C ASP V 157 -44.77 -21.08 74.33
N PRO V 158 -44.28 -19.84 74.39
CA PRO V 158 -43.56 -19.39 75.59
C PRO V 158 -44.50 -19.03 76.73
N GLU V 159 -45.36 -19.97 77.10
CA GLU V 159 -46.27 -19.79 78.21
C GLU V 159 -46.38 -21.06 79.03
N ASP V 160 -45.51 -22.02 78.73
CA ASP V 160 -45.57 -23.30 79.42
C ASP V 160 -44.68 -23.29 80.65
N VAL V 161 -45.01 -24.15 81.63
CA VAL V 161 -44.23 -24.21 82.85
C VAL V 161 -42.81 -24.67 82.55
N ASP V 162 -42.65 -25.70 81.72
CA ASP V 162 -41.34 -26.28 81.50
C ASP V 162 -40.43 -25.32 80.74
N TYR V 163 -40.95 -24.63 79.73
CA TYR V 163 -40.14 -23.68 78.99
C TYR V 163 -39.67 -22.55 79.87
N GLN V 164 -40.57 -22.02 80.71
CA GLN V 164 -40.18 -20.94 81.61
C GLN V 164 -39.18 -21.41 82.65
N ARG V 165 -39.34 -22.65 83.14
CA ARG V 165 -38.38 -23.19 84.09
C ARG V 165 -37.00 -23.31 83.46
N GLY V 166 -36.94 -23.76 82.20
CA GLY V 166 -35.67 -23.80 81.50
C GLY V 166 -35.10 -22.42 81.28
N PHE V 167 -35.96 -21.45 80.93
CA PHE V 167 -35.47 -20.11 80.63
C PHE V 167 -34.85 -19.45 81.86
N ASN V 168 -35.21 -19.92 83.05
CA ASN V 168 -34.60 -19.47 84.29
C ASN V 168 -33.74 -20.56 84.93
N GLY V 169 -33.37 -21.58 84.16
CA GLY V 169 -32.79 -22.78 84.76
C GLY V 169 -31.48 -22.50 85.47
N ASP V 170 -30.62 -21.68 84.87
CA ASP V 170 -29.34 -21.36 85.49
C ASP V 170 -29.21 -19.86 85.60
N ILE V 171 -30.26 -19.19 86.05
CA ILE V 171 -30.29 -17.73 86.04
C ILE V 171 -29.22 -17.15 86.95
N THR V 172 -28.99 -17.79 88.11
CA THR V 172 -28.12 -17.19 89.10
C THR V 172 -26.65 -17.22 88.68
N GLU V 173 -26.17 -18.36 88.20
CA GLU V 173 -24.76 -18.45 87.84
C GLU V 173 -24.50 -17.76 86.51
N ARG V 174 -25.49 -17.77 85.63
CA ARG V 174 -25.43 -16.93 84.43
C ARG V 174 -25.27 -15.46 84.81
N ASN V 175 -26.06 -15.02 85.79
CA ASN V 175 -25.96 -13.64 86.25
C ASN V 175 -24.60 -13.36 86.87
N ILE V 176 -24.08 -14.32 87.65
CA ILE V 176 -22.75 -14.13 88.24
C ILE V 176 -21.72 -13.91 87.16
N SER V 177 -21.70 -14.78 86.16
CA SER V 177 -20.75 -14.63 85.07
C SER V 177 -20.92 -13.28 84.38
N LEU V 178 -22.16 -12.91 84.09
CA LEU V 178 -22.41 -11.74 83.25
C LEU V 178 -22.07 -10.46 83.99
N TYR V 179 -22.50 -10.35 85.26
CA TYR V 179 -22.18 -9.17 86.05
C TYR V 179 -20.70 -9.08 86.32
N GLY V 180 -20.03 -10.20 86.58
CA GLY V 180 -18.59 -10.15 86.77
C GLY V 180 -17.86 -9.70 85.52
N ALA V 181 -18.37 -10.09 84.35
CA ALA V 181 -17.76 -9.64 83.11
C ALA V 181 -17.94 -8.15 82.91
N HIS V 182 -19.12 -7.62 83.24
CA HIS V 182 -19.29 -6.17 83.18
C HIS V 182 -18.36 -5.46 84.15
N ASP V 183 -18.19 -6.03 85.35
CA ASP V 183 -17.27 -5.44 86.31
C ASP V 183 -15.85 -5.43 85.78
N ASN V 184 -15.42 -6.51 85.14
CA ASN V 184 -14.10 -6.52 84.51
C ASN V 184 -14.01 -5.48 83.42
N PHE V 185 -15.09 -5.27 82.67
CA PHE V 185 -15.08 -4.20 81.66
C PHE V 185 -14.84 -2.84 82.29
N LEU V 186 -15.57 -2.54 83.36
CA LEU V 186 -15.40 -1.23 84.02
C LEU V 186 -14.01 -1.11 84.62
N SER V 187 -13.48 -2.20 85.19
CA SER V 187 -12.13 -2.19 85.72
C SER V 187 -11.11 -1.89 84.63
N GLN V 188 -11.28 -2.51 83.46
CA GLN V 188 -10.39 -2.24 82.34
C GLN V 188 -10.48 -0.78 81.92
N GLN V 189 -11.70 -0.24 81.86
CA GLN V 189 -11.86 1.16 81.49
C GLN V 189 -11.13 2.07 82.45
N ALA V 190 -11.29 1.81 83.75
CA ALA V 190 -10.61 2.63 84.75
C ALA V 190 -9.09 2.50 84.63
N GLN V 191 -8.60 1.29 84.40
CA GLN V 191 -7.16 1.10 84.27
C GLN V 191 -6.61 1.85 83.07
N LYS V 192 -7.30 1.78 81.94
CA LYS V 192 -6.84 2.51 80.76
C LYS V 192 -6.85 4.01 81.01
N GLY V 193 -7.87 4.50 81.70
CA GLY V 193 -7.91 5.92 82.01
C GLY V 193 -6.76 6.35 82.89
N ALA V 194 -6.48 5.56 83.93
CA ALA V 194 -5.35 5.88 84.80
C ALA V 194 -4.04 5.83 84.04
N ILE V 195 -3.89 4.85 83.14
CA ILE V 195 -2.65 4.74 82.37
C ILE V 195 -2.47 5.94 81.47
N MET V 196 -3.53 6.37 80.81
CA MET V 196 -3.46 7.58 80.00
C MET V 196 -3.08 8.79 80.84
N ASN V 197 -3.68 8.93 82.02
CA ASN V 197 -3.33 10.07 82.87
C ASN V 197 -1.86 10.05 83.27
N SER V 198 -1.36 8.88 83.69
CA SER V 198 0.03 8.79 84.10
C SER V 198 0.98 9.06 82.94
N ARG V 199 0.66 8.51 81.76
CA ARG V 199 1.48 8.77 80.58
C ARG V 199 1.49 10.25 80.25
N VAL V 200 0.33 10.91 80.35
CA VAL V 200 0.28 12.34 80.04
C VAL V 200 1.17 13.12 81.01
N GLU V 201 1.07 12.82 82.31
CA GLU V 201 1.90 13.54 83.27
C GLU V 201 3.39 13.35 82.98
N LEU V 202 3.84 12.11 82.86
CA LEU V 202 5.26 11.88 82.66
C LEU V 202 5.74 12.39 81.30
N ASN V 203 4.89 12.32 80.28
CA ASN V 203 5.28 12.87 78.99
C ASN V 203 5.47 14.37 79.07
N GLY V 204 4.49 15.07 79.66
CA GLY V 204 4.60 16.51 79.78
C GLY V 204 5.81 16.93 80.60
N VAL V 205 6.24 16.11 81.55
CA VAL V 205 7.43 16.46 82.33
C VAL V 205 8.70 16.10 81.56
N LEU V 206 8.88 14.82 81.25
CA LEU V 206 10.18 14.32 80.81
C LEU V 206 10.46 14.71 79.36
N GLN V 207 9.43 15.02 78.59
CA GLN V 207 9.66 15.32 77.18
C GLN V 207 10.15 16.75 76.99
N ASP V 208 10.19 17.53 78.07
CA ASP V 208 10.83 18.84 78.03
C ASP V 208 12.31 18.71 78.36
N PRO V 209 13.21 19.09 77.45
CA PRO V 209 14.62 19.19 77.85
C PRO V 209 14.84 20.20 78.97
N ASP V 210 14.02 21.24 79.04
CA ASP V 210 14.17 22.23 80.09
C ASP V 210 13.77 21.66 81.45
N MET V 211 12.73 20.82 81.48
CA MET V 211 12.31 20.22 82.75
C MET V 211 13.30 19.15 83.19
N LEU V 212 13.87 18.41 82.24
CA LEU V 212 14.82 17.35 82.59
C LEU V 212 16.04 17.92 83.28
N ARG V 213 16.57 19.03 82.78
CA ARG V 213 17.77 19.61 83.37
C ARG V 213 17.50 20.26 84.73
N ARG V 214 16.25 20.37 85.14
CA ARG V 214 15.94 20.89 86.46
C ARG V 214 16.55 19.99 87.53
N PRO V 215 17.17 20.54 88.58
CA PRO V 215 17.79 19.70 89.61
C PRO V 215 16.79 18.94 90.46
N ASP V 216 15.48 19.17 90.30
CA ASP V 216 14.47 18.44 91.04
C ASP V 216 13.66 17.50 90.17
N SER V 217 14.05 17.28 88.91
CA SER V 217 13.31 16.35 88.06
C SER V 217 13.45 14.92 88.56
N ALA V 218 14.65 14.55 89.00
CA ALA V 218 14.88 13.20 89.48
C ALA V 218 14.05 12.90 90.73
N ASP V 219 14.05 13.84 91.68
CA ASP V 219 13.24 13.65 92.88
C ASP V 219 11.77 13.58 92.54
N PHE V 220 11.33 14.42 91.59
CA PHE V 220 9.95 14.36 91.14
C PHE V 220 9.62 12.99 90.57
N PHE V 221 10.52 12.44 89.75
CA PHE V 221 10.24 11.16 89.11
C PHE V 221 10.16 10.04 90.14
N GLU V 222 11.11 10.00 91.07
CA GLU V 222 11.06 8.99 92.12
C GLU V 222 9.77 9.10 92.92
N LYS V 223 9.44 10.33 93.36
CA LYS V 223 8.25 10.52 94.19
C LYS V 223 6.99 10.18 93.41
N TYR V 224 6.95 10.53 92.13
CA TYR V 224 5.77 10.24 91.32
C TYR V 224 5.57 8.75 91.16
N ILE V 225 6.63 8.01 90.87
CA ILE V 225 6.48 6.56 90.72
C ILE V 225 6.05 5.93 92.04
N ASP V 226 6.69 6.33 93.14
CA ASP V 226 6.32 5.77 94.44
C ASP V 226 4.88 6.14 94.81
N ASN V 227 4.48 7.37 94.51
CA ASN V 227 3.15 7.85 94.86
C ASN V 227 2.08 7.13 94.06
N GLY V 228 2.32 6.92 92.76
CA GLY V 228 1.40 6.12 91.98
C GLY V 228 1.35 4.68 92.44
N LEU V 229 2.50 4.13 92.84
CA LEU V 229 2.54 2.76 93.33
C LEU V 229 1.70 2.61 94.60
N VAL V 230 1.81 3.58 95.50
CA VAL V 230 1.12 3.47 96.80
C VAL V 230 -0.36 3.80 96.67
N THR V 231 -0.69 4.93 96.05
CA THR V 231 -2.08 5.35 96.00
C THR V 231 -2.94 4.36 95.21
N GLY V 232 -2.40 3.81 94.14
CA GLY V 232 -3.13 2.88 93.30
C GLY V 232 -3.11 3.21 91.84
N ALA V 233 -2.58 4.36 91.44
CA ALA V 233 -2.39 4.63 90.03
C ALA V 233 -1.26 3.78 89.48
N ILE V 234 -0.83 4.12 88.27
CA ILE V 234 0.16 3.28 87.60
C ILE V 234 -0.21 1.85 87.96
N PRO V 235 -1.49 1.48 87.72
CA PRO V 235 -1.86 0.16 88.19
C PRO V 235 -0.98 -0.85 87.51
N SER V 236 -0.56 -1.81 88.32
CA SER V 236 0.20 -2.97 87.88
C SER V 236 1.69 -2.80 87.78
N ASP V 237 2.41 -3.17 88.82
CA ASP V 237 3.88 -3.25 88.82
C ASP V 237 4.43 -3.52 87.43
N ALA V 238 3.78 -4.39 86.66
CA ALA V 238 4.23 -4.63 85.29
C ALA V 238 4.10 -3.38 84.44
N GLN V 239 2.91 -2.77 84.45
CA GLN V 239 2.75 -1.53 83.71
C GLN V 239 3.60 -0.41 84.32
N ALA V 240 3.89 -0.49 85.61
CA ALA V 240 4.82 0.45 86.21
C ALA V 240 6.20 0.31 85.57
N THR V 241 6.67 -0.92 85.36
CA THR V 241 7.94 -1.12 84.70
C THR V 241 7.90 -0.59 83.27
N GLN V 242 6.80 -0.84 82.57
CA GLN V 242 6.69 -0.33 81.20
C GLN V 242 6.79 1.19 81.18
N LEU V 243 6.06 1.84 82.09
CA LEU V 243 6.05 3.29 82.15
C LEU V 243 7.43 3.85 82.49
N ILE V 244 8.11 3.23 83.46
CA ILE V 244 9.45 3.66 83.83
C ILE V 244 10.42 3.51 82.67
N SER V 245 10.37 2.37 81.98
CA SER V 245 11.28 2.15 80.86
C SER V 245 11.03 3.14 79.73
N GLN V 246 9.77 3.40 79.42
CA GLN V 246 9.47 4.34 78.36
C GLN V 246 9.87 5.75 78.76
N ALA V 247 9.70 6.10 80.03
CA ALA V 247 10.17 7.39 80.52
C ALA V 247 11.67 7.51 80.39
N PHE V 248 12.39 6.44 80.71
CA PHE V 248 13.84 6.44 80.59
C PHE V 248 14.28 6.62 79.14
N SER V 249 13.59 5.94 78.21
CA SER V 249 13.90 6.13 76.79
C SER V 249 13.63 7.56 76.35
N ASP V 250 12.47 8.10 76.73
CA ASP V 250 12.15 9.48 76.37
C ASP V 250 13.21 10.44 76.90
N ALA V 251 13.57 10.31 78.17
CA ALA V 251 14.61 11.17 78.73
C ALA V 251 15.91 11.01 77.96
N SER V 252 16.31 9.78 77.65
CA SER V 252 17.54 9.55 76.91
C SER V 252 17.48 10.14 75.51
N SER V 253 16.29 10.47 75.00
CA SER V 253 16.19 11.03 73.66
C SER V 253 15.95 12.54 73.64
N ARG V 254 15.86 13.21 74.79
CA ARG V 254 15.34 14.58 74.82
C ARG V 254 16.40 15.61 75.23
N ALA V 255 17.68 15.33 75.06
CA ALA V 255 18.72 16.34 75.27
C ALA V 255 18.84 16.80 76.72
N GLY V 256 18.00 16.27 77.60
CA GLY V 256 18.13 16.51 79.01
C GLY V 256 18.31 15.24 79.81
N GLY V 257 18.43 14.11 79.13
CA GLY V 257 18.45 12.84 79.84
C GLY V 257 19.78 12.53 80.50
N ALA V 258 20.83 13.25 80.11
CA ALA V 258 22.13 13.02 80.74
C ALA V 258 22.05 13.28 82.23
N ASP V 259 21.77 14.53 82.60
CA ASP V 259 21.71 14.90 84.01
C ASP V 259 20.57 14.18 84.72
N PHE V 260 19.40 14.12 84.08
CA PHE V 260 18.25 13.49 84.71
C PHE V 260 18.52 12.03 85.02
N LEU V 261 19.10 11.30 84.08
CA LEU V 261 19.38 9.89 84.29
C LEU V 261 20.50 9.69 85.31
N MET V 262 21.53 10.54 85.26
CA MET V 262 22.57 10.47 86.28
C MET V 262 21.99 10.63 87.68
N ARG V 263 21.02 11.53 87.83
CA ARG V 263 20.46 11.77 89.15
C ARG V 263 19.48 10.67 89.57
N VAL V 264 18.67 10.17 88.62
CA VAL V 264 17.73 9.11 88.96
C VAL V 264 18.40 7.76 89.12
N GLY V 265 19.66 7.62 88.72
CA GLY V 265 20.32 6.34 88.85
C GLY V 265 20.42 5.87 90.30
N ASP V 266 20.72 6.78 91.21
CA ASP V 266 20.84 6.40 92.61
C ASP V 266 19.48 6.33 93.31
N LYS V 267 18.42 6.75 92.63
CA LYS V 267 17.11 6.76 93.26
C LYS V 267 16.54 5.35 93.32
N LYS V 268 15.58 5.13 94.21
CA LYS V 268 15.06 3.81 94.50
C LYS V 268 13.61 3.67 94.08
N VAL V 269 13.24 2.46 93.65
CA VAL V 269 11.86 2.12 93.32
C VAL V 269 11.53 0.80 94.00
N THR V 270 10.30 0.69 94.48
CA THR V 270 9.84 -0.50 95.22
C THR V 270 9.00 -1.35 94.29
N LEU V 271 9.59 -2.43 93.77
CA LEU V 271 8.87 -3.29 92.86
C LEU V 271 8.35 -4.51 93.62
N ASN V 272 7.61 -5.38 92.93
CA ASN V 272 7.04 -6.57 93.55
C ASN V 272 8.14 -7.47 94.11
N GLY V 273 9.21 -7.67 93.34
CA GLY V 273 10.29 -8.51 93.80
C GLY V 273 11.00 -7.96 95.02
N ALA V 274 11.31 -6.66 95.00
CA ALA V 274 12.01 -6.01 96.09
C ALA V 274 12.08 -4.52 95.80
N THR V 275 12.72 -3.79 96.70
CA THR V 275 13.07 -2.40 96.48
C THR V 275 14.51 -2.32 95.99
N THR V 276 14.71 -1.72 94.83
CA THR V 276 16.03 -1.60 94.23
C THR V 276 16.13 -0.26 93.51
N THR V 277 17.37 0.15 93.24
CA THR V 277 17.58 1.38 92.52
C THR V 277 17.21 1.21 91.04
N TYR V 278 16.88 2.34 90.40
CA TYR V 278 16.55 2.32 88.98
C TYR V 278 17.73 1.81 88.15
N ARG V 279 18.96 2.07 88.61
CA ARG V 279 20.12 1.52 87.92
C ARG V 279 20.09 0.00 87.91
N GLU V 280 19.64 -0.61 89.00
CA GLU V 280 19.60 -2.07 89.07
C GLU V 280 18.32 -2.62 88.46
N LEU V 281 17.21 -1.91 88.61
CA LEU V 281 15.98 -2.31 87.94
C LEU V 281 16.17 -2.38 86.44
N ILE V 282 16.68 -1.30 85.85
CA ILE V 282 17.12 -1.33 84.48
C ILE V 282 18.37 -2.20 84.40
N GLY V 283 18.57 -2.83 83.25
CA GLY V 283 19.80 -3.58 83.05
C GLY V 283 21.01 -2.68 83.12
N GLU V 284 22.10 -3.21 83.69
CA GLU V 284 23.35 -2.47 83.69
C GLU V 284 23.81 -2.20 82.26
N GLU V 285 23.70 -3.19 81.39
CA GLU V 285 23.95 -2.97 79.97
C GLU V 285 22.94 -1.99 79.38
N GLN V 286 21.67 -2.11 79.79
CA GLN V 286 20.68 -1.12 79.36
C GLN V 286 20.98 0.25 79.94
N TRP V 287 21.52 0.30 81.15
CA TRP V 287 21.90 1.60 81.70
C TRP V 287 23.03 2.23 80.90
N ASN V 288 24.01 1.44 80.48
CA ASN V 288 25.07 1.97 79.62
C ASN V 288 24.51 2.43 78.29
N ALA V 289 23.59 1.65 77.71
CA ALA V 289 22.96 2.06 76.46
C ALA V 289 22.24 3.39 76.63
N LEU V 290 21.51 3.55 77.74
CA LEU V 290 20.82 4.79 78.01
C LEU V 290 21.79 5.95 78.17
N MET V 291 22.90 5.72 78.88
CA MET V 291 23.91 6.76 79.03
C MET V 291 24.45 7.21 77.68
N VAL V 292 24.84 6.26 76.85
CA VAL V 292 25.44 6.60 75.57
C VAL V 292 24.44 7.32 74.68
N THR V 293 23.19 6.83 74.64
CA THR V 293 22.22 7.45 73.77
C THR V 293 21.81 8.83 74.29
N ALA V 294 21.82 9.02 75.62
CA ALA V 294 21.52 10.34 76.17
C ALA V 294 22.64 11.32 75.85
N GLN V 295 23.89 10.87 75.93
CA GLN V 295 25.00 11.74 75.54
C GLN V 295 24.91 12.10 74.06
N ARG V 296 24.57 11.11 73.23
CA ARG V 296 24.43 11.39 71.79
C ARG V 296 23.29 12.36 71.53
N SER V 297 22.18 12.22 72.25
CA SER V 297 21.07 13.13 72.08
C SER V 297 21.45 14.55 72.50
N GLN V 298 22.17 14.68 73.62
CA GLN V 298 22.68 15.97 74.03
C GLN V 298 23.55 16.59 72.95
N PHE V 299 24.51 15.82 72.44
CA PHE V 299 25.40 16.36 71.43
C PHE V 299 24.65 16.72 70.15
N GLU V 300 23.71 15.88 69.74
CA GLU V 300 22.99 16.12 68.50
C GLU V 300 22.13 17.37 68.59
N THR V 301 21.42 17.54 69.71
CA THR V 301 20.62 18.75 69.86
C THR V 301 21.48 19.99 69.97
N ASP V 302 22.61 19.88 70.67
CA ASP V 302 23.53 21.01 70.75
C ASP V 302 24.02 21.39 69.36
N ALA V 303 24.39 20.40 68.56
CA ALA V 303 24.87 20.67 67.20
C ALA V 303 23.77 21.26 66.34
N LYS V 304 22.53 20.80 66.52
CA LYS V 304 21.44 21.32 65.70
C LYS V 304 21.16 22.79 66.03
N LEU V 305 21.09 23.13 67.32
CA LEU V 305 20.88 24.52 67.70
C LEU V 305 22.04 25.39 67.24
N ASN V 306 23.26 24.89 67.42
CA ASN V 306 24.45 25.59 67.01
C ASN V 306 24.45 25.82 65.50
N GLU V 307 24.01 24.81 64.75
CA GLU V 307 23.98 24.92 63.29
C GLU V 307 22.90 25.90 62.83
N GLN V 308 21.76 25.93 63.51
CA GLN V 308 20.73 26.91 63.15
C GLN V 308 21.23 28.32 63.39
N TYR V 309 21.90 28.56 64.52
CA TYR V 309 22.47 29.88 64.76
C TYR V 309 23.52 30.24 63.73
N ARG V 310 24.40 29.30 63.40
CA ARG V 310 25.43 29.55 62.40
C ARG V 310 24.81 29.84 61.03
N LEU V 311 23.72 29.15 60.71
CA LEU V 311 23.00 29.40 59.46
C LEU V 311 22.41 30.81 59.45
N LYS V 312 21.88 31.26 60.58
CA LYS V 312 21.37 32.63 60.63
C LYS V 312 22.50 33.63 60.35
N ILE V 313 23.66 33.41 60.95
CA ILE V 313 24.78 34.31 60.66
C ILE V 313 25.17 34.25 59.20
N ASN V 314 25.27 33.04 58.63
CA ASN V 314 25.66 32.90 57.24
C ASN V 314 24.66 33.57 56.31
N SER V 315 23.37 33.39 56.59
CA SER V 315 22.36 34.03 55.77
C SER V 315 22.44 35.54 55.88
N ALA V 316 22.88 36.05 57.04
CA ALA V 316 23.18 37.48 57.10
C ALA V 316 24.35 37.84 56.19
N LEU V 317 25.44 37.06 56.24
CA LEU V 317 26.66 37.43 55.53
C LEU V 317 26.47 37.43 54.02
N ASN V 318 25.51 36.68 53.50
CA ASN V 318 25.34 36.52 52.07
C ASN V 318 24.17 37.32 51.52
N GLN V 319 23.93 38.52 52.05
CA GLN V 319 22.92 39.39 51.47
C GLN V 319 23.50 40.13 50.27
N GLU V 320 22.62 40.55 49.37
CA GLU V 320 23.07 41.18 48.14
C GLU V 320 23.75 42.52 48.42
N ASP V 321 23.22 43.29 49.36
CA ASP V 321 23.89 44.52 49.78
C ASP V 321 24.29 44.43 51.23
N PRO V 322 25.51 44.84 51.59
CA PRO V 322 25.99 44.65 52.96
C PRO V 322 25.28 45.48 54.00
N ARG V 323 24.47 46.47 53.60
CA ARG V 323 23.70 47.21 54.60
C ARG V 323 22.59 46.35 55.18
N THR V 324 21.92 45.57 54.32
CA THR V 324 20.95 44.60 54.82
C THR V 324 21.62 43.57 55.71
N ALA V 325 22.82 43.13 55.33
CA ALA V 325 23.57 42.21 56.16
C ALA V 325 23.89 42.83 57.51
N TRP V 326 24.25 44.12 57.50
CA TRP V 326 24.56 44.79 58.75
C TRP V 326 23.33 44.89 59.65
N GLU V 327 22.16 45.18 59.06
CA GLU V 327 20.93 45.21 59.84
C GLU V 327 20.63 43.84 60.45
N MET V 328 20.79 42.79 59.66
CA MET V 328 20.55 41.44 60.17
C MET V 328 21.53 41.09 61.27
N LEU V 329 22.80 41.47 61.11
CA LEU V 329 23.78 41.17 62.15
C LEU V 329 23.48 41.94 63.42
N GLN V 330 23.00 43.18 63.29
CA GLN V 330 22.62 43.94 64.47
C GLN V 330 21.43 43.31 65.17
N GLY V 331 20.47 42.80 64.41
CA GLY V 331 19.36 42.08 65.03
C GLY V 331 19.81 40.83 65.75
N ILE V 332 20.74 40.08 65.14
CA ILE V 332 21.27 38.89 65.79
C ILE V 332 22.03 39.28 67.05
N LYS V 333 22.74 40.40 67.01
CA LYS V 333 23.41 40.87 68.21
C LYS V 333 22.40 41.20 69.30
N ALA V 334 21.29 41.83 68.93
CA ALA V 334 20.28 42.16 69.92
C ALA V 334 19.71 40.89 70.57
N GLU V 335 19.37 39.89 69.75
CA GLU V 335 18.81 38.67 70.33
C GLU V 335 19.86 37.92 71.15
N LEU V 336 21.14 38.04 70.77
CA LEU V 336 22.18 37.36 71.53
C LEU V 336 22.42 38.03 72.88
N ASP V 337 22.42 39.37 72.92
CA ASP V 337 22.48 40.05 74.20
C ASP V 337 21.27 39.73 75.06
N LYS V 338 20.10 39.54 74.45
CA LYS V 338 18.95 39.09 75.24
C LYS V 338 19.20 37.71 75.81
N VAL V 339 19.67 36.78 74.99
CA VAL V 339 19.94 35.42 75.48
C VAL V 339 21.15 35.40 76.41
N GLN V 340 22.23 36.06 76.01
CA GLN V 340 23.43 36.14 76.83
C GLN V 340 23.66 37.58 77.23
N PRO V 341 23.22 38.01 78.42
CA PRO V 341 23.43 39.41 78.81
C PRO V 341 24.89 39.83 78.86
N ASP V 342 25.77 38.93 79.29
CA ASP V 342 27.18 39.27 79.37
C ASP V 342 27.85 39.13 78.01
N GLU V 343 28.51 40.20 77.57
CA GLU V 343 29.26 40.18 76.33
C GLU V 343 30.53 39.38 76.56
N GLN V 344 30.39 38.06 76.59
CA GLN V 344 31.48 37.16 76.95
C GLN V 344 31.76 36.26 75.76
N MET V 345 33.04 35.89 75.62
CA MET V 345 33.52 35.23 74.41
C MET V 345 33.05 33.78 74.38
N THR V 346 31.74 33.63 74.17
CA THR V 346 31.16 32.34 73.79
C THR V 346 31.38 32.15 72.29
N PRO V 347 31.31 30.92 71.79
CA PRO V 347 31.47 30.73 70.34
C PRO V 347 30.44 31.51 69.54
N GLN V 348 29.25 31.70 70.09
CA GLN V 348 28.24 32.50 69.41
C GLN V 348 28.69 33.95 69.28
N ARG V 349 29.20 34.54 70.36
CA ARG V 349 29.70 35.91 70.30
C ARG V 349 30.90 36.00 69.36
N GLU V 350 31.78 35.00 69.39
CA GLU V 350 32.94 35.01 68.50
C GLU V 350 32.51 34.99 67.03
N TRP V 351 31.52 34.16 66.70
CA TRP V 351 31.02 34.10 65.34
C TRP V 351 30.31 35.39 64.95
N LEU V 352 29.57 35.98 65.88
CA LEU V 352 28.94 37.26 65.59
C LEU V 352 29.97 38.34 65.30
N ILE V 353 31.05 38.38 66.09
CA ILE V 353 32.12 39.35 65.86
C ILE V 353 32.78 39.11 64.51
N SER V 354 33.06 37.84 64.19
CA SER V 354 33.69 37.53 62.91
C SER V 354 32.79 37.95 61.76
N ALA V 355 31.48 37.71 61.88
CA ALA V 355 30.56 38.13 60.85
C ALA V 355 30.53 39.64 60.71
N GLN V 356 30.63 40.36 61.83
CA GLN V 356 30.66 41.81 61.76
C GLN V 356 31.89 42.31 61.02
N GLU V 357 33.05 41.69 61.28
CA GLU V 357 34.25 42.06 60.54
C GLU V 357 34.10 41.74 59.05
N GLN V 358 33.50 40.60 58.74
CA GLN V 358 33.33 40.21 57.35
C GLN V 358 32.34 41.13 56.62
N VAL V 359 31.30 41.58 57.32
CA VAL V 359 30.37 42.51 56.69
C VAL V 359 31.01 43.88 56.57
N GLN V 360 31.97 44.20 57.42
CA GLN V 360 32.79 45.39 57.21
C GLN V 360 33.54 45.29 55.90
N ASN V 361 34.17 44.13 55.65
CA ASN V 361 34.86 43.92 54.38
C ASN V 361 33.89 43.98 53.19
N GLN V 362 32.71 43.41 53.36
CA GLN V 362 31.70 43.47 52.31
C GLN V 362 31.28 44.91 52.04
N MET V 363 31.16 45.73 53.07
CA MET V 363 30.84 47.13 52.88
C MET V 363 31.94 47.85 52.13
N ASN V 364 33.19 47.48 52.41
CA ASN V 364 34.31 48.01 51.64
C ASN V 364 34.15 47.69 50.14
N ALA V 365 33.86 46.43 49.84
CA ALA V 365 33.65 46.03 48.45
C ALA V 365 32.46 46.76 47.84
N TRP V 366 31.38 46.92 48.61
CA TRP V 366 30.18 47.60 48.13
C TRP V 366 30.48 49.05 47.81
N THR V 367 31.29 49.71 48.63
CA THR V 367 31.70 51.07 48.34
C THR V 367 32.47 51.13 47.03
N LYS V 368 33.40 50.19 46.84
CA LYS V 368 34.15 50.17 45.58
C LYS V 368 33.22 49.97 44.40
N ALA V 369 32.26 49.05 44.52
CA ALA V 369 31.35 48.76 43.42
C ALA V 369 30.48 49.94 43.09
N GLN V 370 29.96 50.63 44.11
CA GLN V 370 29.12 51.80 43.85
C GLN V 370 29.91 52.92 43.21
N ALA V 371 31.12 53.16 43.69
CA ALA V 371 31.94 54.22 43.09
C ALA V 371 32.28 53.89 41.65
N LYS V 372 32.63 52.63 41.38
CA LYS V 372 32.93 52.23 40.01
C LYS V 372 31.71 52.39 39.13
N ALA V 373 30.54 52.02 39.65
CA ALA V 373 29.29 52.17 38.90
C ALA V 373 29.02 53.63 38.56
N LEU V 374 29.26 54.53 39.53
CA LEU V 374 29.06 55.96 39.28
C LEU V 374 30.00 56.46 38.19
N ASP V 375 31.27 56.05 38.25
CA ASP V 375 32.22 56.47 37.23
C ASP V 375 31.84 55.94 35.85
N ASP V 376 31.42 54.68 35.79
CA ASP V 376 31.00 54.11 34.52
C ASP V 376 29.76 54.80 33.98
N SER V 377 28.83 55.16 34.86
CA SER V 377 27.65 55.89 34.41
C SER V 377 28.02 57.24 33.82
N MET V 378 28.93 57.95 34.47
CA MET V 378 29.38 59.23 33.93
C MET V 378 30.03 59.04 32.56
N LYS V 379 30.93 58.07 32.44
CA LYS V 379 31.64 57.86 31.19
C LYS V 379 30.70 57.43 30.08
N SER V 380 29.75 56.55 30.39
CA SER V 380 28.79 56.10 29.38
C SER V 380 27.89 57.26 28.96
N MET V 381 27.43 58.05 29.91
CA MET V 381 26.59 59.20 29.57
C MET V 381 27.35 60.18 28.70
N ASN V 382 28.66 60.28 28.89
CA ASN V 382 29.45 61.16 28.04
C ASN V 382 29.67 60.58 26.65
N LYS V 383 29.93 59.28 26.53
CA LYS V 383 30.30 58.75 25.22
C LYS V 383 29.09 58.40 24.37
N LEU V 384 27.93 58.13 24.98
CA LEU V 384 26.72 57.98 24.19
C LEU V 384 26.39 59.26 23.44
N ASP V 385 26.71 60.41 24.03
CA ASP V 385 26.51 61.67 23.32
C ASP V 385 27.44 61.78 22.11
N VAL V 386 28.68 61.31 22.25
CA VAL V 386 29.60 61.31 21.12
C VAL V 386 29.05 60.42 20.00
N ILE V 387 28.59 59.23 20.36
CA ILE V 387 28.02 58.34 19.36
C ILE V 387 26.78 58.94 18.72
N ASP V 388 25.98 59.65 19.51
CA ASP V 388 24.81 60.32 18.95
C ASP V 388 25.22 61.38 17.93
N LYS V 389 26.27 62.15 18.25
CA LYS V 389 26.75 63.15 17.30
C LYS V 389 27.22 62.50 16.01
N GLN V 390 27.99 61.42 16.12
CA GLN V 390 28.52 60.77 14.93
C GLN V 390 27.41 60.15 14.09
N PHE V 391 26.41 59.54 14.73
CA PHE V 391 25.30 58.98 13.97
C PHE V 391 24.45 60.08 13.35
N GLN V 392 24.34 61.23 14.01
CA GLN V 392 23.65 62.36 13.41
C GLN V 392 24.37 62.83 12.15
N LYS V 393 25.70 62.88 12.21
CA LYS V 393 26.47 63.20 11.01
C LYS V 393 26.22 62.17 9.92
N ARG V 394 26.17 60.89 10.29
CA ARG V 394 25.90 59.85 9.31
C ARG V 394 24.54 60.03 8.67
N ILE V 395 23.52 60.33 9.47
CA ILE V 395 22.18 60.53 8.92
C ILE V 395 22.17 61.71 7.97
N ASN V 396 22.85 62.80 8.34
CA ASN V 396 22.85 63.99 7.50
C ASN V 396 23.73 63.85 6.28
N GLY V 397 24.16 62.64 5.93
CA GLY V 397 24.86 62.37 4.69
C GLY V 397 26.36 62.27 4.84
N GLU V 398 26.93 62.76 5.92
CA GLU V 398 28.37 62.72 6.14
C GLU V 398 28.75 61.31 6.53
N TRP V 399 29.21 60.54 5.55
CA TRP V 399 29.62 59.16 5.81
C TRP V 399 30.86 59.14 6.69
N VAL V 400 30.68 58.69 7.93
CA VAL V 400 31.75 58.64 8.91
C VAL V 400 31.75 57.24 9.54
N SER V 401 32.88 56.90 10.15
CA SER V 401 33.05 55.57 10.72
C SER V 401 32.15 55.37 11.92
N THR V 402 31.84 54.10 12.21
CA THR V 402 31.13 53.70 13.42
C THR V 402 31.94 52.74 14.26
N ASP V 403 33.24 52.65 14.02
CA ASP V 403 34.14 51.80 14.79
C ASP V 403 34.62 52.57 16.02
N PHE V 404 34.48 51.95 17.20
CA PHE V 404 34.67 52.69 18.44
C PHE V 404 36.08 53.24 18.58
N LYS V 405 37.07 52.59 17.97
CA LYS V 405 38.44 53.08 18.10
C LYS V 405 38.64 54.36 17.31
N ASP V 406 37.80 54.59 16.29
CA ASP V 406 37.86 55.85 15.55
C ASP V 406 37.00 56.92 16.21
N MET V 407 36.13 56.53 17.14
CA MET V 407 35.26 57.49 17.78
C MET V 407 36.07 58.41 18.69
N PRO V 408 35.85 59.72 18.62
CA PRO V 408 36.72 60.67 19.33
C PRO V 408 36.61 60.52 20.84
N VAL V 409 37.74 60.68 21.53
CA VAL V 409 37.79 60.60 22.99
C VAL V 409 38.11 61.99 23.52
N ASN V 410 37.29 62.47 24.45
CA ASN V 410 37.43 63.82 24.99
C ASN V 410 38.04 63.85 26.38
N GLU V 411 38.64 62.75 26.82
CA GLU V 411 39.32 62.55 28.10
C GLU V 411 38.32 62.49 29.24
N ASN V 412 37.04 62.76 29.01
CA ASN V 412 35.97 62.37 29.91
C ASN V 412 35.20 61.17 29.39
N THR V 413 35.45 60.77 28.14
CA THR V 413 34.74 59.64 27.55
C THR V 413 35.19 58.31 28.14
N GLY V 414 36.49 58.09 28.20
CA GLY V 414 37.00 56.76 28.44
C GLY V 414 37.69 56.20 27.21
N GLU V 415 37.47 54.91 26.99
CA GLU V 415 38.19 54.21 25.93
C GLU V 415 37.29 53.57 24.88
N PHE V 416 35.98 53.84 24.89
CA PHE V 416 35.08 53.31 23.86
C PHE V 416 35.18 51.80 23.69
N LYS V 417 34.78 51.07 24.71
CA LYS V 417 34.62 49.64 24.57
C LYS V 417 33.44 49.34 23.65
N HIS V 418 33.44 48.15 23.07
CA HIS V 418 32.42 47.78 22.08
C HIS V 418 31.01 47.76 22.65
N SER V 419 30.87 47.63 23.97
CA SER V 419 29.53 47.50 24.55
C SER V 419 28.73 48.78 24.42
N ASP V 420 29.41 49.92 24.35
CA ASP V 420 28.69 51.19 24.38
C ASP V 420 27.88 51.41 23.11
N MET V 421 28.30 50.78 22.01
CA MET V 421 27.57 50.94 20.76
C MET V 421 26.22 50.24 20.80
N VAL V 422 26.19 48.98 21.26
CA VAL V 422 24.91 48.31 21.42
C VAL V 422 24.09 48.99 22.49
N ASN V 423 24.74 49.51 23.53
CA ASN V 423 24.03 50.29 24.53
C ASN V 423 23.36 51.51 23.90
N TYR V 424 24.09 52.21 23.04
CA TYR V 424 23.55 53.40 22.39
C TYR V 424 22.40 53.05 21.48
N ALA V 425 22.53 51.95 20.73
CA ALA V 425 21.44 51.56 19.83
C ALA V 425 20.18 51.23 20.63
N ASN V 426 20.32 50.47 21.72
CA ASN V 426 19.15 50.13 22.51
C ASN V 426 18.51 51.38 23.11
N LYS V 427 19.32 52.26 23.68
CA LYS V 427 18.73 53.42 24.34
C LYS V 427 18.15 54.39 23.33
N LYS V 428 18.75 54.49 22.14
CA LYS V 428 18.20 55.34 21.09
C LYS V 428 16.88 54.80 20.57
N LEU V 429 16.78 53.49 20.38
CA LEU V 429 15.51 52.93 19.95
C LEU V 429 14.43 53.17 21.00
N ALA V 430 14.78 52.97 22.27
CA ALA V 430 13.83 53.26 23.34
C ALA V 430 13.43 54.73 23.35
N GLU V 431 14.38 55.63 23.13
CA GLU V 431 14.07 57.06 23.09
C GLU V 431 13.15 57.41 21.93
N ILE V 432 13.39 56.83 20.76
CA ILE V 432 12.52 57.05 19.62
C ILE V 432 11.11 56.58 19.95
N ASP V 433 11.01 55.40 20.56
CA ASP V 433 9.70 54.89 20.98
C ASP V 433 9.08 55.79 22.03
N SER V 434 9.92 56.53 22.77
CA SER V 434 9.42 57.31 23.90
C SER V 434 9.11 58.76 23.52
N MET V 435 9.41 59.16 22.28
CA MET V 435 9.17 60.54 21.90
C MET V 435 7.67 60.81 21.75
N ASP V 436 7.32 62.09 21.74
CA ASP V 436 5.93 62.51 21.61
C ASP V 436 5.51 62.69 20.15
N ILE V 437 6.41 62.40 19.21
CA ILE V 437 6.11 62.49 17.78
C ILE V 437 5.08 61.42 17.42
N PRO V 438 4.38 61.56 16.29
CA PRO V 438 3.43 60.52 15.88
C PRO V 438 4.15 59.21 15.58
N ASP V 439 3.44 58.10 15.79
CA ASP V 439 4.07 56.78 15.71
C ASP V 439 4.64 56.51 14.32
N GLY V 440 4.01 57.05 13.27
CA GLY V 440 4.58 56.92 11.95
C GLY V 440 5.94 57.55 11.84
N ALA V 441 6.11 58.73 12.45
CA ALA V 441 7.42 59.38 12.49
C ALA V 441 8.40 58.56 13.32
N LYS V 442 7.92 57.89 14.37
CA LYS V 442 8.80 57.02 15.14
C LYS V 442 9.35 55.91 14.25
N ASP V 443 8.47 55.26 13.49
CA ASP V 443 8.92 54.19 12.60
C ASP V 443 9.85 54.73 11.53
N ALA V 444 9.56 55.92 10.99
CA ALA V 444 10.44 56.51 9.99
C ALA V 444 11.83 56.78 10.57
N MET V 445 11.91 57.31 11.79
CA MET V 445 13.21 57.55 12.39
C MET V 445 13.92 56.23 12.70
N LYS V 446 13.18 55.21 13.10
CA LYS V 446 13.82 53.92 13.36
C LYS V 446 14.44 53.37 12.09
N LEU V 447 13.72 53.48 10.96
CA LEU V 447 14.30 53.08 9.68
C LEU V 447 15.51 53.93 9.33
N LYS V 448 15.43 55.24 9.60
CA LYS V 448 16.55 56.12 9.28
C LYS V 448 17.78 55.76 10.08
N TYR V 449 17.60 55.39 11.35
CA TYR V 449 18.75 54.96 12.14
C TYR V 449 19.20 53.57 11.72
N LEU V 450 18.34 52.82 11.06
CA LEU V 450 18.69 51.45 10.63
C LEU V 450 19.50 51.48 9.36
N GLN V 451 19.20 52.44 8.49
CA GLN V 451 19.92 52.54 7.22
C GLN V 451 21.38 52.79 7.50
N ALA V 452 21.64 53.55 8.56
CA ALA V 452 22.89 54.26 8.72
C ALA V 452 23.88 53.52 9.60
N ASP V 453 24.15 52.26 9.29
CA ASP V 453 25.16 51.51 10.06
C ASP V 453 26.19 50.89 9.14
N SER V 454 27.35 50.52 9.70
CA SER V 454 28.40 49.89 8.92
C SER V 454 28.02 48.49 8.44
N LYS V 455 26.77 48.09 8.60
CA LYS V 455 26.21 46.75 8.41
C LYS V 455 26.67 45.82 9.52
N ASP V 456 27.63 46.25 10.34
CA ASP V 456 27.90 45.60 11.61
C ASP V 456 27.08 46.24 12.72
N GLY V 457 26.38 47.33 12.40
CA GLY V 457 25.83 48.23 13.38
C GLY V 457 24.89 47.56 14.38
N ALA V 458 24.85 48.15 15.56
CA ALA V 458 24.01 47.61 16.62
C ALA V 458 22.55 47.90 16.34
N PHE V 459 22.24 48.90 15.51
CA PHE V 459 20.86 49.11 15.10
C PHE V 459 20.35 47.96 14.25
N ARG V 460 21.17 47.50 13.29
CA ARG V 460 20.77 46.35 12.49
C ARG V 460 20.69 45.10 13.35
N THR V 461 21.60 44.93 14.30
CA THR V 461 21.53 43.78 15.19
C THR V 461 20.26 43.82 16.03
N ALA V 462 19.89 45.01 16.51
CA ALA V 462 18.67 45.14 17.31
C ALA V 462 17.42 44.88 16.48
N ILE V 463 17.39 45.40 15.25
CA ILE V 463 16.22 45.19 14.41
C ILE V 463 16.13 43.72 13.97
N GLY V 464 17.27 43.08 13.72
CA GLY V 464 17.27 41.66 13.45
C GLY V 464 16.83 40.84 14.65
N THR V 465 17.19 41.30 15.85
CA THR V 465 16.67 40.69 17.05
C THR V 465 15.15 40.82 17.10
N MET V 466 14.63 41.99 16.73
CA MET V 466 13.19 42.19 16.67
C MET V 466 12.54 41.26 15.66
N VAL V 467 13.16 41.11 14.50
CA VAL V 467 12.61 40.27 13.44
C VAL V 467 12.60 38.81 13.87
N THR V 468 13.70 38.33 14.45
CA THR V 468 13.76 36.95 14.89
C THR V 468 12.83 36.71 16.07
N ASP V 469 12.62 37.75 16.90
CA ASP V 469 11.65 37.63 17.99
C ASP V 469 10.24 37.47 17.45
N ALA V 470 9.88 38.24 16.43
CA ALA V 470 8.57 38.09 15.80
C ALA V 470 8.44 36.72 15.14
N GLY V 471 9.48 36.28 14.45
CA GLY V 471 9.45 34.95 13.85
C GLY V 471 9.30 33.86 14.89
N GLN V 472 9.96 34.04 16.04
CA GLN V 472 9.83 33.09 17.13
C GLN V 472 8.41 33.07 17.67
N GLU V 473 7.78 34.24 17.80
CA GLU V 473 6.37 34.25 18.22
C GLU V 473 5.49 33.52 17.22
N TRP V 474 5.74 33.71 15.93
CA TRP V 474 4.95 32.98 14.95
C TRP V 474 5.18 31.48 15.03
N SER V 475 6.44 31.07 15.22
CA SER V 475 6.75 29.65 15.34
C SER V 475 6.08 29.06 16.58
N ALA V 476 6.12 29.77 17.69
CA ALA V 476 5.44 29.31 18.90
C ALA V 476 3.94 29.21 18.68
N ALA V 477 3.37 30.17 17.96
CA ALA V 477 1.95 30.12 17.66
C ALA V 477 1.61 28.90 16.82
N VAL V 478 2.46 28.58 15.84
CA VAL V 478 2.23 27.40 15.01
C VAL V 478 2.29 26.15 15.85
N ILE V 479 3.30 26.04 16.71
CA ILE V 479 3.46 24.86 17.56
C ILE V 479 2.27 24.72 18.49
N ASN V 480 1.86 25.82 19.13
CA ASN V 480 0.75 25.77 20.07
C ASN V 480 -0.58 25.55 19.38
N GLY V 481 -0.65 25.78 18.07
CA GLY V 481 -1.90 25.68 17.35
C GLY V 481 -2.83 26.85 17.53
N LYS V 482 -2.41 27.87 18.27
CA LYS V 482 -3.22 29.06 18.46
C LYS V 482 -2.28 30.26 18.54
N LEU V 483 -2.82 31.42 18.27
CA LEU V 483 -2.01 32.64 18.30
C LEU V 483 -1.97 33.19 19.72
N PRO V 484 -0.81 33.60 20.21
CA PRO V 484 -0.75 34.20 21.54
C PRO V 484 -1.44 35.56 21.56
N GLU V 485 -1.76 36.01 22.75
CA GLU V 485 -2.29 37.35 22.91
C GLU V 485 -1.16 38.38 22.99
N ARG V 486 -1.48 39.59 22.55
CA ARG V 486 -0.68 40.80 22.72
C ARG V 486 0.54 40.83 21.79
N THR V 487 0.93 39.68 21.25
CA THR V 487 1.89 39.57 20.15
C THR V 487 2.91 40.71 20.07
N PRO V 488 3.69 40.93 21.13
CA PRO V 488 4.49 42.18 21.19
C PRO V 488 5.51 42.32 20.07
N ALA V 489 6.36 41.30 19.88
CA ALA V 489 7.35 41.36 18.82
C ALA V 489 6.69 41.45 17.45
N MET V 490 5.57 40.74 17.29
CA MET V 490 4.82 40.82 16.04
C MET V 490 4.34 42.24 15.78
N ASP V 491 3.85 42.91 16.82
CA ASP V 491 3.39 44.30 16.65
C ASP V 491 4.54 45.23 16.30
N ALA V 492 5.67 45.09 16.98
CA ALA V 492 6.80 45.97 16.69
C ALA V 492 7.30 45.78 15.26
N LEU V 493 7.43 44.51 14.84
CA LEU V 493 7.86 44.27 13.48
C LEU V 493 6.82 44.75 12.48
N ARG V 494 5.54 44.61 12.81
CA ARG V 494 4.50 45.06 11.91
C ARG V 494 4.58 46.55 11.67
N ARG V 495 4.79 47.32 12.75
CA ARG V 495 4.95 48.76 12.58
C ARG V 495 6.18 49.08 11.73
N ILE V 496 7.33 48.52 12.11
CA ILE V 496 8.57 48.91 11.45
C ILE V 496 8.57 48.43 10.00
N ARG V 497 7.74 47.45 9.67
CA ARG V 497 7.66 46.98 8.30
C ARG V 497 6.64 47.76 7.48
N ASN V 498 5.52 48.12 8.09
CA ASN V 498 4.56 49.00 7.42
C ASN V 498 5.19 50.34 7.12
N ALA V 499 6.23 50.71 7.87
CA ALA V 499 6.99 51.90 7.51
C ALA V 499 7.67 51.72 6.15
N ASP V 500 8.41 50.63 5.97
CA ASP V 500 9.17 50.39 4.74
C ASP V 500 9.28 48.90 4.48
N PRO V 501 8.32 48.31 3.77
CA PRO V 501 8.35 46.85 3.59
C PRO V 501 9.50 46.35 2.74
N GLN V 502 9.79 47.00 1.60
CA GLN V 502 10.85 46.53 0.73
C GLN V 502 12.20 46.57 1.43
N LEU V 503 12.49 47.64 2.17
CA LEU V 503 13.78 47.76 2.84
C LEU V 503 13.96 46.69 3.90
N ILE V 504 12.95 46.49 4.74
CA ILE V 504 13.06 45.49 5.80
C ILE V 504 13.20 44.11 5.20
N ALA V 505 12.39 43.81 4.17
CA ALA V 505 12.49 42.51 3.53
C ALA V 505 13.86 42.29 2.92
N ALA V 506 14.44 43.32 2.32
CA ALA V 506 15.78 43.20 1.75
C ALA V 506 16.83 42.98 2.83
N LEU V 507 16.72 43.69 3.96
CA LEU V 507 17.74 43.59 4.98
C LEU V 507 17.69 42.25 5.70
N TYR V 508 16.54 41.59 5.69
CA TYR V 508 16.37 40.31 6.38
C TYR V 508 15.67 39.33 5.44
N PRO V 509 16.35 38.89 4.38
CA PRO V 509 15.71 37.98 3.43
C PRO V 509 15.34 36.64 4.03
N ASP V 510 15.99 36.28 5.14
CA ASP V 510 15.74 34.98 5.75
C ASP V 510 14.28 34.84 6.15
N GLN V 511 13.71 35.88 6.76
CA GLN V 511 12.33 35.80 7.20
C GLN V 511 11.37 36.27 6.11
N ALA V 512 11.59 35.80 4.89
CA ALA V 512 10.65 36.09 3.81
C ALA V 512 9.31 35.44 4.09
N GLU V 513 9.33 34.22 4.63
CA GLU V 513 8.10 33.52 4.98
C GLU V 513 7.34 34.27 6.07
N LEU V 514 8.06 34.79 7.07
CA LEU V 514 7.41 35.56 8.13
C LEU V 514 6.82 36.85 7.59
N PHE V 515 7.55 37.53 6.71
CA PHE V 515 7.02 38.76 6.13
C PHE V 515 5.78 38.47 5.29
N LEU V 516 5.79 37.39 4.52
CA LEU V 516 4.62 37.02 3.73
C LEU V 516 3.45 36.65 4.62
N THR V 517 3.71 35.94 5.73
CA THR V 517 2.62 35.59 6.63
C THR V 517 1.99 36.84 7.23
N MET V 518 2.82 37.78 7.69
CA MET V 518 2.29 39.03 8.21
C MET V 518 1.50 39.77 7.15
N ASP V 519 2.02 39.76 5.92
CA ASP V 519 1.36 40.44 4.81
C ASP V 519 -0.01 39.86 4.56
N MET V 520 -0.13 38.53 4.56
CA MET V 520 -1.44 37.92 4.38
C MET V 520 -2.38 38.27 5.52
N MET V 521 -1.87 38.28 6.75
CA MET V 521 -2.78 38.56 7.86
C MET V 521 -3.27 39.99 7.83
N ASP V 522 -2.42 40.95 7.50
CA ASP V 522 -2.83 42.35 7.62
C ASP V 522 -3.38 42.93 6.33
N LYS V 523 -2.60 42.97 5.24
CA LYS V 523 -3.12 43.58 4.02
C LYS V 523 -4.22 42.73 3.41
N GLN V 524 -3.99 41.44 3.25
CA GLN V 524 -5.05 40.54 2.84
C GLN V 524 -5.86 40.16 4.07
N GLY V 525 -7.04 39.60 3.83
CA GLY V 525 -7.92 39.33 4.94
C GLY V 525 -7.78 37.95 5.54
N ILE V 526 -6.71 37.22 5.19
CA ILE V 526 -6.63 35.82 5.56
C ILE V 526 -6.54 35.69 7.07
N ASP V 527 -7.40 34.84 7.63
CA ASP V 527 -7.45 34.68 9.08
C ASP V 527 -6.18 34.02 9.58
N PRO V 528 -5.60 34.51 10.67
CA PRO V 528 -4.39 33.85 11.19
C PRO V 528 -4.60 32.40 11.57
N GLN V 529 -5.83 32.02 11.91
CA GLN V 529 -6.06 30.65 12.36
C GLN V 529 -5.93 29.64 11.23
N VAL V 530 -6.44 29.97 10.04
CA VAL V 530 -6.33 29.02 8.93
C VAL V 530 -4.89 28.86 8.49
N ILE V 531 -4.14 29.96 8.45
CA ILE V 531 -2.72 29.89 8.14
C ILE V 531 -2.01 29.06 9.20
N LEU V 532 -2.34 29.29 10.46
CA LEU V 532 -1.68 28.59 11.55
C LEU V 532 -1.91 27.10 11.45
N ASP V 533 -3.16 26.70 11.16
CA ASP V 533 -3.47 25.29 10.96
C ASP V 533 -2.73 24.72 9.76
N ALA V 534 -2.66 25.50 8.67
CA ALA V 534 -1.95 25.02 7.48
C ALA V 534 -0.48 24.78 7.77
N ASP V 535 0.17 25.69 8.49
CA ASP V 535 1.56 25.47 8.86
C ASP V 535 1.71 24.27 9.79
N ARG V 536 0.75 24.10 10.70
CA ARG V 536 0.86 22.99 11.66
C ARG V 536 0.70 21.64 10.98
N LEU V 537 -0.20 21.55 9.99
CA LEU V 537 -0.33 20.31 9.24
C LEU V 537 0.89 20.06 8.36
N THR V 538 1.37 21.09 7.68
CA THR V 538 2.47 20.93 6.73
C THR V 538 3.81 20.99 7.45
N VAL V 539 4.03 19.99 8.33
CA VAL V 539 5.29 19.88 9.05
C VAL V 539 6.08 18.66 8.64
N LYS V 540 5.59 17.87 7.70
CA LYS V 540 6.29 16.68 7.23
C LYS V 540 7.15 17.10 6.03
N ARG V 541 8.42 17.39 6.31
CA ARG V 541 9.33 17.80 5.25
C ARG V 541 9.59 16.67 4.26
N SER V 542 9.75 15.45 4.75
CA SER V 542 9.83 14.22 3.98
C SER V 542 11.10 14.08 3.15
N LYS V 543 12.04 15.04 3.21
CA LYS V 543 13.31 14.93 2.50
C LYS V 543 13.14 14.83 1.00
N GLU V 544 12.57 13.72 0.52
CA GLU V 544 12.28 13.59 -0.91
C GLU V 544 11.30 14.63 -1.38
N GLN V 545 10.32 14.96 -0.53
CA GLN V 545 9.38 16.03 -0.87
C GLN V 545 10.11 17.34 -1.10
N ARG V 546 11.22 17.57 -0.37
CA ARG V 546 11.98 18.79 -0.60
C ARG V 546 12.60 18.81 -2.00
N PHE V 547 13.15 17.67 -2.45
CA PHE V 547 13.71 17.63 -3.79
C PHE V 547 12.63 17.81 -4.83
N GLU V 548 11.46 17.20 -4.62
CA GLU V 548 10.34 17.39 -5.54
C GLU V 548 9.95 18.86 -5.60
N ASP V 549 9.91 19.53 -4.45
CA ASP V 549 9.59 20.95 -4.42
C ASP V 549 10.61 21.74 -5.22
N ASP V 550 11.89 21.44 -5.04
CA ASP V 550 12.91 22.17 -5.80
C ASP V 550 12.74 21.99 -7.30
N LYS V 551 12.48 20.77 -7.75
CA LYS V 551 12.50 20.53 -9.18
C LYS V 551 11.22 21.09 -9.80
N ALA V 552 10.09 20.97 -9.09
CA ALA V 552 8.86 21.60 -9.56
C ALA V 552 8.99 23.11 -9.61
N PHE V 553 9.66 23.71 -8.62
CA PHE V 553 9.82 25.16 -8.62
C PHE V 553 10.64 25.60 -9.83
N GLU V 554 11.75 24.92 -10.08
CA GLU V 554 12.61 25.32 -11.19
C GLU V 554 11.86 25.19 -12.51
N SER V 555 11.05 24.13 -12.65
CA SER V 555 10.23 23.99 -13.83
C SER V 555 9.20 25.11 -13.94
N ALA V 556 8.59 25.49 -12.82
CA ALA V 556 7.57 26.53 -12.84
C ALA V 556 8.16 27.85 -13.31
N LEU V 557 9.38 28.17 -12.84
CA LEU V 557 10.06 29.37 -13.34
C LEU V 557 10.41 29.31 -14.81
N ASN V 558 11.10 28.25 -15.27
CA ASN V 558 11.55 28.31 -16.66
C ASN V 558 10.38 28.06 -17.61
N ALA V 559 9.20 27.78 -17.08
CA ALA V 559 7.99 27.71 -17.90
C ALA V 559 7.09 28.93 -17.75
N SER V 560 7.52 29.97 -17.03
CA SER V 560 6.59 31.02 -16.64
C SER V 560 6.31 32.01 -17.77
N LYS V 561 7.36 32.54 -18.37
CA LYS V 561 7.23 33.62 -19.36
C LYS V 561 6.54 34.83 -18.74
N ALA V 562 7.22 35.45 -17.78
CA ALA V 562 6.86 36.74 -17.23
C ALA V 562 8.12 37.55 -16.95
N PRO V 563 8.08 38.87 -17.11
CA PRO V 563 9.32 39.64 -16.92
C PRO V 563 9.92 39.49 -15.54
N GLU V 564 9.09 39.34 -14.51
CA GLU V 564 9.61 39.17 -13.16
C GLU V 564 10.18 37.77 -12.96
N ILE V 565 9.42 36.75 -13.37
CA ILE V 565 9.87 35.37 -13.15
C ILE V 565 11.06 35.05 -14.04
N ALA V 566 10.98 35.43 -15.31
CA ALA V 566 12.17 35.42 -16.13
C ALA V 566 13.12 36.50 -15.66
N ARG V 567 14.35 36.47 -16.18
CA ARG V 567 15.35 37.43 -15.77
C ARG V 567 15.55 37.33 -14.26
N MET V 568 14.76 38.09 -13.49
CA MET V 568 14.71 38.02 -12.04
C MET V 568 15.98 38.63 -11.43
N PRO V 569 15.85 39.47 -10.40
CA PRO V 569 17.03 40.19 -9.91
C PRO V 569 18.05 39.33 -9.19
N ALA V 570 17.66 38.12 -8.76
CA ALA V 570 18.54 37.15 -8.10
C ALA V 570 18.88 37.57 -6.68
N SER V 571 18.53 38.79 -6.30
CA SER V 571 18.54 39.15 -4.89
C SER V 571 17.26 38.66 -4.23
N LEU V 572 16.26 38.35 -5.05
CA LEU V 572 14.96 37.89 -4.60
C LEU V 572 14.71 36.43 -4.92
N ARG V 573 15.67 35.75 -5.54
CA ARG V 573 15.48 34.37 -5.95
C ARG V 573 15.13 33.49 -4.76
N GLU V 574 15.87 33.66 -3.66
CA GLU V 574 15.60 32.85 -2.47
C GLU V 574 14.32 33.28 -1.79
N SER V 575 14.04 34.59 -1.72
CA SER V 575 12.81 35.05 -1.13
C SER V 575 11.60 34.56 -1.92
N ALA V 576 11.69 34.59 -3.24
CA ALA V 576 10.61 34.07 -4.06
C ALA V 576 10.46 32.57 -3.91
N ARG V 577 11.58 31.86 -3.81
CA ARG V 577 11.54 30.43 -3.49
C ARG V 577 10.76 30.18 -2.20
N LYS V 578 11.10 30.90 -1.14
CA LYS V 578 10.44 30.71 0.15
C LYS V 578 8.97 31.06 0.07
N ILE V 579 8.63 32.13 -0.65
CA ILE V 579 7.23 32.53 -0.74
C ILE V 579 6.43 31.51 -1.53
N TYR V 580 7.01 30.99 -2.61
CA TYR V 580 6.35 29.96 -3.40
C TYR V 580 6.11 28.72 -2.56
N ASP V 581 7.13 28.28 -1.81
CA ASP V 581 6.94 27.15 -0.90
C ASP V 581 5.86 27.42 0.12
N SER V 582 5.87 28.60 0.72
CA SER V 582 4.93 28.91 1.78
C SER V 582 3.51 28.89 1.26
N VAL V 583 3.27 29.49 0.10
CA VAL V 583 1.91 29.52 -0.42
C VAL V 583 1.48 28.15 -0.91
N LYS V 584 2.41 27.36 -1.45
CA LYS V 584 2.07 26.02 -1.88
C LYS V 584 1.66 25.16 -0.68
N TYR V 585 2.38 25.29 0.43
CA TYR V 585 2.04 24.48 1.60
C TYR V 585 0.80 25.00 2.31
N ARG V 586 0.67 26.33 2.44
CA ARG V 586 -0.49 26.91 3.09
C ARG V 586 -1.76 26.50 2.37
N SER V 587 -1.90 26.90 1.11
CA SER V 587 -2.97 26.44 0.25
C SER V 587 -2.37 25.45 -0.74
N GLY V 588 -2.86 24.22 -0.70
CA GLY V 588 -2.28 23.21 -1.57
C GLY V 588 -2.60 23.46 -3.02
N ASN V 589 -2.16 24.61 -3.53
CA ASN V 589 -2.45 25.04 -4.89
C ASN V 589 -1.22 25.71 -5.46
N GLU V 590 -0.61 25.10 -6.48
CA GLU V 590 0.60 25.67 -7.07
C GLU V 590 0.28 26.85 -7.98
N SER V 591 -0.93 26.92 -8.51
CA SER V 591 -1.32 28.12 -9.24
C SER V 591 -1.33 29.33 -8.32
N MET V 592 -1.87 29.15 -7.11
CA MET V 592 -1.85 30.23 -6.14
C MET V 592 -0.44 30.57 -5.72
N ALA V 593 0.43 29.57 -5.61
CA ALA V 593 1.82 29.82 -5.24
C ALA V 593 2.53 30.62 -6.31
N MET V 594 2.35 30.25 -7.57
CA MET V 594 2.86 31.06 -8.68
C MET V 594 2.33 32.48 -8.63
N GLU V 595 1.02 32.63 -8.43
CA GLU V 595 0.43 33.96 -8.42
C GLU V 595 1.02 34.81 -7.30
N GLN V 596 1.17 34.22 -6.11
CA GLN V 596 1.64 34.98 -4.97
C GLN V 596 3.12 35.35 -5.11
N MET V 597 3.96 34.42 -5.56
CA MET V 597 5.37 34.77 -5.69
C MET V 597 5.59 35.73 -6.85
N THR V 598 4.78 35.61 -7.89
CA THR V 598 4.84 36.58 -8.99
C THR V 598 4.47 37.96 -8.52
N LYS V 599 3.41 38.06 -7.71
CA LYS V 599 2.98 39.37 -7.26
C LYS V 599 3.94 39.95 -6.23
N PHE V 600 4.57 39.10 -5.43
CA PHE V 600 5.67 39.55 -4.58
C PHE V 600 6.78 40.17 -5.41
N LEU V 601 7.21 39.47 -6.46
CA LEU V 601 8.27 40.00 -7.31
C LEU V 601 7.85 41.29 -8.00
N LYS V 602 6.59 41.38 -8.39
CA LYS V 602 6.12 42.60 -9.05
C LYS V 602 6.13 43.78 -8.11
N GLU V 603 5.68 43.57 -6.88
CA GLU V 603 5.65 44.64 -5.90
C GLU V 603 7.02 45.03 -5.40
N SER V 604 7.99 44.11 -5.48
CA SER V 604 9.30 44.39 -4.94
C SER V 604 10.29 44.82 -6.03
N THR V 605 9.89 44.76 -7.29
CA THR V 605 10.79 45.09 -8.39
C THR V 605 10.08 45.99 -9.40
N TYR V 606 10.87 46.70 -10.19
CA TYR V 606 10.37 47.46 -11.32
C TYR V 606 10.97 46.93 -12.61
N THR V 607 10.13 46.67 -13.60
CA THR V 607 10.57 46.13 -14.87
C THR V 607 10.80 47.28 -15.85
N PHE V 608 12.06 47.46 -16.27
CA PHE V 608 12.37 48.43 -17.29
C PHE V 608 12.09 47.85 -18.67
N THR V 609 11.50 48.65 -19.54
CA THR V 609 11.05 48.19 -20.85
C THR V 609 11.63 49.07 -21.93
N GLY V 610 11.80 48.50 -23.11
CA GLY V 610 12.36 49.24 -24.22
C GLY V 610 11.38 50.25 -24.78
N ASP V 611 11.90 51.10 -25.67
CA ASP V 611 11.07 52.12 -26.31
C ASP V 611 10.31 51.60 -27.52
N ASP V 612 10.63 50.43 -28.03
CA ASP V 612 10.03 49.96 -29.27
C ASP V 612 8.57 49.59 -29.06
N VAL V 613 7.87 49.37 -30.18
CA VAL V 613 6.46 49.01 -30.15
C VAL V 613 6.25 47.66 -29.48
N ASP V 614 7.16 46.73 -29.69
CA ASP V 614 7.08 45.43 -29.01
C ASP V 614 7.78 45.49 -27.67
N GLY V 615 7.82 46.66 -27.06
CA GLY V 615 8.80 46.96 -26.02
C GLY V 615 9.01 45.81 -25.04
N ASP V 616 10.21 45.24 -25.11
CA ASP V 616 10.57 44.13 -24.26
C ASP V 616 11.29 44.64 -23.02
N THR V 617 11.55 43.73 -22.10
CA THR V 617 12.17 44.08 -20.83
C THR V 617 13.67 44.23 -21.03
N VAL V 618 14.19 45.45 -20.80
CA VAL V 618 15.63 45.61 -20.80
C VAL V 618 16.23 45.17 -19.48
N GLY V 619 15.44 45.21 -18.41
CA GLY V 619 15.91 44.71 -17.14
C GLY V 619 14.84 44.78 -16.08
N VAL V 620 15.06 44.02 -15.01
CA VAL V 620 14.22 44.05 -13.82
C VAL V 620 15.13 44.36 -12.63
N ILE V 621 14.92 45.51 -12.01
CA ILE V 621 15.74 45.96 -10.89
C ILE V 621 14.86 46.04 -9.65
N PRO V 622 15.34 45.58 -8.49
CA PRO V 622 14.51 45.62 -7.28
C PRO V 622 14.16 47.05 -6.91
N LYS V 623 12.98 47.19 -6.32
CA LYS V 623 12.41 48.52 -6.08
C LYS V 623 13.26 49.30 -5.10
N ASN V 624 13.79 48.64 -4.06
CA ASN V 624 14.48 49.37 -3.00
C ASN V 624 15.80 49.94 -3.49
N MET V 625 16.42 49.31 -4.49
CA MET V 625 17.74 49.74 -4.91
C MET V 625 17.70 51.11 -5.58
N MET V 626 16.52 51.58 -5.99
CA MET V 626 16.40 52.83 -6.71
C MET V 626 15.98 54.00 -5.82
N GLN V 627 15.85 53.80 -4.51
CA GLN V 627 15.36 54.87 -3.64
C GLN V 627 16.41 55.97 -3.51
N VAL V 628 15.98 57.22 -3.63
CA VAL V 628 16.91 58.33 -3.54
C VAL V 628 16.89 58.94 -2.15
N ASN V 629 15.71 59.03 -1.53
CA ASN V 629 15.64 59.51 -0.16
C ASN V 629 14.94 58.49 0.73
N SER V 630 14.64 58.86 1.97
CA SER V 630 14.17 57.89 2.94
C SER V 630 12.73 57.47 2.66
N ASP V 631 12.01 58.22 1.83
CA ASP V 631 10.65 57.85 1.51
C ASP V 631 10.67 56.56 0.69
N PRO V 632 9.92 55.54 1.09
CA PRO V 632 9.87 54.31 0.28
C PRO V 632 9.43 54.54 -1.15
N LYS V 633 8.68 55.61 -1.43
CA LYS V 633 8.20 55.91 -2.76
C LYS V 633 9.24 56.64 -3.61
N SER V 634 10.41 56.95 -3.06
CA SER V 634 11.46 57.60 -3.84
C SER V 634 12.03 56.70 -4.92
N TRP V 635 11.67 55.42 -4.91
CA TRP V 635 12.06 54.55 -6.02
C TRP V 635 11.50 55.06 -7.33
N GLU V 636 10.39 55.80 -7.31
CA GLU V 636 9.91 56.43 -8.53
C GLU V 636 10.93 57.40 -9.10
N GLN V 637 11.50 58.25 -8.26
CA GLN V 637 12.51 59.20 -8.76
C GLN V 637 13.77 58.48 -9.18
N GLY V 638 14.15 57.43 -8.45
CA GLY V 638 15.27 56.63 -8.90
C GLY V 638 15.03 55.99 -10.26
N ARG V 639 13.81 55.49 -10.47
CA ARG V 639 13.41 54.94 -11.75
C ARG V 639 13.48 55.99 -12.84
N ASP V 640 13.01 57.20 -12.57
CA ASP V 640 13.06 58.25 -13.58
C ASP V 640 14.50 58.56 -13.96
N ILE V 641 15.39 58.61 -12.96
CA ILE V 641 16.79 58.84 -13.23
C ILE V 641 17.37 57.72 -14.09
N LEU V 642 17.00 56.48 -13.80
CA LEU V 642 17.56 55.36 -14.55
C LEU V 642 17.02 55.31 -15.98
N GLU V 643 15.74 55.62 -16.17
CA GLU V 643 15.22 55.72 -17.53
C GLU V 643 15.94 56.80 -18.31
N GLU V 644 16.19 57.95 -17.68
CA GLU V 644 16.94 59.00 -18.36
C GLU V 644 18.36 58.54 -18.67
N ALA V 645 18.97 57.78 -17.76
CA ALA V 645 20.31 57.26 -18.00
C ALA V 645 20.33 56.31 -19.19
N ARG V 646 19.34 55.43 -19.29
CA ARG V 646 19.27 54.52 -20.42
C ARG V 646 19.07 55.27 -21.72
N LYS V 647 18.18 56.28 -21.72
CA LYS V 647 18.00 57.09 -22.91
C LYS V 647 19.29 57.78 -23.31
N GLY V 648 20.03 58.31 -22.34
CA GLY V 648 21.28 58.98 -22.64
C GLY V 648 22.34 58.03 -23.17
N ILE V 649 22.40 56.82 -22.62
CA ILE V 649 23.36 55.83 -23.10
C ILE V 649 23.05 55.45 -24.54
N ILE V 650 21.77 55.23 -24.85
CA ILE V 650 21.40 54.90 -26.22
C ILE V 650 21.72 56.07 -27.15
N ALA V 651 21.38 57.29 -26.72
CA ALA V 651 21.55 58.45 -27.60
C ALA V 651 23.01 58.76 -27.84
N SER V 652 23.87 58.58 -26.84
CA SER V 652 25.28 58.84 -27.03
C SER V 652 25.95 57.78 -27.90
N ASN V 653 25.52 56.53 -27.77
CA ASN V 653 26.08 55.43 -28.54
C ASN V 653 24.99 54.81 -29.40
N PRO V 654 24.74 55.36 -30.59
CA PRO V 654 23.72 54.77 -31.47
C PRO V 654 24.08 53.38 -31.98
N TRP V 655 25.33 52.95 -31.82
CA TRP V 655 25.71 51.61 -32.26
C TRP V 655 24.87 50.56 -31.56
N ILE V 656 24.58 50.77 -30.28
CA ILE V 656 23.86 49.79 -29.48
C ILE V 656 22.40 49.75 -29.91
N THR V 657 22.00 48.66 -30.55
CA THR V 657 20.58 48.42 -30.70
C THR V 657 19.99 48.18 -29.31
N ASN V 658 18.71 48.53 -29.16
CA ASN V 658 18.09 48.48 -27.83
C ASN V 658 18.17 47.09 -27.23
N LYS V 659 18.25 46.05 -28.07
CA LYS V 659 18.28 44.68 -27.58
C LYS V 659 19.60 44.35 -26.91
N GLN V 660 20.70 44.94 -27.37
CA GLN V 660 21.98 44.75 -26.69
C GLN V 660 21.94 45.30 -25.27
N LEU V 661 21.37 46.47 -25.08
CA LEU V 661 21.43 47.12 -23.78
C LEU V 661 20.63 46.33 -22.74
N THR V 662 21.28 45.97 -21.64
CA THR V 662 20.67 45.15 -20.60
C THR V 662 20.88 45.83 -19.26
N MET V 663 19.88 45.76 -18.40
CA MET V 663 19.94 46.31 -17.05
C MET V 663 19.80 45.17 -16.06
N TYR V 664 20.66 45.14 -15.05
CA TYR V 664 20.58 44.16 -13.99
C TYR V 664 21.16 44.75 -12.72
N SER V 665 20.83 44.13 -11.60
CA SER V 665 21.27 44.57 -10.29
C SER V 665 22.18 43.52 -9.70
N GLN V 666 23.32 43.96 -9.18
CA GLN V 666 24.18 43.13 -8.36
C GLN V 666 23.78 43.30 -6.90
N GLY V 667 24.65 42.88 -5.98
CA GLY V 667 24.29 42.93 -4.57
C GLY V 667 23.95 44.32 -4.09
N ASP V 668 24.65 45.34 -4.58
CA ASP V 668 24.45 46.69 -4.10
C ASP V 668 24.15 47.71 -5.18
N SER V 669 24.56 47.46 -6.42
CA SER V 669 24.51 48.47 -7.46
C SER V 669 23.69 47.99 -8.65
N ILE V 670 23.37 48.94 -9.53
CA ILE V 670 22.61 48.69 -10.74
C ILE V 670 23.52 48.94 -11.93
N TYR V 671 23.69 47.93 -12.77
CA TYR V 671 24.47 48.04 -13.99
C TYR V 671 23.55 47.99 -15.19
N LEU V 672 23.71 48.96 -16.08
CA LEU V 672 23.15 48.86 -17.41
C LEU V 672 24.31 48.79 -18.39
N MET V 673 24.33 47.74 -19.21
CA MET V 673 25.43 47.51 -20.13
C MET V 673 24.90 46.76 -21.34
N ASP V 674 25.56 46.95 -22.47
CA ASP V 674 25.20 46.24 -23.68
C ASP V 674 25.76 44.83 -23.65
N THR V 675 25.41 44.04 -24.67
CA THR V 675 25.96 42.69 -24.75
C THR V 675 27.36 42.74 -25.34
N THR V 676 28.18 43.63 -24.82
CA THR V 676 29.53 43.87 -25.33
C THR V 676 30.25 44.67 -24.25
N GLY V 677 31.56 44.66 -24.29
CA GLY V 677 32.33 45.36 -23.28
C GLY V 677 32.48 46.85 -23.48
N GLN V 678 31.76 47.45 -24.44
CA GLN V 678 31.88 48.88 -24.66
C GLN V 678 31.35 49.68 -23.48
N VAL V 679 30.06 49.52 -23.20
CA VAL V 679 29.33 50.39 -22.28
C VAL V 679 28.96 49.58 -21.07
N ARG V 680 29.37 50.06 -19.90
CA ARG V 680 28.96 49.52 -18.62
C ARG V 680 28.92 50.67 -17.64
N VAL V 681 27.72 51.02 -17.17
CA VAL V 681 27.54 52.16 -16.29
C VAL V 681 26.99 51.65 -14.96
N ARG V 682 27.65 52.05 -13.88
CA ARG V 682 27.26 51.67 -12.53
C ARG V 682 26.41 52.76 -11.90
N TYR V 683 25.35 52.35 -11.23
CA TYR V 683 24.50 53.28 -10.50
C TYR V 683 24.25 52.74 -9.10
N ASP V 684 25.03 53.24 -8.15
CA ASP V 684 24.80 52.93 -6.75
C ASP V 684 23.55 53.67 -6.25
N LYS V 685 22.95 53.13 -5.20
CA LYS V 685 21.89 53.86 -4.53
C LYS V 685 22.38 55.22 -4.05
N GLU V 686 23.64 55.26 -3.59
CA GLU V 686 24.25 56.52 -3.19
C GLU V 686 24.34 57.49 -4.37
N LEU V 687 24.72 56.98 -5.54
CA LEU V 687 24.87 57.85 -6.71
C LEU V 687 23.51 58.40 -7.16
N LEU V 688 22.49 57.53 -7.18
CA LEU V 688 21.15 58.00 -7.52
C LEU V 688 20.68 59.05 -6.53
N SER V 689 20.90 58.80 -5.24
CA SER V 689 20.56 59.79 -4.22
C SER V 689 21.30 61.10 -4.48
N LYS V 690 22.57 61.01 -4.87
CA LYS V 690 23.35 62.22 -5.11
C LYS V 690 22.77 63.06 -6.24
N VAL V 691 22.53 62.43 -7.39
CA VAL V 691 22.02 63.21 -8.53
C VAL V 691 20.63 63.74 -8.23
N TRP V 692 19.79 62.93 -7.59
CA TRP V 692 18.46 63.41 -7.25
C TRP V 692 18.51 64.57 -6.27
N SER V 693 19.38 64.49 -5.27
CA SER V 693 19.47 65.56 -4.29
C SER V 693 19.96 66.85 -4.94
N GLU V 694 20.92 66.75 -5.85
CA GLU V 694 21.40 67.94 -6.53
C GLU V 694 20.29 68.60 -7.34
N ASN V 695 19.61 67.83 -8.19
CA ASN V 695 18.56 68.41 -9.02
C ASN V 695 17.41 68.93 -8.15
N GLN V 696 17.05 68.18 -7.12
CA GLN V 696 15.96 68.58 -6.24
C GLN V 696 16.30 69.86 -5.51
N LYS V 697 17.54 70.00 -5.04
CA LYS V 697 17.93 71.22 -4.35
C LYS V 697 17.85 72.43 -5.28
N LYS V 698 18.37 72.30 -6.50
CA LYS V 698 18.33 73.47 -7.39
C LYS V 698 16.89 73.83 -7.75
N LEU V 699 16.06 72.83 -8.05
CA LEU V 699 14.66 73.12 -8.38
C LEU V 699 13.94 73.73 -7.19
N GLU V 700 14.22 73.24 -5.98
CA GLU V 700 13.54 73.70 -4.79
C GLU V 700 13.94 75.14 -4.46
N GLU V 701 15.21 75.48 -4.67
CA GLU V 701 15.64 76.86 -4.48
C GLU V 701 14.95 77.78 -5.46
N LYS V 702 14.91 77.40 -6.74
CA LYS V 702 14.25 78.25 -7.73
C LYS V 702 12.77 78.41 -7.42
N ALA V 703 12.12 77.32 -7.01
CA ALA V 703 10.70 77.38 -6.67
C ALA V 703 10.45 78.29 -5.48
N ARG V 704 11.31 78.22 -4.45
CA ARG V 704 11.12 79.09 -3.29
C ARG V 704 11.31 80.55 -3.68
N GLU V 705 12.33 80.84 -4.50
CA GLU V 705 12.51 82.21 -4.97
C GLU V 705 11.28 82.70 -5.71
N LYS V 706 10.74 81.90 -6.63
CA LYS V 706 9.58 82.33 -7.40
C LYS V 706 8.36 82.51 -6.51
N ALA V 707 8.15 81.60 -5.55
CA ALA V 707 6.99 81.72 -4.67
C ALA V 707 7.09 82.97 -3.80
N LEU V 708 8.28 83.25 -3.26
CA LEU V 708 8.45 84.48 -2.48
C LEU V 708 8.23 85.71 -3.34
N ALA V 709 8.71 85.69 -4.59
CA ALA V 709 8.47 86.82 -5.49
C ALA V 709 6.99 87.03 -5.72
N ASP V 710 6.24 85.94 -5.95
CA ASP V 710 4.81 86.07 -6.17
C ASP V 710 4.09 86.48 -4.88
N VAL V 711 4.60 86.06 -3.73
CA VAL V 711 4.05 86.42 -2.44
C VAL V 711 4.38 87.87 -2.09
N LEU W 41 -30.30 13.76 97.80
CA LEU W 41 -30.47 15.12 97.32
C LEU W 41 -30.12 15.22 95.84
N LEU W 42 -28.83 15.32 95.55
CA LEU W 42 -28.37 15.40 94.17
C LEU W 42 -28.78 14.16 93.39
N ASP W 43 -28.86 13.01 94.07
CA ASP W 43 -29.24 11.77 93.41
C ASP W 43 -30.67 11.85 92.89
N THR W 44 -31.59 12.36 93.72
CA THR W 44 -32.99 12.49 93.31
C THR W 44 -33.16 13.50 92.19
N ILE W 45 -32.47 14.64 92.28
CA ILE W 45 -32.56 15.65 91.24
C ILE W 45 -32.02 15.10 89.92
N GLY W 46 -30.89 14.40 89.98
CA GLY W 46 -30.36 13.79 88.77
C GLY W 46 -31.29 12.74 88.19
N ARG W 47 -31.92 11.94 89.05
CA ARG W 47 -32.87 10.95 88.57
C ARG W 47 -34.04 11.60 87.85
N PHE W 48 -34.61 12.66 88.44
CA PHE W 48 -35.71 13.36 87.79
C PHE W 48 -35.26 14.03 86.49
N ALA W 49 -34.06 14.60 86.48
CA ALA W 49 -33.60 15.37 85.33
C ALA W 49 -33.29 14.48 84.14
N LYS W 50 -32.57 13.38 84.37
CA LYS W 50 -32.09 12.56 83.25
C LYS W 50 -33.23 11.90 82.51
N ALA W 51 -34.24 11.42 83.23
CA ALA W 51 -35.33 10.65 82.64
C ALA W 51 -36.66 11.15 83.18
N GLY W 52 -37.69 11.12 82.33
CA GLY W 52 -38.99 11.63 82.75
C GLY W 52 -39.67 10.76 83.78
N ALA W 53 -39.61 9.44 83.58
CA ALA W 53 -40.35 8.50 84.42
C ALA W 53 -39.69 7.13 84.34
N ASP W 54 -40.42 6.13 84.84
CA ASP W 54 -40.16 4.69 84.73
C ASP W 54 -38.78 4.28 85.20
N MET W 55 -38.09 5.10 86.00
CA MET W 55 -36.79 4.73 86.53
C MET W 55 -37.04 4.18 87.93
N TYR W 56 -36.88 2.86 88.07
CA TYR W 56 -37.41 2.19 89.26
C TYR W 56 -36.33 2.00 90.33
N THR W 57 -35.05 1.97 89.94
CA THR W 57 -33.97 1.74 90.90
C THR W 57 -33.55 3.05 91.58
N ALA W 58 -34.43 3.54 92.46
CA ALA W 58 -34.09 4.71 93.27
C ALA W 58 -33.66 4.29 94.67
N LYS W 59 -34.52 3.56 95.38
CA LYS W 59 -34.09 2.89 96.59
C LYS W 59 -32.93 1.94 96.31
N GLU W 60 -32.95 1.28 95.15
CA GLU W 60 -31.82 0.45 94.76
C GLU W 60 -30.59 1.31 94.49
N GLN W 61 -30.76 2.53 93.96
CA GLN W 61 -29.61 3.41 93.76
C GLN W 61 -28.99 3.79 95.11
N ARG W 62 -29.82 4.15 96.09
CA ARG W 62 -29.29 4.47 97.41
C ARG W 62 -28.64 3.25 98.05
N ALA W 63 -29.24 2.07 97.86
CA ALA W 63 -28.66 0.84 98.40
C ALA W 63 -27.32 0.53 97.75
N ARG W 64 -27.20 0.77 96.44
CA ARG W 64 -25.94 0.54 95.75
C ARG W 64 -24.89 1.53 96.22
N ASP W 65 -25.29 2.78 96.48
CA ASP W 65 -24.35 3.73 97.08
C ASP W 65 -23.89 3.26 98.44
N LEU W 66 -24.81 2.75 99.26
CA LEU W 66 -24.45 2.19 100.56
C LEU W 66 -23.49 1.02 100.42
N ALA W 67 -23.76 0.13 99.45
CA ALA W 67 -22.90 -1.02 99.24
C ALA W 67 -21.51 -0.60 98.79
N ASP W 68 -21.43 0.39 97.90
CA ASP W 68 -20.14 0.92 97.48
C ASP W 68 -19.39 1.53 98.65
N GLU W 69 -20.08 2.28 99.50
CA GLU W 69 -19.44 2.85 100.67
C GLU W 69 -18.92 1.76 101.61
N ARG W 70 -19.72 0.72 101.82
CA ARG W 70 -19.27 -0.37 102.66
C ARG W 70 -18.04 -1.06 102.08
N SER W 71 -18.08 -1.36 100.77
CA SER W 71 -16.94 -1.99 100.13
C SER W 71 -15.70 -1.13 100.23
N ASN W 72 -15.87 0.19 100.05
CA ASN W 72 -14.76 1.11 100.27
C ASN W 72 -14.24 1.01 101.69
N GLU W 73 -15.14 0.81 102.66
CA GLU W 73 -14.72 0.69 104.05
C GLU W 73 -13.87 -0.56 104.26
N ILE W 74 -14.28 -1.69 103.67
CA ILE W 74 -13.42 -2.87 103.76
C ILE W 74 -12.08 -2.61 103.08
N ILE W 75 -12.09 -1.93 101.94
CA ILE W 75 -10.85 -1.77 101.18
C ILE W 75 -9.88 -0.85 101.93
N ARG W 76 -10.40 0.17 102.61
CA ARG W 76 -9.52 1.05 103.40
C ARG W 76 -8.94 0.31 104.60
N LYS W 77 -9.65 -0.70 105.11
CA LYS W 77 -9.08 -1.56 106.13
C LYS W 77 -7.88 -2.34 105.62
N LEU W 78 -7.70 -2.40 104.31
CA LEU W 78 -6.65 -3.19 103.69
C LEU W 78 -5.39 -2.34 103.59
N THR W 79 -4.29 -2.83 104.15
CA THR W 79 -3.08 -2.04 104.21
C THR W 79 -2.44 -1.91 102.83
N PRO W 80 -1.68 -0.83 102.61
CA PRO W 80 -1.22 -0.54 101.24
C PRO W 80 -0.44 -1.66 100.57
N GLU W 81 0.41 -2.37 101.29
CA GLU W 81 1.17 -3.45 100.68
C GLU W 81 0.24 -4.55 100.18
N GLN W 82 -0.64 -5.03 101.05
CA GLN W 82 -1.56 -6.09 100.66
C GLN W 82 -2.67 -5.55 99.77
N ARG W 83 -2.97 -4.26 99.87
CA ARG W 83 -3.89 -3.65 98.91
C ARG W 83 -3.33 -3.70 97.50
N ARG W 84 -2.06 -3.36 97.35
CA ARG W 84 -1.42 -3.48 96.04
C ARG W 84 -1.30 -4.95 95.64
N GLU W 85 -1.13 -5.83 96.61
CA GLU W 85 -1.10 -7.26 96.30
C GLU W 85 -2.41 -7.72 95.68
N ALA W 86 -3.54 -7.25 96.23
CA ALA W 86 -4.84 -7.59 95.65
C ALA W 86 -5.04 -6.90 94.31
N LEU W 87 -4.52 -5.67 94.18
CA LEU W 87 -4.66 -4.94 92.92
C LEU W 87 -3.90 -5.64 91.79
N ASN W 88 -2.72 -6.19 92.10
CA ASN W 88 -1.96 -6.92 91.09
C ASN W 88 -2.74 -8.13 90.59
N ASN W 89 -3.45 -8.80 91.49
CA ASN W 89 -4.30 -9.92 91.11
C ASN W 89 -5.63 -9.38 90.59
N GLY W 90 -6.55 -10.27 90.28
CA GLY W 90 -7.90 -9.90 89.91
C GLY W 90 -8.81 -9.70 91.10
N THR W 91 -8.23 -9.49 92.28
CA THR W 91 -9.01 -9.44 93.50
C THR W 91 -9.60 -8.06 93.75
N LEU W 92 -8.75 -7.03 93.77
CA LEU W 92 -9.20 -5.70 94.18
C LEU W 92 -10.16 -5.08 93.17
N LEU W 93 -9.99 -5.41 91.89
CA LEU W 93 -10.85 -5.02 90.77
C LEU W 93 -10.67 -3.55 90.39
N TYR W 94 -9.91 -2.77 91.15
CA TYR W 94 -9.42 -1.45 90.76
C TYR W 94 -10.49 -0.37 90.58
N GLN W 95 -11.76 -0.75 90.58
CA GLN W 95 -12.79 0.27 90.55
C GLN W 95 -13.34 0.51 91.95
N ASP W 96 -13.17 -0.48 92.83
CA ASP W 96 -13.63 -0.34 94.20
C ASP W 96 -12.53 0.26 95.09
N ASP W 97 -11.32 0.37 94.57
CA ASP W 97 -10.25 0.97 95.34
C ASP W 97 -10.50 2.47 95.45
N PRO W 98 -10.72 3.00 96.64
CA PRO W 98 -11.05 4.43 96.76
C PRO W 98 -9.86 5.32 96.45
N TYR W 99 -8.67 4.92 96.85
CA TYR W 99 -7.49 5.75 96.60
C TYR W 99 -7.16 5.82 95.12
N ALA W 100 -7.15 4.67 94.45
CA ALA W 100 -6.83 4.64 93.03
C ALA W 100 -7.86 5.41 92.21
N MET W 101 -9.14 5.18 92.47
CA MET W 101 -10.17 5.91 91.74
C MET W 101 -10.13 7.40 92.05
N GLU W 102 -9.86 7.76 93.31
CA GLU W 102 -9.78 9.18 93.65
C GLU W 102 -8.65 9.86 92.91
N ALA W 103 -7.48 9.21 92.86
CA ALA W 103 -6.37 9.76 92.07
C ALA W 103 -6.74 9.84 90.60
N LEU W 104 -7.43 8.81 90.09
CA LEU W 104 -7.87 8.82 88.71
C LEU W 104 -8.75 10.04 88.41
N ARG W 105 -9.73 10.29 89.28
CA ARG W 105 -10.63 11.42 89.06
C ARG W 105 -9.88 12.74 89.12
N VAL W 106 -8.98 12.89 90.10
CA VAL W 106 -8.26 14.15 90.23
C VAL W 106 -7.38 14.40 89.02
N LYS W 107 -6.61 13.39 88.60
CA LYS W 107 -5.73 13.55 87.45
C LYS W 107 -6.52 13.83 86.18
N THR W 108 -7.64 13.12 86.00
CA THR W 108 -8.46 13.34 84.81
C THR W 108 -9.03 14.75 84.79
N GLY W 109 -9.51 15.24 85.93
CA GLY W 109 -10.03 16.59 85.98
C GLY W 109 -8.96 17.63 85.68
N ARG W 110 -7.76 17.45 86.24
CA ARG W 110 -6.69 18.41 85.98
C ARG W 110 -6.31 18.39 84.51
N ASN W 111 -6.24 17.21 83.90
CA ASN W 111 -5.89 17.12 82.50
C ASN W 111 -6.96 17.75 81.62
N ALA W 112 -8.24 17.58 81.97
CA ALA W 112 -9.31 18.23 81.22
C ALA W 112 -9.20 19.74 81.32
N ALA W 113 -8.93 20.26 82.52
CA ALA W 113 -8.75 21.70 82.67
C ALA W 113 -7.61 22.19 81.82
N TYR W 114 -6.51 21.43 81.77
CA TYR W 114 -5.36 21.86 80.99
C TYR W 114 -5.64 21.79 79.49
N LEU W 115 -6.47 20.83 79.05
CA LEU W 115 -6.85 20.81 77.65
C LEU W 115 -7.69 22.04 77.29
N VAL W 116 -8.65 22.38 78.15
CA VAL W 116 -9.48 23.55 77.85
C VAL W 116 -8.62 24.81 77.83
N ASP W 117 -7.75 24.97 78.82
CA ASP W 117 -6.89 26.14 78.86
C ASP W 117 -5.85 26.12 77.73
N ASP W 118 -5.52 24.95 77.21
CA ASP W 118 -4.67 24.86 76.03
C ASP W 118 -5.39 25.43 74.83
N ASP W 119 -6.67 25.12 74.67
CA ASP W 119 -7.46 25.73 73.60
C ASP W 119 -7.50 27.25 73.77
N VAL W 120 -7.73 27.71 74.99
CA VAL W 120 -7.79 29.15 75.24
C VAL W 120 -6.44 29.80 74.92
N MET W 121 -5.34 29.16 75.32
CA MET W 121 -4.03 29.69 75.01
C MET W 121 -3.78 29.76 73.52
N GLN W 122 -4.20 28.72 72.79
CA GLN W 122 -4.03 28.74 71.34
C GLN W 122 -4.78 29.92 70.75
N LYS W 123 -5.98 30.20 71.24
CA LYS W 123 -6.71 31.37 70.77
C LYS W 123 -6.01 32.67 71.15
N ILE W 124 -5.45 32.74 72.35
CA ILE W 124 -4.77 33.96 72.79
C ILE W 124 -3.56 34.24 71.93
N LYS W 125 -2.77 33.21 71.61
CA LYS W 125 -1.54 33.43 70.86
C LYS W 125 -1.82 33.98 69.46
N GLU W 126 -3.05 33.85 68.97
CA GLU W 126 -3.47 34.49 67.74
C GLU W 126 -4.11 35.84 68.10
N GLY W 127 -4.70 36.51 67.12
CA GLY W 127 -5.33 37.78 67.40
C GLY W 127 -6.79 37.69 67.76
N VAL W 128 -7.23 36.57 68.34
CA VAL W 128 -8.67 36.34 68.50
C VAL W 128 -9.25 37.28 69.54
N PHE W 129 -8.60 37.41 70.70
CA PHE W 129 -9.15 38.13 71.84
C PHE W 129 -8.61 39.54 71.85
N ARG W 130 -9.47 40.51 71.57
CA ARG W 130 -9.04 41.91 71.59
C ARG W 130 -8.81 42.40 73.00
N THR W 131 -9.72 42.07 73.92
CA THR W 131 -9.62 42.53 75.29
C THR W 131 -9.69 41.35 76.24
N ARG W 132 -9.40 41.63 77.51
CA ARG W 132 -9.41 40.57 78.51
C ARG W 132 -10.80 39.97 78.68
N GLU W 133 -11.85 40.81 78.62
CA GLU W 133 -13.20 40.34 78.87
C GLU W 133 -13.59 39.23 77.91
N GLU W 134 -13.26 39.39 76.62
CA GLU W 134 -13.57 38.35 75.65
C GLU W 134 -12.88 37.05 76.01
N MET W 135 -11.61 37.13 76.42
CA MET W 135 -10.87 35.92 76.78
C MET W 135 -11.49 35.24 78.00
N GLU W 136 -11.84 36.01 79.04
CA GLU W 136 -12.44 35.40 80.22
C GLU W 136 -13.79 34.76 79.89
N GLU W 137 -14.61 35.44 79.09
CA GLU W 137 -15.90 34.87 78.73
C GLU W 137 -15.73 33.57 77.95
N TYR W 138 -14.86 33.59 76.95
CA TYR W 138 -14.62 32.38 76.16
C TYR W 138 -14.09 31.26 77.04
N ARG W 139 -13.17 31.61 77.95
CA ARG W 139 -12.56 30.61 78.80
C ARG W 139 -13.59 29.95 79.72
N HIS W 140 -14.45 30.75 80.35
CA HIS W 140 -15.47 30.19 81.24
C HIS W 140 -16.45 29.32 80.47
N SER W 141 -16.92 29.82 79.33
CA SER W 141 -17.87 29.08 78.52
C SER W 141 -17.27 27.75 78.07
N ARG W 142 -15.98 27.74 77.77
CA ARG W 142 -15.35 26.50 77.34
C ARG W 142 -15.05 25.59 78.52
N LEU W 143 -14.73 26.15 79.69
CA LEU W 143 -14.45 25.31 80.85
C LEU W 143 -15.65 24.46 81.21
N GLN W 144 -16.83 25.07 81.27
CA GLN W 144 -18.00 24.28 81.69
C GLN W 144 -18.26 23.12 80.75
N GLU W 145 -18.38 23.41 79.46
CA GLU W 145 -18.67 22.37 78.47
C GLU W 145 -17.54 21.35 78.39
N GLY W 146 -16.29 21.81 78.49
CA GLY W 146 -15.17 20.90 78.38
C GLY W 146 -15.09 19.94 79.54
N ALA W 147 -15.32 20.43 80.76
CA ALA W 147 -15.38 19.54 81.91
C ALA W 147 -16.44 18.48 81.71
N LYS W 148 -17.65 18.90 81.33
CA LYS W 148 -18.72 17.93 81.15
C LYS W 148 -18.37 16.89 80.09
N VAL W 149 -17.93 17.35 78.92
CA VAL W 149 -17.70 16.42 77.82
C VAL W 149 -16.54 15.50 78.14
N TYR W 150 -15.45 16.02 78.70
CA TYR W 150 -14.27 15.20 78.93
C TYR W 150 -14.51 14.20 80.05
N ALA W 151 -15.31 14.58 81.05
CA ALA W 151 -15.71 13.61 82.06
C ALA W 151 -16.57 12.51 81.45
N GLU W 152 -17.46 12.87 80.52
CA GLU W 152 -18.31 11.85 79.92
C GLU W 152 -17.53 10.88 79.04
N GLN W 153 -16.70 11.39 78.12
CA GLN W 153 -16.07 10.50 77.15
C GLN W 153 -14.97 9.67 77.77
N PHE W 154 -14.43 10.14 78.89
CA PHE W 154 -13.41 9.38 79.59
C PHE W 154 -14.09 8.30 80.43
N GLY W 155 -13.34 7.68 81.32
CA GLY W 155 -13.97 6.83 82.31
C GLY W 155 -15.05 7.63 83.00
N ILE W 156 -16.23 7.05 83.17
CA ILE W 156 -17.39 7.84 83.57
C ILE W 156 -17.12 8.52 84.90
N ASP W 157 -17.19 9.85 84.89
CA ASP W 157 -17.11 10.63 86.11
C ASP W 157 -18.42 11.37 86.35
N PRO W 158 -18.96 11.31 87.56
CA PRO W 158 -20.20 12.01 87.86
C PRO W 158 -19.94 13.46 88.21
N GLU W 159 -18.77 13.97 87.81
CA GLU W 159 -18.26 15.25 88.30
C GLU W 159 -18.45 15.36 89.81
N ASP W 160 -17.88 14.40 90.53
CA ASP W 160 -17.90 14.41 91.99
C ASP W 160 -16.89 15.42 92.52
N VAL W 161 -16.68 15.38 93.84
CA VAL W 161 -15.78 16.33 94.48
C VAL W 161 -14.36 16.18 93.96
N ASP W 162 -13.90 14.94 93.79
CA ASP W 162 -12.52 14.72 93.35
C ASP W 162 -12.31 15.23 91.94
N TYR W 163 -13.28 15.00 91.04
CA TYR W 163 -13.14 15.48 89.67
C TYR W 163 -13.09 17.00 89.62
N GLN W 164 -13.95 17.68 90.39
CA GLN W 164 -13.90 19.14 90.44
C GLN W 164 -12.61 19.64 91.05
N ARG W 165 -12.13 18.95 92.08
CA ARG W 165 -10.87 19.35 92.71
C ARG W 165 -9.73 19.27 91.71
N GLY W 166 -9.74 18.24 90.86
CA GLY W 166 -8.79 18.19 89.76
C GLY W 166 -9.00 19.31 88.76
N PHE W 167 -10.25 19.52 88.33
CA PHE W 167 -10.53 20.54 87.31
C PHE W 167 -10.17 21.94 87.77
N ASN W 168 -10.25 22.18 89.06
CA ASN W 168 -9.86 23.48 89.59
C ASN W 168 -8.42 23.43 90.08
N GLY W 169 -7.77 22.29 89.89
CA GLY W 169 -6.38 22.16 90.30
C GLY W 169 -5.48 23.06 89.49
N ASP W 170 -4.51 23.68 90.18
CA ASP W 170 -3.66 24.71 89.60
C ASP W 170 -4.44 25.81 88.89
N ILE W 171 -5.59 26.19 89.43
CA ILE W 171 -6.42 27.19 88.77
C ILE W 171 -5.73 28.53 88.70
N THR W 172 -4.99 28.89 89.75
CA THR W 172 -4.41 30.23 89.77
C THR W 172 -3.14 30.29 88.93
N GLU W 173 -2.36 29.22 88.89
CA GLU W 173 -1.18 29.20 88.04
C GLU W 173 -1.56 29.26 86.57
N ARG W 174 -2.63 28.53 86.21
CA ARG W 174 -3.15 28.62 84.85
C ARG W 174 -3.66 30.02 84.56
N ASN W 175 -4.28 30.67 85.56
CA ASN W 175 -4.71 32.05 85.38
C ASN W 175 -3.53 32.96 85.09
N ILE W 176 -2.46 32.86 85.88
CA ILE W 176 -1.28 33.67 85.62
C ILE W 176 -0.75 33.42 84.22
N SER W 177 -0.68 32.15 83.82
CA SER W 177 -0.17 31.82 82.49
C SER W 177 -1.01 32.49 81.40
N LEU W 178 -2.33 32.29 81.44
CA LEU W 178 -3.19 32.81 80.38
C LEU W 178 -3.21 34.34 80.37
N TYR W 179 -3.31 34.95 81.54
CA TYR W 179 -3.37 36.40 81.61
C TYR W 179 -2.05 37.02 81.18
N GLY W 180 -0.93 36.41 81.56
CA GLY W 180 0.36 36.89 81.09
C GLY W 180 0.50 36.75 79.58
N ALA W 181 -0.02 35.65 79.03
CA ALA W 181 0.02 35.48 77.58
C ALA W 181 -0.80 36.56 76.88
N HIS W 182 -1.99 36.85 77.39
CA HIS W 182 -2.81 37.90 76.77
C HIS W 182 -2.17 39.27 76.92
N ASP W 183 -1.57 39.54 78.08
CA ASP W 183 -0.90 40.81 78.27
C ASP W 183 0.29 40.94 77.31
N ASN W 184 1.01 39.85 77.11
CA ASN W 184 2.12 39.85 76.15
C ASN W 184 1.60 40.07 74.74
N PHE W 185 0.46 39.47 74.40
CA PHE W 185 -0.11 39.69 73.06
C PHE W 185 -0.49 41.15 72.87
N LEU W 186 -1.12 41.76 73.87
CA LEU W 186 -1.45 43.18 73.77
C LEU W 186 -0.19 44.03 73.67
N SER W 187 0.86 43.66 74.40
CA SER W 187 2.12 44.38 74.28
C SER W 187 2.68 44.27 72.88
N GLN W 188 2.63 43.07 72.30
CA GLN W 188 3.11 42.88 70.93
C GLN W 188 2.31 43.72 69.95
N GLN W 189 0.99 43.76 70.13
CA GLN W 189 0.15 44.57 69.25
C GLN W 189 0.51 46.04 69.36
N ALA W 190 0.71 46.54 70.59
CA ALA W 190 1.07 47.93 70.78
C ALA W 190 2.41 48.25 70.14
N GLN W 191 3.38 47.36 70.28
CA GLN W 191 4.69 47.59 69.68
C GLN W 191 4.62 47.53 68.16
N LYS W 192 3.81 46.63 67.60
CA LYS W 192 3.63 46.61 66.16
C LYS W 192 3.02 47.91 65.66
N GLY W 193 2.02 48.42 66.37
CA GLY W 193 1.44 49.69 65.99
C GLY W 193 2.43 50.84 66.08
N ALA W 194 3.23 50.87 67.15
CA ALA W 194 4.23 51.91 67.29
C ALA W 194 5.25 51.85 66.17
N ILE W 195 5.68 50.64 65.82
CA ILE W 195 6.65 50.48 64.73
C ILE W 195 6.06 50.96 63.42
N MET W 196 4.80 50.59 63.14
CA MET W 196 4.17 51.02 61.90
C MET W 196 4.04 52.54 61.85
N ASN W 197 3.61 53.15 62.96
CA ASN W 197 3.49 54.60 62.98
C ASN W 197 4.84 55.28 62.75
N SER W 198 5.87 54.80 63.45
CA SER W 198 7.20 55.41 63.31
C SER W 198 7.73 55.25 61.90
N ARG W 199 7.57 54.05 61.33
CA ARG W 199 8.05 53.80 59.98
C ARG W 199 7.31 54.67 58.98
N VAL W 200 6.00 54.81 59.12
CA VAL W 200 5.23 55.64 58.19
C VAL W 200 5.69 57.08 58.27
N GLU W 201 5.76 57.64 59.48
CA GLU W 201 6.16 59.03 59.61
C GLU W 201 7.56 59.24 59.04
N LEU W 202 8.50 58.39 59.44
CA LEU W 202 9.89 58.62 59.09
C LEU W 202 10.12 58.44 57.60
N ASN W 203 9.57 57.38 56.99
CA ASN W 203 9.84 57.18 55.57
C ASN W 203 9.02 58.15 54.72
N GLY W 204 7.90 58.64 55.24
CA GLY W 204 7.18 59.69 54.55
C GLY W 204 8.01 60.96 54.48
N VAL W 205 8.72 61.28 55.57
CA VAL W 205 9.60 62.45 55.53
C VAL W 205 10.83 62.19 54.67
N LEU W 206 11.45 61.02 54.83
CA LEU W 206 12.78 60.78 54.28
C LEU W 206 12.76 60.12 52.91
N GLN W 207 11.59 59.91 52.33
CA GLN W 207 11.50 59.37 50.98
C GLN W 207 11.29 60.47 49.96
N ASP W 208 11.27 61.73 50.38
CA ASP W 208 11.18 62.89 49.52
C ASP W 208 12.53 63.56 49.39
N PRO W 209 13.09 63.65 48.17
CA PRO W 209 14.34 64.41 48.03
C PRO W 209 14.19 65.87 48.44
N ASP W 210 13.04 66.48 48.15
CA ASP W 210 12.84 67.89 48.50
C ASP W 210 12.79 68.06 50.02
N MET W 211 12.15 67.12 50.71
CA MET W 211 12.16 67.17 52.17
C MET W 211 13.55 66.88 52.72
N LEU W 212 14.31 66.03 52.02
CA LEU W 212 15.67 65.72 52.46
C LEU W 212 16.59 66.93 52.32
N ARG W 213 16.36 67.77 51.32
CA ARG W 213 17.30 68.85 51.00
C ARG W 213 17.23 70.01 51.98
N ARG W 214 16.16 70.14 52.75
CA ARG W 214 16.08 71.21 53.74
C ARG W 214 16.89 70.85 54.98
N PRO W 215 17.53 71.83 55.66
CA PRO W 215 18.29 71.52 56.88
C PRO W 215 17.40 70.99 57.99
N ASP W 216 16.14 71.41 57.91
CA ASP W 216 15.14 70.90 58.81
C ASP W 216 14.98 69.39 58.71
N SER W 217 15.40 68.77 57.61
CA SER W 217 15.33 67.31 57.58
C SER W 217 16.27 66.70 58.60
N ALA W 218 17.54 67.09 58.58
CA ALA W 218 18.47 66.50 59.53
C ALA W 218 18.12 66.87 60.96
N ASP W 219 17.70 68.12 61.19
CA ASP W 219 17.26 68.49 62.52
C ASP W 219 16.07 67.65 62.95
N PHE W 220 15.12 67.43 62.03
CA PHE W 220 13.96 66.62 62.32
C PHE W 220 14.35 65.19 62.63
N PHE W 221 15.28 64.62 61.88
CA PHE W 221 15.67 63.24 62.13
C PHE W 221 16.28 63.09 63.51
N GLU W 222 17.17 64.01 63.89
CA GLU W 222 17.76 63.94 65.21
C GLU W 222 16.69 64.07 66.30
N LYS W 223 15.85 65.10 66.20
CA LYS W 223 14.83 65.32 67.21
C LYS W 223 13.82 64.19 67.25
N TYR W 224 13.55 63.58 66.10
CA TYR W 224 12.55 62.52 66.01
C TYR W 224 13.06 61.24 66.66
N ILE W 225 14.31 60.87 66.37
CA ILE W 225 14.89 59.72 67.04
C ILE W 225 14.96 59.97 68.53
N ASP W 226 15.37 61.17 68.93
CA ASP W 226 15.47 61.46 70.35
C ASP W 226 14.12 61.34 71.05
N ASN W 227 13.09 61.99 70.50
CA ASN W 227 11.77 61.93 71.10
C ASN W 227 11.23 60.51 71.12
N GLY W 228 11.41 59.78 70.02
CA GLY W 228 10.95 58.40 69.99
C GLY W 228 11.62 57.55 71.05
N LEU W 229 12.88 57.81 71.34
CA LEU W 229 13.53 57.07 72.43
C LEU W 229 12.92 57.48 73.77
N VAL W 230 12.91 58.76 74.08
CA VAL W 230 12.42 59.21 75.39
C VAL W 230 10.96 58.90 75.68
N THR W 231 10.08 59.13 74.71
CA THR W 231 8.65 58.92 74.94
C THR W 231 8.36 57.46 75.27
N GLY W 232 9.04 56.58 74.57
CA GLY W 232 8.80 55.16 74.72
C GLY W 232 8.44 54.59 73.38
N ALA W 233 8.36 55.45 72.37
CA ALA W 233 8.02 55.00 71.03
C ALA W 233 9.24 54.29 70.46
N ILE W 234 9.19 53.90 69.19
CA ILE W 234 10.28 53.10 68.60
C ILE W 234 10.73 52.05 69.59
N PRO W 235 10.03 50.88 69.69
CA PRO W 235 10.55 49.86 70.63
C PRO W 235 12.02 49.94 70.94
N SER W 236 12.38 49.87 72.21
CA SER W 236 13.76 50.15 72.61
C SER W 236 14.94 49.43 71.97
N ASP W 237 16.03 50.17 71.78
CA ASP W 237 17.26 49.59 71.26
C ASP W 237 17.26 49.10 69.83
N ALA W 238 17.16 47.80 69.63
CA ALA W 238 17.29 47.27 68.28
C ALA W 238 16.27 47.75 67.24
N GLN W 239 15.00 47.88 67.59
CA GLN W 239 14.06 48.41 66.62
C GLN W 239 14.53 49.77 66.16
N ALA W 240 15.09 50.55 67.09
CA ALA W 240 15.56 51.89 66.75
C ALA W 240 16.75 51.81 65.81
N THR W 241 17.68 50.89 66.04
CA THR W 241 18.81 50.74 65.12
C THR W 241 18.34 50.30 63.74
N GLN W 242 17.40 49.36 63.69
CA GLN W 242 16.89 48.93 62.39
C GLN W 242 16.21 50.09 61.67
N LEU W 243 15.42 50.88 62.39
CA LEU W 243 14.75 52.02 61.81
C LEU W 243 15.75 53.06 61.33
N ILE W 244 16.82 53.27 62.09
CA ILE W 244 17.85 54.24 61.68
C ILE W 244 18.54 53.78 60.40
N SER W 245 18.90 52.50 60.35
CA SER W 245 19.59 51.99 59.17
C SER W 245 18.68 52.03 57.95
N GLN W 246 17.41 51.68 58.11
CA GLN W 246 16.49 51.72 56.99
C GLN W 246 16.24 53.16 56.54
N ALA W 247 16.21 54.11 57.47
CA ALA W 247 16.07 55.51 57.10
C ALA W 247 17.27 55.99 56.30
N PHE W 248 18.47 55.60 56.73
CA PHE W 248 19.68 55.97 55.99
C PHE W 248 19.69 55.33 54.61
N SER W 249 19.22 54.08 54.51
CA SER W 249 19.12 53.44 53.20
C SER W 249 18.13 54.19 52.30
N ASP W 250 17.01 54.62 52.86
CA ASP W 250 16.05 55.41 52.07
C ASP W 250 16.71 56.69 51.58
N ALA W 251 17.37 57.43 52.46
CA ALA W 251 17.95 58.70 52.05
C ALA W 251 19.00 58.52 50.99
N SER W 252 19.89 57.53 51.14
CA SER W 252 20.97 57.32 50.20
C SER W 252 20.49 56.82 48.84
N SER W 253 19.17 56.71 48.63
CA SER W 253 18.62 56.33 47.34
C SER W 253 17.88 57.46 46.64
N ARG W 254 17.52 58.51 47.36
CA ARG W 254 16.83 59.65 46.78
C ARG W 254 17.85 60.65 46.24
N ALA W 255 17.32 61.69 45.57
CA ALA W 255 18.18 62.71 44.99
C ALA W 255 18.88 63.52 46.07
N GLY W 256 18.13 64.03 47.04
CA GLY W 256 18.68 64.90 48.05
C GLY W 256 19.21 64.19 49.28
N GLY W 257 19.42 62.88 49.21
CA GLY W 257 19.81 62.15 50.40
C GLY W 257 21.25 62.39 50.80
N ALA W 258 22.12 62.72 49.84
CA ALA W 258 23.52 62.93 50.17
C ALA W 258 23.70 64.12 51.11
N ASP W 259 23.01 65.21 50.82
CA ASP W 259 23.08 66.40 51.65
C ASP W 259 22.57 66.08 53.04
N PHE W 260 21.45 65.39 53.11
CA PHE W 260 20.87 65.01 54.39
C PHE W 260 21.84 64.17 55.20
N LEU W 261 22.46 63.17 54.58
CA LEU W 261 23.40 62.32 55.29
C LEU W 261 24.59 63.12 55.79
N MET W 262 25.10 64.03 54.96
CA MET W 262 26.19 64.89 55.41
C MET W 262 25.79 65.68 56.64
N ARG W 263 24.56 66.22 56.64
CA ARG W 263 24.13 67.03 57.78
C ARG W 263 23.94 66.19 59.03
N VAL W 264 23.41 64.98 58.90
CA VAL W 264 23.01 64.20 60.06
C VAL W 264 24.20 63.41 60.59
N GLY W 265 25.29 63.38 59.82
CA GLY W 265 26.44 62.58 60.22
C GLY W 265 26.97 62.95 61.59
N ASP W 266 26.94 64.23 61.94
CA ASP W 266 27.51 64.71 63.19
C ASP W 266 26.46 64.99 64.25
N LYS W 267 25.40 64.19 64.31
CA LYS W 267 24.34 64.34 65.29
C LYS W 267 24.47 63.22 66.33
N LYS W 268 24.54 63.60 67.60
CA LYS W 268 24.66 62.62 68.66
C LYS W 268 23.39 61.81 68.80
N VAL W 269 23.53 60.55 69.19
CA VAL W 269 22.41 59.67 69.47
C VAL W 269 22.81 58.74 70.59
N THR W 270 21.82 58.15 71.27
CA THR W 270 22.01 57.49 72.55
C THR W 270 21.31 56.12 72.51
N LEU W 271 21.61 55.33 71.47
CA LEU W 271 21.01 54.00 71.38
C LEU W 271 21.33 53.18 72.62
N ASN W 272 22.59 52.81 72.79
CA ASN W 272 23.02 51.98 73.90
C ASN W 272 23.38 52.88 75.08
N GLY W 273 24.09 52.33 76.06
CA GLY W 273 24.55 53.15 77.16
C GLY W 273 25.42 54.30 76.70
N ALA W 274 26.23 54.07 75.66
CA ALA W 274 27.10 55.11 75.15
C ALA W 274 26.32 56.04 74.21
N THR W 275 26.80 57.28 74.10
CA THR W 275 26.24 58.25 73.18
C THR W 275 27.28 58.54 72.10
N THR W 276 26.90 58.32 70.85
CA THR W 276 27.81 58.51 69.72
C THR W 276 27.05 59.18 68.59
N THR W 277 27.79 59.79 67.68
CA THR W 277 27.16 60.37 66.51
C THR W 277 26.69 59.27 65.56
N TYR W 278 25.78 59.63 64.66
CA TYR W 278 25.32 58.68 63.65
C TYR W 278 26.48 58.21 62.77
N ARG W 279 27.48 59.06 62.61
CA ARG W 279 28.67 58.66 61.85
C ARG W 279 29.42 57.55 62.56
N GLU W 280 29.48 57.60 63.90
CA GLU W 280 30.14 56.55 64.64
C GLU W 280 29.24 55.34 64.84
N LEU W 281 27.95 55.56 65.08
CA LEU W 281 27.01 54.45 65.24
C LEU W 281 27.00 53.58 64.00
N ILE W 282 26.76 54.18 62.84
CA ILE W 282 26.99 53.50 61.57
C ILE W 282 28.48 53.26 61.42
N GLY W 283 28.83 52.11 60.84
CA GLY W 283 30.23 51.81 60.63
C GLY W 283 30.89 52.84 59.74
N GLU W 284 32.18 53.06 59.98
CA GLU W 284 32.92 54.01 59.14
C GLU W 284 32.87 53.59 57.69
N GLU W 285 33.14 52.31 57.42
CA GLU W 285 33.05 51.82 56.06
C GLU W 285 31.60 51.89 55.58
N GLN W 286 30.65 51.66 56.48
CA GLN W 286 29.25 51.75 56.10
C GLN W 286 28.84 53.18 55.83
N TRP W 287 29.39 54.13 56.59
CA TRP W 287 29.15 55.53 56.28
C TRP W 287 29.70 55.89 54.91
N ASN W 288 30.90 55.41 54.58
CA ASN W 288 31.46 55.69 53.26
C ASN W 288 30.58 55.09 52.16
N ALA W 289 30.10 53.87 52.37
CA ALA W 289 29.21 53.24 51.40
C ALA W 289 27.93 54.05 51.24
N LEU W 290 27.33 54.50 52.35
CA LEU W 290 26.13 55.32 52.27
C LEU W 290 26.40 56.60 51.50
N MET W 291 27.53 57.25 51.76
CA MET W 291 27.83 58.51 51.08
C MET W 291 28.01 58.29 49.59
N VAL W 292 28.72 57.24 49.20
CA VAL W 292 28.96 57.00 47.78
C VAL W 292 27.67 56.64 47.07
N THR W 293 26.86 55.78 47.66
CA THR W 293 25.61 55.41 47.01
C THR W 293 24.65 56.60 46.96
N ALA W 294 24.70 57.49 47.96
CA ALA W 294 23.88 58.69 47.91
C ALA W 294 24.33 59.62 46.80
N GLN W 295 25.64 59.78 46.62
CA GLN W 295 26.15 60.59 45.53
C GLN W 295 25.74 60.01 44.18
N ARG W 296 25.83 58.70 44.04
CA ARG W 296 25.42 58.05 42.79
C ARG W 296 23.93 58.25 42.55
N SER W 297 23.12 58.15 43.60
CA SER W 297 21.68 58.38 43.43
C SER W 297 21.41 59.81 42.98
N GLN W 298 22.12 60.78 43.56
CA GLN W 298 21.97 62.16 43.13
C GLN W 298 22.34 62.32 41.66
N PHE W 299 23.46 61.74 41.25
CA PHE W 299 23.89 61.88 39.87
C PHE W 299 22.89 61.24 38.92
N GLU W 300 22.40 60.05 39.26
CA GLU W 300 21.44 59.37 38.40
C GLU W 300 20.15 60.17 38.28
N THR W 301 19.66 60.72 39.39
CA THR W 301 18.43 61.48 39.34
C THR W 301 18.60 62.73 38.50
N ASP W 302 19.70 63.45 38.67
CA ASP W 302 19.92 64.66 37.87
C ASP W 302 20.04 64.31 36.40
N ALA W 303 20.78 63.24 36.08
CA ALA W 303 20.90 62.81 34.70
C ALA W 303 19.55 62.42 34.11
N LYS W 304 18.71 61.76 34.90
CA LYS W 304 17.40 61.35 34.41
C LYS W 304 16.50 62.54 34.14
N LEU W 305 16.54 63.53 35.02
CA LEU W 305 15.76 64.75 34.78
C LEU W 305 16.24 65.47 33.52
N ASN W 306 17.56 65.53 33.33
CA ASN W 306 18.08 66.12 32.10
C ASN W 306 17.68 65.31 30.88
N GLU W 307 17.65 63.98 31.00
CA GLU W 307 17.17 63.13 29.91
C GLU W 307 15.74 63.46 29.56
N GLN W 308 14.88 63.62 30.56
CA GLN W 308 13.48 63.95 30.31
C GLN W 308 13.35 65.30 29.61
N TYR W 309 14.08 66.31 30.09
CA TYR W 309 13.99 67.62 29.48
C TYR W 309 14.49 67.61 28.05
N ARG W 310 15.63 66.97 27.81
CA ARG W 310 16.16 66.91 26.45
C ARG W 310 15.27 66.06 25.55
N LEU W 311 14.61 65.05 26.13
CA LEU W 311 13.61 64.30 25.38
C LEU W 311 12.49 65.21 24.92
N LYS W 312 12.00 66.08 25.80
CA LYS W 312 10.96 67.01 25.38
C LYS W 312 11.45 67.91 24.26
N ILE W 313 12.67 68.45 24.41
CA ILE W 313 13.21 69.35 23.39
C ILE W 313 13.32 68.63 22.05
N ASN W 314 13.91 67.43 22.05
CA ASN W 314 14.11 66.70 20.80
C ASN W 314 12.79 66.23 20.21
N SER W 315 11.82 65.90 21.07
CA SER W 315 10.52 65.50 20.60
C SER W 315 9.82 66.65 19.87
N ALA W 316 9.99 67.87 20.38
CA ALA W 316 9.53 69.03 19.63
C ALA W 316 10.32 69.19 18.34
N LEU W 317 11.63 68.99 18.39
CA LEU W 317 12.47 69.17 17.21
C LEU W 317 12.16 68.19 16.09
N ASN W 318 11.60 67.03 16.40
CA ASN W 318 11.34 66.00 15.42
C ASN W 318 9.89 65.96 14.97
N GLN W 319 9.16 67.07 15.10
CA GLN W 319 7.79 67.13 14.62
C GLN W 319 7.76 67.13 13.10
N GLU W 320 6.74 66.48 12.54
CA GLU W 320 6.61 66.45 11.09
C GLU W 320 6.30 67.84 10.54
N ASP W 321 5.40 68.57 11.19
CA ASP W 321 5.11 69.92 10.77
C ASP W 321 5.86 70.90 11.67
N PRO W 322 6.84 71.62 11.15
CA PRO W 322 7.69 72.47 11.98
C PRO W 322 6.94 73.57 12.73
N ARG W 323 5.77 73.97 12.25
CA ARG W 323 4.96 74.92 13.00
C ARG W 323 4.54 74.34 14.34
N THR W 324 4.17 73.06 14.34
CA THR W 324 3.87 72.39 15.60
C THR W 324 5.11 72.33 16.49
N ALA W 325 6.29 72.15 15.89
CA ALA W 325 7.52 72.20 16.67
C ALA W 325 7.68 73.55 17.34
N TRP W 326 7.39 74.63 16.61
CA TRP W 326 7.47 75.96 17.19
C TRP W 326 6.48 76.12 18.35
N GLU W 327 5.27 75.60 18.19
CA GLU W 327 4.29 75.69 19.27
C GLU W 327 4.78 74.95 20.51
N MET W 328 5.33 73.74 20.32
CA MET W 328 5.83 72.96 21.45
C MET W 328 7.00 73.65 22.12
N LEU W 329 7.88 74.26 21.33
CA LEU W 329 9.00 75.00 21.91
C LEU W 329 8.51 76.19 22.71
N GLN W 330 7.46 76.86 22.23
CA GLN W 330 6.90 77.97 23.00
C GLN W 330 6.32 77.48 24.31
N GLY W 331 5.68 76.31 24.30
CA GLY W 331 5.20 75.75 25.56
C GLY W 331 6.31 75.43 26.54
N ILE W 332 7.40 74.84 26.04
CA ILE W 332 8.55 74.56 26.91
C ILE W 332 9.15 75.86 27.44
N LYS W 333 9.20 76.88 26.60
CA LYS W 333 9.70 78.18 27.03
C LYS W 333 8.81 78.75 28.11
N ALA W 334 7.50 78.53 27.99
CA ALA W 334 6.58 78.98 29.03
C ALA W 334 6.86 78.28 30.36
N GLU W 335 7.06 76.96 30.33
CA GLU W 335 7.38 76.26 31.57
C GLU W 335 8.67 76.77 32.20
N LEU W 336 9.73 76.93 31.40
CA LEU W 336 10.97 77.46 31.96
C LEU W 336 10.76 78.85 32.52
N ASP W 337 10.03 79.70 31.81
CA ASP W 337 9.78 81.06 32.29
C ASP W 337 8.93 81.05 33.55
N LYS W 338 8.20 79.97 33.80
CA LYS W 338 7.58 79.82 35.12
C LYS W 338 8.61 79.44 36.17
N VAL W 339 9.57 78.60 35.80
CA VAL W 339 10.56 78.13 36.79
C VAL W 339 11.69 79.11 37.00
N GLN W 340 12.39 79.48 35.93
CA GLN W 340 13.54 80.37 36.06
C GLN W 340 13.54 81.54 35.10
N PRO W 341 12.61 82.50 35.29
CA PRO W 341 12.64 83.68 34.44
C PRO W 341 13.87 84.57 34.64
N ASP W 342 14.28 84.78 35.87
CA ASP W 342 15.38 85.69 36.16
C ASP W 342 16.72 85.29 35.59
N GLU W 343 17.06 84.02 35.69
CA GLU W 343 18.39 83.60 35.25
C GLU W 343 18.44 83.25 33.78
N GLN W 344 19.66 83.16 33.26
CA GLN W 344 19.83 82.79 31.87
C GLN W 344 21.12 81.99 31.70
N MET W 345 21.34 81.52 30.47
CA MET W 345 22.56 80.79 30.10
C MET W 345 22.74 79.51 30.90
N THR W 346 21.67 79.02 31.51
CA THR W 346 21.70 77.70 32.10
C THR W 346 21.68 76.66 30.97
N PRO W 347 22.15 75.43 31.23
CA PRO W 347 22.14 74.42 30.16
C PRO W 347 20.77 74.22 29.55
N GLN W 348 19.71 74.25 30.37
CA GLN W 348 18.36 74.12 29.83
C GLN W 348 18.03 75.26 28.88
N ARG W 349 18.38 76.50 29.26
CA ARG W 349 18.14 77.63 28.37
C ARG W 349 18.96 77.56 27.10
N GLU W 350 20.21 77.08 27.21
CA GLU W 350 21.02 76.90 26.00
C GLU W 350 20.39 75.88 25.07
N TRP W 351 19.89 74.77 25.64
CA TRP W 351 19.20 73.78 24.82
C TRP W 351 17.96 74.37 24.16
N LEU W 352 17.20 75.18 24.90
CA LEU W 352 16.00 75.79 24.34
C LEU W 352 16.35 76.74 23.20
N ILE W 353 17.42 77.53 23.35
CA ILE W 353 17.82 78.47 22.31
C ILE W 353 18.30 77.71 21.07
N SER W 354 19.07 76.65 21.29
CA SER W 354 19.50 75.83 20.16
C SER W 354 18.30 75.23 19.44
N ALA W 355 17.28 74.80 20.20
CA ALA W 355 16.08 74.28 19.58
C ALA W 355 15.37 75.35 18.76
N GLN W 356 15.33 76.58 19.28
CA GLN W 356 14.75 77.68 18.51
C GLN W 356 15.46 77.84 17.18
N GLU W 357 16.79 77.87 17.20
CA GLU W 357 17.56 78.04 15.97
C GLU W 357 17.32 76.88 14.99
N GLN W 358 17.30 75.65 15.50
CA GLN W 358 17.05 74.51 14.63
C GLN W 358 15.65 74.56 14.02
N VAL W 359 14.65 74.97 14.80
CA VAL W 359 13.30 75.06 14.27
C VAL W 359 13.22 76.17 13.22
N GLN W 360 14.03 77.21 13.36
CA GLN W 360 14.09 78.23 12.31
C GLN W 360 14.65 77.65 11.01
N ASN W 361 15.71 76.84 11.11
CA ASN W 361 16.20 76.16 9.92
C ASN W 361 15.12 75.27 9.31
N GLN W 362 14.36 74.56 10.16
CA GLN W 362 13.25 73.75 9.65
C GLN W 362 12.19 74.63 8.99
N MET W 363 11.99 75.85 9.48
CA MET W 363 11.07 76.78 8.82
C MET W 363 11.52 77.03 7.38
N ASN W 364 12.81 77.29 7.21
CA ASN W 364 13.34 77.52 5.87
C ASN W 364 13.13 76.29 4.97
N ALA W 365 13.44 75.11 5.50
CA ALA W 365 13.31 73.90 4.69
C ALA W 365 11.85 73.64 4.34
N TRP W 366 10.95 73.87 5.28
CA TRP W 366 9.52 73.70 5.03
C TRP W 366 9.02 74.65 3.97
N THR W 367 9.49 75.91 4.01
CA THR W 367 9.13 76.87 2.98
C THR W 367 9.58 76.39 1.60
N LYS W 368 10.83 75.92 1.51
CA LYS W 368 11.33 75.40 0.24
C LYS W 368 10.49 74.23 -0.23
N ALA W 369 10.14 73.33 0.68
CA ALA W 369 9.34 72.17 0.31
C ALA W 369 7.99 72.59 -0.22
N GLN W 370 7.30 73.49 0.48
CA GLN W 370 5.96 73.89 0.06
C GLN W 370 5.99 74.60 -1.28
N ALA W 371 6.98 75.47 -1.49
CA ALA W 371 7.09 76.13 -2.78
C ALA W 371 7.38 75.13 -3.89
N LYS W 372 8.24 74.15 -3.61
CA LYS W 372 8.54 73.13 -4.61
C LYS W 372 7.28 72.34 -4.95
N ALA W 373 6.46 72.03 -3.95
CA ALA W 373 5.22 71.30 -4.20
C ALA W 373 4.25 72.14 -5.01
N LEU W 374 4.17 73.44 -4.73
CA LEU W 374 3.33 74.32 -5.53
C LEU W 374 3.75 74.29 -7.00
N ASP W 375 5.05 74.42 -7.24
CA ASP W 375 5.54 74.40 -8.61
C ASP W 375 5.30 73.05 -9.26
N ASP W 376 5.50 71.97 -8.51
CA ASP W 376 5.24 70.64 -9.03
C ASP W 376 3.78 70.47 -9.39
N SER W 377 2.87 71.01 -8.58
CA SER W 377 1.46 70.88 -8.87
C SER W 377 1.08 71.64 -10.14
N MET W 378 1.61 72.85 -10.30
CA MET W 378 1.33 73.59 -11.54
C MET W 378 1.89 72.86 -12.76
N LYS W 379 3.14 72.42 -12.66
CA LYS W 379 3.76 71.69 -13.77
C LYS W 379 2.98 70.43 -14.08
N SER W 380 2.52 69.73 -13.04
CA SER W 380 1.75 68.51 -13.25
C SER W 380 0.44 68.79 -13.94
N MET W 381 -0.25 69.86 -13.55
CA MET W 381 -1.47 70.23 -14.27
C MET W 381 -1.18 70.40 -15.75
N ASN W 382 -0.14 71.17 -16.08
CA ASN W 382 0.17 71.41 -17.49
C ASN W 382 0.55 70.12 -18.21
N LYS W 383 1.36 69.27 -17.57
CA LYS W 383 1.91 68.13 -18.30
C LYS W 383 0.91 66.99 -18.41
N LEU W 384 0.03 66.81 -17.41
CA LEU W 384 -1.08 65.89 -17.62
C LEU W 384 -2.08 66.44 -18.63
N ASP W 385 -2.19 67.77 -18.77
CA ASP W 385 -2.96 68.31 -19.88
C ASP W 385 -2.36 67.90 -21.22
N VAL W 386 -1.04 68.02 -21.35
CA VAL W 386 -0.37 67.62 -22.58
C VAL W 386 -0.57 66.13 -22.85
N ILE W 387 -0.41 65.30 -21.82
CA ILE W 387 -0.54 63.86 -21.99
C ILE W 387 -1.97 63.52 -22.39
N ASP W 388 -2.96 64.21 -21.83
CA ASP W 388 -4.34 64.00 -22.24
C ASP W 388 -4.54 64.37 -23.70
N LYS W 389 -3.93 65.47 -24.15
CA LYS W 389 -4.03 65.84 -25.55
C LYS W 389 -3.46 64.76 -26.45
N GLN W 390 -2.30 64.23 -26.09
CA GLN W 390 -1.68 63.22 -26.94
C GLN W 390 -2.47 61.92 -26.94
N PHE W 391 -2.99 61.50 -25.79
CA PHE W 391 -3.85 60.32 -25.78
C PHE W 391 -5.14 60.55 -26.55
N GLN W 392 -5.68 61.76 -26.49
CA GLN W 392 -6.88 62.04 -27.29
C GLN W 392 -6.56 61.94 -28.77
N LYS W 393 -5.39 62.41 -29.17
CA LYS W 393 -4.97 62.23 -30.56
C LYS W 393 -4.83 60.75 -30.91
N ARG W 394 -4.27 59.95 -30.01
CA ARG W 394 -4.05 58.55 -30.32
C ARG W 394 -5.34 57.76 -30.35
N ILE W 395 -6.32 58.13 -29.52
CA ILE W 395 -7.60 57.42 -29.51
C ILE W 395 -8.34 57.65 -30.83
N ASN W 396 -8.21 58.85 -31.40
CA ASN W 396 -8.84 59.12 -32.68
C ASN W 396 -8.28 58.25 -33.79
N GLY W 397 -7.14 57.61 -33.57
CA GLY W 397 -6.57 56.68 -34.50
C GLY W 397 -5.19 57.06 -35.01
N GLU W 398 -4.87 58.34 -35.05
CA GLU W 398 -3.58 58.75 -35.58
C GLU W 398 -2.45 58.40 -34.61
N TRP W 399 -1.29 58.10 -35.17
CA TRP W 399 -0.19 57.58 -34.38
C TRP W 399 0.46 58.68 -33.56
N VAL W 400 0.56 58.44 -32.25
CA VAL W 400 1.30 59.29 -31.34
C VAL W 400 2.25 58.40 -30.55
N SER W 401 3.44 58.94 -30.26
CA SER W 401 4.45 58.15 -29.58
C SER W 401 4.01 57.74 -28.18
N THR W 402 3.45 58.67 -27.42
CA THR W 402 3.10 58.45 -26.01
C THR W 402 4.30 57.95 -25.22
N ASP W 403 5.46 58.52 -25.50
CA ASP W 403 6.67 58.33 -24.71
C ASP W 403 7.02 59.64 -24.05
N PHE W 404 7.42 59.58 -22.77
CA PHE W 404 7.59 60.80 -22.00
C PHE W 404 8.68 61.70 -22.56
N LYS W 405 9.64 61.13 -23.29
CA LYS W 405 10.71 61.95 -23.85
C LYS W 405 10.22 62.85 -24.96
N ASP W 406 9.44 62.33 -25.89
CA ASP W 406 9.10 63.10 -27.08
C ASP W 406 7.77 63.83 -26.93
N MET W 407 7.24 63.91 -25.71
CA MET W 407 6.07 64.75 -25.49
C MET W 407 6.46 66.22 -25.54
N PRO W 408 5.61 67.08 -26.08
CA PRO W 408 6.03 68.48 -26.30
C PRO W 408 6.10 69.26 -25.01
N VAL W 409 7.29 69.76 -24.69
CA VAL W 409 7.44 70.66 -23.55
C VAL W 409 6.82 72.00 -23.90
N ASN W 410 6.31 72.69 -22.88
CA ASN W 410 5.50 73.87 -23.09
C ASN W 410 6.07 75.11 -22.38
N GLU W 411 7.12 74.93 -21.58
CA GLU W 411 7.76 75.97 -20.78
C GLU W 411 6.86 76.37 -19.62
N ASN W 412 5.61 75.89 -19.66
CA ASN W 412 4.82 75.82 -18.44
C ASN W 412 4.84 74.40 -17.90
N THR W 413 5.09 73.43 -18.78
CA THR W 413 5.20 72.04 -18.37
C THR W 413 6.48 71.77 -17.61
N GLY W 414 7.62 72.13 -18.18
CA GLY W 414 8.88 71.63 -17.69
C GLY W 414 9.22 70.31 -18.35
N GLU W 415 10.18 69.62 -17.75
CA GLU W 415 10.64 68.36 -18.33
C GLU W 415 9.74 67.21 -17.89
N PHE W 416 9.51 66.27 -18.81
CA PHE W 416 8.64 65.13 -18.57
C PHE W 416 9.44 64.01 -17.93
N LYS W 417 8.96 63.51 -16.80
CA LYS W 417 9.52 62.32 -16.21
C LYS W 417 8.65 61.12 -16.57
N HIS W 418 9.18 59.92 -16.33
CA HIS W 418 8.40 58.72 -16.60
C HIS W 418 7.20 58.61 -15.67
N SER W 419 7.25 59.27 -14.51
CA SER W 419 6.16 59.19 -13.56
C SER W 419 4.94 59.94 -14.04
N ASP W 420 5.09 60.81 -15.04
CA ASP W 420 3.97 61.59 -15.53
C ASP W 420 2.96 60.72 -16.26
N MET W 421 3.44 59.72 -16.99
CA MET W 421 2.53 58.78 -17.65
C MET W 421 1.73 58.00 -16.63
N VAL W 422 2.38 57.54 -15.57
CA VAL W 422 1.68 56.82 -14.51
C VAL W 422 0.66 57.73 -13.82
N ASN W 423 1.06 58.97 -13.55
CA ASN W 423 0.13 59.93 -12.95
C ASN W 423 -1.08 60.13 -13.83
N TYR W 424 -0.86 60.30 -15.14
CA TYR W 424 -1.96 60.51 -16.04
C TYR W 424 -2.88 59.31 -16.07
N ALA W 425 -2.32 58.10 -16.13
CA ALA W 425 -3.15 56.91 -16.18
C ALA W 425 -3.99 56.77 -14.92
N ASN W 426 -3.36 56.91 -13.75
CA ASN W 426 -4.11 56.75 -12.51
C ASN W 426 -5.17 57.82 -12.36
N LYS W 427 -4.82 59.08 -12.61
CA LYS W 427 -5.79 60.16 -12.47
C LYS W 427 -6.91 60.02 -13.47
N LYS W 428 -6.60 59.59 -14.70
CA LYS W 428 -7.63 59.37 -15.70
C LYS W 428 -8.58 58.26 -15.29
N LEU W 429 -8.06 57.14 -14.78
CA LEU W 429 -8.94 56.07 -14.34
C LEU W 429 -9.83 56.52 -13.19
N ALA W 430 -9.26 57.26 -12.24
CA ALA W 430 -10.05 57.78 -11.13
C ALA W 430 -11.12 58.74 -11.64
N GLU W 431 -10.77 59.59 -12.61
CA GLU W 431 -11.73 60.50 -13.20
C GLU W 431 -12.86 59.76 -13.90
N ILE W 432 -12.52 58.72 -14.66
CA ILE W 432 -13.53 57.93 -15.34
C ILE W 432 -14.49 57.32 -14.34
N ASP W 433 -13.95 56.81 -13.23
CA ASP W 433 -14.83 56.29 -12.18
C ASP W 433 -15.65 57.40 -11.54
N SER W 434 -15.12 58.62 -11.50
CA SER W 434 -15.80 59.69 -10.78
C SER W 434 -16.96 60.27 -11.57
N MET W 435 -16.98 60.08 -12.89
CA MET W 435 -18.03 60.65 -13.72
C MET W 435 -19.38 60.05 -13.38
N ASP W 436 -20.43 60.85 -13.54
CA ASP W 436 -21.79 60.36 -13.37
C ASP W 436 -22.38 59.83 -14.66
N ILE W 437 -21.54 59.41 -15.60
CA ILE W 437 -21.97 58.83 -16.85
C ILE W 437 -22.54 57.46 -16.56
N PRO W 438 -23.23 56.81 -17.51
CA PRO W 438 -23.69 55.44 -17.27
C PRO W 438 -22.52 54.51 -17.00
N ASP W 439 -22.79 53.48 -16.21
CA ASP W 439 -21.73 52.65 -15.66
C ASP W 439 -21.01 51.85 -16.74
N GLY W 440 -21.78 51.25 -17.65
CA GLY W 440 -21.17 50.57 -18.79
C GLY W 440 -20.35 51.51 -19.64
N ALA W 441 -20.75 52.79 -19.67
CA ALA W 441 -19.96 53.79 -20.38
C ALA W 441 -18.60 53.99 -19.71
N LYS W 442 -18.55 53.95 -18.38
CA LYS W 442 -17.28 53.99 -17.69
C LYS W 442 -16.42 52.82 -18.10
N ASP W 443 -17.01 51.62 -18.13
CA ASP W 443 -16.24 50.44 -18.53
C ASP W 443 -15.71 50.60 -19.95
N ALA W 444 -16.55 51.09 -20.86
CA ALA W 444 -16.15 51.27 -22.24
C ALA W 444 -15.02 52.28 -22.37
N MET W 445 -15.09 53.38 -21.62
CA MET W 445 -14.02 54.37 -21.68
C MET W 445 -12.71 53.81 -21.17
N LYS W 446 -12.76 53.05 -20.07
CA LYS W 446 -11.53 52.44 -19.59
C LYS W 446 -10.95 51.50 -20.62
N LEU W 447 -11.80 50.72 -21.30
CA LEU W 447 -11.29 49.83 -22.34
C LEU W 447 -10.67 50.61 -23.50
N LYS W 448 -11.31 51.70 -23.91
CA LYS W 448 -10.75 52.50 -24.99
C LYS W 448 -9.41 53.10 -24.64
N TYR W 449 -9.26 53.60 -23.42
CA TYR W 449 -7.96 54.11 -22.98
C TYR W 449 -6.92 52.99 -22.89
N LEU W 450 -7.34 51.81 -22.43
CA LEU W 450 -6.42 50.69 -22.33
C LEU W 450 -5.93 50.23 -23.69
N GLN W 451 -6.80 50.29 -24.70
CA GLN W 451 -6.38 49.90 -26.04
C GLN W 451 -5.43 50.93 -26.63
N ALA W 452 -5.59 52.19 -26.26
CA ALA W 452 -4.82 53.26 -26.88
C ALA W 452 -3.33 53.14 -26.61
N ASP W 453 -2.94 52.84 -25.37
CA ASP W 453 -1.54 52.96 -25.02
C ASP W 453 -0.74 51.75 -25.51
N SER W 454 0.57 51.85 -25.36
CA SER W 454 1.53 51.11 -26.15
C SER W 454 2.07 49.86 -25.47
N LYS W 455 1.25 49.15 -24.69
CA LYS W 455 1.53 47.82 -24.13
C LYS W 455 2.71 47.84 -23.18
N ASP W 456 3.32 49.01 -23.02
CA ASP W 456 4.12 49.34 -21.85
C ASP W 456 3.56 50.55 -21.14
N GLY W 457 2.52 51.15 -21.72
CA GLY W 457 1.95 52.35 -21.15
C GLY W 457 1.32 52.10 -19.80
N ALA W 458 1.13 53.19 -19.06
CA ALA W 458 0.72 53.05 -17.67
C ALA W 458 -0.72 52.60 -17.54
N PHE W 459 -1.52 52.71 -18.60
CA PHE W 459 -2.87 52.18 -18.54
C PHE W 459 -2.85 50.66 -18.49
N ARG W 460 -2.00 50.04 -19.30
CA ARG W 460 -1.85 48.60 -19.25
C ARG W 460 -1.37 48.16 -17.89
N THR W 461 -0.38 48.87 -17.35
CA THR W 461 0.13 48.52 -16.03
C THR W 461 -0.93 48.69 -14.95
N ALA W 462 -1.73 49.75 -15.03
CA ALA W 462 -2.75 49.99 -14.01
C ALA W 462 -3.84 48.94 -14.05
N ILE W 463 -4.33 48.62 -15.24
CA ILE W 463 -5.36 47.59 -15.34
C ILE W 463 -4.79 46.23 -14.97
N GLY W 464 -3.53 45.97 -15.29
CA GLY W 464 -2.91 44.74 -14.85
C GLY W 464 -2.74 44.67 -13.35
N THR W 465 -2.47 45.80 -12.73
CA THR W 465 -2.42 45.85 -11.26
C THR W 465 -3.79 45.54 -10.69
N MET W 466 -4.85 46.05 -11.30
CA MET W 466 -6.19 45.67 -10.91
C MET W 466 -6.42 44.18 -11.06
N VAL W 467 -5.95 43.60 -12.17
CA VAL W 467 -6.15 42.18 -12.43
C VAL W 467 -5.41 41.34 -11.39
N THR W 468 -4.17 41.71 -11.09
CA THR W 468 -3.39 40.97 -10.12
C THR W 468 -3.96 41.14 -8.72
N ASP W 469 -4.53 42.31 -8.43
CA ASP W 469 -5.17 42.51 -7.14
C ASP W 469 -6.39 41.62 -7.00
N ALA W 470 -7.17 41.49 -8.08
CA ALA W 470 -8.30 40.56 -8.07
C ALA W 470 -7.83 39.12 -7.90
N GLY W 471 -6.72 38.77 -8.56
CA GLY W 471 -6.17 37.44 -8.37
C GLY W 471 -5.74 37.18 -6.94
N GLN W 472 -5.15 38.19 -6.30
CA GLN W 472 -4.74 38.06 -4.92
C GLN W 472 -5.96 37.91 -4.00
N GLU W 473 -7.02 38.64 -4.28
CA GLU W 473 -8.24 38.46 -3.49
C GLU W 473 -8.78 37.04 -3.66
N TRP W 474 -8.74 36.51 -4.88
CA TRP W 474 -9.23 35.16 -5.08
C TRP W 474 -8.38 34.15 -4.33
N SER W 475 -7.05 34.33 -4.35
CA SER W 475 -6.17 33.40 -3.64
C SER W 475 -6.36 33.52 -2.13
N ALA W 476 -6.59 34.73 -1.65
CA ALA W 476 -6.91 34.91 -0.24
C ALA W 476 -8.18 34.15 0.13
N ALA W 477 -9.18 34.20 -0.76
CA ALA W 477 -10.38 33.42 -0.54
C ALA W 477 -10.08 31.93 -0.52
N VAL W 478 -9.20 31.48 -1.40
CA VAL W 478 -8.84 30.07 -1.45
C VAL W 478 -8.20 29.65 -0.14
N ILE W 479 -7.29 30.45 0.38
CA ILE W 479 -6.60 30.10 1.63
C ILE W 479 -7.57 30.14 2.80
N ASN W 480 -8.40 31.19 2.88
CA ASN W 480 -9.42 31.23 3.92
C ASN W 480 -10.43 30.10 3.77
N GLY W 481 -10.80 29.77 2.54
CA GLY W 481 -11.83 28.81 2.28
C GLY W 481 -13.20 29.41 2.10
N LYS W 482 -13.35 30.71 2.35
CA LYS W 482 -14.60 31.40 2.11
C LYS W 482 -14.31 32.69 1.37
N LEU W 483 -15.15 33.00 0.40
CA LEU W 483 -14.96 34.20 -0.39
C LEU W 483 -15.31 35.41 0.46
N PRO W 484 -14.51 36.48 0.42
CA PRO W 484 -14.76 37.63 1.29
C PRO W 484 -16.08 38.29 0.94
N GLU W 485 -16.67 38.95 1.94
CA GLU W 485 -17.90 39.70 1.71
C GLU W 485 -17.64 40.91 0.82
N ARG W 486 -16.53 41.61 1.04
CA ARG W 486 -16.31 42.89 0.37
C ARG W 486 -15.97 42.70 -1.10
N THR W 487 -14.81 42.11 -1.39
CA THR W 487 -14.36 41.82 -2.74
C THR W 487 -14.42 43.06 -3.67
N PRO W 488 -13.58 44.06 -3.44
CA PRO W 488 -13.55 45.20 -4.37
C PRO W 488 -12.90 44.90 -5.71
N ALA W 489 -11.69 44.33 -5.70
CA ALA W 489 -10.89 44.25 -6.91
C ALA W 489 -11.46 43.27 -7.91
N MET W 490 -12.01 42.15 -7.43
CA MET W 490 -12.66 41.23 -8.35
C MET W 490 -13.92 41.84 -8.95
N ASP W 491 -14.59 42.72 -8.22
CA ASP W 491 -15.73 43.42 -8.80
C ASP W 491 -15.29 44.38 -9.90
N ALA W 492 -14.21 45.12 -9.67
CA ALA W 492 -13.71 46.01 -10.72
C ALA W 492 -13.28 45.23 -11.95
N LEU W 493 -12.57 44.12 -11.73
CA LEU W 493 -12.16 43.28 -12.85
C LEU W 493 -13.37 42.69 -13.56
N ARG W 494 -14.39 42.31 -12.79
CA ARG W 494 -15.60 41.75 -13.37
C ARG W 494 -16.29 42.76 -14.28
N ARG W 495 -16.37 44.01 -13.84
CA ARG W 495 -16.94 45.05 -14.67
C ARG W 495 -16.15 45.24 -15.96
N ILE W 496 -14.84 45.44 -15.85
CA ILE W 496 -14.06 45.77 -17.03
C ILE W 496 -13.97 44.57 -17.97
N ARG W 497 -14.11 43.36 -17.44
CA ARG W 497 -14.06 42.17 -18.26
C ARG W 497 -15.39 41.90 -18.92
N ASN W 498 -16.49 42.04 -18.19
CA ASN W 498 -17.81 41.86 -18.76
C ASN W 498 -18.04 42.85 -19.88
N ALA W 499 -17.40 44.02 -19.79
CA ALA W 499 -17.47 44.95 -20.92
C ALA W 499 -16.84 44.36 -22.16
N ASP W 500 -15.68 43.72 -22.03
CA ASP W 500 -15.00 43.10 -23.18
C ASP W 500 -14.06 42.02 -22.69
N PRO W 501 -14.48 40.75 -22.74
CA PRO W 501 -13.67 39.68 -22.14
C PRO W 501 -12.43 39.33 -22.93
N GLN W 502 -12.54 39.23 -24.26
CA GLN W 502 -11.43 38.68 -25.04
C GLN W 502 -10.21 39.58 -25.02
N LEU W 503 -10.40 40.89 -25.06
CA LEU W 503 -9.26 41.81 -25.05
C LEU W 503 -8.55 41.76 -23.71
N ILE W 504 -9.31 41.71 -22.61
CA ILE W 504 -8.70 41.62 -21.29
C ILE W 504 -7.94 40.31 -21.16
N ALA W 505 -8.49 39.23 -21.70
CA ALA W 505 -7.80 37.95 -21.68
C ALA W 505 -6.52 38.00 -22.48
N ALA W 506 -6.55 38.67 -23.64
CA ALA W 506 -5.37 38.76 -24.48
C ALA W 506 -4.27 39.57 -23.81
N LEU W 507 -4.65 40.66 -23.14
CA LEU W 507 -3.65 41.57 -22.60
C LEU W 507 -2.96 40.98 -21.38
N TYR W 508 -3.61 40.05 -20.67
CA TYR W 508 -3.08 39.46 -19.44
C TYR W 508 -3.18 37.95 -19.54
N PRO W 509 -2.31 37.32 -20.34
CA PRO W 509 -2.38 35.86 -20.50
C PRO W 509 -2.11 35.11 -19.22
N ASP W 510 -1.26 35.64 -18.35
CA ASP W 510 -0.89 34.91 -17.14
C ASP W 510 -2.08 34.65 -16.25
N GLN W 511 -3.08 35.54 -16.27
CA GLN W 511 -4.26 35.43 -15.44
C GLN W 511 -5.41 34.69 -16.14
N ALA W 512 -5.08 33.79 -17.06
CA ALA W 512 -6.12 33.04 -17.75
C ALA W 512 -6.91 32.18 -16.77
N GLU W 513 -6.24 31.63 -15.76
CA GLU W 513 -6.93 30.82 -14.77
C GLU W 513 -7.90 31.67 -13.95
N LEU W 514 -7.49 32.88 -13.57
CA LEU W 514 -8.39 33.77 -12.84
C LEU W 514 -9.59 34.15 -13.69
N PHE W 515 -9.35 34.45 -14.96
CA PHE W 515 -10.46 34.78 -15.84
C PHE W 515 -11.40 33.59 -16.00
N LEU W 516 -10.85 32.38 -16.06
CA LEU W 516 -11.68 31.19 -16.15
C LEU W 516 -12.54 31.02 -14.91
N THR W 517 -11.95 31.19 -13.72
CA THR W 517 -12.73 31.07 -12.50
C THR W 517 -13.84 32.11 -12.45
N MET W 518 -13.52 33.35 -12.83
CA MET W 518 -14.53 34.40 -12.82
C MET W 518 -15.63 34.11 -13.83
N ASP W 519 -15.29 33.58 -14.99
CA ASP W 519 -16.29 33.23 -15.99
C ASP W 519 -17.18 32.10 -15.49
N MET W 520 -16.60 31.14 -14.78
CA MET W 520 -17.38 30.04 -14.20
C MET W 520 -18.32 30.56 -13.13
N MET W 521 -17.85 31.52 -12.32
CA MET W 521 -18.66 32.07 -11.25
C MET W 521 -19.77 32.98 -11.77
N ASP W 522 -19.52 33.72 -12.84
CA ASP W 522 -20.43 34.78 -13.27
C ASP W 522 -21.31 34.34 -14.43
N LYS W 523 -20.72 33.87 -15.53
CA LYS W 523 -21.54 33.51 -16.68
C LYS W 523 -22.10 32.10 -16.53
N GLN W 524 -21.30 31.16 -16.09
CA GLN W 524 -21.82 29.85 -15.73
C GLN W 524 -22.36 29.88 -14.30
N GLY W 525 -23.14 28.88 -13.96
CA GLY W 525 -23.82 28.89 -12.68
C GLY W 525 -23.07 28.30 -11.52
N ILE W 526 -21.73 28.34 -11.53
CA ILE W 526 -20.97 27.59 -10.56
C ILE W 526 -20.79 28.37 -9.27
N ASP W 527 -21.00 27.70 -8.15
CA ASP W 527 -20.83 28.29 -6.84
C ASP W 527 -19.39 28.72 -6.63
N PRO W 528 -19.15 29.91 -6.08
CA PRO W 528 -17.78 30.25 -5.69
C PRO W 528 -17.18 29.28 -4.69
N GLN W 529 -17.98 28.75 -3.78
CA GLN W 529 -17.45 27.90 -2.71
C GLN W 529 -16.86 26.61 -3.26
N VAL W 530 -17.51 26.00 -4.25
CA VAL W 530 -17.02 24.74 -4.78
C VAL W 530 -15.73 24.96 -5.54
N ILE W 531 -15.61 26.08 -6.26
CA ILE W 531 -14.35 26.39 -6.92
C ILE W 531 -13.27 26.64 -5.88
N LEU W 532 -13.63 27.31 -4.78
CA LEU W 532 -12.67 27.61 -3.73
C LEU W 532 -12.10 26.33 -3.13
N ASP W 533 -12.96 25.41 -2.72
CA ASP W 533 -12.44 24.24 -2.03
C ASP W 533 -11.89 23.21 -3.02
N ALA W 534 -12.27 23.31 -4.30
CA ALA W 534 -11.59 22.54 -5.32
C ALA W 534 -10.16 23.02 -5.49
N ASP W 535 -9.95 24.34 -5.48
CA ASP W 535 -8.60 24.89 -5.51
C ASP W 535 -7.82 24.45 -4.27
N ARG W 536 -8.43 24.60 -3.10
CA ARG W 536 -7.71 24.33 -1.85
C ARG W 536 -7.37 22.86 -1.71
N LEU W 537 -8.21 21.99 -2.27
CA LEU W 537 -8.02 20.55 -2.04
C LEU W 537 -6.87 19.81 -2.68
N THR W 538 -7.03 19.36 -3.90
CA THR W 538 -6.00 18.49 -4.45
C THR W 538 -5.38 18.82 -5.79
N VAL W 539 -4.51 19.82 -5.81
CA VAL W 539 -3.78 20.09 -7.04
C VAL W 539 -2.35 19.66 -6.71
N LYS W 540 -2.20 18.87 -5.66
CA LYS W 540 -0.86 18.51 -5.18
C LYS W 540 0.16 17.76 -6.05
N ARG W 541 -0.25 16.76 -6.82
CA ARG W 541 0.70 16.08 -7.72
C ARG W 541 1.48 17.16 -8.47
N SER W 542 2.80 17.05 -8.53
CA SER W 542 3.54 18.18 -9.08
C SER W 542 4.69 17.71 -9.97
N LYS W 543 4.83 18.41 -11.11
CA LYS W 543 5.97 18.31 -12.01
C LYS W 543 6.17 16.93 -12.64
N GLU W 544 6.46 15.92 -11.83
CA GLU W 544 6.72 14.59 -12.40
C GLU W 544 5.54 14.13 -13.24
N GLN W 545 4.32 14.34 -12.76
CA GLN W 545 3.16 14.11 -13.61
C GLN W 545 2.82 15.31 -14.46
N ARG W 546 3.49 16.45 -14.29
CA ARG W 546 3.24 17.55 -15.22
C ARG W 546 3.82 17.26 -16.59
N PHE W 547 4.86 16.42 -16.66
CA PHE W 547 5.29 15.92 -17.97
C PHE W 547 4.16 15.16 -18.65
N GLU W 548 3.55 14.20 -17.93
CA GLU W 548 2.44 13.46 -18.50
C GLU W 548 1.26 14.37 -18.78
N ASP W 549 1.09 15.43 -17.98
CA ASP W 549 0.04 16.41 -18.25
C ASP W 549 0.29 17.14 -19.56
N ASP W 550 1.53 17.55 -19.80
CA ASP W 550 1.87 18.19 -21.07
C ASP W 550 1.62 17.26 -22.23
N LYS W 551 2.06 16.01 -22.09
CA LYS W 551 1.86 15.05 -23.18
C LYS W 551 0.39 14.77 -23.38
N ALA W 552 -0.39 14.78 -22.31
CA ALA W 552 -1.82 14.54 -22.42
C ALA W 552 -2.52 15.71 -23.09
N PHE W 553 -2.06 16.94 -22.84
CA PHE W 553 -2.63 18.08 -23.54
C PHE W 553 -2.35 17.99 -25.04
N GLU W 554 -1.12 17.67 -25.41
CA GLU W 554 -0.82 17.49 -26.82
C GLU W 554 -1.59 16.31 -27.41
N SER W 555 -1.78 15.25 -26.62
CA SER W 555 -2.51 14.09 -27.12
C SER W 555 -3.98 14.43 -27.35
N ALA W 556 -4.59 15.14 -26.40
CA ALA W 556 -5.99 15.52 -26.54
C ALA W 556 -6.17 16.49 -27.70
N LEU W 557 -5.16 17.30 -27.99
CA LEU W 557 -5.22 18.11 -29.20
C LEU W 557 -5.08 17.26 -30.45
N ASN W 558 -4.25 16.21 -30.39
CA ASN W 558 -4.04 15.36 -31.56
C ASN W 558 -5.26 14.52 -31.87
N ALA W 559 -5.98 14.10 -30.85
CA ALA W 559 -7.13 13.22 -31.03
C ALA W 559 -8.44 13.98 -31.09
N SER W 560 -8.39 15.31 -31.18
CA SER W 560 -9.58 16.12 -30.93
C SER W 560 -10.63 15.94 -32.03
N LYS W 561 -10.20 16.03 -33.29
CA LYS W 561 -11.14 16.01 -34.41
C LYS W 561 -12.18 17.13 -34.26
N ALA W 562 -11.70 18.33 -33.97
CA ALA W 562 -12.53 19.52 -33.84
C ALA W 562 -11.83 20.68 -34.52
N PRO W 563 -12.54 21.48 -35.31
CA PRO W 563 -11.88 22.55 -36.06
C PRO W 563 -11.17 23.57 -35.18
N GLU W 564 -11.74 23.87 -34.01
CA GLU W 564 -11.13 24.87 -33.14
C GLU W 564 -9.90 24.33 -32.44
N ILE W 565 -9.88 23.02 -32.19
CA ILE W 565 -8.76 22.43 -31.46
C ILE W 565 -7.73 21.90 -32.43
N ALA W 566 -8.16 21.35 -33.56
CA ALA W 566 -7.21 20.90 -34.57
C ALA W 566 -6.44 22.07 -35.16
N ARG W 567 -7.12 23.18 -35.42
CA ARG W 567 -6.52 24.36 -36.03
C ARG W 567 -6.50 25.52 -35.05
N MET W 568 -6.13 25.23 -33.81
CA MET W 568 -6.13 26.24 -32.76
C MET W 568 -5.16 27.37 -33.12
N PRO W 569 -5.61 28.62 -33.12
CA PRO W 569 -4.69 29.73 -33.41
C PRO W 569 -3.65 29.89 -32.33
N ALA W 570 -2.61 30.66 -32.64
CA ALA W 570 -1.37 30.63 -31.86
C ALA W 570 -1.51 31.12 -30.43
N SER W 571 -2.06 32.31 -30.21
CA SER W 571 -2.16 32.85 -28.85
C SER W 571 -3.17 32.07 -28.03
N LEU W 572 -4.26 31.69 -28.66
CA LEU W 572 -5.23 30.87 -27.99
C LEU W 572 -4.66 29.51 -27.62
N ARG W 573 -3.53 29.10 -28.19
CA ARG W 573 -2.88 27.87 -27.73
C ARG W 573 -2.46 27.99 -26.27
N GLU W 574 -1.79 29.09 -25.92
CA GLU W 574 -1.35 29.24 -24.53
C GLU W 574 -2.54 29.48 -23.61
N SER W 575 -3.49 30.31 -24.05
CA SER W 575 -4.67 30.52 -23.21
C SER W 575 -5.43 29.22 -22.98
N ALA W 576 -5.57 28.41 -24.02
CA ALA W 576 -6.31 27.16 -23.92
C ALA W 576 -5.55 26.13 -23.11
N ARG W 577 -4.23 26.11 -23.21
CA ARG W 577 -3.46 25.20 -22.38
C ARG W 577 -3.64 25.54 -20.91
N LYS W 578 -3.61 26.84 -20.58
CA LYS W 578 -3.85 27.22 -19.19
C LYS W 578 -5.24 26.79 -18.73
N ILE W 579 -6.26 27.00 -19.56
CA ILE W 579 -7.61 26.62 -19.15
C ILE W 579 -7.72 25.11 -18.98
N TYR W 580 -7.18 24.35 -19.92
CA TYR W 580 -7.24 22.89 -19.84
C TYR W 580 -6.54 22.39 -18.59
N ASP W 581 -5.33 22.90 -18.34
CA ASP W 581 -4.59 22.50 -17.15
C ASP W 581 -5.35 22.84 -15.88
N SER W 582 -5.92 24.04 -15.82
CA SER W 582 -6.61 24.45 -14.61
C SER W 582 -7.81 23.57 -14.32
N VAL W 583 -8.62 23.31 -15.34
CA VAL W 583 -9.82 22.50 -15.11
C VAL W 583 -9.43 21.07 -14.79
N LYS W 584 -8.38 20.56 -15.44
CA LYS W 584 -7.92 19.22 -15.11
C LYS W 584 -7.43 19.12 -13.67
N TYR W 585 -6.69 20.13 -13.21
CA TYR W 585 -6.20 20.12 -11.84
C TYR W 585 -7.37 20.17 -10.86
N ARG W 586 -8.32 21.06 -11.09
CA ARG W 586 -9.40 21.26 -10.14
C ARG W 586 -10.33 20.05 -10.11
N SER W 587 -10.69 19.52 -11.27
CA SER W 587 -11.68 18.46 -11.32
C SER W 587 -11.09 17.08 -11.47
N GLY W 588 -9.91 16.94 -12.08
CA GLY W 588 -9.42 15.61 -12.40
C GLY W 588 -10.03 15.06 -13.65
N ASN W 589 -11.27 15.46 -13.96
CA ASN W 589 -11.96 15.02 -15.16
C ASN W 589 -11.33 15.62 -16.41
N GLU W 590 -10.93 14.78 -17.35
CA GLU W 590 -10.38 15.26 -18.61
C GLU W 590 -11.49 15.78 -19.52
N SER W 591 -12.69 15.21 -19.38
CA SER W 591 -13.83 15.68 -20.17
C SER W 591 -14.21 17.10 -19.78
N MET W 592 -14.20 17.41 -18.49
CA MET W 592 -14.52 18.77 -18.07
C MET W 592 -13.51 19.76 -18.61
N ALA W 593 -12.22 19.40 -18.57
CA ALA W 593 -11.19 20.27 -19.10
C ALA W 593 -11.36 20.48 -20.60
N MET W 594 -11.67 19.41 -21.33
CA MET W 594 -11.89 19.56 -22.77
C MET W 594 -13.12 20.39 -23.07
N GLU W 595 -14.19 20.22 -22.31
CA GLU W 595 -15.39 21.02 -22.54
C GLU W 595 -15.13 22.49 -22.25
N GLN W 596 -14.42 22.80 -21.17
CA GLN W 596 -14.12 24.18 -20.87
C GLN W 596 -13.21 24.79 -21.93
N MET W 597 -12.19 24.06 -22.35
CA MET W 597 -11.25 24.60 -23.32
C MET W 597 -11.92 24.78 -24.68
N THR W 598 -12.79 23.86 -25.07
CA THR W 598 -13.58 24.02 -26.28
C THR W 598 -14.52 25.21 -26.17
N LYS W 599 -15.17 25.38 -25.02
CA LYS W 599 -16.06 26.51 -24.83
C LYS W 599 -15.32 27.83 -24.98
N PHE W 600 -14.13 27.92 -24.39
CA PHE W 600 -13.30 29.11 -24.54
C PHE W 600 -12.96 29.35 -26.00
N LEU W 601 -12.55 28.31 -26.72
CA LEU W 601 -12.13 28.51 -28.10
C LEU W 601 -13.29 28.94 -28.97
N LYS W 602 -14.47 28.34 -28.77
CA LYS W 602 -15.63 28.73 -29.57
C LYS W 602 -16.07 30.14 -29.26
N GLU W 603 -16.04 30.54 -27.98
CA GLU W 603 -16.40 31.90 -27.64
C GLU W 603 -15.41 32.91 -28.18
N SER W 604 -14.14 32.52 -28.30
CA SER W 604 -13.09 33.45 -28.67
C SER W 604 -12.67 33.36 -30.13
N THR W 605 -13.30 32.49 -30.92
CA THR W 605 -12.97 32.37 -32.34
C THR W 605 -14.23 32.18 -33.16
N TYR W 606 -14.12 32.50 -34.44
CA TYR W 606 -15.11 32.17 -35.44
C TYR W 606 -14.48 31.22 -36.44
N THR W 607 -15.17 30.12 -36.72
CA THR W 607 -14.67 29.11 -37.65
C THR W 607 -15.30 29.35 -39.01
N PHE W 608 -14.50 29.85 -39.95
CA PHE W 608 -14.96 29.99 -41.32
C PHE W 608 -15.13 28.61 -41.95
N THR W 609 -16.26 28.39 -42.61
CA THR W 609 -16.59 27.09 -43.17
C THR W 609 -16.88 27.24 -44.66
N GLY W 610 -16.41 26.28 -45.45
CA GLY W 610 -16.70 26.30 -46.87
C GLY W 610 -18.14 25.99 -47.17
N ASP W 611 -18.82 26.92 -47.84
CA ASP W 611 -20.23 26.76 -48.17
C ASP W 611 -20.32 25.75 -49.30
N ASP W 612 -20.23 24.47 -48.93
CA ASP W 612 -20.25 23.36 -49.86
C ASP W 612 -20.92 22.19 -49.17
N VAL W 613 -20.85 21.01 -49.80
CA VAL W 613 -21.18 19.79 -49.07
C VAL W 613 -20.12 19.52 -47.99
N ASP W 614 -18.85 19.61 -48.38
CA ASP W 614 -17.74 19.66 -47.43
C ASP W 614 -16.61 20.48 -48.02
N GLY W 615 -16.62 21.77 -47.70
CA GLY W 615 -15.44 22.61 -47.86
C GLY W 615 -15.13 23.13 -46.48
N ASP W 616 -15.59 22.36 -45.49
CA ASP W 616 -15.70 22.81 -44.12
C ASP W 616 -14.34 23.14 -43.53
N THR W 617 -14.34 24.09 -42.60
CA THR W 617 -13.15 24.52 -41.88
C THR W 617 -12.09 25.01 -42.86
N VAL W 618 -12.37 26.16 -43.48
CA VAL W 618 -11.33 26.84 -44.23
C VAL W 618 -10.41 27.59 -43.28
N GLY W 619 -10.87 27.82 -42.05
CA GLY W 619 -10.01 28.45 -41.06
C GLY W 619 -10.69 28.89 -39.79
N VAL W 620 -9.95 28.87 -38.69
CA VAL W 620 -10.43 29.36 -37.39
C VAL W 620 -9.67 30.63 -37.06
N ILE W 621 -10.34 31.76 -37.13
CA ILE W 621 -9.66 33.04 -36.89
C ILE W 621 -10.02 33.54 -35.49
N PRO W 622 -9.06 34.05 -34.71
CA PRO W 622 -9.42 34.66 -33.44
C PRO W 622 -10.37 35.82 -33.65
N LYS W 623 -11.33 35.93 -32.74
CA LYS W 623 -12.43 36.87 -32.94
C LYS W 623 -11.97 38.31 -32.84
N ASN W 624 -10.90 38.55 -32.08
CA ASN W 624 -10.43 39.92 -31.88
C ASN W 624 -9.64 40.42 -33.09
N MET W 625 -9.19 39.51 -33.96
CA MET W 625 -8.46 39.94 -35.14
C MET W 625 -9.40 40.47 -36.22
N MET W 626 -10.62 39.97 -36.26
CA MET W 626 -11.61 40.49 -37.20
C MET W 626 -12.29 41.72 -36.68
N GLN W 627 -12.06 42.06 -35.42
CA GLN W 627 -12.77 43.17 -34.80
C GLN W 627 -12.36 44.50 -35.43
N VAL W 628 -13.36 45.26 -35.86
CA VAL W 628 -13.18 46.66 -36.24
C VAL W 628 -13.74 47.48 -35.09
N ASN W 629 -13.13 48.63 -34.84
CA ASN W 629 -13.45 49.62 -33.79
C ASN W 629 -13.36 48.95 -32.42
N SER W 630 -13.64 49.70 -31.35
CA SER W 630 -13.40 49.17 -30.02
C SER W 630 -14.51 48.24 -29.56
N ASP W 631 -15.64 48.24 -30.25
CA ASP W 631 -16.76 47.42 -29.82
C ASP W 631 -16.46 45.93 -30.03
N PRO W 632 -16.49 45.12 -28.97
CA PRO W 632 -16.19 43.68 -29.15
C PRO W 632 -17.14 42.98 -30.09
N LYS W 633 -18.41 43.36 -30.10
CA LYS W 633 -19.40 42.75 -30.98
C LYS W 633 -19.16 43.10 -32.45
N SER W 634 -18.30 44.05 -32.75
CA SER W 634 -18.15 44.40 -34.16
C SER W 634 -17.25 43.44 -34.92
N TRP W 635 -16.77 42.40 -34.27
CA TRP W 635 -16.01 41.40 -35.02
C TRP W 635 -16.81 40.88 -36.19
N GLU W 636 -18.14 41.00 -36.14
CA GLU W 636 -18.97 40.48 -37.21
C GLU W 636 -18.78 41.28 -38.50
N GLN W 637 -18.49 42.57 -38.38
CA GLN W 637 -18.23 43.36 -39.57
C GLN W 637 -16.97 42.89 -40.28
N GLY W 638 -15.90 42.65 -39.51
CA GLY W 638 -14.70 42.08 -40.09
C GLY W 638 -14.93 40.68 -40.64
N ARG W 639 -15.79 39.90 -39.97
CA ARG W 639 -16.15 38.59 -40.50
C ARG W 639 -16.84 38.69 -41.84
N ASP W 640 -17.77 39.63 -41.98
CA ASP W 640 -18.44 39.82 -43.26
C ASP W 640 -17.46 40.24 -44.33
N ILE W 641 -16.54 41.14 -43.98
CA ILE W 641 -15.51 41.55 -44.94
C ILE W 641 -14.66 40.37 -45.36
N LEU W 642 -14.28 39.53 -44.40
CA LEU W 642 -13.40 38.40 -44.70
C LEU W 642 -14.11 37.35 -45.54
N GLU W 643 -15.39 37.10 -45.25
CA GLU W 643 -16.14 36.13 -46.05
C GLU W 643 -16.40 36.66 -47.45
N GLU W 644 -16.65 37.96 -47.58
CA GLU W 644 -16.74 38.55 -48.91
C GLU W 644 -15.41 38.44 -49.64
N ALA W 645 -14.30 38.57 -48.91
CA ALA W 645 -12.99 38.39 -49.52
C ALA W 645 -12.80 36.98 -50.01
N ARG W 646 -13.20 36.00 -49.21
CA ARG W 646 -13.10 34.60 -49.61
C ARG W 646 -13.93 34.32 -50.86
N LYS W 647 -15.16 34.82 -50.88
CA LYS W 647 -16.02 34.61 -52.03
C LYS W 647 -15.45 35.31 -53.26
N GLY W 648 -14.89 36.51 -53.10
CA GLY W 648 -14.30 37.21 -54.22
C GLY W 648 -13.07 36.51 -54.76
N ILE W 649 -12.29 35.90 -53.87
CA ILE W 649 -11.10 35.17 -54.32
C ILE W 649 -11.52 33.92 -55.08
N ILE W 650 -12.52 33.21 -54.58
CA ILE W 650 -13.01 32.03 -55.29
C ILE W 650 -13.55 32.42 -56.66
N ALA W 651 -14.42 33.44 -56.70
CA ALA W 651 -15.06 33.81 -57.94
C ALA W 651 -14.07 34.37 -58.96
N SER W 652 -13.11 35.17 -58.48
CA SER W 652 -12.15 35.79 -59.38
C SER W 652 -11.27 34.75 -60.06
N ASN W 653 -10.79 33.78 -59.30
CA ASN W 653 -9.92 32.74 -59.85
C ASN W 653 -10.68 31.43 -59.88
N PRO W 654 -11.18 31.02 -61.05
CA PRO W 654 -12.01 29.80 -61.10
C PRO W 654 -11.28 28.56 -60.66
N TRP W 655 -9.98 28.46 -60.94
CA TRP W 655 -9.25 27.23 -60.65
C TRP W 655 -9.18 26.97 -59.17
N ILE W 656 -9.29 28.02 -58.35
CA ILE W 656 -9.42 27.83 -56.92
C ILE W 656 -10.85 27.41 -56.61
N THR W 657 -11.00 26.33 -55.86
CA THR W 657 -12.32 25.90 -55.44
C THR W 657 -12.48 26.16 -53.94
N ASN W 658 -13.63 25.79 -53.42
CA ASN W 658 -13.94 26.10 -52.02
C ASN W 658 -13.00 25.35 -51.08
N LYS W 659 -12.50 24.19 -51.51
CA LYS W 659 -11.63 23.38 -50.66
C LYS W 659 -10.19 23.89 -50.67
N GLN W 660 -9.84 24.73 -51.63
CA GLN W 660 -8.46 25.19 -51.74
C GLN W 660 -8.11 26.29 -50.76
N LEU W 661 -9.05 27.12 -50.38
CA LEU W 661 -8.73 28.25 -49.52
C LEU W 661 -8.42 27.82 -48.10
N THR W 662 -7.42 28.46 -47.53
CA THR W 662 -7.08 28.30 -46.12
C THR W 662 -7.07 29.68 -45.49
N MET W 663 -7.75 29.82 -44.36
CA MET W 663 -7.71 31.03 -43.56
C MET W 663 -6.96 30.73 -42.28
N TYR W 664 -5.93 31.51 -42.01
CA TYR W 664 -5.17 31.35 -40.79
C TYR W 664 -4.61 32.70 -40.38
N SER W 665 -4.25 32.81 -39.11
CA SER W 665 -3.83 34.07 -38.52
C SER W 665 -2.37 33.99 -38.10
N GLN W 666 -1.58 34.95 -38.54
CA GLN W 666 -0.25 35.17 -38.01
C GLN W 666 -0.38 36.06 -36.77
N GLY W 667 0.73 36.62 -36.29
CA GLY W 667 0.68 37.33 -35.02
C GLY W 667 -0.34 38.44 -34.99
N ASP W 668 -0.36 39.26 -36.03
CA ASP W 668 -1.26 40.41 -36.08
C ASP W 668 -2.02 40.50 -37.39
N SER W 669 -2.06 39.42 -38.16
CA SER W 669 -2.68 39.44 -39.48
C SER W 669 -3.54 38.21 -39.68
N ILE W 670 -4.50 38.32 -40.58
CA ILE W 670 -5.28 37.20 -41.07
C ILE W 670 -4.85 36.94 -42.51
N TYR W 671 -4.49 35.69 -42.80
CA TYR W 671 -4.06 35.32 -44.13
C TYR W 671 -5.09 34.40 -44.78
N LEU W 672 -5.51 34.78 -45.97
CA LEU W 672 -6.45 34.02 -46.77
C LEU W 672 -5.73 33.58 -48.04
N MET W 673 -5.46 32.28 -48.16
CA MET W 673 -4.63 31.76 -49.24
C MET W 673 -5.23 30.46 -49.75
N ASP W 674 -4.87 30.12 -50.98
CA ASP W 674 -5.23 28.82 -51.52
C ASP W 674 -4.19 27.78 -51.12
N THR W 675 -4.41 26.55 -51.60
CA THR W 675 -3.50 25.45 -51.26
C THR W 675 -2.11 25.71 -51.82
N THR W 676 -2.01 26.24 -53.04
CA THR W 676 -0.75 26.74 -53.53
C THR W 676 -0.40 28.03 -52.81
N GLY W 677 0.78 28.56 -53.11
CA GLY W 677 1.10 29.86 -52.57
C GLY W 677 0.81 31.02 -53.49
N GLN W 678 0.18 30.77 -54.64
CA GLN W 678 0.05 31.81 -55.66
C GLN W 678 -0.78 32.98 -55.16
N VAL W 679 -1.84 32.70 -54.40
CA VAL W 679 -2.76 33.72 -53.93
C VAL W 679 -2.70 33.78 -52.41
N ARG W 680 -2.22 34.91 -51.88
CA ARG W 680 -2.35 35.22 -50.46
C ARG W 680 -2.74 36.68 -50.35
N VAL W 681 -3.76 36.95 -49.55
CA VAL W 681 -4.12 38.32 -49.20
C VAL W 681 -4.05 38.44 -47.70
N ARG W 682 -3.50 39.56 -47.23
CA ARG W 682 -3.20 39.76 -45.82
C ARG W 682 -4.18 40.78 -45.25
N TYR W 683 -4.94 40.37 -44.24
CA TYR W 683 -5.88 41.24 -43.55
C TYR W 683 -5.39 41.47 -42.14
N ASP W 684 -5.08 42.73 -41.84
CA ASP W 684 -4.52 43.14 -40.56
C ASP W 684 -5.47 44.10 -39.87
N LYS W 685 -5.30 44.25 -38.55
CA LYS W 685 -6.21 45.04 -37.74
C LYS W 685 -6.27 46.50 -38.18
N GLU W 686 -5.12 47.12 -38.40
CA GLU W 686 -5.11 48.57 -38.58
C GLU W 686 -5.78 48.96 -39.90
N LEU W 687 -5.40 48.31 -40.99
CA LEU W 687 -5.99 48.65 -42.28
C LEU W 687 -7.46 48.28 -42.32
N LEU W 688 -7.84 47.16 -41.69
CA LEU W 688 -9.25 46.79 -41.63
C LEU W 688 -10.06 47.82 -40.85
N SER W 689 -9.51 48.29 -39.72
CA SER W 689 -10.18 49.32 -38.94
C SER W 689 -10.34 50.60 -39.74
N LYS W 690 -9.28 51.03 -40.42
CA LYS W 690 -9.37 52.26 -41.20
C LYS W 690 -10.36 52.13 -42.35
N VAL W 691 -10.33 51.01 -43.06
CA VAL W 691 -11.24 50.81 -44.18
C VAL W 691 -12.68 50.82 -43.69
N TRP W 692 -12.95 50.11 -42.60
CA TRP W 692 -14.32 50.06 -42.10
C TRP W 692 -14.76 51.41 -41.56
N SER W 693 -13.85 52.17 -40.95
CA SER W 693 -14.23 53.48 -40.46
C SER W 693 -14.57 54.43 -41.60
N GLU W 694 -13.73 54.44 -42.65
CA GLU W 694 -14.04 55.28 -43.81
C GLU W 694 -15.37 54.89 -44.45
N ASN W 695 -15.56 53.59 -44.67
CA ASN W 695 -16.80 53.16 -45.31
C ASN W 695 -18.01 53.48 -44.44
N GLN W 696 -17.89 53.30 -43.13
CA GLN W 696 -18.98 53.59 -42.22
C GLN W 696 -19.31 55.07 -42.23
N LYS W 697 -18.30 55.94 -42.28
CA LYS W 697 -18.56 57.37 -42.35
C LYS W 697 -19.33 57.70 -43.63
N LYS W 698 -18.88 57.15 -44.76
CA LYS W 698 -19.58 57.45 -46.02
C LYS W 698 -21.03 56.93 -45.98
N LEU W 699 -21.24 55.71 -45.49
CA LEU W 699 -22.57 55.14 -45.45
C LEU W 699 -23.49 55.93 -44.53
N GLU W 700 -22.98 56.34 -43.37
CA GLU W 700 -23.78 57.15 -42.47
C GLU W 700 -24.12 58.49 -43.08
N GLU W 701 -23.18 59.09 -43.82
CA GLU W 701 -23.50 60.32 -44.53
C GLU W 701 -24.65 60.12 -45.51
N LYS W 702 -24.58 59.08 -46.33
CA LYS W 702 -25.65 58.84 -47.31
C LYS W 702 -26.98 58.58 -46.62
N ALA W 703 -26.96 57.79 -45.54
CA ALA W 703 -28.20 57.47 -44.84
C ALA W 703 -28.79 58.71 -44.18
N ARG W 704 -27.94 59.59 -43.66
CA ARG W 704 -28.45 60.84 -43.09
C ARG W 704 -29.07 61.71 -44.16
N GLU W 705 -28.44 61.81 -45.33
CA GLU W 705 -29.04 62.57 -46.42
C GLU W 705 -30.39 62.00 -46.79
N LYS W 706 -30.49 60.67 -46.86
CA LYS W 706 -31.76 60.03 -47.18
C LYS W 706 -32.82 60.35 -46.13
N ALA W 707 -32.46 60.24 -44.85
CA ALA W 707 -33.44 60.47 -43.79
C ALA W 707 -33.92 61.92 -43.77
N LEU W 708 -33.00 62.86 -43.92
CA LEU W 708 -33.40 64.27 -43.97
C LEU W 708 -34.22 64.56 -45.22
N ALA W 709 -33.95 63.84 -46.31
CA ALA W 709 -34.80 63.97 -47.50
C ALA W 709 -36.21 63.50 -47.22
N ASP W 710 -36.36 62.39 -46.50
CA ASP W 710 -37.69 61.86 -46.21
C ASP W 710 -38.49 62.81 -45.32
N VAL W 711 -37.83 63.41 -44.34
CA VAL W 711 -38.49 64.40 -43.48
C VAL W 711 -38.84 65.63 -44.32
N LEU X 41 -23.58 70.05 74.02
CA LEU X 41 -22.67 70.48 72.96
C LEU X 41 -22.79 69.57 71.75
N LEU X 42 -21.97 69.82 70.73
CA LEU X 42 -22.06 69.06 69.49
C LEU X 42 -21.65 67.60 69.72
N ASP X 43 -20.77 67.35 70.68
CA ASP X 43 -20.33 65.99 70.97
C ASP X 43 -21.48 65.12 71.47
N THR X 44 -22.34 65.69 72.33
CA THR X 44 -23.46 64.90 72.84
C THR X 44 -24.42 64.52 71.73
N ILE X 45 -24.75 65.46 70.85
CA ILE X 45 -25.63 65.17 69.73
C ILE X 45 -24.98 64.17 68.79
N GLY X 46 -23.66 64.27 68.60
CA GLY X 46 -22.97 63.28 67.78
C GLY X 46 -23.01 61.89 68.40
N ARG X 47 -22.88 61.80 69.72
CA ARG X 47 -22.99 60.51 70.40
C ARG X 47 -24.38 59.93 70.24
N PHE X 48 -25.40 60.78 70.38
CA PHE X 48 -26.77 60.31 70.19
C PHE X 48 -27.01 59.88 68.75
N ALA X 49 -26.38 60.56 67.79
CA ALA X 49 -26.59 60.24 66.38
C ALA X 49 -25.92 58.93 65.99
N LYS X 50 -24.68 58.73 66.42
CA LYS X 50 -23.94 57.53 66.04
C LYS X 50 -24.61 56.28 66.60
N ALA X 51 -25.10 56.37 67.84
CA ALA X 51 -25.77 55.26 68.51
C ALA X 51 -26.84 55.84 69.43
N GLY X 52 -28.08 55.88 68.94
CA GLY X 52 -29.18 56.30 69.80
C GLY X 52 -29.36 55.38 70.99
N ALA X 53 -29.15 54.08 70.80
CA ALA X 53 -29.17 53.11 71.88
C ALA X 53 -27.87 52.31 71.86
N ASP X 54 -27.80 51.27 72.68
CA ASP X 54 -26.63 50.38 72.74
C ASP X 54 -25.38 51.13 73.19
N MET X 55 -25.50 51.90 74.29
CA MET X 55 -24.35 52.60 74.82
C MET X 55 -23.31 51.62 75.35
N TYR X 56 -23.76 50.55 76.00
CA TYR X 56 -22.93 49.38 76.33
C TYR X 56 -21.77 49.82 77.24
N THR X 57 -20.52 49.62 76.85
CA THR X 57 -19.37 49.81 77.73
C THR X 57 -18.96 51.29 77.78
N ALA X 58 -19.57 52.01 78.73
CA ALA X 58 -19.10 53.35 79.04
C ALA X 58 -18.52 53.43 80.45
N LYS X 59 -19.16 52.74 81.41
CA LYS X 59 -18.70 52.81 82.80
C LYS X 59 -17.68 51.72 83.08
N GLU X 60 -17.89 50.51 82.55
CA GLU X 60 -16.93 49.43 82.75
C GLU X 60 -15.58 49.76 82.13
N GLN X 61 -15.59 50.27 80.89
CA GLN X 61 -14.34 50.66 80.26
C GLN X 61 -13.70 51.83 81.01
N ARG X 62 -14.51 52.72 81.59
CA ARG X 62 -13.95 53.80 82.40
C ARG X 62 -13.27 53.24 83.65
N ALA X 63 -13.85 52.20 84.26
CA ALA X 63 -13.21 51.55 85.39
C ALA X 63 -11.89 50.89 84.98
N ARG X 64 -11.87 50.23 83.83
CA ARG X 64 -10.61 49.66 83.34
C ARG X 64 -9.60 50.74 83.05
N ASP X 65 -10.03 51.86 82.48
CA ASP X 65 -9.14 52.99 82.26
C ASP X 65 -8.58 53.52 83.57
N LEU X 66 -9.41 53.55 84.62
CA LEU X 66 -8.94 54.05 85.92
C LEU X 66 -7.97 53.06 86.58
N ALA X 67 -8.19 51.77 86.40
CA ALA X 67 -7.20 50.79 86.86
C ALA X 67 -5.87 50.97 86.15
N ASP X 68 -5.93 51.10 84.82
CA ASP X 68 -4.73 51.41 84.06
C ASP X 68 -4.14 52.74 84.53
N GLU X 69 -4.98 53.63 85.04
CA GLU X 69 -4.52 54.94 85.48
C GLU X 69 -3.74 54.84 86.78
N ARG X 70 -4.20 54.03 87.73
CA ARG X 70 -3.40 53.83 88.94
C ARG X 70 -2.09 53.12 88.61
N SER X 71 -2.13 52.16 87.68
CA SER X 71 -0.88 51.54 87.25
C SER X 71 0.06 52.57 86.64
N ASN X 72 -0.47 53.47 85.80
CA ASN X 72 0.36 54.49 85.17
C ASN X 72 0.92 55.44 86.21
N GLU X 73 0.13 55.80 87.21
CA GLU X 73 0.64 56.65 88.29
C GLU X 73 1.77 55.94 89.03
N ILE X 74 1.67 54.62 89.19
CA ILE X 74 2.78 53.87 89.77
C ILE X 74 4.01 53.99 88.89
N ILE X 75 3.84 53.83 87.57
CA ILE X 75 5.00 53.67 86.70
C ILE X 75 5.68 54.99 86.41
N ARG X 76 4.96 56.11 86.50
CA ARG X 76 5.58 57.39 86.19
C ARG X 76 6.65 57.77 87.21
N LYS X 77 6.71 57.04 88.32
CA LYS X 77 7.71 57.29 89.33
C LYS X 77 9.09 56.87 88.87
N LEU X 78 9.17 56.25 87.70
CA LEU X 78 10.45 55.84 87.11
C LEU X 78 10.97 56.93 86.20
N THR X 79 12.28 57.13 86.21
CA THR X 79 12.90 58.07 85.30
C THR X 79 12.78 57.57 83.86
N PRO X 80 12.82 58.48 82.88
CA PRO X 80 12.72 58.05 81.48
C PRO X 80 13.77 57.02 81.10
N GLU X 81 14.99 57.16 81.61
CA GLU X 81 16.01 56.15 81.32
C GLU X 81 15.65 54.82 81.95
N GLN X 82 15.24 54.82 83.23
CA GLN X 82 14.83 53.58 83.87
C GLN X 82 13.59 53.00 83.21
N ARG X 83 12.66 53.87 82.80
CA ARG X 83 11.47 53.40 82.09
C ARG X 83 11.86 52.69 80.80
N ARG X 84 12.79 53.28 80.05
CA ARG X 84 13.26 52.65 78.81
C ARG X 84 13.98 51.34 79.10
N GLU X 85 14.80 51.32 80.14
CA GLU X 85 15.57 50.12 80.47
C GLU X 85 14.65 48.99 80.94
N ALA X 86 13.50 49.34 81.51
CA ALA X 86 12.50 48.33 81.81
C ALA X 86 11.75 47.93 80.54
N LEU X 87 11.55 48.89 79.63
CA LEU X 87 10.75 48.63 78.45
C LEU X 87 11.46 47.67 77.50
N ASN X 88 12.78 47.81 77.35
CA ASN X 88 13.51 46.87 76.51
C ASN X 88 13.52 45.48 77.14
N ASN X 89 13.57 45.41 78.46
CA ASN X 89 13.45 44.14 79.16
C ASN X 89 12.00 43.68 79.17
N GLY X 90 11.77 42.48 79.71
CA GLY X 90 10.41 41.99 79.86
C GLY X 90 9.70 42.56 81.05
N THR X 91 10.38 43.38 81.85
CA THR X 91 9.82 43.85 83.10
C THR X 91 8.63 44.77 82.87
N LEU X 92 8.59 45.46 81.73
CA LEU X 92 7.53 46.41 81.42
C LEU X 92 6.79 45.96 80.18
N LEU X 93 5.46 45.95 80.25
CA LEU X 93 4.62 45.79 79.08
C LEU X 93 4.40 47.13 78.39
N TYR X 94 4.35 47.08 77.05
CA TYR X 94 4.28 48.33 76.29
C TYR X 94 2.99 49.08 76.57
N GLN X 95 1.87 48.37 76.66
CA GLN X 95 0.59 49.04 76.89
C GLN X 95 0.52 49.66 78.28
N ASP X 96 1.41 49.24 79.18
CA ASP X 96 1.40 49.79 80.53
C ASP X 96 2.29 51.03 80.64
N ASP X 97 3.04 51.33 79.59
CA ASP X 97 3.80 52.57 79.57
C ASP X 97 2.88 53.70 79.15
N PRO X 98 2.63 54.69 80.01
CA PRO X 98 1.63 55.70 79.70
C PRO X 98 2.10 56.67 78.62
N TYR X 99 3.36 57.12 78.72
CA TYR X 99 3.88 58.07 77.75
C TYR X 99 3.98 57.43 76.37
N ALA X 100 4.51 56.21 76.32
CA ALA X 100 4.64 55.51 75.04
C ALA X 100 3.29 55.27 74.41
N MET X 101 2.30 54.89 75.23
CA MET X 101 0.98 54.61 74.68
C MET X 101 0.29 55.89 74.23
N GLU X 102 0.49 57.00 74.95
CA GLU X 102 -0.04 58.27 74.47
C GLU X 102 0.57 58.63 73.13
N ALA X 103 1.89 58.43 72.97
CA ALA X 103 2.51 58.66 71.68
C ALA X 103 1.91 57.76 70.60
N LEU X 104 1.67 56.49 70.94
CA LEU X 104 1.08 55.57 69.97
C LEU X 104 -0.29 56.04 69.53
N ARG X 105 -1.13 56.45 70.48
CA ARG X 105 -2.48 56.90 70.13
C ARG X 105 -2.45 58.18 69.31
N VAL X 106 -1.54 59.09 69.65
CA VAL X 106 -1.42 60.33 68.88
C VAL X 106 -1.01 60.02 67.45
N LYS X 107 0.03 59.21 67.28
CA LYS X 107 0.53 58.90 65.94
C LYS X 107 -0.53 58.19 65.12
N THR X 108 -1.23 57.23 65.74
CA THR X 108 -2.25 56.47 65.03
C THR X 108 -3.42 57.35 64.64
N GLY X 109 -3.86 58.24 65.54
CA GLY X 109 -4.94 59.13 65.19
C GLY X 109 -4.56 60.09 64.07
N ARG X 110 -3.34 60.60 64.12
CA ARG X 110 -2.88 61.50 63.07
C ARG X 110 -2.82 60.77 61.73
N ASN X 111 -2.36 59.52 61.75
CA ASN X 111 -2.30 58.75 60.52
C ASN X 111 -3.70 58.42 60.02
N ALA X 112 -4.64 58.19 60.92
CA ALA X 112 -6.03 57.99 60.52
C ALA X 112 -6.56 59.23 59.82
N ALA X 113 -6.29 60.40 60.40
CA ALA X 113 -6.75 61.65 59.80
C ALA X 113 -6.14 61.84 58.43
N TYR X 114 -4.84 61.60 58.30
CA TYR X 114 -4.18 61.83 57.02
C TYR X 114 -4.53 60.74 56.02
N LEU X 115 -4.06 59.53 56.26
CA LEU X 115 -3.95 58.55 55.20
C LEU X 115 -5.28 58.27 54.54
N VAL X 116 -6.15 57.52 55.22
CA VAL X 116 -7.34 57.04 54.53
C VAL X 116 -8.18 58.22 54.09
N ASP X 117 -8.64 58.99 55.07
CA ASP X 117 -9.57 60.07 54.83
C ASP X 117 -9.01 61.03 53.79
N ASP X 118 -7.91 61.70 54.12
CA ASP X 118 -7.51 62.84 53.32
C ASP X 118 -6.85 62.43 52.00
N ASP X 119 -6.13 61.29 51.95
CA ASP X 119 -5.52 60.98 50.66
C ASP X 119 -6.57 60.44 49.68
N VAL X 120 -7.53 59.64 50.16
CA VAL X 120 -8.64 59.28 49.29
C VAL X 120 -9.44 60.53 48.93
N MET X 121 -9.54 61.47 49.87
CA MET X 121 -10.25 62.71 49.63
C MET X 121 -9.59 63.49 48.51
N GLN X 122 -8.25 63.59 48.54
CA GLN X 122 -7.52 64.28 47.49
C GLN X 122 -7.65 63.58 46.14
N LYS X 123 -7.59 62.25 46.15
CA LYS X 123 -7.77 61.51 44.90
C LYS X 123 -9.14 61.81 44.31
N ILE X 124 -10.17 61.85 45.16
CA ILE X 124 -11.52 62.12 44.68
C ILE X 124 -11.61 63.57 44.21
N LYS X 125 -10.93 64.50 44.89
CA LYS X 125 -10.90 65.89 44.45
C LYS X 125 -10.27 66.04 43.07
N GLU X 126 -9.27 65.21 42.76
CA GLU X 126 -8.57 65.36 41.49
C GLU X 126 -9.54 65.30 40.31
N GLY X 127 -10.66 64.60 40.46
CA GLY X 127 -11.66 64.70 39.42
C GLY X 127 -13.10 65.06 39.75
N VAL X 128 -13.64 64.61 40.88
CA VAL X 128 -15.08 64.37 40.94
C VAL X 128 -15.76 65.07 42.12
N PHE X 129 -15.32 66.26 42.51
CA PHE X 129 -16.17 67.15 43.29
C PHE X 129 -16.50 68.38 42.47
N ARG X 130 -17.78 68.54 42.16
CA ARG X 130 -18.25 69.71 41.43
C ARG X 130 -18.08 70.99 42.25
N THR X 131 -18.45 70.95 43.53
CA THR X 131 -18.45 72.16 44.34
C THR X 131 -17.93 71.84 45.73
N ARG X 132 -17.60 72.91 46.47
CA ARG X 132 -17.00 72.77 47.78
C ARG X 132 -17.99 72.17 48.79
N GLU X 133 -19.29 72.38 48.58
CA GLU X 133 -20.27 71.92 49.56
C GLU X 133 -20.31 70.40 49.66
N GLU X 134 -20.40 69.71 48.52
CA GLU X 134 -20.38 68.26 48.54
C GLU X 134 -19.01 67.74 49.00
N MET X 135 -17.96 68.50 48.69
CA MET X 135 -16.62 68.21 49.23
C MET X 135 -16.64 68.13 50.75
N GLU X 136 -17.18 69.16 51.40
CA GLU X 136 -17.14 69.21 52.86
C GLU X 136 -17.91 68.04 53.48
N GLU X 137 -19.07 67.69 52.90
CA GLU X 137 -19.87 66.62 53.48
C GLU X 137 -19.21 65.25 53.26
N TYR X 138 -18.69 65.00 52.07
CA TYR X 138 -17.99 63.74 51.84
C TYR X 138 -16.79 63.62 52.77
N ARG X 139 -16.05 64.71 52.96
CA ARG X 139 -14.92 64.69 53.87
C ARG X 139 -15.36 64.42 55.30
N HIS X 140 -16.46 65.03 55.75
CA HIS X 140 -16.95 64.80 57.10
C HIS X 140 -17.32 63.34 57.31
N SER X 141 -18.05 62.76 56.36
CA SER X 141 -18.46 61.37 56.45
C SER X 141 -17.25 60.44 56.50
N ARG X 142 -16.31 60.61 55.57
CA ARG X 142 -15.14 59.76 55.57
C ARG X 142 -14.30 59.97 56.82
N LEU X 143 -14.22 61.19 57.31
CA LEU X 143 -13.46 61.46 58.53
C LEU X 143 -13.98 60.59 59.65
N GLN X 144 -15.29 60.64 59.89
CA GLN X 144 -15.85 59.84 60.97
C GLN X 144 -15.63 58.34 60.74
N GLU X 145 -16.02 57.85 59.57
CA GLU X 145 -15.96 56.41 59.35
C GLU X 145 -14.53 55.88 59.41
N GLY X 146 -13.61 56.58 58.75
CA GLY X 146 -12.22 56.15 58.74
C GLY X 146 -11.58 56.24 60.11
N ALA X 147 -11.93 57.26 60.89
CA ALA X 147 -11.47 57.31 62.27
C ALA X 147 -11.85 56.03 62.99
N LYS X 148 -13.13 55.67 62.90
CA LYS X 148 -13.59 54.48 63.62
C LYS X 148 -12.86 53.22 63.15
N VAL X 149 -12.80 53.02 61.83
CA VAL X 149 -12.24 51.76 61.33
C VAL X 149 -10.74 51.69 61.56
N TYR X 150 -10.02 52.80 61.36
CA TYR X 150 -8.58 52.79 61.59
C TYR X 150 -8.28 52.52 63.05
N ALA X 151 -9.05 53.12 63.96
CA ALA X 151 -8.82 52.84 65.38
C ALA X 151 -9.06 51.37 65.68
N GLU X 152 -10.21 50.83 65.29
CA GLU X 152 -10.55 49.47 65.68
C GLU X 152 -9.61 48.46 65.04
N GLN X 153 -9.10 48.76 63.85
CA GLN X 153 -8.12 47.87 63.22
C GLN X 153 -6.82 47.86 64.01
N PHE X 154 -6.49 48.97 64.65
CA PHE X 154 -5.40 49.01 65.61
C PHE X 154 -5.93 48.57 66.96
N GLY X 155 -5.09 48.68 67.99
CA GLY X 155 -5.56 48.39 69.34
C GLY X 155 -6.40 49.50 69.93
N ILE X 156 -6.29 50.69 69.38
CA ILE X 156 -6.89 51.88 69.99
C ILE X 156 -8.40 51.85 69.80
N ASP X 157 -9.13 52.31 70.81
CA ASP X 157 -10.57 52.49 70.67
C ASP X 157 -10.89 53.96 70.43
N PRO X 158 -11.70 54.28 69.43
CA PRO X 158 -11.82 55.67 68.99
C PRO X 158 -12.72 56.49 69.91
N GLU X 159 -12.42 56.44 71.20
CA GLU X 159 -13.13 57.25 72.20
C GLU X 159 -12.15 57.80 73.21
N ASP X 160 -10.85 57.73 72.89
CA ASP X 160 -9.85 58.19 73.83
C ASP X 160 -9.41 59.60 73.48
N VAL X 161 -9.00 60.35 74.51
CA VAL X 161 -8.60 61.74 74.32
C VAL X 161 -7.41 61.84 73.38
N ASP X 162 -6.41 60.98 73.58
CA ASP X 162 -5.19 61.07 72.78
C ASP X 162 -5.46 60.76 71.31
N TYR X 163 -6.32 59.77 71.04
CA TYR X 163 -6.59 59.42 69.66
C TYR X 163 -7.28 60.55 68.92
N GLN X 164 -8.27 61.19 69.55
CA GLN X 164 -8.94 62.31 68.89
C GLN X 164 -8.01 63.51 68.77
N ARG X 165 -7.17 63.73 69.77
CA ARG X 165 -6.24 64.85 69.69
C ARG X 165 -5.26 64.65 68.54
N GLY X 166 -4.87 63.41 68.30
CA GLY X 166 -4.09 63.11 67.11
C GLY X 166 -4.90 63.27 65.83
N PHE X 167 -6.16 62.85 65.86
CA PHE X 167 -6.99 62.89 64.66
C PHE X 167 -7.26 64.32 64.21
N ASN X 168 -7.39 65.24 65.15
CA ASN X 168 -7.50 66.66 64.83
C ASN X 168 -6.17 67.37 64.97
N GLY X 169 -5.07 66.61 65.03
CA GLY X 169 -3.80 67.19 65.44
C GLY X 169 -3.32 68.28 64.50
N ASP X 170 -3.47 68.07 63.20
CA ASP X 170 -2.96 69.05 62.26
C ASP X 170 -4.07 69.33 61.25
N ILE X 171 -5.28 69.58 61.75
CA ILE X 171 -6.45 69.72 60.90
C ILE X 171 -6.36 70.97 60.05
N THR X 172 -5.75 72.04 60.58
CA THR X 172 -5.86 73.34 59.92
C THR X 172 -5.12 73.38 58.59
N GLU X 173 -3.88 72.91 58.53
CA GLU X 173 -3.18 73.05 57.27
C GLU X 173 -3.46 71.87 56.35
N ARG X 174 -3.99 70.77 56.89
CA ARG X 174 -4.62 69.78 56.03
C ARG X 174 -5.82 70.39 55.31
N ASN X 175 -6.65 71.14 56.04
CA ASN X 175 -7.77 71.81 55.41
C ASN X 175 -7.30 72.82 54.40
N ILE X 176 -6.23 73.56 54.72
CA ILE X 176 -5.67 74.51 53.77
C ILE X 176 -5.28 73.80 52.48
N SER X 177 -4.54 72.69 52.61
CA SER X 177 -4.11 71.97 51.42
C SER X 177 -5.29 71.45 50.62
N LEU X 178 -6.28 70.85 51.29
CA LEU X 178 -7.39 70.22 50.57
C LEU X 178 -8.27 71.26 49.88
N TYR X 179 -8.60 72.35 50.59
CA TYR X 179 -9.40 73.39 49.99
C TYR X 179 -8.64 74.09 48.86
N GLY X 180 -7.32 74.25 49.02
CA GLY X 180 -6.55 74.82 47.93
C GLY X 180 -6.50 73.91 46.72
N ALA X 181 -6.48 72.59 46.94
CA ALA X 181 -6.47 71.67 45.82
C ALA X 181 -7.80 71.67 45.09
N HIS X 182 -8.90 71.68 45.83
CA HIS X 182 -10.20 71.86 45.19
C HIS X 182 -10.28 73.19 44.46
N ASP X 183 -9.67 74.22 45.04
CA ASP X 183 -9.68 75.54 44.43
C ASP X 183 -8.92 75.53 43.09
N ASN X 184 -7.75 74.89 43.06
CA ASN X 184 -7.02 74.74 41.81
C ASN X 184 -7.81 73.88 40.82
N PHE X 185 -8.57 72.91 41.32
CA PHE X 185 -9.42 72.13 40.43
C PHE X 185 -10.44 73.02 39.74
N LEU X 186 -11.11 73.88 40.50
CA LEU X 186 -12.08 74.78 39.89
C LEU X 186 -11.41 75.75 38.93
N SER X 187 -10.22 76.23 39.29
CA SER X 187 -9.48 77.12 38.41
C SER X 187 -9.17 76.43 37.09
N GLN X 188 -8.71 75.18 37.16
CA GLN X 188 -8.42 74.41 35.94
C GLN X 188 -9.68 74.20 35.12
N GLN X 189 -10.79 73.87 35.78
CA GLN X 189 -12.04 73.63 35.06
C GLN X 189 -12.47 74.88 34.30
N ALA X 190 -12.41 76.04 34.97
CA ALA X 190 -12.76 77.29 34.31
C ALA X 190 -11.82 77.58 33.15
N GLN X 191 -10.53 77.34 33.33
CA GLN X 191 -9.57 77.61 32.27
C GLN X 191 -9.84 76.72 31.05
N LYS X 192 -10.10 75.44 31.28
CA LYS X 192 -10.40 74.54 30.16
C LYS X 192 -11.67 74.99 29.45
N GLY X 193 -12.69 75.38 30.21
CA GLY X 193 -13.92 75.83 29.58
C GLY X 193 -13.71 77.08 28.74
N ALA X 194 -12.94 78.03 29.27
CA ALA X 194 -12.64 79.24 28.51
C ALA X 194 -11.84 78.92 27.26
N ILE X 195 -10.88 78.00 27.36
CA ILE X 195 -10.08 77.63 26.19
C ILE X 195 -10.97 77.00 25.13
N MET X 196 -11.87 76.11 25.54
CA MET X 196 -12.80 75.52 24.58
C MET X 196 -13.65 76.58 23.91
N ASN X 197 -14.18 77.52 24.69
CA ASN X 197 -15.03 78.55 24.09
C ASN X 197 -14.26 79.40 23.09
N SER X 198 -13.05 79.85 23.47
CA SER X 198 -12.27 80.70 22.59
C SER X 198 -11.87 79.98 21.32
N ARG X 199 -11.47 78.71 21.45
CA ARG X 199 -11.08 77.95 20.28
C ARG X 199 -12.28 77.68 19.39
N VAL X 200 -13.46 77.49 19.97
CA VAL X 200 -14.66 77.32 19.16
C VAL X 200 -14.94 78.59 18.35
N GLU X 201 -14.80 79.76 18.98
CA GLU X 201 -15.05 80.99 18.27
C GLU X 201 -14.07 81.18 17.12
N LEU X 202 -12.77 81.03 17.40
CA LEU X 202 -11.78 81.24 16.34
C LEU X 202 -11.88 80.18 15.26
N ASN X 203 -12.25 78.95 15.61
CA ASN X 203 -12.47 77.95 14.57
C ASN X 203 -13.63 78.36 13.68
N GLY X 204 -14.76 78.72 14.28
CA GLY X 204 -15.90 79.13 13.48
C GLY X 204 -15.57 80.26 12.54
N VAL X 205 -14.65 81.14 12.93
CA VAL X 205 -14.28 82.23 12.03
C VAL X 205 -13.27 81.76 10.98
N LEU X 206 -12.09 81.31 11.44
CA LEU X 206 -10.95 81.14 10.55
C LEU X 206 -11.07 79.90 9.68
N GLN X 207 -11.87 78.93 10.08
CA GLN X 207 -12.01 77.72 9.27
C GLN X 207 -13.00 77.93 8.13
N ASP X 208 -13.60 79.11 8.04
CA ASP X 208 -14.38 79.47 6.86
C ASP X 208 -13.51 80.19 5.85
N PRO X 209 -13.31 79.63 4.65
CA PRO X 209 -12.62 80.40 3.61
C PRO X 209 -13.34 81.67 3.22
N ASP X 210 -14.67 81.67 3.29
CA ASP X 210 -15.42 82.89 2.97
C ASP X 210 -15.23 83.96 4.03
N MET X 211 -15.16 83.56 5.30
CA MET X 211 -14.98 84.53 6.37
C MET X 211 -13.54 85.05 6.41
N LEU X 212 -12.58 84.25 5.95
CA LEU X 212 -11.22 84.73 5.90
C LEU X 212 -11.08 85.88 4.90
N ARG X 213 -11.84 85.82 3.81
CA ARG X 213 -11.70 86.78 2.73
C ARG X 213 -12.29 88.15 3.05
N ARG X 214 -13.09 88.27 4.10
CA ARG X 214 -13.68 89.57 4.40
C ARG X 214 -12.60 90.58 4.74
N PRO X 215 -12.78 91.85 4.38
CA PRO X 215 -11.78 92.87 4.73
C PRO X 215 -11.72 93.17 6.22
N ASP X 216 -12.67 92.68 7.01
CA ASP X 216 -12.70 92.91 8.44
C ASP X 216 -12.36 91.67 9.25
N SER X 217 -11.92 90.59 8.61
CA SER X 217 -11.53 89.40 9.35
C SER X 217 -10.26 89.64 10.16
N ALA X 218 -9.28 90.33 9.57
CA ALA X 218 -8.04 90.62 10.28
C ALA X 218 -8.28 91.54 11.47
N ASP X 219 -9.08 92.59 11.27
CA ASP X 219 -9.40 93.46 12.38
C ASP X 219 -10.17 92.71 13.45
N PHE X 220 -11.07 91.82 13.04
CA PHE X 220 -11.76 90.96 14.00
C PHE X 220 -10.78 90.16 14.82
N PHE X 221 -9.80 89.55 14.16
CA PHE X 221 -8.85 88.69 14.86
C PHE X 221 -8.01 89.47 15.85
N GLU X 222 -7.49 90.62 15.43
CA GLU X 222 -6.69 91.43 16.33
C GLU X 222 -7.52 91.91 17.52
N LYS X 223 -8.73 92.42 17.25
CA LYS X 223 -9.58 92.90 18.33
C LYS X 223 -9.97 91.76 19.26
N TYR X 224 -10.22 90.57 18.71
CA TYR X 224 -10.61 89.44 19.52
C TYR X 224 -9.48 89.01 20.45
N ILE X 225 -8.26 88.96 19.94
CA ILE X 225 -7.13 88.56 20.78
C ILE X 225 -6.87 89.60 21.86
N ASP X 226 -6.89 90.88 21.49
CA ASP X 226 -6.71 91.94 22.49
C ASP X 226 -7.81 91.88 23.54
N ASN X 227 -9.05 91.68 23.10
CA ASN X 227 -10.19 91.62 24.01
C ASN X 227 -10.07 90.44 24.96
N GLY X 228 -9.67 89.28 24.45
CA GLY X 228 -9.49 88.13 25.32
C GLY X 228 -8.38 88.34 26.32
N LEU X 229 -7.27 88.95 25.88
CA LEU X 229 -6.17 89.22 26.78
C LEU X 229 -6.60 90.15 27.91
N VAL X 230 -7.34 91.20 27.58
CA VAL X 230 -7.73 92.18 28.60
C VAL X 230 -8.81 91.63 29.51
N THR X 231 -9.85 91.02 28.94
CA THR X 231 -11.03 90.66 29.74
C THR X 231 -10.71 89.50 30.67
N GLY X 232 -9.64 88.77 30.42
CA GLY X 232 -9.27 87.64 31.24
C GLY X 232 -9.47 86.30 30.56
N ALA X 233 -10.16 86.23 29.43
CA ALA X 233 -10.24 84.99 28.69
C ALA X 233 -8.90 84.70 28.03
N ILE X 234 -8.81 83.64 27.23
CA ILE X 234 -7.49 83.20 26.70
C ILE X 234 -6.47 83.49 27.81
N PRO X 235 -6.58 82.76 28.92
CA PRO X 235 -5.77 83.16 30.07
C PRO X 235 -4.25 83.23 29.98
N SER X 236 -3.54 82.27 29.45
CA SER X 236 -2.11 82.36 29.65
C SER X 236 -1.55 83.02 28.43
N ASP X 237 -0.62 83.96 28.59
CA ASP X 237 0.03 84.55 27.43
C ASP X 237 0.59 83.37 26.66
N ALA X 238 0.90 82.30 27.37
CA ALA X 238 1.40 81.08 26.75
C ALA X 238 0.31 80.41 25.92
N GLN X 239 -0.84 80.14 26.53
CA GLN X 239 -1.90 79.53 25.74
C GLN X 239 -2.45 80.50 24.70
N ALA X 240 -2.31 81.80 24.96
CA ALA X 240 -2.69 82.80 23.95
C ALA X 240 -1.83 82.64 22.70
N THR X 241 -0.51 82.49 22.85
CA THR X 241 0.32 82.34 21.66
C THR X 241 0.12 80.98 21.02
N GLN X 242 -0.21 79.96 21.82
CA GLN X 242 -0.59 78.68 21.23
C GLN X 242 -1.80 78.85 20.33
N LEU X 243 -2.82 79.57 20.83
CA LEU X 243 -4.04 79.78 20.07
C LEU X 243 -3.78 80.60 18.82
N ILE X 244 -2.93 81.62 18.92
CA ILE X 244 -2.59 82.43 17.76
C ILE X 244 -1.87 81.59 16.70
N SER X 245 -0.92 80.77 17.13
CA SER X 245 -0.20 79.93 16.17
C SER X 245 -1.13 78.94 15.49
N GLN X 246 -2.03 78.32 16.25
CA GLN X 246 -2.97 77.39 15.64
C GLN X 246 -3.92 78.10 14.70
N ALA X 247 -4.34 79.32 15.06
CA ALA X 247 -5.19 80.11 14.17
C ALA X 247 -4.47 80.43 12.87
N PHE X 248 -3.20 80.79 12.96
CA PHE X 248 -2.43 81.09 11.76
C PHE X 248 -2.26 79.86 10.88
N SER X 249 -2.03 78.69 11.50
CA SER X 249 -1.96 77.46 10.73
C SER X 249 -3.29 77.18 10.02
N ASP X 250 -4.40 77.30 10.74
CA ASP X 250 -5.70 77.05 10.13
C ASP X 250 -5.96 78.00 8.98
N ALA X 251 -5.64 79.27 9.14
CA ALA X 251 -5.80 80.21 8.05
C ALA X 251 -4.91 79.85 6.88
N SER X 252 -3.66 79.49 7.14
CA SER X 252 -2.74 79.14 6.07
C SER X 252 -3.15 77.87 5.34
N SER X 253 -4.04 77.07 5.92
CA SER X 253 -4.49 75.85 5.26
C SER X 253 -5.88 75.95 4.65
N ARG X 254 -6.45 77.15 4.54
CA ARG X 254 -7.89 77.28 4.32
C ARG X 254 -8.27 78.17 3.14
N ALA X 255 -7.45 78.23 2.09
CA ALA X 255 -7.91 78.73 0.80
C ALA X 255 -8.31 80.19 0.79
N GLY X 256 -8.29 80.83 1.95
CA GLY X 256 -8.50 82.26 2.09
C GLY X 256 -7.47 82.92 2.98
N GLY X 257 -6.47 82.17 3.41
CA GLY X 257 -5.56 82.67 4.43
C GLY X 257 -4.50 83.60 3.90
N ALA X 258 -4.34 83.68 2.58
CA ALA X 258 -3.36 84.60 2.02
C ALA X 258 -3.71 86.04 2.35
N ASP X 259 -4.94 86.44 2.03
CA ASP X 259 -5.40 87.79 2.33
C ASP X 259 -5.47 88.03 3.84
N PHE X 260 -5.95 87.04 4.58
CA PHE X 260 -6.05 87.18 6.03
C PHE X 260 -4.68 87.40 6.65
N LEU X 261 -3.68 86.65 6.21
CA LEU X 261 -2.35 86.81 6.76
C LEU X 261 -1.73 88.14 6.36
N MET X 262 -1.89 88.54 5.09
CA MET X 262 -1.39 89.84 4.66
C MET X 262 -2.03 90.98 5.44
N ARG X 263 -3.28 90.80 5.89
CA ARG X 263 -3.93 91.88 6.60
C ARG X 263 -3.62 91.84 8.10
N VAL X 264 -3.40 90.65 8.66
CA VAL X 264 -3.00 90.55 10.06
C VAL X 264 -1.51 90.76 10.28
N GLY X 265 -0.75 90.93 9.20
CA GLY X 265 0.69 91.12 9.36
C GLY X 265 1.04 92.36 10.13
N ASP X 266 0.37 93.48 9.83
CA ASP X 266 0.72 94.74 10.50
C ASP X 266 -0.01 94.91 11.82
N LYS X 267 -1.01 94.07 12.09
CA LYS X 267 -1.73 94.17 13.35
C LYS X 267 -0.81 93.81 14.52
N LYS X 268 -1.06 94.44 15.66
CA LYS X 268 -0.21 94.29 16.84
C LYS X 268 -0.91 93.49 17.92
N VAL X 269 -0.12 92.75 18.69
CA VAL X 269 -0.62 91.99 19.84
C VAL X 269 0.31 92.24 21.02
N THR X 270 -0.26 92.34 22.22
CA THR X 270 0.48 92.69 23.42
C THR X 270 0.72 91.43 24.25
N LEU X 271 1.94 90.90 24.19
CA LEU X 271 2.28 89.75 24.99
C LEU X 271 3.08 90.17 26.23
N ASN X 272 3.58 89.17 26.96
CA ASN X 272 4.27 89.42 28.21
C ASN X 272 5.53 90.26 27.99
N GLY X 273 6.31 89.92 26.97
CA GLY X 273 7.54 90.65 26.73
C GLY X 273 7.31 92.10 26.35
N ALA X 274 6.38 92.34 25.43
CA ALA X 274 6.11 93.68 24.91
C ALA X 274 4.93 93.62 23.98
N THR X 275 4.58 94.77 23.42
CA THR X 275 3.63 94.86 22.32
C THR X 275 4.38 94.76 21.01
N THR X 276 3.93 93.87 20.14
CA THR X 276 4.58 93.65 18.85
C THR X 276 3.53 93.23 17.84
N THR X 277 3.88 93.41 16.56
CA THR X 277 3.00 92.95 15.50
C THR X 277 3.08 91.42 15.38
N TYR X 278 2.03 90.83 14.80
CA TYR X 278 1.99 89.39 14.66
C TYR X 278 3.13 88.87 13.80
N ARG X 279 3.55 89.67 12.81
CA ARG X 279 4.67 89.26 11.96
C ARG X 279 5.93 89.04 12.77
N GLU X 280 6.11 89.80 13.85
CA GLU X 280 7.29 89.66 14.68
C GLU X 280 7.09 88.60 15.74
N LEU X 281 5.89 88.48 16.28
CA LEU X 281 5.59 87.38 17.19
C LEU X 281 5.84 86.04 16.53
N ILE X 282 5.24 85.84 15.35
CA ILE X 282 5.64 84.75 14.49
C ILE X 282 7.06 84.98 13.99
N GLY X 283 7.78 83.89 13.75
CA GLY X 283 9.09 84.03 13.14
C GLY X 283 8.97 84.58 11.73
N GLU X 284 9.96 85.40 11.34
CA GLU X 284 10.00 85.86 9.96
C GLU X 284 10.09 84.67 9.00
N GLU X 285 10.91 83.68 9.35
CA GLU X 285 10.93 82.43 8.61
C GLU X 285 9.62 81.68 8.75
N GLN X 286 9.05 81.66 9.96
CA GLN X 286 7.73 81.06 10.14
C GLN X 286 6.66 81.84 9.39
N TRP X 287 6.79 83.16 9.33
CA TRP X 287 5.86 83.95 8.53
C TRP X 287 5.97 83.62 7.05
N ASN X 288 7.19 83.45 6.55
CA ASN X 288 7.38 83.06 5.16
C ASN X 288 6.78 81.68 4.89
N ALA X 289 7.00 80.74 5.82
CA ALA X 289 6.41 79.43 5.67
C ALA X 289 4.88 79.51 5.65
N LEU X 290 4.31 80.34 6.53
CA LEU X 290 2.86 80.50 6.56
C LEU X 290 2.34 81.07 5.26
N MET X 291 3.00 82.09 4.72
CA MET X 291 2.50 82.70 3.49
C MET X 291 2.66 81.75 2.31
N VAL X 292 3.77 81.03 2.24
CA VAL X 292 3.97 80.10 1.13
C VAL X 292 2.94 78.99 1.19
N THR X 293 2.69 78.44 2.37
CA THR X 293 1.72 77.35 2.48
C THR X 293 0.31 77.86 2.27
N ALA X 294 0.05 79.13 2.60
CA ALA X 294 -1.26 79.70 2.33
C ALA X 294 -1.48 79.90 0.83
N GLN X 295 -0.44 80.34 0.12
CA GLN X 295 -0.55 80.43 -1.33
C GLN X 295 -0.76 79.07 -1.95
N ARG X 296 -0.04 78.05 -1.45
CA ARG X 296 -0.24 76.70 -1.97
C ARG X 296 -1.64 76.21 -1.70
N SER X 297 -2.18 76.48 -0.51
CA SER X 297 -3.54 76.07 -0.19
C SER X 297 -4.55 76.76 -1.10
N GLN X 298 -4.34 78.05 -1.37
CA GLN X 298 -5.21 78.77 -2.29
C GLN X 298 -5.19 78.14 -3.66
N PHE X 299 -3.98 77.82 -4.16
CA PHE X 299 -3.86 77.22 -5.47
C PHE X 299 -4.52 75.85 -5.51
N GLU X 300 -4.32 75.03 -4.48
CA GLU X 300 -4.90 73.69 -4.48
C GLU X 300 -6.41 73.75 -4.44
N THR X 301 -6.97 74.66 -3.64
CA THR X 301 -8.43 74.78 -3.62
C THR X 301 -8.97 75.25 -4.95
N ASP X 302 -8.31 76.23 -5.57
CA ASP X 302 -8.77 76.69 -6.88
C ASP X 302 -8.70 75.57 -7.91
N ALA X 303 -7.62 74.79 -7.88
CA ALA X 303 -7.47 73.68 -8.80
C ALA X 303 -8.54 72.61 -8.56
N LYS X 304 -8.88 72.35 -7.29
CA LYS X 304 -9.90 71.35 -7.00
C LYS X 304 -11.26 71.80 -7.51
N LEU X 305 -11.60 73.08 -7.31
CA LEU X 305 -12.88 73.57 -7.81
C LEU X 305 -12.94 73.51 -9.33
N ASN X 306 -11.84 73.93 -9.99
CA ASN X 306 -11.77 73.81 -11.44
C ASN X 306 -11.90 72.37 -11.88
N GLU X 307 -11.28 71.45 -11.14
CA GLU X 307 -11.33 70.04 -11.51
C GLU X 307 -12.73 69.49 -11.39
N GLN X 308 -13.45 69.87 -10.33
CA GLN X 308 -14.85 69.43 -10.20
C GLN X 308 -15.70 69.99 -11.34
N TYR X 309 -15.52 71.26 -11.68
CA TYR X 309 -16.31 71.85 -12.74
C TYR X 309 -16.02 71.19 -14.08
N ARG X 310 -14.74 70.94 -14.37
CA ARG X 310 -14.38 70.24 -15.60
C ARG X 310 -14.92 68.82 -15.60
N LEU X 311 -14.93 68.17 -14.44
CA LEU X 311 -15.48 66.83 -14.35
C LEU X 311 -16.97 66.83 -14.69
N LYS X 312 -17.70 67.83 -14.21
CA LYS X 312 -19.12 67.89 -14.54
C LYS X 312 -19.31 68.14 -16.04
N ILE X 313 -18.51 69.03 -16.61
CA ILE X 313 -18.58 69.28 -18.05
C ILE X 313 -18.28 68.00 -18.83
N ASN X 314 -17.23 67.29 -18.44
CA ASN X 314 -16.84 66.07 -19.14
C ASN X 314 -17.89 64.99 -18.99
N SER X 315 -18.46 64.85 -17.80
CA SER X 315 -19.51 63.86 -17.59
C SER X 315 -20.72 64.19 -18.46
N ALA X 316 -20.99 65.47 -18.69
CA ALA X 316 -21.98 65.82 -19.69
C ALA X 316 -21.55 65.39 -21.08
N LEU X 317 -20.31 65.68 -21.48
CA LEU X 317 -19.87 65.43 -22.84
C LEU X 317 -19.87 63.94 -23.19
N ASN X 318 -19.80 63.06 -22.20
CA ASN X 318 -19.69 61.64 -22.45
C ASN X 318 -20.95 60.87 -22.11
N GLN X 319 -22.11 61.43 -22.39
CA GLN X 319 -23.36 60.70 -22.24
C GLN X 319 -23.63 59.88 -23.49
N GLU X 320 -24.33 58.75 -23.29
CA GLU X 320 -24.54 57.83 -24.41
C GLU X 320 -25.39 58.46 -25.51
N ASP X 321 -26.46 59.18 -25.13
CA ASP X 321 -27.23 59.90 -26.11
C ASP X 321 -26.98 61.39 -25.97
N PRO X 322 -26.58 62.07 -27.05
CA PRO X 322 -26.17 63.47 -26.93
C PRO X 322 -27.26 64.40 -26.47
N ARG X 323 -28.54 64.03 -26.60
CA ARG X 323 -29.60 64.89 -26.10
C ARG X 323 -29.52 65.03 -24.59
N THR X 324 -29.20 63.93 -23.90
CA THR X 324 -28.96 64.00 -22.47
C THR X 324 -27.76 64.90 -22.16
N ALA X 325 -26.73 64.82 -22.98
CA ALA X 325 -25.57 65.69 -22.81
C ALA X 325 -25.96 67.15 -22.96
N TRP X 326 -26.78 67.46 -23.96
CA TRP X 326 -27.24 68.82 -24.17
C TRP X 326 -28.06 69.30 -22.98
N GLU X 327 -28.90 68.42 -22.44
CA GLU X 327 -29.72 68.80 -21.29
C GLU X 327 -28.87 69.07 -20.06
N MET X 328 -27.87 68.22 -19.81
CA MET X 328 -26.96 68.47 -18.70
C MET X 328 -26.15 69.75 -18.91
N LEU X 329 -25.75 70.01 -20.14
CA LEU X 329 -25.03 71.24 -20.42
C LEU X 329 -25.91 72.46 -20.18
N GLN X 330 -27.19 72.35 -20.50
CA GLN X 330 -28.10 73.46 -20.22
C GLN X 330 -28.26 73.67 -18.73
N GLY X 331 -28.30 72.57 -17.96
CA GLY X 331 -28.32 72.71 -16.51
C GLY X 331 -27.07 73.39 -15.97
N ILE X 332 -25.91 73.00 -16.48
CA ILE X 332 -24.66 73.63 -16.07
C ILE X 332 -24.64 75.09 -16.47
N LYS X 333 -25.19 75.41 -17.65
CA LYS X 333 -25.28 76.79 -18.08
C LYS X 333 -26.15 77.60 -17.15
N ALA X 334 -27.26 77.02 -16.71
CA ALA X 334 -28.15 77.71 -15.77
C ALA X 334 -27.44 77.97 -14.44
N GLU X 335 -26.76 76.96 -13.89
CA GLU X 335 -26.11 77.16 -12.61
C GLU X 335 -24.95 78.16 -12.73
N LEU X 336 -24.26 78.16 -13.87
CA LEU X 336 -23.16 79.09 -14.06
C LEU X 336 -23.68 80.52 -14.25
N ASP X 337 -24.81 80.68 -14.95
CA ASP X 337 -25.43 81.99 -15.03
C ASP X 337 -25.87 82.48 -13.66
N LYS X 338 -26.33 81.57 -12.80
CA LYS X 338 -26.64 81.95 -11.43
C LYS X 338 -25.38 82.41 -10.69
N VAL X 339 -24.31 81.62 -10.77
CA VAL X 339 -23.06 81.98 -10.08
C VAL X 339 -22.46 83.23 -10.69
N GLN X 340 -22.41 83.31 -12.01
CA GLN X 340 -21.89 84.48 -12.70
C GLN X 340 -23.03 85.15 -13.45
N PRO X 341 -23.66 86.19 -12.89
CA PRO X 341 -24.83 86.78 -13.55
C PRO X 341 -24.52 87.31 -14.94
N ASP X 342 -23.34 87.90 -15.14
CA ASP X 342 -22.96 88.36 -16.47
C ASP X 342 -22.50 87.17 -17.31
N GLU X 343 -22.50 87.38 -18.62
CA GLU X 343 -21.95 86.40 -19.55
C GLU X 343 -20.62 86.92 -20.06
N GLN X 344 -19.56 86.71 -19.29
CA GLN X 344 -18.23 87.13 -19.67
C GLN X 344 -17.36 85.90 -19.81
N MET X 345 -16.37 85.99 -20.69
CA MET X 345 -15.55 84.83 -21.05
C MET X 345 -14.59 84.49 -19.91
N THR X 346 -15.18 84.05 -18.80
CA THR X 346 -14.44 83.40 -17.75
C THR X 346 -14.03 82.01 -18.23
N PRO X 347 -13.00 81.40 -17.63
CA PRO X 347 -12.60 80.07 -18.09
C PRO X 347 -13.73 79.06 -18.03
N GLN X 348 -14.59 79.16 -17.03
CA GLN X 348 -15.73 78.26 -16.94
C GLN X 348 -16.69 78.47 -18.10
N ARG X 349 -16.97 79.73 -18.45
CA ARG X 349 -17.86 79.99 -19.56
C ARG X 349 -17.25 79.53 -20.88
N GLU X 350 -15.94 79.73 -21.04
CA GLU X 350 -15.24 79.23 -22.22
C GLU X 350 -15.35 77.72 -22.33
N TRP X 351 -15.15 77.02 -21.21
CA TRP X 351 -15.27 75.57 -21.20
C TRP X 351 -16.69 75.14 -21.57
N LEU X 352 -17.68 75.84 -21.02
CA LEU X 352 -19.07 75.49 -21.31
C LEU X 352 -19.41 75.70 -22.78
N ILE X 353 -18.92 76.79 -23.37
CA ILE X 353 -19.15 77.02 -24.80
C ILE X 353 -18.49 75.92 -25.63
N SER X 354 -17.26 75.55 -25.28
CA SER X 354 -16.59 74.48 -26.01
C SER X 354 -17.37 73.17 -25.91
N ALA X 355 -17.87 72.87 -24.72
CA ALA X 355 -18.68 71.67 -24.53
C ALA X 355 -19.95 71.72 -25.36
N GLN X 356 -20.56 72.90 -25.47
CA GLN X 356 -21.76 73.03 -26.29
C GLN X 356 -21.44 72.78 -27.77
N GLU X 357 -20.33 73.30 -28.25
CA GLU X 357 -19.95 73.02 -29.63
C GLU X 357 -19.71 71.53 -29.84
N GLN X 358 -19.05 70.89 -28.86
CA GLN X 358 -18.78 69.46 -28.99
C GLN X 358 -20.06 68.65 -28.96
N VAL X 359 -21.05 69.07 -28.17
CA VAL X 359 -22.29 68.30 -28.12
C VAL X 359 -23.11 68.56 -29.38
N GLN X 360 -22.87 69.68 -30.06
CA GLN X 360 -23.42 69.83 -31.40
C GLN X 360 -22.81 68.80 -32.36
N ASN X 361 -21.49 68.60 -32.27
CA ASN X 361 -20.89 67.54 -33.07
C ASN X 361 -21.48 66.18 -32.73
N GLN X 362 -21.73 65.93 -31.45
CA GLN X 362 -22.40 64.70 -31.04
C GLN X 362 -23.81 64.61 -31.61
N MET X 363 -24.53 65.74 -31.69
CA MET X 363 -25.81 65.76 -32.40
C MET X 363 -25.66 65.25 -33.81
N ASN X 364 -24.64 65.74 -34.53
CA ASN X 364 -24.45 65.30 -35.90
C ASN X 364 -24.18 63.80 -35.97
N ALA X 365 -23.30 63.31 -35.10
CA ALA X 365 -22.97 61.88 -35.10
C ALA X 365 -24.18 61.03 -34.76
N TRP X 366 -24.96 61.46 -33.76
CA TRP X 366 -26.16 60.73 -33.35
C TRP X 366 -27.21 60.72 -34.46
N THR X 367 -27.33 61.84 -35.18
CA THR X 367 -28.24 61.87 -36.32
C THR X 367 -27.81 60.86 -37.37
N LYS X 368 -26.53 60.83 -37.71
CA LYS X 368 -26.05 59.89 -38.71
C LYS X 368 -26.29 58.45 -38.25
N ALA X 369 -26.01 58.17 -36.98
CA ALA X 369 -26.20 56.82 -36.45
C ALA X 369 -27.66 56.41 -36.50
N GLN X 370 -28.57 57.28 -36.09
CA GLN X 370 -29.99 56.93 -36.10
C GLN X 370 -30.49 56.76 -37.53
N ALA X 371 -30.03 57.62 -38.45
CA ALA X 371 -30.46 57.48 -39.83
C ALA X 371 -30.00 56.17 -40.43
N LYS X 372 -28.74 55.80 -40.18
CA LYS X 372 -28.28 54.52 -40.72
C LYS X 372 -28.96 53.36 -40.02
N ALA X 373 -29.29 53.51 -38.73
CA ALA X 373 -30.04 52.48 -38.04
C ALA X 373 -31.39 52.25 -38.72
N LEU X 374 -32.08 53.34 -39.07
CA LEU X 374 -33.34 53.22 -39.79
C LEU X 374 -33.15 52.53 -41.13
N ASP X 375 -32.12 52.93 -41.87
CA ASP X 375 -31.86 52.32 -43.18
C ASP X 375 -31.57 50.83 -43.06
N ASP X 376 -30.74 50.45 -42.08
CA ASP X 376 -30.42 49.04 -41.88
C ASP X 376 -31.64 48.25 -41.42
N SER X 377 -32.49 48.86 -40.61
CA SER X 377 -33.73 48.18 -40.21
C SER X 377 -34.59 47.91 -41.42
N MET X 378 -34.72 48.89 -42.33
CA MET X 378 -35.49 48.67 -43.55
C MET X 378 -34.89 47.55 -44.39
N LYS X 379 -33.58 47.59 -44.61
CA LYS X 379 -32.93 46.60 -45.46
C LYS X 379 -33.02 45.20 -44.86
N SER X 380 -32.82 45.10 -43.55
CA SER X 380 -32.92 43.83 -42.86
C SER X 380 -34.35 43.30 -42.91
N MET X 381 -35.33 44.17 -42.70
CA MET X 381 -36.72 43.76 -42.78
C MET X 381 -37.03 43.22 -44.17
N ASN X 382 -36.42 43.80 -45.20
CA ASN X 382 -36.66 43.30 -46.54
C ASN X 382 -35.95 41.98 -46.82
N LYS X 383 -34.72 41.82 -46.33
CA LYS X 383 -33.97 40.63 -46.73
C LYS X 383 -34.28 39.42 -45.87
N LEU X 384 -34.71 39.62 -44.62
CA LEU X 384 -35.22 38.49 -43.85
C LEU X 384 -36.45 37.89 -44.50
N ASP X 385 -37.27 38.71 -45.16
CA ASP X 385 -38.39 38.16 -45.90
C ASP X 385 -37.92 37.32 -47.09
N VAL X 386 -36.89 37.79 -47.79
CA VAL X 386 -36.34 37.02 -48.90
C VAL X 386 -35.83 35.67 -48.41
N ILE X 387 -35.09 35.67 -47.31
CA ILE X 387 -34.59 34.42 -46.75
C ILE X 387 -35.73 33.54 -46.29
N ASP X 388 -36.81 34.14 -45.78
CA ASP X 388 -37.96 33.35 -45.37
C ASP X 388 -38.60 32.65 -46.56
N LYS X 389 -38.74 33.35 -47.68
CA LYS X 389 -39.28 32.71 -48.88
C LYS X 389 -38.36 31.58 -49.35
N GLN X 390 -37.05 31.83 -49.34
CA GLN X 390 -36.12 30.80 -49.78
C GLN X 390 -36.18 29.56 -48.88
N PHE X 391 -36.26 29.77 -47.57
CA PHE X 391 -36.34 28.62 -46.67
C PHE X 391 -37.68 27.93 -46.76
N GLN X 392 -38.75 28.66 -47.08
CA GLN X 392 -40.03 28.01 -47.31
C GLN X 392 -39.95 27.11 -48.54
N LYS X 393 -39.31 27.60 -49.60
CA LYS X 393 -39.09 26.75 -50.77
C LYS X 393 -38.24 25.55 -50.40
N ARG X 394 -37.25 25.74 -49.54
CA ARG X 394 -36.39 24.66 -49.10
C ARG X 394 -37.19 23.59 -48.34
N ILE X 395 -38.08 24.02 -47.46
CA ILE X 395 -38.92 23.08 -46.71
C ILE X 395 -39.83 22.33 -47.65
N ASN X 396 -40.42 23.02 -48.62
CA ASN X 396 -41.40 22.41 -49.49
C ASN X 396 -40.79 21.39 -50.44
N GLY X 397 -39.47 21.29 -50.49
CA GLY X 397 -38.79 20.28 -51.28
C GLY X 397 -37.92 20.85 -52.38
N GLU X 398 -38.15 22.09 -52.79
CA GLU X 398 -37.34 22.73 -53.83
C GLU X 398 -35.95 22.91 -53.27
N TRP X 399 -35.03 22.03 -53.64
CA TRP X 399 -33.72 22.04 -53.03
C TRP X 399 -32.95 23.26 -53.52
N VAL X 400 -32.90 24.31 -52.69
CA VAL X 400 -32.32 25.58 -53.08
C VAL X 400 -31.19 25.93 -52.12
N SER X 401 -30.32 26.83 -52.57
CA SER X 401 -29.15 27.21 -51.80
C SER X 401 -29.56 28.07 -50.61
N THR X 402 -28.65 28.15 -49.64
CA THR X 402 -28.79 29.03 -48.48
C THR X 402 -27.63 30.02 -48.37
N ASP X 403 -26.86 30.16 -49.43
CA ASP X 403 -25.71 31.06 -49.46
C ASP X 403 -26.20 32.47 -49.77
N PHE X 404 -25.79 33.43 -48.95
CA PHE X 404 -26.32 34.78 -49.07
C PHE X 404 -25.99 35.40 -50.43
N LYS X 405 -24.93 34.94 -51.08
CA LYS X 405 -24.62 35.48 -52.41
C LYS X 405 -25.62 34.97 -53.43
N ASP X 406 -26.20 33.80 -53.20
CA ASP X 406 -27.24 33.30 -54.08
C ASP X 406 -28.61 33.82 -53.70
N MET X 407 -28.71 34.51 -52.57
CA MET X 407 -29.97 35.17 -52.23
C MET X 407 -30.27 36.28 -53.24
N PRO X 408 -31.49 36.33 -53.76
CA PRO X 408 -31.83 37.37 -54.75
C PRO X 408 -31.84 38.75 -54.10
N VAL X 409 -31.43 39.76 -54.87
CA VAL X 409 -31.42 41.14 -54.42
C VAL X 409 -32.41 41.94 -55.27
N ASN X 410 -33.32 42.65 -54.60
CA ASN X 410 -34.37 43.39 -55.29
C ASN X 410 -34.13 44.89 -55.32
N GLU X 411 -32.93 45.33 -54.95
CA GLU X 411 -32.46 46.71 -54.89
C GLU X 411 -33.09 47.47 -53.73
N ASN X 412 -34.06 46.90 -53.03
CA ASN X 412 -34.43 47.33 -51.70
C ASN X 412 -33.88 46.42 -50.62
N THR X 413 -33.11 45.40 -51.01
CA THR X 413 -32.61 44.42 -50.06
C THR X 413 -31.26 44.82 -49.50
N GLY X 414 -30.29 45.06 -50.35
CA GLY X 414 -28.93 45.26 -49.93
C GLY X 414 -28.01 44.20 -50.50
N GLU X 415 -26.93 43.95 -49.77
CA GLU X 415 -25.87 43.09 -50.28
C GLU X 415 -25.74 41.77 -49.52
N PHE X 416 -26.70 41.41 -48.67
CA PHE X 416 -26.71 40.11 -48.00
C PHE X 416 -25.39 39.79 -47.32
N LYS X 417 -25.04 40.60 -46.33
CA LYS X 417 -24.00 40.24 -45.39
C LYS X 417 -24.40 38.98 -44.63
N HIS X 418 -23.39 38.18 -44.26
CA HIS X 418 -23.62 36.90 -43.61
C HIS X 418 -24.37 37.01 -42.29
N SER X 419 -24.36 38.17 -41.65
CA SER X 419 -25.00 38.29 -40.35
C SER X 419 -26.50 38.11 -40.44
N ASP X 420 -27.09 38.41 -41.60
CA ASP X 420 -28.54 38.39 -41.69
C ASP X 420 -29.06 36.95 -41.67
N MET X 421 -28.23 35.98 -42.00
CA MET X 421 -28.66 34.58 -41.94
C MET X 421 -28.86 34.13 -40.50
N VAL X 422 -27.89 34.39 -39.63
CA VAL X 422 -28.06 34.08 -38.22
C VAL X 422 -29.16 34.94 -37.63
N ASN X 423 -29.29 36.18 -38.11
CA ASN X 423 -30.38 37.03 -37.68
C ASN X 423 -31.73 36.39 -38.02
N TYR X 424 -31.87 35.87 -39.23
CA TYR X 424 -33.11 35.25 -39.64
C TYR X 424 -33.39 34.00 -38.83
N ALA X 425 -32.37 33.19 -38.58
CA ALA X 425 -32.58 31.99 -37.79
C ALA X 425 -33.05 32.32 -36.39
N ASN X 426 -32.42 33.31 -35.75
CA ASN X 426 -32.83 33.69 -34.40
C ASN X 426 -34.26 34.22 -34.40
N LYS X 427 -34.58 35.11 -35.35
CA LYS X 427 -35.92 35.68 -35.36
C LYS X 427 -36.97 34.63 -35.68
N LYS X 428 -36.64 33.68 -36.56
CA LYS X 428 -37.56 32.60 -36.87
C LYS X 428 -37.80 31.71 -35.67
N LEU X 429 -36.75 31.36 -34.93
CA LEU X 429 -36.95 30.51 -33.76
C LEU X 429 -37.80 31.23 -32.72
N ALA X 430 -37.55 32.53 -32.53
CA ALA X 430 -38.40 33.31 -31.63
C ALA X 430 -39.84 33.35 -32.10
N GLU X 431 -40.06 33.51 -33.41
CA GLU X 431 -41.42 33.50 -33.95
C GLU X 431 -42.10 32.17 -33.69
N ILE X 432 -41.40 31.07 -33.95
CA ILE X 432 -41.99 29.75 -33.74
C ILE X 432 -42.36 29.58 -32.28
N ASP X 433 -41.49 30.01 -31.37
CA ASP X 433 -41.84 29.97 -29.96
C ASP X 433 -42.98 30.91 -29.62
N SER X 434 -43.21 31.92 -30.48
CA SER X 434 -44.19 32.95 -30.16
C SER X 434 -45.57 32.67 -30.74
N MET X 435 -45.70 31.62 -31.56
CA MET X 435 -46.97 31.36 -32.21
C MET X 435 -48.00 30.83 -31.22
N ASP X 436 -49.26 30.87 -31.63
CA ASP X 436 -50.38 30.44 -30.78
C ASP X 436 -50.73 28.97 -30.97
N ILE X 437 -49.91 28.24 -31.71
CA ILE X 437 -50.11 26.82 -32.00
C ILE X 437 -49.81 25.98 -30.77
N PRO X 438 -50.19 24.69 -30.74
CA PRO X 438 -49.73 23.83 -29.66
C PRO X 438 -48.21 23.69 -29.67
N ASP X 439 -47.63 23.54 -28.48
CA ASP X 439 -46.17 23.52 -28.35
C ASP X 439 -45.55 22.35 -29.09
N GLY X 440 -46.29 21.26 -29.25
CA GLY X 440 -45.79 20.16 -30.06
C GLY X 440 -45.54 20.59 -31.49
N ALA X 441 -46.45 21.38 -32.05
CA ALA X 441 -46.26 21.89 -33.41
C ALA X 441 -45.10 22.87 -33.46
N LYS X 442 -44.87 23.62 -32.39
CA LYS X 442 -43.69 24.47 -32.32
C LYS X 442 -42.42 23.65 -32.44
N ASP X 443 -42.35 22.55 -31.68
CA ASP X 443 -41.18 21.69 -31.74
C ASP X 443 -41.04 21.06 -33.13
N ALA X 444 -42.17 20.66 -33.72
CA ALA X 444 -42.14 20.10 -35.06
C ALA X 444 -41.59 21.10 -36.08
N MET X 445 -42.02 22.36 -36.01
CA MET X 445 -41.50 23.35 -36.96
C MET X 445 -40.05 23.68 -36.68
N LYS X 446 -39.62 23.65 -35.41
CA LYS X 446 -38.19 23.84 -35.16
C LYS X 446 -37.37 22.74 -35.80
N LEU X 447 -37.84 21.49 -35.71
CA LEU X 447 -37.16 20.40 -36.41
C LEU X 447 -37.20 20.61 -37.93
N LYS X 448 -38.34 21.05 -38.46
CA LYS X 448 -38.43 21.26 -39.90
C LYS X 448 -37.43 22.32 -40.36
N TYR X 449 -37.31 23.41 -39.61
CA TYR X 449 -36.38 24.45 -40.00
C TYR X 449 -34.95 24.01 -39.76
N LEU X 450 -34.72 23.02 -38.90
CA LEU X 450 -33.35 22.53 -38.73
C LEU X 450 -33.02 21.40 -39.67
N GLN X 451 -34.01 20.73 -40.22
CA GLN X 451 -33.74 19.69 -41.21
C GLN X 451 -33.07 20.32 -42.40
N ALA X 452 -33.49 21.54 -42.72
CA ALA X 452 -33.37 22.10 -44.04
C ALA X 452 -32.29 23.17 -44.13
N ASP X 453 -31.12 22.93 -43.52
CA ASP X 453 -30.02 23.88 -43.63
C ASP X 453 -28.82 23.32 -44.39
N SER X 454 -27.79 24.14 -44.58
CA SER X 454 -26.62 23.72 -45.35
C SER X 454 -25.66 22.87 -44.53
N LYS X 455 -25.98 22.62 -43.27
CA LYS X 455 -25.16 22.02 -42.21
C LYS X 455 -24.11 23.03 -41.75
N ASP X 456 -23.92 24.12 -42.48
CA ASP X 456 -23.32 25.32 -41.91
C ASP X 456 -24.40 26.27 -41.41
N GLY X 457 -25.65 25.93 -41.69
CA GLY X 457 -26.77 26.83 -41.53
C GLY X 457 -26.94 27.33 -40.11
N ALA X 458 -27.61 28.48 -40.02
CA ALA X 458 -27.72 29.16 -38.74
C ALA X 458 -28.72 28.46 -37.84
N PHE X 459 -29.64 27.67 -38.41
CA PHE X 459 -30.52 26.88 -37.56
C PHE X 459 -29.75 25.76 -36.89
N ARG X 460 -28.85 25.10 -37.63
CA ARG X 460 -27.96 24.12 -37.01
C ARG X 460 -27.12 24.76 -35.92
N THR X 461 -26.55 25.93 -36.20
CA THR X 461 -25.72 26.60 -35.21
C THR X 461 -26.52 26.99 -33.98
N ALA X 462 -27.76 27.46 -34.18
CA ALA X 462 -28.58 27.88 -33.06
C ALA X 462 -29.02 26.70 -32.20
N ILE X 463 -29.43 25.60 -32.85
CA ILE X 463 -29.85 24.44 -32.08
C ILE X 463 -28.66 23.79 -31.40
N GLY X 464 -27.49 23.79 -32.04
CA GLY X 464 -26.30 23.30 -31.38
C GLY X 464 -25.89 24.18 -30.22
N THR X 465 -26.11 25.49 -30.35
CA THR X 465 -25.91 26.39 -29.21
C THR X 465 -26.84 26.03 -28.07
N MET X 466 -28.10 25.71 -28.41
CA MET X 466 -29.05 25.25 -27.41
C MET X 466 -28.55 23.99 -26.72
N VAL X 467 -28.05 23.04 -27.51
CA VAL X 467 -27.56 21.77 -26.97
C VAL X 467 -26.37 22.00 -26.06
N THR X 468 -25.42 22.83 -26.50
CA THR X 468 -24.23 23.06 -25.69
C THR X 468 -24.56 23.85 -24.44
N ASP X 469 -25.55 24.74 -24.50
CA ASP X 469 -25.93 25.49 -23.32
C ASP X 469 -26.62 24.59 -22.31
N ALA X 470 -27.43 23.65 -22.78
CA ALA X 470 -28.01 22.65 -21.89
C ALA X 470 -26.93 21.75 -21.28
N GLY X 471 -25.95 21.35 -22.08
CA GLY X 471 -24.87 20.53 -21.54
C GLY X 471 -24.04 21.29 -20.53
N GLN X 472 -23.77 22.57 -20.79
CA GLN X 472 -23.07 23.41 -19.83
C GLN X 472 -23.88 23.54 -18.55
N GLU X 473 -25.19 23.64 -18.67
CA GLU X 473 -26.04 23.72 -17.48
C GLU X 473 -25.94 22.44 -16.66
N TRP X 474 -25.95 21.29 -17.33
CA TRP X 474 -25.78 20.03 -16.60
C TRP X 474 -24.41 19.94 -15.95
N SER X 475 -23.36 20.36 -16.64
CA SER X 475 -22.02 20.30 -16.06
C SER X 475 -21.90 21.23 -14.86
N ALA X 476 -22.52 22.41 -14.96
CA ALA X 476 -22.56 23.31 -13.82
C ALA X 476 -23.30 22.69 -12.65
N ALA X 477 -24.39 21.97 -12.93
CA ALA X 477 -25.11 21.28 -11.87
C ALA X 477 -24.22 20.22 -11.22
N VAL X 478 -23.47 19.48 -12.02
CA VAL X 478 -22.58 18.45 -11.48
C VAL X 478 -21.52 19.09 -10.59
N ILE X 479 -20.92 20.18 -11.05
CA ILE X 479 -19.87 20.84 -10.29
C ILE X 479 -20.42 21.40 -8.99
N ASN X 480 -21.59 22.05 -9.06
CA ASN X 480 -22.21 22.61 -7.86
C ASN X 480 -22.72 21.54 -6.92
N GLY X 481 -22.92 20.32 -7.40
CA GLY X 481 -23.45 19.27 -6.59
C GLY X 481 -24.95 19.27 -6.44
N LYS X 482 -25.64 20.26 -7.01
CA LYS X 482 -27.09 20.35 -6.97
C LYS X 482 -27.58 20.85 -8.31
N LEU X 483 -28.84 20.57 -8.59
CA LEU X 483 -29.43 21.00 -9.84
C LEU X 483 -30.02 22.41 -9.69
N PRO X 484 -29.81 23.30 -10.65
CA PRO X 484 -30.38 24.63 -10.55
C PRO X 484 -31.89 24.61 -10.70
N GLU X 485 -32.50 25.76 -10.47
CA GLU X 485 -33.93 25.90 -10.69
C GLU X 485 -34.21 26.40 -12.11
N ARG X 486 -35.39 26.02 -12.60
CA ARG X 486 -36.01 26.56 -13.81
C ARG X 486 -35.31 26.07 -15.08
N THR X 487 -34.10 25.54 -14.95
CA THR X 487 -33.40 24.80 -16.00
C THR X 487 -33.76 25.21 -17.42
N PRO X 488 -33.57 26.47 -17.80
CA PRO X 488 -34.13 26.94 -19.08
C PRO X 488 -33.61 26.20 -20.29
N ALA X 489 -32.29 26.10 -20.45
CA ALA X 489 -31.73 25.39 -21.59
C ALA X 489 -32.10 23.92 -21.56
N MET X 490 -32.11 23.33 -20.36
CA MET X 490 -32.51 21.94 -20.24
C MET X 490 -33.95 21.73 -20.69
N ASP X 491 -34.85 22.64 -20.32
CA ASP X 491 -36.24 22.54 -20.75
C ASP X 491 -36.36 22.70 -22.25
N ALA X 492 -35.67 23.68 -22.83
CA ALA X 492 -35.78 23.90 -24.27
C ALA X 492 -35.28 22.71 -25.05
N LEU X 493 -34.12 22.17 -24.67
CA LEU X 493 -33.60 21.01 -25.37
C LEU X 493 -34.46 19.78 -25.11
N ARG X 494 -35.05 19.68 -23.92
CA ARG X 494 -35.94 18.57 -23.64
C ARG X 494 -37.14 18.59 -24.57
N ARG X 495 -37.70 19.78 -24.79
CA ARG X 495 -38.83 19.90 -25.72
C ARG X 495 -38.42 19.53 -27.13
N ILE X 496 -37.34 20.13 -27.62
CA ILE X 496 -36.96 19.91 -29.01
C ILE X 496 -36.48 18.48 -29.24
N ARG X 497 -36.06 17.80 -28.17
CA ARG X 497 -35.63 16.43 -28.31
C ARG X 497 -36.77 15.44 -28.18
N ASN X 498 -37.75 15.72 -27.31
CA ASN X 498 -38.94 14.89 -27.26
C ASN X 498 -39.73 15.01 -28.55
N ALA X 499 -39.53 16.10 -29.29
CA ALA X 499 -40.06 16.13 -30.66
C ALA X 499 -39.49 14.99 -31.48
N ASP X 500 -38.17 14.85 -31.52
CA ASP X 500 -37.52 13.75 -32.24
C ASP X 500 -36.15 13.46 -31.65
N PRO X 501 -36.03 12.45 -30.79
CA PRO X 501 -34.72 12.14 -30.21
C PRO X 501 -33.68 11.73 -31.24
N GLN X 502 -34.08 11.03 -32.28
CA GLN X 502 -33.10 10.43 -33.20
C GLN X 502 -32.32 11.49 -33.98
N LEU X 503 -33.00 12.45 -34.59
CA LEU X 503 -32.27 13.47 -35.36
C LEU X 503 -31.42 14.33 -34.45
N ILE X 504 -31.93 14.70 -33.29
CA ILE X 504 -31.14 15.54 -32.39
C ILE X 504 -29.89 14.81 -31.95
N ALA X 505 -30.01 13.50 -31.66
CA ALA X 505 -28.84 12.71 -31.33
C ALA X 505 -27.89 12.60 -32.51
N ALA X 506 -28.43 12.52 -33.73
CA ALA X 506 -27.59 12.35 -34.91
C ALA X 506 -26.78 13.60 -35.21
N LEU X 507 -27.43 14.77 -35.22
CA LEU X 507 -26.70 15.99 -35.57
C LEU X 507 -25.79 16.44 -34.46
N TYR X 508 -26.00 15.96 -33.24
CA TYR X 508 -25.18 16.32 -32.08
C TYR X 508 -24.76 15.07 -31.35
N PRO X 509 -23.90 14.26 -31.97
CA PRO X 509 -23.45 13.03 -31.28
C PRO X 509 -22.59 13.30 -30.07
N ASP X 510 -21.93 14.46 -30.04
CA ASP X 510 -21.01 14.76 -28.94
C ASP X 510 -21.75 14.77 -27.61
N GLN X 511 -22.98 15.26 -27.60
CA GLN X 511 -23.71 15.33 -26.34
C GLN X 511 -24.53 14.07 -26.16
N ALA X 512 -23.92 12.92 -26.44
CA ALA X 512 -24.61 11.65 -26.26
C ALA X 512 -24.84 11.37 -24.79
N GLU X 513 -23.85 11.70 -23.96
CA GLU X 513 -23.99 11.53 -22.52
C GLU X 513 -25.10 12.42 -21.98
N LEU X 514 -25.22 13.65 -22.49
CA LEU X 514 -26.28 14.55 -22.05
C LEU X 514 -27.65 14.02 -22.46
N PHE X 515 -27.77 13.51 -23.69
CA PHE X 515 -29.03 12.94 -24.12
C PHE X 515 -29.41 11.73 -23.29
N LEU X 516 -28.43 10.88 -22.98
CA LEU X 516 -28.68 9.76 -22.09
C LEU X 516 -29.09 10.22 -20.71
N THR X 517 -28.48 11.29 -20.21
CA THR X 517 -28.86 11.81 -18.90
C THR X 517 -30.30 12.28 -18.89
N MET X 518 -30.72 12.99 -19.94
CA MET X 518 -32.10 13.44 -20.02
C MET X 518 -33.05 12.25 -20.09
N ASP X 519 -32.72 11.24 -20.89
CA ASP X 519 -33.55 10.03 -20.95
C ASP X 519 -33.65 9.35 -19.59
N MET X 520 -32.53 9.28 -18.86
CA MET X 520 -32.56 8.74 -17.51
C MET X 520 -33.49 9.54 -16.61
N MET X 521 -33.44 10.87 -16.71
CA MET X 521 -34.18 11.70 -15.78
C MET X 521 -35.67 11.68 -16.07
N ASP X 522 -36.07 11.80 -17.33
CA ASP X 522 -37.49 11.90 -17.63
C ASP X 522 -38.12 10.60 -18.12
N LYS X 523 -37.54 9.94 -19.13
CA LYS X 523 -38.11 8.66 -19.57
C LYS X 523 -38.10 7.64 -18.45
N GLN X 524 -36.94 7.44 -17.83
CA GLN X 524 -36.84 6.61 -16.63
C GLN X 524 -37.05 7.49 -15.41
N GLY X 525 -37.27 6.85 -14.27
CA GLY X 525 -37.57 7.56 -13.05
C GLY X 525 -36.38 7.95 -12.22
N ILE X 526 -35.18 7.92 -12.79
CA ILE X 526 -33.97 8.07 -11.98
C ILE X 526 -33.88 9.49 -11.45
N ASP X 527 -33.57 9.59 -10.16
CA ASP X 527 -33.47 10.89 -9.52
C ASP X 527 -32.29 11.67 -10.07
N PRO X 528 -32.49 12.94 -10.44
CA PRO X 528 -31.34 13.73 -10.90
C PRO X 528 -30.25 13.87 -9.85
N GLN X 529 -30.60 13.86 -8.57
CA GLN X 529 -29.60 13.99 -7.52
C GLN X 529 -28.66 12.79 -7.49
N VAL X 530 -29.20 11.59 -7.68
CA VAL X 530 -28.36 10.39 -7.68
C VAL X 530 -27.36 10.42 -8.83
N ILE X 531 -27.85 10.74 -10.03
CA ILE X 531 -26.97 10.84 -11.19
C ILE X 531 -25.94 11.93 -10.96
N LEU X 532 -26.37 13.05 -10.36
CA LEU X 532 -25.49 14.18 -10.15
C LEU X 532 -24.35 13.81 -9.20
N ASP X 533 -24.68 13.12 -8.10
CA ASP X 533 -23.65 12.67 -7.17
C ASP X 533 -22.73 11.66 -7.83
N ALA X 534 -23.27 10.77 -8.66
CA ALA X 534 -22.44 9.80 -9.35
C ALA X 534 -21.44 10.50 -10.29
N ASP X 535 -21.90 11.50 -11.03
CA ASP X 535 -20.99 12.24 -11.88
C ASP X 535 -19.95 13.00 -11.07
N ARG X 536 -20.35 13.56 -9.93
CA ARG X 536 -19.40 14.31 -9.11
C ARG X 536 -18.33 13.41 -8.54
N LEU X 537 -18.68 12.19 -8.15
CA LEU X 537 -17.69 11.28 -7.57
C LEU X 537 -16.78 10.71 -8.66
N THR X 538 -17.33 10.44 -9.83
CA THR X 538 -16.55 9.84 -10.91
C THR X 538 -15.88 10.93 -11.75
N VAL X 539 -15.04 11.72 -11.08
CA VAL X 539 -14.27 12.76 -11.76
C VAL X 539 -12.79 12.46 -11.81
N LYS X 540 -12.39 11.23 -11.48
CA LYS X 540 -11.00 10.80 -11.56
C LYS X 540 -10.84 10.01 -12.86
N ARG X 541 -10.30 10.67 -13.88
CA ARG X 541 -10.06 9.99 -15.15
C ARG X 541 -8.90 8.99 -15.03
N SER X 542 -7.84 9.37 -14.35
CA SER X 542 -6.69 8.54 -14.01
C SER X 542 -5.87 8.11 -15.22
N LYS X 543 -6.17 8.57 -16.44
CA LYS X 543 -5.36 8.28 -17.61
C LYS X 543 -5.28 6.79 -17.91
N GLU X 544 -4.64 6.03 -17.02
CA GLU X 544 -4.58 4.57 -17.20
C GLU X 544 -5.97 3.95 -17.08
N GLN X 545 -6.81 4.50 -16.20
CA GLN X 545 -8.19 4.05 -16.12
C GLN X 545 -8.88 4.20 -17.46
N ARG X 546 -8.56 5.26 -18.20
CA ARG X 546 -9.15 5.43 -19.53
C ARG X 546 -8.73 4.32 -20.48
N PHE X 547 -7.45 3.93 -20.47
CA PHE X 547 -7.02 2.86 -21.34
C PHE X 547 -7.67 1.54 -20.96
N GLU X 548 -7.78 1.27 -19.66
CA GLU X 548 -8.46 0.06 -19.24
C GLU X 548 -9.93 0.07 -19.65
N ASP X 549 -10.56 1.24 -19.59
CA ASP X 549 -11.93 1.36 -20.08
C ASP X 549 -12.00 1.03 -21.56
N ASP X 550 -11.04 1.51 -22.35
CA ASP X 550 -11.02 1.19 -23.77
C ASP X 550 -10.93 -0.31 -23.99
N LYS X 551 -10.02 -0.97 -23.29
CA LYS X 551 -9.77 -2.37 -23.56
C LYS X 551 -10.96 -3.22 -23.09
N ALA X 552 -11.53 -2.86 -21.94
CA ALA X 552 -12.73 -3.54 -21.45
C ALA X 552 -13.90 -3.36 -22.40
N PHE X 553 -14.07 -2.16 -22.94
CA PHE X 553 -15.19 -1.91 -23.85
C PHE X 553 -15.05 -2.72 -25.11
N GLU X 554 -13.85 -2.73 -25.70
CA GLU X 554 -13.66 -3.50 -26.92
C GLU X 554 -13.91 -4.99 -26.68
N SER X 555 -13.49 -5.50 -25.52
CA SER X 555 -13.80 -6.88 -25.18
C SER X 555 -15.29 -7.09 -25.02
N ALA X 556 -15.99 -6.15 -24.39
CA ALA X 556 -17.43 -6.30 -24.17
C ALA X 556 -18.17 -6.39 -25.50
N LEU X 557 -17.77 -5.56 -26.47
CA LEU X 557 -18.36 -5.67 -27.81
C LEU X 557 -18.03 -6.98 -28.50
N ASN X 558 -16.75 -7.35 -28.58
CA ASN X 558 -16.44 -8.52 -29.39
C ASN X 558 -16.85 -9.81 -28.67
N ALA X 559 -17.36 -9.69 -27.44
CA ALA X 559 -17.92 -10.83 -26.73
C ALA X 559 -19.45 -10.81 -26.61
N SER X 560 -20.13 -9.83 -27.20
CA SER X 560 -21.54 -9.61 -26.88
C SER X 560 -22.43 -10.67 -27.51
N LYS X 561 -22.24 -10.95 -28.79
CA LYS X 561 -23.15 -11.80 -29.57
C LYS X 561 -24.57 -11.22 -29.55
N ALA X 562 -24.73 -10.06 -30.17
CA ALA X 562 -26.03 -9.43 -30.38
C ALA X 562 -26.01 -8.67 -31.70
N PRO X 563 -27.13 -8.67 -32.43
CA PRO X 563 -27.13 -8.03 -33.75
C PRO X 563 -26.77 -6.55 -33.70
N GLU X 564 -27.18 -5.85 -32.66
CA GLU X 564 -26.86 -4.44 -32.55
C GLU X 564 -25.40 -4.23 -32.19
N ILE X 565 -24.91 -4.96 -31.18
CA ILE X 565 -23.54 -4.76 -30.73
C ILE X 565 -22.56 -5.28 -31.77
N ALA X 566 -22.82 -6.47 -32.32
CA ALA X 566 -22.08 -6.86 -33.50
C ALA X 566 -22.47 -5.97 -34.65
N ARG X 567 -21.67 -6.01 -35.71
CA ARG X 567 -21.92 -5.15 -36.85
C ARG X 567 -21.86 -3.69 -36.39
N MET X 568 -23.02 -3.15 -35.97
CA MET X 568 -23.21 -1.81 -35.45
C MET X 568 -23.02 -0.80 -36.58
N PRO X 569 -23.86 0.24 -36.64
CA PRO X 569 -23.82 1.11 -37.83
C PRO X 569 -22.53 1.89 -38.02
N ALA X 570 -21.70 1.97 -36.98
CA ALA X 570 -20.42 2.70 -37.01
C ALA X 570 -20.63 4.20 -37.04
N SER X 571 -21.85 4.63 -37.34
CA SER X 571 -22.23 6.01 -37.07
C SER X 571 -22.53 6.20 -35.60
N LEU X 572 -22.67 5.10 -34.87
CA LEU X 572 -23.05 5.10 -33.47
C LEU X 572 -22.01 4.48 -32.55
N ARG X 573 -20.85 4.11 -33.08
CA ARG X 573 -19.79 3.56 -32.22
C ARG X 573 -19.47 4.52 -31.10
N GLU X 574 -19.39 5.81 -31.41
CA GLU X 574 -18.96 6.78 -30.42
C GLU X 574 -20.08 7.08 -29.42
N SER X 575 -21.31 7.18 -29.89
CA SER X 575 -22.42 7.33 -28.95
C SER X 575 -22.57 6.11 -28.07
N ALA X 576 -22.38 4.92 -28.64
CA ALA X 576 -22.44 3.70 -27.84
C ALA X 576 -21.34 3.69 -26.80
N ARG X 577 -20.12 4.08 -27.18
CA ARG X 577 -19.03 4.15 -26.22
C ARG X 577 -19.31 5.16 -25.12
N LYS X 578 -19.79 6.34 -25.48
CA LYS X 578 -20.07 7.36 -24.47
C LYS X 578 -21.16 6.90 -23.52
N ILE X 579 -22.19 6.24 -24.05
CA ILE X 579 -23.27 5.76 -23.19
C ILE X 579 -22.78 4.63 -22.29
N TYR X 580 -21.95 3.73 -22.83
CA TYR X 580 -21.40 2.66 -22.02
C TYR X 580 -20.56 3.22 -20.89
N ASP X 581 -19.69 4.19 -21.19
CA ASP X 581 -18.88 4.83 -20.16
C ASP X 581 -19.76 5.52 -19.13
N SER X 582 -20.78 6.23 -19.59
CA SER X 582 -21.63 6.99 -18.68
C SER X 582 -22.34 6.07 -17.70
N VAL X 583 -22.93 4.99 -18.19
CA VAL X 583 -23.64 4.08 -17.30
C VAL X 583 -22.66 3.31 -16.43
N LYS X 584 -21.47 3.02 -16.95
CA LYS X 584 -20.46 2.34 -16.15
C LYS X 584 -20.04 3.19 -14.95
N TYR X 585 -19.85 4.48 -15.17
CA TYR X 585 -19.45 5.36 -14.08
C TYR X 585 -20.62 5.68 -13.16
N ARG X 586 -21.79 5.97 -13.72
CA ARG X 586 -22.97 6.27 -12.91
C ARG X 586 -23.24 5.15 -11.94
N SER X 587 -23.58 3.98 -12.47
CA SER X 587 -23.72 2.77 -11.67
C SER X 587 -22.52 1.90 -11.94
N GLY X 588 -21.72 1.63 -10.93
CA GLY X 588 -20.49 0.89 -11.17
C GLY X 588 -20.81 -0.55 -11.50
N ASN X 589 -21.40 -0.76 -12.68
CA ASN X 589 -21.85 -2.08 -13.09
C ASN X 589 -21.61 -2.22 -14.60
N GLU X 590 -20.74 -3.15 -14.97
CA GLU X 590 -20.48 -3.42 -16.38
C GLU X 590 -21.71 -3.95 -17.08
N SER X 591 -22.44 -4.85 -16.42
CA SER X 591 -23.64 -5.43 -17.04
C SER X 591 -24.67 -4.36 -17.33
N MET X 592 -24.82 -3.41 -16.42
CA MET X 592 -25.83 -2.36 -16.63
C MET X 592 -25.41 -1.45 -17.77
N ALA X 593 -24.12 -1.15 -17.88
CA ALA X 593 -23.64 -0.36 -18.99
C ALA X 593 -23.86 -1.06 -20.32
N MET X 594 -23.57 -2.37 -20.37
CA MET X 594 -23.83 -3.15 -21.57
C MET X 594 -25.31 -3.12 -21.92
N GLU X 595 -26.17 -3.34 -20.94
CA GLU X 595 -27.61 -3.36 -21.19
C GLU X 595 -28.09 -2.02 -21.69
N GLN X 596 -27.62 -0.94 -21.09
CA GLN X 596 -28.07 0.38 -21.51
C GLN X 596 -27.61 0.73 -22.91
N MET X 597 -26.35 0.45 -23.26
CA MET X 597 -25.92 0.82 -24.60
C MET X 597 -26.55 -0.11 -25.63
N THR X 598 -26.79 -1.36 -25.26
CA THR X 598 -27.50 -2.26 -26.15
C THR X 598 -28.90 -1.75 -26.43
N LYS X 599 -29.60 -1.29 -25.40
CA LYS X 599 -30.94 -0.76 -25.60
C LYS X 599 -30.92 0.53 -26.40
N PHE X 600 -29.91 1.38 -26.17
CA PHE X 600 -29.75 2.58 -26.98
C PHE X 600 -29.61 2.22 -28.45
N LEU X 601 -28.76 1.25 -28.75
CA LEU X 601 -28.58 0.82 -30.13
C LEU X 601 -29.83 0.19 -30.70
N LYS X 602 -30.58 -0.55 -29.89
CA LYS X 602 -31.81 -1.17 -30.37
C LYS X 602 -32.85 -0.13 -30.74
N GLU X 603 -33.03 0.88 -29.88
CA GLU X 603 -33.98 1.93 -30.22
C GLU X 603 -33.51 2.76 -31.40
N SER X 604 -32.21 3.00 -31.49
CA SER X 604 -31.71 3.94 -32.47
C SER X 604 -31.55 3.30 -33.85
N THR X 605 -31.63 1.98 -33.94
CA THR X 605 -31.39 1.27 -35.18
C THR X 605 -32.49 0.25 -35.42
N TYR X 606 -32.60 -0.21 -36.65
CA TYR X 606 -33.46 -1.33 -36.99
C TYR X 606 -32.61 -2.45 -37.58
N THR X 607 -32.78 -3.66 -37.05
CA THR X 607 -32.02 -4.82 -37.51
C THR X 607 -32.82 -5.53 -38.60
N PHE X 608 -32.29 -5.52 -39.82
CA PHE X 608 -32.89 -6.30 -40.89
C PHE X 608 -32.45 -7.75 -40.79
N THR X 609 -33.36 -8.66 -41.08
CA THR X 609 -33.09 -10.08 -40.93
C THR X 609 -33.42 -10.79 -42.23
N GLY X 610 -32.77 -11.94 -42.43
CA GLY X 610 -33.03 -12.72 -43.62
C GLY X 610 -34.37 -13.42 -43.56
N ASP X 611 -34.75 -14.02 -44.68
CA ASP X 611 -36.00 -14.75 -44.77
C ASP X 611 -35.89 -16.20 -44.32
N ASP X 612 -34.69 -16.74 -44.19
CA ASP X 612 -34.56 -18.15 -43.84
C ASP X 612 -34.98 -18.38 -42.41
N VAL X 613 -35.19 -19.66 -42.08
CA VAL X 613 -35.72 -20.04 -40.77
C VAL X 613 -34.77 -19.63 -39.65
N ASP X 614 -33.46 -19.65 -39.92
CA ASP X 614 -32.49 -19.25 -38.92
C ASP X 614 -32.21 -17.76 -39.00
N GLY X 615 -33.24 -16.98 -39.34
CA GLY X 615 -33.05 -15.65 -39.91
C GLY X 615 -31.94 -14.86 -39.23
N ASP X 616 -30.88 -14.64 -39.99
CA ASP X 616 -29.75 -13.88 -39.50
C ASP X 616 -29.82 -12.45 -39.99
N THR X 617 -28.98 -11.60 -39.43
CA THR X 617 -29.04 -10.18 -39.71
C THR X 617 -28.35 -9.90 -41.04
N VAL X 618 -29.10 -9.36 -42.00
CA VAL X 618 -28.47 -8.91 -43.23
C VAL X 618 -27.84 -7.54 -43.03
N GLY X 619 -28.36 -6.77 -42.09
CA GLY X 619 -27.75 -5.48 -41.79
C GLY X 619 -28.47 -4.79 -40.66
N VAL X 620 -27.77 -3.83 -40.06
CA VAL X 620 -28.34 -2.96 -39.02
C VAL X 620 -28.18 -1.53 -39.51
N ILE X 621 -29.29 -0.86 -39.76
CA ILE X 621 -29.29 0.50 -40.26
C ILE X 621 -29.92 1.43 -39.22
N PRO X 622 -29.34 2.60 -38.97
CA PRO X 622 -29.90 3.49 -37.96
C PRO X 622 -31.30 3.92 -38.31
N LYS X 623 -32.10 4.15 -37.28
CA LYS X 623 -33.52 4.39 -37.46
C LYS X 623 -33.76 5.69 -38.21
N ASN X 624 -32.94 6.71 -37.97
CA ASN X 624 -33.20 8.03 -38.55
C ASN X 624 -32.96 8.03 -40.05
N MET X 625 -32.03 7.19 -40.52
CA MET X 625 -31.66 7.24 -41.94
C MET X 625 -32.79 6.79 -42.84
N MET X 626 -33.81 6.14 -42.29
CA MET X 626 -34.91 5.61 -43.09
C MET X 626 -36.16 6.49 -43.09
N GLN X 627 -36.11 7.67 -42.49
CA GLN X 627 -37.31 8.49 -42.39
C GLN X 627 -37.67 9.07 -43.75
N VAL X 628 -38.93 8.95 -44.13
CA VAL X 628 -39.37 9.47 -45.42
C VAL X 628 -40.00 10.85 -45.26
N ASN X 629 -40.74 11.07 -44.18
CA ASN X 629 -41.24 12.40 -43.88
C ASN X 629 -40.79 12.83 -42.49
N SER X 630 -41.26 13.97 -42.02
CA SER X 630 -40.69 14.56 -40.81
C SER X 630 -41.22 13.88 -39.56
N ASP X 631 -42.19 13.00 -39.70
CA ASP X 631 -42.66 12.23 -38.54
C ASP X 631 -41.56 11.28 -38.09
N PRO X 632 -41.22 11.27 -36.80
CA PRO X 632 -40.21 10.32 -36.31
C PRO X 632 -40.47 8.89 -36.71
N LYS X 633 -41.72 8.48 -36.85
CA LYS X 633 -42.07 7.10 -37.10
C LYS X 633 -42.10 6.76 -38.59
N SER X 634 -41.77 7.72 -39.46
CA SER X 634 -41.67 7.43 -40.88
C SER X 634 -40.52 6.50 -41.20
N TRP X 635 -39.64 6.26 -40.23
CA TRP X 635 -38.63 5.23 -40.41
C TRP X 635 -39.26 3.88 -40.68
N GLU X 636 -40.49 3.66 -40.23
CA GLU X 636 -41.17 2.40 -40.50
C GLU X 636 -41.49 2.26 -41.98
N GLN X 637 -41.98 3.32 -42.61
CA GLN X 637 -42.20 3.29 -44.06
C GLN X 637 -40.89 3.15 -44.80
N GLY X 638 -39.84 3.84 -44.33
CA GLY X 638 -38.53 3.65 -44.94
C GLY X 638 -38.05 2.21 -44.83
N ARG X 639 -38.28 1.59 -43.68
CA ARG X 639 -37.95 0.18 -43.49
C ARG X 639 -38.72 -0.69 -44.45
N ASP X 640 -40.01 -0.41 -44.63
CA ASP X 640 -40.81 -1.21 -45.55
C ASP X 640 -40.28 -1.10 -46.97
N ILE X 641 -39.90 0.10 -47.37
CA ILE X 641 -39.31 0.29 -48.69
C ILE X 641 -38.01 -0.48 -48.82
N LEU X 642 -37.18 -0.46 -47.78
CA LEU X 642 -35.89 -1.15 -47.84
C LEU X 642 -36.07 -2.66 -47.88
N GLU X 643 -37.02 -3.18 -47.12
CA GLU X 643 -37.32 -4.62 -47.18
C GLU X 643 -37.77 -5.00 -48.58
N GLU X 644 -38.62 -4.17 -49.19
CA GLU X 644 -39.03 -4.44 -50.56
C GLU X 644 -37.84 -4.38 -51.51
N ALA X 645 -36.93 -3.45 -51.29
CA ALA X 645 -35.75 -3.34 -52.15
C ALA X 645 -34.87 -4.58 -52.05
N ARG X 646 -34.66 -5.07 -50.83
CA ARG X 646 -33.87 -6.29 -50.64
C ARG X 646 -34.54 -7.49 -51.29
N LYS X 647 -35.86 -7.59 -51.15
CA LYS X 647 -36.61 -8.64 -51.83
C LYS X 647 -36.41 -8.54 -53.34
N GLY X 648 -36.48 -7.33 -53.89
CA GLY X 648 -36.32 -7.17 -55.32
C GLY X 648 -34.92 -7.50 -55.80
N ILE X 649 -33.91 -7.15 -55.01
CA ILE X 649 -32.54 -7.49 -55.37
C ILE X 649 -32.35 -9.00 -55.40
N ILE X 650 -32.88 -9.70 -54.40
CA ILE X 650 -32.77 -11.16 -54.42
C ILE X 650 -33.53 -11.75 -55.58
N ALA X 651 -34.74 -11.26 -55.83
CA ALA X 651 -35.59 -11.85 -56.87
C ALA X 651 -35.02 -11.62 -58.27
N SER X 652 -34.49 -10.42 -58.51
CA SER X 652 -33.93 -10.12 -59.83
C SER X 652 -32.62 -10.86 -60.05
N ASN X 653 -31.87 -11.10 -58.99
CA ASN X 653 -30.58 -11.79 -59.07
C ASN X 653 -30.63 -13.05 -58.22
N PRO X 654 -31.09 -14.17 -58.75
CA PRO X 654 -31.12 -15.41 -57.96
C PRO X 654 -29.74 -15.93 -57.63
N TRP X 655 -28.69 -15.45 -58.28
CA TRP X 655 -27.34 -15.91 -57.99
C TRP X 655 -26.96 -15.60 -56.55
N ILE X 656 -27.34 -14.42 -56.07
CA ILE X 656 -26.93 -13.97 -54.74
C ILE X 656 -27.60 -14.82 -53.67
N THR X 657 -26.78 -15.45 -52.84
CA THR X 657 -27.29 -16.10 -51.66
C THR X 657 -27.80 -15.04 -50.68
N ASN X 658 -28.70 -15.47 -49.79
CA ASN X 658 -29.19 -14.56 -48.76
C ASN X 658 -28.06 -14.12 -47.84
N LYS X 659 -27.17 -15.05 -47.49
CA LYS X 659 -26.05 -14.72 -46.61
C LYS X 659 -25.06 -13.79 -47.31
N GLN X 660 -24.96 -13.88 -48.63
CA GLN X 660 -24.02 -13.05 -49.36
C GLN X 660 -24.47 -11.60 -49.42
N LEU X 661 -25.78 -11.36 -49.39
CA LEU X 661 -26.28 -10.00 -49.43
C LEU X 661 -26.06 -9.32 -48.10
N THR X 662 -25.48 -8.11 -48.12
CA THR X 662 -25.13 -7.37 -46.92
C THR X 662 -25.72 -5.98 -47.01
N MET X 663 -26.13 -5.43 -45.87
CA MET X 663 -26.66 -4.08 -45.78
C MET X 663 -25.93 -3.31 -44.70
N TYR X 664 -25.61 -2.05 -44.98
CA TYR X 664 -24.93 -1.20 -44.03
C TYR X 664 -25.21 0.25 -44.38
N SER X 665 -24.94 1.12 -43.43
CA SER X 665 -25.15 2.54 -43.60
C SER X 665 -23.80 3.24 -43.58
N GLN X 666 -23.56 4.09 -44.56
CA GLN X 666 -22.43 5.00 -44.54
C GLN X 666 -22.86 6.28 -43.85
N GLY X 667 -22.10 7.36 -44.00
CA GLY X 667 -22.45 8.59 -43.33
C GLY X 667 -23.84 9.10 -43.68
N ASP X 668 -24.22 8.98 -44.95
CA ASP X 668 -25.46 9.58 -45.41
C ASP X 668 -26.38 8.62 -46.15
N SER X 669 -25.90 7.46 -46.56
CA SER X 669 -26.66 6.58 -47.43
C SER X 669 -26.71 5.17 -46.87
N ILE X 670 -27.69 4.41 -47.34
CA ILE X 670 -27.83 3.00 -47.01
C ILE X 670 -27.48 2.19 -48.25
N TYR X 671 -26.50 1.30 -48.11
CA TYR X 671 -26.07 0.43 -49.19
C TYR X 671 -26.50 -1.00 -48.90
N LEU X 672 -27.15 -1.62 -49.86
CA LEU X 672 -27.34 -3.06 -49.87
C LEU X 672 -26.54 -3.63 -51.03
N MET X 673 -25.62 -4.53 -50.72
CA MET X 673 -24.76 -5.09 -51.74
C MET X 673 -24.33 -6.49 -51.31
N ASP X 674 -24.05 -7.33 -52.30
CA ASP X 674 -23.60 -8.69 -52.03
C ASP X 674 -22.12 -8.70 -51.69
N THR X 675 -21.64 -9.88 -51.31
CA THR X 675 -20.22 -10.05 -51.01
C THR X 675 -19.47 -10.24 -52.32
N THR X 676 -19.71 -9.33 -53.27
CA THR X 676 -19.13 -9.38 -54.60
C THR X 676 -19.42 -8.02 -55.22
N GLY X 677 -18.66 -7.66 -56.24
CA GLY X 677 -18.88 -6.39 -56.87
C GLY X 677 -20.04 -6.31 -57.83
N GLN X 678 -20.85 -7.36 -57.92
CA GLN X 678 -21.97 -7.36 -58.87
C GLN X 678 -22.97 -6.27 -58.54
N VAL X 679 -23.61 -6.37 -57.37
CA VAL X 679 -24.79 -5.60 -57.05
C VAL X 679 -24.45 -4.66 -55.90
N ARG X 680 -24.67 -3.37 -56.12
CA ARG X 680 -24.52 -2.36 -55.08
C ARG X 680 -25.58 -1.30 -55.34
N VAL X 681 -26.53 -1.18 -54.41
CA VAL X 681 -27.64 -0.26 -54.56
C VAL X 681 -27.62 0.72 -53.40
N ARG X 682 -27.63 2.01 -53.72
CA ARG X 682 -27.57 3.08 -52.73
C ARG X 682 -28.95 3.67 -52.53
N TYR X 683 -29.33 3.87 -51.27
CA TYR X 683 -30.61 4.44 -50.92
C TYR X 683 -30.37 5.63 -50.00
N ASP X 684 -30.46 6.83 -50.54
CA ASP X 684 -30.40 8.04 -49.74
C ASP X 684 -31.71 8.23 -49.00
N LYS X 685 -31.64 9.00 -47.90
CA LYS X 685 -32.86 9.41 -47.23
C LYS X 685 -33.74 10.20 -48.18
N GLU X 686 -33.13 11.01 -49.04
CA GLU X 686 -33.89 11.75 -50.05
C GLU X 686 -34.57 10.80 -51.03
N LEU X 687 -33.86 9.76 -51.47
CA LEU X 687 -34.44 8.82 -52.42
C LEU X 687 -35.59 8.04 -51.79
N LEU X 688 -35.42 7.61 -50.53
CA LEU X 688 -36.48 6.92 -49.82
C LEU X 688 -37.71 7.82 -49.68
N SER X 689 -37.48 9.08 -49.29
CA SER X 689 -38.58 10.03 -49.22
C SER X 689 -39.25 10.22 -50.57
N LYS X 690 -38.47 10.20 -51.64
CA LYS X 690 -39.03 10.39 -52.98
C LYS X 690 -39.97 9.27 -53.35
N VAL X 691 -39.53 8.02 -53.19
CA VAL X 691 -40.38 6.90 -53.57
C VAL X 691 -41.61 6.85 -52.67
N TRP X 692 -41.43 7.11 -51.37
CA TRP X 692 -42.58 7.11 -50.48
C TRP X 692 -43.57 8.21 -50.83
N SER X 693 -43.08 9.39 -51.17
CA SER X 693 -43.97 10.49 -51.53
C SER X 693 -44.74 10.16 -52.80
N GLU X 694 -44.08 9.55 -53.78
CA GLU X 694 -44.78 9.13 -54.99
C GLU X 694 -45.92 8.17 -54.67
N ASN X 695 -45.60 7.09 -53.96
CA ASN X 695 -46.62 6.08 -53.67
C ASN X 695 -47.73 6.66 -52.81
N GLN X 696 -47.37 7.46 -51.81
CA GLN X 696 -48.36 8.06 -50.93
C GLN X 696 -49.28 9.01 -51.69
N LYS X 697 -48.73 9.79 -52.63
CA LYS X 697 -49.56 10.71 -53.39
C LYS X 697 -50.57 9.94 -54.24
N LYS X 698 -50.12 8.89 -54.94
CA LYS X 698 -51.06 8.16 -55.77
C LYS X 698 -52.13 7.47 -54.93
N LEU X 699 -51.73 6.87 -53.79
CA LEU X 699 -52.70 6.23 -52.92
C LEU X 699 -53.69 7.24 -52.37
N GLU X 700 -53.21 8.43 -51.98
CA GLU X 700 -54.10 9.45 -51.43
C GLU X 700 -55.09 9.93 -52.47
N GLU X 701 -54.64 10.10 -53.72
CA GLU X 701 -55.56 10.51 -54.77
C GLU X 701 -56.66 9.47 -54.96
N LYS X 702 -56.28 8.20 -55.07
CA LYS X 702 -57.29 7.16 -55.30
C LYS X 702 -58.24 7.05 -54.12
N ALA X 703 -57.71 7.13 -52.89
CA ALA X 703 -58.55 7.03 -51.71
C ALA X 703 -59.53 8.19 -51.62
N ARG X 704 -59.07 9.41 -51.91
CA ARG X 704 -59.98 10.56 -51.85
C ARG X 704 -61.06 10.46 -52.92
N GLU X 705 -60.68 10.01 -54.12
CA GLU X 705 -61.68 9.79 -55.16
C GLU X 705 -62.75 8.80 -54.69
N LYS X 706 -62.33 7.67 -54.13
CA LYS X 706 -63.29 6.68 -53.66
C LYS X 706 -64.16 7.24 -52.54
N ALA X 707 -63.55 7.94 -51.58
CA ALA X 707 -64.32 8.47 -50.45
C ALA X 707 -65.35 9.49 -50.90
N LEU X 708 -64.96 10.40 -51.79
CA LEU X 708 -65.91 11.38 -52.30
C LEU X 708 -67.01 10.71 -53.11
N ALA X 709 -66.68 9.65 -53.84
CA ALA X 709 -67.71 8.90 -54.55
C ALA X 709 -68.71 8.30 -53.57
N ASP X 710 -68.22 7.74 -52.46
CA ASP X 710 -69.12 7.16 -51.47
C ASP X 710 -69.98 8.22 -50.80
N VAL X 711 -69.40 9.39 -50.51
CA VAL X 711 -70.10 10.46 -49.82
C VAL X 711 -71.18 11.07 -50.72
N VAL Y 8 10.39 37.96 -66.93
CA VAL Y 8 10.77 38.17 -65.54
C VAL Y 8 12.20 37.69 -65.23
N PRO Y 9 12.55 36.43 -65.53
CA PRO Y 9 13.88 35.95 -65.16
C PRO Y 9 14.98 36.74 -65.85
N SER Y 10 16.09 36.94 -65.15
CA SER Y 10 17.18 37.77 -65.63
C SER Y 10 18.54 37.12 -65.32
N ASP Y 11 18.64 35.82 -65.56
CA ASP Y 11 19.93 35.15 -65.69
C ASP Y 11 20.67 35.02 -64.36
N TYR Y 12 19.94 35.17 -63.25
CA TYR Y 12 20.60 35.03 -61.97
C TYR Y 12 19.72 34.27 -60.99
N ASP Y 13 18.62 33.70 -61.48
CA ASP Y 13 17.68 33.03 -60.60
C ASP Y 13 18.33 31.83 -59.92
N GLY Y 14 19.19 31.12 -60.63
CA GLY Y 14 19.91 30.02 -60.02
C GLY Y 14 20.81 30.49 -58.89
N LEU Y 15 21.57 31.57 -59.14
CA LEU Y 15 22.46 32.08 -58.11
C LEU Y 15 21.69 32.62 -56.92
N PHE Y 16 20.62 33.38 -57.16
CA PHE Y 16 19.82 33.89 -56.07
C PHE Y 16 19.21 32.76 -55.26
N GLN Y 17 18.70 31.73 -55.95
CA GLN Y 17 18.09 30.62 -55.24
C GLN Y 17 19.12 29.88 -54.39
N LYS Y 18 20.31 29.62 -54.96
CA LYS Y 18 21.37 28.97 -54.19
C LYS Y 18 21.78 29.78 -52.98
N ALA Y 19 21.97 31.10 -53.18
CA ALA Y 19 22.42 31.94 -52.08
C ALA Y 19 21.30 32.18 -51.08
N ALA Y 20 20.07 31.80 -51.43
CA ALA Y 20 19.00 31.83 -50.45
C ALA Y 20 18.95 30.55 -49.64
N ASP Y 21 19.02 29.39 -50.30
CA ASP Y 21 19.00 28.12 -49.56
C ASP Y 21 20.19 28.03 -48.61
N ALA Y 22 21.40 28.23 -49.12
CA ALA Y 22 22.49 28.58 -48.23
C ALA Y 22 22.20 29.96 -47.65
N ASN Y 23 22.58 30.17 -46.39
CA ASN Y 23 22.28 31.42 -45.70
C ASN Y 23 20.77 31.66 -45.72
N GLY Y 24 20.04 30.77 -45.05
CA GLY Y 24 18.59 30.75 -45.14
C GLY Y 24 17.93 32.10 -45.03
N VAL Y 25 17.37 32.55 -46.14
CA VAL Y 25 16.80 33.88 -46.25
C VAL Y 25 15.81 33.85 -47.41
N SER Y 26 14.83 34.75 -47.40
CA SER Y 26 13.83 34.77 -48.45
C SER Y 26 14.49 35.03 -49.80
N TYR Y 27 14.16 34.19 -50.78
CA TYR Y 27 14.67 34.41 -52.13
C TYR Y 27 14.04 35.65 -52.73
N ASP Y 28 12.79 35.93 -52.37
CA ASP Y 28 12.12 37.12 -52.85
C ASP Y 28 12.81 38.38 -52.33
N LEU Y 29 13.24 38.37 -51.07
CA LEU Y 29 14.02 39.50 -50.56
C LEU Y 29 15.23 39.78 -51.43
N LEU Y 30 16.05 38.75 -51.67
CA LEU Y 30 17.29 38.95 -52.39
C LEU Y 30 17.02 39.39 -53.83
N ARG Y 31 16.03 38.77 -54.46
CA ARG Y 31 15.70 39.13 -55.84
C ARG Y 31 15.21 40.57 -55.94
N LYS Y 32 14.36 41.00 -55.02
CA LYS Y 32 13.81 42.34 -55.14
C LYS Y 32 14.83 43.39 -54.69
N VAL Y 33 15.75 43.00 -53.82
CA VAL Y 33 16.91 43.86 -53.54
C VAL Y 33 17.72 44.04 -54.80
N ALA Y 34 17.91 42.97 -55.57
CA ALA Y 34 18.55 43.10 -56.88
C ALA Y 34 17.78 44.06 -57.77
N TRP Y 35 16.45 43.89 -57.83
CA TRP Y 35 15.58 44.79 -58.57
C TRP Y 35 15.91 46.25 -58.25
N THR Y 36 15.77 46.61 -56.97
CA THR Y 36 15.93 48.01 -56.59
C THR Y 36 17.36 48.50 -56.81
N GLU Y 37 18.35 47.70 -56.37
CA GLU Y 37 19.71 48.22 -56.34
C GLU Y 37 20.29 48.34 -57.73
N SER Y 38 20.09 47.34 -58.58
CA SER Y 38 20.81 47.31 -59.85
C SER Y 38 19.93 47.07 -61.06
N ARG Y 39 18.70 46.60 -60.89
CA ARG Y 39 17.83 46.22 -62.00
C ARG Y 39 18.55 45.24 -62.92
N PHE Y 40 19.25 44.29 -62.29
CA PHE Y 40 19.81 43.11 -62.93
C PHE Y 40 20.90 43.45 -63.95
N VAL Y 41 21.95 44.14 -63.50
CA VAL Y 41 23.17 44.31 -64.27
C VAL Y 41 24.34 44.03 -63.33
N PRO Y 42 25.37 43.28 -63.74
CA PRO Y 42 26.43 42.95 -62.78
C PRO Y 42 27.30 44.13 -62.41
N THR Y 43 27.57 45.04 -63.34
CA THR Y 43 28.29 46.27 -63.04
C THR Y 43 27.42 47.46 -63.41
N ALA Y 44 26.92 48.18 -62.40
CA ALA Y 44 26.01 49.31 -62.60
C ALA Y 44 26.76 50.60 -62.35
N LYS Y 45 26.79 51.46 -63.37
CA LYS Y 45 27.44 52.75 -63.25
C LYS Y 45 26.62 53.66 -62.36
N SER Y 46 27.21 54.07 -61.24
CA SER Y 46 26.59 54.99 -60.31
C SER Y 46 27.55 56.13 -60.02
N LYS Y 47 26.99 57.34 -59.89
CA LYS Y 47 27.82 58.51 -59.64
C LYS Y 47 28.51 58.42 -58.28
N THR Y 48 27.85 57.77 -57.31
CA THR Y 48 28.38 57.71 -55.95
C THR Y 48 29.68 56.91 -55.88
N GLY Y 49 29.76 55.77 -56.57
CA GLY Y 49 30.94 54.94 -56.50
C GLY Y 49 30.73 53.44 -56.39
N PRO Y 50 29.66 52.98 -55.74
CA PRO Y 50 29.35 51.54 -55.77
C PRO Y 50 29.21 51.02 -57.19
N LEU Y 51 29.82 49.86 -57.44
CA LEU Y 51 29.85 49.21 -58.76
C LEU Y 51 29.78 47.70 -58.52
N GLY Y 52 28.57 47.15 -58.61
CA GLY Y 52 28.39 45.73 -58.40
C GLY Y 52 26.97 45.31 -58.65
N MET Y 53 26.75 43.99 -58.57
CA MET Y 53 25.40 43.45 -58.73
C MET Y 53 24.47 43.99 -57.64
N MET Y 54 24.94 44.06 -56.41
CA MET Y 54 24.14 44.56 -55.30
C MET Y 54 24.39 46.04 -55.00
N GLN Y 55 25.28 46.69 -55.76
CA GLN Y 55 25.57 48.12 -55.62
C GLN Y 55 26.10 48.46 -54.23
N PHE Y 56 27.26 47.92 -53.89
CA PHE Y 56 27.93 48.25 -52.63
C PHE Y 56 29.43 48.26 -52.85
N THR Y 57 30.06 49.40 -52.54
CA THR Y 57 31.51 49.45 -52.38
C THR Y 57 31.82 49.78 -50.93
N LYS Y 58 31.35 50.96 -50.48
CA LYS Y 58 31.21 51.38 -49.07
C LYS Y 58 32.37 50.80 -48.25
N ALA Y 59 32.11 50.21 -47.09
CA ALA Y 59 33.04 49.30 -46.44
C ALA Y 59 32.64 47.84 -46.66
N THR Y 60 31.35 47.58 -46.81
CA THR Y 60 30.89 46.25 -47.19
C THR Y 60 31.39 45.92 -48.59
N ALA Y 61 31.93 44.70 -48.72
CA ALA Y 61 32.81 44.21 -49.77
C ALA Y 61 33.94 43.48 -49.10
N LYS Y 62 35.03 44.20 -48.81
CA LYS Y 62 36.07 43.63 -47.96
C LYS Y 62 35.49 43.21 -46.62
N ALA Y 63 34.68 44.09 -46.04
CA ALA Y 63 33.99 43.83 -44.76
C ALA Y 63 34.19 42.53 -44.02
N LEU Y 64 33.24 41.62 -44.13
CA LEU Y 64 33.39 40.30 -43.54
C LEU Y 64 34.00 39.38 -44.59
N GLY Y 65 33.34 39.27 -45.75
CA GLY Y 65 33.80 38.37 -46.80
C GLY Y 65 35.12 38.72 -47.45
N LEU Y 66 35.90 37.72 -47.85
CA LEU Y 66 37.23 37.93 -48.46
C LEU Y 66 38.30 38.25 -47.43
N ARG Y 67 39.45 38.76 -47.87
CA ARG Y 67 40.59 39.08 -46.98
C ARG Y 67 41.39 37.85 -46.65
N VAL Y 68 40.95 36.69 -47.15
CA VAL Y 68 41.69 35.45 -46.95
C VAL Y 68 42.01 34.92 -48.32
N THR Y 69 41.55 35.62 -49.35
CA THR Y 69 41.75 35.18 -50.71
C THR Y 69 42.12 36.39 -51.56
N ASP Y 70 42.75 36.16 -52.71
CA ASP Y 70 43.04 37.26 -53.62
C ASP Y 70 41.72 37.93 -53.93
N GLY Y 71 41.47 39.10 -53.32
CA GLY Y 71 40.20 39.76 -53.50
C GLY Y 71 40.23 40.84 -54.55
N PRO Y 72 39.42 40.69 -55.62
CA PRO Y 72 39.41 41.85 -56.52
C PRO Y 72 38.72 42.95 -55.74
N ASP Y 73 37.60 42.64 -55.10
CA ASP Y 73 36.90 43.60 -54.25
C ASP Y 73 36.46 44.94 -54.80
N ASP Y 74 36.96 46.01 -54.20
CA ASP Y 74 36.45 47.36 -54.44
C ASP Y 74 36.30 47.60 -55.92
N ASP Y 75 37.19 47.01 -56.71
CA ASP Y 75 37.08 47.12 -58.15
C ASP Y 75 36.22 46.03 -58.77
N ARG Y 76 36.30 44.78 -58.29
CA ARG Y 76 35.60 43.70 -58.96
C ARG Y 76 35.06 42.72 -57.92
N LEU Y 77 33.99 42.03 -58.28
CA LEU Y 77 33.41 41.01 -57.43
C LEU Y 77 32.86 39.88 -58.30
N ASN Y 78 33.17 38.65 -57.92
CA ASN Y 78 32.59 37.51 -58.60
C ASN Y 78 31.10 37.45 -58.31
N PRO Y 79 30.26 37.43 -59.36
CA PRO Y 79 28.81 37.57 -59.13
C PRO Y 79 28.25 36.52 -58.18
N GLU Y 80 28.74 35.28 -58.27
CA GLU Y 80 28.31 34.27 -57.31
C GLU Y 80 28.76 34.66 -55.91
N LEU Y 81 30.01 35.09 -55.77
CA LEU Y 81 30.52 35.51 -54.46
C LEU Y 81 29.80 36.75 -53.97
N ALA Y 82 29.53 37.70 -54.87
CA ALA Y 82 28.82 38.91 -54.45
C ALA Y 82 27.42 38.58 -53.94
N ILE Y 83 26.69 37.75 -54.68
CA ILE Y 83 25.34 37.38 -54.25
C ILE Y 83 25.39 36.61 -52.94
N ASN Y 84 26.36 35.71 -52.80
CA ASN Y 84 26.46 34.94 -51.56
C ASN Y 84 26.75 35.84 -50.37
N ALA Y 85 27.68 36.79 -50.53
CA ALA Y 85 28.02 37.70 -49.44
C ALA Y 85 26.82 38.58 -49.08
N ALA Y 86 26.13 39.11 -50.08
CA ALA Y 86 24.95 39.92 -49.81
C ALA Y 86 23.87 39.10 -49.12
N ALA Y 87 23.70 37.84 -49.53
CA ALA Y 87 22.70 36.98 -48.91
C ALA Y 87 23.06 36.69 -47.47
N LYS Y 88 24.35 36.48 -47.20
CA LYS Y 88 24.77 36.25 -45.82
C LYS Y 88 24.53 37.49 -44.97
N GLN Y 89 24.81 38.67 -45.54
CA GLN Y 89 24.54 39.92 -44.83
C GLN Y 89 23.06 40.07 -44.52
N LEU Y 90 22.21 39.80 -45.52
CA LEU Y 90 20.77 39.93 -45.31
C LEU Y 90 20.25 38.90 -44.33
N ALA Y 91 20.78 37.69 -44.35
CA ALA Y 91 20.38 36.68 -43.38
C ALA Y 91 20.78 37.11 -41.98
N GLY Y 92 21.98 37.65 -41.82
CA GLY Y 92 22.39 38.15 -40.53
C GLY Y 92 21.52 39.28 -40.04
N LEU Y 93 21.16 40.21 -40.92
CA LEU Y 93 20.28 41.31 -40.53
C LEU Y 93 18.88 40.81 -40.17
N VAL Y 94 18.34 39.90 -40.97
CA VAL Y 94 17.00 39.38 -40.72
C VAL Y 94 16.96 38.65 -39.38
N GLY Y 95 17.98 37.82 -39.11
CA GLY Y 95 18.02 37.13 -37.84
C GLY Y 95 18.24 38.07 -36.67
N LYS Y 96 19.11 39.06 -36.84
CA LYS Y 96 19.38 40.02 -35.79
C LYS Y 96 18.13 40.78 -35.41
N PHE Y 97 17.30 41.12 -36.39
CA PHE Y 97 16.02 41.78 -36.14
C PHE Y 97 14.90 40.77 -36.00
N ASP Y 98 15.12 39.76 -35.16
CA ASP Y 98 14.16 38.67 -34.93
C ASP Y 98 13.87 38.06 -36.31
N GLY Y 99 12.66 38.16 -36.83
CA GLY Y 99 12.38 37.80 -38.20
C GLY Y 99 11.99 38.96 -39.09
N ASP Y 100 12.16 40.20 -38.62
CA ASP Y 100 11.61 41.35 -39.30
C ASP Y 100 12.34 41.61 -40.62
N GLU Y 101 11.69 41.25 -41.71
CA GLU Y 101 12.28 41.36 -43.03
C GLU Y 101 12.50 42.82 -43.41
N LEU Y 102 11.53 43.69 -43.08
CA LEU Y 102 11.59 45.08 -43.49
C LEU Y 102 12.64 45.87 -42.71
N LYS Y 103 12.80 45.59 -41.42
CA LYS Y 103 13.87 46.22 -40.66
C LYS Y 103 15.22 45.87 -41.24
N ALA Y 104 15.40 44.60 -41.62
CA ALA Y 104 16.64 44.19 -42.26
C ALA Y 104 16.85 44.91 -43.58
N ALA Y 105 15.78 45.08 -44.36
CA ALA Y 105 15.91 45.82 -45.62
C ALA Y 105 16.30 47.27 -45.37
N LEU Y 106 15.71 47.90 -44.35
CA LEU Y 106 16.09 49.26 -43.99
C LEU Y 106 17.55 49.34 -43.58
N ALA Y 107 18.01 48.38 -42.78
CA ALA Y 107 19.41 48.37 -42.38
C ALA Y 107 20.32 48.15 -43.58
N TYR Y 108 19.89 47.35 -44.55
CA TYR Y 108 20.70 47.13 -45.74
C TYR Y 108 20.81 48.39 -46.58
N ASN Y 109 19.68 49.04 -46.87
CA ASN Y 109 19.72 50.20 -47.74
C ASN Y 109 20.32 51.41 -47.06
N GLN Y 110 19.81 51.79 -45.89
CA GLN Y 110 20.26 52.99 -45.22
C GLN Y 110 21.54 52.77 -44.44
N GLY Y 111 22.14 51.59 -44.54
CA GLY Y 111 23.34 51.31 -43.80
C GLY Y 111 23.04 51.20 -42.33
N GLU Y 112 24.08 51.40 -41.53
CA GLU Y 112 23.93 51.36 -40.09
C GLU Y 112 25.07 52.16 -39.46
N GLY Y 113 24.86 52.59 -38.22
CA GLY Y 113 25.84 53.41 -37.54
C GLY Y 113 25.64 54.91 -37.66
N ARG Y 114 25.91 55.48 -38.83
CA ARG Y 114 25.92 56.93 -38.96
C ARG Y 114 24.51 57.48 -39.14
N LEU Y 115 23.83 57.05 -40.19
CA LEU Y 115 22.46 57.49 -40.47
C LEU Y 115 21.51 56.33 -40.34
N GLY Y 116 22.04 55.11 -40.35
CA GLY Y 116 21.19 53.94 -40.28
C GLY Y 116 20.55 53.76 -38.92
N ASN Y 117 21.36 53.78 -37.87
CA ASN Y 117 20.86 53.42 -36.55
C ASN Y 117 19.74 54.32 -36.03
N PRO Y 118 19.80 55.64 -36.17
CA PRO Y 118 18.62 56.44 -35.78
C PRO Y 118 17.37 56.03 -36.53
N GLN Y 119 17.49 55.71 -37.82
CA GLN Y 119 16.30 55.32 -38.58
C GLN Y 119 15.79 53.96 -38.17
N LEU Y 120 16.70 53.04 -37.83
CA LEU Y 120 16.28 51.74 -37.31
C LEU Y 120 15.57 51.89 -35.97
N GLU Y 121 16.07 52.78 -35.11
CA GLU Y 121 15.40 53.03 -33.85
C GLU Y 121 14.02 53.66 -34.06
N ALA Y 122 13.92 54.61 -34.99
CA ALA Y 122 12.64 55.21 -35.32
C ALA Y 122 11.67 54.16 -35.83
N TYR Y 123 12.13 53.28 -36.71
CA TYR Y 123 11.32 52.15 -37.14
C TYR Y 123 10.86 51.33 -35.96
N SER Y 124 11.76 51.08 -35.01
CA SER Y 124 11.43 50.28 -33.84
C SER Y 124 10.32 50.89 -33.02
N LYS Y 125 10.27 52.23 -32.94
CA LYS Y 125 9.21 52.87 -32.16
C LYS Y 125 8.05 53.30 -33.04
N GLY Y 126 7.72 52.51 -34.07
CA GLY Y 126 6.76 52.99 -35.04
C GLY Y 126 7.38 54.10 -35.84
N ASP Y 127 6.96 55.34 -35.58
CA ASP Y 127 7.67 56.56 -35.97
C ASP Y 127 8.32 56.50 -37.35
N PHE Y 128 7.55 56.16 -38.37
CA PHE Y 128 8.08 56.14 -39.71
C PHE Y 128 8.34 57.53 -40.26
N ALA Y 129 7.86 58.56 -39.58
CA ALA Y 129 8.12 59.93 -40.01
C ALA Y 129 9.60 60.26 -39.93
N SER Y 130 10.28 59.77 -38.89
CA SER Y 130 11.71 60.05 -38.75
C SER Y 130 12.53 59.31 -39.80
N ILE Y 131 12.02 58.17 -40.28
CA ILE Y 131 12.72 57.43 -41.32
C ILE Y 131 12.82 58.27 -42.57
N SER Y 132 13.98 58.22 -43.21
CA SER Y 132 14.22 59.01 -44.41
C SER Y 132 13.28 58.57 -45.53
N GLU Y 133 13.07 59.49 -46.48
CA GLU Y 133 12.17 59.22 -47.60
C GLU Y 133 12.67 58.05 -48.43
N GLU Y 134 13.98 57.98 -48.66
CA GLU Y 134 14.53 56.91 -49.49
C GLU Y 134 14.30 55.55 -48.85
N GLY Y 135 14.62 55.43 -47.56
CA GLY Y 135 14.43 54.15 -46.89
C GLY Y 135 12.97 53.78 -46.76
N ARG Y 136 12.11 54.77 -46.52
CA ARG Y 136 10.69 54.50 -46.42
C ARG Y 136 10.15 54.00 -47.75
N ASN Y 137 10.58 54.61 -48.86
CA ASN Y 137 10.18 54.12 -50.17
C ASN Y 137 10.71 52.71 -50.42
N TYR Y 138 11.95 52.44 -49.99
CA TYR Y 138 12.55 51.13 -50.15
C TYR Y 138 11.72 50.06 -49.44
N MET Y 139 11.31 50.34 -48.20
CA MET Y 139 10.46 49.39 -47.49
C MET Y 139 9.09 49.27 -48.16
N ARG Y 140 8.54 50.38 -48.67
CA ARG Y 140 7.26 50.29 -49.36
C ARG Y 140 7.35 49.42 -50.60
N ASN Y 141 8.46 49.50 -51.32
CA ASN Y 141 8.69 48.58 -52.42
C ASN Y 141 8.70 47.14 -51.91
N LEU Y 142 9.36 46.90 -50.79
CA LEU Y 142 9.50 45.52 -50.35
C LEU Y 142 8.31 45.00 -49.54
N LEU Y 143 7.23 45.78 -49.38
CA LEU Y 143 6.11 45.34 -48.56
C LEU Y 143 5.58 43.97 -48.97
N ASP Y 144 5.54 43.71 -50.28
CA ASP Y 144 4.98 42.43 -50.75
C ASP Y 144 5.86 41.25 -50.37
N VAL Y 145 7.17 41.36 -50.63
CA VAL Y 145 8.04 40.19 -50.53
C VAL Y 145 8.55 40.02 -49.11
N ALA Y 146 8.46 41.07 -48.29
CA ALA Y 146 9.02 41.05 -46.95
C ALA Y 146 7.93 40.73 -45.94
N LYS Y 147 8.26 39.89 -44.96
CA LYS Y 147 7.37 39.57 -43.85
C LYS Y 147 7.81 40.38 -42.64
N SER Y 148 6.92 41.23 -42.14
CA SER Y 148 7.26 42.14 -41.07
C SER Y 148 6.07 42.36 -40.15
N PRO Y 149 6.30 42.41 -38.83
CA PRO Y 149 5.23 42.84 -37.93
C PRO Y 149 4.80 44.27 -38.17
N MET Y 150 5.66 45.06 -38.79
CA MET Y 150 5.43 46.48 -39.01
C MET Y 150 4.81 46.76 -40.37
N ALA Y 151 4.49 45.71 -41.13
CA ALA Y 151 3.96 45.90 -42.47
C ALA Y 151 2.63 46.64 -42.45
N GLY Y 152 1.76 46.28 -41.51
CA GLY Y 152 0.48 46.96 -41.42
C GLY Y 152 0.63 48.42 -41.05
N GLN Y 153 1.52 48.72 -40.10
CA GLN Y 153 1.73 50.10 -39.72
C GLN Y 153 2.33 50.92 -40.86
N LEU Y 154 3.20 50.31 -41.66
CA LEU Y 154 3.70 51.02 -42.83
C LEU Y 154 2.61 51.23 -43.87
N GLU Y 155 1.74 50.23 -44.07
CA GLU Y 155 0.67 50.38 -45.04
C GLU Y 155 -0.30 51.48 -44.63
N THR Y 156 -0.62 51.57 -43.35
CA THR Y 156 -1.55 52.62 -42.89
C THR Y 156 -0.90 53.99 -42.96
N PHE Y 157 0.41 54.07 -42.77
CA PHE Y 157 1.11 55.36 -42.69
C PHE Y 157 1.02 56.14 -43.99
N ASN Y 222 -5.50 47.98 -57.55
CA ASN Y 222 -4.06 48.18 -57.73
C ASN Y 222 -3.40 46.88 -58.13
N SER Y 223 -3.56 46.50 -59.41
CA SER Y 223 -3.08 45.21 -59.92
C SER Y 223 -3.65 44.05 -59.12
N ARG Y 224 -4.82 44.27 -58.54
CA ARG Y 224 -5.51 43.26 -57.75
C ARG Y 224 -6.72 42.78 -58.54
N SER Y 225 -6.88 41.46 -58.63
CA SER Y 225 -7.99 40.89 -59.39
C SER Y 225 -9.32 41.38 -58.84
N THR Y 226 -10.20 41.82 -59.75
CA THR Y 226 -11.44 42.47 -59.33
C THR Y 226 -12.33 41.48 -58.57
N PHE Y 227 -12.75 41.89 -57.38
CA PHE Y 227 -13.74 41.12 -56.64
C PHE Y 227 -15.06 41.08 -57.39
N PHE Y 228 -15.50 42.23 -57.88
CA PHE Y 228 -16.70 42.36 -58.69
C PHE Y 228 -16.59 43.63 -59.53
N GLY Y 229 -17.06 43.55 -60.76
CA GLY Y 229 -17.09 44.72 -61.61
C GLY Y 229 -15.71 45.07 -62.16
N PHE Y 230 -15.60 46.33 -62.58
CA PHE Y 230 -14.40 46.82 -63.23
C PHE Y 230 -13.26 46.97 -62.24
N LYS Y 231 -12.05 47.13 -62.77
CA LYS Y 231 -10.86 47.13 -61.94
C LYS Y 231 -10.64 48.49 -61.29
N ASN Y 232 -9.94 48.46 -60.14
CA ASN Y 232 -9.46 49.65 -59.46
C ASN Y 232 -10.56 50.64 -59.12
N ALA Y 233 -10.76 51.63 -59.99
CA ALA Y 233 -11.60 52.78 -59.67
C ALA Y 233 -13.00 52.36 -59.25
N ALA Y 234 -13.55 51.31 -59.89
CA ALA Y 234 -14.90 50.88 -59.58
C ALA Y 234 -15.00 50.43 -58.12
N GLU Y 235 -13.99 49.72 -57.62
CA GLU Y 235 -14.04 49.21 -56.25
C GLU Y 235 -13.45 50.21 -55.27
N ALA Y 236 -12.54 51.07 -55.74
CA ALA Y 236 -11.91 52.03 -54.84
C ALA Y 236 -12.78 53.26 -54.65
N GLU Y 237 -13.01 54.01 -55.73
CA GLU Y 237 -13.76 55.25 -55.63
C GLU Y 237 -15.19 55.01 -55.17
N LEU Y 238 -15.68 53.78 -55.37
CA LEU Y 238 -17.07 53.46 -55.08
C LEU Y 238 -17.14 52.07 -54.46
N SER Y 239 -18.32 51.46 -54.48
CA SER Y 239 -18.56 50.17 -53.85
C SER Y 239 -18.31 50.28 -52.35
N ASN Y 240 -19.15 51.09 -51.71
CA ASN Y 240 -19.14 51.16 -50.26
C ASN Y 240 -19.52 49.81 -49.64
N SER Y 241 -20.09 48.92 -50.43
CA SER Y 241 -20.69 47.69 -49.91
C SER Y 241 -19.65 46.60 -49.78
N VAL Y 242 -19.04 46.51 -48.60
CA VAL Y 242 -18.36 45.31 -48.11
C VAL Y 242 -17.32 44.76 -49.09
N ALA Y 243 -17.77 44.38 -50.29
CA ALA Y 243 -16.85 43.85 -51.29
C ALA Y 243 -15.78 44.86 -51.65
N GLY Y 244 -16.17 46.13 -51.85
CA GLY Y 244 -15.18 47.16 -52.06
C GLY Y 244 -14.30 47.35 -50.85
N MET Y 245 -14.87 47.19 -49.66
CA MET Y 245 -14.09 47.24 -48.43
C MET Y 245 -13.06 46.12 -48.40
N ALA Y 246 -13.49 44.89 -48.70
CA ALA Y 246 -12.57 43.76 -48.69
C ALA Y 246 -11.48 43.94 -49.74
N PHE Y 247 -11.83 44.52 -50.89
CA PHE Y 247 -10.82 44.86 -51.87
C PHE Y 247 -9.84 45.88 -51.32
N ARG Y 248 -10.34 46.89 -50.61
CA ARG Y 248 -9.46 47.95 -50.15
C ARG Y 248 -8.53 47.50 -49.03
N ALA Y 249 -8.86 46.41 -48.33
CA ALA Y 249 -8.00 45.87 -47.29
C ALA Y 249 -7.20 44.66 -47.75
N GLY Y 250 -6.98 44.50 -49.06
CA GLY Y 250 -6.44 43.25 -49.57
C GLY Y 250 -4.99 43.03 -49.21
N ARG Y 251 -4.09 43.82 -49.79
CA ARG Y 251 -2.66 43.65 -49.58
C ARG Y 251 -2.18 42.25 -49.95
N LEU Y 252 -2.18 41.94 -51.24
CA LEU Y 252 -1.62 40.68 -51.74
C LEU Y 252 -0.25 40.42 -51.11
N ASP Y 253 -0.02 39.17 -50.70
CA ASP Y 253 1.21 38.85 -49.98
C ASP Y 253 2.31 38.35 -50.91
N ASN Y 254 1.96 37.43 -51.83
CA ASN Y 254 2.86 36.82 -52.82
C ASN Y 254 4.24 36.50 -52.24
N GLY Y 255 4.29 36.14 -50.97
CA GLY Y 255 5.53 35.83 -50.32
C GLY Y 255 5.50 34.52 -49.56
N PHE Y 256 4.78 33.54 -50.09
CA PHE Y 256 4.56 32.26 -49.44
C PHE Y 256 5.78 31.37 -49.65
N ASP Y 257 6.40 30.96 -48.56
CA ASP Y 257 7.49 29.99 -48.59
C ASP Y 257 7.01 28.75 -47.86
N VAL Y 258 6.98 27.62 -48.57
CA VAL Y 258 6.35 26.42 -48.03
C VAL Y 258 7.10 25.93 -46.80
N PHE Y 259 8.41 26.14 -46.76
CA PHE Y 259 9.19 25.61 -45.64
C PHE Y 259 9.24 26.60 -44.48
N LYS Y 260 8.96 27.87 -44.75
CA LYS Y 260 8.79 28.83 -43.66
C LYS Y 260 7.40 28.75 -43.06
N ASP Y 261 6.39 28.57 -43.90
CA ASP Y 261 5.00 28.63 -43.44
C ASP Y 261 4.43 27.24 -43.17
N THR Y 262 4.48 26.36 -44.16
CA THR Y 262 3.85 25.06 -44.01
C THR Y 262 4.75 24.07 -43.27
N ILE Y 263 5.89 23.71 -43.86
CA ILE Y 263 6.72 22.64 -43.31
C ILE Y 263 7.97 23.25 -42.69
N THR Y 264 7.91 23.58 -41.42
CA THR Y 264 9.03 24.24 -40.77
C THR Y 264 10.03 23.21 -40.27
N PRO Y 265 11.31 23.34 -40.63
CA PRO Y 265 12.33 22.43 -40.11
C PRO Y 265 12.46 22.56 -38.60
N THR Y 266 12.32 21.45 -37.90
CA THR Y 266 12.51 21.45 -36.46
C THR Y 266 13.97 21.19 -36.10
N ARG Y 267 14.23 21.11 -34.80
CA ARG Y 267 15.59 20.80 -34.35
C ARG Y 267 15.95 19.37 -34.70
N TRP Y 268 15.00 18.44 -34.60
CA TRP Y 268 15.32 17.03 -34.71
C TRP Y 268 15.18 16.54 -36.15
N ASN Y 269 14.27 17.13 -36.91
CA ASN Y 269 14.43 17.12 -38.35
C ASN Y 269 15.66 17.93 -38.70
N SER Y 270 16.29 17.59 -39.81
CA SER Y 270 17.44 18.32 -40.34
C SER Y 270 18.63 18.31 -39.40
N HIS Y 271 18.70 17.39 -38.44
CA HIS Y 271 19.88 17.24 -37.58
C HIS Y 271 20.49 15.89 -37.83
N ILE Y 272 21.65 15.86 -38.47
CA ILE Y 272 22.35 14.63 -38.79
C ILE Y 272 23.18 14.22 -37.60
N TRP Y 273 23.00 12.97 -37.16
CA TRP Y 273 23.61 12.50 -35.93
C TRP Y 273 25.11 12.39 -36.05
N THR Y 274 25.80 12.71 -34.97
CA THR Y 274 27.19 12.36 -34.79
C THR Y 274 27.29 10.89 -34.43
N PRO Y 275 28.46 10.27 -34.59
CA PRO Y 275 28.57 8.83 -34.27
C PRO Y 275 28.16 8.50 -32.85
N GLU Y 276 28.47 9.40 -31.91
CA GLU Y 276 28.11 9.19 -30.52
C GLU Y 276 26.61 9.17 -30.33
N GLU Y 277 25.92 10.14 -30.92
CA GLU Y 277 24.46 10.15 -30.88
C GLU Y 277 23.89 8.93 -31.56
N LEU Y 278 24.50 8.51 -32.67
CA LEU Y 278 24.03 7.31 -33.36
C LEU Y 278 24.10 6.09 -32.45
N GLU Y 279 25.21 5.92 -31.73
CA GLU Y 279 25.31 4.76 -30.86
C GLU Y 279 24.34 4.87 -29.69
N LYS Y 280 24.15 6.08 -29.16
CA LYS Y 280 23.16 6.26 -28.10
C LYS Y 280 21.77 5.88 -28.57
N ILE Y 281 21.42 6.30 -29.79
CA ILE Y 281 20.10 6.00 -30.34
C ILE Y 281 19.96 4.50 -30.58
N ARG Y 282 20.99 3.88 -31.15
CA ARG Y 282 20.93 2.46 -31.44
C ARG Y 282 20.76 1.64 -30.16
N THR Y 283 21.48 2.00 -29.11
CA THR Y 283 21.38 1.24 -27.87
C THR Y 283 20.08 1.50 -27.13
N GLU Y 284 19.65 2.76 -27.04
CA GLU Y 284 18.64 3.14 -26.06
C GLU Y 284 17.24 3.28 -26.63
N VAL Y 285 17.06 3.28 -27.95
CA VAL Y 285 15.76 3.51 -28.55
C VAL Y 285 15.20 2.18 -29.03
N LYS Y 286 14.02 1.82 -28.51
CA LYS Y 286 13.39 0.56 -28.87
C LYS Y 286 13.02 0.55 -30.35
N ASN Y 287 12.10 1.42 -30.75
CA ASN Y 287 11.74 1.59 -32.15
C ASN Y 287 12.23 2.95 -32.61
N PRO Y 288 13.25 3.01 -33.47
CA PRO Y 288 13.82 4.31 -33.85
C PRO Y 288 12.84 5.21 -34.59
N ALA Y 289 11.77 4.66 -35.17
CA ALA Y 289 10.83 5.51 -35.90
C ALA Y 289 10.16 6.51 -34.97
N TYR Y 290 10.12 6.22 -33.67
CA TYR Y 290 9.52 7.14 -32.71
C TYR Y 290 10.39 8.37 -32.46
N ILE Y 291 11.63 8.36 -32.95
CA ILE Y 291 12.43 9.57 -32.90
C ILE Y 291 11.90 10.61 -33.88
N ASN Y 292 11.19 10.14 -34.90
CA ASN Y 292 10.78 11.04 -35.98
C ASN Y 292 9.64 11.95 -35.54
N VAL Y 293 8.84 11.52 -34.57
CA VAL Y 293 7.71 12.33 -34.14
C VAL Y 293 8.17 13.33 -33.09
N VAL Y 294 7.70 14.57 -33.22
CA VAL Y 294 7.93 15.58 -32.20
C VAL Y 294 6.60 16.20 -31.81
N THR Y 295 5.95 15.62 -30.81
CA THR Y 295 4.65 16.14 -30.39
C THR Y 295 4.83 17.17 -29.28
N GLY Y 296 4.08 18.26 -29.39
CA GLY Y 296 4.24 19.33 -28.43
C GLY Y 296 5.58 20.04 -28.57
N GLY Y 297 6.07 20.52 -27.44
CA GLY Y 297 7.33 21.23 -27.43
C GLY Y 297 8.49 20.30 -27.72
N SER Y 298 9.50 20.83 -28.40
CA SER Y 298 10.66 20.04 -28.78
C SER Y 298 11.47 19.67 -27.55
N PRO Y 299 11.88 18.41 -27.40
CA PRO Y 299 12.77 18.07 -26.29
C PRO Y 299 14.10 18.80 -26.41
N GLU Y 300 14.65 19.21 -25.27
CA GLU Y 300 15.84 20.05 -25.28
C GLU Y 300 17.06 19.27 -25.74
N ASN Y 301 17.22 18.05 -25.26
CA ASN Y 301 18.41 17.26 -25.54
C ASN Y 301 18.01 15.86 -25.94
N LEU Y 302 18.95 15.17 -26.59
CA LEU Y 302 18.65 13.88 -27.19
C LEU Y 302 18.27 12.85 -26.15
N ASP Y 303 18.72 13.00 -24.91
CA ASP Y 303 18.32 12.06 -23.86
C ASP Y 303 16.82 12.16 -23.60
N ASP Y 304 16.28 13.37 -23.59
CA ASP Y 304 14.84 13.55 -23.45
C ASP Y 304 14.10 13.00 -24.67
N LEU Y 305 14.64 13.22 -25.87
CA LEU Y 305 14.02 12.68 -27.07
C LEU Y 305 13.96 11.15 -27.00
N ILE Y 306 15.04 10.52 -26.54
CA ILE Y 306 15.07 9.07 -26.41
C ILE Y 306 14.05 8.60 -25.39
N LYS Y 307 13.98 9.29 -24.25
CA LYS Y 307 13.03 8.91 -23.21
C LYS Y 307 11.60 9.03 -23.71
N LEU Y 308 11.29 10.14 -24.39
CA LEU Y 308 9.96 10.33 -24.94
C LEU Y 308 9.63 9.28 -25.99
N ALA Y 309 10.61 8.95 -26.83
CA ALA Y 309 10.41 7.93 -27.85
C ALA Y 309 10.08 6.58 -27.22
N ASN Y 310 10.84 6.20 -26.19
CA ASN Y 310 10.57 4.92 -25.54
C ASN Y 310 9.22 4.92 -24.85
N GLU Y 311 8.87 6.02 -24.18
CA GLU Y 311 7.55 6.08 -23.53
C GLU Y 311 6.44 5.94 -24.56
N ASN Y 312 6.56 6.64 -25.69
CA ASN Y 312 5.53 6.54 -26.72
C ASN Y 312 5.47 5.14 -27.30
N PHE Y 313 6.61 4.49 -27.47
CA PHE Y 313 6.62 3.14 -28.01
C PHE Y 313 5.92 2.16 -27.07
N GLU Y 314 6.23 2.24 -25.77
CA GLU Y 314 5.56 1.37 -24.82
C GLU Y 314 4.07 1.64 -24.79
N ASN Y 315 3.67 2.92 -24.83
CA ASN Y 315 2.26 3.25 -24.82
C ASN Y 315 1.55 2.70 -26.05
N ASP Y 316 2.17 2.80 -27.22
CA ASP Y 316 1.52 2.31 -28.43
C ASP Y 316 1.45 0.80 -28.45
N SER Y 317 2.51 0.13 -27.99
CA SER Y 317 2.46 -1.33 -27.89
C SER Y 317 1.38 -1.76 -26.92
N ARG Y 318 1.25 -1.06 -25.79
CA ARG Y 318 0.19 -1.34 -24.84
C ARG Y 318 -1.20 -1.05 -25.41
N ALA Y 319 -1.29 -0.07 -26.31
CA ALA Y 319 -2.57 0.35 -26.84
C ALA Y 319 -3.03 -0.50 -28.02
N ALA Y 320 -2.12 -1.18 -28.72
CA ALA Y 320 -2.49 -1.87 -29.95
C ALA Y 320 -3.54 -2.95 -29.71
N GLU Y 321 -3.56 -3.54 -28.51
CA GLU Y 321 -4.49 -4.63 -28.23
C GLU Y 321 -5.94 -4.14 -28.23
N ALA Y 322 -6.17 -2.91 -27.80
CA ALA Y 322 -7.46 -2.26 -27.94
C ALA Y 322 -7.43 -1.15 -28.98
N GLY Y 323 -6.41 -1.14 -29.82
CA GLY Y 323 -6.21 -0.04 -30.75
C GLY Y 323 -7.01 -0.20 -32.01
N LEU Y 324 -6.59 0.56 -33.03
CA LEU Y 324 -7.35 0.60 -34.27
C LEU Y 324 -7.27 -0.73 -35.02
N GLY Y 325 -6.16 -1.44 -34.88
CA GLY Y 325 -6.07 -2.75 -35.49
C GLY Y 325 -7.12 -3.70 -34.95
N ALA Y 326 -7.28 -3.73 -33.62
CA ALA Y 326 -8.30 -4.59 -33.02
C ALA Y 326 -9.70 -4.12 -33.38
N LYS Y 327 -9.94 -2.81 -33.38
CA LYS Y 327 -11.26 -2.30 -33.71
C LYS Y 327 -11.65 -2.64 -35.14
N LEU Y 328 -10.69 -2.56 -36.05
CA LEU Y 328 -10.93 -2.83 -37.46
C LEU Y 328 -10.84 -4.32 -37.78
N SER Y 329 -10.39 -5.14 -36.84
CA SER Y 329 -10.29 -6.57 -37.10
C SER Y 329 -11.65 -7.20 -37.28
N ALA Y 330 -12.71 -6.45 -36.98
CA ALA Y 330 -14.07 -6.87 -37.23
C ALA Y 330 -14.73 -5.86 -38.16
N GLY Y 331 -14.90 -6.22 -39.42
CA GLY Y 331 -15.73 -5.44 -40.32
C GLY Y 331 -15.27 -4.03 -40.68
N ILE Y 332 -14.24 -3.91 -41.51
CA ILE Y 332 -13.90 -2.59 -42.05
C ILE Y 332 -15.01 -2.06 -42.96
N ILE Y 333 -15.52 -2.89 -43.87
CA ILE Y 333 -16.47 -2.38 -44.86
C ILE Y 333 -17.88 -2.91 -44.66
N GLY Y 334 -18.05 -4.05 -43.99
CA GLY Y 334 -19.40 -4.49 -43.65
C GLY Y 334 -20.04 -3.57 -42.62
N ALA Y 335 -19.22 -2.89 -41.83
CA ALA Y 335 -19.67 -1.96 -40.82
C ALA Y 335 -19.72 -0.52 -41.32
N GLY Y 336 -19.32 -0.27 -42.56
CA GLY Y 336 -19.34 1.08 -43.07
C GLY Y 336 -18.39 2.04 -42.39
N VAL Y 337 -17.18 1.58 -42.07
CA VAL Y 337 -16.20 2.44 -41.41
C VAL Y 337 -15.66 3.44 -42.41
N ASP Y 338 -15.58 4.70 -41.98
CA ASP Y 338 -15.08 5.77 -42.83
C ASP Y 338 -13.71 6.18 -42.35
N PRO Y 339 -12.63 5.78 -43.01
CA PRO Y 339 -11.29 6.16 -42.54
C PRO Y 339 -11.01 7.65 -42.71
N LEU Y 340 -11.83 8.38 -43.46
CA LEU Y 340 -11.56 9.80 -43.66
C LEU Y 340 -11.71 10.59 -42.38
N SER Y 341 -12.68 10.22 -41.54
CA SER Y 341 -12.88 10.89 -40.26
C SER Y 341 -12.06 10.17 -39.19
N TYR Y 342 -10.74 10.25 -39.34
CA TYR Y 342 -9.83 9.53 -38.47
C TYR Y 342 -8.66 10.41 -38.09
N VAL Y 343 -8.09 10.13 -36.92
CA VAL Y 343 -6.88 10.78 -36.46
C VAL Y 343 -5.71 10.18 -37.22
N PRO Y 344 -4.54 10.82 -37.22
CA PRO Y 344 -3.48 10.41 -38.15
C PRO Y 344 -2.87 9.03 -37.94
N MET Y 345 -3.38 8.19 -37.03
CA MET Y 345 -2.96 6.78 -36.97
C MET Y 345 -1.46 6.61 -36.80
N VAL Y 346 -0.85 7.45 -35.95
CA VAL Y 346 0.60 7.51 -35.92
C VAL Y 346 1.20 6.25 -35.34
N GLY Y 347 0.69 5.80 -34.19
CA GLY Y 347 1.30 4.64 -33.55
C GLY Y 347 0.88 3.33 -34.17
N VAL Y 348 -0.19 3.35 -34.97
CA VAL Y 348 -0.76 2.11 -35.48
C VAL Y 348 0.14 1.51 -36.55
N THR Y 349 0.60 0.30 -36.27
CA THR Y 349 1.48 -0.41 -37.19
C THR Y 349 0.80 -1.69 -37.67
N GLY Y 350 -0.49 -1.82 -37.40
CA GLY Y 350 -1.23 -2.99 -37.83
C GLY Y 350 -0.79 -4.34 -37.31
N LYS Y 351 -0.42 -4.42 -36.04
CA LYS Y 351 0.06 -5.68 -35.50
C LYS Y 351 -1.05 -6.59 -34.97
N GLY Y 352 -2.13 -6.01 -34.45
CA GLY Y 352 -3.23 -6.81 -33.96
C GLY Y 352 -4.37 -6.74 -34.94
N PHE Y 353 -4.11 -7.08 -36.19
CA PHE Y 353 -5.13 -6.93 -37.23
C PHE Y 353 -5.28 -8.25 -37.96
N LYS Y 354 -6.21 -9.07 -37.48
CA LYS Y 354 -6.70 -10.22 -38.22
C LYS Y 354 -8.16 -9.97 -38.57
N LEU Y 355 -8.42 -9.66 -39.83
CA LEU Y 355 -9.79 -9.34 -40.24
C LEU Y 355 -10.59 -10.63 -40.35
N ILE Y 356 -11.26 -10.98 -39.26
CA ILE Y 356 -12.32 -11.97 -39.28
C ILE Y 356 -13.61 -11.21 -39.05
N ASN Y 357 -14.29 -10.86 -40.12
CA ASN Y 357 -15.60 -10.26 -40.01
C ASN Y 357 -16.61 -11.34 -39.62
N LYS Y 358 -17.31 -11.12 -38.52
CA LYS Y 358 -18.42 -12.01 -38.20
C LYS Y 358 -19.59 -11.67 -39.12
N ALA Y 359 -20.20 -12.70 -39.69
CA ALA Y 359 -20.91 -12.66 -40.97
C ALA Y 359 -19.83 -12.60 -42.03
N LEU Y 360 -20.10 -13.13 -43.22
CA LEU Y 360 -19.09 -13.51 -44.20
C LEU Y 360 -18.31 -14.74 -43.74
N VAL Y 361 -18.65 -15.28 -42.57
CA VAL Y 361 -18.09 -16.54 -42.10
C VAL Y 361 -19.21 -17.58 -42.07
N VAL Y 362 -19.25 -18.43 -43.09
CA VAL Y 362 -20.23 -19.50 -43.05
C VAL Y 362 -19.56 -20.73 -42.44
N GLY Y 363 -19.46 -21.81 -43.19
CA GLY Y 363 -18.80 -22.98 -42.67
C GLY Y 363 -17.34 -22.65 -42.52
N ALA Y 364 -16.73 -23.14 -41.46
CA ALA Y 364 -15.54 -22.53 -40.91
C ALA Y 364 -14.75 -23.58 -40.17
N GLU Y 365 -14.11 -24.47 -40.93
CA GLU Y 365 -13.35 -25.54 -40.32
C GLU Y 365 -12.21 -24.96 -39.51
N SER Y 366 -11.91 -25.58 -38.37
CA SER Y 366 -10.79 -25.13 -37.57
C SER Y 366 -9.49 -25.81 -37.96
N ALA Y 367 -9.60 -26.99 -38.59
CA ALA Y 367 -8.43 -27.70 -39.07
C ALA Y 367 -8.25 -27.47 -40.57
N ALA Y 368 -7.03 -27.15 -40.98
CA ALA Y 368 -6.75 -26.95 -42.39
C ALA Y 368 -6.74 -28.29 -43.13
N LEU Y 369 -7.03 -28.24 -44.42
CA LEU Y 369 -7.14 -29.48 -45.19
C LEU Y 369 -5.79 -30.14 -45.40
N ASN Y 370 -4.73 -29.36 -45.63
CA ASN Y 370 -3.40 -29.90 -45.87
C ASN Y 370 -2.42 -29.26 -44.90
N VAL Y 371 -1.20 -29.80 -44.90
CA VAL Y 371 -0.08 -29.11 -44.25
C VAL Y 371 0.31 -27.86 -45.02
N ALA Y 372 0.22 -27.89 -46.34
CA ALA Y 372 0.15 -26.66 -47.12
C ALA Y 372 -1.19 -26.01 -46.77
N SER Y 373 -1.48 -24.85 -47.34
CA SER Y 373 -2.52 -23.99 -46.78
C SER Y 373 -2.10 -23.68 -45.36
N GLU Y 374 -2.89 -24.00 -44.34
CA GLU Y 374 -2.60 -23.60 -42.95
C GLU Y 374 -2.31 -22.10 -42.97
N GLY Y 375 -1.08 -21.68 -42.73
CA GLY Y 375 -0.77 -20.27 -42.72
C GLY Y 375 -0.22 -19.73 -44.02
N LEU Y 376 0.11 -18.45 -43.99
CA LEU Y 376 0.75 -17.78 -45.11
C LEU Y 376 2.17 -18.34 -45.25
N ARG Y 377 2.51 -18.80 -46.45
CA ARG Y 377 3.71 -19.61 -46.62
C ARG Y 377 4.98 -18.80 -46.88
N THR Y 378 5.07 -17.55 -46.44
CA THR Y 378 6.30 -16.80 -46.63
C THR Y 378 7.42 -17.38 -45.78
N SER Y 379 8.65 -17.24 -46.26
CA SER Y 379 9.81 -17.79 -45.56
C SER Y 379 10.66 -16.74 -44.86
N VAL Y 380 10.32 -15.46 -44.97
CA VAL Y 380 11.08 -14.44 -44.25
C VAL Y 380 10.50 -14.27 -42.85
N ALA Y 381 11.37 -13.96 -41.89
CA ALA Y 381 10.91 -13.65 -40.55
C ALA Y 381 10.13 -12.34 -40.55
N GLY Y 382 9.20 -12.21 -39.63
CA GLY Y 382 8.32 -11.07 -39.60
C GLY Y 382 7.16 -11.12 -40.57
N GLY Y 383 7.04 -12.20 -41.34
CA GLY Y 383 5.84 -12.39 -42.13
C GLY Y 383 4.64 -12.62 -41.25
N ASP Y 384 3.46 -12.41 -41.85
CA ASP Y 384 2.17 -12.37 -41.15
C ASP Y 384 2.04 -11.09 -40.34
N ALA Y 385 3.13 -10.34 -40.23
CA ALA Y 385 3.08 -9.08 -39.49
C ALA Y 385 3.22 -7.90 -40.43
N ASP Y 386 4.21 -7.93 -41.30
CA ASP Y 386 4.27 -6.93 -42.36
C ASP Y 386 3.15 -7.14 -43.36
N TYR Y 387 2.74 -8.41 -43.56
CA TYR Y 387 1.53 -8.65 -44.33
C TYR Y 387 0.32 -8.01 -43.67
N ALA Y 388 0.22 -8.13 -42.35
CA ALA Y 388 -0.88 -7.52 -41.63
C ALA Y 388 -0.85 -6.00 -41.75
N GLY Y 389 0.35 -5.41 -41.71
CA GLY Y 389 0.46 -3.98 -41.89
C GLY Y 389 0.04 -3.54 -43.28
N ALA Y 390 0.49 -4.27 -44.30
CA ALA Y 390 0.07 -3.95 -45.66
C ALA Y 390 -1.43 -4.12 -45.82
N ALA Y 391 -2.01 -5.15 -45.20
CA ALA Y 391 -3.44 -5.38 -45.30
C ALA Y 391 -4.22 -4.27 -44.61
N LEU Y 392 -3.81 -3.87 -43.41
CA LEU Y 392 -4.52 -2.81 -42.71
C LEU Y 392 -4.42 -1.50 -43.47
N GLY Y 393 -3.24 -1.18 -43.98
CA GLY Y 393 -3.10 0.01 -44.80
C GLY Y 393 -3.96 -0.04 -46.04
N GLY Y 394 -4.00 -1.19 -46.69
CA GLY Y 394 -4.80 -1.32 -47.90
C GLY Y 394 -6.30 -1.25 -47.61
N PHE Y 395 -6.73 -1.82 -46.50
CA PHE Y 395 -8.14 -1.73 -46.12
C PHE Y 395 -8.52 -0.30 -45.82
N VAL Y 396 -7.70 0.39 -45.03
CA VAL Y 396 -7.96 1.80 -44.75
C VAL Y 396 -8.01 2.60 -46.04
N PHE Y 397 -7.02 2.41 -46.91
CA PHE Y 397 -6.96 3.17 -48.15
C PHE Y 397 -8.16 2.89 -49.03
N GLY Y 398 -8.52 1.62 -49.18
CA GLY Y 398 -9.59 1.26 -50.08
C GLY Y 398 -10.96 1.72 -49.58
N ALA Y 399 -11.21 1.55 -48.28
CA ALA Y 399 -12.44 2.04 -47.72
C ALA Y 399 -12.53 3.55 -47.83
N GLY Y 400 -11.44 4.25 -47.56
CA GLY Y 400 -11.45 5.69 -47.71
C GLY Y 400 -11.64 6.12 -49.14
N MET Y 401 -11.07 5.38 -50.09
CA MET Y 401 -11.21 5.73 -51.49
C MET Y 401 -12.63 5.46 -51.97
N SER Y 402 -13.27 4.42 -51.42
CA SER Y 402 -14.68 4.22 -51.69
C SER Y 402 -15.51 5.38 -51.15
N ALA Y 403 -15.20 5.84 -49.94
CA ALA Y 403 -15.92 6.99 -49.39
C ALA Y 403 -15.70 8.24 -50.24
N ILE Y 404 -14.47 8.45 -50.71
CA ILE Y 404 -14.16 9.56 -51.59
C ILE Y 404 -14.96 9.46 -52.87
N SER Y 405 -15.03 8.26 -53.45
CA SER Y 405 -15.79 8.09 -54.69
C SER Y 405 -17.26 8.41 -54.48
N ASP Y 406 -17.84 7.93 -53.39
CA ASP Y 406 -19.25 8.24 -53.14
C ASP Y 406 -19.47 9.73 -52.93
N ALA Y 407 -18.59 10.39 -52.18
CA ALA Y 407 -18.76 11.82 -51.94
C ALA Y 407 -18.64 12.61 -53.22
N VAL Y 408 -17.67 12.28 -54.07
CA VAL Y 408 -17.50 13.01 -55.32
C VAL Y 408 -18.67 12.75 -56.26
N ALA Y 409 -19.19 11.52 -56.25
CA ALA Y 409 -20.37 11.21 -57.06
C ALA Y 409 -21.57 12.01 -56.59
N ALA Y 410 -21.74 12.17 -55.28
CA ALA Y 410 -22.83 12.99 -54.78
C ALA Y 410 -22.66 14.44 -55.18
N GLY Y 411 -21.45 14.97 -55.05
CA GLY Y 411 -21.21 16.35 -55.46
C GLY Y 411 -21.47 16.56 -56.94
N LEU Y 412 -21.14 15.57 -57.76
CA LEU Y 412 -21.41 15.69 -59.19
C LEU Y 412 -22.90 15.54 -59.49
N LYS Y 413 -23.60 14.68 -58.75
CA LYS Y 413 -25.03 14.51 -58.96
C LYS Y 413 -25.79 15.77 -58.58
N ARG Y 414 -25.20 16.59 -57.69
CA ARG Y 414 -25.74 17.94 -57.49
C ARG Y 414 -25.86 18.68 -58.82
N SER Y 415 -24.79 18.66 -59.61
CA SER Y 415 -24.81 19.35 -60.89
C SER Y 415 -25.72 18.63 -61.89
N LYS Y 416 -25.57 17.32 -62.01
CA LYS Y 416 -26.31 16.54 -63.00
C LYS Y 416 -26.97 15.37 -62.30
N PRO Y 417 -28.23 15.49 -61.85
CA PRO Y 417 -28.84 14.42 -61.06
C PRO Y 417 -28.96 13.09 -61.79
N GLU Y 418 -29.21 13.10 -63.09
CA GLU Y 418 -29.30 11.86 -63.86
C GLU Y 418 -27.92 11.48 -64.40
N ALA Y 419 -27.05 11.10 -63.46
CA ALA Y 419 -25.71 10.62 -63.75
C ALA Y 419 -25.33 9.68 -62.62
N GLU Y 420 -24.91 8.46 -62.97
CA GLU Y 420 -24.77 7.43 -61.94
C GLU Y 420 -23.35 7.36 -61.39
N PHE Y 421 -22.36 7.29 -62.28
CA PHE Y 421 -20.95 7.12 -61.93
C PHE Y 421 -20.68 5.74 -61.35
N ASP Y 422 -19.40 5.44 -61.10
CA ASP Y 422 -18.97 4.15 -60.58
C ASP Y 422 -18.09 4.36 -59.38
N ASN Y 423 -18.29 3.54 -58.33
CA ASN Y 423 -17.40 3.61 -57.18
C ASN Y 423 -16.00 3.11 -57.53
N GLU Y 424 -15.91 1.94 -58.17
CA GLU Y 424 -14.65 1.43 -58.71
C GLU Y 424 -13.72 0.95 -57.60
N PHE Y 425 -14.09 1.19 -56.34
CA PHE Y 425 -13.30 0.69 -55.23
C PHE Y 425 -14.07 -0.27 -54.34
N ILE Y 426 -15.40 -0.11 -54.26
CA ILE Y 426 -16.13 -0.78 -53.18
C ILE Y 426 -16.40 -2.24 -53.52
N GLY Y 427 -16.47 -2.57 -54.80
CA GLY Y 427 -16.56 -3.96 -55.19
C GLY Y 427 -15.31 -4.72 -54.79
N PRO Y 428 -14.15 -4.23 -55.23
CA PRO Y 428 -12.89 -4.83 -54.79
C PRO Y 428 -12.72 -4.87 -53.29
N MET Y 429 -13.15 -3.82 -52.57
CA MET Y 429 -12.99 -3.81 -51.12
C MET Y 429 -13.94 -4.79 -50.44
N MET Y 430 -15.18 -4.91 -50.93
CA MET Y 430 -16.07 -5.90 -50.36
C MET Y 430 -15.52 -7.31 -50.56
N ARG Y 431 -15.02 -7.59 -51.76
CA ARG Y 431 -14.48 -8.92 -52.01
C ARG Y 431 -13.19 -9.14 -51.24
N LEU Y 432 -12.41 -8.08 -51.02
CA LEU Y 432 -11.19 -8.21 -50.24
C LEU Y 432 -11.49 -8.51 -48.79
N GLU Y 433 -12.51 -7.85 -48.23
CA GLU Y 433 -12.93 -8.21 -46.88
C GLU Y 433 -13.44 -9.64 -46.81
N ALA Y 434 -14.19 -10.07 -47.82
CA ALA Y 434 -14.68 -11.45 -47.81
C ALA Y 434 -13.53 -12.45 -47.88
N ARG Y 435 -12.56 -12.21 -48.76
CA ARG Y 435 -11.41 -13.10 -48.86
C ARG Y 435 -10.60 -13.12 -47.59
N GLU Y 436 -10.30 -11.95 -47.04
CA GLU Y 436 -9.49 -11.90 -45.82
C GLU Y 436 -10.22 -12.58 -44.66
N THR Y 437 -11.53 -12.38 -44.58
CA THR Y 437 -12.34 -13.02 -43.56
C THR Y 437 -12.29 -14.53 -43.68
N ALA Y 438 -12.44 -15.05 -44.89
CA ALA Y 438 -12.40 -16.50 -45.08
C ALA Y 438 -11.00 -17.04 -44.83
N ARG Y 439 -9.98 -16.28 -45.21
CA ARG Y 439 -8.61 -16.69 -44.99
C ARG Y 439 -8.31 -16.84 -43.51
N ASN Y 440 -8.77 -15.87 -42.72
CA ASN Y 440 -8.48 -15.92 -41.29
C ASN Y 440 -9.40 -16.89 -40.56
N ALA Y 441 -10.61 -17.07 -41.06
CA ALA Y 441 -11.55 -18.02 -40.48
C ALA Y 441 -11.44 -19.41 -41.09
N ASN Y 442 -10.59 -19.57 -42.10
CA ASN Y 442 -10.09 -20.81 -42.71
C ASN Y 442 -11.12 -21.41 -43.68
N SER Y 443 -12.35 -20.91 -43.76
CA SER Y 443 -13.22 -21.63 -44.68
C SER Y 443 -14.24 -20.72 -45.35
N ALA Y 444 -14.64 -21.13 -46.55
CA ALA Y 444 -15.79 -20.63 -47.31
C ALA Y 444 -15.66 -19.16 -47.68
N ASP Y 445 -14.76 -18.88 -48.62
CA ASP Y 445 -14.71 -17.58 -49.27
C ASP Y 445 -16.04 -17.23 -49.90
N LEU Y 446 -16.68 -16.16 -49.42
CA LEU Y 446 -17.95 -15.71 -49.95
C LEU Y 446 -17.80 -14.72 -51.09
N SER Y 447 -16.58 -14.30 -51.41
CA SER Y 447 -16.37 -13.42 -52.55
C SER Y 447 -16.42 -14.20 -53.86
N ARG Y 448 -16.44 -15.52 -53.79
CA ARG Y 448 -16.38 -16.34 -54.99
C ARG Y 448 -17.70 -16.27 -55.75
N MET Y 449 -17.60 -16.05 -57.06
CA MET Y 449 -18.79 -15.97 -57.91
C MET Y 449 -19.37 -17.35 -58.19
N ASN Y 450 -20.65 -17.37 -58.52
CA ASN Y 450 -21.27 -18.59 -59.00
C ASN Y 450 -20.89 -18.85 -60.45
N THR Y 451 -20.04 -19.85 -60.67
CA THR Y 451 -19.46 -20.11 -61.97
C THR Y 451 -20.38 -20.87 -62.90
N GLU Y 452 -21.62 -21.11 -62.49
CA GLU Y 452 -22.57 -21.82 -63.35
C GLU Y 452 -22.87 -21.00 -64.59
N ASN Y 453 -23.11 -21.69 -65.70
CA ASN Y 453 -23.46 -21.07 -66.97
C ASN Y 453 -22.36 -20.14 -67.47
N MET Y 454 -21.11 -20.44 -67.13
CA MET Y 454 -19.95 -19.70 -67.59
C MET Y 454 -19.14 -20.59 -68.50
N LYS Y 455 -18.91 -20.14 -69.73
CA LYS Y 455 -18.10 -20.89 -70.67
C LYS Y 455 -16.62 -20.61 -70.54
N PHE Y 456 -16.24 -19.62 -69.74
CA PHE Y 456 -14.86 -19.16 -69.59
C PHE Y 456 -14.33 -18.80 -70.97
N GLU Y 457 -13.34 -19.49 -71.51
CA GLU Y 457 -12.69 -19.25 -72.80
C GLU Y 457 -11.93 -17.94 -72.72
N GLY Y 458 -10.79 -17.87 -73.38
CA GLY Y 458 -9.93 -16.72 -73.21
C GLY Y 458 -8.85 -17.04 -72.21
N GLU Y 459 -7.64 -17.29 -72.72
CA GLU Y 459 -6.51 -17.71 -71.92
C GLU Y 459 -5.34 -16.80 -72.24
N HIS Y 460 -4.76 -16.18 -71.22
CA HIS Y 460 -3.57 -15.39 -71.46
C HIS Y 460 -2.32 -16.26 -71.43
N ASN Y 461 -2.15 -17.04 -70.36
CA ASN Y 461 -1.03 -17.97 -70.23
C ASN Y 461 -1.58 -19.28 -69.71
N GLY Y 462 -2.66 -19.76 -70.34
CA GLY Y 462 -3.28 -20.99 -69.91
C GLY Y 462 -4.22 -20.85 -68.73
N VAL Y 463 -4.58 -19.62 -68.37
CA VAL Y 463 -5.51 -19.35 -67.29
C VAL Y 463 -6.85 -18.95 -67.91
N PRO Y 464 -7.91 -19.73 -67.74
CA PRO Y 464 -9.20 -19.32 -68.30
C PRO Y 464 -9.83 -18.21 -67.48
N TYR Y 465 -10.70 -17.43 -68.12
CA TYR Y 465 -11.40 -16.37 -67.41
C TYR Y 465 -12.67 -15.97 -68.16
N GLU Y 466 -13.63 -15.45 -67.39
CA GLU Y 466 -14.86 -14.86 -67.90
C GLU Y 466 -14.89 -13.38 -67.62
N ASP Y 467 -15.19 -12.58 -68.63
CA ASP Y 467 -15.41 -11.15 -68.40
C ASP Y 467 -16.76 -10.94 -67.74
N LEU Y 468 -16.78 -10.14 -66.67
CA LEU Y 468 -18.03 -9.73 -66.07
C LEU Y 468 -18.55 -8.51 -66.78
N PRO Y 469 -19.77 -8.55 -67.34
CA PRO Y 469 -20.36 -7.30 -67.83
C PRO Y 469 -20.55 -6.28 -66.72
N THR Y 470 -20.83 -6.75 -65.50
CA THR Y 470 -21.19 -5.85 -64.41
C THR Y 470 -20.04 -4.93 -64.03
N GLU Y 471 -18.82 -5.46 -63.96
CA GLU Y 471 -17.66 -4.69 -63.54
C GLU Y 471 -16.70 -4.53 -64.72
N ARG Y 472 -16.30 -3.29 -64.97
CA ARG Y 472 -15.35 -2.99 -66.04
C ARG Y 472 -14.07 -3.78 -65.84
N GLY Y 473 -13.58 -4.40 -66.92
CA GLY Y 473 -12.47 -5.33 -66.75
C GLY Y 473 -12.91 -6.48 -65.88
N ALA Y 474 -12.14 -6.75 -64.84
CA ALA Y 474 -12.63 -7.56 -63.73
C ALA Y 474 -13.13 -8.94 -64.16
N VAL Y 475 -12.24 -9.81 -64.57
CA VAL Y 475 -12.60 -11.16 -64.98
C VAL Y 475 -12.73 -12.05 -63.75
N VAL Y 476 -13.35 -13.20 -63.92
CA VAL Y 476 -13.51 -14.20 -62.87
C VAL Y 476 -12.75 -15.44 -63.27
N LEU Y 477 -12.12 -16.09 -62.29
CA LEU Y 477 -11.26 -17.23 -62.56
C LEU Y 477 -12.05 -18.54 -62.47
N HIS Y 478 -11.36 -19.66 -62.63
CA HIS Y 478 -12.02 -20.95 -62.69
C HIS Y 478 -12.73 -21.30 -61.38
N ASP Y 479 -12.10 -21.00 -60.24
CA ASP Y 479 -12.70 -21.37 -58.97
C ASP Y 479 -13.79 -20.41 -58.54
N GLY Y 480 -14.05 -19.37 -59.31
CA GLY Y 480 -14.96 -18.33 -58.93
C GLY Y 480 -14.31 -17.10 -58.39
N SER Y 481 -13.00 -17.15 -58.13
CA SER Y 481 -12.28 -15.97 -57.69
C SER Y 481 -12.29 -14.94 -58.81
N VAL Y 482 -12.72 -13.74 -58.47
CA VAL Y 482 -12.78 -12.64 -59.42
C VAL Y 482 -11.63 -11.68 -59.13
N LEU Y 483 -10.83 -11.44 -60.16
CA LEU Y 483 -9.77 -10.45 -60.11
C LEU Y 483 -10.28 -9.18 -60.78
N SER Y 484 -10.29 -8.09 -60.05
CA SER Y 484 -10.78 -6.84 -60.61
C SER Y 484 -9.82 -6.33 -61.67
N ALA Y 485 -10.30 -5.35 -62.44
CA ALA Y 485 -9.40 -4.62 -63.31
C ALA Y 485 -8.36 -3.90 -62.46
N SER Y 486 -7.18 -3.71 -63.02
CA SER Y 486 -6.02 -3.07 -62.41
C SER Y 486 -5.36 -3.98 -61.37
N ASN Y 487 -5.96 -5.11 -61.03
CA ASN Y 487 -5.22 -6.15 -60.34
C ASN Y 487 -4.08 -6.56 -61.27
N PRO Y 488 -2.83 -6.47 -60.82
CA PRO Y 488 -1.72 -6.61 -61.78
C PRO Y 488 -1.67 -7.96 -62.44
N ILE Y 489 -2.33 -8.98 -61.87
CA ILE Y 489 -2.19 -10.34 -62.38
C ILE Y 489 -3.37 -10.83 -63.19
N ASN Y 490 -4.48 -10.10 -63.25
CA ASN Y 490 -5.63 -10.66 -63.94
C ASN Y 490 -5.34 -10.81 -65.42
N PRO Y 491 -5.74 -11.92 -66.04
CA PRO Y 491 -5.30 -12.20 -67.42
C PRO Y 491 -5.77 -11.19 -68.43
N LYS Y 492 -6.93 -10.57 -68.23
CA LYS Y 492 -7.43 -9.63 -69.23
C LYS Y 492 -6.56 -8.39 -69.31
N THR Y 493 -6.21 -7.81 -68.16
CA THR Y 493 -5.37 -6.62 -68.17
C THR Y 493 -3.97 -6.94 -68.69
N LEU Y 494 -3.42 -8.09 -68.30
CA LEU Y 494 -2.10 -8.47 -68.80
C LEU Y 494 -2.13 -8.64 -70.32
N LYS Y 495 -3.13 -9.35 -70.83
CA LYS Y 495 -3.25 -9.51 -72.27
C LYS Y 495 -3.40 -8.18 -72.97
N GLU Y 496 -4.28 -7.32 -72.47
CA GLU Y 496 -4.54 -6.06 -73.14
C GLU Y 496 -3.33 -5.15 -73.09
N PHE Y 497 -2.61 -5.15 -71.97
CA PHE Y 497 -1.37 -4.39 -71.88
C PHE Y 497 -0.35 -4.91 -72.88
N SER Y 498 -0.29 -6.22 -73.07
CA SER Y 498 0.61 -6.78 -74.08
C SER Y 498 0.22 -6.30 -75.47
N GLU Y 499 -1.08 -6.31 -75.78
CA GLU Y 499 -1.51 -5.92 -77.13
C GLU Y 499 -1.24 -4.45 -77.40
N VAL Y 500 -1.66 -3.57 -76.49
CA VAL Y 500 -1.41 -2.14 -76.68
C VAL Y 500 -0.47 -1.63 -75.59
N ASP Y 501 0.82 -1.68 -75.89
CA ASP Y 501 1.85 -1.14 -75.03
C ASP Y 501 2.67 -0.17 -75.87
N PRO Y 502 2.89 1.05 -75.42
CA PRO Y 502 3.68 2.01 -76.20
C PRO Y 502 5.06 1.47 -76.55
N GLU Y 503 5.78 2.19 -77.43
CA GLU Y 503 7.12 1.76 -77.79
C GLU Y 503 7.93 1.47 -76.54
N LYS Y 504 8.22 0.18 -76.35
CA LYS Y 504 8.63 -0.39 -75.08
C LYS Y 504 8.41 -1.89 -75.20
N ALA Y 505 7.57 -2.27 -76.15
CA ALA Y 505 7.41 -3.67 -76.49
C ALA Y 505 8.51 -4.08 -77.48
N ALA Y 506 9.33 -5.04 -77.06
CA ALA Y 506 10.53 -5.40 -77.80
C ALA Y 506 10.59 -6.91 -77.98
N ARG Y 507 11.73 -7.37 -78.53
CA ARG Y 507 11.90 -8.79 -78.82
C ARG Y 507 11.83 -9.63 -77.54
N GLY Y 508 12.61 -9.26 -76.53
CA GLY Y 508 12.56 -9.98 -75.26
C GLY Y 508 12.96 -11.43 -75.40
N ILE Y 509 12.18 -12.31 -74.79
CA ILE Y 509 12.47 -13.73 -74.76
C ILE Y 509 11.43 -14.54 -75.55
N LYS Y 510 10.64 -13.85 -76.39
CA LYS Y 510 9.58 -14.54 -77.12
C LYS Y 510 10.13 -15.42 -78.25
N LEU Y 511 11.45 -15.40 -78.47
CA LEU Y 511 12.02 -16.14 -79.59
C LEU Y 511 11.74 -17.63 -79.47
N ALA Y 512 12.10 -18.23 -78.33
CA ALA Y 512 11.80 -19.63 -78.06
C ALA Y 512 12.15 -19.93 -76.60
N GLY Y 513 11.61 -21.04 -76.11
CA GLY Y 513 11.90 -21.49 -74.76
C GLY Y 513 12.41 -22.92 -74.77
N PHE Y 514 13.01 -23.31 -73.64
CA PHE Y 514 13.79 -24.54 -73.58
C PHE Y 514 12.99 -25.74 -74.08
N THR Y 515 11.69 -25.76 -73.81
CA THR Y 515 10.85 -26.85 -74.30
C THR Y 515 10.82 -26.87 -75.83
N GLU Y 516 10.74 -25.69 -76.45
CA GLU Y 516 10.70 -25.62 -77.91
C GLU Y 516 12.01 -26.10 -78.52
N ILE Y 517 13.15 -25.65 -77.97
CA ILE Y 517 14.44 -26.11 -78.50
C ILE Y 517 14.61 -27.59 -78.27
N GLY Y 518 14.15 -28.11 -77.14
CA GLY Y 518 14.29 -29.53 -76.88
C GLY Y 518 13.68 -30.37 -77.99
N LEU Y 519 12.43 -30.08 -78.33
CA LEU Y 519 11.78 -30.79 -79.41
C LEU Y 519 12.45 -30.52 -80.75
N LYS Y 520 12.84 -29.27 -81.01
CA LYS Y 520 13.36 -28.96 -82.33
C LYS Y 520 14.69 -29.63 -82.61
N THR Y 521 15.61 -29.60 -81.65
CA THR Y 521 16.99 -30.01 -81.89
C THR Y 521 17.33 -31.38 -81.31
N LEU Y 522 16.74 -31.75 -80.18
CA LEU Y 522 17.14 -32.96 -79.48
C LEU Y 522 16.75 -34.24 -80.22
N GLY Y 523 15.92 -34.11 -81.24
CA GLY Y 523 15.47 -35.29 -81.95
C GLY Y 523 15.38 -35.30 -83.46
N SER Y 524 16.34 -34.73 -84.18
CA SER Y 524 16.27 -34.84 -85.65
C SER Y 524 17.49 -35.26 -86.47
N ASP Y 525 17.90 -36.51 -86.39
CA ASP Y 525 18.97 -37.03 -87.27
C ASP Y 525 20.34 -36.36 -87.39
N ASP Y 526 20.96 -35.95 -86.30
CA ASP Y 526 22.32 -35.41 -86.40
C ASP Y 526 23.14 -35.72 -85.17
N ALA Y 527 24.29 -36.36 -85.36
CA ALA Y 527 25.09 -36.78 -84.21
C ALA Y 527 25.56 -35.58 -83.40
N ASP Y 528 26.13 -34.57 -84.06
CA ASP Y 528 26.66 -33.43 -83.34
C ASP Y 528 25.54 -32.57 -82.76
N ILE Y 529 24.49 -32.33 -83.55
CA ILE Y 529 23.38 -31.52 -83.07
C ILE Y 529 22.74 -32.18 -81.85
N ARG Y 530 22.48 -33.47 -81.93
CA ARG Y 530 21.84 -34.16 -80.80
C ARG Y 530 22.80 -34.26 -79.62
N ARG Y 531 24.09 -34.42 -79.88
CA ARG Y 531 25.05 -34.45 -78.77
C ARG Y 531 25.02 -33.14 -78.00
N VAL Y 532 25.10 -32.03 -78.71
CA VAL Y 532 25.08 -30.72 -78.05
C VAL Y 532 23.74 -30.49 -77.35
N ALA Y 533 22.65 -30.91 -77.98
CA ALA Y 533 21.34 -30.73 -77.37
C ALA Y 533 21.20 -31.54 -76.08
N ILE Y 534 21.61 -32.81 -76.11
CA ILE Y 534 21.54 -33.65 -74.92
C ILE Y 534 22.38 -33.06 -73.82
N ASP Y 535 23.53 -32.49 -74.17
CA ASP Y 535 24.33 -31.81 -73.16
C ASP Y 535 23.60 -30.61 -72.58
N LEU Y 536 22.96 -29.79 -73.43
CA LEU Y 536 22.42 -28.52 -72.95
C LEU Y 536 20.98 -28.61 -72.51
N VAL Y 537 20.11 -29.23 -73.30
CA VAL Y 537 18.68 -29.15 -73.10
C VAL Y 537 18.15 -30.52 -72.69
N ARG Y 538 17.25 -30.51 -71.71
CA ARG Y 538 16.60 -31.72 -71.24
C ARG Y 538 15.22 -31.82 -71.88
N SER Y 539 14.88 -33.01 -72.39
CA SER Y 539 13.61 -33.21 -73.08
C SER Y 539 12.53 -33.54 -72.07
N PRO Y 540 11.47 -32.74 -71.96
CA PRO Y 540 10.42 -33.08 -70.97
C PRO Y 540 9.72 -34.39 -71.30
N THR Y 541 9.19 -34.51 -72.51
CA THR Y 541 8.56 -35.74 -72.98
C THR Y 541 8.98 -35.97 -74.42
N GLY Y 542 9.55 -37.13 -74.68
CA GLY Y 542 10.02 -37.45 -76.02
C GLY Y 542 9.75 -38.89 -76.37
N MET Y 543 9.68 -39.16 -77.67
CA MET Y 543 9.53 -40.53 -78.13
C MET Y 543 10.79 -41.34 -77.88
N GLN Y 544 11.95 -40.68 -77.89
CA GLN Y 544 13.20 -41.38 -77.62
C GLN Y 544 13.25 -41.92 -76.20
N SER Y 545 13.01 -41.05 -75.22
CA SER Y 545 13.00 -41.42 -73.80
C SER Y 545 14.24 -42.24 -73.45
N GLY Y 546 15.41 -41.63 -73.60
CA GLY Y 546 16.67 -42.30 -73.36
C GLY Y 546 16.84 -42.84 -71.96
N ALA Y 547 17.13 -44.14 -71.86
CA ALA Y 547 17.31 -44.76 -70.55
C ALA Y 547 18.62 -44.31 -69.91
N SER Y 548 19.63 -44.02 -70.72
CA SER Y 548 20.93 -43.54 -70.25
C SER Y 548 21.38 -42.40 -71.18
N GLY Y 549 20.46 -41.48 -71.48
CA GLY Y 549 20.81 -40.35 -72.32
C GLY Y 549 21.93 -39.52 -71.71
N LYS Y 550 21.86 -39.25 -70.41
CA LYS Y 550 22.86 -38.46 -69.72
C LYS Y 550 22.66 -38.60 -68.22
N PHE Y 551 23.73 -38.94 -67.51
CA PHE Y 551 23.70 -38.99 -66.05
C PHE Y 551 24.17 -37.68 -65.45
N GLY Y 552 23.99 -36.58 -66.18
CA GLY Y 552 24.49 -35.31 -65.75
C GLY Y 552 23.35 -34.31 -65.59
N ALA Y 553 23.73 -33.10 -65.19
CA ALA Y 553 22.73 -32.11 -64.86
C ALA Y 553 22.08 -31.51 -66.09
N THR Y 554 22.84 -31.36 -67.18
CA THR Y 554 22.47 -30.60 -68.38
C THR Y 554 22.46 -29.12 -68.08
N ALA Y 555 22.68 -28.30 -69.11
CA ALA Y 555 22.81 -26.87 -68.91
C ALA Y 555 21.49 -26.26 -68.45
N SER Y 556 20.37 -26.76 -68.98
CA SER Y 556 19.07 -26.23 -68.61
C SER Y 556 18.78 -26.41 -67.12
N ASP Y 557 19.05 -27.60 -66.59
CA ASP Y 557 18.75 -27.85 -65.19
C ASP Y 557 19.66 -27.06 -64.28
N ILE Y 558 20.93 -26.92 -64.68
CA ILE Y 558 21.85 -26.08 -63.92
C ILE Y 558 21.35 -24.65 -63.91
N HIS Y 559 20.88 -24.17 -65.06
CA HIS Y 559 20.38 -22.81 -65.15
C HIS Y 559 19.18 -22.60 -64.24
N GLU Y 560 18.24 -23.54 -64.24
CA GLU Y 560 17.08 -23.44 -63.35
C GLU Y 560 17.50 -23.49 -61.88
N ARG Y 561 18.39 -24.41 -61.53
CA ARG Y 561 18.85 -24.52 -60.15
C ARG Y 561 19.51 -23.24 -59.69
N LEU Y 562 20.38 -22.68 -60.51
CA LEU Y 562 21.08 -21.45 -60.14
C LEU Y 562 20.11 -20.29 -60.04
N HIS Y 563 19.13 -20.21 -60.95
CA HIS Y 563 18.11 -19.18 -60.83
C HIS Y 563 17.35 -19.29 -59.52
N GLY Y 564 16.97 -20.51 -59.14
CA GLY Y 564 16.23 -20.68 -57.90
C GLY Y 564 17.03 -20.30 -56.68
N THR Y 565 18.28 -20.75 -56.61
CA THR Y 565 19.10 -20.43 -55.45
C THR Y 565 19.43 -18.94 -55.41
N ASP Y 566 19.70 -18.33 -56.56
CA ASP Y 566 19.92 -16.90 -56.61
C ASP Y 566 18.69 -16.14 -56.16
N GLN Y 567 17.50 -16.58 -56.56
CA GLN Y 567 16.30 -15.89 -56.16
C GLN Y 567 16.07 -15.99 -54.66
N ARG Y 568 16.33 -17.16 -54.08
CA ARG Y 568 16.20 -17.31 -52.65
C ARG Y 568 17.17 -16.41 -51.90
N THR Y 569 18.43 -16.37 -52.36
CA THR Y 569 19.40 -15.51 -51.69
C THR Y 569 19.10 -14.04 -51.94
N TYR Y 570 18.41 -13.72 -53.05
CA TYR Y 570 17.99 -12.35 -53.28
C TYR Y 570 16.92 -11.95 -52.29
N ASN Y 571 15.97 -12.84 -52.01
CA ASN Y 571 14.96 -12.52 -51.01
C ASN Y 571 15.58 -12.38 -49.62
N ASP Y 572 16.54 -13.24 -49.30
CA ASP Y 572 17.28 -13.08 -48.05
C ASP Y 572 17.99 -11.74 -47.98
N LEU Y 573 18.67 -11.36 -49.08
CA LEU Y 573 19.36 -10.08 -49.12
C LEU Y 573 18.39 -8.92 -49.04
N TYR Y 574 17.23 -9.07 -49.65
CA TYR Y 574 16.23 -8.02 -49.59
C TYR Y 574 15.84 -7.78 -48.14
N LYS Y 575 15.45 -8.84 -47.44
CA LYS Y 575 15.08 -8.70 -46.04
C LYS Y 575 16.22 -8.10 -45.21
N ALA Y 576 17.43 -8.61 -45.40
CA ALA Y 576 18.56 -8.12 -44.63
C ALA Y 576 18.82 -6.64 -44.90
N MET Y 577 18.75 -6.24 -46.17
CA MET Y 577 19.03 -4.87 -46.52
C MET Y 577 17.95 -3.93 -46.03
N SER Y 578 16.69 -4.37 -46.06
CA SER Y 578 15.62 -3.55 -45.50
C SER Y 578 15.86 -3.32 -44.01
N ASP Y 579 16.18 -4.38 -43.28
CA ASP Y 579 16.49 -4.22 -41.87
C ASP Y 579 17.68 -3.28 -41.68
N ALA Y 580 18.70 -3.42 -42.52
CA ALA Y 580 19.91 -2.61 -42.38
C ALA Y 580 19.61 -1.14 -42.62
N MET Y 581 18.81 -0.83 -43.62
CA MET Y 581 18.59 0.55 -44.02
C MET Y 581 17.39 1.17 -43.35
N LYS Y 582 16.74 0.45 -42.44
CA LYS Y 582 15.80 1.05 -41.50
C LYS Y 582 16.46 1.59 -40.25
N ASP Y 583 17.77 1.41 -40.09
CA ASP Y 583 18.41 1.74 -38.82
C ASP Y 583 18.52 3.26 -38.65
N PRO Y 584 18.78 3.74 -37.43
CA PRO Y 584 18.70 5.19 -37.18
C PRO Y 584 19.56 6.04 -38.06
N GLU Y 585 20.69 5.54 -38.56
CA GLU Y 585 21.60 6.38 -39.32
C GLU Y 585 20.92 6.97 -40.55
N PHE Y 586 19.99 6.23 -41.14
CA PHE Y 586 19.36 6.63 -42.40
C PHE Y 586 17.89 7.03 -42.23
N SER Y 587 17.27 6.69 -41.12
CA SER Y 587 15.83 6.87 -41.01
C SER Y 587 15.46 7.96 -40.00
N THR Y 588 16.24 8.10 -38.93
CA THR Y 588 15.75 8.89 -37.80
C THR Y 588 15.93 10.39 -38.00
N GLY Y 589 17.17 10.86 -38.08
CA GLY Y 589 17.45 12.28 -38.01
C GLY Y 589 17.09 13.02 -39.28
N GLY Y 590 17.79 14.13 -39.49
CA GLY Y 590 17.70 14.79 -40.77
C GLY Y 590 18.23 13.89 -41.88
N ALA Y 591 17.61 13.99 -43.05
CA ALA Y 591 17.91 13.05 -44.12
C ALA Y 591 19.33 13.22 -44.61
N LYS Y 592 20.21 12.29 -44.21
CA LYS Y 592 21.60 12.36 -44.64
C LYS Y 592 21.73 12.14 -46.14
N MET Y 593 21.08 11.11 -46.66
CA MET Y 593 21.22 10.69 -48.04
C MET Y 593 19.89 10.19 -48.55
N SER Y 594 19.77 10.14 -49.87
CA SER Y 594 18.61 9.54 -50.49
C SER Y 594 18.58 8.04 -50.22
N ARG Y 595 17.41 7.45 -50.41
CA ARG Y 595 17.26 6.02 -50.20
C ARG Y 595 18.20 5.21 -51.08
N GLU Y 596 18.32 5.61 -52.34
CA GLU Y 596 19.28 4.97 -53.24
C GLU Y 596 20.69 5.08 -52.69
N GLU Y 597 21.03 6.24 -52.12
CA GLU Y 597 22.38 6.42 -51.61
C GLU Y 597 22.60 5.66 -50.32
N THR Y 598 21.58 5.52 -49.48
CA THR Y 598 21.72 4.66 -48.31
C THR Y 598 21.96 3.22 -48.73
N ARG Y 599 21.23 2.76 -49.74
CA ARG Y 599 21.43 1.41 -50.24
C ARG Y 599 22.85 1.24 -50.76
N TYR Y 600 23.34 2.22 -51.53
CA TYR Y 600 24.71 2.16 -52.01
C TYR Y 600 25.71 2.14 -50.87
N THR Y 601 25.52 2.96 -49.85
CA THR Y 601 26.48 3.00 -48.75
C THR Y 601 26.51 1.67 -48.02
N ILE Y 602 25.36 1.06 -47.81
CA ILE Y 602 25.33 -0.21 -47.09
C ILE Y 602 25.99 -1.31 -47.92
N TYR Y 603 25.67 -1.36 -49.21
CA TYR Y 603 26.30 -2.37 -50.06
C TYR Y 603 27.80 -2.18 -50.13
N ARG Y 604 28.24 -0.92 -50.22
CA ARG Y 604 29.67 -0.64 -50.27
C ARG Y 604 30.35 -1.01 -48.97
N ARG Y 605 29.71 -0.72 -47.83
CA ARG Y 605 30.27 -1.14 -46.55
C ARG Y 605 30.42 -2.65 -46.49
N ALA Y 606 29.40 -3.38 -46.93
CA ALA Y 606 29.49 -4.83 -46.92
C ALA Y 606 30.61 -5.33 -47.81
N ALA Y 607 30.73 -4.76 -49.02
CA ALA Y 607 31.77 -5.22 -49.94
C ALA Y 607 33.17 -4.91 -49.42
N LEU Y 608 33.36 -3.70 -48.89
CA LEU Y 608 34.67 -3.34 -48.36
C LEU Y 608 35.02 -4.18 -47.15
N ALA Y 609 34.03 -4.52 -46.32
CA ALA Y 609 34.30 -5.41 -45.19
C ALA Y 609 34.63 -6.81 -45.66
N ILE Y 610 34.05 -7.23 -46.78
CA ILE Y 610 34.41 -8.52 -47.36
C ILE Y 610 35.87 -8.51 -47.81
N GLU Y 611 36.28 -7.44 -48.50
CA GLU Y 611 37.65 -7.41 -49.02
C GLU Y 611 38.66 -7.16 -47.91
N ARG Y 612 38.36 -6.27 -46.97
CA ARG Y 612 39.22 -6.05 -45.80
C ARG Y 612 38.45 -6.47 -44.56
N PRO Y 613 38.71 -7.64 -44.00
CA PRO Y 613 37.93 -8.09 -42.84
C PRO Y 613 38.08 -7.22 -41.61
N GLU Y 614 39.11 -6.38 -41.53
CA GLU Y 614 39.25 -5.53 -40.36
C GLU Y 614 38.11 -4.53 -40.26
N LEU Y 615 37.48 -4.19 -41.39
CA LEU Y 615 36.37 -3.25 -41.38
C LEU Y 615 35.12 -3.85 -40.78
N GLN Y 616 35.09 -5.18 -40.59
CA GLN Y 616 33.86 -5.83 -40.16
C GLN Y 616 33.47 -5.44 -38.75
N LYS Y 617 34.43 -5.05 -37.91
CA LYS Y 617 34.10 -4.62 -36.56
C LYS Y 617 33.35 -3.30 -36.56
N ALA Y 618 33.35 -2.58 -37.68
CA ALA Y 618 32.67 -1.30 -37.80
C ALA Y 618 31.24 -1.44 -38.31
N LEU Y 619 30.80 -2.63 -38.69
CA LEU Y 619 29.44 -2.81 -39.16
C LEU Y 619 28.47 -3.03 -38.01
N THR Y 620 27.30 -2.41 -38.11
CA THR Y 620 26.22 -2.72 -37.21
C THR Y 620 25.74 -4.14 -37.49
N PRO Y 621 25.07 -4.77 -36.52
CA PRO Y 621 24.66 -6.16 -36.72
C PRO Y 621 23.84 -6.39 -37.98
N SER Y 622 22.99 -5.42 -38.35
CA SER Y 622 22.20 -5.57 -39.57
C SER Y 622 23.09 -5.56 -40.81
N GLU Y 623 24.03 -4.61 -40.89
CA GLU Y 623 24.98 -4.62 -41.99
C GLU Y 623 25.88 -5.85 -41.92
N ARG Y 624 26.11 -6.37 -40.72
CA ARG Y 624 26.87 -7.62 -40.59
C ARG Y 624 26.11 -8.76 -41.26
N ILE Y 625 24.80 -8.84 -41.05
CA ILE Y 625 24.01 -9.87 -41.71
C ILE Y 625 24.03 -9.68 -43.21
N VAL Y 626 23.89 -8.43 -43.67
CA VAL Y 626 23.95 -8.16 -45.10
C VAL Y 626 25.28 -8.63 -45.68
N MET Y 627 26.38 -8.31 -45.01
CA MET Y 627 27.69 -8.67 -45.51
C MET Y 627 27.86 -10.18 -45.53
N ASP Y 628 27.33 -10.85 -44.51
CA ASP Y 628 27.43 -12.31 -44.46
C ASP Y 628 26.68 -12.95 -45.60
N ILE Y 629 25.47 -12.46 -45.89
CA ILE Y 629 24.71 -12.97 -47.02
C ILE Y 629 25.47 -12.78 -48.32
N ILE Y 630 25.99 -11.57 -48.54
CA ILE Y 630 26.70 -11.29 -49.79
C ILE Y 630 27.97 -12.14 -49.89
N LYS Y 631 28.71 -12.25 -48.80
CA LYS Y 631 29.92 -13.06 -48.77
C LYS Y 631 29.63 -14.52 -49.07
N ARG Y 632 28.60 -15.07 -48.43
CA ARG Y 632 28.27 -16.46 -48.66
C ARG Y 632 27.84 -16.68 -50.11
N HIS Y 633 27.07 -15.75 -50.66
CA HIS Y 633 26.65 -15.86 -52.05
C HIS Y 633 27.85 -15.88 -52.99
N PHE Y 634 28.77 -14.93 -52.82
CA PHE Y 634 29.90 -14.83 -53.74
C PHE Y 634 30.86 -15.99 -53.54
N ASP Y 635 31.03 -16.44 -52.30
CA ASP Y 635 31.86 -17.62 -52.03
C ASP Y 635 31.28 -18.85 -52.69
N THR Y 636 29.96 -19.02 -52.64
CA THR Y 636 29.34 -20.16 -53.30
C THR Y 636 29.49 -20.07 -54.81
N LYS Y 637 29.30 -18.88 -55.39
CA LYS Y 637 29.48 -18.74 -56.82
C LYS Y 637 30.91 -19.12 -57.22
N ARG Y 638 31.89 -18.62 -56.47
CA ARG Y 638 33.28 -18.97 -56.75
C ARG Y 638 33.49 -20.46 -56.64
N GLU Y 639 32.90 -21.09 -55.64
CA GLU Y 639 33.10 -22.52 -55.44
C GLU Y 639 32.51 -23.33 -56.59
N LEU Y 640 31.39 -22.87 -57.15
CA LEU Y 640 30.83 -23.54 -58.32
C LEU Y 640 31.65 -23.28 -59.57
N MET Y 641 32.24 -22.10 -59.70
CA MET Y 641 33.06 -21.83 -60.89
C MET Y 641 34.39 -22.56 -60.84
N GLU Y 642 34.96 -22.73 -59.64
CA GLU Y 642 36.20 -23.47 -59.53
C GLU Y 642 36.00 -24.94 -59.79
N ASN Y 643 34.88 -25.51 -59.36
CA ASN Y 643 34.59 -26.93 -59.51
C ASN Y 643 33.24 -27.07 -60.19
N PRO Y 644 33.17 -26.84 -61.50
CA PRO Y 644 31.91 -27.04 -62.22
C PRO Y 644 31.59 -28.51 -62.44
N ALA Y 645 32.45 -29.40 -61.96
CA ALA Y 645 32.22 -30.83 -62.03
C ALA Y 645 31.44 -31.35 -60.83
N ILE Y 646 30.99 -30.47 -59.93
CA ILE Y 646 30.08 -30.91 -58.88
C ILE Y 646 28.78 -31.39 -59.50
N PHE Y 647 28.47 -30.87 -60.68
CA PHE Y 647 27.36 -31.40 -61.47
C PHE Y 647 27.86 -32.65 -62.19
N GLY Y 648 27.12 -33.11 -63.19
CA GLY Y 648 27.40 -34.43 -63.75
C GLY Y 648 28.77 -34.56 -64.38
N ASN Y 649 29.19 -33.55 -65.12
CA ASN Y 649 30.34 -33.71 -66.02
C ASN Y 649 31.63 -33.79 -65.22
N THR Y 650 32.34 -34.90 -65.35
CA THR Y 650 33.61 -35.05 -64.63
C THR Y 650 34.72 -34.27 -65.31
N LYS Y 651 34.61 -34.04 -66.62
CA LYS Y 651 35.63 -33.28 -67.35
C LYS Y 651 35.25 -31.80 -67.43
N ALA Y 652 34.92 -31.24 -66.27
CA ALA Y 652 34.58 -29.83 -66.15
C ALA Y 652 35.60 -29.18 -65.23
N VAL Y 653 36.22 -28.11 -65.69
CA VAL Y 653 37.41 -27.59 -65.01
C VAL Y 653 37.42 -26.07 -64.95
N SER Y 654 37.03 -25.52 -63.80
CA SER Y 654 37.51 -24.22 -63.30
C SER Y 654 37.40 -23.09 -64.33
N ILE Y 655 36.16 -22.69 -64.62
CA ILE Y 655 35.98 -21.45 -65.38
C ILE Y 655 36.50 -20.25 -64.61
N PHE Y 656 36.80 -20.40 -63.33
CA PHE Y 656 37.27 -19.29 -62.53
C PHE Y 656 38.62 -18.80 -63.04
N PRO Y 657 38.82 -17.50 -63.20
CA PRO Y 657 39.98 -17.02 -63.95
C PRO Y 657 41.31 -17.21 -63.24
N GLU Y 658 41.40 -16.82 -61.97
CA GLU Y 658 42.66 -16.83 -61.25
C GLU Y 658 42.44 -17.44 -59.87
N SER Y 659 42.51 -18.76 -59.79
CA SER Y 659 42.52 -19.41 -58.50
C SER Y 659 43.89 -19.21 -57.85
N ARG Y 660 44.08 -19.86 -56.70
CA ARG Y 660 45.25 -19.68 -55.84
C ARG Y 660 45.22 -18.28 -55.21
N HIS Y 661 44.23 -17.48 -55.56
CA HIS Y 661 43.94 -16.21 -54.92
C HIS Y 661 42.78 -16.46 -53.97
N LYS Y 662 43.08 -16.94 -52.79
CA LYS Y 662 42.08 -17.48 -51.87
C LYS Y 662 41.43 -16.33 -51.13
N GLY Y 663 40.24 -15.94 -51.57
CA GLY Y 663 39.48 -14.89 -50.92
C GLY Y 663 38.21 -14.63 -51.68
N THR Y 664 37.23 -14.05 -50.97
CA THR Y 664 35.94 -13.80 -51.58
C THR Y 664 36.07 -12.78 -52.70
N TYR Y 665 35.61 -13.15 -53.89
CA TYR Y 665 35.67 -12.28 -55.06
C TYR Y 665 34.36 -11.52 -55.19
N VAL Y 666 34.35 -10.29 -54.71
CA VAL Y 666 33.29 -9.34 -55.03
C VAL Y 666 33.56 -8.81 -56.43
N PRO Y 667 32.61 -8.91 -57.35
CA PRO Y 667 32.91 -8.59 -58.75
C PRO Y 667 33.46 -7.18 -58.92
N HIS Y 668 34.47 -7.06 -59.76
CA HIS Y 668 35.12 -5.78 -60.01
C HIS Y 668 34.48 -5.18 -61.26
N VAL Y 669 33.66 -4.16 -61.06
CA VAL Y 669 33.05 -3.41 -62.13
C VAL Y 669 33.31 -1.94 -61.85
N TYR Y 670 33.70 -1.19 -62.88
CA TYR Y 670 34.15 0.17 -62.70
C TYR Y 670 33.14 1.13 -63.32
N ASP Y 671 32.80 2.18 -62.59
CA ASP Y 671 31.84 3.15 -63.09
C ASP Y 671 32.37 3.82 -64.34
N ARG Y 672 31.50 3.93 -65.35
CA ARG Y 672 31.86 4.65 -66.56
C ARG Y 672 32.16 6.11 -66.24
N HIS Y 673 31.38 6.70 -65.35
CA HIS Y 673 31.49 8.13 -65.10
C HIS Y 673 32.60 8.44 -64.12
N ALA Y 674 32.93 7.51 -63.22
CA ALA Y 674 34.15 7.68 -62.43
C ALA Y 674 35.38 7.70 -63.33
N LYS Y 675 35.43 6.79 -64.30
CA LYS Y 675 36.53 6.81 -65.26
C LYS Y 675 36.51 8.10 -66.07
N ALA Y 676 35.33 8.56 -66.47
CA ALA Y 676 35.26 9.80 -67.23
C ALA Y 676 35.78 10.97 -66.41
N LEU Y 677 35.46 11.00 -65.12
CA LEU Y 677 35.98 12.04 -64.24
C LEU Y 677 37.50 11.96 -64.12
N MET Y 678 38.04 10.75 -63.98
CA MET Y 678 39.50 10.60 -63.91
C MET Y 678 40.18 10.71 -65.26
N ILE Y 679 39.42 10.89 -66.34
CA ILE Y 679 39.98 11.20 -67.64
C ILE Y 679 39.87 12.69 -67.98
N GLN Y 680 38.84 13.38 -67.51
CA GLN Y 680 38.75 14.83 -67.74
C GLN Y 680 40.03 15.52 -67.31
N ARG Y 681 40.57 15.11 -66.17
CA ARG Y 681 41.95 15.38 -65.79
C ARG Y 681 42.71 14.07 -65.86
N TYR Y 682 43.96 14.13 -66.28
CA TYR Y 682 44.82 12.96 -66.41
C TYR Y 682 44.22 11.97 -67.40
N GLY Y 683 44.20 12.38 -68.67
CA GLY Y 683 43.29 11.77 -69.62
C GLY Y 683 43.38 10.27 -69.71
N ALA Y 684 44.43 9.74 -70.31
CA ALA Y 684 44.44 8.30 -70.57
C ALA Y 684 45.62 7.64 -69.88
N GLU Y 685 46.82 8.18 -70.13
CA GLU Y 685 48.01 7.63 -69.49
C GLU Y 685 48.00 7.94 -68.00
N GLY Y 686 47.41 9.08 -67.62
CA GLY Y 686 47.35 9.42 -66.21
C GLY Y 686 46.48 8.47 -65.41
N LEU Y 687 45.28 8.18 -65.91
CA LEU Y 687 44.41 7.26 -65.20
C LEU Y 687 44.98 5.84 -65.22
N GLN Y 688 45.52 5.42 -66.36
CA GLN Y 688 46.14 4.10 -66.44
C GLN Y 688 47.25 3.96 -65.42
N GLU Y 689 48.13 4.94 -65.36
CA GLU Y 689 49.30 4.81 -64.50
C GLU Y 689 48.91 4.99 -63.04
N GLY Y 690 47.83 5.74 -62.77
CA GLY Y 690 47.31 5.79 -61.42
C GLY Y 690 46.76 4.46 -60.97
N ILE Y 691 46.02 3.78 -61.84
CA ILE Y 691 45.50 2.45 -61.50
C ILE Y 691 46.66 1.50 -61.26
N ALA Y 692 47.64 1.52 -62.15
CA ALA Y 692 48.80 0.63 -62.02
C ALA Y 692 49.56 0.91 -60.73
N ARG Y 693 49.71 2.19 -60.39
CA ARG Y 693 50.50 2.54 -59.22
C ARG Y 693 49.77 2.21 -57.93
N SER Y 694 48.44 2.33 -57.91
CA SER Y 694 47.70 1.89 -56.73
C SER Y 694 47.80 0.37 -56.56
N TRP Y 695 47.71 -0.36 -57.66
CA TRP Y 695 47.91 -1.81 -57.58
C TRP Y 695 49.30 -2.15 -57.08
N MET Y 696 50.31 -1.42 -57.56
CA MET Y 696 51.67 -1.68 -57.12
C MET Y 696 51.86 -1.31 -55.65
N ASN Y 697 51.14 -0.29 -55.18
CA ASN Y 697 51.15 0.01 -53.76
C ASN Y 697 50.66 -1.18 -52.96
N SER Y 698 49.58 -1.81 -53.43
CA SER Y 698 49.14 -3.04 -52.79
C SER Y 698 50.21 -4.12 -52.85
N TYR Y 699 50.87 -4.26 -54.00
CA TYR Y 699 51.86 -5.31 -54.21
C TYR Y 699 53.01 -5.18 -53.22
N VAL Y 700 53.58 -3.98 -53.13
CA VAL Y 700 54.73 -3.76 -52.26
C VAL Y 700 54.30 -3.78 -50.80
N SER Y 701 53.09 -3.30 -50.51
CA SER Y 701 52.66 -3.19 -49.11
C SER Y 701 52.39 -4.54 -48.49
N ARG Y 702 51.65 -5.40 -49.18
CA ARG Y 702 51.20 -6.62 -48.53
C ARG Y 702 51.92 -7.84 -49.08
N PRO Y 703 52.49 -8.67 -48.21
CA PRO Y 703 53.31 -9.79 -48.70
C PRO Y 703 52.51 -10.88 -49.38
N GLU Y 704 51.25 -11.08 -49.01
CA GLU Y 704 50.43 -12.08 -49.70
C GLU Y 704 50.17 -11.68 -51.14
N VAL Y 705 49.91 -10.40 -51.37
CA VAL Y 705 49.73 -9.90 -52.73
C VAL Y 705 51.00 -10.14 -53.54
N LYS Y 706 52.15 -9.81 -52.95
CA LYS Y 706 53.41 -10.02 -53.63
C LYS Y 706 53.61 -11.49 -53.94
N ALA Y 707 53.29 -12.37 -52.99
CA ALA Y 707 53.48 -13.79 -53.19
C ALA Y 707 52.65 -14.30 -54.35
N ARG Y 708 51.35 -13.97 -54.36
CA ARG Y 708 50.50 -14.53 -55.41
C ARG Y 708 50.83 -13.93 -56.77
N VAL Y 709 51.15 -12.63 -56.81
CA VAL Y 709 51.52 -12.02 -58.08
C VAL Y 709 52.82 -12.61 -58.60
N ASP Y 710 53.79 -12.84 -57.71
CA ASP Y 710 55.05 -13.43 -58.13
C ASP Y 710 54.85 -14.85 -58.63
N GLU Y 711 53.99 -15.62 -57.97
CA GLU Y 711 53.72 -16.97 -58.45
C GLU Y 711 53.10 -16.96 -59.84
N MET Y 712 52.12 -16.07 -60.05
CA MET Y 712 51.51 -15.97 -61.37
C MET Y 712 52.55 -15.56 -62.42
N LEU Y 713 53.41 -14.60 -62.09
CA LEU Y 713 54.36 -14.10 -63.07
C LEU Y 713 55.43 -15.15 -63.38
N LYS Y 714 55.85 -15.90 -62.38
CA LYS Y 714 56.78 -17.00 -62.62
C LYS Y 714 56.15 -18.03 -63.55
N GLU Y 715 54.88 -18.38 -63.30
CA GLU Y 715 54.21 -19.35 -64.15
C GLU Y 715 54.02 -18.82 -65.56
N LEU Y 716 53.75 -17.51 -65.70
CA LEU Y 716 53.48 -16.93 -67.00
C LEU Y 716 54.75 -16.80 -67.83
N HIS Y 717 55.81 -16.25 -67.26
CA HIS Y 717 57.04 -16.01 -68.00
C HIS Y 717 58.03 -17.16 -67.91
N GLY Y 718 57.73 -18.18 -67.11
CA GLY Y 718 58.63 -19.31 -66.98
C GLY Y 718 60.01 -18.94 -66.47
N VAL Y 719 60.08 -18.02 -65.51
CA VAL Y 719 61.34 -17.52 -64.97
C VAL Y 719 61.31 -17.69 -63.47
N LYS Y 720 62.46 -18.10 -62.90
CA LYS Y 720 62.52 -18.41 -61.48
C LYS Y 720 62.40 -17.16 -60.62
N GLU Y 721 62.95 -16.04 -61.07
CA GLU Y 721 62.89 -14.79 -60.34
C GLU Y 721 62.02 -13.79 -61.10
N VAL Y 722 61.33 -12.94 -60.36
CA VAL Y 722 60.49 -11.89 -60.93
C VAL Y 722 61.15 -10.55 -60.66
N THR Y 723 61.44 -9.81 -61.72
CA THR Y 723 61.95 -8.46 -61.59
C THR Y 723 60.80 -7.48 -61.38
N PRO Y 724 61.04 -6.38 -60.66
CA PRO Y 724 60.00 -5.35 -60.53
C PRO Y 724 59.55 -4.79 -61.85
N GLU Y 725 60.40 -4.83 -62.87
CA GLU Y 725 59.98 -4.40 -64.20
C GLU Y 725 58.84 -5.27 -64.72
N MET Y 726 58.93 -6.58 -64.48
CA MET Y 726 57.88 -7.49 -64.95
C MET Y 726 56.54 -7.19 -64.28
N VAL Y 727 56.55 -7.00 -62.96
CA VAL Y 727 55.28 -6.75 -62.26
C VAL Y 727 54.73 -5.38 -62.63
N GLU Y 728 55.61 -4.39 -62.82
CA GLU Y 728 55.13 -3.09 -63.26
C GLU Y 728 54.49 -3.17 -64.64
N LYS Y 729 55.12 -3.91 -65.56
CA LYS Y 729 54.55 -4.05 -66.90
C LYS Y 729 53.23 -4.80 -66.85
N TYR Y 730 53.14 -5.82 -66.00
CA TYR Y 730 51.89 -6.54 -65.83
C TYR Y 730 50.79 -5.63 -65.30
N ALA Y 731 51.10 -4.81 -64.30
CA ALA Y 731 50.10 -3.91 -63.74
C ALA Y 731 49.67 -2.89 -64.78
N MET Y 732 50.62 -2.38 -65.58
CA MET Y 732 50.27 -1.43 -66.63
C MET Y 732 49.36 -2.07 -67.68
N ASP Y 733 49.67 -3.30 -68.08
CA ASP Y 733 48.84 -3.98 -69.06
C ASP Y 733 47.44 -4.22 -68.52
N LYS Y 734 47.33 -4.64 -67.26
CA LYS Y 734 46.01 -4.88 -66.70
C LYS Y 734 45.24 -3.58 -66.50
N ALA Y 735 45.94 -2.48 -66.20
CA ALA Y 735 45.27 -1.20 -66.06
C ALA Y 735 44.85 -0.63 -67.40
N TYR Y 736 45.50 -1.07 -68.47
CA TYR Y 736 45.10 -0.63 -69.80
C TYR Y 736 43.67 -1.05 -70.11
N GLY Y 737 43.26 -2.24 -69.66
CA GLY Y 737 41.90 -2.68 -69.90
C GLY Y 737 40.88 -1.77 -69.26
N ILE Y 738 41.15 -1.29 -68.05
CA ILE Y 738 40.22 -0.38 -67.39
C ILE Y 738 40.27 1.01 -68.02
N SER Y 739 41.48 1.51 -68.29
CA SER Y 739 41.62 2.91 -68.68
C SER Y 739 41.17 3.14 -70.12
N HIS Y 740 41.53 2.24 -71.03
CA HIS Y 740 41.29 2.47 -72.45
C HIS Y 740 40.19 1.58 -73.03
N SER Y 741 39.42 0.89 -72.19
CA SER Y 741 38.34 0.05 -72.67
C SER Y 741 37.21 0.05 -71.66
N ASP Y 742 35.99 0.00 -72.15
CA ASP Y 742 34.82 -0.10 -71.30
C ASP Y 742 34.27 -1.51 -71.23
N GLN Y 743 35.13 -2.50 -71.46
CA GLN Y 743 34.72 -3.88 -71.28
C GLN Y 743 34.34 -4.17 -69.83
N PHE Y 744 35.07 -3.59 -68.88
CA PHE Y 744 34.85 -3.87 -67.47
C PHE Y 744 33.95 -2.85 -66.80
N THR Y 745 33.41 -1.90 -67.54
CA THR Y 745 32.49 -0.93 -66.98
C THR Y 745 31.09 -1.49 -66.90
N ASN Y 746 30.12 -0.61 -66.63
CA ASN Y 746 28.72 -1.00 -66.54
C ASN Y 746 28.26 -1.61 -67.85
N SER Y 747 28.27 -0.80 -68.93
CA SER Y 747 28.13 -1.30 -70.31
C SER Y 747 26.93 -2.23 -70.47
N SER Y 748 25.78 -1.78 -69.98
CA SER Y 748 24.56 -2.57 -70.16
C SER Y 748 24.12 -2.56 -71.62
N ILE Y 749 24.35 -1.46 -72.33
CA ILE Y 749 23.79 -1.28 -73.67
C ILE Y 749 24.40 -2.27 -74.66
N ILE Y 750 25.71 -2.52 -74.57
CA ILE Y 750 26.35 -3.45 -75.49
C ILE Y 750 25.87 -4.88 -75.22
N GLU Y 751 25.62 -5.21 -73.94
CA GLU Y 751 25.03 -6.50 -73.62
C GLU Y 751 23.60 -6.59 -74.13
N GLU Y 752 22.92 -5.45 -74.24
CA GLU Y 752 21.55 -5.46 -74.74
C GLU Y 752 21.49 -6.00 -76.17
N ASN Y 753 22.49 -5.68 -76.99
CA ASN Y 753 22.59 -6.27 -78.31
C ASN Y 753 22.98 -7.73 -78.21
N ILE Y 754 22.32 -8.58 -79.00
CA ILE Y 754 22.47 -10.02 -78.88
C ILE Y 754 22.95 -10.69 -80.17
N GLU Y 755 22.98 -9.97 -81.29
CA GLU Y 755 23.24 -10.60 -82.57
C GLU Y 755 24.68 -11.08 -82.69
N GLY Y 756 24.85 -12.26 -83.27
CA GLY Y 756 26.16 -12.76 -83.68
C GLY Y 756 26.92 -13.61 -82.69
N LEU Y 757 26.47 -13.69 -81.43
CA LEU Y 757 27.14 -14.40 -80.35
C LEU Y 757 28.57 -13.94 -80.13
N VAL Y 758 28.86 -12.65 -80.26
CA VAL Y 758 30.24 -12.19 -80.13
C VAL Y 758 30.64 -12.09 -78.67
N GLY Y 759 29.81 -11.44 -77.85
CA GLY Y 759 30.24 -11.12 -76.50
C GLY Y 759 29.86 -12.19 -75.48
N ILE Y 760 29.27 -13.30 -75.93
CA ILE Y 760 29.02 -14.40 -75.01
C ILE Y 760 30.33 -14.97 -74.52
N GLU Y 761 31.31 -15.09 -75.41
CA GLU Y 761 32.69 -15.29 -75.02
C GLU Y 761 33.15 -14.10 -74.18
N ASN Y 762 34.20 -14.31 -73.39
CA ASN Y 762 34.80 -13.22 -72.63
C ASN Y 762 33.83 -12.60 -71.64
N ASN Y 763 33.45 -13.36 -70.62
CA ASN Y 763 32.76 -12.81 -69.46
C ASN Y 763 33.58 -11.65 -68.90
N SER Y 764 32.91 -10.50 -68.70
CA SER Y 764 33.63 -9.31 -68.25
C SER Y 764 33.92 -9.38 -66.75
N PHE Y 765 33.01 -9.97 -65.98
CA PHE Y 765 33.20 -10.03 -64.53
C PHE Y 765 34.42 -10.87 -64.17
N LEU Y 766 34.66 -11.94 -64.93
CA LEU Y 766 35.82 -12.78 -64.65
C LEU Y 766 37.10 -12.14 -65.14
N GLU Y 767 37.06 -11.43 -66.27
CA GLU Y 767 38.28 -10.83 -66.79
C GLU Y 767 38.69 -9.60 -66.00
N ALA Y 768 37.74 -8.98 -65.30
CA ALA Y 768 38.08 -7.82 -64.48
C ALA Y 768 38.91 -8.24 -63.27
N ARG Y 769 38.95 -9.53 -62.98
CA ARG Y 769 39.71 -10.09 -61.87
C ARG Y 769 41.20 -9.84 -62.04
N ASN Y 770 41.85 -9.43 -60.95
CA ASN Y 770 43.29 -9.25 -60.90
C ASN Y 770 43.79 -9.67 -59.53
N LEU Y 771 45.10 -9.87 -59.42
CA LEU Y 771 45.67 -10.34 -58.16
C LEU Y 771 46.00 -9.22 -57.19
N PHE Y 772 46.01 -7.97 -57.64
CA PHE Y 772 46.33 -6.87 -56.75
C PHE Y 772 45.13 -6.52 -55.87
N ASP Y 773 45.34 -5.60 -54.95
CA ASP Y 773 44.26 -5.03 -54.15
C ASP Y 773 44.02 -3.59 -54.57
N SER Y 774 42.76 -3.25 -54.80
CA SER Y 774 42.37 -1.92 -55.21
C SER Y 774 42.23 -0.97 -54.04
N ASP Y 775 42.68 -1.38 -52.86
CA ASP Y 775 42.32 -0.68 -51.63
C ASP Y 775 43.22 0.51 -51.37
N LEU Y 776 44.53 0.34 -51.55
CA LEU Y 776 45.48 1.40 -51.29
C LEU Y 776 45.45 2.44 -52.41
N SER Y 777 45.67 3.69 -52.03
CA SER Y 777 45.56 4.82 -52.95
C SER Y 777 46.95 5.32 -53.33
N ILE Y 778 47.00 6.04 -54.44
CA ILE Y 778 48.22 6.67 -54.93
C ILE Y 778 47.96 8.15 -55.05
N THR Y 779 48.96 8.97 -54.71
CA THR Y 779 48.81 10.41 -54.88
C THR Y 779 49.13 10.78 -56.32
N MET Y 780 48.20 11.47 -56.97
CA MET Y 780 48.32 11.86 -58.36
C MET Y 780 49.16 13.12 -58.46
N PRO Y 781 49.65 13.46 -59.66
CA PRO Y 781 50.57 14.61 -59.77
C PRO Y 781 50.00 15.91 -59.24
N ASP Y 782 48.68 16.09 -59.28
CA ASP Y 782 48.08 17.28 -58.72
C ASP Y 782 47.93 17.21 -57.21
N GLY Y 783 48.35 16.12 -56.58
CA GLY Y 783 48.32 15.99 -55.14
C GLY Y 783 47.14 15.24 -54.58
N GLN Y 784 46.10 14.99 -55.38
CA GLN Y 784 44.94 14.29 -54.88
C GLN Y 784 45.16 12.78 -54.91
N GLN Y 785 44.53 12.08 -53.98
CA GLN Y 785 44.74 10.65 -53.79
C GLN Y 785 43.69 9.86 -54.53
N PHE Y 786 44.13 8.89 -55.33
CA PHE Y 786 43.24 8.04 -56.11
C PHE Y 786 43.50 6.58 -55.78
N SER Y 787 42.44 5.87 -55.47
CA SER Y 787 42.49 4.43 -55.25
C SER Y 787 41.63 3.76 -56.30
N VAL Y 788 42.03 2.56 -56.72
CA VAL Y 788 41.26 1.85 -57.73
C VAL Y 788 39.87 1.53 -57.20
N ASN Y 789 39.72 1.42 -55.89
CA ASN Y 789 38.39 1.22 -55.31
C ASN Y 789 37.48 2.41 -55.60
N ASP Y 790 38.06 3.58 -55.85
CA ASP Y 790 37.24 4.74 -56.18
C ASP Y 790 36.53 4.55 -57.50
N LEU Y 791 37.14 3.81 -58.42
CA LEU Y 791 36.50 3.55 -59.71
C LEU Y 791 35.38 2.54 -59.60
N ARG Y 792 35.48 1.63 -58.63
CA ARG Y 792 34.61 0.46 -58.61
C ARG Y 792 33.17 0.85 -58.32
N ASP Y 793 32.26 0.12 -58.95
CA ASP Y 793 30.83 0.25 -58.70
C ASP Y 793 30.40 -0.87 -57.78
N PHE Y 794 29.94 -0.49 -56.60
CA PHE Y 794 29.29 -1.39 -55.65
C PHE Y 794 27.80 -1.35 -55.93
N ASP Y 795 26.99 -1.65 -54.92
CA ASP Y 795 25.53 -1.59 -54.88
C ASP Y 795 24.79 -2.86 -55.30
N MET Y 796 25.45 -3.91 -55.80
CA MET Y 796 24.82 -5.23 -55.91
C MET Y 796 23.33 -5.18 -56.25
N PHE Y 797 22.92 -4.13 -56.95
CA PHE Y 797 21.55 -3.95 -57.38
C PHE Y 797 21.58 -4.16 -58.89
N ARG Y 798 22.51 -3.54 -59.61
CA ARG Y 798 22.77 -3.93 -60.98
C ARG Y 798 23.91 -4.94 -61.03
N ILE Y 799 24.65 -5.06 -59.94
CA ILE Y 799 25.96 -5.73 -60.01
C ILE Y 799 25.81 -7.21 -59.70
N MET Y 800 25.19 -7.54 -58.56
CA MET Y 800 24.97 -8.93 -58.22
C MET Y 800 24.10 -9.65 -59.26
N PRO Y 801 22.96 -9.12 -59.69
CA PRO Y 801 22.20 -9.82 -60.74
C PRO Y 801 22.98 -10.05 -62.03
N ALA Y 802 23.69 -9.05 -62.53
CA ALA Y 802 24.39 -9.22 -63.80
C ALA Y 802 25.53 -10.20 -63.68
N TYR Y 803 26.31 -10.09 -62.60
CA TYR Y 803 27.35 -11.07 -62.32
C TYR Y 803 26.74 -12.46 -62.27
N ASP Y 804 25.58 -12.59 -61.63
CA ASP Y 804 24.92 -13.89 -61.54
C ASP Y 804 24.53 -14.42 -62.90
N ARG Y 805 23.95 -13.58 -63.75
CA ARG Y 805 23.56 -14.04 -65.07
C ARG Y 805 24.75 -14.59 -65.84
N ARG Y 806 25.84 -13.80 -65.90
CA ARG Y 806 27.00 -14.26 -66.67
C ARG Y 806 27.61 -15.53 -66.07
N VAL Y 807 27.82 -15.54 -64.75
CA VAL Y 807 28.54 -16.66 -64.16
C VAL Y 807 27.66 -17.91 -64.15
N ASN Y 808 26.34 -17.74 -64.02
CA ASN Y 808 25.46 -18.90 -64.13
C ASN Y 808 25.49 -19.46 -65.54
N GLY Y 809 25.52 -18.60 -66.56
CA GLY Y 809 25.67 -19.10 -67.91
C GLY Y 809 26.94 -19.90 -68.09
N ASP Y 810 28.07 -19.37 -67.62
CA ASP Y 810 29.33 -20.06 -67.76
C ASP Y 810 29.36 -21.37 -66.97
N ILE Y 811 28.81 -21.33 -65.75
CA ILE Y 811 28.75 -22.53 -64.91
C ILE Y 811 27.91 -23.60 -65.58
N ALA Y 812 26.78 -23.21 -66.19
CA ALA Y 812 25.94 -24.18 -66.87
C ALA Y 812 26.66 -24.77 -68.07
N ILE Y 813 27.37 -23.93 -68.83
CA ILE Y 813 28.07 -24.43 -70.02
C ILE Y 813 29.11 -25.46 -69.62
N MET Y 814 29.91 -25.16 -68.58
CA MET Y 814 30.96 -26.12 -68.22
C MET Y 814 30.41 -27.31 -67.42
N GLY Y 815 29.32 -27.13 -66.70
CA GLY Y 815 28.77 -28.24 -65.94
C GLY Y 815 28.06 -29.25 -66.83
N SER Y 816 27.46 -28.78 -67.92
CA SER Y 816 26.83 -29.67 -68.86
C SER Y 816 27.83 -30.22 -69.85
N THR Y 817 28.46 -29.32 -70.60
CA THR Y 817 29.49 -29.70 -71.55
C THR Y 817 30.86 -29.51 -70.91
N GLY Y 818 31.80 -30.38 -71.25
CA GLY Y 818 33.16 -30.17 -70.80
C GLY Y 818 33.74 -28.88 -71.35
N LYS Y 819 33.13 -28.33 -72.39
CA LYS Y 819 33.67 -27.17 -73.09
C LYS Y 819 33.32 -25.87 -72.37
N THR Y 820 34.10 -24.83 -72.66
CA THR Y 820 33.81 -23.50 -72.14
C THR Y 820 32.80 -22.80 -73.02
N THR Y 821 32.52 -21.53 -72.70
CA THR Y 821 31.63 -20.74 -73.55
C THR Y 821 32.25 -20.52 -74.92
N LYS Y 822 33.55 -20.23 -74.96
CA LYS Y 822 34.22 -20.03 -76.24
C LYS Y 822 34.21 -21.29 -77.08
N GLU Y 823 34.50 -22.44 -76.47
CA GLU Y 823 34.53 -23.69 -77.24
C GLU Y 823 33.15 -24.06 -77.74
N LEU Y 824 32.12 -23.89 -76.91
CA LEU Y 824 30.77 -24.21 -77.35
C LEU Y 824 30.33 -23.27 -78.47
N LYS Y 825 30.64 -21.98 -78.34
CA LYS Y 825 30.30 -21.04 -79.40
C LYS Y 825 31.01 -21.41 -80.70
N ASP Y 826 32.30 -21.76 -80.61
CA ASP Y 826 33.03 -22.14 -81.81
C ASP Y 826 32.44 -23.39 -82.43
N GLU Y 827 32.05 -24.37 -81.61
CA GLU Y 827 31.41 -25.56 -82.13
C GLU Y 827 30.12 -25.23 -82.84
N ILE Y 828 29.32 -24.31 -82.30
CA ILE Y 828 28.04 -23.99 -82.91
C ILE Y 828 28.23 -23.24 -84.22
N LEU Y 829 29.21 -22.32 -84.28
CA LEU Y 829 29.51 -21.68 -85.55
C LEU Y 829 30.03 -22.68 -86.57
N ALA Y 830 30.81 -23.67 -86.13
CA ALA Y 830 31.24 -24.72 -87.04
C ALA Y 830 30.06 -25.53 -87.55
N LEU Y 831 29.09 -25.81 -86.69
CA LEU Y 831 27.88 -26.51 -87.12
C LEU Y 831 27.10 -25.69 -88.12
N LYS Y 832 27.03 -24.38 -87.91
CA LYS Y 832 26.38 -23.51 -88.90
C LYS Y 832 27.09 -23.58 -90.23
N ALA Y 833 28.42 -23.48 -90.22
CA ALA Y 833 29.19 -23.53 -91.46
C ALA Y 833 28.98 -24.87 -92.17
N LYS Y 834 28.91 -25.95 -91.40
CA LYS Y 834 28.68 -27.26 -92.00
C LYS Y 834 27.28 -27.34 -92.61
N ALA Y 835 26.25 -27.12 -91.80
CA ALA Y 835 24.87 -27.20 -92.28
C ALA Y 835 24.35 -25.82 -92.68
N GLU Y 836 25.14 -25.13 -93.50
CA GLU Y 836 24.67 -23.88 -94.09
C GLU Y 836 23.61 -24.13 -95.17
N GLY Y 837 23.49 -25.37 -95.62
CA GLY Y 837 22.56 -25.66 -96.71
C GLY Y 837 21.13 -25.85 -96.24
N ASP Y 838 20.88 -26.88 -95.43
CA ASP Y 838 19.54 -27.34 -95.13
C ASP Y 838 18.79 -26.32 -94.27
N GLY Y 839 17.53 -26.05 -94.65
CA GLY Y 839 16.71 -25.16 -93.86
C GLY Y 839 16.38 -25.74 -92.49
N LYS Y 840 16.08 -27.03 -92.45
CA LYS Y 840 15.80 -27.70 -91.17
C LYS Y 840 16.99 -27.62 -90.25
N LYS Y 841 18.19 -27.93 -90.76
CA LYS Y 841 19.38 -27.92 -89.91
C LYS Y 841 19.76 -26.51 -89.50
N THR Y 842 19.55 -25.53 -90.38
CA THR Y 842 19.79 -24.15 -89.99
C THR Y 842 18.84 -23.72 -88.88
N GLY Y 843 17.57 -24.12 -88.97
CA GLY Y 843 16.65 -23.84 -87.89
C GLY Y 843 17.07 -24.51 -86.60
N GLU Y 844 17.60 -25.72 -86.69
CA GLU Y 844 18.07 -26.43 -85.51
C GLU Y 844 19.25 -25.73 -84.87
N VAL Y 845 20.25 -25.34 -85.66
CA VAL Y 845 21.41 -24.67 -85.09
C VAL Y 845 21.03 -23.30 -84.57
N HIS Y 846 20.01 -22.67 -85.18
CA HIS Y 846 19.53 -21.40 -84.64
C HIS Y 846 18.83 -21.58 -83.31
N ALA Y 847 18.06 -22.66 -83.15
CA ALA Y 847 17.46 -22.94 -81.85
C ALA Y 847 18.53 -23.22 -80.81
N LEU Y 848 19.59 -23.94 -81.20
CA LEU Y 848 20.70 -24.20 -80.29
C LEU Y 848 21.40 -22.90 -79.89
N MET Y 849 21.60 -22.02 -80.86
CA MET Y 849 22.17 -20.69 -80.61
C MET Y 849 21.28 -19.90 -79.66
N ASP Y 850 19.96 -19.97 -79.86
CA ASP Y 850 19.04 -19.28 -78.97
C ASP Y 850 19.12 -19.85 -77.56
N THR Y 851 19.31 -21.16 -77.45
CA THR Y 851 19.53 -21.77 -76.14
C THR Y 851 20.77 -21.21 -75.46
N VAL Y 852 21.89 -21.13 -76.19
CA VAL Y 852 23.11 -20.58 -75.61
C VAL Y 852 22.90 -19.12 -75.21
N LYS Y 853 22.15 -18.38 -76.03
CA LYS Y 853 21.91 -16.96 -75.76
C LYS Y 853 21.05 -16.78 -74.51
N ILE Y 854 20.01 -17.61 -74.36
CA ILE Y 854 19.21 -17.61 -73.13
C ILE Y 854 20.08 -17.99 -71.94
N LEU Y 855 20.91 -19.01 -72.11
CA LEU Y 855 21.65 -19.60 -71.02
C LEU Y 855 22.70 -18.65 -70.48
N THR Y 856 23.43 -17.97 -71.35
CA THR Y 856 24.42 -17.01 -70.92
C THR Y 856 23.80 -15.71 -70.42
N GLY Y 857 22.49 -15.56 -70.54
CA GLY Y 857 21.82 -14.39 -70.01
C GLY Y 857 21.66 -13.24 -70.98
N ARG Y 858 22.02 -13.43 -72.25
CA ARG Y 858 21.89 -12.37 -73.23
C ARG Y 858 20.42 -11.99 -73.36
N ALA Y 859 19.61 -12.90 -73.90
CA ALA Y 859 18.16 -12.98 -73.68
C ALA Y 859 17.48 -11.63 -73.54
N ARG Y 860 17.01 -11.35 -72.30
CA ARG Y 860 16.28 -10.17 -71.82
C ARG Y 860 14.82 -10.54 -71.63
N ARG Y 861 14.41 -10.78 -70.38
CA ARG Y 861 13.07 -11.27 -70.08
C ARG Y 861 12.02 -10.17 -70.06
N ASN Y 862 12.42 -8.91 -69.89
CA ASN Y 862 11.52 -7.74 -69.82
C ASN Y 862 10.80 -7.64 -68.48
N GLN Y 863 10.18 -6.49 -68.23
CA GLN Y 863 9.48 -6.26 -66.98
C GLN Y 863 8.18 -7.05 -66.90
N ASP Y 864 7.63 -7.42 -68.06
CA ASP Y 864 6.29 -8.01 -68.08
C ASP Y 864 6.24 -9.41 -67.47
N THR Y 865 7.39 -10.03 -67.22
CA THR Y 865 7.40 -11.40 -66.74
C THR Y 865 6.98 -11.51 -65.27
N VAL Y 866 7.13 -10.42 -64.51
CA VAL Y 866 6.85 -10.52 -63.07
C VAL Y 866 5.38 -10.82 -62.84
N TRP Y 867 4.49 -10.12 -63.54
CA TRP Y 867 3.07 -10.26 -63.27
C TRP Y 867 2.50 -11.52 -63.93
N GLU Y 868 3.03 -11.92 -65.09
CA GLU Y 868 2.57 -13.16 -65.69
C GLU Y 868 3.05 -14.36 -64.89
N THR Y 869 4.30 -14.31 -64.40
CA THR Y 869 4.79 -15.35 -63.51
C THR Y 869 3.97 -15.39 -62.22
N SER Y 870 3.61 -14.23 -61.70
CA SER Y 870 2.75 -14.18 -60.52
C SER Y 870 1.39 -14.79 -60.81
N LEU Y 871 0.83 -14.52 -61.98
CA LEU Y 871 -0.47 -15.08 -62.33
C LEU Y 871 -0.41 -16.59 -62.39
N ARG Y 872 0.61 -17.13 -63.05
CA ARG Y 872 0.74 -18.59 -63.13
C ARG Y 872 0.93 -19.20 -61.75
N ALA Y 873 1.80 -18.61 -60.94
CA ALA Y 873 2.08 -19.18 -59.63
C ALA Y 873 0.87 -19.06 -58.71
N ILE Y 874 0.10 -17.97 -58.83
CA ILE Y 874 -1.08 -17.81 -57.99
C ILE Y 874 -2.19 -18.76 -58.42
N ASN Y 875 -2.28 -19.04 -59.71
CA ASN Y 875 -3.19 -20.10 -60.15
C ASN Y 875 -2.81 -21.44 -59.52
N ASP Y 876 -1.52 -21.76 -59.52
CA ASP Y 876 -1.09 -23.00 -58.88
C ASP Y 876 -1.41 -23.00 -57.39
N LEU Y 877 -1.17 -21.88 -56.72
CA LEU Y 877 -1.51 -21.76 -55.30
C LEU Y 877 -2.99 -22.01 -55.07
N GLY Y 878 -3.83 -21.46 -55.95
CA GLY Y 878 -5.26 -21.70 -55.84
C GLY Y 878 -5.61 -23.16 -55.97
N PHE Y 879 -4.85 -23.89 -56.78
CA PHE Y 879 -5.07 -25.33 -56.83
C PHE Y 879 -4.65 -26.02 -55.55
N PHE Y 880 -3.56 -25.58 -54.92
CA PHE Y 880 -3.02 -26.38 -53.83
C PHE Y 880 -2.96 -25.68 -52.47
N ALA Y 881 -2.44 -24.46 -52.38
CA ALA Y 881 -2.23 -23.79 -51.10
C ALA Y 881 -3.27 -22.70 -50.94
N LYS Y 882 -4.34 -23.00 -50.19
CA LYS Y 882 -5.48 -22.11 -50.14
C LYS Y 882 -5.16 -20.79 -49.45
N ASN Y 883 -4.56 -20.86 -48.26
CA ASN Y 883 -4.30 -19.65 -47.50
C ASN Y 883 -3.29 -18.75 -48.21
N ALA Y 884 -2.22 -19.35 -48.74
CA ALA Y 884 -1.27 -18.57 -49.53
C ALA Y 884 -1.93 -18.00 -50.77
N TYR Y 885 -2.81 -18.77 -51.41
CA TYR Y 885 -3.55 -18.30 -52.57
C TYR Y 885 -4.33 -17.04 -52.25
N MET Y 886 -5.10 -17.09 -51.16
CA MET Y 886 -5.95 -15.95 -50.80
C MET Y 886 -5.11 -14.75 -50.38
N GLY Y 887 -4.02 -15.00 -49.64
CA GLY Y 887 -3.14 -13.89 -49.27
C GLY Y 887 -2.51 -13.24 -50.49
N ALA Y 888 -2.12 -14.04 -51.47
CA ALA Y 888 -1.56 -13.48 -52.70
C ALA Y 888 -2.60 -12.67 -53.46
N GLN Y 889 -3.82 -13.18 -53.56
CA GLN Y 889 -4.88 -12.40 -54.20
C GLN Y 889 -5.12 -11.11 -53.46
N ASN Y 890 -5.12 -11.15 -52.13
CA ASN Y 890 -5.37 -9.95 -51.35
C ASN Y 890 -4.27 -8.92 -51.58
N ILE Y 891 -3.01 -9.36 -51.64
CA ILE Y 891 -1.93 -8.39 -51.80
C ILE Y 891 -1.97 -7.78 -53.20
N THR Y 892 -2.28 -8.59 -54.22
CA THR Y 892 -2.35 -8.02 -55.57
C THR Y 892 -3.58 -7.13 -55.74
N GLU Y 893 -4.69 -7.48 -55.08
CA GLU Y 893 -5.86 -6.62 -55.14
C GLU Y 893 -5.59 -5.29 -54.46
N ILE Y 894 -4.88 -5.32 -53.32
CA ILE Y 894 -4.51 -4.07 -52.66
C ILE Y 894 -3.62 -3.24 -53.55
N ALA Y 895 -2.63 -3.88 -54.20
CA ALA Y 895 -1.76 -3.13 -55.11
C ALA Y 895 -2.55 -2.50 -56.25
N GLY Y 896 -3.50 -3.25 -56.80
CA GLY Y 896 -4.33 -2.71 -57.86
C GLY Y 896 -5.17 -1.53 -57.41
N MET Y 897 -5.74 -1.60 -56.21
CA MET Y 897 -6.53 -0.48 -55.72
C MET Y 897 -5.66 0.73 -55.44
N ILE Y 898 -4.47 0.52 -54.89
CA ILE Y 898 -3.56 1.63 -54.65
C ILE Y 898 -3.24 2.34 -55.95
N VAL Y 899 -2.90 1.56 -56.98
CA VAL Y 899 -2.48 2.18 -58.22
C VAL Y 899 -3.65 2.83 -58.95
N THR Y 900 -4.85 2.24 -58.87
CA THR Y 900 -5.98 2.83 -59.57
C THR Y 900 -6.46 4.08 -58.86
N GLY Y 901 -6.38 4.10 -57.52
CA GLY Y 901 -6.66 5.33 -56.80
C GLY Y 901 -5.68 6.43 -57.16
N ASN Y 902 -4.40 6.07 -57.29
CA ASN Y 902 -3.42 7.05 -57.72
C ASN Y 902 -3.74 7.60 -59.10
N VAL Y 903 -4.10 6.70 -60.03
CA VAL Y 903 -4.38 7.13 -61.39
C VAL Y 903 -5.58 8.07 -61.40
N ARG Y 904 -6.64 7.73 -60.68
CA ARG Y 904 -7.81 8.59 -60.64
C ARG Y 904 -7.49 9.95 -60.03
N ALA Y 905 -6.84 9.95 -58.87
CA ALA Y 905 -6.58 11.21 -58.18
C ALA Y 905 -5.66 12.11 -58.98
N LEU Y 906 -4.62 11.54 -59.60
CA LEU Y 906 -3.67 12.38 -60.33
C LEU Y 906 -4.18 12.74 -61.71
N GLY Y 907 -5.09 11.93 -62.26
CA GLY Y 907 -5.79 12.35 -63.46
C GLY Y 907 -6.69 13.53 -63.19
N HIS Y 908 -7.27 13.57 -61.99
CA HIS Y 908 -8.04 14.75 -61.58
C HIS Y 908 -7.14 15.95 -61.33
N GLY Y 909 -6.08 15.76 -60.56
CA GLY Y 909 -5.38 16.90 -59.98
C GLY Y 909 -4.42 17.58 -60.93
N ILE Y 910 -3.41 16.86 -61.38
CA ILE Y 910 -2.39 17.41 -62.28
C ILE Y 910 -3.06 17.76 -63.60
N PRO Y 911 -2.99 19.01 -64.06
CA PRO Y 911 -3.73 19.42 -65.25
C PRO Y 911 -3.29 18.71 -66.52
N ILE Y 912 -1.98 18.74 -66.82
CA ILE Y 912 -1.50 18.26 -68.10
C ILE Y 912 -2.02 16.85 -68.36
N LEU Y 913 -2.09 16.02 -67.31
CA LEU Y 913 -2.62 14.68 -67.47
C LEU Y 913 -4.02 14.71 -68.05
N ARG Y 914 -4.97 15.27 -67.31
CA ARG Y 914 -6.38 15.21 -67.71
C ARG Y 914 -6.61 15.90 -69.04
N ASP Y 915 -5.98 17.06 -69.24
CA ASP Y 915 -6.26 17.81 -70.47
C ASP Y 915 -5.67 17.12 -71.70
N THR Y 916 -4.42 16.66 -71.63
CA THR Y 916 -3.77 16.21 -72.85
C THR Y 916 -3.36 14.74 -72.84
N LEU Y 917 -2.80 14.23 -71.75
CA LEU Y 917 -2.15 12.93 -71.79
C LEU Y 917 -3.07 11.80 -71.34
N TYR Y 918 -3.80 11.96 -70.24
CA TYR Y 918 -4.75 10.94 -69.86
C TYR Y 918 -5.97 10.96 -70.76
N LYS Y 919 -6.20 12.08 -71.44
CA LYS Y 919 -7.30 12.16 -72.39
C LYS Y 919 -7.03 11.29 -73.60
N SER Y 920 -8.09 10.70 -74.15
CA SER Y 920 -7.93 9.84 -75.32
C SER Y 920 -7.75 10.65 -76.59
N LYS Y 921 -8.07 11.94 -76.55
CA LYS Y 921 -8.01 12.74 -77.77
C LYS Y 921 -6.55 12.95 -78.18
N PRO Y 922 -6.22 12.73 -79.45
CA PRO Y 922 -4.82 12.87 -79.88
C PRO Y 922 -4.31 14.29 -79.69
N VAL Y 923 -3.01 14.39 -79.39
CA VAL Y 923 -2.41 15.68 -79.07
C VAL Y 923 -2.10 16.44 -80.36
N SER Y 924 -1.84 17.73 -80.19
CA SER Y 924 -1.51 18.58 -81.33
C SER Y 924 -0.12 18.25 -81.87
N ALA Y 925 0.21 18.83 -83.02
CA ALA Y 925 1.53 18.63 -83.60
C ALA Y 925 2.62 19.20 -82.71
N LYS Y 926 2.41 20.39 -82.16
CA LYS Y 926 3.40 20.97 -81.25
C LYS Y 926 3.51 20.15 -79.97
N GLU Y 927 2.37 19.69 -79.45
CA GLU Y 927 2.41 18.83 -78.29
C GLU Y 927 3.10 17.50 -78.61
N LEU Y 928 2.92 17.00 -79.84
CA LEU Y 928 3.62 15.79 -80.24
C LEU Y 928 5.13 16.01 -80.28
N LYS Y 929 5.56 17.16 -80.79
CA LYS Y 929 6.99 17.47 -80.79
C LYS Y 929 7.51 17.56 -79.36
N GLU Y 930 6.74 18.16 -78.46
CA GLU Y 930 7.15 18.24 -77.06
C GLU Y 930 7.26 16.85 -76.44
N LEU Y 931 6.31 15.97 -76.75
CA LEU Y 931 6.38 14.60 -76.24
C LEU Y 931 7.61 13.88 -76.78
N HIS Y 932 7.91 14.05 -78.06
CA HIS Y 932 9.10 13.43 -78.63
C HIS Y 932 10.34 13.92 -77.91
N ALA Y 933 10.43 15.23 -77.68
CA ALA Y 933 11.57 15.80 -76.98
C ALA Y 933 11.70 15.22 -75.57
N SER Y 934 10.58 15.12 -74.85
CA SER Y 934 10.65 14.67 -73.46
C SER Y 934 11.05 13.20 -73.36
N LEU Y 935 10.45 12.34 -74.19
CA LEU Y 935 10.83 10.94 -74.17
C LEU Y 935 12.27 10.74 -74.60
N PHE Y 936 12.72 11.53 -75.59
CA PHE Y 936 14.13 11.48 -75.94
C PHE Y 936 15.03 11.92 -74.80
N GLY Y 937 14.61 12.95 -74.06
CA GLY Y 937 15.38 13.37 -72.91
C GLY Y 937 15.50 12.28 -71.88
N LYS Y 938 14.42 11.53 -71.66
CA LYS Y 938 14.50 10.38 -70.77
C LYS Y 938 15.50 9.35 -71.29
N GLU Y 939 15.45 9.04 -72.59
CA GLU Y 939 16.38 8.06 -73.14
C GLU Y 939 17.83 8.52 -72.98
N VAL Y 940 18.09 9.78 -73.28
CA VAL Y 940 19.44 10.31 -73.18
C VAL Y 940 19.91 10.29 -71.73
N ASP Y 941 19.01 10.59 -70.79
CA ASP Y 941 19.38 10.48 -69.39
C ASP Y 941 19.77 9.06 -69.02
N GLN Y 942 18.98 8.08 -69.45
CA GLN Y 942 19.36 6.69 -69.18
C GLN Y 942 20.71 6.36 -69.80
N LEU Y 943 21.03 6.99 -70.93
CA LEU Y 943 22.33 6.74 -71.55
C LEU Y 943 23.48 7.35 -70.75
N ILE Y 944 23.33 8.58 -70.28
CA ILE Y 944 24.48 9.34 -69.78
C ILE Y 944 24.42 9.62 -68.29
N ARG Y 945 23.46 9.07 -67.56
CA ARG Y 945 23.37 9.35 -66.15
C ARG Y 945 24.43 8.56 -65.37
N PRO Y 946 25.09 9.16 -64.39
CA PRO Y 946 25.94 8.39 -63.48
C PRO Y 946 25.13 7.34 -62.72
N LYS Y 947 25.57 6.09 -62.79
CA LYS Y 947 24.87 5.03 -62.10
C LYS Y 947 25.14 5.05 -60.60
N ARG Y 948 26.37 5.34 -60.17
CA ARG Y 948 26.69 5.35 -58.75
C ARG Y 948 26.01 6.52 -58.07
N ALA Y 949 25.30 6.23 -56.96
CA ALA Y 949 24.58 7.27 -56.25
C ALA Y 949 25.54 8.24 -55.57
N ASP Y 950 26.70 7.74 -55.16
CA ASP Y 950 27.72 8.62 -54.59
C ASP Y 950 28.14 9.68 -55.59
N ILE Y 951 28.33 9.28 -56.84
CA ILE Y 951 28.81 10.23 -57.85
C ILE Y 951 27.81 11.35 -58.04
N VAL Y 952 26.53 11.01 -58.17
CA VAL Y 952 25.53 12.06 -58.40
C VAL Y 952 25.40 12.94 -57.17
N GLN Y 953 25.43 12.34 -55.98
CA GLN Y 953 25.29 13.15 -54.77
C GLN Y 953 26.44 14.12 -54.63
N ARG Y 954 27.67 13.65 -54.85
CA ARG Y 954 28.82 14.53 -54.70
C ARG Y 954 28.88 15.57 -55.81
N LEU Y 955 28.48 15.19 -57.02
CA LEU Y 955 28.46 16.16 -58.12
C LEU Y 955 27.46 17.28 -57.83
N ARG Y 956 26.29 16.91 -57.30
CA ARG Y 956 25.29 17.92 -56.97
C ARG Y 956 25.73 18.78 -55.80
N GLU Y 957 26.36 18.18 -54.80
CA GLU Y 957 26.69 18.92 -53.59
C GLU Y 957 27.91 19.82 -53.78
N ALA Y 958 28.89 19.37 -54.56
CA ALA Y 958 30.19 20.03 -54.56
C ALA Y 958 30.14 21.37 -55.30
N THR Y 959 29.24 21.50 -56.26
CA THR Y 959 29.19 22.73 -57.05
C THR Y 959 28.80 23.94 -56.22
N ASP Y 960 28.30 23.73 -55.00
CA ASP Y 960 27.95 24.85 -54.13
C ASP Y 960 29.19 25.67 -53.78
N THR Y 961 28.96 26.94 -53.44
CA THR Y 961 30.09 27.85 -53.22
C THR Y 961 30.90 27.45 -52.00
N GLY Y 962 30.24 26.88 -50.97
CA GLY Y 962 30.91 26.53 -49.74
C GLY Y 962 32.03 25.53 -49.93
N PRO Y 963 31.74 24.40 -50.58
CA PRO Y 963 32.81 23.44 -50.88
C PRO Y 963 33.96 24.03 -51.68
N ALA Y 964 33.66 24.85 -52.70
CA ALA Y 964 34.71 25.41 -53.53
C ALA Y 964 35.60 26.35 -52.74
N VAL Y 965 34.98 27.24 -51.97
CA VAL Y 965 35.73 28.23 -51.19
C VAL Y 965 36.55 27.52 -50.11
N ALA Y 966 35.99 26.47 -49.51
CA ALA Y 966 36.75 25.75 -48.49
C ALA Y 966 37.91 24.98 -49.11
N ASN Y 967 37.73 24.47 -50.32
CA ASN Y 967 38.81 23.74 -50.97
C ASN Y 967 39.94 24.68 -51.36
N ILE Y 968 39.61 25.90 -51.79
CA ILE Y 968 40.66 26.78 -52.30
C ILE Y 968 41.32 27.57 -51.18
N VAL Y 969 40.52 28.07 -50.24
CA VAL Y 969 41.07 28.98 -49.23
C VAL Y 969 41.24 28.28 -47.89
N GLY Y 970 40.35 27.34 -47.57
CA GLY Y 970 40.28 26.85 -46.21
C GLY Y 970 41.56 26.16 -45.76
N THR Y 971 41.87 26.31 -44.48
CA THR Y 971 42.99 25.62 -43.86
C THR Y 971 42.57 24.32 -43.17
N LEU Y 972 41.29 24.16 -42.84
CA LEU Y 972 40.75 22.92 -42.33
C LEU Y 972 39.99 22.23 -43.45
N LYS Y 973 40.02 20.90 -43.45
CA LYS Y 973 39.61 20.17 -44.64
C LYS Y 973 38.12 20.31 -44.90
N TYR Y 974 37.29 20.07 -43.89
CA TYR Y 974 35.85 19.93 -44.05
C TYR Y 974 35.57 18.82 -45.06
N SER Y 975 34.33 18.76 -45.53
CA SER Y 975 33.98 17.76 -46.53
C SER Y 975 32.65 18.13 -47.15
N THR Y 976 32.54 17.86 -48.44
CA THR Y 976 31.24 17.96 -49.10
C THR Y 976 30.27 17.02 -48.41
N GLN Y 977 29.02 17.48 -48.30
CA GLN Y 977 27.88 17.03 -47.49
C GLN Y 977 27.97 17.56 -46.06
N GLU Y 978 29.02 18.33 -45.73
CA GLU Y 978 28.99 19.16 -44.54
C GLU Y 978 28.88 20.63 -44.91
N LEU Y 979 29.52 21.06 -46.00
CA LEU Y 979 29.40 22.44 -46.41
C LEU Y 979 28.32 22.61 -47.47
N ALA Y 980 27.68 21.51 -47.87
CA ALA Y 980 26.63 21.56 -48.87
C ALA Y 980 25.46 22.40 -48.40
N ALA Y 981 24.96 23.25 -49.29
CA ALA Y 981 23.79 24.08 -49.00
C ALA Y 981 22.57 23.21 -48.76
N ARG Y 982 22.18 22.45 -49.79
CA ARG Y 982 21.07 21.49 -49.74
C ARG Y 982 19.74 22.20 -49.63
N SER Y 983 18.84 21.95 -50.58
CA SER Y 983 17.52 22.53 -50.51
C SER Y 983 16.74 21.90 -49.37
N PRO Y 984 15.78 22.63 -48.79
CA PRO Y 984 14.85 21.98 -47.88
C PRO Y 984 14.03 20.90 -48.57
N TRP Y 985 13.95 20.95 -49.89
CA TRP Y 985 13.30 19.87 -50.62
C TRP Y 985 14.06 18.56 -50.48
N THR Y 986 15.37 18.64 -50.29
CA THR Y 986 16.12 17.41 -50.08
C THR Y 986 16.19 17.05 -48.61
N LYS Y 987 16.49 18.03 -47.75
CA LYS Y 987 16.52 17.76 -46.32
C LYS Y 987 15.17 17.30 -45.82
N LEU Y 988 14.11 17.95 -46.25
CA LEU Y 988 12.74 17.62 -45.92
C LEU Y 988 12.12 17.05 -47.18
N LEU Y 989 11.45 15.91 -47.07
CA LEU Y 989 10.81 15.28 -48.23
C LEU Y 989 11.84 14.89 -49.30
N ASN Y 990 12.74 13.97 -48.94
CA ASN Y 990 13.85 13.62 -49.81
C ASN Y 990 13.40 12.80 -51.02
N GLY Y 991 12.57 11.79 -50.81
CA GLY Y 991 12.24 10.87 -51.89
C GLY Y 991 11.45 11.54 -53.01
N THR Y 992 10.47 12.35 -52.64
CA THR Y 992 9.72 13.10 -53.64
C THR Y 992 10.65 13.98 -54.44
N THR Y 993 11.60 14.62 -53.77
CA THR Y 993 12.54 15.48 -54.47
C THR Y 993 13.42 14.69 -55.41
N ASN Y 994 13.82 13.49 -55.04
CA ASN Y 994 14.64 12.68 -55.93
C ASN Y 994 13.88 12.32 -57.20
N TYR Y 995 12.62 11.90 -57.04
CA TYR Y 995 11.80 11.61 -58.21
C TYR Y 995 11.65 12.84 -59.09
N LEU Y 996 11.38 14.00 -58.47
CA LEU Y 996 11.18 15.21 -59.25
C LEU Y 996 12.46 15.67 -59.92
N LEU Y 997 13.61 15.54 -59.25
CA LEU Y 997 14.88 15.87 -59.89
C LEU Y 997 15.14 14.99 -61.10
N ASP Y 998 14.90 13.69 -60.97
CA ASP Y 998 15.13 12.81 -62.11
C ASP Y 998 14.25 13.21 -63.29
N ALA Y 999 12.95 13.40 -63.04
CA ALA Y 999 12.06 13.78 -64.12
C ALA Y 999 12.40 15.14 -64.70
N ALA Y 1000 12.75 16.10 -63.83
CA ALA Y 1000 13.08 17.45 -64.29
C ALA Y 1000 14.37 17.45 -65.10
N ARG Y 1001 15.36 16.67 -64.69
CA ARG Y 1001 16.60 16.58 -65.45
C ARG Y 1001 16.35 15.96 -66.81
N GLN Y 1002 15.52 14.91 -66.88
CA GLN Y 1002 15.20 14.32 -68.17
C GLN Y 1002 14.48 15.32 -69.06
N GLY Y 1003 13.52 16.05 -68.49
CA GLY Y 1003 12.82 17.06 -69.27
C GLY Y 1003 13.75 18.16 -69.75
N MET Y 1004 14.69 18.57 -68.90
CA MET Y 1004 15.64 19.61 -69.29
C MET Y 1004 16.58 19.11 -70.38
N LEU Y 1005 17.01 17.85 -70.28
CA LEU Y 1005 17.82 17.27 -71.33
C LEU Y 1005 17.08 17.29 -72.65
N GLY Y 1006 15.83 16.83 -72.65
CA GLY Y 1006 15.05 16.85 -73.87
C GLY Y 1006 14.85 18.24 -74.42
N ASP Y 1007 14.59 19.21 -73.54
CA ASP Y 1007 14.39 20.59 -73.97
C ASP Y 1007 15.65 21.15 -74.61
N VAL Y 1008 16.81 20.94 -73.98
CA VAL Y 1008 18.06 21.46 -74.53
C VAL Y 1008 18.37 20.80 -75.87
N ILE Y 1009 18.17 19.48 -75.97
CA ILE Y 1009 18.48 18.78 -77.21
C ILE Y 1009 17.56 19.27 -78.33
N SER Y 1010 16.26 19.39 -78.04
CA SER Y 1010 15.33 19.86 -79.05
C SER Y 1010 15.64 21.27 -79.49
N ALA Y 1011 15.97 22.15 -78.54
CA ALA Y 1011 16.32 23.51 -78.89
C ALA Y 1011 17.57 23.56 -79.75
N THR Y 1012 18.57 22.74 -79.41
CA THR Y 1012 19.80 22.74 -80.18
C THR Y 1012 19.57 22.23 -81.60
N LEU Y 1013 18.85 21.12 -81.76
CA LEU Y 1013 18.60 20.61 -83.10
C LEU Y 1013 17.74 21.57 -83.91
N THR Y 1014 16.77 22.22 -83.26
CA THR Y 1014 15.92 23.18 -83.97
C THR Y 1014 16.64 24.52 -84.15
N GLY Y 1015 17.74 24.74 -83.45
CA GLY Y 1015 18.51 25.96 -83.57
C GLY Y 1015 18.17 27.03 -82.55
N LYS Y 1016 17.09 26.86 -81.79
CA LYS Y 1016 16.68 27.85 -80.82
C LYS Y 1016 17.67 27.92 -79.65
N THR Y 1017 17.90 29.13 -79.16
CA THR Y 1017 18.77 29.34 -78.00
C THR Y 1017 17.94 29.31 -76.72
N THR Y 1018 18.31 28.42 -75.80
CA THR Y 1018 17.56 28.28 -74.57
C THR Y 1018 17.78 29.48 -73.65
N ARG Y 1019 16.84 29.66 -72.72
CA ARG Y 1019 17.04 30.61 -71.63
C ARG Y 1019 18.10 30.15 -70.65
N TRP Y 1020 18.58 28.92 -70.79
CA TRP Y 1020 19.67 28.39 -69.99
C TRP Y 1020 21.03 28.63 -70.64
N GLU Y 1021 21.05 29.26 -71.82
CA GLU Y 1021 22.32 29.60 -72.47
C GLU Y 1021 23.07 30.67 -71.70
N LYS Y 1022 22.35 31.60 -71.07
CA LYS Y 1022 22.98 32.79 -70.51
C LYS Y 1022 23.86 32.45 -69.32
N GLU Y 1023 24.73 33.42 -68.97
CA GLU Y 1023 25.91 33.14 -68.15
C GLU Y 1023 25.55 32.63 -66.77
N GLY Y 1024 24.52 33.20 -66.14
CA GLY Y 1024 24.27 32.89 -64.74
C GLY Y 1024 23.92 31.44 -64.49
N PHE Y 1025 23.00 30.89 -65.27
CA PHE Y 1025 22.59 29.50 -65.04
C PHE Y 1025 23.74 28.55 -65.31
N LEU Y 1026 24.57 28.83 -66.31
CA LEU Y 1026 25.78 28.05 -66.51
C LEU Y 1026 26.73 28.18 -65.32
N ARG Y 1027 26.79 29.37 -64.72
CA ARG Y 1027 27.64 29.58 -63.55
C ARG Y 1027 27.13 28.77 -62.36
N GLY Y 1028 25.82 28.55 -62.30
CA GLY Y 1028 25.29 27.68 -61.25
C GLY Y 1028 25.82 26.27 -61.35
N ALA Y 1029 26.04 25.79 -62.57
CA ALA Y 1029 26.79 24.56 -62.82
C ALA Y 1029 28.25 24.92 -63.07
N SER Y 1030 29.01 23.96 -63.60
CA SER Y 1030 30.40 24.21 -63.97
C SER Y 1030 30.55 24.42 -65.48
N VAL Y 1031 29.46 24.80 -66.13
CA VAL Y 1031 29.49 24.95 -67.57
C VAL Y 1031 30.13 26.25 -67.97
N THR Y 1032 31.37 26.18 -68.44
CA THR Y 1032 32.01 27.38 -68.94
C THR Y 1032 31.31 27.74 -70.25
N PRO Y 1033 31.33 29.03 -70.61
CA PRO Y 1033 31.14 29.43 -72.01
C PRO Y 1033 31.59 28.38 -73.00
N GLU Y 1034 32.79 27.84 -72.80
CA GLU Y 1034 33.31 26.82 -73.72
C GLU Y 1034 32.56 25.50 -73.63
N GLN Y 1035 32.30 25.01 -72.42
CA GLN Y 1035 31.68 23.69 -72.34
C GLN Y 1035 30.26 23.72 -72.89
N MET Y 1036 29.60 24.87 -72.84
CA MET Y 1036 28.27 24.98 -73.42
C MET Y 1036 28.32 24.87 -74.93
N ALA Y 1037 29.31 25.51 -75.55
CA ALA Y 1037 29.50 25.37 -76.99
C ALA Y 1037 29.85 23.92 -77.34
N GLY Y 1038 30.67 23.29 -76.52
CA GLY Y 1038 30.97 21.88 -76.73
C GLY Y 1038 29.73 21.01 -76.62
N ILE Y 1039 28.83 21.35 -75.71
CA ILE Y 1039 27.57 20.62 -75.57
C ILE Y 1039 26.73 20.77 -76.84
N LYS Y 1040 26.65 21.99 -77.36
CA LYS Y 1040 25.95 22.18 -78.64
C LYS Y 1040 26.57 21.32 -79.73
N SER Y 1041 27.90 21.32 -79.84
CA SER Y 1041 28.56 20.53 -80.86
C SER Y 1041 28.28 19.05 -80.68
N LEU Y 1042 28.34 18.56 -79.44
CA LEU Y 1042 28.07 17.15 -79.16
C LEU Y 1042 26.66 16.78 -79.56
N ILE Y 1043 25.68 17.62 -79.21
CA ILE Y 1043 24.30 17.32 -79.55
C ILE Y 1043 24.11 17.32 -81.05
N LYS Y 1044 24.81 18.22 -81.75
CA LYS Y 1044 24.71 18.25 -83.20
C LYS Y 1044 25.33 17.00 -83.83
N GLU Y 1045 26.39 16.47 -83.21
CA GLU Y 1045 27.12 15.37 -83.85
C GLU Y 1045 26.43 14.03 -83.68
N HIS Y 1046 25.75 13.81 -82.55
CA HIS Y 1046 25.26 12.48 -82.22
C HIS Y 1046 23.73 12.37 -82.24
N MET Y 1047 23.01 13.45 -82.50
CA MET Y 1047 21.56 13.42 -82.51
C MET Y 1047 21.04 13.78 -83.89
N VAL Y 1048 20.01 13.05 -84.33
CA VAL Y 1048 19.42 13.22 -85.65
C VAL Y 1048 18.06 13.88 -85.46
N ARG Y 1049 17.82 14.94 -86.24
CA ARG Y 1049 16.51 15.57 -86.23
C ARG Y 1049 15.61 14.87 -87.23
N GLY Y 1050 14.56 14.22 -86.75
CA GLY Y 1050 13.69 13.47 -87.62
C GLY Y 1050 12.86 14.36 -88.52
N GLU Y 1051 12.25 13.73 -89.53
CA GLU Y 1051 11.32 14.46 -90.38
C GLU Y 1051 10.15 14.99 -89.56
N ASP Y 1052 9.62 14.15 -88.66
CA ASP Y 1052 8.69 14.59 -87.63
C ASP Y 1052 9.50 14.97 -86.41
N GLY Y 1053 8.84 15.11 -85.25
CA GLY Y 1053 9.56 15.51 -84.05
C GLY Y 1053 10.48 14.44 -83.51
N LYS Y 1054 10.48 13.26 -84.14
CA LYS Y 1054 11.21 12.12 -83.60
C LYS Y 1054 12.71 12.41 -83.51
N PHE Y 1055 13.31 11.98 -82.41
CA PHE Y 1055 14.74 12.15 -82.14
C PHE Y 1055 15.40 10.79 -82.09
N THR Y 1056 16.61 10.70 -82.63
CA THR Y 1056 17.39 9.46 -82.63
C THR Y 1056 18.85 9.78 -82.33
N VAL Y 1057 19.60 8.75 -81.99
CA VAL Y 1057 21.01 8.89 -81.61
C VAL Y 1057 21.87 8.15 -82.63
N LYS Y 1058 22.97 8.78 -83.04
CA LYS Y 1058 23.93 8.11 -83.89
C LYS Y 1058 24.93 7.32 -83.04
N ASP Y 1059 24.97 6.01 -83.25
CA ASP Y 1059 25.95 5.09 -82.67
C ASP Y 1059 25.73 4.87 -81.18
N LYS Y 1060 24.83 5.62 -80.56
CA LYS Y 1060 24.45 5.44 -79.16
C LYS Y 1060 25.65 5.34 -78.23
N GLN Y 1061 26.37 4.21 -78.29
CA GLN Y 1061 27.51 4.00 -77.40
C GLN Y 1061 28.59 5.05 -77.62
N ALA Y 1062 28.86 5.41 -78.87
CA ALA Y 1062 29.86 6.43 -79.14
C ALA Y 1062 29.45 7.77 -78.54
N PHE Y 1063 28.15 8.06 -78.53
CA PHE Y 1063 27.69 9.30 -77.90
C PHE Y 1063 27.91 9.26 -76.40
N SER Y 1064 27.61 8.12 -75.77
CA SER Y 1064 27.87 7.98 -74.34
C SER Y 1064 29.37 8.05 -74.05
N MET Y 1065 30.20 7.75 -75.04
CA MET Y 1065 31.64 7.80 -74.87
C MET Y 1065 32.19 9.21 -74.75
N ASP Y 1066 31.50 10.20 -75.32
CA ASP Y 1066 32.08 11.54 -75.41
C ASP Y 1066 32.23 12.14 -74.01
N PRO Y 1067 33.37 12.77 -73.72
CA PRO Y 1067 33.50 13.48 -72.44
C PRO Y 1067 32.50 14.61 -72.29
N ARG Y 1068 32.07 15.22 -73.40
CA ARG Y 1068 31.12 16.32 -73.32
C ARG Y 1068 29.74 15.85 -72.87
N ALA Y 1069 29.45 14.56 -72.94
CA ALA Y 1069 28.17 14.06 -72.45
C ALA Y 1069 28.06 14.25 -70.94
N MET Y 1070 29.19 14.13 -70.22
CA MET Y 1070 29.18 14.40 -68.79
C MET Y 1070 28.84 15.86 -68.52
N ASP Y 1071 29.40 16.78 -69.32
CA ASP Y 1071 29.07 18.19 -69.17
C ASP Y 1071 27.60 18.45 -69.49
N LEU Y 1072 27.08 17.79 -70.52
CA LEU Y 1072 25.67 17.91 -70.85
C LEU Y 1072 24.78 17.47 -69.69
N TRP Y 1073 25.09 16.31 -69.12
CA TRP Y 1073 24.29 15.81 -68.00
C TRP Y 1073 24.39 16.73 -66.80
N ARG Y 1074 25.60 17.23 -66.52
CA ARG Y 1074 25.78 18.12 -65.38
C ARG Y 1074 24.98 19.41 -65.58
N LEU Y 1075 25.04 19.97 -66.79
CA LEU Y 1075 24.25 21.17 -67.09
C LEU Y 1075 22.78 20.91 -66.85
N ALA Y 1076 22.27 19.81 -67.41
CA ALA Y 1076 20.84 19.51 -67.28
C ALA Y 1076 20.45 19.32 -65.83
N ASP Y 1077 21.25 18.59 -65.05
CA ASP Y 1077 20.90 18.33 -63.66
C ASP Y 1077 20.94 19.59 -62.83
N LYS Y 1078 21.97 20.43 -62.99
CA LYS Y 1078 22.06 21.63 -62.18
C LYS Y 1078 20.99 22.64 -62.57
N VAL Y 1079 20.73 22.77 -63.86
CA VAL Y 1079 19.64 23.63 -64.30
C VAL Y 1079 18.32 23.14 -63.75
N ALA Y 1080 18.07 21.84 -63.83
CA ALA Y 1080 16.83 21.28 -63.30
C ALA Y 1080 16.69 21.61 -61.82
N ASP Y 1081 17.72 21.30 -61.02
CA ASP Y 1081 17.66 21.60 -59.60
C ASP Y 1081 17.36 23.06 -59.36
N GLU Y 1082 18.24 23.94 -59.84
CA GLU Y 1082 18.18 25.36 -59.49
C GLU Y 1082 16.88 26.00 -59.98
N ALA Y 1083 16.45 25.68 -61.20
CA ALA Y 1083 15.30 26.34 -61.81
C ALA Y 1083 13.98 25.70 -61.43
N MET Y 1084 13.98 24.44 -61.04
CA MET Y 1084 12.73 23.71 -60.95
C MET Y 1084 12.48 23.21 -59.54
N LEU Y 1085 13.46 22.57 -58.92
CA LEU Y 1085 13.25 21.97 -57.62
C LEU Y 1085 13.66 22.86 -56.46
N ARG Y 1086 14.73 23.62 -56.59
CA ARG Y 1086 15.19 24.43 -55.47
C ARG Y 1086 14.17 25.48 -55.02
N PRO Y 1087 13.47 26.20 -55.90
CA PRO Y 1087 12.52 27.21 -55.41
C PRO Y 1087 11.41 26.62 -54.57
N HIS Y 1088 10.96 27.39 -53.58
CA HIS Y 1088 9.86 27.01 -52.71
C HIS Y 1088 8.49 27.43 -53.24
N LYS Y 1089 8.44 28.01 -54.44
CA LYS Y 1089 7.22 28.56 -55.01
C LYS Y 1089 6.89 27.78 -56.27
N VAL Y 1090 5.61 27.47 -56.46
CA VAL Y 1090 5.18 27.05 -57.79
C VAL Y 1090 4.18 28.06 -58.33
N SER Y 1091 4.40 28.48 -59.56
CA SER Y 1091 3.48 29.38 -60.25
C SER Y 1091 3.21 28.82 -61.64
N LEU Y 1092 2.11 29.27 -62.24
CA LEU Y 1092 1.80 28.86 -63.60
C LEU Y 1092 2.88 29.30 -64.58
N GLN Y 1093 3.36 30.54 -64.42
CA GLN Y 1093 4.42 31.04 -65.29
C GLN Y 1093 5.64 30.14 -65.25
N ASP Y 1094 5.87 29.49 -64.12
CA ASP Y 1094 6.96 28.52 -64.02
C ASP Y 1094 6.74 27.36 -64.99
N SER Y 1095 5.49 26.89 -65.10
CA SER Y 1095 5.19 25.80 -66.02
C SER Y 1095 5.19 26.28 -67.47
N HIS Y 1096 4.98 27.57 -67.71
CA HIS Y 1096 5.03 28.08 -69.08
C HIS Y 1096 6.39 27.82 -69.73
N ALA Y 1097 7.47 27.88 -68.95
CA ALA Y 1097 8.81 27.84 -69.53
C ALA Y 1097 9.15 26.46 -70.09
N PHE Y 1098 8.89 25.41 -69.32
CA PHE Y 1098 9.41 24.09 -69.65
C PHE Y 1098 8.50 23.35 -70.62
N GLY Y 1099 9.03 22.25 -71.15
CA GLY Y 1099 8.31 21.39 -72.07
C GLY Y 1099 7.42 20.41 -71.34
N ALA Y 1100 6.95 19.40 -72.08
CA ALA Y 1100 5.92 18.49 -71.57
C ALA Y 1100 6.36 17.83 -70.27
N LEU Y 1101 7.54 17.21 -70.26
CA LEU Y 1101 8.04 16.60 -69.03
C LEU Y 1101 8.30 17.66 -67.97
N GLY Y 1102 8.83 18.81 -68.38
CA GLY Y 1102 9.11 19.87 -67.42
C GLY Y 1102 7.86 20.40 -66.76
N LYS Y 1103 6.82 20.69 -67.55
CA LYS Y 1103 5.61 21.23 -66.94
C LYS Y 1103 4.85 20.14 -66.19
N MET Y 1104 4.96 18.89 -66.63
CA MET Y 1104 4.36 17.80 -65.86
C MET Y 1104 4.99 17.69 -64.48
N VAL Y 1105 6.32 17.75 -64.41
CA VAL Y 1105 6.98 17.65 -63.11
C VAL Y 1105 6.74 18.91 -62.29
N MET Y 1106 6.59 20.06 -62.93
CA MET Y 1106 6.25 21.28 -62.18
C MET Y 1106 4.85 21.19 -61.60
N GLN Y 1107 3.90 20.62 -62.35
CA GLN Y 1107 2.56 20.44 -61.82
C GLN Y 1107 2.53 19.39 -60.72
N PHE Y 1108 3.44 18.42 -60.79
CA PHE Y 1108 3.60 17.48 -59.69
C PHE Y 1108 4.14 18.18 -58.45
N LYS Y 1109 5.10 19.09 -58.62
CA LYS Y 1109 5.61 19.87 -57.49
C LYS Y 1109 4.51 20.75 -56.91
N SER Y 1110 3.70 21.36 -57.75
CA SER Y 1110 2.55 22.11 -57.29
C SER Y 1110 1.57 21.23 -56.53
N PHE Y 1111 1.36 20.01 -57.02
CA PHE Y 1111 0.49 19.07 -56.33
C PHE Y 1111 1.02 18.75 -54.94
N THR Y 1112 2.33 18.57 -54.85
CA THR Y 1112 2.96 18.32 -53.55
C THR Y 1112 2.74 19.49 -52.61
N ILE Y 1113 2.90 20.71 -53.10
CA ILE Y 1113 2.71 21.89 -52.25
C ILE Y 1113 1.25 22.01 -51.83
N LYS Y 1114 0.32 21.74 -52.75
CA LYS Y 1114 -1.09 21.75 -52.39
C LYS Y 1114 -1.39 20.74 -51.31
N SER Y 1115 -0.85 19.53 -51.43
CA SER Y 1115 -1.10 18.50 -50.45
C SER Y 1115 -0.51 18.86 -49.10
N LEU Y 1116 0.68 19.46 -49.10
CA LEU Y 1116 1.28 19.90 -47.84
C LEU Y 1116 0.43 20.96 -47.17
N ASN Y 1117 -0.29 21.75 -47.94
CA ASN Y 1117 -1.20 22.75 -47.40
C ASN Y 1117 -2.58 22.21 -47.11
N SER Y 1118 -2.85 20.94 -47.41
CA SER Y 1118 -4.15 20.37 -47.09
C SER Y 1118 -4.35 20.33 -45.59
N LYS Y 1119 -5.61 20.42 -45.17
CA LYS Y 1119 -5.92 20.55 -43.75
C LYS Y 1119 -5.40 19.37 -42.95
N PHE Y 1120 -5.60 18.15 -43.46
CA PHE Y 1120 -5.12 16.98 -42.74
C PHE Y 1120 -3.62 16.98 -42.62
N LEU Y 1121 -2.92 17.33 -43.69
CA LEU Y 1121 -1.47 17.23 -43.66
C LEU Y 1121 -0.86 18.35 -42.82
N ARG Y 1122 -1.44 19.55 -42.88
CA ARG Y 1122 -1.02 20.62 -41.99
C ARG Y 1122 -1.23 20.26 -40.54
N THR Y 1123 -2.40 19.70 -40.23
CA THR Y 1123 -2.69 19.29 -38.86
C THR Y 1123 -1.72 18.21 -38.41
N PHE Y 1124 -1.45 17.24 -39.28
CA PHE Y 1124 -0.55 16.14 -38.95
C PHE Y 1124 0.85 16.65 -38.67
N TYR Y 1125 1.35 17.55 -39.51
CA TYR Y 1125 2.69 18.07 -39.29
C TYR Y 1125 2.76 18.92 -38.03
N ASP Y 1126 1.71 19.71 -37.76
CA ASP Y 1126 1.72 20.50 -36.54
C ASP Y 1126 1.68 19.61 -35.31
N GLY Y 1127 0.93 18.51 -35.38
CA GLY Y 1127 0.79 17.64 -34.22
C GLY Y 1127 2.03 16.78 -33.97
N TYR Y 1128 2.67 16.32 -35.04
CA TYR Y 1128 3.71 15.31 -34.91
C TYR Y 1128 5.00 15.63 -35.62
N LYS Y 1129 5.05 16.72 -36.38
CA LYS Y 1129 6.15 16.96 -37.32
C LYS Y 1129 6.24 15.79 -38.28
N ASN Y 1130 7.26 14.95 -38.14
CA ASN Y 1130 7.37 13.71 -38.90
C ASN Y 1130 7.31 13.98 -40.41
N ASN Y 1131 8.32 14.70 -40.89
CA ASN Y 1131 8.48 14.87 -42.32
C ASN Y 1131 8.68 13.54 -43.05
N ARG Y 1132 9.17 12.52 -42.34
CA ARG Y 1132 9.46 11.23 -42.97
C ARG Y 1132 8.19 10.59 -43.52
N ALA Y 1133 7.11 10.61 -42.75
CA ALA Y 1133 5.87 9.96 -43.19
C ALA Y 1133 5.28 10.67 -44.40
N ILE Y 1134 5.25 12.00 -44.36
CA ILE Y 1134 4.77 12.78 -45.49
C ILE Y 1134 5.65 12.53 -46.70
N ASP Y 1135 6.96 12.42 -46.48
CA ASP Y 1135 7.87 12.11 -47.58
C ASP Y 1135 7.55 10.77 -48.20
N ALA Y 1136 7.29 9.76 -47.38
CA ALA Y 1136 6.94 8.45 -47.90
C ALA Y 1136 5.67 8.53 -48.75
N ALA Y 1137 4.65 9.20 -48.22
CA ALA Y 1137 3.38 9.29 -48.95
C ALA Y 1137 3.57 9.99 -50.28
N LEU Y 1138 4.17 11.19 -50.27
CA LEU Y 1138 4.31 11.96 -51.49
C LEU Y 1138 5.26 11.28 -52.46
N SER Y 1139 6.24 10.53 -51.94
CA SER Y 1139 7.13 9.77 -52.80
C SER Y 1139 6.37 8.69 -53.56
N ILE Y 1140 5.49 7.98 -52.87
CA ILE Y 1140 4.66 6.97 -53.54
C ILE Y 1140 3.80 7.62 -54.62
N ILE Y 1141 3.15 8.74 -54.26
CA ILE Y 1141 2.31 9.45 -55.22
C ILE Y 1141 3.12 9.82 -56.45
N THR Y 1142 4.29 10.42 -56.25
CA THR Y 1142 5.09 10.92 -57.36
C THR Y 1142 5.61 9.80 -58.23
N SER Y 1143 6.07 8.70 -57.61
CA SER Y 1143 6.54 7.56 -58.38
C SER Y 1143 5.44 7.04 -59.30
N MET Y 1144 4.26 6.75 -58.74
CA MET Y 1144 3.20 6.21 -59.55
C MET Y 1144 2.73 7.20 -60.62
N GLY Y 1145 2.63 8.48 -60.26
CA GLY Y 1145 2.14 9.46 -61.20
C GLY Y 1145 3.10 9.70 -62.35
N LEU Y 1146 4.40 9.74 -62.07
CA LEU Y 1146 5.38 9.87 -63.14
C LEU Y 1146 5.37 8.65 -64.04
N ALA Y 1147 5.20 7.46 -63.46
CA ALA Y 1147 5.06 6.27 -64.29
C ALA Y 1147 3.88 6.39 -65.24
N GLY Y 1148 2.73 6.79 -64.70
CA GLY Y 1148 1.54 6.95 -65.55
C GLY Y 1148 1.70 8.02 -66.60
N GLY Y 1149 2.33 9.14 -66.25
CA GLY Y 1149 2.54 10.20 -67.21
C GLY Y 1149 3.46 9.78 -68.35
N PHE Y 1150 4.56 9.10 -68.02
CA PHE Y 1150 5.44 8.59 -69.07
C PHE Y 1150 4.70 7.62 -69.97
N TYR Y 1151 3.88 6.75 -69.38
CA TYR Y 1151 3.09 5.84 -70.20
C TYR Y 1151 2.17 6.60 -71.15
N ALA Y 1152 1.51 7.64 -70.65
CA ALA Y 1152 0.61 8.42 -71.49
C ALA Y 1152 1.35 9.10 -72.65
N MET Y 1153 2.52 9.68 -72.36
CA MET Y 1153 3.27 10.33 -73.43
C MET Y 1153 3.72 9.34 -74.48
N ALA Y 1154 4.22 8.18 -74.06
CA ALA Y 1154 4.65 7.17 -75.01
C ALA Y 1154 3.46 6.63 -75.81
N ALA Y 1155 2.30 6.53 -75.17
CA ALA Y 1155 1.11 6.05 -75.87
C ALA Y 1155 0.66 7.05 -76.94
N HIS Y 1156 0.71 8.35 -76.63
CA HIS Y 1156 0.35 9.33 -77.64
C HIS Y 1156 1.33 9.32 -78.80
N VAL Y 1157 2.62 9.16 -78.50
CA VAL Y 1157 3.61 9.04 -79.57
C VAL Y 1157 3.30 7.83 -80.45
N LYS Y 1158 3.03 6.68 -79.83
CA LYS Y 1158 2.73 5.49 -80.62
C LYS Y 1158 1.45 5.65 -81.41
N ALA Y 1159 0.48 6.38 -80.86
CA ALA Y 1159 -0.75 6.64 -81.60
C ALA Y 1159 -0.46 7.43 -82.86
N TYR Y 1160 0.39 8.45 -82.76
CA TYR Y 1160 0.77 9.18 -83.96
C TYR Y 1160 1.61 8.33 -84.89
N ALA Y 1161 2.21 7.27 -84.37
CA ALA Y 1161 2.93 6.33 -85.23
C ALA Y 1161 1.97 5.52 -86.09
N LEU Y 1162 0.71 5.41 -85.66
CA LEU Y 1162 -0.26 4.60 -86.38
C LEU Y 1162 -0.92 5.39 -87.51
N PRO Y 1163 -1.59 4.72 -88.44
CA PRO Y 1163 -2.38 5.42 -89.46
C PRO Y 1163 -3.54 6.17 -88.83
N LYS Y 1164 -4.05 7.15 -89.57
CA LYS Y 1164 -4.97 8.14 -88.99
C LYS Y 1164 -6.23 7.50 -88.44
N GLU Y 1165 -6.79 6.52 -89.16
CA GLU Y 1165 -8.06 5.93 -88.73
C GLU Y 1165 -7.92 5.20 -87.41
N LYS Y 1166 -6.80 4.53 -87.19
CA LYS Y 1166 -6.65 3.69 -86.00
C LYS Y 1166 -6.24 4.47 -84.76
N ARG Y 1167 -5.91 5.75 -84.89
CA ARG Y 1167 -5.39 6.50 -83.74
C ARG Y 1167 -6.46 6.64 -82.67
N LYS Y 1168 -7.70 6.93 -83.05
CA LYS Y 1168 -8.76 7.09 -82.06
C LYS Y 1168 -9.03 5.78 -81.32
N GLU Y 1169 -9.13 4.67 -82.06
CA GLU Y 1169 -9.37 3.39 -81.41
C GLU Y 1169 -8.20 3.02 -80.49
N TYR Y 1170 -6.97 3.23 -80.94
CA TYR Y 1170 -5.83 2.86 -80.14
C TYR Y 1170 -5.72 3.72 -78.89
N LEU Y 1171 -5.99 5.02 -79.00
CA LEU Y 1171 -5.90 5.87 -77.83
C LEU Y 1171 -7.03 5.60 -76.85
N GLU Y 1172 -8.22 5.27 -77.37
CA GLU Y 1172 -9.32 4.89 -76.51
C GLU Y 1172 -9.03 3.57 -75.80
N ARG Y 1173 -8.29 2.69 -76.45
CA ARG Y 1173 -8.03 1.37 -75.89
C ARG Y 1173 -6.84 1.37 -74.95
N ALA Y 1174 -5.84 2.20 -75.23
CA ALA Y 1174 -4.58 2.19 -74.50
C ALA Y 1174 -4.51 3.25 -73.42
N LEU Y 1175 -5.40 4.23 -73.44
CA LEU Y 1175 -5.43 5.27 -72.42
C LEU Y 1175 -6.74 5.14 -71.66
N ASP Y 1176 -6.76 4.23 -70.70
CA ASP Y 1176 -7.83 4.08 -69.75
C ASP Y 1176 -7.22 3.84 -68.38
N PRO Y 1177 -7.97 4.05 -67.30
CA PRO Y 1177 -7.37 3.90 -65.98
C PRO Y 1177 -6.74 2.54 -65.75
N THR Y 1178 -7.27 1.49 -66.38
CA THR Y 1178 -6.73 0.15 -66.15
C THR Y 1178 -5.32 0.01 -66.71
N MET Y 1179 -5.10 0.44 -67.95
CA MET Y 1179 -3.78 0.26 -68.56
C MET Y 1179 -2.77 1.25 -68.00
N ILE Y 1180 -3.19 2.48 -67.71
CA ILE Y 1180 -2.28 3.43 -67.08
C ILE Y 1180 -1.90 2.93 -65.69
N ALA Y 1181 -2.86 2.37 -64.96
CA ALA Y 1181 -2.55 1.82 -63.65
C ALA Y 1181 -1.61 0.61 -63.75
N HIS Y 1182 -1.81 -0.24 -64.75
CA HIS Y 1182 -0.90 -1.36 -64.91
C HIS Y 1182 0.49 -0.89 -65.31
N ALA Y 1183 0.58 0.19 -66.07
CA ALA Y 1183 1.88 0.76 -66.38
C ALA Y 1183 2.55 1.30 -65.13
N ALA Y 1184 1.77 1.94 -64.25
CA ALA Y 1184 2.34 2.45 -63.01
C ALA Y 1184 2.82 1.31 -62.12
N LEU Y 1185 2.04 0.24 -62.01
CA LEU Y 1185 2.52 -0.94 -61.26
C LEU Y 1185 3.73 -1.56 -61.93
N SER Y 1186 3.82 -1.46 -63.25
CA SER Y 1186 4.91 -2.10 -63.97
C SER Y 1186 6.24 -1.43 -63.69
N ARG Y 1187 6.29 -0.14 -63.97
CA ARG Y 1187 7.50 0.62 -63.74
C ARG Y 1187 7.47 1.20 -62.36
N SER Y 1188 7.55 2.52 -62.25
CA SER Y 1188 7.56 3.18 -60.94
C SER Y 1188 8.65 2.59 -60.09
N SER Y 1189 9.80 2.30 -60.69
CA SER Y 1189 10.86 1.63 -59.96
C SER Y 1189 11.29 2.47 -58.77
N GLN Y 1190 11.22 1.90 -57.59
CA GLN Y 1190 11.61 2.63 -56.40
C GLN Y 1190 13.08 2.94 -56.56
N LEU Y 1191 13.46 4.16 -56.24
CA LEU Y 1191 14.84 4.56 -56.46
C LEU Y 1191 15.84 3.75 -55.63
N GLY Y 1192 15.52 3.51 -54.37
CA GLY Y 1192 16.50 2.90 -53.49
C GLY Y 1192 16.12 1.51 -53.09
N ALA Y 1193 15.46 0.81 -53.99
CA ALA Y 1193 15.00 -0.52 -53.68
C ALA Y 1193 16.13 -1.53 -53.61
N PRO Y 1194 16.35 -2.18 -52.44
CA PRO Y 1194 17.39 -3.22 -52.47
C PRO Y 1194 16.99 -4.29 -53.48
N LEU Y 1195 17.84 -4.49 -54.48
CA LEU Y 1195 17.55 -5.40 -55.58
C LEU Y 1195 16.31 -4.95 -56.35
N ALA Y 1196 16.06 -5.56 -57.50
CA ALA Y 1196 14.97 -5.16 -58.36
C ALA Y 1196 13.81 -6.13 -58.19
N MET Y 1197 12.61 -5.64 -58.52
CA MET Y 1197 11.42 -6.46 -58.35
C MET Y 1197 11.47 -7.67 -59.26
N VAL Y 1198 12.19 -7.57 -60.37
CA VAL Y 1198 12.35 -8.70 -61.28
C VAL Y 1198 13.16 -9.81 -60.63
N ASP Y 1199 14.22 -9.45 -59.91
CA ASP Y 1199 15.07 -10.45 -59.27
C ASP Y 1199 14.31 -11.19 -58.18
N LEU Y 1200 13.50 -10.48 -57.41
CA LEU Y 1200 12.79 -11.11 -56.30
C LEU Y 1200 11.78 -12.14 -56.81
N VAL Y 1201 11.01 -11.79 -57.84
CA VAL Y 1201 10.16 -12.74 -58.55
C VAL Y 1201 10.39 -12.63 -60.04
N GLY Y 1202 11.10 -13.61 -60.59
CA GLY Y 1202 11.30 -13.72 -62.03
C GLY Y 1202 11.52 -15.18 -62.39
N GLY Y 1203 10.76 -15.63 -63.39
CA GLY Y 1203 10.87 -17.02 -63.80
C GLY Y 1203 12.16 -17.28 -64.53
N VAL Y 1204 12.48 -18.57 -64.67
CA VAL Y 1204 13.60 -18.97 -65.51
C VAL Y 1204 13.36 -18.47 -66.92
N LEU Y 1205 14.39 -17.85 -67.51
CA LEU Y 1205 14.20 -17.15 -68.78
C LEU Y 1205 13.76 -18.11 -69.88
N GLY Y 1206 14.41 -19.27 -69.97
CA GLY Y 1206 14.02 -20.24 -70.98
C GLY Y 1206 12.69 -20.89 -70.69
N PHE Y 1207 12.29 -20.93 -69.43
CA PHE Y 1207 11.07 -21.62 -69.03
C PHE Y 1207 9.94 -20.62 -68.78
N GLU Y 1208 9.36 -20.12 -69.88
CA GLU Y 1208 8.16 -19.30 -69.76
C GLU Y 1208 6.94 -20.17 -69.46
N SER Y 1209 6.85 -21.32 -70.12
CA SER Y 1209 5.76 -22.27 -69.89
C SER Y 1209 6.30 -23.68 -69.75
N THR Y 1233 0.67 -42.28 -68.66
CA THR Y 1233 0.94 -41.01 -68.02
C THR Y 1233 1.32 -41.23 -66.55
N SER Y 1234 0.75 -42.27 -65.94
CA SER Y 1234 0.95 -42.51 -64.52
C SER Y 1234 2.35 -43.03 -64.22
N ARG Y 1235 3.05 -43.56 -65.22
CA ARG Y 1235 4.37 -44.14 -65.00
C ARG Y 1235 5.40 -43.09 -64.60
N GLU Y 1236 5.40 -41.94 -65.28
CA GLU Y 1236 6.30 -40.85 -64.89
C GLU Y 1236 5.94 -40.32 -63.51
N VAL Y 1237 4.64 -40.35 -63.18
CA VAL Y 1237 4.19 -40.01 -61.83
C VAL Y 1237 4.83 -40.95 -60.82
N MET Y 1238 4.81 -42.24 -61.11
CA MET Y 1238 5.34 -43.22 -60.17
C MET Y 1238 6.85 -43.05 -60.02
N GLY Y 1239 7.51 -42.64 -61.11
CA GLY Y 1239 8.93 -42.32 -61.01
C GLY Y 1239 9.22 -41.13 -60.12
N ALA Y 1240 8.46 -40.04 -60.28
CA ALA Y 1240 8.63 -38.88 -59.41
C ALA Y 1240 8.35 -39.24 -57.96
N MET Y 1241 7.38 -40.11 -57.74
CA MET Y 1241 7.13 -40.57 -56.38
C MET Y 1241 8.36 -41.29 -55.85
N GLY Y 1242 8.89 -42.25 -56.63
CA GLY Y 1242 10.10 -42.94 -56.22
C GLY Y 1242 11.26 -42.00 -55.96
N SER Y 1243 11.21 -40.80 -56.53
CA SER Y 1243 12.26 -39.81 -56.25
C SER Y 1243 12.11 -39.19 -54.92
N ASN Y 1244 10.88 -38.80 -54.60
CA ASN Y 1244 10.72 -38.02 -53.37
C ASN Y 1244 10.54 -38.93 -52.16
N LEU Y 1245 10.39 -40.24 -52.36
CA LEU Y 1245 10.38 -41.16 -51.22
C LEU Y 1245 11.71 -41.16 -50.49
N LEU Y 1246 12.80 -41.01 -51.21
CA LEU Y 1246 14.13 -41.35 -50.71
C LEU Y 1246 14.96 -40.17 -50.22
N GLU Y 1247 14.49 -38.93 -50.42
CA GLU Y 1247 15.33 -37.76 -50.22
C GLU Y 1247 15.87 -37.71 -48.79
N GLN Y 1248 17.20 -37.56 -48.68
CA GLN Y 1248 17.87 -37.51 -47.39
C GLN Y 1248 18.80 -36.31 -47.29
N MET Y 1249 18.55 -35.25 -48.06
CA MET Y 1249 19.39 -34.06 -48.02
C MET Y 1249 19.14 -33.28 -46.73
N PRO Y 1250 20.10 -32.45 -46.30
CA PRO Y 1250 19.91 -31.70 -45.06
C PRO Y 1250 18.71 -30.78 -45.08
N SER Y 1251 18.35 -30.23 -46.24
CA SER Y 1251 17.16 -29.38 -46.32
C SER Y 1251 15.91 -30.15 -45.96
N ALA Y 1252 15.83 -31.42 -46.34
CA ALA Y 1252 14.69 -32.25 -45.95
C ALA Y 1252 14.77 -32.65 -44.48
N GLY Y 1253 15.97 -32.95 -43.98
CA GLY Y 1253 16.10 -33.43 -42.62
C GLY Y 1253 15.97 -32.34 -41.58
N PHE Y 1254 16.41 -31.12 -41.91
CA PHE Y 1254 16.47 -30.03 -40.95
C PHE Y 1254 15.37 -29.02 -41.19
N VAL Y 1255 14.98 -28.32 -40.13
CA VAL Y 1255 14.05 -27.21 -40.25
C VAL Y 1255 14.78 -26.01 -40.86
N ALA Y 1256 14.08 -25.26 -41.70
CA ALA Y 1256 14.71 -24.17 -42.44
C ALA Y 1256 15.15 -23.06 -41.49
N ASN Y 1257 16.27 -22.43 -41.83
CA ASN Y 1257 16.79 -21.35 -41.02
C ASN Y 1257 15.83 -20.17 -41.01
N VAL Y 1258 15.76 -19.49 -39.86
CA VAL Y 1258 14.92 -18.31 -39.72
C VAL Y 1258 15.76 -17.11 -40.12
N GLY Y 1259 15.59 -16.63 -41.36
CA GLY Y 1259 16.12 -15.37 -41.78
C GLY Y 1259 17.16 -15.42 -42.88
N ALA Y 1260 17.96 -16.48 -42.96
CA ALA Y 1260 19.03 -16.51 -43.96
C ALA Y 1260 19.43 -17.96 -44.21
N THR Y 1261 19.19 -18.44 -45.42
CA THR Y 1261 19.55 -19.81 -45.74
C THR Y 1261 21.07 -19.99 -45.78
N LEU Y 1262 21.79 -18.99 -46.29
CA LEU Y 1262 23.25 -19.02 -46.38
C LEU Y 1262 23.74 -20.31 -47.04
N MET Y 1263 23.22 -20.57 -48.24
CA MET Y 1263 23.50 -21.82 -48.91
C MET Y 1263 24.95 -21.88 -49.39
N ASN Y 1264 25.56 -23.04 -49.24
CA ASN Y 1264 26.87 -23.33 -49.80
C ASN Y 1264 26.72 -24.10 -51.10
N ALA Y 1265 27.83 -24.57 -51.65
CA ALA Y 1265 27.79 -25.28 -52.93
C ALA Y 1265 26.98 -26.56 -52.84
N ALA Y 1266 27.10 -27.29 -51.73
CA ALA Y 1266 26.30 -28.51 -51.56
C ALA Y 1266 24.81 -28.20 -51.55
N GLY Y 1267 24.42 -27.12 -50.88
CA GLY Y 1267 23.02 -26.74 -50.87
C GLY Y 1267 22.51 -26.34 -52.23
N VAL Y 1268 23.35 -25.64 -53.01
CA VAL Y 1268 22.96 -25.25 -54.36
C VAL Y 1268 22.79 -26.47 -55.25
N VAL Y 1269 23.72 -27.41 -55.16
CA VAL Y 1269 23.65 -28.61 -55.99
C VAL Y 1269 22.45 -29.47 -55.59
N ASN Y 1270 22.15 -29.54 -54.30
CA ASN Y 1270 21.04 -30.36 -53.85
C ASN Y 1270 19.70 -29.63 -53.93
N SER Y 1271 19.69 -28.38 -54.34
CA SER Y 1271 18.43 -27.65 -54.46
C SER Y 1271 17.63 -28.18 -55.64
N PRO Y 1272 16.30 -28.25 -55.52
CA PRO Y 1272 15.47 -28.59 -56.68
C PRO Y 1272 15.50 -27.48 -57.72
N ASN Y 1273 15.32 -27.87 -58.99
CA ASN Y 1273 15.33 -26.88 -60.05
C ASN Y 1273 14.03 -26.08 -60.08
N LYS Y 1274 12.93 -26.70 -59.66
CA LYS Y 1274 11.65 -26.00 -59.62
C LYS Y 1274 11.55 -25.14 -58.36
N ALA Y 1275 11.03 -23.92 -58.53
CA ALA Y 1275 10.87 -23.01 -57.40
C ALA Y 1275 9.73 -23.48 -56.51
N THR Y 1276 9.99 -23.52 -55.21
CA THR Y 1276 8.98 -24.01 -54.29
C THR Y 1276 7.97 -22.91 -53.99
N GLU Y 1277 6.86 -23.32 -53.38
CA GLU Y 1277 5.75 -22.39 -53.17
C GLU Y 1277 6.08 -21.34 -52.11
N GLN Y 1278 6.85 -21.71 -51.09
CA GLN Y 1278 7.23 -20.70 -50.10
C GLN Y 1278 8.21 -19.69 -50.71
N ASP Y 1279 9.06 -20.14 -51.63
CA ASP Y 1279 9.95 -19.21 -52.33
C ASP Y 1279 9.14 -18.19 -53.12
N PHE Y 1280 8.16 -18.65 -53.88
CA PHE Y 1280 7.34 -17.71 -54.63
C PHE Y 1280 6.60 -16.78 -53.70
N MET Y 1281 6.08 -17.29 -52.59
CA MET Y 1281 5.24 -16.44 -51.76
C MET Y 1281 6.06 -15.36 -51.06
N THR Y 1282 7.24 -15.74 -50.56
CA THR Y 1282 8.11 -14.72 -49.96
C THR Y 1282 8.58 -13.74 -51.01
N GLY Y 1283 8.86 -14.21 -52.23
CA GLY Y 1283 9.23 -13.30 -53.28
C GLY Y 1283 8.13 -12.31 -53.59
N LEU Y 1284 6.88 -12.78 -53.61
CA LEU Y 1284 5.74 -11.90 -53.88
C LEU Y 1284 5.61 -10.83 -52.81
N MET Y 1285 5.69 -11.24 -51.54
CA MET Y 1285 5.58 -10.24 -50.48
C MET Y 1285 6.73 -9.24 -50.52
N ASN Y 1286 7.96 -9.71 -50.72
CA ASN Y 1286 9.08 -8.78 -50.81
C ASN Y 1286 8.94 -7.85 -52.00
N SER Y 1287 8.52 -8.36 -53.14
CA SER Y 1287 8.37 -7.55 -54.34
C SER Y 1287 7.30 -6.49 -54.16
N THR Y 1288 6.17 -6.84 -53.53
CA THR Y 1288 5.11 -5.87 -53.31
C THR Y 1288 5.42 -4.94 -52.16
N LYS Y 1289 6.41 -5.26 -51.32
CA LYS Y 1289 6.78 -4.36 -50.24
C LYS Y 1289 7.11 -2.96 -50.75
N GLU Y 1290 7.59 -2.88 -51.98
CA GLU Y 1290 7.83 -1.57 -52.59
C GLU Y 1290 6.51 -0.92 -53.03
N LEU Y 1291 5.66 -1.68 -53.71
CA LEU Y 1291 4.41 -1.11 -54.22
C LEU Y 1291 3.41 -0.85 -53.10
N VAL Y 1292 3.22 -1.82 -52.21
CA VAL Y 1292 2.22 -1.77 -51.16
C VAL Y 1292 2.92 -1.42 -49.85
N PRO Y 1293 2.72 -0.23 -49.30
CA PRO Y 1293 3.42 0.15 -48.06
C PRO Y 1293 2.99 -0.71 -46.87
N ASN Y 1294 3.95 -0.95 -45.97
CA ASN Y 1294 3.66 -1.73 -44.77
C ASN Y 1294 3.11 -0.86 -43.65
N ASP Y 1295 3.32 0.44 -43.73
CA ASP Y 1295 2.86 1.34 -42.67
C ASP Y 1295 1.43 1.76 -42.97
N PRO Y 1296 0.48 1.52 -42.07
CA PRO Y 1296 -0.87 2.06 -42.29
C PRO Y 1296 -0.91 3.57 -42.29
N LEU Y 1297 0.02 4.22 -41.60
CA LEU Y 1297 0.01 5.67 -41.52
C LEU Y 1297 0.26 6.30 -42.89
N THR Y 1298 1.21 5.78 -43.65
CA THR Y 1298 1.49 6.35 -44.96
C THR Y 1298 0.33 6.10 -45.92
N GLN Y 1299 -0.35 4.97 -45.77
CA GLN Y 1299 -1.54 4.73 -46.57
C GLN Y 1299 -2.64 5.74 -46.23
N GLN Y 1300 -2.81 6.03 -44.94
CA GLN Y 1300 -3.80 7.05 -44.56
C GLN Y 1300 -3.40 8.42 -45.09
N LEU Y 1301 -2.12 8.76 -45.03
CA LEU Y 1301 -1.67 10.05 -45.54
C LEU Y 1301 -1.89 10.17 -47.04
N VAL Y 1302 -1.60 9.10 -47.78
CA VAL Y 1302 -1.88 9.06 -49.21
C VAL Y 1302 -3.37 9.24 -49.44
N LEU Y 1303 -4.19 8.58 -48.63
CA LEU Y 1303 -5.63 8.67 -48.77
C LEU Y 1303 -6.13 10.09 -48.55
N LYS Y 1304 -5.61 10.76 -47.53
CA LYS Y 1304 -6.07 12.11 -47.23
C LYS Y 1304 -5.56 13.11 -48.26
N ILE Y 1305 -4.37 12.86 -48.81
CA ILE Y 1305 -3.89 13.66 -49.93
C ILE Y 1305 -4.84 13.53 -51.11
N TYR Y 1306 -5.26 12.30 -51.41
CA TYR Y 1306 -6.22 12.07 -52.50
C TYR Y 1306 -7.54 12.75 -52.20
N GLU Y 1307 -8.02 12.67 -50.96
CA GLU Y 1307 -9.30 13.26 -50.63
C GLU Y 1307 -9.27 14.77 -50.81
N ALA Y 1308 -8.19 15.41 -50.35
CA ALA Y 1308 -8.03 16.83 -50.59
C ALA Y 1308 -7.89 17.12 -52.08
N ASN Y 1309 -7.42 16.13 -52.85
CA ASN Y 1309 -7.25 16.34 -54.28
C ASN Y 1309 -8.56 16.12 -55.04
N GLY Y 1310 -9.11 14.92 -54.97
CA GLY Y 1310 -10.30 14.56 -55.71
C GLY Y 1310 -10.03 13.51 -56.77
N VAL Y 1311 -11.08 12.82 -57.20
CA VAL Y 1311 -10.96 11.69 -58.11
C VAL Y 1311 -12.00 11.82 -59.22
N ASN Y 1312 -11.89 10.93 -60.21
CA ASN Y 1312 -12.58 11.13 -61.49
C ASN Y 1312 -13.97 10.49 -61.53
N LEU Y 1313 -14.13 9.29 -60.98
CA LEU Y 1313 -15.40 8.54 -60.89
C LEU Y 1313 -15.85 7.84 -62.16
N ARG Y 1314 -15.05 7.81 -63.23
CA ARG Y 1314 -15.49 7.15 -64.48
C ARG Y 1314 -16.77 7.87 -64.91
N GLU Y 1315 -17.70 7.17 -65.56
CA GLU Y 1315 -18.95 7.78 -65.99
C GLU Y 1315 -19.95 6.68 -66.28
N ARG Y 1316 -21.23 7.02 -66.11
CA ARG Y 1316 -22.35 6.21 -66.61
C ARG Y 1316 -22.37 4.87 -65.89
N ARG Y 1317 -22.31 3.74 -66.59
CA ARG Y 1317 -22.53 2.41 -66.03
C ARG Y 1317 -21.75 2.13 -64.74
N VAL Z 8 -22.53 -55.08 -50.03
CA VAL Z 8 -22.54 -53.63 -49.87
C VAL Z 8 -21.35 -52.96 -50.59
N PRO Z 9 -20.11 -53.33 -50.26
CA PRO Z 9 -18.97 -52.65 -50.89
C PRO Z 9 -18.96 -52.85 -52.40
N SER Z 10 -18.54 -51.80 -53.13
CA SER Z 10 -18.58 -51.81 -54.59
C SER Z 10 -17.30 -51.21 -55.17
N ASP Z 11 -16.16 -51.61 -54.61
CA ASP Z 11 -14.88 -51.49 -55.30
C ASP Z 11 -14.43 -50.04 -55.47
N TYR Z 12 -15.05 -49.13 -54.73
CA TYR Z 12 -14.61 -47.74 -54.80
C TYR Z 12 -14.46 -47.16 -53.41
N ASP Z 13 -14.55 -48.02 -52.40
CA ASP Z 13 -14.58 -47.56 -51.02
C ASP Z 13 -13.30 -46.84 -50.64
N GLY Z 14 -12.15 -47.36 -51.06
CA GLY Z 14 -10.90 -46.67 -50.81
C GLY Z 14 -10.85 -45.32 -51.47
N LEU Z 15 -11.34 -45.24 -52.71
CA LEU Z 15 -11.37 -43.96 -53.42
C LEU Z 15 -12.26 -42.96 -52.69
N PHE Z 16 -13.46 -43.39 -52.30
CA PHE Z 16 -14.37 -42.48 -51.60
C PHE Z 16 -13.77 -42.04 -50.27
N GLN Z 17 -13.13 -42.96 -49.55
CA GLN Z 17 -12.58 -42.60 -48.25
C GLN Z 17 -11.43 -41.61 -48.40
N LYS Z 18 -10.53 -41.84 -49.36
CA LYS Z 18 -9.45 -40.89 -49.61
C LYS Z 18 -10.00 -39.54 -50.04
N ALA Z 19 -10.98 -39.54 -50.94
CA ALA Z 19 -11.51 -38.28 -51.44
C ALA Z 19 -12.35 -37.59 -50.39
N ALA Z 20 -12.73 -38.31 -49.33
CA ALA Z 20 -13.40 -37.67 -48.22
C ALA Z 20 -12.41 -37.02 -47.27
N ASP Z 21 -11.31 -37.70 -46.95
CA ASP Z 21 -10.32 -37.12 -46.06
C ASP Z 21 -9.73 -35.85 -46.65
N ALA Z 22 -9.23 -35.91 -47.88
CA ALA Z 22 -9.03 -34.69 -48.61
C ALA Z 22 -10.40 -34.06 -48.89
N ASN Z 23 -10.46 -32.74 -48.83
CA ASN Z 23 -11.74 -32.03 -48.91
C ASN Z 23 -12.70 -32.59 -47.86
N GLY Z 24 -12.38 -32.32 -46.60
CA GLY Z 24 -13.08 -32.92 -45.48
C GLY Z 24 -14.58 -32.88 -45.64
N VAL Z 25 -15.17 -34.05 -45.86
CA VAL Z 25 -16.59 -34.17 -46.17
C VAL Z 25 -17.01 -35.58 -45.76
N SER Z 26 -18.30 -35.77 -45.50
CA SER Z 26 -18.77 -37.06 -45.04
C SER Z 26 -18.54 -38.12 -46.10
N TYR Z 27 -17.92 -39.23 -45.70
CA TYR Z 27 -17.76 -40.35 -46.62
C TYR Z 27 -19.10 -40.94 -46.98
N ASP Z 28 -20.01 -41.02 -46.00
CA ASP Z 28 -21.33 -41.56 -46.25
C ASP Z 28 -22.09 -40.71 -47.26
N LEU Z 29 -21.93 -39.39 -47.18
CA LEU Z 29 -22.58 -38.51 -48.13
C LEU Z 29 -22.11 -38.78 -49.55
N LEU Z 30 -20.80 -38.87 -49.75
CA LEU Z 30 -20.27 -39.16 -51.07
C LEU Z 30 -20.72 -40.52 -51.58
N ARG Z 31 -20.68 -41.52 -50.71
CA ARG Z 31 -21.10 -42.86 -51.11
C ARG Z 31 -22.57 -42.90 -51.51
N LYS Z 32 -23.43 -42.22 -50.74
CA LYS Z 32 -24.85 -42.24 -51.07
C LYS Z 32 -25.14 -41.40 -52.31
N VAL Z 33 -24.35 -40.35 -52.54
CA VAL Z 33 -24.46 -39.63 -53.81
C VAL Z 33 -24.13 -40.55 -54.96
N ALA Z 34 -23.10 -41.39 -54.79
CA ALA Z 34 -22.79 -42.40 -55.81
C ALA Z 34 -23.96 -43.36 -55.99
N TRP Z 35 -24.54 -43.83 -54.87
CA TRP Z 35 -25.70 -44.71 -54.90
C TRP Z 35 -26.80 -44.14 -55.78
N THR Z 36 -27.15 -42.88 -55.53
CA THR Z 36 -28.26 -42.27 -56.27
C THR Z 36 -27.88 -42.01 -57.72
N GLU Z 37 -26.69 -41.44 -57.95
CA GLU Z 37 -26.36 -40.94 -59.27
C GLU Z 37 -26.13 -42.08 -60.25
N SER Z 38 -25.37 -43.10 -59.84
CA SER Z 38 -24.89 -44.08 -60.80
C SER Z 38 -25.09 -45.53 -60.37
N ARG Z 39 -25.35 -45.80 -59.10
CA ARG Z 39 -25.44 -47.16 -58.57
C ARG Z 39 -24.17 -47.95 -58.94
N PHE Z 40 -23.04 -47.26 -58.79
CA PHE Z 40 -21.70 -47.86 -58.83
C PHE Z 40 -21.35 -48.43 -60.21
N VAL Z 41 -21.33 -47.57 -61.23
CA VAL Z 41 -20.76 -47.90 -62.52
C VAL Z 41 -19.92 -46.70 -62.97
N PRO Z 42 -18.72 -46.91 -63.52
CA PRO Z 42 -17.90 -45.75 -63.90
C PRO Z 42 -18.43 -45.03 -65.14
N THR Z 43 -18.92 -45.76 -66.13
CA THR Z 43 -19.54 -45.15 -67.30
C THR Z 43 -20.99 -45.61 -67.40
N ALA Z 44 -21.91 -44.66 -67.25
CA ALA Z 44 -23.34 -44.94 -67.26
C ALA Z 44 -23.98 -44.27 -68.47
N LYS Z 45 -24.74 -45.03 -69.23
CA LYS Z 45 -25.45 -44.50 -70.39
C LYS Z 45 -26.70 -43.77 -69.92
N SER Z 46 -26.79 -42.49 -70.24
CA SER Z 46 -27.92 -41.67 -69.84
C SER Z 46 -28.50 -40.96 -71.06
N LYS Z 47 -29.83 -40.87 -71.10
CA LYS Z 47 -30.48 -40.17 -72.21
C LYS Z 47 -30.11 -38.69 -72.22
N THR Z 48 -29.99 -38.09 -71.04
CA THR Z 48 -29.63 -36.69 -70.95
C THR Z 48 -28.24 -36.42 -71.51
N GLY Z 49 -27.28 -37.30 -71.22
CA GLY Z 49 -25.94 -37.13 -71.71
C GLY Z 49 -24.82 -37.25 -70.69
N PRO Z 50 -25.02 -36.77 -69.46
CA PRO Z 50 -23.99 -36.97 -68.43
C PRO Z 50 -23.66 -38.45 -68.24
N LEU Z 51 -22.36 -38.74 -68.27
CA LEU Z 51 -21.83 -40.11 -68.20
C LEU Z 51 -20.62 -40.09 -67.28
N GLY Z 52 -20.72 -40.81 -66.17
CA GLY Z 52 -19.62 -40.86 -65.22
C GLY Z 52 -20.00 -41.59 -63.96
N MET Z 53 -19.01 -41.73 -63.07
CA MET Z 53 -19.29 -42.28 -61.76
C MET Z 53 -20.24 -41.40 -60.97
N MET Z 54 -20.02 -40.08 -61.02
CA MET Z 54 -20.90 -39.13 -60.36
C MET Z 54 -21.97 -38.57 -61.30
N GLN Z 55 -21.94 -38.95 -62.58
CA GLN Z 55 -23.00 -38.60 -63.54
C GLN Z 55 -23.15 -37.09 -63.70
N PHE Z 56 -22.10 -36.44 -64.19
CA PHE Z 56 -22.13 -35.01 -64.44
C PHE Z 56 -21.30 -34.68 -65.68
N THR Z 57 -21.95 -34.10 -66.69
CA THR Z 57 -21.23 -33.51 -67.81
C THR Z 57 -21.44 -32.01 -67.82
N LYS Z 58 -22.72 -31.59 -67.95
CA LYS Z 58 -23.24 -30.24 -67.64
C LYS Z 58 -22.18 -29.19 -68.00
N ALA Z 59 -21.91 -28.24 -67.12
CA ALA Z 59 -20.67 -27.46 -67.16
C ALA Z 59 -19.64 -28.01 -66.17
N THR Z 60 -20.10 -28.59 -65.07
CA THR Z 60 -19.21 -29.24 -64.12
C THR Z 60 -18.56 -30.45 -64.78
N ALA Z 61 -17.24 -30.53 -64.65
CA ALA Z 61 -16.30 -31.29 -65.45
C ALA Z 61 -15.10 -30.37 -65.70
N LYS Z 62 -15.13 -29.61 -66.79
CA LYS Z 62 -14.16 -28.55 -66.96
C LYS Z 62 -14.24 -27.58 -65.80
N ALA Z 63 -15.44 -27.12 -65.48
CA ALA Z 63 -15.64 -26.15 -64.38
C ALA Z 63 -14.73 -26.38 -63.20
N LEU Z 64 -14.57 -27.63 -62.79
CA LEU Z 64 -13.69 -27.94 -61.66
C LEU Z 64 -12.26 -28.07 -62.14
N GLY Z 65 -11.65 -26.93 -62.48
CA GLY Z 65 -10.22 -26.77 -62.36
C GLY Z 65 -9.44 -27.54 -63.40
N LEU Z 66 -9.73 -27.27 -64.68
CA LEU Z 66 -9.05 -27.98 -65.75
C LEU Z 66 -8.24 -27.03 -66.61
N ARG Z 67 -7.95 -27.41 -67.86
CA ARG Z 67 -7.23 -26.56 -68.80
C ARG Z 67 -5.80 -26.35 -68.28
N VAL Z 68 -5.51 -26.95 -67.12
CA VAL Z 68 -4.14 -26.97 -66.62
C VAL Z 68 -3.48 -28.30 -66.97
N THR Z 69 -4.29 -29.31 -67.27
CA THR Z 69 -3.82 -30.63 -67.66
C THR Z 69 -4.53 -31.06 -68.94
N ASP Z 70 -3.92 -32.01 -69.64
CA ASP Z 70 -4.59 -32.63 -70.78
C ASP Z 70 -5.85 -33.35 -70.29
N GLY Z 71 -7.00 -32.82 -70.66
CA GLY Z 71 -8.25 -33.26 -70.08
C GLY Z 71 -9.07 -34.13 -71.00
N PRO Z 72 -9.38 -35.38 -70.57
CA PRO Z 72 -10.29 -36.11 -71.46
C PRO Z 72 -11.61 -35.36 -71.38
N ASP Z 73 -11.73 -34.44 -70.42
CA ASP Z 73 -12.92 -33.58 -70.32
C ASP Z 73 -14.25 -34.30 -70.21
N ASP Z 74 -15.19 -33.88 -71.04
CA ASP Z 74 -16.60 -34.14 -70.78
C ASP Z 74 -16.89 -35.53 -71.29
N ASP Z 75 -15.96 -36.07 -72.06
CA ASP Z 75 -16.13 -37.41 -72.60
C ASP Z 75 -15.68 -38.42 -71.57
N ARG Z 76 -14.48 -38.27 -71.03
CA ARG Z 76 -13.94 -39.25 -70.11
C ARG Z 76 -13.41 -38.56 -68.87
N LEU Z 77 -13.54 -39.24 -67.74
CA LEU Z 77 -12.98 -38.74 -66.49
C LEU Z 77 -12.33 -39.89 -65.75
N ASN Z 78 -11.11 -39.66 -65.27
CA ASN Z 78 -10.45 -40.67 -64.46
C ASN Z 78 -11.21 -40.84 -63.15
N PRO Z 79 -11.61 -42.06 -62.80
CA PRO Z 79 -12.52 -42.24 -61.65
C PRO Z 79 -11.97 -41.68 -60.36
N GLU Z 80 -10.66 -41.81 -60.14
CA GLU Z 80 -10.04 -41.17 -58.99
C GLU Z 80 -10.18 -39.66 -59.08
N LEU Z 81 -9.82 -39.09 -60.23
CA LEU Z 81 -9.93 -37.63 -60.42
C LEU Z 81 -11.37 -37.18 -60.33
N ALA Z 82 -12.29 -37.94 -60.93
CA ALA Z 82 -13.70 -37.57 -60.89
C ALA Z 82 -14.22 -37.56 -59.46
N ILE Z 83 -13.91 -38.61 -58.69
CA ILE Z 83 -14.39 -38.69 -57.32
C ILE Z 83 -13.77 -37.58 -56.48
N ASN Z 84 -12.49 -37.28 -56.67
CA ASN Z 84 -11.87 -36.22 -55.90
C ASN Z 84 -12.47 -34.86 -56.22
N ALA Z 85 -12.73 -34.60 -57.51
CA ALA Z 85 -13.34 -33.33 -57.89
C ALA Z 85 -14.75 -33.21 -57.34
N ALA Z 86 -15.54 -34.28 -57.42
CA ALA Z 86 -16.88 -34.25 -56.87
C ALA Z 86 -16.85 -34.07 -55.36
N ALA Z 87 -15.88 -34.70 -54.69
CA ALA Z 87 -15.74 -34.53 -53.25
C ALA Z 87 -15.39 -33.10 -52.90
N LYS Z 88 -14.52 -32.48 -53.69
CA LYS Z 88 -14.19 -31.08 -53.47
C LYS Z 88 -15.41 -30.19 -53.66
N GLN Z 89 -16.21 -30.49 -54.68
CA GLN Z 89 -17.43 -29.73 -54.91
C GLN Z 89 -18.39 -29.87 -53.74
N LEU Z 90 -18.58 -31.10 -53.26
CA LEU Z 90 -19.48 -31.33 -52.14
C LEU Z 90 -18.97 -30.67 -50.87
N ALA Z 91 -17.65 -30.69 -50.66
CA ALA Z 91 -17.09 -30.03 -49.48
C ALA Z 91 -17.32 -28.52 -49.56
N GLY Z 92 -17.12 -27.94 -50.74
CA GLY Z 92 -17.39 -26.52 -50.91
C GLY Z 92 -18.84 -26.18 -50.65
N LEU Z 93 -19.76 -26.98 -51.19
CA LEU Z 93 -21.18 -26.74 -50.97
C LEU Z 93 -21.56 -26.90 -49.50
N VAL Z 94 -21.06 -27.96 -48.86
CA VAL Z 94 -21.40 -28.20 -47.45
C VAL Z 94 -20.90 -27.07 -46.58
N GLY Z 95 -19.65 -26.63 -46.81
CA GLY Z 95 -19.13 -25.53 -46.04
C GLY Z 95 -19.85 -24.23 -46.31
N LYS Z 96 -20.16 -23.96 -47.59
CA LYS Z 96 -20.84 -22.73 -47.96
C LYS Z 96 -22.21 -22.65 -47.29
N PHE Z 97 -22.89 -23.78 -47.15
CA PHE Z 97 -24.15 -23.83 -46.44
C PHE Z 97 -23.96 -24.18 -44.98
N ASP Z 98 -23.04 -23.49 -44.33
CA ASP Z 98 -22.67 -23.73 -42.92
C ASP Z 98 -22.30 -25.21 -42.80
N GLY Z 99 -23.04 -26.01 -42.04
CA GLY Z 99 -22.81 -27.45 -42.01
C GLY Z 99 -23.91 -28.28 -42.62
N ASP Z 100 -24.86 -27.67 -43.34
CA ASP Z 100 -26.06 -28.35 -43.79
C ASP Z 100 -25.77 -29.22 -45.01
N GLU Z 101 -25.68 -30.53 -44.80
CA GLU Z 101 -25.36 -31.43 -45.89
C GLU Z 101 -26.56 -31.67 -46.80
N LEU Z 102 -27.78 -31.56 -46.26
CA LEU Z 102 -28.96 -31.74 -47.10
C LEU Z 102 -29.11 -30.59 -48.09
N LYS Z 103 -28.90 -29.35 -47.64
CA LYS Z 103 -28.96 -28.22 -48.55
C LYS Z 103 -27.87 -28.32 -49.62
N ALA Z 104 -26.68 -28.77 -49.21
CA ALA Z 104 -25.61 -28.98 -50.18
C ALA Z 104 -25.98 -30.07 -51.17
N ALA Z 105 -26.64 -31.13 -50.72
CA ALA Z 105 -27.06 -32.19 -51.61
C ALA Z 105 -28.11 -31.69 -52.60
N LEU Z 106 -29.02 -30.83 -52.13
CA LEU Z 106 -29.97 -30.19 -53.03
C LEU Z 106 -29.25 -29.34 -54.07
N ALA Z 107 -28.25 -28.58 -53.64
CA ALA Z 107 -27.49 -27.77 -54.59
C ALA Z 107 -26.73 -28.64 -55.58
N TYR Z 108 -26.28 -29.81 -55.14
CA TYR Z 108 -25.57 -30.72 -56.03
C TYR Z 108 -26.50 -31.33 -57.06
N ASN Z 109 -27.65 -31.82 -56.63
CA ASN Z 109 -28.54 -32.55 -57.52
C ASN Z 109 -29.32 -31.62 -58.42
N GLN Z 110 -29.99 -30.63 -57.85
CA GLN Z 110 -30.79 -29.70 -58.62
C GLN Z 110 -29.96 -28.61 -59.28
N GLY Z 111 -28.65 -28.64 -59.09
CA GLY Z 111 -27.79 -27.64 -59.67
C GLY Z 111 -27.94 -26.32 -58.95
N GLU Z 112 -27.56 -25.26 -59.64
CA GLU Z 112 -27.63 -23.93 -59.06
C GLU Z 112 -27.69 -22.91 -60.19
N GLY Z 113 -28.25 -21.74 -59.88
CA GLY Z 113 -28.39 -20.67 -60.84
C GLY Z 113 -29.69 -20.64 -61.63
N ARG Z 114 -29.83 -21.52 -62.62
CA ARG Z 114 -30.98 -21.42 -63.52
C ARG Z 114 -32.26 -21.90 -62.84
N LEU Z 115 -32.19 -23.03 -62.13
CA LEU Z 115 -33.36 -23.66 -61.55
C LEU Z 115 -33.07 -24.06 -60.11
N GLY Z 116 -31.80 -24.03 -59.73
CA GLY Z 116 -31.42 -24.44 -58.40
C GLY Z 116 -31.72 -23.39 -57.35
N ASN Z 117 -31.20 -22.17 -57.55
CA ASN Z 117 -31.29 -21.15 -56.50
C ASN Z 117 -32.70 -20.89 -55.98
N PRO Z 118 -33.75 -20.84 -56.80
CA PRO Z 118 -35.09 -20.77 -56.21
C PRO Z 118 -35.37 -21.91 -55.25
N GLN Z 119 -34.93 -23.12 -55.59
CA GLN Z 119 -35.19 -24.27 -54.72
C GLN Z 119 -34.34 -24.20 -53.45
N LEU Z 120 -33.11 -23.73 -53.57
CA LEU Z 120 -32.28 -23.55 -52.39
C LEU Z 120 -32.87 -22.51 -51.45
N GLU Z 121 -33.38 -21.42 -52.01
CA GLU Z 121 -34.04 -20.40 -51.20
C GLU Z 121 -35.31 -20.94 -50.54
N ALA Z 122 -36.11 -21.69 -51.30
CA ALA Z 122 -37.31 -22.31 -50.73
C ALA Z 122 -36.94 -23.25 -49.60
N TYR Z 123 -35.89 -24.04 -49.79
CA TYR Z 123 -35.36 -24.85 -48.70
C TYR Z 123 -35.03 -23.98 -47.51
N SER Z 124 -34.34 -22.86 -47.75
CA SER Z 124 -33.91 -21.98 -46.67
C SER Z 124 -35.08 -21.44 -45.86
N LYS Z 125 -36.23 -21.23 -46.49
CA LYS Z 125 -37.36 -20.70 -45.73
C LYS Z 125 -38.34 -21.80 -45.33
N GLY Z 126 -37.84 -22.98 -44.96
CA GLY Z 126 -38.73 -24.11 -44.78
C GLY Z 126 -39.25 -24.55 -46.13
N ASP Z 127 -40.52 -24.24 -46.42
CA ASP Z 127 -41.08 -24.28 -47.76
C ASP Z 127 -40.63 -25.46 -48.61
N PHE Z 128 -40.70 -26.67 -48.06
CA PHE Z 128 -40.32 -27.84 -48.84
C PHE Z 128 -41.30 -28.14 -49.96
N ALA Z 129 -42.49 -27.52 -49.93
CA ALA Z 129 -43.44 -27.70 -51.01
C ALA Z 129 -42.93 -27.08 -52.30
N SER Z 130 -42.27 -25.93 -52.20
CA SER Z 130 -41.81 -25.25 -53.41
C SER Z 130 -40.67 -26.01 -54.07
N ILE Z 131 -39.91 -26.79 -53.29
CA ILE Z 131 -38.84 -27.59 -53.86
C ILE Z 131 -39.43 -28.64 -54.79
N SER Z 132 -38.74 -28.89 -55.90
CA SER Z 132 -39.20 -29.87 -56.87
C SER Z 132 -39.21 -31.26 -56.24
N GLU Z 133 -40.05 -32.13 -56.82
CA GLU Z 133 -40.20 -33.48 -56.28
C GLU Z 133 -38.90 -34.26 -56.35
N GLU Z 134 -38.11 -34.05 -57.42
CA GLU Z 134 -36.90 -34.83 -57.59
C GLU Z 134 -35.88 -34.52 -56.51
N GLY Z 135 -35.62 -33.23 -56.29
CA GLY Z 135 -34.71 -32.85 -55.22
C GLY Z 135 -35.24 -33.23 -53.85
N ARG Z 136 -36.57 -33.17 -53.69
CA ARG Z 136 -37.16 -33.53 -52.40
C ARG Z 136 -36.95 -35.01 -52.09
N ASN Z 137 -37.19 -35.88 -53.07
CA ASN Z 137 -36.90 -37.30 -52.88
C ASN Z 137 -35.41 -37.52 -52.68
N TYR Z 138 -34.59 -36.74 -53.36
CA TYR Z 138 -33.15 -36.90 -53.25
C TYR Z 138 -32.68 -36.61 -51.83
N MET Z 139 -33.15 -35.50 -51.25
CA MET Z 139 -32.84 -35.20 -49.86
C MET Z 139 -33.44 -36.25 -48.93
N ARG Z 140 -34.64 -36.74 -49.24
CA ARG Z 140 -35.26 -37.77 -48.40
C ARG Z 140 -34.40 -39.03 -48.35
N ASN Z 141 -33.89 -39.45 -49.51
CA ASN Z 141 -33.06 -40.66 -49.53
C ASN Z 141 -31.70 -40.39 -48.92
N LEU Z 142 -31.32 -39.12 -48.82
CA LEU Z 142 -30.09 -38.76 -48.11
C LEU Z 142 -30.31 -38.43 -46.63
N LEU Z 143 -31.53 -38.54 -46.11
CA LEU Z 143 -31.81 -38.07 -44.76
C LEU Z 143 -30.91 -38.73 -43.73
N ASP Z 144 -30.66 -40.03 -43.86
CA ASP Z 144 -29.88 -40.74 -42.85
C ASP Z 144 -28.43 -40.31 -42.84
N VAL Z 145 -27.79 -40.23 -44.02
CA VAL Z 145 -26.36 -40.04 -44.08
C VAL Z 145 -25.98 -38.58 -43.90
N ALA Z 146 -26.93 -37.68 -44.13
CA ALA Z 146 -26.67 -36.25 -44.09
C ALA Z 146 -27.04 -35.67 -42.73
N LYS Z 147 -26.24 -34.71 -42.28
CA LYS Z 147 -26.53 -33.96 -41.06
C LYS Z 147 -27.06 -32.59 -41.46
N SER Z 148 -28.22 -32.22 -40.92
CA SER Z 148 -28.89 -31.00 -41.31
C SER Z 148 -29.77 -30.47 -40.18
N PRO Z 149 -29.85 -29.15 -40.02
CA PRO Z 149 -30.87 -28.59 -39.14
C PRO Z 149 -32.28 -28.84 -39.64
N MET Z 150 -32.44 -29.12 -40.92
CA MET Z 150 -33.73 -29.28 -41.57
C MET Z 150 -34.20 -30.73 -41.60
N ALA Z 151 -33.46 -31.65 -40.99
CA ALA Z 151 -33.83 -33.05 -41.09
C ALA Z 151 -35.19 -33.32 -40.47
N GLY Z 152 -35.44 -32.76 -39.28
CA GLY Z 152 -36.73 -32.97 -38.65
C GLY Z 152 -37.88 -32.37 -39.43
N GLN Z 153 -37.68 -31.17 -39.98
CA GLN Z 153 -38.77 -30.52 -40.71
C GLN Z 153 -39.04 -31.21 -42.04
N LEU Z 154 -38.01 -31.81 -42.65
CA LEU Z 154 -38.27 -32.64 -43.82
C LEU Z 154 -38.98 -33.93 -43.43
N GLU Z 155 -38.63 -34.50 -42.27
CA GLU Z 155 -39.31 -35.71 -41.83
C GLU Z 155 -40.79 -35.46 -41.56
N THR Z 156 -41.12 -34.32 -40.95
CA THR Z 156 -42.52 -34.01 -40.68
C THR Z 156 -43.28 -33.71 -41.97
N PHE Z 157 -42.61 -33.15 -42.96
CA PHE Z 157 -43.23 -32.80 -44.23
C PHE Z 157 -43.74 -34.05 -44.96
N ASN Z 222 -39.83 -50.10 -40.01
CA ASN Z 222 -39.06 -49.59 -41.14
C ASN Z 222 -37.58 -49.90 -40.95
N SER Z 223 -37.24 -51.19 -41.00
CA SER Z 223 -35.86 -51.66 -40.79
C SER Z 223 -35.29 -51.17 -39.47
N ARG Z 224 -36.17 -50.82 -38.55
CA ARG Z 224 -35.80 -50.42 -37.20
C ARG Z 224 -36.06 -51.60 -36.27
N SER Z 225 -35.03 -52.02 -35.55
CA SER Z 225 -35.15 -53.19 -34.69
C SER Z 225 -36.29 -53.00 -33.69
N THR Z 226 -37.14 -54.00 -33.59
CA THR Z 226 -38.39 -53.85 -32.87
C THR Z 226 -38.16 -53.59 -31.39
N PHE Z 227 -38.80 -52.54 -30.87
CA PHE Z 227 -38.75 -52.26 -29.45
C PHE Z 227 -39.44 -53.37 -28.66
N PHE Z 228 -40.61 -53.81 -29.13
CA PHE Z 228 -41.37 -54.87 -28.51
C PHE Z 228 -42.38 -55.44 -29.50
N GLY Z 229 -42.53 -56.76 -29.48
CA GLY Z 229 -43.50 -57.40 -30.34
C GLY Z 229 -42.97 -57.64 -31.74
N PHE Z 230 -43.90 -57.60 -32.69
CA PHE Z 230 -43.57 -57.87 -34.07
C PHE Z 230 -43.14 -56.60 -34.80
N LYS Z 231 -42.48 -56.78 -35.93
CA LYS Z 231 -41.85 -55.67 -36.62
C LYS Z 231 -42.89 -54.81 -37.35
N ASN Z 232 -42.53 -53.55 -37.57
CA ASN Z 232 -43.30 -52.63 -38.41
C ASN Z 232 -44.72 -52.44 -37.94
N ALA Z 233 -45.65 -53.18 -38.55
CA ALA Z 233 -47.07 -52.89 -38.40
C ALA Z 233 -47.52 -52.97 -36.95
N ALA Z 234 -47.02 -53.97 -36.20
CA ALA Z 234 -47.46 -54.16 -34.83
C ALA Z 234 -47.17 -52.93 -33.98
N GLU Z 235 -46.03 -52.27 -34.25
CA GLU Z 235 -45.66 -51.11 -33.45
C GLU Z 235 -46.19 -49.82 -34.06
N ALA Z 236 -46.35 -49.80 -35.39
CA ALA Z 236 -46.77 -48.56 -36.05
C ALA Z 236 -48.27 -48.39 -36.01
N GLU Z 237 -49.01 -49.32 -36.62
CA GLU Z 237 -50.47 -49.21 -36.67
C GLU Z 237 -51.08 -49.25 -35.28
N LEU Z 238 -50.35 -49.78 -34.31
CA LEU Z 238 -50.89 -50.02 -32.99
C LEU Z 238 -49.86 -49.69 -31.92
N SER Z 239 -50.06 -50.19 -30.71
CA SER Z 239 -49.19 -49.91 -29.58
C SER Z 239 -49.13 -48.41 -29.34
N ASN Z 240 -50.27 -47.87 -28.91
CA ASN Z 240 -50.32 -46.46 -28.52
C ASN Z 240 -49.45 -46.19 -27.31
N SER Z 241 -49.00 -47.23 -26.62
CA SER Z 241 -48.28 -47.08 -25.36
C SER Z 241 -46.80 -46.84 -25.62
N VAL Z 242 -46.37 -45.58 -25.45
CA VAL Z 242 -44.98 -45.14 -25.33
C VAL Z 242 -44.00 -45.87 -26.25
N ALA Z 243 -43.91 -47.19 -26.16
CA ALA Z 243 -42.95 -47.92 -26.97
C ALA Z 243 -43.23 -47.73 -28.46
N GLY Z 244 -44.50 -47.81 -28.86
CA GLY Z 244 -44.84 -47.48 -30.23
C GLY Z 244 -44.54 -46.04 -30.56
N MET Z 245 -44.74 -45.15 -29.59
CA MET Z 245 -44.41 -43.75 -29.79
C MET Z 245 -42.92 -43.54 -29.99
N ALA Z 246 -42.11 -44.14 -29.11
CA ALA Z 246 -40.66 -44.00 -29.23
C ALA Z 246 -40.16 -44.61 -30.53
N PHE Z 247 -40.77 -45.71 -30.96
CA PHE Z 247 -40.44 -46.26 -32.26
C PHE Z 247 -40.81 -45.30 -33.38
N ARG Z 248 -41.96 -44.62 -33.26
CA ARG Z 248 -42.40 -43.76 -34.34
C ARG Z 248 -41.57 -42.49 -34.46
N ALA Z 249 -40.89 -42.08 -33.39
CA ALA Z 249 -39.98 -40.94 -33.45
C ALA Z 249 -38.52 -41.36 -33.53
N GLY Z 250 -38.23 -42.54 -34.08
CA GLY Z 250 -36.89 -43.08 -33.99
C GLY Z 250 -35.90 -42.39 -34.89
N ARG Z 251 -36.05 -42.57 -36.20
CA ARG Z 251 -35.11 -42.03 -37.17
C ARG Z 251 -33.67 -42.49 -36.91
N LEU Z 252 -33.38 -43.78 -37.10
CA LEU Z 252 -32.00 -44.24 -37.07
C LEU Z 252 -31.12 -43.35 -37.93
N ASP Z 253 -29.98 -42.93 -37.38
CA ASP Z 253 -29.10 -41.99 -38.07
C ASP Z 253 -28.19 -42.69 -39.06
N ASN Z 254 -27.38 -43.64 -38.57
CA ASN Z 254 -26.40 -44.34 -39.40
C ASN Z 254 -25.36 -43.39 -39.97
N GLY Z 255 -25.13 -42.26 -39.30
CA GLY Z 255 -24.19 -41.29 -39.82
C GLY Z 255 -23.22 -40.74 -38.80
N PHE Z 256 -22.71 -41.59 -37.91
CA PHE Z 256 -21.81 -41.17 -36.86
C PHE Z 256 -20.38 -41.12 -37.40
N ASP Z 257 -19.69 -40.01 -37.12
CA ASP Z 257 -18.30 -39.82 -37.48
C ASP Z 257 -17.54 -39.47 -36.21
N VAL Z 258 -16.54 -40.28 -35.87
CA VAL Z 258 -15.87 -40.12 -34.58
C VAL Z 258 -15.14 -38.79 -34.51
N PHE Z 259 -14.57 -38.35 -35.63
CA PHE Z 259 -13.81 -37.11 -35.60
C PHE Z 259 -14.70 -35.89 -35.84
N LYS Z 260 -15.95 -36.13 -36.23
CA LYS Z 260 -16.90 -35.02 -36.32
C LYS Z 260 -17.63 -34.81 -35.01
N ASP Z 261 -17.99 -35.89 -34.33
CA ASP Z 261 -18.80 -35.80 -33.12
C ASP Z 261 -17.96 -35.91 -31.87
N THR Z 262 -17.14 -36.96 -31.77
CA THR Z 262 -16.39 -37.18 -30.54
C THR Z 262 -15.17 -36.26 -30.46
N ILE Z 263 -14.22 -36.41 -31.39
CA ILE Z 263 -12.97 -35.67 -31.31
C ILE Z 263 -12.87 -34.70 -32.48
N THR Z 264 -13.21 -33.45 -32.25
CA THR Z 264 -13.11 -32.46 -33.29
C THR Z 264 -11.70 -31.88 -33.33
N PRO Z 265 -11.04 -31.87 -34.48
CA PRO Z 265 -9.72 -31.24 -34.58
C PRO Z 265 -9.83 -29.75 -34.31
N THR Z 266 -9.12 -29.28 -33.29
CA THR Z 266 -9.08 -27.87 -32.99
C THR Z 266 -8.04 -27.17 -33.86
N ARG Z 267 -7.91 -25.85 -33.65
CA ARG Z 267 -6.95 -25.09 -34.42
C ARG Z 267 -5.53 -25.48 -34.05
N TRP Z 268 -5.29 -25.77 -32.76
CA TRP Z 268 -3.94 -25.96 -32.28
C TRP Z 268 -3.49 -27.42 -32.39
N ASN Z 269 -4.44 -28.34 -32.38
CA ASN Z 269 -4.18 -29.62 -32.99
C ASN Z 269 -4.16 -29.45 -34.51
N SER Z 270 -3.53 -30.40 -35.19
CA SER Z 270 -3.45 -30.44 -36.64
C SER Z 270 -2.70 -29.26 -37.23
N HIS Z 271 -2.12 -28.37 -36.41
CA HIS Z 271 -1.40 -27.21 -36.90
C HIS Z 271 0.09 -27.45 -36.73
N ILE Z 272 0.76 -27.76 -37.83
CA ILE Z 272 2.20 -28.03 -37.82
C ILE Z 272 2.92 -26.70 -37.85
N TRP Z 273 3.83 -26.51 -36.91
CA TRP Z 273 4.47 -25.21 -36.72
C TRP Z 273 5.38 -24.85 -37.88
N THR Z 274 5.40 -23.56 -38.19
CA THR Z 274 6.41 -23.01 -39.07
C THR Z 274 7.69 -22.79 -38.26
N PRO Z 275 8.84 -22.66 -38.94
CA PRO Z 275 10.09 -22.48 -38.18
C PRO Z 275 10.08 -21.30 -37.22
N GLU Z 276 9.47 -20.18 -37.62
CA GLU Z 276 9.36 -19.04 -36.72
C GLU Z 276 8.51 -19.38 -35.51
N GLU Z 277 7.38 -20.05 -35.72
CA GLU Z 277 6.55 -20.48 -34.61
C GLU Z 277 7.30 -21.46 -33.73
N LEU Z 278 8.05 -22.38 -34.34
CA LEU Z 278 8.83 -23.33 -33.56
C LEU Z 278 9.84 -22.62 -32.66
N GLU Z 279 10.54 -21.63 -33.19
CA GLU Z 279 11.52 -20.92 -32.37
C GLU Z 279 10.83 -20.12 -31.27
N LYS Z 280 9.68 -19.51 -31.59
CA LYS Z 280 8.94 -18.77 -30.57
C LYS Z 280 8.52 -19.70 -29.44
N ILE Z 281 8.04 -20.88 -29.78
CA ILE Z 281 7.61 -21.84 -28.77
C ILE Z 281 8.80 -22.32 -27.95
N ARG Z 282 9.92 -22.61 -28.62
CA ARG Z 282 11.10 -23.09 -27.90
C ARG Z 282 11.62 -22.06 -26.92
N THR Z 283 11.67 -20.79 -27.32
CA THR Z 283 12.20 -19.78 -26.43
C THR Z 283 11.22 -19.38 -25.34
N GLU Z 284 9.93 -19.28 -25.66
CA GLU Z 284 8.98 -18.58 -24.80
C GLU Z 284 8.12 -19.50 -23.95
N VAL Z 285 8.14 -20.80 -24.17
CA VAL Z 285 7.27 -21.73 -23.45
C VAL Z 285 8.12 -22.52 -22.47
N LYS Z 286 7.78 -22.42 -21.18
CA LYS Z 286 8.52 -23.15 -20.15
C LYS Z 286 8.36 -24.65 -20.33
N ASN Z 287 7.14 -25.16 -20.17
CA ASN Z 287 6.84 -26.54 -20.43
C ASN Z 287 6.01 -26.63 -21.70
N PRO Z 288 6.58 -27.11 -22.79
CA PRO Z 288 5.83 -27.16 -24.06
C PRO Z 288 4.61 -28.06 -24.01
N ALA Z 289 4.54 -29.01 -23.08
CA ALA Z 289 3.38 -29.88 -23.00
C ALA Z 289 2.11 -29.10 -22.71
N TYR Z 290 2.25 -27.91 -22.12
CA TYR Z 290 1.07 -27.10 -21.82
C TYR Z 290 0.49 -26.44 -23.06
N ILE Z 291 1.20 -26.51 -24.19
CA ILE Z 291 0.62 -26.05 -25.44
C ILE Z 291 -0.47 -27.02 -25.89
N ASN Z 292 -0.39 -28.26 -25.43
CA ASN Z 292 -1.30 -29.29 -25.94
C ASN Z 292 -2.72 -29.11 -25.39
N VAL Z 293 -2.85 -28.53 -24.21
CA VAL Z 293 -4.17 -28.39 -23.61
C VAL Z 293 -4.81 -27.08 -24.05
N VAL Z 294 -6.07 -27.16 -24.45
CA VAL Z 294 -6.83 -25.97 -24.82
C VAL Z 294 -8.12 -25.91 -24.01
N THR Z 295 -8.07 -25.26 -22.85
CA THR Z 295 -9.24 -25.17 -22.01
C THR Z 295 -10.06 -23.93 -22.37
N GLY Z 296 -11.38 -24.11 -22.45
CA GLY Z 296 -12.25 -23.03 -22.83
C GLY Z 296 -12.08 -22.65 -24.29
N GLY Z 297 -12.31 -21.36 -24.56
CA GLY Z 297 -12.21 -20.86 -25.92
C GLY Z 297 -10.79 -20.92 -26.43
N SER Z 298 -10.65 -21.22 -27.72
CA SER Z 298 -9.33 -21.36 -28.32
C SER Z 298 -8.65 -20.01 -28.40
N PRO Z 299 -7.38 -19.91 -28.00
CA PRO Z 299 -6.68 -18.63 -28.13
C PRO Z 299 -6.55 -18.23 -29.60
N GLU Z 300 -6.62 -16.92 -29.85
CA GLU Z 300 -6.67 -16.44 -31.23
C GLU Z 300 -5.33 -16.63 -31.94
N ASN Z 301 -4.24 -16.31 -31.26
CA ASN Z 301 -2.93 -16.38 -31.88
C ASN Z 301 -1.94 -17.05 -30.93
N LEU Z 302 -0.80 -17.44 -31.50
CA LEU Z 302 0.16 -18.25 -30.76
C LEU Z 302 0.73 -17.50 -29.56
N ASP Z 303 0.75 -16.17 -29.59
CA ASP Z 303 1.24 -15.44 -28.44
C ASP Z 303 0.34 -15.64 -27.22
N ASP Z 304 -0.98 -15.62 -27.44
CA ASP Z 304 -1.90 -15.92 -26.35
C ASP Z 304 -1.79 -17.36 -25.91
N LEU Z 305 -1.59 -18.28 -26.83
CA LEU Z 305 -1.39 -19.68 -26.46
C LEU Z 305 -0.16 -19.83 -25.57
N ILE Z 306 0.93 -19.15 -25.93
CA ILE Z 306 2.15 -19.21 -25.14
C ILE Z 306 1.94 -18.61 -23.76
N LYS Z 307 1.28 -17.46 -23.70
CA LYS Z 307 1.04 -16.82 -22.42
C LYS Z 307 0.17 -17.68 -21.53
N LEU Z 308 -0.89 -18.26 -22.10
CA LEU Z 308 -1.77 -19.14 -21.35
C LEU Z 308 -1.02 -20.38 -20.87
N ALA Z 309 -0.15 -20.94 -21.72
CA ALA Z 309 0.64 -22.09 -21.33
C ALA Z 309 1.55 -21.77 -20.17
N ASN Z 310 2.22 -20.62 -20.21
CA ASN Z 310 3.10 -20.26 -19.11
C ASN Z 310 2.32 -20.02 -17.84
N GLU Z 311 1.16 -19.36 -17.93
CA GLU Z 311 0.35 -19.16 -16.74
C GLU Z 311 -0.09 -20.49 -16.13
N ASN Z 312 -0.54 -21.42 -16.98
CA ASN Z 312 -0.95 -22.72 -16.47
C ASN Z 312 0.22 -23.46 -15.83
N PHE Z 313 1.39 -23.40 -16.46
CA PHE Z 313 2.54 -24.10 -15.90
C PHE Z 313 2.94 -23.52 -14.56
N GLU Z 314 2.95 -22.19 -14.44
CA GLU Z 314 3.26 -21.57 -13.17
C GLU Z 314 2.23 -21.96 -12.10
N ASN Z 315 0.95 -21.98 -12.47
CA ASN Z 315 -0.07 -22.37 -11.51
C ASN Z 315 0.09 -23.81 -11.07
N ASP Z 316 0.42 -24.70 -11.99
CA ASP Z 316 0.55 -26.12 -11.61
C ASP Z 316 1.80 -26.34 -10.77
N SER Z 317 2.90 -25.69 -11.11
CA SER Z 317 4.09 -25.80 -10.27
C SER Z 317 3.82 -25.25 -8.87
N ARG Z 318 3.10 -24.13 -8.80
CA ARG Z 318 2.70 -23.57 -7.51
C ARG Z 318 1.71 -24.47 -6.78
N ALA Z 319 0.95 -25.27 -7.51
CA ALA Z 319 -0.08 -26.10 -6.90
C ALA Z 319 0.43 -27.47 -6.47
N ALA Z 320 1.58 -27.90 -6.97
CA ALA Z 320 2.05 -29.26 -6.71
C ALA Z 320 2.26 -29.52 -5.22
N GLU Z 321 2.69 -28.51 -4.46
CA GLU Z 321 3.02 -28.74 -3.05
C GLU Z 321 1.77 -29.03 -2.21
N ALA Z 322 0.62 -28.51 -2.62
CA ALA Z 322 -0.64 -28.89 -2.02
C ALA Z 322 -1.48 -29.74 -2.97
N GLY Z 323 -0.87 -30.22 -4.05
CA GLY Z 323 -1.60 -30.92 -5.08
C GLY Z 323 -1.83 -32.37 -4.75
N LEU Z 324 -2.12 -33.13 -5.81
CA LEU Z 324 -2.48 -34.52 -5.63
C LEU Z 324 -1.29 -35.37 -5.24
N GLY Z 325 -0.09 -34.99 -5.71
CA GLY Z 325 1.10 -35.70 -5.26
C GLY Z 325 1.27 -35.65 -3.77
N ALA Z 326 1.15 -34.45 -3.19
CA ALA Z 326 1.26 -34.31 -1.74
C ALA Z 326 0.10 -34.98 -1.01
N LYS Z 327 -1.12 -34.84 -1.56
CA LYS Z 327 -2.28 -35.45 -0.92
C LYS Z 327 -2.17 -36.96 -0.88
N LEU Z 328 -1.69 -37.57 -1.95
CA LEU Z 328 -1.53 -39.01 -2.04
C LEU Z 328 -0.23 -39.49 -1.44
N SER Z 329 0.65 -38.57 -1.05
CA SER Z 329 1.93 -38.96 -0.48
C SER Z 329 1.75 -39.74 0.82
N ALA Z 330 0.56 -39.68 1.40
CA ALA Z 330 0.23 -40.45 2.58
C ALA Z 330 -0.92 -41.40 2.27
N GLY Z 331 -0.59 -42.67 2.06
CA GLY Z 331 -1.62 -43.69 2.03
C GLY Z 331 -2.63 -43.67 0.90
N ILE Z 332 -2.20 -44.02 -0.31
CA ILE Z 332 -3.16 -44.21 -1.40
C ILE Z 332 -4.12 -45.35 -1.09
N ILE Z 333 -3.61 -46.48 -0.58
CA ILE Z 333 -4.46 -47.64 -0.38
C ILE Z 333 -4.76 -47.92 1.09
N GLY Z 334 -3.92 -47.46 2.01
CA GLY Z 334 -4.29 -47.54 3.41
C GLY Z 334 -5.52 -46.71 3.73
N ALA Z 335 -5.68 -45.59 3.03
CA ALA Z 335 -6.80 -44.69 3.24
C ALA Z 335 -7.98 -44.99 2.32
N GLY Z 336 -7.88 -46.01 1.48
CA GLY Z 336 -8.99 -46.35 0.60
C GLY Z 336 -9.30 -45.28 -0.43
N VAL Z 337 -8.28 -44.67 -1.01
CA VAL Z 337 -8.49 -43.62 -2.00
C VAL Z 337 -9.00 -44.26 -3.29
N ASP Z 338 -10.02 -43.64 -3.88
CA ASP Z 338 -10.63 -44.17 -5.09
C ASP Z 338 -10.29 -43.26 -6.26
N PRO Z 339 -9.32 -43.62 -7.10
CA PRO Z 339 -8.97 -42.73 -8.21
C PRO Z 339 -10.04 -42.64 -9.29
N LEU Z 340 -11.05 -43.51 -9.24
CA LEU Z 340 -12.08 -43.47 -10.27
C LEU Z 340 -12.91 -42.20 -10.17
N SER Z 341 -13.16 -41.73 -8.95
CA SER Z 341 -13.88 -40.48 -8.75
C SER Z 341 -12.88 -39.33 -8.65
N TYR Z 342 -12.23 -39.06 -9.79
CA TYR Z 342 -11.18 -38.07 -9.84
C TYR Z 342 -11.29 -37.27 -11.13
N VAL Z 343 -10.92 -36.00 -11.06
CA VAL Z 343 -10.82 -35.16 -12.25
C VAL Z 343 -9.56 -35.55 -13.00
N PRO Z 344 -9.44 -35.21 -14.29
CA PRO Z 344 -8.34 -35.78 -15.09
C PRO Z 344 -6.93 -35.43 -14.65
N MET Z 345 -6.74 -34.61 -13.62
CA MET Z 345 -5.41 -34.28 -13.07
C MET Z 345 -4.38 -34.00 -14.16
N VAL Z 346 -4.67 -33.00 -14.99
CA VAL Z 346 -3.84 -32.72 -16.15
C VAL Z 346 -2.46 -32.23 -15.74
N GLY Z 347 -2.40 -31.29 -14.80
CA GLY Z 347 -1.13 -30.70 -14.45
C GLY Z 347 -0.26 -31.58 -13.58
N VAL Z 348 -0.86 -32.60 -12.97
CA VAL Z 348 -0.13 -33.44 -12.03
C VAL Z 348 0.98 -34.26 -12.61
N THR Z 349 2.20 -34.02 -12.14
CA THR Z 349 3.32 -34.82 -12.54
C THR Z 349 3.80 -35.32 -11.21
N GLY Z 350 4.37 -36.51 -11.14
CA GLY Z 350 4.88 -36.93 -9.86
C GLY Z 350 6.00 -35.99 -9.50
N LYS Z 351 5.97 -35.48 -8.29
CA LYS Z 351 6.81 -34.34 -7.93
C LYS Z 351 6.77 -34.20 -6.44
N GLY Z 352 5.56 -34.07 -5.88
CA GLY Z 352 5.42 -34.00 -4.45
C GLY Z 352 5.17 -35.40 -3.94
N PHE Z 353 5.23 -36.38 -4.84
CA PHE Z 353 4.93 -37.74 -4.46
C PHE Z 353 6.00 -38.60 -3.82
N LYS Z 354 6.24 -38.41 -2.53
CA LYS Z 354 7.11 -39.33 -1.81
C LYS Z 354 6.24 -40.09 -0.83
N LEU Z 355 5.84 -41.30 -1.21
CA LEU Z 355 4.85 -42.06 -0.45
C LEU Z 355 5.47 -42.57 0.84
N ILE Z 356 5.24 -41.85 1.93
CA ILE Z 356 5.47 -42.33 3.27
C ILE Z 356 4.09 -42.45 3.92
N ASN Z 357 3.56 -43.66 3.99
CA ASN Z 357 2.33 -43.88 4.71
C ASN Z 357 2.63 -43.96 6.21
N LYS Z 358 2.03 -43.07 6.98
CA LYS Z 358 2.11 -43.19 8.43
C LYS Z 358 1.25 -44.37 8.87
N ALA Z 359 1.83 -45.22 9.72
CA ALA Z 359 1.46 -46.64 9.84
C ALA Z 359 2.02 -47.31 8.61
N LEU Z 360 2.47 -48.56 8.74
CA LEU Z 360 3.41 -49.21 7.82
C LEU Z 360 4.82 -48.64 7.97
N VAL Z 361 4.99 -47.58 8.75
CA VAL Z 361 6.32 -47.11 9.13
C VAL Z 361 6.59 -47.63 10.52
N VAL Z 362 7.30 -48.75 10.65
CA VAL Z 362 7.66 -49.20 11.98
C VAL Z 362 9.03 -48.66 12.40
N GLY Z 363 9.99 -49.52 12.64
CA GLY Z 363 11.31 -49.06 13.01
C GLY Z 363 11.84 -48.38 11.78
N ALA Z 364 12.57 -47.29 11.95
CA ALA Z 364 12.67 -46.28 10.91
C ALA Z 364 13.89 -45.42 11.15
N GLU Z 365 15.06 -45.96 10.84
CA GLU Z 365 16.29 -45.23 11.07
C GLU Z 365 16.41 -44.10 10.06
N SER Z 366 17.07 -43.01 10.46
CA SER Z 366 17.28 -41.91 9.53
C SER Z 366 18.61 -42.06 8.80
N ALA Z 367 19.54 -42.80 9.37
CA ALA Z 367 20.82 -43.05 8.73
C ALA Z 367 20.78 -44.38 7.99
N ALA Z 368 21.18 -44.36 6.73
CA ALA Z 368 21.23 -45.59 5.95
C ALA Z 368 22.40 -46.46 6.38
N LEU Z 369 22.28 -47.77 6.18
CA LEU Z 369 23.30 -48.69 6.65
C LEU Z 369 24.61 -48.54 5.91
N ASN Z 370 24.57 -48.35 4.60
CA ASN Z 370 25.77 -48.26 3.77
C ASN Z 370 25.73 -46.97 2.99
N VAL Z 371 26.85 -46.68 2.32
CA VAL Z 371 26.83 -45.64 1.28
C VAL Z 371 26.08 -46.11 0.06
N ALA Z 372 26.19 -47.39 -0.30
CA ALA Z 372 25.19 -48.03 -1.13
C ALA Z 372 23.89 -48.03 -0.33
N SER Z 373 22.79 -48.48 -0.93
CA SER Z 373 21.46 -48.18 -0.40
C SER Z 373 21.33 -46.67 -0.43
N GLU Z 374 21.07 -46.00 0.69
CA GLU Z 374 20.79 -44.55 0.72
C GLU Z 374 19.71 -44.29 -0.33
N GLY Z 375 20.01 -43.66 -1.45
CA GLY Z 375 18.99 -43.34 -2.42
C GLY Z 375 18.89 -44.35 -3.54
N LEU Z 376 18.03 -44.02 -4.49
CA LEU Z 376 17.85 -44.82 -5.69
C LEU Z 376 19.11 -44.69 -6.55
N ARG Z 377 19.81 -45.80 -6.76
CA ARG Z 377 21.16 -45.72 -7.30
C ARG Z 377 21.22 -45.43 -8.79
N THR Z 378 20.14 -44.93 -9.39
CA THR Z 378 20.17 -44.63 -10.82
C THR Z 378 21.15 -43.50 -11.10
N SER Z 379 21.88 -43.62 -12.20
CA SER Z 379 22.88 -42.62 -12.58
C SER Z 379 22.37 -41.61 -13.58
N VAL Z 380 21.09 -41.68 -13.95
CA VAL Z 380 20.57 -40.77 -14.96
C VAL Z 380 20.08 -39.49 -14.29
N ALA Z 381 20.29 -38.36 -14.97
CA ALA Z 381 19.80 -37.09 -14.46
C ALA Z 381 18.29 -37.05 -14.55
N GLY Z 382 17.66 -36.39 -13.58
CA GLY Z 382 16.22 -36.38 -13.48
C GLY Z 382 15.61 -37.60 -12.83
N GLY Z 383 16.44 -38.52 -12.33
CA GLY Z 383 15.91 -39.64 -11.58
C GLY Z 383 15.33 -39.19 -10.25
N ASP Z 384 14.54 -40.08 -9.66
CA ASP Z 384 13.76 -39.82 -8.45
C ASP Z 384 12.59 -38.89 -8.76
N ALA Z 385 12.57 -38.34 -9.97
CA ALA Z 385 11.44 -37.50 -10.38
C ALA Z 385 10.60 -38.21 -11.42
N ASP Z 386 11.25 -38.75 -12.46
CA ASP Z 386 10.53 -39.62 -13.38
C ASP Z 386 10.16 -40.92 -12.69
N TYR Z 387 10.99 -41.40 -11.77
CA TYR Z 387 10.59 -42.54 -10.96
C TYR Z 387 9.36 -42.21 -10.13
N ALA Z 388 9.33 -41.02 -9.54
CA ALA Z 388 8.16 -40.61 -8.76
C ALA Z 388 6.93 -40.51 -9.64
N GLY Z 389 7.09 -40.02 -10.87
CA GLY Z 389 5.95 -39.96 -11.78
C GLY Z 389 5.44 -41.34 -12.14
N ALA Z 390 6.36 -42.27 -12.44
CA ALA Z 390 5.96 -43.64 -12.72
C ALA Z 390 5.28 -44.26 -11.52
N ALA Z 391 5.80 -44.01 -10.31
CA ALA Z 391 5.21 -44.56 -9.11
C ALA Z 391 3.82 -44.00 -8.86
N LEU Z 392 3.63 -42.69 -9.03
CA LEU Z 392 2.32 -42.11 -8.80
C LEU Z 392 1.31 -42.62 -9.83
N GLY Z 393 1.72 -42.70 -11.09
CA GLY Z 393 0.85 -43.27 -12.09
C GLY Z 393 0.49 -44.69 -11.79
N GLY Z 394 1.47 -45.48 -11.35
CA GLY Z 394 1.20 -46.88 -11.04
C GLY Z 394 0.32 -47.04 -9.82
N PHE Z 395 0.49 -46.19 -8.81
CA PHE Z 395 -0.36 -46.25 -7.64
C PHE Z 395 -1.79 -45.89 -8.00
N VAL Z 396 -1.98 -44.81 -8.76
CA VAL Z 396 -3.31 -44.44 -9.22
C VAL Z 396 -3.93 -45.57 -10.02
N PHE Z 397 -3.18 -46.13 -10.97
CA PHE Z 397 -3.72 -47.18 -11.82
C PHE Z 397 -4.08 -48.41 -11.00
N GLY Z 398 -3.20 -48.83 -10.09
CA GLY Z 398 -3.45 -50.04 -9.34
C GLY Z 398 -4.59 -49.90 -8.37
N ALA Z 399 -4.67 -48.77 -7.67
CA ALA Z 399 -5.79 -48.53 -6.77
C ALA Z 399 -7.09 -48.49 -7.55
N GLY Z 400 -7.09 -47.81 -8.71
CA GLY Z 400 -8.29 -47.77 -9.51
C GLY Z 400 -8.68 -49.14 -10.04
N MET Z 401 -7.69 -49.96 -10.39
CA MET Z 401 -7.99 -51.28 -10.90
C MET Z 401 -8.51 -52.19 -9.80
N SER Z 402 -8.01 -52.00 -8.58
CA SER Z 402 -8.59 -52.70 -7.45
C SER Z 402 -10.05 -52.29 -7.24
N ALA Z 403 -10.34 -51.00 -7.33
CA ALA Z 403 -11.71 -50.53 -7.20
C ALA Z 403 -12.60 -51.10 -8.31
N ILE Z 404 -12.07 -51.13 -9.53
CA ILE Z 404 -12.80 -51.71 -10.66
C ILE Z 404 -13.07 -53.19 -10.40
N SER Z 405 -12.08 -53.91 -9.89
CA SER Z 405 -12.26 -55.32 -9.60
C SER Z 405 -13.36 -55.54 -8.57
N ASP Z 406 -13.35 -54.74 -7.51
CA ASP Z 406 -14.40 -54.88 -6.49
C ASP Z 406 -15.77 -54.57 -7.06
N ALA Z 407 -15.89 -53.50 -7.85
CA ALA Z 407 -17.18 -53.14 -8.42
C ALA Z 407 -17.70 -54.22 -9.36
N VAL Z 408 -16.83 -54.77 -10.20
CA VAL Z 408 -17.26 -55.81 -11.12
C VAL Z 408 -17.63 -57.07 -10.35
N ALA Z 409 -16.91 -57.37 -9.27
CA ALA Z 409 -17.26 -58.51 -8.45
C ALA Z 409 -18.63 -58.35 -7.82
N ALA Z 410 -18.95 -57.14 -7.34
CA ALA Z 410 -20.27 -56.90 -6.79
C ALA Z 410 -21.35 -57.05 -7.86
N GLY Z 411 -21.10 -56.49 -9.04
CA GLY Z 411 -22.06 -56.62 -10.12
C GLY Z 411 -22.30 -58.05 -10.52
N LEU Z 412 -21.26 -58.88 -10.48
CA LEU Z 412 -21.42 -60.29 -10.81
C LEU Z 412 -22.09 -61.04 -9.67
N LYS Z 413 -21.85 -60.61 -8.43
CA LYS Z 413 -22.50 -61.25 -7.29
C LYS Z 413 -23.99 -61.01 -7.29
N ARG Z 414 -24.43 -59.91 -7.90
CA ARG Z 414 -25.87 -59.70 -8.08
C ARG Z 414 -26.50 -60.89 -8.81
N SER Z 415 -25.87 -61.33 -9.91
CA SER Z 415 -26.41 -62.45 -10.65
C SER Z 415 -26.28 -63.76 -9.87
N LYS Z 416 -25.10 -64.04 -9.36
CA LYS Z 416 -24.85 -65.25 -8.56
C LYS Z 416 -24.24 -64.85 -7.23
N PRO Z 417 -25.02 -64.77 -6.16
CA PRO Z 417 -24.43 -64.41 -4.86
C PRO Z 417 -23.33 -65.37 -4.42
N GLU Z 418 -23.40 -66.64 -4.80
CA GLU Z 418 -22.39 -67.62 -4.42
C GLU Z 418 -21.26 -67.66 -5.46
N ALA Z 419 -20.46 -66.61 -5.45
CA ALA Z 419 -19.29 -66.48 -6.31
C ALA Z 419 -18.37 -65.46 -5.67
N GLU Z 420 -17.10 -65.80 -5.50
CA GLU Z 420 -16.22 -64.95 -4.70
C GLU Z 420 -15.36 -64.04 -5.58
N PHE Z 421 -14.73 -64.60 -6.61
CA PHE Z 421 -13.83 -63.87 -7.51
C PHE Z 421 -12.56 -63.43 -6.81
N ASP Z 422 -11.60 -62.90 -7.57
CA ASP Z 422 -10.32 -62.47 -7.05
C ASP Z 422 -10.04 -61.04 -7.47
N ASN Z 423 -9.49 -60.25 -6.55
CA ASN Z 423 -9.17 -58.86 -6.88
C ASN Z 423 -7.99 -58.78 -7.84
N GLU Z 424 -6.92 -59.53 -7.56
CA GLU Z 424 -5.72 -59.60 -8.41
C GLU Z 424 -4.92 -58.32 -8.44
N PHE Z 425 -5.40 -57.26 -7.79
CA PHE Z 425 -4.64 -56.01 -7.76
C PHE Z 425 -4.35 -55.53 -6.34
N ILE Z 426 -5.23 -55.84 -5.38
CA ILE Z 426 -5.13 -55.18 -4.09
C ILE Z 426 -4.01 -55.80 -3.25
N GLY Z 427 -3.67 -57.05 -3.51
CA GLY Z 427 -2.53 -57.65 -2.87
C GLY Z 427 -1.25 -56.96 -3.30
N PRO Z 428 -0.98 -56.97 -4.60
CA PRO Z 428 0.18 -56.24 -5.11
C PRO Z 428 0.17 -54.77 -4.73
N MET Z 429 -1.00 -54.12 -4.73
CA MET Z 429 -1.06 -52.71 -4.38
C MET Z 429 -0.75 -52.47 -2.92
N MET Z 430 -1.27 -53.32 -2.03
CA MET Z 430 -0.96 -53.17 -0.62
C MET Z 430 0.53 -53.37 -0.37
N ARG Z 431 1.11 -54.39 -0.98
CA ARG Z 431 2.53 -54.64 -0.79
C ARG Z 431 3.37 -53.55 -1.42
N LEU Z 432 2.89 -52.95 -2.51
CA LEU Z 432 3.61 -51.86 -3.15
C LEU Z 432 3.60 -50.63 -2.27
N GLU Z 433 2.46 -50.32 -1.64
CA GLU Z 433 2.41 -49.25 -0.66
C GLU Z 433 3.37 -49.52 0.49
N ALA Z 434 3.39 -50.75 0.99
CA ALA Z 434 4.28 -51.06 2.10
C ALA Z 434 5.76 -50.92 1.71
N ARG Z 435 6.12 -51.41 0.52
CA ARG Z 435 7.50 -51.29 0.06
C ARG Z 435 7.90 -49.85 -0.14
N GLU Z 436 7.05 -49.06 -0.79
CA GLU Z 436 7.39 -47.66 -1.03
C GLU Z 436 7.48 -46.90 0.29
N THR Z 437 6.59 -47.23 1.23
CA THR Z 437 6.65 -46.61 2.55
C THR Z 437 7.95 -46.93 3.26
N ALA Z 438 8.39 -48.19 3.20
CA ALA Z 438 9.66 -48.54 3.82
C ALA Z 438 10.82 -47.88 3.09
N ARG Z 439 10.74 -47.80 1.78
CA ARG Z 439 11.81 -47.22 0.98
C ARG Z 439 12.01 -45.75 1.34
N ASN Z 440 10.91 -45.00 1.44
CA ASN Z 440 11.02 -43.58 1.71
C ASN Z 440 11.26 -43.31 3.19
N ALA Z 441 10.79 -44.21 4.06
CA ALA Z 441 11.03 -44.09 5.48
C ALA Z 441 12.28 -44.84 5.94
N ASN Z 442 12.91 -45.59 5.04
CA ASN Z 442 14.24 -46.18 5.12
C ASN Z 442 14.21 -47.46 5.96
N SER Z 443 13.10 -47.83 6.60
CA SER Z 443 13.25 -49.05 7.38
C SER Z 443 11.95 -49.83 7.50
N ALA Z 444 12.12 -51.13 7.73
CA ALA Z 444 11.07 -52.10 8.07
C ALA Z 444 10.01 -52.22 6.99
N ASP Z 445 10.41 -52.83 5.87
CA ASP Z 445 9.43 -53.28 4.89
C ASP Z 445 8.45 -54.25 5.52
N LEU Z 446 7.21 -53.81 5.69
CA LEU Z 446 6.16 -54.65 6.26
C LEU Z 446 5.48 -55.53 5.24
N SER Z 447 5.80 -55.37 3.95
CA SER Z 447 5.26 -56.24 2.93
C SER Z 447 5.95 -57.59 2.94
N ARG Z 448 7.04 -57.73 3.69
CA ARG Z 448 7.84 -58.93 3.66
C ARG Z 448 7.15 -60.10 4.34
N MET Z 449 7.15 -61.24 3.68
CA MET Z 449 6.49 -62.43 4.19
C MET Z 449 7.30 -63.03 5.34
N ASN Z 450 6.63 -63.82 6.17
CA ASN Z 450 7.33 -64.52 7.25
C ASN Z 450 7.88 -65.85 6.72
N THR Z 451 9.19 -65.91 6.53
CA THR Z 451 9.83 -67.02 5.84
C THR Z 451 9.96 -68.27 6.69
N GLU Z 452 9.48 -68.26 7.92
CA GLU Z 452 9.58 -69.44 8.75
C GLU Z 452 8.78 -70.59 8.16
N ASN Z 453 9.26 -71.82 8.38
CA ASN Z 453 8.57 -73.03 7.95
C ASN Z 453 8.47 -73.13 6.43
N MET Z 454 9.36 -72.44 5.72
CA MET Z 454 9.40 -72.47 4.26
C MET Z 454 10.65 -73.22 3.83
N LYS Z 455 10.47 -74.29 3.07
CA LYS Z 455 11.58 -75.01 2.49
C LYS Z 455 12.10 -74.36 1.22
N PHE Z 456 11.37 -73.39 0.68
CA PHE Z 456 11.70 -72.72 -0.57
C PHE Z 456 11.77 -73.79 -1.65
N GLU Z 457 12.95 -74.13 -2.19
CA GLU Z 457 13.21 -75.11 -3.23
C GLU Z 457 12.58 -74.65 -4.54
N GLY Z 458 13.24 -74.92 -5.65
CA GLY Z 458 12.79 -74.35 -6.90
C GLY Z 458 13.58 -73.12 -7.24
N GLU Z 459 14.53 -73.28 -8.15
CA GLU Z 459 15.42 -72.21 -8.58
C GLU Z 459 15.25 -72.07 -10.08
N HIS Z 460 15.10 -70.83 -10.56
CA HIS Z 460 15.12 -70.63 -12.00
C HIS Z 460 16.54 -70.43 -12.50
N ASN Z 461 17.24 -69.40 -11.97
CA ASN Z 461 18.63 -69.14 -12.30
C ASN Z 461 19.40 -68.98 -10.99
N GLY Z 462 19.22 -69.93 -10.08
CA GLY Z 462 19.86 -69.84 -8.79
C GLY Z 462 19.17 -68.92 -7.81
N VAL Z 463 17.94 -68.54 -8.09
CA VAL Z 463 17.13 -67.73 -7.17
C VAL Z 463 16.12 -68.67 -6.51
N PRO Z 464 16.24 -68.94 -5.21
CA PRO Z 464 15.23 -69.77 -4.55
C PRO Z 464 13.90 -69.03 -4.47
N TYR Z 465 12.81 -69.78 -4.53
CA TYR Z 465 11.50 -69.19 -4.35
C TYR Z 465 10.53 -70.23 -3.79
N GLU Z 466 9.45 -69.74 -3.20
CA GLU Z 466 8.45 -70.56 -2.55
C GLU Z 466 7.07 -70.11 -3.01
N ASP Z 467 6.27 -71.05 -3.52
CA ASP Z 467 4.95 -70.70 -3.99
C ASP Z 467 4.01 -70.44 -2.80
N LEU Z 468 3.23 -69.36 -2.91
CA LEU Z 468 2.18 -69.11 -1.94
C LEU Z 468 0.89 -69.72 -2.43
N PRO Z 469 0.28 -70.64 -1.69
CA PRO Z 469 -1.05 -71.11 -2.09
C PRO Z 469 -2.08 -69.99 -2.11
N THR Z 470 -1.93 -69.00 -1.24
CA THR Z 470 -2.96 -67.97 -1.09
C THR Z 470 -3.12 -67.14 -2.36
N GLU Z 471 -2.01 -66.77 -3.00
CA GLU Z 471 -2.05 -65.92 -4.18
C GLU Z 471 -1.59 -66.73 -5.39
N ARG Z 472 -2.40 -66.70 -6.45
CA ARG Z 472 -2.07 -67.42 -7.68
C ARG Z 472 -0.73 -66.95 -8.22
N GLY Z 473 0.10 -67.92 -8.60
CA GLY Z 473 1.48 -67.57 -8.91
C GLY Z 473 2.13 -66.99 -7.67
N ALA Z 474 2.72 -65.81 -7.82
CA ALA Z 474 3.07 -65.00 -6.67
C ALA Z 474 3.97 -65.71 -5.66
N VAL Z 475 5.19 -66.01 -6.05
CA VAL Z 475 6.13 -66.68 -5.17
C VAL Z 475 6.74 -65.68 -4.21
N VAL Z 476 7.44 -66.19 -3.21
CA VAL Z 476 8.11 -65.38 -2.20
C VAL Z 476 9.60 -65.66 -2.28
N LEU Z 477 10.41 -64.62 -2.11
CA LEU Z 477 11.86 -64.73 -2.27
C LEU Z 477 12.50 -65.06 -0.92
N HIS Z 478 13.83 -65.16 -0.92
CA HIS Z 478 14.55 -65.59 0.27
C HIS Z 478 14.36 -64.63 1.44
N ASP Z 479 14.41 -63.33 1.18
CA ASP Z 479 14.32 -62.36 2.28
C ASP Z 479 12.90 -62.19 2.76
N GLY Z 480 11.92 -62.83 2.14
CA GLY Z 480 10.53 -62.61 2.44
C GLY Z 480 9.82 -61.74 1.44
N SER Z 481 10.57 -61.12 0.53
CA SER Z 481 9.95 -60.34 -0.54
C SER Z 481 9.12 -61.26 -1.41
N VAL Z 482 7.88 -60.87 -1.65
CA VAL Z 482 6.97 -61.63 -2.48
C VAL Z 482 6.75 -60.88 -3.78
N LEU Z 483 7.01 -61.56 -4.88
CA LEU Z 483 6.75 -61.05 -6.21
C LEU Z 483 5.46 -61.69 -6.70
N SER Z 484 4.49 -60.85 -7.07
CA SER Z 484 3.24 -61.38 -7.55
C SER Z 484 3.44 -62.05 -8.91
N ALA Z 485 2.44 -62.81 -9.33
CA ALA Z 485 2.41 -63.25 -10.71
C ALA Z 485 2.30 -62.04 -11.61
N SER Z 486 2.79 -62.18 -12.84
CA SER Z 486 2.84 -61.14 -13.87
C SER Z 486 3.90 -60.10 -13.57
N ASN Z 487 4.50 -60.11 -12.39
CA ASN Z 487 5.73 -59.38 -12.20
C ASN Z 487 6.75 -59.95 -13.16
N PRO Z 488 7.34 -59.14 -14.04
CA PRO Z 488 8.14 -59.73 -15.13
C PRO Z 488 9.34 -60.51 -14.65
N ILE Z 489 9.78 -60.29 -13.40
CA ILE Z 489 11.01 -60.87 -12.94
C ILE Z 489 10.83 -62.07 -12.02
N ASN Z 490 9.61 -62.39 -11.59
CA ASN Z 490 9.48 -63.46 -10.62
C ASN Z 490 9.82 -64.81 -11.26
N PRO Z 491 10.52 -65.69 -10.54
CA PRO Z 491 11.06 -66.89 -11.20
C PRO Z 491 10.00 -67.86 -11.68
N LYS Z 492 8.83 -67.90 -11.06
CA LYS Z 492 7.82 -68.85 -11.47
C LYS Z 492 7.30 -68.54 -12.86
N THR Z 493 6.94 -67.28 -13.10
CA THR Z 493 6.45 -66.89 -14.42
C THR Z 493 7.53 -67.03 -15.47
N LEU Z 494 8.76 -66.63 -15.15
CA LEU Z 494 9.85 -66.77 -16.12
C LEU Z 494 10.08 -68.23 -16.47
N LYS Z 495 10.12 -69.10 -15.47
CA LYS Z 495 10.33 -70.52 -15.72
C LYS Z 495 9.20 -71.09 -16.57
N GLU Z 496 7.96 -70.83 -16.18
CA GLU Z 496 6.86 -71.44 -16.89
C GLU Z 496 6.71 -70.88 -18.30
N PHE Z 497 6.99 -69.58 -18.48
CA PHE Z 497 7.01 -69.01 -19.81
C PHE Z 497 8.08 -69.66 -20.68
N SER Z 498 9.20 -70.03 -20.06
CA SER Z 498 10.23 -70.72 -20.80
C SER Z 498 9.74 -72.12 -21.19
N GLU Z 499 9.02 -72.79 -20.29
CA GLU Z 499 8.49 -74.12 -20.62
C GLU Z 499 7.44 -74.04 -21.72
N VAL Z 500 6.43 -73.19 -21.55
CA VAL Z 500 5.37 -73.10 -22.55
C VAL Z 500 5.41 -71.74 -23.23
N ASP Z 501 6.18 -71.66 -24.31
CA ASP Z 501 6.27 -70.47 -25.13
C ASP Z 501 5.95 -70.88 -26.56
N PRO Z 502 4.99 -70.24 -27.21
CA PRO Z 502 4.66 -70.58 -28.59
C PRO Z 502 5.86 -70.52 -29.52
N GLU Z 503 5.68 -70.99 -30.75
CA GLU Z 503 6.76 -70.92 -31.72
C GLU Z 503 7.31 -69.50 -31.75
N LYS Z 504 8.55 -69.39 -31.26
CA LYS Z 504 9.15 -68.14 -30.81
C LYS Z 504 10.31 -68.55 -29.91
N ALA Z 505 10.23 -69.80 -29.43
CA ALA Z 505 11.36 -70.41 -28.75
C ALA Z 505 12.36 -70.91 -29.78
N ALA Z 506 13.60 -70.44 -29.68
CA ALA Z 506 14.61 -70.71 -30.68
C ALA Z 506 15.89 -71.18 -30.01
N ARG Z 507 16.90 -71.45 -30.85
CA ARG Z 507 18.19 -71.93 -30.35
C ARG Z 507 18.84 -70.90 -29.43
N GLY Z 508 18.89 -69.64 -29.86
CA GLY Z 508 19.36 -68.58 -28.99
C GLY Z 508 20.80 -68.77 -28.54
N ILE Z 509 21.03 -68.53 -27.25
CA ILE Z 509 22.36 -68.57 -26.67
C ILE Z 509 22.49 -69.74 -25.68
N LYS Z 510 21.56 -70.69 -25.73
CA LYS Z 510 21.58 -71.80 -24.79
C LYS Z 510 22.72 -72.79 -25.06
N LEU Z 511 23.45 -72.58 -26.16
CA LEU Z 511 24.46 -73.57 -26.56
C LEU Z 511 25.53 -73.72 -25.49
N ALA Z 512 26.15 -72.62 -25.07
CA ALA Z 512 27.22 -72.68 -24.08
C ALA Z 512 27.57 -71.26 -23.63
N GLY Z 513 28.34 -71.19 -22.55
CA GLY Z 513 28.79 -69.92 -22.03
C GLY Z 513 30.29 -69.94 -21.80
N PHE Z 514 30.85 -68.74 -21.58
CA PHE Z 514 32.29 -68.60 -21.48
C PHE Z 514 32.87 -69.46 -20.36
N THR Z 515 32.15 -69.56 -19.24
CA THR Z 515 32.63 -70.38 -18.13
C THR Z 515 32.73 -71.85 -18.54
N GLU Z 516 31.75 -72.34 -19.30
CA GLU Z 516 31.78 -73.73 -19.75
C GLU Z 516 32.90 -73.93 -20.77
N ILE Z 517 33.10 -72.96 -21.67
CA ILE Z 517 34.13 -73.10 -22.69
C ILE Z 517 35.52 -73.09 -22.06
N GLY Z 518 35.72 -72.24 -21.05
CA GLY Z 518 37.01 -72.23 -20.38
C GLY Z 518 37.36 -73.58 -19.81
N LEU Z 519 36.40 -74.19 -19.10
CA LEU Z 519 36.64 -75.52 -18.53
C LEU Z 519 36.89 -76.54 -19.62
N LYS Z 520 36.11 -76.51 -20.70
CA LYS Z 520 36.25 -77.54 -21.71
C LYS Z 520 37.57 -77.44 -22.47
N THR Z 521 37.92 -76.25 -22.94
CA THR Z 521 39.02 -76.09 -23.88
C THR Z 521 40.34 -75.71 -23.22
N LEU Z 522 40.29 -74.89 -22.16
CA LEU Z 522 41.53 -74.41 -21.55
C LEU Z 522 42.15 -75.48 -20.67
N GLY Z 523 41.35 -76.10 -19.82
CA GLY Z 523 41.89 -77.12 -18.95
C GLY Z 523 41.93 -78.50 -19.57
N SER Z 524 42.70 -78.67 -20.64
CA SER Z 524 42.84 -79.97 -21.28
C SER Z 524 44.09 -80.03 -22.13
N ASP Z 525 44.47 -81.22 -22.58
CA ASP Z 525 45.76 -81.35 -23.29
C ASP Z 525 45.78 -81.10 -24.80
N ASP Z 526 46.47 -80.04 -25.22
CA ASP Z 526 46.65 -79.70 -26.65
C ASP Z 526 47.27 -78.32 -26.69
N ALA Z 527 48.42 -78.18 -27.33
CA ALA Z 527 49.13 -76.92 -27.37
C ALA Z 527 48.34 -75.85 -28.09
N ASP Z 528 47.84 -76.16 -29.29
CA ASP Z 528 47.12 -75.16 -30.08
C ASP Z 528 45.77 -74.83 -29.46
N ILE Z 529 45.03 -75.84 -29.01
CA ILE Z 529 43.74 -75.60 -28.39
C ILE Z 529 43.90 -74.75 -27.15
N ARG Z 530 44.88 -75.10 -26.31
CA ARG Z 530 45.12 -74.32 -25.10
C ARG Z 530 45.58 -72.91 -25.43
N ARG Z 531 46.43 -72.75 -26.43
CA ARG Z 531 46.91 -71.41 -26.79
C ARG Z 531 45.74 -70.52 -27.20
N VAL Z 532 44.88 -71.04 -28.08
CA VAL Z 532 43.73 -70.26 -28.53
C VAL Z 532 42.79 -69.98 -27.37
N ALA Z 533 42.58 -70.95 -26.50
CA ALA Z 533 41.68 -70.75 -25.36
C ALA Z 533 42.22 -69.69 -24.41
N ILE Z 534 43.52 -69.74 -24.12
CA ILE Z 534 44.13 -68.75 -23.24
C ILE Z 534 44.00 -67.36 -23.84
N ASP Z 535 44.17 -67.25 -25.16
CA ASP Z 535 43.96 -65.96 -25.80
C ASP Z 535 42.51 -65.51 -25.69
N LEU Z 536 41.56 -66.42 -25.87
CA LEU Z 536 40.16 -66.02 -25.99
C LEU Z 536 39.44 -66.01 -24.65
N VAL Z 537 39.49 -67.10 -23.91
CA VAL Z 537 38.64 -67.29 -22.74
C VAL Z 537 39.49 -67.21 -21.49
N ARG Z 538 38.88 -66.69 -20.42
CA ARG Z 538 39.50 -66.61 -19.11
C ARG Z 538 38.85 -67.61 -18.18
N SER Z 539 39.69 -68.35 -17.45
CA SER Z 539 39.19 -69.37 -16.54
C SER Z 539 38.87 -68.73 -15.20
N PRO Z 540 37.63 -68.81 -14.71
CA PRO Z 540 37.33 -68.21 -13.40
C PRO Z 540 38.06 -68.91 -12.27
N THR Z 541 37.93 -70.23 -12.18
CA THR Z 541 38.64 -71.03 -11.20
C THR Z 541 39.15 -72.27 -11.90
N GLY Z 542 40.45 -72.53 -11.80
CA GLY Z 542 41.05 -73.66 -12.47
C GLY Z 542 42.16 -74.27 -11.65
N MET Z 543 42.40 -75.56 -11.88
CA MET Z 543 43.50 -76.24 -11.20
C MET Z 543 44.85 -75.69 -11.64
N GLN Z 544 44.96 -75.31 -12.92
CA GLN Z 544 46.23 -74.78 -13.42
C GLN Z 544 46.58 -73.47 -12.73
N SER Z 545 45.66 -72.51 -12.75
CA SER Z 545 45.84 -71.19 -12.14
C SER Z 545 47.20 -70.60 -12.51
N GLY Z 546 47.38 -70.32 -13.81
CA GLY Z 546 48.63 -69.82 -14.33
C GLY Z 546 49.10 -68.54 -13.66
N ALA Z 547 50.32 -68.57 -13.11
CA ALA Z 547 50.87 -67.39 -12.46
C ALA Z 547 51.15 -66.28 -13.45
N SER Z 548 51.62 -66.64 -14.65
CA SER Z 548 51.89 -65.68 -15.72
C SER Z 548 51.22 -66.21 -16.99
N GLY Z 549 49.97 -66.65 -16.85
CA GLY Z 549 49.26 -67.20 -17.99
C GLY Z 549 49.14 -66.21 -19.13
N LYS Z 550 48.78 -64.97 -18.82
CA LYS Z 550 48.61 -63.95 -19.84
C LYS Z 550 48.55 -62.58 -19.18
N PHE Z 551 49.37 -61.66 -19.68
CA PHE Z 551 49.32 -60.25 -19.29
C PHE Z 551 48.50 -59.43 -20.26
N GLY Z 552 47.46 -60.04 -20.82
CA GLY Z 552 46.59 -59.37 -21.75
C GLY Z 552 45.17 -59.34 -21.23
N ALA Z 553 44.28 -58.74 -22.03
CA ALA Z 553 42.90 -58.63 -21.62
C ALA Z 553 42.14 -59.95 -21.80
N THR Z 554 42.47 -60.72 -22.85
CA THR Z 554 41.71 -61.87 -23.34
C THR Z 554 40.44 -61.41 -24.04
N ALA Z 555 39.96 -62.20 -24.99
CA ALA Z 555 38.84 -61.78 -25.82
C ALA Z 555 37.57 -61.65 -25.02
N SER Z 556 37.33 -62.56 -24.07
CA SER Z 556 36.11 -62.50 -23.27
C SER Z 556 36.05 -61.23 -22.43
N ASP Z 557 37.18 -60.85 -21.83
CA ASP Z 557 37.17 -59.65 -20.99
C ASP Z 557 36.98 -58.40 -21.82
N ILE Z 558 37.58 -58.36 -23.01
CA ILE Z 558 37.36 -57.25 -23.93
C ILE Z 558 35.88 -57.19 -24.30
N HIS Z 559 35.29 -58.34 -24.56
CA HIS Z 559 33.88 -58.41 -24.94
C HIS Z 559 32.99 -57.88 -23.81
N GLU Z 560 33.27 -58.28 -22.57
CA GLU Z 560 32.50 -57.78 -21.44
C GLU Z 560 32.69 -56.27 -21.25
N ARG Z 561 33.93 -55.80 -21.35
CA ARG Z 561 34.20 -54.38 -21.19
C ARG Z 561 33.45 -53.57 -22.24
N LEU Z 562 33.49 -54.03 -23.49
CA LEU Z 562 32.82 -53.31 -24.56
C LEU Z 562 31.30 -53.36 -24.38
N HIS Z 563 30.77 -54.50 -23.96
CA HIS Z 563 29.34 -54.57 -23.67
C HIS Z 563 28.95 -53.57 -22.59
N GLY Z 564 29.72 -53.49 -21.52
CA GLY Z 564 29.38 -52.58 -20.45
C GLY Z 564 29.45 -51.13 -20.88
N THR Z 565 30.51 -50.76 -21.58
CA THR Z 565 30.67 -49.37 -22.00
C THR Z 565 29.60 -49.01 -23.03
N ASP Z 566 29.29 -49.92 -23.95
CA ASP Z 566 28.22 -49.69 -24.90
C ASP Z 566 26.89 -49.54 -24.21
N GLN Z 567 26.64 -50.33 -23.18
CA GLN Z 567 25.36 -50.23 -22.47
C GLN Z 567 25.26 -48.89 -21.75
N ARG Z 568 26.35 -48.43 -21.14
CA ARG Z 568 26.32 -47.13 -20.49
C ARG Z 568 26.06 -46.02 -21.49
N THR Z 569 26.73 -46.07 -22.64
CA THR Z 569 26.50 -45.02 -23.63
C THR Z 569 25.11 -45.16 -24.27
N TYR Z 570 24.55 -46.37 -24.26
CA TYR Z 570 23.18 -46.52 -24.75
C TYR Z 570 22.19 -45.87 -23.81
N ASN Z 571 22.40 -46.02 -22.50
CA ASN Z 571 21.53 -45.32 -21.56
C ASN Z 571 21.68 -43.81 -21.66
N ASP Z 572 22.91 -43.34 -21.85
CA ASP Z 572 23.12 -41.91 -22.11
C ASP Z 572 22.37 -41.46 -23.35
N LEU Z 573 22.47 -42.23 -24.43
CA LEU Z 573 21.79 -41.88 -25.67
C LEU Z 573 20.27 -41.96 -25.49
N TYR Z 574 19.81 -42.90 -24.70
CA TYR Z 574 18.38 -43.01 -24.45
C TYR Z 574 17.89 -41.71 -23.83
N LYS Z 575 18.52 -41.30 -22.72
CA LYS Z 575 18.07 -40.08 -22.06
C LYS Z 575 18.18 -38.87 -22.99
N ALA Z 576 19.29 -38.76 -23.72
CA ALA Z 576 19.46 -37.63 -24.62
C ALA Z 576 18.38 -37.62 -25.70
N MET Z 577 18.08 -38.79 -26.27
CA MET Z 577 17.11 -38.87 -27.34
C MET Z 577 15.70 -38.59 -26.83
N SER Z 578 15.38 -39.06 -25.62
CA SER Z 578 14.07 -38.74 -25.05
C SER Z 578 13.93 -37.23 -24.88
N ASP Z 579 14.96 -36.58 -24.33
CA ASP Z 579 14.92 -35.13 -24.24
C ASP Z 579 14.76 -34.49 -25.62
N ALA Z 580 15.49 -35.01 -26.61
CA ALA Z 580 15.47 -34.42 -27.94
C ALA Z 580 14.10 -34.54 -28.59
N MET Z 581 13.44 -35.66 -28.41
CA MET Z 581 12.19 -35.91 -29.08
C MET Z 581 10.98 -35.54 -28.23
N LYS Z 582 11.20 -34.94 -27.06
CA LYS Z 582 10.15 -34.26 -26.33
C LYS Z 582 10.04 -32.77 -26.66
N ASP Z 583 10.84 -32.27 -27.60
CA ASP Z 583 10.84 -30.85 -27.86
C ASP Z 583 9.56 -30.44 -28.62
N PRO Z 584 9.27 -29.13 -28.67
CA PRO Z 584 7.98 -28.72 -29.27
C PRO Z 584 7.76 -29.18 -30.69
N GLU Z 585 8.82 -29.43 -31.45
CA GLU Z 585 8.65 -29.76 -32.86
C GLU Z 585 7.83 -31.02 -33.06
N PHE Z 586 8.03 -32.03 -32.21
CA PHE Z 586 7.41 -33.33 -32.38
C PHE Z 586 6.28 -33.60 -31.39
N SER Z 587 6.14 -32.78 -30.35
CA SER Z 587 5.21 -33.12 -29.29
C SER Z 587 4.02 -32.16 -29.22
N THR Z 588 4.24 -30.89 -29.58
CA THR Z 588 3.23 -29.88 -29.24
C THR Z 588 2.13 -29.78 -30.27
N GLY Z 589 2.44 -29.40 -31.50
CA GLY Z 589 1.43 -29.06 -32.48
C GLY Z 589 0.67 -30.26 -32.99
N GLY Z 590 0.11 -30.10 -34.18
CA GLY Z 590 -0.45 -31.25 -34.87
C GLY Z 590 0.65 -32.25 -35.18
N ALA Z 591 0.30 -33.53 -35.12
CA ALA Z 591 1.29 -34.59 -35.22
C ALA Z 591 1.91 -34.59 -36.60
N LYS Z 592 3.13 -34.07 -36.71
CA LYS Z 592 3.80 -34.01 -38.00
C LYS Z 592 4.27 -35.39 -38.43
N MET Z 593 4.79 -36.17 -37.49
CA MET Z 593 5.37 -37.47 -37.77
C MET Z 593 5.03 -38.44 -36.65
N SER Z 594 5.11 -39.73 -36.96
CA SER Z 594 4.98 -40.74 -35.93
C SER Z 594 6.21 -40.72 -35.03
N ARG Z 595 6.08 -41.36 -33.87
CA ARG Z 595 7.18 -41.39 -32.91
C ARG Z 595 8.41 -42.06 -33.52
N GLU Z 596 8.22 -43.15 -34.24
CA GLU Z 596 9.33 -43.81 -34.90
C GLU Z 596 10.03 -42.88 -35.88
N GLU Z 597 9.25 -42.11 -36.64
CA GLU Z 597 9.89 -41.27 -37.65
C GLU Z 597 10.45 -39.99 -37.04
N THR Z 598 9.93 -39.55 -35.90
CA THR Z 598 10.63 -38.50 -35.16
C THR Z 598 12.00 -39.00 -34.70
N ARG Z 599 12.05 -40.23 -34.19
CA ARG Z 599 13.32 -40.80 -33.79
C ARG Z 599 14.27 -40.88 -34.98
N TYR Z 600 13.76 -41.33 -36.12
CA TYR Z 600 14.60 -41.39 -37.31
C TYR Z 600 15.10 -40.01 -37.72
N THR Z 601 14.24 -39.00 -37.68
CA THR Z 601 14.67 -37.67 -38.10
C THR Z 601 15.76 -37.15 -37.19
N ILE Z 602 15.63 -37.39 -35.88
CA ILE Z 602 16.63 -36.89 -34.95
C ILE Z 602 17.96 -37.62 -35.14
N TYR Z 603 17.90 -38.94 -35.28
CA TYR Z 603 19.14 -39.69 -35.50
C TYR Z 603 19.80 -39.28 -36.80
N ARG Z 604 19.01 -39.08 -37.85
CA ARG Z 604 19.56 -38.66 -39.13
C ARG Z 604 20.16 -37.26 -39.04
N ARG Z 605 19.50 -36.35 -38.34
CA ARG Z 605 20.08 -35.03 -38.15
C ARG Z 605 21.42 -35.11 -37.43
N ALA Z 606 21.49 -35.94 -36.38
CA ALA Z 606 22.76 -36.11 -35.67
C ALA Z 606 23.84 -36.68 -36.60
N ALA Z 607 23.49 -37.70 -37.38
CA ALA Z 607 24.50 -38.33 -38.24
C ALA Z 607 24.97 -37.39 -39.34
N LEU Z 608 24.04 -36.67 -39.97
CA LEU Z 608 24.42 -35.72 -41.00
C LEU Z 608 25.26 -34.59 -40.44
N ALA Z 609 24.93 -34.13 -39.22
CA ALA Z 609 25.74 -33.10 -38.58
C ALA Z 609 27.13 -33.63 -38.26
N ILE Z 610 27.23 -34.92 -37.90
CA ILE Z 610 28.55 -35.51 -37.70
C ILE Z 610 29.35 -35.50 -38.98
N GLU Z 611 28.73 -35.91 -40.09
CA GLU Z 611 29.45 -35.96 -41.36
C GLU Z 611 29.74 -34.57 -41.90
N ARG Z 612 28.79 -33.66 -41.80
CA ARG Z 612 29.00 -32.27 -42.24
C ARG Z 612 28.86 -31.35 -41.04
N PRO Z 613 29.96 -30.89 -40.44
CA PRO Z 613 29.84 -30.05 -39.23
C PRO Z 613 29.12 -28.73 -39.47
N GLU Z 614 28.94 -28.33 -40.73
CA GLU Z 614 28.21 -27.10 -41.01
C GLU Z 614 26.76 -27.20 -40.56
N LEU Z 615 26.25 -28.42 -40.41
CA LEU Z 615 24.86 -28.61 -40.04
C LEU Z 615 24.63 -28.49 -38.54
N GLN Z 616 25.70 -28.47 -37.75
CA GLN Z 616 25.56 -28.50 -36.30
C GLN Z 616 24.96 -27.20 -35.76
N LYS Z 617 25.11 -26.09 -36.48
CA LYS Z 617 24.48 -24.85 -36.04
C LYS Z 617 22.97 -24.92 -36.18
N ALA Z 618 22.45 -25.89 -36.92
CA ALA Z 618 21.03 -26.06 -37.11
C ALA Z 618 20.39 -27.01 -36.10
N LEU Z 619 21.16 -27.61 -35.21
CA LEU Z 619 20.59 -28.50 -34.21
C LEU Z 619 20.18 -27.74 -32.96
N THR Z 620 19.04 -28.13 -32.41
CA THR Z 620 18.65 -27.65 -31.10
C THR Z 620 19.61 -28.23 -30.06
N PRO Z 621 19.70 -27.59 -28.88
CA PRO Z 621 20.67 -28.08 -27.88
C PRO Z 621 20.49 -29.55 -27.52
N SER Z 622 19.25 -30.03 -27.46
CA SER Z 622 19.04 -31.45 -27.17
C SER Z 622 19.58 -32.34 -28.28
N GLU Z 623 19.30 -31.98 -29.53
CA GLU Z 623 19.89 -32.70 -30.65
C GLU Z 623 21.40 -32.55 -30.67
N ARG Z 624 21.91 -31.41 -30.19
CA ARG Z 624 23.36 -31.26 -30.08
C ARG Z 624 23.95 -32.26 -29.09
N ILE Z 625 23.27 -32.47 -27.95
CA ILE Z 625 23.73 -33.49 -27.01
C ILE Z 625 23.66 -34.88 -27.63
N VAL Z 626 22.58 -35.16 -28.35
CA VAL Z 626 22.45 -36.46 -29.03
C VAL Z 626 23.62 -36.67 -29.98
N MET Z 627 23.91 -35.65 -30.79
CA MET Z 627 24.96 -35.78 -31.79
C MET Z 627 26.32 -35.93 -31.11
N ASP Z 628 26.52 -35.22 -30.00
CA ASP Z 628 27.77 -35.35 -29.28
C ASP Z 628 27.96 -36.76 -28.73
N ILE Z 629 26.90 -37.34 -28.17
CA ILE Z 629 26.98 -38.71 -27.67
C ILE Z 629 27.30 -39.68 -28.80
N ILE Z 630 26.59 -39.57 -29.93
CA ILE Z 630 26.82 -40.49 -31.04
C ILE Z 630 28.22 -40.31 -31.60
N LYS Z 631 28.66 -39.07 -31.76
CA LYS Z 631 29.99 -38.80 -32.27
C LYS Z 631 31.07 -39.35 -31.36
N ARG Z 632 30.92 -39.14 -30.05
CA ARG Z 632 31.92 -39.65 -29.13
C ARG Z 632 31.96 -41.17 -29.15
N HIS Z 633 30.79 -41.80 -29.22
CA HIS Z 633 30.74 -43.26 -29.27
C HIS Z 633 31.48 -43.79 -30.50
N PHE Z 634 31.17 -43.23 -31.67
CA PHE Z 634 31.78 -43.73 -32.90
C PHE Z 634 33.27 -43.40 -32.96
N ASP Z 635 33.66 -42.24 -32.43
CA ASP Z 635 35.07 -41.90 -32.35
C ASP Z 635 35.83 -42.86 -31.46
N THR Z 636 35.24 -43.22 -30.32
CA THR Z 636 35.88 -44.18 -29.42
C THR Z 636 36.00 -45.55 -30.06
N LYS Z 637 34.94 -45.99 -30.76
CA LYS Z 637 35.04 -47.26 -31.47
C LYS Z 637 36.16 -47.24 -32.49
N ARG Z 638 36.27 -46.14 -33.24
CA ARG Z 638 37.34 -46.02 -34.21
C ARG Z 638 38.71 -46.06 -33.55
N GLU Z 639 38.86 -45.39 -32.40
CA GLU Z 639 40.13 -45.42 -31.69
C GLU Z 639 40.48 -46.84 -31.28
N LEU Z 640 39.51 -47.58 -30.77
CA LEU Z 640 39.78 -48.95 -30.35
C LEU Z 640 40.09 -49.85 -31.54
N MET Z 641 39.49 -49.57 -32.68
CA MET Z 641 39.72 -50.41 -33.84
C MET Z 641 41.07 -50.12 -34.49
N GLU Z 642 41.45 -48.85 -34.54
CA GLU Z 642 42.76 -48.49 -35.06
C GLU Z 642 43.89 -48.98 -34.18
N ASN Z 643 43.69 -48.93 -32.86
CA ASN Z 643 44.72 -49.32 -31.91
C ASN Z 643 44.12 -50.40 -31.01
N PRO Z 644 44.02 -51.63 -31.52
CA PRO Z 644 43.55 -52.73 -30.68
C PRO Z 644 44.62 -53.26 -29.75
N ALA Z 645 45.80 -52.66 -29.77
CA ALA Z 645 46.86 -52.97 -28.84
C ALA Z 645 46.79 -52.14 -27.57
N ILE Z 646 45.75 -51.32 -27.42
CA ILE Z 646 45.54 -50.65 -26.13
C ILE Z 646 45.25 -51.69 -25.06
N PHE Z 647 44.74 -52.84 -25.47
CA PHE Z 647 44.64 -54.00 -24.60
C PHE Z 647 46.00 -54.68 -24.56
N GLY Z 648 46.06 -55.91 -24.06
CA GLY Z 648 47.34 -56.52 -23.78
C GLY Z 648 48.22 -56.74 -25.00
N ASN Z 649 47.63 -57.24 -26.07
CA ASN Z 649 48.42 -57.77 -27.18
C ASN Z 649 49.10 -56.63 -27.93
N THR Z 650 50.43 -56.63 -27.93
CA THR Z 650 51.15 -55.60 -28.65
C THR Z 650 51.24 -55.92 -30.14
N LYS Z 651 50.95 -57.15 -30.52
CA LYS Z 651 50.94 -57.53 -31.93
C LYS Z 651 49.52 -57.41 -32.51
N ALA Z 652 48.90 -56.28 -32.24
CA ALA Z 652 47.52 -56.03 -32.65
C ALA Z 652 47.49 -54.73 -33.44
N VAL Z 653 46.93 -54.78 -34.65
CA VAL Z 653 47.13 -53.70 -35.60
C VAL Z 653 45.86 -53.43 -36.41
N SER Z 654 45.17 -52.33 -36.09
CA SER Z 654 44.32 -51.58 -37.02
C SER Z 654 43.39 -52.47 -37.83
N ILE Z 655 42.40 -53.06 -37.16
CA ILE Z 655 41.31 -53.68 -37.90
C ILE Z 655 40.48 -52.66 -38.66
N PHE Z 656 40.69 -51.38 -38.39
CA PHE Z 656 39.92 -50.35 -39.06
C PHE Z 656 40.26 -50.32 -40.55
N PRO Z 657 39.25 -50.28 -41.43
CA PRO Z 657 39.52 -50.57 -42.85
C PRO Z 657 40.40 -49.55 -43.55
N GLU Z 658 40.11 -48.26 -43.41
CA GLU Z 658 40.83 -47.23 -44.15
C GLU Z 658 41.17 -46.08 -43.22
N SER Z 659 42.33 -46.16 -42.58
CA SER Z 659 42.83 -45.01 -41.84
C SER Z 659 43.30 -43.94 -42.82
N ARG Z 660 43.83 -42.85 -42.26
CA ARG Z 660 44.21 -41.66 -43.02
C ARG Z 660 42.97 -40.93 -43.55
N HIS Z 661 41.79 -41.50 -43.32
CA HIS Z 661 40.52 -40.83 -43.57
C HIS Z 661 40.04 -40.31 -42.20
N LYS Z 662 40.56 -39.16 -41.81
CA LYS Z 662 40.44 -38.68 -40.44
C LYS Z 662 39.09 -38.00 -40.27
N GLY Z 663 38.13 -38.74 -39.73
CA GLY Z 663 36.82 -38.18 -39.45
C GLY Z 663 35.93 -39.25 -38.86
N THR Z 664 34.91 -38.79 -38.12
CA THR Z 664 34.02 -39.73 -37.45
C THR Z 664 33.28 -40.59 -38.45
N TYR Z 665 33.43 -41.91 -38.31
CA TYR Z 665 32.81 -42.86 -39.21
C TYR Z 665 31.47 -43.30 -38.64
N VAL Z 666 30.40 -42.68 -39.10
CA VAL Z 666 29.05 -43.18 -38.89
C VAL Z 666 28.82 -44.32 -39.90
N PRO Z 667 28.47 -45.51 -39.44
CA PRO Z 667 28.48 -46.66 -40.35
C PRO Z 667 27.59 -46.46 -41.56
N HIS Z 668 28.07 -46.89 -42.71
CA HIS Z 668 27.32 -46.85 -43.96
C HIS Z 668 26.53 -48.13 -44.06
N VAL Z 669 25.25 -48.05 -43.80
CA VAL Z 669 24.31 -49.15 -44.04
C VAL Z 669 23.24 -48.64 -44.98
N TYR Z 670 23.03 -49.35 -46.07
CA TYR Z 670 22.14 -48.91 -47.13
C TYR Z 670 20.84 -49.68 -47.05
N ASP Z 671 19.73 -48.95 -47.09
CA ASP Z 671 18.44 -49.57 -46.90
C ASP Z 671 18.14 -50.51 -48.07
N ARG Z 672 17.58 -51.67 -47.74
CA ARG Z 672 17.21 -52.63 -48.77
C ARG Z 672 16.18 -52.06 -49.72
N HIS Z 673 15.20 -51.32 -49.17
CA HIS Z 673 14.07 -50.89 -49.98
C HIS Z 673 14.36 -49.57 -50.70
N ALA Z 674 15.25 -48.75 -50.15
CA ALA Z 674 15.75 -47.62 -50.93
C ALA Z 674 16.47 -48.11 -52.18
N LYS Z 675 17.33 -49.11 -52.02
CA LYS Z 675 17.97 -49.71 -53.17
C LYS Z 675 16.94 -50.34 -54.10
N ALA Z 676 15.93 -51.01 -53.53
CA ALA Z 676 14.92 -51.65 -54.37
C ALA Z 676 14.16 -50.63 -55.20
N LEU Z 677 13.83 -49.48 -54.61
CA LEU Z 677 13.17 -48.42 -55.36
C LEU Z 677 14.08 -47.86 -56.44
N MET Z 678 15.37 -47.70 -56.14
CA MET Z 678 16.30 -47.23 -57.16
C MET Z 678 16.71 -48.32 -58.15
N ILE Z 679 16.27 -49.55 -57.94
CA ILE Z 679 16.38 -50.60 -58.95
C ILE Z 679 15.13 -50.70 -59.82
N GLN Z 680 13.94 -50.52 -59.25
CA GLN Z 680 12.71 -50.59 -60.04
C GLN Z 680 12.82 -49.70 -61.26
N ARG Z 681 13.26 -48.48 -61.06
CA ARG Z 681 13.68 -47.59 -62.12
C ARG Z 681 15.19 -47.58 -62.12
N TYR Z 682 15.78 -47.48 -63.30
CA TYR Z 682 17.23 -47.46 -63.48
C TYR Z 682 17.84 -48.77 -62.96
N GLY Z 683 17.50 -49.85 -63.65
CA GLY Z 683 17.57 -51.17 -63.05
C GLY Z 683 18.88 -51.47 -62.35
N ALA Z 684 19.93 -51.74 -63.11
CA ALA Z 684 21.12 -52.29 -62.45
C ALA Z 684 22.33 -51.40 -62.59
N GLU Z 685 22.68 -51.06 -63.84
CA GLU Z 685 23.79 -50.15 -64.05
C GLU Z 685 23.40 -48.72 -63.72
N GLY Z 686 22.09 -48.43 -63.74
CA GLY Z 686 21.63 -47.10 -63.41
C GLY Z 686 21.95 -46.72 -61.97
N LEU Z 687 21.55 -47.56 -61.02
CA LEU Z 687 21.85 -47.27 -59.62
C LEU Z 687 23.35 -47.33 -59.36
N GLN Z 688 24.02 -48.31 -59.95
CA GLN Z 688 25.46 -48.41 -59.74
C GLN Z 688 26.18 -47.14 -60.15
N GLU Z 689 25.92 -46.67 -61.36
CA GLU Z 689 26.72 -45.53 -61.82
C GLU Z 689 26.16 -44.23 -61.25
N GLY Z 690 24.91 -44.22 -60.81
CA GLY Z 690 24.44 -43.09 -60.02
C GLY Z 690 25.20 -42.95 -58.72
N ILE Z 691 25.41 -44.07 -58.02
CA ILE Z 691 26.22 -44.05 -56.80
C ILE Z 691 27.63 -43.60 -57.11
N ALA Z 692 28.22 -44.17 -58.17
CA ALA Z 692 29.58 -43.83 -58.54
C ALA Z 692 29.70 -42.35 -58.85
N ARG Z 693 28.70 -41.78 -59.52
CA ARG Z 693 28.78 -40.39 -59.95
C ARG Z 693 28.53 -39.44 -58.79
N SER Z 694 27.69 -39.82 -57.83
CA SER Z 694 27.58 -39.00 -56.62
C SER Z 694 28.90 -39.00 -55.86
N TRP Z 695 29.53 -40.16 -55.75
CA TRP Z 695 30.85 -40.22 -55.11
C TRP Z 695 31.86 -39.37 -55.87
N MET Z 696 31.82 -39.41 -57.20
CA MET Z 696 32.77 -38.63 -57.98
C MET Z 696 32.48 -37.14 -57.87
N ASN Z 697 31.21 -36.77 -57.71
CA ASN Z 697 30.89 -35.37 -57.41
C ASN Z 697 31.57 -34.94 -56.13
N SER Z 698 31.54 -35.79 -55.11
CA SER Z 698 32.30 -35.52 -53.91
C SER Z 698 33.79 -35.38 -54.21
N TYR Z 699 34.33 -36.29 -55.02
CA TYR Z 699 35.76 -36.31 -55.29
C TYR Z 699 36.23 -35.03 -55.95
N VAL Z 700 35.55 -34.62 -57.02
CA VAL Z 700 35.94 -33.43 -57.76
C VAL Z 700 35.63 -32.18 -56.95
N SER Z 701 34.56 -32.22 -56.16
CA SER Z 701 34.13 -31.03 -55.43
C SER Z 701 35.10 -30.66 -54.31
N ARG Z 702 35.47 -31.62 -53.48
CA ARG Z 702 36.20 -31.27 -52.28
C ARG Z 702 37.65 -31.75 -52.36
N PRO Z 703 38.61 -30.88 -52.04
CA PRO Z 703 40.02 -31.27 -52.18
C PRO Z 703 40.46 -32.32 -51.18
N GLU Z 704 39.83 -32.39 -49.99
CA GLU Z 704 40.21 -33.42 -49.03
C GLU Z 704 39.90 -34.80 -49.58
N VAL Z 705 38.72 -34.97 -50.18
CA VAL Z 705 38.34 -36.25 -50.77
C VAL Z 705 39.31 -36.61 -51.87
N LYS Z 706 39.62 -35.64 -52.74
CA LYS Z 706 40.53 -35.91 -53.84
C LYS Z 706 41.90 -36.31 -53.32
N ALA Z 707 42.38 -35.64 -52.27
CA ALA Z 707 43.69 -35.95 -51.72
C ALA Z 707 43.73 -37.37 -51.18
N ARG Z 708 42.76 -37.74 -50.34
CA ARG Z 708 42.84 -39.07 -49.73
C ARG Z 708 42.61 -40.17 -50.77
N VAL Z 709 41.69 -39.95 -51.71
CA VAL Z 709 41.46 -40.95 -52.74
C VAL Z 709 42.68 -41.10 -53.63
N ASP Z 710 43.34 -39.99 -53.98
CA ASP Z 710 44.54 -40.06 -54.79
C ASP Z 710 45.65 -40.80 -54.05
N GLU Z 711 45.80 -40.55 -52.75
CA GLU Z 711 46.81 -41.28 -51.98
C GLU Z 711 46.53 -42.77 -51.99
N MET Z 712 45.27 -43.15 -51.73
CA MET Z 712 44.94 -44.57 -51.72
C MET Z 712 45.17 -45.21 -53.09
N LEU Z 713 44.81 -44.51 -54.17
CA LEU Z 713 44.98 -45.08 -55.50
C LEU Z 713 46.45 -45.17 -55.89
N LYS Z 714 47.26 -44.19 -55.47
CA LYS Z 714 48.70 -44.30 -55.69
C LYS Z 714 49.25 -45.51 -54.98
N GLU Z 715 48.84 -45.73 -53.73
CA GLU Z 715 49.34 -46.88 -52.98
C GLU Z 715 48.86 -48.19 -53.59
N LEU Z 716 47.64 -48.20 -54.10
CA LEU Z 716 47.06 -49.43 -54.64
C LEU Z 716 47.68 -49.81 -55.98
N HIS Z 717 47.80 -48.84 -56.89
CA HIS Z 717 48.30 -49.11 -58.22
C HIS Z 717 49.80 -48.91 -58.36
N GLY Z 718 50.46 -48.38 -57.33
CA GLY Z 718 51.90 -48.16 -57.40
C GLY Z 718 52.31 -47.19 -58.49
N VAL Z 719 51.56 -46.11 -58.67
CA VAL Z 719 51.84 -45.09 -59.66
C VAL Z 719 51.96 -43.75 -58.95
N LYS Z 720 52.91 -42.93 -59.39
CA LYS Z 720 53.11 -41.63 -58.76
C LYS Z 720 52.00 -40.65 -59.12
N GLU Z 721 51.32 -40.89 -60.24
CA GLU Z 721 50.24 -40.02 -60.69
C GLU Z 721 48.98 -40.84 -60.93
N VAL Z 722 47.83 -40.26 -60.60
CA VAL Z 722 46.55 -40.94 -60.72
C VAL Z 722 45.78 -40.31 -61.88
N THR Z 723 45.39 -41.12 -62.85
CA THR Z 723 44.53 -40.67 -63.92
C THR Z 723 43.08 -40.68 -63.44
N PRO Z 724 42.24 -39.81 -64.02
CA PRO Z 724 40.80 -39.85 -63.67
C PRO Z 724 40.14 -41.17 -63.97
N GLU Z 725 40.66 -41.92 -64.95
CA GLU Z 725 40.09 -43.23 -65.24
C GLU Z 725 40.20 -44.16 -64.04
N MET Z 726 41.33 -44.11 -63.33
CA MET Z 726 41.48 -44.99 -62.17
C MET Z 726 40.46 -44.66 -61.08
N VAL Z 727 40.24 -43.37 -60.80
CA VAL Z 727 39.29 -43.03 -59.75
C VAL Z 727 37.87 -43.36 -60.17
N GLU Z 728 37.55 -43.17 -61.45
CA GLU Z 728 36.23 -43.58 -61.92
C GLU Z 728 36.04 -45.08 -61.80
N LYS Z 729 37.05 -45.87 -62.17
CA LYS Z 729 36.93 -47.32 -62.07
C LYS Z 729 36.82 -47.76 -60.62
N TYR Z 730 37.58 -47.12 -59.74
CA TYR Z 730 37.46 -47.42 -58.32
C TYR Z 730 36.07 -47.11 -57.79
N ALA Z 731 35.51 -45.97 -58.18
CA ALA Z 731 34.16 -45.62 -57.74
C ALA Z 731 33.15 -46.62 -58.26
N MET Z 732 33.29 -47.03 -59.51
CA MET Z 732 32.36 -48.01 -60.08
C MET Z 732 32.48 -49.35 -59.36
N ASP Z 733 33.71 -49.80 -59.07
CA ASP Z 733 33.88 -51.06 -58.37
C ASP Z 733 33.30 -51.01 -56.97
N LYS Z 734 33.51 -49.90 -56.25
CA LYS Z 734 32.92 -49.76 -54.94
C LYS Z 734 31.40 -49.69 -55.00
N ALA Z 735 30.85 -49.03 -56.02
CA ALA Z 735 29.40 -48.94 -56.15
C ALA Z 735 28.78 -50.28 -56.53
N TYR Z 736 29.57 -51.16 -57.15
CA TYR Z 736 29.06 -52.48 -57.49
C TYR Z 736 28.64 -53.24 -56.24
N GLY Z 737 29.38 -53.07 -55.14
CA GLY Z 737 29.02 -53.73 -53.91
C GLY Z 737 27.65 -53.33 -53.39
N ILE Z 738 27.34 -52.03 -53.46
CA ILE Z 738 26.03 -51.58 -53.03
C ILE Z 738 24.95 -52.01 -54.01
N SER Z 739 25.22 -51.86 -55.31
CA SER Z 739 24.16 -52.02 -56.29
C SER Z 739 23.82 -53.49 -56.54
N HIS Z 740 24.83 -54.31 -56.82
CA HIS Z 740 24.59 -55.70 -57.21
C HIS Z 740 24.83 -56.69 -56.08
N SER Z 741 24.91 -56.24 -54.84
CA SER Z 741 25.07 -57.13 -53.72
C SER Z 741 24.29 -56.61 -52.53
N ASP Z 742 23.93 -57.51 -51.63
CA ASP Z 742 23.19 -57.18 -50.43
C ASP Z 742 24.05 -57.21 -49.19
N GLN Z 743 25.37 -57.26 -49.36
CA GLN Z 743 26.26 -57.37 -48.21
C GLN Z 743 26.16 -56.18 -47.29
N PHE Z 744 26.02 -54.98 -47.84
CA PHE Z 744 26.01 -53.76 -47.05
C PHE Z 744 24.62 -53.30 -46.67
N THR Z 745 23.58 -54.05 -47.05
CA THR Z 745 22.23 -53.68 -46.70
C THR Z 745 21.92 -54.08 -45.26
N ASN Z 746 20.65 -53.98 -44.90
CA ASN Z 746 20.23 -54.31 -43.55
C ASN Z 746 20.52 -55.78 -43.25
N SER Z 747 19.87 -56.69 -43.98
CA SER Z 747 20.26 -58.10 -44.04
C SER Z 747 20.48 -58.71 -42.65
N SER Z 748 19.45 -58.60 -41.80
CA SER Z 748 19.51 -59.25 -40.50
C SER Z 748 19.30 -60.75 -40.62
N ILE Z 749 18.54 -61.19 -41.63
CA ILE Z 749 18.13 -62.59 -41.71
C ILE Z 749 19.33 -63.50 -41.97
N ILE Z 750 20.26 -63.08 -42.82
CA ILE Z 750 21.44 -63.90 -43.09
C ILE Z 750 22.32 -63.97 -41.84
N GLU Z 751 22.41 -62.87 -41.09
CA GLU Z 751 23.15 -62.89 -39.82
C GLU Z 751 22.46 -63.80 -38.81
N GLU Z 752 21.15 -64.00 -38.96
CA GLU Z 752 20.44 -64.91 -38.07
C GLU Z 752 20.95 -66.34 -38.22
N ASN Z 753 21.41 -66.70 -39.42
CA ASN Z 753 22.00 -68.01 -39.64
C ASN Z 753 23.41 -68.06 -39.08
N ILE Z 754 23.77 -69.17 -38.44
CA ILE Z 754 25.00 -69.27 -37.67
C ILE Z 754 25.94 -70.36 -38.17
N GLU Z 755 25.47 -71.28 -39.00
CA GLU Z 755 26.25 -72.46 -39.33
C GLU Z 755 27.43 -72.13 -40.23
N GLY Z 756 28.56 -72.79 -39.96
CA GLY Z 756 29.72 -72.77 -40.83
C GLY Z 756 30.73 -71.68 -40.60
N LEU Z 757 30.43 -70.69 -39.75
CA LEU Z 757 31.29 -69.54 -39.50
C LEU Z 757 31.69 -68.78 -40.75
N VAL Z 758 30.84 -68.77 -41.78
CA VAL Z 758 31.19 -68.11 -43.03
C VAL Z 758 31.18 -66.60 -42.88
N GLY Z 759 30.12 -66.07 -42.27
CA GLY Z 759 29.91 -64.62 -42.30
C GLY Z 759 30.67 -63.89 -41.21
N ILE Z 760 31.33 -64.62 -40.31
CA ILE Z 760 32.14 -63.97 -39.28
C ILE Z 760 33.32 -63.27 -39.94
N GLU Z 761 33.86 -63.86 -40.99
CA GLU Z 761 34.74 -63.15 -41.90
C GLU Z 761 33.95 -62.06 -42.59
N ASN Z 762 34.66 -61.04 -43.06
CA ASN Z 762 34.04 -59.99 -43.86
C ASN Z 762 32.95 -59.25 -43.10
N ASN Z 763 33.34 -58.50 -42.07
CA ASN Z 763 32.44 -57.56 -41.41
C ASN Z 763 31.90 -56.58 -42.45
N SER Z 764 30.58 -56.42 -42.48
CA SER Z 764 29.96 -55.60 -43.51
C SER Z 764 30.11 -54.11 -43.23
N PHE Z 765 30.05 -53.73 -41.95
CA PHE Z 765 30.13 -52.32 -41.59
C PHE Z 765 31.47 -51.72 -42.01
N LEU Z 766 32.55 -52.49 -41.88
CA LEU Z 766 33.86 -51.97 -42.23
C LEU Z 766 34.06 -51.96 -43.74
N GLU Z 767 33.48 -52.93 -44.44
CA GLU Z 767 33.67 -52.97 -45.89
C GLU Z 767 32.80 -51.93 -46.58
N ALA Z 768 31.74 -51.47 -45.91
CA ALA Z 768 30.92 -50.42 -46.50
C ALA Z 768 31.66 -49.09 -46.53
N ARG Z 769 32.75 -48.99 -45.76
CA ARG Z 769 33.57 -47.80 -45.70
C ARG Z 769 34.23 -47.48 -47.05
N ASN Z 770 34.16 -46.21 -47.44
CA ASN Z 770 34.79 -45.72 -48.65
C ASN Z 770 35.31 -44.32 -48.40
N LEU Z 771 36.18 -43.86 -49.30
CA LEU Z 771 36.84 -42.57 -49.09
C LEU Z 771 36.03 -41.40 -49.63
N PHE Z 772 34.99 -41.66 -50.42
CA PHE Z 772 34.20 -40.57 -50.97
C PHE Z 772 33.23 -40.01 -49.93
N ASP Z 773 32.49 -38.99 -50.34
CA ASP Z 773 31.41 -38.46 -49.53
C ASP Z 773 30.08 -38.73 -50.24
N SER Z 774 29.11 -39.19 -49.48
CA SER Z 774 27.80 -39.52 -50.04
C SER Z 774 26.86 -38.33 -50.08
N ASP Z 775 27.34 -37.15 -49.72
CA ASP Z 775 26.47 -36.01 -49.49
C ASP Z 775 25.97 -35.42 -50.80
N LEU Z 776 26.84 -35.25 -51.77
CA LEU Z 776 26.47 -34.57 -53.00
C LEU Z 776 25.64 -35.49 -53.89
N SER Z 777 24.72 -34.89 -54.63
CA SER Z 777 23.76 -35.62 -55.44
C SER Z 777 24.04 -35.44 -56.93
N ILE Z 778 23.72 -36.49 -57.69
CA ILE Z 778 23.87 -36.49 -59.13
C ILE Z 778 22.48 -36.52 -59.74
N THR Z 779 22.26 -35.79 -60.82
CA THR Z 779 20.97 -35.85 -61.48
C THR Z 779 20.93 -37.03 -62.43
N MET Z 780 19.86 -37.80 -62.34
CA MET Z 780 19.69 -38.98 -63.16
C MET Z 780 19.11 -38.54 -64.51
N PRO Z 781 19.08 -39.43 -65.51
CA PRO Z 781 18.70 -39.00 -66.87
C PRO Z 781 17.43 -38.21 -66.97
N ASP Z 782 16.47 -38.53 -66.13
CA ASP Z 782 15.22 -37.80 -66.18
C ASP Z 782 15.13 -36.62 -65.23
N GLY Z 783 16.20 -35.87 -65.02
CA GLY Z 783 16.08 -34.61 -64.32
C GLY Z 783 16.11 -34.73 -62.81
N GLN Z 784 16.52 -35.89 -62.30
CA GLN Z 784 16.20 -36.27 -60.93
C GLN Z 784 17.45 -36.49 -60.10
N GLN Z 785 17.52 -35.77 -58.97
CA GLN Z 785 18.69 -35.73 -58.11
C GLN Z 785 18.73 -36.91 -57.16
N PHE Z 786 19.87 -37.61 -57.13
CA PHE Z 786 20.08 -38.73 -56.24
C PHE Z 786 21.47 -38.64 -55.62
N SER Z 787 21.54 -38.79 -54.30
CA SER Z 787 22.81 -38.84 -53.59
C SER Z 787 22.87 -40.16 -52.84
N VAL Z 788 24.08 -40.64 -52.60
CA VAL Z 788 24.23 -41.93 -51.92
C VAL Z 788 23.67 -41.86 -50.52
N ASN Z 789 23.63 -40.67 -49.92
CA ASN Z 789 23.03 -40.53 -48.60
C ASN Z 789 21.55 -40.90 -48.61
N ASP Z 790 20.91 -40.83 -49.78
CA ASP Z 790 19.51 -41.22 -49.88
C ASP Z 790 19.35 -42.71 -49.67
N LEU Z 791 20.38 -43.50 -50.01
CA LEU Z 791 20.32 -44.94 -49.78
C LEU Z 791 20.56 -45.28 -48.32
N ARG Z 792 21.34 -44.46 -47.63
CA ARG Z 792 21.85 -44.84 -46.32
C ARG Z 792 20.73 -44.95 -45.30
N ASP Z 793 20.91 -45.88 -44.39
CA ASP Z 793 19.96 -46.15 -43.32
C ASP Z 793 20.55 -45.61 -42.03
N PHE Z 794 19.95 -44.54 -41.52
CA PHE Z 794 20.29 -43.95 -40.24
C PHE Z 794 19.45 -44.62 -39.16
N ASP Z 795 19.21 -43.93 -38.05
CA ASP Z 795 18.38 -44.33 -36.91
C ASP Z 795 19.07 -45.10 -35.80
N MET Z 796 20.32 -45.53 -35.92
CA MET Z 796 21.10 -46.01 -34.78
C MET Z 796 20.27 -46.79 -33.76
N PHE Z 797 19.20 -47.44 -34.23
CA PHE Z 797 18.33 -48.24 -33.41
C PHE Z 797 18.61 -49.67 -33.82
N ARG Z 798 18.63 -49.98 -35.12
CA ARG Z 798 19.19 -51.23 -35.58
C ARG Z 798 20.65 -51.04 -35.96
N ILE Z 799 21.07 -49.79 -36.15
CA ILE Z 799 22.35 -49.51 -36.78
C ILE Z 799 23.47 -49.54 -35.75
N MET Z 800 23.36 -48.69 -34.73
CA MET Z 800 24.42 -48.61 -33.73
C MET Z 800 24.61 -49.91 -32.96
N PRO Z 801 23.57 -50.58 -32.45
CA PRO Z 801 23.81 -51.87 -31.79
C PRO Z 801 24.46 -52.92 -32.67
N ALA Z 802 24.03 -53.07 -33.92
CA ALA Z 802 24.60 -54.10 -34.78
C ALA Z 802 26.04 -53.79 -35.15
N TYR Z 803 26.30 -52.53 -35.50
CA TYR Z 803 27.67 -52.09 -35.73
C TYR Z 803 28.52 -52.40 -34.51
N ASP Z 804 27.99 -52.14 -33.32
CA ASP Z 804 28.75 -52.37 -32.11
C ASP Z 804 29.03 -53.85 -31.91
N ARG Z 805 28.04 -54.70 -32.14
CA ARG Z 805 28.27 -56.14 -31.97
C ARG Z 805 29.40 -56.61 -32.88
N ARG Z 806 29.34 -56.26 -34.17
CA ARG Z 806 30.38 -56.74 -35.09
C ARG Z 806 31.74 -56.16 -34.72
N VAL Z 807 31.81 -54.86 -34.48
CA VAL Z 807 33.13 -54.25 -34.27
C VAL Z 807 33.69 -54.66 -32.92
N ASN Z 808 32.84 -54.88 -31.92
CA ASN Z 808 33.33 -55.38 -30.64
C ASN Z 808 33.87 -56.79 -30.78
N GLY Z 809 33.22 -57.62 -31.59
CA GLY Z 809 33.78 -58.94 -31.85
C GLY Z 809 35.14 -58.86 -32.51
N ASP Z 810 35.28 -58.01 -33.51
CA ASP Z 810 36.57 -57.87 -34.20
C ASP Z 810 37.63 -57.29 -33.25
N ILE Z 811 37.25 -56.31 -32.44
CA ILE Z 811 38.18 -55.70 -31.50
C ILE Z 811 38.65 -56.74 -30.49
N ALA Z 812 37.73 -57.60 -30.02
CA ALA Z 812 38.12 -58.65 -29.08
C ALA Z 812 39.07 -59.62 -29.73
N ILE Z 813 38.79 -60.04 -30.97
CA ILE Z 813 39.67 -60.98 -31.65
C ILE Z 813 41.07 -60.41 -31.79
N MET Z 814 41.18 -59.15 -32.23
CA MET Z 814 42.50 -58.59 -32.48
C MET Z 814 43.21 -58.21 -31.18
N GLY Z 815 42.46 -57.73 -30.18
CA GLY Z 815 43.11 -57.33 -28.93
C GLY Z 815 43.57 -58.51 -28.11
N SER Z 816 42.89 -59.65 -28.24
CA SER Z 816 43.31 -60.85 -27.54
C SER Z 816 44.38 -61.58 -28.33
N THR Z 817 44.02 -62.02 -29.54
CA THR Z 817 44.96 -62.66 -30.43
C THR Z 817 45.50 -61.64 -31.41
N GLY Z 818 46.77 -61.76 -31.78
CA GLY Z 818 47.30 -60.89 -32.81
C GLY Z 818 46.59 -61.06 -34.13
N LYS Z 819 45.85 -62.16 -34.29
CA LYS Z 819 45.22 -62.49 -35.55
C LYS Z 819 43.92 -61.72 -35.74
N THR Z 820 43.46 -61.67 -36.99
CA THR Z 820 42.16 -61.09 -37.31
C THR Z 820 41.06 -62.14 -37.16
N THR Z 821 39.84 -61.75 -37.48
CA THR Z 821 38.74 -62.70 -37.48
C THR Z 821 38.94 -63.76 -38.55
N LYS Z 822 39.42 -63.35 -39.73
CA LYS Z 822 39.70 -64.31 -40.78
C LYS Z 822 40.81 -65.26 -40.37
N GLU Z 823 41.90 -64.73 -39.81
CA GLU Z 823 43.01 -65.59 -39.41
C GLU Z 823 42.60 -66.54 -38.30
N LEU Z 824 41.86 -66.06 -37.30
CA LEU Z 824 41.41 -66.94 -36.24
C LEU Z 824 40.48 -68.02 -36.77
N LYS Z 825 39.58 -67.64 -37.68
CA LYS Z 825 38.71 -68.64 -38.29
C LYS Z 825 39.51 -69.71 -39.03
N ASP Z 826 40.49 -69.28 -39.83
CA ASP Z 826 41.31 -70.26 -40.55
C ASP Z 826 42.07 -71.15 -39.60
N GLU Z 827 42.61 -70.58 -38.52
CA GLU Z 827 43.33 -71.37 -37.53
C GLU Z 827 42.42 -72.42 -36.91
N ILE Z 828 41.19 -72.03 -36.56
CA ILE Z 828 40.28 -72.95 -35.90
C ILE Z 828 39.83 -74.05 -36.86
N LEU Z 829 39.57 -73.70 -38.12
CA LEU Z 829 39.26 -74.73 -39.10
C LEU Z 829 40.44 -75.68 -39.30
N ALA Z 830 41.66 -75.15 -39.25
CA ALA Z 830 42.83 -76.02 -39.33
C ALA Z 830 42.87 -76.99 -38.16
N LEU Z 831 42.59 -76.51 -36.95
CA LEU Z 831 42.54 -77.41 -35.80
C LEU Z 831 41.43 -78.45 -35.97
N LYS Z 832 40.29 -78.05 -36.49
CA LYS Z 832 39.21 -79.01 -36.74
C LYS Z 832 39.64 -80.08 -37.73
N ALA Z 833 40.29 -79.69 -38.82
CA ALA Z 833 40.76 -80.67 -39.80
C ALA Z 833 41.80 -81.59 -39.18
N LYS Z 834 42.69 -81.04 -38.37
CA LYS Z 834 43.72 -81.86 -37.71
C LYS Z 834 43.09 -82.85 -36.76
N ALA Z 835 42.05 -82.43 -36.03
CA ALA Z 835 41.47 -83.25 -34.98
C ALA Z 835 40.07 -83.75 -35.36
N GLU Z 836 39.91 -84.03 -36.65
CA GLU Z 836 38.65 -84.61 -37.12
C GLU Z 836 38.38 -85.97 -36.48
N GLY Z 837 39.41 -86.61 -35.93
CA GLY Z 837 39.21 -87.94 -35.36
C GLY Z 837 38.64 -87.92 -33.95
N ASP Z 838 39.38 -87.35 -33.00
CA ASP Z 838 39.09 -87.47 -31.58
C ASP Z 838 37.74 -86.83 -31.25
N GLY Z 839 36.90 -87.56 -30.53
CA GLY Z 839 35.62 -87.00 -30.11
C GLY Z 839 35.79 -85.87 -29.11
N LYS Z 840 36.67 -86.06 -28.13
CA LYS Z 840 36.91 -85.04 -27.12
C LYS Z 840 37.46 -83.77 -27.76
N LYS Z 841 38.41 -83.92 -28.69
CA LYS Z 841 39.01 -82.77 -29.34
C LYS Z 841 38.01 -82.09 -30.27
N THR Z 842 37.14 -82.86 -30.93
CA THR Z 842 36.09 -82.25 -31.73
C THR Z 842 35.14 -81.44 -30.86
N GLY Z 843 34.81 -81.96 -29.68
CA GLY Z 843 34.02 -81.16 -28.75
C GLY Z 843 34.71 -79.88 -28.37
N GLU Z 844 36.03 -79.94 -28.15
CA GLU Z 844 36.78 -78.75 -27.80
C GLU Z 844 36.78 -77.72 -28.93
N VAL Z 845 36.99 -78.16 -30.17
CA VAL Z 845 37.01 -77.22 -31.28
C VAL Z 845 35.61 -76.66 -31.52
N HIS Z 846 34.57 -77.46 -31.27
CA HIS Z 846 33.22 -76.90 -31.31
C HIS Z 846 33.03 -75.85 -30.25
N ALA Z 847 33.57 -76.06 -29.05
CA ALA Z 847 33.50 -75.04 -28.01
C ALA Z 847 34.22 -73.76 -28.43
N LEU Z 848 35.38 -73.91 -29.08
CA LEU Z 848 36.10 -72.74 -29.56
C LEU Z 848 35.31 -71.99 -30.62
N MET Z 849 34.71 -72.71 -31.56
CA MET Z 849 33.89 -72.03 -32.57
C MET Z 849 32.69 -71.36 -31.93
N ASP Z 850 32.10 -72.00 -30.92
CA ASP Z 850 30.97 -71.39 -30.23
C ASP Z 850 31.41 -70.12 -29.52
N THR Z 851 32.61 -70.11 -28.95
CA THR Z 851 33.16 -68.89 -28.37
C THR Z 851 33.31 -67.79 -29.42
N VAL Z 852 33.88 -68.13 -30.57
CA VAL Z 852 34.05 -67.14 -31.63
C VAL Z 852 32.69 -66.62 -32.11
N LYS Z 853 31.70 -67.51 -32.14
CA LYS Z 853 30.37 -67.15 -32.61
C LYS Z 853 29.67 -66.22 -31.63
N ILE Z 854 29.78 -66.52 -30.33
CA ILE Z 854 29.28 -65.60 -29.30
C ILE Z 854 30.01 -64.27 -29.39
N LEU Z 855 31.32 -64.33 -29.58
CA LEU Z 855 32.16 -63.15 -29.47
C LEU Z 855 31.93 -62.19 -30.63
N THR Z 856 31.83 -62.71 -31.84
CA THR Z 856 31.56 -61.88 -33.01
C THR Z 856 30.13 -61.39 -33.08
N GLY Z 857 29.30 -61.74 -32.10
CA GLY Z 857 27.93 -61.28 -32.08
C GLY Z 857 26.97 -62.10 -32.87
N ARG Z 858 27.42 -63.22 -33.46
CA ARG Z 858 26.53 -64.07 -34.24
C ARG Z 858 25.43 -64.60 -33.33
N ALA Z 859 25.79 -65.44 -32.36
CA ALA Z 859 25.04 -65.67 -31.13
C ALA Z 859 23.52 -65.58 -31.27
N ARG Z 860 22.96 -64.53 -30.67
CA ARG Z 860 21.54 -64.15 -30.59
C ARG Z 860 21.01 -64.52 -29.19
N ARG Z 861 20.92 -63.52 -28.31
CA ARG Z 861 20.56 -63.76 -26.92
C ARG Z 861 19.06 -63.86 -26.69
N ASN Z 862 18.24 -63.41 -27.65
CA ASN Z 862 16.78 -63.38 -27.55
C ASN Z 862 16.29 -62.24 -26.66
N GLN Z 863 15.00 -61.97 -26.72
CA GLN Z 863 14.39 -60.96 -25.86
C GLN Z 863 14.33 -61.43 -24.41
N ASP Z 864 14.26 -62.74 -24.20
CA ASP Z 864 13.96 -63.29 -22.89
C ASP Z 864 15.04 -63.00 -21.86
N THR Z 865 16.24 -62.61 -22.29
CA THR Z 865 17.32 -62.40 -21.33
C THR Z 865 17.10 -61.14 -20.51
N VAL Z 866 16.25 -60.23 -20.98
CA VAL Z 866 16.09 -58.96 -20.27
C VAL Z 866 15.54 -59.19 -18.87
N TRP Z 867 14.50 -60.02 -18.75
CA TRP Z 867 13.88 -60.23 -17.45
C TRP Z 867 14.68 -61.20 -16.60
N GLU Z 868 15.41 -62.12 -17.23
CA GLU Z 868 16.27 -63.02 -16.47
C GLU Z 868 17.39 -62.22 -15.84
N THR Z 869 18.03 -61.36 -16.63
CA THR Z 869 19.09 -60.51 -16.11
C THR Z 869 18.56 -59.57 -15.04
N SER Z 870 17.36 -59.04 -15.24
CA SER Z 870 16.75 -58.19 -14.22
C SER Z 870 16.53 -58.97 -12.93
N LEU Z 871 16.09 -60.22 -13.02
CA LEU Z 871 15.88 -61.01 -11.81
C LEU Z 871 17.18 -61.24 -11.06
N ARG Z 872 18.23 -61.64 -11.79
CA ARG Z 872 19.52 -61.87 -11.13
C ARG Z 872 20.05 -60.58 -10.49
N ALA Z 873 19.99 -59.48 -11.23
CA ALA Z 873 20.53 -58.22 -10.72
C ALA Z 873 19.73 -57.70 -9.54
N ILE Z 874 18.41 -57.90 -9.56
CA ILE Z 874 17.58 -57.43 -8.46
C ILE Z 874 17.81 -58.29 -7.22
N ASN Z 875 18.07 -59.59 -7.41
CA ASN Z 875 18.49 -60.40 -6.28
C ASN Z 875 19.78 -59.86 -5.66
N ASP Z 876 20.75 -59.52 -6.50
CA ASP Z 876 22.00 -58.97 -5.98
C ASP Z 876 21.75 -57.65 -5.24
N LEU Z 877 20.89 -56.80 -5.81
CA LEU Z 877 20.53 -55.55 -5.14
C LEU Z 877 19.92 -55.82 -3.78
N GLY Z 878 19.04 -56.81 -3.69
CA GLY Z 878 18.47 -57.18 -2.42
C GLY Z 878 19.52 -57.58 -1.41
N PHE Z 879 20.58 -58.21 -1.88
CA PHE Z 879 21.69 -58.50 -0.97
C PHE Z 879 22.39 -57.23 -0.51
N PHE Z 880 22.60 -56.26 -1.40
CA PHE Z 880 23.46 -55.15 -1.01
C PHE Z 880 22.81 -53.77 -1.01
N ALA Z 881 22.11 -53.38 -2.07
CA ALA Z 881 21.58 -52.02 -2.18
C ALA Z 881 20.09 -52.04 -1.89
N LYS Z 882 19.72 -51.70 -0.65
CA LYS Z 882 18.35 -51.89 -0.19
C LYS Z 882 17.39 -50.96 -0.92
N ASN Z 883 17.70 -49.66 -0.97
CA ASN Z 883 16.78 -48.71 -1.58
C ASN Z 883 16.62 -48.96 -3.06
N ALA Z 884 17.72 -49.23 -3.76
CA ALA Z 884 17.64 -49.59 -5.17
C ALA Z 884 16.88 -50.90 -5.35
N TYR Z 885 17.10 -51.84 -4.45
CA TYR Z 885 16.37 -53.11 -4.49
C TYR Z 885 14.87 -52.87 -4.46
N MET Z 886 14.41 -52.09 -3.48
CA MET Z 886 12.97 -51.90 -3.32
C MET Z 886 12.40 -51.02 -4.42
N GLY Z 887 13.17 -50.07 -4.93
CA GLY Z 887 12.71 -49.30 -6.08
C GLY Z 887 12.55 -50.15 -7.32
N ALA Z 888 13.50 -51.07 -7.56
CA ALA Z 888 13.39 -51.98 -8.69
C ALA Z 888 12.21 -52.92 -8.51
N GLN Z 889 12.00 -53.42 -7.30
CA GLN Z 889 10.82 -54.24 -7.04
C GLN Z 889 9.54 -53.48 -7.31
N ASN Z 890 9.49 -52.22 -6.88
CA ASN Z 890 8.30 -51.41 -7.09
C ASN Z 890 8.04 -51.19 -8.57
N ILE Z 891 9.09 -50.88 -9.34
CA ILE Z 891 8.88 -50.59 -10.75
C ILE Z 891 8.46 -51.84 -11.49
N THR Z 892 9.03 -52.99 -11.14
CA THR Z 892 8.64 -54.24 -11.79
C THR Z 892 7.22 -54.64 -11.41
N GLU Z 893 6.84 -54.43 -10.14
CA GLU Z 893 5.47 -54.72 -9.73
C GLU Z 893 4.48 -53.81 -10.43
N ILE Z 894 4.82 -52.54 -10.60
CA ILE Z 894 3.94 -51.63 -11.34
C ILE Z 894 3.80 -52.09 -12.78
N ALA Z 895 4.90 -52.49 -13.42
CA ALA Z 895 4.81 -52.97 -14.79
C ALA Z 895 3.92 -54.21 -14.87
N GLY Z 896 4.07 -55.12 -13.91
CA GLY Z 896 3.23 -56.30 -13.90
C GLY Z 896 1.76 -55.99 -13.74
N MET Z 897 1.42 -55.05 -12.85
CA MET Z 897 0.02 -54.68 -12.68
C MET Z 897 -0.52 -53.98 -13.92
N ILE Z 898 0.28 -53.12 -14.54
CA ILE Z 898 -0.16 -52.47 -15.77
C ILE Z 898 -0.51 -53.51 -16.82
N VAL Z 899 0.38 -54.48 -17.01
CA VAL Z 899 0.15 -55.44 -18.08
C VAL Z 899 -0.99 -56.40 -17.73
N THR Z 900 -1.14 -56.77 -16.46
CA THR Z 900 -2.20 -57.69 -16.12
C THR Z 900 -3.56 -57.00 -16.18
N GLY Z 901 -3.61 -55.72 -15.81
CA GLY Z 901 -4.84 -54.97 -16.00
C GLY Z 901 -5.20 -54.85 -17.46
N ASN Z 902 -4.20 -54.63 -18.32
CA ASN Z 902 -4.47 -54.61 -19.76
C ASN Z 902 -5.01 -55.94 -20.23
N VAL Z 903 -4.41 -57.04 -19.78
CA VAL Z 903 -4.85 -58.36 -20.23
C VAL Z 903 -6.28 -58.62 -19.79
N ARG Z 904 -6.59 -58.31 -18.53
CA ARG Z 904 -7.95 -58.53 -18.04
C ARG Z 904 -8.95 -57.68 -18.80
N ALA Z 905 -8.69 -56.38 -18.91
CA ALA Z 905 -9.65 -55.49 -19.57
C ALA Z 905 -9.84 -55.86 -21.03
N LEU Z 906 -8.77 -56.12 -21.76
CA LEU Z 906 -8.90 -56.39 -23.18
C LEU Z 906 -9.43 -57.80 -23.42
N GLY Z 907 -9.19 -58.72 -22.50
CA GLY Z 907 -9.86 -60.00 -22.56
C GLY Z 907 -11.35 -59.84 -22.38
N HIS Z 908 -11.77 -58.93 -21.53
CA HIS Z 908 -13.20 -58.64 -21.39
C HIS Z 908 -13.75 -58.00 -22.66
N GLY Z 909 -13.05 -56.99 -23.19
CA GLY Z 909 -13.68 -56.09 -24.14
C GLY Z 909 -13.71 -56.62 -25.57
N ILE Z 910 -12.55 -56.92 -26.13
CA ILE Z 910 -12.43 -57.30 -27.53
C ILE Z 910 -13.09 -58.66 -27.72
N PRO Z 911 -14.05 -58.79 -28.63
CA PRO Z 911 -14.83 -60.02 -28.75
C PRO Z 911 -14.03 -61.24 -29.18
N ILE Z 912 -13.31 -61.16 -30.30
CA ILE Z 912 -12.61 -62.34 -30.81
C ILE Z 912 -11.65 -62.87 -29.75
N LEU Z 913 -11.07 -61.96 -28.98
CA LEU Z 913 -10.01 -62.33 -28.07
C LEU Z 913 -10.54 -63.26 -26.99
N ARG Z 914 -11.50 -62.77 -26.20
CA ARG Z 914 -12.12 -63.61 -25.18
C ARG Z 914 -12.80 -64.82 -25.78
N ASP Z 915 -13.53 -64.62 -26.88
CA ASP Z 915 -14.37 -65.69 -27.40
C ASP Z 915 -13.55 -66.89 -27.83
N THR Z 916 -12.40 -66.65 -28.48
CA THR Z 916 -11.63 -67.76 -29.02
C THR Z 916 -10.21 -67.86 -28.48
N LEU Z 917 -9.44 -66.78 -28.50
CA LEU Z 917 -8.00 -66.89 -28.34
C LEU Z 917 -7.55 -66.87 -26.88
N TYR Z 918 -8.26 -66.16 -26.01
CA TYR Z 918 -7.89 -66.16 -24.61
C TYR Z 918 -8.40 -67.40 -23.89
N LYS Z 919 -9.42 -68.06 -24.44
CA LYS Z 919 -9.90 -69.30 -23.83
C LYS Z 919 -8.94 -70.45 -24.07
N SER Z 920 -8.94 -71.40 -23.14
CA SER Z 920 -8.08 -72.56 -23.25
C SER Z 920 -8.63 -73.57 -24.24
N LYS Z 921 -9.88 -73.39 -24.66
CA LYS Z 921 -10.49 -74.36 -25.57
C LYS Z 921 -9.80 -74.28 -26.92
N PRO Z 922 -9.44 -75.42 -27.52
CA PRO Z 922 -8.81 -75.39 -28.85
C PRO Z 922 -9.73 -74.79 -29.89
N VAL Z 923 -9.13 -74.09 -30.85
CA VAL Z 923 -9.91 -73.43 -31.89
C VAL Z 923 -10.32 -74.45 -32.95
N SER Z 924 -11.25 -74.04 -33.80
CA SER Z 924 -11.74 -74.91 -34.86
C SER Z 924 -10.66 -75.10 -35.93
N ALA Z 925 -10.99 -75.93 -36.92
CA ALA Z 925 -10.09 -76.12 -38.05
C ALA Z 925 -9.95 -74.83 -38.86
N LYS Z 926 -11.08 -74.23 -39.24
CA LYS Z 926 -11.04 -73.01 -40.05
C LYS Z 926 -10.38 -71.88 -39.28
N GLU Z 927 -10.67 -71.76 -37.98
CA GLU Z 927 -9.97 -70.78 -37.17
C GLU Z 927 -8.47 -71.05 -37.14
N LEU Z 928 -8.09 -72.33 -37.14
CA LEU Z 928 -6.67 -72.66 -37.17
C LEU Z 928 -6.02 -72.22 -38.48
N LYS Z 929 -6.70 -72.43 -39.61
CA LYS Z 929 -6.17 -71.96 -40.89
C LYS Z 929 -6.04 -70.44 -40.89
N GLU Z 930 -7.04 -69.75 -40.33
CA GLU Z 930 -6.96 -68.30 -40.25
C GLU Z 930 -5.80 -67.84 -39.38
N LEU Z 931 -5.56 -68.53 -38.26
CA LEU Z 931 -4.43 -68.19 -37.41
C LEU Z 931 -3.11 -68.40 -38.15
N HIS Z 932 -3.00 -69.51 -38.87
CA HIS Z 932 -1.79 -69.77 -39.65
C HIS Z 932 -1.56 -68.65 -40.66
N ALA Z 933 -2.63 -68.25 -41.36
CA ALA Z 933 -2.52 -67.18 -42.33
C ALA Z 933 -2.07 -65.87 -41.68
N SER Z 934 -2.66 -65.52 -40.53
CA SER Z 934 -2.32 -64.26 -39.89
C SER Z 934 -0.88 -64.23 -39.39
N LEU Z 935 -0.42 -65.31 -38.76
CA LEU Z 935 0.95 -65.35 -38.29
C LEU Z 935 1.93 -65.35 -39.44
N PHE Z 936 1.61 -66.04 -40.53
CA PHE Z 936 2.45 -65.97 -41.72
C PHE Z 936 2.45 -64.56 -42.30
N GLY Z 937 1.33 -63.86 -42.23
CA GLY Z 937 1.32 -62.48 -42.69
C GLY Z 937 2.24 -61.61 -41.87
N LYS Z 938 2.27 -61.83 -40.56
CA LYS Z 938 3.24 -61.12 -39.73
C LYS Z 938 4.67 -61.45 -40.16
N GLU Z 939 4.96 -62.73 -40.39
CA GLU Z 939 6.32 -63.11 -40.80
C GLU Z 939 6.71 -62.44 -42.10
N VAL Z 940 5.81 -62.48 -43.09
CA VAL Z 940 6.10 -61.90 -44.39
C VAL Z 940 6.28 -60.40 -44.28
N ASP Z 941 5.47 -59.75 -43.44
CA ASP Z 941 5.64 -58.32 -43.22
C ASP Z 941 7.02 -58.02 -42.65
N GLN Z 942 7.44 -58.78 -41.65
CA GLN Z 942 8.78 -58.57 -41.10
C GLN Z 942 9.85 -58.80 -42.16
N LEU Z 943 9.58 -59.71 -43.11
CA LEU Z 943 10.55 -59.94 -44.17
C LEU Z 943 10.63 -58.76 -45.14
N ILE Z 944 9.49 -58.17 -45.51
CA ILE Z 944 9.44 -57.28 -46.65
C ILE Z 944 9.13 -55.83 -46.30
N ARG Z 945 8.96 -55.52 -45.02
CA ARG Z 945 8.59 -54.16 -44.64
C ARG Z 945 9.79 -53.22 -44.76
N PRO Z 946 9.60 -52.03 -45.34
CA PRO Z 946 10.66 -51.01 -45.31
C PRO Z 946 11.07 -50.67 -43.89
N LYS Z 947 12.36 -50.78 -43.62
CA LYS Z 947 12.85 -50.49 -42.28
C LYS Z 947 12.95 -48.99 -42.00
N ARG Z 948 13.30 -48.19 -43.00
CA ARG Z 948 13.42 -46.75 -42.78
C ARG Z 948 12.04 -46.12 -42.64
N ALA Z 949 11.86 -45.35 -41.56
CA ALA Z 949 10.57 -44.73 -41.30
C ALA Z 949 10.24 -43.69 -42.35
N ASP Z 950 11.26 -42.99 -42.87
CA ASP Z 950 11.02 -42.00 -43.91
C ASP Z 950 10.45 -42.65 -45.15
N ILE Z 951 11.02 -43.77 -45.57
CA ILE Z 951 10.59 -44.39 -46.81
C ILE Z 951 9.14 -44.82 -46.72
N VAL Z 952 8.75 -45.44 -45.60
CA VAL Z 952 7.38 -45.91 -45.45
C VAL Z 952 6.42 -44.73 -45.34
N GLN Z 953 6.83 -43.68 -44.62
CA GLN Z 953 5.96 -42.51 -44.50
C GLN Z 953 5.73 -41.85 -45.84
N ARG Z 954 6.78 -41.70 -46.65
CA ARG Z 954 6.63 -41.08 -47.95
C ARG Z 954 5.87 -41.99 -48.90
N LEU Z 955 6.02 -43.31 -48.75
CA LEU Z 955 5.27 -44.25 -49.57
C LEU Z 955 3.78 -44.11 -49.29
N ARG Z 956 3.42 -43.97 -48.01
CA ARG Z 956 2.02 -43.82 -47.66
C ARG Z 956 1.48 -42.48 -48.11
N GLU Z 957 2.25 -41.41 -47.91
CA GLU Z 957 1.76 -40.06 -48.19
C GLU Z 957 1.69 -39.78 -49.68
N ALA Z 958 2.65 -40.30 -50.44
CA ALA Z 958 2.87 -39.81 -51.80
C ALA Z 958 1.82 -40.33 -52.76
N THR Z 959 1.19 -41.46 -52.44
CA THR Z 959 0.21 -42.03 -53.35
C THR Z 959 -1.05 -41.17 -53.49
N ASP Z 960 -1.21 -40.18 -52.62
CA ASP Z 960 -2.42 -39.36 -52.63
C ASP Z 960 -2.51 -38.56 -53.93
N THR Z 961 -3.73 -38.16 -54.29
CA THR Z 961 -3.93 -37.46 -55.54
C THR Z 961 -3.26 -36.09 -55.54
N GLY Z 962 -3.13 -35.47 -54.37
CA GLY Z 962 -2.52 -34.17 -54.26
C GLY Z 962 -1.09 -34.15 -54.74
N PRO Z 963 -0.24 -35.01 -54.15
CA PRO Z 963 1.14 -35.10 -54.65
C PRO Z 963 1.24 -35.44 -56.12
N ALA Z 964 0.41 -36.36 -56.61
CA ALA Z 964 0.47 -36.76 -58.01
C ALA Z 964 0.18 -35.57 -58.92
N VAL Z 965 -0.93 -34.89 -58.67
CA VAL Z 965 -1.33 -33.76 -59.50
C VAL Z 965 -0.31 -32.64 -59.40
N ALA Z 966 0.26 -32.45 -58.22
CA ALA Z 966 1.28 -31.40 -58.05
C ALA Z 966 2.53 -31.70 -58.87
N ASN Z 967 3.01 -32.94 -58.81
CA ASN Z 967 4.25 -33.27 -59.51
C ASN Z 967 4.04 -33.36 -61.01
N ILE Z 968 2.81 -33.58 -61.47
CA ILE Z 968 2.61 -33.68 -62.91
C ILE Z 968 2.29 -32.31 -63.51
N VAL Z 969 1.48 -31.50 -62.84
CA VAL Z 969 1.01 -30.27 -63.46
C VAL Z 969 1.61 -29.04 -62.81
N GLY Z 970 1.79 -29.07 -61.49
CA GLY Z 970 2.05 -27.83 -60.76
C GLY Z 970 3.35 -27.19 -61.19
N THR Z 971 3.35 -25.85 -61.21
CA THR Z 971 4.54 -25.07 -61.47
C THR Z 971 5.34 -24.73 -60.22
N LEU Z 972 4.78 -24.97 -59.04
CA LEU Z 972 5.48 -24.81 -57.77
C LEU Z 972 5.72 -26.19 -57.19
N LYS Z 973 6.86 -26.35 -56.51
CA LYS Z 973 7.31 -27.68 -56.15
C LYS Z 973 6.37 -28.33 -55.14
N TYR Z 974 6.03 -27.61 -54.06
CA TYR Z 974 5.35 -28.18 -52.91
C TYR Z 974 6.16 -29.35 -52.37
N SER Z 975 5.55 -30.19 -51.55
CA SER Z 975 6.26 -31.30 -50.94
C SER Z 975 5.26 -32.32 -50.46
N THR Z 976 5.60 -33.59 -50.63
CA THR Z 976 4.88 -34.62 -49.91
C THR Z 976 5.15 -34.43 -48.43
N GLN Z 977 4.11 -34.65 -47.61
CA GLN Z 977 3.82 -34.25 -46.24
C GLN Z 977 3.32 -32.82 -46.17
N GLU Z 978 3.11 -32.20 -47.34
CA GLU Z 978 2.49 -30.87 -47.36
C GLU Z 978 1.17 -31.00 -48.12
N LEU Z 979 1.13 -31.84 -49.15
CA LEU Z 979 -0.11 -32.04 -49.90
C LEU Z 979 -0.79 -33.34 -49.52
N ALA Z 980 -0.17 -34.12 -48.63
CA ALA Z 980 -0.75 -35.39 -48.20
C ALA Z 980 -2.05 -35.15 -47.46
N ALA Z 981 -3.09 -35.90 -47.83
CA ALA Z 981 -4.41 -35.75 -47.22
C ALA Z 981 -4.38 -36.11 -45.75
N ARG Z 982 -3.88 -37.30 -45.44
CA ARG Z 982 -3.68 -37.79 -44.07
C ARG Z 982 -5.00 -38.04 -43.37
N SER Z 983 -5.17 -39.24 -42.85
CA SER Z 983 -6.38 -39.54 -42.09
C SER Z 983 -6.38 -38.75 -40.79
N PRO Z 984 -7.56 -38.43 -40.26
CA PRO Z 984 -7.61 -37.90 -38.90
C PRO Z 984 -7.10 -38.89 -37.88
N TRP Z 985 -7.08 -40.18 -38.24
CA TRP Z 985 -6.49 -41.19 -37.35
C TRP Z 985 -5.00 -40.97 -37.20
N THR Z 986 -4.34 -40.41 -38.21
CA THR Z 986 -2.91 -40.15 -38.07
C THR Z 986 -2.67 -38.79 -37.44
N LYS Z 987 -3.39 -37.77 -37.90
CA LYS Z 987 -3.24 -36.43 -37.32
C LYS Z 987 -3.61 -36.43 -35.85
N LEU Z 988 -4.71 -37.09 -35.51
CA LEU Z 988 -5.18 -37.24 -34.14
C LEU Z 988 -5.02 -38.70 -33.78
N LEU Z 989 -4.45 -38.98 -32.62
CA LEU Z 989 -4.23 -40.37 -32.18
C LEU Z 989 -3.27 -41.10 -33.12
N ASN Z 990 -2.04 -40.59 -33.18
CA ASN Z 990 -1.08 -41.10 -34.17
C ASN Z 990 -0.55 -42.48 -33.79
N GLY Z 991 -0.16 -42.67 -32.53
CA GLY Z 991 0.49 -43.91 -32.15
C GLY Z 991 -0.42 -45.12 -32.24
N THR Z 992 -1.66 -44.97 -31.76
CA THR Z 992 -2.64 -46.03 -31.90
C THR Z 992 -2.82 -46.38 -33.37
N THR Z 993 -2.85 -45.36 -34.21
CA THR Z 993 -2.99 -45.57 -35.65
C THR Z 993 -1.82 -46.36 -36.21
N ASN Z 994 -0.60 -46.05 -35.77
CA ASN Z 994 0.56 -46.78 -36.29
C ASN Z 994 0.50 -48.25 -35.91
N TYR Z 995 0.14 -48.54 -34.66
CA TYR Z 995 0.00 -49.93 -34.25
C TYR Z 995 -1.07 -50.64 -35.06
N LEU Z 996 -2.21 -49.97 -35.27
CA LEU Z 996 -3.30 -50.60 -35.99
C LEU Z 996 -2.97 -50.78 -37.47
N LEU Z 997 -2.26 -49.82 -38.08
CA LEU Z 997 -1.81 -50.01 -39.45
C LEU Z 997 -0.86 -51.18 -39.58
N ASP Z 998 0.09 -51.32 -38.67
CA ASP Z 998 1.00 -52.44 -38.75
C ASP Z 998 0.26 -53.77 -38.66
N ALA Z 999 -0.64 -53.88 -37.68
CA ALA Z 999 -1.41 -55.12 -37.53
C ALA Z 999 -2.31 -55.37 -38.73
N ALA Z 1000 -2.96 -54.32 -39.24
CA ALA Z 1000 -3.86 -54.47 -40.37
C ALA Z 1000 -3.12 -54.86 -41.64
N ARG Z 1001 -1.93 -54.29 -41.85
CA ARG Z 1001 -1.13 -54.66 -43.00
C ARG Z 1001 -0.67 -56.10 -42.90
N GLN Z 1002 -0.26 -56.54 -41.71
CA GLN Z 1002 0.11 -57.95 -41.55
C GLN Z 1002 -1.08 -58.86 -41.83
N GLY Z 1003 -2.27 -58.46 -41.35
CA GLY Z 1003 -3.46 -59.23 -41.63
C GLY Z 1003 -3.78 -59.30 -43.11
N MET Z 1004 -3.68 -58.17 -43.80
CA MET Z 1004 -3.91 -58.15 -45.24
C MET Z 1004 -2.90 -59.01 -45.98
N LEU Z 1005 -1.63 -58.94 -45.59
CA LEU Z 1005 -0.63 -59.80 -46.21
C LEU Z 1005 -1.00 -61.27 -46.06
N GLY Z 1006 -1.32 -61.68 -44.83
CA GLY Z 1006 -1.70 -63.07 -44.61
C GLY Z 1006 -2.94 -63.45 -45.40
N ASP Z 1007 -3.93 -62.56 -45.43
CA ASP Z 1007 -5.17 -62.86 -46.14
C ASP Z 1007 -4.94 -63.00 -47.64
N VAL Z 1008 -4.16 -62.08 -48.22
CA VAL Z 1008 -3.88 -62.14 -49.65
C VAL Z 1008 -3.09 -63.39 -49.99
N ILE Z 1009 -2.08 -63.72 -49.17
CA ILE Z 1009 -1.26 -64.90 -49.44
C ILE Z 1009 -2.11 -66.15 -49.37
N SER Z 1010 -2.94 -66.27 -48.33
CA SER Z 1010 -3.77 -67.45 -48.18
C SER Z 1010 -4.79 -67.56 -49.31
N ALA Z 1011 -5.41 -66.44 -49.68
CA ALA Z 1011 -6.39 -66.47 -50.76
C ALA Z 1011 -5.74 -66.89 -52.07
N THR Z 1012 -4.56 -66.34 -52.37
CA THR Z 1012 -3.90 -66.68 -53.62
C THR Z 1012 -3.45 -68.14 -53.63
N LEU Z 1013 -2.90 -68.63 -52.52
CA LEU Z 1013 -2.42 -70.01 -52.49
C LEU Z 1013 -3.57 -71.00 -52.55
N THR Z 1014 -4.67 -70.70 -51.86
CA THR Z 1014 -5.84 -71.57 -51.93
C THR Z 1014 -6.59 -71.40 -53.25
N GLY Z 1015 -6.30 -70.34 -53.99
CA GLY Z 1015 -6.90 -70.12 -55.29
C GLY Z 1015 -8.02 -69.10 -55.30
N LYS Z 1016 -8.52 -68.68 -54.14
CA LYS Z 1016 -9.64 -67.76 -54.09
C LYS Z 1016 -9.23 -66.36 -54.54
N THR Z 1017 -10.20 -65.62 -55.06
CA THR Z 1017 -9.97 -64.25 -55.49
C THR Z 1017 -10.33 -63.28 -54.38
N THR Z 1018 -9.32 -62.64 -53.80
CA THR Z 1018 -9.55 -61.76 -52.66
C THR Z 1018 -10.33 -60.53 -53.09
N ARG Z 1019 -11.03 -59.93 -52.13
CA ARG Z 1019 -11.85 -58.76 -52.40
C ARG Z 1019 -11.04 -57.59 -52.92
N TRP Z 1020 -9.74 -57.57 -52.68
CA TRP Z 1020 -8.87 -56.48 -53.06
C TRP Z 1020 -8.31 -56.64 -54.47
N GLU Z 1021 -8.73 -57.68 -55.19
CA GLU Z 1021 -8.31 -57.85 -56.58
C GLU Z 1021 -8.99 -56.87 -57.51
N LYS Z 1022 -10.16 -56.36 -57.12
CA LYS Z 1022 -10.93 -55.51 -58.02
C LYS Z 1022 -10.30 -54.13 -58.14
N GLU Z 1023 -10.67 -53.44 -59.23
CA GLU Z 1023 -9.85 -52.37 -59.77
C GLU Z 1023 -9.70 -51.19 -58.82
N GLY Z 1024 -10.76 -50.83 -58.11
CA GLY Z 1024 -10.73 -49.60 -57.33
C GLY Z 1024 -9.69 -49.63 -56.22
N PHE Z 1025 -9.68 -50.71 -55.43
CA PHE Z 1025 -8.71 -50.80 -54.35
C PHE Z 1025 -7.29 -50.87 -54.90
N LEU Z 1026 -7.12 -51.44 -56.08
CA LEU Z 1026 -5.83 -51.36 -56.76
C LEU Z 1026 -5.47 -49.92 -57.11
N ARG Z 1027 -6.44 -49.14 -57.55
CA ARG Z 1027 -6.20 -47.74 -57.86
C ARG Z 1027 -5.83 -46.95 -56.61
N GLY Z 1028 -6.36 -47.37 -55.46
CA GLY Z 1028 -5.98 -46.72 -54.22
C GLY Z 1028 -4.49 -46.83 -53.94
N ALA Z 1029 -3.90 -47.96 -54.32
CA ALA Z 1029 -2.45 -48.12 -54.32
C ALA Z 1029 -1.93 -47.88 -55.73
N SER Z 1030 -0.65 -48.20 -55.96
CA SER Z 1030 -0.05 -48.07 -57.27
C SER Z 1030 0.10 -49.41 -57.98
N VAL Z 1031 -0.76 -50.36 -57.61
CA VAL Z 1031 -0.70 -51.68 -58.20
C VAL Z 1031 -1.51 -51.73 -59.48
N THR Z 1032 -0.80 -51.82 -60.60
CA THR Z 1032 -1.48 -51.93 -61.87
C THR Z 1032 -2.08 -53.33 -61.95
N PRO Z 1033 -3.14 -53.51 -62.74
CA PRO Z 1033 -3.54 -54.83 -63.22
C PRO Z 1033 -2.36 -55.80 -63.34
N GLU Z 1034 -1.32 -55.42 -64.08
CA GLU Z 1034 -0.17 -56.29 -64.25
C GLU Z 1034 0.58 -56.58 -62.96
N GLN Z 1035 0.74 -55.57 -62.12
CA GLN Z 1035 1.49 -55.77 -60.89
C GLN Z 1035 0.78 -56.75 -59.99
N MET Z 1036 -0.55 -56.71 -59.96
CA MET Z 1036 -1.30 -57.64 -59.12
C MET Z 1036 -1.13 -59.07 -59.62
N ALA Z 1037 -1.12 -59.26 -60.94
CA ALA Z 1037 -0.79 -60.57 -61.48
C ALA Z 1037 0.64 -60.98 -61.11
N GLY Z 1038 1.56 -60.01 -61.12
CA GLY Z 1038 2.90 -60.29 -60.66
C GLY Z 1038 2.94 -60.71 -59.20
N ILE Z 1039 2.08 -60.10 -58.38
CA ILE Z 1039 2.00 -60.49 -56.97
C ILE Z 1039 1.50 -61.92 -56.84
N LYS Z 1040 0.48 -62.28 -57.64
CA LYS Z 1040 0.05 -63.67 -57.68
C LYS Z 1040 1.21 -64.60 -58.01
N SER Z 1041 1.96 -64.28 -59.07
CA SER Z 1041 3.08 -65.13 -59.46
C SER Z 1041 4.11 -65.22 -58.34
N LEU Z 1042 4.44 -64.08 -57.73
CA LEU Z 1042 5.44 -64.06 -56.67
C LEU Z 1042 5.02 -64.94 -55.50
N ILE Z 1043 3.77 -64.84 -55.08
CA ILE Z 1043 3.29 -65.65 -53.98
C ILE Z 1043 3.34 -67.12 -54.36
N LYS Z 1044 3.01 -67.43 -55.61
CA LYS Z 1044 3.01 -68.84 -56.01
C LYS Z 1044 4.41 -69.41 -56.06
N GLU Z 1045 5.41 -68.61 -56.42
CA GLU Z 1045 6.77 -69.13 -56.53
C GLU Z 1045 7.42 -69.35 -55.17
N HIS Z 1046 7.20 -68.44 -54.22
CA HIS Z 1046 8.01 -68.43 -53.00
C HIS Z 1046 7.27 -68.91 -51.76
N MET Z 1047 6.00 -69.28 -51.88
CA MET Z 1047 5.23 -69.72 -50.74
C MET Z 1047 4.70 -71.14 -50.97
N VAL Z 1048 4.76 -71.95 -49.92
CA VAL Z 1048 4.31 -73.34 -49.95
C VAL Z 1048 3.02 -73.43 -49.16
N ARG Z 1049 2.01 -74.03 -49.78
CA ARG Z 1049 0.78 -74.34 -49.05
C ARG Z 1049 0.94 -75.67 -48.34
N GLY Z 1050 0.92 -75.64 -47.00
CA GLY Z 1050 1.15 -76.85 -46.26
C GLY Z 1050 0.00 -77.83 -46.37
N GLU Z 1051 0.25 -79.07 -45.95
CA GLU Z 1051 -0.81 -80.07 -45.91
C GLU Z 1051 -1.92 -79.61 -44.99
N ASP Z 1052 -1.56 -79.07 -43.82
CA ASP Z 1052 -2.49 -78.38 -42.95
C ASP Z 1052 -2.47 -76.90 -43.33
N GLY Z 1053 -2.99 -76.04 -42.47
CA GLY Z 1053 -3.09 -74.62 -42.82
C GLY Z 1053 -1.75 -73.91 -42.83
N LYS Z 1054 -0.68 -74.63 -42.47
CA LYS Z 1054 0.62 -73.99 -42.28
C LYS Z 1054 1.15 -73.36 -43.56
N PHE Z 1055 1.85 -72.25 -43.41
CA PHE Z 1055 2.45 -71.52 -44.53
C PHE Z 1055 3.95 -71.43 -44.32
N THR Z 1056 4.72 -71.64 -45.39
CA THR Z 1056 6.16 -71.55 -45.37
C THR Z 1056 6.63 -70.79 -46.60
N VAL Z 1057 7.87 -70.29 -46.51
CA VAL Z 1057 8.48 -69.52 -47.60
C VAL Z 1057 9.65 -70.32 -48.15
N LYS Z 1058 9.80 -70.32 -49.47
CA LYS Z 1058 10.95 -70.92 -50.10
C LYS Z 1058 12.08 -69.91 -50.21
N ASP Z 1059 13.24 -70.25 -49.65
CA ASP Z 1059 14.49 -69.52 -49.80
C ASP Z 1059 14.49 -68.20 -49.04
N LYS Z 1060 13.33 -67.79 -48.52
CA LYS Z 1060 13.20 -66.63 -47.66
C LYS Z 1060 13.88 -65.39 -48.23
N GLN Z 1061 15.22 -65.39 -48.20
CA GLN Z 1061 15.97 -64.24 -48.68
C GLN Z 1061 15.72 -63.97 -50.15
N ALA Z 1062 15.68 -65.04 -50.96
CA ALA Z 1062 15.39 -64.87 -52.38
C ALA Z 1062 14.01 -64.24 -52.59
N PHE Z 1063 13.05 -64.59 -51.73
CA PHE Z 1063 11.73 -63.96 -51.81
C PHE Z 1063 11.82 -62.49 -51.45
N SER Z 1064 12.64 -62.15 -50.44
CA SER Z 1064 12.81 -60.75 -50.05
C SER Z 1064 13.44 -59.95 -51.19
N MET Z 1065 14.33 -60.57 -51.96
CA MET Z 1065 15.03 -59.83 -53.01
C MET Z 1065 14.17 -59.58 -54.23
N ASP Z 1066 13.01 -60.19 -54.35
CA ASP Z 1066 12.20 -60.01 -55.54
C ASP Z 1066 11.63 -58.59 -55.57
N PRO Z 1067 11.68 -57.91 -56.71
CA PRO Z 1067 11.04 -56.58 -56.80
C PRO Z 1067 9.55 -56.62 -56.55
N ARG Z 1068 8.88 -57.72 -56.91
CA ARG Z 1068 7.44 -57.81 -56.70
C ARG Z 1068 7.07 -57.87 -55.22
N ALA Z 1069 8.03 -58.18 -54.35
CA ALA Z 1069 7.75 -58.16 -52.92
C ALA Z 1069 7.37 -56.77 -52.46
N MET Z 1070 8.01 -55.74 -53.03
CA MET Z 1070 7.64 -54.37 -52.71
C MET Z 1070 6.23 -54.06 -53.21
N ASP Z 1071 5.85 -54.60 -54.35
CA ASP Z 1071 4.50 -54.39 -54.85
C ASP Z 1071 3.53 -55.02 -53.88
N LEU Z 1072 3.79 -56.26 -53.48
CA LEU Z 1072 2.95 -56.92 -52.50
C LEU Z 1072 2.80 -56.09 -51.23
N TRP Z 1073 3.92 -55.59 -50.71
CA TRP Z 1073 3.88 -54.84 -49.47
C TRP Z 1073 3.08 -53.56 -49.62
N ARG Z 1074 3.29 -52.82 -50.72
CA ARG Z 1074 2.52 -51.59 -50.91
C ARG Z 1074 1.04 -51.89 -51.07
N LEU Z 1075 0.71 -52.94 -51.83
CA LEU Z 1075 -0.70 -53.32 -51.98
C LEU Z 1075 -1.32 -53.56 -50.62
N ALA Z 1076 -0.67 -54.41 -49.81
CA ALA Z 1076 -1.22 -54.74 -48.50
C ALA Z 1076 -1.33 -53.51 -47.61
N ASP Z 1077 -0.32 -52.65 -47.63
CA ASP Z 1077 -0.31 -51.50 -46.73
C ASP Z 1077 -1.38 -50.48 -47.12
N LYS Z 1078 -1.47 -50.16 -48.41
CA LYS Z 1078 -2.48 -49.19 -48.84
C LYS Z 1078 -3.89 -49.75 -48.66
N VAL Z 1079 -4.08 -51.03 -48.96
CA VAL Z 1079 -5.39 -51.62 -48.75
C VAL Z 1079 -5.75 -51.62 -47.28
N ALA Z 1080 -4.78 -51.99 -46.42
CA ALA Z 1080 -5.02 -51.94 -44.99
C ALA Z 1080 -5.44 -50.55 -44.56
N ASP Z 1081 -4.68 -49.54 -44.93
CA ASP Z 1081 -5.05 -48.17 -44.59
C ASP Z 1081 -6.47 -47.86 -45.02
N GLU Z 1082 -6.70 -47.86 -46.34
CA GLU Z 1082 -7.95 -47.34 -46.89
C GLU Z 1082 -9.15 -48.13 -46.41
N ALA Z 1083 -9.07 -49.46 -46.42
CA ALA Z 1083 -10.21 -50.30 -46.09
C ALA Z 1083 -10.42 -50.42 -44.59
N MET Z 1084 -9.35 -50.63 -43.82
CA MET Z 1084 -9.51 -51.04 -42.44
C MET Z 1084 -9.44 -49.85 -41.50
N LEU Z 1085 -8.48 -48.94 -41.72
CA LEU Z 1085 -8.20 -47.94 -40.71
C LEU Z 1085 -8.62 -46.53 -41.09
N ARG Z 1086 -8.61 -46.20 -42.37
CA ARG Z 1086 -9.02 -44.86 -42.78
C ARG Z 1086 -10.45 -44.49 -42.36
N PRO Z 1087 -11.46 -45.35 -42.48
CA PRO Z 1087 -12.82 -44.93 -42.13
C PRO Z 1087 -12.95 -44.51 -40.67
N HIS Z 1088 -13.83 -43.54 -40.43
CA HIS Z 1088 -14.09 -43.03 -39.09
C HIS Z 1088 -15.15 -43.81 -38.33
N LYS Z 1089 -15.71 -44.85 -38.93
CA LYS Z 1089 -16.85 -45.53 -38.34
C LYS Z 1089 -16.65 -47.03 -38.46
N VAL Z 1090 -16.76 -47.74 -37.33
CA VAL Z 1090 -16.53 -49.18 -37.31
C VAL Z 1090 -17.85 -49.92 -37.16
N SER Z 1091 -17.91 -51.13 -37.75
CA SER Z 1091 -19.13 -51.92 -37.76
C SER Z 1091 -18.78 -53.40 -37.70
N LEU Z 1092 -19.78 -54.20 -37.33
CA LEU Z 1092 -19.60 -55.65 -37.32
C LEU Z 1092 -19.43 -56.21 -38.72
N GLN Z 1093 -20.19 -55.69 -39.68
CA GLN Z 1093 -20.00 -56.11 -41.07
C GLN Z 1093 -18.58 -55.80 -41.54
N ASP Z 1094 -17.98 -54.74 -41.01
CA ASP Z 1094 -16.60 -54.42 -41.34
C ASP Z 1094 -15.66 -55.53 -40.87
N SER Z 1095 -15.84 -56.01 -39.65
CA SER Z 1095 -15.00 -57.10 -39.14
C SER Z 1095 -15.30 -58.41 -39.85
N HIS Z 1096 -16.49 -58.53 -40.45
CA HIS Z 1096 -16.84 -59.78 -41.13
C HIS Z 1096 -15.88 -60.10 -42.27
N ALA Z 1097 -15.39 -59.08 -42.97
CA ALA Z 1097 -14.64 -59.32 -44.20
C ALA Z 1097 -13.26 -59.91 -43.93
N PHE Z 1098 -12.60 -59.46 -42.87
CA PHE Z 1098 -11.18 -59.74 -42.70
C PHE Z 1098 -10.96 -61.08 -41.99
N GLY Z 1099 -9.69 -61.43 -41.84
CA GLY Z 1099 -9.29 -62.66 -41.19
C GLY Z 1099 -9.09 -62.48 -39.70
N ALA Z 1100 -8.34 -63.41 -39.10
CA ALA Z 1100 -8.15 -63.40 -37.65
C ALA Z 1100 -7.45 -62.12 -37.21
N LEU Z 1101 -6.31 -61.81 -37.82
CA LEU Z 1101 -5.60 -60.57 -37.47
C LEU Z 1101 -6.42 -59.36 -37.86
N GLY Z 1102 -7.08 -59.41 -39.02
CA GLY Z 1102 -7.93 -58.31 -39.43
C GLY Z 1102 -9.09 -58.09 -38.49
N LYS Z 1103 -9.75 -59.17 -38.08
CA LYS Z 1103 -10.84 -59.05 -37.12
C LYS Z 1103 -10.34 -58.49 -35.80
N MET Z 1104 -9.19 -58.98 -35.33
CA MET Z 1104 -8.64 -58.49 -34.06
C MET Z 1104 -8.34 -57.00 -34.12
N VAL Z 1105 -7.70 -56.55 -35.19
CA VAL Z 1105 -7.34 -55.14 -35.28
C VAL Z 1105 -8.57 -54.26 -35.48
N MET Z 1106 -9.59 -54.76 -36.19
CA MET Z 1106 -10.81 -53.96 -36.33
C MET Z 1106 -11.57 -53.89 -35.02
N GLN Z 1107 -11.53 -54.96 -34.23
CA GLN Z 1107 -12.16 -54.90 -32.92
C GLN Z 1107 -11.37 -54.00 -31.98
N PHE Z 1108 -10.07 -53.90 -32.19
CA PHE Z 1108 -9.28 -52.92 -31.45
C PHE Z 1108 -9.65 -51.49 -31.86
N LYS Z 1109 -9.87 -51.26 -33.16
CA LYS Z 1109 -10.34 -49.97 -33.62
C LYS Z 1109 -11.69 -49.63 -33.01
N SER Z 1110 -12.59 -50.61 -32.97
CA SER Z 1110 -13.88 -50.43 -32.33
C SER Z 1110 -13.72 -50.14 -30.84
N PHE Z 1111 -12.79 -50.81 -30.17
CA PHE Z 1111 -12.55 -50.56 -28.76
C PHE Z 1111 -12.05 -49.14 -28.55
N THR Z 1112 -11.18 -48.67 -29.43
CA THR Z 1112 -10.71 -47.30 -29.36
C THR Z 1112 -11.87 -46.32 -29.50
N ILE Z 1113 -12.75 -46.57 -30.47
CA ILE Z 1113 -13.88 -45.66 -30.67
C ILE Z 1113 -14.81 -45.69 -29.47
N LYS Z 1114 -15.02 -46.87 -28.88
CA LYS Z 1114 -15.83 -46.99 -27.67
C LYS Z 1114 -15.22 -46.17 -26.55
N SER Z 1115 -13.90 -46.27 -26.37
CA SER Z 1115 -13.23 -45.55 -25.30
C SER Z 1115 -13.32 -44.05 -25.52
N LEU Z 1116 -13.18 -43.60 -26.77
CA LEU Z 1116 -13.27 -42.17 -27.06
C LEU Z 1116 -14.67 -41.64 -26.75
N ASN Z 1117 -15.68 -42.49 -26.88
CA ASN Z 1117 -17.04 -42.11 -26.53
C ASN Z 1117 -17.37 -42.34 -25.06
N SER Z 1118 -16.45 -42.89 -24.29
CA SER Z 1118 -16.70 -43.07 -22.86
C SER Z 1118 -16.85 -41.72 -22.18
N LYS Z 1119 -17.64 -41.70 -21.11
CA LYS Z 1119 -17.99 -40.43 -20.48
C LYS Z 1119 -16.77 -39.66 -20.01
N PHE Z 1120 -15.84 -40.36 -19.35
CA PHE Z 1120 -14.65 -39.68 -18.84
C PHE Z 1120 -13.83 -39.10 -19.96
N LEU Z 1121 -13.65 -39.86 -21.04
CA LEU Z 1121 -12.75 -39.41 -22.09
C LEU Z 1121 -13.38 -38.29 -22.90
N ARG Z 1122 -14.69 -38.37 -23.12
CA ARG Z 1122 -15.40 -37.26 -23.75
C ARG Z 1122 -15.32 -35.99 -22.92
N THR Z 1123 -15.52 -36.12 -21.61
CA THR Z 1123 -15.42 -34.97 -20.73
C THR Z 1123 -14.01 -34.40 -20.76
N PHE Z 1124 -13.00 -35.28 -20.75
CA PHE Z 1124 -11.61 -34.84 -20.77
C PHE Z 1124 -11.30 -34.07 -22.03
N TYR Z 1125 -11.73 -34.58 -23.19
CA TYR Z 1125 -11.44 -33.88 -24.44
C TYR Z 1125 -12.20 -32.57 -24.51
N ASP Z 1126 -13.43 -32.54 -24.01
CA ASP Z 1126 -14.18 -31.28 -24.04
C ASP Z 1126 -13.54 -30.26 -23.13
N GLY Z 1127 -12.96 -30.71 -22.02
CA GLY Z 1127 -12.37 -29.77 -21.09
C GLY Z 1127 -11.01 -29.25 -21.52
N TYR Z 1128 -10.13 -30.15 -21.96
CA TYR Z 1128 -8.74 -29.79 -22.25
C TYR Z 1128 -8.29 -30.07 -23.66
N LYS Z 1129 -9.17 -30.61 -24.52
CA LYS Z 1129 -8.74 -31.14 -25.81
C LYS Z 1129 -7.65 -32.17 -25.59
N ASN Z 1130 -6.41 -31.82 -25.90
CA ASN Z 1130 -5.25 -32.63 -25.55
C ASN Z 1130 -5.39 -34.06 -26.07
N ASN Z 1131 -5.44 -34.17 -27.39
CA ASN Z 1131 -5.47 -35.48 -28.03
C ASN Z 1131 -4.17 -36.26 -27.82
N ARG Z 1132 -3.09 -35.57 -27.46
CA ARG Z 1132 -1.82 -36.25 -27.23
C ARG Z 1132 -1.92 -37.25 -26.09
N ALA Z 1133 -2.57 -36.84 -24.99
CA ALA Z 1133 -2.67 -37.72 -23.83
C ALA Z 1133 -3.53 -38.94 -24.14
N ILE Z 1134 -4.65 -38.73 -24.82
CA ILE Z 1134 -5.50 -39.85 -25.21
C ILE Z 1134 -4.76 -40.76 -26.17
N ASP Z 1135 -3.97 -40.18 -27.08
CA ASP Z 1135 -3.17 -40.99 -27.98
C ASP Z 1135 -2.18 -41.85 -27.22
N ALA Z 1136 -1.53 -41.27 -26.21
CA ALA Z 1136 -0.59 -42.04 -25.41
C ALA Z 1136 -1.30 -43.21 -24.74
N ALA Z 1137 -2.44 -42.95 -24.12
CA ALA Z 1137 -3.16 -44.01 -23.42
C ALA Z 1137 -3.57 -45.12 -24.37
N LEU Z 1138 -4.25 -44.76 -25.46
CA LEU Z 1138 -4.76 -45.75 -26.37
C LEU Z 1138 -3.64 -46.50 -27.08
N SER Z 1139 -2.51 -45.83 -27.33
CA SER Z 1139 -1.39 -46.50 -27.97
C SER Z 1139 -0.77 -47.52 -27.04
N ILE Z 1140 -0.64 -47.20 -25.75
CA ILE Z 1140 -0.14 -48.17 -24.79
C ILE Z 1140 -1.05 -49.38 -24.75
N ILE Z 1141 -2.36 -49.13 -24.66
CA ILE Z 1141 -3.34 -50.21 -24.60
C ILE Z 1141 -3.25 -51.08 -25.84
N THR Z 1142 -3.17 -50.43 -27.02
CA THR Z 1142 -3.15 -51.16 -28.28
C THR Z 1142 -1.88 -51.99 -28.41
N SER Z 1143 -0.74 -51.44 -28.02
CA SER Z 1143 0.51 -52.19 -28.07
C SER Z 1143 0.43 -53.45 -27.22
N MET Z 1144 0.03 -53.29 -25.96
CA MET Z 1144 -0.05 -54.46 -25.07
C MET Z 1144 -1.06 -55.47 -25.57
N GLY Z 1145 -2.21 -55.01 -26.04
CA GLY Z 1145 -3.24 -55.93 -26.48
C GLY Z 1145 -2.87 -56.68 -27.74
N LEU Z 1146 -2.20 -56.02 -28.68
CA LEU Z 1146 -1.73 -56.72 -29.86
C LEU Z 1146 -0.65 -57.73 -29.52
N ALA Z 1147 0.23 -57.39 -28.58
CA ALA Z 1147 1.20 -58.37 -28.11
C ALA Z 1147 0.51 -59.60 -27.55
N GLY Z 1148 -0.48 -59.39 -26.69
CA GLY Z 1148 -1.21 -60.51 -26.13
C GLY Z 1148 -1.95 -61.33 -27.17
N GLY Z 1149 -2.56 -60.66 -28.15
CA GLY Z 1149 -3.27 -61.37 -29.19
C GLY Z 1149 -2.36 -62.22 -30.06
N PHE Z 1150 -1.20 -61.67 -30.42
CA PHE Z 1150 -0.23 -62.45 -31.18
C PHE Z 1150 0.23 -63.66 -30.37
N TYR Z 1151 0.47 -63.45 -29.07
CA TYR Z 1151 0.82 -64.57 -28.20
C TYR Z 1151 -0.24 -65.65 -28.23
N ALA Z 1152 -1.51 -65.26 -28.10
CA ALA Z 1152 -2.59 -66.24 -28.07
C ALA Z 1152 -2.68 -67.00 -29.39
N MET Z 1153 -2.55 -66.29 -30.51
CA MET Z 1153 -2.64 -66.96 -31.81
C MET Z 1153 -1.52 -67.97 -31.97
N ALA Z 1154 -0.29 -67.58 -31.62
CA ALA Z 1154 0.83 -68.51 -31.73
C ALA Z 1154 0.67 -69.67 -30.76
N ALA Z 1155 0.09 -69.42 -29.59
CA ALA Z 1155 -0.14 -70.50 -28.62
C ALA Z 1155 -1.14 -71.51 -29.15
N HIS Z 1156 -2.22 -71.04 -29.77
CA HIS Z 1156 -3.19 -71.98 -30.34
C HIS Z 1156 -2.56 -72.79 -31.48
N VAL Z 1157 -1.74 -72.14 -32.31
CA VAL Z 1157 -1.06 -72.87 -33.37
C VAL Z 1157 -0.15 -73.95 -32.78
N LYS Z 1158 0.63 -73.59 -31.76
CA LYS Z 1158 1.51 -74.58 -31.15
C LYS Z 1158 0.73 -75.71 -30.50
N ALA Z 1159 -0.42 -75.38 -29.92
CA ALA Z 1159 -1.27 -76.42 -29.34
C ALA Z 1159 -1.71 -77.41 -30.40
N TYR Z 1160 -2.14 -76.91 -31.57
CA TYR Z 1160 -2.53 -77.83 -32.63
C TYR Z 1160 -1.32 -78.58 -33.18
N ALA Z 1161 -0.11 -78.05 -32.96
CA ALA Z 1161 1.08 -78.81 -33.32
C ALA Z 1161 1.27 -80.01 -32.40
N LEU Z 1162 0.71 -79.96 -31.20
CA LEU Z 1162 0.85 -81.04 -30.24
C LEU Z 1162 -0.15 -82.16 -30.52
N PRO Z 1163 0.09 -83.35 -29.98
CA PRO Z 1163 -0.91 -84.43 -30.09
C PRO Z 1163 -2.18 -84.10 -29.32
N LYS Z 1164 -3.25 -84.82 -29.68
CA LYS Z 1164 -4.60 -84.41 -29.29
C LYS Z 1164 -4.77 -84.38 -27.77
N GLU Z 1165 -4.20 -85.35 -27.06
CA GLU Z 1165 -4.43 -85.45 -25.63
C GLU Z 1165 -3.88 -84.24 -24.88
N LYS Z 1166 -2.69 -83.78 -25.26
CA LYS Z 1166 -2.03 -82.74 -24.48
C LYS Z 1166 -2.41 -81.34 -24.91
N ARG Z 1167 -3.23 -81.18 -25.95
CA ARG Z 1167 -3.62 -79.86 -26.38
C ARG Z 1167 -4.40 -79.13 -25.30
N LYS Z 1168 -5.30 -79.84 -24.62
CA LYS Z 1168 -6.10 -79.20 -23.59
C LYS Z 1168 -5.24 -78.70 -22.43
N GLU Z 1169 -4.35 -79.55 -21.91
CA GLU Z 1169 -3.53 -79.14 -20.78
C GLU Z 1169 -2.54 -78.06 -21.18
N TYR Z 1170 -1.97 -78.15 -22.39
CA TYR Z 1170 -1.05 -77.12 -22.84
C TYR Z 1170 -1.75 -75.78 -23.00
N LEU Z 1171 -2.95 -75.77 -23.57
CA LEU Z 1171 -3.67 -74.51 -23.72
C LEU Z 1171 -4.10 -73.96 -22.38
N GLU Z 1172 -4.46 -74.84 -21.44
CA GLU Z 1172 -4.80 -74.38 -20.11
C GLU Z 1172 -3.60 -73.73 -19.42
N ARG Z 1173 -2.41 -74.30 -19.62
CA ARG Z 1173 -1.26 -73.86 -18.87
C ARG Z 1173 -0.53 -72.71 -19.57
N ALA Z 1174 -0.68 -72.59 -20.88
CA ALA Z 1174 -0.03 -71.57 -21.68
C ALA Z 1174 -0.91 -70.38 -21.96
N LEU Z 1175 -2.22 -70.49 -21.75
CA LEU Z 1175 -3.14 -69.40 -21.96
C LEU Z 1175 -3.81 -69.09 -20.62
N ASP Z 1176 -3.12 -68.33 -19.81
CA ASP Z 1176 -3.64 -67.78 -18.58
C ASP Z 1176 -3.17 -66.35 -18.46
N PRO Z 1177 -3.88 -65.51 -17.72
CA PRO Z 1177 -3.56 -64.08 -17.73
C PRO Z 1177 -2.12 -63.77 -17.38
N THR Z 1178 -1.49 -64.57 -16.53
CA THR Z 1178 -0.09 -64.33 -16.19
C THR Z 1178 0.81 -64.50 -17.40
N MET Z 1179 0.58 -65.54 -18.20
CA MET Z 1179 1.47 -65.81 -19.33
C MET Z 1179 1.19 -64.88 -20.49
N ILE Z 1180 -0.07 -64.56 -20.74
CA ILE Z 1180 -0.38 -63.55 -21.76
C ILE Z 1180 0.18 -62.20 -21.34
N ALA Z 1181 0.10 -61.88 -20.06
CA ALA Z 1181 0.66 -60.63 -19.56
C ALA Z 1181 2.18 -60.60 -19.69
N HIS Z 1182 2.84 -61.73 -19.42
CA HIS Z 1182 4.29 -61.75 -19.57
C HIS Z 1182 4.68 -61.65 -21.04
N ALA Z 1183 3.90 -62.23 -21.94
CA ALA Z 1183 4.17 -62.06 -23.36
C ALA Z 1183 3.97 -60.62 -23.79
N ALA Z 1184 2.95 -59.96 -23.23
CA ALA Z 1184 2.72 -58.56 -23.54
C ALA Z 1184 3.84 -57.67 -23.03
N LEU Z 1185 4.37 -57.96 -21.84
CA LEU Z 1185 5.56 -57.24 -21.38
C LEU Z 1185 6.76 -57.56 -22.26
N SER Z 1186 6.90 -58.79 -22.72
CA SER Z 1186 8.09 -59.16 -23.47
C SER Z 1186 8.05 -58.77 -24.92
N ARG Z 1187 6.93 -58.97 -25.58
CA ARG Z 1187 6.85 -58.71 -27.02
C ARG Z 1187 6.26 -57.37 -27.44
N SER Z 1188 6.02 -56.45 -26.52
CA SER Z 1188 5.36 -55.21 -26.91
C SER Z 1188 6.21 -54.45 -27.93
N SER Z 1189 5.58 -53.95 -28.98
CA SER Z 1189 6.34 -53.28 -30.04
C SER Z 1189 7.06 -51.99 -29.67
N GLN Z 1190 6.41 -51.12 -28.91
CA GLN Z 1190 7.00 -49.83 -28.58
C GLN Z 1190 7.75 -49.20 -29.76
N LEU Z 1191 7.03 -48.86 -30.82
CA LEU Z 1191 7.68 -48.24 -31.95
C LEU Z 1191 7.98 -46.78 -31.69
N GLY Z 1192 9.19 -46.37 -32.07
CA GLY Z 1192 9.69 -45.05 -31.77
C GLY Z 1192 10.57 -44.99 -30.56
N ALA Z 1193 10.89 -46.15 -30.02
CA ALA Z 1193 11.70 -46.18 -28.83
C ALA Z 1193 13.18 -45.93 -29.14
N PRO Z 1194 13.78 -44.85 -28.59
CA PRO Z 1194 15.21 -44.73 -28.84
C PRO Z 1194 15.93 -45.95 -28.28
N LEU Z 1195 16.61 -46.69 -29.14
CA LEU Z 1195 17.25 -47.94 -28.76
C LEU Z 1195 16.23 -48.96 -28.27
N ALA Z 1196 16.66 -50.19 -28.05
CA ALA Z 1196 15.75 -51.29 -27.79
C ALA Z 1196 15.76 -51.65 -26.31
N MET Z 1197 14.77 -52.46 -25.93
CA MET Z 1197 14.69 -52.92 -24.55
C MET Z 1197 15.94 -53.69 -24.16
N VAL Z 1198 16.45 -54.51 -25.07
CA VAL Z 1198 17.59 -55.37 -24.78
C VAL Z 1198 18.85 -54.55 -24.62
N ASP Z 1199 19.03 -53.54 -25.46
CA ASP Z 1199 20.27 -52.76 -25.43
C ASP Z 1199 20.44 -52.03 -24.10
N LEU Z 1200 19.35 -51.50 -23.55
CA LEU Z 1200 19.46 -50.75 -22.30
C LEU Z 1200 19.81 -51.68 -21.13
N VAL Z 1201 19.16 -52.83 -21.04
CA VAL Z 1201 19.54 -53.89 -20.11
C VAL Z 1201 19.58 -55.23 -20.81
N GLY Z 1202 20.80 -55.70 -21.09
CA GLY Z 1202 21.02 -57.02 -21.62
C GLY Z 1202 22.36 -57.54 -21.13
N GLY Z 1203 22.36 -58.77 -20.64
CA GLY Z 1203 23.58 -59.34 -20.14
C GLY Z 1203 24.56 -59.66 -21.26
N VAL Z 1204 25.82 -59.84 -20.88
CA VAL Z 1204 26.82 -60.29 -21.82
C VAL Z 1204 26.42 -61.66 -22.35
N LEU Z 1205 26.46 -61.81 -23.68
CA LEU Z 1205 25.89 -63.01 -24.30
C LEU Z 1205 26.57 -64.28 -23.81
N GLY Z 1206 27.90 -64.28 -23.75
CA GLY Z 1206 28.60 -65.45 -23.25
C GLY Z 1206 28.40 -65.67 -21.77
N PHE Z 1207 28.17 -64.60 -21.03
CA PHE Z 1207 28.07 -64.67 -19.57
C PHE Z 1207 26.59 -64.66 -19.13
N GLU Z 1208 25.96 -65.83 -19.23
CA GLU Z 1208 24.65 -65.98 -18.62
C GLU Z 1208 24.77 -66.13 -17.10
N SER Z 1209 25.75 -66.90 -16.65
CA SER Z 1209 25.97 -67.12 -15.22
C SER Z 1209 27.47 -67.16 -14.90
N THR Z 1233 39.69 -70.19 -0.22
CA THR Z 1233 38.64 -69.40 -0.85
C THR Z 1233 38.87 -67.92 -0.59
N SER Z 1234 39.51 -67.62 0.54
CA SER Z 1234 39.75 -66.22 0.91
C SER Z 1234 40.93 -65.63 0.15
N ARG Z 1235 41.74 -66.48 -0.49
CA ARG Z 1235 42.93 -65.97 -1.17
C ARG Z 1235 42.56 -65.17 -2.42
N GLU Z 1236 41.59 -65.65 -3.20
CA GLU Z 1236 41.11 -64.88 -4.34
C GLU Z 1236 40.45 -63.58 -3.87
N VAL Z 1237 39.82 -63.63 -2.70
CA VAL Z 1237 39.32 -62.39 -2.07
C VAL Z 1237 40.47 -61.42 -1.82
N MET Z 1238 41.56 -61.92 -1.25
CA MET Z 1238 42.69 -61.06 -0.94
C MET Z 1238 43.27 -60.46 -2.22
N GLY Z 1239 43.29 -61.26 -3.28
CA GLY Z 1239 43.75 -60.74 -4.57
C GLY Z 1239 42.86 -59.62 -5.08
N ALA Z 1240 41.54 -59.81 -5.03
CA ALA Z 1240 40.63 -58.76 -5.47
C ALA Z 1240 40.78 -57.50 -4.63
N MET Z 1241 40.95 -57.65 -3.32
CA MET Z 1241 41.14 -56.47 -2.48
C MET Z 1241 42.44 -55.77 -2.84
N GLY Z 1242 43.54 -56.51 -2.92
CA GLY Z 1242 44.79 -55.89 -3.32
C GLY Z 1242 44.70 -55.16 -4.65
N SER Z 1243 43.77 -55.58 -5.50
CA SER Z 1243 43.60 -54.85 -6.75
C SER Z 1243 42.77 -53.61 -6.61
N ASN Z 1244 41.74 -53.66 -5.79
CA ASN Z 1244 40.85 -52.51 -5.75
C ASN Z 1244 41.37 -51.41 -4.82
N LEU Z 1245 42.35 -51.73 -3.96
CA LEU Z 1245 42.87 -50.69 -3.06
C LEU Z 1245 43.62 -49.60 -3.81
N LEU Z 1246 44.27 -49.96 -4.92
CA LEU Z 1246 45.22 -49.06 -5.58
C LEU Z 1246 44.60 -48.22 -6.69
N GLU Z 1247 43.33 -48.43 -7.03
CA GLU Z 1247 42.76 -47.83 -8.23
C GLU Z 1247 42.86 -46.30 -8.19
N GLN Z 1248 43.47 -45.74 -9.24
CA GLN Z 1248 43.50 -44.29 -9.44
C GLN Z 1248 43.20 -43.89 -10.87
N MET Z 1249 42.28 -44.59 -11.55
CA MET Z 1249 41.80 -44.10 -12.83
C MET Z 1249 40.83 -42.94 -12.59
N PRO Z 1250 40.68 -42.04 -13.57
CA PRO Z 1250 39.91 -40.81 -13.31
C PRO Z 1250 38.47 -41.05 -12.90
N SER Z 1251 37.86 -42.16 -13.29
CA SER Z 1251 36.51 -42.46 -12.83
C SER Z 1251 36.47 -42.60 -11.31
N ALA Z 1252 37.55 -43.11 -10.71
CA ALA Z 1252 37.62 -43.19 -9.26
C ALA Z 1252 37.90 -41.83 -8.64
N GLY Z 1253 38.78 -41.03 -9.25
CA GLY Z 1253 39.17 -39.78 -8.64
C GLY Z 1253 38.16 -38.67 -8.79
N PHE Z 1254 37.35 -38.74 -9.85
CA PHE Z 1254 36.41 -37.67 -10.18
C PHE Z 1254 34.98 -38.09 -9.93
N VAL Z 1255 34.13 -37.10 -9.66
CA VAL Z 1255 32.70 -37.34 -9.53
C VAL Z 1255 32.11 -37.56 -10.93
N ALA Z 1256 31.21 -38.53 -11.04
CA ALA Z 1256 30.66 -38.90 -12.33
C ALA Z 1256 29.91 -37.73 -12.97
N ASN Z 1257 30.05 -37.61 -14.28
CA ASN Z 1257 29.40 -36.52 -14.99
C ASN Z 1257 27.89 -36.64 -14.92
N VAL Z 1258 27.21 -35.50 -14.90
CA VAL Z 1258 25.75 -35.46 -14.85
C VAL Z 1258 25.25 -35.43 -16.29
N GLY Z 1259 24.78 -36.57 -16.78
CA GLY Z 1259 24.04 -36.63 -18.01
C GLY Z 1259 24.75 -37.23 -19.20
N ALA Z 1260 26.08 -37.31 -19.18
CA ALA Z 1260 26.79 -37.84 -20.35
C ALA Z 1260 28.17 -38.30 -19.92
N THR Z 1261 28.40 -39.61 -19.96
CA THR Z 1261 29.73 -40.13 -19.68
C THR Z 1261 30.73 -39.67 -20.73
N LEU Z 1262 30.36 -39.77 -22.01
CA LEU Z 1262 31.21 -39.36 -23.13
C LEU Z 1262 32.60 -39.98 -23.01
N MET Z 1263 32.63 -41.30 -22.83
CA MET Z 1263 33.89 -41.99 -22.57
C MET Z 1263 34.74 -42.07 -23.82
N ASN Z 1264 36.04 -41.87 -23.66
CA ASN Z 1264 37.00 -42.06 -24.73
C ASN Z 1264 37.66 -43.43 -24.59
N ALA Z 1265 38.69 -43.67 -25.41
CA ALA Z 1265 39.34 -44.97 -25.41
C ALA Z 1265 39.96 -45.30 -24.06
N ALA Z 1266 40.57 -44.33 -23.40
CA ALA Z 1266 41.12 -44.56 -22.08
C ALA Z 1266 40.04 -44.95 -21.08
N GLY Z 1267 38.89 -44.28 -21.14
CA GLY Z 1267 37.80 -44.63 -20.25
C GLY Z 1267 37.25 -46.03 -20.51
N VAL Z 1268 37.20 -46.43 -21.78
CA VAL Z 1268 36.72 -47.76 -22.12
C VAL Z 1268 37.71 -48.82 -21.61
N VAL Z 1269 39.00 -48.60 -21.81
CA VAL Z 1269 39.98 -49.59 -21.38
C VAL Z 1269 40.04 -49.66 -19.86
N ASN Z 1270 39.90 -48.52 -19.18
CA ASN Z 1270 39.96 -48.52 -17.73
C ASN Z 1270 38.64 -48.89 -17.08
N SER Z 1271 37.60 -49.11 -17.87
CA SER Z 1271 36.30 -49.47 -17.30
C SER Z 1271 36.33 -50.90 -16.79
N PRO Z 1272 35.65 -51.20 -15.69
CA PRO Z 1272 35.54 -52.60 -15.24
C PRO Z 1272 34.67 -53.40 -16.18
N ASN Z 1273 34.93 -54.71 -16.22
CA ASN Z 1273 34.14 -55.57 -17.11
C ASN Z 1273 32.77 -55.87 -16.51
N LYS Z 1274 32.67 -55.95 -15.19
CA LYS Z 1274 31.37 -56.17 -14.56
C LYS Z 1274 30.55 -54.88 -14.58
N ALA Z 1275 29.23 -55.05 -14.76
CA ALA Z 1275 28.33 -53.91 -14.74
C ALA Z 1275 28.03 -53.50 -13.30
N THR Z 1276 28.11 -52.20 -13.04
CA THR Z 1276 27.94 -51.74 -11.68
C THR Z 1276 26.46 -51.61 -11.32
N GLU Z 1277 26.20 -51.33 -10.05
CA GLU Z 1277 24.82 -51.22 -9.58
C GLU Z 1277 24.10 -50.06 -10.26
N GLN Z 1278 24.76 -48.91 -10.40
CA GLN Z 1278 24.08 -47.77 -10.98
C GLN Z 1278 23.82 -47.97 -12.46
N ASP Z 1279 24.72 -48.68 -13.16
CA ASP Z 1279 24.46 -48.99 -14.56
C ASP Z 1279 23.21 -49.83 -14.71
N PHE Z 1280 23.12 -50.93 -13.96
CA PHE Z 1280 21.92 -51.76 -14.06
C PHE Z 1280 20.68 -50.98 -13.67
N MET Z 1281 20.78 -50.13 -12.65
CA MET Z 1281 19.58 -49.50 -12.16
C MET Z 1281 19.07 -48.44 -13.14
N THR Z 1282 19.97 -47.63 -13.69
CA THR Z 1282 19.55 -46.67 -14.70
C THR Z 1282 19.05 -47.39 -15.95
N GLY Z 1283 19.65 -48.51 -16.29
CA GLY Z 1283 19.14 -49.27 -17.42
C GLY Z 1283 17.73 -49.78 -17.18
N LEU Z 1284 17.46 -50.27 -15.96
CA LEU Z 1284 16.12 -50.74 -15.64
C LEU Z 1284 15.11 -49.61 -15.72
N MET Z 1285 15.45 -48.44 -15.16
CA MET Z 1285 14.52 -47.33 -15.22
C MET Z 1285 14.27 -46.89 -16.65
N ASN Z 1286 15.32 -46.79 -17.47
CA ASN Z 1286 15.13 -46.40 -18.86
C ASN Z 1286 14.33 -47.43 -19.64
N SER Z 1287 14.60 -48.71 -19.41
CA SER Z 1287 13.89 -49.75 -20.15
C SER Z 1287 12.42 -49.79 -19.77
N THR Z 1288 12.11 -49.60 -18.48
CA THR Z 1288 10.71 -49.56 -18.06
C THR Z 1288 10.05 -48.24 -18.38
N LYS Z 1289 10.81 -47.21 -18.74
CA LYS Z 1289 10.21 -45.95 -19.14
C LYS Z 1289 9.25 -46.14 -20.30
N GLU Z 1290 9.48 -47.17 -21.11
CA GLU Z 1290 8.55 -47.48 -22.19
C GLU Z 1290 7.31 -48.20 -21.67
N LEU Z 1291 7.49 -49.20 -20.81
CA LEU Z 1291 6.37 -49.98 -20.31
C LEU Z 1291 5.55 -49.20 -19.28
N VAL Z 1292 6.21 -48.54 -18.35
CA VAL Z 1292 5.57 -47.84 -17.24
C VAL Z 1292 5.60 -46.34 -17.55
N PRO Z 1293 4.46 -45.73 -17.89
CA PRO Z 1293 4.48 -44.31 -18.28
C PRO Z 1293 4.87 -43.40 -17.12
N ASN Z 1294 5.60 -42.33 -17.46
CA ASN Z 1294 6.03 -41.38 -16.46
C ASN Z 1294 4.94 -40.37 -16.12
N ASP Z 1295 3.94 -40.25 -16.97
CA ASP Z 1295 2.88 -39.29 -16.73
C ASP Z 1295 1.75 -39.95 -15.93
N PRO Z 1296 1.38 -39.42 -14.78
CA PRO Z 1296 0.21 -39.96 -14.08
C PRO Z 1296 -1.08 -39.77 -14.85
N LEU Z 1297 -1.14 -38.75 -15.72
CA LEU Z 1297 -2.38 -38.48 -16.46
C LEU Z 1297 -2.69 -39.61 -17.43
N THR Z 1298 -1.69 -40.11 -18.14
CA THR Z 1298 -1.95 -41.20 -19.09
C THR Z 1298 -2.31 -42.48 -18.35
N GLN Z 1299 -1.74 -42.69 -17.16
CA GLN Z 1299 -2.15 -43.83 -16.36
C GLN Z 1299 -3.61 -43.71 -15.93
N GLN Z 1300 -4.02 -42.50 -15.53
CA GLN Z 1300 -5.43 -42.28 -15.19
C GLN Z 1300 -6.33 -42.49 -16.39
N LEU Z 1301 -5.92 -42.02 -17.57
CA LEU Z 1301 -6.73 -42.20 -18.77
C LEU Z 1301 -6.87 -43.66 -19.13
N VAL Z 1302 -5.77 -44.42 -19.04
CA VAL Z 1302 -5.82 -45.85 -19.26
C VAL Z 1302 -6.76 -46.51 -18.25
N LEU Z 1303 -6.68 -46.08 -17.00
CA LEU Z 1303 -7.54 -46.63 -15.96
C LEU Z 1303 -9.00 -46.38 -16.25
N LYS Z 1304 -9.34 -45.17 -16.69
CA LYS Z 1304 -10.74 -44.86 -16.94
C LYS Z 1304 -11.24 -45.56 -18.20
N ILE Z 1305 -10.36 -45.75 -19.19
CA ILE Z 1305 -10.73 -46.56 -20.34
C ILE Z 1305 -11.06 -47.98 -19.90
N TYR Z 1306 -10.23 -48.54 -19.02
CA TYR Z 1306 -10.49 -49.89 -18.52
C TYR Z 1306 -11.77 -49.94 -17.71
N GLU Z 1307 -12.03 -48.91 -16.91
CA GLU Z 1307 -13.24 -48.90 -16.10
C GLU Z 1307 -14.49 -48.85 -16.97
N ALA Z 1308 -14.47 -48.01 -17.99
CA ALA Z 1308 -15.57 -47.99 -18.94
C ALA Z 1308 -15.67 -49.30 -19.70
N ASN Z 1309 -14.56 -50.03 -19.80
CA ASN Z 1309 -14.59 -51.28 -20.56
C ASN Z 1309 -15.04 -52.44 -19.68
N GLY Z 1310 -14.35 -52.69 -18.58
CA GLY Z 1310 -14.65 -53.83 -17.72
C GLY Z 1310 -13.47 -54.75 -17.55
N VAL Z 1311 -13.59 -55.66 -16.59
CA VAL Z 1311 -12.50 -56.58 -16.22
C VAL Z 1311 -13.09 -57.97 -15.99
N ASN Z 1312 -12.26 -58.99 -16.20
CA ASN Z 1312 -12.75 -60.37 -16.13
C ASN Z 1312 -13.01 -60.85 -14.71
N LEU Z 1313 -12.12 -60.54 -13.77
CA LEU Z 1313 -12.22 -60.89 -12.34
C LEU Z 1313 -12.02 -62.36 -11.98
N ARG Z 1314 -11.46 -63.18 -12.87
CA ARG Z 1314 -11.04 -64.54 -12.48
C ARG Z 1314 -12.29 -65.29 -12.00
N GLU Z 1315 -12.14 -66.26 -11.11
CA GLU Z 1315 -13.27 -67.01 -10.58
C GLU Z 1315 -12.82 -67.79 -9.35
N ARG Z 1316 -13.76 -68.03 -8.45
CA ARG Z 1316 -13.60 -68.94 -7.31
C ARG Z 1316 -12.54 -68.39 -6.37
N ARG Z 1317 -11.56 -69.18 -5.96
CA ARG Z 1317 -10.55 -68.90 -4.92
C ARG Z 1317 -10.31 -67.43 -4.60
N VAL AA 8 36.64 -61.31 30.74
CA VAL AA 8 35.38 -61.07 30.04
C VAL AA 8 35.52 -61.28 28.52
N PRO AA 9 36.47 -60.62 27.85
CA PRO AA 9 36.58 -60.78 26.40
C PRO AA 9 36.85 -62.23 26.02
N SER AA 10 36.26 -62.65 24.89
CA SER AA 10 36.35 -64.04 24.45
C SER AA 10 36.59 -64.11 22.94
N ASP AA 11 37.50 -63.26 22.46
CA ASP AA 11 38.15 -63.47 21.17
C ASP AA 11 37.21 -63.24 19.98
N TYR AA 12 35.98 -62.81 20.26
CA TYR AA 12 35.08 -62.59 19.14
C TYR AA 12 34.55 -61.17 19.18
N ASP AA 13 35.18 -60.32 20.00
CA ASP AA 13 34.65 -58.99 20.25
C ASP AA 13 34.71 -58.12 19.00
N GLY AA 14 35.80 -58.22 18.25
CA GLY AA 14 35.89 -57.47 17.01
C GLY AA 14 34.82 -57.88 16.01
N LEU AA 15 34.57 -59.19 15.92
CA LEU AA 15 33.54 -59.68 15.01
C LEU AA 15 32.17 -59.14 15.40
N PHE AA 16 31.84 -59.19 16.69
CA PHE AA 16 30.57 -58.65 17.14
C PHE AA 16 30.47 -57.16 16.90
N GLN AA 17 31.57 -56.43 17.13
CA GLN AA 17 31.54 -54.99 16.94
C GLN AA 17 31.29 -54.63 15.48
N LYS AA 18 31.98 -55.30 14.56
CA LYS AA 18 31.76 -55.02 13.14
C LYS AA 18 30.37 -55.47 12.70
N ALA AA 19 29.90 -56.61 13.20
CA ALA AA 19 28.58 -57.09 12.83
C ALA AA 19 27.49 -56.23 13.44
N ALA AA 20 27.85 -55.39 14.41
CA ALA AA 20 26.90 -54.44 14.95
C ALA AA 20 26.89 -53.14 14.16
N ASP AA 21 28.07 -52.62 13.83
CA ASP AA 21 28.12 -51.37 13.07
C ASP AA 21 27.48 -51.54 11.70
N ALA AA 22 27.90 -52.56 10.95
CA ALA AA 22 27.06 -53.04 9.87
C ALA AA 22 25.83 -53.67 10.49
N ASN AA 23 24.68 -53.51 9.81
CA ASN AA 23 23.41 -53.98 10.35
C ASN AA 23 23.17 -53.37 11.73
N GLY AA 24 23.04 -52.05 11.75
CA GLY AA 24 23.05 -51.29 12.99
C GLY AA 24 22.18 -51.87 14.09
N VAL AA 25 22.84 -52.36 15.13
CA VAL AA 25 22.17 -53.09 16.21
C VAL AA 25 23.07 -52.99 17.44
N SER AA 26 22.50 -53.21 18.61
CA SER AA 26 23.27 -53.10 19.84
C SER AA 26 24.38 -54.15 19.85
N TYR AA 27 25.61 -53.71 20.15
CA TYR AA 27 26.69 -54.67 20.32
C TYR AA 27 26.46 -55.52 21.56
N ASP AA 28 25.97 -54.90 22.63
CA ASP AA 28 25.69 -55.64 23.86
C ASP AA 28 24.64 -56.70 23.64
N LEU AA 29 23.62 -56.39 22.84
CA LEU AA 29 22.58 -57.36 22.55
C LEU AA 29 23.15 -58.60 21.89
N LEU AA 30 23.91 -58.41 20.80
CA LEU AA 30 24.50 -59.53 20.09
C LEU AA 30 25.46 -60.31 21.00
N ARG AA 31 26.27 -59.59 21.77
CA ARG AA 31 27.24 -60.25 22.63
C ARG AA 31 26.55 -61.09 23.69
N LYS AA 32 25.48 -60.58 24.31
CA LYS AA 32 24.82 -61.35 25.36
C LYS AA 32 23.97 -62.46 24.77
N VAL AA 33 23.51 -62.29 23.53
CA VAL AA 33 22.90 -63.41 22.82
C VAL AA 33 23.93 -64.53 22.67
N ALA AA 34 25.16 -64.17 22.31
CA ALA AA 34 26.22 -65.17 22.27
C ALA AA 34 26.43 -65.81 23.63
N TRP AA 35 26.49 -64.99 24.68
CA TRP AA 35 26.60 -65.47 26.05
C TRP AA 35 25.60 -66.58 26.33
N THR AA 36 24.31 -66.27 26.15
CA THR AA 36 23.27 -67.24 26.48
C THR AA 36 23.29 -68.43 25.56
N GLU AA 37 23.39 -68.20 24.25
CA GLU AA 37 23.18 -69.28 23.29
C GLU AA 37 24.32 -70.29 23.35
N SER AA 38 25.56 -69.81 23.34
CA SER AA 38 26.68 -70.70 23.14
C SER AA 38 27.78 -70.61 24.20
N ARG AA 39 27.80 -69.56 25.01
CA ARG AA 39 28.86 -69.32 25.98
C ARG AA 39 30.23 -69.37 25.29
N PHE AA 40 30.27 -68.78 24.10
CA PHE AA 40 31.50 -68.51 23.37
C PHE AA 40 32.23 -69.78 22.94
N VAL AA 41 31.55 -70.62 22.17
CA VAL AA 41 32.18 -71.76 21.49
C VAL AA 41 31.69 -71.75 20.05
N PRO AA 42 32.58 -71.94 19.06
CA PRO AA 42 32.12 -71.87 17.66
C PRO AA 42 31.25 -73.05 17.25
N THR AA 43 31.62 -74.27 17.61
CA THR AA 43 30.80 -75.44 17.37
C THR AA 43 30.32 -75.98 18.71
N ALA AA 44 29.02 -75.89 18.95
CA ALA AA 44 28.42 -76.25 20.23
C ALA AA 44 27.61 -77.54 20.06
N LYS AA 45 27.92 -78.53 20.89
CA LYS AA 45 27.22 -79.79 20.84
C LYS AA 45 25.87 -79.65 21.56
N SER AA 46 24.79 -79.80 20.81
CA SER AA 46 23.45 -79.69 21.35
C SER AA 46 22.66 -80.95 21.00
N LYS AA 47 21.87 -81.41 21.97
CA LYS AA 47 21.04 -82.59 21.75
C LYS AA 47 20.00 -82.33 20.67
N THR AA 48 19.50 -81.09 20.59
CA THR AA 48 18.52 -80.73 19.58
C THR AA 48 19.09 -80.85 18.17
N GLY AA 49 20.34 -80.40 17.98
CA GLY AA 49 20.95 -80.45 16.68
C GLY AA 49 21.61 -79.17 16.19
N PRO AA 50 21.02 -78.00 16.50
CA PRO AA 50 21.71 -76.75 16.12
C PRO AA 50 23.09 -76.64 16.76
N LEU AA 51 24.08 -76.33 15.92
CA LEU AA 51 25.49 -76.23 16.31
C LEU AA 51 26.05 -74.98 15.64
N GLY AA 52 26.52 -74.05 16.45
CA GLY AA 52 27.08 -72.82 15.91
C GLY AA 52 27.43 -71.85 17.00
N MET AA 53 28.06 -70.74 16.59
CA MET AA 53 28.32 -69.67 17.54
C MET AA 53 27.03 -69.08 18.08
N MET AA 54 26.02 -68.93 17.23
CA MET AA 54 24.71 -68.44 17.64
C MET AA 54 23.72 -69.57 17.92
N GLN AA 55 24.13 -70.82 17.73
CA GLN AA 55 23.30 -72.00 18.06
C GLN AA 55 21.99 -72.01 17.29
N PHE AA 56 22.09 -72.12 15.97
CA PHE AA 56 20.91 -72.18 15.11
C PHE AA 56 21.19 -73.02 13.87
N THR AA 57 20.43 -74.11 13.73
CA THR AA 57 20.39 -74.84 12.46
C THR AA 57 19.02 -74.70 11.84
N LYS AA 58 17.99 -75.16 12.56
CA LYS AA 58 16.56 -74.88 12.33
C LYS AA 58 16.30 -74.78 10.84
N ALA AA 59 15.59 -73.75 10.37
CA ALA AA 59 15.65 -73.32 8.98
C ALA AA 59 16.56 -72.11 8.80
N THR AA 60 16.70 -71.29 9.85
CA THR AA 60 17.63 -70.18 9.81
C THR AA 60 19.06 -70.70 9.69
N ALA AA 61 19.78 -70.15 8.71
CA ALA AA 61 20.99 -70.68 8.08
C ALA AA 61 20.84 -70.45 6.60
N LYS AA 62 20.32 -71.43 5.85
CA LYS AA 62 20.03 -71.16 4.43
C LYS AA 62 19.11 -69.98 4.53
N ALA AA 63 17.88 -70.19 4.98
CA ALA AA 63 16.99 -69.06 5.28
C ALA AA 63 17.03 -68.02 4.20
N LEU AA 64 17.48 -66.82 4.56
CA LEU AA 64 17.64 -65.76 3.57
C LEU AA 64 19.13 -65.53 3.35
N GLY AA 65 19.96 -66.10 4.20
CA GLY AA 65 21.39 -65.84 4.11
C GLY AA 65 22.20 -66.24 2.90
N LEU AA 66 21.99 -67.43 2.34
CA LEU AA 66 22.83 -67.86 1.24
C LEU AA 66 22.14 -68.29 -0.04
N ARG AA 67 22.39 -69.51 -0.49
CA ARG AA 67 21.83 -70.01 -1.76
C ARG AA 67 22.28 -69.18 -2.96
N VAL AA 68 23.51 -68.65 -2.91
CA VAL AA 68 24.06 -67.88 -4.02
C VAL AA 68 25.53 -68.26 -3.96
N THR AA 69 25.98 -68.68 -2.79
CA THR AA 69 27.34 -69.13 -2.59
C THR AA 69 27.44 -70.58 -2.12
N ASP AA 70 28.53 -71.26 -2.47
CA ASP AA 70 28.76 -72.62 -1.99
C ASP AA 70 28.70 -72.64 -0.47
N GLY AA 71 27.61 -73.14 0.09
CA GLY AA 71 27.46 -73.07 1.53
C GLY AA 71 27.46 -74.33 2.33
N PRO AA 72 28.38 -74.44 3.29
CA PRO AA 72 28.36 -75.62 4.16
C PRO AA 72 27.04 -75.56 4.92
N ASP AA 73 26.65 -74.38 5.39
CA ASP AA 73 25.35 -74.22 6.04
C ASP AA 73 25.09 -75.11 7.24
N ASP AA 74 23.99 -75.86 7.19
CA ASP AA 74 23.51 -76.60 8.35
C ASP AA 74 24.66 -77.32 9.03
N ASP AA 75 25.60 -77.82 8.24
CA ASP AA 75 26.77 -78.47 8.81
C ASP AA 75 27.75 -77.48 9.42
N ARG AA 76 28.15 -76.45 8.68
CA ARG AA 76 29.20 -75.55 9.15
C ARG AA 76 28.85 -74.13 8.75
N LEU AA 77 29.32 -73.17 9.55
CA LEU AA 77 29.12 -71.77 9.23
C LEU AA 77 30.41 -71.03 9.54
N ASN AA 78 30.81 -70.14 8.64
CA ASN AA 78 31.97 -69.31 8.89
C ASN AA 78 31.66 -68.32 10.01
N PRO AA 79 32.48 -68.29 11.06
CA PRO AA 79 32.10 -67.50 12.26
C PRO AA 79 31.82 -66.04 11.96
N GLU AA 80 32.60 -65.42 11.07
CA GLU AA 80 32.28 -64.05 10.66
C GLU AA 80 30.93 -64.01 9.93
N LEU AA 81 30.71 -64.97 9.02
CA LEU AA 81 29.44 -65.03 8.30
C LEU AA 81 28.29 -65.35 9.24
N ALA AA 82 28.50 -66.28 10.17
CA ALA AA 82 27.44 -66.63 11.11
C ALA AA 82 27.06 -65.43 11.97
N ILE AA 83 28.05 -64.75 12.54
CA ILE AA 83 27.77 -63.59 13.38
C ILE AA 83 27.12 -62.48 12.57
N ASN AA 84 27.60 -62.24 11.35
CA ASN AA 84 27.01 -61.19 10.53
C ASN AA 84 25.57 -61.49 10.17
N ALA AA 85 25.28 -62.74 9.80
CA ALA AA 85 23.91 -63.10 9.45
C ALA AA 85 22.99 -63.01 10.66
N ALA AA 86 23.44 -63.49 11.81
CA ALA AA 86 22.63 -63.38 13.02
C ALA AA 86 22.41 -61.93 13.40
N ALA AA 87 23.43 -61.09 13.20
CA ALA AA 87 23.28 -59.67 13.47
C ALA AA 87 22.26 -59.04 12.54
N LYS AA 88 22.26 -59.46 11.28
CA LYS AA 88 21.27 -58.95 10.34
C LYS AA 88 19.87 -59.36 10.76
N GLN AA 89 19.71 -60.61 11.20
CA GLN AA 89 18.41 -61.08 11.67
C GLN AA 89 17.96 -60.29 12.89
N LEU AA 90 18.87 -60.06 13.83
CA LEU AA 90 18.50 -59.32 15.03
C LEU AA 90 18.19 -57.87 14.72
N ALA AA 91 18.92 -57.26 13.78
CA ALA AA 91 18.60 -55.90 13.39
C ALA AA 91 17.23 -55.83 12.72
N GLY AA 92 16.92 -56.80 11.88
CA GLY AA 92 15.60 -56.84 11.27
C GLY AA 92 14.50 -57.00 12.29
N LEU AA 93 14.70 -57.88 13.27
CA LEU AA 93 13.70 -58.05 14.32
C LEU AA 93 13.56 -56.79 15.17
N VAL AA 94 14.68 -56.19 15.56
CA VAL AA 94 14.63 -55.00 16.40
C VAL AA 94 13.91 -53.87 15.68
N GLY AA 95 14.24 -53.65 14.41
CA GLY AA 95 13.54 -52.64 13.65
C GLY AA 95 12.07 -52.96 13.46
N LYS AA 96 11.77 -54.22 13.14
CA LYS AA 96 10.39 -54.63 12.94
C LYS AA 96 9.56 -54.46 14.20
N PHE AA 97 10.18 -54.60 15.36
CA PHE AA 97 9.51 -54.30 16.62
C PHE AA 97 9.85 -52.91 17.12
N ASP AA 98 9.71 -51.93 16.22
CA ASP AA 98 10.00 -50.52 16.50
C ASP AA 98 11.42 -50.44 17.04
N GLY AA 99 11.64 -50.01 18.28
CA GLY AA 99 12.96 -50.08 18.89
C GLY AA 99 13.07 -51.09 20.01
N ASP AA 100 12.07 -51.95 20.18
CA ASP AA 100 11.98 -52.85 21.32
C ASP AA 100 12.91 -54.04 21.16
N GLU AA 101 14.03 -54.02 21.89
CA GLU AA 101 15.00 -55.09 21.75
C GLU AA 101 14.57 -56.35 22.48
N LEU AA 102 13.74 -56.20 23.53
CA LEU AA 102 13.31 -57.37 24.29
C LEU AA 102 12.35 -58.24 23.49
N LYS AA 103 11.39 -57.63 22.79
CA LYS AA 103 10.52 -58.42 21.92
C LYS AA 103 11.31 -59.08 20.80
N ALA AA 104 12.31 -58.37 20.27
CA ALA AA 104 13.17 -58.97 19.25
C ALA AA 104 13.92 -60.17 19.81
N ALA AA 105 14.41 -60.07 21.05
CA ALA AA 105 15.11 -61.19 21.67
C ALA AA 105 14.16 -62.36 21.89
N LEU AA 106 12.92 -62.08 22.30
CA LEU AA 106 11.92 -63.12 22.42
C LEU AA 106 11.66 -63.80 21.07
N ALA AA 107 11.56 -63.01 20.01
CA ALA AA 107 11.32 -63.57 18.69
C ALA AA 107 12.50 -64.40 18.23
N TYR AA 108 13.71 -63.99 18.59
CA TYR AA 108 14.90 -64.72 18.17
C TYR AA 108 15.02 -66.04 18.93
N ASN AA 109 14.80 -66.01 20.25
CA ASN AA 109 14.93 -67.22 21.05
C ASN AA 109 13.80 -68.20 20.78
N GLN AA 110 12.56 -67.72 20.82
CA GLN AA 110 11.38 -68.56 20.67
C GLN AA 110 10.99 -68.77 19.23
N GLY AA 111 11.76 -68.26 18.28
CA GLY AA 111 11.38 -68.35 16.90
C GLY AA 111 10.16 -67.51 16.63
N GLU AA 112 9.46 -67.85 15.57
CA GLU AA 112 8.27 -67.12 15.20
C GLU AA 112 7.38 -68.02 14.34
N GLY AA 113 6.07 -67.84 14.49
CA GLY AA 113 5.09 -68.70 13.85
C GLY AA 113 4.58 -69.88 14.65
N ARG AA 114 5.39 -70.91 14.86
CA ARG AA 114 4.85 -72.14 15.44
C ARG AA 114 4.58 -71.99 16.93
N LEU AA 115 5.49 -71.35 17.66
CA LEU AA 115 5.28 -71.05 19.07
C LEU AA 115 5.67 -69.60 19.34
N GLY AA 116 6.26 -68.94 18.35
CA GLY AA 116 6.72 -67.59 18.54
C GLY AA 116 5.59 -66.59 18.62
N ASN AA 117 4.82 -66.45 17.55
CA ASN AA 117 3.85 -65.38 17.46
C ASN AA 117 2.84 -65.34 18.61
N PRO AA 118 2.31 -66.46 19.11
CA PRO AA 118 1.47 -66.36 20.32
C PRO AA 118 2.20 -65.69 21.47
N GLN AA 119 3.48 -66.01 21.67
CA GLN AA 119 4.22 -65.42 22.78
C GLN AA 119 4.56 -63.97 22.50
N LEU AA 120 4.80 -63.62 21.23
CA LEU AA 120 5.03 -62.23 20.88
C LEU AA 120 3.79 -61.39 21.10
N GLU AA 121 2.62 -61.93 20.74
CA GLU AA 121 1.37 -61.23 21.01
C GLU AA 121 1.11 -61.11 22.50
N ALA AA 122 1.38 -62.17 23.26
CA ALA AA 122 1.27 -62.11 24.70
C ALA AA 122 2.16 -61.02 25.27
N TYR AA 123 3.41 -60.94 24.81
CA TYR AA 123 4.27 -59.82 25.15
C TYR AA 123 3.60 -58.49 24.81
N SER AA 124 3.03 -58.40 23.62
CA SER AA 124 2.45 -57.14 23.14
C SER AA 124 1.33 -56.66 24.03
N LYS AA 125 0.56 -57.57 24.64
CA LYS AA 125 -0.52 -57.15 25.52
C LYS AA 125 -0.10 -57.19 26.98
N GLY AA 126 1.16 -56.90 27.29
CA GLY AA 126 1.65 -57.14 28.64
C GLY AA 126 1.79 -58.64 28.85
N ASP AA 127 0.89 -59.24 29.62
CA ASP AA 127 0.65 -60.68 29.65
C ASP AA 127 1.92 -61.52 29.62
N PHE AA 128 2.87 -61.24 30.52
CA PHE AA 128 4.08 -62.02 30.55
C PHE AA 128 3.85 -63.41 31.13
N ALA AA 129 2.69 -63.66 31.74
CA ALA AA 129 2.38 -65.00 32.22
C ALA AA 129 2.21 -65.97 31.06
N SER AA 130 1.62 -65.51 29.95
CA SER AA 130 1.41 -66.40 28.82
C SER AA 130 2.73 -66.75 28.14
N ILE AA 131 3.71 -65.85 28.22
CA ILE AA 131 5.01 -66.13 27.63
C ILE AA 131 5.66 -67.31 28.35
N SER AA 132 6.33 -68.16 27.57
CA SER AA 132 6.93 -69.37 28.12
C SER AA 132 8.01 -69.02 29.14
N GLU AA 133 8.27 -69.97 30.03
CA GLU AA 133 9.21 -69.74 31.12
C GLU AA 133 10.62 -69.47 30.59
N GLU AA 134 11.07 -70.26 29.60
CA GLU AA 134 12.41 -70.08 29.07
C GLU AA 134 12.56 -68.74 28.38
N GLY AA 135 11.54 -68.33 27.62
CA GLY AA 135 11.60 -67.02 26.99
C GLY AA 135 11.60 -65.89 27.99
N ARG AA 136 10.81 -66.05 29.06
CA ARG AA 136 10.78 -65.03 30.11
C ARG AA 136 12.14 -64.92 30.80
N ASN AA 137 12.79 -66.04 31.09
CA ASN AA 137 14.13 -65.99 31.67
C ASN AA 137 15.13 -65.39 30.71
N TYR AA 138 15.01 -65.69 29.42
CA TYR AA 138 15.91 -65.16 28.41
C TYR AA 138 15.80 -63.65 28.35
N MET AA 139 14.57 -63.15 28.34
CA MET AA 139 14.33 -61.72 28.40
C MET AA 139 14.90 -61.11 29.68
N ARG AA 140 14.72 -61.82 30.81
CA ARG AA 140 15.23 -61.31 32.08
C ARG AA 140 16.74 -61.18 32.07
N ASN AA 141 17.44 -62.17 31.52
CA ASN AA 141 18.90 -62.08 31.50
C ASN AA 141 19.37 -61.08 30.47
N LEU AA 142 18.51 -60.73 29.51
CA LEU AA 142 18.82 -59.65 28.59
C LEU AA 142 18.31 -58.29 29.04
N LEU AA 143 17.71 -58.18 30.23
CA LEU AA 143 17.11 -56.91 30.66
C LEU AA 143 18.10 -55.76 30.63
N ASP AA 144 19.32 -55.99 31.10
CA ASP AA 144 20.28 -54.89 31.22
C ASP AA 144 20.71 -54.37 29.85
N VAL AA 145 21.06 -55.27 28.94
CA VAL AA 145 21.65 -54.86 27.67
C VAL AA 145 20.59 -54.39 26.69
N ALA AA 146 19.38 -54.91 26.82
CA ALA AA 146 18.30 -54.59 25.90
C ALA AA 146 17.52 -53.41 26.42
N LYS AA 147 17.11 -52.52 25.52
CA LYS AA 147 16.26 -51.39 25.85
C LYS AA 147 14.87 -51.67 25.30
N SER AA 148 13.85 -51.46 26.14
CA SER AA 148 12.49 -51.80 25.78
C SER AA 148 11.52 -50.91 26.54
N PRO AA 149 10.38 -50.57 25.93
CA PRO AA 149 9.31 -49.93 26.71
C PRO AA 149 8.74 -50.86 27.76
N MET AA 150 8.92 -52.16 27.60
CA MET AA 150 8.33 -53.16 28.48
C MET AA 150 9.29 -53.59 29.59
N ALA AA 151 10.45 -52.94 29.70
CA ALA AA 151 11.44 -53.35 30.68
C ALA AA 151 10.90 -53.21 32.09
N GLY AA 152 10.24 -52.09 32.39
CA GLY AA 152 9.68 -51.91 33.72
C GLY AA 152 8.61 -52.93 34.04
N GLN AA 153 7.75 -53.22 33.07
CA GLN AA 153 6.69 -54.20 33.30
C GLN AA 153 7.26 -55.59 33.53
N LEU AA 154 8.34 -55.93 32.83
CA LEU AA 154 8.99 -57.21 33.10
C LEU AA 154 9.68 -57.21 34.46
N GLU AA 155 10.25 -56.06 34.86
CA GLU AA 155 10.88 -55.98 36.17
C GLU AA 155 9.86 -56.18 37.28
N THR AA 156 8.68 -55.59 37.15
CA THR AA 156 7.67 -55.73 38.20
C THR AA 156 7.09 -57.14 38.23
N PHE AA 157 7.03 -57.81 37.08
CA PHE AA 157 6.44 -59.14 36.98
C PHE AA 157 7.22 -60.16 37.81
N ASN AA 222 22.30 -56.02 44.65
CA ASN AA 222 22.53 -57.05 43.65
C ASN AA 222 23.64 -56.62 42.70
N SER AA 223 24.88 -56.63 43.20
CA SER AA 223 26.04 -56.09 42.48
C SER AA 223 25.81 -54.63 42.11
N ARG AA 224 24.96 -53.96 42.89
CA ARG AA 224 24.74 -52.52 42.78
C ARG AA 224 25.50 -51.87 43.92
N SER AA 225 26.36 -50.91 43.58
CA SER AA 225 27.23 -50.28 44.57
C SER AA 225 26.40 -49.71 45.73
N THR AA 226 26.81 -50.02 46.96
CA THR AA 226 25.99 -49.70 48.11
C THR AA 226 25.83 -48.20 48.27
N PHE AA 227 24.57 -47.76 48.41
CA PHE AA 227 24.29 -46.35 48.68
C PHE AA 227 24.80 -45.96 50.07
N PHE AA 228 24.51 -46.78 51.07
CA PHE AA 228 24.99 -46.59 52.43
C PHE AA 228 24.95 -47.91 53.17
N GLY AA 229 25.95 -48.12 54.03
CA GLY AA 229 25.99 -49.32 54.82
C GLY AA 229 26.61 -50.50 54.09
N PHE AA 230 26.18 -51.69 54.49
CA PHE AA 230 26.69 -52.90 53.90
C PHE AA 230 25.91 -53.26 52.64
N LYS AA 231 26.47 -54.15 51.85
CA LYS AA 231 25.90 -54.47 50.54
C LYS AA 231 24.64 -55.31 50.67
N ASN AA 232 23.79 -55.20 49.65
CA ASN AA 232 22.65 -56.10 49.46
C ASN AA 232 21.69 -56.10 50.65
N ALA AA 233 21.87 -57.06 51.54
CA ALA AA 233 20.86 -57.35 52.56
C ALA AA 233 20.55 -56.13 53.43
N ALA AA 234 21.58 -55.35 53.77
CA ALA AA 234 21.39 -54.22 54.67
C ALA AA 234 20.41 -53.21 54.07
N GLU AA 235 20.48 -52.99 52.76
CA GLU AA 235 19.60 -52.01 52.13
C GLU AA 235 18.33 -52.66 51.60
N ALA AA 236 18.37 -53.96 51.37
CA ALA AA 236 17.20 -54.65 50.84
C ALA AA 236 16.21 -55.00 51.94
N GLU AA 237 16.63 -55.86 52.88
CA GLU AA 237 15.72 -56.29 53.94
C GLU AA 237 15.36 -55.14 54.87
N LEU AA 238 16.16 -54.09 54.85
CA LEU AA 238 15.98 -52.97 55.77
C LEU AA 238 16.26 -51.66 55.06
N SER AA 239 16.53 -50.61 55.83
CA SER AA 239 16.66 -49.25 55.31
C SER AA 239 15.35 -48.82 54.66
N ASN AA 240 14.33 -48.69 55.50
CA ASN AA 240 13.06 -48.15 55.02
C ASN AA 240 13.19 -46.70 54.58
N SER AA 241 14.35 -46.09 54.76
CA SER AA 241 14.53 -44.66 54.57
C SER AA 241 15.08 -44.38 53.17
N VAL AA 242 14.22 -43.88 52.28
CA VAL AA 242 14.55 -43.26 51.00
C VAL AA 242 15.73 -43.91 50.28
N ALA AA 243 16.90 -43.97 50.92
CA ALA AA 243 18.06 -44.60 50.30
C ALA AA 243 17.78 -46.06 50.01
N GLY AA 244 17.08 -46.74 50.93
CA GLY AA 244 16.64 -48.09 50.63
C GLY AA 244 15.71 -48.14 49.43
N MET AA 245 14.78 -47.18 49.34
CA MET AA 245 13.92 -47.13 48.18
C MET AA 245 14.71 -46.85 46.91
N ALA AA 246 15.63 -45.89 46.96
CA ALA AA 246 16.42 -45.55 45.79
C ALA AA 246 17.24 -46.73 45.32
N PHE AA 247 17.82 -47.49 46.25
CA PHE AA 247 18.53 -48.70 45.88
C PHE AA 247 17.57 -49.73 45.29
N ARG AA 248 16.40 -49.90 45.89
CA ARG AA 248 15.50 -50.96 45.45
C ARG AA 248 14.86 -50.66 44.11
N ALA AA 249 14.84 -49.41 43.68
CA ALA AA 249 14.33 -49.05 42.36
C ALA AA 249 15.44 -48.74 41.36
N GLY AA 250 16.67 -49.19 41.62
CA GLY AA 250 17.80 -48.73 40.84
C GLY AA 250 17.80 -49.25 39.42
N ARG AA 251 18.03 -50.56 39.25
CA ARG AA 251 18.09 -51.18 37.93
C ARG AA 251 19.18 -50.57 37.05
N LEU AA 252 20.44 -50.79 37.41
CA LEU AA 252 21.57 -50.40 36.58
C LEU AA 252 21.34 -50.81 35.13
N ASP AA 253 21.67 -49.92 34.20
CA ASP AA 253 21.39 -50.19 32.79
C ASP AA 253 22.52 -50.98 32.14
N ASN AA 254 23.73 -50.41 32.11
CA ASN AA 254 24.86 -50.96 31.37
C ASN AA 254 24.59 -50.99 29.87
N GLY AA 255 23.72 -50.10 29.38
CA GLY AA 255 23.37 -50.10 27.97
C GLY AA 255 23.41 -48.75 27.29
N PHE AA 256 24.37 -47.90 27.65
CA PHE AA 256 24.49 -46.57 27.06
C PHE AA 256 25.28 -46.65 25.77
N ASP AA 257 24.66 -46.23 24.68
CA ASP AA 257 25.32 -46.14 23.38
C ASP AA 257 25.42 -44.67 23.01
N VAL AA 258 26.64 -44.19 22.80
CA VAL AA 258 26.86 -42.76 22.60
C VAL AA 258 26.17 -42.28 21.33
N PHE AA 259 26.13 -43.12 20.30
CA PHE AA 259 25.52 -42.68 19.05
C PHE AA 259 24.03 -42.99 19.02
N LYS AA 260 23.55 -43.81 19.94
CA LYS AA 260 22.11 -44.03 20.05
C LYS AA 260 21.46 -43.00 20.95
N ASP AA 261 22.11 -42.64 22.05
CA ASP AA 261 21.52 -41.73 23.02
C ASP AA 261 22.01 -40.31 22.84
N THR AA 262 23.34 -40.11 22.80
CA THR AA 262 23.87 -38.76 22.75
C THR AA 262 23.77 -38.16 21.35
N ILE AA 263 24.48 -38.74 20.38
CA ILE AA 263 24.55 -38.14 19.05
C ILE AA 263 23.90 -39.06 18.03
N THR AA 264 22.67 -38.74 17.66
CA THR AA 264 21.95 -39.58 16.73
C THR AA 264 22.23 -39.13 15.30
N PRO AA 265 22.63 -40.04 14.41
CA PRO AA 265 22.81 -39.68 13.00
C PRO AA 265 21.49 -39.24 12.40
N THR AA 266 21.42 -37.99 11.98
CA THR AA 266 20.21 -37.52 11.33
C THR AA 266 20.22 -37.95 9.86
N ARG AA 267 19.19 -37.50 9.14
CA ARG AA 267 19.08 -37.85 7.72
C ARG AA 267 20.15 -37.15 6.91
N TRP AA 268 20.52 -35.93 7.31
CA TRP AA 268 21.38 -35.10 6.48
C TRP AA 268 22.84 -35.27 6.85
N ASN AA 269 23.14 -35.64 8.08
CA ASN AA 269 24.40 -36.30 8.35
C ASN AA 269 24.36 -37.71 7.77
N SER AA 270 25.53 -38.28 7.54
CA SER AA 270 25.71 -39.64 7.03
C SER AA 270 25.20 -39.81 5.61
N HIS AA 271 24.59 -38.79 5.00
CA HIS AA 271 24.05 -38.90 3.65
C HIS AA 271 25.06 -38.29 2.68
N ILE AA 272 25.74 -39.15 1.94
CA ILE AA 272 26.75 -38.72 0.98
C ILE AA 272 26.05 -38.38 -0.32
N TRP AA 273 26.33 -37.19 -0.84
CA TRP AA 273 25.58 -36.66 -1.97
C TRP AA 273 25.86 -37.44 -3.24
N THR AA 274 24.84 -37.54 -4.08
CA THR AA 274 25.00 -38.00 -5.45
C THR AA 274 25.45 -36.83 -6.30
N PRO AA 275 26.00 -37.10 -7.49
CA PRO AA 275 26.50 -35.99 -8.31
C PRO AA 275 25.45 -34.93 -8.62
N GLU AA 276 24.21 -35.34 -8.89
CA GLU AA 276 23.15 -34.37 -9.14
C GLU AA 276 22.87 -33.53 -7.90
N GLU AA 277 22.82 -34.17 -6.72
CA GLU AA 277 22.65 -33.42 -5.48
C GLU AA 277 23.82 -32.48 -5.26
N LEU AA 278 25.04 -32.94 -5.55
CA LEU AA 278 26.20 -32.08 -5.39
C LEU AA 278 26.11 -30.85 -6.26
N GLU AA 279 25.68 -31.02 -7.52
CA GLU AA 279 25.57 -29.86 -8.39
C GLU AA 279 24.47 -28.92 -7.95
N LYS AA 280 23.36 -29.47 -7.48
CA LYS AA 280 22.28 -28.63 -6.95
C LYS AA 280 22.77 -27.81 -5.76
N ILE AA 281 23.52 -28.45 -4.87
CA ILE AA 281 24.04 -27.76 -3.69
C ILE AA 281 25.04 -26.69 -4.10
N ARG AA 282 25.93 -27.02 -5.02
CA ARG AA 282 26.93 -26.05 -5.46
C ARG AA 282 26.30 -24.84 -6.10
N THR AA 283 25.28 -25.05 -6.93
CA THR AA 283 24.65 -23.92 -7.60
C THR AA 283 23.78 -23.11 -6.67
N GLU AA 284 23.00 -23.75 -5.81
CA GLU AA 284 21.88 -23.10 -5.15
C GLU AA 284 22.13 -22.73 -3.69
N VAL AA 285 23.24 -23.12 -3.10
CA VAL AA 285 23.51 -22.86 -1.69
C VAL AA 285 24.58 -21.78 -1.60
N LYS AA 286 24.23 -20.66 -0.97
CA LYS AA 286 25.17 -19.54 -0.86
C LYS AA 286 26.38 -19.92 -0.03
N ASN AA 287 26.17 -20.21 1.26
CA ASN AA 287 27.24 -20.67 2.12
C ASN AA 287 26.94 -22.12 2.47
N PRO AA 288 27.69 -23.08 1.94
CA PRO AA 288 27.33 -24.50 2.15
C PRO AA 288 27.40 -24.96 3.59
N ALA AA 289 28.10 -24.25 4.47
CA ALA AA 289 28.17 -24.71 5.86
C ALA AA 289 26.81 -24.67 6.53
N TYR AA 290 25.88 -23.89 6.00
CA TYR AA 290 24.53 -23.85 6.55
C TYR AA 290 23.75 -25.10 6.20
N ILE AA 291 24.28 -25.95 5.33
CA ILE AA 291 23.65 -27.25 5.10
C ILE AA 291 23.84 -28.14 6.32
N ASN AA 292 24.88 -27.89 7.10
CA ASN AA 292 25.25 -28.79 8.18
C ASN AA 292 24.30 -28.70 9.36
N VAL AA 293 23.66 -27.54 9.54
CA VAL AA 293 22.79 -27.36 10.69
C VAL AA 293 21.38 -27.82 10.37
N VAL AA 294 20.77 -28.56 11.29
CA VAL AA 294 19.40 -29.01 11.14
C VAL AA 294 18.59 -28.61 12.37
N THR AA 295 18.01 -27.42 12.34
CA THR AA 295 17.24 -26.96 13.48
C THR AA 295 15.78 -27.39 13.34
N GLY AA 296 15.22 -27.86 14.45
CA GLY AA 296 13.86 -28.36 14.42
C GLY AA 296 13.73 -29.63 13.61
N GLY AA 297 12.56 -29.77 13.00
CA GLY AA 297 12.31 -30.96 12.19
C GLY AA 297 13.16 -30.99 10.94
N SER AA 298 13.59 -32.19 10.57
CA SER AA 298 14.46 -32.35 9.41
C SER AA 298 13.68 -32.07 8.14
N PRO AA 299 14.21 -31.27 7.23
CA PRO AA 299 13.51 -31.03 5.96
C PRO AA 299 13.35 -32.33 5.18
N GLU AA 300 12.21 -32.46 4.51
CA GLU AA 300 11.89 -33.73 3.87
C GLU AA 300 12.79 -33.99 2.66
N ASN AA 301 13.07 -32.96 1.88
CA ASN AA 301 13.82 -33.12 0.66
C ASN AA 301 14.91 -32.06 0.57
N LEU AA 302 15.90 -32.33 -0.29
CA LEU AA 302 17.06 -31.46 -0.38
C LEU AA 302 16.70 -30.05 -0.81
N ASP AA 303 15.61 -29.88 -1.56
CA ASP AA 303 15.20 -28.55 -1.95
C ASP AA 303 14.82 -27.72 -0.73
N ASP AA 304 14.10 -28.32 0.22
CA ASP AA 304 13.75 -27.61 1.44
C ASP AA 304 14.98 -27.32 2.27
N LEU AA 305 15.93 -28.25 2.32
CA LEU AA 305 17.17 -28.00 3.04
C LEU AA 305 17.94 -26.82 2.42
N ILE AA 306 17.98 -26.75 1.09
CA ILE AA 306 18.65 -25.65 0.41
C ILE AA 306 17.95 -24.33 0.72
N LYS AA 307 16.61 -24.33 0.66
CA LYS AA 307 15.86 -23.13 0.96
C LYS AA 307 16.12 -22.67 2.40
N LEU AA 308 16.07 -23.59 3.35
CA LEU AA 308 16.30 -23.26 4.74
C LEU AA 308 17.72 -22.74 4.95
N ALA AA 309 18.69 -23.35 4.27
CA ALA AA 309 20.08 -22.91 4.39
C ALA AA 309 20.23 -21.50 3.86
N ASN AA 310 19.64 -21.19 2.72
CA ASN AA 310 19.76 -19.84 2.17
C ASN AA 310 19.08 -18.82 3.07
N GLU AA 311 17.89 -19.15 3.58
CA GLU AA 311 17.20 -18.22 4.47
C GLU AA 311 18.01 -17.97 5.73
N ASN AA 312 18.59 -19.02 6.31
CA ASN AA 312 19.42 -18.84 7.48
C ASN AA 312 20.65 -18.01 7.17
N PHE AA 313 21.24 -18.21 5.99
CA PHE AA 313 22.43 -17.45 5.63
C PHE AA 313 22.12 -15.98 5.48
N GLU AA 314 21.04 -15.64 4.78
CA GLU AA 314 20.67 -14.23 4.65
C GLU AA 314 20.35 -13.63 6.01
N ASN AA 315 19.65 -14.38 6.87
CA ASN AA 315 19.33 -13.87 8.18
C ASN AA 315 20.59 -13.60 9.00
N ASP AA 316 21.54 -14.51 8.98
CA ASP AA 316 22.76 -14.32 9.77
C ASP AA 316 23.62 -13.20 9.21
N SER AA 317 23.70 -13.10 7.89
CA SER AA 317 24.46 -12.01 7.29
C SER AA 317 23.84 -10.67 7.63
N ARG AA 318 22.51 -10.59 7.64
CA ARG AA 318 21.85 -9.37 8.08
C ARG AA 318 22.10 -9.11 9.57
N ALA AA 319 22.06 -10.15 10.39
CA ALA AA 319 22.17 -10.00 11.82
C ALA AA 319 23.57 -9.61 12.27
N ALA AA 320 24.60 -9.91 11.47
CA ALA AA 320 25.97 -9.63 11.89
C ALA AA 320 26.18 -8.14 12.15
N GLU AA 321 25.39 -7.27 11.50
CA GLU AA 321 25.60 -5.83 11.63
C GLU AA 321 25.35 -5.36 13.05
N ALA AA 322 24.41 -6.01 13.75
CA ALA AA 322 24.20 -5.78 15.18
C ALA AA 322 24.39 -7.06 15.98
N GLY AA 323 25.12 -8.03 15.41
CA GLY AA 323 25.31 -9.31 16.05
C GLY AA 323 26.39 -9.29 17.10
N LEU AA 324 26.89 -10.49 17.40
CA LEU AA 324 27.86 -10.62 18.48
C LEU AA 324 29.19 -9.98 18.13
N GLY AA 325 29.55 -9.99 16.85
CA GLY AA 325 30.76 -9.28 16.44
C GLY AA 325 30.69 -7.81 16.77
N ALA AA 326 29.57 -7.17 16.45
CA ALA AA 326 29.41 -5.75 16.73
C ALA AA 326 29.33 -5.49 18.24
N LYS AA 327 28.63 -6.35 18.97
CA LYS AA 327 28.51 -6.16 20.41
C LYS AA 327 29.87 -6.30 21.10
N LEU AA 328 30.68 -7.23 20.64
CA LEU AA 328 31.99 -7.47 21.23
C LEU AA 328 33.07 -6.57 20.65
N SER AA 329 32.75 -5.79 19.62
CA SER AA 329 33.74 -4.90 19.02
C SER AA 329 34.21 -3.85 20.01
N ALA AA 330 33.47 -3.66 21.09
CA ALA AA 330 33.87 -2.75 22.15
C ALA AA 330 33.97 -3.51 23.46
N GLY AA 331 35.20 -3.73 23.92
CA GLY AA 331 35.38 -4.22 25.27
C GLY AA 331 34.95 -5.63 25.56
N ILE AA 332 35.70 -6.63 25.07
CA ILE AA 332 35.44 -8.01 25.47
C ILE AA 332 35.77 -8.22 26.95
N ILE AA 333 36.93 -7.74 27.41
CA ILE AA 333 37.36 -8.01 28.76
C ILE AA 333 37.42 -6.76 29.62
N GLY AA 334 37.49 -5.57 29.02
CA GLY AA 334 37.30 -4.36 29.80
C GLY AA 334 35.89 -4.26 30.36
N ALA AA 335 34.93 -4.85 29.66
CA ALA AA 335 33.54 -4.87 30.10
C ALA AA 335 33.18 -6.11 30.91
N GLY AA 336 34.13 -7.02 31.12
CA GLY AA 336 33.83 -8.22 31.86
C GLY AA 336 32.84 -9.14 31.18
N VAL AA 337 32.92 -9.30 29.87
CA VAL AA 337 32.02 -10.18 29.15
C VAL AA 337 32.35 -11.62 29.48
N ASP AA 338 31.32 -12.42 29.78
CA ASP AA 338 31.51 -13.80 30.16
C ASP AA 338 30.99 -14.69 29.05
N PRO AA 339 31.86 -15.26 28.22
CA PRO AA 339 31.38 -16.07 27.10
C PRO AA 339 30.76 -17.39 27.51
N LEU AA 340 30.88 -17.79 28.77
CA LEU AA 340 30.34 -19.08 29.19
C LEU AA 340 28.82 -19.06 29.19
N SER AA 341 28.22 -17.93 29.54
CA SER AA 341 26.76 -17.79 29.52
C SER AA 341 26.32 -17.26 28.16
N TYR AA 342 26.52 -18.11 27.15
CA TYR AA 342 26.29 -17.70 25.78
C TYR AA 342 25.62 -18.83 25.01
N VAL AA 343 24.72 -18.46 24.11
CA VAL AA 343 24.09 -19.41 23.22
C VAL AA 343 25.15 -19.87 22.23
N PRO AA 344 24.96 -21.00 21.55
CA PRO AA 344 26.05 -21.55 20.73
C PRO AA 344 26.54 -20.65 19.60
N MET AA 345 25.95 -19.47 19.38
CA MET AA 345 26.48 -18.48 18.43
C MET AA 345 26.90 -19.12 17.10
N VAL AA 346 25.98 -19.87 16.51
CA VAL AA 346 26.32 -20.67 15.33
C VAL AA 346 26.57 -19.78 14.12
N GLY AA 347 25.68 -18.82 13.88
CA GLY AA 347 25.75 -18.05 12.65
C GLY AA 347 26.97 -17.16 12.57
N VAL AA 348 27.43 -16.68 13.71
CA VAL AA 348 28.54 -15.74 13.79
C VAL AA 348 29.87 -16.15 13.20
N THR AA 349 30.31 -15.41 12.19
CA THR AA 349 31.61 -15.63 11.64
C THR AA 349 32.20 -14.29 11.93
N GLY AA 350 33.43 -14.22 12.43
CA GLY AA 350 33.95 -12.93 12.78
C GLY AA 350 34.04 -12.10 11.53
N LYS AA 351 33.52 -10.89 11.57
CA LYS AA 351 33.12 -10.20 10.37
C LYS AA 351 33.02 -8.73 10.66
N GLY AA 352 32.04 -8.37 11.47
CA GLY AA 352 31.95 -6.98 11.88
C GLY AA 352 32.67 -6.86 13.19
N PHE AA 353 33.84 -7.49 13.30
CA PHE AA 353 34.51 -7.48 14.59
C PHE AA 353 35.83 -6.74 14.45
N LYS AA 354 35.80 -5.44 14.70
CA LYS AA 354 36.99 -4.63 14.90
C LYS AA 354 37.02 -4.21 16.35
N LEU AA 355 37.89 -4.82 17.15
CA LEU AA 355 37.93 -4.52 18.58
C LEU AA 355 38.61 -3.17 18.78
N ILE AA 356 37.81 -2.12 18.85
CA ILE AA 356 38.26 -0.84 19.37
C ILE AA 356 37.55 -0.65 20.70
N ASN AA 357 38.24 -0.96 21.79
CA ASN AA 357 37.71 -0.68 23.11
C ASN AA 357 37.87 0.80 23.41
N LYS AA 358 36.76 1.50 23.61
CA LYS AA 358 36.84 2.88 24.05
C LYS AA 358 37.34 2.90 25.49
N ALA AA 359 38.33 3.75 25.74
CA ALA AA 359 39.30 3.60 26.83
C ALA AA 359 40.21 2.46 26.43
N LEU AA 360 41.50 2.57 26.75
CA LEU AA 360 42.59 1.89 26.07
C LEU AA 360 42.90 2.53 24.72
N VAL AA 361 42.19 3.60 24.35
CA VAL AA 361 42.56 4.35 23.13
C VAL AA 361 43.06 5.73 23.53
N VAL AA 362 44.22 5.83 24.18
CA VAL AA 362 44.67 7.15 24.62
C VAL AA 362 45.01 8.09 23.48
N GLY AA 363 45.74 7.59 22.50
CA GLY AA 363 46.17 8.47 21.42
C GLY AA 363 45.82 7.75 20.16
N ALA AA 364 45.57 8.47 19.09
CA ALA AA 364 44.70 7.96 18.05
C ALA AA 364 44.89 8.75 16.79
N GLU AA 365 45.98 8.50 16.10
CA GLU AA 365 46.23 9.20 14.85
C GLU AA 365 45.37 8.56 13.79
N SER AA 366 44.76 9.36 12.94
CA SER AA 366 43.97 8.81 11.84
C SER AA 366 44.84 8.47 10.65
N ALA AA 367 45.96 9.16 10.49
CA ALA AA 367 46.88 8.88 9.40
C ALA AA 367 47.98 7.93 9.85
N ALA AA 368 48.21 6.88 9.07
CA ALA AA 368 49.27 5.94 9.39
C ALA AA 368 50.64 6.59 9.18
N LEU AA 369 51.63 6.11 9.92
CA LEU AA 369 52.94 6.74 9.90
C LEU AA 369 53.68 6.50 8.58
N ASN AA 370 53.51 5.32 8.00
CA ASN AA 370 54.14 4.96 6.73
C ASN AA 370 53.10 4.40 5.79
N VAL AA 371 53.51 4.18 4.55
CA VAL AA 371 52.72 3.32 3.65
C VAL AA 371 52.77 1.87 4.09
N ALA AA 372 53.91 1.42 4.60
CA ALA AA 372 53.94 0.23 5.43
C ALA AA 372 53.15 0.55 6.69
N SER AA 373 52.97 -0.41 7.58
CA SER AA 373 51.95 -0.31 8.63
C SER AA 373 50.63 -0.16 7.91
N GLU AA 374 49.87 0.93 8.09
CA GLU AA 374 48.52 1.06 7.55
C GLU AA 374 47.74 -0.17 7.98
N GLY AA 375 47.39 -1.08 7.09
CA GLY AA 375 46.65 -2.25 7.47
C GLY AA 375 47.52 -3.48 7.66
N LEU AA 376 46.82 -4.60 7.85
CA LEU AA 376 47.46 -5.90 7.96
C LEU AA 376 48.03 -6.28 6.60
N ARG AA 377 49.34 -6.51 6.53
CA ARG AA 377 49.98 -6.73 5.23
C ARG AA 377 49.91 -8.12 4.62
N THR AA 378 48.87 -8.87 4.93
CA THR AA 378 48.71 -10.18 4.30
C THR AA 378 48.40 -10.02 2.82
N SER AA 379 48.83 -10.99 2.02
CA SER AA 379 48.67 -10.91 0.57
C SER AA 379 47.61 -11.84 0.01
N VAL AA 380 46.99 -12.68 0.83
CA VAL AA 380 45.92 -13.53 0.33
C VAL AA 380 44.58 -12.81 0.43
N ALA AA 381 43.70 -13.08 -0.52
CA ALA AA 381 42.36 -12.51 -0.48
C ALA AA 381 41.59 -13.07 0.71
N GLY AA 382 40.67 -12.27 1.23
CA GLY AA 382 39.95 -12.64 2.42
C GLY AA 382 40.70 -12.38 3.71
N GLY AA 383 41.88 -11.79 3.65
CA GLY AA 383 42.55 -11.33 4.85
C GLY AA 383 41.77 -10.20 5.49
N ASP AA 384 42.05 -9.99 6.78
CA ASP AA 384 41.32 -9.05 7.64
C ASP AA 384 39.96 -9.62 7.99
N ALA AA 385 39.55 -10.70 7.33
CA ALA AA 385 38.28 -11.32 7.63
C ALA AA 385 38.46 -12.65 8.31
N ASP AA 386 39.32 -13.52 7.76
CA ASP AA 386 39.69 -14.71 8.49
C ASP AA 386 40.52 -14.36 9.71
N TYR AA 387 41.31 -13.30 9.62
CA TYR AA 387 41.99 -12.80 10.81
C TYR AA 387 40.98 -12.34 11.85
N ALA AA 388 39.93 -11.66 11.42
CA ALA AA 388 38.90 -11.22 12.36
C ALA AA 388 38.19 -12.39 12.99
N GLY AA 389 37.94 -13.45 12.21
CA GLY AA 389 37.34 -14.64 12.79
C GLY AA 389 38.23 -15.31 13.80
N ALA AA 390 39.52 -15.44 13.48
CA ALA AA 390 40.47 -15.98 14.43
C ALA AA 390 40.54 -15.14 15.69
N ALA AA 391 40.52 -13.82 15.53
CA ALA AA 391 40.59 -12.92 16.68
C ALA AA 391 39.36 -13.03 17.55
N LEU AA 392 38.17 -13.05 16.94
CA LEU AA 392 36.95 -13.17 17.73
C LEU AA 392 36.89 -14.51 18.46
N GLY AA 393 37.26 -15.58 17.77
CA GLY AA 393 37.31 -16.87 18.43
C GLY AA 393 38.30 -16.88 19.58
N GLY AA 394 39.48 -16.30 19.37
CA GLY AA 394 40.47 -16.26 20.42
C GLY AA 394 40.06 -15.41 21.60
N PHE AA 395 39.41 -14.28 21.33
CA PHE AA 395 38.93 -13.44 22.42
C PHE AA 395 37.85 -14.15 23.22
N VAL AA 396 36.88 -14.77 22.54
CA VAL AA 396 35.86 -15.53 23.23
C VAL AA 396 36.49 -16.63 24.07
N PHE AA 397 37.40 -17.39 23.47
CA PHE AA 397 38.03 -18.49 24.18
C PHE AA 397 38.83 -18.00 25.38
N GLY AA 398 39.61 -16.94 25.20
CA GLY AA 398 40.46 -16.47 26.29
C GLY AA 398 39.67 -15.86 27.42
N ALA AA 399 38.64 -15.07 27.10
CA ALA AA 399 37.79 -14.53 28.15
C ALA AA 399 37.08 -15.65 28.89
N GLY AA 400 36.58 -16.64 28.16
CA GLY AA 400 35.94 -17.76 28.82
C GLY AA 400 36.91 -18.57 29.67
N MET AA 401 38.16 -18.70 29.21
CA MET AA 401 39.13 -19.46 29.99
C MET AA 401 39.54 -18.70 31.23
N SER AA 402 39.58 -17.38 31.14
CA SER AA 402 39.77 -16.57 32.34
C SER AA 402 38.63 -16.79 33.32
N ALA AA 403 37.40 -16.79 32.82
CA ALA AA 403 36.25 -17.03 33.71
C ALA AA 403 36.32 -18.42 34.33
N ILE AA 404 36.70 -19.41 33.54
CA ILE AA 404 36.84 -20.78 34.03
C ILE AA 404 37.89 -20.85 35.12
N SER AA 405 39.04 -20.22 34.89
CA SER AA 405 40.11 -20.25 35.88
C SER AA 405 39.68 -19.55 37.17
N ASP AA 406 39.01 -18.41 37.07
CA ASP AA 406 38.54 -17.75 38.28
C ASP AA 406 37.54 -18.60 39.04
N ALA AA 407 36.60 -19.23 38.33
CA ALA AA 407 35.61 -20.06 38.99
C ALA AA 407 36.26 -21.26 39.67
N VAL AA 408 37.23 -21.88 39.00
CA VAL AA 408 37.90 -23.03 39.60
C VAL AA 408 38.71 -22.58 40.81
N ALA AA 409 39.31 -21.40 40.75
CA ALA AA 409 40.04 -20.88 41.89
C ALA AA 409 39.12 -20.64 43.07
N ALA AA 410 37.92 -20.11 42.82
CA ALA AA 410 36.95 -19.95 43.89
C ALA AA 410 36.53 -21.29 44.49
N GLY AA 411 36.25 -22.26 43.62
CA GLY AA 411 35.88 -23.58 44.12
C GLY AA 411 36.98 -24.22 44.94
N LEU AA 412 38.23 -24.00 44.55
CA LEU AA 412 39.35 -24.56 45.31
C LEU AA 412 39.55 -23.80 46.60
N LYS AA 413 39.29 -22.49 46.61
CA LYS AA 413 39.43 -21.71 47.83
C LYS AA 413 38.38 -22.10 48.85
N ARG AA 414 37.23 -22.62 48.39
CA ARG AA 414 36.29 -23.21 49.35
C ARG AA 414 36.98 -24.27 50.19
N SER AA 415 37.73 -25.16 49.56
CA SER AA 415 38.46 -26.18 50.31
C SER AA 415 39.60 -25.57 51.12
N LYS AA 416 40.46 -24.80 50.46
CA LYS AA 416 41.60 -24.16 51.11
C LYS AA 416 41.53 -22.65 50.90
N PRO AA 417 41.02 -21.88 51.86
CA PRO AA 417 40.95 -20.43 51.66
C PRO AA 417 42.30 -19.77 51.47
N GLU AA 418 43.37 -20.34 52.01
CA GLU AA 418 44.69 -19.73 51.91
C GLU AA 418 45.47 -20.32 50.73
N ALA AA 419 45.01 -19.96 49.53
CA ALA AA 419 45.65 -20.37 48.28
C ALA AA 419 45.20 -19.40 47.19
N GLU AA 420 46.13 -18.59 46.70
CA GLU AA 420 45.77 -17.52 45.77
C GLU AA 420 45.45 -18.05 44.38
N PHE AA 421 46.29 -18.95 43.86
CA PHE AA 421 46.21 -19.48 42.50
C PHE AA 421 46.49 -18.40 41.47
N ASP AA 422 46.62 -18.79 40.20
CA ASP AA 422 46.97 -17.89 39.12
C ASP AA 422 45.96 -18.03 38.00
N ASN AA 423 45.55 -16.90 37.41
CA ASN AA 423 44.61 -16.95 36.31
C ASN AA 423 45.24 -17.53 35.05
N GLU AA 424 46.42 -17.03 34.69
CA GLU AA 424 47.20 -17.53 33.55
C GLU AA 424 46.55 -17.19 32.20
N PHE AA 425 45.39 -16.55 32.21
CA PHE AA 425 44.76 -16.14 30.95
C PHE AA 425 44.43 -14.66 30.93
N ILE AA 426 44.20 -14.04 32.08
CA ILE AA 426 43.64 -12.69 32.08
C ILE AA 426 44.72 -11.66 31.79
N GLY AA 427 45.97 -11.96 32.11
CA GLY AA 427 47.05 -11.09 31.73
C GLY AA 427 47.19 -11.02 30.23
N PRO AA 428 47.42 -12.18 29.60
CA PRO AA 428 47.47 -12.22 28.14
C PRO AA 428 46.22 -11.66 27.48
N MET AA 429 45.04 -11.92 28.05
CA MET AA 429 43.80 -11.44 27.44
C MET AA 429 43.66 -9.93 27.56
N MET AA 430 44.03 -9.36 28.70
CA MET AA 430 43.99 -7.91 28.83
C MET AA 430 44.96 -7.25 27.86
N ARG AA 431 46.17 -7.80 27.76
CA ARG AA 431 47.14 -7.20 26.85
C ARG AA 431 46.73 -7.41 25.40
N LEU AA 432 46.06 -8.52 25.10
CA LEU AA 432 45.56 -8.75 23.75
C LEU AA 432 44.48 -7.74 23.39
N GLU AA 433 43.57 -7.46 24.34
CA GLU AA 433 42.57 -6.44 24.08
C GLU AA 433 43.23 -5.08 23.86
N ALA AA 434 44.23 -4.74 24.67
CA ALA AA 434 44.91 -3.46 24.50
C ALA AA 434 45.62 -3.38 23.15
N ARG AA 435 46.31 -4.45 22.75
CA ARG AA 435 46.99 -4.46 21.46
C ARG AA 435 46.02 -4.32 20.31
N GLU AA 436 44.95 -5.11 20.33
CA GLU AA 436 43.98 -5.06 19.23
C GLU AA 436 43.32 -3.69 19.19
N THR AA 437 43.03 -3.12 20.35
CA THR AA 437 42.44 -1.78 20.40
C THR AA 437 43.36 -0.75 19.78
N ALA AA 438 44.65 -0.79 20.12
CA ALA AA 438 45.58 0.18 19.55
C ALA AA 438 45.81 -0.07 18.08
N ARG AA 439 45.80 -1.34 17.67
CA ARG AA 439 45.96 -1.67 16.26
C ARG AA 439 44.83 -1.09 15.43
N ASN AA 440 43.59 -1.27 15.89
CA ASN AA 440 42.45 -0.78 15.13
C ASN AA 440 42.29 0.73 15.28
N ALA AA 441 42.75 1.28 16.40
CA ALA AA 441 42.71 2.72 16.63
C ALA AA 441 43.98 3.42 16.17
N ASN AA 442 44.99 2.66 15.77
CA ASN AA 442 46.20 3.05 15.06
C ASN AA 442 47.23 3.66 16.03
N SER AA 443 46.90 3.92 17.29
CA SER AA 443 47.97 4.52 18.08
C SER AA 443 47.88 4.14 19.55
N ALA AA 444 49.05 4.22 20.19
CA ALA AA 444 49.24 4.10 21.64
C ALA AA 444 48.81 2.75 22.20
N ASP AA 445 49.60 1.73 21.88
CA ASP AA 445 49.46 0.45 22.56
C ASP AA 445 49.67 0.61 24.06
N LEU AA 446 48.60 0.43 24.83
CA LEU AA 446 48.67 0.54 26.27
C LEU AA 446 49.12 -0.74 26.95
N SER AA 447 49.25 -1.84 26.21
CA SER AA 447 49.77 -3.06 26.79
C SER AA 447 51.28 -3.00 26.94
N ARG AA 448 51.91 -2.03 26.31
CA ARG AA 448 53.36 -1.93 26.32
C ARG AA 448 53.86 -1.56 27.71
N MET AA 449 54.90 -2.23 28.16
CA MET AA 449 55.42 -2.02 29.50
C MET AA 449 56.39 -0.86 29.53
N ASN AA 450 56.56 -0.27 30.71
CA ASN AA 450 57.57 0.75 30.90
C ASN AA 450 58.94 0.11 31.07
N THR AA 451 59.79 0.29 30.06
CA THR AA 451 61.07 -0.40 29.98
C THR AA 451 62.16 0.28 30.77
N GLU AA 452 61.84 1.32 31.55
CA GLU AA 452 62.86 1.99 32.34
C GLU AA 452 63.42 1.04 33.40
N ASN AA 453 64.70 1.22 33.71
CA ASN AA 453 65.39 0.42 34.72
C ASN AA 453 65.43 -1.06 34.34
N MET AA 454 65.41 -1.35 33.03
CA MET AA 454 65.51 -2.70 32.52
C MET AA 454 66.83 -2.84 31.78
N LYS AA 455 67.64 -3.81 32.21
CA LYS AA 455 68.93 -4.04 31.57
C LYS AA 455 68.84 -4.99 30.39
N PHE AA 456 67.71 -5.66 30.22
CA PHE AA 456 67.49 -6.68 29.19
C PHE AA 456 68.56 -7.76 29.38
N GLU AA 457 69.44 -8.00 28.42
CA GLU AA 457 70.42 -9.08 28.48
C GLU AA 457 69.70 -10.42 28.34
N GLY AA 458 70.29 -11.35 27.60
CA GLY AA 458 69.58 -12.56 27.28
C GLY AA 458 68.98 -12.48 25.89
N GLU AA 459 69.62 -13.15 24.94
CA GLU AA 459 69.23 -13.11 23.54
C GLU AA 459 69.16 -14.53 23.01
N HIS AA 460 68.02 -14.91 22.47
CA HIS AA 460 67.91 -16.24 21.86
C HIS AA 460 68.47 -16.22 20.44
N ASN AA 461 68.04 -15.25 19.62
CA ASN AA 461 68.50 -15.11 18.25
C ASN AA 461 68.80 -13.63 18.00
N GLY AA 462 69.51 -13.01 18.94
CA GLY AA 462 69.79 -11.59 18.82
C GLY AA 462 68.66 -10.70 19.23
N VAL AA 463 67.64 -11.24 19.88
CA VAL AA 463 66.49 -10.49 20.39
C VAL AA 463 66.64 -10.35 21.90
N PRO AA 464 66.76 -9.13 22.42
CA PRO AA 464 66.89 -8.96 23.87
C PRO AA 464 65.55 -9.11 24.56
N TYR AA 465 65.58 -9.51 25.82
CA TYR AA 465 64.35 -9.63 26.60
C TYR AA 465 64.65 -9.57 28.10
N GLU AA 466 63.63 -9.15 28.84
CA GLU AA 466 63.63 -9.13 30.30
C GLU AA 466 62.60 -10.10 30.82
N ASP AA 467 63.01 -10.99 31.72
CA ASP AA 467 62.05 -11.83 32.41
C ASP AA 467 61.25 -11.00 33.41
N LEU AA 468 59.92 -11.19 33.40
CA LEU AA 468 59.08 -10.54 34.38
C LEU AA 468 58.96 -11.43 35.60
N PRO AA 469 59.33 -10.95 36.79
CA PRO AA 469 59.01 -11.73 38.00
C PRO AA 469 57.52 -11.87 38.21
N THR AA 470 56.74 -10.86 37.81
CA THR AA 470 55.31 -10.87 38.09
C THR AA 470 54.60 -12.00 37.38
N GLU AA 471 54.95 -12.27 36.12
CA GLU AA 471 54.29 -13.29 35.33
C GLU AA 471 55.27 -14.41 35.00
N ARG AA 472 54.85 -15.64 35.25
CA ARG AA 472 55.68 -16.80 34.96
C ARG AA 472 56.08 -16.82 33.50
N GLY AA 473 57.36 -17.09 33.24
CA GLY AA 473 57.87 -16.94 31.88
C GLY AA 473 57.70 -15.49 31.47
N ALA AA 474 56.99 -15.28 30.35
CA ALA AA 474 56.44 -13.97 30.04
C ALA AA 474 57.48 -12.86 30.02
N VAL AA 475 58.38 -12.88 29.05
CA VAL AA 475 59.40 -11.85 28.93
C VAL AA 475 58.83 -10.63 28.23
N VAL AA 476 59.57 -9.52 28.29
CA VAL AA 476 59.20 -8.27 27.65
C VAL AA 476 60.28 -7.91 26.65
N LEU AA 477 59.87 -7.39 25.50
CA LEU AA 477 60.79 -7.13 24.40
C LEU AA 477 61.37 -5.71 24.52
N HIS AA 478 62.14 -5.31 23.50
CA HIS AA 478 62.86 -4.04 23.57
C HIS AA 478 61.91 -2.86 23.60
N ASP AA 479 60.79 -2.94 22.87
CA ASP AA 479 59.88 -1.81 22.80
C ASP AA 479 58.88 -1.78 23.95
N GLY AA 480 58.97 -2.72 24.87
CA GLY AA 480 57.99 -2.85 25.91
C GLY AA 480 56.92 -3.88 25.62
N SER AA 481 56.89 -4.40 24.40
CA SER AA 481 55.97 -5.49 24.08
C SER AA 481 56.32 -6.71 24.91
N VAL AA 482 55.38 -7.15 25.71
CA VAL AA 482 55.56 -8.30 26.58
C VAL AA 482 54.93 -9.52 25.93
N LEU AA 483 55.74 -10.56 25.75
CA LEU AA 483 55.29 -11.82 25.20
C LEU AA 483 55.07 -12.78 26.35
N SER AA 484 53.86 -13.29 26.48
CA SER AA 484 53.57 -14.20 27.57
C SER AA 484 54.30 -15.52 27.35
N ALA AA 485 54.41 -16.31 28.41
CA ALA AA 485 54.84 -17.68 28.27
C ALA AA 485 53.81 -18.42 27.42
N SER AA 486 54.27 -19.45 26.71
CA SER AA 486 53.51 -20.27 25.78
C SER AA 486 53.18 -19.54 24.50
N ASN AA 487 53.44 -18.24 24.42
CA ASN AA 487 53.48 -17.59 23.13
C ASN AA 487 54.59 -18.27 22.32
N PRO AA 488 54.28 -18.83 21.16
CA PRO AA 488 55.26 -19.70 20.50
C PRO AA 488 56.55 -18.98 20.14
N ILE AA 489 56.52 -17.65 20.04
CA ILE AA 489 57.68 -16.92 19.55
C ILE AA 489 58.53 -16.30 20.64
N ASN AA 490 58.09 -16.30 21.90
CA ASN AA 490 58.86 -15.57 22.90
C ASN AA 490 60.21 -16.25 23.12
N PRO AA 491 61.27 -15.46 23.28
CA PRO AA 491 62.62 -16.05 23.26
C PRO AA 491 62.90 -16.97 24.43
N LYS AA 492 62.28 -16.74 25.58
CA LYS AA 492 62.58 -17.54 26.76
C LYS AA 492 62.10 -18.98 26.59
N THR AA 493 60.85 -19.13 26.14
CA THR AA 493 60.32 -20.47 25.91
C THR AA 493 61.07 -21.17 24.79
N LEU AA 494 61.37 -20.46 23.71
CA LEU AA 494 62.13 -21.07 22.62
C LEU AA 494 63.49 -21.55 23.10
N LYS AA 495 64.21 -20.71 23.84
CA LYS AA 495 65.52 -21.09 24.35
C LYS AA 495 65.42 -22.30 25.27
N GLU AA 496 64.52 -22.25 26.25
CA GLU AA 496 64.44 -23.35 27.21
C GLU AA 496 63.98 -24.64 26.53
N PHE AA 497 63.06 -24.54 25.57
CA PHE AA 497 62.66 -25.70 24.81
C PHE AA 497 63.84 -26.30 24.06
N SER AA 498 64.71 -25.45 23.53
CA SER AA 498 65.93 -25.96 22.90
C SER AA 498 66.81 -26.66 23.94
N GLU AA 499 66.97 -26.08 25.12
CA GLU AA 499 67.85 -26.69 26.12
C GLU AA 499 67.29 -28.03 26.61
N VAL AA 500 66.02 -28.05 27.02
CA VAL AA 500 65.42 -29.30 27.47
C VAL AA 500 64.34 -29.74 26.50
N ASP AA 501 64.74 -30.50 25.51
CA ASP AA 501 63.82 -31.08 24.53
C ASP AA 501 64.03 -32.59 24.55
N PRO AA 502 62.99 -33.37 24.75
CA PRO AA 502 63.13 -34.82 24.72
C PRO AA 502 63.77 -35.32 23.44
N GLU AA 503 64.17 -36.59 23.42
CA GLU AA 503 64.82 -37.15 22.24
C GLU AA 503 64.02 -36.81 21.00
N LYS AA 504 64.62 -35.97 20.16
CA LYS AA 504 63.96 -35.24 19.08
C LYS AA 504 64.92 -34.14 18.68
N ALA AA 505 65.86 -33.86 19.58
CA ALA AA 505 66.96 -32.96 19.25
C ALA AA 505 67.97 -33.69 18.37
N ALA AA 506 68.23 -33.13 17.19
CA ALA AA 506 69.04 -33.79 16.19
C ALA AA 506 70.09 -32.82 15.65
N ARG AA 507 70.88 -33.33 14.71
CA ARG AA 507 71.93 -32.51 14.09
C ARG AA 507 71.34 -31.30 13.36
N GLY AA 508 70.36 -31.54 12.51
CA GLY AA 508 69.70 -30.43 11.83
C GLY AA 508 70.66 -29.63 10.97
N ILE AA 509 70.49 -28.30 10.99
CA ILE AA 509 71.30 -27.38 10.20
C ILE AA 509 72.28 -26.63 11.09
N LYS AA 510 72.55 -27.13 12.30
CA LYS AA 510 73.43 -26.45 13.23
C LYS AA 510 74.89 -26.52 12.79
N LEU AA 511 75.19 -27.30 11.74
CA LEU AA 511 76.58 -27.47 11.32
C LEU AA 511 77.21 -26.16 10.91
N ALA AA 512 76.58 -25.42 9.99
CA ALA AA 512 77.11 -24.16 9.50
C ALA AA 512 76.07 -23.47 8.64
N GLY AA 513 76.31 -22.19 8.36
CA GLY AA 513 75.44 -21.42 7.51
C GLY AA 513 76.24 -20.77 6.39
N PHE AA 514 75.50 -20.20 5.44
CA PHE AA 514 76.14 -19.63 4.26
C PHE AA 514 77.10 -18.51 4.62
N THR AA 515 76.74 -17.68 5.61
CA THR AA 515 77.61 -16.57 5.99
C THR AA 515 78.92 -17.07 6.58
N GLU AA 516 78.87 -18.10 7.42
CA GLU AA 516 80.08 -18.63 8.02
C GLU AA 516 80.93 -19.34 6.98
N ILE AA 517 80.30 -20.10 6.08
CA ILE AA 517 81.05 -20.81 5.06
C ILE AA 517 81.69 -19.83 4.09
N GLY AA 518 81.02 -18.72 3.79
CA GLY AA 518 81.63 -17.71 2.96
C GLY AA 518 82.91 -17.17 3.55
N LEU AA 519 82.88 -16.84 4.85
CA LEU AA 519 84.10 -16.38 5.52
C LEU AA 519 85.18 -17.44 5.49
N LYS AA 520 84.82 -18.70 5.74
CA LYS AA 520 85.84 -19.73 5.80
C LYS AA 520 86.47 -20.01 4.45
N THR AA 521 85.67 -20.08 3.38
CA THR AA 521 86.15 -20.60 2.10
C THR AA 521 86.48 -19.53 1.08
N LEU AA 522 85.73 -18.44 1.04
CA LEU AA 522 86.07 -17.37 0.12
C LEU AA 522 87.27 -16.66 0.68
N GLY AA 523 87.71 -17.09 1.86
CA GLY AA 523 88.79 -16.38 2.50
C GLY AA 523 90.13 -16.33 1.80
N SER AA 524 90.65 -17.46 1.31
CA SER AA 524 91.96 -17.53 0.63
C SER AA 524 92.58 -18.91 0.60
N ASP AA 525 93.87 -18.98 0.26
CA ASP AA 525 94.66 -20.24 0.30
C ASP AA 525 94.60 -21.21 -0.86
N ASP AA 526 93.71 -20.99 -1.83
CA ASP AA 526 93.71 -21.85 -3.01
C ASP AA 526 93.03 -21.16 -4.15
N ALA AA 527 93.34 -21.57 -5.37
CA ALA AA 527 92.68 -21.00 -6.52
C ALA AA 527 91.40 -21.78 -6.75
N ASP AA 528 91.43 -23.06 -6.44
CA ASP AA 528 90.27 -23.91 -6.67
C ASP AA 528 89.21 -23.72 -5.60
N ILE AA 529 89.61 -23.80 -4.34
CA ILE AA 529 88.68 -23.60 -3.24
C ILE AA 529 87.98 -22.26 -3.40
N ARG AA 530 88.74 -21.20 -3.69
CA ARG AA 530 88.13 -19.89 -3.85
C ARG AA 530 87.26 -19.84 -5.10
N ARG AA 531 87.65 -20.54 -6.17
CA ARG AA 531 86.82 -20.57 -7.37
C ARG AA 531 85.45 -21.18 -7.08
N VAL AA 532 85.45 -22.35 -6.43
CA VAL AA 532 84.19 -23.01 -6.11
C VAL AA 532 83.38 -22.16 -5.14
N ALA AA 533 84.05 -21.51 -4.19
CA ALA AA 533 83.34 -20.66 -3.23
C ALA AA 533 82.69 -19.47 -3.93
N ILE AA 534 83.41 -18.84 -4.85
CA ILE AA 534 82.85 -17.71 -5.59
C ILE AA 534 81.64 -18.14 -6.39
N ASP AA 535 81.72 -19.32 -7.02
CA ASP AA 535 80.56 -19.81 -7.75
C ASP AA 535 79.39 -20.08 -6.80
N LEU AA 536 79.65 -20.66 -5.64
CA LEU AA 536 78.56 -21.15 -4.80
C LEU AA 536 78.09 -20.11 -3.78
N VAL AA 537 79.01 -19.52 -3.02
CA VAL AA 537 78.65 -18.71 -1.87
C VAL AA 537 78.99 -17.26 -2.15
N ARG AA 538 78.20 -16.36 -1.57
CA ARG AA 538 78.39 -14.93 -1.69
C ARG AA 538 78.84 -14.37 -0.35
N SER AA 539 79.84 -13.49 -0.41
CA SER AA 539 80.40 -12.91 0.80
C SER AA 539 79.60 -11.67 1.19
N PRO AA 540 79.00 -11.62 2.39
CA PRO AA 540 78.27 -10.40 2.77
C PRO AA 540 79.18 -9.20 2.88
N THR AA 541 80.23 -9.31 3.69
CA THR AA 541 81.26 -8.28 3.80
C THR AA 541 82.61 -8.97 3.80
N GLY AA 542 83.48 -8.57 2.88
CA GLY AA 542 84.77 -9.21 2.75
C GLY AA 542 85.85 -8.20 2.45
N MET AA 543 87.06 -8.51 2.90
CA MET AA 543 88.20 -7.62 2.65
C MET AA 543 88.58 -7.60 1.17
N GLN AA 544 88.33 -8.72 0.47
CA GLN AA 544 88.56 -8.72 -0.98
C GLN AA 544 87.64 -7.74 -1.68
N SER AA 545 86.33 -7.85 -1.42
CA SER AA 545 85.32 -7.00 -2.05
C SER AA 545 85.54 -6.89 -3.56
N GLY AA 546 85.44 -8.04 -4.23
CA GLY AA 546 85.72 -8.13 -5.64
C GLY AA 546 84.84 -7.23 -6.50
N ALA AA 547 85.47 -6.35 -7.28
CA ALA AA 547 84.71 -5.45 -8.14
C ALA AA 547 84.02 -6.22 -9.25
N SER AA 548 84.66 -7.26 -9.78
CA SER AA 548 84.10 -8.08 -10.83
C SER AA 548 84.30 -9.55 -10.44
N GLY AA 549 83.99 -9.86 -9.19
CA GLY AA 549 84.11 -11.24 -8.72
C GLY AA 549 83.26 -12.18 -9.54
N LYS AA 550 82.01 -11.80 -9.81
CA LYS AA 550 81.10 -12.65 -10.58
C LYS AA 550 79.89 -11.82 -10.96
N PHE AA 551 79.56 -11.84 -12.24
CA PHE AA 551 78.30 -11.24 -12.72
C PHE AA 551 77.21 -12.30 -12.76
N GLY AA 552 77.25 -13.27 -11.85
CA GLY AA 552 76.27 -14.32 -11.84
C GLY AA 552 75.54 -14.36 -10.52
N ALA AA 553 74.51 -15.21 -10.47
CA ALA AA 553 73.66 -15.24 -9.30
C ALA AA 553 74.37 -15.85 -8.09
N THR AA 554 75.21 -16.87 -8.33
CA THR AA 554 75.80 -17.75 -7.31
C THR AA 554 74.75 -18.70 -6.76
N ALA AA 555 75.20 -19.86 -6.27
CA ALA AA 555 74.28 -20.91 -5.86
C ALA AA 555 73.45 -20.48 -4.66
N SER AA 556 74.07 -19.74 -3.74
CA SER AA 556 73.34 -19.27 -2.56
C SER AA 556 72.19 -18.36 -2.94
N ASP AA 557 72.42 -17.42 -3.86
CA ASP AA 557 71.36 -16.50 -4.24
C ASP AA 557 70.25 -17.20 -5.00
N ILE AA 558 70.62 -18.16 -5.87
CA ILE AA 558 69.61 -18.94 -6.57
C ILE AA 558 68.78 -19.73 -5.57
N HIS AA 559 69.45 -20.32 -4.59
CA HIS AA 559 68.74 -21.11 -3.58
C HIS AA 559 67.78 -20.25 -2.79
N GLU AA 560 68.20 -19.05 -2.39
CA GLU AA 560 67.34 -18.15 -1.65
C GLU AA 560 66.17 -17.67 -2.51
N ARG AA 561 66.43 -17.32 -3.76
CA ARG AA 561 65.37 -16.88 -4.65
C ARG AA 561 64.34 -17.98 -4.87
N LEU AA 562 64.80 -19.20 -5.10
CA LEU AA 562 63.88 -20.31 -5.31
C LEU AA 562 63.10 -20.62 -4.05
N HIS AA 563 63.74 -20.53 -2.89
CA HIS AA 563 63.00 -20.68 -1.64
C HIS AA 563 61.89 -19.65 -1.53
N GLY AA 564 62.20 -18.39 -1.84
CA GLY AA 564 61.19 -17.36 -1.71
C GLY AA 564 60.02 -17.57 -2.65
N THR AA 565 60.30 -17.88 -3.92
CA THR AA 565 59.22 -18.09 -4.87
C THR AA 565 58.42 -19.34 -4.55
N ASP AA 566 59.10 -20.40 -4.10
CA ASP AA 566 58.38 -21.60 -3.67
C ASP AA 566 57.49 -21.30 -2.49
N GLN AA 567 57.96 -20.50 -1.55
CA GLN AA 567 57.14 -20.17 -0.39
C GLN AA 567 55.91 -19.38 -0.79
N ARG AA 568 56.09 -18.41 -1.70
CA ARG AA 568 54.94 -17.64 -2.17
C ARG AA 568 53.92 -18.52 -2.88
N THR AA 569 54.39 -19.42 -3.74
CA THR AA 569 53.45 -20.30 -4.42
C THR AA 569 52.85 -21.32 -3.47
N TYR AA 570 53.55 -21.65 -2.38
CA TYR AA 570 52.97 -22.54 -1.38
C TYR AA 570 51.83 -21.85 -0.65
N ASN AA 571 51.99 -20.58 -0.31
CA ASN AA 571 50.89 -19.86 0.31
C ASN AA 571 49.71 -19.71 -0.65
N ASP AA 572 50.01 -19.47 -1.94
CA ASP AA 572 48.96 -19.45 -2.94
C ASP AA 572 48.22 -20.78 -3.00
N LEU AA 573 48.97 -21.88 -3.01
CA LEU AA 573 48.38 -23.21 -3.03
C LEU AA 573 47.59 -23.49 -1.77
N TYR AA 574 48.08 -23.02 -0.62
CA TYR AA 574 47.36 -23.24 0.61
C TYR AA 574 46.00 -22.57 0.57
N LYS AA 575 45.96 -21.32 0.12
CA LYS AA 575 44.67 -20.63 0.01
C LYS AA 575 43.76 -21.34 -0.99
N ALA AA 576 44.30 -21.70 -2.16
CA ALA AA 576 43.50 -22.35 -3.17
C ALA AA 576 42.96 -23.69 -2.69
N MET AA 577 43.80 -24.46 -2.01
CA MET AA 577 43.40 -25.77 -1.54
C MET AA 577 42.36 -25.66 -0.43
N SER AA 578 42.50 -24.68 0.45
CA SER AA 578 41.48 -24.48 1.47
C SER AA 578 40.14 -24.17 0.84
N ASP AA 579 40.12 -23.25 -0.12
CA ASP AA 579 38.87 -22.98 -0.83
C ASP AA 579 38.34 -24.23 -1.51
N ALA AA 580 39.23 -25.02 -2.12
CA ALA AA 580 38.79 -26.21 -2.85
C ALA AA 580 38.18 -27.25 -1.93
N MET AA 581 38.77 -27.44 -0.76
CA MET AA 581 38.33 -28.51 0.12
C MET AA 581 37.32 -28.03 1.14
N LYS AA 582 36.87 -26.78 1.05
CA LYS AA 582 35.68 -26.33 1.76
C LYS AA 582 34.40 -26.55 0.97
N ASP AA 583 34.46 -27.08 -0.25
CA ASP AA 583 33.28 -27.17 -1.08
C ASP AA 583 32.33 -28.27 -0.57
N PRO AA 584 31.08 -28.26 -1.01
CA PRO AA 584 30.08 -29.15 -0.40
C PRO AA 584 30.44 -30.62 -0.45
N GLU AA 585 31.23 -31.06 -1.42
CA GLU AA 585 31.50 -32.49 -1.57
C GLU AA 585 32.13 -33.07 -0.32
N PHE AA 586 32.99 -32.31 0.34
CA PHE AA 586 33.75 -32.78 1.50
C PHE AA 586 33.28 -32.21 2.82
N SER AA 587 32.51 -31.12 2.80
CA SER AA 587 32.21 -30.42 4.04
C SER AA 587 30.77 -30.61 4.48
N THR AA 588 29.84 -30.74 3.52
CA THR AA 588 28.43 -30.60 3.88
C THR AA 588 27.81 -31.90 4.37
N GLY AA 589 27.75 -32.92 3.53
CA GLY AA 589 26.96 -34.11 3.82
C GLY AA 589 27.58 -34.99 4.87
N GLY AA 590 27.23 -36.26 4.82
CA GLY AA 590 27.92 -37.24 5.63
C GLY AA 590 29.37 -37.33 5.22
N ALA AA 591 30.25 -37.58 6.20
CA ALA AA 591 31.67 -37.49 5.96
C ALA AA 591 32.12 -38.57 4.99
N LYS AA 592 32.37 -38.18 3.73
CA LYS AA 592 32.81 -39.13 2.73
C LYS AA 592 34.21 -39.66 3.04
N MET AA 593 35.12 -38.77 3.42
CA MET AA 593 36.53 -39.10 3.59
C MET AA 593 37.10 -38.26 4.71
N SER AA 594 38.25 -38.69 5.24
CA SER AA 594 38.97 -37.89 6.19
C SER AA 594 39.52 -36.65 5.51
N ARG AA 595 39.96 -35.69 6.33
CA ARG AA 595 40.46 -34.44 5.78
C ARG AA 595 41.69 -34.66 4.89
N GLU AA 596 42.63 -35.49 5.35
CA GLU AA 596 43.80 -35.77 4.54
C GLU AA 596 43.44 -36.52 3.28
N GLU AA 597 42.35 -37.30 3.34
CA GLU AA 597 41.93 -38.00 2.13
C GLU AA 597 41.25 -37.05 1.14
N THR AA 598 40.51 -36.06 1.63
CA THR AA 598 40.01 -35.03 0.71
C THR AA 598 41.15 -34.27 0.08
N ARG AA 599 42.17 -33.96 0.87
CA ARG AA 599 43.36 -33.30 0.33
C ARG AA 599 43.99 -34.15 -0.76
N TYR AA 600 44.15 -35.45 -0.50
CA TYR AA 600 44.71 -36.34 -1.51
C TYR AA 600 43.84 -36.36 -2.77
N THR AA 601 42.52 -36.44 -2.61
CA THR AA 601 41.67 -36.53 -3.78
C THR AA 601 41.77 -35.28 -4.63
N ILE AA 602 41.82 -34.11 -3.99
CA ILE AA 602 41.90 -32.87 -4.75
C ILE AA 602 43.25 -32.74 -5.44
N TYR AA 603 44.33 -33.07 -4.74
CA TYR AA 603 45.64 -33.01 -5.38
C TYR AA 603 45.73 -33.99 -6.54
N ARG AA 604 45.18 -35.19 -6.36
CA ARG AA 604 45.20 -36.18 -7.43
C ARG AA 604 44.37 -35.74 -8.62
N ARG AA 605 43.21 -35.14 -8.36
CA ARG AA 605 42.40 -34.60 -9.45
C ARG AA 605 43.16 -33.54 -10.22
N ALA AA 606 43.83 -32.64 -9.51
CA ALA AA 606 44.61 -31.61 -10.18
C ALA AA 606 45.73 -32.23 -11.02
N ALA AA 607 46.43 -33.23 -10.46
CA ALA AA 607 47.54 -33.82 -11.19
C ALA AA 607 47.06 -34.59 -12.42
N LEU AA 608 45.97 -35.36 -12.28
CA LEU AA 608 45.44 -36.08 -13.42
C LEU AA 608 44.94 -35.13 -14.49
N ALA AA 609 44.32 -34.01 -14.08
CA ALA AA 609 43.88 -33.02 -15.06
C ALA AA 609 45.07 -32.38 -15.75
N ILE AA 610 46.18 -32.19 -15.03
CA ILE AA 610 47.38 -31.67 -15.65
C ILE AA 610 47.89 -32.63 -16.71
N GLU AA 611 47.93 -33.92 -16.39
CA GLU AA 611 48.46 -34.90 -17.35
C GLU AA 611 47.48 -35.14 -18.49
N ARG AA 612 46.20 -35.27 -18.20
CA ARG AA 612 45.19 -35.43 -19.24
C ARG AA 612 44.29 -34.22 -19.23
N PRO AA 613 44.47 -33.26 -20.15
CA PRO AA 613 43.69 -32.03 -20.09
C PRO AA 613 42.20 -32.22 -20.27
N GLU AA 614 41.75 -33.35 -20.80
CA GLU AA 614 40.32 -33.57 -20.97
C GLU AA 614 39.61 -33.70 -19.63
N LEU AA 615 40.36 -33.98 -18.56
CA LEU AA 615 39.76 -34.09 -17.24
C LEU AA 615 39.47 -32.73 -16.62
N GLN AA 616 39.98 -31.65 -17.21
CA GLN AA 616 39.84 -30.34 -16.60
C GLN AA 616 38.40 -29.83 -16.63
N LYS AA 617 37.59 -30.29 -17.58
CA LYS AA 617 36.18 -29.91 -17.57
C LYS AA 617 35.42 -30.53 -16.42
N ALA AA 618 36.00 -31.53 -15.76
CA ALA AA 618 35.39 -32.16 -14.61
C ALA AA 618 35.75 -31.51 -13.28
N LEU AA 619 36.66 -30.55 -13.28
CA LEU AA 619 37.03 -29.88 -12.05
C LEU AA 619 36.09 -28.73 -11.74
N THR AA 620 35.75 -28.59 -10.46
CA THR AA 620 35.05 -27.42 -10.01
C THR AA 620 35.97 -26.21 -10.11
N PRO AA 621 35.42 -25.00 -10.11
CA PRO AA 621 36.28 -23.82 -10.27
C PRO AA 621 37.41 -23.74 -9.25
N SER AA 622 37.17 -24.17 -8.02
CA SER AA 622 38.22 -24.13 -7.00
C SER AA 622 39.32 -25.13 -7.30
N GLU AA 623 38.96 -26.37 -7.64
CA GLU AA 623 39.98 -27.33 -8.06
C GLU AA 623 40.64 -26.89 -9.34
N ARG AA 624 39.92 -26.17 -10.19
CA ARG AA 624 40.54 -25.60 -11.39
C ARG AA 624 41.63 -24.62 -11.02
N ILE AA 625 41.39 -23.76 -10.02
CA ILE AA 625 42.41 -22.84 -9.54
C ILE AA 625 43.59 -23.60 -8.96
N VAL AA 626 43.31 -24.64 -8.18
CA VAL AA 626 44.38 -25.45 -7.60
C VAL AA 626 45.24 -26.04 -8.71
N MET AA 627 44.60 -26.60 -9.73
CA MET AA 627 45.33 -27.24 -10.82
C MET AA 627 46.14 -26.21 -11.58
N ASP AA 628 45.60 -25.01 -11.76
CA ASP AA 628 46.35 -23.96 -12.44
C ASP AA 628 47.60 -23.57 -11.66
N ILE AA 629 47.47 -23.46 -10.33
CA ILE AA 629 48.63 -23.13 -9.51
C ILE AA 629 49.69 -24.21 -9.61
N ILE AA 630 49.28 -25.48 -9.47
CA ILE AA 630 50.24 -26.57 -9.50
C ILE AA 630 50.90 -26.69 -10.88
N LYS AA 631 50.09 -26.55 -11.93
CA LYS AA 631 50.62 -26.60 -13.29
C LYS AA 631 51.61 -25.50 -13.54
N ARG AA 632 51.28 -24.28 -13.11
CA ARG AA 632 52.20 -23.16 -13.32
C ARG AA 632 53.49 -23.38 -12.56
N HIS AA 633 53.40 -23.87 -11.32
CA HIS AA 633 54.60 -24.14 -10.54
C HIS AA 633 55.50 -25.15 -11.25
N PHE AA 634 54.93 -26.26 -11.70
CA PHE AA 634 55.74 -27.31 -12.29
C PHE AA 634 56.28 -26.89 -13.66
N ASP AA 635 55.50 -26.12 -14.41
CA ASP AA 635 55.97 -25.57 -15.67
C ASP AA 635 57.14 -24.63 -15.46
N THR AA 636 57.07 -23.79 -14.42
CA THR AA 636 58.18 -22.89 -14.11
C THR AA 636 59.42 -23.67 -13.69
N LYS AA 637 59.25 -24.68 -12.85
CA LYS AA 637 60.40 -25.47 -12.44
C LYS AA 637 61.06 -26.14 -13.64
N ARG AA 638 60.25 -26.71 -14.53
CA ARG AA 638 60.80 -27.33 -15.72
C ARG AA 638 61.54 -26.30 -16.57
N GLU AA 639 60.99 -25.09 -16.68
CA GLU AA 639 61.62 -24.07 -17.49
C GLU AA 639 62.97 -23.67 -16.91
N LEU AA 640 63.07 -23.64 -15.58
CA LEU AA 640 64.35 -23.31 -14.94
C LEU AA 640 65.36 -24.44 -15.08
N MET AA 641 64.92 -25.70 -15.01
CA MET AA 641 65.87 -26.78 -15.26
C MET AA 641 66.33 -26.81 -16.71
N GLU AA 642 65.41 -26.58 -17.66
CA GLU AA 642 65.78 -26.63 -19.06
C GLU AA 642 66.74 -25.52 -19.44
N ASN AA 643 66.60 -24.33 -18.85
CA ASN AA 643 67.42 -23.18 -19.17
C ASN AA 643 67.99 -22.63 -17.88
N PRO AA 644 68.94 -23.34 -17.27
CA PRO AA 644 69.56 -22.84 -16.04
C PRO AA 644 70.55 -21.73 -16.30
N ALA AA 645 70.81 -21.41 -17.56
CA ALA AA 645 71.58 -20.24 -17.94
C ALA AA 645 70.75 -18.97 -17.88
N ILE AA 646 69.47 -19.08 -17.47
CA ILE AA 646 68.66 -17.88 -17.26
C ILE AA 646 69.25 -17.05 -16.13
N PHE AA 647 70.04 -17.69 -15.27
CA PHE AA 647 70.83 -16.99 -14.28
C PHE AA 647 72.14 -16.55 -14.93
N GLY AA 648 73.14 -16.19 -14.12
CA GLY AA 648 74.33 -15.56 -14.67
C GLY AA 648 75.10 -16.42 -15.64
N ASN AA 649 75.25 -17.71 -15.33
CA ASN AA 649 76.17 -18.56 -16.08
C ASN AA 649 75.63 -18.81 -17.47
N THR AA 650 76.49 -18.65 -18.48
CA THR AA 650 76.07 -18.92 -19.85
C THR AA 650 76.34 -20.36 -20.25
N LYS AA 651 77.31 -21.01 -19.61
CA LYS AA 651 77.59 -22.42 -19.89
C LYS AA 651 76.84 -23.32 -18.91
N ALA AA 652 75.55 -23.06 -18.78
CA ALA AA 652 74.66 -23.87 -17.97
C ALA AA 652 73.60 -24.45 -18.90
N VAL AA 653 73.43 -25.77 -18.86
CA VAL AA 653 72.67 -26.44 -19.91
C VAL AA 653 71.79 -27.55 -19.34
N SER AA 654 70.48 -27.32 -19.32
CA SER AA 654 69.45 -28.35 -19.33
C SER AA 654 69.73 -29.50 -18.35
N ILE AA 655 69.66 -29.18 -17.06
CA ILE AA 655 69.71 -30.24 -16.06
C ILE AA 655 68.45 -31.11 -16.12
N PHE AA 656 67.45 -30.69 -16.89
CA PHE AA 656 66.22 -31.46 -17.04
C PHE AA 656 66.48 -32.76 -17.80
N PRO AA 657 65.89 -33.88 -17.35
CA PRO AA 657 66.32 -35.18 -17.90
C PRO AA 657 65.96 -35.41 -19.36
N GLU AA 658 64.69 -35.24 -19.73
CA GLU AA 658 64.22 -35.65 -21.05
C GLU AA 658 63.42 -34.52 -21.67
N SER AA 659 64.10 -33.61 -22.34
CA SER AA 659 63.41 -32.60 -23.12
C SER AA 659 62.80 -33.24 -24.36
N ARG AA 660 62.18 -32.41 -25.20
CA ARG AA 660 61.43 -32.85 -26.38
C ARG AA 660 60.18 -33.61 -25.97
N HIS AA 661 59.96 -33.78 -24.67
CA HIS AA 661 58.71 -34.29 -24.12
C HIS AA 661 57.96 -33.08 -23.58
N LYS AA 662 57.25 -32.40 -24.46
CA LYS AA 662 56.74 -31.07 -24.17
C LYS AA 662 55.41 -31.19 -23.44
N GLY AA 663 55.47 -31.19 -22.11
CA GLY AA 663 54.28 -31.23 -21.29
C GLY AA 663 54.64 -31.07 -19.83
N THR AA 664 53.66 -30.64 -19.05
CA THR AA 664 53.91 -30.39 -17.64
C THR AA 664 54.30 -31.67 -16.93
N TYR AA 665 55.45 -31.64 -16.28
CA TYR AA 665 55.97 -32.80 -15.56
C TYR AA 665 55.56 -32.72 -14.11
N VAL AA 666 54.51 -33.44 -13.75
CA VAL AA 666 54.16 -33.71 -12.36
C VAL AA 666 55.05 -34.86 -11.89
N PRO AA 667 55.81 -34.69 -10.82
CA PRO AA 667 56.84 -35.68 -10.49
C PRO AA 667 56.27 -37.08 -10.32
N HIS AA 668 56.96 -38.05 -10.90
CA HIS AA 668 56.60 -39.46 -10.76
C HIS AA 668 57.27 -39.96 -9.48
N VAL AA 669 56.45 -40.19 -8.47
CA VAL AA 669 56.90 -40.81 -7.23
C VAL AA 669 55.89 -41.91 -6.90
N TYR AA 670 56.40 -43.09 -6.57
CA TYR AA 670 55.59 -44.27 -6.44
C TYR AA 670 55.49 -44.68 -4.98
N ASP AA 671 54.28 -44.99 -4.54
CA ASP AA 671 54.07 -45.36 -3.15
C ASP AA 671 54.83 -46.65 -2.85
N ARG AA 672 55.49 -46.68 -1.70
CA ARG AA 672 56.17 -47.89 -1.25
C ARG AA 672 55.17 -49.02 -1.08
N HIS AA 673 54.01 -48.71 -0.50
CA HIS AA 673 53.07 -49.77 -0.12
C HIS AA 673 52.18 -50.16 -1.29
N ALA AA 674 51.98 -49.28 -2.26
CA ALA AA 674 51.34 -49.72 -3.50
C ALA AA 674 52.19 -50.76 -4.20
N LYS AA 675 53.50 -50.52 -4.29
CA LYS AA 675 54.40 -51.52 -4.84
C LYS AA 675 54.41 -52.77 -3.97
N ALA AA 676 54.35 -52.60 -2.66
CA ALA AA 676 54.33 -53.77 -1.77
C ALA AA 676 53.12 -54.63 -2.01
N LEU AA 677 51.94 -54.01 -2.19
CA LEU AA 677 50.74 -54.76 -2.50
C LEU AA 677 50.84 -55.44 -3.85
N MET AA 678 51.35 -54.74 -4.86
CA MET AA 678 51.52 -55.33 -6.18
C MET AA 678 52.66 -56.34 -6.24
N ILE AA 679 53.42 -56.49 -5.17
CA ILE AA 679 54.36 -57.59 -5.02
C ILE AA 679 53.79 -58.74 -4.20
N GLN AA 680 52.86 -58.47 -3.27
CA GLN AA 680 52.23 -59.56 -2.53
C GLN AA 680 51.64 -60.60 -3.48
N ARG AA 681 51.08 -60.16 -4.59
CA ARG AA 681 50.81 -61.01 -5.74
C ARG AA 681 51.60 -60.44 -6.90
N TYR AA 682 52.05 -61.32 -7.80
CA TYR AA 682 52.91 -60.92 -8.91
C TYR AA 682 54.20 -60.31 -8.39
N GLY AA 683 55.01 -61.14 -7.75
CA GLY AA 683 56.03 -60.62 -6.85
C GLY AA 683 56.93 -59.58 -7.48
N ALA AA 684 57.83 -59.99 -8.37
CA ALA AA 684 58.79 -59.01 -8.87
C ALA AA 684 58.67 -58.87 -10.38
N GLU AA 685 58.74 -60.00 -11.09
CA GLU AA 685 58.63 -59.95 -12.53
C GLU AA 685 57.20 -59.61 -12.94
N GLY AA 686 56.22 -59.98 -12.11
CA GLY AA 686 54.85 -59.63 -12.42
C GLY AA 686 54.59 -58.14 -12.40
N LEU AA 687 55.08 -57.45 -11.36
CA LEU AA 687 54.90 -56.02 -11.28
C LEU AA 687 55.70 -55.31 -12.37
N GLN AA 688 56.92 -55.76 -12.64
CA GLN AA 688 57.71 -55.18 -13.71
C GLN AA 688 57.00 -55.32 -15.04
N GLU AA 689 56.47 -56.51 -15.32
CA GLU AA 689 55.78 -56.72 -16.58
C GLU AA 689 54.51 -55.90 -16.66
N GLY AA 690 53.80 -55.73 -15.54
CA GLY AA 690 52.63 -54.89 -15.54
C GLY AA 690 52.95 -53.44 -15.85
N ILE AA 691 53.99 -52.92 -15.21
CA ILE AA 691 54.39 -51.54 -15.46
C ILE AA 691 54.78 -51.36 -16.92
N ALA AA 692 55.62 -52.27 -17.43
CA ALA AA 692 56.08 -52.17 -18.80
C ALA AA 692 54.91 -52.27 -19.77
N ARG AA 693 53.96 -53.16 -19.48
CA ARG AA 693 52.86 -53.39 -20.40
C ARG AA 693 51.89 -52.23 -20.41
N SER AA 694 51.67 -51.59 -19.25
CA SER AA 694 50.85 -50.38 -19.24
C SER AA 694 51.54 -49.26 -20.01
N TRP AA 695 52.85 -49.12 -19.85
CA TRP AA 695 53.59 -48.15 -20.65
C TRP AA 695 53.46 -48.43 -22.14
N MET AA 696 53.54 -49.70 -22.52
CA MET AA 696 53.37 -50.07 -23.92
C MET AA 696 51.95 -49.79 -24.41
N ASN AA 697 50.95 -49.97 -23.53
CA ASN AA 697 49.61 -49.57 -23.92
C ASN AA 697 49.57 -48.10 -24.27
N SER AA 698 50.24 -47.28 -23.48
CA SER AA 698 50.37 -45.87 -23.83
C SER AA 698 51.07 -45.68 -25.16
N TYR AA 699 52.15 -46.44 -25.39
CA TYR AA 699 52.97 -46.26 -26.58
C TYR AA 699 52.18 -46.58 -27.85
N VAL AA 700 51.51 -47.72 -27.86
CA VAL AA 700 50.76 -48.14 -29.05
C VAL AA 700 49.51 -47.29 -29.19
N SER AA 701 48.91 -46.87 -28.08
CA SER AA 701 47.65 -46.13 -28.16
C SER AA 701 47.83 -44.74 -28.72
N ARG AA 702 48.82 -43.99 -28.22
CA ARG AA 702 48.89 -42.59 -28.58
C ARG AA 702 50.07 -42.31 -29.50
N PRO AA 703 49.83 -41.67 -30.64
CA PRO AA 703 50.92 -41.46 -31.60
C PRO AA 703 51.99 -40.49 -31.13
N GLU AA 704 51.66 -39.55 -30.24
CA GLU AA 704 52.68 -38.65 -29.71
C GLU AA 704 53.67 -39.41 -28.85
N VAL AA 705 53.18 -40.33 -28.02
CA VAL AA 705 54.07 -41.16 -27.22
C VAL AA 705 54.97 -41.98 -28.12
N LYS AA 706 54.39 -42.59 -29.16
CA LYS AA 706 55.18 -43.37 -30.10
C LYS AA 706 56.24 -42.50 -30.77
N ALA AA 707 55.88 -41.29 -31.16
CA ALA AA 707 56.82 -40.40 -31.82
C ALA AA 707 58.00 -40.09 -30.91
N ARG AA 708 57.74 -39.66 -29.68
CA ARG AA 708 58.84 -39.24 -28.82
C ARG AA 708 59.69 -40.44 -28.39
N VAL AA 709 59.05 -41.58 -28.12
CA VAL AA 709 59.82 -42.77 -27.75
C VAL AA 709 60.68 -43.23 -28.90
N ASP AA 710 60.14 -43.21 -30.12
CA ASP AA 710 60.92 -43.61 -31.29
C ASP AA 710 62.09 -42.66 -31.51
N GLU AA 711 61.87 -41.35 -31.32
CA GLU AA 711 62.97 -40.41 -31.46
C GLU AA 711 64.07 -40.70 -30.46
N MET AA 712 63.69 -40.92 -29.20
CA MET AA 712 64.70 -41.21 -28.19
C MET AA 712 65.46 -42.49 -28.51
N LEU AA 713 64.75 -43.53 -28.94
CA LEU AA 713 65.41 -44.81 -29.21
C LEU AA 713 66.31 -44.72 -30.42
N LYS AA 714 65.90 -43.96 -31.44
CA LYS AA 714 66.77 -43.73 -32.59
C LYS AA 714 68.05 -43.03 -32.15
N GLU AA 715 67.91 -42.01 -31.31
CA GLU AA 715 69.10 -41.30 -30.84
C GLU AA 715 69.98 -42.19 -29.98
N LEU AA 716 69.37 -43.03 -29.15
CA LEU AA 716 70.13 -43.86 -28.22
C LEU AA 716 70.88 -44.97 -28.94
N HIS AA 717 70.21 -45.72 -29.81
CA HIS AA 717 70.84 -46.86 -30.47
C HIS AA 717 71.43 -46.51 -31.82
N GLY AA 718 71.29 -45.27 -32.28
CA GLY AA 718 71.87 -44.88 -33.55
C GLY AA 718 71.38 -45.69 -34.73
N VAL AA 719 70.10 -46.05 -34.73
CA VAL AA 719 69.49 -46.82 -35.81
C VAL AA 719 68.31 -46.03 -36.35
N LYS AA 720 68.19 -45.98 -37.68
CA LYS AA 720 67.16 -45.16 -38.30
C LYS AA 720 65.77 -45.68 -37.99
N GLU AA 721 65.63 -46.99 -37.79
CA GLU AA 721 64.33 -47.60 -37.55
C GLU AA 721 64.32 -48.28 -36.19
N VAL AA 722 63.15 -48.29 -35.55
CA VAL AA 722 62.98 -48.86 -34.23
C VAL AA 722 62.06 -50.07 -34.34
N THR AA 723 62.53 -51.23 -33.92
CA THR AA 723 61.70 -52.41 -33.87
C THR AA 723 60.96 -52.47 -32.53
N PRO AA 724 59.77 -53.07 -32.50
CA PRO AA 724 59.04 -53.17 -31.23
C PRO AA 724 59.81 -53.90 -30.14
N GLU AA 725 60.75 -54.76 -30.50
CA GLU AA 725 61.60 -55.39 -29.49
C GLU AA 725 62.40 -54.33 -28.74
N MET AA 726 62.88 -53.31 -29.44
CA MET AA 726 63.64 -52.25 -28.79
C MET AA 726 62.79 -51.50 -27.76
N VAL AA 727 61.58 -51.11 -28.13
CA VAL AA 727 60.74 -50.35 -27.20
C VAL AA 727 60.30 -51.22 -26.05
N GLU AA 728 60.04 -52.50 -26.30
CA GLU AA 728 59.70 -53.41 -25.21
C GLU AA 728 60.87 -53.54 -24.23
N LYS AA 729 62.09 -53.68 -24.75
CA LYS AA 729 63.25 -53.78 -23.87
C LYS AA 729 63.47 -52.50 -23.09
N TYR AA 730 63.26 -51.35 -23.74
CA TYR AA 730 63.37 -50.07 -23.04
C TYR AA 730 62.36 -49.97 -21.92
N ALA AA 731 61.10 -50.35 -22.19
CA ALA AA 731 60.07 -50.29 -21.17
C ALA AA 731 60.39 -51.22 -20.02
N MET AA 732 60.89 -52.43 -20.32
CA MET AA 732 61.23 -53.36 -19.26
C MET AA 732 62.39 -52.84 -18.41
N ASP AA 733 63.41 -52.27 -19.05
CA ASP AA 733 64.53 -51.71 -18.30
C ASP AA 733 64.10 -50.56 -17.40
N LYS AA 734 63.22 -49.70 -17.91
CA LYS AA 734 62.76 -48.59 -17.08
C LYS AA 734 61.83 -49.05 -15.97
N ALA AA 735 61.04 -50.11 -16.22
CA ALA AA 735 60.16 -50.63 -15.19
C ALA AA 735 60.93 -51.38 -14.12
N TYR AA 736 62.11 -51.89 -14.45
CA TYR AA 736 62.95 -52.53 -13.45
C TYR AA 736 63.31 -51.55 -12.34
N GLY AA 737 63.53 -50.29 -12.70
CA GLY AA 737 63.87 -49.29 -11.70
C GLY AA 737 62.79 -49.09 -10.66
N ILE AA 738 61.52 -49.30 -11.05
CA ILE AA 738 60.43 -49.19 -10.09
C ILE AA 738 60.25 -50.51 -9.35
N SER AA 739 60.24 -51.62 -10.08
CA SER AA 739 59.85 -52.89 -9.49
C SER AA 739 60.90 -53.43 -8.55
N HIS AA 740 62.18 -53.38 -8.95
CA HIS AA 740 63.25 -54.00 -8.18
C HIS AA 740 64.14 -53.00 -7.47
N SER AA 741 63.73 -51.75 -7.38
CA SER AA 741 64.49 -50.74 -6.65
C SER AA 741 63.52 -49.79 -5.98
N ASP AA 742 63.95 -49.25 -4.84
CA ASP AA 742 63.14 -48.30 -4.10
C ASP AA 742 63.67 -46.88 -4.25
N GLN AA 743 64.42 -46.62 -5.32
CA GLN AA 743 64.99 -45.29 -5.54
C GLN AA 743 63.90 -44.28 -5.84
N PHE AA 744 62.85 -44.68 -6.56
CA PHE AA 744 61.81 -43.76 -6.99
C PHE AA 744 60.63 -43.71 -6.04
N THR AA 745 60.68 -44.44 -4.93
CA THR AA 745 59.58 -44.45 -3.97
C THR AA 745 59.67 -43.23 -3.05
N ASN AA 746 58.86 -43.25 -2.00
CA ASN AA 746 58.87 -42.17 -1.02
C ASN AA 746 60.25 -42.04 -0.40
N SER AA 747 60.68 -43.05 0.35
CA SER AA 747 62.07 -43.21 0.80
C SER AA 747 62.64 -41.92 1.37
N SER AA 748 61.94 -41.37 2.36
CA SER AA 748 62.46 -40.18 3.05
C SER AA 748 63.59 -40.55 3.99
N ILE AA 749 63.61 -41.79 4.48
CA ILE AA 749 64.57 -42.16 5.52
C ILE AA 749 65.99 -42.21 4.97
N ILE AA 750 66.16 -42.70 3.75
CA ILE AA 750 67.49 -42.72 3.16
C ILE AA 750 67.99 -41.31 2.89
N GLU AA 751 67.09 -40.40 2.53
CA GLU AA 751 67.47 -39.00 2.38
C GLU AA 751 67.79 -38.36 3.73
N GLU AA 752 67.21 -38.91 4.81
CA GLU AA 752 67.52 -38.38 6.14
C GLU AA 752 69.00 -38.57 6.47
N ASN AA 753 69.62 -39.62 5.94
CA ASN AA 753 71.05 -39.82 6.10
C ASN AA 753 71.82 -38.82 5.23
N ILE AA 754 72.93 -38.31 5.76
CA ILE AA 754 73.64 -37.21 5.12
C ILE AA 754 75.08 -37.56 4.75
N GLU AA 755 75.66 -38.61 5.31
CA GLU AA 755 77.10 -38.81 5.22
C GLU AA 755 77.53 -39.23 3.80
N GLY AA 756 78.69 -38.75 3.39
CA GLY AA 756 79.38 -39.25 2.21
C GLY AA 756 79.05 -38.56 0.91
N LEU AA 757 78.01 -37.74 0.86
CA LEU AA 757 77.51 -37.09 -0.37
C LEU AA 757 77.17 -38.09 -1.47
N VAL AA 758 76.73 -39.30 -1.12
CA VAL AA 758 76.42 -40.28 -2.15
C VAL AA 758 75.13 -39.91 -2.87
N GLY AA 759 74.10 -39.53 -2.10
CA GLY AA 759 72.78 -39.37 -2.69
C GLY AA 759 72.54 -38.02 -3.32
N ILE AA 760 73.51 -37.10 -3.16
CA ILE AA 760 73.35 -35.78 -3.78
C ILE AA 760 73.39 -35.91 -5.30
N GLU AA 761 74.23 -36.81 -5.80
CA GLU AA 761 74.13 -37.23 -7.18
C GLU AA 761 72.83 -38.02 -7.35
N ASN AA 762 72.38 -38.16 -8.59
CA ASN AA 762 71.22 -38.99 -8.88
C ASN AA 762 69.95 -38.49 -8.22
N ASN AA 763 69.47 -37.32 -8.64
CA ASN AA 763 68.13 -36.86 -8.28
C ASN AA 763 67.10 -37.89 -8.69
N SER AA 764 66.27 -38.30 -7.73
CA SER AA 764 65.29 -39.36 -7.99
C SER AA 764 64.10 -38.84 -8.78
N PHE AA 765 63.69 -37.60 -8.52
CA PHE AA 765 62.51 -37.04 -9.18
C PHE AA 765 62.74 -36.93 -10.68
N LEU AA 766 63.95 -36.56 -11.09
CA LEU AA 766 64.23 -36.44 -12.51
C LEU AA 766 64.44 -37.80 -13.17
N GLU AA 767 64.99 -38.76 -12.43
CA GLU AA 767 65.22 -40.07 -13.04
C GLU AA 767 63.94 -40.90 -13.10
N ALA AA 768 62.94 -40.54 -12.31
CA ALA AA 768 61.65 -41.23 -12.41
C ALA AA 768 60.95 -40.88 -13.71
N ARG AA 769 61.42 -39.84 -14.39
CA ARG AA 769 60.87 -39.39 -15.66
C ARG AA 769 61.00 -40.45 -16.74
N ASN AA 770 59.92 -40.67 -17.48
CA ASN AA 770 59.91 -41.57 -18.62
C ASN AA 770 59.04 -40.96 -19.70
N LEU AA 771 59.18 -41.47 -20.93
CA LEU AA 771 58.44 -40.91 -22.05
C LEU AA 771 57.05 -41.52 -22.21
N PHE AA 772 56.77 -42.60 -21.52
CA PHE AA 772 55.46 -43.23 -21.62
C PHE AA 772 54.44 -42.48 -20.76
N ASP AA 773 53.17 -42.87 -20.92
CA ASP AA 773 52.10 -42.36 -20.07
C ASP AA 773 51.63 -43.46 -19.14
N SER AA 774 51.59 -43.15 -17.85
CA SER AA 774 51.17 -44.09 -16.83
C SER AA 774 49.66 -44.21 -16.73
N ASP AA 775 48.93 -43.78 -17.75
CA ASP AA 775 47.50 -43.56 -17.62
C ASP AA 775 46.72 -44.82 -17.95
N LEU AA 776 47.08 -45.50 -19.03
CA LEU AA 776 46.35 -46.68 -19.47
C LEU AA 776 46.70 -47.88 -18.61
N SER AA 777 45.72 -48.76 -18.44
CA SER AA 777 45.83 -49.90 -17.53
C SER AA 777 45.90 -51.20 -18.29
N ILE AA 778 46.62 -52.16 -17.73
CA ILE AA 778 46.79 -53.49 -18.31
C ILE AA 778 46.16 -54.48 -17.34
N THR AA 779 45.48 -55.50 -17.87
CA THR AA 779 44.93 -56.52 -17.01
C THR AA 779 46.01 -57.52 -16.62
N MET AA 780 46.12 -57.79 -15.34
CA MET AA 780 47.10 -58.71 -14.81
C MET AA 780 46.61 -60.13 -15.06
N PRO AA 781 47.48 -61.14 -14.88
CA PRO AA 781 47.07 -62.53 -15.18
C PRO AA 781 45.79 -62.97 -14.49
N ASP AA 782 45.47 -62.42 -13.33
CA ASP AA 782 44.20 -62.77 -12.70
C ASP AA 782 43.03 -61.97 -13.24
N GLY AA 783 43.24 -61.16 -14.27
CA GLY AA 783 42.17 -60.39 -14.87
C GLY AA 783 41.95 -59.04 -14.26
N GLN AA 784 42.63 -58.71 -13.16
CA GLN AA 784 42.32 -57.46 -12.52
C GLN AA 784 43.23 -56.39 -13.13
N GLN AA 785 42.74 -55.16 -13.16
CA GLN AA 785 43.36 -54.10 -13.95
C GLN AA 785 44.35 -53.30 -13.13
N PHE AA 786 45.52 -53.03 -13.72
CA PHE AA 786 46.56 -52.23 -13.09
C PHE AA 786 47.14 -51.24 -14.10
N SER AA 787 47.25 -49.99 -13.68
CA SER AA 787 47.96 -48.97 -14.45
C SER AA 787 49.04 -48.36 -13.57
N VAL AA 788 50.09 -47.84 -14.21
CA VAL AA 788 51.22 -47.31 -13.46
C VAL AA 788 50.79 -46.12 -12.61
N ASN AA 789 49.72 -45.42 -13.02
CA ASN AA 789 49.20 -44.34 -12.20
C ASN AA 789 48.73 -44.83 -10.84
N ASP AA 790 48.37 -46.12 -10.76
CA ASP AA 790 47.94 -46.66 -9.48
C ASP AA 790 49.09 -46.71 -8.48
N LEU AA 791 50.32 -46.83 -8.97
CA LEU AA 791 51.47 -46.85 -8.09
C LEU AA 791 51.81 -45.44 -7.60
N ARG AA 792 51.52 -44.43 -8.41
CA ARG AA 792 52.07 -43.10 -8.16
C ARG AA 792 51.50 -42.49 -6.90
N ASP AA 793 52.33 -41.70 -6.24
CA ASP AA 793 51.93 -40.92 -5.07
C ASP AA 793 51.70 -39.49 -5.51
N PHE AA 794 50.46 -39.04 -5.37
CA PHE AA 794 50.09 -37.65 -5.52
C PHE AA 794 50.16 -37.00 -4.16
N ASP AA 795 49.40 -35.93 -3.95
CA ASP AA 795 49.22 -35.18 -2.71
C ASP AA 795 50.17 -34.03 -2.45
N MET AA 796 51.21 -33.79 -3.26
CA MET AA 796 51.95 -32.53 -3.23
C MET AA 796 52.07 -31.91 -1.84
N PHE AA 797 52.09 -32.77 -0.82
CA PHE AA 797 52.24 -32.36 0.55
C PHE AA 797 53.61 -32.85 0.97
N ARG AA 798 53.98 -34.10 0.66
CA ARG AA 798 55.36 -34.51 0.77
C ARG AA 798 56.04 -34.40 -0.58
N ILE AA 799 55.25 -34.27 -1.65
CA ILE AA 799 55.78 -34.53 -2.99
C ILE AA 799 56.30 -33.25 -3.62
N MET AA 800 55.44 -32.24 -3.69
CA MET AA 800 55.87 -30.95 -4.25
C MET AA 800 57.01 -30.33 -3.45
N PRO AA 801 56.96 -30.27 -2.10
CA PRO AA 801 58.13 -29.74 -1.37
C PRO AA 801 59.42 -30.51 -1.60
N ALA AA 802 59.39 -31.85 -1.60
CA ALA AA 802 60.63 -32.60 -1.77
C ALA AA 802 61.17 -32.47 -3.19
N TYR AA 803 60.28 -32.53 -4.17
CA TYR AA 803 60.67 -32.27 -5.55
C TYR AA 803 61.32 -30.92 -5.65
N ASP AA 804 60.74 -29.92 -4.99
CA ASP AA 804 61.29 -28.57 -5.02
C ASP AA 804 62.66 -28.53 -4.37
N ARG AA 805 62.83 -29.20 -3.23
CA ARG AA 805 64.13 -29.20 -2.59
C ARG AA 805 65.21 -29.73 -3.52
N ARG AA 806 64.98 -30.91 -4.09
CA ARG AA 806 65.99 -31.51 -4.96
C ARG AA 806 66.24 -30.66 -6.20
N VAL AA 807 65.17 -30.23 -6.87
CA VAL AA 807 65.36 -29.54 -8.15
C VAL AA 807 65.91 -28.14 -7.93
N ASN AA 808 65.56 -27.50 -6.81
CA ASN AA 808 66.18 -26.21 -6.50
C ASN AA 808 67.66 -26.38 -6.25
N GLY AA 809 68.06 -27.45 -5.56
CA GLY AA 809 69.48 -27.70 -5.40
C GLY AA 809 70.18 -27.88 -6.73
N ASP AA 810 69.59 -28.69 -7.62
CA ASP AA 810 70.20 -28.92 -8.93
C ASP AA 810 70.26 -27.63 -9.75
N ILE AA 811 69.19 -26.85 -9.72
CA ILE AA 811 69.14 -25.60 -10.47
C ILE AA 811 70.17 -24.63 -9.95
N ALA AA 812 70.35 -24.57 -8.63
CA ALA AA 812 71.36 -23.69 -8.05
C ALA AA 812 72.75 -24.11 -8.49
N ILE AA 813 73.04 -25.42 -8.43
CA ILE AA 813 74.37 -25.88 -8.80
C ILE AA 813 74.66 -25.58 -10.27
N MET AA 814 73.69 -25.81 -11.14
CA MET AA 814 73.95 -25.59 -12.57
C MET AA 814 73.94 -24.10 -12.93
N GLY AA 815 73.10 -23.30 -12.28
CA GLY AA 815 73.04 -21.90 -12.61
C GLY AA 815 74.26 -21.15 -12.09
N SER AA 816 74.83 -21.59 -10.98
CA SER AA 816 76.02 -20.96 -10.45
C SER AA 816 77.26 -21.50 -11.14
N THR AA 817 77.49 -22.80 -11.00
CA THR AA 817 78.58 -23.47 -11.69
C THR AA 817 78.05 -24.08 -12.97
N GLY AA 818 78.84 -24.01 -14.04
CA GLY AA 818 78.40 -24.62 -15.28
C GLY AA 818 78.20 -26.12 -15.17
N LYS AA 819 78.67 -26.71 -14.07
CA LYS AA 819 78.71 -28.15 -13.92
C LYS AA 819 77.44 -28.68 -13.27
N THR AA 820 77.25 -29.99 -13.35
CA THR AA 820 76.12 -30.66 -12.74
C THR AA 820 76.41 -30.95 -11.27
N THR AA 821 75.42 -31.53 -10.58
CA THR AA 821 75.62 -31.93 -9.20
C THR AA 821 76.69 -33.01 -9.10
N LYS AA 822 76.68 -33.96 -10.03
CA LYS AA 822 77.69 -35.01 -10.01
C LYS AA 822 79.08 -34.41 -10.21
N GLU AA 823 79.26 -33.54 -11.20
CA GLU AA 823 80.58 -32.99 -11.48
C GLU AA 823 81.11 -32.20 -10.29
N LEU AA 824 80.24 -31.41 -9.66
CA LEU AA 824 80.65 -30.68 -8.47
C LEU AA 824 81.03 -31.63 -7.35
N LYS AA 825 80.26 -32.70 -7.17
CA LYS AA 825 80.60 -33.67 -6.13
C LYS AA 825 81.98 -34.27 -6.37
N ASP AA 826 82.25 -34.73 -7.59
CA ASP AA 826 83.55 -35.32 -7.87
C ASP AA 826 84.67 -34.29 -7.73
N GLU AA 827 84.46 -33.07 -8.17
CA GLU AA 827 85.52 -32.07 -8.06
C GLU AA 827 85.82 -31.74 -6.61
N ILE AA 828 84.78 -31.67 -5.77
CA ILE AA 828 84.99 -31.42 -4.34
C ILE AA 828 85.70 -32.58 -3.69
N LEU AA 829 85.33 -33.81 -4.06
CA LEU AA 829 86.06 -34.97 -3.54
C LEU AA 829 87.53 -34.94 -3.98
N ALA AA 830 87.78 -34.48 -5.21
CA ALA AA 830 89.16 -34.34 -5.67
C ALA AA 830 89.91 -33.32 -4.84
N LEU AA 831 89.28 -32.19 -4.53
CA LEU AA 831 89.92 -31.19 -3.68
C LEU AA 831 90.21 -31.75 -2.30
N LYS AA 832 89.28 -32.52 -1.75
CA LYS AA 832 89.52 -33.14 -0.45
C LYS AA 832 90.69 -34.11 -0.50
N ALA AA 833 90.72 -34.98 -1.52
CA ALA AA 833 91.81 -35.94 -1.66
C ALA AA 833 93.13 -35.24 -1.83
N LYS AA 834 93.14 -34.12 -2.56
CA LYS AA 834 94.37 -33.34 -2.70
C LYS AA 834 94.81 -32.78 -1.35
N ALA AA 835 93.96 -31.99 -0.72
CA ALA AA 835 94.30 -31.35 0.55
C ALA AA 835 93.81 -32.19 1.74
N GLU AA 836 94.14 -33.48 1.69
CA GLU AA 836 93.93 -34.34 2.85
C GLU AA 836 94.92 -34.00 3.97
N GLY AA 837 96.08 -33.46 3.61
CA GLY AA 837 97.09 -33.19 4.63
C GLY AA 837 96.74 -32.01 5.53
N ASP AA 838 96.38 -30.88 4.95
CA ASP AA 838 96.18 -29.64 5.70
C ASP AA 838 94.89 -29.70 6.49
N GLY AA 839 94.97 -29.42 7.79
CA GLY AA 839 93.76 -29.35 8.60
C GLY AA 839 92.89 -28.16 8.23
N LYS AA 840 93.53 -27.02 7.98
CA LYS AA 840 92.78 -25.82 7.57
C LYS AA 840 92.07 -26.05 6.25
N LYS AA 841 92.78 -26.59 5.27
CA LYS AA 841 92.17 -26.88 3.98
C LYS AA 841 91.09 -27.94 4.11
N THR AA 842 91.30 -28.94 4.96
CA THR AA 842 90.28 -29.96 5.16
C THR AA 842 89.02 -29.36 5.75
N GLY AA 843 89.16 -28.46 6.72
CA GLY AA 843 88.00 -27.77 7.25
C GLY AA 843 87.29 -26.93 6.22
N GLU AA 844 88.05 -26.27 5.34
CA GLU AA 844 87.44 -25.49 4.28
C GLU AA 844 86.67 -26.37 3.30
N VAL AA 845 87.25 -27.51 2.92
CA VAL AA 845 86.57 -28.42 2.01
C VAL AA 845 85.32 -28.99 2.67
N HIS AA 846 85.37 -29.21 3.99
CA HIS AA 846 84.18 -29.69 4.69
C HIS AA 846 83.10 -28.63 4.73
N ALA AA 847 83.48 -27.36 4.90
CA ALA AA 847 82.49 -26.29 4.82
C ALA AA 847 81.88 -26.23 3.42
N LEU AA 848 82.69 -26.45 2.39
CA LEU AA 848 82.18 -26.47 1.03
C LEU AA 848 81.20 -27.62 0.83
N MET AA 849 81.54 -28.80 1.35
CA MET AA 849 80.63 -29.94 1.30
C MET AA 849 79.33 -29.64 2.04
N ASP AA 850 79.43 -28.95 3.17
CA ASP AA 850 78.24 -28.54 3.90
C ASP AA 850 77.38 -27.60 3.07
N THR AA 851 78.02 -26.71 2.33
CA THR AA 851 77.29 -25.85 1.39
C THR AA 851 76.54 -26.67 0.36
N VAL AA 852 77.19 -27.68 -0.21
CA VAL AA 852 76.53 -28.53 -1.19
C VAL AA 852 75.35 -29.25 -0.57
N LYS AA 853 75.51 -29.73 0.66
CA LYS AA 853 74.42 -30.41 1.35
C LYS AA 853 73.25 -29.48 1.59
N ILE AA 854 73.52 -28.24 2.00
CA ILE AA 854 72.46 -27.25 2.16
C ILE AA 854 71.76 -26.99 0.84
N LEU AA 855 72.52 -26.81 -0.23
CA LEU AA 855 71.93 -26.49 -1.52
C LEU AA 855 71.04 -27.62 -2.02
N THR AA 856 71.56 -28.84 -2.03
CA THR AA 856 70.80 -29.97 -2.54
C THR AA 856 69.63 -30.35 -1.66
N GLY AA 857 69.49 -29.72 -0.50
CA GLY AA 857 68.39 -30.01 0.39
C GLY AA 857 68.62 -31.15 1.35
N ARG AA 858 69.86 -31.63 1.44
CA ARG AA 858 70.16 -32.72 2.36
C ARG AA 858 69.89 -32.27 3.79
N ALA AA 859 70.66 -31.29 4.28
CA ALA AA 859 70.31 -30.38 5.37
C ALA AA 859 69.40 -30.98 6.44
N ARG AA 860 68.16 -30.47 6.50
CA ARG AA 860 67.07 -30.79 7.42
C ARG AA 860 66.99 -29.70 8.49
N ARG AA 861 66.04 -28.78 8.34
CA ARG AA 861 65.96 -27.61 9.19
C ARG AA 861 65.25 -27.85 10.52
N ASN AA 862 64.46 -28.92 10.61
CA ASN AA 862 63.66 -29.26 11.80
C ASN AA 862 62.43 -28.37 11.92
N GLN AA 863 61.52 -28.75 12.82
CA GLN AA 863 60.29 -27.99 13.01
C GLN AA 863 60.57 -26.66 13.72
N ASP AA 864 61.63 -26.61 14.52
CA ASP AA 864 61.84 -25.46 15.41
C ASP AA 864 62.19 -24.18 14.65
N THR AA 865 62.59 -24.28 13.39
CA THR AA 865 62.94 -23.06 12.65
C THR AA 865 61.71 -22.19 12.41
N VAL AA 866 60.52 -22.77 12.51
CA VAL AA 866 59.31 -22.00 12.22
C VAL AA 866 59.14 -20.87 13.22
N TRP AA 867 59.22 -21.19 14.52
CA TRP AA 867 58.95 -20.19 15.53
C TRP AA 867 60.11 -19.22 15.71
N GLU AA 868 61.34 -19.69 15.50
CA GLU AA 868 62.47 -18.77 15.57
C GLU AA 868 62.48 -17.82 14.37
N THR AA 869 62.14 -18.34 13.19
CA THR AA 869 61.97 -17.47 12.03
C THR AA 869 60.86 -16.46 12.27
N SER AA 870 59.76 -16.90 12.88
CA SER AA 870 58.68 -16.00 13.22
C SER AA 870 59.13 -14.94 14.20
N LEU AA 871 59.95 -15.32 15.19
CA LEU AA 871 60.42 -14.36 16.18
C LEU AA 871 61.29 -13.29 15.52
N ARG AA 872 62.23 -13.70 14.67
CA ARG AA 872 63.05 -12.73 13.98
C ARG AA 872 62.20 -11.81 13.10
N ALA AA 873 61.27 -12.38 12.33
CA ALA AA 873 60.49 -11.58 11.41
C ALA AA 873 59.55 -10.64 12.16
N ILE AA 874 59.03 -11.07 13.31
CA ILE AA 874 58.12 -10.22 14.07
C ILE AA 874 58.90 -9.09 14.76
N ASN AA 875 60.13 -9.36 15.17
CA ASN AA 875 60.98 -8.27 15.64
C ASN AA 875 61.19 -7.24 14.53
N ASP AA 876 61.49 -7.71 13.32
CA ASP AA 876 61.68 -6.77 12.21
C ASP AA 876 60.40 -5.98 11.93
N LEU AA 877 59.25 -6.65 11.97
CA LEU AA 877 57.97 -5.96 11.80
C LEU AA 877 57.80 -4.88 12.86
N GLY AA 878 58.16 -5.20 14.11
CA GLY AA 878 58.06 -4.21 15.17
C GLY AA 878 58.92 -2.99 14.89
N PHE AA 879 60.07 -3.20 14.24
CA PHE AA 879 60.86 -2.05 13.82
C PHE AA 879 60.16 -1.24 12.74
N PHE AA 880 59.50 -1.91 11.80
CA PHE AA 880 59.04 -1.16 10.62
C PHE AA 880 57.53 -1.15 10.41
N ALA AA 881 56.86 -2.30 10.43
CA ALA AA 881 55.44 -2.38 10.09
C ALA AA 881 54.64 -2.57 11.36
N LYS AA 882 54.05 -1.48 11.85
CA LYS AA 882 53.43 -1.51 13.18
C LYS AA 882 52.17 -2.37 13.20
N ASN AA 883 51.28 -2.16 12.24
CA ASN AA 883 50.01 -2.87 12.26
C ASN AA 883 50.20 -4.37 12.04
N ALA AA 884 51.06 -4.73 11.09
CA ALA AA 884 51.39 -6.14 10.90
C ALA AA 884 52.07 -6.71 12.13
N TYR AA 885 52.93 -5.92 12.76
CA TYR AA 885 53.59 -6.34 13.99
C TYR AA 885 52.57 -6.72 15.06
N MET AA 886 51.62 -5.83 15.29
CA MET AA 886 50.64 -6.05 16.35
C MET AA 886 49.70 -7.19 16.00
N GLY AA 887 49.35 -7.33 14.72
CA GLY AA 887 48.53 -8.46 14.31
C GLY AA 887 49.24 -9.79 14.49
N ALA AA 888 50.54 -9.83 14.17
CA ALA AA 888 51.31 -11.03 14.37
C ALA AA 888 51.44 -11.38 15.84
N GLN AA 889 51.68 -10.37 16.69
CA GLN AA 889 51.65 -10.60 18.13
C GLN AA 889 50.31 -11.13 18.58
N ASN AA 890 49.22 -10.56 18.08
CA ASN AA 890 47.91 -11.00 18.50
C ASN AA 890 47.66 -12.45 18.12
N ILE AA 891 48.03 -12.83 16.90
CA ILE AA 891 47.76 -14.19 16.47
C ILE AA 891 48.63 -15.18 17.23
N THR AA 892 49.89 -14.80 17.50
CA THR AA 892 50.75 -15.70 18.27
C THR AA 892 50.31 -15.82 19.72
N GLU AA 893 49.85 -14.72 20.32
CA GLU AA 893 49.32 -14.79 21.69
C GLU AA 893 48.06 -15.64 21.73
N ILE AA 894 47.19 -15.53 20.72
CA ILE AA 894 46.00 -16.36 20.67
C ILE AA 894 46.38 -17.83 20.58
N ALA AA 895 47.36 -18.16 19.73
CA ALA AA 895 47.80 -19.55 19.64
C ALA AA 895 48.35 -20.04 20.97
N GLY AA 896 49.13 -19.22 21.65
CA GLY AA 896 49.65 -19.59 22.95
C GLY AA 896 48.57 -19.85 23.97
N MET AA 897 47.55 -18.99 24.00
CA MET AA 897 46.45 -19.20 24.95
C MET AA 897 45.64 -20.43 24.62
N ILE AA 898 45.39 -20.68 23.33
CA ILE AA 898 44.68 -21.88 22.93
C ILE AA 898 45.43 -23.11 23.44
N VAL AA 899 46.74 -23.16 23.20
CA VAL AA 899 47.47 -24.36 23.53
C VAL AA 899 47.63 -24.49 25.04
N THR AA 900 47.79 -23.39 25.77
CA THR AA 900 47.97 -23.49 27.21
C THR AA 900 46.64 -23.86 27.89
N GLY AA 901 45.53 -23.36 27.37
CA GLY AA 901 44.24 -23.81 27.86
C GLY AA 901 44.03 -25.29 27.62
N ASN AA 902 44.44 -25.76 26.44
CA ASN AA 902 44.34 -27.20 26.17
C ASN AA 902 45.18 -28.00 27.16
N VAL AA 903 46.40 -27.54 27.41
CA VAL AA 903 47.28 -28.26 28.32
C VAL AA 903 46.68 -28.31 29.72
N ARG AA 904 46.16 -27.19 30.19
CA ARG AA 904 45.54 -27.16 31.51
C ARG AA 904 44.33 -28.08 31.59
N ALA AA 905 43.41 -27.95 30.64
CA ALA AA 905 42.19 -28.74 30.69
C ALA AA 905 42.50 -30.24 30.60
N LEU AA 906 43.37 -30.62 29.68
CA LEU AA 906 43.62 -32.06 29.50
C LEU AA 906 44.52 -32.61 30.60
N GLY AA 907 45.36 -31.77 31.19
CA GLY AA 907 46.09 -32.18 32.37
C GLY AA 907 45.14 -32.43 33.53
N HIS AA 908 44.07 -31.65 33.61
CA HIS AA 908 43.05 -31.95 34.61
C HIS AA 908 42.31 -33.24 34.29
N GLY AA 909 41.84 -33.39 33.05
CA GLY AA 909 40.82 -34.38 32.76
C GLY AA 909 41.36 -35.79 32.60
N ILE AA 910 42.27 -35.99 31.65
CA ILE AA 910 42.76 -37.32 31.31
C ILE AA 910 43.58 -37.84 32.48
N PRO AA 911 43.25 -39.02 33.02
CA PRO AA 911 43.90 -39.50 34.24
C PRO AA 911 45.38 -39.82 34.10
N ILE AA 912 45.76 -40.60 33.08
CA ILE AA 912 47.16 -41.00 32.94
C ILE AA 912 48.05 -39.78 32.83
N LEU AA 913 47.56 -38.75 32.15
CA LEU AA 913 48.35 -37.55 31.91
C LEU AA 913 48.77 -36.92 33.22
N ARG AA 914 47.80 -36.44 34.01
CA ARG AA 914 48.12 -35.79 35.28
C ARG AA 914 48.81 -36.75 36.23
N ASP AA 915 48.34 -37.99 36.29
CA ASP AA 915 48.81 -38.91 37.31
C ASP AA 915 50.29 -39.23 37.12
N THR AA 916 50.73 -39.45 35.88
CA THR AA 916 52.10 -39.88 35.67
C THR AA 916 52.92 -38.97 34.77
N LEU AA 917 52.39 -38.52 33.64
CA LEU AA 917 53.23 -37.91 32.61
C LEU AA 917 53.32 -36.39 32.74
N TYR AA 918 52.25 -35.73 33.14
CA TYR AA 918 52.35 -34.28 33.35
C TYR AA 918 52.99 -33.96 34.69
N LYS AA 919 53.02 -34.93 35.61
CA LYS AA 919 53.72 -34.73 36.87
C LYS AA 919 55.23 -34.76 36.65
N SER AA 920 55.94 -34.00 37.49
CA SER AA 920 57.39 -33.94 37.38
C SER AA 920 58.04 -35.16 37.99
N LYS AA 921 57.33 -35.88 38.85
CA LYS AA 921 57.95 -37.01 39.54
C LYS AA 921 58.25 -38.12 38.56
N PRO AA 922 59.41 -38.78 38.68
CA PRO AA 922 59.76 -39.85 37.74
C PRO AA 922 58.81 -41.03 37.86
N VAL AA 923 58.60 -41.72 36.73
CA VAL AA 923 57.65 -42.82 36.66
C VAL AA 923 58.29 -44.11 37.15
N SER AA 924 57.47 -45.15 37.27
CA SER AA 924 57.96 -46.46 37.68
C SER AA 924 58.86 -47.06 36.60
N ALA AA 925 59.54 -48.14 36.97
CA ALA AA 925 60.34 -48.88 35.99
C ALA AA 925 59.45 -49.57 34.97
N LYS AA 926 58.36 -50.19 35.42
CA LYS AA 926 57.40 -50.78 34.49
C LYS AA 926 56.76 -49.71 33.62
N GLU AA 927 56.45 -48.56 34.21
CA GLU AA 927 55.94 -47.46 33.40
C GLU AA 927 56.96 -47.01 32.37
N LEU AA 928 58.24 -47.04 32.73
CA LEU AA 928 59.28 -46.70 31.75
C LEU AA 928 59.32 -47.72 30.62
N LYS AA 929 59.17 -49.00 30.94
CA LYS AA 929 59.11 -50.00 29.87
C LYS AA 929 57.91 -49.76 28.97
N GLU AA 930 56.76 -49.41 29.56
CA GLU AA 930 55.58 -49.12 28.75
C GLU AA 930 55.80 -47.89 27.87
N LEU AA 931 56.46 -46.86 28.39
CA LEU AA 931 56.75 -45.68 27.59
C LEU AA 931 57.69 -46.01 26.44
N HIS AA 932 58.71 -46.83 26.72
CA HIS AA 932 59.62 -47.27 25.66
C HIS AA 932 58.85 -47.99 24.57
N ALA AA 933 57.95 -48.89 24.97
CA ALA AA 933 57.14 -49.60 23.99
C ALA AA 933 56.28 -48.65 23.19
N SER AA 934 55.65 -47.67 23.84
CA SER AA 934 54.76 -46.75 23.14
C SER AA 934 55.51 -45.90 22.12
N LEU AA 935 56.64 -45.31 22.54
CA LEU AA 935 57.41 -44.48 21.63
C LEU AA 935 57.98 -45.29 20.48
N PHE AA 936 58.45 -46.52 20.76
CA PHE AA 936 58.90 -47.38 19.68
C PHE AA 936 57.77 -47.74 18.75
N GLY AA 937 56.56 -47.95 19.26
CA GLY AA 937 55.43 -48.22 18.39
C GLY AA 937 55.13 -47.06 17.47
N LYS AA 938 55.23 -45.84 18.00
CA LYS AA 938 55.07 -44.67 17.15
C LYS AA 938 56.15 -44.64 16.07
N GLU AA 939 57.40 -44.93 16.43
CA GLU AA 939 58.47 -44.93 15.43
C GLU AA 939 58.21 -45.98 14.36
N VAL AA 940 57.86 -47.20 14.77
CA VAL AA 940 57.62 -48.28 13.81
C VAL AA 940 56.46 -47.93 12.91
N ASP AA 941 55.41 -47.31 13.45
CA ASP AA 941 54.33 -46.83 12.62
C ASP AA 941 54.84 -45.85 11.58
N GLN AA 942 55.69 -44.92 11.99
CA GLN AA 942 56.22 -43.94 11.04
C GLN AA 942 57.00 -44.64 9.93
N LEU AA 943 57.74 -45.69 10.25
CA LEU AA 943 58.44 -46.44 9.20
C LEU AA 943 57.47 -47.16 8.26
N ILE AA 944 56.43 -47.81 8.80
CA ILE AA 944 55.68 -48.78 8.01
C ILE AA 944 54.29 -48.31 7.64
N ARG AA 945 53.90 -47.11 8.01
CA ARG AA 945 52.55 -46.65 7.69
C ARG AA 945 52.45 -46.27 6.21
N PRO AA 946 51.44 -46.75 5.50
CA PRO AA 946 51.20 -46.29 4.12
C PRO AA 946 51.00 -44.79 4.08
N LYS AA 947 51.76 -44.13 3.20
CA LYS AA 947 51.67 -42.67 3.14
C LYS AA 947 50.42 -42.21 2.39
N ARG AA 948 50.02 -42.92 1.33
CA ARG AA 948 48.84 -42.53 0.56
C ARG AA 948 47.59 -42.72 1.39
N ALA AA 949 46.75 -41.69 1.46
CA ALA AA 949 45.53 -41.76 2.24
C ALA AA 949 44.52 -42.70 1.58
N ASP AA 950 44.56 -42.78 0.25
CA ASP AA 950 43.71 -43.74 -0.45
C ASP AA 950 44.02 -45.15 -0.02
N ILE AA 951 45.31 -45.48 0.07
CA ILE AA 951 45.68 -46.85 0.39
C ILE AA 951 45.14 -47.24 1.76
N VAL AA 952 45.29 -46.37 2.75
CA VAL AA 952 44.86 -46.71 4.09
C VAL AA 952 43.34 -46.76 4.18
N GLN AA 953 42.66 -45.83 3.49
CA GLN AA 953 41.21 -45.86 3.52
C GLN AA 953 40.66 -47.13 2.88
N ARG AA 954 41.21 -47.53 1.74
CA ARG AA 954 40.72 -48.73 1.08
C ARG AA 954 41.10 -49.97 1.85
N LEU AA 955 42.27 -49.98 2.48
CA LEU AA 955 42.66 -51.11 3.31
C LEU AA 955 41.71 -51.28 4.48
N ARG AA 956 41.32 -50.17 5.11
CA ARG AA 956 40.41 -50.23 6.24
C ARG AA 956 39.01 -50.63 5.81
N GLU AA 957 38.53 -50.09 4.68
CA GLU AA 957 37.17 -50.37 4.25
C GLU AA 957 37.01 -51.77 3.69
N ALA AA 958 38.00 -52.25 2.95
CA ALA AA 958 37.80 -53.45 2.15
C ALA AA 958 37.65 -54.70 3.02
N THR AA 959 38.30 -54.70 4.19
CA THR AA 959 38.29 -55.91 5.03
C THR AA 959 36.90 -56.24 5.56
N ASP AA 960 35.95 -55.32 5.44
CA ASP AA 960 34.59 -55.58 5.88
C ASP AA 960 33.98 -56.73 5.09
N THR AA 961 32.98 -57.38 5.68
CA THR AA 961 32.39 -58.56 5.06
C THR AA 961 31.66 -58.22 3.78
N GLY AA 962 31.03 -57.05 3.73
CA GLY AA 962 30.26 -56.64 2.59
C GLY AA 962 31.06 -56.58 1.30
N PRO AA 963 32.18 -55.86 1.31
CA PRO AA 963 33.05 -55.85 0.13
C PRO AA 963 33.50 -57.23 -0.30
N ALA AA 964 33.88 -58.09 0.65
CA ALA AA 964 34.34 -59.42 0.30
C ALA AA 964 33.24 -60.23 -0.36
N VAL AA 965 32.05 -60.22 0.26
CA VAL AA 965 30.94 -61.02 -0.26
C VAL AA 965 30.50 -60.50 -1.61
N ALA AA 966 30.54 -59.19 -1.82
CA ALA AA 966 30.18 -58.64 -3.13
C ALA AA 966 31.22 -59.01 -4.18
N ASN AA 967 32.49 -59.00 -3.80
CA ASN AA 967 33.54 -59.30 -4.76
C ASN AA 967 33.51 -60.76 -5.17
N ILE AA 968 33.12 -61.65 -4.25
CA ILE AA 968 33.14 -63.07 -4.57
C ILE AA 968 31.84 -63.49 -5.24
N VAL AA 969 30.70 -63.12 -4.67
CA VAL AA 969 29.44 -63.70 -5.12
C VAL AA 969 28.67 -62.72 -6.01
N GLY AA 970 28.75 -61.43 -5.72
CA GLY AA 970 27.85 -60.48 -6.35
C GLY AA 970 28.03 -60.43 -7.86
N THR AA 971 26.91 -60.23 -8.56
CA THR AA 971 26.91 -60.05 -10.00
C THR AA 971 27.01 -58.60 -10.43
N LEU AA 972 26.79 -57.65 -9.52
CA LEU AA 972 26.98 -56.23 -9.77
C LEU AA 972 28.22 -55.78 -9.02
N LYS AA 973 28.95 -54.84 -9.61
CA LYS AA 973 30.29 -54.55 -9.11
C LYS AA 973 30.26 -53.91 -7.73
N TYR AA 974 29.39 -52.92 -7.54
CA TYR AA 974 29.42 -52.08 -6.36
C TYR AA 974 30.78 -51.45 -6.18
N SER AA 975 31.08 -50.96 -4.99
CA SER AA 975 32.36 -50.31 -4.76
C SER AA 975 32.67 -50.33 -3.28
N THR AA 976 33.93 -50.59 -2.96
CA THR AA 976 34.40 -50.31 -1.61
C THR AA 976 34.30 -48.81 -1.38
N GLN AA 977 33.88 -48.45 -0.17
CA GLN AA 977 33.35 -47.19 0.36
C GLN AA 977 31.87 -47.05 0.05
N GLU AA 978 31.27 -48.01 -0.66
CA GLU AA 978 29.81 -48.08 -0.78
C GLU AA 978 29.26 -49.21 0.07
N LEU AA 979 30.00 -50.31 0.18
CA LEU AA 979 29.54 -51.42 1.00
C LEU AA 979 30.24 -51.43 2.35
N ALA AA 980 31.13 -50.48 2.57
CA ALA AA 980 31.85 -50.40 3.84
C ALA AA 980 30.90 -50.11 4.98
N ALA AA 981 31.05 -50.87 6.07
CA ALA AA 981 30.22 -50.69 7.25
C ALA AA 981 30.44 -49.32 7.86
N ARG AA 982 31.69 -49.02 8.22
CA ARG AA 982 32.12 -47.74 8.75
C ARG AA 982 31.55 -47.49 10.14
N SER AA 983 32.44 -47.24 11.10
CA SER AA 983 31.99 -46.92 12.44
C SER AA 983 31.27 -45.58 12.44
N PRO AA 984 30.32 -45.39 13.35
CA PRO AA 984 29.76 -44.04 13.53
C PRO AA 984 30.82 -43.05 13.97
N TRP AA 985 31.93 -43.54 14.53
CA TRP AA 985 33.03 -42.65 14.86
C TRP AA 985 33.63 -42.04 13.60
N THR AA 986 33.65 -42.78 12.50
CA THR AA 986 34.18 -42.21 11.27
C THR AA 986 33.13 -41.33 10.58
N LYS AA 987 31.91 -41.85 10.45
CA LYS AA 987 30.84 -41.07 9.82
C LYS AA 987 30.56 -39.80 10.59
N LEU AA 988 30.49 -39.91 11.91
CA LEU AA 988 30.23 -38.79 12.80
C LEU AA 988 31.52 -38.57 13.58
N LEU AA 989 32.00 -37.32 13.64
CA LEU AA 989 33.26 -37.01 14.32
C LEU AA 989 34.45 -37.70 13.66
N ASN AA 990 34.72 -37.33 12.41
CA ASN AA 990 35.75 -38.02 11.64
C ASN AA 990 37.16 -37.65 12.07
N GLY AA 991 37.42 -36.36 12.34
CA GLY AA 991 38.78 -35.95 12.63
C GLY AA 991 39.32 -36.53 13.93
N THR AA 992 38.52 -36.44 15.00
CA THR AA 992 38.91 -37.06 16.26
C THR AA 992 39.15 -38.55 16.07
N THR AA 993 38.30 -39.17 15.25
CA THR AA 993 38.44 -40.58 14.94
C THR AA 993 39.77 -40.89 14.28
N ASN AA 994 40.20 -40.05 13.33
CA ASN AA 994 41.46 -40.32 12.65
C ASN AA 994 42.64 -40.16 13.59
N TYR AA 995 42.61 -39.12 14.43
CA TYR AA 995 43.67 -38.95 15.41
C TYR AA 995 43.75 -40.16 16.35
N LEU AA 996 42.59 -40.62 16.82
CA LEU AA 996 42.57 -41.73 17.76
C LEU AA 996 42.99 -43.04 17.09
N LEU AA 997 42.58 -43.27 15.84
CA LEU AA 997 43.10 -44.43 15.13
C LEU AA 997 44.61 -44.41 15.01
N ASP AA 998 45.18 -43.27 14.62
CA ASP AA 998 46.63 -43.20 14.47
C ASP AA 998 47.32 -43.53 15.78
N ALA AA 999 46.90 -42.87 16.87
CA ALA AA 999 47.59 -43.07 18.14
C ALA AA 999 47.34 -44.48 18.69
N ALA AA 1000 46.13 -45.01 18.51
CA ALA AA 1000 45.82 -46.34 19.00
C ALA AA 1000 46.58 -47.40 18.22
N ARG AA 1001 46.75 -47.21 16.92
CA ARG AA 1001 47.53 -48.13 16.13
C ARG AA 1001 48.99 -48.11 16.53
N GLN AA 1002 49.53 -46.93 16.80
CA GLN AA 1002 50.91 -46.86 17.29
C GLN AA 1002 51.04 -47.56 18.64
N GLY AA 1003 50.07 -47.38 19.52
CA GLY AA 1003 50.09 -48.08 20.79
C GLY AA 1003 50.01 -49.59 20.63
N MET AA 1004 49.14 -50.06 19.74
CA MET AA 1004 49.07 -51.50 19.47
C MET AA 1004 50.36 -52.03 18.89
N LEU AA 1005 50.99 -51.27 17.98
CA LEU AA 1005 52.27 -51.71 17.45
C LEU AA 1005 53.29 -51.86 18.55
N GLY AA 1006 53.38 -50.86 19.43
CA GLY AA 1006 54.32 -50.96 20.54
C GLY AA 1006 54.02 -52.14 21.44
N ASP AA 1007 52.75 -52.36 21.75
CA ASP AA 1007 52.37 -53.48 22.62
C ASP AA 1007 52.73 -54.81 21.99
N VAL AA 1008 52.41 -54.99 20.71
CA VAL AA 1008 52.70 -56.26 20.04
C VAL AA 1008 54.19 -56.49 19.97
N ILE AA 1009 54.96 -55.46 19.62
CA ILE AA 1009 56.41 -55.62 19.51
C ILE AA 1009 57.01 -55.96 20.86
N SER AA 1010 56.60 -55.25 21.91
CA SER AA 1010 57.14 -55.49 23.23
C SER AA 1010 56.79 -56.89 23.72
N ALA AA 1011 55.55 -57.31 23.52
CA ALA AA 1011 55.15 -58.65 23.96
C ALA AA 1011 55.88 -59.72 23.17
N THR AA 1012 56.06 -59.53 21.86
CA THR AA 1012 56.76 -60.51 21.06
C THR AA 1012 58.22 -60.63 21.47
N LEU AA 1013 58.90 -59.51 21.67
CA LEU AA 1013 60.30 -59.58 22.09
C LEU AA 1013 60.42 -60.14 23.50
N THR AA 1014 59.45 -59.83 24.37
CA THR AA 1014 59.45 -60.37 25.72
C THR AA 1014 59.10 -61.86 25.72
N GLY AA 1015 58.37 -62.32 24.71
CA GLY AA 1015 57.92 -63.69 24.65
C GLY AA 1015 56.48 -63.90 25.06
N LYS AA 1016 55.84 -62.88 25.64
CA LYS AA 1016 54.46 -63.02 26.08
C LYS AA 1016 53.52 -63.05 24.90
N THR AA 1017 52.37 -63.68 25.09
CA THR AA 1017 51.37 -63.81 24.03
C THR AA 1017 50.34 -62.69 24.15
N THR AA 1018 50.18 -61.91 23.08
CA THR AA 1018 49.23 -60.81 23.11
C THR AA 1018 47.81 -61.34 23.09
N ARG AA 1019 46.90 -60.51 23.60
CA ARG AA 1019 45.48 -60.79 23.47
C ARG AA 1019 45.02 -60.81 22.01
N TRP AA 1020 45.82 -60.24 21.11
CA TRP AA 1020 45.46 -60.15 19.70
C TRP AA 1020 46.04 -61.30 18.88
N GLU AA 1021 46.86 -62.16 19.48
CA GLU AA 1021 47.28 -63.38 18.81
C GLU AA 1021 46.12 -64.33 18.59
N LYS AA 1022 45.03 -64.14 19.32
CA LYS AA 1022 43.92 -65.07 19.28
C LYS AA 1022 43.19 -65.02 17.94
N GLU AA 1023 42.50 -66.11 17.62
CA GLU AA 1023 42.03 -66.33 16.25
C GLU AA 1023 41.02 -65.28 15.80
N GLY AA 1024 40.09 -64.90 16.67
CA GLY AA 1024 39.01 -64.03 16.24
C GLY AA 1024 39.47 -62.66 15.79
N PHE AA 1025 40.34 -62.03 16.58
CA PHE AA 1025 40.82 -60.70 16.21
C PHE AA 1025 41.68 -60.75 14.96
N LEU AA 1026 42.41 -61.85 14.76
CA LEU AA 1026 43.10 -62.05 13.50
C LEU AA 1026 42.13 -62.18 12.34
N ARG AA 1027 41.00 -62.86 12.57
CA ARG AA 1027 39.97 -62.97 11.54
C ARG AA 1027 39.36 -61.60 11.23
N GLY AA 1028 39.33 -60.71 12.22
CA GLY AA 1028 38.86 -59.36 11.97
C GLY AA 1028 39.70 -58.64 10.93
N ALA AA 1029 41.00 -58.87 10.95
CA ALA AA 1029 41.89 -58.47 9.87
C ALA AA 1029 42.05 -59.65 8.91
N SER AA 1030 42.95 -59.49 7.95
CA SER AA 1030 43.18 -60.54 6.99
C SER AA 1030 44.40 -61.29 7.44
N VAL AA 1031 44.53 -61.46 8.75
CA VAL AA 1031 45.73 -62.09 9.27
C VAL AA 1031 45.48 -63.58 9.44
N THR AA 1032 46.15 -64.39 8.64
CA THR AA 1032 46.03 -65.82 8.79
C THR AA 1032 46.86 -66.22 10.01
N PRO AA 1033 46.52 -67.36 10.62
CA PRO AA 1033 47.47 -68.06 11.49
C PRO AA 1033 48.92 -67.90 11.04
N GLU AA 1034 49.20 -68.22 9.78
CA GLU AA 1034 50.57 -68.13 9.27
C GLU AA 1034 51.12 -66.70 9.27
N GLN AA 1035 50.28 -65.74 8.90
CA GLN AA 1035 50.74 -64.36 8.82
C GLN AA 1035 51.17 -63.87 10.19
N MET AA 1036 50.41 -64.21 11.23
CA MET AA 1036 50.76 -63.78 12.58
C MET AA 1036 52.10 -64.38 13.02
N ALA AA 1037 52.34 -65.65 12.68
CA ALA AA 1037 53.65 -66.24 12.95
C ALA AA 1037 54.73 -65.51 12.17
N GLY AA 1038 54.44 -65.14 10.92
CA GLY AA 1038 55.39 -64.35 10.16
C GLY AA 1038 55.67 -63.01 10.81
N ILE AA 1039 54.64 -62.38 11.37
CA ILE AA 1039 54.82 -61.12 12.08
C ILE AA 1039 55.73 -61.31 13.29
N LYS AA 1040 55.51 -62.39 14.03
CA LYS AA 1040 56.36 -62.70 15.18
C LYS AA 1040 57.81 -62.86 14.74
N SER AA 1041 58.04 -63.60 13.66
CA SER AA 1041 59.40 -63.80 13.16
C SER AA 1041 60.01 -62.48 12.70
N LEU AA 1042 59.21 -61.63 12.04
CA LEU AA 1042 59.71 -60.35 11.59
C LEU AA 1042 60.14 -59.47 12.75
N ILE AA 1043 59.32 -59.40 13.80
CA ILE AA 1043 59.68 -58.61 14.98
C ILE AA 1043 60.94 -59.18 15.62
N LYS AA 1044 61.01 -60.51 15.72
CA LYS AA 1044 62.18 -61.13 16.32
C LYS AA 1044 63.43 -60.87 15.48
N GLU AA 1045 63.26 -60.60 14.19
CA GLU AA 1045 64.41 -60.54 13.29
C GLU AA 1045 64.98 -59.13 13.21
N HIS AA 1046 64.13 -58.10 13.24
CA HIS AA 1046 64.57 -56.73 12.98
C HIS AA 1046 64.57 -55.85 14.22
N MET AA 1047 64.09 -56.33 15.35
CA MET AA 1047 63.99 -55.52 16.55
C MET AA 1047 64.89 -56.08 17.64
N VAL AA 1048 65.57 -55.19 18.35
CA VAL AA 1048 66.51 -55.54 19.40
C VAL AA 1048 65.87 -55.22 20.74
N ARG AA 1049 65.87 -56.19 21.64
CA ARG AA 1049 65.43 -55.94 23.00
C ARG AA 1049 66.58 -55.39 23.81
N GLY AA 1050 66.46 -54.13 24.26
CA GLY AA 1050 67.55 -53.50 24.95
C GLY AA 1050 67.78 -54.06 26.33
N GLU AA 1051 68.91 -53.68 26.92
CA GLU AA 1051 69.18 -54.06 28.31
C GLU AA 1051 68.10 -53.52 29.23
N ASP AA 1052 67.74 -52.26 29.04
CA ASP AA 1052 66.56 -51.68 29.66
C ASP AA 1052 65.38 -51.86 28.71
N GLY AA 1053 64.29 -51.13 28.93
CA GLY AA 1053 63.13 -51.31 28.07
C GLY AA 1053 63.33 -50.76 26.68
N LYS AA 1054 64.48 -50.13 26.42
CA LYS AA 1054 64.72 -49.46 25.15
C LYS AA 1054 64.61 -50.41 23.97
N PHE AA 1055 63.96 -49.94 22.91
CA PHE AA 1055 63.74 -50.71 21.70
C PHE AA 1055 64.47 -50.06 20.54
N THR AA 1056 65.13 -50.88 19.71
CA THR AA 1056 65.84 -50.41 18.55
C THR AA 1056 65.57 -51.33 17.37
N VAL AA 1057 65.77 -50.82 16.17
CA VAL AA 1057 65.52 -51.56 14.94
C VAL AA 1057 66.86 -51.92 14.31
N LYS AA 1058 66.90 -53.07 13.63
CA LYS AA 1058 68.08 -53.44 12.87
C LYS AA 1058 67.90 -53.07 11.41
N ASP AA 1059 68.83 -52.26 10.89
CA ASP AA 1059 68.93 -51.93 9.48
C ASP AA 1059 67.83 -51.00 9.01
N LYS AA 1060 66.82 -50.78 9.84
CA LYS AA 1060 65.75 -49.81 9.57
C LYS AA 1060 65.13 -49.99 8.19
N GLN AA 1061 65.91 -49.69 7.15
CA GLN AA 1061 65.46 -49.82 5.78
C GLN AA 1061 65.02 -51.24 5.47
N ALA AA 1062 65.84 -52.23 5.84
CA ALA AA 1062 65.52 -53.61 5.51
C ALA AA 1062 64.24 -54.06 6.20
N PHE AA 1063 64.00 -53.56 7.42
CA PHE AA 1063 62.76 -53.90 8.11
C PHE AA 1063 61.55 -53.37 7.37
N SER AA 1064 61.62 -52.12 6.91
CA SER AA 1064 60.49 -51.54 6.17
C SER AA 1064 60.31 -52.22 4.82
N MET AA 1065 61.40 -52.77 4.26
CA MET AA 1065 61.31 -53.47 2.99
C MET AA 1065 60.70 -54.86 3.10
N ASP AA 1066 60.59 -55.41 4.30
CA ASP AA 1066 60.04 -56.74 4.43
C ASP AA 1066 58.56 -56.74 4.07
N PRO AA 1067 58.09 -57.70 3.27
CA PRO AA 1067 56.65 -57.78 2.99
C PRO AA 1067 55.81 -58.01 4.24
N ARG AA 1068 56.35 -58.69 5.25
CA ARG AA 1068 55.59 -58.96 6.46
C ARG AA 1068 55.34 -57.71 7.27
N ALA AA 1069 56.08 -56.63 7.02
CA ALA AA 1069 55.84 -55.38 7.72
C ALA AA 1069 54.45 -54.84 7.43
N MET AA 1070 53.98 -55.03 6.20
CA MET AA 1070 52.62 -54.60 5.88
C MET AA 1070 51.59 -55.43 6.63
N ASP AA 1071 51.85 -56.74 6.79
CA ASP AA 1071 50.96 -57.56 7.59
C ASP AA 1071 50.94 -57.11 9.04
N LEU AA 1072 52.11 -56.79 9.58
CA LEU AA 1072 52.19 -56.24 10.94
C LEU AA 1072 51.37 -54.97 11.06
N TRP AA 1073 51.55 -54.04 10.12
CA TRP AA 1073 50.81 -52.78 10.19
C TRP AA 1073 49.32 -53.01 10.09
N ARG AA 1074 48.89 -53.88 9.17
CA ARG AA 1074 47.48 -54.15 9.01
C ARG AA 1074 46.90 -54.78 10.27
N LEU AA 1075 47.63 -55.74 10.86
CA LEU AA 1075 47.18 -56.34 12.10
C LEU AA 1075 46.98 -55.28 13.17
N ALA AA 1076 47.99 -54.44 13.37
CA ALA AA 1076 47.90 -53.41 14.40
C ALA AA 1076 46.76 -52.44 14.14
N ASP AA 1077 46.60 -52.01 12.89
CA ASP AA 1077 45.58 -51.02 12.57
C ASP AA 1077 44.18 -51.59 12.75
N LYS AA 1078 43.95 -52.82 12.29
CA LYS AA 1078 42.62 -53.39 12.39
C LYS AA 1078 42.29 -53.75 13.83
N VAL AA 1079 43.28 -54.26 14.58
CA VAL AA 1079 43.07 -54.52 16.00
C VAL AA 1079 42.76 -53.22 16.72
N ALA AA 1080 43.51 -52.15 16.41
CA ALA AA 1080 43.24 -50.86 17.03
C ALA AA 1080 41.81 -50.41 16.76
N ASP AA 1081 41.42 -50.39 15.49
CA ASP AA 1081 40.04 -50.02 15.16
C ASP AA 1081 39.05 -50.84 15.96
N GLU AA 1082 39.07 -52.17 15.73
CA GLU AA 1082 38.09 -53.09 16.27
C GLU AA 1082 37.98 -53.00 17.78
N ALA AA 1083 39.11 -53.09 18.49
CA ALA AA 1083 39.09 -53.16 19.94
C ALA AA 1083 38.96 -51.80 20.59
N MET AA 1084 39.75 -50.83 20.15
CA MET AA 1084 39.87 -49.60 20.89
C MET AA 1084 38.85 -48.57 20.43
N LEU AA 1085 38.70 -48.37 19.12
CA LEU AA 1085 37.96 -47.21 18.67
C LEU AA 1085 36.56 -47.54 18.19
N ARG AA 1086 36.36 -48.71 17.61
CA ARG AA 1086 35.04 -49.06 17.09
C ARG AA 1086 33.93 -49.05 18.13
N PRO AA 1087 34.11 -49.56 19.35
CA PRO AA 1087 32.99 -49.58 20.31
C PRO AA 1087 32.52 -48.19 20.69
N HIS AA 1088 31.23 -48.11 21.02
CA HIS AA 1088 30.60 -46.86 21.43
C HIS AA 1088 30.70 -46.62 22.93
N LYS AA 1089 31.37 -47.49 23.68
CA LYS AA 1089 31.37 -47.43 25.13
C LYS AA 1089 32.81 -47.42 25.61
N VAL AA 1090 33.14 -46.53 26.54
CA VAL AA 1090 34.45 -46.60 27.18
C VAL AA 1090 34.28 -46.97 28.64
N SER AA 1091 35.16 -47.84 29.13
CA SER AA 1091 35.14 -48.27 30.51
C SER AA 1091 36.58 -48.32 31.03
N LEU AA 1092 36.70 -48.34 32.35
CA LEU AA 1092 38.02 -48.50 32.97
C LEU AA 1092 38.66 -49.82 32.59
N GLN AA 1093 37.89 -50.91 32.59
CA GLN AA 1093 38.41 -52.20 32.20
C GLN AA 1093 38.98 -52.16 30.79
N ASP AA 1094 38.37 -51.38 29.91
CA ASP AA 1094 38.90 -51.22 28.57
C ASP AA 1094 40.29 -50.60 28.60
N SER AA 1095 40.48 -49.59 29.45
CA SER AA 1095 41.78 -48.93 29.56
C SER AA 1095 42.81 -49.85 30.18
N HIS AA 1096 42.39 -50.82 31.01
CA HIS AA 1096 43.34 -51.70 31.68
C HIS AA 1096 44.19 -52.49 30.69
N ALA AA 1097 43.59 -52.99 29.61
CA ALA AA 1097 44.28 -53.95 28.75
C ALA AA 1097 45.48 -53.34 28.05
N PHE AA 1098 45.34 -52.12 27.53
CA PHE AA 1098 46.35 -51.55 26.64
C PHE AA 1098 47.50 -50.95 27.44
N GLY AA 1099 48.56 -50.59 26.72
CA GLY AA 1099 49.74 -49.97 27.29
C GLY AA 1099 49.59 -48.47 27.42
N ALA AA 1100 50.73 -47.80 27.64
CA ALA AA 1100 50.73 -46.38 27.96
C ALA AA 1100 50.01 -45.57 26.88
N LEU AA 1101 50.38 -45.77 25.62
CA LEU AA 1101 49.72 -45.04 24.54
C LEU AA 1101 48.28 -45.50 24.39
N GLY AA 1102 48.03 -46.80 24.54
CA GLY AA 1102 46.67 -47.30 24.48
C GLY AA 1102 45.79 -46.73 25.57
N LYS AA 1103 46.27 -46.73 26.81
CA LYS AA 1103 45.51 -46.12 27.89
C LYS AA 1103 45.30 -44.64 27.66
N MET AA 1104 46.34 -43.94 27.19
CA MET AA 1104 46.20 -42.51 26.92
C MET AA 1104 45.07 -42.26 25.93
N VAL AA 1105 45.03 -43.02 24.85
CA VAL AA 1105 44.03 -42.71 23.83
C VAL AA 1105 42.65 -43.24 24.21
N MET AA 1106 42.58 -44.28 25.03
CA MET AA 1106 41.27 -44.68 25.54
C MET AA 1106 40.73 -43.64 26.50
N GLN AA 1107 41.60 -43.02 27.31
CA GLN AA 1107 41.15 -41.95 28.17
C GLN AA 1107 40.79 -40.71 27.37
N PHE AA 1108 41.44 -40.52 26.23
CA PHE AA 1108 41.03 -39.44 25.32
C PHE AA 1108 39.67 -39.71 24.71
N LYS AA 1109 39.40 -40.97 24.33
CA LYS AA 1109 38.08 -41.33 23.81
C LYS AA 1109 37.02 -41.17 24.89
N SER AA 1110 37.33 -41.55 26.12
CA SER AA 1110 36.43 -41.31 27.24
C SER AA 1110 36.19 -39.83 27.45
N PHE AA 1111 37.24 -39.01 27.32
CA PHE AA 1111 37.09 -37.57 27.45
C PHE AA 1111 36.17 -37.03 26.37
N THR AA 1112 36.31 -37.54 25.16
CA THR AA 1112 35.42 -37.15 24.07
C THR AA 1112 33.98 -37.49 24.40
N ILE AA 1113 33.74 -38.71 24.90
CA ILE AA 1113 32.36 -39.11 25.22
C ILE AA 1113 31.81 -38.26 26.35
N LYS AA 1114 32.64 -37.95 27.35
CA LYS AA 1114 32.21 -37.06 28.43
C LYS AA 1114 31.80 -35.70 27.88
N SER AA 1115 32.60 -35.16 26.96
CA SER AA 1115 32.28 -33.86 26.39
C SER AA 1115 31.00 -33.91 25.57
N LEU AA 1116 30.80 -34.99 24.82
CA LEU AA 1116 29.57 -35.13 24.04
C LEU AA 1116 28.35 -35.18 24.95
N ASN AA 1117 28.53 -35.66 26.17
CA ASN AA 1117 27.46 -35.70 27.16
C ASN AA 1117 27.40 -34.45 28.01
N SER AA 1118 28.30 -33.49 27.81
CA SER AA 1118 28.23 -32.24 28.56
C SER AA 1118 26.96 -31.49 28.20
N LYS AA 1119 26.48 -30.67 29.13
CA LYS AA 1119 25.20 -30.00 28.94
C LYS AA 1119 25.22 -29.10 27.72
N PHE AA 1120 26.28 -28.30 27.55
CA PHE AA 1120 26.33 -27.38 26.42
C PHE AA 1120 26.38 -28.14 25.11
N LEU AA 1121 27.22 -29.17 25.02
CA LEU AA 1121 27.39 -29.85 23.74
C LEU AA 1121 26.17 -30.66 23.40
N ARG AA 1122 25.56 -31.30 24.40
CA ARG AA 1122 24.32 -32.04 24.20
C ARG AA 1122 23.21 -31.11 23.71
N THR AA 1123 23.08 -29.95 24.37
CA THR AA 1123 22.07 -28.98 23.97
C THR AA 1123 22.34 -28.45 22.57
N PHE AA 1124 23.61 -28.21 22.24
CA PHE AA 1124 23.98 -27.70 20.93
C PHE AA 1124 23.60 -28.70 19.85
N TYR AA 1125 23.90 -29.98 20.08
CA TYR AA 1125 23.55 -30.99 19.08
C TYR AA 1125 22.04 -31.14 18.96
N ASP AA 1126 21.32 -31.01 20.07
CA ASP AA 1126 19.86 -31.06 19.98
C ASP AA 1126 19.33 -29.89 19.17
N GLY AA 1127 19.91 -28.71 19.37
CA GLY AA 1127 19.39 -27.53 18.70
C GLY AA 1127 19.71 -27.49 17.22
N TYR AA 1128 20.94 -27.84 16.85
CA TYR AA 1128 21.41 -27.64 15.48
C TYR AA 1128 21.96 -28.88 14.82
N LYS AA 1129 22.02 -30.01 15.52
CA LYS AA 1129 22.76 -31.17 15.05
C LYS AA 1129 24.20 -30.76 14.80
N ASN AA 1130 24.60 -30.64 13.53
CA ASN AA 1130 25.88 -30.06 13.15
C ASN AA 1130 27.04 -30.78 13.85
N ASN AA 1131 27.18 -32.05 13.52
CA ASN AA 1131 28.30 -32.83 14.02
C ASN AA 1131 29.65 -32.32 13.51
N ARG AA 1132 29.64 -31.56 12.42
CA ARG AA 1132 30.90 -31.05 11.87
C ARG AA 1132 31.61 -30.13 12.84
N ALA AA 1133 30.85 -29.23 13.49
CA ALA AA 1133 31.46 -28.29 14.43
C ALA AA 1133 32.03 -29.02 15.64
N ILE AA 1134 31.28 -29.98 16.18
CA ILE AA 1134 31.77 -30.76 17.31
C ILE AA 1134 33.00 -31.56 16.90
N ASP AA 1135 33.00 -32.09 15.68
CA ASP AA 1135 34.17 -32.80 15.21
C ASP AA 1135 35.37 -31.89 15.13
N ALA AA 1136 35.19 -30.67 14.63
CA ALA AA 1136 36.29 -29.73 14.57
C ALA AA 1136 36.86 -29.47 15.96
N ALA AA 1137 35.98 -29.18 16.92
CA ALA AA 1137 36.43 -28.88 18.27
C ALA AA 1137 37.19 -30.05 18.88
N LEU AA 1138 36.58 -31.24 18.85
CA LEU AA 1138 37.20 -32.39 19.50
C LEU AA 1138 38.47 -32.82 18.79
N SER AA 1139 38.53 -32.64 17.47
CA SER AA 1139 39.74 -33.00 16.74
C SER AA 1139 40.89 -32.07 17.10
N ILE AA 1140 40.60 -30.77 17.24
CA ILE AA 1140 41.63 -29.83 17.68
C ILE AA 1140 42.15 -30.22 19.06
N ILE AA 1141 41.21 -30.50 19.97
CA ILE AA 1141 41.58 -30.88 21.34
C ILE AA 1141 42.43 -32.15 21.33
N THR AA 1142 42.02 -33.15 20.56
CA THR AA 1142 42.72 -34.42 20.53
C THR AA 1142 44.11 -34.27 19.94
N SER AA 1143 44.23 -33.48 18.87
CA SER AA 1143 45.54 -33.23 18.28
C SER AA 1143 46.49 -32.64 19.29
N MET AA 1144 46.08 -31.55 19.95
CA MET AA 1144 46.95 -30.89 20.91
C MET AA 1144 47.29 -31.82 22.07
N GLY AA 1145 46.29 -32.55 22.57
CA GLY AA 1145 46.52 -33.41 23.72
C GLY AA 1145 47.44 -34.56 23.43
N LEU AA 1146 47.30 -35.18 22.25
CA LEU AA 1146 48.21 -36.25 21.88
C LEU AA 1146 49.63 -35.72 21.69
N ALA AA 1147 49.76 -34.52 21.12
CA ALA AA 1147 51.09 -33.91 21.02
C ALA AA 1147 51.71 -33.75 22.40
N GLY AA 1148 50.95 -33.20 23.34
CA GLY AA 1148 51.47 -33.02 24.70
C GLY AA 1148 51.81 -34.34 25.38
N GLY AA 1149 50.98 -35.35 25.20
CA GLY AA 1149 51.25 -36.64 25.81
C GLY AA 1149 52.50 -37.30 25.26
N PHE AA 1150 52.68 -37.24 23.94
CA PHE AA 1150 53.91 -37.78 23.35
C PHE AA 1150 55.13 -37.04 23.89
N TYR AA 1151 55.02 -35.72 24.01
CA TYR AA 1151 56.12 -34.95 24.59
C TYR AA 1151 56.43 -35.41 26.00
N ALA AA 1152 55.39 -35.60 26.81
CA ALA AA 1152 55.62 -36.02 28.20
C ALA AA 1152 56.29 -37.39 28.27
N MET AA 1153 55.84 -38.33 27.45
CA MET AA 1153 56.45 -39.65 27.47
C MET AA 1153 57.91 -39.59 27.06
N ALA AA 1154 58.22 -38.85 26.01
CA ALA AA 1154 59.61 -38.73 25.57
C ALA AA 1154 60.45 -38.01 26.62
N ALA AA 1155 59.85 -37.06 27.34
CA ALA AA 1155 60.58 -36.36 28.39
C ALA AA 1155 60.91 -37.29 29.54
N HIS AA 1156 59.98 -38.17 29.92
CA HIS AA 1156 60.27 -39.12 30.99
C HIS AA 1156 61.36 -40.10 30.56
N VAL AA 1157 61.31 -40.54 29.31
CA VAL AA 1157 62.36 -41.42 28.80
C VAL AA 1157 63.71 -40.72 28.87
N LYS AA 1158 63.78 -39.47 28.40
CA LYS AA 1158 65.04 -38.74 28.43
C LYS AA 1158 65.49 -38.50 29.87
N ALA AA 1159 64.55 -38.36 30.79
CA ALA AA 1159 64.91 -38.20 32.20
C ALA AA 1159 65.64 -39.43 32.72
N TYR AA 1160 65.14 -40.60 32.39
CA TYR AA 1160 65.82 -41.82 32.78
C TYR AA 1160 67.13 -41.93 32.04
N ALA AA 1161 67.23 -41.31 30.86
CA ALA AA 1161 68.51 -41.30 30.16
C ALA AA 1161 69.56 -40.53 30.97
N LEU AA 1162 69.12 -39.58 31.80
CA LEU AA 1162 70.01 -38.79 32.63
C LEU AA 1162 70.40 -39.56 33.89
N PRO AA 1163 71.45 -39.12 34.60
CA PRO AA 1163 71.77 -39.76 35.88
C PRO AA 1163 70.83 -39.31 37.00
N LYS AA 1164 70.88 -40.04 38.11
CA LYS AA 1164 69.80 -40.00 39.10
C LYS AA 1164 69.59 -38.62 39.67
N GLU AA 1165 70.66 -37.90 39.99
CA GLU AA 1165 70.51 -36.61 40.64
C GLU AA 1165 69.88 -35.58 39.71
N LYS AA 1166 70.14 -35.69 38.41
CA LYS AA 1166 69.66 -34.67 37.48
C LYS AA 1166 68.22 -34.91 37.04
N ARG AA 1167 67.65 -36.08 37.33
CA ARG AA 1167 66.34 -36.42 36.80
C ARG AA 1167 65.26 -35.51 37.36
N LYS AA 1168 65.31 -35.22 38.66
CA LYS AA 1168 64.29 -34.36 39.26
C LYS AA 1168 64.33 -32.96 38.68
N GLU AA 1169 65.52 -32.36 38.60
CA GLU AA 1169 65.65 -31.02 38.03
C GLU AA 1169 65.21 -30.99 36.59
N TYR AA 1170 65.63 -32.00 35.80
CA TYR AA 1170 65.28 -32.00 34.39
C TYR AA 1170 63.78 -32.17 34.19
N LEU AA 1171 63.15 -33.07 34.95
CA LEU AA 1171 61.73 -33.27 34.80
C LEU AA 1171 60.94 -32.05 35.23
N GLU AA 1172 61.37 -31.39 36.30
CA GLU AA 1172 60.71 -30.16 36.69
C GLU AA 1172 60.86 -29.09 35.63
N ARG AA 1173 62.04 -29.02 35.00
CA ARG AA 1173 62.33 -27.97 34.04
C ARG AA 1173 61.65 -28.22 32.69
N ALA AA 1174 61.50 -29.49 32.32
CA ALA AA 1174 61.02 -29.88 31.01
C ALA AA 1174 59.56 -30.30 31.00
N LEU AA 1175 58.95 -30.53 32.16
CA LEU AA 1175 57.54 -30.88 32.25
C LEU AA 1175 56.83 -29.79 33.04
N ASP AA 1176 56.49 -28.72 32.34
CA ASP AA 1176 55.68 -27.65 32.87
C ASP AA 1176 54.73 -27.19 31.78
N PRO AA 1177 53.65 -26.49 32.14
CA PRO AA 1177 52.65 -26.14 31.12
C PRO AA 1177 53.23 -25.38 29.94
N THR AA 1178 54.25 -24.55 30.16
CA THR AA 1178 54.80 -23.78 29.05
C THR AA 1178 55.46 -24.69 28.02
N MET AA 1179 56.25 -25.66 28.46
CA MET AA 1179 56.99 -26.48 27.50
C MET AA 1179 56.10 -27.54 26.86
N ILE AA 1180 55.17 -28.11 27.64
CA ILE AA 1180 54.21 -29.03 27.04
C ILE AA 1180 53.34 -28.29 26.03
N ALA AA 1181 52.96 -27.06 26.34
CA ALA AA 1181 52.19 -26.26 25.40
C ALA AA 1181 52.99 -25.93 24.16
N HIS AA 1182 54.28 -25.61 24.32
CA HIS AA 1182 55.09 -25.34 23.14
C HIS AA 1182 55.28 -26.58 22.30
N ALA AA 1183 55.38 -27.75 22.93
CA ALA AA 1183 55.44 -28.99 22.17
C ALA AA 1183 54.16 -29.23 21.41
N ALA AA 1184 53.02 -28.93 22.03
CA ALA AA 1184 51.76 -29.14 21.35
C ALA AA 1184 51.68 -28.30 20.08
N LEU AA 1185 52.00 -27.03 20.16
CA LEU AA 1185 51.98 -26.18 18.97
C LEU AA 1185 52.97 -26.66 17.93
N SER AA 1186 54.18 -26.98 18.35
CA SER AA 1186 55.20 -27.43 17.43
C SER AA 1186 54.89 -28.77 16.77
N ARG AA 1187 54.38 -29.72 17.52
CA ARG AA 1187 54.19 -31.06 16.97
C ARG AA 1187 52.75 -31.55 16.74
N SER AA 1188 51.77 -30.65 16.74
CA SER AA 1188 50.42 -31.08 16.45
C SER AA 1188 50.37 -31.66 15.04
N SER AA 1189 49.66 -32.76 14.86
CA SER AA 1189 49.66 -33.43 13.54
C SER AA 1189 49.06 -32.67 12.36
N GLN AA 1190 47.90 -32.04 12.55
CA GLN AA 1190 47.23 -31.35 11.44
C GLN AA 1190 47.12 -32.25 10.22
N LEU AA 1191 46.65 -33.47 10.41
CA LEU AA 1191 46.59 -34.45 9.31
C LEU AA 1191 46.23 -33.99 7.90
N GLY AA 1192 45.10 -33.32 7.71
CA GLY AA 1192 44.67 -32.96 6.37
C GLY AA 1192 45.10 -31.62 5.90
N ALA AA 1193 46.21 -31.12 6.43
CA ALA AA 1193 46.65 -29.79 6.10
C ALA AA 1193 47.25 -29.65 4.69
N PRO AA 1194 46.66 -28.79 3.82
CA PRO AA 1194 47.35 -28.60 2.55
C PRO AA 1194 48.74 -28.03 2.79
N LEU AA 1195 49.75 -28.74 2.33
CA LEU AA 1195 51.15 -28.38 2.58
C LEU AA 1195 51.46 -28.39 4.07
N ALA AA 1196 52.73 -28.28 4.42
CA ALA AA 1196 53.16 -28.38 5.80
C ALA AA 1196 53.39 -27.00 6.37
N MET AA 1197 53.25 -26.89 7.69
CA MET AA 1197 53.33 -25.59 8.33
C MET AA 1197 54.74 -25.03 8.23
N VAL AA 1198 55.74 -25.91 8.08
CA VAL AA 1198 57.11 -25.46 7.81
C VAL AA 1198 57.20 -24.79 6.45
N ASP AA 1199 56.51 -25.34 5.46
CA ASP AA 1199 56.60 -24.82 4.10
C ASP AA 1199 56.05 -23.42 4.00
N LEU AA 1200 54.93 -23.14 4.69
CA LEU AA 1200 54.32 -21.83 4.60
C LEU AA 1200 55.22 -20.76 5.19
N VAL AA 1201 55.81 -21.02 6.36
CA VAL AA 1201 56.86 -20.18 6.91
C VAL AA 1201 58.05 -21.04 7.30
N GLY AA 1202 59.12 -20.95 6.52
CA GLY AA 1202 60.36 -21.63 6.82
C GLY AA 1202 61.53 -20.78 6.37
N GLY AA 1203 62.54 -20.69 7.23
CA GLY AA 1203 63.73 -19.97 6.86
C GLY AA 1203 64.51 -20.70 5.78
N VAL AA 1204 65.31 -19.94 5.03
CA VAL AA 1204 66.23 -20.55 4.08
C VAL AA 1204 67.23 -21.39 4.86
N LEU AA 1205 67.51 -22.59 4.36
CA LEU AA 1205 68.32 -23.55 5.11
C LEU AA 1205 69.66 -22.97 5.53
N GLY AA 1206 70.39 -22.37 4.58
CA GLY AA 1206 71.71 -21.86 4.91
C GLY AA 1206 71.65 -20.56 5.68
N PHE AA 1207 70.57 -19.81 5.56
CA PHE AA 1207 70.48 -18.48 6.15
C PHE AA 1207 69.68 -18.51 7.46
N GLU AA 1208 70.34 -18.99 8.51
CA GLU AA 1208 69.72 -18.93 9.84
C GLU AA 1208 69.77 -17.52 10.40
N SER AA 1209 70.92 -16.84 10.24
CA SER AA 1209 71.07 -15.46 10.70
C SER AA 1209 71.47 -14.55 9.56
N THR AA 1233 80.52 2.17 6.08
CA THR AA 1233 79.25 1.51 6.39
C THR AA 1233 78.14 2.08 5.51
N SER AA 1234 78.17 3.39 5.29
CA SER AA 1234 77.12 4.05 4.51
C SER AA 1234 77.32 3.83 3.01
N ARG AA 1235 78.51 3.39 2.60
CA ARG AA 1235 78.76 3.21 1.18
C ARG AA 1235 77.93 2.06 0.61
N GLU AA 1236 77.90 0.92 1.31
CA GLU AA 1236 77.05 -0.19 0.89
C GLU AA 1236 75.58 0.20 0.95
N VAL AA 1237 75.22 1.05 1.93
CA VAL AA 1237 73.89 1.63 1.98
C VAL AA 1237 73.56 2.32 0.66
N MET AA 1238 74.33 3.36 0.32
CA MET AA 1238 74.01 4.17 -0.85
C MET AA 1238 74.08 3.33 -2.11
N GLY AA 1239 74.95 2.31 -2.13
CA GLY AA 1239 74.96 1.40 -3.25
C GLY AA 1239 73.64 0.66 -3.42
N ALA AA 1240 73.11 0.09 -2.33
CA ALA AA 1240 71.83 -0.60 -2.40
C ALA AA 1240 70.73 0.37 -2.81
N MET AA 1241 70.76 1.59 -2.28
CA MET AA 1241 69.76 2.58 -2.66
C MET AA 1241 69.81 2.85 -4.16
N GLY AA 1242 70.95 3.34 -4.67
CA GLY AA 1242 71.04 3.68 -6.08
C GLY AA 1242 70.75 2.49 -6.98
N SER AA 1243 70.98 1.28 -6.47
CA SER AA 1243 70.66 0.07 -7.22
C SER AA 1243 69.14 -0.13 -7.35
N ASN AA 1244 68.40 -0.04 -6.24
CA ASN AA 1244 66.97 -0.30 -6.35
C ASN AA 1244 66.20 0.91 -6.84
N LEU AA 1245 66.89 2.04 -7.01
CA LEU AA 1245 66.24 3.23 -7.55
C LEU AA 1245 65.70 2.98 -8.96
N LEU AA 1246 66.25 1.98 -9.65
CA LEU AA 1246 66.06 1.79 -11.07
C LEU AA 1246 65.03 0.72 -11.44
N GLU AA 1247 64.53 -0.04 -10.47
CA GLU AA 1247 63.79 -1.26 -10.76
C GLU AA 1247 62.60 -0.99 -11.66
N GLN AA 1248 62.48 -1.77 -12.73
CA GLN AA 1248 61.38 -1.64 -13.68
C GLN AA 1248 60.82 -3.01 -14.10
N MET AA 1249 60.96 -4.01 -13.25
CA MET AA 1249 60.32 -5.30 -13.50
C MET AA 1249 58.81 -5.18 -13.30
N PRO AA 1250 58.04 -6.04 -13.95
CA PRO AA 1250 56.57 -5.90 -13.86
C PRO AA 1250 56.03 -6.00 -12.45
N SER AA 1251 56.70 -6.71 -11.55
CA SER AA 1251 56.23 -6.79 -10.17
C SER AA 1251 56.20 -5.43 -9.51
N ALA AA 1252 57.19 -4.58 -9.80
CA ALA AA 1252 57.17 -3.22 -9.31
C ALA AA 1252 56.17 -2.36 -10.08
N GLY AA 1253 56.10 -2.53 -11.40
CA GLY AA 1253 55.22 -1.69 -12.20
C GLY AA 1253 53.75 -1.97 -11.96
N PHE AA 1254 53.38 -3.24 -11.81
CA PHE AA 1254 51.99 -3.65 -11.74
C PHE AA 1254 51.55 -3.89 -10.31
N VAL AA 1255 50.25 -3.74 -10.07
CA VAL AA 1255 49.67 -4.11 -8.79
C VAL AA 1255 49.58 -5.63 -8.70
N ALA AA 1256 49.81 -6.15 -7.49
CA ALA AA 1256 49.89 -7.59 -7.30
C ALA AA 1256 48.55 -8.26 -7.57
N ASN AA 1257 48.60 -9.45 -8.16
CA ASN AA 1257 47.37 -10.19 -8.45
C ASN AA 1257 46.66 -10.57 -7.17
N VAL AA 1258 45.33 -10.58 -7.23
CA VAL AA 1258 44.51 -10.95 -6.08
C VAL AA 1258 44.30 -12.47 -6.15
N GLY AA 1259 45.05 -13.21 -5.34
CA GLY AA 1259 44.77 -14.60 -5.11
C GLY AA 1259 45.71 -15.59 -5.78
N ALA AA 1260 46.49 -15.18 -6.77
CA ALA AA 1260 47.37 -16.13 -7.44
C ALA AA 1260 48.48 -15.36 -8.15
N THR AA 1261 49.70 -15.50 -7.65
CA THR AA 1261 50.84 -14.87 -8.31
C THR AA 1261 51.08 -15.51 -9.68
N LEU AA 1262 51.08 -16.84 -9.74
CA LEU AA 1262 51.33 -17.58 -10.98
C LEU AA 1262 52.62 -17.11 -11.66
N MET AA 1263 53.71 -17.14 -10.91
CA MET AA 1263 54.99 -16.69 -11.46
C MET AA 1263 55.49 -17.64 -12.52
N ASN AA 1264 56.01 -17.07 -13.60
CA ASN AA 1264 56.74 -17.81 -14.62
C ASN AA 1264 58.24 -17.68 -14.34
N ALA AA 1265 59.05 -18.14 -15.30
CA ALA AA 1265 60.50 -18.11 -15.11
C ALA AA 1265 61.02 -16.69 -14.98
N ALA AA 1266 60.47 -15.75 -15.77
CA ALA AA 1266 60.88 -14.37 -15.65
C ALA AA 1266 60.58 -13.81 -14.27
N GLY AA 1267 59.40 -14.12 -13.73
CA GLY AA 1267 59.06 -13.66 -12.39
C GLY AA 1267 59.97 -14.24 -11.32
N VAL AA 1268 60.34 -15.51 -11.48
CA VAL AA 1268 61.23 -16.15 -10.51
C VAL AA 1268 62.62 -15.53 -10.57
N VAL AA 1269 63.14 -15.31 -11.78
CA VAL AA 1269 64.46 -14.73 -11.91
C VAL AA 1269 64.48 -13.30 -11.40
N ASN AA 1270 63.41 -12.54 -11.65
CA ASN AA 1270 63.40 -11.15 -11.24
C ASN AA 1270 62.96 -10.97 -9.79
N SER AA 1271 62.63 -12.04 -9.09
CA SER AA 1271 62.20 -11.92 -7.71
C SER AA 1271 63.40 -11.62 -6.80
N PRO AA 1272 63.21 -10.84 -5.75
CA PRO AA 1272 64.28 -10.65 -4.77
C PRO AA 1272 64.55 -11.92 -3.98
N ASN AA 1273 65.77 -12.05 -3.47
CA ASN AA 1273 66.11 -13.22 -2.67
C ASN AA 1273 65.53 -13.11 -1.25
N LYS AA 1274 65.49 -11.90 -0.71
CA LYS AA 1274 64.91 -11.71 0.61
C LYS AA 1274 63.38 -11.80 0.56
N ALA AA 1275 62.81 -12.43 1.58
CA ALA AA 1275 61.37 -12.54 1.67
C ALA AA 1275 60.75 -11.22 2.12
N THR AA 1276 59.75 -10.75 1.38
CA THR AA 1276 59.14 -9.50 1.76
C THR AA 1276 58.22 -9.69 2.95
N GLU AA 1277 57.92 -8.58 3.61
CA GLU AA 1277 57.09 -8.63 4.81
C GLU AA 1277 55.68 -9.10 4.50
N GLN AA 1278 55.18 -8.81 3.29
CA GLN AA 1278 53.90 -9.38 2.89
C GLN AA 1278 53.96 -10.90 2.85
N ASP AA 1279 55.05 -11.46 2.30
CA ASP AA 1279 55.19 -12.90 2.23
C ASP AA 1279 55.22 -13.51 3.61
N PHE AA 1280 56.03 -12.95 4.51
CA PHE AA 1280 56.07 -13.50 5.86
C PHE AA 1280 54.71 -13.40 6.53
N MET AA 1281 54.03 -12.28 6.37
CA MET AA 1281 52.80 -12.09 7.12
C MET AA 1281 51.70 -13.03 6.61
N THR AA 1282 51.59 -13.18 5.29
CA THR AA 1282 50.60 -14.12 4.77
C THR AA 1282 50.96 -15.54 5.15
N GLY AA 1283 52.25 -15.88 5.16
CA GLY AA 1283 52.65 -17.19 5.60
C GLY AA 1283 52.30 -17.45 7.04
N LEU AA 1284 52.48 -16.45 7.89
CA LEU AA 1284 52.12 -16.58 9.30
C LEU AA 1284 50.63 -16.81 9.47
N MET AA 1285 49.82 -16.03 8.76
CA MET AA 1285 48.38 -16.21 8.87
C MET AA 1285 47.96 -17.59 8.38
N ASN AA 1286 48.51 -18.04 7.25
CA ASN AA 1286 48.15 -19.37 6.73
C ASN AA 1286 48.61 -20.47 7.67
N SER AA 1287 49.82 -20.34 8.22
CA SER AA 1287 50.34 -21.38 9.09
C SER AA 1287 49.56 -21.46 10.40
N THR AA 1288 49.14 -20.31 10.94
CA THR AA 1288 48.32 -20.33 12.15
C THR AA 1288 46.86 -20.64 11.85
N LYS AA 1289 46.45 -20.61 10.58
CA LYS AA 1289 45.09 -21.01 10.23
C LYS AA 1289 44.82 -22.44 10.69
N GLU AA 1290 45.87 -23.24 10.82
CA GLU AA 1290 45.71 -24.60 11.31
C GLU AA 1290 45.60 -24.63 12.84
N LEU AA 1291 46.50 -23.92 13.53
CA LEU AA 1291 46.49 -23.92 14.99
C LEU AA 1291 45.35 -23.07 15.54
N VAL AA 1292 45.12 -21.90 14.98
CA VAL AA 1292 44.12 -20.95 15.46
C VAL AA 1292 42.92 -21.03 14.53
N PRO AA 1293 41.81 -21.64 14.94
CA PRO AA 1293 40.65 -21.79 14.05
C PRO AA 1293 40.00 -20.47 13.70
N ASN AA 1294 39.49 -20.39 12.47
CA ASN AA 1294 38.87 -19.17 11.98
C ASN AA 1294 37.41 -19.06 12.44
N ASP AA 1295 36.81 -20.16 12.84
CA ASP AA 1295 35.41 -20.15 13.24
C ASP AA 1295 35.30 -19.80 14.72
N PRO AA 1296 34.56 -18.74 15.08
CA PRO AA 1296 34.34 -18.49 16.51
C PRO AA 1296 33.55 -19.57 17.19
N LEU AA 1297 32.71 -20.29 16.44
CA LEU AA 1297 31.85 -21.31 17.05
C LEU AA 1297 32.68 -22.47 17.58
N THR AA 1298 33.69 -22.92 16.84
CA THR AA 1298 34.51 -24.02 17.33
C THR AA 1298 35.32 -23.59 18.53
N GLN AA 1299 35.72 -22.31 18.59
CA GLN AA 1299 36.32 -21.79 19.81
C GLN AA 1299 35.37 -21.85 20.99
N GLN AA 1300 34.10 -21.48 20.78
CA GLN AA 1300 33.17 -21.56 21.89
C GLN AA 1300 32.94 -23.00 22.32
N LEU AA 1301 32.88 -23.92 21.35
CA LEU AA 1301 32.68 -25.32 21.67
C LEU AA 1301 33.86 -25.90 22.43
N VAL AA 1302 35.08 -25.58 21.99
CA VAL AA 1302 36.27 -25.99 22.71
C VAL AA 1302 36.26 -25.42 24.12
N LEU AA 1303 35.85 -24.15 24.25
CA LEU AA 1303 35.79 -23.51 25.55
C LEU AA 1303 34.81 -24.20 26.47
N LYS AA 1304 33.63 -24.56 25.96
CA LYS AA 1304 32.63 -25.19 26.81
C LYS AA 1304 33.03 -26.62 27.15
N ILE AA 1305 33.73 -27.30 26.24
CA ILE AA 1305 34.28 -28.60 26.58
C ILE AA 1305 35.27 -28.47 27.73
N TYR AA 1306 36.14 -27.47 27.66
CA TYR AA 1306 37.09 -27.23 28.74
C TYR AA 1306 36.38 -26.88 30.04
N GLU AA 1307 35.33 -26.06 29.96
CA GLU AA 1307 34.61 -25.67 31.16
C GLU AA 1307 33.97 -26.88 31.83
N ALA AA 1308 33.32 -27.73 31.04
CA ALA AA 1308 32.78 -28.96 31.59
C ALA AA 1308 33.89 -29.85 32.14
N ASN AA 1309 35.09 -29.74 31.58
CA ASN AA 1309 36.19 -30.59 32.04
C ASN AA 1309 36.83 -30.04 33.32
N GLY AA 1310 37.28 -28.80 33.29
CA GLY AA 1310 38.01 -28.23 34.42
C GLY AA 1310 39.44 -27.86 34.02
N VAL AA 1311 40.10 -27.14 34.93
CA VAL AA 1311 41.41 -26.57 34.67
C VAL AA 1311 42.27 -26.69 35.94
N ASN AA 1312 43.59 -26.75 35.75
CA ASN AA 1312 44.50 -27.00 36.87
C ASN AA 1312 44.68 -25.80 37.79
N LEU AA 1313 44.84 -24.60 37.24
CA LEU AA 1313 45.02 -23.33 37.96
C LEU AA 1313 46.37 -23.12 38.65
N ARG AA 1314 47.40 -23.90 38.33
CA ARG AA 1314 48.75 -23.60 38.85
C ARG AA 1314 48.70 -23.62 40.38
N GLU AA 1315 49.50 -22.79 41.02
CA GLU AA 1315 49.55 -22.73 42.48
C GLU AA 1315 50.36 -21.50 42.90
N ARG AA 1316 50.03 -20.99 44.08
CA ARG AA 1316 50.87 -20.04 44.81
C ARG AA 1316 51.02 -18.75 43.99
N ARG AA 1317 52.25 -18.31 43.70
CA ARG AA 1317 52.55 -17.02 43.08
C ARG AA 1317 51.62 -16.62 41.94
N VAL BA 8 69.62 31.94 13.89
CA VAL BA 8 68.73 30.93 14.46
C VAL BA 8 69.05 29.51 13.95
N PRO BA 9 69.06 29.29 12.64
CA PRO BA 9 69.33 27.92 12.14
C PRO BA 9 70.70 27.42 12.57
N SER BA 10 70.75 26.14 12.92
CA SER BA 10 71.97 25.54 13.46
C SER BA 10 72.22 24.16 12.86
N ASP BA 11 72.09 24.06 11.54
CA ASP BA 11 72.72 22.99 10.76
C ASP BA 11 71.99 21.66 10.90
N TYR BA 12 70.98 21.60 11.75
CA TYR BA 12 70.32 20.31 11.96
C TYR BA 12 68.84 20.41 11.62
N ASP BA 13 68.45 21.49 10.96
CA ASP BA 13 67.05 21.75 10.70
C ASP BA 13 66.46 20.71 9.76
N GLY BA 14 67.23 20.29 8.75
CA GLY BA 14 66.75 19.24 7.86
C GLY BA 14 66.55 17.93 8.60
N LEU BA 15 67.50 17.57 9.46
CA LEU BA 15 67.36 16.34 10.23
C LEU BA 15 66.17 16.41 11.17
N PHE BA 16 65.97 17.54 11.85
CA PHE BA 16 64.82 17.68 12.72
C PHE BA 16 63.52 17.59 11.94
N GLN BA 17 63.46 18.23 10.77
CA GLN BA 17 62.24 18.19 9.98
C GLN BA 17 61.93 16.78 9.49
N LYS BA 18 62.95 16.07 9.00
CA LYS BA 18 62.76 14.69 8.58
C LYS BA 18 62.32 13.81 9.75
N ALA BA 19 62.99 13.94 10.89
CA ALA BA 19 62.68 13.08 12.02
C ALA BA 19 61.38 13.49 12.68
N ALA BA 20 60.84 14.64 12.31
CA ALA BA 20 59.50 14.98 12.76
C ALA BA 20 58.44 14.40 11.85
N ASP BA 21 58.66 14.44 10.53
CA ASP BA 21 57.68 13.87 9.61
C ASP BA 21 57.56 12.37 9.81
N ALA BA 22 58.68 11.66 9.77
CA ALA BA 22 58.68 10.34 10.38
C ALA BA 22 58.49 10.50 11.87
N ASN BA 23 57.74 9.58 12.47
CA ASN BA 23 57.36 9.72 13.87
C ASN BA 23 56.63 11.04 14.07
N GLY BA 24 55.43 11.15 13.50
CA GLY BA 24 54.73 12.41 13.44
C GLY BA 24 54.66 13.14 14.75
N VAL BA 25 55.42 14.22 14.84
CA VAL BA 25 55.56 15.01 16.08
C VAL BA 25 55.96 16.41 15.65
N SER BA 26 55.65 17.41 16.46
CA SER BA 26 55.89 18.78 16.06
C SER BA 26 57.39 19.05 15.98
N TYR BA 27 57.80 19.71 14.89
CA TYR BA 27 59.20 20.04 14.71
C TYR BA 27 59.68 21.02 15.76
N ASP BA 28 58.78 21.91 16.19
CA ASP BA 28 59.15 22.90 17.21
C ASP BA 28 59.54 22.22 18.51
N LEU BA 29 58.83 21.16 18.88
CA LEU BA 29 59.14 20.44 20.11
C LEU BA 29 60.55 19.86 20.07
N LEU BA 30 60.89 19.17 18.98
CA LEU BA 30 62.22 18.59 18.87
C LEU BA 30 63.29 19.67 18.85
N ARG BA 31 63.05 20.75 18.11
CA ARG BA 31 64.04 21.82 18.04
C ARG BA 31 64.26 22.46 19.41
N LYS BA 32 63.18 22.71 20.16
CA LYS BA 32 63.34 23.35 21.46
C LYS BA 32 63.94 22.39 22.47
N VAL BA 33 63.66 21.10 22.33
CA VAL BA 33 64.34 20.10 23.16
C VAL BA 33 65.84 20.15 22.89
N ALA BA 34 66.23 20.28 21.63
CA ALA BA 34 67.64 20.47 21.32
C ALA BA 34 68.19 21.73 21.96
N TRP BA 35 67.43 22.84 21.86
CA TRP BA 35 67.81 24.11 22.47
C TRP BA 35 68.17 23.92 23.94
N THR BA 36 67.27 23.25 24.68
CA THR BA 36 67.48 23.10 26.11
C THR BA 36 68.59 22.10 26.41
N GLU BA 37 68.58 20.96 25.73
CA GLU BA 37 69.47 19.87 26.12
C GLU BA 37 70.92 20.20 25.80
N SER BA 38 71.19 20.64 24.57
CA SER BA 38 72.57 20.78 24.13
C SER BA 38 72.93 22.13 23.56
N ARG BA 39 71.96 22.98 23.28
CA ARG BA 39 72.18 24.25 22.58
C ARG BA 39 72.94 24.00 21.28
N PHE BA 40 72.47 22.97 20.56
CA PHE BA 40 72.94 22.64 19.21
C PHE BA 40 74.41 22.20 19.19
N VAL BA 41 74.73 21.13 19.91
CA VAL BA 41 76.04 20.51 19.87
C VAL BA 41 75.83 19.01 19.65
N PRO BA 42 76.63 18.35 18.82
CA PRO BA 42 76.44 16.89 18.66
C PRO BA 42 76.93 16.08 19.83
N THR BA 43 78.09 16.43 20.39
CA THR BA 43 78.60 15.77 21.59
C THR BA 43 78.78 16.82 22.68
N ALA BA 44 78.05 16.64 23.79
CA ALA BA 44 78.05 17.60 24.88
C ALA BA 44 78.78 17.02 26.08
N LYS BA 45 79.72 17.79 26.63
CA LYS BA 45 80.44 17.37 27.82
C LYS BA 45 79.60 17.70 29.04
N SER BA 46 79.14 16.66 29.74
CA SER BA 46 78.30 16.81 30.91
C SER BA 46 78.92 16.08 32.09
N LYS BA 47 78.80 16.68 33.27
CA LYS BA 47 79.35 16.06 34.47
C LYS BA 47 78.63 14.75 34.78
N THR BA 48 77.33 14.69 34.51
CA THR BA 48 76.56 13.48 34.77
C THR BA 48 77.05 12.31 33.94
N GLY BA 49 77.37 12.55 32.67
CA GLY BA 49 77.83 11.48 31.80
C GLY BA 49 77.15 11.37 30.44
N PRO BA 50 75.85 11.65 30.34
CA PRO BA 50 75.22 11.68 29.02
C PRO BA 50 75.90 12.67 28.09
N LEU BA 51 76.17 12.23 26.85
CA LEU BA 51 76.87 13.02 25.84
C LEU BA 51 76.17 12.78 24.51
N GLY BA 52 75.54 13.83 23.99
CA GLY BA 52 74.85 13.72 22.72
C GLY BA 52 74.15 15.00 22.35
N MET BA 53 73.58 15.00 21.14
CA MET BA 53 72.74 16.11 20.72
C MET BA 53 71.52 16.24 21.62
N MET BA 54 70.91 15.13 21.99
CA MET BA 54 69.77 15.12 22.89
C MET BA 54 70.15 14.93 24.35
N GLN BA 55 71.44 14.71 24.63
CA GLN BA 55 71.94 14.57 26.01
C GLN BA 55 71.27 13.42 26.75
N PHE BA 56 71.43 12.20 26.24
CA PHE BA 56 70.86 11.02 26.88
C PHE BA 56 71.80 9.83 26.70
N THR BA 57 72.32 9.33 27.82
CA THR BA 57 73.01 8.04 27.82
C THR BA 57 72.21 7.05 28.64
N LYS BA 58 72.00 7.36 29.92
CA LYS BA 58 71.01 6.76 30.83
C LYS BA 58 70.86 5.27 30.51
N ALA BA 59 69.65 4.75 30.38
CA ALA BA 59 69.40 3.51 29.67
C ALA BA 59 68.88 3.77 28.26
N THR BA 60 68.23 4.91 28.05
CA THR BA 60 67.78 5.29 26.71
C THR BA 60 68.99 5.56 25.83
N ALA BA 61 68.97 4.94 24.64
CA ALA BA 61 70.10 4.66 23.76
C ALA BA 61 69.93 3.25 23.25
N LYS BA 62 70.51 2.28 23.96
CA LYS BA 62 70.23 0.88 23.68
C LYS BA 62 68.73 0.63 23.75
N ALA BA 63 68.11 1.04 24.86
CA ALA BA 63 66.64 0.95 25.02
C ALA BA 63 65.93 0.93 23.68
N LEU BA 64 65.08 -0.07 23.45
CA LEU BA 64 64.47 -0.28 22.12
C LEU BA 64 65.61 -0.97 21.36
N GLY BA 65 65.74 -0.79 20.05
CA GLY BA 65 66.60 -1.69 19.29
C GLY BA 65 68.09 -1.57 19.56
N LEU BA 66 68.81 -0.97 18.61
CA LEU BA 66 70.27 -0.81 18.75
C LEU BA 66 71.02 -2.13 18.76
N ARG BA 67 70.45 -3.17 19.35
CA ARG BA 67 71.08 -4.49 19.33
C ARG BA 67 71.15 -5.12 17.94
N VAL BA 68 70.09 -4.98 17.16
CA VAL BA 68 70.04 -5.57 15.82
C VAL BA 68 71.13 -5.04 14.91
N THR BA 69 71.74 -3.93 15.29
CA THR BA 69 72.80 -3.33 14.52
C THR BA 69 74.04 -3.17 15.39
N ASP BA 70 75.20 -3.11 14.72
CA ASP BA 70 76.42 -2.76 15.44
C ASP BA 70 76.30 -1.35 16.01
N GLY BA 71 76.21 -1.27 17.33
CA GLY BA 71 75.82 -0.05 17.99
C GLY BA 71 76.97 0.71 18.61
N PRO BA 72 77.18 1.98 18.19
CA PRO BA 72 78.21 2.69 18.94
C PRO BA 72 77.58 2.88 20.30
N ASP BA 73 76.26 2.66 20.38
CA ASP BA 73 75.55 2.72 21.68
C ASP BA 73 75.69 4.01 22.46
N ASP BA 74 76.05 3.87 23.73
CA ASP BA 74 75.86 4.94 24.69
C ASP BA 74 77.00 5.92 24.52
N ASP BA 75 78.07 5.44 23.89
CA ASP BA 75 79.22 6.30 23.67
C ASP BA 75 79.01 7.21 22.49
N ARG BA 76 78.79 6.64 21.31
CA ARG BA 76 78.67 7.46 20.11
C ARG BA 76 77.30 7.25 19.48
N LEU BA 77 76.85 8.27 18.75
CA LEU BA 77 75.53 8.23 18.14
C LEU BA 77 75.56 8.92 16.79
N ASN BA 78 75.02 8.25 15.77
CA ASN BA 78 74.82 8.87 14.46
C ASN BA 78 73.73 9.93 14.57
N PRO BA 79 74.03 11.18 14.20
CA PRO BA 79 73.04 12.25 14.41
C PRO BA 79 71.69 11.96 13.79
N GLU BA 80 71.65 11.36 12.60
CA GLU BA 80 70.36 10.93 12.05
C GLU BA 80 69.69 9.95 12.99
N LEU BA 81 70.41 8.90 13.39
CA LEU BA 81 69.82 7.87 14.25
C LEU BA 81 69.46 8.44 15.60
N ALA BA 82 70.31 9.30 16.16
CA ALA BA 82 70.02 9.88 17.46
C ALA BA 82 68.75 10.72 17.41
N ILE BA 83 68.66 11.64 16.44
CA ILE BA 83 67.48 12.49 16.36
C ILE BA 83 66.23 11.67 16.04
N ASN BA 84 66.36 10.66 15.18
CA ASN BA 84 65.18 9.87 14.84
C ASN BA 84 64.70 9.04 16.01
N ALA BA 85 65.63 8.46 16.79
CA ALA BA 85 65.22 7.71 17.97
C ALA BA 85 64.58 8.63 19.00
N ALA BA 86 65.18 9.81 19.23
CA ALA BA 86 64.59 10.75 20.17
C ALA BA 86 63.21 11.20 19.70
N ALA BA 87 63.06 11.41 18.39
CA ALA BA 87 61.78 11.82 17.84
C ALA BA 87 60.74 10.72 17.99
N LYS BA 88 61.15 9.47 17.78
CA LYS BA 88 60.22 8.36 17.98
C LYS BA 88 59.78 8.26 19.42
N GLN BA 89 60.72 8.48 20.36
CA GLN BA 89 60.36 8.42 21.76
C GLN BA 89 59.45 9.57 22.15
N LEU BA 90 59.72 10.76 21.63
CA LEU BA 90 58.84 11.91 21.88
C LEU BA 90 57.46 11.69 21.27
N ALA BA 91 57.39 11.09 20.08
CA ALA BA 91 56.09 10.82 19.49
C ALA BA 91 55.32 9.80 20.32
N GLY BA 92 56.02 8.78 20.82
CA GLY BA 92 55.37 7.82 21.70
C GLY BA 92 54.85 8.46 22.97
N LEU BA 93 55.65 9.33 23.58
CA LEU BA 93 55.21 10.02 24.80
C LEU BA 93 54.03 10.95 24.51
N VAL BA 94 54.10 11.70 23.42
CA VAL BA 94 53.04 12.65 23.09
C VAL BA 94 51.74 11.91 22.84
N GLY BA 95 51.80 10.82 22.08
CA GLY BA 95 50.60 10.04 21.82
C GLY BA 95 50.07 9.37 23.07
N LYS BA 96 50.97 8.79 23.88
CA LYS BA 96 50.55 8.10 25.08
C LYS BA 96 49.94 9.04 26.10
N PHE BA 97 50.33 10.31 26.05
CA PHE BA 97 49.67 11.33 26.85
C PHE BA 97 48.62 12.08 26.04
N ASP BA 98 47.76 11.31 25.36
CA ASP BA 98 46.71 11.85 24.48
C ASP BA 98 47.42 12.76 23.47
N GLY BA 99 47.15 14.06 23.47
CA GLY BA 99 47.93 15.00 22.69
C GLY BA 99 48.76 15.96 23.50
N ASP BA 100 48.93 15.70 24.78
CA ASP BA 100 49.62 16.63 25.66
C ASP BA 100 51.11 16.65 25.37
N GLU BA 101 51.59 17.78 24.85
CA GLU BA 101 53.01 17.89 24.55
C GLU BA 101 53.81 18.26 25.78
N LEU BA 102 53.22 19.04 26.70
CA LEU BA 102 53.95 19.43 27.90
C LEU BA 102 54.16 18.25 28.84
N LYS BA 103 53.14 17.40 29.01
CA LYS BA 103 53.33 16.22 29.85
C LYS BA 103 54.36 15.29 29.24
N ALA BA 104 54.36 15.16 27.91
CA ALA BA 104 55.38 14.36 27.24
C ALA BA 104 56.76 14.96 27.45
N ALA BA 105 56.86 16.28 27.43
CA ALA BA 105 58.14 16.94 27.69
C ALA BA 105 58.61 16.69 29.12
N LEU BA 106 57.68 16.71 30.06
CA LEU BA 106 58.01 16.35 31.45
C LEU BA 106 58.51 14.93 31.53
N ALA BA 107 57.85 14.00 30.83
CA ALA BA 107 58.31 12.62 30.82
C ALA BA 107 59.67 12.47 30.16
N TYR BA 108 59.95 13.30 29.16
CA TYR BA 108 61.27 13.28 28.52
C TYR BA 108 62.35 13.77 29.47
N ASN BA 109 62.13 14.92 30.11
CA ASN BA 109 63.18 15.54 30.90
C ASN BA 109 63.36 14.83 32.24
N GLN BA 110 62.28 14.65 32.99
CA GLN BA 110 62.35 14.04 34.30
C GLN BA 110 62.32 12.52 34.24
N GLY BA 111 62.21 11.94 33.06
CA GLY BA 111 62.21 10.50 32.93
C GLY BA 111 60.92 9.90 33.44
N GLU BA 112 61.00 8.61 33.75
CA GLU BA 112 59.88 7.87 34.30
C GLU BA 112 60.39 6.87 35.33
N GLY BA 113 59.48 6.41 36.18
CA GLY BA 113 59.78 5.38 37.16
C GLY BA 113 60.30 5.87 38.49
N ARG BA 114 61.58 6.24 38.55
CA ARG BA 114 62.18 6.54 39.85
C ARG BA 114 61.69 7.87 40.40
N LEU BA 115 61.65 8.90 39.55
CA LEU BA 115 61.14 10.22 39.94
C LEU BA 115 60.13 10.74 38.94
N GLY BA 116 60.04 10.11 37.77
CA GLY BA 116 59.19 10.63 36.73
C GLY BA 116 57.71 10.49 37.05
N ASN BA 117 57.26 9.26 37.29
CA ASN BA 117 55.83 9.01 37.42
C ASN BA 117 55.16 9.82 38.54
N PRO BA 118 55.75 10.00 39.73
CA PRO BA 118 55.12 10.91 40.70
C PRO BA 118 54.90 12.31 40.13
N GLN BA 119 55.86 12.83 39.38
CA GLN BA 119 55.71 14.18 38.84
C GLN BA 119 54.69 14.21 37.70
N LEU BA 120 54.63 13.14 36.91
CA LEU BA 120 53.61 13.06 35.87
C LEU BA 120 52.22 13.00 36.48
N GLU BA 121 52.06 12.24 37.56
CA GLU BA 121 50.78 12.18 38.27
C GLU BA 121 50.42 13.53 38.88
N ALA BA 122 51.40 14.21 39.47
CA ALA BA 122 51.17 15.54 40.00
C ALA BA 122 50.74 16.49 38.90
N TYR BA 123 51.39 16.42 37.75
CA TYR BA 123 50.94 17.19 36.59
C TYR BA 123 49.50 16.87 36.25
N SER BA 124 49.16 15.58 36.25
CA SER BA 124 47.82 15.14 35.88
C SER BA 124 46.76 15.68 36.81
N LYS BA 125 47.07 15.88 38.09
CA LYS BA 125 46.08 16.42 39.00
C LYS BA 125 46.24 17.91 39.20
N GLY BA 126 46.64 18.64 38.17
CA GLY BA 126 47.00 20.03 38.37
C GLY BA 126 48.33 20.09 39.10
N ASP BA 127 48.30 20.44 40.39
CA ASP BA 127 49.38 20.20 41.35
C ASP BA 127 50.78 20.44 40.80
N PHE BA 128 50.99 21.60 40.17
CA PHE BA 128 52.29 21.90 39.61
C PHE BA 128 53.33 22.19 40.69
N ALA BA 129 52.89 22.44 41.92
CA ALA BA 129 53.84 22.67 43.01
C ALA BA 129 54.60 21.40 43.36
N SER BA 130 53.95 20.24 43.22
CA SER BA 130 54.61 18.99 43.55
C SER BA 130 55.67 18.63 42.51
N ILE BA 131 55.50 19.13 41.27
CA ILE BA 131 56.49 18.88 40.24
C ILE BA 131 57.81 19.57 40.61
N SER BA 132 58.91 18.92 40.28
CA SER BA 132 60.22 19.47 40.59
C SER BA 132 60.44 20.79 39.87
N GLU BA 133 61.34 21.60 40.43
CA GLU BA 133 61.62 22.91 39.85
C GLU BA 133 62.23 22.78 38.47
N GLU BA 134 63.12 21.80 38.27
CA GLU BA 134 63.76 21.64 36.97
C GLU BA 134 62.73 21.31 35.90
N GLY BA 135 61.87 20.33 36.15
CA GLY BA 135 60.85 19.98 35.17
C GLY BA 135 59.85 21.09 34.96
N ARG BA 136 59.53 21.84 36.02
CA ARG BA 136 58.59 22.95 35.88
C ARG BA 136 59.17 24.04 34.99
N ASN BA 137 60.45 24.37 35.18
CA ASN BA 137 61.11 25.33 34.29
C ASN BA 137 61.20 24.80 32.87
N TYR BA 138 61.40 23.49 32.73
CA TYR BA 138 61.48 22.87 31.41
C TYR BA 138 60.16 23.04 30.66
N MET BA 139 59.04 22.75 31.34
CA MET BA 139 57.74 22.96 30.71
C MET BA 139 57.48 24.45 30.43
N ARG BA 140 57.92 25.33 31.33
CA ARG BA 140 57.77 26.76 31.08
C ARG BA 140 58.53 27.19 29.83
N ASN BA 141 59.75 26.67 29.66
CA ASN BA 141 60.51 26.94 28.45
C ASN BA 141 59.78 26.45 27.22
N LEU BA 142 59.07 25.33 27.35
CA LEU BA 142 58.39 24.75 26.20
C LEU BA 142 56.95 25.24 26.02
N LEU BA 143 56.45 26.18 26.86
CA LEU BA 143 55.05 26.58 26.77
C LEU BA 143 54.66 27.02 25.37
N ASP BA 144 55.54 27.77 24.69
CA ASP BA 144 55.18 28.30 23.38
C ASP BA 144 55.10 27.20 22.33
N VAL BA 145 56.12 26.33 22.26
CA VAL BA 145 56.22 25.40 21.15
C VAL BA 145 55.35 24.18 21.38
N ALA BA 146 54.96 23.94 22.63
CA ALA BA 146 54.15 22.79 22.99
C ALA BA 146 52.70 23.22 23.14
N LYS BA 147 51.78 22.35 22.75
CA LYS BA 147 50.35 22.57 22.93
C LYS BA 147 49.85 21.61 24.00
N SER BA 148 49.19 22.15 25.02
CA SER BA 148 48.75 21.39 26.15
C SER BA 148 47.41 21.90 26.65
N PRO BA 149 46.55 21.00 27.14
CA PRO BA 149 45.39 21.48 27.89
C PRO BA 149 45.78 22.16 29.20
N MET BA 150 46.98 21.87 29.69
CA MET BA 150 47.44 22.38 30.98
C MET BA 150 48.28 23.64 30.85
N ALA BA 151 48.41 24.18 29.64
CA ALA BA 151 49.25 25.35 29.44
C ALA BA 151 48.72 26.54 30.21
N GLY BA 152 47.41 26.73 30.20
CA GLY BA 152 46.83 27.83 30.96
C GLY BA 152 47.08 27.71 32.45
N GLN BA 153 46.88 26.52 33.00
CA GLN BA 153 47.09 26.33 34.42
C GLN BA 153 48.56 26.52 34.78
N LEU BA 154 49.48 26.09 33.91
CA LEU BA 154 50.89 26.35 34.18
C LEU BA 154 51.19 27.84 34.13
N GLU BA 155 50.60 28.55 33.18
CA GLU BA 155 50.86 29.98 33.05
C GLU BA 155 50.34 30.74 34.27
N THR BA 156 49.18 30.36 34.78
CA THR BA 156 48.64 31.02 35.97
C THR BA 156 49.52 30.73 37.19
N PHE BA 157 50.00 29.50 37.33
CA PHE BA 157 50.77 29.08 38.50
C PHE BA 157 52.05 29.89 38.66
N ASN BA 222 56.63 41.60 26.99
CA ASN BA 222 57.56 40.48 27.05
C ASN BA 222 57.79 39.91 25.66
N SER BA 223 58.57 40.64 24.85
CA SER BA 223 58.81 40.29 23.45
C SER BA 223 57.51 40.22 22.67
N ARG BA 224 56.51 40.95 23.13
CA ARG BA 224 55.20 41.02 22.49
C ARG BA 224 55.05 42.39 21.84
N SER BA 225 54.59 42.39 20.58
CA SER BA 225 54.39 43.64 19.86
C SER BA 225 53.42 44.54 20.62
N THR BA 226 53.79 45.80 20.79
CA THR BA 226 53.02 46.70 21.63
C THR BA 226 51.67 47.00 20.99
N PHE BA 227 50.60 46.76 21.74
CA PHE BA 227 49.26 47.12 21.30
C PHE BA 227 49.13 48.62 21.12
N PHE BA 228 49.61 49.38 22.11
CA PHE BA 228 49.58 50.83 22.09
C PHE BA 228 50.62 51.38 23.05
N GLY BA 229 51.31 52.42 22.64
CA GLY BA 229 52.29 53.06 23.50
C GLY BA 229 53.66 52.42 23.42
N PHE BA 230 54.33 52.43 24.57
CA PHE BA 230 55.68 51.89 24.65
C PHE BA 230 55.64 50.41 25.03
N LYS BA 231 56.79 49.76 24.90
CA LYS BA 231 56.86 48.32 25.08
C LYS BA 231 56.89 47.93 26.55
N ASN BA 232 56.36 46.74 26.84
CA ASN BA 232 56.45 46.12 28.16
C ASN BA 232 55.86 46.98 29.27
N ALA BA 233 56.72 47.73 29.95
CA ALA BA 233 56.35 48.37 31.20
C ALA BA 233 55.14 49.28 31.04
N ALA BA 234 55.03 49.97 29.91
CA ALA BA 234 53.89 50.81 29.70
C ALA BA 234 52.60 50.02 29.85
N GLU BA 235 52.36 49.09 28.94
CA GLU BA 235 51.11 48.34 28.99
C GLU BA 235 50.91 47.45 30.20
N ALA BA 236 51.95 46.71 30.56
CA ALA BA 236 51.85 45.81 31.71
C ALA BA 236 51.49 46.55 32.98
N GLU BA 237 52.47 47.16 33.62
CA GLU BA 237 52.17 47.80 34.89
C GLU BA 237 51.21 48.98 34.81
N LEU BA 238 51.45 49.90 33.89
CA LEU BA 238 50.61 51.09 33.83
C LEU BA 238 49.17 50.98 33.32
N SER BA 239 48.94 50.22 32.26
CA SER BA 239 47.59 50.21 31.67
C SER BA 239 46.51 49.55 32.49
N ASN BA 240 45.32 50.15 32.45
CA ASN BA 240 44.19 49.59 33.16
C ASN BA 240 42.97 49.61 32.26
N SER BA 241 43.17 49.97 31.00
CA SER BA 241 42.06 49.99 30.05
C SER BA 241 42.27 48.91 28.98
N VAL BA 242 41.44 47.86 29.05
CA VAL BA 242 41.24 46.86 28.00
C VAL BA 242 42.51 46.46 27.26
N ALA BA 243 43.19 47.41 26.63
CA ALA BA 243 44.39 47.09 25.86
C ALA BA 243 45.46 46.50 26.77
N GLY BA 244 45.62 47.05 27.96
CA GLY BA 244 46.53 46.45 28.91
C GLY BA 244 46.10 45.05 29.30
N MET BA 245 44.80 44.84 29.49
CA MET BA 245 44.30 43.51 29.76
C MET BA 245 44.60 42.58 28.60
N ALA BA 246 44.31 43.02 27.38
CA ALA BA 246 44.54 42.19 26.20
C ALA BA 246 46.00 41.81 26.06
N PHE BA 247 46.90 42.76 26.31
CA PHE BA 247 48.32 42.45 26.28
C PHE BA 247 48.69 41.47 27.39
N ARG BA 248 48.12 41.65 28.58
CA ARG BA 248 48.51 40.80 29.70
C ARG BA 248 48.00 39.38 29.55
N ALA BA 249 46.97 39.15 28.76
CA ALA BA 249 46.45 37.82 28.51
C ALA BA 249 46.83 37.27 27.14
N GLY BA 250 47.87 37.81 26.52
CA GLY BA 250 48.15 37.47 25.12
C GLY BA 250 48.68 36.06 24.95
N ARG BA 251 49.91 35.82 25.40
CA ARG BA 251 50.55 34.52 25.29
C ARG BA 251 50.64 34.02 23.86
N LEU BA 252 51.52 34.65 23.07
CA LEU BA 252 51.78 34.21 21.69
C LEU BA 252 52.07 32.72 21.64
N ASP BA 253 51.45 32.04 20.68
CA ASP BA 253 51.65 30.61 20.56
C ASP BA 253 52.98 30.29 19.89
N ASN BA 254 53.16 30.74 18.65
CA ASN BA 254 54.29 30.37 17.81
C ASN BA 254 54.33 28.88 17.54
N GLY BA 255 53.16 28.23 17.54
CA GLY BA 255 53.10 26.80 17.34
C GLY BA 255 52.04 26.33 16.37
N PHE BA 256 51.78 27.11 15.32
CA PHE BA 256 50.77 26.76 14.32
C PHE BA 256 51.35 25.80 13.31
N ASP BA 257 50.72 24.63 13.18
CA ASP BA 257 51.08 23.63 12.20
C ASP BA 257 49.92 23.49 11.24
N VAL BA 258 50.18 23.72 9.95
CA VAL BA 258 49.10 23.80 8.98
C VAL BA 258 48.40 22.45 8.85
N PHE BA 259 49.15 21.36 8.94
CA PHE BA 259 48.54 20.05 8.77
C PHE BA 259 48.00 19.51 10.09
N LYS BA 260 48.39 20.13 11.20
CA LYS BA 260 47.83 19.75 12.49
C LYS BA 260 46.54 20.52 12.77
N ASP BA 261 46.52 21.80 12.43
CA ASP BA 261 45.39 22.66 12.79
C ASP BA 261 44.42 22.84 11.62
N THR BA 262 44.95 23.15 10.44
CA THR BA 262 44.07 23.44 9.30
C THR BA 262 43.65 22.17 8.58
N ILE BA 263 44.58 21.46 7.96
CA ILE BA 263 44.24 20.31 7.14
C ILE BA 263 44.67 19.03 7.82
N THR BA 264 43.77 18.43 8.57
CA THR BA 264 44.09 17.22 9.30
C THR BA 264 43.95 16.02 8.38
N PRO BA 265 44.98 15.17 8.27
CA PRO BA 265 44.86 13.95 7.49
C PRO BA 265 43.82 13.03 8.12
N THR BA 266 42.77 12.73 7.36
CA THR BA 266 41.77 11.79 7.84
C THR BA 266 42.22 10.36 7.56
N ARG BA 267 41.33 9.42 7.85
CA ARG BA 267 41.64 8.01 7.61
C ARG BA 267 41.68 7.71 6.12
N TRP BA 268 40.81 8.35 5.34
CA TRP BA 268 40.61 7.94 3.96
C TRP BA 268 41.51 8.73 3.02
N ASN BA 269 41.84 9.97 3.36
CA ASN BA 269 43.07 10.54 2.85
C ASN BA 269 44.24 9.80 3.47
N SER BA 270 45.37 9.81 2.78
CA SER BA 270 46.62 9.23 3.25
C SER BA 270 46.58 7.72 3.39
N HIS BA 271 45.53 7.04 2.92
CA HIS BA 271 45.45 5.59 2.98
C HIS BA 271 45.57 5.03 1.58
N ILE BA 272 46.70 4.43 1.27
CA ILE BA 272 46.96 3.87 -0.05
C ILE BA 272 46.34 2.48 -0.10
N TRP BA 273 45.53 2.24 -1.13
CA TRP BA 273 44.74 1.02 -1.19
C TRP BA 273 45.60 -0.21 -1.40
N THR BA 274 45.18 -1.31 -0.81
CA THR BA 274 45.70 -2.62 -1.12
C THR BA 274 45.05 -3.13 -2.39
N PRO BA 275 45.64 -4.12 -3.05
CA PRO BA 275 45.05 -4.61 -4.31
C PRO BA 275 43.61 -5.09 -4.15
N GLU BA 276 43.29 -5.75 -3.03
CA GLU BA 276 41.92 -6.17 -2.78
C GLU BA 276 40.99 -4.97 -2.62
N GLU BA 277 41.44 -3.95 -1.88
CA GLU BA 277 40.65 -2.74 -1.75
C GLU BA 277 40.47 -2.05 -3.10
N LEU BA 278 41.53 -2.02 -3.91
CA LEU BA 278 41.43 -1.42 -5.23
C LEU BA 278 40.40 -2.14 -6.08
N GLU BA 279 40.41 -3.47 -6.05
CA GLU BA 279 39.43 -4.22 -6.83
C GLU BA 279 38.02 -3.95 -6.33
N LYS BA 280 37.84 -3.90 -5.02
CA LYS BA 280 36.52 -3.61 -4.46
C LYS BA 280 36.03 -2.24 -4.91
N ILE BA 281 36.92 -1.24 -4.87
CA ILE BA 281 36.55 0.11 -5.26
C ILE BA 281 36.22 0.17 -6.75
N ARG BA 282 37.04 -0.49 -7.57
CA ARG BA 282 36.81 -0.46 -9.00
C ARG BA 282 35.48 -1.11 -9.36
N THR BA 283 35.16 -2.24 -8.72
CA THR BA 283 33.91 -2.91 -9.07
C THR BA 283 32.68 -2.21 -8.49
N GLU BA 284 32.76 -1.72 -7.26
CA GLU BA 284 31.56 -1.36 -6.51
C GLU BA 284 31.28 0.13 -6.43
N VAL BA 285 32.17 0.99 -6.93
CA VAL BA 285 31.99 2.44 -6.82
C VAL BA 285 31.64 2.98 -8.18
N LYS BA 286 30.52 3.71 -8.27
CA LYS BA 286 30.08 4.24 -9.55
C LYS BA 286 31.01 5.34 -10.02
N ASN BA 287 31.08 6.43 -9.27
CA ASN BA 287 32.06 7.48 -9.53
C ASN BA 287 33.09 7.47 -8.41
N PRO BA 288 34.33 7.04 -8.67
CA PRO BA 288 35.32 6.95 -7.59
C PRO BA 288 35.65 8.28 -6.95
N ALA BA 289 35.37 9.41 -7.63
CA ALA BA 289 35.67 10.71 -7.03
C ALA BA 289 34.87 10.93 -5.77
N TYR BA 290 33.74 10.25 -5.62
CA TYR BA 290 32.94 10.38 -4.41
C TYR BA 290 33.56 9.69 -3.21
N ILE BA 291 34.62 8.92 -3.42
CA ILE BA 291 35.38 8.38 -2.29
C ILE BA 291 36.16 9.50 -1.61
N ASN BA 292 36.47 10.56 -2.35
CA ASN BA 292 37.35 11.59 -1.84
C ASN BA 292 36.69 12.45 -0.77
N VAL BA 293 35.36 12.62 -0.86
CA VAL BA 293 34.66 13.45 0.10
C VAL BA 293 34.30 12.65 1.33
N VAL BA 294 34.54 13.25 2.50
CA VAL BA 294 34.18 12.62 3.78
C VAL BA 294 33.33 13.58 4.59
N THR BA 295 32.02 13.50 4.43
CA THR BA 295 31.15 14.41 5.17
C THR BA 295 30.72 13.76 6.49
N GLY BA 296 30.74 14.57 7.54
CA GLY BA 296 30.40 14.06 8.85
C GLY BA 296 31.44 13.10 9.39
N GLY BA 297 30.96 12.15 10.19
CA GLY BA 297 31.85 11.17 10.78
C GLY BA 297 32.44 10.25 9.73
N SER BA 298 33.69 9.84 9.97
CA SER BA 298 34.38 9.00 9.02
C SER BA 298 33.79 7.60 9.02
N PRO BA 299 33.47 7.03 7.85
CA PRO BA 299 32.99 5.64 7.83
C PRO BA 299 34.03 4.70 8.39
N GLU BA 300 33.57 3.68 9.11
CA GLU BA 300 34.49 2.82 9.85
C GLU BA 300 35.27 1.91 8.91
N ASN BA 301 34.63 1.43 7.86
CA ASN BA 301 35.24 0.47 6.97
C ASN BA 301 34.92 0.80 5.53
N LEU BA 302 35.71 0.24 4.61
CA LEU BA 302 35.61 0.60 3.20
C LEU BA 302 34.25 0.28 2.62
N ASP BA 303 33.57 -0.72 3.16
CA ASP BA 303 32.23 -1.03 2.66
C ASP BA 303 31.28 0.12 2.91
N ASP BA 304 31.35 0.72 4.10
CA ASP BA 304 30.52 1.88 4.39
C ASP BA 304 30.90 3.07 3.51
N LEU BA 305 32.20 3.26 3.27
CA LEU BA 305 32.64 4.35 2.39
C LEU BA 305 32.08 4.15 0.99
N ILE BA 306 32.11 2.92 0.48
CA ILE BA 306 31.58 2.63 -0.85
C ILE BA 306 30.09 2.88 -0.90
N LYS BA 307 29.37 2.44 0.14
CA LYS BA 307 27.93 2.66 0.19
C LYS BA 307 27.60 4.14 0.20
N LEU BA 308 28.31 4.90 1.04
CA LEU BA 308 28.09 6.34 1.12
C LEU BA 308 28.42 7.02 -0.20
N ALA BA 309 29.48 6.58 -0.86
CA ALA BA 309 29.84 7.14 -2.16
C ALA BA 309 28.76 6.89 -3.19
N ASN BA 310 28.24 5.66 -3.24
CA ASN BA 310 27.20 5.37 -4.21
C ASN BA 310 25.92 6.15 -3.92
N GLU BA 311 25.55 6.26 -2.64
CA GLU BA 311 24.36 7.05 -2.31
C GLU BA 311 24.53 8.51 -2.69
N ASN BA 312 25.71 9.08 -2.41
CA ASN BA 312 25.95 10.47 -2.77
C ASN BA 312 25.92 10.66 -4.27
N PHE BA 313 26.51 9.72 -5.02
CA PHE BA 313 26.51 9.83 -6.47
C PHE BA 313 25.11 9.76 -7.03
N GLU BA 314 24.30 8.82 -6.52
CA GLU BA 314 22.93 8.72 -6.98
C GLU BA 314 22.15 9.99 -6.67
N ASN BA 315 22.34 10.54 -5.47
CA ASN BA 315 21.63 11.77 -5.11
C ASN BA 315 22.05 12.93 -5.99
N ASP BA 316 23.35 13.04 -6.30
CA ASP BA 316 23.79 14.17 -7.11
C ASP BA 316 23.34 14.03 -8.56
N SER BA 317 23.39 12.82 -9.11
CA SER BA 317 22.87 12.61 -10.46
C SER BA 317 21.37 12.90 -10.51
N ARG BA 318 20.65 12.46 -9.48
CA ARG BA 318 19.22 12.72 -9.37
C ARG BA 318 18.92 14.20 -9.12
N ALA BA 319 19.89 14.95 -8.59
CA ALA BA 319 19.66 16.35 -8.29
C ALA BA 319 20.12 17.28 -9.40
N ALA BA 320 20.91 16.81 -10.35
CA ALA BA 320 21.47 17.69 -11.37
C ALA BA 320 20.40 18.37 -12.21
N GLU BA 321 19.25 17.70 -12.43
CA GLU BA 321 18.23 18.29 -13.30
C GLU BA 321 17.60 19.52 -12.69
N ALA BA 322 17.57 19.62 -11.35
CA ALA BA 322 17.19 20.85 -10.67
C ALA BA 322 18.39 21.49 -9.99
N GLY BA 323 19.60 21.08 -10.37
CA GLY BA 323 20.79 21.53 -9.70
C GLY BA 323 21.26 22.88 -10.19
N LEU BA 324 22.50 23.20 -9.81
CA LEU BA 324 23.05 24.50 -10.14
C LEU BA 324 23.28 24.65 -11.64
N GLY BA 325 23.58 23.55 -12.32
CA GLY BA 325 23.69 23.62 -13.76
C GLY BA 325 22.41 24.07 -14.42
N ALA BA 326 21.27 23.52 -13.99
CA ALA BA 326 19.99 23.90 -14.57
C ALA BA 326 19.61 25.33 -14.16
N LYS BA 327 19.86 25.70 -12.91
CA LYS BA 327 19.54 27.06 -12.47
C LYS BA 327 20.34 28.09 -13.23
N LEU BA 328 21.61 27.82 -13.46
CA LEU BA 328 22.50 28.73 -14.18
C LEU BA 328 22.35 28.61 -15.69
N SER BA 329 21.60 27.61 -16.16
CA SER BA 329 21.41 27.44 -17.59
C SER BA 329 20.71 28.65 -18.20
N ALA BA 330 20.05 29.46 -17.38
CA ALA BA 330 19.45 30.70 -17.83
C ALA BA 330 20.09 31.87 -17.10
N GLY BA 331 20.92 32.62 -17.79
CA GLY BA 331 21.38 33.89 -17.26
C GLY BA 331 22.31 33.87 -16.07
N ILE BA 332 23.56 33.46 -16.26
CA ILE BA 332 24.56 33.62 -15.21
C ILE BA 332 24.82 35.11 -14.93
N ILE BA 333 25.02 35.91 -15.98
CA ILE BA 333 25.44 37.29 -15.76
C ILE BA 333 24.37 38.29 -16.17
N GLY BA 334 23.39 37.90 -16.98
CA GLY BA 334 22.24 38.78 -17.20
C GLY BA 334 21.39 38.89 -15.96
N ALA BA 335 21.41 37.88 -15.11
CA ALA BA 335 20.65 37.86 -13.87
C ALA BA 335 21.43 38.35 -12.67
N GLY BA 336 22.70 38.72 -12.84
CA GLY BA 336 23.50 39.18 -11.73
C GLY BA 336 23.78 38.11 -10.69
N VAL BA 337 24.08 36.89 -11.12
CA VAL BA 337 24.38 35.82 -10.18
C VAL BA 337 25.75 36.03 -9.57
N ASP BA 338 25.84 35.91 -8.25
CA ASP BA 338 27.09 36.13 -7.53
C ASP BA 338 27.60 34.80 -7.02
N PRO BA 339 28.56 34.17 -7.69
CA PRO BA 339 29.04 32.87 -7.22
C PRO BA 339 29.79 32.93 -5.90
N LEU BA 340 30.15 34.12 -5.43
CA LEU BA 340 30.89 34.22 -4.18
C LEU BA 340 30.03 33.77 -3.00
N SER BA 341 28.73 34.06 -3.04
CA SER BA 341 27.81 33.61 -2.00
C SER BA 341 27.20 32.27 -2.40
N TYR BA 342 28.06 31.26 -2.47
CA TYR BA 342 27.65 29.94 -2.90
C TYR BA 342 28.28 28.88 -2.01
N VAL BA 343 27.55 27.80 -1.83
CA VAL BA 343 28.02 26.65 -1.06
C VAL BA 343 29.11 25.96 -1.87
N PRO BA 344 29.96 25.13 -1.25
CA PRO BA 344 31.13 24.61 -1.96
C PRO BA 344 30.85 23.85 -3.25
N MET BA 345 29.59 23.53 -3.57
CA MET BA 345 29.24 23.10 -4.91
C MET BA 345 30.00 21.83 -5.33
N VAL BA 346 29.77 20.73 -4.62
CA VAL BA 346 30.66 19.59 -4.71
C VAL BA 346 30.20 18.61 -5.78
N GLY BA 347 28.93 18.22 -5.75
CA GLY BA 347 28.47 17.21 -6.70
C GLY BA 347 28.27 17.76 -8.09
N VAL BA 348 28.31 19.08 -8.25
CA VAL BA 348 28.03 19.70 -9.53
C VAL BA 348 29.17 19.44 -10.49
N THR BA 349 28.84 18.75 -11.59
CA THR BA 349 29.82 18.39 -12.60
C THR BA 349 29.52 19.06 -13.94
N GLY BA 350 28.55 19.95 -13.99
CA GLY BA 350 28.27 20.66 -15.22
C GLY BA 350 27.30 20.09 -16.24
N LYS BA 351 26.57 19.04 -15.88
CA LYS BA 351 25.97 18.20 -16.90
C LYS BA 351 24.72 18.77 -17.62
N GLY BA 352 23.75 19.31 -16.88
CA GLY BA 352 22.59 19.87 -17.52
C GLY BA 352 22.73 21.38 -17.64
N PHE BA 353 23.88 21.81 -18.13
CA PHE BA 353 24.22 23.22 -18.28
C PHE BA 353 24.32 23.55 -19.76
N LYS BA 354 23.20 23.93 -20.36
CA LYS BA 354 23.18 24.58 -21.66
C LYS BA 354 22.74 26.02 -21.44
N LEU BA 355 23.68 26.95 -21.53
CA LEU BA 355 23.37 28.34 -21.26
C LEU BA 355 22.60 28.92 -22.45
N ILE BA 356 21.29 28.87 -22.37
CA ILE BA 356 20.41 29.65 -23.23
C ILE BA 356 19.78 30.71 -22.35
N ASN BA 357 20.33 31.91 -22.38
CA ASN BA 357 19.71 33.03 -21.70
C ASN BA 357 18.54 33.52 -22.54
N LYS BA 358 17.35 33.57 -21.95
CA LYS BA 358 16.23 34.22 -22.62
C LYS BA 358 16.43 35.72 -22.54
N ALA BA 359 16.25 36.39 -23.68
CA ALA BA 359 16.89 37.66 -24.01
C ALA BA 359 18.33 37.33 -24.36
N LEU BA 360 18.96 38.12 -25.23
CA LEU BA 360 20.16 37.74 -25.95
C LEU BA 360 19.86 36.69 -27.01
N VAL BA 361 18.61 36.27 -27.14
CA VAL BA 361 18.17 35.37 -28.19
C VAL BA 361 17.24 36.14 -29.11
N VAL BA 362 17.75 36.60 -30.24
CA VAL BA 362 16.87 37.26 -31.20
C VAL BA 362 16.38 36.22 -32.18
N GLY BA 363 16.69 36.38 -33.46
CA GLY BA 363 16.28 35.39 -34.43
C GLY BA 363 17.05 34.13 -34.13
N ALA BA 364 16.39 33.00 -34.27
CA ALA BA 364 16.79 31.80 -33.58
C ALA BA 364 16.29 30.63 -34.39
N GLU BA 365 17.10 30.19 -35.35
CA GLU BA 365 16.66 29.13 -36.24
C GLU BA 365 16.74 27.80 -35.52
N SER BA 366 15.80 26.92 -35.80
CA SER BA 366 15.87 25.57 -35.21
C SER BA 366 16.72 24.64 -36.06
N ALA BA 367 16.81 24.91 -37.35
CA ALA BA 367 17.66 24.12 -38.24
C ALA BA 367 18.99 24.83 -38.47
N ALA BA 368 20.07 24.07 -38.44
CA ALA BA 368 21.38 24.64 -38.73
C ALA BA 368 21.53 24.89 -40.22
N LEU BA 369 22.42 25.81 -40.57
CA LEU BA 369 22.60 26.16 -41.98
C LEU BA 369 23.28 25.05 -42.76
N ASN BA 370 24.28 24.40 -42.18
CA ASN BA 370 25.04 23.34 -42.85
C ASN BA 370 24.99 22.10 -41.99
N VAL BA 371 25.45 20.98 -42.57
CA VAL BA 371 25.78 19.81 -41.77
C VAL BA 371 27.00 20.05 -40.92
N ALA BA 372 27.98 20.79 -41.43
CA ALA BA 372 28.95 21.45 -40.57
C ALA BA 372 28.17 22.46 -39.72
N SER BA 373 28.83 23.10 -38.77
CA SER BA 373 28.11 23.80 -37.70
C SER BA 373 27.30 22.74 -36.97
N GLU BA 374 25.97 22.84 -36.89
CA GLU BA 374 25.14 21.93 -36.09
C GLU BA 374 25.75 21.90 -34.69
N GLY BA 375 26.38 20.82 -34.25
CA GLY BA 375 26.95 20.76 -32.93
C GLY BA 375 28.43 21.03 -32.88
N LEU BA 376 28.95 20.95 -31.66
CA LEU BA 376 30.39 21.04 -31.42
C LEU BA 376 31.07 19.84 -32.07
N ARG BA 377 32.05 20.11 -32.95
CA ARG BA 377 32.56 19.06 -33.83
C ARG BA 377 33.70 18.26 -33.22
N THR BA 378 33.75 18.08 -31.90
CA THR BA 378 34.78 17.24 -31.29
C THR BA 378 34.58 15.79 -31.68
N SER BA 379 35.68 15.03 -31.67
CA SER BA 379 35.60 13.61 -31.99
C SER BA 379 35.88 12.70 -30.80
N VAL BA 380 36.16 13.24 -29.62
CA VAL BA 380 36.34 12.39 -28.46
C VAL BA 380 34.99 12.11 -27.81
N ALA BA 381 34.85 10.92 -27.23
CA ALA BA 381 33.65 10.57 -26.50
C ALA BA 381 33.55 11.45 -25.26
N GLY BA 382 32.32 11.71 -24.83
CA GLY BA 382 32.09 12.59 -23.71
C GLY BA 382 32.22 14.07 -24.04
N GLY BA 383 32.46 14.42 -25.29
CA GLY BA 383 32.38 15.81 -25.68
C GLY BA 383 30.96 16.34 -25.53
N ASP BA 384 30.86 17.66 -25.45
CA ASP BA 384 29.64 18.38 -25.11
C ASP BA 384 29.32 18.22 -23.62
N ALA BA 385 30.07 17.35 -22.94
CA ALA BA 385 29.86 17.19 -21.50
C ALA BA 385 31.03 17.75 -20.72
N ASP BA 386 32.25 17.39 -21.10
CA ASP BA 386 33.41 18.05 -20.51
C ASP BA 386 33.50 19.49 -20.96
N TYR BA 387 33.06 19.77 -22.19
CA TYR BA 387 32.95 21.16 -22.61
C TYR BA 387 31.96 21.91 -21.74
N ALA BA 388 30.83 21.28 -21.42
CA ALA BA 388 29.84 21.91 -20.56
C ALA BA 388 30.40 22.14 -19.16
N GLY BA 389 31.18 21.18 -18.66
CA GLY BA 389 31.79 21.38 -17.35
C GLY BA 389 32.79 22.52 -17.34
N ALA BA 390 33.64 22.57 -18.37
CA ALA BA 390 34.58 23.67 -18.48
C ALA BA 390 33.86 25.00 -18.62
N ALA BA 391 32.77 25.03 -19.38
CA ALA BA 391 32.01 26.26 -19.57
C ALA BA 391 31.36 26.70 -18.27
N LEU BA 392 30.76 25.77 -17.53
CA LEU BA 392 30.12 26.15 -16.27
C LEU BA 392 31.16 26.63 -15.26
N GLY BA 393 32.29 25.95 -15.18
CA GLY BA 393 33.35 26.42 -14.31
C GLY BA 393 33.86 27.79 -14.71
N GLY BA 394 34.01 28.01 -16.02
CA GLY BA 394 34.47 29.31 -16.47
C GLY BA 394 33.47 30.42 -16.23
N PHE BA 395 32.18 30.12 -16.39
CA PHE BA 395 31.15 31.11 -16.11
C PHE BA 395 31.14 31.46 -14.63
N VAL BA 396 31.17 30.45 -13.76
CA VAL BA 396 31.22 30.69 -12.33
C VAL BA 396 32.46 31.52 -11.99
N PHE BA 397 33.61 31.13 -12.51
CA PHE BA 397 34.84 31.84 -12.19
C PHE BA 397 34.80 33.28 -12.69
N GLY BA 398 34.35 33.49 -13.92
CA GLY BA 398 34.37 34.84 -14.48
C GLY BA 398 33.37 35.76 -13.81
N ALA BA 399 32.17 35.24 -13.53
CA ALA BA 399 31.19 36.05 -12.79
C ALA BA 399 31.70 36.37 -11.40
N GLY BA 400 32.31 35.40 -10.73
CA GLY BA 400 32.86 35.67 -9.41
C GLY BA 400 34.00 36.66 -9.46
N MET BA 401 34.83 36.60 -10.51
CA MET BA 401 35.94 37.52 -10.61
C MET BA 401 35.45 38.92 -10.92
N SER BA 402 34.38 39.03 -11.69
CA SER BA 402 33.74 40.32 -11.89
C SER BA 402 33.22 40.88 -10.57
N ALA BA 403 32.57 40.04 -9.77
CA ALA BA 403 32.09 40.49 -8.46
C ALA BA 403 33.26 40.91 -7.57
N ILE BA 404 34.34 40.14 -7.58
CA ILE BA 404 35.52 40.47 -6.79
C ILE BA 404 36.09 41.80 -7.22
N SER BA 405 36.24 42.02 -8.52
CA SER BA 405 36.80 43.27 -9.01
C SER BA 405 35.91 44.46 -8.65
N ASP BA 406 34.60 44.29 -8.77
CA ASP BA 406 33.70 45.37 -8.38
C ASP BA 406 33.82 45.70 -6.91
N ALA BA 407 33.87 44.66 -6.06
CA ALA BA 407 33.97 44.90 -4.62
C ALA BA 407 35.29 45.57 -4.27
N VAL BA 408 36.38 45.15 -4.90
CA VAL BA 408 37.68 45.76 -4.61
C VAL BA 408 37.70 47.20 -5.09
N ALA BA 409 37.06 47.47 -6.23
CA ALA BA 409 36.96 48.85 -6.71
C ALA BA 409 36.16 49.70 -5.73
N ALA BA 410 35.09 49.16 -5.16
CA ALA BA 410 34.34 49.90 -4.15
C ALA BA 410 35.20 50.18 -2.92
N GLY BA 411 35.94 49.17 -2.47
CA GLY BA 411 36.82 49.37 -1.32
C GLY BA 411 37.88 50.42 -1.58
N LEU BA 412 38.40 50.46 -2.80
CA LEU BA 412 39.40 51.47 -3.13
C LEU BA 412 38.77 52.84 -3.28
N LYS BA 413 37.53 52.90 -3.78
CA LYS BA 413 36.84 54.17 -3.89
C LYS BA 413 36.56 54.76 -2.52
N ARG BA 414 36.40 53.90 -1.51
CA ARG BA 414 36.32 54.41 -0.14
C ARG BA 414 37.56 55.23 0.21
N SER BA 415 38.74 54.74 -0.16
CA SER BA 415 39.95 55.51 0.07
C SER BA 415 40.00 56.75 -0.81
N LYS BA 416 39.79 56.58 -2.11
CA LYS BA 416 39.83 57.69 -3.07
C LYS BA 416 38.58 57.64 -3.93
N PRO BA 417 37.57 58.45 -3.66
CA PRO BA 417 36.35 58.42 -4.49
C PRO BA 417 36.62 58.76 -5.94
N GLU BA 418 37.63 59.59 -6.23
CA GLU BA 418 37.92 59.99 -7.61
C GLU BA 418 38.92 59.01 -8.24
N ALA BA 419 38.43 57.80 -8.47
CA ALA BA 419 39.19 56.73 -9.12
C ALA BA 419 38.19 55.70 -9.62
N GLU BA 420 38.31 55.30 -10.89
CA GLU BA 420 37.28 54.47 -11.50
C GLU BA 420 37.65 53.00 -11.49
N PHE BA 421 38.87 52.68 -11.95
CA PHE BA 421 39.34 51.29 -12.12
C PHE BA 421 38.58 50.60 -13.23
N ASP BA 422 39.00 49.39 -13.58
CA ASP BA 422 38.39 48.62 -14.67
C ASP BA 422 38.00 47.25 -14.13
N ASN BA 423 36.84 46.76 -14.55
CA ASN BA 423 36.42 45.42 -14.15
C ASN BA 423 37.30 44.36 -14.81
N GLU BA 424 37.51 44.46 -16.11
CA GLU BA 424 38.44 43.60 -16.83
C GLU BA 424 37.94 42.15 -16.93
N PHE BA 425 36.78 41.87 -16.34
CA PHE BA 425 36.19 40.54 -16.47
C PHE BA 425 34.77 40.60 -17.03
N ILE BA 426 34.04 41.68 -16.79
CA ILE BA 426 32.60 41.64 -17.02
C ILE BA 426 32.28 41.87 -18.49
N GLY BA 427 33.14 42.57 -19.21
CA GLY BA 427 32.99 42.68 -20.63
C GLY BA 427 33.14 41.34 -21.31
N PRO BA 428 34.28 40.69 -21.07
CA PRO BA 428 34.45 39.33 -21.59
C PRO BA 428 33.36 38.38 -21.16
N MET BA 429 32.88 38.48 -19.92
CA MET BA 429 31.86 37.56 -19.43
C MET BA 429 30.50 37.84 -20.05
N MET BA 430 30.16 39.11 -20.25
CA MET BA 430 28.91 39.42 -20.94
C MET BA 430 28.95 38.90 -22.37
N ARG BA 431 30.07 39.12 -23.07
CA ARG BA 431 30.16 38.62 -24.44
C ARG BA 431 30.18 37.10 -24.47
N LEU BA 432 30.75 36.47 -23.44
CA LEU BA 432 30.76 35.02 -23.37
C LEU BA 432 29.35 34.48 -23.17
N GLU BA 433 28.56 35.12 -22.32
CA GLU BA 433 27.16 34.73 -22.18
C GLU BA 433 26.41 34.90 -23.49
N ALA BA 434 26.64 36.01 -24.19
CA ALA BA 434 25.96 36.22 -25.46
C ALA BA 434 26.35 35.16 -26.49
N ARG BA 435 27.64 34.85 -26.59
CA ARG BA 435 28.08 33.83 -27.55
C ARG BA 435 27.52 32.48 -27.20
N GLU BA 436 27.60 32.07 -25.94
CA GLU BA 436 27.11 30.76 -25.55
C GLU BA 436 25.61 30.68 -25.76
N THR BA 437 24.89 31.76 -25.47
CA THR BA 437 23.46 31.80 -25.69
C THR BA 437 23.11 31.62 -27.15
N ALA BA 438 23.82 32.31 -28.04
CA ALA BA 438 23.54 32.17 -29.46
C ALA BA 438 23.96 30.80 -29.98
N ARG BA 439 25.05 30.26 -29.43
CA ARG BA 439 25.50 28.94 -29.83
C ARG BA 439 24.47 27.88 -29.49
N ASN BA 440 23.90 27.96 -28.30
CA ASN BA 440 22.94 26.94 -27.87
C ASN BA 440 21.56 27.22 -28.47
N ALA BA 441 21.26 28.47 -28.79
CA ALA BA 441 20.01 28.82 -29.44
C ALA BA 441 20.13 28.86 -30.97
N ASN BA 442 21.35 28.74 -31.49
CA ASN BA 442 21.73 28.42 -32.87
C ASN BA 442 21.69 29.69 -33.72
N SER BA 443 21.28 30.84 -33.20
CA SER BA 443 21.31 31.97 -34.13
C SER BA 443 21.55 33.30 -33.42
N ALA BA 444 22.16 34.21 -34.17
CA ALA BA 444 22.27 35.65 -33.88
C ALA BA 444 23.06 35.95 -32.61
N ASP BA 445 24.37 35.73 -32.71
CA ASP BA 445 25.30 36.19 -31.68
C ASP BA 445 25.18 37.70 -31.49
N LEU BA 446 24.76 38.10 -30.30
CA LEU BA 446 24.60 39.52 -29.97
C LEU BA 446 25.86 40.14 -29.39
N SER BA 447 26.90 39.33 -29.11
CA SER BA 447 28.15 39.89 -28.65
C SER BA 447 28.93 40.53 -29.78
N ARG BA 448 28.47 40.35 -31.02
CA ARG BA 448 29.21 40.78 -32.19
C ARG BA 448 29.18 42.30 -32.35
N MET BA 449 30.32 42.87 -32.73
CA MET BA 449 30.44 44.31 -32.93
C MET BA 449 29.73 44.75 -34.19
N ASN BA 450 29.38 46.03 -34.24
CA ASN BA 450 28.99 46.63 -35.51
C ASN BA 450 30.23 47.10 -36.24
N THR BA 451 30.56 46.40 -37.33
CA THR BA 451 31.84 46.60 -38.01
C THR BA 451 31.83 47.78 -38.97
N GLU BA 452 30.74 48.54 -39.02
CA GLU BA 452 30.71 49.70 -39.90
C GLU BA 452 31.76 50.71 -39.47
N ASN BA 453 32.31 51.41 -40.47
CA ASN BA 453 33.29 52.47 -40.24
C ASN BA 453 34.56 51.94 -39.58
N MET BA 454 34.90 50.69 -39.85
CA MET BA 454 36.11 50.05 -39.34
C MET BA 454 37.03 49.75 -40.52
N LYS BA 455 38.27 50.25 -40.45
CA LYS BA 455 39.22 49.99 -41.51
C LYS BA 455 40.00 48.71 -41.30
N PHE BA 456 39.84 48.07 -40.15
CA PHE BA 456 40.57 46.85 -39.78
C PHE BA 456 42.06 47.16 -39.88
N GLU BA 457 42.81 46.53 -40.78
CA GLU BA 457 44.26 46.67 -40.99
C GLU BA 457 45.00 46.21 -39.74
N GLY BA 458 46.18 45.64 -39.93
CA GLY BA 458 46.84 45.00 -38.81
C GLY BA 458 46.61 43.51 -38.90
N GLU BA 459 47.60 42.80 -39.43
CA GLU BA 459 47.47 41.39 -39.75
C GLU BA 459 48.62 40.67 -39.06
N HIS BA 460 48.28 39.72 -38.18
CA HIS BA 460 49.34 38.93 -37.57
C HIS BA 460 49.75 37.77 -38.46
N ASN BA 461 48.80 36.90 -38.80
CA ASN BA 461 49.05 35.76 -39.67
C ASN BA 461 47.92 35.70 -40.68
N GLY BA 462 47.63 36.84 -41.30
CA GLY BA 462 46.54 36.92 -42.24
C GLY BA 462 45.18 37.07 -41.62
N VAL BA 463 45.11 37.46 -40.35
CA VAL BA 463 43.85 37.71 -39.66
C VAL BA 463 43.74 39.20 -39.42
N PRO BA 464 42.83 39.91 -40.09
CA PRO BA 464 42.68 41.35 -39.84
C PRO BA 464 41.99 41.61 -38.52
N TYR BA 465 42.25 42.79 -37.94
CA TYR BA 465 41.59 43.16 -36.69
C TYR BA 465 41.62 44.67 -36.48
N GLU BA 466 40.68 45.14 -35.66
CA GLU BA 466 40.61 46.52 -35.19
C GLU BA 466 40.82 46.57 -33.70
N ASP BA 467 41.69 47.47 -33.25
CA ASP BA 467 41.81 47.74 -31.83
C ASP BA 467 40.58 48.50 -31.34
N LEU BA 468 40.01 48.03 -30.22
CA LEU BA 468 38.97 48.80 -29.56
C LEU BA 468 39.60 49.77 -28.59
N PRO BA 469 39.40 51.08 -28.75
CA PRO BA 469 39.87 51.99 -27.70
C PRO BA 469 39.13 51.79 -26.39
N THR BA 470 37.88 51.33 -26.45
CA THR BA 470 37.06 51.21 -25.26
C THR BA 470 37.63 50.19 -24.28
N GLU BA 471 38.10 49.06 -24.79
CA GLU BA 471 38.62 47.99 -23.95
C GLU BA 471 40.10 47.79 -24.23
N ARG BA 472 40.90 47.78 -23.16
CA ARG BA 472 42.34 47.58 -23.29
C ARG BA 472 42.65 46.29 -24.03
N GLY BA 473 43.58 46.36 -24.98
CA GLY BA 473 43.78 45.23 -25.85
C GLY BA 473 42.53 45.01 -26.66
N ALA BA 474 42.01 43.79 -26.63
CA ALA BA 474 40.64 43.51 -27.06
C ALA BA 474 40.34 43.97 -28.47
N VAL BA 475 40.94 43.34 -29.45
CA VAL BA 475 40.68 43.64 -30.85
C VAL BA 475 39.40 42.96 -31.30
N VAL BA 476 38.88 43.40 -32.44
CA VAL BA 476 37.67 42.84 -33.03
C VAL BA 476 38.02 42.24 -34.38
N LEU BA 477 37.38 41.12 -34.70
CA LEU BA 477 37.70 40.37 -35.92
C LEU BA 477 36.81 40.84 -37.08
N HIS BA 478 36.96 40.18 -38.22
CA HIS BA 478 36.27 40.61 -39.43
C HIS BA 478 34.75 40.49 -39.30
N ASP BA 479 34.27 39.43 -38.66
CA ASP BA 479 32.83 39.23 -38.58
C ASP BA 479 32.19 40.08 -37.49
N GLY BA 480 32.97 40.79 -36.70
CA GLY BA 480 32.47 41.48 -35.55
C GLY BA 480 32.76 40.81 -34.24
N SER BA 481 33.26 39.57 -34.29
CA SER BA 481 33.69 38.90 -33.07
C SER BA 481 34.86 39.67 -32.46
N VAL BA 482 34.75 39.96 -31.19
CA VAL BA 482 35.79 40.67 -30.45
C VAL BA 482 36.46 39.69 -29.50
N LEU BA 483 37.77 39.55 -29.65
CA LEU BA 483 38.58 38.75 -28.76
C LEU BA 483 39.21 39.70 -27.76
N SER BA 484 38.96 39.47 -26.48
CA SER BA 484 39.52 40.34 -25.47
C SER BA 484 41.04 40.17 -25.40
N ALA BA 485 41.68 41.10 -24.71
CA ALA BA 485 43.08 40.89 -24.35
C ALA BA 485 43.17 39.68 -23.44
N SER BA 486 44.31 39.00 -23.48
CA SER BA 486 44.63 37.78 -22.74
C SER BA 486 43.92 36.57 -23.30
N ASN BA 487 43.00 36.75 -24.24
CA ASN BA 487 42.56 35.62 -25.04
C ASN BA 487 43.78 35.09 -25.77
N PRO BA 488 44.12 33.82 -25.62
CA PRO BA 488 45.43 33.36 -26.12
C PRO BA 488 45.57 33.49 -27.61
N ILE BA 489 44.46 33.61 -28.34
CA ILE BA 489 44.51 33.58 -29.80
C ILE BA 489 44.37 34.94 -30.45
N ASN BA 490 44.04 35.98 -29.70
CA ASN BA 490 43.77 37.26 -30.36
C ASN BA 490 45.06 37.80 -30.98
N PRO BA 491 44.98 38.33 -32.20
CA PRO BA 491 46.21 38.62 -32.96
C PRO BA 491 47.10 39.66 -32.32
N LYS BA 492 46.54 40.64 -31.62
CA LYS BA 492 47.36 41.74 -31.14
C LYS BA 492 48.22 41.32 -29.96
N THR BA 493 47.67 40.51 -29.06
CA THR BA 493 48.48 39.95 -27.98
C THR BA 493 49.55 39.02 -28.53
N LEU BA 494 49.21 38.19 -29.52
CA LEU BA 494 50.20 37.31 -30.11
C LEU BA 494 51.33 38.11 -30.75
N LYS BA 495 50.99 39.13 -31.51
CA LYS BA 495 52.00 39.97 -32.15
C LYS BA 495 52.87 40.66 -31.11
N GLU BA 496 52.26 41.21 -30.07
CA GLU BA 496 53.04 41.93 -29.07
C GLU BA 496 53.93 40.97 -28.28
N PHE BA 497 53.42 39.78 -27.96
CA PHE BA 497 54.24 38.78 -27.28
C PHE BA 497 55.43 38.39 -28.14
N SER BA 498 55.22 38.25 -29.45
CA SER BA 498 56.34 37.98 -30.34
C SER BA 498 57.33 39.13 -30.33
N GLU BA 499 56.83 40.38 -30.35
CA GLU BA 499 57.73 41.53 -30.43
C GLU BA 499 58.55 41.69 -29.16
N VAL BA 500 57.90 41.61 -27.99
CA VAL BA 500 58.62 41.66 -26.73
C VAL BA 500 58.45 40.36 -25.99
N ASP BA 501 59.36 39.43 -26.23
CA ASP BA 501 59.42 38.17 -25.51
C ASP BA 501 60.81 38.06 -24.91
N PRO BA 502 60.92 37.83 -23.62
CA PRO BA 502 62.25 37.70 -23.00
C PRO BA 502 63.10 36.62 -23.62
N GLU BA 503 64.37 36.54 -23.19
CA GLU BA 503 65.28 35.55 -23.77
C GLU BA 503 64.65 34.17 -23.68
N LYS BA 504 64.28 33.66 -24.86
CA LYS BA 504 63.37 32.53 -25.04
C LYS BA 504 62.90 32.62 -26.47
N ALA BA 505 63.10 33.78 -27.07
CA ALA BA 505 62.91 33.94 -28.52
C ALA BA 505 64.11 33.36 -29.24
N ALA BA 506 63.87 32.37 -30.09
CA ALA BA 506 64.95 31.62 -30.72
C ALA BA 506 64.69 31.52 -32.22
N ARG BA 507 65.62 30.84 -32.91
CA ARG BA 507 65.53 30.69 -34.35
C ARG BA 507 64.24 29.99 -34.76
N GLY BA 508 63.97 28.83 -34.17
CA GLY BA 508 62.72 28.14 -34.46
C GLY BA 508 62.61 27.73 -35.91
N ILE BA 509 61.41 27.90 -36.46
CA ILE BA 509 61.10 27.49 -37.83
C ILE BA 509 60.94 28.70 -38.75
N LYS BA 510 61.45 29.86 -38.31
CA LYS BA 510 61.29 31.09 -39.08
C LYS BA 510 62.14 31.08 -40.35
N LEU BA 511 63.03 30.10 -40.50
CA LEU BA 511 63.99 30.12 -41.61
C LEU BA 511 63.29 30.09 -42.96
N ALA BA 512 62.40 29.12 -43.17
CA ALA BA 512 61.69 29.00 -44.44
C ALA BA 512 60.56 27.98 -44.27
N GLY BA 513 59.67 27.96 -45.27
CA GLY BA 513 58.57 27.03 -45.29
C GLY BA 513 58.49 26.33 -46.63
N PHE BA 514 57.69 25.25 -46.66
CA PHE BA 514 57.62 24.40 -47.85
C PHE BA 514 57.19 25.19 -49.07
N THR BA 515 56.26 26.13 -48.92
CA THR BA 515 55.82 26.92 -50.06
C THR BA 515 56.96 27.76 -50.62
N GLU BA 516 57.76 28.36 -49.75
CA GLU BA 516 58.92 29.11 -50.22
C GLU BA 516 59.96 28.20 -50.83
N ILE BA 517 60.15 27.01 -50.25
CA ILE BA 517 61.15 26.08 -50.78
C ILE BA 517 60.78 25.65 -52.19
N GLY BA 518 59.51 25.33 -52.42
CA GLY BA 518 59.10 24.91 -53.75
C GLY BA 518 59.36 25.98 -54.79
N LEU BA 519 58.96 27.23 -54.49
CA LEU BA 519 59.19 28.31 -55.42
C LEU BA 519 60.68 28.54 -55.66
N LYS BA 520 61.49 28.49 -54.61
CA LYS BA 520 62.91 28.79 -54.79
C LYS BA 520 63.63 27.71 -55.57
N THR BA 521 63.45 26.44 -55.20
CA THR BA 521 64.31 25.38 -55.74
C THR BA 521 63.67 24.60 -56.86
N LEU BA 522 62.34 24.43 -56.87
CA LEU BA 522 61.69 23.75 -58.00
C LEU BA 522 61.68 24.65 -59.24
N GLY BA 523 62.17 25.87 -59.10
CA GLY BA 523 62.25 26.78 -60.23
C GLY BA 523 63.68 26.88 -60.68
N SER BA 524 64.52 25.95 -60.28
CA SER BA 524 65.96 26.04 -60.56
C SER BA 524 66.47 26.05 -61.98
N ASP BA 525 65.87 25.28 -62.88
CA ASP BA 525 66.38 25.13 -64.25
C ASP BA 525 67.64 24.30 -64.20
N ASP BA 526 67.84 23.59 -63.09
CA ASP BA 526 68.98 22.71 -62.95
C ASP BA 526 68.40 21.32 -62.87
N ALA BA 527 69.15 20.30 -63.27
CA ALA BA 527 68.62 18.94 -63.33
C ALA BA 527 68.57 18.31 -61.94
N ASP BA 528 69.68 18.37 -61.19
CA ASP BA 528 69.73 17.71 -59.90
C ASP BA 528 68.88 18.45 -58.86
N ILE BA 529 68.98 19.77 -58.85
CA ILE BA 529 68.18 20.55 -57.90
C ILE BA 529 66.71 20.29 -58.12
N ARG BA 530 66.26 20.37 -59.37
CA ARG BA 530 64.84 20.16 -59.64
C ARG BA 530 64.43 18.72 -59.40
N ARG BA 531 65.32 17.76 -59.67
CA ARG BA 531 64.99 16.36 -59.39
C ARG BA 531 64.72 16.16 -57.90
N VAL BA 532 65.64 16.64 -57.06
CA VAL BA 532 65.48 16.50 -55.62
C VAL BA 532 64.25 17.27 -55.15
N ALA BA 533 63.99 18.44 -55.73
CA ALA BA 533 62.82 19.22 -55.34
C ALA BA 533 61.54 18.50 -55.70
N ILE BA 534 61.46 17.92 -56.90
CA ILE BA 534 60.29 17.17 -57.31
C ILE BA 534 60.03 16.02 -56.36
N ASP BA 535 61.09 15.32 -55.96
CA ASP BA 535 60.90 14.25 -54.98
C ASP BA 535 60.41 14.80 -53.64
N LEU BA 536 60.99 15.91 -53.17
CA LEU BA 536 60.74 16.35 -51.81
C LEU BA 536 59.54 17.27 -51.69
N VAL BA 537 59.48 18.32 -52.49
CA VAL BA 537 58.56 19.42 -52.26
C VAL BA 537 57.55 19.50 -53.40
N ARG BA 538 56.30 19.79 -53.05
CA ARG BA 538 55.23 19.97 -54.00
C ARG BA 538 54.98 21.46 -54.19
N SER BA 539 54.70 21.84 -55.44
CA SER BA 539 54.46 23.24 -55.78
C SER BA 539 52.99 23.57 -55.62
N PRO BA 540 52.61 24.54 -54.81
CA PRO BA 540 51.19 24.91 -54.72
C PRO BA 540 50.66 25.48 -56.04
N THR BA 541 51.30 26.53 -56.55
CA THR BA 541 50.97 27.12 -57.83
C THR BA 541 52.26 27.45 -58.56
N GLY BA 542 52.40 26.98 -59.78
CA GLY BA 542 53.60 27.23 -60.54
C GLY BA 542 53.30 27.34 -62.02
N MET BA 543 54.17 28.06 -62.73
CA MET BA 543 54.01 28.18 -64.18
C MET BA 543 54.36 26.89 -64.89
N GLN BA 544 55.17 26.04 -64.26
CA GLN BA 544 55.51 24.76 -64.86
C GLN BA 544 54.28 23.87 -64.98
N SER BA 545 53.57 23.67 -63.85
CA SER BA 545 52.36 22.85 -63.79
C SER BA 545 52.54 21.52 -64.52
N GLY BA 546 53.47 20.71 -64.00
CA GLY BA 546 53.78 19.43 -64.61
C GLY BA 546 52.60 18.48 -64.70
N ALA BA 547 52.30 18.01 -65.91
CA ALA BA 547 51.19 17.10 -66.09
C ALA BA 547 51.49 15.73 -65.48
N SER BA 548 52.73 15.27 -65.60
CA SER BA 548 53.17 14.00 -65.03
C SER BA 548 54.47 14.26 -64.26
N GLY BA 549 54.46 15.32 -63.47
CA GLY BA 549 55.65 15.65 -62.70
C GLY BA 549 56.06 14.55 -61.75
N LYS BA 550 55.08 13.99 -61.02
CA LYS BA 550 55.36 12.93 -60.08
C LYS BA 550 54.06 12.24 -59.70
N PHE BA 551 54.03 10.92 -59.88
CA PHE BA 551 52.93 10.08 -59.44
C PHE BA 551 53.20 9.47 -58.08
N GLY BA 552 53.90 10.21 -57.23
CA GLY BA 552 54.20 9.74 -55.90
C GLY BA 552 53.60 10.66 -54.85
N ALA BA 553 53.76 10.26 -53.60
CA ALA BA 553 53.23 11.06 -52.50
C ALA BA 553 53.97 12.37 -52.35
N THR BA 554 55.30 12.34 -52.46
CA THR BA 554 56.34 13.37 -52.26
C THR BA 554 56.62 13.51 -50.78
N ALA BA 555 57.82 13.97 -50.42
CA ALA BA 555 58.23 14.00 -49.03
C ALA BA 555 57.38 14.95 -48.21
N SER BA 556 57.05 16.12 -48.78
CA SER BA 556 56.24 17.08 -48.06
C SER BA 556 54.86 16.52 -47.73
N ASP BA 557 54.22 15.86 -48.69
CA ASP BA 557 52.89 15.34 -48.44
C ASP BA 557 52.93 14.17 -47.47
N ILE BA 558 53.97 13.35 -47.55
CA ILE BA 558 54.13 12.26 -46.57
C ILE BA 558 54.29 12.85 -45.18
N HIS BA 559 55.12 13.88 -45.06
CA HIS BA 559 55.36 14.51 -43.76
C HIS BA 559 54.07 15.07 -43.19
N GLU BA 560 53.28 15.75 -44.01
CA GLU BA 560 52.06 16.36 -43.53
C GLU BA 560 51.01 15.30 -43.18
N ARG BA 561 50.90 14.25 -44.00
CA ARG BA 561 50.01 13.14 -43.70
C ARG BA 561 50.37 12.47 -42.38
N LEU BA 562 51.66 12.21 -42.17
CA LEU BA 562 52.10 11.56 -40.94
C LEU BA 562 51.86 12.46 -39.75
N HIS BA 563 52.08 13.77 -39.90
CA HIS BA 563 51.72 14.69 -38.83
C HIS BA 563 50.24 14.59 -38.48
N GLY BA 564 49.38 14.57 -39.48
CA GLY BA 564 47.95 14.50 -39.19
C GLY BA 564 47.56 13.21 -38.49
N THR BA 565 48.07 12.08 -38.98
CA THR BA 565 47.72 10.80 -38.37
C THR BA 565 48.27 10.70 -36.96
N ASP BA 566 49.52 11.16 -36.75
CA ASP BA 566 50.09 11.15 -35.42
C ASP BA 566 49.31 12.04 -34.48
N GLN BA 567 48.84 13.20 -34.97
CA GLN BA 567 48.08 14.10 -34.12
C GLN BA 567 46.75 13.49 -33.71
N ARG BA 568 46.08 12.82 -34.64
CA ARG BA 568 44.84 12.11 -34.29
C ARG BA 568 45.12 11.04 -33.25
N THR BA 569 46.19 10.28 -33.44
CA THR BA 569 46.56 9.25 -32.47
C THR BA 569 46.90 9.87 -31.12
N TYR BA 570 47.52 11.06 -31.13
CA TYR BA 570 47.85 11.72 -29.88
C TYR BA 570 46.59 12.13 -29.13
N ASN BA 571 45.59 12.63 -29.84
CA ASN BA 571 44.34 12.98 -29.17
C ASN BA 571 43.63 11.74 -28.63
N ASP BA 572 43.65 10.65 -29.39
CA ASP BA 572 43.11 9.39 -28.89
C ASP BA 572 43.84 8.93 -27.63
N LEU BA 573 45.16 8.98 -27.65
CA LEU BA 573 45.96 8.61 -26.49
C LEU BA 573 45.69 9.55 -25.33
N TYR BA 574 45.49 10.83 -25.61
CA TYR BA 574 45.24 11.78 -24.54
C TYR BA 574 43.97 11.43 -23.81
N LYS BA 575 42.88 11.17 -24.55
CA LYS BA 575 41.65 10.78 -23.88
C LYS BA 575 41.81 9.47 -23.13
N ALA BA 576 42.47 8.48 -23.76
CA ALA BA 576 42.65 7.19 -23.11
C ALA BA 576 43.44 7.33 -21.82
N MET BA 577 44.48 8.15 -21.83
CA MET BA 577 45.31 8.30 -20.64
C MET BA 577 44.60 9.09 -19.57
N SER BA 578 43.78 10.08 -19.96
CA SER BA 578 42.98 10.76 -18.96
C SER BA 578 42.06 9.78 -18.24
N ASP BA 579 41.37 8.94 -19.01
CA ASP BA 579 40.58 7.89 -18.38
C ASP BA 579 41.44 7.00 -17.49
N ALA BA 580 42.64 6.66 -17.95
CA ALA BA 580 43.49 5.75 -17.20
C ALA BA 580 43.90 6.34 -15.86
N MET BA 581 44.31 7.60 -15.84
CA MET BA 581 44.75 8.21 -14.60
C MET BA 581 43.60 8.73 -13.75
N LYS BA 582 42.36 8.61 -14.22
CA LYS BA 582 41.20 8.89 -13.37
C LYS BA 582 40.70 7.66 -12.62
N ASP BA 583 41.40 6.54 -12.68
CA ASP BA 583 40.92 5.35 -11.99
C ASP BA 583 41.21 5.47 -10.48
N PRO BA 584 40.55 4.64 -9.67
CA PRO BA 584 40.71 4.79 -8.21
C PRO BA 584 42.15 4.69 -7.73
N GLU BA 585 43.01 3.98 -8.44
CA GLU BA 585 44.36 3.72 -7.93
C GLU BA 585 45.13 5.01 -7.72
N PHE BA 586 44.94 5.99 -8.59
CA PHE BA 586 45.70 7.24 -8.56
C PHE BA 586 44.87 8.44 -8.10
N SER BA 587 43.55 8.30 -8.00
CA SER BA 587 42.74 9.48 -7.75
C SER BA 587 42.09 9.45 -6.37
N THR BA 588 41.76 8.27 -5.86
CA THR BA 588 40.87 8.21 -4.71
C THR BA 588 41.60 8.33 -3.38
N GLY BA 589 42.45 7.37 -3.04
CA GLY BA 589 42.99 7.27 -1.70
C GLY BA 589 44.02 8.36 -1.41
N GLY BA 590 44.88 8.05 -0.45
CA GLY BA 590 46.05 8.89 -0.24
C GLY BA 590 46.92 8.89 -1.49
N ALA BA 591 47.52 10.04 -1.78
CA ALA BA 591 48.25 10.21 -3.03
C ALA BA 591 49.45 9.29 -3.08
N LYS BA 592 49.35 8.22 -3.88
CA LYS BA 592 50.43 7.24 -3.92
C LYS BA 592 51.63 7.76 -4.71
N MET BA 593 51.39 8.43 -5.82
CA MET BA 593 52.46 9.08 -6.57
C MET BA 593 51.94 10.38 -7.16
N SER BA 594 52.85 11.18 -7.68
CA SER BA 594 52.49 12.42 -8.35
C SER BA 594 51.79 12.13 -9.68
N ARG BA 595 51.18 13.17 -10.26
CA ARG BA 595 50.50 12.98 -11.52
C ARG BA 595 51.47 12.57 -12.62
N GLU BA 596 52.63 13.19 -12.66
CA GLU BA 596 53.66 12.79 -13.61
C GLU BA 596 54.02 11.33 -13.43
N GLU BA 597 54.06 10.86 -12.19
CA GLU BA 597 54.36 9.45 -11.99
C GLU BA 597 53.19 8.56 -12.32
N THR BA 598 51.97 9.00 -12.10
CA THR BA 598 50.85 8.18 -12.55
C THR BA 598 50.92 7.99 -14.06
N ARG BA 599 51.23 9.07 -14.78
CA ARG BA 599 51.38 8.99 -16.23
C ARG BA 599 52.51 8.04 -16.60
N TYR BA 600 53.66 8.15 -15.93
CA TYR BA 600 54.77 7.27 -16.22
C TYR BA 600 54.42 5.82 -15.94
N THR BA 601 53.76 5.54 -14.82
CA THR BA 601 53.44 4.16 -14.49
C THR BA 601 52.47 3.58 -15.50
N ILE BA 602 51.47 4.35 -15.93
CA ILE BA 602 50.53 3.83 -16.91
C ILE BA 602 51.22 3.57 -18.24
N TYR BA 603 52.07 4.50 -18.67
CA TYR BA 603 52.78 4.29 -19.93
C TYR BA 603 53.71 3.09 -19.85
N ARG BA 604 54.40 2.94 -18.72
CA ARG BA 604 55.31 1.81 -18.56
C ARG BA 604 54.56 0.49 -18.50
N ARG BA 605 53.40 0.47 -17.84
CA ARG BA 605 52.57 -0.73 -17.85
C ARG BA 605 52.16 -1.09 -19.27
N ALA BA 606 51.73 -0.10 -20.05
CA ALA BA 606 51.36 -0.36 -21.42
C ALA BA 606 52.53 -0.91 -22.22
N ALA BA 607 53.71 -0.30 -22.08
CA ALA BA 607 54.86 -0.74 -22.86
C ALA BA 607 55.32 -2.13 -22.46
N LEU BA 608 55.36 -2.43 -21.16
CA LEU BA 608 55.76 -3.76 -20.72
C LEU BA 608 54.75 -4.81 -21.16
N ALA BA 609 53.46 -4.46 -21.17
CA ALA BA 609 52.45 -5.39 -21.66
C ALA BA 609 52.59 -5.61 -23.15
N ILE BA 610 52.99 -4.58 -23.89
CA ILE BA 610 53.25 -4.74 -25.32
C ILE BA 610 54.41 -5.70 -25.54
N GLU BA 611 55.49 -5.53 -24.78
CA GLU BA 611 56.65 -6.40 -24.96
C GLU BA 611 56.38 -7.80 -24.45
N ARG BA 612 55.75 -7.93 -23.29
CA ARG BA 612 55.35 -9.22 -22.75
C ARG BA 612 53.83 -9.29 -22.71
N PRO BA 613 53.19 -9.98 -23.65
CA PRO BA 613 51.72 -10.02 -23.65
C PRO BA 613 51.11 -10.68 -22.43
N GLU BA 614 51.90 -11.43 -21.65
CA GLU BA 614 51.37 -12.06 -20.45
C GLU BA 614 50.92 -11.03 -19.44
N LEU BA 615 51.49 -9.83 -19.49
CA LEU BA 615 51.16 -8.79 -18.53
C LEU BA 615 49.84 -8.11 -18.85
N GLN BA 616 49.29 -8.34 -20.04
CA GLN BA 616 48.07 -7.64 -20.44
C GLN BA 616 46.87 -8.06 -19.61
N LYS BA 617 46.88 -9.27 -19.05
CA LYS BA 617 45.79 -9.69 -18.19
C LYS BA 617 45.78 -8.90 -16.88
N ALA BA 618 46.86 -8.24 -16.55
CA ALA BA 618 46.97 -7.44 -15.34
C ALA BA 618 46.56 -5.99 -15.54
N LEU BA 619 46.28 -5.57 -16.77
CA LEU BA 619 45.86 -4.19 -17.01
C LEU BA 619 44.37 -4.02 -16.79
N THR BA 620 44.01 -2.90 -16.19
CA THR BA 620 42.62 -2.51 -16.11
C THR BA 620 42.13 -2.16 -17.52
N PRO BA 621 40.81 -2.18 -17.74
CA PRO BA 621 40.30 -1.90 -19.09
C PRO BA 621 40.78 -0.58 -19.66
N SER BA 622 40.92 0.45 -18.84
CA SER BA 622 41.41 1.73 -19.35
C SER BA 622 42.86 1.64 -19.78
N GLU BA 623 43.71 1.02 -18.95
CA GLU BA 623 45.09 0.78 -19.37
C GLU BA 623 45.13 -0.16 -20.56
N ARG BA 624 44.16 -1.06 -20.67
CA ARG BA 624 44.10 -1.93 -21.84
C ARG BA 624 43.86 -1.11 -23.11
N ILE BA 625 42.97 -0.12 -23.03
CA ILE BA 625 42.75 0.77 -24.17
C ILE BA 625 44.01 1.56 -24.48
N VAL BA 626 44.67 2.06 -23.45
CA VAL BA 626 45.92 2.80 -23.66
C VAL BA 626 46.94 1.94 -24.39
N MET BA 627 47.10 0.69 -23.93
CA MET BA 627 48.08 -0.20 -24.52
C MET BA 627 47.70 -0.54 -25.95
N ASP BA 628 46.41 -0.69 -26.22
CA ASP BA 628 45.97 -0.96 -27.59
C ASP BA 628 46.30 0.21 -28.51
N ILE BA 629 46.06 1.43 -28.04
CA ILE BA 629 46.37 2.61 -28.85
C ILE BA 629 47.87 2.69 -29.13
N ILE BA 630 48.69 2.52 -28.10
CA ILE BA 630 50.13 2.62 -28.26
C ILE BA 630 50.65 1.51 -29.16
N LYS BA 631 50.16 0.28 -28.96
CA LYS BA 631 50.57 -0.84 -29.79
C LYS BA 631 50.19 -0.62 -31.23
N ARG BA 632 48.96 -0.15 -31.49
CA ARG BA 632 48.55 0.08 -32.86
C ARG BA 632 49.39 1.17 -33.51
N HIS BA 633 49.69 2.23 -32.77
CA HIS BA 633 50.53 3.30 -33.30
C HIS BA 633 51.91 2.76 -33.69
N PHE BA 634 52.54 2.02 -32.80
CA PHE BA 634 53.90 1.55 -33.07
C PHE BA 634 53.91 0.48 -34.16
N ASP BA 635 52.88 -0.36 -34.21
CA ASP BA 635 52.76 -1.34 -35.28
C ASP BA 635 52.59 -0.65 -36.63
N THR BA 636 51.79 0.41 -36.69
CA THR BA 636 51.62 1.15 -37.94
C THR BA 636 52.92 1.83 -38.34
N LYS BA 637 53.62 2.43 -37.39
CA LYS BA 637 54.90 3.05 -37.73
C LYS BA 637 55.87 2.01 -38.29
N ARG BA 638 55.97 0.86 -37.63
CA ARG BA 638 56.86 -0.18 -38.13
C ARG BA 638 56.45 -0.62 -39.53
N GLU BA 639 55.15 -0.74 -39.77
CA GLU BA 639 54.68 -1.17 -41.07
C GLU BA 639 55.04 -0.16 -42.15
N LEU BA 640 55.03 1.13 -41.81
CA LEU BA 640 55.44 2.15 -42.77
C LEU BA 640 56.95 2.18 -42.97
N MET BA 641 57.73 1.94 -41.91
CA MET BA 641 59.17 1.83 -42.12
C MET BA 641 59.52 0.64 -42.99
N GLU BA 642 58.90 -0.52 -42.75
CA GLU BA 642 59.24 -1.72 -43.49
C GLU BA 642 58.89 -1.59 -44.96
N ASN BA 643 57.76 -0.95 -45.28
CA ASN BA 643 57.30 -0.80 -46.65
C ASN BA 643 57.09 0.68 -46.90
N PRO BA 644 58.17 1.43 -47.12
CA PRO BA 644 58.02 2.84 -47.49
C PRO BA 644 57.56 3.03 -48.92
N ALA BA 645 57.37 1.94 -49.66
CA ALA BA 645 56.84 1.98 -51.01
C ALA BA 645 55.33 1.92 -51.05
N ILE BA 646 54.66 1.92 -49.89
CA ILE BA 646 53.21 2.06 -49.89
C ILE BA 646 52.82 3.41 -50.45
N PHE BA 647 53.72 4.38 -50.36
CA PHE BA 647 53.57 5.65 -51.05
C PHE BA 647 53.99 5.46 -52.50
N GLY BA 648 54.21 6.57 -53.21
CA GLY BA 648 54.37 6.48 -54.66
C GLY BA 648 55.58 5.69 -55.10
N ASN BA 649 56.72 5.90 -54.46
CA ASN BA 649 57.98 5.36 -54.96
C ASN BA 649 57.98 3.86 -54.82
N THR BA 650 58.34 3.15 -55.88
CA THR BA 650 58.40 1.69 -55.81
C THR BA 650 59.78 1.20 -55.43
N LYS BA 651 60.81 2.01 -55.64
CA LYS BA 651 62.17 1.64 -55.23
C LYS BA 651 62.49 2.18 -53.83
N ALA BA 652 61.54 1.95 -52.92
CA ALA BA 652 61.68 2.33 -51.52
C ALA BA 652 61.70 1.07 -50.68
N VAL BA 653 62.72 0.92 -49.83
CA VAL BA 653 62.99 -0.39 -49.25
C VAL BA 653 63.40 -0.27 -47.77
N SER BA 654 62.44 -0.48 -46.88
CA SER BA 654 62.66 -0.95 -45.51
C SER BA 654 63.77 -0.21 -44.76
N ILE BA 655 63.48 1.05 -44.41
CA ILE BA 655 64.36 1.75 -43.47
C ILE BA 655 64.35 1.13 -42.09
N PHE BA 656 63.44 0.19 -41.84
CA PHE BA 656 63.36 -0.43 -40.53
C PHE BA 656 64.62 -1.26 -40.28
N PRO BA 657 65.24 -1.12 -39.10
CA PRO BA 657 66.62 -1.65 -38.94
C PRO BA 657 66.72 -3.15 -38.99
N GLU BA 658 65.90 -3.87 -38.24
CA GLU BA 658 66.05 -5.32 -38.10
C GLU BA 658 64.68 -5.98 -38.24
N SER BA 659 64.29 -6.25 -39.47
CA SER BA 659 63.11 -7.06 -39.68
C SER BA 659 63.40 -8.51 -39.33
N ARG BA 660 62.42 -9.38 -39.57
CA ARG BA 660 62.46 -10.77 -39.16
C ARG BA 660 62.37 -10.88 -37.64
N HIS BA 661 62.34 -9.75 -36.96
CA HIS BA 661 62.06 -9.67 -35.52
C HIS BA 661 60.61 -9.23 -35.40
N LYS BA 662 59.70 -10.18 -35.52
CA LYS BA 662 58.29 -9.88 -35.71
C LYS BA 662 57.64 -9.59 -34.36
N GLY BA 663 57.56 -8.32 -34.01
CA GLY BA 663 56.91 -7.91 -32.78
C GLY BA 663 56.90 -6.40 -32.69
N THR BA 664 55.97 -5.89 -31.88
CA THR BA 664 55.82 -4.45 -31.76
C THR BA 664 57.06 -3.83 -31.14
N TYR BA 665 57.63 -2.86 -31.85
CA TYR BA 665 58.84 -2.18 -31.41
C TYR BA 665 58.46 -0.91 -30.65
N VAL BA 666 58.46 -0.99 -29.33
CA VAL BA 666 58.41 0.18 -28.47
C VAL BA 666 59.82 0.76 -28.44
N PRO BA 667 60.00 2.04 -28.77
CA PRO BA 667 61.35 2.57 -28.94
C PRO BA 667 62.19 2.42 -27.69
N HIS BA 668 63.44 2.00 -27.88
CA HIS BA 668 64.37 1.80 -26.77
C HIS BA 668 65.11 3.11 -26.55
N VAL BA 669 64.74 3.82 -25.50
CA VAL BA 669 65.44 5.03 -25.08
C VAL BA 669 65.89 4.81 -23.65
N TYR BA 670 67.17 5.03 -23.40
CA TYR BA 670 67.76 4.72 -22.10
C TYR BA 670 67.98 6.00 -21.32
N ASP BA 671 67.50 6.01 -20.08
CA ASP BA 671 67.59 7.21 -19.24
C ASP BA 671 69.06 7.56 -19.01
N ARG BA 672 69.37 8.84 -19.16
CA ARG BA 672 70.72 9.30 -18.91
C ARG BA 672 71.11 9.11 -17.46
N HIS BA 673 70.15 9.29 -16.55
CA HIS BA 673 70.47 9.27 -15.12
C HIS BA 673 70.41 7.85 -14.56
N ALA BA 674 69.59 6.98 -15.14
CA ALA BA 674 69.70 5.57 -14.81
C ALA BA 674 71.09 5.04 -15.19
N LYS BA 675 71.55 5.39 -16.39
CA LYS BA 675 72.91 5.03 -16.78
C LYS BA 675 73.92 5.66 -15.85
N ALA BA 676 73.69 6.91 -15.45
CA ALA BA 676 74.65 7.57 -14.56
C ALA BA 676 74.74 6.85 -13.22
N LEU BA 677 73.61 6.42 -12.68
CA LEU BA 677 73.63 5.66 -11.44
C LEU BA 677 74.33 4.32 -11.61
N MET BA 678 74.12 3.65 -12.74
CA MET BA 678 74.83 2.41 -13.00
C MET BA 678 76.28 2.61 -13.43
N ILE BA 679 76.71 3.85 -13.65
CA ILE BA 679 78.12 4.17 -13.82
C ILE BA 679 78.78 4.54 -12.49
N GLN BA 680 78.06 5.25 -11.60
CA GLN BA 680 78.63 5.64 -10.32
C GLN BA 680 79.20 4.43 -9.60
N ARG BA 681 78.45 3.35 -9.56
CA ARG BA 681 78.95 2.05 -9.18
C ARG BA 681 79.06 1.22 -10.46
N TYR BA 682 80.05 0.34 -10.49
CA TYR BA 682 80.32 -0.50 -11.65
C TYR BA 682 80.64 0.37 -12.86
N GLY BA 683 81.78 1.04 -12.79
CA GLY BA 683 82.00 2.24 -13.59
C GLY BA 683 81.69 2.08 -15.06
N ALA BA 684 82.54 1.37 -15.80
CA ALA BA 684 82.38 1.40 -17.25
C ALA BA 684 82.06 0.02 -17.81
N GLU BA 685 82.94 -0.94 -17.53
CA GLU BA 685 82.73 -2.29 -18.05
C GLU BA 685 81.66 -3.00 -17.24
N GLY BA 686 81.41 -2.54 -16.02
CA GLY BA 686 80.37 -3.14 -15.20
C GLY BA 686 78.99 -3.00 -15.82
N LEU BA 687 78.61 -1.76 -16.14
CA LEU BA 687 77.32 -1.55 -16.78
C LEU BA 687 77.26 -2.20 -18.14
N GLN BA 688 78.34 -2.08 -18.92
CA GLN BA 688 78.34 -2.66 -20.25
C GLN BA 688 78.08 -4.15 -20.19
N GLU BA 689 78.89 -4.87 -19.42
CA GLU BA 689 78.76 -6.33 -19.35
C GLU BA 689 77.47 -6.73 -18.70
N GLY BA 690 77.02 -5.98 -17.72
CA GLY BA 690 75.72 -6.27 -17.14
C GLY BA 690 74.60 -6.20 -18.15
N ILE BA 691 74.62 -5.19 -19.02
CA ILE BA 691 73.65 -5.11 -20.11
C ILE BA 691 73.79 -6.32 -21.02
N ALA BA 692 75.03 -6.64 -21.39
CA ALA BA 692 75.28 -7.79 -22.24
C ALA BA 692 74.76 -9.07 -21.60
N ARG BA 693 74.94 -9.22 -20.30
CA ARG BA 693 74.56 -10.45 -19.64
C ARG BA 693 73.04 -10.56 -19.47
N SER BA 694 72.35 -9.43 -19.27
CA SER BA 694 70.90 -9.50 -19.28
C SER BA 694 70.37 -9.89 -20.66
N TRP BA 695 70.98 -9.34 -21.70
CA TRP BA 695 70.61 -9.74 -23.05
C TRP BA 695 70.86 -11.22 -23.27
N MET BA 696 72.00 -11.73 -22.79
CA MET BA 696 72.29 -13.15 -22.92
C MET BA 696 71.33 -14.01 -22.12
N ASN BA 697 70.86 -13.52 -20.97
CA ASN BA 697 69.84 -14.25 -20.23
C ASN BA 697 68.61 -14.41 -21.08
N SER BA 698 68.20 -13.35 -21.76
CA SER BA 698 67.11 -13.46 -22.72
C SER BA 698 67.43 -14.47 -23.81
N TYR BA 699 68.65 -14.42 -24.34
CA TYR BA 699 69.04 -15.27 -25.46
C TYR BA 699 68.93 -16.75 -25.09
N VAL BA 700 69.51 -17.12 -23.95
CA VAL BA 700 69.54 -18.52 -23.54
C VAL BA 700 68.15 -18.98 -23.12
N SER BA 701 67.40 -18.15 -22.41
CA SER BA 701 66.12 -18.59 -21.87
C SER BA 701 65.08 -18.80 -22.97
N ARG BA 702 64.94 -17.82 -23.86
CA ARG BA 702 63.84 -17.88 -24.81
C ARG BA 702 64.33 -18.36 -26.18
N PRO BA 703 63.72 -19.41 -26.72
CA PRO BA 703 64.23 -19.97 -27.99
C PRO BA 703 63.98 -19.09 -29.20
N GLU BA 704 62.95 -18.23 -29.20
CA GLU BA 704 62.76 -17.32 -30.32
C GLU BA 704 63.89 -16.31 -30.39
N VAL BA 705 64.31 -15.80 -29.23
CA VAL BA 705 65.43 -14.87 -29.20
C VAL BA 705 66.68 -15.55 -29.75
N LYS BA 706 66.92 -16.79 -29.33
CA LYS BA 706 68.08 -17.53 -29.82
C LYS BA 706 67.98 -17.73 -31.32
N ALA BA 707 66.79 -18.04 -31.82
CA ALA BA 707 66.61 -18.28 -33.25
C ALA BA 707 66.93 -17.03 -34.05
N ARG BA 708 66.35 -15.89 -33.68
CA ARG BA 708 66.56 -14.69 -34.48
C ARG BA 708 67.99 -14.19 -34.37
N VAL BA 709 68.58 -14.28 -33.17
CA VAL BA 709 69.96 -13.84 -33.01
C VAL BA 709 70.91 -14.75 -33.80
N ASP BA 710 70.66 -16.05 -33.78
CA ASP BA 710 71.49 -16.97 -34.56
C ASP BA 710 71.35 -16.70 -36.06
N GLU BA 711 70.14 -16.43 -36.52
CA GLU BA 711 69.96 -16.12 -37.94
C GLU BA 711 70.72 -14.86 -38.32
N MET BA 712 70.62 -13.81 -37.51
CA MET BA 712 71.33 -12.58 -37.82
C MET BA 712 72.84 -12.80 -37.79
N LEU BA 713 73.34 -13.57 -36.83
CA LEU BA 713 74.78 -13.77 -36.73
C LEU BA 713 75.28 -14.63 -37.89
N LYS BA 714 74.49 -15.62 -38.32
CA LYS BA 714 74.85 -16.40 -39.49
C LYS BA 714 74.95 -15.51 -40.71
N GLU BA 715 73.97 -14.62 -40.89
CA GLU BA 715 73.99 -13.73 -42.05
C GLU BA 715 75.17 -12.76 -41.97
N LEU BA 716 75.49 -12.28 -40.77
CA LEU BA 716 76.55 -11.29 -40.62
C LEU BA 716 77.93 -11.91 -40.82
N HIS BA 717 78.20 -13.04 -40.17
CA HIS BA 717 79.54 -13.64 -40.22
C HIS BA 717 79.69 -14.64 -41.35
N GLY BA 718 78.61 -14.97 -42.07
CA GLY BA 718 78.71 -15.93 -43.16
C GLY BA 718 79.17 -17.30 -42.71
N VAL BA 719 78.67 -17.77 -41.58
CA VAL BA 719 79.02 -19.07 -41.03
C VAL BA 719 77.76 -19.88 -40.87
N LYS BA 720 77.85 -21.18 -41.17
CA LYS BA 720 76.68 -22.06 -41.05
C LYS BA 720 76.27 -22.24 -39.60
N GLU BA 721 77.22 -22.19 -38.68
CA GLU BA 721 76.95 -22.40 -37.26
C GLU BA 721 77.46 -21.21 -36.46
N VAL BA 722 76.75 -20.88 -35.39
CA VAL BA 722 77.09 -19.75 -34.54
C VAL BA 722 77.66 -20.29 -33.23
N THR BA 723 78.88 -19.88 -32.91
CA THR BA 723 79.48 -20.20 -31.63
C THR BA 723 78.96 -19.26 -30.56
N PRO BA 724 78.86 -19.73 -29.31
CA PRO BA 724 78.45 -18.84 -28.22
C PRO BA 724 79.37 -17.65 -28.04
N GLU BA 725 80.65 -17.78 -28.40
CA GLU BA 725 81.55 -16.64 -28.36
C GLU BA 725 81.06 -15.52 -29.28
N MET BA 726 80.52 -15.89 -30.44
CA MET BA 726 80.02 -14.88 -31.37
C MET BA 726 78.87 -14.09 -30.77
N VAL BA 727 77.91 -14.76 -30.15
CA VAL BA 727 76.77 -14.05 -29.59
C VAL BA 727 77.20 -13.23 -28.38
N GLU BA 728 78.13 -13.74 -27.58
CA GLU BA 728 78.65 -12.94 -26.47
C GLU BA 728 79.32 -11.67 -26.97
N LYS BA 729 80.14 -11.79 -28.01
CA LYS BA 729 80.82 -10.61 -28.54
C LYS BA 729 79.84 -9.63 -29.16
N TYR BA 730 78.81 -10.16 -29.84
CA TYR BA 730 77.78 -9.29 -30.39
C TYR BA 730 77.05 -8.53 -29.30
N ALA BA 731 76.70 -9.22 -28.21
CA ALA BA 731 76.01 -8.55 -27.12
C ALA BA 731 76.89 -7.50 -26.49
N MET BA 732 78.18 -7.79 -26.32
CA MET BA 732 79.09 -6.81 -25.73
C MET BA 732 79.25 -5.60 -26.65
N ASP BA 733 79.36 -5.83 -27.96
CA ASP BA 733 79.49 -4.72 -28.91
C ASP BA 733 78.24 -3.84 -28.89
N LYS BA 734 77.07 -4.46 -28.83
CA LYS BA 734 75.84 -3.67 -28.80
C LYS BA 734 75.67 -2.95 -27.48
N ALA BA 735 76.12 -3.55 -26.37
CA ALA BA 735 76.02 -2.90 -25.07
C ALA BA 735 77.02 -1.77 -24.94
N TYR BA 736 78.08 -1.79 -25.74
CA TYR BA 736 79.02 -0.68 -25.75
C TYR BA 736 78.33 0.61 -26.16
N GLY BA 737 77.39 0.53 -27.10
CA GLY BA 737 76.68 1.72 -27.53
C GLY BA 737 75.89 2.37 -26.42
N ILE BA 738 75.36 1.58 -25.50
CA ILE BA 738 74.62 2.15 -24.37
C ILE BA 738 75.59 2.62 -23.30
N SER BA 739 76.57 1.79 -22.95
CA SER BA 739 77.39 2.07 -21.78
C SER BA 739 78.35 3.22 -22.03
N HIS BA 740 79.01 3.24 -23.19
CA HIS BA 740 80.07 4.21 -23.44
C HIS BA 740 79.67 5.26 -24.47
N SER BA 741 78.39 5.42 -24.74
CA SER BA 741 77.94 6.45 -25.67
C SER BA 741 76.59 6.97 -25.22
N ASP BA 742 76.31 8.23 -25.57
CA ASP BA 742 75.06 8.88 -25.23
C ASP BA 742 74.10 8.94 -26.41
N GLN BA 743 74.39 8.18 -27.47
CA GLN BA 743 73.58 8.26 -28.68
C GLN BA 743 72.15 7.83 -28.43
N PHE BA 744 71.95 6.77 -27.64
CA PHE BA 744 70.63 6.21 -27.44
C PHE BA 744 69.93 6.76 -26.20
N THR BA 745 70.55 7.71 -25.51
CA THR BA 745 69.93 8.34 -24.36
C THR BA 745 68.92 9.40 -24.81
N ASN BA 746 68.49 10.23 -23.86
CA ASN BA 746 67.54 11.29 -24.16
C ASN BA 746 68.09 12.26 -25.21
N SER BA 747 69.16 12.97 -24.87
CA SER BA 747 69.92 13.77 -25.83
C SER BA 747 69.04 14.69 -26.65
N SER BA 748 68.18 15.45 -25.97
CA SER BA 748 67.42 16.49 -26.66
C SER BA 748 68.32 17.66 -27.02
N ILE BA 749 69.35 17.92 -26.21
CA ILE BA 749 70.17 19.12 -26.39
C ILE BA 749 70.96 19.04 -27.69
N ILE BA 750 71.49 17.87 -28.03
CA ILE BA 750 72.28 17.75 -29.26
C ILE BA 750 71.38 17.88 -30.48
N GLU BA 751 70.15 17.36 -30.38
CA GLU BA 751 69.20 17.55 -31.48
C GLU BA 751 68.78 19.01 -31.60
N GLU BA 752 68.86 19.76 -30.51
CA GLU BA 752 68.55 21.19 -30.57
C GLU BA 752 69.51 21.90 -31.52
N ASN BA 753 70.77 21.45 -31.57
CA ASN BA 753 71.70 21.96 -32.57
C ASN BA 753 71.37 21.37 -33.93
N ILE BA 754 71.41 22.21 -34.96
CA ILE BA 754 70.95 21.81 -36.29
C ILE BA 754 72.01 21.99 -37.37
N GLU BA 755 73.13 22.65 -37.08
CA GLU BA 755 74.09 22.99 -38.12
C GLU BA 755 74.80 21.76 -38.66
N GLY BA 756 75.06 21.76 -39.96
CA GLY BA 756 75.95 20.80 -40.59
C GLY BA 756 75.32 19.52 -41.08
N LEU BA 757 74.06 19.24 -40.74
CA LEU BA 757 73.35 18.01 -41.09
C LEU BA 757 74.07 16.76 -40.64
N VAL BA 758 74.78 16.79 -39.51
CA VAL BA 758 75.54 15.62 -39.09
C VAL BA 758 74.61 14.53 -38.56
N GLY BA 759 73.70 14.90 -37.65
CA GLY BA 759 72.93 13.90 -36.94
C GLY BA 759 71.63 13.55 -37.62
N ILE BA 760 71.35 14.15 -38.77
CA ILE BA 760 70.21 13.71 -39.56
C ILE BA 760 70.45 12.29 -40.07
N GLU BA 761 71.70 12.01 -40.44
CA GLU BA 761 72.18 10.65 -40.52
C GLU BA 761 71.95 9.95 -39.19
N ASN BA 762 71.87 8.63 -39.22
CA ASN BA 762 71.91 7.85 -37.99
C ASN BA 762 70.78 8.19 -37.03
N ASN BA 763 69.55 7.86 -37.40
CA ASN BA 763 68.43 7.91 -36.47
C ASN BA 763 68.76 7.07 -35.25
N SER BA 764 68.59 7.66 -34.07
CA SER BA 764 68.99 6.97 -32.83
C SER BA 764 67.97 5.92 -32.42
N PHE BA 765 66.69 6.19 -32.65
CA PHE BA 765 65.63 5.27 -32.23
C PHE BA 765 65.76 3.93 -32.95
N LEU BA 766 66.12 3.98 -34.24
CA LEU BA 766 66.22 2.74 -34.99
C LEU BA 766 67.47 1.96 -34.64
N GLU BA 767 68.57 2.65 -34.31
CA GLU BA 767 69.78 1.93 -33.95
C GLU BA 767 69.74 1.43 -32.52
N ALA BA 768 68.85 1.97 -31.70
CA ALA BA 768 68.70 1.43 -30.36
C ALA BA 768 68.12 0.02 -30.41
N ARG BA 769 67.56 -0.36 -31.55
CA ARG BA 769 66.96 -1.66 -31.77
C ARG BA 769 68.00 -2.78 -31.70
N ASN BA 770 67.64 -3.86 -31.00
CA ASN BA 770 68.47 -5.05 -30.91
C ASN BA 770 67.56 -6.26 -30.86
N LEU BA 771 68.15 -7.44 -31.09
CA LEU BA 771 67.36 -8.66 -31.16
C LEU BA 771 67.11 -9.30 -29.80
N PHE BA 772 67.82 -8.87 -28.76
CA PHE BA 772 67.65 -9.44 -27.44
C PHE BA 772 66.42 -8.85 -26.76
N ASP BA 773 66.07 -9.43 -25.62
CA ASP BA 773 65.01 -8.91 -24.78
C ASP BA 773 65.61 -8.30 -23.52
N SER BA 774 65.22 -7.08 -23.22
CA SER BA 774 65.72 -6.35 -22.06
C SER BA 774 65.01 -6.73 -20.78
N ASP BA 775 64.23 -7.81 -20.80
CA ASP BA 775 63.27 -8.08 -19.74
C ASP BA 775 63.93 -8.80 -18.56
N LEU BA 776 64.76 -9.79 -18.85
CA LEU BA 776 65.37 -10.58 -17.79
C LEU BA 776 66.54 -9.83 -17.16
N SER BA 777 66.76 -10.08 -15.88
CA SER BA 777 67.73 -9.34 -15.09
C SER BA 777 68.93 -10.21 -14.74
N ILE BA 778 70.06 -9.56 -14.47
CA ILE BA 778 71.30 -10.23 -14.10
C ILE BA 778 71.72 -9.67 -12.75
N THR BA 779 72.27 -10.53 -11.90
CA THR BA 779 72.76 -10.05 -10.61
C THR BA 779 74.19 -9.56 -10.74
N MET BA 780 74.46 -8.38 -10.21
CA MET BA 780 75.79 -7.79 -10.21
C MET BA 780 76.61 -8.41 -9.08
N PRO BA 781 77.93 -8.15 -9.04
CA PRO BA 781 78.75 -8.74 -7.98
C PRO BA 781 78.29 -8.40 -6.59
N ASP BA 782 77.61 -7.27 -6.42
CA ASP BA 782 77.00 -6.96 -5.13
C ASP BA 782 75.75 -7.77 -4.86
N GLY BA 783 75.42 -8.75 -5.68
CA GLY BA 783 74.30 -9.62 -5.43
C GLY BA 783 72.97 -9.05 -5.84
N GLN BA 784 72.95 -7.84 -6.40
CA GLN BA 784 71.68 -7.19 -6.62
C GLN BA 784 71.41 -7.00 -8.11
N GLN BA 785 70.15 -7.17 -8.48
CA GLN BA 785 69.75 -7.51 -9.83
C GLN BA 785 69.57 -6.27 -10.70
N PHE BA 786 70.02 -6.37 -11.94
CA PHE BA 786 69.89 -5.31 -12.92
C PHE BA 786 69.33 -5.87 -14.22
N SER BA 787 68.33 -5.20 -14.75
CA SER BA 787 67.74 -5.55 -16.04
C SER BA 787 67.90 -4.36 -16.98
N VAL BA 788 68.03 -4.64 -18.27
CA VAL BA 788 68.19 -3.56 -19.23
C VAL BA 788 66.93 -2.70 -19.28
N ASN BA 789 65.78 -3.29 -18.96
CA ASN BA 789 64.56 -2.51 -18.90
C ASN BA 789 64.62 -1.46 -17.80
N ASP BA 790 65.50 -1.66 -16.81
CA ASP BA 790 65.67 -0.66 -15.77
C ASP BA 790 66.29 0.62 -16.33
N LEU BA 791 67.09 0.50 -17.38
CA LEU BA 791 67.67 1.68 -18.01
C LEU BA 791 66.64 2.41 -18.88
N ARG BA 792 65.69 1.68 -19.44
CA ARG BA 792 64.87 2.24 -20.50
C ARG BA 792 63.96 3.34 -19.97
N ASP BA 793 63.73 4.33 -20.82
CA ASP BA 793 62.86 5.45 -20.52
C ASP BA 793 61.54 5.23 -21.23
N PHE BA 794 60.50 4.98 -20.46
CA PHE BA 794 59.13 4.91 -20.95
C PHE BA 794 58.53 6.30 -20.86
N ASP BA 795 57.21 6.41 -20.78
CA ASP BA 795 56.39 7.61 -20.67
C ASP BA 795 55.92 8.25 -21.97
N MET BA 796 56.36 7.82 -23.15
CA MET BA 796 55.74 8.22 -24.42
C MET BA 796 55.20 9.66 -24.40
N PHE BA 797 55.86 10.52 -23.62
CA PHE BA 797 55.50 11.92 -23.53
C PHE BA 797 56.67 12.63 -24.21
N ARG BA 798 57.90 12.20 -23.99
CA ARG BA 798 59.01 12.65 -24.83
C ARG BA 798 59.38 11.57 -25.83
N ILE BA 799 59.03 10.32 -25.53
CA ILE BA 799 59.51 9.18 -26.32
C ILE BA 799 58.74 9.07 -27.62
N MET BA 800 57.42 8.90 -27.52
CA MET BA 800 56.62 8.71 -28.72
C MET BA 800 56.65 9.90 -29.65
N PRO BA 801 56.49 11.14 -29.20
CA PRO BA 801 56.63 12.28 -30.13
C PRO BA 801 57.98 12.33 -30.84
N ALA BA 802 59.09 12.18 -30.11
CA ALA BA 802 60.40 12.31 -30.75
C ALA BA 802 60.67 11.16 -31.71
N TYR BA 803 60.29 9.94 -31.29
CA TYR BA 803 60.36 8.80 -32.19
C TYR BA 803 59.57 9.07 -33.45
N ASP BA 804 58.39 9.67 -33.30
CA ASP BA 804 57.56 9.97 -34.44
C ASP BA 804 58.23 10.97 -35.35
N ARG BA 805 58.81 12.02 -34.79
CA ARG BA 805 59.49 13.02 -35.64
C ARG BA 805 60.58 12.36 -36.47
N ARG BA 806 61.46 11.60 -35.83
CA ARG BA 806 62.57 10.99 -36.56
C ARG BA 806 62.08 9.99 -37.60
N VAL BA 807 61.19 9.08 -37.21
CA VAL BA 807 60.80 8.03 -38.13
C VAL BA 807 59.92 8.59 -39.23
N ASN BA 808 59.14 9.62 -38.95
CA ASN BA 808 58.38 10.27 -40.02
C ASN BA 808 59.31 10.93 -41.01
N GLY BA 809 60.38 11.57 -40.53
CA GLY BA 809 61.35 12.12 -41.45
C GLY BA 809 61.96 11.06 -42.34
N ASP BA 810 62.39 9.95 -41.75
CA ASP BA 810 62.99 8.87 -42.54
C ASP BA 810 61.99 8.26 -43.51
N ILE BA 811 60.75 8.08 -43.07
CA ILE BA 811 59.71 7.52 -43.92
C ILE BA 811 59.44 8.43 -45.10
N ALA BA 812 59.41 9.74 -44.85
CA ALA BA 812 59.21 10.68 -45.95
C ALA BA 812 60.38 10.64 -46.93
N ILE BA 813 61.61 10.58 -46.42
CA ILE BA 813 62.77 10.56 -47.29
C ILE BA 813 62.74 9.34 -48.20
N MET BA 814 62.44 8.16 -47.64
CA MET BA 814 62.46 6.97 -48.49
C MET BA 814 61.19 6.84 -49.32
N GLY BA 815 60.05 7.33 -48.84
CA GLY BA 815 58.83 7.21 -49.61
C GLY BA 815 58.82 8.15 -50.81
N SER BA 816 59.47 9.30 -50.68
CA SER BA 816 59.57 10.22 -51.80
C SER BA 816 60.76 9.86 -52.69
N THR BA 817 61.94 9.88 -52.11
CA THR BA 817 63.14 9.50 -52.83
C THR BA 817 63.45 8.05 -52.58
N GLY BA 818 63.94 7.35 -53.60
CA GLY BA 818 64.37 5.98 -53.39
C GLY BA 818 65.49 5.87 -52.37
N LYS BA 819 66.17 6.99 -52.10
CA LYS BA 819 67.34 6.99 -51.26
C LYS BA 819 66.98 7.10 -49.78
N THR BA 820 67.95 6.77 -48.93
CA THR BA 820 67.81 6.91 -47.49
C THR BA 820 68.18 8.33 -47.06
N THR BA 821 68.12 8.58 -45.74
CA THR BA 821 68.54 9.87 -45.22
C THR BA 821 70.02 10.10 -45.46
N LYS BA 822 70.84 9.07 -45.28
CA LYS BA 822 72.27 9.20 -45.56
C LYS BA 822 72.53 9.51 -47.02
N GLU BA 823 71.85 8.81 -47.93
CA GLU BA 823 72.09 9.03 -49.35
C GLU BA 823 71.62 10.42 -49.78
N LEU BA 824 70.47 10.86 -49.28
CA LEU BA 824 70.01 12.21 -49.61
C LEU BA 824 70.95 13.27 -49.06
N LYS BA 825 71.41 13.08 -47.83
CA LYS BA 825 72.37 14.02 -47.26
C LYS BA 825 73.64 14.08 -48.09
N ASP BA 826 74.15 12.92 -48.50
CA ASP BA 826 75.36 12.88 -49.32
C ASP BA 826 75.14 13.57 -50.65
N GLU BA 827 73.99 13.33 -51.28
CA GLU BA 827 73.70 13.98 -52.56
C GLU BA 827 73.61 15.49 -52.40
N ILE BA 828 73.00 15.97 -51.32
CA ILE BA 828 72.84 17.40 -51.14
C ILE BA 828 74.18 18.06 -50.85
N LEU BA 829 75.03 17.41 -50.06
CA LEU BA 829 76.38 17.95 -49.86
C LEU BA 829 77.17 17.95 -51.16
N ALA BA 830 77.01 16.91 -51.98
CA ALA BA 830 77.69 16.89 -53.27
C ALA BA 830 77.21 18.03 -54.16
N LEU BA 831 75.91 18.28 -54.17
CA LEU BA 831 75.37 19.40 -54.95
C LEU BA 831 75.90 20.73 -54.44
N LYS BA 832 75.98 20.89 -53.12
CA LYS BA 832 76.55 22.12 -52.56
C LYS BA 832 77.99 22.30 -52.98
N ALA BA 833 78.79 21.23 -52.91
CA ALA BA 833 80.18 21.32 -53.34
C ALA BA 833 80.28 21.65 -54.81
N LYS BA 834 79.40 21.08 -55.64
CA LYS BA 834 79.42 21.36 -57.07
C LYS BA 834 79.08 22.83 -57.33
N ALA BA 835 78.09 23.36 -56.62
CA ALA BA 835 77.60 24.70 -56.88
C ALA BA 835 78.06 25.69 -55.79
N GLU BA 836 79.26 25.44 -55.28
CA GLU BA 836 79.85 26.34 -54.29
C GLU BA 836 80.07 27.74 -54.86
N GLY BA 837 80.12 27.86 -56.19
CA GLY BA 837 80.37 29.16 -56.79
C GLY BA 837 79.15 30.07 -56.82
N ASP BA 838 78.08 29.61 -57.45
CA ASP BA 838 76.92 30.44 -57.74
C ASP BA 838 76.18 30.80 -56.46
N GLY BA 839 75.90 32.09 -56.27
CA GLY BA 839 75.12 32.50 -55.11
C GLY BA 839 73.70 31.98 -55.15
N LYS BA 840 73.08 32.03 -56.33
CA LYS BA 840 71.71 31.55 -56.49
C LYS BA 840 71.62 30.07 -56.17
N LYS BA 841 72.58 29.28 -56.68
CA LYS BA 841 72.55 27.84 -56.43
C LYS BA 841 72.88 27.52 -54.98
N THR BA 842 73.74 28.32 -54.35
CA THR BA 842 73.99 28.10 -52.92
C THR BA 842 72.73 28.38 -52.12
N GLY BA 843 71.99 29.43 -52.47
CA GLY BA 843 70.71 29.66 -51.83
C GLY BA 843 69.75 28.50 -52.04
N GLU BA 844 69.74 27.93 -53.25
CA GLU BA 844 68.87 26.80 -53.54
C GLU BA 844 69.25 25.57 -52.71
N VAL BA 845 70.53 25.24 -52.65
CA VAL BA 845 70.94 24.06 -51.91
C VAL BA 845 70.73 24.27 -50.42
N HIS BA 846 70.87 25.51 -49.95
CA HIS BA 846 70.55 25.77 -48.55
C HIS BA 846 69.06 25.65 -48.29
N ALA BA 847 68.23 26.02 -49.25
CA ALA BA 847 66.79 25.79 -49.12
C ALA BA 847 66.50 24.30 -49.04
N LEU BA 848 67.16 23.49 -49.88
CA LEU BA 848 66.99 22.05 -49.83
C LEU BA 848 67.45 21.48 -48.48
N MET BA 849 68.58 21.99 -47.98
CA MET BA 849 69.08 21.58 -46.68
C MET BA 849 68.09 21.91 -45.57
N ASP BA 850 67.51 23.11 -45.63
CA ASP BA 850 66.49 23.48 -44.66
C ASP BA 850 65.26 22.59 -44.80
N THR BA 851 64.95 22.17 -46.03
CA THR BA 851 63.85 21.23 -46.24
C THR BA 851 64.13 19.91 -45.53
N VAL BA 852 65.34 19.39 -45.65
CA VAL BA 852 65.69 18.15 -44.97
C VAL BA 852 65.65 18.34 -43.46
N LYS BA 853 66.10 19.50 -42.98
CA LYS BA 853 66.07 19.76 -41.55
C LYS BA 853 64.64 19.82 -41.01
N ILE BA 854 63.74 20.48 -41.74
CA ILE BA 854 62.33 20.48 -41.37
C ILE BA 854 61.77 19.08 -41.41
N LEU BA 855 62.11 18.34 -42.47
CA LEU BA 855 61.47 17.08 -42.76
C LEU BA 855 61.86 16.01 -41.75
N THR BA 856 63.14 15.92 -41.40
CA THR BA 856 63.60 14.97 -40.42
C THR BA 856 63.32 15.40 -38.99
N GLY BA 857 62.79 16.60 -38.81
CA GLY BA 857 62.38 17.05 -37.50
C GLY BA 857 63.40 17.86 -36.74
N ARG BA 858 64.49 18.28 -37.39
CA ARG BA 858 65.46 19.14 -36.72
C ARG BA 858 64.79 20.44 -36.32
N ALA BA 859 64.41 21.25 -37.32
CA ALA BA 859 63.40 22.28 -37.20
C ALA BA 859 63.34 22.97 -35.85
N ARG BA 860 62.27 22.68 -35.10
CA ARG BA 860 61.89 23.19 -33.77
C ARG BA 860 60.83 24.26 -33.97
N ARG BA 861 59.56 23.90 -33.76
CA ARG BA 861 58.46 24.79 -34.08
C ARG BA 861 58.16 25.79 -32.98
N ASN BA 862 58.62 25.55 -31.75
CA ASN BA 862 58.43 26.42 -30.59
C ASN BA 862 57.02 26.32 -30.04
N GLN BA 863 56.81 26.89 -28.84
CA GLN BA 863 55.50 26.83 -28.19
C GLN BA 863 54.51 27.78 -28.84
N ASP BA 864 55.02 28.81 -29.51
CA ASP BA 864 54.15 29.87 -30.02
C ASP BA 864 53.28 29.41 -31.18
N THR BA 865 53.60 28.28 -31.80
CA THR BA 865 52.80 27.81 -32.93
C THR BA 865 51.44 27.31 -32.48
N VAL BA 866 51.29 26.98 -31.19
CA VAL BA 866 50.01 26.47 -30.71
C VAL BA 866 48.92 27.52 -30.86
N TRP BA 867 49.18 28.73 -30.38
CA TRP BA 867 48.14 29.75 -30.36
C TRP BA 867 47.97 30.40 -31.72
N GLU BA 868 49.04 30.52 -32.50
CA GLU BA 868 48.89 31.04 -33.86
C GLU BA 868 48.15 30.04 -34.76
N THR BA 869 48.46 28.76 -34.61
CA THR BA 869 47.72 27.73 -35.32
C THR BA 869 46.25 27.73 -34.90
N SER BA 870 46.00 27.90 -33.61
CA SER BA 870 44.63 27.99 -33.13
C SER BA 870 43.92 29.21 -33.70
N LEU BA 871 44.63 30.34 -33.81
CA LEU BA 871 44.01 31.55 -34.37
C LEU BA 871 43.63 31.33 -35.82
N ARG BA 872 44.53 30.75 -36.61
CA ARG BA 872 44.21 30.47 -38.01
C ARG BA 872 43.04 29.51 -38.14
N ALA BA 873 43.06 28.43 -37.37
CA ALA BA 873 42.01 27.43 -37.47
C ALA BA 873 40.67 27.98 -37.00
N ILE BA 874 40.68 28.85 -35.98
CA ILE BA 874 39.44 29.41 -35.48
C ILE BA 874 38.88 30.43 -36.45
N ASN BA 875 39.75 31.18 -37.14
CA ASN BA 875 39.27 32.01 -38.23
C ASN BA 875 38.57 31.18 -39.30
N ASP BA 876 39.19 30.05 -39.67
CA ASP BA 876 38.59 29.19 -40.68
C ASP BA 876 37.24 28.64 -40.19
N LEU BA 877 37.18 28.25 -38.93
CA LEU BA 877 35.91 27.79 -38.36
C LEU BA 877 34.85 28.87 -38.44
N GLY BA 878 35.22 30.12 -38.15
CA GLY BA 878 34.28 31.21 -38.26
C GLY BA 878 33.76 31.37 -39.67
N PHE BA 879 34.61 31.08 -40.65
CA PHE BA 879 34.11 31.07 -42.03
C PHE BA 879 33.11 29.93 -42.25
N PHE BA 880 33.36 28.75 -41.70
CA PHE BA 880 32.57 27.60 -42.14
C PHE BA 880 31.75 26.92 -41.06
N ALA BA 881 32.30 26.68 -39.88
CA ALA BA 881 31.60 25.91 -38.84
C ALA BA 881 31.21 26.84 -37.69
N LYS BA 882 29.96 27.27 -37.68
CA LYS BA 882 29.54 28.32 -36.74
C LYS BA 882 29.59 27.85 -35.30
N ASN BA 883 28.99 26.70 -35.01
CA ASN BA 883 28.91 26.23 -33.63
C ASN BA 883 30.29 25.89 -33.10
N ALA BA 884 31.10 25.21 -33.89
CA ALA BA 884 32.48 24.91 -33.48
C ALA BA 884 33.27 26.18 -33.30
N TYR BA 885 33.08 27.16 -34.18
CA TYR BA 885 33.78 28.43 -34.07
C TYR BA 885 33.46 29.11 -32.75
N MET BA 886 32.17 29.18 -32.42
CA MET BA 886 31.75 29.87 -31.21
C MET BA 886 32.23 29.12 -29.97
N GLY BA 887 32.20 27.78 -30.01
CA GLY BA 887 32.72 27.01 -28.89
C GLY BA 887 34.21 27.22 -28.70
N ALA BA 888 34.96 27.31 -29.79
CA ALA BA 888 36.39 27.56 -29.69
C ALA BA 888 36.66 28.94 -29.12
N GLN BA 889 35.92 29.95 -29.57
CA GLN BA 889 36.05 31.28 -28.97
C GLN BA 889 35.72 31.26 -27.49
N ASN BA 890 34.66 30.53 -27.11
CA ASN BA 890 34.29 30.48 -25.70
C ASN BA 890 35.37 29.84 -24.86
N ILE BA 891 35.95 28.74 -25.34
CA ILE BA 891 36.96 28.05 -24.54
C ILE BA 891 38.23 28.91 -24.44
N THR BA 892 38.59 29.60 -25.52
CA THR BA 892 39.78 30.44 -25.47
C THR BA 892 39.55 31.66 -24.58
N GLU BA 893 38.36 32.24 -24.62
CA GLU BA 893 38.06 33.36 -23.74
C GLU BA 893 38.05 32.93 -22.28
N ILE BA 894 37.53 31.73 -21.99
CA ILE BA 894 37.57 31.22 -20.63
C ILE BA 894 39.02 31.04 -20.17
N ALA BA 895 39.87 30.50 -21.04
CA ALA BA 895 41.27 30.34 -20.68
C ALA BA 895 41.91 31.68 -20.39
N GLY BA 896 41.62 32.68 -21.22
CA GLY BA 896 42.14 34.02 -20.97
C GLY BA 896 41.64 34.60 -19.67
N MET BA 897 40.37 34.39 -19.34
CA MET BA 897 39.84 34.87 -18.07
C MET BA 897 40.55 34.23 -16.91
N ILE BA 898 40.75 32.92 -16.98
CA ILE BA 898 41.40 32.19 -15.89
C ILE BA 898 42.80 32.73 -15.68
N VAL BA 899 43.54 32.89 -16.77
CA VAL BA 899 44.94 33.30 -16.63
C VAL BA 899 45.04 34.76 -16.19
N THR BA 900 44.14 35.62 -16.65
CA THR BA 900 44.23 37.03 -16.27
C THR BA 900 43.80 37.22 -14.82
N GLY BA 901 42.81 36.45 -14.37
CA GLY BA 901 42.46 36.46 -12.96
C GLY BA 901 43.59 35.97 -12.09
N ASN BA 902 44.30 34.93 -12.54
CA ASN BA 902 45.45 34.47 -11.79
C ASN BA 902 46.53 35.54 -11.73
N VAL BA 903 46.78 36.20 -12.85
CA VAL BA 903 47.81 37.24 -12.88
C VAL BA 903 47.45 38.36 -11.92
N ARG BA 904 46.20 38.80 -11.94
CA ARG BA 904 45.78 39.88 -11.06
C ARG BA 904 45.89 39.47 -9.59
N ALA BA 905 45.33 38.30 -9.25
CA ALA BA 905 45.33 37.87 -7.86
C ALA BA 905 46.74 37.67 -7.34
N LEU BA 906 47.62 37.05 -8.13
CA LEU BA 906 48.96 36.75 -7.62
C LEU BA 906 49.87 37.96 -7.72
N GLY BA 907 49.55 38.91 -8.60
CA GLY BA 907 50.23 40.18 -8.55
C GLY BA 907 49.88 40.94 -7.29
N HIS BA 908 48.63 40.82 -6.84
CA HIS BA 908 48.26 41.43 -5.57
C HIS BA 908 48.91 40.71 -4.39
N GLY BA 909 48.83 39.38 -4.37
CA GLY BA 909 49.09 38.65 -3.14
C GLY BA 909 50.57 38.44 -2.85
N ILE BA 910 51.26 37.75 -3.74
CA ILE BA 910 52.67 37.42 -3.55
C ILE BA 910 53.48 38.71 -3.55
N PRO BA 911 54.24 38.99 -2.50
CA PRO BA 911 54.91 40.29 -2.40
C PRO BA 911 55.93 40.55 -3.49
N ILE BA 912 56.89 39.63 -3.68
CA ILE BA 912 58.00 39.90 -4.59
C ILE BA 912 57.47 40.28 -5.96
N LEU BA 913 56.38 39.64 -6.38
CA LEU BA 913 55.81 39.94 -7.68
C LEU BA 913 55.47 41.42 -7.79
N ARG BA 914 54.53 41.89 -6.96
CA ARG BA 914 54.05 43.26 -7.07
C ARG BA 914 55.16 44.26 -6.80
N ASP BA 915 56.01 43.98 -5.83
CA ASP BA 915 57.02 44.98 -5.48
C ASP BA 915 58.06 45.13 -6.58
N THR BA 916 58.57 44.02 -7.12
CA THR BA 916 59.72 44.12 -8.00
C THR BA 916 59.48 43.61 -9.42
N LEU BA 917 58.83 42.47 -9.59
CA LEU BA 917 58.86 41.79 -10.87
C LEU BA 917 57.67 42.14 -11.76
N TYR BA 918 56.49 42.28 -11.19
CA TYR BA 918 55.35 42.70 -12.01
C TYR BA 918 55.38 44.20 -12.25
N LYS BA 919 56.15 44.94 -11.45
CA LYS BA 919 56.33 46.37 -11.70
C LYS BA 919 57.20 46.59 -12.93
N SER BA 920 56.89 47.66 -13.66
CA SER BA 920 57.69 48.00 -14.83
C SER BA 920 59.01 48.67 -14.43
N LYS BA 921 59.13 49.07 -13.17
CA LYS BA 921 60.34 49.73 -12.73
C LYS BA 921 61.51 48.76 -12.75
N PRO BA 922 62.66 49.15 -13.31
CA PRO BA 922 63.82 48.25 -13.32
C PRO BA 922 64.30 47.93 -11.91
N VAL BA 923 64.80 46.71 -11.76
CA VAL BA 923 65.21 46.22 -10.44
C VAL BA 923 66.60 46.73 -10.10
N SER BA 924 67.00 46.52 -8.84
CA SER BA 924 68.34 46.90 -8.43
C SER BA 924 69.37 46.04 -9.14
N ALA BA 925 70.64 46.48 -9.05
CA ALA BA 925 71.73 45.69 -9.60
C ALA BA 925 71.88 44.37 -8.85
N LYS BA 926 71.76 44.41 -7.52
CA LYS BA 926 71.79 43.18 -6.74
C LYS BA 926 70.62 42.28 -7.09
N GLU BA 927 69.44 42.87 -7.28
CA GLU BA 927 68.29 42.07 -7.70
C GLU BA 927 68.51 41.48 -9.09
N LEU BA 928 69.19 42.22 -9.96
CA LEU BA 928 69.53 41.68 -11.27
C LEU BA 928 70.48 40.49 -11.16
N LYS BA 929 71.47 40.58 -10.28
CA LYS BA 929 72.34 39.42 -10.05
C LYS BA 929 71.54 38.24 -9.53
N GLU BA 930 70.60 38.48 -8.63
CA GLU BA 930 69.77 37.40 -8.11
C GLU BA 930 68.91 36.79 -9.21
N LEU BA 931 68.38 37.61 -10.10
CA LEU BA 931 67.58 37.09 -11.22
C LEU BA 931 68.44 36.23 -12.14
N HIS BA 932 69.67 36.70 -12.42
CA HIS BA 932 70.57 35.93 -13.24
C HIS BA 932 70.84 34.57 -12.61
N ALA BA 933 71.09 34.56 -11.30
CA ALA BA 933 71.33 33.32 -10.59
C ALA BA 933 70.13 32.39 -10.69
N SER BA 934 68.93 32.92 -10.49
CA SER BA 934 67.73 32.07 -10.48
C SER BA 934 67.46 31.47 -11.86
N LEU BA 935 67.54 32.29 -12.91
CA LEU BA 935 67.30 31.77 -14.24
C LEU BA 935 68.37 30.78 -14.66
N PHE BA 936 69.63 31.02 -14.27
CA PHE BA 936 70.65 30.02 -14.53
C PHE BA 936 70.38 28.74 -13.76
N GLY BA 937 69.87 28.84 -12.54
CA GLY BA 937 69.50 27.64 -11.81
C GLY BA 937 68.42 26.85 -12.53
N LYS BA 938 67.45 27.54 -13.10
CA LYS BA 938 66.45 26.84 -13.91
C LYS BA 938 67.08 26.15 -15.11
N GLU BA 939 67.99 26.84 -15.81
CA GLU BA 939 68.63 26.22 -16.98
C GLU BA 939 69.43 24.99 -16.58
N VAL BA 940 70.20 25.11 -15.50
CA VAL BA 940 71.01 23.98 -15.04
C VAL BA 940 70.12 22.83 -14.62
N ASP BA 941 68.98 23.14 -13.99
CA ASP BA 941 68.05 22.08 -13.62
C ASP BA 941 67.54 21.35 -14.86
N GLN BA 942 67.16 22.09 -15.90
CA GLN BA 942 66.74 21.42 -17.13
C GLN BA 942 67.86 20.57 -17.70
N LEU BA 943 69.11 21.01 -17.52
CA LEU BA 943 70.23 20.22 -18.03
C LEU BA 943 70.41 18.92 -17.25
N ILE BA 944 70.29 18.95 -15.92
CA ILE BA 944 70.77 17.85 -15.09
C ILE BA 944 69.66 17.13 -14.35
N ARG BA 945 68.41 17.53 -14.52
CA ARG BA 945 67.32 16.85 -13.81
C ARG BA 945 67.04 15.49 -14.43
N PRO BA 946 66.85 14.45 -13.61
CA PRO BA 946 66.40 13.15 -14.13
C PRO BA 946 65.05 13.28 -14.81
N LYS BA 947 64.94 12.74 -16.02
CA LYS BA 947 63.68 12.83 -16.75
C LYS BA 947 62.64 11.84 -16.23
N ARG BA 948 63.06 10.63 -15.85
CA ARG BA 948 62.10 9.62 -15.42
C ARG BA 948 61.55 9.98 -14.04
N ALA BA 949 60.22 9.95 -13.92
CA ALA BA 949 59.58 10.31 -12.65
C ALA BA 949 59.87 9.27 -11.58
N ASP BA 950 60.01 8.02 -11.97
CA ASP BA 950 60.36 6.99 -11.01
C ASP BA 950 61.70 7.28 -10.37
N ILE BA 951 62.68 7.69 -11.18
CA ILE BA 951 64.01 7.91 -10.65
C ILE BA 951 63.98 9.02 -9.60
N VAL BA 952 63.27 10.11 -9.88
CA VAL BA 952 63.27 11.22 -8.94
C VAL BA 952 62.53 10.83 -7.67
N GLN BA 953 61.42 10.10 -7.80
CA GLN BA 953 60.68 9.75 -6.58
C GLN BA 953 61.48 8.79 -5.72
N ARG BA 954 62.17 7.83 -6.34
CA ARG BA 954 62.97 6.90 -5.57
C ARG BA 954 64.17 7.59 -4.97
N LEU BA 955 64.78 8.53 -5.69
CA LEU BA 955 65.88 9.30 -5.14
C LEU BA 955 65.44 10.07 -3.91
N ARG BA 956 64.24 10.65 -3.95
CA ARG BA 956 63.76 11.42 -2.83
C ARG BA 956 63.37 10.52 -1.66
N GLU BA 957 62.66 9.42 -1.95
CA GLU BA 957 62.16 8.57 -0.88
C GLU BA 957 63.26 7.77 -0.21
N ALA BA 958 64.21 7.26 -0.98
CA ALA BA 958 65.16 6.28 -0.45
C ALA BA 958 66.01 6.87 0.66
N THR BA 959 66.52 8.09 0.45
CA THR BA 959 67.50 8.66 1.37
C THR BA 959 66.98 8.82 2.79
N ASP BA 960 65.69 8.58 3.03
CA ASP BA 960 65.14 8.62 4.37
C ASP BA 960 65.80 7.55 5.24
N THR BA 961 65.84 7.81 6.54
CA THR BA 961 66.54 6.90 7.46
C THR BA 961 65.88 5.53 7.50
N GLY BA 962 64.55 5.49 7.39
CA GLY BA 962 63.82 4.24 7.48
C GLY BA 962 64.20 3.25 6.40
N PRO BA 963 64.15 3.67 5.13
CA PRO BA 963 64.61 2.79 4.06
C PRO BA 963 66.04 2.31 4.21
N ALA BA 964 66.95 3.21 4.60
CA ALA BA 964 68.35 2.82 4.75
C ALA BA 964 68.52 1.77 5.85
N VAL BA 965 67.92 2.03 7.00
CA VAL BA 965 68.02 1.11 8.13
C VAL BA 965 67.40 -0.23 7.79
N ALA BA 966 66.29 -0.21 7.04
CA ALA BA 966 65.65 -1.47 6.66
C ALA BA 966 66.50 -2.25 5.68
N ASN BA 967 67.15 -1.55 4.74
CA ASN BA 967 67.98 -2.24 3.77
C ASN BA 967 69.22 -2.84 4.42
N ILE BA 968 69.77 -2.17 5.44
CA ILE BA 968 71.02 -2.65 6.01
C ILE BA 968 70.77 -3.69 7.10
N VAL BA 969 69.78 -3.47 7.95
CA VAL BA 969 69.61 -4.32 9.13
C VAL BA 969 68.44 -5.28 8.93
N GLY BA 970 67.40 -4.85 8.21
CA GLY BA 970 66.15 -5.60 8.21
C GLY BA 970 66.31 -6.97 7.58
N THR BA 971 65.52 -7.92 8.09
CA THR BA 971 65.45 -9.26 7.54
C THR BA 971 64.30 -9.45 6.55
N LEU BA 972 63.32 -8.55 6.55
CA LEU BA 972 62.24 -8.56 5.57
C LEU BA 972 62.48 -7.42 4.61
N LYS BA 973 62.12 -7.62 3.34
CA LYS BA 973 62.60 -6.73 2.29
C LYS BA 973 62.01 -5.32 2.45
N TYR BA 974 60.70 -5.23 2.66
CA TYR BA 974 59.98 -3.96 2.59
C TYR BA 974 60.20 -3.33 1.23
N SER BA 975 59.89 -2.04 1.10
CA SER BA 975 60.01 -1.37 -0.17
C SER BA 975 60.13 0.12 0.07
N THR BA 976 61.02 0.74 -0.68
CA THR BA 976 60.96 2.19 -0.77
C THR BA 976 59.64 2.58 -1.42
N GLN BA 977 59.04 3.64 -0.89
CA GLN BA 977 57.65 4.13 -0.96
C GLN BA 977 56.75 3.40 0.02
N GLU BA 978 57.28 2.45 0.79
CA GLU BA 978 56.56 1.90 1.94
C GLU BA 978 57.13 2.45 3.24
N LEU BA 979 58.44 2.58 3.33
CA LEU BA 979 59.05 3.09 4.55
C LEU BA 979 59.40 4.57 4.41
N ALA BA 980 59.08 5.15 3.26
CA ALA BA 980 59.33 6.57 3.05
C ALA BA 980 58.52 7.41 4.03
N ALA BA 981 59.20 8.39 4.65
CA ALA BA 981 58.54 9.28 5.60
C ALA BA 981 57.46 10.09 4.91
N ARG BA 982 57.87 10.91 3.93
CA ARG BA 982 56.98 11.70 3.08
C ARG BA 982 56.32 12.81 3.86
N SER BA 983 56.52 14.05 3.42
CA SER BA 983 55.91 15.19 4.07
C SER BA 983 54.40 15.16 3.87
N PRO BA 984 53.64 15.75 4.79
CA PRO BA 984 52.21 15.95 4.51
C PRO BA 984 51.97 16.83 3.31
N TRP BA 985 52.97 17.61 2.90
CA TRP BA 985 52.84 18.40 1.69
C TRP BA 985 52.73 17.51 0.45
N THR BA 986 53.33 16.32 0.49
CA THR BA 986 53.21 15.42 -0.64
C THR BA 986 52.00 14.51 -0.49
N LYS BA 987 51.78 13.98 0.72
CA LYS BA 987 50.61 13.15 0.94
C LYS BA 987 49.33 13.93 0.73
N LEU BA 988 49.29 15.16 1.24
CA LEU BA 988 48.18 16.07 1.07
C LEU BA 988 48.67 17.20 0.20
N LEU BA 989 47.90 17.59 -0.81
CA LEU BA 989 48.30 18.67 -1.73
C LEU BA 989 49.56 18.31 -2.51
N ASN BA 990 49.47 17.23 -3.28
CA ASN BA 990 50.66 16.70 -3.96
C ASN BA 990 51.09 17.58 -5.12
N GLY BA 991 50.16 18.02 -5.97
CA GLY BA 991 50.56 18.76 -7.16
C GLY BA 991 51.18 20.09 -6.85
N THR BA 992 50.59 20.83 -5.91
CA THR BA 992 51.17 22.09 -5.47
C THR BA 992 52.58 21.88 -4.96
N THR BA 993 52.79 20.81 -4.19
CA THR BA 993 54.11 20.53 -3.68
C THR BA 993 55.09 20.21 -4.79
N ASN BA 994 54.66 19.47 -5.81
CA ASN BA 994 55.57 19.16 -6.90
C ASN BA 994 56.02 20.43 -7.61
N TYR BA 995 55.07 21.32 -7.92
CA TYR BA 995 55.44 22.58 -8.55
C TYR BA 995 56.39 23.38 -7.68
N LEU BA 996 56.03 23.57 -6.42
CA LEU BA 996 56.85 24.38 -5.52
C LEU BA 996 58.22 23.76 -5.33
N LEU BA 997 58.30 22.44 -5.25
CA LEU BA 997 59.57 21.78 -5.02
C LEU BA 997 60.47 21.85 -6.24
N ASP BA 998 59.90 21.73 -7.43
CA ASP BA 998 60.71 21.94 -8.64
C ASP BA 998 61.28 23.35 -8.68
N ALA BA 999 60.44 24.36 -8.39
CA ALA BA 999 60.92 25.73 -8.40
C ALA BA 999 61.96 25.96 -7.30
N ALA BA 1000 61.75 25.37 -6.13
CA ALA BA 1000 62.68 25.53 -5.02
C ALA BA 1000 64.01 24.89 -5.34
N ARG BA 1001 64.00 23.73 -5.99
CA ARG BA 1001 65.24 23.09 -6.39
C ARG BA 1001 65.99 23.95 -7.40
N GLN BA 1002 65.27 24.53 -8.35
CA GLN BA 1002 65.93 25.42 -9.31
C GLN BA 1002 66.53 26.62 -8.61
N GLY BA 1003 65.80 27.20 -7.66
CA GLY BA 1003 66.34 28.32 -6.91
C GLY BA 1003 67.57 27.96 -6.11
N MET BA 1004 67.55 26.80 -5.45
CA MET BA 1004 68.71 26.34 -4.70
C MET BA 1004 69.90 26.08 -5.61
N LEU BA 1005 69.65 25.50 -6.80
CA LEU BA 1005 70.73 25.32 -7.76
C LEU BA 1005 71.37 26.65 -8.11
N GLY BA 1006 70.54 27.63 -8.46
CA GLY BA 1006 71.08 28.94 -8.80
C GLY BA 1006 71.85 29.56 -7.66
N ASP BA 1007 71.32 29.46 -6.44
CA ASP BA 1007 71.98 30.04 -5.28
C ASP BA 1007 73.34 29.39 -5.03
N VAL BA 1008 73.39 28.06 -5.08
CA VAL BA 1008 74.64 27.35 -4.84
C VAL BA 1008 75.66 27.71 -5.92
N ILE BA 1009 75.24 27.75 -7.17
CA ILE BA 1009 76.16 28.06 -8.27
C ILE BA 1009 76.70 29.47 -8.11
N SER BA 1010 75.81 30.43 -7.84
CA SER BA 1010 76.25 31.82 -7.71
C SER BA 1010 77.19 31.99 -6.54
N ALA BA 1011 76.87 31.39 -5.39
CA ALA BA 1011 77.74 31.50 -4.23
C ALA BA 1011 79.09 30.86 -4.49
N THR BA 1012 79.11 29.71 -5.16
CA THR BA 1012 80.38 29.05 -5.47
C THR BA 1012 81.23 29.91 -6.40
N LEU BA 1013 80.62 30.46 -7.46
CA LEU BA 1013 81.40 31.30 -8.37
C LEU BA 1013 81.91 32.55 -7.68
N THR BA 1014 81.08 33.18 -6.84
CA THR BA 1014 81.51 34.38 -6.15
C THR BA 1014 82.43 34.07 -4.97
N GLY BA 1015 82.47 32.82 -4.52
CA GLY BA 1015 83.33 32.40 -3.43
C GLY BA 1015 82.65 32.27 -2.09
N LYS BA 1016 81.40 32.71 -1.97
CA LYS BA 1016 80.69 32.65 -0.70
C LYS BA 1016 80.34 31.21 -0.36
N THR BA 1017 80.43 30.88 0.93
CA THR BA 1017 80.05 29.56 1.42
C THR BA 1017 78.58 29.54 1.80
N THR BA 1018 77.82 28.62 1.22
CA THR BA 1018 76.39 28.58 1.44
C THR BA 1018 76.07 28.03 2.84
N ARG BA 1019 74.89 28.39 3.32
CA ARG BA 1019 74.33 27.80 4.53
C ARG BA 1019 74.20 26.28 4.41
N TRP BA 1020 74.08 25.75 3.20
CA TRP BA 1020 73.91 24.33 2.98
C TRP BA 1020 75.22 23.57 2.90
N GLU BA 1021 76.33 24.27 3.10
CA GLU BA 1021 77.63 23.63 3.12
C GLU BA 1021 77.87 22.98 4.49
N LYS BA 1022 77.06 23.32 5.49
CA LYS BA 1022 77.28 22.79 6.82
C LYS BA 1022 76.83 21.33 6.89
N GLU BA 1023 77.41 20.60 7.86
CA GLU BA 1023 77.44 19.14 7.78
C GLU BA 1023 76.02 18.55 7.81
N GLY BA 1024 75.13 19.10 8.62
CA GLY BA 1024 73.83 18.50 8.79
C GLY BA 1024 73.01 18.48 7.51
N PHE BA 1025 72.96 19.61 6.81
CA PHE BA 1025 72.16 19.67 5.59
C PHE BA 1025 72.72 18.76 4.52
N LEU BA 1026 74.05 18.59 4.48
CA LEU BA 1026 74.63 17.58 3.61
C LEU BA 1026 74.22 16.18 4.04
N ARG BA 1027 74.13 15.94 5.36
CA ARG BA 1027 73.71 14.64 5.86
C ARG BA 1027 72.26 14.36 5.49
N GLY BA 1028 71.45 15.40 5.33
CA GLY BA 1028 70.09 15.20 4.88
C GLY BA 1028 70.02 14.58 3.50
N ALA BA 1029 70.93 14.97 2.62
CA ALA BA 1029 71.18 14.28 1.36
C ALA BA 1029 72.32 13.29 1.57
N SER BA 1030 72.87 12.76 0.47
CA SER BA 1030 73.98 11.84 0.55
C SER BA 1030 75.32 12.51 0.23
N VAL BA 1031 75.37 13.81 0.43
CA VAL BA 1031 76.56 14.57 0.09
C VAL BA 1031 77.60 14.44 1.17
N THR BA 1032 78.61 13.63 0.92
CA THR BA 1032 79.70 13.54 1.87
C THR BA 1032 80.42 14.87 1.76
N PRO BA 1033 81.09 15.31 2.83
CA PRO BA 1033 82.09 16.37 2.71
C PRO BA 1033 82.85 16.31 1.39
N GLU BA 1034 83.21 15.11 0.94
CA GLU BA 1034 83.91 14.95 -0.32
C GLU BA 1034 83.07 15.36 -1.53
N GLN BA 1035 81.82 14.88 -1.61
CA GLN BA 1035 81.04 15.18 -2.80
C GLN BA 1035 80.73 16.66 -2.91
N MET BA 1036 80.65 17.37 -1.77
CA MET BA 1036 80.40 18.80 -1.83
C MET BA 1036 81.61 19.55 -2.37
N ALA BA 1037 82.82 19.11 -2.00
CA ALA BA 1037 84.02 19.67 -2.61
C ALA BA 1037 84.05 19.36 -4.10
N GLY BA 1038 83.66 18.15 -4.48
CA GLY BA 1038 83.54 17.83 -5.89
C GLY BA 1038 82.52 18.71 -6.60
N ILE BA 1039 81.45 19.08 -5.90
CA ILE BA 1039 80.44 19.97 -6.47
C ILE BA 1039 81.03 21.35 -6.71
N LYS BA 1040 81.78 21.88 -5.75
CA LYS BA 1040 82.53 23.11 -5.99
C LYS BA 1040 83.44 23.00 -7.20
N SER BA 1041 84.19 21.91 -7.30
CA SER BA 1041 85.11 21.76 -8.43
C SER BA 1041 84.37 21.71 -9.76
N LEU BA 1042 83.27 20.95 -9.80
CA LEU BA 1042 82.46 20.85 -11.01
C LEU BA 1042 81.88 22.19 -11.41
N ILE BA 1043 81.34 22.92 -10.44
CA ILE BA 1043 80.74 24.23 -10.73
C ILE BA 1043 81.80 25.19 -11.23
N LYS BA 1044 82.99 25.14 -10.62
CA LYS BA 1044 84.06 26.04 -11.03
C LYS BA 1044 84.57 25.71 -12.43
N GLU BA 1045 84.57 24.42 -12.80
CA GLU BA 1045 85.20 24.03 -14.05
C GLU BA 1045 84.28 24.25 -15.26
N HIS BA 1046 82.96 24.29 -15.04
CA HIS BA 1046 82.01 24.32 -16.15
C HIS BA 1046 81.13 25.56 -16.17
N MET BA 1047 81.25 26.45 -15.20
CA MET BA 1047 80.41 27.65 -15.16
C MET BA 1047 81.28 28.89 -15.21
N VAL BA 1048 80.86 29.87 -15.99
CA VAL BA 1048 81.60 31.11 -16.21
C VAL BA 1048 80.89 32.24 -15.50
N ARG BA 1049 81.65 33.02 -14.73
CA ARG BA 1049 81.10 34.19 -14.09
C ARG BA 1049 81.23 35.38 -15.03
N GLY BA 1050 80.10 35.88 -15.53
CA GLY BA 1050 80.14 36.96 -16.48
C GLY BA 1050 80.60 38.26 -15.86
N GLU BA 1051 80.87 39.24 -16.73
CA GLU BA 1051 81.21 40.58 -16.24
C GLU BA 1051 80.07 41.17 -15.44
N ASP BA 1052 78.84 41.00 -15.93
CA ASP BA 1052 77.64 41.28 -15.15
C ASP BA 1052 77.25 40.02 -14.42
N GLY BA 1053 76.03 39.97 -13.89
CA GLY BA 1053 75.60 38.79 -13.15
C GLY BA 1053 75.35 37.58 -14.06
N LYS BA 1054 75.48 37.77 -15.37
CA LYS BA 1054 75.11 36.74 -16.33
C LYS BA 1054 75.93 35.46 -16.12
N PHE BA 1055 75.25 34.32 -16.16
CA PHE BA 1055 75.86 33.02 -15.94
C PHE BA 1055 75.81 32.22 -17.23
N THR BA 1056 76.90 31.52 -17.53
CA THR BA 1056 76.98 30.67 -18.71
C THR BA 1056 77.65 29.36 -18.32
N VAL BA 1057 77.47 28.35 -19.17
CA VAL BA 1057 78.02 27.02 -18.95
C VAL BA 1057 79.01 26.73 -20.07
N LYS BA 1058 80.14 26.13 -19.72
CA LYS BA 1058 81.10 25.69 -20.72
C LYS BA 1058 80.73 24.30 -21.23
N ASP BA 1059 80.52 24.21 -22.54
CA ASP BA 1059 80.36 22.94 -23.25
C ASP BA 1059 79.03 22.26 -22.98
N LYS BA 1060 78.27 22.74 -21.99
CA LYS BA 1060 76.92 22.27 -21.69
C LYS BA 1060 76.85 20.75 -21.62
N GLN BA 1061 77.01 20.09 -22.76
CA GLN BA 1061 76.93 18.63 -22.81
C GLN BA 1061 77.96 17.98 -21.90
N ALA BA 1062 79.19 18.47 -21.95
CA ALA BA 1062 80.24 17.91 -21.10
C ALA BA 1062 79.90 18.09 -19.63
N PHE BA 1063 79.29 19.22 -19.27
CA PHE BA 1063 78.85 19.42 -17.90
C PHE BA 1063 77.78 18.41 -17.52
N SER BA 1064 76.82 18.17 -18.41
CA SER BA 1064 75.76 17.22 -18.13
C SER BA 1064 76.30 15.79 -18.00
N MET BA 1065 77.41 15.50 -18.67
CA MET BA 1065 77.99 14.16 -18.60
C MET BA 1065 78.77 13.91 -17.33
N ASP BA 1066 79.06 14.93 -16.53
CA ASP BA 1066 79.88 14.70 -15.35
C ASP BA 1066 79.08 13.93 -14.31
N PRO BA 1067 79.69 12.90 -13.69
CA PRO BA 1067 79.00 12.22 -12.58
C PRO BA 1067 78.70 13.13 -11.40
N ARG BA 1068 79.53 14.16 -11.18
CA ARG BA 1068 79.28 15.08 -10.08
C ARG BA 1068 78.03 15.93 -10.30
N ALA BA 1069 77.55 16.03 -11.53
CA ALA BA 1069 76.32 16.78 -11.78
C ALA BA 1069 75.14 16.16 -11.06
N MET BA 1070 75.11 14.82 -10.99
CA MET BA 1070 74.05 14.16 -10.25
C MET BA 1070 74.13 14.47 -8.76
N ASP BA 1071 75.36 14.54 -8.23
CA ASP BA 1071 75.52 14.95 -6.83
C ASP BA 1071 75.03 16.36 -6.61
N LEU BA 1072 75.37 17.27 -7.53
CA LEU BA 1072 74.86 18.64 -7.48
C LEU BA 1072 73.35 18.65 -7.43
N TRP BA 1073 72.71 17.93 -8.35
CA TRP BA 1073 71.25 17.93 -8.42
C TRP BA 1073 70.64 17.33 -7.16
N ARG BA 1074 71.21 16.23 -6.66
CA ARG BA 1074 70.68 15.61 -5.46
C ARG BA 1074 70.81 16.53 -4.27
N LEU BA 1075 71.96 17.18 -4.12
CA LEU BA 1075 72.15 18.14 -3.04
C LEU BA 1075 71.09 19.23 -3.11
N ALA BA 1076 70.93 19.82 -4.30
CA ALA BA 1076 69.97 20.91 -4.44
C ALA BA 1076 68.56 20.45 -4.15
N ASP BA 1077 68.17 19.27 -4.64
CA ASP BA 1077 66.81 18.80 -4.45
C ASP BA 1077 66.53 18.50 -2.98
N LYS BA 1078 67.44 17.82 -2.29
CA LYS BA 1078 67.15 17.47 -0.91
C LYS BA 1078 67.23 18.69 -0.01
N VAL BA 1079 68.17 19.60 -0.28
CA VAL BA 1079 68.20 20.85 0.46
C VAL BA 1079 66.92 21.63 0.25
N ALA BA 1080 66.45 21.72 -1.00
CA ALA BA 1080 65.21 22.40 -1.27
C ALA BA 1080 64.05 21.78 -0.50
N ASP BA 1081 63.91 20.46 -0.61
CA ASP BA 1081 62.86 19.77 0.14
C ASP BA 1081 62.90 20.12 1.62
N GLU BA 1082 64.00 19.76 2.28
CA GLU BA 1082 64.07 19.86 3.73
C GLU BA 1082 63.95 21.31 4.20
N ALA BA 1083 64.64 22.23 3.54
CA ALA BA 1083 64.70 23.62 3.97
C ALA BA 1083 63.44 24.41 3.62
N MET BA 1084 62.76 24.05 2.53
CA MET BA 1084 61.75 24.93 2.00
C MET BA 1084 60.37 24.28 2.03
N LEU BA 1085 60.25 23.09 1.46
CA LEU BA 1085 58.93 22.48 1.33
C LEU BA 1085 58.52 21.66 2.52
N ARG BA 1086 59.46 20.98 3.17
CA ARG BA 1086 59.09 20.09 4.26
C ARG BA 1086 58.45 20.81 5.45
N PRO BA 1087 58.94 21.96 5.93
CA PRO BA 1087 58.32 22.57 7.11
C PRO BA 1087 56.86 22.94 6.88
N HIS BA 1088 56.07 22.86 7.94
CA HIS BA 1088 54.66 23.21 7.91
C HIS BA 1088 54.40 24.69 8.18
N LYS BA 1089 55.44 25.50 8.24
CA LYS BA 1089 55.33 26.91 8.65
C LYS BA 1089 55.97 27.78 7.59
N VAL BA 1090 55.43 28.97 7.37
CA VAL BA 1090 56.15 29.96 6.60
C VAL BA 1090 56.34 31.22 7.43
N SER BA 1091 57.54 31.78 7.39
CA SER BA 1091 57.85 33.03 8.07
C SER BA 1091 58.66 33.91 7.12
N LEU BA 1092 58.67 35.21 7.42
CA LEU BA 1092 59.46 36.14 6.62
C LEU BA 1092 60.95 35.83 6.72
N GLN BA 1093 61.42 35.45 7.90
CA GLN BA 1093 62.83 35.08 8.07
C GLN BA 1093 63.21 33.97 7.11
N ASP BA 1094 62.29 33.04 6.85
CA ASP BA 1094 62.54 32.00 5.87
C ASP BA 1094 62.76 32.60 4.48
N SER BA 1095 61.97 33.62 4.14
CA SER BA 1095 62.10 34.25 2.84
C SER BA 1095 63.39 35.04 2.71
N HIS BA 1096 63.94 35.51 3.83
CA HIS BA 1096 65.22 36.24 3.76
C HIS BA 1096 66.34 35.40 3.18
N ALA BA 1097 66.43 34.13 3.58
CA ALA BA 1097 67.63 33.34 3.29
C ALA BA 1097 67.82 33.11 1.79
N PHE BA 1098 66.75 32.79 1.08
CA PHE BA 1098 66.86 32.34 -0.30
C PHE BA 1098 66.95 33.52 -1.26
N GLY BA 1099 67.33 33.21 -2.50
CA GLY BA 1099 67.41 34.18 -3.56
C GLY BA 1099 66.06 34.45 -4.18
N ALA BA 1100 66.08 35.04 -5.37
CA ALA BA 1100 64.85 35.52 -6.00
C ALA BA 1100 63.86 34.37 -6.21
N LEU BA 1101 64.31 33.29 -6.86
CA LEU BA 1101 63.42 32.16 -7.08
C LEU BA 1101 63.03 31.50 -5.76
N GLY BA 1102 63.99 31.38 -4.83
CA GLY BA 1102 63.70 30.78 -3.55
C GLY BA 1102 62.67 31.55 -2.75
N LYS BA 1103 62.83 32.87 -2.69
CA LYS BA 1103 61.87 33.64 -1.90
C LYS BA 1103 60.54 33.75 -2.63
N MET BA 1104 60.55 33.74 -3.96
CA MET BA 1104 59.29 33.71 -4.70
C MET BA 1104 58.51 32.44 -4.41
N VAL BA 1105 59.18 31.29 -4.41
CA VAL BA 1105 58.48 30.05 -4.14
C VAL BA 1105 58.09 29.93 -2.66
N MET BA 1106 58.88 30.53 -1.76
CA MET BA 1106 58.44 30.56 -0.37
C MET BA 1106 57.21 31.44 -0.19
N GLN BA 1107 57.14 32.56 -0.91
CA GLN BA 1107 55.94 33.39 -0.83
C GLN BA 1107 54.75 32.70 -1.47
N PHE BA 1108 55.00 31.85 -2.47
CA PHE BA 1108 53.94 31.03 -3.01
C PHE BA 1108 53.45 30.00 -1.99
N LYS BA 1109 54.37 29.39 -1.25
CA LYS BA 1109 53.98 28.44 -0.22
C LYS BA 1109 53.21 29.15 0.90
N SER BA 1110 53.64 30.36 1.26
CA SER BA 1110 52.88 31.17 2.22
C SER BA 1110 51.51 31.51 1.69
N PHE BA 1111 51.40 31.83 0.40
CA PHE BA 1111 50.11 32.11 -0.20
C PHE BA 1111 49.20 30.89 -0.12
N THR BA 1112 49.78 29.71 -0.36
CA THR BA 1112 49.02 28.47 -0.22
C THR BA 1112 48.50 28.30 1.21
N ILE BA 1113 49.36 28.55 2.19
CA ILE BA 1113 48.92 28.40 3.59
C ILE BA 1113 47.84 29.41 3.92
N LYS BA 1114 47.99 30.66 3.45
CA LYS BA 1114 46.95 31.66 3.66
C LYS BA 1114 45.62 31.20 3.08
N SER BA 1115 45.66 30.64 1.86
CA SER BA 1115 44.43 30.18 1.23
C SER BA 1115 43.81 29.03 1.99
N LEU BA 1116 44.65 28.12 2.51
CA LEU BA 1116 44.12 27.01 3.30
C LEU BA 1116 43.46 27.52 4.57
N ASN BA 1117 43.89 28.66 5.09
CA ASN BA 1117 43.26 29.26 6.24
C ASN BA 1117 42.15 30.23 5.88
N SER BA 1118 41.85 30.42 4.61
CA SER BA 1118 40.72 31.25 4.22
C SER BA 1118 39.43 30.61 4.73
N LYS BA 1119 38.44 31.45 5.00
CA LYS BA 1119 37.20 30.98 5.61
C LYS BA 1119 36.52 29.94 4.74
N PHE BA 1120 36.43 30.21 3.44
CA PHE BA 1120 35.75 29.28 2.53
C PHE BA 1120 36.47 27.95 2.48
N LEU BA 1121 37.79 27.96 2.41
CA LEU BA 1121 38.52 26.72 2.22
C LEU BA 1121 38.53 25.90 3.50
N ARG BA 1122 38.63 26.57 4.65
CA ARG BA 1122 38.49 25.87 5.93
C ARG BA 1122 37.12 25.26 6.06
N THR BA 1123 36.08 26.00 5.72
CA THR BA 1123 34.72 25.47 5.79
C THR BA 1123 34.57 24.27 4.86
N PHE BA 1124 35.12 24.37 3.65
CA PHE BA 1124 35.02 23.30 2.68
C PHE BA 1124 35.71 22.04 3.18
N TYR BA 1125 36.93 22.18 3.72
CA TYR BA 1125 37.63 21.01 4.20
C TYR BA 1125 36.94 20.41 5.41
N ASP BA 1126 36.37 21.25 6.27
CA ASP BA 1126 35.64 20.71 7.41
C ASP BA 1126 34.41 19.94 6.96
N GLY BA 1127 33.71 20.47 5.94
CA GLY BA 1127 32.48 19.84 5.51
C GLY BA 1127 32.70 18.56 4.73
N TYR BA 1128 33.72 18.54 3.87
CA TYR BA 1128 33.89 17.46 2.91
C TYR BA 1128 35.25 16.81 2.93
N LYS BA 1129 36.19 17.31 3.73
CA LYS BA 1129 37.60 16.93 3.61
C LYS BA 1129 38.05 17.20 2.18
N ASN BA 1130 38.24 16.14 1.40
CA ASN BA 1130 38.47 16.27 -0.04
C ASN BA 1130 39.66 17.20 -0.34
N ASN BA 1131 40.83 16.77 0.13
CA ASN BA 1131 42.05 17.50 -0.16
C ASN BA 1131 42.42 17.46 -1.63
N ARG BA 1132 41.86 16.51 -2.39
CA ARG BA 1132 42.15 16.41 -3.82
C ARG BA 1132 41.71 17.67 -4.54
N ALA BA 1133 40.52 18.18 -4.22
CA ALA BA 1133 40.01 19.36 -4.90
C ALA BA 1133 40.83 20.59 -4.58
N ILE BA 1134 41.18 20.76 -3.31
CA ILE BA 1134 42.04 21.88 -2.91
C ILE BA 1134 43.39 21.76 -3.58
N ASP BA 1135 43.94 20.55 -3.66
CA ASP BA 1135 45.21 20.35 -4.32
C ASP BA 1135 45.13 20.74 -5.78
N ALA BA 1136 44.04 20.35 -6.45
CA ALA BA 1136 43.88 20.72 -7.85
C ALA BA 1136 43.87 22.24 -8.01
N ALA BA 1137 43.07 22.92 -7.19
CA ALA BA 1137 42.97 24.37 -7.30
C ALA BA 1137 44.32 25.04 -7.05
N LEU BA 1138 44.97 24.69 -5.95
CA LEU BA 1138 46.22 25.33 -5.60
C LEU BA 1138 47.33 25.00 -6.58
N SER BA 1139 47.31 23.79 -7.15
CA SER BA 1139 48.32 23.45 -8.14
C SER BA 1139 48.13 24.23 -9.42
N ILE BA 1140 46.88 24.43 -9.85
CA ILE BA 1140 46.63 25.26 -11.02
C ILE BA 1140 47.14 26.67 -10.78
N ILE BA 1141 46.80 27.23 -9.61
CA ILE BA 1141 47.24 28.58 -9.27
C ILE BA 1141 48.75 28.66 -9.25
N THR BA 1142 49.40 27.68 -8.64
CA THR BA 1142 50.85 27.69 -8.49
C THR BA 1142 51.53 27.57 -9.85
N SER BA 1143 51.02 26.71 -10.73
CA SER BA 1143 51.57 26.58 -12.07
C SER BA 1143 51.53 27.91 -12.80
N MET BA 1144 50.35 28.53 -12.85
CA MET BA 1144 50.21 29.79 -13.58
C MET BA 1144 51.09 30.87 -12.97
N GLY BA 1145 51.13 30.95 -11.64
CA GLY BA 1145 51.91 32.00 -11.00
C GLY BA 1145 53.40 31.85 -11.19
N LEU BA 1146 53.91 30.61 -11.12
CA LEU BA 1146 55.32 30.40 -11.38
C LEU BA 1146 55.66 30.71 -12.82
N ALA BA 1147 54.77 30.36 -13.76
CA ALA BA 1147 54.99 30.73 -15.15
C ALA BA 1147 55.11 32.24 -15.29
N GLY BA 1148 54.19 32.98 -14.67
CA GLY BA 1148 54.25 34.44 -14.74
C GLY BA 1148 55.50 35.01 -14.09
N GLY BA 1149 55.90 34.45 -12.95
CA GLY BA 1149 57.10 34.94 -12.29
C GLY BA 1149 58.36 34.71 -13.09
N PHE BA 1150 58.48 33.53 -13.71
CA PHE BA 1150 59.62 33.27 -14.58
C PHE BA 1150 59.61 34.24 -15.76
N TYR BA 1151 58.44 34.51 -16.32
CA TYR BA 1151 58.33 35.49 -17.39
C TYR BA 1151 58.86 36.85 -16.94
N ALA BA 1152 58.42 37.29 -15.76
CA ALA BA 1152 58.83 38.60 -15.27
C ALA BA 1152 60.34 38.67 -15.04
N MET BA 1153 60.92 37.62 -14.46
CA MET BA 1153 62.36 37.63 -14.23
C MET BA 1153 63.13 37.69 -15.54
N ALA BA 1154 62.71 36.90 -16.53
CA ALA BA 1154 63.39 36.94 -17.81
C ALA BA 1154 63.20 38.29 -18.50
N ALA BA 1155 62.05 38.91 -18.30
CA ALA BA 1155 61.81 40.23 -18.89
C ALA BA 1155 62.72 41.28 -18.28
N HIS BA 1156 62.91 41.24 -16.95
CA HIS BA 1156 63.81 42.20 -16.32
C HIS BA 1156 65.24 41.98 -16.78
N VAL BA 1157 65.65 40.71 -16.92
CA VAL BA 1157 66.97 40.41 -17.44
C VAL BA 1157 67.14 40.99 -18.84
N LYS BA 1158 66.14 40.80 -19.70
CA LYS BA 1158 66.24 41.33 -21.05
C LYS BA 1158 66.23 42.85 -21.05
N ALA BA 1159 65.56 43.46 -20.08
CA ALA BA 1159 65.57 44.91 -19.97
C ALA BA 1159 66.98 45.42 -19.71
N TYR BA 1160 67.70 44.78 -18.79
CA TYR BA 1160 69.06 45.18 -18.56
C TYR BA 1160 69.95 44.78 -19.72
N ALA BA 1161 69.48 43.88 -20.58
CA ALA BA 1161 70.28 43.56 -21.77
C ALA BA 1161 70.19 44.75 -22.71
N LEU BA 1162 69.02 45.41 -22.75
CA LEU BA 1162 68.84 46.59 -23.58
C LEU BA 1162 69.56 47.83 -23.05
N PRO BA 1163 69.89 48.77 -23.94
CA PRO BA 1163 70.51 50.02 -23.48
C PRO BA 1163 69.59 50.89 -22.63
N LYS BA 1164 70.14 51.60 -21.66
CA LYS BA 1164 69.35 52.38 -20.70
C LYS BA 1164 68.09 53.15 -21.09
N GLU BA 1165 68.10 53.81 -22.24
CA GLU BA 1165 66.97 54.66 -22.59
C GLU BA 1165 65.71 53.85 -22.84
N LYS BA 1166 65.82 52.73 -23.55
CA LYS BA 1166 64.64 51.96 -23.90
C LYS BA 1166 64.23 50.96 -22.82
N ARG BA 1167 64.96 50.90 -21.71
CA ARG BA 1167 64.61 49.95 -20.65
C ARG BA 1167 63.23 50.25 -20.08
N LYS BA 1168 62.94 51.51 -19.83
CA LYS BA 1168 61.64 51.87 -19.26
C LYS BA 1168 60.50 51.54 -20.21
N GLU BA 1169 60.65 51.89 -21.49
CA GLU BA 1169 59.61 51.57 -22.47
C GLU BA 1169 59.44 50.06 -22.61
N TYR BA 1170 60.54 49.32 -22.68
CA TYR BA 1170 60.44 47.88 -22.86
C TYR BA 1170 59.79 47.22 -21.66
N LEU BA 1171 60.15 47.65 -20.45
CA LEU BA 1171 59.56 47.05 -19.26
C LEU BA 1171 58.09 47.40 -19.14
N GLU BA 1172 57.72 48.63 -19.52
CA GLU BA 1172 56.31 48.97 -19.53
C GLU BA 1172 55.54 48.13 -20.53
N ARG BA 1173 56.13 47.88 -21.70
CA ARG BA 1173 55.43 47.19 -22.77
C ARG BA 1173 55.38 45.68 -22.54
N ALA BA 1174 56.41 45.11 -21.94
CA ALA BA 1174 56.54 43.68 -21.77
C ALA BA 1174 56.05 43.19 -20.43
N LEU BA 1175 55.85 44.07 -19.46
CA LEU BA 1175 55.36 43.70 -18.15
C LEU BA 1175 54.01 44.38 -17.94
N ASP BA 1176 52.97 43.76 -18.47
CA ASP BA 1176 51.60 44.15 -18.24
C ASP BA 1176 50.77 42.89 -18.07
N PRO BA 1177 49.57 43.00 -17.50
CA PRO BA 1177 48.79 41.78 -17.26
C PRO BA 1177 48.56 40.95 -18.50
N THR BA 1178 48.44 41.57 -19.67
CA THR BA 1178 48.17 40.79 -20.88
C THR BA 1178 49.36 39.91 -21.25
N MET BA 1179 50.57 40.45 -21.24
CA MET BA 1179 51.73 39.66 -21.66
C MET BA 1179 52.14 38.66 -20.60
N ILE BA 1180 52.06 39.04 -19.33
CA ILE BA 1180 52.32 38.07 -18.27
C ILE BA 1180 51.30 36.94 -18.33
N ALA BA 1181 50.03 37.27 -18.57
CA ALA BA 1181 49.01 36.26 -18.69
C ALA BA 1181 49.24 35.37 -19.90
N HIS BA 1182 49.67 35.95 -21.02
CA HIS BA 1182 49.95 35.11 -22.18
C HIS BA 1182 51.14 34.20 -21.94
N ALA BA 1183 52.14 34.67 -21.21
CA ALA BA 1183 53.25 33.80 -20.84
C ALA BA 1183 52.79 32.68 -19.92
N ALA BA 1184 51.87 32.97 -19.02
CA ALA BA 1184 51.37 31.93 -18.15
C ALA BA 1184 50.70 30.80 -18.91
N LEU BA 1185 49.77 31.13 -19.81
CA LEU BA 1185 49.12 30.09 -20.60
C LEU BA 1185 50.11 29.35 -21.48
N SER BA 1186 51.00 30.09 -22.13
CA SER BA 1186 52.00 29.47 -23.00
C SER BA 1186 52.99 28.60 -22.28
N ARG BA 1187 53.49 29.06 -21.13
CA ARG BA 1187 54.56 28.33 -20.44
C ARG BA 1187 54.17 27.48 -19.23
N SER BA 1188 52.88 27.30 -18.97
CA SER BA 1188 52.51 26.57 -17.76
C SER BA 1188 53.05 25.15 -17.82
N SER BA 1189 53.59 24.64 -16.71
CA SER BA 1189 54.23 23.33 -16.75
C SER BA 1189 53.37 22.12 -17.06
N GLN BA 1190 52.18 22.02 -16.45
CA GLN BA 1190 51.33 20.84 -16.67
C GLN BA 1190 52.09 19.56 -16.43
N LEU BA 1191 52.80 19.45 -15.32
CA LEU BA 1191 53.62 18.27 -15.03
C LEU BA 1191 53.14 16.89 -15.47
N GLY BA 1192 51.98 16.44 -15.01
CA GLY BA 1192 51.51 15.10 -15.30
C GLY BA 1192 50.67 15.00 -16.53
N ALA BA 1193 50.91 15.86 -17.50
CA ALA BA 1193 50.07 15.89 -18.68
C ALA BA 1193 50.34 14.77 -19.69
N PRO BA 1194 49.36 13.89 -19.96
CA PRO BA 1194 49.63 12.92 -21.02
C PRO BA 1194 49.85 13.64 -22.33
N LEU BA 1195 51.04 13.47 -22.91
CA LEU BA 1195 51.43 14.19 -24.11
C LEU BA 1195 51.48 15.69 -23.85
N ALA BA 1196 51.97 16.46 -24.81
CA ALA BA 1196 52.27 17.86 -24.59
C ALA BA 1196 51.21 18.74 -25.24
N MET BA 1197 51.23 20.01 -24.84
CA MET BA 1197 50.29 20.97 -25.41
C MET BA 1197 50.49 21.08 -26.91
N VAL BA 1198 51.75 21.03 -27.36
CA VAL BA 1198 52.06 21.19 -28.78
C VAL BA 1198 51.60 19.99 -29.58
N ASP BA 1199 51.74 18.79 -29.03
CA ASP BA 1199 51.43 17.57 -29.77
C ASP BA 1199 49.95 17.50 -30.11
N LEU BA 1200 49.08 17.88 -29.18
CA LEU BA 1200 47.64 17.79 -29.42
C LEU BA 1200 47.21 18.74 -30.51
N VAL BA 1201 47.68 19.99 -30.46
CA VAL BA 1201 47.51 20.94 -31.55
C VAL BA 1201 48.84 21.57 -31.90
N GLY BA 1202 49.42 21.14 -33.02
CA GLY BA 1202 50.62 21.74 -33.56
C GLY BA 1202 50.60 21.63 -35.07
N GLY BA 1203 50.80 22.76 -35.73
CA GLY BA 1203 50.81 22.77 -37.18
C GLY BA 1203 52.00 22.00 -37.72
N VAL BA 1204 51.89 21.60 -38.99
CA VAL BA 1204 53.01 20.98 -39.67
C VAL BA 1204 54.16 21.99 -39.71
N LEU BA 1205 55.37 21.52 -39.37
CA LEU BA 1205 56.48 22.44 -39.19
C LEU BA 1205 56.79 23.19 -40.48
N GLY BA 1206 56.79 22.49 -41.61
CA GLY BA 1206 57.06 23.15 -42.88
C GLY BA 1206 55.94 24.07 -43.31
N PHE BA 1207 54.72 23.79 -42.86
CA PHE BA 1207 53.55 24.56 -43.29
C PHE BA 1207 53.11 25.55 -42.22
N GLU BA 1208 53.80 26.69 -42.16
CA GLU BA 1208 53.33 27.77 -41.31
C GLU BA 1208 52.16 28.51 -41.97
N SER BA 1209 52.23 28.71 -43.28
CA SER BA 1209 51.17 29.40 -44.01
C SER BA 1209 51.00 28.76 -45.40
N THR BA 1233 41.53 30.34 -62.08
CA THR BA 1233 41.47 29.93 -60.68
C THR BA 1233 40.46 28.80 -60.48
N SER BA 1234 39.37 28.86 -61.25
CA SER BA 1234 38.29 27.89 -61.07
C SER BA 1234 38.67 26.52 -61.60
N ARG BA 1235 39.66 26.44 -62.49
CA ARG BA 1235 40.06 25.16 -63.05
C ARG BA 1235 40.65 24.24 -61.99
N GLU BA 1236 41.53 24.78 -61.14
CA GLU BA 1236 42.08 24.00 -60.03
C GLU BA 1236 40.98 23.62 -59.04
N VAL BA 1237 39.98 24.49 -58.89
CA VAL BA 1237 38.80 24.17 -58.09
C VAL BA 1237 38.13 22.92 -58.64
N MET BA 1238 37.88 22.89 -59.94
CA MET BA 1238 37.14 21.78 -60.53
C MET BA 1238 37.97 20.51 -60.50
N GLY BA 1239 39.30 20.65 -60.55
CA GLY BA 1239 40.16 19.48 -60.35
C GLY BA 1239 40.04 18.90 -58.94
N ALA BA 1240 40.07 19.77 -57.93
CA ALA BA 1240 39.91 19.30 -56.55
C ALA BA 1240 38.54 18.66 -56.36
N MET BA 1241 37.51 19.21 -56.99
CA MET BA 1241 36.21 18.55 -56.97
C MET BA 1241 36.30 17.17 -57.59
N GLY BA 1242 36.68 17.10 -58.87
CA GLY BA 1242 36.81 15.81 -59.52
C GLY BA 1242 37.62 14.81 -58.71
N SER BA 1243 38.34 15.28 -57.71
CA SER BA 1243 39.02 14.35 -56.83
C SER BA 1243 38.16 13.91 -55.70
N ASN BA 1244 37.50 14.86 -55.05
CA ASN BA 1244 36.79 14.47 -53.84
C ASN BA 1244 35.45 13.80 -54.17
N LEU BA 1245 35.03 13.87 -55.43
CA LEU BA 1245 33.75 13.26 -55.81
C LEU BA 1245 33.82 11.74 -55.78
N LEU BA 1246 35.01 11.18 -55.97
CA LEU BA 1246 35.18 9.76 -56.22
C LEU BA 1246 35.48 8.94 -54.97
N GLU BA 1247 35.71 9.58 -53.83
CA GLU BA 1247 36.33 8.92 -52.70
C GLU BA 1247 35.50 7.75 -52.20
N GLN BA 1248 36.10 6.56 -52.21
CA GLN BA 1248 35.52 5.38 -51.56
C GLN BA 1248 36.51 4.67 -50.65
N MET BA 1249 37.31 5.40 -49.89
CA MET BA 1249 38.09 4.81 -48.83
C MET BA 1249 37.19 4.51 -47.64
N PRO BA 1250 37.56 3.54 -46.80
CA PRO BA 1250 36.65 3.14 -45.71
C PRO BA 1250 36.31 4.25 -44.74
N SER BA 1251 37.18 5.23 -44.55
CA SER BA 1251 36.86 6.35 -43.68
C SER BA 1251 35.65 7.12 -44.19
N ALA BA 1252 35.50 7.23 -45.51
CA ALA BA 1252 34.32 7.85 -46.08
C ALA BA 1252 33.10 6.95 -45.97
N GLY BA 1253 33.27 5.66 -46.26
CA GLY BA 1253 32.13 4.75 -46.26
C GLY BA 1253 31.55 4.50 -44.89
N PHE BA 1254 32.41 4.37 -43.89
CA PHE BA 1254 31.99 3.95 -42.55
C PHE BA 1254 31.89 5.15 -41.61
N VAL BA 1255 31.03 5.00 -40.61
CA VAL BA 1255 30.93 6.01 -39.56
C VAL BA 1255 32.16 5.93 -38.66
N ALA BA 1256 32.57 7.08 -38.14
CA ALA BA 1256 33.81 7.14 -37.37
C ALA BA 1256 33.69 6.34 -36.07
N ASN BA 1257 34.80 5.70 -35.69
CA ASN BA 1257 34.82 4.95 -34.44
C ASN BA 1257 34.68 5.88 -33.25
N VAL BA 1258 33.99 5.39 -32.21
CA VAL BA 1258 33.81 6.17 -31.00
C VAL BA 1258 34.95 5.82 -30.04
N GLY BA 1259 35.91 6.73 -29.90
CA GLY BA 1259 36.91 6.65 -28.86
C GLY BA 1259 38.31 6.30 -29.30
N ALA BA 1260 38.49 5.62 -30.43
CA ALA BA 1260 39.84 5.26 -30.86
C ALA BA 1260 39.79 4.88 -32.32
N THR BA 1261 40.49 5.65 -33.16
CA THR BA 1261 40.53 5.32 -34.58
C THR BA 1261 41.32 4.04 -34.83
N LEU BA 1262 42.42 3.84 -34.09
CA LEU BA 1262 43.29 2.67 -34.25
C LEU BA 1262 43.66 2.48 -35.72
N MET BA 1263 44.30 3.49 -36.29
CA MET BA 1263 44.60 3.47 -37.72
C MET BA 1263 45.71 2.48 -38.04
N ASN BA 1264 45.54 1.76 -39.13
CA ASN BA 1264 46.58 0.90 -39.69
C ASN BA 1264 47.26 1.61 -40.85
N ALA BA 1265 48.17 0.91 -41.53
CA ALA BA 1265 48.93 1.54 -42.60
C ALA BA 1265 48.04 1.98 -43.74
N ALA BA 1266 47.02 1.20 -44.07
CA ALA BA 1266 46.08 1.60 -45.10
C ALA BA 1266 45.36 2.89 -44.73
N GLY BA 1267 44.94 3.01 -43.47
CA GLY BA 1267 44.30 4.23 -43.02
C GLY BA 1267 45.22 5.44 -43.06
N VAL BA 1268 46.49 5.23 -42.71
CA VAL BA 1268 47.44 6.33 -42.74
C VAL BA 1268 47.69 6.79 -44.16
N VAL BA 1269 47.84 5.84 -45.08
CA VAL BA 1269 48.09 6.21 -46.48
C VAL BA 1269 46.86 6.86 -47.08
N ASN BA 1270 45.66 6.40 -46.72
CA ASN BA 1270 44.45 6.96 -47.29
C ASN BA 1270 43.99 8.22 -46.57
N SER BA 1271 44.68 8.63 -45.52
CA SER BA 1271 44.28 9.83 -44.79
C SER BA 1271 44.62 11.07 -45.62
N PRO BA 1272 43.80 12.11 -45.56
CA PRO BA 1272 44.17 13.38 -46.21
C PRO BA 1272 45.32 14.03 -45.48
N ASN BA 1273 46.12 14.80 -46.22
CA ASN BA 1273 47.25 15.46 -45.60
C ASN BA 1273 46.81 16.65 -44.76
N LYS BA 1274 45.78 17.36 -45.20
CA LYS BA 1274 45.29 18.51 -44.45
C LYS BA 1274 44.47 18.08 -43.25
N ALA BA 1275 44.69 18.76 -42.13
CA ALA BA 1275 43.96 18.42 -40.91
C ALA BA 1275 42.50 18.85 -41.03
N THR BA 1276 41.60 17.95 -40.65
CA THR BA 1276 40.19 18.27 -40.77
C THR BA 1276 39.73 19.11 -39.58
N GLU BA 1277 38.52 19.62 -39.69
CA GLU BA 1277 38.02 20.55 -38.68
C GLU BA 1277 37.71 19.84 -37.37
N GLN BA 1278 37.22 18.60 -37.43
CA GLN BA 1278 36.96 17.90 -36.18
C GLN BA 1278 38.26 17.54 -35.48
N ASP BA 1279 39.32 17.25 -36.24
CA ASP BA 1279 40.62 17.01 -35.66
C ASP BA 1279 41.11 18.23 -34.91
N PHE BA 1280 41.05 19.40 -35.53
CA PHE BA 1280 41.46 20.60 -34.83
C PHE BA 1280 40.62 20.84 -33.60
N MET BA 1281 39.31 20.63 -33.69
CA MET BA 1281 38.47 21.01 -32.57
C MET BA 1281 38.69 20.08 -31.39
N THR BA 1282 38.82 18.77 -31.65
CA THR BA 1282 39.11 17.85 -30.55
C THR BA 1282 40.49 18.12 -29.97
N GLY BA 1283 41.45 18.47 -30.83
CA GLY BA 1283 42.76 18.83 -30.31
C GLY BA 1283 42.70 20.04 -29.41
N LEU BA 1284 41.92 21.05 -29.81
CA LEU BA 1284 41.78 22.26 -29.00
C LEU BA 1284 41.17 21.95 -27.65
N MET BA 1285 40.10 21.16 -27.63
CA MET BA 1285 39.46 20.82 -26.36
C MET BA 1285 40.40 20.02 -25.47
N ASN BA 1286 41.10 19.03 -26.04
CA ASN BA 1286 42.04 18.25 -25.24
C ASN BA 1286 43.17 19.11 -24.71
N SER BA 1287 43.71 19.99 -25.54
CA SER BA 1287 44.84 20.82 -25.14
C SER BA 1287 44.43 21.80 -24.04
N THR BA 1288 43.23 22.39 -24.16
CA THR BA 1288 42.77 23.30 -23.12
C THR BA 1288 42.24 22.56 -21.90
N LYS BA 1289 42.03 21.25 -21.98
CA LYS BA 1289 41.61 20.48 -20.81
C LYS BA 1289 42.60 20.63 -19.67
N GLU BA 1290 43.85 20.92 -19.99
CA GLU BA 1290 44.84 21.19 -18.95
C GLU BA 1290 44.69 22.59 -18.38
N LEU BA 1291 44.56 23.60 -19.25
CA LEU BA 1291 44.47 24.97 -18.79
C LEU BA 1291 43.12 25.25 -18.13
N VAL BA 1292 42.03 24.82 -18.75
CA VAL BA 1292 40.68 25.10 -18.28
C VAL BA 1292 40.16 23.85 -17.58
N PRO BA 1293 39.99 23.87 -16.26
CA PRO BA 1293 39.55 22.67 -15.55
C PRO BA 1293 38.13 22.26 -15.93
N ASN BA 1294 37.91 20.94 -15.99
CA ASN BA 1294 36.59 20.41 -16.33
C ASN BA 1294 35.67 20.40 -15.12
N ASP BA 1295 36.23 20.52 -13.93
CA ASP BA 1295 35.42 20.49 -12.73
C ASP BA 1295 34.99 21.92 -12.36
N PRO BA 1296 33.69 22.19 -12.25
CA PRO BA 1296 33.28 23.51 -11.74
C PRO BA 1296 33.72 23.74 -10.31
N LEU BA 1297 33.86 22.67 -9.52
CA LEU BA 1297 34.22 22.82 -8.12
C LEU BA 1297 35.61 23.42 -7.95
N THR BA 1298 36.58 22.95 -8.74
CA THR BA 1298 37.92 23.52 -8.61
C THR BA 1298 37.96 24.95 -9.09
N GLN BA 1299 37.14 25.29 -10.08
CA GLN BA 1299 37.04 26.70 -10.49
C GLN BA 1299 36.48 27.55 -9.37
N GLN BA 1300 35.48 27.06 -8.65
CA GLN BA 1300 34.96 27.80 -7.51
C GLN BA 1300 36.01 27.92 -6.40
N LEU BA 1301 36.78 26.87 -6.16
CA LEU BA 1301 37.82 26.92 -5.15
C LEU BA 1301 38.88 27.94 -5.51
N VAL BA 1302 39.31 27.96 -6.77
CA VAL BA 1302 40.25 28.97 -7.24
C VAL BA 1302 39.67 30.36 -7.05
N LEU BA 1303 38.39 30.50 -7.38
CA LEU BA 1303 37.73 31.81 -7.26
C LEU BA 1303 37.71 32.29 -5.82
N LYS BA 1304 37.37 31.40 -4.88
CA LYS BA 1304 37.29 31.82 -3.49
C LYS BA 1304 38.68 32.07 -2.91
N ILE BA 1305 39.69 31.35 -3.40
CA ILE BA 1305 41.06 31.67 -3.02
C ILE BA 1305 41.43 33.07 -3.47
N TYR BA 1306 41.08 33.40 -4.72
CA TYR BA 1306 41.36 34.74 -5.22
C TYR BA 1306 40.59 35.79 -4.44
N GLU BA 1307 39.34 35.51 -4.09
CA GLU BA 1307 38.55 36.46 -3.31
C GLU BA 1307 39.19 36.73 -1.97
N ALA BA 1308 39.61 35.66 -1.27
CA ALA BA 1308 40.30 35.84 -0.01
C ALA BA 1308 41.63 36.57 -0.22
N ASN BA 1309 42.18 36.51 -1.42
CA ASN BA 1309 43.46 37.17 -1.66
C ASN BA 1309 43.29 38.62 -2.07
N GLY BA 1310 42.61 38.88 -3.20
CA GLY BA 1310 42.47 40.22 -3.72
C GLY BA 1310 42.83 40.31 -5.19
N VAL BA 1311 42.57 41.48 -5.77
CA VAL BA 1311 42.78 41.74 -7.18
C VAL BA 1311 43.32 43.16 -7.35
N ASN BA 1312 44.11 43.37 -8.40
CA ASN BA 1312 44.76 44.66 -8.61
C ASN BA 1312 43.80 45.75 -9.10
N LEU BA 1313 42.92 45.43 -10.05
CA LEU BA 1313 41.91 46.33 -10.63
C LEU BA 1313 42.42 47.37 -11.61
N ARG BA 1314 43.69 47.33 -12.04
CA ARG BA 1314 44.17 48.30 -13.03
C ARG BA 1314 43.99 49.70 -12.43
N GLU BA 1315 43.77 50.72 -13.25
CA GLU BA 1315 43.60 52.08 -12.78
C GLU BA 1315 43.00 52.92 -13.90
N ARG BA 1316 42.24 53.94 -13.51
CA ARG BA 1316 41.79 55.02 -14.41
C ARG BA 1316 40.86 54.42 -15.47
N ARG BA 1317 41.09 54.69 -16.75
CA ARG BA 1317 40.22 54.32 -17.88
C ARG BA 1317 39.14 53.28 -17.63
#